data_6LK8
#
_entry.id   6LK8
#
_cell.length_a   1.00
_cell.length_b   1.00
_cell.length_c   1.00
_cell.angle_alpha   90.00
_cell.angle_beta   90.00
_cell.angle_gamma   90.00
#
_symmetry.space_group_name_H-M   'P 1'
#
loop_
_entity.id
_entity.type
_entity.pdbx_description
1 polymer 'MGC83295 protein'
2 polymer 'Nuclear pore complex protein Nup85'
3 polymer 'MGC154553 protein'
4 polymer 'Nucleoporin SEH1-A'
5 polymer 'outer Nup160'
6 polymer 'MGC83926 protein'
7 polymer 'Nuclear pore complex protein Nup96'
8 polymer 'GATOR complex protein SEC13'
9 polymer 'Nuclear pore complex protein'
10 polymer 'outer Nup133'
11 polymer 'Nup358 complex, clamps'
12 polymer 'Nup214 complex Coiled-coil region 1, helix 1'
13 polymer 'Nup214 complex coiled coil region 1, helix 2'
14 polymer 'Nup214 complex coiled coil region 1, helix 3'
15 polymer 'Nup214 complex Coiled coil region 2, helix 1'
16 polymer 'Nup214 complex Coiled coil region 2, helix 2'
17 polymer 'Nup214 complex Coiled coil region 2, helix 3'
18 polymer 'bridge domain'
#
loop_
_entity_poly.entity_id
_entity_poly.type
_entity_poly.pdbx_seq_one_letter_code
_entity_poly.pdbx_strand_id
1 'polypeptide(L)'
;MAAQLALNSEASLWGPYREIWQTVLSALIKRQPEAVHSLDIVLKKYKPDFISLFKNPPKSAQQHERVQKASTEGIPIKGT
QRTRILEEQLIKEAFILSDLYNIGEIAAVELLLIGEQQQPTFHGLTRGLVAILLYWDGKSCMAESLLHLIQARKGKTFTL
DHSPEVVSMVTRFTDDLMEQGLTNKILTLISQIDVNNEFDKLKKERGLGNKKHRKEVSDLIKECQQSLAHSLYSWSCQTP
LNREDTLLLIGYLEKVTVEGDGSLDKVNLTLLMSLLYCLDVGFLEQGTDDREELMKQASMFMDRQYIAAIHNRLQNTQPW
KSPGMQATVRLAWALALRGISQFSEVLEFSEADEPMAEIAIGGNVFLFLTEAVVGSESFCTDEFFIRRIHKLVTDFPTLM
PMKVKQLRNRAEEDARLIQMSMQMGNEPPASLRRDLEHLLLLIGELYRKDPFHLELALEYWCPTEPLQSTSLMGSFLGVA
HQRPPQRQVLLSKFVRQMSDLLPATLYLPYLKMLRGLASGPQCAHYCFSLLKANGGSSAENLQAAGGSPVSWDHFFHSLM
LYHEHLRRDLPNTDNIHQRHPPLRGITQRELDGLIACLQLTCTIIDWSESARLALCEHAQWMPVVVILGLLQCSIPPLLK
AELLKTLAAFGKSPEIAASLWQSLEYTQILQTVRATGLRQGVGIEVELNEIESRCEEYPLTRAFCQLISTLVESSFPTNL
GAGLRAPGFEPYLQFLRDTVFLRYRTRAYRRAAEKWEVAEAVLDVFYKLLKDYEPQPEDFVDQYVELQGEERVAFKPPGF
SLMHHLLNESPMLELCLSLMEEGVTQLDTYAPFPGKKHLEKAVAYCFMLLNLTLQKENRFMDLLRESHLSMIVTPLEQLL
QGINPRSKKADNVVNIARYLCHGNSNAELAFESAKILCSISCNSKIQEKIVGDFTQDQNVSQKLMVGFVSCLDSEEAEEL
LDSEKEAEDQVKQTNIRYMTKIHILNLLITSLEMKAPNLAMFLLGYELKKPVSTTNLQDSGVLGCPRTCLHSILDILRKG
TDVRAGPVAVWDTPHLAELCYQVIYQLCACADTSGPTMRYLRTSQDFLFSQLQHLPFSVEESEISAMNQMSWLMKTATIE
LRITSLNRQRSHTQRLLHLLLDDMPTRPYSADGEGGMEDESRSLSGFLHFDTTSKVRRKILRILDSIQFSNEIPEPLQLD
FFDRSQIEQVIANCEHKNRRGQTVCNVKLLHRVLVAEVNALQGMAAIGQRPLLMEEINTILQYVVERNKLLQCLHAKRHA
LESWRQLVEIILTACPQDLIPTEHRQLIIRDLLQDLHVKILDDDAAQELMPIVAGAVFTLTAHLSQSVRTELKQPMTASG
LGQSQYVQMLDGSFAAPPGTENISAGFASIGDSSLHMILRNLLEFILKTGGGFQRVRAHLYGSLLYYLQIAQRPDEPDTL
ESAHKSMWERLTAPEDVFSKLQRDNLSIFESYGTALMEVVCRDACDGHDIGRMLALALLDRIVSVDRQQQWLLYLSNSGY
LKVLVDSLAEDDVVLRNLLTPQPPLLKALYIYESKMAFLTRVAKSSQGAIELLRSGVIVRLAQCQVYDMRPETDPHGVFG
MRETPVFIPAPVERYRQILLPALQICQLILTSSTAQHLQAAGQVLQFLVAHSDTIQAILRSQEGSLGSLQELALLTGIIS
KAALPGVLNELDIGLNDGSMMELQGHIGRFQRQCLALLNRFGGSDRLRQLSLQDDSSRLDGVSKKDDMELAMQQICSNVM
EYCQALMIQNSPSFQQTVCLFTPSLKESASRDGTRQDSQVSILPSWRLPSLGVVIHLLKQSANNFFTYYDIHRQSVGKLQ
NVEQLPPDEIKELCQSEMPVGADKISTTQKYGLARRRLVKLINSRAKLLSLCSYIIETCLYILWRHLEYYLLHCTTSDSQ
DPVFSNMTFGNRRFQDTFNTDPNMDPRNLRQNKVSQQDVDTLLREGANSFGESLQKRLLDIESLYCKVRSRHSFIQALVR
RIRGLLRVSRV
;
A,a
2 'polypeptide(L)'
;MEELDVDPAETPIPGLGQQNRHIGFSWGPGDLLLYETLYQKQGNSETAARCPFMYLVRSDEDIYSPVLRKLFNESHSIFV
GLQKSAEEASGKSRKAQLVQVSRNYRSVLRACMEEMHTLSESTRETAQKYISQISILSAMELSWNLCEILFIESAPAGPL
LILLLEWVRLHVCEVDNIVQDVLRSEKPTEHEKFWDGVTGYVLQGRMNEARQLLAKEASTSASARSMCRVLDDLLKKMPM
LHTGGTQTLTEFELKWQHWREECERHLQNGTFSSNVHMEAVCRVLLGDEEVLLEKRDLMTTWYHFLVSRLLFKHPTVKPT
ELHFYAQSSLDMFLAGDSCPEPLDNILLAAFEFDIHQVIKEFSIVSSNWWFVAHLTDLLDHCQLFQAHNLYFGANMREFL
LLDYASGLFSHHSLWQLGVDYFDYCPNLGREYLKLHMERIPLSTEKKALKALRICEQRQMTEQVRSICKTMAMQSLCNRR
LGSALSWSIRAKDAAFATLISDRFLKEYCERGNFTDLDLIDNLGSAMLLSDRLTFLGKYREFHRMYSQEQFSEAASLLLS
LMTARIAPCSFWLTLLLDALPLLEQKQVIFSAEQTYELMRCLEDRMAAKLESTSPDEIQKQDSSIDNTKVEMLRLALARN
LARAIVTEGALQE
;
B,b
3 'polypeptide(L)'
;MADKFAAKFVSHKISRTRWRPVSASSLQQPDVFATGSWDNEENKVCVWATSDFGATSLDEEYQGDPKQLCDIKHPGDVMD
MQFLDKERIVTGSSTGTVTIFRHHENNQTLSVNQRWEQAHYHVGSNMRAPCTAIVCSSPEIVSVGEDGRINCFRAESRDV
LRTIDDADSSTMHGVTFLRTTEILTVNSVGQLKLWDLRKQGNDPTQIFSVTGERVPLHCVDRHPNQQHVVATGGQDGMLC
IWDVRHGKMPMSLLNAHEAEMWEVHFHPSNPDHLFTCSEDGSLWHWDASADSEKPTFLLGGRSTFNISRSSIAPPNANQS
LACAWLSTDPTKGQLEITNLLPSSTLSVNSLDVLGQNLVCGTDAEAIYVTRRLFS
;
C,c
4 'polypeptide(L)'
;MFVARSIAADHKDLIHDVSFDFHGRRMATCSSDQSVKVWDKSENGNWHCTASWKTHSGSVWRVTWAHPEFGQVLASCSFD
RTAAVWEEIVGESNDKLRGQSHWVKRTTLVDSRTSVTDVKFAPKHMGLMLATCSADGVVRIYEAPDVMNLSQWSLQHEIS
CKLSCSCISWNPSSSRAHSPMIAVGSDDSSPNIMGKVQIYEYNENTRKYAKAETLMSVSDPVHDIAFAPNLGRSFHILAV
ATKDVRIFTMKPLRKELSSSGGVTKFEIHTVAQFDNHNSQVWRVSWNITGTVLASSGDDGTVRLWKANYMDNWKCIGVLK
GD
;
D,d
5 'polypeptide(L)'
;MAAAERHMTPFQAIDWAGSITLPMVQRVGGFTRAIMAASVNLERSYMELIGAERETSRRNFRDLSLRPDVNLVIGGPKYA
DCAGGYCYSESSSLLSATRNRFLHWTSYADTLELVEISLDINLVNNAVRLRILNCSILPGGVHICETPNNIVVLILTNQT
VHRLILPHPSRMYRSEIISDSHIQSIFTDIGKTNFHDPSNTYVIPAIPGRAPNTTASTAWLSSDGEALFALPSISGGILV
IKMPPHDMEGLVTIAELKQSSVMQRLLTGWMPSSIRGDQGPAHLPVSLAVHTLDHDSYLFALCQDHKLRMWSYKDQMCLM
VADMLEYVPVSKDIRQTAGTGHKLRLAFSETLGILYLGVYLHTPKQGQFCVFQLMCAESNRYSLDHISSIFTNQETLIDF
TFTLTSMDIWALWLDDDNQTVVKHINFEENQAGQWNPVFVNPLPEDDLAISDEQEPQEAYLECLFAPGRFTIAAVQKAIQ
ILRKGSGRVLDLSWEELRKDVTLTVENEIQNAVIDYDVSQEEFRQINIENWCKFYTCCLQYQETLSRPLALLVHPDTNMV
CLLRKGFLSFLAPCSLVEHLYLVPAEHLLTVDESVISDDIDAASDIVNLIQCLRMIADYISEDMAYLMESACCHLQSPER
VAEQILEDLIANDIDNIMENIQNKLQDTRNPIRAIGFLLQNMDYETNADMEQPQPNTRLNLSTLYGSITASSVVCQAICK
ISATRFLICRDLLILQHLLLRLGDMALIGAGQLLHSQQELIPRAAQLLLSYYMIRWGSQCLACAVPVDILESNLQHLSVL
ELSDSQVEKRRYTSGIQTIVELFFEDVARKHFPHVFIQSGASQLQEPLNWSDLIKRITNYLLQLLWPSNPNFQFAECLMR
NCQYTQLQEYVRLLLPWCQVNVGSCHFMLAQCYLVAGEGHKALDCFSQAASEVEREDFLEKLIRVEEGESVSPRLQYYNR
VLRLLEDVGLPELVIQLATIAIGEASDDWRSQAALRTRIFKHHLDMGHNNQAYDALTQIPDPSRQLDCLRQLVVVLCERS
QLQDLVEFPYVNLHNEVVGIIESRARAVDLMTHNYYELLYAFHIYRHNYRKAGSVMFEYGMRLGREVRTLRGLQKQVNSY
LACLNCLRLIRPEYAWIVQPVSGAVYERPGASPKRNYDGESSAVPSSSQIEILELRDLEKEYVLAQTRLTLAKHNPSTAA
IAGSSAAEEMVALLVQAGLFDTAISLCQTFKLALTSVFEGLACKCIRLQQGGEAAQAEAWEWLAANQLATVITTKESSAT
DEAWRLMISYLDKYEAKNTLYHHCIINKLLSHGVPLPNWLINRYKAMDAAELLRLYLKYDLLEEAAELVLEYVDALLGKG
HQYFGIQAPLSATSQLVWFPYSAIDHLRQALGENESNQHNQAILSKLQRKMDEYFQKLKKATDDYKKLVQKPLRA
;
E,e
6 'polypeptide(L)'
;MKQDSASNATYTVDCEDYVHVVEFNPFDSGEAGSLLAYGGISYVVIASCRFQEEDSTVEGIEFKTLKTFHHGERVVAIAW
SPETRCDALLPLLRFATAAGDKKIRIFTSDFQDKNEYKVIEGHSGYINDLVFCSPEGTDIASVGDDHTCRIWDLDGKQIA
MFILRSPGMSVAWHPEGAFKLMVAEKTGTIRFYDLTTHQAILSLESVQVPLMSADWCVRNTLRIGAVAGNDWIIWEMPRS
SYPQDNKPAHADRARMFRWSKCNENVFATTGYPGKMKSQIAIHHLAHPQPILIGTAPVGSGLSWHRRLPLCVVGGYRKLF
FWLTEM
;
F,f
7 'polypeptide(L)'
;SKYGLQDSDEEDDQLNNAEAKKLKAAPVPPQGKPPPLQQATLPGKVTPPPQSPAVDQLDRVLELDSDMADITQDQDLDSV
AEEQDITEEQEPLSASSHIASSLGINPHALQVMKASLLLEEEDGEMINRFSSFPSSMDPYPDVRSPRLFPSSHAKRTSSM
GLLQSKFASPSISRISETAQGSHSPRILPVTPWSVPAPLAPTFVIPRPAPETHLRTVGTRRQQELVPLEKSVTHGRGSLL
IDMGLFMGRSFRVGWGPNWTLVHNGDKLTERLNAEEDQNMDTIDYGFLPKPTSAKSLTESPFKVHMEKLSLEQKSRELQS
YLMPLEIELKNSSVDRSAQCPHFKPNAGVAAIHDYAGWVRNLSNEAGELEAVVKQWGLTWTLCESLWGQLKELEASLDEP
NEYVRNLERRKAFSHWLAHTAEERIEEEVSLYGPERHVEAVFSFLTGGRISDACRLAQKSGDHRLSLLLSQMVGSQEMRE
LISLQLVDWNKLQVDHYIQEERLRVFCLLSGTPVWRSSDNRSINVCSQLDWKRTLAVHLWYMLPPTATIAQALRLYERAF
QEHEEGEPYACYPLPPYLEDCSISLGDEPSAKFSSLQRDVCVHLLKLYSERQYDLCQLLDPSSVTPDPLDYRLSWHLWMV
LQALNYTHLSEHRQGTLHASYAAQLENVGLWEWAIFVLLHIPHPHIREAGVRELLNRQCVVRESPESLAKENFLIHRLCV
PAQWVHEAKAIRSRRDGDRHKEALYLLKGHQWNPCHKLVTRHLAADAVINENYRYLQSFLGELSNPEHCKHIQDWETAGK
VYLDYIRVIDMLNLIQQDESSGCELEKLHTKVMSLCKWVELIHCYTAKDRLAQSEMAKRVANILRVVLSLQQPPESMSDS
SEPRVPLRLLAPHIGRLPMPEDYALEELRGLTQSYLRELICDS
;
G,g
8 'polypeptide(L)'
;MVSVINTVDTSHEDMIHDAQMDYYGIRLATCSSDRSVKIFDVKNGGQILIADLRGHDGPVWQVAWAHPMYGNILASCSYD
RKVIIWKEENGTWEKTYEYTGHDSSVNSVCWAPHDFGLVLACGSSDGAISILTFTGDGPWEVKKISNAHTIGCNAVSWAP
SVIPGSLVDQPSSQKPNYIKRFVSGGCDNLVKIWREEDGQWKEDQKLEAHSDWVRDVAWAPSIGLPTSTIASCSQDGRVY
IWTSDDAATNCWTPKLLHKFNDVVWHVSWSITANILAVSGGDNKVTLWKESVDGQWACISDVNKGQGAVSTVTEGQLNDQ
;
H,h
9 'polypeptide(L)'
;MDMLSPVVREAEVSRAARRQSSNRKNPADESWSNATPTRGPSSRTTGQTLFRQHMTPQTWNSSRPPDVSAILGTVGRSPR
LLQTPGRLANLSMMSNPDDSVWTTTFSPGRTGMYTTLDSPSFTEDITLSAVMLQEEDPGEAATMSMYPDFLKSFLEHPSS
AVFELIEQYEATCNTQITLLKKIVKRVTPGQQKFSKTASILWLLQQEMVTWRLIAALYRDRIQSALEEENMFEIAAPNAS
EKTIVDKLFQRDTLVRQSQLVVDWLESIAKDEVGDFSDNIEYYAKSVYWENTLHTLKQRSMLSLGSSRPLVSELDPDAPI
RQKLPLDDLDREDDIRLLKYLFTLIRAGMTDEAQRLCKRCGQAWRAATLEGWKLYHDANINGGTELQAVEGNPYRCVWKT
CCWRMAEDEQFNKYERAIYATLSGNLKQLLPVCESWEDTVWAHFKVMVDSLVEQEIRASIISFNEANELPREYLEANWTL
DSVFEELQATDKKRVLEENREHYHIIQKFVILADVDGLMDEFSEWLSNGKNLLLGHLLRFMTHLLLFFRTLGLQAKEEVS
VEVLKTYIQRLINEKQIELIAFYVSHLPQELAISQYAVFLENITDPDQRQRCLELAKEAGLDVASITKTVVENTRKKDAG
EFAHHDFAPALDSGTSEEDRAKIDVIDWLVFDPAQRAEALKQSNAIMRKFLASKKHEAAKEVFAKIPQDSIAEIYSQWEE
QAMDSALPAEDDNAIREHLCIRAYLESHEAFNEWFKHINSPPQKPTLVGQASFTEKVAHEHKEKKYEMDFGIWKGHLDAL
TSDVKEKIYNVLLFVDGGWMVDVREDTEEDPERSHQMVLLRRLCLPMMCFLLHTVLHNTKQYKDCLRLADIVSSENQKLY
TVFSKTEMRNLLQKLRESSLMLLDLQLDPLGYEIQS
;
I,i
10 'polypeptide(L)'
;MFPSPRAQGMGSARRPFNSRLTGGRKALGPGVTASSSPSALYSPVGRRVSASGARSTPSRVYLHPAASETVNYNVQLFGS
SLPVKVMEALSNASADEPMAACIHEGGWAWLACNDRLIIWKISHSSSAKLMVCKELPLPLSDSEWSADLVDICAQTGDPA
AAQSVALMAATPEGSSRYWPNILHEGTYIESYTEFGSSLCAFVTAVKGNSFILSSEKNQLVRLTPDASGKMNQRVLPQGQ
GMLSGIGRRVSTLFGILSPAVESTLCSVLWDKGDCFYTLTDSSINKWDLDDTSESQVLNWDMSRVLREYISDAIWGSESD
YDDIKAGININYLSLNQNCDGLVILSAAWHPGDNPCQIYYTLVTVKDEGYNISDEITVEVTQFNPVFQARGMQLCQLVVP
NFSSQACYLYTQEMIFACSTGTGRSTLPQEKIPFEAQGDNIVGAGSCEGWPVFFIRKSGMLTVVARETASVLPEHMEESL
SSVSKSSRQAVVKDSRPDQIAHDDKTKHLKAAFLRYCRKDILGAQSMVDSLFSDSDMEPDDELDLAVNQISVDLIDDYPA
SDPRWAESVPEEAAGFSNTSLILLHQLEDKMKAHSFFVDFLHQVGLFSRLSTCQTKGMLVATRLLLSEHAEKLSAAIVLK
NHHAKLPVLVNSAIQLALDKRMCTVPQNLTAADVYFREVSQMEIIFECLVDKEEADLESTSIDSVEWANIVVNVNTILKD
MLHVACQYRQSKNSLYKNESGIQEPEHVPWTASSGTAGIRSVVTRQHGIILKVYPQADSGLRTILIEQLAALLNYLLDDY
VTQLKSIDKLANEERYNILEMEYAQKRSELLSPLLILGQYAWASNLAEKYCDFDILVQICEMTDNQSRLQRYMTLFAEQN
FSDFLFRWYLEKGKRGKLLSQPASQHGQLAAFLQAHDHLSWLHELNSQEFEKAHRTLQTLANMETRYFCKKKTLLGLSKL
AALASDFQEDVLQEKVEEIAEQEHFLLHQETLPKKLLEEKQLDLNAMPVLAPFQLIQLYVCEENKRANENDFMKALDLLE
YIGDDSEVDVEELKLEILCKAIKRDEWSATDGKDDPIEATKDSIFVKVLQNLLNKGIELKGYLPKAETLLQSEELNSLKT
NSYFEFSLKANYECYMKMQS
;
J,j
11 'polypeptide(L)'
;MRRSKAEIQRYVENAQNSASSPREKSMKGFLFARLYYEAKEYELAKRSVSSYISVQERDPKAHRFLGQLFEIEGNVEKAV
GCYKRSLELNPTQKDLTLRIAELICTLNIKDGRAEYWVERASKLFPGSPEIYRLKEQLLSSQGEAGWNQLFDLIQAELFA
RPNDVYVNLKLVDLFLSNQRLEEAVLHCLKPERRALRTDIEWCSCVVRVFKEYLASKQGQKNTNMRMITKELLLAQCDVV
FLTLSKKDVQKSKEALERFDQALLSVKQSVSGTDASDLSVTFYEMRGHYYMHAGTLLLKMAQSCEVQWKALIEPAALCYL
LAYQVPKPKSKPVKGDDNGQGFLEELAFDRQSKSGHLLLTLSHGKQNFISEIIETFANQCGQSILLKFLFEDNLSMQDSF
MGSDDISYVENRVPDLSELSQHDNGSLRIHNGDLQHLTWLGLQWHFLSTLPPLRKWLKQIFPRVPQETSRLESNIPESIC
LLDLEVFLLAVVQTSYLQLQDNNTTADPNRPRCLPLPICKQLFTDRQRSWWDAVYSLITKKALPGTSAKLRSVIQHDLTT
LRAQEKHGLQPAVLVNWARGLHKTGYSLNSFYDQKEYMGRCVHYWKKLLPLLDLVKQKKSIPEPVDPLFKHFHNKDIKVS
EVKDLEDEACIAFATLDLVDGKTEDAIIAFESVKNVVAYWNLALIYQRKAEEIENDCLPAEEQEEFQECLLKCKGFLKMI
CDEYSAYPSIATSLPVPVETVFEMLDSVKQSLGEAMDDHSPAFMENHSVLTTSAIKHSTPSPTKLTISPSKSARFSPKTP
PRWAEDQKSLLEVLCNKVEALKKEVQELKHNNSNANVSPHRWPNEGFESDTVADSYQGTQNFYTVPLTVSTSGPAAYYGQ
SPAYNSQHLLRPAANITPTKTSVYAMNRLPPQQHMYTYPQQMHTPPTQQSSAGCVFPQEIYGPPLRFESPAAAILSPHNE
EFYNYNVPPASTNPPLPEPGYFTKPSTAMQHSKQEVPKVSDFGKGCLGQSTSEGQKPSPFTVPMQSTPASSTFKFNSNFK
SNDGDFTFSSSHAGASSAYTGSESLLGLLTSDRPTQEQGKKSDFENIASDEKNMFRFGEKSFSPGFTVTGTQSQDKNPLV
FGQSENIFTFKTPGKSTFKPPTFGTQTKDAHNHSVESDAGSEHVADDDGPHFEPIIPLPEKVEVKTGEEDEEEMFCNRAK
LFRFDAETKEWKERGIGNVKILRHRLSGKIRLLMRREQVLKICANHYINADMKLKPNATSDKSYVWHAYDYADEMPKPEQ
LAIRFKTVDEAAHFKAKFEEAQRLLAMAEAPAISAQHKNAKDNLKLDASKVKEAPLPFGSQFILKRGEWQCDCCLATNAP
TSTSCVCCQTPNKNKSSSISSVCISAPSFTFVKESATNKLAFGQQLLKDKDQWTCSKCSQKNDAGVSHCSSCQTQSQAKA
GISQPNIASSGFTNNTSAQGDNLAAVFGKKAGQWDCDVCYVRNEPSANKCISCQNTKPLSKVSGTQAASFSFAAGADNSQ
KNFGAQFAKKEGQWDCDACYVRNEPLATKCISCQNTKLLSKTTGTQAASFSFAAAADNSQKNFGGQFAKKEGQWDCSSCL
VRNEASAPNCVACHSANPQITNKDVVPPALTPSGFKFGHNAEVGKTQQSLSAMFSCKQGQWECSTCLVINDAAKDTCAAC
QAAKPGSSASQSKEVPSTFGIKANSSQNFGQPAAGFNCGFSAKGFKFGISDEKASASNFTFKAPATNEETKMVKDGFNFP
VSAGSLSFKFGISEPDKTKEMSTGFMKGTSTNNKGSETAETTAQAEKIQQSPDKVLGQSVQSFSFADIAKSTEGIEFGKA
DPNFKGFSGAGQKLFTSSNQVNASNAQEAADDLYKTEERDDIHFEPIVQLPDKVDLITGEEDEKTLYSQRVKLYRFDATS
GQWKERGVGNLKILKNEVNGKLRVLMRREQVLKVCANHWITTTMNLKPLTGSDRAWMWLANDFSEGDAKLEQLAVKFKTP
EQAEEFKIKFDQCQCLLLDIPLQTPHKLVDTGRTAHLIQKAEEMKTGLKDLKTFLTDKAKPLDDSNAINTTDLEKQALAD
GTEPTYEWDTYDMRGDAHEETLDDSVYASPLASSPEKKNLFRFGDLSTSGFNFSFQPEPSPSKSPTKLNHSRVSVGTDEE
SDVTQEEERDGQYFEPVVPLPDLVEVTSGEENEQAIFCHRAKLYRFDKDSNQWKERGIGDLKILQRLDNKSARVVMRRDQ
VLKLCANHRITTDINLQPMKGAERAWVWTAHDFSEGEGKVECFAVRFKLQEAADLFKEVFEEAKEAQAKDCLLTPVSSRG
TTPRAASCGKAAIAILEETTKERTDQQPEEDTSLTEASTPSPTDQPAKALVSPANFTFGSDVVKNIFGSEKQVPFAFGNT
SSTGSLFGFSFNASQSQGQQVQKQPPKVTLDFNATFKDAETTNALQKPSQSSGQSPIVSSLSSSSSSSSSTLMQPMPARD
KAADVPDADSSSDVLIVYVATPTPEQKALAETLLLPLTFFCYKNKPGYVSDESDIDDEDFETAVKNLNGILYTEDKKDKA
SSRLSGCSKEPTAESDQDCIIVWEKKPTPEEKAKADSLKLPPTFFCGLGSDTDEDKDNLEDFDTEVRKVKEAKGVPEADV
TSSPEAAIVSAAETSVSLPPKQEPDSTTSISQEPVDLSSKQELPKTDSKGFSTPSFSFGLGEVSGVSFADLASTNSGDFA
FGSKDTNFQWANTGAAVFGTLSQNKKGEDADGSDEEVVHSDDVHFEPIVSLPEVEVKSGEEDEEILFKERAKLYRWDRAV
GQWKERGVGDIKILFHKEKGYYRVLMRRDQVLKVCANHVISTEIKISTLSTSNNSLVWTATDYSDGEGKVEQLAVRFKTK
ELTDSFQNKFEECQHNLQEESNPQH
;
S,T,U,V
12 'polypeptide(L)'
;(UNK)(UNK)(UNK)(UNK)(UNK)(UNK)(UNK)(UNK)(UNK)(UNK)(UNK)(UNK)(UNK)(UNK)(UNK)(UNK)
(UNK)(UNK)(UNK)(UNK)(UNK)(UNK)(UNK)(UNK)(UNK)(UNK)(UNK)(UNK)(UNK)(UNK)(UNK)(UNK)
(UNK)(UNK)(UNK)(UNK)(UNK)(UNK)(UNK)(UNK)(UNK)(UNK)(UNK)(UNK)(UNK)(UNK)(UNK)(UNK)
(UNK)(UNK)(UNK)(UNK)(UNK)(UNK)(UNK)(UNK)(UNK)(UNK)(UNK)(UNK)(UNK)(UNK)(UNK)(UNK)
(UNK)(UNK)(UNK)(UNK)(UNK)
;
K
13 'polypeptide(L)'
;(UNK)(UNK)(UNK)(UNK)(UNK)(UNK)(UNK)(UNK)(UNK)(UNK)(UNK)(UNK)(UNK)(UNK)(UNK)(UNK)
(UNK)(UNK)(UNK)(UNK)(UNK)(UNK)(UNK)(UNK)(UNK)(UNK)(UNK)(UNK)(UNK)(UNK)(UNK)(UNK)
(UNK)(UNK)(UNK)(UNK)(UNK)(UNK)(UNK)(UNK)(UNK)(UNK)(UNK)(UNK)(UNK)(UNK)(UNK)(UNK)
(UNK)(UNK)(UNK)(UNK)(UNK)(UNK)(UNK)(UNK)(UNK)(UNK)(UNK)(UNK)(UNK)(UNK)(UNK)(UNK)
(UNK)(UNK)(UNK)(UNK)(UNK)(UNK)(UNK)(UNK)(UNK)(UNK)(UNK)(UNK)(UNK)(UNK)(UNK)(UNK)
;
L
14 'polypeptide(L)'
;(UNK)(UNK)(UNK)(UNK)(UNK)(UNK)(UNK)(UNK)(UNK)(UNK)(UNK)(UNK)(UNK)(UNK)(UNK)(UNK)
(UNK)(UNK)(UNK)(UNK)(UNK)(UNK)(UNK)(UNK)(UNK)(UNK)(UNK)(UNK)(UNK)(UNK)(UNK)(UNK)
(UNK)(UNK)(UNK)(UNK)(UNK)(UNK)(UNK)(UNK)(UNK)(UNK)(UNK)(UNK)(UNK)(UNK)(UNK)(UNK)
(UNK)(UNK)(UNK)(UNK)(UNK)(UNK)(UNK)(UNK)(UNK)(UNK)(UNK)(UNK)(UNK)(UNK)(UNK)(UNK)
(UNK)(UNK)(UNK)(UNK)(UNK)(UNK)(UNK)(UNK)(UNK)
;
M
15 'polypeptide(L)'
;(UNK)(UNK)(UNK)(UNK)(UNK)(UNK)(UNK)(UNK)(UNK)(UNK)(UNK)(UNK)(UNK)(UNK)(UNK)(UNK)
(UNK)(UNK)(UNK)(UNK)(UNK)(UNK)(UNK)(UNK)(UNK)(UNK)(UNK)(UNK)(UNK)(UNK)(UNK)
;
N
16 'polypeptide(L)'
;(UNK)(UNK)(UNK)(UNK)(UNK)(UNK)(UNK)(UNK)(UNK)(UNK)(UNK)(UNK)(UNK)(UNK)(UNK)(UNK)
(UNK)(UNK)(UNK)(UNK)(UNK)(UNK)(UNK)(UNK)(UNK)(UNK)(UNK)(UNK)(UNK)(UNK)(UNK)(UNK)
(UNK)(UNK)(UNK)
;
O
17 'polypeptide(L)'
;(UNK)(UNK)(UNK)(UNK)(UNK)(UNK)(UNK)(UNK)(UNK)(UNK)(UNK)(UNK)(UNK)(UNK)(UNK)(UNK)
(UNK)(UNK)(UNK)(UNK)(UNK)(UNK)(UNK)(UNK)(UNK)(UNK)
;
P
18 'polypeptide(L)'
;(UNK)(UNK)(UNK)(UNK)(UNK)(UNK)(UNK)(UNK)(UNK)(UNK)(UNK)(UNK)(UNK)(UNK)(UNK)(UNK)
(UNK)(UNK)(UNK)(UNK)(UNK)(UNK)(UNK)(UNK)(UNK)(UNK)(UNK)(UNK)(UNK)(UNK)(UNK)(UNK)
(UNK)(UNK)(UNK)(UNK)(UNK)(UNK)(UNK)(UNK)(UNK)(UNK)(UNK)(UNK)(UNK)(UNK)(UNK)(UNK)
(UNK)(UNK)(UNK)(UNK)(UNK)(UNK)(UNK)(UNK)(UNK)(UNK)(UNK)(UNK)(UNK)(UNK)(UNK)(UNK)
(UNK)(UNK)(UNK)(UNK)(UNK)(UNK)(UNK)(UNK)(UNK)(UNK)(UNK)(UNK)(UNK)(UNK)(UNK)(UNK)
(UNK)(UNK)(UNK)(UNK)(UNK)(UNK)(UNK)(UNK)(UNK)(UNK)(UNK)(UNK)(UNK)(UNK)(UNK)(UNK)
(UNK)(UNK)(UNK)(UNK)(UNK)(UNK)(UNK)(UNK)(UNK)(UNK)(UNK)(UNK)(UNK)(UNK)(UNK)(UNK)
(UNK)(UNK)(UNK)(UNK)(UNK)(UNK)(UNK)(UNK)(UNK)(UNK)(UNK)(UNK)(UNK)(UNK)(UNK)(UNK)
(UNK)(UNK)(UNK)(UNK)(UNK)(UNK)(UNK)(UNK)(UNK)(UNK)(UNK)(UNK)(UNK)(UNK)(UNK)(UNK)
(UNK)(UNK)(UNK)(UNK)(UNK)(UNK)(UNK)(UNK)(UNK)(UNK)(UNK)(UNK)(UNK)(UNK)(UNK)(UNK)
(UNK)(UNK)(UNK)(UNK)(UNK)(UNK)(UNK)(UNK)(UNK)(UNK)(UNK)(UNK)(UNK)(UNK)(UNK)(UNK)
(UNK)(UNK)(UNK)(UNK)(UNK)(UNK)(UNK)(UNK)(UNK)(UNK)(UNK)(UNK)(UNK)(UNK)(UNK)(UNK)
(UNK)(UNK)(UNK)(UNK)(UNK)(UNK)(UNK)(UNK)(UNK)(UNK)(UNK)(UNK)(UNK)(UNK)(UNK)(UNK)
(UNK)(UNK)(UNK)(UNK)(UNK)(UNK)(UNK)(UNK)(UNK)(UNK)(UNK)(UNK)(UNK)(UNK)(UNK)(UNK)
(UNK)(UNK)(UNK)(UNK)(UNK)(UNK)(UNK)(UNK)(UNK)(UNK)(UNK)(UNK)(UNK)(UNK)(UNK)(UNK)
(UNK)(UNK)(UNK)(UNK)(UNK)(UNK)(UNK)(UNK)(UNK)(UNK)(UNK)(UNK)(UNK)(UNK)(UNK)(UNK)
(UNK)(UNK)(UNK)(UNK)(UNK)(UNK)(UNK)(UNK)(UNK)(UNK)(UNK)(UNK)(UNK)(UNK)(UNK)(UNK)
(UNK)(UNK)(UNK)(UNK)(UNK)(UNK)(UNK)(UNK)(UNK)(UNK)(UNK)(UNK)(UNK)(UNK)(UNK)(UNK)
(UNK)(UNK)(UNK)(UNK)(UNK)(UNK)(UNK)(UNK)(UNK)(UNK)(UNK)(UNK)(UNK)(UNK)(UNK)(UNK)
(UNK)(UNK)(UNK)(UNK)(UNK)(UNK)(UNK)(UNK)(UNK)(UNK)(UNK)(UNK)(UNK)(UNK)(UNK)(UNK)
(UNK)(UNK)(UNK)(UNK)(UNK)(UNK)(UNK)(UNK)(UNK)(UNK)(UNK)(UNK)(UNK)(UNK)(UNK)(UNK)
(UNK)(UNK)(UNK)(UNK)(UNK)(UNK)(UNK)(UNK)(UNK)(UNK)(UNK)(UNK)(UNK)(UNK)(UNK)(UNK)
(UNK)(UNK)(UNK)(UNK)(UNK)(UNK)(UNK)(UNK)(UNK)(UNK)(UNK)(UNK)(UNK)(UNK)(UNK)(UNK)
(UNK)(UNK)(UNK)(UNK)(UNK)(UNK)(UNK)(UNK)(UNK)(UNK)(UNK)(UNK)(UNK)(UNK)(UNK)(UNK)
(UNK)(UNK)(UNK)(UNK)(UNK)(UNK)(UNK)
;
Q,R
#
# COMPACT_ATOMS: atom_id res chain seq x y z
N LEU A 13 -83.61 -6.01 -94.45
CA LEU A 13 -84.19 -4.67 -94.54
C LEU A 13 -83.19 -3.60 -94.15
N TRP A 14 -81.99 -4.02 -93.76
CA TRP A 14 -80.94 -3.09 -93.35
C TRP A 14 -80.56 -2.18 -94.51
N GLY A 15 -80.47 -2.75 -95.71
CA GLY A 15 -80.14 -1.98 -96.89
C GLY A 15 -81.21 -0.94 -97.16
N PRO A 16 -82.47 -1.33 -96.99
CA PRO A 16 -83.59 -0.41 -97.17
C PRO A 16 -83.52 0.72 -96.17
N TYR A 17 -83.15 0.39 -94.93
CA TYR A 17 -83.02 1.40 -93.89
C TYR A 17 -81.91 2.38 -94.25
N ARG A 18 -80.82 1.85 -94.80
CA ARG A 18 -79.70 2.68 -95.23
C ARG A 18 -80.14 3.63 -96.35
N GLU A 19 -80.95 3.10 -97.26
CA GLU A 19 -81.47 3.90 -98.36
C GLU A 19 -82.36 5.02 -97.83
N ILE A 20 -83.15 4.72 -96.81
CA ILE A 20 -83.99 5.74 -96.18
C ILE A 20 -83.14 6.84 -95.56
N TRP A 21 -82.03 6.42 -94.93
CA TRP A 21 -81.14 7.34 -94.25
C TRP A 21 -80.52 8.33 -95.24
N GLN A 22 -80.18 7.86 -96.42
CA GLN A 22 -79.61 8.72 -97.46
C GLN A 22 -80.63 9.79 -97.86
N THR A 23 -81.89 9.38 -97.99
CA THR A 23 -82.96 10.31 -98.33
C THR A 23 -83.12 11.36 -97.24
N VAL A 24 -83.02 10.92 -95.98
CA VAL A 24 -83.12 11.84 -94.86
C VAL A 24 -81.98 12.85 -94.91
N LEU A 25 -80.78 12.37 -95.25
CA LEU A 25 -79.62 13.23 -95.36
C LEU A 25 -79.82 14.26 -96.47
N SER A 26 -80.42 13.81 -97.56
CA SER A 26 -80.71 14.69 -98.70
C SER A 26 -81.68 15.79 -98.28
N ALA A 27 -82.68 15.42 -97.48
CA ALA A 27 -83.64 16.40 -96.99
C ALA A 27 -82.94 17.43 -96.10
N LEU A 28 -82.01 16.95 -95.29
CA LEU A 28 -81.26 17.77 -94.37
C LEU A 28 -80.48 18.90 -95.02
N ILE A 29 -79.76 18.59 -96.12
CA ILE A 29 -78.98 19.54 -96.93
C ILE A 29 -79.86 20.65 -97.45
N LYS A 30 -81.07 20.29 -97.92
CA LYS A 30 -82.00 21.22 -98.49
C LYS A 30 -82.93 21.88 -97.46
N ARG A 31 -82.96 21.37 -96.20
CA ARG A 31 -83.82 21.80 -95.10
C ARG A 31 -85.32 21.54 -95.29
N GLN A 32 -85.69 20.62 -96.20
CA GLN A 32 -87.04 20.45 -96.70
C GLN A 32 -87.45 19.02 -96.47
N PRO A 33 -88.71 18.64 -96.29
CA PRO A 33 -89.09 17.24 -96.16
C PRO A 33 -88.94 16.50 -97.47
N GLU A 34 -88.67 17.24 -98.60
CA GLU A 34 -88.79 16.74 -99.96
C GLU A 34 -88.09 15.46 -100.21
N ALA A 35 -86.83 15.26 -99.80
CA ALA A 35 -86.23 13.99 -100.15
C ALA A 35 -86.97 12.78 -99.56
N VAL A 36 -87.32 12.82 -98.24
CA VAL A 36 -88.08 11.77 -97.54
C VAL A 36 -89.38 11.56 -98.29
N HIS A 37 -90.06 12.66 -98.59
CA HIS A 37 -91.36 12.59 -99.20
C HIS A 37 -91.41 12.34 -100.70
N SER A 38 -90.27 12.47 -101.43
CA SER A 38 -90.15 12.24 -102.85
C SER A 38 -89.76 10.81 -103.13
N LEU A 39 -89.21 10.12 -102.11
CA LEU A 39 -89.06 8.69 -102.17
C LEU A 39 -90.25 8.00 -101.54
N ILE A 41 -93.70 7.48 -98.26
CA ILE A 41 -94.19 6.09 -98.53
C ILE A 41 -93.57 4.96 -97.70
N VAL A 42 -92.29 4.64 -97.96
CA VAL A 42 -91.37 3.79 -97.22
C VAL A 42 -91.14 4.23 -95.75
N LEU A 43 -91.06 5.54 -95.37
CA LEU A 43 -91.09 5.90 -93.94
C LEU A 43 -92.37 5.38 -93.28
N LYS A 44 -93.57 5.73 -93.81
CA LYS A 44 -94.83 5.09 -93.47
C LYS A 44 -95.03 3.62 -93.91
N LYS A 45 -93.95 2.89 -94.23
CA LYS A 45 -93.91 1.44 -94.34
C LYS A 45 -93.16 0.78 -93.18
N TYR A 46 -91.94 1.24 -92.82
CA TYR A 46 -91.07 0.66 -91.78
C TYR A 46 -91.19 1.41 -90.49
N LYS A 47 -92.25 2.17 -90.37
CA LYS A 47 -92.56 2.93 -89.21
C LYS A 47 -92.58 2.18 -87.85
N PRO A 48 -93.10 0.96 -87.61
CA PRO A 48 -93.04 0.34 -86.30
C PRO A 48 -91.66 -0.27 -86.08
N ASP A 49 -90.89 -0.53 -87.15
CA ASP A 49 -89.51 -0.97 -87.08
C ASP A 49 -88.64 0.13 -86.49
N PHE A 50 -88.83 1.40 -86.92
CA PHE A 50 -88.20 2.55 -86.30
C PHE A 50 -88.61 2.73 -84.84
N ILE A 51 -89.91 2.60 -84.50
CA ILE A 51 -90.39 2.66 -83.12
C ILE A 51 -89.77 1.59 -82.21
N SER A 52 -89.60 0.37 -82.75
CA SER A 52 -89.01 -0.75 -82.03
C SER A 52 -87.54 -0.57 -81.78
N LEU A 53 -86.90 0.34 -82.53
CA LEU A 53 -85.48 0.65 -82.40
C LEU A 53 -84.56 -0.56 -82.63
N PHE A 54 -83.54 -0.83 -81.76
CA PHE A 54 -82.67 -1.98 -81.97
C PHE A 54 -83.17 -3.22 -81.27
N LYS A 55 -84.38 -3.16 -80.68
CA LYS A 55 -84.94 -4.32 -80.04
C LYS A 55 -85.38 -5.36 -81.06
N ASN A 56 -85.02 -6.63 -80.82
CA ASN A 56 -85.73 -7.75 -81.41
C ASN A 56 -86.55 -8.42 -80.31
N PRO A 57 -87.53 -7.77 -79.66
CA PRO A 57 -88.09 -8.30 -78.42
C PRO A 57 -88.90 -9.60 -78.46
N PRO A 58 -89.60 -10.13 -79.48
CA PRO A 58 -90.27 -11.42 -79.34
C PRO A 58 -89.49 -12.50 -80.07
N LYS A 59 -88.81 -12.18 -81.18
CA LYS A 59 -88.18 -13.15 -82.06
C LYS A 59 -86.73 -13.36 -81.68
N SER A 60 -86.50 -13.75 -80.41
CA SER A 60 -85.25 -14.29 -79.92
C SER A 60 -85.22 -15.79 -80.19
N ALA A 61 -84.11 -16.50 -79.88
CA ALA A 61 -83.86 -17.87 -80.31
C ALA A 61 -84.98 -18.87 -80.01
N GLN A 62 -85.44 -19.62 -81.04
CA GLN A 62 -86.59 -20.47 -80.93
C GLN A 62 -86.18 -21.90 -81.21
N GLN A 63 -86.97 -22.89 -80.77
CA GLN A 63 -86.71 -24.26 -81.19
C GLN A 63 -87.85 -24.80 -82.03
N HIS A 64 -88.91 -23.98 -82.20
CA HIS A 64 -89.96 -24.21 -83.17
C HIS A 64 -89.56 -23.73 -84.55
N GLU A 65 -88.57 -22.82 -84.65
CA GLU A 65 -88.04 -22.32 -85.91
C GLU A 65 -86.83 -23.14 -86.35
N ARG A 66 -86.81 -24.45 -86.02
CA ARG A 66 -85.65 -25.29 -86.24
C ARG A 66 -85.37 -25.66 -87.70
N VAL A 67 -84.47 -24.87 -88.33
CA VAL A 67 -84.13 -24.86 -89.73
C VAL A 67 -83.66 -26.20 -90.33
N GLN A 68 -82.74 -26.94 -89.65
CA GLN A 68 -82.16 -28.17 -90.17
C GLN A 68 -83.02 -29.42 -89.92
N LYS A 69 -84.09 -29.31 -89.11
CA LYS A 69 -84.97 -30.43 -88.82
C LYS A 69 -86.03 -30.56 -89.90
N ALA A 70 -86.15 -29.53 -90.77
CA ALA A 70 -86.93 -29.64 -91.99
C ALA A 70 -86.26 -30.62 -92.96
N SER A 71 -86.90 -31.78 -93.21
CA SER A 71 -86.35 -32.87 -94.01
C SER A 71 -86.24 -32.53 -95.50
N THR A 72 -86.97 -31.49 -95.94
CA THR A 72 -86.92 -30.96 -97.28
C THR A 72 -86.03 -29.75 -97.34
N GLU A 73 -85.38 -29.34 -96.22
CA GLU A 73 -84.61 -28.12 -96.12
C GLU A 73 -85.43 -26.87 -96.50
N GLY A 74 -86.55 -26.54 -95.80
CA GLY A 74 -87.36 -25.40 -96.25
C GLY A 74 -87.86 -24.46 -95.20
N ILE A 75 -87.85 -23.15 -95.52
CA ILE A 75 -88.21 -22.08 -94.59
C ILE A 75 -89.20 -21.11 -95.25
N PRO A 76 -90.14 -20.53 -94.51
CA PRO A 76 -90.97 -19.43 -95.01
C PRO A 76 -90.67 -18.09 -94.32
N ILE A 77 -90.78 -16.96 -95.06
CA ILE A 77 -90.65 -15.59 -94.59
C ILE A 77 -92.03 -14.93 -94.59
N LYS A 78 -92.06 -13.57 -94.62
CA LYS A 78 -93.17 -12.78 -95.12
C LYS A 78 -93.44 -13.03 -96.60
N GLY A 79 -94.38 -13.94 -96.92
CA GLY A 79 -94.77 -14.25 -98.29
C GLY A 79 -94.13 -15.49 -98.86
N THR A 80 -93.10 -15.35 -99.72
CA THR A 80 -92.52 -16.48 -100.45
C THR A 80 -91.69 -17.44 -99.59
N GLN A 81 -91.28 -18.61 -100.12
CA GLN A 81 -90.50 -19.57 -99.34
C GLN A 81 -89.27 -19.98 -100.10
N ARG A 82 -88.37 -20.70 -99.41
CA ARG A 82 -87.02 -20.88 -99.91
C ARG A 82 -86.51 -22.28 -99.61
N THR A 83 -87.21 -23.31 -100.12
CA THR A 83 -86.84 -24.73 -99.98
C THR A 83 -85.57 -25.16 -100.68
N ARG A 84 -85.30 -24.76 -101.92
CA ARG A 84 -84.16 -25.36 -102.60
C ARG A 84 -82.85 -24.64 -102.36
N ILE A 85 -82.85 -23.56 -101.56
CA ILE A 85 -81.67 -22.75 -101.34
C ILE A 85 -81.14 -22.95 -99.92
N LEU A 86 -81.83 -23.71 -99.05
CA LEU A 86 -81.52 -23.78 -97.64
C LEU A 86 -80.46 -24.86 -97.36
N GLU A 87 -79.53 -25.08 -98.30
CA GLU A 87 -78.48 -26.07 -98.21
C GLU A 87 -77.57 -25.95 -96.98
N GLU A 88 -76.99 -27.07 -96.51
CA GLU A 88 -76.25 -27.21 -95.25
C GLU A 88 -75.19 -26.17 -94.88
N GLN A 89 -74.50 -25.52 -95.84
CA GLN A 89 -73.63 -24.39 -95.52
C GLN A 89 -74.39 -23.17 -94.98
N LEU A 90 -75.55 -22.83 -95.59
CA LEU A 90 -76.46 -21.77 -95.18
C LEU A 90 -77.06 -22.07 -93.81
N ILE A 91 -77.44 -23.35 -93.55
CA ILE A 91 -77.95 -23.82 -92.26
C ILE A 91 -76.99 -23.50 -91.13
N LYS A 92 -75.69 -23.77 -91.33
CA LYS A 92 -74.65 -23.45 -90.39
C LYS A 92 -74.42 -21.96 -90.18
N GLU A 93 -74.41 -21.08 -91.21
CA GLU A 93 -74.35 -19.64 -90.97
C GLU A 93 -75.55 -19.12 -90.17
N ALA A 94 -76.76 -19.63 -90.47
CA ALA A 94 -77.96 -19.32 -89.72
C ALA A 94 -77.99 -19.77 -88.26
N PHE A 95 -77.59 -21.01 -87.92
CA PHE A 95 -77.46 -21.42 -86.51
C PHE A 95 -76.33 -20.72 -85.80
N ILE A 96 -75.20 -20.42 -86.48
CA ILE A 96 -74.14 -19.57 -85.91
C ILE A 96 -74.72 -18.23 -85.48
N LEU A 97 -75.60 -17.59 -86.27
CA LEU A 97 -76.29 -16.40 -85.81
C LEU A 97 -77.14 -16.59 -84.55
N SER A 98 -77.99 -17.64 -84.52
CA SER A 98 -78.90 -17.90 -83.41
C SER A 98 -78.21 -18.16 -82.10
N ASP A 99 -77.18 -19.03 -82.09
CA ASP A 99 -76.35 -19.28 -80.93
C ASP A 99 -75.51 -18.05 -80.52
N LEU A 100 -74.94 -17.32 -81.50
CA LEU A 100 -74.13 -16.14 -81.25
C LEU A 100 -74.89 -14.96 -80.64
N TYR A 101 -76.13 -14.71 -81.08
CA TYR A 101 -76.85 -13.49 -80.71
C TYR A 101 -78.18 -13.68 -79.99
N ASN A 102 -78.64 -14.93 -79.71
CA ASN A 102 -79.94 -15.20 -79.13
C ASN A 102 -81.09 -14.66 -80.00
N ILE A 103 -81.07 -15.02 -81.30
CA ILE A 103 -81.94 -14.45 -82.31
C ILE A 103 -82.72 -15.57 -82.96
N GLY A 104 -84.02 -15.33 -83.30
CA GLY A 104 -84.84 -16.28 -84.06
C GLY A 104 -84.25 -16.71 -85.38
N GLU A 105 -84.30 -18.00 -85.65
CA GLU A 105 -83.65 -18.66 -86.75
C GLU A 105 -84.14 -18.22 -88.12
N ILE A 106 -85.47 -18.05 -88.34
CA ILE A 106 -85.96 -17.60 -89.65
C ILE A 106 -85.68 -16.13 -89.88
N ALA A 107 -85.64 -15.32 -88.80
CA ALA A 107 -85.21 -13.95 -88.84
C ALA A 107 -83.75 -13.79 -89.24
N ALA A 108 -82.88 -14.65 -88.67
CA ALA A 108 -81.50 -14.81 -89.05
C ALA A 108 -81.32 -15.20 -90.51
N VAL A 109 -82.20 -16.04 -91.08
CA VAL A 109 -82.18 -16.30 -92.51
C VAL A 109 -82.60 -15.13 -93.41
N GLU A 110 -83.66 -14.33 -93.11
CA GLU A 110 -83.99 -13.13 -93.92
C GLU A 110 -82.82 -12.16 -93.91
N LEU A 111 -82.14 -12.06 -92.75
CA LEU A 111 -80.88 -11.38 -92.59
C LEU A 111 -79.68 -11.98 -93.33
N LEU A 112 -79.68 -13.23 -93.82
CA LEU A 112 -78.64 -13.67 -94.76
C LEU A 112 -79.09 -13.51 -96.20
N LEU A 113 -80.39 -13.65 -96.49
CA LEU A 113 -80.91 -13.50 -97.83
C LEU A 113 -80.80 -12.10 -98.43
N ILE A 114 -81.04 -11.07 -97.61
CA ILE A 114 -81.04 -9.66 -97.99
C ILE A 114 -79.70 -9.10 -98.50
N GLY A 115 -78.58 -9.53 -97.90
CA GLY A 115 -77.26 -8.96 -98.15
C GLY A 115 -76.43 -10.05 -98.67
N VAL A 130 -72.05 -12.82 -93.06
CA VAL A 130 -72.35 -11.44 -93.40
C VAL A 130 -73.76 -11.05 -92.96
N ALA A 131 -74.57 -12.05 -92.66
CA ALA A 131 -75.95 -11.82 -92.22
C ALA A 131 -75.97 -11.05 -90.91
N ILE A 132 -75.07 -11.40 -90.00
CA ILE A 132 -74.98 -10.72 -88.72
C ILE A 132 -74.60 -9.26 -88.93
N LEU A 133 -73.68 -9.02 -89.86
CA LEU A 133 -73.26 -7.66 -90.19
C LEU A 133 -74.43 -6.87 -90.75
N LEU A 134 -75.22 -7.51 -91.59
CA LEU A 134 -76.39 -6.87 -92.17
C LEU A 134 -77.39 -6.51 -91.07
N TYR A 135 -77.55 -7.40 -90.10
CA TYR A 135 -78.44 -7.16 -88.98
C TYR A 135 -77.95 -5.97 -88.17
N TRP A 136 -76.64 -5.89 -87.98
CA TRP A 136 -76.04 -4.77 -87.26
C TRP A 136 -76.30 -3.46 -88.00
N ASP A 137 -76.18 -3.51 -89.31
CA ASP A 137 -76.43 -2.33 -90.14
C ASP A 137 -77.89 -1.89 -90.00
N GLY A 138 -78.79 -2.87 -89.96
CA GLY A 138 -80.20 -2.58 -89.80
C GLY A 138 -80.46 -1.93 -88.46
N LYS A 139 -79.82 -2.42 -87.40
CA LYS A 139 -79.95 -1.76 -86.11
C LYS A 139 -79.35 -0.35 -86.18
N SER A 140 -78.20 -0.25 -86.82
CA SER A 140 -77.49 1.01 -86.96
C SER A 140 -78.29 2.02 -87.77
N CYS A 141 -78.84 1.55 -88.90
CA CYS A 141 -79.55 2.45 -89.81
C CYS A 141 -80.80 3.06 -89.20
N MET A 142 -81.60 2.24 -88.52
CA MET A 142 -82.81 2.75 -87.87
C MET A 142 -82.46 3.70 -86.73
N ALA A 143 -81.51 3.30 -85.91
CA ALA A 143 -81.10 4.10 -84.77
C ALA A 143 -80.50 5.41 -85.24
N GLU A 144 -79.67 5.31 -86.27
CA GLU A 144 -79.02 6.49 -86.82
C GLU A 144 -80.09 7.43 -87.37
N SER A 145 -81.08 6.87 -88.04
CA SER A 145 -82.13 7.67 -88.62
C SER A 145 -82.90 8.40 -87.52
N LEU A 146 -83.18 7.69 -86.44
CA LEU A 146 -83.92 8.29 -85.33
C LEU A 146 -83.11 9.43 -84.73
N LEU A 147 -81.81 9.20 -84.58
CA LEU A 147 -80.95 10.21 -83.99
C LEU A 147 -80.94 11.44 -84.88
N HIS A 148 -80.87 11.22 -86.19
CA HIS A 148 -80.83 12.31 -87.14
C HIS A 148 -82.12 13.11 -87.06
N LEU A 149 -83.25 12.42 -86.95
CA LEU A 149 -84.53 13.08 -86.86
C LEU A 149 -84.59 13.94 -85.61
N ILE A 150 -84.11 13.38 -84.50
CA ILE A 150 -84.15 14.12 -83.24
C ILE A 150 -83.30 15.37 -83.35
N GLN A 151 -82.15 15.22 -84.00
CA GLN A 151 -81.22 16.32 -84.22
C GLN A 151 -81.79 17.43 -85.09
N GLN A 180 -95.69 6.96 -78.43
CA GLN A 180 -95.07 6.91 -77.15
C GLN A 180 -94.47 5.51 -77.01
N GLY A 181 -94.44 4.76 -78.13
CA GLY A 181 -93.89 3.43 -78.27
C GLY A 181 -92.42 3.62 -78.24
N LEU A 182 -91.95 4.62 -78.98
CA LEU A 182 -90.56 5.01 -78.99
C LEU A 182 -90.08 5.51 -77.64
N THR A 183 -90.87 6.38 -76.94
CA THR A 183 -90.61 6.80 -75.56
C THR A 183 -90.66 5.64 -74.58
N ASN A 184 -91.57 4.67 -74.75
CA ASN A 184 -91.59 3.44 -73.97
C ASN A 184 -90.46 2.44 -74.31
N LYS A 185 -89.92 2.59 -75.52
CA LYS A 185 -88.97 1.66 -76.07
C LYS A 185 -87.53 2.02 -75.72
N ILE A 186 -87.32 3.18 -75.12
CA ILE A 186 -85.97 3.53 -74.70
C ILE A 186 -85.49 2.56 -73.63
N LEU A 187 -86.35 2.29 -72.65
CA LEU A 187 -86.01 1.39 -71.56
C LEU A 187 -85.79 -0.03 -72.06
N THR A 188 -86.67 -0.46 -72.97
CA THR A 188 -86.57 -1.79 -73.54
C THR A 188 -85.26 -1.90 -74.33
N LEU A 189 -84.92 -0.83 -75.04
CA LEU A 189 -83.70 -0.80 -75.84
C LEU A 189 -82.50 -0.92 -74.93
N ILE A 190 -82.54 -0.22 -73.81
CA ILE A 190 -81.45 -0.27 -72.85
C ILE A 190 -81.30 -1.68 -72.31
N SER A 191 -82.43 -2.30 -71.99
CA SER A 191 -82.43 -3.66 -71.46
C SER A 191 -81.88 -4.65 -72.46
N GLN A 192 -82.24 -4.48 -73.73
CA GLN A 192 -81.79 -5.37 -74.79
C GLN A 192 -80.27 -5.32 -74.93
N ILE A 193 -79.72 -4.11 -74.84
CA ILE A 193 -78.28 -3.93 -74.94
C ILE A 193 -77.58 -4.64 -73.78
N ASP A 194 -78.16 -4.55 -72.59
CA ASP A 194 -77.63 -5.21 -71.42
C ASP A 194 -77.64 -6.71 -71.61
N VAL A 195 -78.73 -7.22 -72.18
CA VAL A 195 -78.87 -8.64 -72.45
C VAL A 195 -77.79 -9.10 -73.43
N ASN A 196 -77.54 -8.26 -74.44
CA ASN A 196 -76.50 -8.56 -75.42
C ASN A 196 -75.14 -8.61 -74.77
N ASN A 197 -74.89 -7.68 -73.84
CA ASN A 197 -73.64 -7.65 -73.10
C ASN A 197 -73.47 -8.91 -72.27
N GLY A 209 -58.81 -14.66 -84.65
CA GLY A 209 -59.90 -13.93 -85.29
C GLY A 209 -61.08 -13.72 -84.36
N ASN A 210 -61.31 -14.68 -83.47
CA ASN A 210 -62.42 -14.60 -82.53
C ASN A 210 -62.27 -13.41 -81.59
N LYS A 211 -61.05 -13.16 -81.12
CA LYS A 211 -60.78 -12.03 -80.26
C LYS A 211 -61.05 -10.73 -80.99
N LYS A 212 -60.67 -10.67 -82.25
CA LYS A 212 -60.91 -9.50 -83.08
C LYS A 212 -62.40 -9.27 -83.23
N HIS A 213 -63.15 -10.35 -83.42
CA HIS A 213 -64.59 -10.27 -83.55
C HIS A 213 -65.21 -9.73 -82.27
N ARG A 214 -64.69 -10.19 -81.14
CA ARG A 214 -65.16 -9.73 -79.84
C ARG A 214 -64.89 -8.23 -79.68
N LYS A 215 -63.72 -7.80 -80.13
CA LYS A 215 -63.36 -6.38 -80.08
C LYS A 215 -64.32 -5.56 -80.93
N GLU A 216 -64.67 -6.10 -82.10
CA GLU A 216 -65.60 -5.43 -82.99
C GLU A 216 -66.97 -5.31 -82.33
N VAL A 217 -67.38 -6.37 -81.64
CA VAL A 217 -68.65 -6.36 -80.93
C VAL A 217 -68.63 -5.30 -79.83
N SER A 218 -67.51 -5.19 -79.15
CA SER A 218 -67.35 -4.18 -78.10
C SER A 218 -67.46 -2.78 -78.69
N ASP A 219 -66.85 -2.59 -79.86
CA ASP A 219 -66.91 -1.31 -80.55
C ASP A 219 -68.35 -0.98 -80.92
N LEU A 220 -69.09 -1.99 -81.38
CA LEU A 220 -70.48 -1.82 -81.73
C LEU A 220 -71.30 -1.41 -80.51
N ILE A 221 -70.99 -2.04 -79.38
CA ILE A 221 -71.66 -1.72 -78.12
C ILE A 221 -71.39 -0.28 -77.73
N LYS A 222 -70.14 0.16 -77.92
CA LYS A 222 -69.75 1.53 -77.62
C LYS A 222 -70.52 2.50 -78.50
N GLU A 223 -70.67 2.14 -79.78
CA GLU A 223 -71.41 2.96 -80.71
C GLU A 223 -72.87 3.07 -80.28
N CYS A 224 -73.42 1.95 -79.82
CA CYS A 224 -74.80 1.94 -79.32
C CYS A 224 -74.95 2.85 -78.11
N GLN A 225 -73.96 2.83 -77.23
CA GLN A 225 -73.96 3.66 -76.03
C GLN A 225 -73.66 5.11 -76.38
N GLN A 226 -73.19 5.34 -77.61
CA GLN A 226 -72.87 6.68 -78.08
C GLN A 226 -74.03 7.27 -78.86
N SER A 227 -74.66 6.44 -79.69
CA SER A 227 -75.85 6.86 -80.43
C SER A 227 -76.96 7.18 -79.45
N LEU A 228 -78.00 6.35 -79.43
CA LEU A 228 -79.04 6.47 -78.42
C LEU A 228 -78.95 7.62 -77.47
N ALA A 229 -77.73 7.97 -77.08
CA ALA A 229 -77.44 9.13 -76.29
C ALA A 229 -77.90 10.43 -76.94
N HIS A 230 -77.67 10.55 -78.27
CA HIS A 230 -78.23 11.59 -79.10
C HIS A 230 -79.75 11.56 -79.14
N SER A 231 -80.35 10.36 -79.32
CA SER A 231 -81.80 10.20 -79.38
C SER A 231 -82.49 10.63 -78.12
N LEU A 232 -81.96 10.21 -76.97
CA LEU A 232 -82.48 10.62 -75.68
C LEU A 232 -82.37 12.12 -75.42
N TYR A 233 -81.24 12.75 -75.79
CA TYR A 233 -81.04 14.19 -75.74
C TYR A 233 -82.07 14.95 -76.56
N SER A 234 -82.31 14.49 -77.79
CA SER A 234 -83.25 15.08 -78.69
C SER A 234 -84.67 15.06 -78.19
N TRP A 235 -85.09 13.95 -77.54
CA TRP A 235 -86.39 13.87 -76.92
C TRP A 235 -86.61 14.87 -75.81
N SER A 236 -85.55 15.21 -75.07
CA SER A 236 -85.56 16.33 -74.16
C SER A 236 -85.72 17.68 -74.86
N CYS A 237 -84.98 17.93 -75.97
CA CYS A 237 -85.01 19.15 -76.81
C CYS A 237 -86.31 19.39 -77.54
N GLN A 238 -86.92 18.32 -78.04
CA GLN A 238 -88.20 18.43 -78.71
C GLN A 238 -89.35 18.68 -77.74
N THR A 239 -89.17 18.33 -76.43
CA THR A 239 -90.16 18.32 -75.33
C THR A 239 -90.75 16.95 -74.92
N PRO A 240 -90.84 15.81 -75.67
CA PRO A 240 -91.61 14.61 -75.33
C PRO A 240 -91.43 13.94 -73.99
N LEU A 241 -90.22 13.97 -73.43
CA LEU A 241 -89.97 13.34 -72.13
C LEU A 241 -89.93 14.38 -71.02
N ASN A 242 -90.96 15.21 -70.94
CA ASN A 242 -91.04 16.25 -69.93
C ASN A 242 -92.45 16.33 -69.34
N ARG A 243 -92.53 16.60 -68.04
CA ARG A 243 -91.33 16.80 -67.22
C ARG A 243 -91.36 15.92 -65.97
N GLU A 244 -92.13 14.85 -66.04
CA GLU A 244 -92.24 13.92 -64.91
C GLU A 244 -91.27 12.75 -65.05
N ASP A 245 -90.44 12.81 -66.08
CA ASP A 245 -89.46 11.76 -66.33
C ASP A 245 -88.08 12.14 -65.79
N THR A 246 -88.05 13.19 -64.97
CA THR A 246 -86.80 13.66 -64.38
C THR A 246 -86.32 12.71 -63.28
N LEU A 247 -87.19 12.44 -62.32
CA LEU A 247 -86.86 11.56 -61.22
C LEU A 247 -86.47 10.16 -61.66
N LEU A 248 -87.15 9.60 -62.68
CA LEU A 248 -86.79 8.34 -63.28
C LEU A 248 -85.44 8.38 -63.98
N LEU A 249 -85.11 9.46 -64.72
CA LEU A 249 -83.82 9.72 -65.32
C LEU A 249 -82.69 9.91 -64.31
N ILE A 250 -82.97 10.67 -63.26
CA ILE A 250 -81.98 10.94 -62.22
C ILE A 250 -81.67 9.69 -61.41
N GLY A 251 -82.72 8.98 -61.01
CA GLY A 251 -82.56 7.77 -60.22
C GLY A 251 -81.80 6.70 -60.97
N TYR A 252 -82.11 6.55 -62.26
CA TYR A 252 -81.44 5.57 -63.10
C TYR A 252 -79.96 5.91 -63.21
N LEU A 253 -79.66 7.21 -63.35
CA LEU A 253 -78.28 7.67 -63.43
C LEU A 253 -77.55 7.36 -62.13
N GLU A 254 -78.24 7.55 -61.00
CA GLU A 254 -77.66 7.26 -59.70
C GLU A 254 -77.35 5.77 -59.59
N LYS A 255 -78.26 4.94 -60.09
CA LYS A 255 -78.07 3.50 -60.08
C LYS A 255 -76.86 3.13 -60.92
N VAL A 256 -76.71 3.77 -62.06
CA VAL A 256 -75.58 3.54 -62.94
C VAL A 256 -74.28 3.91 -62.23
N LYS A 266 -67.87 6.85 -67.62
CA LYS A 266 -67.84 8.02 -68.49
C LYS A 266 -69.10 8.14 -69.32
N VAL A 267 -69.96 7.08 -69.36
CA VAL A 267 -71.25 7.11 -70.03
C VAL A 267 -72.18 8.19 -69.49
N ASN A 268 -71.96 8.59 -68.21
CA ASN A 268 -72.60 9.67 -67.47
C ASN A 268 -72.63 11.00 -68.20
N LEU A 269 -71.55 11.32 -68.98
CA LEU A 269 -71.42 12.51 -69.80
C LEU A 269 -72.52 12.62 -70.86
N THR A 270 -73.06 11.50 -71.33
CA THR A 270 -74.30 11.64 -72.10
C THR A 270 -75.41 12.18 -71.18
N LEU A 271 -75.49 11.60 -69.98
CA LEU A 271 -76.50 11.95 -68.99
C LEU A 271 -76.38 13.38 -68.46
N LEU A 272 -75.15 13.80 -68.21
CA LEU A 272 -74.91 15.15 -67.71
C LEU A 272 -75.35 16.14 -68.78
N MET A 273 -75.04 15.82 -70.02
CA MET A 273 -75.39 16.69 -71.13
C MET A 273 -76.90 16.79 -71.21
N SER A 274 -77.58 15.67 -71.00
CA SER A 274 -79.05 15.70 -70.98
C SER A 274 -79.65 16.54 -69.84
N LEU A 275 -79.09 16.44 -68.63
CA LEU A 275 -79.66 17.11 -67.45
C LEU A 275 -79.64 18.65 -67.45
N LEU A 276 -78.54 19.20 -67.93
CA LEU A 276 -78.15 20.59 -67.82
C LEU A 276 -79.18 21.49 -68.46
N TYR A 277 -79.52 21.21 -69.73
CA TYR A 277 -80.52 21.98 -70.46
C TYR A 277 -81.87 21.95 -69.82
N CYS A 278 -82.24 20.78 -69.31
CA CYS A 278 -83.50 20.63 -68.64
C CYS A 278 -83.53 21.50 -67.40
N LEU A 279 -82.49 21.51 -66.54
CA LEU A 279 -82.42 22.44 -65.41
C LEU A 279 -82.48 23.90 -65.84
N ASP A 280 -81.72 24.25 -66.90
CA ASP A 280 -81.54 25.58 -67.43
C ASP A 280 -82.72 26.18 -68.22
N VAL A 281 -83.68 25.38 -68.72
CA VAL A 281 -84.81 25.86 -69.52
C VAL A 281 -86.05 25.05 -69.16
N GLY A 282 -86.06 23.73 -69.41
CA GLY A 282 -87.27 22.91 -69.34
C GLY A 282 -87.87 22.68 -67.98
N PHE A 283 -87.02 22.64 -66.96
CA PHE A 283 -87.39 22.51 -65.59
C PHE A 283 -87.40 23.88 -64.94
N LEU A 284 -86.78 24.89 -65.60
CA LEU A 284 -86.74 26.28 -65.19
C LEU A 284 -88.10 26.95 -65.28
N GLU A 285 -88.75 26.83 -66.45
CA GLU A 285 -89.94 27.60 -66.72
C GLU A 285 -90.97 26.91 -67.59
N GLN A 286 -90.61 25.80 -68.28
CA GLN A 286 -91.60 25.01 -69.00
C GLN A 286 -92.40 24.16 -67.99
N GLY A 287 -91.97 22.91 -67.74
CA GLY A 287 -92.78 21.95 -66.99
C GLY A 287 -93.96 21.41 -67.77
N THR A 288 -94.58 20.33 -67.27
CA THR A 288 -95.89 19.92 -67.75
C THR A 288 -96.96 20.33 -66.76
N ASP A 289 -98.18 20.53 -67.26
CA ASP A 289 -99.37 20.92 -66.55
C ASP A 289 -100.24 19.71 -66.18
N ASP A 290 -99.62 18.57 -65.84
CA ASP A 290 -100.32 17.35 -65.55
C ASP A 290 -99.77 16.68 -64.26
N ARG A 291 -99.46 15.38 -64.32
CA ARG A 291 -98.79 14.54 -63.31
C ARG A 291 -99.09 14.70 -61.83
N GLU A 292 -100.35 14.93 -61.49
CA GLU A 292 -100.95 15.13 -60.18
C GLU A 292 -100.99 13.81 -59.42
N GLU A 293 -99.81 13.40 -58.93
CA GLU A 293 -99.58 12.24 -58.09
C GLU A 293 -100.02 12.47 -56.65
N LEU A 294 -100.47 13.70 -56.36
CA LEU A 294 -100.95 14.17 -55.09
C LEU A 294 -102.13 15.07 -55.39
N MET A 295 -103.07 15.22 -54.43
CA MET A 295 -104.32 15.94 -54.65
C MET A 295 -104.33 17.37 -54.15
N LYS A 296 -103.44 17.73 -53.19
CA LYS A 296 -103.38 19.09 -52.65
C LYS A 296 -102.04 19.73 -52.93
N GLN A 297 -101.16 19.04 -53.66
CA GLN A 297 -99.83 19.55 -54.01
C GLN A 297 -99.86 20.33 -55.28
N ALA A 298 -100.61 19.83 -56.26
CA ALA A 298 -100.71 20.47 -57.51
C ALA A 298 -102.16 20.61 -57.84
N SER A 299 -102.40 21.48 -58.80
CA SER A 299 -103.71 21.76 -59.31
C SER A 299 -103.54 21.56 -60.80
N MET A 300 -104.50 22.08 -61.59
CA MET A 300 -104.49 22.05 -63.05
C MET A 300 -103.19 22.51 -63.71
N PHE A 301 -102.45 23.44 -63.07
CA PHE A 301 -101.17 23.89 -63.55
C PHE A 301 -100.14 23.23 -62.69
N MET A 302 -99.36 22.28 -63.22
CA MET A 302 -98.36 21.57 -62.46
C MET A 302 -96.97 22.20 -62.65
N ASP A 303 -96.76 23.08 -63.65
CA ASP A 303 -95.57 23.85 -63.99
C ASP A 303 -94.66 24.24 -62.81
N ARG A 304 -95.12 25.24 -62.04
CA ARG A 304 -94.52 25.72 -60.80
C ARG A 304 -94.65 24.76 -59.63
N GLN A 305 -95.76 24.01 -59.56
CA GLN A 305 -96.03 23.07 -58.49
C GLN A 305 -95.01 21.92 -58.43
N TYR A 306 -94.62 21.38 -59.60
CA TYR A 306 -93.58 20.38 -59.73
C TYR A 306 -92.19 20.94 -59.44
N ILE A 307 -91.88 22.19 -59.85
CA ILE A 307 -90.61 22.85 -59.53
C ILE A 307 -90.38 22.88 -58.04
N ALA A 308 -91.43 23.26 -57.28
CA ALA A 308 -91.48 23.23 -55.84
C ALA A 308 -91.39 21.82 -55.26
N ALA A 309 -92.07 20.82 -55.85
CA ALA A 309 -91.97 19.43 -55.45
C ALA A 309 -90.56 18.83 -55.61
N ILE A 310 -89.86 19.13 -56.73
CA ILE A 310 -88.46 18.75 -56.92
C ILE A 310 -87.55 19.43 -55.93
N HIS A 311 -87.75 20.73 -55.66
CA HIS A 311 -86.97 21.46 -54.68
C HIS A 311 -87.00 20.82 -53.29
N ASN A 312 -88.20 20.47 -52.79
CA ASN A 312 -88.41 19.75 -51.55
C ASN A 312 -87.86 18.32 -51.53
N ARG A 313 -88.02 17.59 -52.67
CA ARG A 313 -87.57 16.21 -52.86
C ARG A 313 -86.06 16.05 -52.80
N LEU A 314 -85.35 17.03 -53.35
CA LEU A 314 -83.91 17.10 -53.42
C LEU A 314 -83.27 17.46 -52.09
N GLN A 315 -82.42 16.58 -51.56
CA GLN A 315 -81.89 16.79 -50.24
C GLN A 315 -80.59 16.05 -50.16
N ASN A 316 -79.88 16.15 -49.02
CA ASN A 316 -78.75 15.31 -48.72
C ASN A 316 -79.26 14.20 -47.84
N THR A 317 -78.74 12.99 -48.03
CA THR A 317 -79.15 11.82 -47.29
C THR A 317 -77.87 11.12 -46.93
N GLN A 318 -77.93 10.15 -45.98
CA GLN A 318 -76.76 9.39 -45.55
C GLN A 318 -76.03 8.66 -46.67
N PRO A 319 -76.62 7.93 -47.63
CA PRO A 319 -75.85 7.34 -48.70
C PRO A 319 -75.82 8.26 -49.90
N TRP A 320 -76.25 9.55 -49.85
CA TRP A 320 -76.17 10.49 -50.98
C TRP A 320 -74.75 10.85 -51.36
N LYS A 321 -73.79 10.68 -50.44
CA LYS A 321 -72.39 10.96 -50.71
C LYS A 321 -71.69 9.88 -51.54
N SER A 322 -72.25 8.65 -51.67
CA SER A 322 -71.77 7.69 -52.66
C SER A 322 -72.25 8.01 -54.09
N PRO A 323 -73.50 8.38 -54.44
CA PRO A 323 -73.81 8.99 -55.74
C PRO A 323 -73.44 10.44 -55.86
N GLY A 324 -72.14 10.79 -55.96
CA GLY A 324 -71.71 12.18 -56.12
C GLY A 324 -72.20 12.86 -57.39
N MET A 325 -72.53 12.07 -58.43
CA MET A 325 -73.23 12.52 -59.61
C MET A 325 -74.60 13.13 -59.32
N GLN A 326 -75.41 12.50 -58.44
CA GLN A 326 -76.71 13.04 -58.05
C GLN A 326 -76.58 14.35 -57.31
N ALA A 327 -75.55 14.48 -56.46
CA ALA A 327 -75.23 15.71 -55.76
C ALA A 327 -74.98 16.88 -56.70
N THR A 328 -74.18 16.66 -57.77
CA THR A 328 -73.85 17.64 -58.80
C THR A 328 -75.01 18.12 -59.60
N VAL A 329 -75.86 17.18 -60.05
CA VAL A 329 -77.09 17.46 -60.77
C VAL A 329 -78.09 18.24 -59.88
N ARG A 330 -78.20 17.83 -58.60
CA ARG A 330 -78.99 18.53 -57.59
C ARG A 330 -78.50 19.93 -57.26
N LEU A 331 -77.18 20.14 -57.19
CA LEU A 331 -76.63 21.48 -57.08
C LEU A 331 -76.93 22.35 -58.29
N ALA A 332 -76.73 21.82 -59.52
CA ALA A 332 -76.99 22.52 -60.76
C ALA A 332 -78.45 22.98 -60.88
N TRP A 333 -79.39 22.20 -60.30
CA TRP A 333 -80.75 22.65 -60.09
C TRP A 333 -80.89 23.86 -59.21
N ALA A 334 -80.21 23.90 -58.05
CA ALA A 334 -80.24 25.03 -57.14
C ALA A 334 -79.69 26.31 -57.78
N LEU A 335 -78.62 26.18 -58.60
CA LEU A 335 -78.06 27.23 -59.45
C LEU A 335 -79.09 27.85 -60.37
N ALA A 336 -79.82 27.02 -61.15
CA ALA A 336 -80.90 27.48 -62.00
C ALA A 336 -82.07 28.03 -61.17
N LEU A 337 -82.48 27.31 -60.10
CA LEU A 337 -83.62 27.58 -59.23
C LEU A 337 -83.59 28.94 -58.56
N ARG A 338 -82.38 29.43 -58.26
CA ARG A 338 -82.15 30.78 -57.81
C ARG A 338 -82.70 31.86 -58.75
N GLY A 339 -82.60 31.68 -60.09
CA GLY A 339 -83.13 32.61 -61.09
C GLY A 339 -84.59 32.40 -61.45
N ILE A 340 -85.19 31.23 -61.12
CA ILE A 340 -86.60 30.95 -61.44
C ILE A 340 -87.52 31.53 -60.41
N SER A 341 -86.98 31.63 -59.18
CA SER A 341 -87.64 32.26 -58.07
C SER A 341 -87.79 33.75 -58.30
N GLN A 342 -89.03 34.20 -58.53
CA GLN A 342 -89.38 35.57 -58.85
C GLN A 342 -89.00 36.54 -57.74
N PHE A 343 -89.21 36.13 -56.48
CA PHE A 343 -88.88 36.93 -55.35
C PHE A 343 -88.80 36.01 -54.14
N SER A 344 -88.40 36.52 -52.97
CA SER A 344 -88.28 35.77 -51.72
C SER A 344 -89.61 35.56 -51.00
N GLU A 345 -90.76 35.75 -51.68
CA GLU A 345 -92.09 35.73 -51.08
C GLU A 345 -92.50 34.40 -50.45
N VAL A 346 -92.35 33.30 -51.20
CA VAL A 346 -92.62 31.95 -50.71
C VAL A 346 -91.45 31.38 -49.92
N LEU A 347 -90.21 31.74 -50.31
CA LEU A 347 -89.04 30.94 -49.95
C LEU A 347 -88.10 31.67 -49.04
N GLU A 348 -87.72 31.06 -47.90
CA GLU A 348 -86.58 31.53 -47.13
C GLU A 348 -85.28 31.10 -47.78
N PHE A 349 -84.40 32.05 -48.13
CA PHE A 349 -83.14 31.86 -48.81
C PHE A 349 -82.17 31.04 -47.95
N SER A 350 -82.17 31.28 -46.62
CA SER A 350 -81.24 30.61 -45.69
C SER A 350 -81.76 29.28 -45.18
N GLU A 351 -82.83 28.74 -45.76
CA GLU A 351 -83.25 27.36 -45.56
C GLU A 351 -83.48 26.66 -46.89
N ALA A 352 -83.94 27.37 -47.95
CA ALA A 352 -84.34 26.76 -49.21
C ALA A 352 -83.28 26.86 -50.31
N ASP A 353 -82.11 27.47 -50.09
CA ASP A 353 -81.10 27.53 -51.14
C ASP A 353 -79.77 27.31 -50.47
N GLU A 354 -79.33 28.31 -49.66
CA GLU A 354 -77.97 28.40 -49.19
C GLU A 354 -77.47 27.19 -48.39
N PRO A 355 -78.16 26.58 -47.41
CA PRO A 355 -77.76 25.31 -46.80
C PRO A 355 -77.69 24.18 -47.78
N MET A 356 -78.72 23.98 -48.61
CA MET A 356 -78.78 22.85 -49.53
C MET A 356 -77.67 22.85 -50.57
N ALA A 357 -77.34 24.05 -51.10
CA ALA A 357 -76.18 24.27 -51.93
C ALA A 357 -74.84 24.09 -51.18
N GLU A 358 -74.70 24.59 -49.92
CA GLU A 358 -73.53 24.39 -49.07
C GLU A 358 -73.27 22.94 -48.70
N ILE A 359 -74.34 22.23 -48.32
CA ILE A 359 -74.37 20.80 -48.06
C ILE A 359 -73.97 20.00 -49.28
N ALA A 360 -74.41 20.43 -50.49
CA ALA A 360 -73.93 19.87 -51.73
C ALA A 360 -72.43 20.12 -51.94
N ILE A 361 -71.91 21.36 -51.69
CA ILE A 361 -70.48 21.71 -51.75
C ILE A 361 -69.66 20.80 -50.86
N GLY A 362 -70.13 20.56 -49.62
CA GLY A 362 -69.53 19.61 -48.68
C GLY A 362 -69.76 18.14 -48.98
N GLY A 363 -70.47 17.84 -50.06
CA GLY A 363 -70.64 16.51 -50.63
C GLY A 363 -69.88 16.28 -51.91
N ASN A 364 -68.97 17.19 -52.34
CA ASN A 364 -68.03 17.02 -53.44
C ASN A 364 -68.60 17.33 -54.82
N VAL A 365 -69.65 18.14 -54.91
CA VAL A 365 -70.24 18.53 -56.18
C VAL A 365 -69.37 19.31 -57.16
N PHE A 366 -68.54 20.24 -56.65
CA PHE A 366 -67.61 21.00 -57.44
C PHE A 366 -66.52 20.12 -57.99
N LEU A 367 -66.07 19.16 -57.19
CA LEU A 367 -65.03 18.23 -57.63
C LEU A 367 -65.50 17.44 -58.85
N PHE A 368 -66.77 17.05 -58.84
CA PHE A 368 -67.35 16.25 -59.91
C PHE A 368 -67.30 17.00 -61.24
N LEU A 369 -67.54 18.30 -61.22
CA LEU A 369 -67.48 19.12 -62.42
C LEU A 369 -66.06 19.13 -62.98
N THR A 370 -65.07 19.22 -62.09
CA THR A 370 -63.67 19.18 -62.48
C THR A 370 -63.34 17.84 -63.12
N GLU A 371 -63.89 16.78 -62.54
CA GLU A 371 -63.70 15.44 -63.09
C GLU A 371 -64.29 15.34 -64.48
N ALA A 372 -65.45 15.96 -64.68
CA ALA A 372 -66.09 15.99 -65.99
C ALA A 372 -65.25 16.75 -67.00
N VAL A 373 -64.63 17.84 -66.56
CA VAL A 373 -63.73 18.60 -67.41
C VAL A 373 -62.53 17.76 -67.81
N VAL A 374 -62.01 16.99 -66.85
CA VAL A 374 -60.89 16.09 -67.11
C VAL A 374 -61.29 15.03 -68.13
N GLY A 375 -62.53 14.58 -68.03
CA GLY A 375 -63.07 13.53 -68.86
C GLY A 375 -63.63 14.03 -70.18
N SER A 376 -63.55 15.34 -70.41
CA SER A 376 -64.07 15.91 -71.64
C SER A 376 -63.37 15.27 -72.84
N GLU A 377 -64.16 14.99 -73.88
CA GLU A 377 -63.73 14.12 -74.95
C GLU A 377 -64.61 14.51 -76.12
N SER A 378 -64.08 14.43 -77.36
CA SER A 378 -64.80 14.79 -78.57
C SER A 378 -65.93 13.83 -78.89
N PHE A 379 -67.17 14.35 -79.07
CA PHE A 379 -68.34 13.53 -79.30
C PHE A 379 -69.17 14.16 -80.40
N CYS A 380 -70.11 13.41 -81.01
CA CYS A 380 -70.94 13.93 -82.10
C CYS A 380 -71.85 15.08 -81.67
N THR A 381 -72.34 14.96 -80.45
CA THR A 381 -73.10 16.01 -79.79
C THR A 381 -72.19 16.74 -78.80
N ASP A 382 -70.90 16.46 -78.88
CA ASP A 382 -69.93 16.94 -77.91
C ASP A 382 -69.84 18.46 -77.86
N GLU A 383 -69.90 19.11 -79.01
CA GLU A 383 -69.87 20.56 -79.06
C GLU A 383 -71.08 21.13 -78.33
N PHE A 384 -72.24 20.51 -78.53
CA PHE A 384 -73.46 20.93 -77.86
C PHE A 384 -73.33 20.75 -76.36
N PHE A 385 -72.71 19.64 -75.96
CA PHE A 385 -72.49 19.37 -74.55
C PHE A 385 -71.59 20.43 -73.93
N ILE A 386 -70.56 20.83 -74.69
CA ILE A 386 -69.64 21.87 -74.25
C ILE A 386 -70.38 23.19 -74.09
N ARG A 387 -71.29 23.49 -75.01
CA ARG A 387 -72.09 24.70 -74.94
C ARG A 387 -72.96 24.67 -73.68
N ARG A 388 -73.52 23.50 -73.38
CA ARG A 388 -74.34 23.33 -72.20
C ARG A 388 -73.51 23.56 -70.94
N ILE A 389 -72.28 23.06 -70.95
CA ILE A 389 -71.37 23.25 -69.83
C ILE A 389 -71.05 24.72 -69.64
N HIS A 390 -70.87 25.43 -70.75
CA HIS A 390 -70.61 26.86 -70.71
C HIS A 390 -71.80 27.59 -70.10
N LYS A 391 -73.00 27.16 -70.48
CA LYS A 391 -74.22 27.75 -69.94
C LYS A 391 -74.30 27.52 -68.44
N LEU A 392 -73.93 26.32 -68.01
CA LEU A 392 -73.92 25.98 -66.60
C LEU A 392 -72.92 26.86 -65.84
N VAL A 393 -71.78 27.11 -66.46
CA VAL A 393 -70.76 27.97 -65.86
C VAL A 393 -71.30 29.39 -65.72
N THR A 394 -72.02 29.85 -66.74
CA THR A 394 -72.64 31.16 -66.71
C THR A 394 -73.66 31.26 -65.58
N ASP A 395 -74.42 30.19 -65.39
CA ASP A 395 -75.42 30.13 -64.34
C ASP A 395 -74.76 30.23 -62.96
N PHE A 396 -73.63 29.55 -62.80
CA PHE A 396 -72.89 29.57 -61.53
C PHE A 396 -72.22 30.94 -61.19
N PRO A 397 -71.43 31.63 -62.01
CA PRO A 397 -70.94 32.98 -61.76
C PRO A 397 -72.08 33.95 -61.67
N THR A 398 -73.20 33.72 -62.39
CA THR A 398 -74.33 34.67 -62.40
C THR A 398 -75.15 34.77 -61.15
N LEU A 399 -75.62 33.61 -60.68
CA LEU A 399 -76.66 33.52 -59.69
C LEU A 399 -76.12 33.10 -58.34
N MET A 400 -74.88 32.57 -58.29
CA MET A 400 -74.27 32.09 -57.06
C MET A 400 -73.07 32.85 -56.44
N PRO A 401 -72.70 34.12 -56.65
CA PRO A 401 -71.50 34.71 -56.06
C PRO A 401 -71.43 34.73 -54.56
N MET A 402 -72.57 34.67 -53.86
CA MET A 402 -72.66 34.47 -52.42
C MET A 402 -71.99 33.18 -52.00
N LYS A 403 -72.25 32.06 -52.71
CA LYS A 403 -71.62 30.79 -52.46
C LYS A 403 -70.13 30.81 -52.75
N VAL A 404 -69.73 31.50 -53.83
CA VAL A 404 -68.34 31.69 -54.17
C VAL A 404 -67.62 32.44 -53.05
N LYS A 405 -68.17 33.60 -52.58
CA LYS A 405 -67.65 34.37 -51.47
C LYS A 405 -67.66 33.64 -50.15
N GLN A 406 -68.73 32.90 -49.81
CA GLN A 406 -68.83 32.11 -48.60
C GLN A 406 -67.71 31.09 -48.47
N LEU A 407 -67.46 30.35 -49.57
CA LEU A 407 -66.39 29.39 -49.67
C LEU A 407 -65.01 30.01 -49.57
N ARG A 408 -64.68 30.98 -50.44
CA ARG A 408 -63.33 31.47 -50.51
C ARG A 408 -62.98 32.50 -49.47
N ASN A 409 -63.82 33.54 -49.26
CA ASN A 409 -63.38 34.76 -48.59
C ASN A 409 -63.57 34.61 -47.10
N ARG A 410 -64.15 33.48 -46.66
CA ARG A 410 -64.41 33.22 -45.27
C ARG A 410 -63.95 31.83 -44.90
N ALA A 411 -64.42 30.76 -45.58
CA ALA A 411 -64.07 29.42 -45.16
C ALA A 411 -62.69 28.90 -45.58
N GLU A 412 -62.21 29.16 -46.83
CA GLU A 412 -60.90 28.71 -47.27
C GLU A 412 -59.76 29.39 -46.55
N GLU A 413 -59.77 30.74 -46.50
CA GLU A 413 -58.68 31.52 -45.94
C GLU A 413 -58.44 31.22 -44.45
N ASP A 414 -59.54 31.09 -43.70
CA ASP A 414 -59.56 30.72 -42.30
C ASP A 414 -59.10 29.28 -42.00
N ALA A 415 -59.53 28.28 -42.80
CA ALA A 415 -59.45 26.89 -42.35
C ALA A 415 -58.09 26.26 -42.04
N LEU A 432 -60.02 27.66 -52.07
CA LEU A 432 -61.08 28.64 -52.07
C LEU A 432 -61.12 29.38 -53.38
N ARG A 433 -60.51 30.56 -53.43
CA ARG A 433 -60.45 31.33 -54.68
C ARG A 433 -59.65 30.57 -55.71
N ARG A 434 -58.56 29.94 -55.29
CA ARG A 434 -57.77 29.13 -56.20
C ARG A 434 -58.61 28.00 -56.75
N ASP A 435 -59.38 27.34 -55.88
CA ASP A 435 -60.24 26.25 -56.32
C ASP A 435 -61.24 26.75 -57.34
N LEU A 436 -61.83 27.93 -57.10
CA LEU A 436 -62.80 28.50 -58.04
C LEU A 436 -62.17 28.78 -59.39
N GLU A 437 -60.96 29.34 -59.39
CA GLU A 437 -60.26 29.61 -60.64
C GLU A 437 -60.02 28.31 -61.38
N HIS A 438 -59.60 27.28 -60.65
CA HIS A 438 -59.37 25.98 -61.27
C HIS A 438 -60.64 25.47 -61.91
N LEU A 439 -61.76 25.58 -61.20
CA LEU A 439 -63.04 25.11 -61.73
C LEU A 439 -63.41 25.86 -62.99
N LEU A 440 -63.19 27.18 -63.00
CA LEU A 440 -63.48 27.98 -64.19
C LEU A 440 -62.63 27.50 -65.36
N LEU A 441 -61.34 27.30 -65.14
CA LEU A 441 -60.47 26.82 -66.20
C LEU A 441 -60.99 25.51 -66.73
N LEU A 442 -61.35 24.63 -65.83
CA LEU A 442 -61.85 23.32 -66.22
C LEU A 442 -63.06 23.46 -67.12
N ILE A 443 -64.04 24.24 -66.68
CA ILE A 443 -65.24 24.43 -67.47
C ILE A 443 -64.89 24.94 -68.85
N GLY A 444 -64.04 25.96 -68.92
CA GLY A 444 -63.66 26.53 -70.21
C GLY A 444 -63.07 25.47 -71.12
N GLU A 445 -62.09 24.72 -70.62
CA GLU A 445 -61.45 23.68 -71.43
C GLU A 445 -62.45 22.63 -71.91
N LEU A 446 -63.36 22.23 -71.03
CA LEU A 446 -64.35 21.22 -71.39
C LEU A 446 -65.27 21.72 -72.48
N LEU A 454 -71.26 26.99 -79.72
CA LEU A 454 -70.21 27.71 -79.01
C LEU A 454 -70.77 28.46 -77.82
N GLU A 455 -71.46 27.73 -76.94
CA GLU A 455 -72.06 28.34 -75.75
C GLU A 455 -70.99 28.91 -74.84
N LEU A 456 -69.89 28.19 -74.69
CA LEU A 456 -68.78 28.65 -73.87
C LEU A 456 -68.19 29.94 -74.45
N ALA A 457 -68.08 29.98 -75.77
CA ALA A 457 -67.56 31.17 -76.45
C ALA A 457 -68.49 32.35 -76.22
N LEU A 458 -69.79 32.09 -76.26
CA LEU A 458 -70.78 33.12 -76.02
C LEU A 458 -70.65 33.65 -74.60
N GLU A 459 -70.42 32.74 -73.66
CA GLU A 459 -70.25 33.12 -72.26
C GLU A 459 -69.01 34.00 -72.11
N TYR A 460 -67.94 33.64 -72.82
CA TYR A 460 -66.71 34.41 -72.79
C TYR A 460 -66.96 35.81 -73.34
N TRP A 461 -67.74 35.89 -74.41
CA TRP A 461 -68.09 37.18 -75.00
C TRP A 461 -68.87 38.03 -74.02
N CYS A 462 -69.78 37.39 -73.29
CA CYS A 462 -70.58 38.09 -72.29
C CYS A 462 -69.68 38.62 -71.18
N PRO A 463 -68.69 37.82 -70.79
CA PRO A 463 -67.72 38.23 -69.78
C PRO A 463 -66.90 39.42 -70.25
N THR A 464 -66.52 39.42 -71.53
CA THR A 464 -65.74 40.50 -72.11
C THR A 464 -66.28 41.86 -71.69
N LEU A 490 -68.59 45.72 -65.52
CA LEU A 490 -67.20 45.39 -65.79
C LEU A 490 -66.29 45.87 -64.65
N LEU A 491 -66.70 46.94 -63.99
CA LEU A 491 -65.92 47.49 -62.89
C LEU A 491 -65.81 46.49 -61.74
N SER A 492 -66.91 45.80 -61.46
CA SER A 492 -66.93 44.78 -60.41
C SER A 492 -65.97 43.65 -60.76
N LYS A 493 -65.96 43.27 -62.03
CA LYS A 493 -65.06 42.22 -62.51
C LYS A 493 -63.61 42.66 -62.34
N PHE A 494 -63.34 43.92 -62.65
CA PHE A 494 -62.00 44.47 -62.50
C PHE A 494 -61.58 44.43 -61.03
N VAL A 495 -62.51 44.76 -60.14
CA VAL A 495 -62.25 44.73 -58.71
C VAL A 495 -61.93 43.31 -58.26
N ARG A 496 -62.67 42.35 -58.80
CA ARG A 496 -62.44 40.95 -58.49
C ARG A 496 -61.05 40.52 -58.95
N GLN A 497 -60.65 40.99 -60.13
CA GLN A 497 -59.33 40.70 -60.67
C GLN A 497 -58.25 41.28 -59.76
N MET A 498 -58.49 42.49 -59.28
CA MET A 498 -57.56 43.15 -58.37
C MET A 498 -57.42 42.35 -57.08
N SER A 499 -58.55 41.84 -56.59
CA SER A 499 -58.55 41.02 -55.38
C SER A 499 -57.76 39.75 -55.61
N ASP A 500 -57.91 39.15 -56.78
CA ASP A 500 -57.17 37.96 -57.14
C ASP A 500 -55.68 38.23 -57.19
N LEU A 501 -55.31 39.39 -57.72
CA LEU A 501 -53.90 39.79 -57.80
C LEU A 501 -53.31 40.01 -56.42
N LEU A 502 -54.12 40.55 -55.51
CA LEU A 502 -53.68 40.82 -54.15
C LEU A 502 -53.02 39.59 -53.53
N PRO A 503 -53.83 38.63 -53.11
CA PRO A 503 -53.31 37.37 -52.59
C PRO A 503 -52.64 36.56 -53.70
N ALA A 504 -51.51 35.94 -53.41
CA ALA A 504 -50.80 35.14 -54.41
C ALA A 504 -51.66 33.97 -54.87
N THR A 505 -52.31 33.31 -53.92
CA THR A 505 -53.18 32.18 -54.23
C THR A 505 -54.34 32.63 -55.11
N LEU A 506 -54.89 33.79 -54.78
CA LEU A 506 -55.99 34.34 -55.56
C LEU A 506 -55.54 34.63 -56.98
N TYR A 507 -54.33 35.17 -57.11
CA TYR A 507 -53.77 35.47 -58.43
C TYR A 507 -53.60 34.19 -59.23
N LEU A 508 -53.14 33.14 -58.56
CA LEU A 508 -52.95 31.85 -59.22
C LEU A 508 -54.30 31.32 -59.70
N PRO A 509 -55.41 31.57 -59.03
CA PRO A 509 -56.69 31.17 -59.65
C PRO A 509 -57.01 31.87 -61.01
N TYR A 510 -56.67 33.15 -61.04
CA TYR A 510 -57.08 34.05 -62.13
C TYR A 510 -56.57 33.67 -63.52
N LEU A 511 -55.31 33.23 -63.61
CA LEU A 511 -54.75 32.88 -64.90
C LEU A 511 -55.49 31.71 -65.56
N LYS A 512 -55.80 30.70 -64.74
CA LYS A 512 -56.54 29.55 -65.22
C LYS A 512 -57.93 29.99 -65.65
N MET A 513 -58.53 30.87 -64.86
CA MET A 513 -59.87 31.33 -65.24
C MET A 513 -59.80 32.02 -66.61
N LEU A 514 -58.76 32.83 -66.80
CA LEU A 514 -58.58 33.57 -68.05
C LEU A 514 -58.38 32.65 -69.25
N ARG A 515 -57.60 31.59 -69.07
CA ARG A 515 -57.38 30.64 -70.15
C ARG A 515 -58.70 29.97 -70.55
N GLY A 516 -59.53 29.68 -69.56
CA GLY A 516 -60.80 29.02 -69.81
C GLY A 516 -61.62 29.91 -70.73
N LEU A 517 -61.56 31.22 -70.48
CA LEU A 517 -62.09 32.20 -71.41
C LEU A 517 -61.29 32.05 -72.70
N ALA A 518 -60.00 31.77 -72.54
CA ALA A 518 -59.08 31.60 -73.66
C ALA A 518 -59.44 30.43 -74.57
N SER A 519 -59.95 29.35 -73.99
CA SER A 519 -60.18 28.12 -74.76
C SER A 519 -61.17 28.29 -75.91
N GLY A 520 -62.26 29.02 -75.70
CA GLY A 520 -63.22 29.25 -76.76
C GLY A 520 -62.63 30.13 -77.85
N PRO A 521 -62.86 29.78 -79.10
CA PRO A 521 -62.26 30.53 -80.22
C PRO A 521 -62.70 31.98 -80.28
N GLN A 522 -64.01 32.24 -80.26
CA GLN A 522 -64.49 33.59 -79.99
C GLN A 522 -64.15 33.93 -78.54
N CYS A 523 -64.37 32.95 -77.68
CA CYS A 523 -64.22 33.12 -76.23
C CYS A 523 -62.80 33.44 -75.80
N ALA A 524 -61.83 32.72 -76.36
CA ALA A 524 -60.45 32.87 -75.92
C ALA A 524 -59.94 34.28 -76.15
N HIS A 525 -60.23 34.84 -77.33
CA HIS A 525 -59.88 36.21 -77.60
C HIS A 525 -60.66 37.14 -76.66
N TYR A 526 -61.94 36.84 -76.49
CA TYR A 526 -62.79 37.63 -75.62
C TYR A 526 -62.34 37.54 -74.18
N CYS A 527 -61.96 36.34 -73.76
CA CYS A 527 -61.47 36.12 -72.40
C CYS A 527 -60.19 36.90 -72.20
N PHE A 528 -59.33 36.90 -73.22
CA PHE A 528 -58.07 37.62 -73.12
C PHE A 528 -58.34 39.10 -72.98
N SER A 529 -59.31 39.61 -73.74
CA SER A 529 -59.66 41.01 -73.69
C SER A 529 -60.19 41.37 -72.30
N LEU A 530 -60.99 40.47 -71.74
CA LEU A 530 -61.55 40.69 -70.41
C LEU A 530 -60.44 40.76 -69.37
N LEU A 531 -59.45 39.86 -69.50
CA LEU A 531 -58.33 39.87 -68.57
C LEU A 531 -57.55 41.16 -68.71
N LYS A 532 -57.36 41.60 -69.94
CA LYS A 532 -56.64 42.82 -70.25
C LYS A 532 -57.35 44.07 -69.72
N ALA A 533 -58.67 44.10 -69.84
CA ALA A 533 -59.42 45.30 -69.51
C ALA A 533 -60.11 45.17 -68.16
N VAL A 550 -51.37 45.63 -69.54
CA VAL A 550 -51.65 45.97 -68.15
C VAL A 550 -51.39 44.78 -67.23
N SER A 551 -52.37 43.92 -67.08
CA SER A 551 -52.24 42.75 -66.23
C SER A 551 -51.16 41.82 -66.73
N TRP A 552 -51.10 41.65 -68.05
CA TRP A 552 -50.06 40.81 -68.66
C TRP A 552 -48.68 41.39 -68.38
N ASP A 553 -48.57 42.71 -68.48
CA ASP A 553 -47.31 43.40 -68.20
C ASP A 553 -46.90 43.18 -66.76
N HIS A 554 -47.88 43.25 -65.86
CA HIS A 554 -47.62 43.02 -64.44
C HIS A 554 -47.12 41.60 -64.22
N PHE A 555 -47.73 40.65 -64.92
CA PHE A 555 -47.33 39.25 -64.82
C PHE A 555 -45.88 39.09 -65.30
N PHE A 556 -45.55 39.79 -66.38
CA PHE A 556 -44.19 39.75 -66.92
C PHE A 556 -43.20 40.31 -65.91
N HIS A 557 -43.60 41.39 -65.25
CA HIS A 557 -42.76 42.00 -64.22
C HIS A 557 -42.54 41.02 -63.07
N SER A 558 -43.60 40.31 -62.70
CA SER A 558 -43.50 39.32 -61.63
C SER A 558 -42.54 38.21 -62.03
N LEU A 559 -42.61 37.80 -63.30
CA LEU A 559 -41.72 36.77 -63.82
C LEU A 559 -40.28 37.25 -63.76
N MET A 560 -40.03 38.48 -64.16
CA MET A 560 -38.67 39.02 -64.08
C MET A 560 -38.24 39.11 -62.62
N LEU A 561 -39.14 39.63 -61.78
CA LEU A 561 -38.87 39.75 -60.36
C LEU A 561 -38.71 38.39 -59.71
N TYR A 562 -39.58 37.46 -60.10
CA TYR A 562 -39.54 36.11 -59.55
C TYR A 562 -38.23 35.44 -59.94
N HIS A 563 -37.82 35.64 -61.19
CA HIS A 563 -36.58 35.06 -61.67
C HIS A 563 -35.41 35.63 -60.89
N GLU A 564 -35.45 36.93 -60.64
CA GLU A 564 -34.37 37.57 -59.89
C GLU A 564 -34.30 37.00 -58.48
N HIS A 565 -35.46 36.80 -57.87
CA HIS A 565 -35.52 36.26 -56.53
C HIS A 565 -34.95 34.85 -56.51
N LEU A 566 -35.28 34.07 -57.52
CA LEU A 566 -34.81 32.70 -57.62
C LEU A 566 -33.29 32.70 -57.74
N ARG A 567 -32.76 33.62 -58.54
CA ARG A 567 -31.32 33.72 -58.72
C ARG A 567 -30.65 34.06 -57.40
N ARG A 568 -31.24 34.98 -56.67
CA ARG A 568 -30.68 35.39 -55.38
C ARG A 568 -30.67 34.22 -54.42
N ASP A 569 -31.75 33.44 -54.44
CA ASP A 569 -31.86 32.25 -53.60
C ASP A 569 -30.83 31.19 -53.94
N ARG A 584 -38.60 23.71 -56.49
CA ARG A 584 -37.61 24.10 -57.48
C ARG A 584 -37.06 25.47 -57.12
N GLY A 585 -36.70 25.63 -55.85
CA GLY A 585 -36.17 26.89 -55.35
C GLY A 585 -37.32 27.85 -55.12
N ILE A 586 -38.39 27.33 -54.52
CA ILE A 586 -39.59 28.15 -54.26
C ILE A 586 -40.80 27.33 -53.80
N THR A 587 -41.56 27.75 -52.76
CA THR A 587 -42.78 27.07 -52.29
C THR A 587 -43.61 26.40 -53.36
N GLN A 588 -44.03 25.14 -53.16
CA GLN A 588 -44.72 24.37 -54.19
C GLN A 588 -45.98 25.07 -54.73
N ARG A 589 -46.80 25.62 -53.82
CA ARG A 589 -47.97 26.42 -54.16
C ARG A 589 -47.65 27.69 -54.98
N GLU A 590 -46.53 28.38 -54.69
CA GLU A 590 -46.05 29.53 -55.45
C GLU A 590 -45.55 29.13 -56.84
N LEU A 591 -44.76 28.04 -56.95
CA LEU A 591 -44.31 27.48 -58.23
C LEU A 591 -45.44 26.98 -59.12
N ASP A 592 -46.42 26.26 -58.55
CA ASP A 592 -47.60 25.82 -59.26
C ASP A 592 -48.39 27.01 -59.79
N GLY A 593 -48.52 28.09 -58.97
CA GLY A 593 -49.00 29.41 -59.39
C GLY A 593 -48.35 29.94 -60.64
N LEU A 594 -47.01 29.95 -60.69
CA LEU A 594 -46.22 30.33 -61.86
C LEU A 594 -46.44 29.45 -63.08
N ILE A 595 -46.57 28.11 -62.90
CA ILE A 595 -46.94 27.18 -63.96
C ILE A 595 -48.28 27.55 -64.55
N ALA A 596 -49.29 27.85 -63.71
CA ALA A 596 -50.57 28.35 -64.17
C ALA A 596 -50.51 29.71 -64.86
N CYS A 597 -49.67 30.66 -64.39
CA CYS A 597 -49.46 31.95 -65.06
C CYS A 597 -48.98 31.77 -66.48
N LEU A 598 -47.94 30.94 -66.67
CA LEU A 598 -47.38 30.63 -67.97
C LEU A 598 -48.30 29.82 -68.87
N GLN A 599 -49.05 28.85 -68.31
CA GLN A 599 -50.10 28.15 -69.02
C GLN A 599 -51.28 29.02 -69.46
N LEU A 600 -51.75 29.99 -68.64
CA LEU A 600 -52.70 30.98 -69.12
C LEU A 600 -52.11 31.85 -70.21
N THR A 601 -50.85 32.33 -70.01
CA THR A 601 -50.12 33.08 -71.02
C THR A 601 -50.06 32.33 -72.33
N CYS A 602 -49.47 31.12 -72.41
CA CYS A 602 -49.37 30.34 -73.65
C CYS A 602 -50.69 30.23 -74.42
N THR A 603 -51.76 29.78 -73.75
CA THR A 603 -53.11 29.66 -74.30
C THR A 603 -53.66 30.95 -74.87
N ILE A 604 -53.53 32.09 -74.16
CA ILE A 604 -54.07 33.35 -74.63
C ILE A 604 -53.36 33.89 -75.86
N ILE A 605 -52.03 33.66 -75.95
CA ILE A 605 -51.22 34.04 -77.09
C ILE A 605 -51.55 33.29 -78.37
N ASP A 606 -51.69 31.94 -78.31
CA ASP A 606 -52.02 31.13 -79.47
C ASP A 606 -53.40 31.44 -80.04
N TRP A 607 -54.38 31.53 -79.14
CA TRP A 607 -55.78 31.66 -79.52
C TRP A 607 -56.07 32.94 -80.30
N SER A 608 -55.48 34.04 -79.89
CA SER A 608 -55.72 35.32 -80.55
C SER A 608 -54.46 35.86 -81.21
N GLU A 609 -54.54 36.18 -82.49
CA GLU A 609 -53.37 36.66 -83.22
C GLU A 609 -52.86 37.98 -82.65
N SER A 610 -53.79 38.89 -82.36
CA SER A 610 -53.42 40.21 -81.83
C SER A 610 -52.75 40.10 -80.46
N ALA A 611 -53.31 39.25 -79.60
CA ALA A 611 -52.78 39.08 -78.26
C ALA A 611 -51.37 38.49 -78.32
N ARG A 612 -51.20 37.52 -79.22
CA ARG A 612 -49.91 36.88 -79.39
C ARG A 612 -48.90 37.91 -79.88
N LEU A 613 -49.34 38.76 -80.81
CA LEU A 613 -48.45 39.77 -81.35
C LEU A 613 -48.03 40.73 -80.24
N ALA A 614 -48.97 41.10 -79.39
CA ALA A 614 -48.69 42.02 -78.29
C ALA A 614 -47.68 41.40 -77.34
N LEU A 615 -47.85 40.11 -77.06
CA LEU A 615 -46.94 39.39 -76.18
C LEU A 615 -45.53 39.35 -76.77
N CYS A 616 -45.46 39.12 -78.08
CA CYS A 616 -44.20 38.95 -78.78
C CYS A 616 -43.30 40.17 -78.77
N GLU A 617 -43.87 41.35 -78.93
CA GLU A 617 -43.08 42.55 -79.13
C GLU A 617 -43.47 43.72 -78.21
N HIS A 618 -43.75 43.45 -76.91
CA HIS A 618 -44.06 44.52 -75.95
C HIS A 618 -42.96 44.72 -74.93
N ALA A 619 -42.35 45.90 -74.96
CA ALA A 619 -41.10 46.14 -74.24
C ALA A 619 -41.22 45.93 -72.74
N GLN A 620 -42.34 46.36 -72.15
CA GLN A 620 -42.53 46.22 -70.72
C GLN A 620 -42.54 44.76 -70.28
N TRP A 621 -43.20 43.90 -71.06
CA TRP A 621 -43.32 42.49 -70.70
C TRP A 621 -41.98 41.74 -70.66
N MET A 622 -41.13 42.00 -71.66
CA MET A 622 -39.81 41.39 -71.71
C MET A 622 -39.88 39.86 -71.64
N PRO A 623 -40.87 39.28 -72.32
CA PRO A 623 -41.10 37.83 -72.25
C PRO A 623 -39.97 36.97 -72.81
N VAL A 624 -39.38 37.36 -73.93
CA VAL A 624 -38.32 36.58 -74.57
C VAL A 624 -37.08 36.45 -73.69
N VAL A 625 -36.72 37.54 -73.04
CA VAL A 625 -35.52 37.61 -72.20
C VAL A 625 -35.74 36.89 -70.88
N VAL A 626 -36.91 37.10 -70.28
CA VAL A 626 -37.25 36.45 -69.03
C VAL A 626 -37.30 34.95 -69.23
N ILE A 627 -37.88 34.52 -70.35
CA ILE A 627 -37.97 33.09 -70.60
C ILE A 627 -36.58 32.51 -70.69
N LEU A 628 -35.69 33.22 -71.39
CA LEU A 628 -34.32 32.75 -71.57
C LEU A 628 -33.60 32.64 -70.24
N GLY A 629 -33.79 33.63 -69.37
CA GLY A 629 -33.15 33.60 -68.06
C GLY A 629 -33.62 32.42 -67.25
N LEU A 630 -34.93 32.16 -67.31
CA LEU A 630 -35.49 31.05 -66.56
C LEU A 630 -34.87 29.76 -67.07
N LEU A 631 -34.76 29.64 -68.39
CA LEU A 631 -34.22 28.43 -68.99
C LEU A 631 -32.78 28.23 -68.54
N GLN A 632 -32.01 29.31 -68.55
CA GLN A 632 -30.59 29.26 -68.18
C GLN A 632 -30.40 28.89 -66.71
N CYS A 633 -31.23 29.46 -65.85
CA CYS A 633 -31.17 29.18 -64.42
C CYS A 633 -31.61 27.76 -64.14
N SER A 634 -31.19 27.15 -63.04
CA SER A 634 -31.74 25.81 -62.78
C SER A 634 -33.27 25.92 -62.65
N ILE A 635 -34.00 25.01 -63.31
CA ILE A 635 -35.47 25.12 -63.36
C ILE A 635 -36.27 23.80 -63.52
N PRO A 636 -37.54 23.84 -63.13
CA PRO A 636 -38.48 22.71 -63.24
C PRO A 636 -39.00 22.41 -64.65
N PRO A 637 -39.42 21.17 -64.90
CA PRO A 637 -39.91 20.73 -66.21
C PRO A 637 -41.20 21.40 -66.72
N LEU A 638 -42.21 21.55 -65.87
CA LEU A 638 -43.40 22.31 -66.25
C LEU A 638 -43.04 23.75 -66.66
N LEU A 639 -42.11 24.36 -65.93
CA LEU A 639 -41.72 25.74 -66.22
C LEU A 639 -41.04 25.89 -67.58
N LYS A 640 -40.11 24.98 -67.90
CA LYS A 640 -39.45 24.96 -69.20
C LYS A 640 -40.42 24.69 -70.34
N ALA A 641 -41.45 23.85 -70.15
CA ALA A 641 -42.53 23.67 -71.10
C ALA A 641 -43.35 24.93 -71.39
N GLU A 642 -43.71 25.72 -70.36
CA GLU A 642 -44.42 26.97 -70.54
C GLU A 642 -43.58 28.06 -71.24
N LEU A 643 -42.23 28.06 -71.08
CA LEU A 643 -41.34 28.90 -71.87
C LEU A 643 -41.43 28.61 -73.37
N LEU A 644 -41.51 27.33 -73.75
CA LEU A 644 -41.69 26.89 -75.13
C LEU A 644 -43.05 27.24 -75.70
N LYS A 645 -44.13 27.11 -74.90
CA LYS A 645 -45.44 27.58 -75.29
C LYS A 645 -45.49 29.09 -75.51
N THR A 646 -44.81 29.89 -74.65
CA THR A 646 -44.56 31.31 -74.89
C THR A 646 -43.85 31.55 -76.21
N LEU A 647 -42.77 30.82 -76.46
CA LEU A 647 -42.03 30.99 -77.71
C LEU A 647 -42.91 30.76 -78.94
N ALA A 648 -43.95 29.93 -78.79
CA ALA A 648 -44.84 29.63 -79.91
C ALA A 648 -45.50 30.87 -80.46
N ALA A 649 -45.93 31.78 -79.57
CA ALA A 649 -46.55 33.02 -80.02
C ALA A 649 -45.61 33.80 -80.92
N PHE A 650 -44.37 34.00 -80.47
CA PHE A 650 -43.39 34.72 -81.25
C PHE A 650 -43.17 34.03 -82.59
N GLY A 651 -43.08 32.71 -82.57
CA GLY A 651 -42.91 31.96 -83.81
C GLY A 651 -44.03 32.23 -84.79
N LYS A 652 -45.28 32.17 -84.33
CA LYS A 652 -46.43 32.42 -85.19
C LYS A 652 -46.42 33.84 -85.71
N SER A 653 -46.01 34.79 -84.87
CA SER A 653 -45.96 36.19 -85.29
C SER A 653 -45.27 36.32 -86.64
N ALA A 657 -39.38 35.44 -87.86
CA ALA A 657 -38.51 34.27 -87.90
C ALA A 657 -37.06 34.70 -87.67
N ALA A 658 -36.67 35.81 -88.28
CA ALA A 658 -35.33 36.34 -88.12
C ALA A 658 -35.08 36.74 -86.67
N SER A 659 -36.10 37.34 -86.05
CA SER A 659 -36.01 37.73 -84.66
C SER A 659 -35.82 36.50 -83.77
N LEU A 660 -36.56 35.44 -84.10
CA LEU A 660 -36.48 34.20 -83.33
C LEU A 660 -35.17 33.48 -83.58
N TRP A 661 -34.75 33.42 -84.85
CA TRP A 661 -33.50 32.75 -85.21
C TRP A 661 -32.32 33.44 -84.54
N GLN A 662 -32.34 34.77 -84.53
CA GLN A 662 -31.26 35.54 -83.92
C GLN A 662 -31.20 35.23 -82.43
N SER A 663 -32.36 35.15 -81.80
CA SER A 663 -32.44 34.84 -80.37
C SER A 663 -31.86 33.46 -80.10
N LEU A 664 -32.18 32.52 -80.99
CA LEU A 664 -31.68 31.15 -80.85
C LEU A 664 -30.17 31.15 -80.96
N GLU A 665 -29.64 31.93 -81.90
CA GLU A 665 -28.21 32.03 -82.09
C GLU A 665 -27.55 32.60 -80.84
N TYR A 666 -28.19 33.61 -80.25
CA TYR A 666 -27.67 34.23 -79.04
C TYR A 666 -27.64 33.20 -77.92
N THR A 667 -28.68 32.40 -77.83
CA THR A 667 -28.77 31.37 -76.80
C THR A 667 -27.65 30.36 -76.98
N GLN A 668 -27.39 30.00 -78.24
CA GLN A 668 -26.33 29.04 -78.54
C GLN A 668 -24.98 29.62 -78.13
N ILE A 669 -24.80 30.91 -78.39
CA ILE A 669 -23.57 31.60 -78.03
C ILE A 669 -23.38 31.60 -76.52
N LEU A 670 -24.48 31.80 -75.79
CA LEU A 670 -24.44 31.83 -74.33
C LEU A 670 -24.30 30.43 -73.76
N GLY A 681 -23.15 24.23 -79.44
CA GLY A 681 -23.50 24.68 -78.10
C GLY A 681 -23.15 23.67 -77.04
N VAL A 682 -22.08 23.96 -76.29
CA VAL A 682 -21.64 23.06 -75.24
C VAL A 682 -22.70 22.94 -74.15
N GLY A 683 -23.33 24.05 -73.81
CA GLY A 683 -24.38 24.06 -72.82
C GLY A 683 -25.57 23.22 -73.27
N ILE A 684 -25.89 23.33 -74.56
CA ILE A 684 -26.98 22.56 -75.14
C ILE A 684 -26.65 21.07 -75.06
N GLU A 685 -25.39 20.74 -75.34
CA GLU A 685 -24.95 19.35 -75.27
C GLU A 685 -25.08 18.82 -73.85
N VAL A 686 -24.72 19.66 -72.88
CA VAL A 686 -24.83 19.30 -71.48
C VAL A 686 -26.29 19.05 -71.11
N GLU A 687 -27.17 19.89 -71.63
CA GLU A 687 -28.61 19.74 -71.39
C GLU A 687 -29.10 18.42 -71.97
N LEU A 688 -28.61 18.08 -73.16
CA LEU A 688 -28.97 16.83 -73.81
C LEU A 688 -28.50 15.65 -72.97
N ASN A 689 -27.30 15.76 -72.42
CA ASN A 689 -26.76 14.73 -71.55
C ASN A 689 -27.62 14.55 -70.30
N GLU A 690 -28.07 15.67 -69.74
CA GLU A 690 -28.94 15.64 -68.57
C GLU A 690 -30.24 14.95 -68.90
N ILE A 691 -30.76 15.24 -70.10
CA ILE A 691 -32.01 14.62 -70.56
C ILE A 691 -31.81 13.11 -70.69
N GLU A 692 -30.66 12.71 -71.20
CA GLU A 692 -30.34 11.29 -71.35
C GLU A 692 -30.27 10.62 -69.99
N SER A 693 -29.69 11.32 -69.03
CA SER A 693 -29.61 10.81 -67.66
C SER A 693 -30.99 10.63 -67.07
N ARG A 694 -31.87 11.59 -67.33
CA ARG A 694 -33.24 11.54 -66.82
C ARG A 694 -34.17 10.88 -67.84
N CYS A 695 -35.42 11.34 -67.87
CA CYS A 695 -35.87 12.40 -66.99
C CYS A 695 -37.39 12.42 -66.90
N GLU A 696 -37.90 12.96 -65.80
CA GLU A 696 -39.30 12.86 -65.40
C GLU A 696 -40.22 12.23 -66.45
N GLU A 697 -39.82 11.10 -66.99
CA GLU A 697 -40.69 10.28 -67.84
C GLU A 697 -40.92 10.84 -69.23
N TYR A 698 -40.08 11.81 -69.61
CA TYR A 698 -40.12 12.35 -70.97
C TYR A 698 -41.26 13.35 -71.19
N PRO A 699 -41.89 13.79 -70.10
CA PRO A 699 -42.98 14.76 -70.22
C PRO A 699 -42.46 16.07 -70.81
N LEU A 700 -41.27 16.48 -70.40
CA LEU A 700 -40.60 17.64 -70.97
C LEU A 700 -40.28 17.39 -72.44
N THR A 701 -39.94 16.21 -72.92
CA THR A 701 -39.43 16.20 -74.32
C THR A 701 -40.34 16.73 -75.48
N ARG A 702 -41.63 16.37 -75.42
CA ARG A 702 -42.54 16.62 -76.54
C ARG A 702 -42.77 18.08 -76.92
N ALA A 703 -42.91 18.94 -75.92
CA ALA A 703 -43.15 20.36 -76.19
C ALA A 703 -41.99 21.00 -76.93
N PHE A 704 -40.78 20.65 -76.51
CA PHE A 704 -39.58 21.16 -77.17
C PHE A 704 -39.56 20.67 -78.61
N CYS A 705 -39.91 19.40 -78.79
CA CYS A 705 -39.92 18.89 -80.17
C CYS A 705 -40.91 19.68 -81.04
N GLN A 706 -42.09 19.97 -80.49
CA GLN A 706 -43.11 20.72 -81.23
C GLN A 706 -42.66 22.13 -81.58
N LEU A 707 -41.98 22.80 -80.63
CA LEU A 707 -41.50 24.14 -80.89
C LEU A 707 -40.48 24.12 -82.02
N ILE A 708 -39.61 23.10 -82.00
CA ILE A 708 -38.60 23.01 -83.04
C ILE A 708 -39.30 22.85 -84.39
N SER A 709 -40.34 22.03 -84.41
CA SER A 709 -41.08 21.81 -85.66
C SER A 709 -41.71 23.10 -86.19
N THR A 710 -42.30 23.91 -85.31
CA THR A 710 -42.90 25.17 -85.75
C THR A 710 -41.84 26.13 -86.34
N LEU A 711 -40.69 26.16 -85.66
CA LEU A 711 -39.63 27.04 -86.14
C LEU A 711 -39.22 26.59 -87.53
N VAL A 712 -39.10 25.27 -87.71
CA VAL A 712 -38.67 24.72 -88.98
C VAL A 712 -39.68 25.10 -90.05
N GLU A 713 -40.95 25.16 -89.67
CA GLU A 713 -42.01 25.54 -90.59
C GLU A 713 -41.75 26.97 -91.06
N SER A 714 -41.31 27.82 -90.14
CA SER A 714 -40.93 29.18 -90.47
C SER A 714 -39.72 29.15 -91.40
N SER A 715 -39.66 30.09 -92.33
CA SER A 715 -38.61 30.10 -93.35
C SER A 715 -37.22 30.25 -92.74
N PHE A 716 -36.27 29.49 -93.29
CA PHE A 716 -34.89 29.51 -92.82
C PHE A 716 -34.20 30.83 -93.12
N PRO A 717 -33.27 31.22 -92.25
CA PRO A 717 -32.52 32.47 -92.42
C PRO A 717 -31.05 32.22 -92.74
N THR A 718 -30.56 32.84 -93.79
CA THR A 718 -29.18 32.66 -94.22
C THR A 718 -28.18 33.14 -93.18
N ASN A 719 -28.51 34.27 -92.54
CA ASN A 719 -27.61 34.88 -91.57
C ASN A 719 -27.34 33.98 -90.36
N LEU A 720 -28.37 33.30 -89.88
CA LEU A 720 -28.24 32.44 -88.71
C LEU A 720 -27.29 31.27 -88.99
N GLY A 721 -26.46 30.95 -88.00
CA GLY A 721 -25.50 29.86 -88.13
C GLY A 721 -24.26 30.29 -88.88
N ALA A 722 -24.19 31.58 -89.22
CA ALA A 722 -23.06 32.13 -89.96
C ALA A 722 -21.75 32.03 -89.18
N GLY A 723 -21.82 32.27 -87.88
CA GLY A 723 -20.63 32.33 -87.04
C GLY A 723 -19.82 31.05 -86.96
N LEU A 724 -20.53 29.92 -86.83
CA LEU A 724 -19.98 28.59 -87.02
C LEU A 724 -19.77 28.35 -88.51
N ARG A 725 -18.80 27.50 -88.86
CA ARG A 725 -18.46 27.27 -90.26
C ARG A 725 -19.49 26.49 -91.08
N ALA A 726 -19.76 27.02 -92.27
CA ALA A 726 -20.44 26.34 -93.37
C ALA A 726 -21.96 26.06 -93.25
N PRO A 727 -22.36 25.27 -92.26
CA PRO A 727 -23.76 24.84 -92.17
C PRO A 727 -24.40 24.96 -90.78
N GLY A 728 -24.66 26.17 -90.32
CA GLY A 728 -25.30 26.35 -89.02
C GLY A 728 -26.72 25.83 -88.91
N PHE A 729 -27.55 25.99 -89.94
CA PHE A 729 -28.90 25.45 -89.86
C PHE A 729 -28.92 23.92 -89.71
N GLU A 730 -28.02 23.20 -90.37
CA GLU A 730 -28.10 21.70 -90.35
C GLU A 730 -27.98 20.94 -88.99
N PRO A 731 -27.10 21.44 -88.12
CA PRO A 731 -26.73 20.71 -86.90
C PRO A 731 -27.91 20.45 -85.96
N TYR A 732 -28.82 21.41 -85.85
CA TYR A 732 -30.00 21.23 -85.03
C TYR A 732 -30.82 20.07 -85.57
N LEU A 733 -30.92 19.97 -86.89
CA LEU A 733 -31.65 18.88 -87.52
C LEU A 733 -31.00 17.54 -87.19
N GLN A 734 -29.67 17.50 -87.21
CA GLN A 734 -28.97 16.26 -86.84
C GLN A 734 -29.25 15.86 -85.37
N PHE A 735 -29.22 16.82 -84.47
CA PHE A 735 -29.38 16.48 -83.07
C PHE A 735 -30.74 15.87 -82.76
N LEU A 736 -31.79 16.48 -83.29
CA LEU A 736 -33.15 16.01 -83.04
C LEU A 736 -33.41 14.63 -83.62
N ARG A 737 -32.99 14.40 -84.85
CA ARG A 737 -33.23 13.12 -85.51
C ARG A 737 -32.50 12.00 -84.78
N ASP A 738 -31.26 12.27 -84.40
CA ASP A 738 -30.46 11.28 -83.69
C ASP A 738 -31.12 10.98 -82.37
N THR A 739 -31.59 12.02 -81.69
CA THR A 739 -32.19 11.81 -80.38
C THR A 739 -33.42 10.93 -80.54
N VAL A 740 -34.25 11.28 -81.53
CA VAL A 740 -35.57 10.68 -81.69
C VAL A 740 -35.57 9.18 -81.96
N PHE A 741 -34.67 8.71 -82.81
CA PHE A 741 -34.58 7.28 -83.06
C PHE A 741 -34.16 6.55 -81.78
N LEU A 742 -33.16 7.12 -81.11
CA LEU A 742 -32.66 6.54 -79.88
C LEU A 742 -33.75 6.53 -78.81
N ARG A 743 -34.48 7.63 -78.72
CA ARG A 743 -35.55 7.75 -77.74
C ARG A 743 -36.63 6.71 -78.03
N TYR A 744 -36.88 6.43 -79.31
CA TYR A 744 -38.00 5.55 -79.62
C TYR A 744 -37.78 4.21 -78.93
N ARG A 745 -36.56 3.70 -78.99
CA ARG A 745 -36.19 2.56 -78.18
C ARG A 745 -36.25 2.97 -76.71
N THR A 746 -35.76 4.18 -76.44
CA THR A 746 -35.79 4.75 -75.10
C THR A 746 -37.22 4.96 -74.63
N ARG A 747 -38.08 5.42 -75.53
CA ARG A 747 -39.48 5.61 -75.22
C ARG A 747 -40.12 4.28 -74.87
N ALA A 748 -39.80 3.25 -75.65
CA ALA A 748 -40.36 1.92 -75.44
C ALA A 748 -39.94 1.34 -74.08
N TYR A 749 -38.68 1.55 -73.71
CA TYR A 749 -38.16 1.02 -72.46
C TYR A 749 -38.88 1.60 -71.24
N ARG A 750 -39.13 2.90 -71.27
CA ARG A 750 -39.81 3.56 -70.16
C ARG A 750 -41.08 4.29 -70.61
N ARG A 751 -42.20 4.00 -69.93
CA ARG A 751 -43.45 4.68 -70.20
C ARG A 751 -43.92 4.51 -71.63
N ALA A 752 -44.90 3.65 -71.85
CA ALA A 752 -45.46 3.45 -73.18
C ALA A 752 -46.12 4.72 -73.69
N ALA A 753 -46.84 5.40 -72.80
CA ALA A 753 -47.53 6.63 -73.14
C ALA A 753 -46.58 7.75 -73.55
N GLU A 754 -45.47 7.86 -72.82
CA GLU A 754 -44.52 8.92 -73.06
C GLU A 754 -43.56 8.60 -74.21
N LYS A 755 -43.16 7.33 -74.42
CA LYS A 755 -42.46 6.91 -75.63
C LYS A 755 -43.24 7.17 -76.89
N TRP A 756 -44.53 6.84 -76.87
CA TRP A 756 -45.39 7.03 -78.03
C TRP A 756 -45.45 8.49 -78.46
N GLU A 757 -45.54 9.38 -77.47
CA GLU A 757 -45.61 10.82 -77.75
C GLU A 757 -44.33 11.30 -78.43
N VAL A 758 -43.19 10.80 -77.96
CA VAL A 758 -41.90 11.16 -78.55
C VAL A 758 -41.84 10.70 -80.00
N ALA A 759 -42.35 9.50 -80.26
CA ALA A 759 -42.39 8.96 -81.61
C ALA A 759 -43.26 9.83 -82.50
N GLU A 760 -44.39 10.27 -81.96
CA GLU A 760 -45.30 11.14 -82.69
C GLU A 760 -44.61 12.46 -83.04
N ALA A 761 -43.85 12.98 -82.08
CA ALA A 761 -43.11 14.21 -82.29
C ALA A 761 -42.07 14.04 -83.39
N VAL A 762 -41.42 12.88 -83.40
CA VAL A 762 -40.43 12.55 -84.41
C VAL A 762 -41.10 12.50 -85.78
N LEU A 763 -42.29 11.91 -85.83
CA LEU A 763 -43.04 11.81 -87.07
C LEU A 763 -43.40 13.21 -87.58
N ASP A 764 -43.78 14.08 -86.65
CA ASP A 764 -44.12 15.46 -87.00
C ASP A 764 -42.91 16.17 -87.57
N VAL A 765 -41.74 15.92 -86.96
CA VAL A 765 -40.50 16.51 -87.44
C VAL A 765 -40.19 16.03 -88.85
N PHE A 766 -40.42 14.74 -89.09
CA PHE A 766 -40.20 14.17 -90.41
C PHE A 766 -41.12 14.82 -91.43
N TYR A 767 -42.38 15.06 -91.03
CA TYR A 767 -43.34 15.71 -91.90
C TYR A 767 -42.88 17.12 -92.23
N LYS A 768 -42.35 17.81 -91.23
CA LYS A 768 -41.84 19.16 -91.42
C LYS A 768 -40.67 19.15 -92.40
N LEU A 769 -39.81 18.15 -92.27
CA LEU A 769 -38.68 18.00 -93.18
C LEU A 769 -39.16 17.78 -94.60
N LEU A 770 -40.20 16.96 -94.75
CA LEU A 770 -40.78 16.68 -96.05
C LEU A 770 -41.35 17.97 -96.65
N LYS A 771 -41.99 18.78 -95.82
CA LYS A 771 -42.54 20.05 -96.27
C LYS A 771 -41.42 20.97 -96.74
N ASP A 772 -40.31 20.96 -96.00
CA ASP A 772 -39.16 21.77 -96.37
C ASP A 772 -38.59 21.32 -97.72
N TYR A 773 -38.56 20.01 -97.93
CA TYR A 773 -38.04 19.46 -99.17
C TYR A 773 -38.95 19.81 -100.35
N ALA A 794 -23.60 24.00 -102.87
CA ALA A 794 -23.56 24.11 -101.41
C ALA A 794 -24.87 23.63 -100.78
N PHE A 795 -25.92 24.45 -100.89
CA PHE A 795 -27.21 24.12 -100.34
C PHE A 795 -27.79 22.88 -101.01
N LYS A 796 -27.62 22.80 -102.33
CA LYS A 796 -28.09 21.64 -103.08
C LYS A 796 -27.37 20.39 -102.64
N PRO A 797 -26.07 20.51 -102.40
CA PRO A 797 -25.26 19.39 -101.91
C PRO A 797 -25.75 18.94 -100.54
N PRO A 798 -26.07 19.91 -99.69
CA PRO A 798 -26.59 19.60 -98.35
C PRO A 798 -27.92 18.86 -98.46
N GLY A 799 -28.77 19.29 -99.40
CA GLY A 799 -30.04 18.64 -99.63
C GLY A 799 -29.84 17.20 -100.09
N PHE A 800 -28.84 17.01 -100.95
CA PHE A 800 -28.52 15.68 -101.44
C PHE A 800 -28.06 14.79 -100.29
N SER A 801 -27.26 15.37 -99.40
CA SER A 801 -26.79 14.65 -98.22
C SER A 801 -27.95 14.24 -97.33
N LEU A 802 -28.91 15.16 -97.19
CA LEU A 802 -30.11 14.87 -96.39
C LEU A 802 -30.89 13.73 -97.02
N MET A 803 -31.00 13.74 -98.34
CA MET A 803 -31.69 12.69 -99.06
C MET A 803 -31.00 11.35 -98.83
N HIS A 804 -29.68 11.37 -98.84
CA HIS A 804 -28.89 10.16 -98.61
C HIS A 804 -29.14 9.64 -97.21
N HIS A 805 -29.22 10.55 -96.24
CA HIS A 805 -29.50 10.18 -94.86
C HIS A 805 -30.88 9.54 -94.76
N LEU A 806 -31.84 10.11 -95.48
CA LEU A 806 -33.20 9.57 -95.50
C LEU A 806 -33.21 8.16 -96.08
N LEU A 807 -32.42 7.96 -97.12
CA LEU A 807 -32.34 6.65 -97.78
C LEU A 807 -31.00 5.98 -97.50
N SER A 810 -30.07 2.77 -94.21
CA SER A 810 -30.69 1.46 -94.00
C SER A 810 -31.38 1.38 -92.65
N PRO A 811 -30.73 1.93 -91.63
CA PRO A 811 -31.28 1.92 -90.27
C PRO A 811 -32.60 2.69 -90.19
N MET A 812 -32.66 3.83 -90.87
CA MET A 812 -33.87 4.63 -90.90
C MET A 812 -35.00 3.84 -91.57
N LEU A 813 -34.67 3.13 -92.63
CA LEU A 813 -35.64 2.31 -93.34
C LEU A 813 -36.16 1.21 -92.43
N GLU A 814 -35.25 0.62 -91.66
CA GLU A 814 -35.62 -0.43 -90.71
C GLU A 814 -36.56 0.12 -89.66
N LEU A 815 -36.32 1.37 -89.23
CA LEU A 815 -37.14 1.96 -88.17
C LEU A 815 -38.60 2.05 -88.62
N CYS A 816 -38.81 2.42 -89.87
CA CYS A 816 -40.16 2.47 -90.43
C CYS A 816 -40.78 1.08 -90.42
N LEU A 817 -39.97 0.07 -90.73
CA LEU A 817 -40.42 -1.31 -90.71
C LEU A 817 -40.82 -1.72 -89.29
N SER A 818 -40.04 -1.28 -88.32
CA SER A 818 -40.33 -1.56 -86.91
C SER A 818 -41.66 -0.93 -86.51
N LEU A 819 -41.88 0.30 -86.99
CA LEU A 819 -43.13 1.00 -86.73
C LEU A 819 -44.31 0.23 -87.33
N MET A 820 -44.09 -0.30 -88.53
CA MET A 820 -45.11 -1.09 -89.21
C MET A 820 -45.42 -2.35 -88.41
N GLU A 821 -44.39 -2.98 -87.87
CA GLU A 821 -44.56 -4.16 -87.04
C GLU A 821 -45.36 -3.83 -85.79
N GLU A 822 -45.09 -2.66 -85.21
CA GLU A 822 -45.85 -2.20 -84.06
C GLU A 822 -47.30 -2.01 -84.45
N GLY A 823 -47.52 -1.48 -85.65
CA GLY A 823 -48.86 -1.29 -86.18
C GLY A 823 -49.59 -2.61 -86.35
N VAL A 824 -48.88 -3.62 -86.84
CA VAL A 824 -49.46 -4.95 -87.01
C VAL A 824 -49.87 -5.50 -85.66
N THR A 825 -49.01 -5.29 -84.66
CA THR A 825 -49.32 -5.65 -83.28
C THR A 825 -50.51 -4.83 -82.82
N GLN A 826 -50.50 -3.55 -83.21
CA GLN A 826 -51.43 -2.54 -82.70
C GLN A 826 -52.90 -2.83 -83.03
N LEU A 827 -53.16 -3.32 -84.24
CA LEU A 827 -54.53 -3.51 -84.68
C LEU A 827 -55.26 -4.51 -83.79
N ASP A 828 -54.56 -5.57 -83.38
CA ASP A 828 -55.14 -6.59 -82.54
C ASP A 828 -55.59 -6.08 -81.16
N THR A 829 -54.78 -5.22 -80.56
CA THR A 829 -55.07 -4.74 -79.20
C THR A 829 -54.86 -3.25 -78.98
N TYR A 830 -55.61 -2.70 -78.02
CA TYR A 830 -55.46 -1.32 -77.55
C TYR A 830 -56.37 -0.33 -78.27
N ALA A 831 -56.65 0.79 -77.58
CA ALA A 831 -57.54 1.87 -78.03
C ALA A 831 -58.16 2.66 -76.86
N PRO A 832 -57.38 3.33 -76.00
CA PRO A 832 -56.07 3.96 -76.25
C PRO A 832 -56.08 4.94 -77.41
N PHE A 833 -57.15 5.72 -77.52
CA PHE A 833 -57.33 6.66 -78.62
C PHE A 833 -56.24 7.73 -78.64
N PRO A 834 -55.86 8.23 -77.47
CA PRO A 834 -54.79 9.22 -77.39
C PRO A 834 -53.49 8.61 -77.88
N GLY A 835 -53.24 7.37 -77.46
CA GLY A 835 -52.12 6.60 -77.99
C GLY A 835 -52.35 6.31 -79.45
N LYS A 836 -53.59 5.99 -79.79
CA LYS A 836 -53.96 5.66 -81.17
C LYS A 836 -53.76 6.86 -82.10
N LYS A 837 -54.12 8.05 -81.64
CA LYS A 837 -53.97 9.24 -82.45
C LYS A 837 -52.50 9.46 -82.77
N HIS A 838 -51.68 9.42 -81.72
CA HIS A 838 -50.23 9.58 -81.87
C HIS A 838 -49.63 8.43 -82.65
N LEU A 839 -50.04 7.20 -82.31
CA LEU A 839 -49.61 6.04 -83.06
C LEU A 839 -50.17 6.09 -84.47
N GLU A 840 -51.45 6.45 -84.57
CA GLU A 840 -52.12 6.55 -85.86
C GLU A 840 -51.48 7.65 -86.68
N LYS A 841 -51.19 8.77 -86.03
CA LYS A 841 -50.56 9.89 -86.69
C LYS A 841 -49.20 9.49 -87.21
N ALA A 842 -48.46 8.74 -86.39
CA ALA A 842 -47.13 8.29 -86.78
C ALA A 842 -47.21 7.38 -87.99
N VAL A 843 -48.21 6.49 -87.99
CA VAL A 843 -48.39 5.58 -89.10
C VAL A 843 -48.70 6.36 -90.36
N ALA A 844 -49.54 7.38 -90.22
CA ALA A 844 -49.93 8.19 -91.36
C ALA A 844 -48.71 8.90 -91.91
N TYR A 845 -47.86 9.40 -91.01
CA TYR A 845 -46.65 10.10 -91.42
C TYR A 845 -45.73 9.17 -92.17
N CYS A 846 -45.60 7.94 -91.68
CA CYS A 846 -44.74 6.96 -92.33
C CYS A 846 -45.27 6.66 -93.73
N PHE A 847 -46.60 6.54 -93.83
CA PHE A 847 -47.23 6.26 -95.10
C PHE A 847 -46.95 7.39 -96.07
N MET A 848 -47.21 8.61 -95.60
CA MET A 848 -47.10 9.82 -96.42
C MET A 848 -45.69 10.11 -96.88
N LEU A 849 -44.72 9.92 -95.98
CA LEU A 849 -43.35 10.29 -96.28
C LEU A 849 -42.80 9.49 -97.45
N LEU A 850 -43.09 8.20 -97.47
CA LEU A 850 -42.65 7.38 -98.59
C LEU A 850 -43.33 7.81 -99.89
N ASN A 851 -44.64 8.04 -99.82
CA ASN A 851 -45.38 8.51 -100.98
C ASN A 851 -44.96 9.91 -101.44
N LEU A 852 -44.92 10.84 -100.50
CA LEU A 852 -44.49 12.20 -100.81
C LEU A 852 -43.03 12.22 -101.23
N THR A 853 -42.21 11.46 -100.52
CA THR A 853 -40.78 11.38 -100.79
C THR A 853 -40.46 10.78 -102.15
N LEU A 854 -41.19 9.74 -102.52
CA LEU A 854 -40.88 8.99 -103.74
C LEU A 854 -41.00 9.82 -105.01
N GLN A 855 -42.06 10.62 -105.11
CA GLN A 855 -42.21 11.48 -106.26
C GLN A 855 -41.10 12.52 -106.31
N LYS A 856 -40.82 13.10 -105.14
CA LYS A 856 -39.71 14.03 -104.98
C LYS A 856 -38.36 13.36 -105.18
N GLU A 857 -38.25 12.14 -104.64
CA GLU A 857 -36.98 11.43 -104.61
C GLU A 857 -36.41 11.09 -105.98
N ASN A 858 -37.26 10.65 -106.90
CA ASN A 858 -36.76 10.26 -108.21
C ASN A 858 -36.11 11.40 -108.96
N ARG A 859 -36.76 12.57 -108.93
CA ARG A 859 -36.17 13.78 -109.48
C ARG A 859 -34.96 14.20 -108.65
N PHE A 860 -35.11 14.10 -107.33
CA PHE A 860 -34.08 14.50 -106.38
C PHE A 860 -32.81 13.65 -106.47
N MET A 861 -32.98 12.34 -106.64
CA MET A 861 -31.86 11.41 -106.57
C MET A 861 -31.01 11.53 -107.84
N ASP A 862 -31.68 11.66 -108.98
CA ASP A 862 -31.00 11.81 -110.26
C ASP A 862 -30.18 13.10 -110.27
N LEU A 863 -30.77 14.16 -109.72
CA LEU A 863 -30.09 15.44 -109.63
C LEU A 863 -28.85 15.33 -108.75
N LEU A 864 -28.98 14.59 -107.65
CA LEU A 864 -27.86 14.36 -106.75
C LEU A 864 -26.75 13.61 -107.46
N ARG A 865 -27.14 12.62 -108.27
CA ARG A 865 -26.18 11.84 -109.04
C ARG A 865 -25.45 12.73 -110.02
N GLU A 866 -26.19 13.64 -110.65
CA GLU A 866 -25.61 14.58 -111.60
C GLU A 866 -24.60 15.48 -110.89
N SER A 867 -24.95 15.92 -109.69
CA SER A 867 -24.07 16.76 -108.90
C SER A 867 -22.80 16.01 -108.56
N HIS A 868 -22.93 14.73 -108.23
CA HIS A 868 -21.79 13.87 -107.93
C HIS A 868 -20.89 13.74 -109.15
N LEU A 869 -21.50 13.60 -110.31
CA LEU A 869 -20.75 13.45 -111.56
C LEU A 869 -19.90 12.19 -111.55
N VAL A 873 -20.00 12.77 -102.62
CA VAL A 873 -21.02 12.72 -103.66
C VAL A 873 -21.20 11.30 -104.16
N THR A 874 -20.09 10.59 -104.32
CA THR A 874 -20.13 9.21 -104.76
C THR A 874 -20.86 8.35 -103.73
N PRO A 875 -20.60 8.62 -102.46
CA PRO A 875 -21.28 7.90 -101.38
C PRO A 875 -22.78 8.15 -101.42
N LEU A 876 -23.15 9.40 -101.68
CA LEU A 876 -24.56 9.77 -101.78
C LEU A 876 -25.21 9.03 -102.94
N GLU A 877 -24.45 8.87 -104.02
CA GLU A 877 -24.87 8.11 -105.19
C GLU A 877 -25.14 6.66 -104.80
N GLN A 878 -24.31 6.15 -103.89
CA GLN A 878 -24.45 4.78 -103.40
C GLN A 878 -25.82 4.63 -102.76
N LEU A 879 -26.26 5.69 -102.08
CA LEU A 879 -27.59 5.71 -101.47
C LEU A 879 -28.63 5.56 -102.56
N LEU A 880 -28.37 6.17 -103.71
CA LEU A 880 -29.25 6.03 -104.88
C LEU A 880 -29.28 4.56 -105.28
N GLN A 881 -28.12 3.90 -105.21
CA GLN A 881 -28.00 2.50 -105.57
C GLN A 881 -28.43 1.61 -104.40
N GLY A 882 -27.74 1.75 -103.27
CA GLY A 882 -28.03 0.96 -102.09
C GLY A 882 -29.43 1.23 -101.55
N ILE A 883 -29.82 2.50 -101.56
CA ILE A 883 -31.14 2.90 -101.08
C ILE A 883 -32.26 2.28 -101.90
N ASN A 884 -32.06 2.23 -103.21
CA ASN A 884 -33.05 1.65 -104.12
C ASN A 884 -33.28 0.17 -103.85
N PRO A 885 -32.19 -0.55 -103.58
CA PRO A 885 -32.27 -1.99 -103.31
C PRO A 885 -33.08 -2.28 -102.05
N ARG A 886 -32.86 -1.46 -101.02
CA ARG A 886 -33.54 -1.56 -99.73
C ARG A 886 -35.05 -1.33 -99.82
N SER A 887 -35.44 -0.42 -100.70
CA SER A 887 -36.82 0.08 -100.76
C SER A 887 -37.84 -1.02 -101.05
N LYS A 888 -37.48 -1.97 -101.91
CA LYS A 888 -38.42 -3.01 -102.30
C LYS A 888 -38.85 -3.82 -101.08
N LYS A 889 -37.90 -4.14 -100.20
CA LYS A 889 -38.21 -4.79 -98.93
C LYS A 889 -38.41 -6.30 -99.11
N ALA A 890 -38.76 -6.99 -98.03
CA ALA A 890 -39.09 -6.34 -96.78
C ALA A 890 -40.50 -5.74 -96.86
N ASP A 891 -41.21 -6.09 -97.94
CA ASP A 891 -42.54 -5.59 -98.24
C ASP A 891 -43.61 -5.99 -97.22
N ASN A 892 -43.53 -7.24 -96.80
CA ASN A 892 -44.47 -7.90 -95.90
C ASN A 892 -44.96 -7.17 -94.66
N VAL A 893 -44.04 -6.55 -93.94
CA VAL A 893 -44.37 -5.88 -92.68
C VAL A 893 -45.31 -4.70 -92.90
N VAL A 894 -45.05 -3.91 -93.93
CA VAL A 894 -45.93 -2.81 -94.31
C VAL A 894 -47.29 -3.36 -94.76
N ASN A 895 -47.23 -4.46 -95.51
CA ASN A 895 -48.41 -5.12 -96.06
C ASN A 895 -49.32 -5.66 -94.97
N ILE A 896 -48.73 -6.23 -93.94
CA ILE A 896 -49.49 -6.76 -92.81
C ILE A 896 -50.24 -5.63 -92.11
N ALA A 897 -49.56 -4.49 -91.95
CA ALA A 897 -50.16 -3.32 -91.34
C ALA A 897 -51.33 -2.82 -92.17
N ARG A 898 -51.16 -2.84 -93.50
CA ARG A 898 -52.22 -2.43 -94.40
C ARG A 898 -53.42 -3.36 -94.26
N TYR A 899 -53.16 -4.65 -94.13
CA TYR A 899 -54.21 -5.64 -93.95
C TYR A 899 -54.96 -5.38 -92.65
N LEU A 900 -54.21 -5.04 -91.61
CA LEU A 900 -54.81 -4.73 -90.32
C LEU A 900 -55.71 -3.50 -90.42
N CYS A 901 -55.25 -2.52 -91.18
CA CYS A 901 -56.03 -1.30 -91.39
C CYS A 901 -57.32 -1.62 -92.13
N HIS A 902 -57.22 -2.52 -93.11
CA HIS A 902 -58.39 -2.94 -93.87
C HIS A 902 -59.38 -3.64 -92.96
N GLY A 903 -58.86 -4.46 -92.05
CA GLY A 903 -59.70 -5.18 -91.10
C GLY A 903 -60.41 -4.19 -90.19
N ASN A 904 -59.69 -3.17 -89.75
CA ASN A 904 -60.24 -2.15 -88.87
C ASN A 904 -61.36 -1.34 -89.51
N SER A 905 -61.18 -0.99 -90.79
CA SER A 905 -62.17 -0.22 -91.51
C SER A 905 -62.43 1.14 -90.84
N ASN A 906 -61.37 1.72 -90.28
CA ASN A 906 -61.48 3.00 -89.60
C ASN A 906 -61.26 4.18 -90.54
N ALA A 907 -60.93 3.88 -91.79
CA ALA A 907 -60.68 4.90 -92.81
C ALA A 907 -59.25 5.43 -92.72
N GLU A 908 -58.89 6.36 -93.59
CA GLU A 908 -57.55 6.92 -93.59
C GLU A 908 -56.55 5.78 -93.76
N LEU A 909 -55.53 5.75 -92.91
CA LEU A 909 -54.54 4.68 -92.96
C LEU A 909 -54.71 3.79 -94.19
N ALA A 910 -55.96 3.41 -94.52
CA ALA A 910 -56.32 2.65 -95.69
C ALA A 910 -55.97 3.31 -97.02
N PHE A 911 -56.19 4.63 -97.15
CA PHE A 911 -55.77 5.40 -98.31
C PHE A 911 -54.26 5.37 -98.52
N GLU A 912 -53.49 5.69 -97.47
CA GLU A 912 -52.03 5.69 -97.55
C GLU A 912 -51.48 4.32 -97.86
N SER A 913 -52.05 3.26 -97.24
CA SER A 913 -51.79 1.87 -97.56
C SER A 913 -52.10 1.49 -99.01
N ALA A 914 -53.27 1.85 -99.57
CA ALA A 914 -53.56 1.59 -100.96
C ALA A 914 -52.66 2.36 -101.93
N LYS A 915 -52.37 3.64 -101.64
CA LYS A 915 -51.47 4.44 -102.44
C LYS A 915 -50.02 3.96 -102.43
N ILE A 916 -49.48 3.51 -101.28
CA ILE A 916 -48.14 2.91 -101.23
C ILE A 916 -48.04 1.58 -101.97
N LEU A 917 -49.10 0.74 -101.99
CA LEU A 917 -49.14 -0.43 -102.87
C LEU A 917 -49.07 -0.06 -104.33
N CYS A 918 -49.71 1.06 -104.76
CA CYS A 918 -49.58 1.57 -106.13
C CYS A 918 -48.14 1.91 -106.47
N SER A 919 -47.43 2.70 -105.64
CA SER A 919 -46.05 3.08 -105.91
C SER A 919 -45.08 1.91 -105.92
N ILE A 920 -45.23 0.97 -104.98
CA ILE A 920 -44.49 -0.29 -104.95
C ILE A 920 -44.77 -1.16 -106.16
N SER A 921 -46.04 -1.30 -106.57
CA SER A 921 -46.46 -2.25 -107.60
C SER A 921 -46.48 -1.63 -108.99
N CYS A 922 -46.17 -0.32 -109.14
CA CYS A 922 -45.99 0.32 -110.43
C CYS A 922 -44.57 0.78 -110.68
N ASN A 923 -43.59 0.42 -109.82
CA ASN A 923 -42.20 0.73 -110.10
C ASN A 923 -41.48 -0.42 -110.81
N SER A 924 -41.82 -1.68 -110.49
CA SER A 924 -41.06 -2.82 -110.99
C SER A 924 -41.98 -3.89 -111.51
N LYS A 925 -41.44 -4.78 -112.38
CA LYS A 925 -42.14 -5.98 -112.78
C LYS A 925 -42.21 -6.95 -111.61
N ILE A 926 -43.43 -7.32 -111.21
CA ILE A 926 -43.71 -8.14 -110.03
C ILE A 926 -43.03 -9.50 -110.05
N GLN A 927 -42.31 -9.72 -108.94
CA GLN A 927 -41.66 -10.99 -108.60
C GLN A 927 -42.58 -12.13 -108.04
N GLU A 928 -42.29 -13.31 -108.56
CA GLU A 928 -43.00 -14.54 -108.21
C GLU A 928 -42.87 -14.85 -106.73
N LYS A 929 -41.74 -14.50 -106.13
CA LYS A 929 -41.53 -14.76 -104.68
C LYS A 929 -42.50 -14.01 -103.76
N ILE A 930 -42.81 -12.77 -104.13
CA ILE A 930 -43.68 -11.92 -103.31
C ILE A 930 -45.08 -12.49 -103.11
N VAL A 931 -45.66 -13.08 -104.14
CA VAL A 931 -47.00 -13.64 -104.00
C VAL A 931 -46.99 -14.76 -102.95
N GLY A 932 -45.94 -15.58 -103.00
CA GLY A 932 -45.81 -16.67 -102.05
C GLY A 932 -45.65 -16.13 -100.65
N ASP A 933 -44.87 -15.06 -100.52
CA ASP A 933 -44.66 -14.47 -99.20
C ASP A 933 -45.99 -13.96 -98.66
N PHE A 934 -46.78 -13.34 -99.53
CA PHE A 934 -48.09 -12.81 -99.19
C PHE A 934 -49.06 -13.91 -98.74
N THR A 935 -48.97 -15.06 -99.40
CA THR A 935 -49.84 -16.20 -99.11
C THR A 935 -49.25 -17.14 -98.05
N GLN A 936 -48.15 -16.73 -97.42
CA GLN A 936 -47.54 -17.57 -96.40
C GLN A 936 -48.55 -17.75 -95.28
N ASP A 937 -49.21 -16.66 -94.92
CA ASP A 937 -50.24 -16.69 -93.90
C ASP A 937 -51.37 -17.56 -94.44
N GLN A 938 -51.61 -17.42 -95.74
CA GLN A 938 -52.65 -18.15 -96.45
C GLN A 938 -54.02 -17.59 -96.09
N ASN A 939 -54.37 -17.69 -94.81
CA ASN A 939 -55.64 -17.19 -94.31
C ASN A 939 -55.76 -15.67 -94.40
N VAL A 940 -54.65 -15.00 -94.10
CA VAL A 940 -54.60 -13.54 -94.09
C VAL A 940 -54.88 -12.91 -95.44
N SER A 941 -54.34 -13.48 -96.51
CA SER A 941 -54.57 -12.93 -97.84
C SER A 941 -56.05 -13.00 -98.16
N GLN A 942 -56.67 -14.12 -97.83
CA GLN A 942 -58.09 -14.33 -98.08
C GLN A 942 -58.90 -13.32 -97.27
N LYS A 943 -58.48 -13.09 -96.03
CA LYS A 943 -59.19 -12.15 -95.17
C LYS A 943 -59.10 -10.75 -95.77
N LEU A 944 -57.94 -10.40 -96.29
CA LEU A 944 -57.72 -9.09 -96.90
C LEU A 944 -58.62 -8.94 -98.12
N MET A 945 -58.72 -10.01 -98.90
CA MET A 945 -59.56 -9.98 -100.10
C MET A 945 -61.01 -9.75 -99.69
N VAL A 946 -61.43 -10.43 -98.63
CA VAL A 946 -62.80 -10.31 -98.14
C VAL A 946 -63.05 -8.88 -97.69
N GLY A 947 -62.08 -8.29 -97.02
CA GLY A 947 -62.21 -6.92 -96.55
C GLY A 947 -62.34 -5.97 -97.71
N PHE A 948 -61.55 -6.20 -98.76
CA PHE A 948 -61.59 -5.36 -99.94
C PHE A 948 -62.97 -5.45 -100.58
N VAL A 949 -63.51 -6.67 -100.63
CA VAL A 949 -64.82 -6.89 -101.22
C VAL A 949 -65.87 -6.14 -100.42
N SER A 950 -65.74 -6.19 -99.10
CA SER A 950 -66.69 -5.50 -98.22
C SER A 950 -66.63 -4.01 -98.46
N CYS A 951 -65.42 -3.48 -98.62
CA CYS A 951 -65.24 -2.06 -98.87
C CYS A 951 -65.90 -1.66 -100.19
N LEU A 952 -65.72 -2.51 -101.20
CA LEU A 952 -66.29 -2.27 -102.51
C LEU A 952 -67.83 -2.28 -102.47
N ASP A 953 -68.38 -3.21 -101.71
CA ASP A 953 -69.81 -3.38 -101.58
C ASP A 953 -70.47 -2.34 -100.66
N SER A 954 -69.71 -1.64 -99.79
CA SER A 954 -70.21 -0.83 -98.68
C SER A 954 -71.26 0.24 -98.98
N GLU A 955 -71.27 0.83 -100.18
CA GLU A 955 -72.32 1.71 -100.72
C GLU A 955 -73.69 1.08 -100.80
N GLU A 956 -73.79 -0.07 -101.48
CA GLU A 956 -75.04 -0.75 -101.75
C GLU A 956 -75.28 -1.85 -100.72
N VAL A 971 -70.87 13.03 -91.97
CA VAL A 971 -70.53 12.74 -93.37
C VAL A 971 -69.02 12.51 -93.53
N LYS A 972 -68.31 12.48 -92.40
CA LYS A 972 -66.87 12.28 -92.42
C LYS A 972 -66.54 10.90 -93.01
N GLN A 973 -67.32 9.90 -92.62
CA GLN A 973 -67.10 8.55 -93.12
C GLN A 973 -67.31 8.52 -94.63
N THR A 974 -68.33 9.23 -95.09
CA THR A 974 -68.64 9.29 -96.52
C THR A 974 -67.48 9.94 -97.25
N ASN A 975 -66.93 11.00 -96.66
CA ASN A 975 -65.81 11.71 -97.26
C ASN A 975 -64.61 10.79 -97.37
N ILE A 976 -64.38 9.99 -96.31
CA ILE A 976 -63.27 9.05 -96.30
C ILE A 976 -63.45 8.02 -97.40
N ARG A 977 -64.68 7.57 -97.58
CA ARG A 977 -64.99 6.58 -98.61
C ARG A 977 -64.71 7.18 -99.99
N TYR A 978 -65.07 8.45 -100.15
CA TYR A 978 -64.86 9.14 -101.41
C TYR A 978 -63.36 9.25 -101.69
N MET A 979 -62.58 9.53 -100.66
CA MET A 979 -61.14 9.66 -100.80
C MET A 979 -60.51 8.29 -101.08
N THR A 980 -60.92 7.29 -100.31
CA THR A 980 -60.41 5.94 -100.48
C THR A 980 -60.71 5.44 -101.89
N LYS A 981 -61.91 5.74 -102.38
CA LYS A 981 -62.31 5.33 -103.72
C LYS A 981 -61.40 6.00 -104.74
N ILE A 982 -61.10 7.27 -104.51
CA ILE A 982 -60.24 8.03 -105.40
C ILE A 982 -58.83 7.43 -105.44
N HIS A 983 -58.36 7.01 -104.26
CA HIS A 983 -57.03 6.43 -104.14
C HIS A 983 -56.99 4.98 -104.62
N ILE A 984 -57.77 4.12 -103.97
CA ILE A 984 -57.81 2.71 -104.33
C ILE A 984 -58.02 2.50 -105.83
N LEU A 985 -59.00 3.20 -106.44
CA LEU A 985 -59.28 3.05 -107.86
C LEU A 985 -58.15 3.54 -108.74
N ASN A 986 -57.51 4.68 -108.38
CA ASN A 986 -56.28 5.13 -109.01
C ASN A 986 -55.15 4.11 -108.84
N LEU A 987 -54.96 3.50 -107.65
CA LEU A 987 -53.95 2.45 -107.47
C LEU A 987 -54.16 1.21 -108.32
N LEU A 988 -55.41 0.71 -108.43
CA LEU A 988 -55.71 -0.43 -109.27
C LEU A 988 -55.50 -0.12 -110.75
N ILE A 989 -55.94 1.07 -111.24
CA ILE A 989 -55.66 1.51 -112.61
C ILE A 989 -54.17 1.69 -112.90
N THR A 990 -53.43 2.39 -112.02
CA THR A 990 -52.01 2.67 -112.24
C THR A 990 -51.13 1.44 -112.16
N SER A 991 -51.51 0.44 -111.35
CA SER A 991 -50.89 -0.88 -111.46
C SER A 991 -51.24 -1.61 -112.75
N LEU A 992 -52.53 -1.59 -113.06
CA LEU A 992 -53.12 -2.31 -114.20
C LEU A 992 -52.59 -1.95 -115.58
N GLU A 993 -52.28 -0.68 -115.79
CA GLU A 993 -51.79 -0.25 -117.09
C GLU A 993 -50.50 -0.98 -117.45
N MET A 994 -49.62 -1.19 -116.48
CA MET A 994 -48.35 -1.87 -116.74
C MET A 994 -48.43 -3.31 -117.23
N LYS A 995 -49.26 -4.16 -116.61
CA LYS A 995 -49.39 -5.56 -117.03
C LYS A 995 -50.14 -6.49 -116.05
N ALA A 996 -50.07 -7.79 -116.37
CA ALA A 996 -50.65 -8.87 -115.60
C ALA A 996 -49.87 -10.15 -115.88
N PRO A 997 -50.03 -11.20 -115.09
CA PRO A 997 -50.38 -11.21 -113.68
C PRO A 997 -49.49 -10.38 -112.76
N ASN A 998 -50.04 -10.03 -111.58
CA ASN A 998 -49.46 -9.09 -110.65
C ASN A 998 -50.19 -9.30 -109.33
N LEU A 999 -49.91 -8.49 -108.28
CA LEU A 999 -50.66 -8.57 -107.03
C LEU A 999 -52.18 -8.36 -107.18
N ALA A 1000 -52.62 -7.40 -108.02
CA ALA A 1000 -54.02 -7.10 -108.27
C ALA A 1000 -54.81 -8.28 -108.81
N MET A 1001 -54.23 -9.08 -109.72
CA MET A 1001 -54.84 -10.30 -110.22
C MET A 1001 -55.15 -11.33 -109.15
N PHE A 1002 -54.23 -11.57 -108.21
CA PHE A 1002 -54.45 -12.47 -107.09
C PHE A 1002 -55.50 -11.93 -106.11
N LEU A 1003 -55.50 -10.60 -105.88
CA LEU A 1003 -56.50 -9.91 -105.09
C LEU A 1003 -57.86 -9.78 -105.78
N LEU A 1004 -57.96 -10.13 -107.08
CA LEU A 1004 -59.24 -10.28 -107.75
C LEU A 1004 -59.71 -11.73 -107.69
N GLY A 1005 -58.91 -12.63 -107.08
CA GLY A 1005 -59.22 -14.04 -106.87
C GLY A 1005 -58.86 -14.96 -107.99
N TYR A 1006 -58.22 -14.44 -109.05
CA TYR A 1006 -57.62 -15.28 -110.06
C TYR A 1006 -56.44 -16.04 -109.48
N GLU A 1007 -56.40 -17.38 -109.63
CA GLU A 1007 -55.25 -18.19 -109.26
C GLU A 1007 -54.06 -17.80 -110.11
N THR A 1028 -65.79 -13.63 -105.11
CA THR A 1028 -64.54 -12.86 -105.14
C THR A 1028 -64.76 -11.39 -105.44
N CYS A 1029 -63.70 -10.59 -105.21
CA CYS A 1029 -63.62 -9.16 -105.44
C CYS A 1029 -63.89 -8.75 -106.88
N LEU A 1030 -63.51 -9.59 -107.86
CA LEU A 1030 -63.92 -9.40 -109.25
C LEU A 1030 -65.44 -9.40 -109.45
N HIS A 1031 -66.16 -10.35 -108.81
CA HIS A 1031 -67.61 -10.36 -108.78
C HIS A 1031 -68.20 -9.17 -108.05
N SER A 1032 -67.59 -8.69 -106.96
CA SER A 1032 -68.01 -7.46 -106.28
C SER A 1032 -67.93 -6.22 -107.16
N ILE A 1033 -66.91 -6.13 -108.04
CA ILE A 1033 -66.85 -5.12 -109.09
C ILE A 1033 -68.05 -5.22 -110.05
N LEU A 1034 -68.46 -6.43 -110.46
CA LEU A 1034 -69.70 -6.65 -111.21
C LEU A 1034 -70.97 -6.33 -110.43
N ASP A 1035 -71.06 -6.77 -109.16
CA ASP A 1035 -72.17 -6.55 -108.26
C ASP A 1035 -72.42 -5.10 -107.95
N ILE A 1036 -71.37 -4.29 -107.73
CA ILE A 1036 -71.52 -2.84 -107.58
C ILE A 1036 -71.99 -2.16 -108.86
N LEU A 1037 -71.47 -2.57 -110.03
CA LEU A 1037 -71.89 -2.06 -111.33
C LEU A 1037 -73.35 -2.32 -111.69
N ARG A 1038 -73.89 -3.50 -111.34
CA ARG A 1038 -75.25 -3.84 -111.73
C ARG A 1038 -76.29 -3.40 -110.70
N LYS A 1039 -75.89 -2.63 -109.69
CA LYS A 1039 -76.79 -2.02 -108.74
C LYS A 1039 -76.72 -0.50 -108.81
N GLY A 1040 -75.62 0.06 -109.33
CA GLY A 1040 -75.38 1.51 -109.36
C GLY A 1040 -76.42 2.34 -110.05
N THR A 1041 -76.95 3.34 -109.31
CA THR A 1041 -77.96 4.25 -109.81
C THR A 1041 -77.35 5.62 -109.91
N ASP A 1042 -77.06 6.12 -111.13
CA ASP A 1042 -76.30 7.34 -111.32
C ASP A 1042 -77.18 8.56 -111.54
N VAL A 1043 -78.49 8.48 -111.24
CA VAL A 1043 -79.46 9.51 -111.47
C VAL A 1043 -80.37 9.61 -110.25
N ARG A 1044 -80.82 10.83 -109.88
CA ARG A 1044 -81.63 11.03 -108.69
C ARG A 1044 -83.02 11.61 -108.93
N ALA A 1045 -83.51 11.58 -110.19
CA ALA A 1045 -84.83 12.08 -110.60
C ALA A 1045 -84.86 13.58 -110.86
N GLY A 1046 -83.84 14.11 -111.55
CA GLY A 1046 -83.73 15.54 -111.82
C GLY A 1046 -82.77 16.35 -110.95
N PRO A 1047 -82.32 15.99 -109.73
CA PRO A 1047 -81.15 16.61 -109.08
C PRO A 1047 -79.82 16.27 -109.76
N VAL A 1048 -79.82 15.96 -111.08
CA VAL A 1048 -78.64 15.70 -111.91
C VAL A 1048 -78.04 14.33 -111.66
N ALA A 1049 -77.33 13.78 -112.68
CA ALA A 1049 -76.44 12.65 -112.50
C ALA A 1049 -75.28 13.03 -111.60
N VAL A 1050 -75.21 12.46 -110.38
CA VAL A 1050 -74.27 12.91 -109.37
C VAL A 1050 -72.85 12.51 -109.74
N TRP A 1051 -71.99 13.45 -110.20
CA TRP A 1051 -70.73 13.19 -110.91
C TRP A 1051 -69.71 12.28 -110.20
N ASP A 1052 -69.73 12.19 -108.87
CA ASP A 1052 -68.98 11.15 -108.15
C ASP A 1052 -69.36 9.71 -108.52
N THR A 1053 -70.64 9.41 -108.63
CA THR A 1053 -71.19 8.10 -109.01
C THR A 1053 -70.89 7.62 -110.44
N PRO A 1054 -70.97 8.36 -111.56
CA PRO A 1054 -70.45 7.91 -112.83
C PRO A 1054 -68.95 7.78 -112.82
N HIS A 1055 -68.22 8.61 -112.05
CA HIS A 1055 -66.79 8.45 -111.86
C HIS A 1055 -66.43 7.12 -111.21
N LEU A 1056 -67.21 6.69 -110.19
CA LEU A 1056 -67.09 5.37 -109.60
C LEU A 1056 -67.34 4.23 -110.60
N ALA A 1057 -68.37 4.37 -111.46
CA ALA A 1057 -68.64 3.46 -112.54
C ALA A 1057 -67.53 3.40 -113.59
N GLU A 1058 -66.93 4.54 -113.98
CA GLU A 1058 -65.76 4.60 -114.86
C GLU A 1058 -64.57 3.85 -114.29
N LEU A 1059 -64.25 4.08 -113.00
CA LEU A 1059 -63.16 3.39 -112.32
C LEU A 1059 -63.37 1.87 -112.24
N CYS A 1060 -64.60 1.39 -111.96
CA CYS A 1060 -64.89 -0.04 -112.05
C CYS A 1060 -64.76 -0.61 -113.45
N TYR A 1061 -65.29 0.08 -114.48
CA TYR A 1061 -65.23 -0.37 -115.86
C TYR A 1061 -63.85 -0.42 -116.47
N GLN A 1062 -62.96 0.53 -116.16
CA GLN A 1062 -61.60 0.52 -116.72
C GLN A 1062 -60.80 -0.72 -116.33
N VAL A 1063 -61.00 -1.25 -115.10
CA VAL A 1063 -60.47 -2.55 -114.68
C VAL A 1063 -60.97 -3.67 -115.56
N ILE A 1064 -62.29 -3.75 -115.82
CA ILE A 1064 -62.90 -4.77 -116.67
C ILE A 1064 -62.43 -4.70 -118.11
N TYR A 1065 -62.24 -3.48 -118.66
CA TYR A 1065 -61.69 -3.26 -119.98
C TYR A 1065 -60.26 -3.81 -120.15
N GLN A 1066 -59.37 -3.56 -119.18
CA GLN A 1066 -58.04 -4.18 -119.15
C GLN A 1066 -58.11 -5.69 -119.04
N LEU A 1067 -59.11 -6.20 -118.30
CA LEU A 1067 -59.29 -7.63 -118.08
C LEU A 1067 -60.06 -8.34 -119.18
N CYS A 1068 -60.42 -7.67 -120.29
CA CYS A 1068 -60.90 -8.35 -121.48
C CYS A 1068 -60.03 -8.11 -122.70
N ALA A 1069 -59.09 -7.15 -122.64
CA ALA A 1069 -58.14 -6.91 -123.71
C ALA A 1069 -56.92 -7.83 -123.66
N CYS A 1070 -56.37 -8.08 -122.45
CA CYS A 1070 -55.24 -8.99 -122.28
C CYS A 1070 -55.60 -10.45 -122.53
N ALA A 1071 -54.67 -11.22 -123.15
CA ALA A 1071 -54.87 -12.62 -123.49
C ALA A 1071 -55.08 -13.52 -122.28
N ASP A 1072 -54.33 -13.24 -121.19
CA ASP A 1072 -54.39 -13.89 -119.90
C ASP A 1072 -55.78 -13.94 -119.31
N THR A 1073 -56.54 -12.85 -119.47
CA THR A 1073 -57.76 -12.63 -118.73
C THR A 1073 -58.98 -12.65 -119.60
N SER A 1074 -58.88 -12.48 -120.93
CA SER A 1074 -60.05 -12.46 -121.80
C SER A 1074 -60.86 -13.76 -121.79
N GLY A 1075 -60.18 -14.92 -121.85
CA GLY A 1075 -60.78 -16.24 -121.66
C GLY A 1075 -61.59 -16.44 -120.38
N PRO A 1076 -61.03 -16.27 -119.19
CA PRO A 1076 -61.80 -16.36 -117.95
C PRO A 1076 -62.80 -15.24 -117.77
N THR A 1077 -62.41 -13.98 -118.01
CA THR A 1077 -63.28 -12.83 -117.76
C THR A 1077 -64.50 -12.86 -118.65
N MET A 1078 -64.36 -13.11 -119.97
CA MET A 1078 -65.51 -13.18 -120.86
C MET A 1078 -66.43 -14.35 -120.53
N ARG A 1079 -65.86 -15.50 -120.09
CA ARG A 1079 -66.62 -16.64 -119.60
C ARG A 1079 -67.48 -16.30 -118.39
N TYR A 1080 -66.94 -15.58 -117.39
CA TYR A 1080 -67.67 -15.22 -116.19
C TYR A 1080 -68.59 -14.02 -116.35
N LEU A 1081 -68.36 -13.19 -117.37
CA LEU A 1081 -69.28 -12.13 -117.73
C LEU A 1081 -70.48 -12.64 -118.51
N ARG A 1082 -70.38 -13.86 -119.09
CA ARG A 1082 -71.48 -14.49 -119.79
C ARG A 1082 -72.33 -15.39 -118.91
N THR A 1083 -71.82 -15.74 -117.71
CA THR A 1083 -72.60 -16.49 -116.72
C THR A 1083 -73.35 -15.54 -115.83
N SER A 1084 -74.34 -16.05 -115.07
CA SER A 1084 -74.94 -15.27 -113.99
C SER A 1084 -73.90 -14.94 -112.91
N GLN A 1085 -73.83 -13.72 -112.34
CA GLN A 1085 -74.69 -12.56 -112.56
C GLN A 1085 -74.39 -11.79 -113.83
N ASP A 1086 -75.40 -11.64 -114.72
CA ASP A 1086 -75.38 -10.89 -115.96
C ASP A 1086 -74.48 -9.67 -116.08
N PHE A 1087 -73.67 -9.62 -117.16
CA PHE A 1087 -72.92 -8.43 -117.48
C PHE A 1087 -73.65 -7.53 -118.46
N LEU A 1088 -73.76 -7.94 -119.75
CA LEU A 1088 -74.30 -7.10 -120.81
C LEU A 1088 -75.74 -6.69 -120.57
N PHE A 1089 -76.56 -7.64 -120.07
CA PHE A 1089 -77.91 -7.38 -119.67
C PHE A 1089 -78.03 -6.41 -118.51
N SER A 1090 -77.22 -6.51 -117.45
CA SER A 1090 -77.40 -5.62 -116.31
C SER A 1090 -77.03 -4.17 -116.59
N GLN A 1091 -75.90 -3.91 -117.27
CA GLN A 1091 -75.52 -2.56 -117.67
C GLN A 1091 -76.48 -1.91 -118.66
N LEU A 1092 -76.99 -2.64 -119.67
CA LEU A 1092 -77.99 -2.08 -120.58
C LEU A 1092 -79.32 -1.84 -119.88
N GLN A 1093 -79.58 -2.48 -118.72
CA GLN A 1093 -80.74 -2.15 -117.89
C GLN A 1093 -80.64 -0.80 -117.25
N HIS A 1094 -79.47 -0.45 -116.70
CA HIS A 1094 -79.37 0.76 -115.90
C HIS A 1094 -78.85 1.95 -116.67
N LEU A 1095 -78.41 1.78 -117.94
CA LEU A 1095 -77.87 2.86 -118.75
C LEU A 1095 -78.90 3.96 -119.10
N PRO A 1096 -78.73 5.23 -118.75
CA PRO A 1096 -79.72 6.25 -119.06
C PRO A 1096 -79.41 6.91 -120.39
N PHE A 1097 -80.46 7.49 -121.02
CA PHE A 1097 -80.38 8.28 -122.24
C PHE A 1097 -79.79 9.67 -121.97
N SER A 1098 -78.77 10.08 -122.74
CA SER A 1098 -78.27 11.45 -122.73
C SER A 1098 -79.25 12.41 -123.38
N VAL A 1099 -79.63 13.46 -122.66
CA VAL A 1099 -80.67 14.38 -123.11
C VAL A 1099 -80.25 15.83 -122.92
N GLU A 1100 -79.37 16.11 -121.93
CA GLU A 1100 -78.93 17.46 -121.63
C GLU A 1100 -77.41 17.55 -121.43
N GLU A 1101 -76.74 16.46 -121.00
CA GLU A 1101 -75.31 16.49 -120.73
C GLU A 1101 -74.66 15.14 -120.97
N SER A 1102 -73.40 15.16 -121.45
CA SER A 1102 -72.60 13.95 -121.58
C SER A 1102 -71.30 14.17 -120.84
N GLU A 1103 -71.15 13.54 -119.65
CA GLU A 1103 -69.93 13.59 -118.87
C GLU A 1103 -68.76 12.83 -119.50
N ILE A 1104 -67.50 13.24 -119.24
CA ILE A 1104 -66.28 12.59 -119.71
C ILE A 1104 -66.25 11.11 -119.35
N SER A 1105 -66.41 10.83 -118.04
CA SER A 1105 -66.43 9.51 -117.46
C SER A 1105 -67.58 8.67 -117.94
N ALA A 1106 -68.77 9.27 -118.10
CA ALA A 1106 -69.90 8.62 -118.72
C ALA A 1106 -69.70 8.23 -120.19
N MET A 1107 -69.07 9.08 -121.04
CA MET A 1107 -68.73 8.69 -122.40
C MET A 1107 -67.72 7.55 -122.46
N ASN A 1108 -66.70 7.55 -121.58
CA ASN A 1108 -65.79 6.43 -121.44
C ASN A 1108 -66.48 5.14 -120.97
N GLN A 1109 -67.41 5.21 -119.97
CA GLN A 1109 -68.18 4.08 -119.48
C GLN A 1109 -69.06 3.44 -120.54
N MET A 1110 -69.74 4.28 -121.32
CA MET A 1110 -70.61 3.82 -122.39
C MET A 1110 -69.79 3.08 -123.45
N SER A 1111 -68.63 3.61 -123.77
CA SER A 1111 -67.76 3.03 -124.77
C SER A 1111 -67.28 1.64 -124.34
N TRP A 1112 -66.95 1.51 -123.05
CA TRP A 1112 -66.50 0.22 -122.53
C TRP A 1112 -67.61 -0.81 -122.64
N LEU A 1113 -68.83 -0.37 -122.34
CA LEU A 1113 -69.99 -1.24 -122.41
C LEU A 1113 -70.20 -1.69 -123.85
N MET A 1114 -70.03 -0.76 -124.77
CA MET A 1114 -70.20 -1.06 -126.20
C MET A 1114 -69.17 -2.08 -126.62
N LYS A 1115 -67.94 -1.92 -126.14
CA LYS A 1115 -66.86 -2.84 -126.47
C LYS A 1115 -67.19 -4.23 -125.94
N THR A 1116 -67.73 -4.28 -124.73
CA THR A 1116 -68.09 -5.55 -124.12
C THR A 1116 -69.18 -6.22 -124.96
N ALA A 1117 -70.14 -5.49 -125.49
CA ALA A 1117 -71.20 -6.15 -126.26
C ALA A 1117 -70.76 -6.91 -127.54
N THR A 1118 -69.82 -6.33 -128.29
CA THR A 1118 -69.36 -6.94 -129.53
C THR A 1118 -68.68 -8.30 -129.39
N ILE A 1119 -67.84 -8.45 -128.37
CA ILE A 1119 -67.15 -9.72 -128.17
C ILE A 1119 -68.16 -10.82 -127.88
N GLU A 1120 -69.15 -10.49 -127.06
CA GLU A 1120 -70.18 -11.46 -126.70
C GLU A 1120 -70.95 -11.84 -127.96
N LEU A 1121 -71.25 -10.84 -128.79
CA LEU A 1121 -71.98 -11.14 -130.01
C LEU A 1121 -71.18 -12.09 -130.91
N ARG A 1122 -69.88 -11.85 -131.01
CA ARG A 1122 -69.02 -12.70 -131.84
C ARG A 1122 -69.00 -14.13 -131.30
N ILE A 1123 -68.94 -14.25 -129.98
CA ILE A 1123 -68.91 -15.56 -129.36
C ILE A 1123 -70.20 -16.30 -129.67
N THR A 1124 -71.32 -15.59 -129.58
CA THR A 1124 -72.62 -16.19 -129.85
C THR A 1124 -72.65 -16.68 -131.29
N SER A 1125 -72.08 -15.86 -132.17
CA SER A 1125 -72.00 -16.18 -133.59
C SER A 1125 -71.17 -17.43 -133.92
N LEU A 1126 -70.06 -17.63 -133.23
CA LEU A 1126 -69.20 -18.80 -133.53
C LEU A 1126 -69.79 -20.23 -133.37
N ASN A 1127 -70.59 -20.34 -132.31
CA ASN A 1127 -71.35 -21.52 -131.91
C ASN A 1127 -72.75 -20.98 -131.57
N ARG A 1128 -73.77 -21.84 -131.60
CA ARG A 1128 -75.14 -21.36 -131.32
C ARG A 1128 -75.89 -21.93 -130.09
N GLN A 1129 -76.52 -21.02 -129.34
CA GLN A 1129 -77.30 -21.37 -128.15
C GLN A 1129 -78.76 -20.90 -128.32
N ARG A 1130 -79.71 -21.78 -128.04
CA ARG A 1130 -81.14 -21.46 -128.20
C ARG A 1130 -81.77 -20.35 -127.33
N SER A 1131 -81.49 -20.34 -126.02
CA SER A 1131 -82.07 -19.31 -125.15
C SER A 1131 -81.51 -17.97 -125.59
N HIS A 1132 -80.22 -18.02 -125.88
CA HIS A 1132 -79.39 -16.93 -126.37
C HIS A 1132 -79.92 -16.33 -127.68
N THR A 1133 -80.29 -17.14 -128.69
CA THR A 1133 -80.88 -16.69 -129.95
C THR A 1133 -82.22 -15.99 -129.79
N GLN A 1134 -83.13 -16.54 -128.96
CA GLN A 1134 -84.40 -15.95 -128.59
C GLN A 1134 -84.20 -14.64 -127.88
N ARG A 1135 -83.29 -14.57 -126.88
CA ARG A 1135 -82.96 -13.30 -126.26
C ARG A 1135 -82.43 -12.30 -127.28
N LEU A 1136 -81.45 -12.64 -128.13
CA LEU A 1136 -80.99 -11.71 -129.15
C LEU A 1136 -82.08 -11.28 -130.13
N LEU A 1137 -82.88 -12.22 -130.67
CA LEU A 1137 -83.96 -11.91 -131.60
C LEU A 1137 -85.07 -11.07 -131.00
N HIS A 1138 -85.53 -11.43 -129.79
CA HIS A 1138 -86.52 -10.66 -129.06
C HIS A 1138 -85.98 -9.28 -128.71
N LEU A 1139 -84.71 -9.18 -128.28
CA LEU A 1139 -84.03 -7.92 -128.02
C LEU A 1139 -83.98 -6.98 -129.21
N LEU A 1140 -83.70 -7.52 -130.41
CA LEU A 1140 -83.69 -6.79 -131.66
C LEU A 1140 -85.09 -6.37 -132.10
N LEU A 1141 -86.15 -6.95 -131.50
CA LEU A 1141 -87.51 -6.54 -131.74
C LEU A 1141 -88.15 -5.76 -130.63
N ASP A 1142 -87.42 -5.44 -129.55
CA ASP A 1142 -87.89 -4.67 -128.40
C ASP A 1142 -88.20 -5.46 -127.14
N ARG A 1178 -82.96 0.48 -132.16
CA ARG A 1178 -83.09 1.72 -132.92
C ARG A 1178 -83.55 2.86 -132.02
N LYS A 1179 -84.39 2.54 -131.06
CA LYS A 1179 -84.91 3.55 -130.14
C LYS A 1179 -83.78 4.17 -129.33
N ILE A 1180 -82.84 3.35 -128.88
CA ILE A 1180 -81.71 3.83 -128.12
C ILE A 1180 -80.88 4.79 -128.97
N LEU A 1181 -80.68 4.43 -130.23
CA LEU A 1181 -79.92 5.26 -131.14
C LEU A 1181 -80.62 6.60 -131.34
N ARG A 1182 -81.94 6.55 -131.47
CA ARG A 1182 -82.72 7.77 -131.65
C ARG A 1182 -82.57 8.66 -130.42
N ILE A 1183 -82.60 8.04 -129.25
CA ILE A 1183 -82.45 8.80 -128.00
C ILE A 1183 -81.08 9.45 -127.96
N LEU A 1184 -80.06 8.72 -128.38
CA LEU A 1184 -78.70 9.24 -128.39
C LEU A 1184 -78.54 10.37 -129.38
N ASP A 1185 -79.35 10.36 -130.44
CA ASP A 1185 -79.30 11.38 -131.46
C ASP A 1185 -79.63 12.75 -130.87
N SER A 1186 -80.64 12.79 -130.00
CA SER A 1186 -81.05 14.02 -129.36
C SER A 1186 -79.91 14.57 -128.51
N ILE A 1187 -79.23 13.66 -127.80
CA ILE A 1187 -78.11 14.04 -126.96
C ILE A 1187 -76.99 14.63 -127.81
N GLN A 1188 -76.75 14.00 -128.96
CA GLN A 1188 -75.71 14.46 -129.87
C GLN A 1188 -76.05 15.86 -130.37
N PHE A 1189 -77.34 16.08 -130.67
CA PHE A 1189 -77.79 17.38 -131.15
C PHE A 1189 -77.57 18.43 -130.07
N SER A 1190 -77.86 18.06 -128.82
CA SER A 1190 -77.69 18.97 -127.69
C SER A 1190 -76.22 19.33 -127.56
N ASN A 1191 -75.35 18.33 -127.73
CA ASN A 1191 -73.92 18.55 -127.64
C ASN A 1191 -73.46 19.51 -128.72
N GLU A 1192 -74.00 19.33 -129.93
CA GLU A 1192 -73.65 20.19 -131.05
C GLU A 1192 -74.08 21.63 -130.74
N ILE A 1193 -75.26 21.76 -130.15
CA ILE A 1193 -75.78 23.08 -129.81
C ILE A 1193 -74.86 23.73 -128.79
N PRO A 1194 -74.40 22.94 -127.82
CA PRO A 1194 -73.50 23.46 -126.79
C PRO A 1194 -72.19 23.92 -127.42
N GLU A 1195 -71.70 23.14 -128.39
CA GLU A 1195 -70.47 23.49 -129.08
C GLU A 1195 -70.64 24.80 -129.84
N PRO A 1196 -71.80 24.98 -130.45
CA PRO A 1196 -72.10 26.18 -131.22
C PRO A 1196 -71.66 27.44 -130.48
N VAL A 1210 -56.06 38.61 -124.79
CA VAL A 1210 -55.87 38.17 -126.16
C VAL A 1210 -56.79 37.00 -126.49
N ILE A 1211 -57.90 37.28 -127.15
CA ILE A 1211 -58.84 36.21 -127.52
C ILE A 1211 -58.18 35.19 -128.43
N ALA A 1212 -57.43 35.68 -129.41
CA ALA A 1212 -56.74 34.77 -130.33
C ALA A 1212 -55.76 33.89 -129.57
N ASN A 1213 -55.03 34.50 -128.63
CA ASN A 1213 -54.08 33.74 -127.83
C ASN A 1213 -54.78 32.65 -127.04
N CYS A 1214 -55.93 33.00 -126.43
CA CYS A 1214 -56.69 32.02 -125.67
C CYS A 1214 -57.15 30.88 -126.56
N GLU A 1215 -57.61 31.20 -127.77
CA GLU A 1215 -58.05 30.18 -128.72
C GLU A 1215 -56.89 29.25 -129.07
N HIS A 1216 -55.71 29.82 -129.27
CA HIS A 1216 -54.53 29.02 -129.59
C HIS A 1216 -54.18 28.10 -128.42
N LYS A 1217 -54.27 28.61 -127.20
CA LYS A 1217 -53.97 27.81 -126.02
C LYS A 1217 -54.94 26.64 -125.88
N ASN A 1218 -56.20 26.86 -126.26
CA ASN A 1218 -57.19 25.80 -126.18
C ASN A 1218 -56.90 24.72 -127.23
N ARG A 1219 -56.53 25.17 -128.42
CA ARG A 1219 -56.21 24.26 -129.51
C ARG A 1219 -55.00 23.41 -129.12
N ARG A 1220 -54.02 24.05 -128.50
CA ARG A 1220 -52.81 23.36 -128.07
C ARG A 1220 -53.17 22.30 -127.04
N GLY A 1221 -54.07 22.65 -126.13
CA GLY A 1221 -54.51 21.73 -125.09
C GLY A 1221 -55.20 20.53 -125.72
N ASN A 1226 -54.89 25.17 -121.63
CA ASN A 1226 -54.20 24.83 -120.39
C ASN A 1226 -54.64 25.72 -119.23
N VAL A 1227 -55.51 25.18 -118.38
CA VAL A 1227 -55.96 25.88 -117.18
C VAL A 1227 -54.79 26.06 -116.21
N LYS A 1228 -54.16 24.95 -115.85
CA LYS A 1228 -53.02 24.99 -114.93
C LYS A 1228 -51.81 25.63 -115.60
N LEU A 1229 -51.69 25.40 -116.90
CA LEU A 1229 -50.58 25.94 -117.68
C LEU A 1229 -51.05 27.12 -118.54
N LEU A 1230 -52.19 26.94 -119.20
CA LEU A 1230 -52.74 27.98 -120.05
C LEU A 1230 -53.46 29.02 -119.20
N HIS A 1231 -54.29 28.58 -118.27
CA HIS A 1231 -55.01 29.49 -117.39
C HIS A 1231 -54.09 30.46 -116.67
N ARG A 1232 -53.06 29.94 -116.00
CA ARG A 1232 -52.13 30.79 -115.25
C ARG A 1232 -51.40 31.74 -116.18
N VAL A 1233 -51.00 31.21 -117.35
CA VAL A 1233 -50.32 32.03 -118.34
C VAL A 1233 -51.21 33.22 -118.68
N LEU A 1234 -52.47 32.93 -119.01
CA LEU A 1234 -53.44 33.96 -119.35
C LEU A 1234 -53.57 34.98 -118.24
N VAL A 1235 -53.69 34.52 -117.01
CA VAL A 1235 -53.82 35.43 -115.87
C VAL A 1235 -52.63 36.39 -115.81
N ALA A 1236 -51.43 35.82 -115.88
CA ALA A 1236 -50.21 36.62 -115.82
C ALA A 1236 -50.14 37.62 -116.97
N GLU A 1237 -50.54 37.18 -118.16
CA GLU A 1237 -50.52 38.01 -119.35
C GLU A 1237 -51.50 39.16 -119.22
N VAL A 1238 -52.65 38.89 -118.60
CA VAL A 1238 -53.68 39.89 -118.37
C VAL A 1238 -53.12 40.93 -117.42
N ASN A 1239 -52.42 40.45 -116.39
CA ASN A 1239 -51.80 41.34 -115.43
C ASN A 1239 -50.79 42.23 -116.13
N ALA A 1240 -49.99 41.65 -117.03
CA ALA A 1240 -48.96 42.40 -117.78
C ALA A 1240 -49.57 43.39 -118.77
N LEU A 1241 -50.76 43.06 -119.27
CA LEU A 1241 -51.48 43.89 -120.23
C LEU A 1241 -52.08 45.08 -119.49
N GLN A 1242 -52.40 44.87 -118.22
CA GLN A 1242 -52.91 45.93 -117.37
C GLN A 1242 -51.73 46.74 -116.80
N GLY A 1243 -50.54 46.13 -116.85
CA GLY A 1243 -49.31 46.72 -116.38
C GLY A 1243 -49.10 48.14 -116.89
N MET A 1244 -49.29 48.34 -118.19
CA MET A 1244 -49.12 49.65 -118.80
C MET A 1244 -50.11 50.68 -118.27
N ALA A 1245 -51.37 50.26 -118.12
CA ALA A 1245 -52.40 51.16 -117.63
C ALA A 1245 -53.09 50.67 -116.36
N ALA A 1246 -53.17 51.54 -115.36
CA ALA A 1246 -53.81 51.24 -114.09
C ALA A 1246 -55.30 50.97 -114.25
N ILE A 1247 -55.93 51.76 -115.12
CA ILE A 1247 -57.37 51.69 -115.42
C ILE A 1247 -58.13 52.68 -114.53
N GLY A 1248 -59.34 53.04 -114.94
CA GLY A 1248 -60.13 53.98 -114.18
C GLY A 1248 -60.53 53.52 -112.79
N GLN A 1249 -60.97 52.27 -112.67
CA GLN A 1249 -61.37 51.74 -111.37
C GLN A 1249 -60.71 50.39 -111.07
N ARG A 1250 -59.91 50.36 -110.01
CA ARG A 1250 -59.21 49.16 -109.60
C ARG A 1250 -60.14 48.03 -109.20
N PRO A 1251 -61.18 48.37 -108.43
CA PRO A 1251 -62.14 47.36 -107.99
C PRO A 1251 -62.88 46.76 -109.18
N LEU A 1252 -63.31 47.63 -110.10
CA LEU A 1252 -64.03 47.18 -111.28
C LEU A 1252 -63.13 46.28 -112.12
N LEU A 1253 -61.88 46.67 -112.25
CA LEU A 1253 -60.92 45.90 -113.03
C LEU A 1253 -60.73 44.53 -112.39
N MET A 1254 -60.64 44.50 -111.07
CA MET A 1254 -60.46 43.25 -110.35
C MET A 1254 -61.66 42.35 -110.58
N GLU A 1255 -62.85 42.95 -110.55
CA GLU A 1255 -64.08 42.19 -110.74
C GLU A 1255 -64.08 41.60 -112.14
N GLU A 1256 -63.65 42.39 -113.11
CA GLU A 1256 -63.60 41.94 -114.50
C GLU A 1256 -62.64 40.78 -114.63
N ILE A 1257 -61.50 40.87 -113.96
CA ILE A 1257 -60.50 39.84 -114.00
C ILE A 1257 -61.06 38.54 -113.41
N ASN A 1258 -61.79 38.66 -112.31
CA ASN A 1258 -62.37 37.47 -111.71
C ASN A 1258 -63.39 36.86 -112.66
N THR A 1259 -64.18 37.74 -113.27
CA THR A 1259 -65.22 37.34 -114.22
C THR A 1259 -64.64 36.70 -115.48
N ILE A 1260 -63.54 37.26 -115.98
CA ILE A 1260 -62.96 36.73 -117.21
C ILE A 1260 -62.28 35.39 -117.00
N LEU A 1261 -61.43 35.25 -115.95
CA LEU A 1261 -60.81 33.98 -115.64
C LEU A 1261 -61.80 32.90 -115.20
N GLN A 1262 -62.87 33.26 -114.50
CA GLN A 1262 -63.85 32.23 -114.14
C GLN A 1262 -64.50 31.65 -115.41
N TYR A 1263 -65.07 32.57 -116.20
CA TYR A 1263 -65.74 32.22 -117.45
C TYR A 1263 -64.81 31.46 -118.40
N VAL A 1264 -63.58 31.90 -118.51
CA VAL A 1264 -62.59 31.26 -119.37
C VAL A 1264 -62.49 29.76 -119.09
N VAL A 1265 -62.15 29.41 -117.85
CA VAL A 1265 -62.03 27.99 -117.49
C VAL A 1265 -63.36 27.24 -117.63
N GLU A 1266 -64.47 27.89 -117.32
CA GLU A 1266 -65.77 27.22 -117.47
C GLU A 1266 -65.94 26.79 -118.94
N ARG A 1267 -65.69 27.74 -119.83
CA ARG A 1267 -65.80 27.51 -121.26
C ARG A 1267 -64.83 26.43 -121.72
N ASN A 1268 -63.61 26.45 -121.21
CA ASN A 1268 -62.66 25.42 -121.62
C ASN A 1268 -63.12 24.02 -121.22
N LYS A 1269 -63.70 23.89 -120.03
CA LYS A 1269 -64.19 22.58 -119.59
C LYS A 1269 -65.35 22.13 -120.48
N LEU A 1270 -66.22 23.09 -120.80
CA LEU A 1270 -67.28 22.85 -121.78
C LEU A 1270 -66.71 22.26 -123.07
N LEU A 1271 -65.69 22.92 -123.63
CA LEU A 1271 -65.05 22.46 -124.87
C LEU A 1271 -64.49 21.05 -124.70
N GLN A 1272 -63.83 20.83 -123.57
CA GLN A 1272 -63.23 19.56 -123.21
C GLN A 1272 -64.22 18.39 -123.25
N CYS A 1273 -65.46 18.60 -122.80
CA CYS A 1273 -66.46 17.52 -122.85
C CYS A 1273 -66.59 16.88 -124.26
N LEU A 1274 -67.08 17.69 -125.19
CA LEU A 1274 -67.25 17.38 -126.62
C LEU A 1274 -66.34 16.26 -127.10
N HIS A 1275 -65.06 16.27 -126.69
CA HIS A 1275 -64.14 15.19 -126.98
C HIS A 1275 -64.57 13.86 -126.39
N ALA A 1276 -65.03 13.84 -125.12
CA ALA A 1276 -65.61 12.67 -124.49
C ALA A 1276 -66.91 12.19 -125.12
N LYS A 1277 -67.83 13.12 -125.48
CA LYS A 1277 -69.09 12.82 -126.14
C LYS A 1277 -68.92 12.19 -127.51
N ARG A 1278 -67.97 12.69 -128.33
CA ARG A 1278 -67.56 12.06 -129.57
C ARG A 1278 -66.97 10.67 -129.36
N HIS A 1279 -66.08 10.50 -128.35
CA HIS A 1279 -65.45 9.24 -128.03
C HIS A 1279 -66.46 8.17 -127.59
N ALA A 1280 -67.45 8.56 -126.78
CA ALA A 1280 -68.60 7.76 -126.38
C ALA A 1280 -69.48 7.32 -127.53
N LEU A 1281 -69.75 8.25 -128.44
CA LEU A 1281 -70.46 8.00 -129.64
C LEU A 1281 -69.79 7.05 -130.63
N GLU A 1282 -68.47 7.17 -130.83
CA GLU A 1282 -67.72 6.31 -131.73
C GLU A 1282 -67.82 4.86 -131.26
N SER A 1283 -67.76 4.63 -129.94
CA SER A 1283 -68.11 3.35 -129.34
C SER A 1283 -69.54 2.88 -129.55
N TRP A 1284 -70.58 3.73 -129.36
CA TRP A 1284 -71.98 3.35 -129.57
C TRP A 1284 -72.24 2.95 -131.01
N ARG A 1285 -71.69 3.70 -131.99
CA ARG A 1285 -71.83 3.37 -133.39
C ARG A 1285 -71.07 2.14 -133.82
N GLN A 1286 -69.82 1.97 -133.37
CA GLN A 1286 -69.03 0.77 -133.68
C GLN A 1286 -69.66 -0.46 -133.05
N LEU A 1287 -70.30 -0.29 -131.88
CA LEU A 1287 -71.18 -1.28 -131.30
C LEU A 1287 -72.38 -1.60 -132.19
N VAL A 1288 -73.09 -0.61 -132.77
CA VAL A 1288 -74.12 -0.89 -133.76
C VAL A 1288 -73.57 -1.58 -134.99
N GLU A 1289 -72.42 -1.18 -135.57
CA GLU A 1289 -71.81 -1.82 -136.72
C GLU A 1289 -71.45 -3.28 -136.50
N ILE A 1290 -70.88 -3.66 -135.33
CA ILE A 1290 -70.64 -5.05 -134.96
C ILE A 1290 -71.93 -5.83 -134.61
N ILE A 1291 -72.94 -5.20 -133.93
CA ILE A 1291 -74.27 -5.76 -133.65
C ILE A 1291 -74.99 -6.00 -134.94
N LEU A 1292 -74.74 -5.12 -135.90
CA LEU A 1292 -75.37 -5.22 -137.22
C LEU A 1292 -74.87 -6.44 -137.96
N THR A 1293 -73.57 -6.69 -137.90
CA THR A 1293 -72.97 -7.84 -138.58
C THR A 1293 -73.53 -9.14 -138.01
N ALA A 1294 -73.68 -9.19 -136.69
CA ALA A 1294 -74.21 -10.38 -136.04
C ALA A 1294 -75.64 -10.63 -136.51
N CYS A 1295 -76.41 -9.55 -136.62
CA CYS A 1295 -77.79 -9.65 -137.07
C CYS A 1295 -77.83 -10.18 -138.49
N PRO A 1296 -76.91 -9.70 -139.32
CA PRO A 1296 -76.83 -10.14 -140.71
C PRO A 1296 -76.51 -11.62 -140.77
N GLN A 1297 -75.60 -12.06 -139.90
CA GLN A 1297 -75.21 -13.46 -139.85
C GLN A 1297 -76.41 -14.31 -139.45
N ASP A 1298 -77.18 -13.81 -138.50
CA ASP A 1298 -78.36 -14.52 -138.03
C ASP A 1298 -79.37 -14.65 -139.16
N LEU A 1299 -79.51 -13.57 -139.93
CA LEU A 1299 -80.42 -13.56 -141.07
C LEU A 1299 -79.99 -14.58 -142.11
N ILE A 1300 -78.68 -14.66 -142.33
CA ILE A 1300 -78.13 -15.61 -143.31
C ILE A 1300 -78.65 -17.02 -143.06
N THR A 1302 -83.87 -11.55 -144.49
CA THR A 1302 -85.02 -11.65 -143.60
C THR A 1302 -85.83 -10.36 -143.58
N GLU A 1303 -87.15 -10.49 -143.47
CA GLU A 1303 -88.02 -9.33 -143.45
C GLU A 1303 -87.72 -8.46 -142.23
N HIS A 1304 -87.49 -9.10 -141.09
CA HIS A 1304 -87.18 -8.38 -139.86
C HIS A 1304 -85.88 -7.61 -140.03
N ARG A 1305 -84.91 -8.25 -140.67
CA ARG A 1305 -83.61 -7.63 -140.90
C ARG A 1305 -83.78 -6.41 -141.81
N GLN A 1306 -84.63 -6.55 -142.82
CA GLN A 1306 -84.90 -5.46 -143.74
C GLN A 1306 -85.53 -4.30 -143.00
N LEU A 1307 -86.45 -4.61 -142.09
CA LEU A 1307 -87.12 -3.59 -141.30
C LEU A 1307 -86.11 -2.86 -140.43
N ILE A 1308 -85.18 -3.62 -139.85
CA ILE A 1308 -84.14 -3.04 -139.01
C ILE A 1308 -83.28 -2.10 -139.83
N ILE A 1309 -82.97 -2.52 -141.06
CA ILE A 1309 -82.14 -1.70 -141.95
C ILE A 1309 -82.87 -0.40 -142.26
N ARG A 1310 -84.18 -0.50 -142.49
CA ARG A 1310 -84.99 0.67 -142.79
C ARG A 1310 -84.99 1.62 -141.61
N ASP A 1311 -85.08 1.06 -140.41
CA ASP A 1311 -85.07 1.87 -139.19
C ASP A 1311 -83.74 2.58 -139.06
N LEU A 1312 -82.65 1.88 -139.39
CA LEU A 1312 -81.32 2.46 -139.32
C LEU A 1312 -81.22 3.61 -140.30
N LEU A 1313 -81.78 3.42 -141.49
CA LEU A 1313 -81.76 4.45 -142.52
C LEU A 1313 -82.52 5.68 -142.04
N GLN A 1314 -83.66 5.47 -141.40
CA GLN A 1314 -84.44 6.61 -140.94
C GLN A 1314 -83.64 7.44 -139.93
N ASP A 1315 -83.01 6.76 -138.97
CA ASP A 1315 -82.21 7.47 -137.98
C ASP A 1315 -80.99 8.10 -138.66
N LEU A 1316 -80.36 7.31 -139.53
CA LEU A 1316 -79.18 7.74 -140.27
C LEU A 1316 -79.42 8.88 -141.26
N HIS A 1317 -80.55 8.80 -141.97
CA HIS A 1317 -80.88 9.80 -142.98
C HIS A 1317 -81.08 11.20 -142.38
N VAL A 1318 -81.76 11.28 -141.26
CA VAL A 1318 -82.00 12.57 -140.63
C VAL A 1318 -80.68 13.21 -140.18
N LYS A 1319 -79.81 12.40 -139.59
CA LYS A 1319 -78.52 12.90 -139.11
C LYS A 1319 -77.61 13.38 -140.24
N ILE A 1320 -77.54 12.62 -141.33
CA ILE A 1320 -76.69 12.98 -142.46
C ILE A 1320 -77.12 14.28 -143.12
N LEU A 1321 -78.42 14.43 -143.33
CA LEU A 1321 -78.96 15.63 -143.96
C LEU A 1321 -78.73 16.86 -143.08
N ASP A 1322 -78.93 16.69 -141.78
CA ASP A 1322 -78.77 17.76 -140.81
C ASP A 1322 -77.34 18.30 -140.70
N ASP A 1323 -76.35 17.40 -140.73
CA ASP A 1323 -74.97 17.83 -140.60
C ASP A 1323 -73.93 17.10 -141.46
N ASP A 1324 -72.84 17.80 -141.71
CA ASP A 1324 -71.70 17.31 -142.47
C ASP A 1324 -70.75 16.49 -141.59
N GLU A 1328 -64.96 12.02 -138.58
CA GLU A 1328 -65.84 11.34 -137.64
C GLU A 1328 -67.21 11.11 -138.24
N LEU A 1329 -67.93 12.20 -138.52
CA LEU A 1329 -69.26 12.12 -139.09
C LEU A 1329 -69.21 11.47 -140.47
N MET A 1330 -68.20 11.83 -141.25
CA MET A 1330 -68.05 11.27 -142.59
C MET A 1330 -67.82 9.77 -142.49
N PRO A 1331 -67.00 9.37 -141.52
CA PRO A 1331 -66.71 7.96 -141.29
C PRO A 1331 -67.97 7.20 -140.91
N ILE A 1332 -68.78 7.83 -140.07
CA ILE A 1332 -70.04 7.22 -139.64
C ILE A 1332 -70.95 7.03 -140.84
N VAL A 1333 -70.98 8.03 -141.72
CA VAL A 1333 -71.81 7.97 -142.91
C VAL A 1333 -71.33 6.82 -143.81
N ALA A 1334 -70.02 6.68 -143.92
CA ALA A 1334 -69.44 5.62 -144.74
C ALA A 1334 -69.83 4.27 -144.17
N GLY A 1335 -69.81 4.16 -142.84
CA GLY A 1335 -70.18 2.92 -142.17
C GLY A 1335 -71.63 2.58 -142.45
N ALA A 1336 -72.47 3.61 -142.42
CA ALA A 1336 -73.89 3.44 -142.66
C ALA A 1336 -74.10 2.94 -144.09
N VAL A 1337 -73.34 3.52 -145.03
CA VAL A 1337 -73.44 3.13 -146.43
C VAL A 1337 -73.03 1.67 -146.58
N PHE A 1338 -71.99 1.27 -145.87
CA PHE A 1338 -71.51 -0.10 -145.92
C PHE A 1338 -72.58 -1.04 -145.40
N THR A 1339 -73.24 -0.63 -144.32
CA THR A 1339 -74.30 -1.43 -143.72
C THR A 1339 -75.44 -1.59 -144.72
N LEU A 1340 -75.77 -0.51 -145.42
CA LEU A 1340 -76.83 -0.53 -146.40
C LEU A 1340 -76.48 -1.50 -147.52
N THR A 1341 -75.21 -1.47 -147.94
CA THR A 1341 -74.74 -2.35 -149.00
C THR A 1341 -74.86 -3.80 -148.55
N ALA A 1342 -74.53 -4.05 -147.29
CA ALA A 1342 -74.61 -5.39 -146.72
C ALA A 1342 -76.05 -5.88 -146.71
N HIS A 1343 -76.96 -4.96 -146.38
CA HIS A 1343 -78.38 -5.30 -146.32
C HIS A 1343 -79.04 -5.16 -147.69
N LEU A 1344 -78.73 -4.07 -148.38
CA LEU A 1344 -79.29 -3.82 -149.71
C LEU A 1344 -78.91 -4.96 -150.65
N SER A 1345 -77.68 -5.42 -150.54
CA SER A 1345 -77.20 -6.52 -151.37
C SER A 1345 -77.99 -7.78 -151.07
N GLN A 1346 -78.26 -8.00 -149.78
CA GLN A 1346 -79.02 -9.17 -149.36
C GLN A 1346 -80.43 -9.10 -149.93
N SER A 1347 -81.01 -7.91 -149.92
CA SER A 1347 -82.35 -7.70 -150.44
C SER A 1347 -82.37 -8.00 -151.93
N VAL A 1348 -81.32 -7.55 -152.62
CA VAL A 1348 -81.21 -7.79 -154.06
C VAL A 1348 -81.13 -9.28 -154.34
N ARG A 1349 -80.37 -9.98 -153.51
CA ARG A 1349 -80.21 -11.42 -153.65
C ARG A 1349 -81.55 -12.10 -153.46
N THR A 1350 -82.31 -11.64 -152.47
CA THR A 1350 -83.62 -12.20 -152.18
C THR A 1350 -84.54 -11.99 -153.38
N GLU A 1351 -84.46 -10.80 -153.97
CA GLU A 1351 -85.27 -10.48 -155.14
C GLU A 1351 -84.92 -11.40 -156.29
N LEU A 1352 -83.63 -11.65 -156.46
CA LEU A 1352 -83.17 -12.53 -157.53
C LEU A 1352 -83.70 -13.93 -157.31
N LYS A 1353 -83.70 -14.36 -156.06
CA LYS A 1353 -84.19 -15.69 -155.69
C LYS A 1353 -85.68 -15.79 -156.00
N GLN A 1354 -86.42 -14.72 -155.72
CA GLN A 1354 -87.86 -14.69 -155.97
C GLN A 1354 -88.17 -14.99 -157.43
N THR A 1380 -95.08 -14.23 -149.70
CA THR A 1380 -95.70 -13.00 -150.14
C THR A 1380 -95.02 -12.42 -151.37
N GLU A 1381 -95.50 -12.77 -152.58
CA GLU A 1381 -94.94 -12.24 -153.81
C GLU A 1381 -95.36 -10.79 -154.09
N ASN A 1382 -96.68 -10.50 -154.06
CA ASN A 1382 -97.21 -9.17 -154.31
C ASN A 1382 -96.81 -8.13 -153.25
N ILE A 1383 -96.87 -8.50 -151.95
CA ILE A 1383 -96.53 -7.62 -150.84
C ILE A 1383 -95.05 -7.28 -150.79
N SER A 1384 -94.14 -8.27 -151.02
CA SER A 1384 -92.70 -8.05 -150.96
C SER A 1384 -92.18 -7.05 -151.98
N ALA A 1385 -92.75 -7.05 -153.21
CA ALA A 1385 -92.46 -6.06 -154.23
C ALA A 1385 -92.76 -4.63 -153.81
N GLY A 1386 -93.91 -4.40 -153.13
CA GLY A 1386 -94.27 -3.07 -152.63
C GLY A 1386 -93.50 -2.65 -151.41
N PHE A 1387 -92.84 -3.59 -150.71
CA PHE A 1387 -91.93 -3.26 -149.63
C PHE A 1387 -90.57 -2.86 -150.15
N ALA A 1388 -90.08 -3.55 -151.20
CA ALA A 1388 -88.86 -3.19 -151.87
C ALA A 1388 -88.90 -1.82 -152.53
N SER A 1389 -89.98 -1.50 -153.27
CA SER A 1389 -90.11 -0.23 -153.97
C SER A 1389 -90.12 1.02 -153.08
N ILE A 1390 -90.82 0.96 -151.93
CA ILE A 1390 -90.74 1.97 -150.88
C ILE A 1390 -89.33 2.07 -150.29
N GLY A 1391 -88.64 0.91 -150.10
CA GLY A 1391 -87.22 0.85 -149.74
C GLY A 1391 -86.31 1.62 -150.65
N ASP A 1392 -86.40 1.36 -151.97
CA ASP A 1392 -85.67 2.06 -153.01
C ASP A 1392 -85.99 3.54 -153.09
N SER A 1393 -87.27 3.93 -152.89
CA SER A 1393 -87.70 5.31 -152.75
C SER A 1393 -87.01 6.03 -151.60
N SER A 1394 -86.92 5.39 -150.41
CA SER A 1394 -86.13 5.91 -149.30
C SER A 1394 -84.64 5.96 -149.59
N LEU A 1395 -84.06 4.90 -150.19
CA LEU A 1395 -82.64 4.85 -150.55
C LEU A 1395 -82.22 5.92 -151.56
N HIS A 1396 -83.09 6.28 -152.53
CA HIS A 1396 -82.90 7.43 -153.41
C HIS A 1396 -82.81 8.77 -152.67
N MET A 1397 -83.70 9.03 -151.70
CA MET A 1397 -83.63 10.26 -150.94
C MET A 1397 -82.50 10.26 -149.90
N ILE A 1398 -82.04 9.07 -149.48
CA ILE A 1398 -80.75 8.88 -148.83
C ILE A 1398 -79.61 9.30 -149.75
N LEU A 1399 -79.55 8.80 -151.01
CA LEU A 1399 -78.51 9.15 -151.98
C LEU A 1399 -78.43 10.64 -152.24
N ARG A 1400 -79.59 11.30 -152.40
CA ARG A 1400 -79.66 12.74 -152.58
C ARG A 1400 -79.08 13.55 -151.41
N ASN A 1401 -79.40 13.20 -150.14
CA ASN A 1401 -78.84 13.91 -148.99
C ASN A 1401 -77.36 13.72 -148.84
N LEU A 1402 -76.85 12.49 -149.09
CA LEU A 1402 -75.43 12.19 -149.07
C LEU A 1402 -74.66 13.04 -150.06
N LEU A 1403 -75.17 13.20 -151.30
CA LEU A 1403 -74.60 14.11 -152.30
C LEU A 1403 -74.58 15.58 -151.86
N GLU A 1404 -75.69 16.11 -151.31
CA GLU A 1404 -75.74 17.48 -150.82
C GLU A 1404 -74.79 17.73 -149.64
N PHE A 1405 -74.74 16.78 -148.69
CA PHE A 1405 -73.84 16.80 -147.55
C PHE A 1405 -72.37 16.73 -147.91
N ILE A 1406 -72.00 15.92 -148.92
CA ILE A 1406 -70.63 15.91 -149.46
C ILE A 1406 -70.26 17.27 -150.03
N GLY A 1412 -65.07 11.59 -146.27
CA GLY A 1412 -66.51 11.58 -146.47
C GLY A 1412 -66.84 11.40 -147.94
N PHE A 1413 -66.08 12.09 -148.79
CA PHE A 1413 -66.28 12.01 -150.23
C PHE A 1413 -66.00 10.58 -150.70
N GLN A 1414 -64.95 9.99 -150.15
CA GLN A 1414 -64.59 8.61 -150.51
C GLN A 1414 -65.71 7.67 -150.12
N ARG A 1415 -66.29 7.90 -148.94
CA ARG A 1415 -67.38 7.07 -148.45
C ARG A 1415 -68.58 7.20 -149.38
N VAL A 1416 -68.84 8.42 -149.82
CA VAL A 1416 -69.96 8.68 -150.73
C VAL A 1416 -69.74 7.93 -152.04
N ARG A 1417 -68.49 7.95 -152.51
CA ARG A 1417 -68.13 7.28 -153.75
C ARG A 1417 -68.34 5.77 -153.61
N ALA A 1418 -67.98 5.23 -152.45
CA ALA A 1418 -68.13 3.81 -152.19
C ALA A 1418 -69.60 3.41 -152.18
N HIS A 1419 -70.40 4.13 -151.41
CA HIS A 1419 -71.83 3.85 -151.32
C HIS A 1419 -72.50 4.12 -152.66
N LEU A 1420 -72.09 5.19 -153.31
CA LEU A 1420 -72.65 5.55 -154.61
C LEU A 1420 -72.35 4.46 -155.63
N TYR A 1421 -71.12 3.93 -155.56
CA TYR A 1421 -70.71 2.88 -156.48
C TYR A 1421 -71.55 1.63 -156.23
N GLY A 1422 -71.80 1.35 -154.94
CA GLY A 1422 -72.62 0.20 -154.58
C GLY A 1422 -74.02 0.35 -155.12
N SER A 1423 -74.55 1.58 -155.03
CA SER A 1423 -75.88 1.87 -155.52
C SER A 1423 -75.94 1.67 -157.03
N LEU A 1424 -74.89 2.10 -157.71
CA LEU A 1424 -74.82 1.94 -159.16
C LEU A 1424 -74.82 0.46 -159.52
N LEU A 1425 -74.08 -0.32 -158.74
CA LEU A 1425 -74.02 -1.77 -158.97
C LEU A 1425 -75.40 -2.38 -158.78
N TYR A 1426 -76.10 -1.92 -157.75
CA TYR A 1426 -77.44 -2.42 -157.47
C TYR A 1426 -78.38 -2.10 -158.62
N TYR A 1427 -78.24 -0.89 -159.16
CA TYR A 1427 -79.07 -0.45 -160.28
C TYR A 1427 -78.80 -1.33 -161.49
N LEU A 1428 -77.52 -1.66 -161.70
CA LEU A 1428 -77.12 -2.50 -162.82
C LEU A 1428 -77.75 -3.88 -162.66
N GLN A 1429 -77.73 -4.38 -161.42
CA GLN A 1429 -78.31 -5.70 -161.13
C GLN A 1429 -79.80 -5.68 -161.42
N ILE A 1430 -80.46 -4.58 -161.04
CA ILE A 1430 -81.88 -4.43 -161.26
C ILE A 1430 -82.19 -4.42 -162.76
N ALA A 1431 -81.33 -3.76 -163.53
CA ALA A 1431 -81.51 -3.67 -164.97
C ALA A 1431 -81.86 -5.03 -165.57
N THR A 1452 -93.30 -8.38 -166.71
CA THR A 1452 -92.91 -7.13 -167.35
C THR A 1452 -92.98 -5.96 -166.38
N ALA A 1453 -93.74 -6.13 -165.30
CA ALA A 1453 -93.89 -5.08 -164.30
C ALA A 1453 -92.56 -4.77 -163.64
N PRO A 1454 -91.76 -5.87 -163.35
CA PRO A 1454 -90.47 -5.53 -162.72
C PRO A 1454 -89.61 -4.68 -163.65
N GLU A 1455 -89.61 -5.03 -164.94
CA GLU A 1455 -88.83 -4.30 -165.92
C GLU A 1455 -89.31 -2.85 -166.02
N ASP A 1456 -90.62 -2.66 -165.98
CA ASP A 1456 -91.20 -1.33 -166.05
C ASP A 1456 -90.73 -0.50 -164.85
N VAL A 1457 -90.78 -1.15 -163.69
CA VAL A 1457 -90.37 -0.53 -162.44
C VAL A 1457 -88.89 -0.18 -162.46
N PHE A 1458 -88.09 -1.08 -163.00
CA PHE A 1458 -86.66 -0.83 -163.10
C PHE A 1458 -86.38 0.35 -164.02
N SER A 1459 -87.07 0.37 -165.15
CA SER A 1459 -86.91 1.44 -166.13
C SER A 1459 -87.37 2.76 -165.53
N LYS A 1460 -88.46 2.71 -164.79
CA LYS A 1460 -89.01 3.90 -164.15
C LYS A 1460 -88.00 4.42 -163.15
N LEU A 1461 -87.37 3.50 -162.41
CA LEU A 1461 -86.38 3.86 -161.41
C LEU A 1461 -85.19 4.52 -162.08
N GLN A 1462 -84.79 3.98 -163.23
CA GLN A 1462 -83.67 4.51 -163.97
C GLN A 1462 -83.99 5.93 -164.42
N ARG A 1463 -85.22 6.15 -164.88
CA ARG A 1463 -85.60 7.49 -165.32
C ARG A 1463 -85.57 8.43 -164.12
N ASP A 1464 -86.08 7.93 -162.99
CA ASP A 1464 -86.11 8.66 -161.74
C ASP A 1464 -84.70 8.93 -161.24
N ASN A 1465 -83.83 7.93 -161.37
CA ASN A 1465 -82.46 8.10 -160.91
C ASN A 1465 -81.78 9.23 -161.68
N LEU A 1466 -82.04 9.26 -162.99
CA LEU A 1466 -81.46 10.29 -163.85
C LEU A 1466 -81.98 11.66 -163.41
N SER A 1467 -83.27 11.72 -163.09
CA SER A 1467 -83.88 12.97 -162.65
C SER A 1467 -83.24 13.42 -161.34
N ILE A 1468 -82.99 12.48 -160.45
CA ILE A 1468 -82.37 12.77 -159.18
C ILE A 1468 -80.97 13.33 -159.39
N PHE A 1469 -80.25 12.73 -160.34
CA PHE A 1469 -78.89 13.17 -160.66
C PHE A 1469 -78.94 14.60 -161.19
N GLU A 1470 -79.93 14.88 -162.02
CA GLU A 1470 -80.10 16.19 -162.61
C GLU A 1470 -80.39 17.22 -161.52
N SER A 1471 -81.12 16.82 -160.48
CA SER A 1471 -81.39 17.72 -159.38
C SER A 1471 -80.03 18.09 -158.77
N TYR A 1472 -79.14 17.10 -158.69
CA TYR A 1472 -77.80 17.31 -158.15
C TYR A 1472 -77.00 18.31 -158.98
N GLY A 1473 -77.12 18.22 -160.29
CA GLY A 1473 -76.42 19.12 -161.20
C GLY A 1473 -75.02 18.78 -161.68
N THR A 1474 -74.45 19.71 -162.43
CA THR A 1474 -73.12 19.62 -163.03
C THR A 1474 -71.95 19.52 -162.05
N ALA A 1475 -72.07 20.19 -160.91
CA ALA A 1475 -71.01 20.23 -159.90
C ALA A 1475 -70.62 18.85 -159.37
N LEU A 1476 -71.58 17.94 -159.26
CA LEU A 1476 -71.28 16.60 -158.75
C LEU A 1476 -70.31 15.82 -159.64
N MET A 1477 -70.50 15.93 -160.96
CA MET A 1477 -69.67 15.22 -161.91
C MET A 1477 -68.19 15.61 -161.87
N GLU A 1478 -67.91 16.90 -161.76
CA GLU A 1478 -66.53 17.36 -161.71
C GLU A 1478 -65.83 16.81 -160.48
N VAL A 1479 -66.54 16.84 -159.36
CA VAL A 1479 -65.99 16.33 -158.11
C VAL A 1479 -65.73 14.84 -158.25
N VAL A 1480 -66.65 14.14 -158.88
CA VAL A 1480 -66.49 12.69 -159.06
C VAL A 1480 -65.25 12.42 -159.89
N CYS A 1481 -65.05 13.23 -160.92
CA CYS A 1481 -63.90 13.10 -161.80
C CYS A 1481 -62.58 13.35 -161.08
N ARG A 1482 -62.57 14.35 -160.20
CA ARG A 1482 -61.35 14.69 -159.46
C ARG A 1482 -60.87 13.58 -158.53
N ASP A 1483 -61.83 12.93 -157.87
CA ASP A 1483 -61.58 11.86 -156.92
C ASP A 1483 -61.05 10.61 -157.58
N ALA A 1484 -61.30 10.40 -158.90
CA ALA A 1484 -60.78 9.26 -159.61
C ALA A 1484 -59.25 9.30 -159.79
N CYS A 1485 -58.63 10.48 -159.58
CA CYS A 1485 -57.21 10.68 -159.77
C CYS A 1485 -56.57 11.35 -158.58
N ASP A 1486 -56.90 10.92 -157.35
CA ASP A 1486 -56.37 11.52 -156.15
C ASP A 1486 -55.25 10.70 -155.50
N GLY A 1487 -54.98 11.00 -154.21
CA GLY A 1487 -54.09 10.22 -153.36
C GLY A 1487 -54.79 9.29 -152.41
N HIS A 1488 -56.14 9.16 -152.46
CA HIS A 1488 -56.84 8.25 -151.58
C HIS A 1488 -57.31 7.07 -152.38
N ASP A 1489 -56.54 5.98 -152.32
CA ASP A 1489 -56.69 4.81 -153.14
C ASP A 1489 -58.05 4.13 -153.12
N ILE A 1490 -58.71 4.03 -151.95
CA ILE A 1490 -60.09 3.57 -151.86
C ILE A 1490 -61.09 4.54 -152.50
N GLY A 1491 -60.95 5.87 -152.29
CA GLY A 1491 -61.77 6.93 -152.90
C GLY A 1491 -61.87 6.86 -154.40
N ARG A 1492 -60.71 6.85 -155.08
CA ARG A 1492 -60.59 6.73 -156.52
C ARG A 1492 -61.14 5.44 -157.11
N MET A 1493 -60.98 4.28 -156.45
CA MET A 1493 -61.64 3.04 -156.87
C MET A 1493 -63.15 3.14 -156.87
N LEU A 1494 -63.73 3.67 -155.79
CA LEU A 1494 -65.15 3.88 -155.65
C LEU A 1494 -65.68 4.94 -156.60
N ALA A 1495 -64.93 6.04 -156.83
CA ALA A 1495 -65.28 7.07 -157.79
C ALA A 1495 -65.36 6.57 -159.23
N LEU A 1496 -64.36 5.80 -159.71
CA LEU A 1496 -64.41 5.18 -161.02
C LEU A 1496 -65.49 4.13 -161.18
N ALA A 1497 -65.69 3.28 -160.16
CA ALA A 1497 -66.76 2.31 -160.12
C ALA A 1497 -68.15 2.95 -160.15
N LEU A 1498 -68.34 4.09 -159.47
CA LEU A 1498 -69.54 4.88 -159.56
C LEU A 1498 -69.83 5.39 -160.96
N LEU A 1499 -68.81 5.92 -161.68
CA LEU A 1499 -68.97 6.45 -163.02
C LEU A 1499 -69.54 5.40 -164.01
N ASP A 1500 -69.10 4.11 -163.95
CA ASP A 1500 -69.62 3.00 -164.77
C ASP A 1500 -71.13 2.87 -164.64
N ARG A 1501 -71.63 3.06 -163.42
CA ARG A 1501 -73.04 2.95 -163.13
C ARG A 1501 -73.83 4.14 -163.62
N ILE A 1502 -73.30 5.38 -163.51
CA ILE A 1502 -73.95 6.57 -164.03
C ILE A 1502 -74.15 6.51 -165.54
N VAL A 1503 -73.13 6.08 -166.34
CA VAL A 1503 -73.33 5.83 -167.77
C VAL A 1503 -74.28 4.69 -168.09
N SER A 1504 -74.25 3.60 -167.29
CA SER A 1504 -75.10 2.44 -167.50
C SER A 1504 -76.58 2.70 -167.30
N VAL A 1505 -76.95 3.57 -166.35
CA VAL A 1505 -78.34 3.92 -166.10
C VAL A 1505 -78.87 5.08 -166.95
N ASP A 1506 -77.98 5.93 -167.53
CA ASP A 1506 -78.33 6.99 -168.45
C ASP A 1506 -79.01 6.46 -169.74
N ARG A 1507 -79.92 7.28 -170.31
CA ARG A 1507 -80.67 6.95 -171.50
C ARG A 1507 -80.81 8.18 -172.39
N GLN A 1508 -80.18 9.31 -172.03
CA GLN A 1508 -80.24 10.53 -172.82
C GLN A 1508 -78.85 11.03 -173.18
N GLN A 1509 -77.78 10.41 -172.62
CA GLN A 1509 -76.41 10.49 -173.09
C GLN A 1509 -75.73 11.80 -172.73
N GLN A 1510 -76.29 12.55 -171.76
CA GLN A 1510 -75.79 13.86 -171.40
C GLN A 1510 -74.56 13.75 -170.52
N TRP A 1511 -74.46 12.66 -169.74
CA TRP A 1511 -73.32 12.37 -168.91
C TRP A 1511 -72.01 12.24 -169.66
N LEU A 1512 -71.98 11.51 -170.80
CA LEU A 1512 -70.78 11.38 -171.61
C LEU A 1512 -70.30 12.69 -172.20
N LEU A 1513 -71.23 13.54 -172.67
CA LEU A 1513 -70.95 14.91 -173.08
C LEU A 1513 -70.39 15.76 -171.95
N TYR A 1514 -70.94 15.65 -170.73
CA TYR A 1514 -70.38 16.33 -169.57
C TYR A 1514 -68.95 15.86 -169.24
N LEU A 1515 -68.66 14.55 -169.31
CA LEU A 1515 -67.32 14.01 -169.13
C LEU A 1515 -66.30 14.44 -170.18
N SER A 1516 -66.68 14.60 -171.47
CA SER A 1516 -65.79 15.21 -172.45
C SER A 1516 -65.51 16.67 -172.19
N ASN A 1517 -66.56 17.46 -171.82
CA ASN A 1517 -66.46 18.86 -171.44
C ASN A 1517 -65.55 19.14 -170.26
N SER A 1518 -65.54 18.29 -169.21
CA SER A 1518 -64.67 18.47 -168.06
C SER A 1518 -63.24 18.01 -168.30
N GLY A 1519 -62.98 17.31 -169.41
CA GLY A 1519 -61.63 16.80 -169.71
C GLY A 1519 -61.23 15.45 -169.09
N TYR A 1520 -62.24 14.79 -168.54
CA TYR A 1520 -62.07 13.49 -167.88
C TYR A 1520 -61.51 12.41 -168.80
N LEU A 1521 -61.94 12.38 -170.06
CA LEU A 1521 -61.46 11.37 -170.99
C LEU A 1521 -59.95 11.51 -171.20
N LYS A 1522 -59.47 12.75 -171.34
CA LYS A 1522 -58.06 13.01 -171.52
C LYS A 1522 -57.30 12.56 -170.28
N VAL A 1523 -57.90 12.91 -169.14
CA VAL A 1523 -57.31 12.55 -167.88
C VAL A 1523 -57.35 11.09 -167.85
N LEU A 1524 -58.42 10.49 -168.37
CA LEU A 1524 -58.57 9.05 -168.33
C LEU A 1524 -57.68 8.36 -169.31
N VAL A 1525 -56.89 9.07 -170.08
CA VAL A 1525 -55.94 8.37 -170.92
C VAL A 1525 -54.94 7.87 -169.92
N ASP A 1526 -54.40 8.84 -169.20
CA ASP A 1526 -53.48 8.46 -168.15
C ASP A 1526 -54.27 7.71 -167.09
N SER A 1527 -55.63 7.73 -167.07
CA SER A 1527 -56.37 7.09 -165.96
C SER A 1527 -56.71 5.68 -166.31
N LEU A 1528 -56.59 5.33 -167.57
CA LEU A 1528 -56.74 3.97 -167.95
C LEU A 1528 -55.34 3.49 -167.67
N ALA A 1529 -54.35 4.38 -167.83
CA ALA A 1529 -53.03 3.92 -167.45
C ALA A 1529 -53.08 3.67 -165.98
N GLU A 1530 -53.96 4.39 -165.30
CA GLU A 1530 -53.97 4.31 -163.86
C GLU A 1530 -54.83 3.21 -163.36
N ASP A 1531 -55.73 2.71 -164.19
CA ASP A 1531 -56.53 1.58 -163.82
C ASP A 1531 -55.54 0.48 -163.91
N ASP A 1532 -54.64 0.64 -164.89
CA ASP A 1532 -53.59 -0.33 -164.99
C ASP A 1532 -52.75 -0.28 -163.72
N VAL A 1533 -52.41 0.91 -163.25
CA VAL A 1533 -51.51 0.99 -162.09
C VAL A 1533 -52.26 0.63 -160.83
N VAL A 1534 -53.56 0.55 -160.92
CA VAL A 1534 -54.38 0.24 -159.79
C VAL A 1534 -54.23 -1.19 -159.63
N LEU A 1535 -54.51 -1.86 -160.73
CA LEU A 1535 -54.31 -3.26 -160.68
C LEU A 1535 -52.85 -3.51 -160.30
N ARG A 1536 -51.95 -2.58 -160.59
CA ARG A 1536 -50.52 -2.79 -160.33
C ARG A 1536 -50.21 -2.79 -158.87
N ASN A 1537 -50.65 -1.74 -158.20
CA ASN A 1537 -50.41 -1.67 -156.79
C ASN A 1537 -51.07 -2.87 -156.17
N PRO A 1544 -64.80 -3.29 -147.42
CA PRO A 1544 -63.98 -2.32 -148.12
C PRO A 1544 -63.23 -2.97 -149.28
N LEU A 1545 -62.21 -3.76 -148.99
CA LEU A 1545 -61.45 -4.44 -150.03
C LEU A 1545 -62.34 -5.37 -150.84
N LEU A 1546 -63.20 -6.12 -150.15
CA LEU A 1546 -64.13 -7.01 -150.85
C LEU A 1546 -65.06 -6.22 -151.76
N LYS A 1547 -65.55 -5.09 -151.27
CA LYS A 1547 -66.43 -4.25 -152.08
C LYS A 1547 -65.70 -3.76 -153.32
N ALA A 1548 -64.45 -3.34 -153.15
CA ALA A 1548 -63.66 -2.88 -154.29
C ALA A 1548 -63.49 -4.00 -155.31
N LEU A 1549 -63.21 -5.22 -154.83
CA LEU A 1549 -63.05 -6.36 -155.72
C LEU A 1549 -64.34 -6.62 -156.49
N TYR A 1550 -65.47 -6.54 -155.80
CA TYR A 1550 -66.77 -6.74 -156.46
C TYR A 1550 -66.98 -5.69 -157.53
N ILE A 1551 -66.63 -4.44 -157.23
CA ILE A 1551 -66.78 -3.37 -158.21
C ILE A 1551 -65.91 -3.63 -159.43
N TYR A 1552 -64.68 -4.09 -159.21
CA TYR A 1552 -63.79 -4.40 -160.32
C TYR A 1552 -64.38 -5.51 -161.18
N GLU A 1553 -64.95 -6.53 -160.52
CA GLU A 1553 -65.57 -7.63 -161.26
C GLU A 1553 -66.73 -7.11 -162.11
N SER A 1554 -67.54 -6.22 -161.54
CA SER A 1554 -68.65 -5.64 -162.28
C SER A 1554 -68.15 -4.87 -163.49
N LYS A 1555 -67.07 -4.10 -163.30
CA LYS A 1555 -66.50 -3.35 -164.42
C LYS A 1555 -66.01 -4.29 -165.51
N MET A 1556 -65.38 -5.39 -165.12
CA MET A 1556 -64.92 -6.37 -166.11
C MET A 1556 -66.09 -6.96 -166.87
N ALA A 1557 -67.18 -7.26 -166.16
CA ALA A 1557 -68.37 -7.80 -166.81
C ALA A 1557 -68.92 -6.80 -167.81
N PHE A 1558 -68.96 -5.52 -167.43
CA PHE A 1558 -69.44 -4.48 -168.34
C PHE A 1558 -68.57 -4.40 -169.57
N LEU A 1559 -67.25 -4.49 -169.40
CA LEU A 1559 -66.34 -4.46 -170.54
C LEU A 1559 -66.60 -5.64 -171.45
N THR A 1560 -66.82 -6.83 -170.88
CA THR A 1560 -67.11 -8.00 -171.70
C THR A 1560 -68.40 -7.80 -172.48
N ARG A 1561 -69.42 -7.24 -171.84
CA ARG A 1561 -70.68 -6.97 -172.53
C ARG A 1561 -70.47 -6.01 -173.69
N VAL A 1562 -69.67 -4.97 -173.46
CA VAL A 1562 -69.38 -4.01 -174.53
C VAL A 1562 -68.68 -4.71 -175.69
N ALA A 1563 -67.72 -5.58 -175.38
CA ALA A 1563 -67.02 -6.32 -176.43
C ALA A 1563 -67.98 -7.18 -177.21
N LYS A 1564 -68.91 -7.83 -176.53
CA LYS A 1564 -69.91 -8.67 -177.20
C LYS A 1564 -70.79 -7.83 -178.12
N SER A 1565 -71.18 -6.65 -177.65
CA SER A 1565 -72.04 -5.78 -178.45
C SER A 1565 -71.31 -5.25 -179.68
N GLY A 1568 -69.49 8.51 -177.56
CA GLY A 1568 -68.46 8.13 -176.59
C GLY A 1568 -67.24 7.56 -177.27
N ALA A 1569 -67.43 6.74 -178.32
CA ALA A 1569 -66.35 6.28 -179.17
C ALA A 1569 -65.59 7.43 -179.86
N ILE A 1570 -66.32 8.47 -180.33
CA ILE A 1570 -65.72 9.71 -180.84
C ILE A 1570 -64.87 10.41 -179.79
N GLU A 1571 -65.41 10.65 -178.58
CA GLU A 1571 -64.71 11.38 -177.54
C GLU A 1571 -63.49 10.66 -177.01
N LEU A 1572 -63.53 9.31 -176.89
CA LEU A 1572 -62.33 8.53 -176.65
C LEU A 1572 -61.31 8.64 -177.77
N LEU A 1573 -61.68 8.43 -179.05
CA LEU A 1573 -60.73 8.48 -180.17
C LEU A 1573 -60.07 9.83 -180.35
N ARG A 1574 -60.83 10.91 -180.11
CA ARG A 1574 -60.38 12.27 -180.25
C ARG A 1574 -59.30 12.68 -179.23
N SER A 1575 -59.14 11.94 -178.11
CA SER A 1575 -58.03 12.14 -177.19
C SER A 1575 -56.84 11.23 -177.47
N GLY A 1576 -56.91 10.34 -178.46
CA GLY A 1576 -55.76 9.45 -178.68
C GLY A 1576 -55.77 8.03 -178.12
N VAL A 1577 -56.75 7.27 -178.62
CA VAL A 1577 -56.96 5.89 -178.25
C VAL A 1577 -55.72 5.07 -178.59
N ILE A 1578 -55.06 5.41 -179.69
CA ILE A 1578 -53.86 4.68 -180.09
C ILE A 1578 -52.75 4.83 -179.04
N VAL A 1579 -52.61 6.03 -178.50
CA VAL A 1579 -51.61 6.30 -177.46
C VAL A 1579 -51.96 5.48 -176.22
N ARG A 1580 -53.25 5.45 -175.91
CA ARG A 1580 -53.68 4.67 -174.74
C ARG A 1580 -53.32 3.20 -174.96
N LEU A 1581 -53.51 2.75 -176.19
CA LEU A 1581 -53.21 1.38 -176.61
C LEU A 1581 -51.73 1.06 -176.46
N ALA A 1582 -50.87 2.00 -176.82
CA ALA A 1582 -49.43 1.80 -176.71
C ALA A 1582 -49.10 1.07 -175.41
N GLN A 1583 -49.89 1.34 -174.38
CA GLN A 1583 -49.69 0.71 -173.08
C GLN A 1583 -49.86 -0.80 -173.18
N CYS A 1584 -50.86 -1.22 -173.95
CA CYS A 1584 -51.12 -2.64 -174.14
C CYS A 1584 -49.92 -3.29 -174.83
N GLN A 1585 -49.37 -2.60 -175.82
CA GLN A 1585 -48.22 -3.10 -176.55
C GLN A 1585 -47.03 -3.24 -175.60
N VAL A 1586 -46.87 -2.26 -174.72
CA VAL A 1586 -45.78 -2.29 -173.76
C VAL A 1586 -45.94 -3.48 -172.83
N TYR A 1587 -47.18 -3.73 -172.42
CA TYR A 1587 -47.48 -4.86 -171.53
C TYR A 1587 -47.14 -6.16 -172.23
N ASP A 1588 -47.47 -6.24 -173.51
CA ASP A 1588 -47.20 -7.44 -174.30
C ASP A 1588 -45.69 -7.66 -174.38
N MET A 1589 -44.95 -6.57 -174.56
CA MET A 1589 -43.50 -6.64 -174.65
C MET A 1589 -42.94 -7.15 -173.33
N ARG A 1590 -43.50 -6.66 -172.23
CA ARG A 1590 -43.06 -7.07 -170.90
C ARG A 1590 -43.31 -8.55 -170.72
N PRO A 1591 -44.46 -9.02 -171.19
CA PRO A 1591 -44.82 -10.44 -171.09
C PRO A 1591 -43.84 -11.28 -171.89
N GLU A 1592 -43.47 -10.79 -173.07
CA GLU A 1592 -42.52 -11.50 -173.93
C GLU A 1592 -41.18 -11.59 -173.22
N THR A 1593 -40.78 -10.50 -172.57
CA THR A 1593 -39.52 -10.47 -171.84
C THR A 1593 -39.54 -11.49 -170.71
N PRO A 1609 -43.73 -15.23 -167.65
CA PRO A 1609 -44.22 -15.79 -166.39
C PRO A 1609 -45.59 -15.26 -166.03
N ALA A 1610 -45.89 -15.19 -164.74
CA ALA A 1610 -47.18 -14.70 -164.28
C ALA A 1610 -47.38 -13.25 -164.69
N PRO A 1611 -46.32 -12.45 -164.57
CA PRO A 1611 -46.38 -11.04 -164.94
C PRO A 1611 -46.66 -10.91 -166.44
N VAL A 1612 -46.01 -11.76 -167.23
CA VAL A 1612 -46.20 -11.75 -168.68
C VAL A 1612 -47.64 -12.10 -169.00
N GLU A 1613 -48.19 -13.07 -168.29
CA GLU A 1613 -49.56 -13.50 -168.49
C GLU A 1613 -50.51 -12.35 -168.18
N ARG A 1614 -50.21 -11.62 -167.10
CA ARG A 1614 -51.03 -10.49 -166.69
C ARG A 1614 -51.00 -9.42 -167.77
N TYR A 1615 -49.81 -9.20 -168.33
CA TYR A 1615 -49.65 -8.20 -169.39
C TYR A 1615 -50.47 -8.60 -170.60
N ARG A 1616 -50.45 -9.90 -170.92
CA ARG A 1616 -51.21 -10.40 -172.06
C ARG A 1616 -52.71 -10.19 -171.82
N GLN A 1617 -53.14 -10.43 -170.59
CA GLN A 1617 -54.53 -10.25 -170.24
C GLN A 1617 -54.93 -8.79 -170.39
N ILE A 1618 -54.03 -7.90 -169.98
CA ILE A 1618 -54.27 -6.46 -170.09
C ILE A 1618 -54.40 -6.08 -171.55
N LEU A 1619 -53.55 -6.65 -172.39
CA LEU A 1619 -53.57 -6.37 -173.82
C LEU A 1619 -54.89 -6.83 -174.41
N LEU A 1620 -55.35 -8.00 -173.97
CA LEU A 1620 -56.61 -8.55 -174.45
C LEU A 1620 -57.76 -7.62 -174.06
N PRO A 1621 -57.69 -7.11 -172.84
CA PRO A 1621 -58.73 -6.19 -172.35
C PRO A 1621 -58.73 -4.91 -173.18
N ALA A 1622 -57.55 -4.39 -173.50
CA ALA A 1622 -57.43 -3.18 -174.31
C ALA A 1622 -57.95 -3.38 -175.73
N LEU A 1623 -57.63 -4.53 -176.31
CA LEU A 1623 -58.03 -4.85 -177.67
C LEU A 1623 -59.54 -4.89 -177.86
N GLN A 1624 -60.25 -5.49 -176.90
CA GLN A 1624 -61.70 -5.57 -177.01
C GLN A 1624 -62.30 -4.17 -177.02
N ILE A 1625 -61.77 -3.31 -176.15
CA ILE A 1625 -62.24 -1.94 -176.07
C ILE A 1625 -61.97 -1.21 -177.39
N CYS A 1626 -60.80 -1.45 -177.95
CA CYS A 1626 -60.45 -0.82 -179.22
C CYS A 1626 -61.41 -1.26 -180.32
N GLN A 1627 -61.73 -2.54 -180.32
CA GLN A 1627 -62.65 -3.10 -181.30
C GLN A 1627 -64.03 -2.46 -181.16
N LEU A 1628 -64.45 -2.30 -179.90
CA LEU A 1628 -65.76 -1.69 -179.64
C LEU A 1628 -65.78 -0.26 -180.17
N ILE A 1629 -64.67 0.44 -179.95
CA ILE A 1629 -64.57 1.82 -180.42
C ILE A 1629 -64.63 1.90 -181.94
N LEU A 1630 -63.95 0.96 -182.60
CA LEU A 1630 -63.91 0.91 -184.06
C LEU A 1630 -65.27 0.66 -184.72
N THR A 1631 -66.06 -0.23 -184.13
CA THR A 1631 -67.38 -0.59 -184.66
C THR A 1631 -68.39 0.54 -184.60
N SER A 1632 -68.46 1.25 -183.45
CA SER A 1632 -69.35 2.37 -183.21
C SER A 1632 -69.08 3.59 -184.08
N SER A 1633 -67.79 3.92 -184.30
CA SER A 1633 -67.39 5.09 -185.07
C SER A 1633 -67.69 5.01 -186.56
N THR A 1634 -67.54 3.83 -187.19
CA THR A 1634 -67.66 3.53 -188.63
C THR A 1634 -68.77 4.21 -189.39
N ALA A 1635 -69.98 4.34 -188.83
CA ALA A 1635 -71.11 4.98 -189.49
C ALA A 1635 -70.90 6.45 -189.85
N GLN A 1636 -70.23 7.25 -189.00
CA GLN A 1636 -69.93 8.64 -189.31
C GLN A 1636 -68.46 8.87 -189.58
N HIS A 1637 -67.59 7.91 -189.19
CA HIS A 1637 -66.15 8.07 -189.25
C HIS A 1637 -65.51 6.83 -189.83
N LEU A 1638 -65.87 6.47 -191.08
CA LEU A 1638 -65.42 5.26 -191.75
C LEU A 1638 -63.90 5.09 -191.86
N GLN A 1639 -63.14 6.20 -191.77
CA GLN A 1639 -61.69 6.20 -191.77
C GLN A 1639 -61.07 5.62 -190.50
N ALA A 1640 -61.87 5.38 -189.44
CA ALA A 1640 -61.42 4.61 -188.29
C ALA A 1640 -61.11 3.15 -188.64
N ALA A 1641 -61.61 2.65 -189.78
CA ALA A 1641 -61.20 1.38 -190.32
C ALA A 1641 -59.78 1.39 -190.92
N GLY A 1642 -59.19 2.59 -191.16
CA GLY A 1642 -57.76 2.70 -191.39
C GLY A 1642 -56.98 2.47 -190.13
N GLN A 1643 -57.48 3.02 -189.01
CA GLN A 1643 -56.95 2.81 -187.69
C GLN A 1643 -57.03 1.38 -187.17
N VAL A 1644 -58.13 0.62 -187.42
CA VAL A 1644 -58.18 -0.83 -187.10
C VAL A 1644 -57.13 -1.63 -187.84
N LEU A 1645 -56.97 -1.33 -189.15
CA LEU A 1645 -55.98 -1.96 -189.99
C LEU A 1645 -54.56 -1.67 -189.52
N GLN A 1646 -54.32 -0.45 -189.01
CA GLN A 1646 -52.97 -0.05 -188.50
C GLN A 1646 -52.29 -0.81 -187.32
N PHE A 1647 -51.56 -0.08 -186.49
CA PHE A 1647 -50.83 -0.70 -185.36
C PHE A 1647 -51.62 -1.75 -184.60
N LEU A 1648 -52.93 -1.57 -184.50
CA LEU A 1648 -53.80 -2.51 -183.76
C LEU A 1648 -53.30 -3.94 -183.62
N VAL A 1649 -52.97 -4.60 -184.73
CA VAL A 1649 -52.57 -5.99 -184.64
C VAL A 1649 -51.10 -6.24 -185.00
N ALA A 1650 -50.24 -5.25 -184.75
CA ALA A 1650 -48.81 -5.44 -184.99
C ALA A 1650 -48.25 -6.48 -184.03
N HIS A 1651 -49.15 -7.18 -183.34
CA HIS A 1651 -48.78 -8.21 -182.37
C HIS A 1651 -48.36 -9.56 -182.95
N SER A 1652 -48.06 -10.53 -182.08
CA SER A 1652 -47.66 -11.87 -182.54
C SER A 1652 -47.67 -12.88 -181.39
N ASP A 1653 -48.32 -14.04 -181.55
CA ASP A 1653 -48.34 -15.08 -180.52
C ASP A 1653 -49.13 -14.63 -179.29
N THR A 1654 -48.78 -13.48 -178.69
CA THR A 1654 -49.50 -12.86 -177.57
C THR A 1654 -50.95 -12.59 -177.92
N ILE A 1655 -51.23 -12.01 -179.10
CA ILE A 1655 -52.59 -11.88 -179.60
C ILE A 1655 -53.26 -13.22 -179.84
N GLN A 1656 -52.53 -14.24 -180.35
CA GLN A 1656 -53.08 -15.54 -180.67
C GLN A 1656 -53.52 -16.30 -179.43
N ALA A 1657 -52.74 -16.24 -178.34
CA ALA A 1657 -53.12 -16.76 -177.05
C ALA A 1657 -54.32 -16.06 -176.44
N ILE A 1658 -54.38 -14.71 -176.47
CA ILE A 1658 -55.50 -13.91 -175.98
C ILE A 1658 -56.79 -14.15 -176.76
N LEU A 1659 -56.71 -14.26 -178.10
CA LEU A 1659 -57.86 -14.53 -178.94
C LEU A 1659 -58.39 -15.95 -178.81
N ARG A 1660 -57.59 -16.89 -178.26
CA ARG A 1660 -58.02 -18.24 -177.98
C ARG A 1660 -58.31 -18.47 -176.50
N SER A 1661 -58.09 -17.47 -175.62
CA SER A 1661 -58.25 -17.68 -174.18
C SER A 1661 -59.61 -17.25 -173.70
N MET A 1700 -61.98 -28.56 -183.39
CA MET A 1700 -60.69 -28.98 -183.97
C MET A 1700 -60.41 -28.19 -185.25
N MET A 1701 -61.30 -28.30 -186.25
CA MET A 1701 -61.14 -27.58 -187.53
C MET A 1701 -61.14 -26.07 -187.27
N GLU A 1702 -62.04 -25.60 -186.40
CA GLU A 1702 -62.13 -24.16 -186.07
C GLU A 1702 -60.81 -23.70 -185.42
N LEU A 1703 -60.27 -24.52 -184.52
CA LEU A 1703 -58.99 -24.20 -183.83
C LEU A 1703 -57.87 -24.12 -184.87
N GLN A 1704 -57.86 -25.05 -185.83
CA GLN A 1704 -56.83 -25.06 -186.89
C GLN A 1704 -56.94 -23.78 -187.72
N GLY A 1705 -58.18 -23.37 -188.04
CA GLY A 1705 -58.42 -22.14 -188.83
C GLY A 1705 -57.90 -20.93 -188.04
N HIS A 1706 -58.20 -20.87 -186.74
CA HIS A 1706 -57.74 -19.77 -185.87
C HIS A 1706 -56.20 -19.74 -185.89
N ILE A 1707 -55.58 -20.91 -185.76
CA ILE A 1707 -54.10 -21.02 -185.74
C ILE A 1707 -53.54 -20.55 -187.09
N GLY A 1708 -54.18 -20.93 -188.19
CA GLY A 1708 -53.71 -20.53 -189.55
C GLY A 1708 -53.78 -19.00 -189.69
N ARG A 1709 -54.88 -18.40 -189.22
CA ARG A 1709 -55.08 -16.93 -189.28
C ARG A 1709 -54.03 -16.23 -188.43
N PHE A 1710 -53.79 -16.73 -187.21
CA PHE A 1710 -52.82 -16.11 -186.29
C PHE A 1710 -51.40 -16.23 -186.84
N GLN A 1711 -51.22 -17.00 -187.93
CA GLN A 1711 -49.88 -17.19 -188.52
C GLN A 1711 -49.33 -15.85 -189.04
N ARG A 1712 -50.16 -15.07 -189.72
CA ARG A 1712 -49.73 -13.76 -190.27
C ARG A 1712 -50.95 -12.91 -190.65
N GLN A 1713 -51.27 -12.92 -191.95
CA GLN A 1713 -52.35 -12.21 -192.66
C GLN A 1713 -53.06 -11.14 -191.82
N CYS A 1714 -54.10 -11.53 -191.09
CA CYS A 1714 -54.87 -10.58 -190.26
C CYS A 1714 -55.44 -11.26 -189.01
N LEU A 1715 -55.85 -10.47 -188.02
CA LEU A 1715 -56.41 -11.00 -186.76
C LEU A 1715 -57.92 -11.24 -186.92
N ALA A 1716 -58.48 -10.90 -188.08
CA ALA A 1716 -59.92 -11.09 -188.35
C ALA A 1716 -60.41 -12.50 -187.99
N LEU A 1717 -59.85 -13.54 -188.64
CA LEU A 1717 -60.29 -14.94 -188.43
C LEU A 1717 -60.38 -15.29 -186.94
N LEU A 1718 -59.41 -14.85 -186.13
CA LEU A 1718 -59.38 -15.15 -184.68
C LEU A 1718 -60.74 -14.83 -184.03
N ASN A 1719 -61.14 -13.56 -184.10
CA ASN A 1719 -62.42 -13.05 -183.55
C ASN A 1719 -63.54 -14.00 -183.93
N ARG A 1720 -63.53 -14.48 -185.18
CA ARG A 1720 -64.58 -15.41 -185.66
C ARG A 1720 -64.51 -16.71 -184.84
N PHE A 1721 -63.30 -17.19 -184.56
CA PHE A 1721 -63.12 -18.44 -183.77
C PHE A 1721 -63.67 -18.23 -182.36
N GLY A 1722 -63.39 -17.05 -181.77
CA GLY A 1722 -63.89 -16.76 -180.40
C GLY A 1722 -65.42 -16.73 -180.42
N GLY A 1723 -66.01 -16.14 -181.46
CA GLY A 1723 -67.48 -16.07 -181.57
C GLY A 1723 -68.05 -17.48 -181.69
N SER A 1724 -67.39 -18.35 -182.46
CA SER A 1724 -67.85 -19.75 -182.64
C SER A 1724 -67.79 -20.47 -181.29
N ASP A 1725 -66.72 -20.25 -180.53
CA ASP A 1725 -66.58 -20.90 -179.20
C ASP A 1725 -67.71 -20.42 -178.29
N ARG A 1726 -68.02 -19.12 -178.32
CA ARG A 1726 -69.09 -18.55 -177.48
C ARG A 1726 -70.43 -19.19 -177.87
N LEU A 1727 -70.67 -19.35 -179.17
CA LEU A 1727 -71.93 -19.97 -179.67
C LEU A 1727 -72.02 -21.42 -179.17
N ARG A 1728 -70.90 -22.14 -179.22
CA ARG A 1728 -70.87 -23.55 -178.77
C ARG A 1728 -71.19 -23.59 -177.27
N GLN A 1729 -70.66 -22.64 -176.51
CA GLN A 1729 -70.85 -22.55 -175.04
C GLN A 1729 -72.31 -22.18 -174.71
N LEU A 1730 -73.27 -22.98 -175.20
CA LEU A 1730 -74.71 -22.78 -174.94
C LEU A 1730 -75.13 -23.54 -173.67
N SER A 1731 -74.16 -24.21 -173.03
CA SER A 1731 -74.20 -24.59 -171.60
C SER A 1731 -74.30 -23.35 -170.70
N LEU A 1732 -73.68 -22.22 -171.09
CA LEU A 1732 -73.74 -20.95 -170.31
C LEU A 1732 -75.18 -20.75 -169.81
N GLN A 1733 -76.16 -21.00 -170.68
CA GLN A 1733 -77.59 -20.95 -170.31
C GLN A 1733 -77.91 -22.18 -169.45
N ASP A 1734 -77.36 -23.34 -169.82
CA ASP A 1734 -77.58 -24.60 -169.07
C ASP A 1734 -76.99 -24.45 -167.66
N ASP A 1735 -75.81 -23.85 -167.55
CA ASP A 1735 -75.15 -23.63 -166.24
C ASP A 1735 -76.03 -22.71 -165.40
N SER A 1736 -76.58 -21.67 -166.02
CA SER A 1736 -77.47 -20.72 -165.31
C SER A 1736 -78.71 -21.46 -164.80
N SER A 1737 -79.26 -22.36 -165.64
CA SER A 1737 -80.45 -23.16 -165.27
C SER A 1737 -80.11 -24.06 -164.08
N ARG A 1738 -78.92 -24.67 -164.10
CA ARG A 1738 -78.50 -25.56 -162.99
C ARG A 1738 -78.39 -24.73 -161.71
N LEU A 1739 -77.83 -23.52 -161.82
CA LEU A 1739 -77.69 -22.62 -160.65
C LEU A 1739 -79.09 -22.28 -160.11
N ASP A 1740 -80.04 -22.01 -161.02
CA ASP A 1740 -81.43 -21.68 -160.63
C ASP A 1740 -82.05 -22.88 -159.90
N GLY A 1741 -81.81 -24.09 -160.40
CA GLY A 1741 -82.36 -25.32 -159.75
C GLY A 1741 -81.77 -25.45 -158.35
N VAL A 1742 -80.47 -25.19 -158.21
CA VAL A 1742 -79.80 -25.28 -156.89
C VAL A 1742 -80.43 -24.24 -155.95
N SER A 1743 -80.69 -23.04 -156.46
CA SER A 1743 -81.30 -21.95 -155.66
C SER A 1743 -82.70 -22.37 -155.22
N LYS A 1744 -83.46 -23.00 -156.11
CA LYS A 1744 -84.83 -23.48 -155.79
C LYS A 1744 -84.75 -24.53 -154.68
N LYS A 1745 -83.76 -25.44 -154.78
CA LYS A 1745 -83.59 -26.48 -153.74
C LYS A 1745 -83.27 -25.81 -152.40
N ASP A 1746 -82.42 -24.79 -152.43
CA ASP A 1746 -82.03 -24.05 -151.20
C ASP A 1746 -83.28 -23.38 -150.59
N ASP A 1747 -84.13 -22.80 -151.45
CA ASP A 1747 -85.36 -22.13 -150.99
C ASP A 1747 -86.28 -23.17 -150.33
N MET A 1748 -86.38 -24.36 -150.95
CA MET A 1748 -87.23 -25.44 -150.39
C MET A 1748 -86.68 -25.85 -149.02
N GLU A 1749 -85.36 -25.94 -148.90
CA GLU A 1749 -84.71 -26.32 -147.62
C GLU A 1749 -84.46 -25.07 -146.78
N SER A 1810 -85.52 -29.07 -161.51
CA SER A 1810 -86.20 -28.24 -162.50
C SER A 1810 -85.17 -27.74 -163.49
N LEU A 1811 -84.13 -28.54 -163.69
CA LEU A 1811 -83.08 -28.14 -164.61
C LEU A 1811 -83.27 -28.78 -165.98
N GLY A 1812 -84.49 -29.25 -166.26
CA GLY A 1812 -84.76 -30.00 -167.48
C GLY A 1812 -84.55 -29.12 -168.71
N VAL A 1813 -84.98 -27.86 -168.65
CA VAL A 1813 -84.73 -26.91 -169.73
C VAL A 1813 -83.25 -26.66 -169.93
N VAL A 1814 -82.48 -26.72 -168.84
CA VAL A 1814 -81.05 -26.43 -168.92
C VAL A 1814 -80.30 -27.52 -169.63
N ILE A 1815 -80.47 -28.77 -169.20
CA ILE A 1815 -79.80 -29.88 -169.86
C ILE A 1815 -80.31 -30.02 -171.29
N HIS A 1816 -81.59 -29.71 -171.53
CA HIS A 1816 -82.13 -29.75 -172.89
C HIS A 1816 -81.51 -28.67 -173.76
N LEU A 1817 -81.17 -27.54 -173.17
CA LEU A 1817 -80.49 -26.49 -173.91
C LEU A 1817 -79.06 -26.92 -174.24
N LEU A 1818 -78.36 -27.47 -173.25
CA LEU A 1818 -76.95 -27.79 -173.44
C LEU A 1818 -76.78 -28.93 -174.44
N LYS A 1819 -77.67 -29.92 -174.40
CA LYS A 1819 -77.56 -31.05 -175.33
C LYS A 1819 -77.87 -30.62 -176.75
N GLN A 1820 -78.89 -29.78 -176.92
CA GLN A 1820 -79.25 -29.29 -178.24
C GLN A 1820 -78.13 -28.45 -178.83
N SER A 1821 -77.54 -27.59 -177.99
CA SER A 1821 -76.41 -26.80 -178.43
C SER A 1821 -75.24 -27.68 -178.77
N ALA A 1822 -75.08 -28.80 -178.06
CA ALA A 1822 -73.98 -29.70 -178.33
C ALA A 1822 -74.14 -30.36 -179.69
N ASN A 1823 -75.35 -30.81 -180.01
CA ASN A 1823 -75.61 -31.45 -181.30
C ASN A 1823 -75.36 -30.49 -182.45
N ASN A 1824 -75.88 -29.27 -182.35
CA ASN A 1824 -75.67 -28.29 -183.41
C ASN A 1824 -74.21 -27.85 -183.50
N PHE A 1825 -73.52 -27.80 -182.34
CA PHE A 1825 -72.13 -27.34 -182.31
C PHE A 1825 -71.22 -28.31 -183.02
N PHE A 1826 -71.35 -29.59 -182.72
CA PHE A 1826 -70.52 -30.59 -183.39
C PHE A 1826 -70.81 -30.68 -184.87
N THR A 1827 -72.10 -30.56 -185.25
CA THR A 1827 -72.45 -30.65 -186.66
C THR A 1827 -71.90 -29.48 -187.47
N TYR A 1828 -72.18 -28.25 -187.04
CA TYR A 1828 -71.69 -27.09 -187.80
C TYR A 1828 -70.20 -26.88 -187.57
N TYR A 1829 -69.64 -27.48 -186.51
CA TYR A 1829 -68.21 -27.39 -186.29
C TYR A 1829 -67.47 -28.29 -187.27
N ASP A 1830 -67.99 -29.48 -187.53
CA ASP A 1830 -67.42 -30.29 -188.60
C ASP A 1830 -67.72 -29.68 -189.97
N ILE A 1831 -68.82 -28.92 -190.06
CA ILE A 1831 -69.05 -28.14 -191.28
C ILE A 1831 -67.97 -27.06 -191.46
N HIS A 1832 -67.60 -26.39 -190.37
CA HIS A 1832 -66.50 -25.42 -190.45
C HIS A 1832 -65.17 -26.12 -190.69
N ARG A 1833 -65.06 -27.39 -190.27
CA ARG A 1833 -63.90 -28.19 -190.61
C ARG A 1833 -63.82 -28.44 -192.11
N GLN A 1834 -64.96 -28.79 -192.71
CA GLN A 1834 -65.02 -28.95 -194.16
C GLN A 1834 -64.76 -27.64 -194.87
N SER A 1835 -65.15 -26.53 -194.24
CA SER A 1835 -64.77 -25.22 -194.74
C SER A 1835 -63.27 -25.04 -194.69
N VAL A 1836 -62.65 -25.53 -193.61
CA VAL A 1836 -61.21 -25.37 -193.43
C VAL A 1836 -60.43 -26.25 -194.39
N GLY A 1837 -61.07 -27.30 -194.91
CA GLY A 1837 -60.38 -28.18 -195.84
C GLY A 1837 -60.29 -27.56 -197.23
N LYS A 1838 -61.06 -26.50 -197.50
CA LYS A 1838 -61.18 -25.97 -198.87
C LYS A 1838 -60.42 -24.65 -199.11
N ASP A 1848 -64.28 -9.40 -197.51
CA ASP A 1848 -65.44 -10.31 -197.63
C ASP A 1848 -65.17 -11.59 -196.83
N GLU A 1849 -63.89 -11.94 -196.66
CA GLU A 1849 -63.52 -13.16 -195.90
C GLU A 1849 -64.01 -13.04 -194.46
N ILE A 1850 -63.86 -11.85 -193.86
CA ILE A 1850 -64.30 -11.64 -192.46
C ILE A 1850 -65.81 -11.84 -192.37
N LYS A 1851 -66.55 -11.31 -193.37
CA LYS A 1851 -68.03 -11.45 -193.38
C LYS A 1851 -68.40 -12.93 -193.51
N GLU A 1852 -67.67 -13.67 -194.35
CA GLU A 1852 -67.94 -15.12 -194.53
C GLU A 1852 -67.70 -15.84 -193.20
N LEU A 1853 -66.62 -15.47 -192.49
CA LEU A 1853 -66.29 -16.09 -191.19
C LEU A 1853 -67.41 -15.80 -190.20
N CYS A 1854 -67.92 -14.56 -190.21
CA CYS A 1854 -69.03 -14.17 -189.29
C CYS A 1854 -70.26 -15.01 -189.61
N GLN A 1855 -70.55 -15.22 -190.90
CA GLN A 1855 -71.71 -16.03 -191.31
C GLN A 1855 -71.53 -17.46 -190.83
N SER A 1856 -70.30 -17.99 -190.93
CA SER A 1856 -70.00 -19.37 -190.48
C SER A 1856 -70.22 -19.46 -188.96
N GLU A 1857 -69.81 -18.42 -188.22
CA GLU A 1857 -69.98 -18.39 -186.76
C GLU A 1857 -71.49 -18.39 -186.43
N MET A 1858 -72.25 -17.62 -187.21
CA MET A 1858 -73.72 -17.55 -187.02
C MET A 1858 -74.34 -18.93 -187.26
N LYS A 1864 -73.40 -22.62 -198.10
CA LYS A 1864 -72.14 -22.74 -197.38
C LYS A 1864 -71.02 -23.03 -198.35
N ILE A 1865 -71.23 -23.97 -199.26
CA ILE A 1865 -70.22 -24.27 -200.27
C ILE A 1865 -70.17 -23.18 -201.32
N SER A 1866 -71.29 -22.47 -201.53
CA SER A 1866 -71.30 -21.37 -202.50
C SER A 1866 -70.49 -20.18 -201.99
N THR A 1867 -70.74 -19.80 -200.74
CA THR A 1867 -69.92 -18.78 -200.09
C THR A 1867 -68.49 -19.28 -199.91
N THR A 1868 -68.31 -20.60 -199.78
CA THR A 1868 -66.97 -21.17 -199.66
C THR A 1868 -66.18 -21.11 -200.96
N GLN A 1869 -66.81 -21.44 -202.08
CA GLN A 1869 -66.16 -21.39 -203.38
C GLN A 1869 -65.85 -19.95 -203.76
N LYS A 1870 -66.76 -19.02 -203.42
CA LYS A 1870 -66.48 -17.62 -203.73
C LYS A 1870 -65.40 -17.05 -202.81
N TYR A 1871 -65.37 -17.49 -201.54
CA TYR A 1871 -64.32 -17.06 -200.65
C TYR A 1871 -62.99 -17.70 -201.02
N GLY A 1872 -63.03 -18.94 -201.52
CA GLY A 1872 -61.82 -19.64 -201.91
C GLY A 1872 -61.36 -19.20 -203.29
N LEU A 1873 -62.22 -18.53 -204.05
CA LEU A 1873 -61.77 -17.85 -205.25
C LEU A 1873 -61.33 -16.43 -204.95
N ALA A 1874 -61.77 -15.89 -203.82
CA ALA A 1874 -61.39 -14.53 -203.42
C ALA A 1874 -60.15 -14.50 -202.55
N ARG A 1875 -59.87 -15.56 -201.80
CA ARG A 1875 -58.74 -15.61 -200.87
C ARG A 1875 -57.41 -15.58 -201.59
N HIS B 22 -7.86 54.14 -140.24
CA HIS B 22 -8.78 53.75 -139.17
C HIS B 22 -10.22 54.01 -139.56
N ILE B 23 -11.12 53.03 -139.35
CA ILE B 23 -12.48 53.10 -139.82
C ILE B 23 -13.42 52.97 -138.64
N GLY B 24 -14.35 53.94 -138.50
CA GLY B 24 -15.47 53.89 -137.56
C GLY B 24 -16.75 53.90 -138.32
N PHE B 25 -17.58 52.86 -138.15
CA PHE B 25 -18.82 52.68 -138.88
C PHE B 25 -19.97 52.70 -137.90
N SER B 26 -21.04 53.45 -138.21
CA SER B 26 -22.23 53.50 -137.38
C SER B 26 -23.47 53.32 -138.23
N TRP B 27 -24.34 52.35 -137.86
CA TRP B 27 -25.64 52.19 -138.48
C TRP B 27 -26.59 53.31 -138.10
N GLY B 28 -27.22 53.96 -139.10
CA GLY B 28 -28.27 54.93 -138.84
C GLY B 28 -29.61 54.28 -138.64
N PRO B 29 -30.65 55.05 -138.34
CA PRO B 29 -31.98 54.50 -138.08
C PRO B 29 -32.74 54.25 -139.38
N GLY B 30 -32.24 54.69 -140.54
CA GLY B 30 -32.78 54.33 -141.84
C GLY B 30 -31.75 53.53 -142.58
N ASP B 31 -32.15 52.41 -143.22
CA ASP B 31 -31.25 51.46 -143.85
C ASP B 31 -30.42 52.05 -145.01
N LEU B 32 -31.03 52.98 -145.76
CA LEU B 32 -30.38 53.76 -146.80
C LEU B 32 -29.64 54.99 -146.27
N LEU B 33 -29.31 55.04 -144.97
CA LEU B 33 -28.51 56.11 -144.43
C LEU B 33 -27.65 55.66 -143.27
N LEU B 34 -26.38 55.31 -143.55
CA LEU B 34 -25.41 54.83 -142.59
C LEU B 34 -24.19 55.71 -142.73
N TYR B 35 -23.35 55.85 -141.69
CA TYR B 35 -22.21 56.75 -141.76
C TYR B 35 -20.93 56.04 -141.42
N GLU B 36 -19.88 56.31 -142.19
CA GLU B 36 -18.53 55.91 -141.92
C GLU B 36 -17.66 57.15 -141.77
N THR B 37 -16.82 57.20 -140.73
CA THR B 37 -15.87 58.28 -140.50
C THR B 37 -14.55 57.65 -140.13
N LEU B 38 -13.47 58.43 -140.19
CA LEU B 38 -12.15 57.95 -139.89
C LEU B 38 -11.53 58.82 -138.83
N TYR B 39 -10.97 58.22 -137.78
CA TYR B 39 -10.30 58.97 -136.74
C TYR B 39 -8.82 59.03 -137.05
N GLN B 40 -8.22 60.21 -136.83
CA GLN B 40 -6.80 60.45 -136.95
C GLN B 40 -6.41 61.25 -135.74
N LYS B 41 -5.09 61.39 -135.49
CA LYS B 41 -4.59 62.28 -134.46
C LYS B 41 -4.97 63.75 -134.71
N GLN B 42 -5.28 64.49 -133.63
CA GLN B 42 -5.64 65.90 -133.69
C GLN B 42 -4.53 66.77 -134.26
N GLY B 43 -3.29 66.52 -133.78
CA GLY B 43 -2.08 67.06 -134.34
C GLY B 43 -1.00 66.02 -134.22
N ASN B 44 -0.16 65.88 -135.25
CA ASN B 44 0.98 64.98 -135.20
C ASN B 44 2.04 65.60 -136.07
N SER B 45 3.29 65.77 -135.59
CA SER B 45 4.40 66.33 -136.35
C SER B 45 4.11 67.69 -136.99
N GLU B 46 3.49 68.61 -136.21
CA GLU B 46 3.05 69.95 -136.61
C GLU B 46 1.88 69.98 -137.59
N THR B 47 1.36 68.79 -137.96
CA THR B 47 0.32 68.63 -138.98
C THR B 47 -0.96 68.22 -138.31
N ALA B 48 -2.03 69.05 -138.48
CA ALA B 48 -3.38 68.74 -138.08
C ALA B 48 -4.00 67.59 -138.89
N ALA B 49 -5.15 67.03 -138.44
CA ALA B 49 -5.86 65.98 -139.14
C ALA B 49 -6.14 66.22 -140.64
N ARG B 50 -6.11 65.15 -141.45
CA ARG B 50 -6.34 65.25 -142.89
C ARG B 50 -7.43 64.33 -143.39
N CYS B 51 -8.17 63.65 -142.48
CA CYS B 51 -9.31 62.83 -142.85
C CYS B 51 -10.62 63.38 -142.30
N PRO B 52 -11.17 64.56 -142.69
CA PRO B 52 -12.40 65.05 -142.09
C PRO B 52 -13.60 64.58 -142.91
N PHE B 53 -13.37 63.85 -144.00
CA PHE B 53 -14.44 63.33 -144.85
C PHE B 53 -15.37 62.37 -144.13
N MET B 54 -16.67 62.55 -144.37
CA MET B 54 -17.72 61.72 -143.82
C MET B 54 -18.32 60.97 -144.98
N TYR B 55 -18.39 59.64 -144.90
CA TYR B 55 -18.88 58.82 -145.98
C TYR B 55 -20.25 58.31 -145.64
N LEU B 56 -21.21 58.60 -146.51
CA LEU B 56 -22.59 58.18 -146.31
C LEU B 56 -22.82 56.80 -146.90
N VAL B 57 -22.60 55.76 -146.10
CA VAL B 57 -22.79 54.39 -146.55
C VAL B 57 -24.25 53.96 -146.39
N ARG B 58 -24.81 53.41 -147.47
CA ARG B 58 -26.19 52.95 -147.46
C ARG B 58 -26.46 51.96 -148.58
N SER B 59 -27.74 51.85 -148.95
CA SER B 59 -28.23 50.93 -149.98
C SER B 59 -27.74 51.13 -151.41
N ASP B 60 -27.52 52.39 -151.78
CA ASP B 60 -26.88 52.72 -153.07
C ASP B 60 -27.63 52.25 -154.33
N GLU B 61 -26.93 51.49 -155.19
CA GLU B 61 -27.31 51.21 -156.57
C GLU B 61 -28.64 50.47 -156.81
N ASP B 62 -28.98 49.53 -155.93
CA ASP B 62 -30.00 48.54 -156.25
C ASP B 62 -31.38 49.14 -156.59
N ILE B 63 -31.81 50.16 -155.88
CA ILE B 63 -33.08 50.81 -156.23
C ILE B 63 -32.84 52.23 -156.71
N TYR B 64 -33.26 52.53 -157.95
CA TYR B 64 -33.09 53.87 -158.49
C TYR B 64 -34.02 54.20 -159.67
N SER B 65 -34.18 55.49 -159.92
CA SER B 65 -34.76 56.02 -161.16
C SER B 65 -36.25 56.35 -161.07
N PRO B 66 -36.66 57.34 -161.87
CA PRO B 66 -38.07 57.72 -162.00
C PRO B 66 -38.96 56.67 -162.66
N VAL B 67 -38.45 56.02 -163.70
CA VAL B 67 -39.25 55.15 -164.55
C VAL B 67 -39.11 53.82 -163.85
N LEU B 68 -37.89 53.60 -163.42
CA LEU B 68 -37.51 52.59 -162.44
C LEU B 68 -38.62 52.41 -161.42
N ARG B 69 -39.18 53.52 -160.97
CA ARG B 69 -40.26 53.50 -159.99
C ARG B 69 -41.47 52.79 -160.59
N LYS B 70 -41.76 53.10 -161.85
CA LYS B 70 -42.88 52.49 -162.54
C LYS B 70 -42.67 50.98 -162.65
N LEU B 71 -41.47 50.60 -163.08
CA LEU B 71 -41.12 49.20 -163.24
C LEU B 71 -41.12 48.47 -161.89
N PHE B 72 -40.55 49.11 -160.88
CA PHE B 72 -40.55 48.53 -159.54
C PHE B 72 -41.98 48.44 -159.02
N ASN B 73 -42.74 49.51 -159.24
CA ASN B 73 -44.13 49.54 -158.81
C ASN B 73 -44.95 48.48 -159.52
N GLU B 74 -44.69 48.33 -160.82
CA GLU B 74 -45.39 47.34 -161.61
C GLU B 74 -45.07 45.95 -161.10
N SER B 75 -43.80 45.73 -160.75
CA SER B 75 -43.37 44.44 -160.24
C SER B 75 -44.06 44.14 -158.92
N HIS B 76 -44.17 45.17 -158.08
CA HIS B 76 -44.82 45.01 -156.79
C HIS B 76 -46.28 44.65 -157.00
N SER B 77 -46.91 45.31 -157.97
CA SER B 77 -48.31 45.06 -158.27
C SER B 77 -48.49 43.63 -158.74
N ILE B 78 -47.57 43.16 -159.57
CA ILE B 78 -47.63 41.79 -160.08
C ILE B 78 -47.49 40.80 -158.94
N PHE B 79 -46.59 41.08 -158.01
CA PHE B 79 -46.38 40.21 -156.87
C PHE B 79 -47.65 40.15 -156.03
N VAL B 80 -48.28 41.32 -155.87
CA VAL B 80 -49.50 41.41 -155.08
C VAL B 80 -50.59 40.58 -155.75
N GLY B 81 -50.67 40.66 -157.07
CA GLY B 81 -51.66 39.91 -157.82
C GLY B 81 -51.43 38.42 -157.67
N LEU B 82 -50.17 38.02 -157.70
CA LEU B 82 -49.82 36.62 -157.55
C LEU B 82 -50.25 36.12 -156.17
N GLN B 83 -50.01 36.94 -155.15
CA GLN B 83 -50.41 36.58 -153.80
C GLN B 83 -51.93 36.46 -153.70
N LYS B 84 -52.62 37.40 -154.34
CA LYS B 84 -54.06 37.48 -154.31
C LYS B 84 -54.77 36.30 -154.95
N SER B 85 -54.25 35.84 -156.08
CA SER B 85 -54.92 34.82 -156.88
C SER B 85 -54.72 33.39 -156.38
N ALA B 86 -53.47 33.00 -156.15
CA ALA B 86 -53.17 31.62 -155.78
C ALA B 86 -53.82 31.20 -154.47
N GLU B 87 -53.78 32.08 -153.47
CA GLU B 87 -54.36 31.76 -152.17
C GLU B 87 -55.87 31.58 -152.30
N GLU B 88 -56.50 32.45 -153.09
CA GLU B 88 -57.93 32.37 -153.31
C GLU B 88 -58.28 31.07 -154.01
N ALA B 89 -57.45 30.69 -154.98
CA ALA B 89 -57.66 29.46 -155.72
C ALA B 89 -57.57 28.27 -154.79
N SER B 90 -56.60 28.31 -153.88
CA SER B 90 -56.41 27.24 -152.91
C SER B 90 -57.63 27.14 -152.01
N GLY B 91 -58.21 28.29 -151.66
CA GLY B 91 -59.42 28.34 -150.86
C GLY B 91 -60.51 27.62 -151.63
N LYS B 92 -60.50 27.80 -152.95
CA LYS B 92 -61.41 27.10 -153.85
C LYS B 92 -61.15 25.60 -153.73
N SER B 93 -59.87 25.26 -153.53
CA SER B 93 -59.38 23.88 -153.42
C SER B 93 -58.94 23.30 -154.75
N ARG B 94 -58.52 22.03 -154.74
CA ARG B 94 -57.85 21.45 -155.90
C ARG B 94 -58.73 21.41 -157.14
N LYS B 95 -58.15 21.84 -158.25
CA LYS B 95 -58.81 21.81 -159.55
C LYS B 95 -57.74 21.89 -160.63
N ALA B 96 -58.11 21.55 -161.87
CA ALA B 96 -57.21 21.76 -162.99
C ALA B 96 -56.99 23.26 -163.06
N GLN B 97 -58.07 24.01 -162.82
CA GLN B 97 -58.04 25.46 -162.71
C GLN B 97 -56.68 25.93 -162.20
N LEU B 98 -56.12 25.22 -161.24
CA LEU B 98 -54.81 25.56 -160.70
C LEU B 98 -53.74 25.44 -161.78
N VAL B 99 -53.86 24.39 -162.60
CA VAL B 99 -52.94 24.19 -163.71
C VAL B 99 -53.04 25.33 -164.71
N GLN B 100 -54.26 25.77 -164.97
CA GLN B 100 -54.50 26.85 -165.92
C GLN B 100 -54.24 28.21 -165.27
N VAL B 101 -54.54 28.32 -163.98
CA VAL B 101 -54.33 29.55 -163.24
C VAL B 101 -52.86 29.95 -163.27
N SER B 102 -51.99 28.95 -163.13
CA SER B 102 -50.55 29.18 -163.19
C SER B 102 -50.15 29.70 -164.56
N ARG B 103 -50.75 29.14 -165.60
CA ARG B 103 -50.46 29.56 -166.97
C ARG B 103 -50.87 31.01 -167.19
N ASN B 104 -52.00 31.39 -166.61
CA ASN B 104 -52.51 32.75 -166.73
C ASN B 104 -51.57 33.76 -166.09
N TYR B 105 -51.01 33.40 -164.94
CA TYR B 105 -50.06 34.25 -164.25
C TYR B 105 -48.81 34.46 -165.10
N ARG B 106 -48.37 33.38 -165.76
CA ARG B 106 -47.22 33.45 -166.64
C ARG B 106 -47.51 34.38 -167.81
N SER B 107 -48.73 34.29 -168.34
CA SER B 107 -49.14 35.16 -169.43
C SER B 107 -49.12 36.62 -168.99
N VAL B 108 -49.58 36.86 -167.77
CA VAL B 108 -49.58 38.20 -167.20
C VAL B 108 -48.16 38.74 -167.08
N LEU B 109 -47.25 37.86 -166.66
CA LEU B 109 -45.84 38.22 -166.53
C LEU B 109 -45.27 38.58 -167.89
N ARG B 110 -45.65 37.81 -168.91
CA ARG B 110 -45.21 38.08 -170.28
C ARG B 110 -45.71 39.44 -170.74
N ALA B 111 -46.96 39.75 -170.39
CA ALA B 111 -47.55 41.03 -170.74
C ALA B 111 -46.79 42.17 -170.05
N CYS B 112 -46.41 41.95 -168.80
CA CYS B 112 -45.64 42.94 -168.05
C CYS B 112 -44.29 43.16 -168.72
N MET B 113 -43.67 42.08 -169.19
CA MET B 113 -42.39 42.16 -169.89
C MET B 113 -42.55 42.97 -171.17
N GLU B 114 -43.66 42.75 -171.87
CA GLU B 114 -43.96 43.48 -173.09
C GLU B 114 -44.11 44.97 -172.79
N GLU B 115 -44.77 45.28 -171.68
CA GLU B 115 -44.96 46.66 -171.27
C GLU B 115 -43.62 47.30 -170.96
N MET B 116 -42.73 46.54 -170.32
CA MET B 116 -41.39 47.03 -170.02
C MET B 116 -40.63 47.32 -171.30
N HIS B 117 -40.78 46.45 -172.29
CA HIS B 117 -40.13 46.63 -173.58
C HIS B 117 -40.65 47.90 -174.25
N THR B 118 -41.96 48.12 -174.12
CA THR B 118 -42.61 49.30 -174.66
C THR B 118 -42.08 50.58 -174.01
N LEU B 119 -41.84 50.52 -172.70
CA LEU B 119 -41.39 51.69 -171.96
C LEU B 119 -40.04 52.19 -172.48
N SER B 120 -39.14 51.27 -172.78
CA SER B 120 -37.83 51.62 -173.34
C SER B 120 -37.99 52.63 -174.48
N GLU B 121 -39.01 52.40 -175.30
CA GLU B 121 -39.49 53.33 -176.33
C GLU B 121 -39.44 54.76 -175.79
N SER B 122 -39.65 54.89 -174.48
CA SER B 122 -39.76 56.19 -173.83
C SER B 122 -38.52 57.06 -173.98
N THR B 123 -37.34 56.45 -173.92
CA THR B 123 -36.10 57.20 -173.99
C THR B 123 -35.99 57.96 -175.32
N ARG B 124 -35.47 59.18 -175.26
CA ARG B 124 -35.46 60.07 -176.40
C ARG B 124 -34.10 60.73 -176.65
N GLU B 125 -33.91 61.19 -177.89
CA GLU B 125 -32.66 61.83 -178.31
C GLU B 125 -32.40 63.15 -177.56
N THR B 126 -31.13 63.48 -177.33
CA THR B 126 -29.99 62.79 -177.95
C THR B 126 -29.32 61.83 -176.98
N ALA B 127 -29.23 60.57 -177.42
CA ALA B 127 -28.62 59.47 -176.68
C ALA B 127 -29.68 58.82 -175.81
N GLN B 128 -29.55 57.52 -175.56
CA GLN B 128 -30.55 56.81 -174.77
C GLN B 128 -30.03 55.54 -174.12
N LYS B 129 -30.73 55.09 -173.08
CA LYS B 129 -30.47 53.80 -172.47
C LYS B 129 -31.75 52.97 -172.60
N TYR B 130 -31.63 51.76 -173.12
CA TYR B 130 -32.79 50.92 -173.35
C TYR B 130 -32.43 49.46 -173.64
N ILE B 131 -31.31 49.26 -174.33
CA ILE B 131 -30.92 47.91 -174.71
C ILE B 131 -30.67 47.07 -173.45
N SER B 132 -30.01 47.66 -172.47
CA SER B 132 -29.83 47.00 -171.18
C SER B 132 -31.18 46.77 -170.52
N GLN B 133 -32.05 47.78 -170.61
CA GLN B 133 -33.38 47.71 -170.06
C GLN B 133 -34.23 46.64 -170.74
N ILE B 134 -34.09 46.55 -172.06
CA ILE B 134 -34.87 45.59 -172.83
C ILE B 134 -34.22 44.22 -172.81
N SER B 135 -32.89 44.20 -172.90
CA SER B 135 -32.14 42.96 -172.84
C SER B 135 -32.33 42.30 -171.47
N ILE B 136 -32.32 43.11 -170.43
CA ILE B 136 -32.54 42.61 -169.08
C ILE B 136 -33.93 42.01 -168.97
N LEU B 137 -34.90 42.68 -169.59
CA LEU B 137 -36.28 42.22 -169.61
C LEU B 137 -36.43 40.89 -170.34
N SER B 138 -35.69 40.72 -171.42
CA SER B 138 -35.82 39.52 -172.26
C SER B 138 -35.48 38.26 -171.48
N ALA B 139 -34.43 38.34 -170.66
CA ALA B 139 -34.06 37.23 -169.81
C ALA B 139 -35.27 36.74 -169.01
N MET B 140 -36.06 37.70 -168.53
CA MET B 140 -37.27 37.38 -167.77
C MET B 140 -38.25 36.62 -168.66
N GLU B 141 -38.34 37.05 -169.91
CA GLU B 141 -39.21 36.40 -170.90
C GLU B 141 -38.78 34.97 -171.15
N LEU B 142 -37.47 34.74 -171.21
CA LEU B 142 -36.97 33.38 -171.46
C LEU B 142 -37.38 32.43 -170.34
N SER B 143 -37.32 32.93 -169.11
CA SER B 143 -37.71 32.17 -167.93
C SER B 143 -39.18 31.79 -168.01
N TRP B 144 -40.00 32.73 -168.48
CA TRP B 144 -41.43 32.48 -168.64
C TRP B 144 -41.65 31.36 -169.65
N ASN B 145 -40.88 31.39 -170.73
CA ASN B 145 -40.96 30.36 -171.76
C ASN B 145 -40.59 29.00 -171.19
N LEU B 146 -39.56 28.98 -170.35
CA LEU B 146 -39.12 27.75 -169.71
C LEU B 146 -40.23 27.22 -168.80
N CYS B 147 -40.89 28.12 -168.09
CA CYS B 147 -42.00 27.75 -167.22
C CYS B 147 -43.14 27.14 -168.03
N GLU B 148 -43.40 27.74 -169.19
CA GLU B 148 -44.44 27.24 -170.08
C GLU B 148 -44.09 25.84 -170.57
N ILE B 149 -42.81 25.63 -170.88
CA ILE B 149 -42.35 24.32 -171.32
C ILE B 149 -42.53 23.30 -170.21
N LEU B 150 -42.25 23.71 -168.98
CA LEU B 150 -42.43 22.84 -167.82
C LEU B 150 -43.89 22.47 -167.64
N PHE B 151 -44.77 23.44 -167.85
CA PHE B 151 -46.20 23.22 -167.72
C PHE B 151 -46.62 21.93 -168.39
N PRO B 156 -47.37 14.57 -175.18
CA PRO B 156 -46.66 15.58 -174.40
C PRO B 156 -45.44 16.08 -175.15
N ALA B 157 -44.72 15.16 -175.79
CA ALA B 157 -43.55 15.52 -176.59
C ALA B 157 -43.96 16.43 -177.74
N GLY B 158 -45.09 16.11 -178.36
CA GLY B 158 -45.61 16.91 -179.45
C GLY B 158 -45.95 18.31 -178.97
N PRO B 159 -46.54 18.40 -177.79
CA PRO B 159 -46.88 19.68 -177.19
C PRO B 159 -45.61 20.50 -176.92
N LEU B 160 -44.57 19.82 -176.44
CA LEU B 160 -43.29 20.48 -176.19
C LEU B 160 -42.72 21.02 -177.49
N LEU B 161 -42.85 20.24 -178.55
CA LEU B 161 -42.36 20.66 -179.86
C LEU B 161 -43.13 21.89 -180.34
N ILE B 162 -44.43 21.90 -180.10
CA ILE B 162 -45.27 23.02 -180.46
C ILE B 162 -44.84 24.27 -179.70
N LEU B 163 -44.52 24.09 -178.42
CA LEU B 163 -44.06 25.18 -177.58
C LEU B 163 -42.74 25.74 -178.12
N LEU B 164 -41.86 24.84 -178.54
CA LEU B 164 -40.59 25.24 -179.11
C LEU B 164 -40.80 26.04 -180.39
N LEU B 165 -41.76 25.60 -181.20
CA LEU B 165 -42.09 26.30 -182.44
C LEU B 165 -42.61 27.71 -182.12
N GLU B 166 -43.42 27.81 -181.08
CA GLU B 166 -43.96 29.09 -180.65
C GLU B 166 -42.83 30.01 -180.22
N TRP B 167 -41.86 29.45 -179.50
CA TRP B 167 -40.70 30.20 -179.04
C TRP B 167 -39.90 30.71 -180.24
N VAL B 168 -39.76 29.86 -181.25
CA VAL B 168 -39.05 30.24 -182.45
C VAL B 168 -39.76 31.38 -183.16
N ARG B 169 -41.09 31.31 -183.18
CA ARG B 169 -41.90 32.35 -183.79
C ARG B 169 -41.70 33.67 -183.05
N LEU B 170 -41.65 33.58 -181.72
CA LEU B 170 -41.43 34.75 -180.88
C LEU B 170 -40.07 35.37 -181.17
N HIS B 171 -39.07 34.52 -181.36
CA HIS B 171 -37.71 34.97 -181.64
C HIS B 171 -37.70 36.00 -182.76
N HIS B 191 -32.43 37.36 -202.71
CA HIS B 191 -31.16 36.75 -202.32
C HIS B 191 -31.36 35.70 -201.25
N GLU B 192 -30.25 35.19 -200.71
CA GLU B 192 -30.31 34.17 -199.67
C GLU B 192 -31.01 34.70 -198.42
N LYS B 193 -30.71 35.94 -198.06
CA LYS B 193 -31.34 36.57 -196.91
C LYS B 193 -32.84 36.69 -197.13
N PHE B 194 -33.23 37.05 -198.35
CA PHE B 194 -34.64 37.16 -198.71
C PHE B 194 -35.33 35.81 -198.58
N TRP B 195 -34.63 34.77 -199.03
CA TRP B 195 -35.16 33.41 -198.94
C TRP B 195 -35.36 33.03 -197.48
N ASP B 196 -34.40 33.40 -196.63
CA ASP B 196 -34.49 33.12 -195.21
C ASP B 196 -35.68 33.83 -194.60
N GLY B 197 -35.91 35.07 -195.03
CA GLY B 197 -37.04 35.85 -194.56
C GLY B 197 -38.34 35.18 -194.97
N VAL B 198 -38.39 34.67 -196.19
CA VAL B 198 -39.56 33.96 -196.70
C VAL B 198 -39.83 32.72 -195.86
N THR B 199 -38.76 32.01 -195.51
CA THR B 199 -38.87 30.79 -194.72
C THR B 199 -39.17 31.12 -193.25
N GLY B 200 -38.29 31.89 -192.63
CA GLY B 200 -38.46 32.28 -191.24
C GLY B 200 -39.87 32.62 -190.84
N TYR B 201 -40.57 33.45 -191.64
CA TYR B 201 -41.96 33.79 -191.39
C TYR B 201 -42.89 32.60 -191.49
N VAL B 202 -42.72 31.73 -192.50
CA VAL B 202 -43.49 30.51 -192.67
C VAL B 202 -43.36 29.58 -191.48
N LEU B 203 -42.13 29.35 -190.99
CA LEU B 203 -41.84 28.47 -189.88
C LEU B 203 -42.51 28.89 -188.58
N GLN B 204 -42.72 30.20 -188.39
CA GLN B 204 -43.38 30.76 -187.23
C GLN B 204 -44.87 30.93 -187.42
N GLY B 205 -45.40 30.48 -188.57
CA GLY B 205 -46.83 30.57 -188.89
C GLY B 205 -47.27 31.96 -189.26
N VAL B 230 -38.11 28.69 -215.18
CA VAL B 230 -37.94 27.28 -214.85
C VAL B 230 -37.44 27.10 -213.42
N LEU B 231 -36.48 27.94 -213.03
CA LEU B 231 -35.91 27.87 -211.69
C LEU B 231 -36.97 28.16 -210.63
N ASP B 232 -37.81 29.15 -210.92
CA ASP B 232 -38.89 29.50 -210.00
C ASP B 232 -39.86 28.33 -209.84
N ASP B 233 -40.15 27.67 -210.96
CA ASP B 233 -41.04 26.51 -210.95
C ASP B 233 -40.43 25.40 -210.11
N LEU B 234 -39.12 25.20 -210.25
CA LEU B 234 -38.41 24.19 -209.49
C LEU B 234 -38.49 24.50 -207.99
N LEU B 235 -38.35 25.78 -207.66
CA LEU B 235 -38.44 26.22 -206.27
C LEU B 235 -39.83 25.95 -205.73
N LYS B 236 -40.85 26.19 -206.55
CA LYS B 236 -42.23 25.94 -206.15
C LYS B 236 -42.43 24.45 -205.89
N LYS B 237 -41.83 23.62 -206.75
CA LYS B 237 -41.93 22.18 -206.59
C LYS B 237 -41.27 21.74 -205.30
N MET B 238 -40.14 22.36 -204.97
CA MET B 238 -39.42 22.06 -203.75
C MET B 238 -40.29 22.43 -202.55
N PRO B 239 -40.96 23.57 -202.64
CA PRO B 239 -41.86 24.02 -201.57
C PRO B 239 -43.00 23.04 -201.39
N MET B 240 -43.55 22.54 -202.50
CA MET B 240 -44.62 21.56 -202.45
C MET B 240 -44.14 20.28 -201.77
N LEU B 241 -42.91 19.88 -202.08
CA LEU B 241 -42.32 18.70 -201.49
C LEU B 241 -42.17 18.88 -199.98
N HIS B 242 -41.76 20.09 -199.58
CA HIS B 242 -41.61 20.41 -198.17
C HIS B 242 -42.96 20.34 -197.46
N THR B 243 -43.99 20.82 -198.13
CA THR B 243 -45.35 20.79 -197.60
C THR B 243 -45.81 19.35 -197.41
N GLY B 244 -45.48 18.50 -198.38
CA GLY B 244 -45.89 17.10 -198.37
C GLY B 244 -45.24 16.30 -197.26
N GLY B 245 -44.45 16.97 -196.43
CA GLY B 245 -43.77 16.30 -195.33
C GLY B 245 -44.40 16.68 -194.01
N THR B 246 -44.72 17.96 -193.86
CA THR B 246 -45.36 18.44 -192.65
C THR B 246 -46.72 17.78 -192.47
N GLN B 247 -47.45 17.64 -193.57
CA GLN B 247 -48.75 16.98 -193.55
C GLN B 247 -48.62 15.53 -193.13
N THR B 248 -47.58 14.87 -193.62
CA THR B 248 -47.34 13.47 -193.29
C THR B 248 -46.30 12.86 -194.23
N PHE B 252 -48.70 11.78 -190.88
CA PHE B 252 -47.88 10.60 -190.67
C PHE B 252 -46.43 10.98 -190.83
N GLU B 253 -45.65 10.90 -189.73
CA GLU B 253 -44.22 11.13 -189.68
C GLU B 253 -43.42 10.17 -190.55
N LEU B 254 -43.90 8.92 -190.68
CA LEU B 254 -43.39 7.97 -191.65
C LEU B 254 -43.52 8.43 -193.09
N LYS B 255 -44.66 9.03 -193.49
CA LYS B 255 -44.82 9.61 -194.81
C LYS B 255 -43.90 10.80 -195.02
N TRP B 256 -43.65 11.64 -194.00
CA TRP B 256 -42.67 12.72 -194.08
C TRP B 256 -41.25 12.23 -194.30
N GLN B 257 -40.84 11.15 -193.61
CA GLN B 257 -39.54 10.53 -193.78
C GLN B 257 -39.28 10.16 -195.25
N HIS B 258 -40.23 9.44 -195.89
CA HIS B 258 -40.22 9.14 -197.32
C HIS B 258 -40.35 10.38 -198.22
N TRP B 259 -41.13 11.40 -197.81
CA TRP B 259 -41.25 12.66 -198.55
C TRP B 259 -39.95 13.43 -198.68
N ARG B 260 -39.18 13.52 -197.57
CA ARG B 260 -37.88 14.16 -197.58
C ARG B 260 -36.87 13.44 -198.47
N GLU B 261 -36.89 12.10 -198.45
CA GLU B 261 -35.97 11.31 -199.26
C GLU B 261 -36.16 11.59 -200.74
N GLU B 262 -37.43 11.63 -201.17
CA GLU B 262 -37.75 11.87 -202.58
C GLU B 262 -37.27 13.25 -203.01
N CYS B 263 -37.45 14.24 -202.14
CA CYS B 263 -37.02 15.59 -202.42
C CYS B 263 -35.50 15.63 -202.57
N GLU B 264 -34.81 14.91 -201.70
CA GLU B 264 -33.35 14.83 -201.76
C GLU B 264 -32.91 14.20 -203.07
N ARG B 265 -33.63 13.16 -203.49
CA ARG B 265 -33.32 12.49 -204.75
C ARG B 265 -33.50 13.47 -205.91
N HIS B 266 -34.56 14.26 -205.85
CA HIS B 266 -34.83 15.26 -206.88
C HIS B 266 -33.70 16.28 -206.93
N LEU B 267 -33.23 16.68 -205.76
CA LEU B 267 -32.14 17.63 -205.67
C LEU B 267 -30.87 17.04 -206.30
N GLN B 268 -30.64 15.76 -206.04
CA GLN B 268 -29.49 15.07 -206.60
C GLN B 268 -29.59 15.03 -208.12
N ASN B 269 -30.80 14.79 -208.62
CA ASN B 269 -31.04 14.78 -210.06
C ASN B 269 -30.77 16.14 -210.67
N GLY B 270 -31.17 17.19 -209.96
CA GLY B 270 -30.92 18.55 -210.40
C GLY B 270 -29.44 18.85 -210.46
N THR B 271 -28.71 18.35 -209.46
CA THR B 271 -27.26 18.56 -209.40
C THR B 271 -26.91 20.05 -209.52
N HIS B 277 -27.97 31.36 -207.76
CA HIS B 277 -28.77 31.71 -206.60
C HIS B 277 -30.13 31.04 -206.65
N MET B 278 -30.73 31.01 -207.83
CA MET B 278 -32.02 30.36 -208.02
C MET B 278 -31.92 28.88 -207.71
N GLU B 279 -30.83 28.26 -208.16
CA GLU B 279 -30.60 26.85 -207.90
C GLU B 279 -30.46 26.60 -206.41
N ALA B 280 -29.77 27.50 -205.72
CA ALA B 280 -29.60 27.40 -204.28
C ALA B 280 -30.95 27.49 -203.58
N VAL B 281 -31.80 28.39 -204.07
CA VAL B 281 -33.13 28.56 -203.52
C VAL B 281 -33.95 27.29 -203.71
N CYS B 282 -33.80 26.67 -204.88
CA CYS B 282 -34.50 25.43 -205.18
C CYS B 282 -34.03 24.33 -204.24
N ARG B 283 -32.73 24.30 -203.96
CA ARG B 283 -32.16 23.32 -203.05
C ARG B 283 -32.73 23.52 -201.65
N VAL B 284 -32.85 24.78 -201.25
CA VAL B 284 -33.41 25.11 -199.95
C VAL B 284 -34.86 24.64 -199.86
N LEU B 285 -35.61 24.83 -200.94
CA LEU B 285 -36.99 24.39 -200.99
C LEU B 285 -37.07 22.88 -200.86
N LEU B 286 -36.10 22.19 -201.45
CA LEU B 286 -35.97 20.75 -201.23
C LEU B 286 -35.69 20.45 -199.77
N GLY B 287 -34.81 21.24 -199.15
CA GLY B 287 -34.51 21.10 -197.74
C GLY B 287 -34.03 19.70 -197.38
N ASP B 288 -34.66 19.12 -196.37
CA ASP B 288 -34.45 17.71 -196.05
C ASP B 288 -33.02 17.22 -195.80
N GLU B 289 -32.29 17.87 -194.89
CA GLU B 289 -32.68 19.10 -194.21
C GLU B 289 -31.42 19.93 -193.95
N GLU B 290 -30.38 19.69 -194.75
CA GLU B 290 -29.00 20.04 -194.43
C GLU B 290 -28.68 21.52 -194.20
N VAL B 291 -29.27 22.40 -194.99
CA VAL B 291 -28.87 23.80 -195.00
C VAL B 291 -29.06 24.53 -193.66
N LEU B 292 -30.15 24.24 -192.97
CA LEU B 292 -30.49 24.94 -191.74
C LEU B 292 -29.28 24.98 -190.81
N LEU B 293 -28.57 23.87 -190.74
CA LEU B 293 -27.37 23.79 -189.92
C LEU B 293 -26.32 24.79 -190.42
N GLU B 294 -26.19 24.87 -191.74
CA GLU B 294 -25.25 25.81 -192.35
C GLU B 294 -25.63 27.24 -192.01
N LYS B 295 -26.93 27.52 -192.03
CA LYS B 295 -27.43 28.85 -191.68
C LYS B 295 -27.10 29.17 -190.24
N ARG B 296 -27.26 28.18 -189.37
CA ARG B 296 -26.94 28.35 -187.96
C ARG B 296 -25.46 28.64 -187.78
N ASP B 297 -24.63 27.95 -188.54
CA ASP B 297 -23.20 28.16 -188.49
C ASP B 297 -22.85 29.58 -188.93
N LEU B 298 -23.54 30.04 -189.96
CA LEU B 298 -23.35 31.40 -190.47
C LEU B 298 -23.75 32.43 -189.40
N MET B 299 -24.83 32.15 -188.69
CA MET B 299 -25.31 33.04 -187.65
C MET B 299 -24.22 33.32 -186.62
N THR B 301 -27.46 31.13 -185.55
CA THR B 301 -27.67 30.87 -184.12
C THR B 301 -28.39 29.55 -183.85
N TRP B 302 -27.89 28.84 -182.83
CA TRP B 302 -28.35 27.50 -182.48
C TRP B 302 -29.80 27.45 -182.06
N TYR B 303 -30.25 28.43 -181.28
CA TYR B 303 -31.64 28.47 -180.84
C TYR B 303 -32.56 28.60 -182.05
N HIS B 304 -32.16 29.46 -182.98
CA HIS B 304 -32.94 29.65 -184.20
C HIS B 304 -32.98 28.36 -184.99
N PHE B 305 -31.85 27.67 -185.06
CA PHE B 305 -31.80 26.40 -185.78
C PHE B 305 -32.75 25.38 -185.14
N LEU B 306 -32.77 25.35 -183.82
CA LEU B 306 -33.64 24.44 -183.09
C LEU B 306 -35.11 24.75 -183.36
N VAL B 307 -35.42 26.05 -183.40
CA VAL B 307 -36.79 26.48 -183.69
C VAL B 307 -37.17 26.01 -185.09
N SER B 308 -36.24 26.15 -186.03
CA SER B 308 -36.49 25.74 -187.40
C SER B 308 -36.75 24.24 -187.45
N ARG B 309 -35.98 23.48 -186.68
CA ARG B 309 -36.16 22.03 -186.61
C ARG B 309 -37.52 21.65 -186.05
N LEU B 310 -37.97 22.35 -185.02
CA LEU B 310 -39.29 22.07 -184.43
C LEU B 310 -40.41 22.34 -185.44
N LEU B 311 -40.24 23.42 -186.18
CA LEU B 311 -41.19 23.91 -187.17
C LEU B 311 -41.35 23.08 -188.44
N PHE B 312 -40.24 22.61 -189.08
CA PHE B 312 -40.34 22.02 -190.41
C PHE B 312 -39.89 20.57 -190.50
N LYS B 313 -39.16 20.02 -189.51
CA LYS B 313 -38.66 18.65 -189.59
C LYS B 313 -39.64 17.70 -188.93
N HIS B 314 -39.66 17.61 -187.58
CA HIS B 314 -40.62 16.80 -186.86
C HIS B 314 -41.00 17.55 -185.60
N PRO B 315 -42.26 17.81 -185.24
CA PRO B 315 -42.60 18.79 -184.21
C PRO B 315 -42.75 18.07 -182.88
N THR B 316 -41.71 17.28 -182.58
CA THR B 316 -41.47 16.70 -181.27
C THR B 316 -40.08 17.16 -180.78
N VAL B 317 -40.01 17.61 -179.53
CA VAL B 317 -38.81 18.26 -178.98
C VAL B 317 -38.02 17.46 -177.94
N LYS B 318 -38.20 16.14 -177.90
CA LYS B 318 -37.77 15.32 -176.78
C LYS B 318 -36.28 15.28 -176.39
N PRO B 319 -35.37 15.20 -177.36
CA PRO B 319 -33.95 15.02 -177.02
C PRO B 319 -33.02 16.17 -177.41
N THR B 320 -32.43 16.77 -176.37
CA THR B 320 -31.71 18.02 -176.51
C THR B 320 -30.21 17.84 -176.42
N GLU B 321 -29.72 16.60 -176.42
CA GLU B 321 -28.27 16.44 -176.47
C GLU B 321 -27.73 16.93 -177.81
N LEU B 322 -28.36 16.50 -178.91
CA LEU B 322 -27.91 16.90 -180.24
C LEU B 322 -28.12 18.38 -180.49
N HIS B 323 -29.29 18.87 -180.10
CA HIS B 323 -29.64 20.26 -180.26
C HIS B 323 -28.68 21.07 -179.42
N PHE B 324 -28.37 20.55 -178.24
CA PHE B 324 -27.50 21.25 -177.31
C PHE B 324 -26.13 21.37 -177.94
N TYR B 325 -25.65 20.31 -178.55
CA TYR B 325 -24.34 20.32 -179.16
C TYR B 325 -24.34 21.35 -180.28
N ALA B 326 -25.41 21.37 -181.05
CA ALA B 326 -25.49 22.30 -182.16
C ALA B 326 -25.46 23.75 -181.68
N GLN B 327 -26.20 24.06 -180.62
CA GLN B 327 -26.20 25.41 -180.09
C GLN B 327 -24.82 25.76 -179.56
N SER B 328 -24.26 24.78 -178.86
CA SER B 328 -22.94 24.86 -178.25
C SER B 328 -21.86 24.98 -179.31
N SER B 329 -22.00 24.22 -180.39
CA SER B 329 -20.93 24.28 -181.38
C SER B 329 -21.20 25.39 -182.38
N LEU B 330 -22.47 25.50 -182.79
CA LEU B 330 -22.87 26.54 -183.74
C LEU B 330 -22.64 27.92 -183.12
N ASP B 331 -22.96 28.05 -181.84
CA ASP B 331 -22.77 29.30 -181.13
C ASP B 331 -21.29 29.65 -181.07
N MET B 332 -20.46 28.64 -180.84
CA MET B 332 -19.02 28.84 -180.80
C MET B 332 -18.51 29.30 -182.15
N PHE B 333 -19.05 28.71 -183.21
CA PHE B 333 -18.67 29.09 -184.57
C PHE B 333 -19.06 30.54 -184.83
N LEU B 334 -20.23 30.93 -184.36
CA LEU B 334 -20.69 32.31 -184.51
C LEU B 334 -19.76 33.26 -183.77
N PRO B 340 -22.71 39.11 -173.17
CA PRO B 340 -23.48 38.21 -174.04
C PRO B 340 -23.10 36.76 -173.80
N GLU B 341 -21.81 36.49 -173.63
CA GLU B 341 -21.35 35.14 -173.35
C GLU B 341 -21.93 34.64 -172.03
N PRO B 342 -21.97 35.52 -171.04
CA PRO B 342 -22.54 35.19 -169.74
C PRO B 342 -24.03 34.87 -169.88
N LEU B 343 -24.72 35.64 -170.70
CA LEU B 343 -26.14 35.42 -170.94
C LEU B 343 -26.34 34.05 -171.60
N ASP B 344 -25.46 33.71 -172.53
CA ASP B 344 -25.53 32.43 -173.21
C ASP B 344 -25.32 31.30 -172.21
N ASN B 345 -24.38 31.50 -171.28
CA ASN B 345 -24.11 30.52 -170.24
C ASN B 345 -25.34 30.33 -169.35
N ILE B 346 -26.00 31.44 -169.03
CA ILE B 346 -27.21 31.39 -168.22
C ILE B 346 -28.29 30.61 -168.95
N LEU B 347 -28.40 30.83 -170.25
CA LEU B 347 -29.37 30.12 -171.07
C LEU B 347 -29.08 28.62 -171.06
N LEU B 348 -27.80 28.29 -171.14
CA LEU B 348 -27.38 26.89 -171.10
C LEU B 348 -27.75 26.26 -169.78
N ALA B 349 -27.57 27.02 -168.70
CA ALA B 349 -27.91 26.55 -167.36
C ALA B 349 -29.42 26.30 -167.27
N ALA B 350 -30.20 27.20 -167.86
CA ALA B 350 -31.64 27.06 -167.87
C ALA B 350 -32.05 25.80 -168.64
N PHE B 351 -31.35 25.55 -169.75
CA PHE B 351 -31.62 24.35 -170.55
C PHE B 351 -31.32 23.10 -169.74
N GLU B 352 -30.28 23.18 -168.92
CA GLU B 352 -29.93 22.09 -168.02
C GLU B 352 -31.10 21.87 -167.08
N PHE B 353 -31.85 22.94 -166.85
CA PHE B 353 -33.06 22.93 -166.04
C PHE B 353 -32.89 23.43 -164.61
N ASP B 354 -31.64 23.70 -164.21
CA ASP B 354 -31.42 24.39 -162.94
C ASP B 354 -32.11 23.58 -161.82
N ILE B 355 -32.83 24.24 -160.91
CA ILE B 355 -32.98 25.68 -160.96
C ILE B 355 -31.97 26.38 -160.08
N HIS B 356 -31.20 25.60 -159.32
CA HIS B 356 -30.19 26.16 -158.43
C HIS B 356 -29.12 26.91 -159.21
N GLN B 357 -28.72 26.34 -160.35
CA GLN B 357 -27.73 26.97 -161.21
C GLN B 357 -28.26 28.29 -161.74
N VAL B 358 -29.53 28.31 -162.11
CA VAL B 358 -30.17 29.51 -162.60
C VAL B 358 -30.19 30.58 -161.52
N ILE B 359 -30.47 30.15 -160.29
CA ILE B 359 -30.48 31.07 -159.16
C ILE B 359 -29.10 31.66 -158.94
N LYS B 360 -28.08 30.82 -159.08
CA LYS B 360 -26.70 31.27 -158.92
C LYS B 360 -26.36 32.29 -160.00
N GLU B 361 -26.83 32.04 -161.22
CA GLU B 361 -26.61 32.97 -162.33
C GLU B 361 -27.27 34.31 -162.04
N PHE B 362 -28.48 34.25 -161.47
CA PHE B 362 -29.20 35.46 -161.11
C PHE B 362 -28.44 36.24 -160.05
N SER B 363 -27.88 35.52 -159.09
CA SER B 363 -27.08 36.14 -158.04
C SER B 363 -25.86 36.83 -158.64
N ILE B 364 -25.24 36.17 -159.61
CA ILE B 364 -24.07 36.73 -160.28
C ILE B 364 -24.46 38.01 -161.01
N VAL B 365 -25.60 37.98 -161.70
CA VAL B 365 -26.16 39.17 -162.31
C VAL B 365 -26.52 40.17 -161.22
N SER B 366 -27.09 39.65 -160.14
CA SER B 366 -27.48 40.43 -158.97
C SER B 366 -28.83 41.11 -159.15
N SER B 367 -29.45 40.90 -160.31
CA SER B 367 -30.78 41.45 -160.57
C SER B 367 -31.54 40.66 -161.63
N ASN B 368 -32.86 40.79 -161.63
CA ASN B 368 -33.57 41.45 -160.53
C ASN B 368 -33.56 40.56 -159.30
N TRP B 369 -33.39 41.17 -158.12
CA TRP B 369 -33.36 40.43 -156.87
C TRP B 369 -34.76 40.07 -156.39
N TRP B 370 -35.59 41.08 -156.18
CA TRP B 370 -36.95 40.88 -155.72
C TRP B 370 -37.76 40.06 -156.73
N PHE B 371 -37.57 40.37 -158.00
CA PHE B 371 -38.26 39.65 -159.07
C PHE B 371 -37.84 38.19 -159.08
N VAL B 372 -36.55 37.95 -158.88
CA VAL B 372 -36.02 36.60 -158.83
C VAL B 372 -36.63 35.84 -157.65
N ALA B 373 -36.76 36.53 -156.52
CA ALA B 373 -37.36 35.93 -155.33
C ALA B 373 -38.81 35.57 -155.60
N HIS B 374 -39.51 36.45 -156.32
CA HIS B 374 -40.91 36.18 -156.67
C HIS B 374 -41.00 34.97 -157.57
N LEU B 375 -40.07 34.85 -158.51
CA LEU B 375 -40.02 33.71 -159.42
C LEU B 375 -39.80 32.43 -158.63
N THR B 376 -38.91 32.49 -157.63
CA THR B 376 -38.62 31.35 -156.78
C THR B 376 -39.87 30.94 -156.01
N ASP B 377 -40.60 31.94 -155.53
CA ASP B 377 -41.84 31.67 -154.80
C ASP B 377 -42.85 30.99 -155.71
N LEU B 378 -42.92 31.46 -156.96
CA LEU B 378 -43.83 30.86 -157.94
C LEU B 378 -43.45 29.41 -158.20
N LEU B 379 -42.15 29.15 -158.28
CA LEU B 379 -41.66 27.79 -158.49
C LEU B 379 -42.04 26.91 -157.31
N ASP B 380 -41.94 27.46 -156.10
CA ASP B 380 -42.30 26.73 -154.90
C ASP B 380 -43.79 26.40 -154.92
N HIS B 381 -44.60 27.35 -155.37
CA HIS B 381 -46.04 27.15 -155.47
C HIS B 381 -46.34 26.04 -156.47
N CYS B 382 -45.64 26.08 -157.60
CA CYS B 382 -45.76 25.07 -158.65
C CYS B 382 -45.30 23.67 -158.23
N GLN B 383 -44.19 23.62 -157.48
CA GLN B 383 -43.52 22.37 -157.08
C GLN B 383 -44.44 21.15 -156.93
N LEU B 384 -45.27 20.94 -157.94
CA LEU B 384 -46.30 19.90 -157.93
C LEU B 384 -45.83 18.44 -157.88
N PHE B 385 -44.80 18.12 -158.66
CA PHE B 385 -44.50 16.72 -158.97
C PHE B 385 -43.63 15.95 -157.97
N GLN B 386 -44.12 15.79 -156.75
CA GLN B 386 -43.61 14.77 -155.84
C GLN B 386 -42.09 14.80 -155.67
N ALA B 387 -41.51 15.98 -155.51
CA ALA B 387 -40.05 16.08 -155.44
C ALA B 387 -39.53 16.43 -154.05
N HIS B 388 -38.63 15.58 -153.55
CA HIS B 388 -37.97 15.84 -152.28
C HIS B 388 -37.13 17.11 -152.40
N ASN B 389 -36.47 17.26 -153.55
CA ASN B 389 -35.72 18.47 -153.84
C ASN B 389 -36.65 19.67 -153.82
N LEU B 390 -37.87 19.47 -154.33
CA LEU B 390 -38.88 20.51 -154.33
C LEU B 390 -39.21 20.90 -152.90
N TYR B 391 -39.30 19.91 -152.01
CA TYR B 391 -39.55 20.18 -150.61
C TYR B 391 -38.38 21.01 -150.07
N PHE B 392 -37.17 20.64 -150.45
CA PHE B 392 -36.00 21.47 -150.21
C PHE B 392 -36.21 22.74 -151.01
N GLY B 393 -36.72 22.56 -152.22
CA GLY B 393 -37.11 23.66 -153.09
C GLY B 393 -38.03 24.62 -152.38
N ALA B 394 -38.96 24.07 -151.60
CA ALA B 394 -39.88 24.89 -150.83
C ALA B 394 -39.12 25.71 -149.80
N ASN B 395 -38.13 25.09 -149.18
CA ASN B 395 -37.28 25.78 -148.21
C ASN B 395 -36.53 26.93 -148.86
N MET B 396 -36.03 26.69 -150.07
CA MET B 396 -35.32 27.71 -150.83
C MET B 396 -36.26 28.87 -151.14
N ARG B 397 -37.50 28.54 -151.50
CA ARG B 397 -38.50 29.56 -151.78
C ARG B 397 -38.77 30.39 -150.54
N GLU B 398 -38.84 29.73 -149.39
CA GLU B 398 -39.07 30.42 -148.12
C GLU B 398 -37.90 31.37 -147.83
N PHE B 399 -36.70 30.95 -148.17
CA PHE B 399 -35.53 31.81 -148.00
C PHE B 399 -35.64 33.08 -148.85
N LEU B 400 -36.17 32.91 -150.07
CA LEU B 400 -36.28 34.01 -151.02
C LEU B 400 -37.16 35.14 -150.52
N LEU B 401 -38.26 34.80 -149.85
CA LEU B 401 -39.15 35.81 -149.29
C LEU B 401 -38.42 36.63 -148.22
N LEU B 402 -37.62 35.94 -147.41
CA LEU B 402 -36.83 36.60 -146.38
C LEU B 402 -35.82 37.55 -147.03
N ASP B 403 -35.22 37.09 -148.13
CA ASP B 403 -34.27 37.92 -148.88
C ASP B 403 -34.96 39.18 -149.41
N TYR B 404 -36.19 39.01 -149.90
CA TYR B 404 -36.96 40.14 -150.40
C TYR B 404 -37.27 41.13 -149.27
N ALA B 405 -37.58 40.61 -148.10
CA ALA B 405 -37.83 41.44 -146.93
C ALA B 405 -36.57 42.23 -146.58
N SER B 406 -35.42 41.57 -146.66
CA SER B 406 -34.14 42.23 -146.38
C SER B 406 -33.91 43.34 -147.38
N GLY B 407 -34.27 43.07 -148.63
CA GLY B 407 -34.18 44.04 -149.71
C GLY B 407 -35.03 45.26 -149.49
N LEU B 408 -36.24 45.08 -148.96
CA LEU B 408 -37.14 46.22 -148.73
C LEU B 408 -36.50 47.19 -147.74
N PHE B 409 -36.66 48.49 -147.99
CA PHE B 409 -35.99 49.49 -147.18
C PHE B 409 -36.85 50.57 -146.53
N SER B 410 -37.71 51.28 -147.29
CA SER B 410 -38.39 52.45 -146.73
C SER B 410 -39.62 52.88 -147.50
N HIS B 411 -40.04 52.13 -148.53
CA HIS B 411 -41.20 52.52 -149.30
C HIS B 411 -42.46 51.91 -148.71
N HIS B 412 -43.35 52.68 -148.12
CA HIS B 412 -44.32 52.08 -147.21
C HIS B 412 -45.21 51.00 -147.85
N SER B 413 -45.67 51.24 -149.07
CA SER B 413 -46.51 50.28 -149.76
C SER B 413 -45.74 48.98 -149.97
N LEU B 414 -44.47 49.11 -150.33
CA LEU B 414 -43.61 47.95 -150.54
C LEU B 414 -43.48 47.14 -149.26
N TRP B 415 -43.33 47.84 -148.13
CA TRP B 415 -43.23 47.17 -146.84
C TRP B 415 -44.50 46.39 -146.53
N GLN B 416 -45.65 47.00 -146.83
CA GLN B 416 -46.92 46.31 -146.62
C GLN B 416 -46.99 45.04 -147.48
N LEU B 417 -46.53 45.16 -148.71
CA LEU B 417 -46.54 44.04 -149.64
C LEU B 417 -45.66 42.92 -149.10
N GLY B 418 -44.51 43.31 -148.54
CA GLY B 418 -43.59 42.36 -147.96
C GLY B 418 -44.19 41.62 -146.78
N VAL B 419 -44.93 42.34 -145.95
CA VAL B 419 -45.61 41.72 -144.81
C VAL B 419 -46.64 40.71 -145.32
N ASP B 420 -47.35 41.08 -146.37
CA ASP B 420 -48.35 40.19 -146.95
C ASP B 420 -47.67 38.93 -147.47
N TYR B 421 -46.52 39.09 -148.12
CA TYR B 421 -45.77 37.96 -148.65
C TYR B 421 -45.33 37.04 -147.52
N PHE B 422 -44.92 37.65 -146.41
CA PHE B 422 -44.48 36.92 -145.23
C PHE B 422 -45.61 36.07 -144.64
N ASP B 423 -46.83 36.61 -144.62
CA ASP B 423 -47.96 35.85 -144.05
C ASP B 423 -48.26 34.55 -144.82
N PRO B 426 -43.15 35.69 -138.13
CA PRO B 426 -44.11 36.54 -138.83
C PRO B 426 -44.10 37.90 -138.25
N ASN B 427 -44.58 37.92 -137.03
CA ASN B 427 -44.60 39.18 -136.35
C ASN B 427 -43.19 39.69 -136.20
N LEU B 428 -42.19 38.88 -136.53
CA LEU B 428 -40.80 39.31 -136.48
C LEU B 428 -40.67 40.42 -137.42
N GLY B 429 -40.64 40.05 -138.69
CA GLY B 429 -40.52 41.03 -139.71
C GLY B 429 -41.50 42.09 -139.32
N ARG B 430 -42.69 41.72 -138.80
CA ARG B 430 -43.69 42.77 -138.52
C ARG B 430 -43.18 43.92 -137.68
N GLU B 431 -43.04 43.66 -136.40
CA GLU B 431 -42.65 44.72 -135.54
C GLU B 431 -41.35 45.31 -135.97
N TYR B 432 -40.50 44.50 -136.60
CA TYR B 432 -39.21 44.99 -137.08
C TYR B 432 -39.30 46.15 -138.04
N LEU B 433 -39.98 45.90 -139.14
CA LEU B 433 -40.08 46.94 -140.10
C LEU B 433 -41.04 48.00 -139.60
N LYS B 434 -41.81 47.67 -138.58
CA LYS B 434 -42.75 48.62 -138.02
C LYS B 434 -41.97 49.70 -137.37
N LEU B 435 -40.96 49.27 -136.68
CA LEU B 435 -40.15 50.22 -135.99
C LEU B 435 -39.19 50.84 -136.96
N HIS B 436 -38.97 50.17 -138.08
CA HIS B 436 -38.12 50.79 -139.09
C HIS B 436 -38.91 51.97 -139.61
N MET B 437 -40.22 51.80 -139.68
CA MET B 437 -41.07 52.86 -140.16
C MET B 437 -41.07 53.94 -139.14
N GLU B 438 -41.03 53.51 -137.88
CA GLU B 438 -40.95 54.48 -136.81
C GLU B 438 -39.76 55.37 -137.10
N ARG B 439 -38.60 54.76 -137.30
CA ARG B 439 -37.43 55.53 -137.67
C ARG B 439 -37.80 56.48 -138.75
N ILE B 440 -38.11 55.94 -139.91
CA ILE B 440 -38.47 56.78 -141.02
C ILE B 440 -39.21 58.06 -140.66
N PRO B 441 -40.41 57.92 -140.07
CA PRO B 441 -41.24 59.12 -139.82
C PRO B 441 -40.61 60.46 -140.17
N SER B 443 -46.41 64.74 -142.52
CA SER B 443 -46.31 63.32 -142.80
C SER B 443 -46.64 62.48 -141.57
N THR B 444 -46.69 63.14 -140.41
CA THR B 444 -46.99 62.46 -139.17
C THR B 444 -48.40 61.86 -139.20
N GLU B 445 -49.34 62.61 -139.76
CA GLU B 445 -50.71 62.14 -139.88
C GLU B 445 -50.77 60.91 -140.77
N LYS B 446 -50.00 60.94 -141.86
CA LYS B 446 -49.94 59.81 -142.78
C LYS B 446 -49.37 58.59 -142.08
N LYS B 447 -48.35 58.81 -141.25
CA LYS B 447 -47.74 57.73 -140.49
C LYS B 447 -48.75 57.13 -139.53
N ALA B 448 -49.54 57.99 -138.91
CA ALA B 448 -50.59 57.54 -137.98
C ALA B 448 -51.62 56.70 -138.71
N LEU B 449 -51.98 57.14 -139.92
CA LEU B 449 -52.92 56.40 -140.76
C LEU B 449 -52.36 55.03 -141.10
N LYS B 450 -51.08 54.98 -141.40
CA LYS B 450 -50.41 53.71 -141.73
C LYS B 450 -50.45 52.79 -140.52
N ALA B 451 -50.23 53.36 -139.34
CA ALA B 451 -50.27 52.58 -138.10
C ALA B 451 -51.67 52.02 -137.88
N LEU B 452 -52.67 52.83 -138.17
CA LEU B 452 -54.07 52.40 -138.04
C LEU B 452 -54.35 51.25 -138.99
N ARG B 453 -53.82 51.35 -140.20
CA ARG B 453 -53.99 50.30 -141.19
C ARG B 453 -53.34 49.01 -140.72
N ILE B 454 -52.16 49.14 -140.11
CA ILE B 454 -51.45 47.99 -139.57
C ILE B 454 -52.28 47.34 -138.46
N CYS B 455 -52.88 48.17 -137.62
CA CYS B 455 -53.73 47.67 -136.54
C CYS B 455 -54.92 46.91 -137.11
N GLU B 456 -55.49 47.45 -138.19
CA GLU B 456 -56.62 46.81 -138.85
C GLU B 456 -56.20 45.44 -139.40
N GLN B 457 -55.01 45.39 -139.97
CA GLN B 457 -54.47 44.16 -140.51
C GLN B 457 -54.30 43.13 -139.39
N ARG B 458 -53.81 43.60 -138.24
CA ARG B 458 -53.63 42.74 -137.09
C ARG B 458 -54.97 42.19 -136.61
N GLN B 459 -55.99 43.04 -136.63
CA GLN B 459 -57.33 42.64 -136.20
C GLN B 459 -57.29 41.91 -134.86
N GLN B 463 -47.25 42.33 -128.29
CA GLN B 463 -46.68 42.56 -129.61
C GLN B 463 -47.40 43.69 -130.32
N VAL B 464 -48.58 43.40 -130.87
CA VAL B 464 -49.36 44.43 -131.55
C VAL B 464 -49.72 45.56 -130.61
N ARG B 465 -50.15 45.22 -129.40
CA ARG B 465 -50.49 46.24 -128.40
C ARG B 465 -49.27 47.09 -128.08
N SER B 466 -48.12 46.46 -127.92
CA SER B 466 -46.89 47.20 -127.64
C SER B 466 -46.58 48.17 -128.77
N ILE B 467 -46.72 47.71 -130.01
CA ILE B 467 -46.47 48.57 -131.16
C ILE B 467 -47.41 49.76 -131.15
N CYS B 468 -48.69 49.51 -130.85
CA CYS B 468 -49.67 50.59 -130.78
C CYS B 468 -49.27 51.61 -129.72
N LYS B 469 -48.84 51.12 -128.55
CA LYS B 469 -48.42 52.03 -127.48
C LYS B 469 -47.22 52.86 -127.93
N THR B 470 -46.27 52.24 -128.62
CA THR B 470 -45.11 52.96 -129.12
C THR B 470 -45.53 54.05 -130.09
N MET B 471 -46.46 53.72 -130.99
CA MET B 471 -46.95 54.71 -131.94
C MET B 471 -47.61 55.87 -131.21
N ALA B 472 -48.40 55.57 -130.18
CA ALA B 472 -49.04 56.61 -129.40
C ALA B 472 -48.00 57.52 -128.79
N MET B 473 -46.96 56.93 -128.18
CA MET B 473 -45.90 57.73 -127.57
C MET B 473 -45.25 58.62 -128.61
N GLN B 474 -44.96 58.08 -129.78
CA GLN B 474 -44.33 58.87 -130.84
C GLN B 474 -45.21 60.05 -131.24
N SER B 475 -46.51 59.82 -131.40
CA SER B 475 -47.42 60.89 -131.77
C SER B 475 -47.48 61.95 -130.68
N LEU B 476 -47.48 61.53 -129.42
CA LEU B 476 -47.49 62.49 -128.31
C LEU B 476 -46.23 63.35 -128.34
N CYS B 477 -45.09 62.72 -128.62
CA CYS B 477 -43.84 63.46 -128.72
C CYS B 477 -43.89 64.46 -129.87
N ASN B 478 -44.48 64.06 -131.00
CA ASN B 478 -44.59 64.95 -132.15
C ASN B 478 -45.50 66.12 -131.85
N ALA B 484 -50.84 67.55 -130.76
CA ALA B 484 -50.35 67.41 -129.39
C ALA B 484 -51.46 66.93 -128.47
N LEU B 485 -52.45 67.78 -128.23
CA LEU B 485 -53.57 67.40 -127.38
C LEU B 485 -54.32 66.21 -127.96
N SER B 486 -54.54 66.22 -129.27
CA SER B 486 -55.20 65.09 -129.92
C SER B 486 -54.43 63.81 -129.70
N TRP B 487 -53.10 63.88 -129.86
CA TRP B 487 -52.26 62.71 -129.66
C TRP B 487 -52.34 62.21 -128.22
N SER B 488 -52.35 63.14 -127.27
CA SER B 488 -52.46 62.75 -125.86
C SER B 488 -53.78 62.05 -125.61
N ILE B 489 -54.86 62.57 -126.19
CA ILE B 489 -56.18 61.94 -126.05
C ILE B 489 -56.16 60.54 -126.64
N ARG B 490 -55.53 60.37 -127.79
CA ARG B 490 -55.43 59.06 -128.41
C ARG B 490 -54.68 58.10 -127.50
N ALA B 491 -53.59 58.57 -126.90
CA ALA B 491 -52.82 57.73 -125.98
C ALA B 491 -53.67 57.32 -124.80
N LYS B 492 -54.45 58.26 -124.26
CA LYS B 492 -55.33 57.95 -123.13
C LYS B 492 -56.36 56.90 -123.52
N ASP B 493 -56.92 57.02 -124.73
CA ASP B 493 -57.89 56.04 -125.20
C ASP B 493 -57.25 54.67 -125.34
N ALA B 494 -56.01 54.62 -125.84
CA ALA B 494 -55.30 53.35 -125.96
C ALA B 494 -55.07 52.74 -124.59
N ALA B 495 -54.73 53.57 -123.60
CA ALA B 495 -54.50 53.07 -122.24
C ALA B 495 -55.79 52.54 -121.63
N LEU B 499 -49.24 58.08 -118.50
CA LEU B 499 -49.51 59.19 -119.40
C LEU B 499 -50.85 59.82 -119.09
N ILE B 500 -51.84 58.97 -118.80
CA ILE B 500 -53.17 59.43 -118.44
C ILE B 500 -53.12 60.24 -117.15
N SER B 501 -52.33 59.76 -116.20
CA SER B 501 -52.16 60.45 -114.93
C SER B 501 -51.53 61.82 -115.15
N ASP B 502 -50.55 61.87 -116.05
CA ASP B 502 -49.90 63.13 -116.38
C ASP B 502 -50.89 64.10 -117.00
N ARG B 503 -51.76 63.57 -117.86
CA ARG B 503 -52.79 64.39 -118.50
C ARG B 503 -53.74 64.94 -117.45
N PHE B 504 -54.08 64.11 -116.48
CA PHE B 504 -54.97 64.53 -115.39
C PHE B 504 -54.31 65.65 -114.58
N LEU B 505 -53.00 65.50 -114.35
CA LEU B 505 -52.24 66.51 -113.62
C LEU B 505 -52.24 67.84 -114.39
N LYS B 506 -52.10 67.74 -115.71
CA LYS B 506 -52.08 68.92 -116.56
C LYS B 506 -53.46 69.60 -116.59
N GLU B 507 -54.49 68.81 -116.86
CA GLU B 507 -55.84 69.32 -116.92
C GLU B 507 -56.26 69.98 -115.61
N TYR B 508 -55.97 69.33 -114.46
CA TYR B 508 -56.22 69.86 -113.14
C TYR B 508 -55.47 71.15 -112.87
N CYS B 509 -54.18 71.22 -113.27
CA CYS B 509 -53.42 72.45 -113.20
C CYS B 509 -54.05 73.56 -114.04
N GLU B 510 -54.48 73.27 -115.28
CA GLU B 510 -55.12 74.23 -116.15
C GLU B 510 -56.42 74.80 -115.58
N ARG B 511 -57.31 73.92 -115.03
CA ARG B 511 -58.56 74.29 -114.37
C ARG B 511 -58.36 75.08 -113.08
N GLY B 512 -57.21 74.94 -112.40
CA GLY B 512 -56.85 75.82 -111.30
C GLY B 512 -56.33 77.17 -111.72
N ASN B 513 -55.50 77.19 -112.76
CA ASN B 513 -54.88 78.42 -113.22
C ASN B 513 -55.89 79.46 -113.70
N PHE B 514 -56.89 79.02 -114.44
CA PHE B 514 -57.94 79.93 -114.92
C PHE B 514 -59.34 79.46 -114.52
N THR B 515 -60.08 80.33 -113.87
CA THR B 515 -61.47 80.06 -113.52
C THR B 515 -62.34 79.92 -114.77
N ASP B 516 -62.08 80.78 -115.75
CA ASP B 516 -62.84 80.76 -117.00
C ASP B 516 -62.28 79.74 -117.98
N LEU B 517 -61.33 78.93 -117.51
CA LEU B 517 -60.71 77.91 -118.35
C LEU B 517 -61.72 76.86 -118.79
N ASP B 518 -61.60 76.41 -120.03
CA ASP B 518 -62.49 75.39 -120.58
C ASP B 518 -61.72 74.15 -121.00
N LEU B 519 -62.20 72.99 -120.58
CA LEU B 519 -61.54 71.73 -120.91
C LEU B 519 -62.45 70.83 -121.75
N ILE B 520 -61.92 70.35 -122.86
CA ILE B 520 -62.67 69.47 -123.76
C ILE B 520 -63.04 68.16 -123.08
N ASP B 521 -62.11 67.63 -122.30
CA ASP B 521 -62.32 66.35 -121.61
C ASP B 521 -63.47 66.44 -120.61
N ASN B 522 -63.55 67.56 -119.90
CA ASN B 522 -64.60 67.75 -118.90
C ASN B 522 -65.98 67.76 -119.52
N LEU B 523 -66.11 68.40 -120.68
CA LEU B 523 -67.39 68.47 -121.38
C LEU B 523 -67.86 67.09 -121.80
N GLY B 524 -66.92 66.26 -122.27
CA GLY B 524 -67.24 64.92 -122.72
C GLY B 524 -67.73 64.03 -121.60
N SER B 525 -68.71 63.18 -121.91
CA SER B 525 -69.26 62.26 -120.92
C SER B 525 -68.22 61.24 -120.46
N LEU B 529 -59.91 57.14 -113.02
CA LEU B 529 -58.91 57.16 -111.96
C LEU B 529 -58.97 58.47 -111.17
N SER B 530 -57.84 58.85 -110.58
CA SER B 530 -57.77 60.07 -109.80
C SER B 530 -58.04 61.29 -110.67
N ASP B 531 -57.49 61.28 -111.88
CA ASP B 531 -57.69 62.37 -112.83
C ASP B 531 -59.16 62.47 -113.20
N ARG B 532 -59.80 61.32 -113.39
CA ARG B 532 -61.22 61.28 -113.72
C ARG B 532 -62.03 61.86 -112.57
N LEU B 533 -61.65 61.53 -111.35
CA LEU B 533 -62.32 62.04 -110.16
C LEU B 533 -62.19 63.56 -110.10
N THR B 534 -61.00 64.05 -110.43
CA THR B 534 -60.75 65.49 -110.44
C THR B 534 -61.63 66.16 -111.48
N PHE B 535 -61.77 65.53 -112.64
CA PHE B 535 -62.62 66.05 -113.70
C PHE B 535 -64.07 66.11 -113.24
N LEU B 536 -64.50 65.08 -112.52
CA LEU B 536 -65.85 65.03 -111.98
C LEU B 536 -66.07 66.17 -111.00
N GLY B 537 -65.05 66.42 -110.17
CA GLY B 537 -65.11 67.50 -109.21
C GLY B 537 -65.23 68.84 -109.91
N LYS B 538 -64.48 69.00 -110.99
CA LYS B 538 -64.52 70.23 -111.78
C LYS B 538 -65.91 70.41 -112.37
N TYR B 539 -66.51 69.33 -112.83
CA TYR B 539 -67.86 69.36 -113.39
C TYR B 539 -68.85 69.78 -112.33
N ARG B 540 -68.67 69.26 -111.12
CA ARG B 540 -69.54 69.61 -110.00
C ARG B 540 -69.41 71.10 -109.68
N GLU B 541 -68.18 71.60 -109.73
CA GLU B 541 -67.93 73.03 -109.49
C GLU B 541 -68.63 73.87 -110.54
N PHE B 542 -68.58 73.41 -111.79
CA PHE B 542 -69.24 74.10 -112.88
C PHE B 542 -70.74 74.14 -112.66
N HIS B 543 -71.29 73.02 -112.19
CA HIS B 543 -72.72 72.93 -111.90
C HIS B 543 -73.08 73.91 -110.79
N ARG B 544 -72.23 74.01 -109.78
CA ARG B 544 -72.45 74.94 -108.68
C ARG B 544 -72.45 76.37 -109.19
N MET B 545 -71.53 76.67 -110.11
CA MET B 545 -71.44 77.99 -110.71
C MET B 545 -72.72 78.30 -111.47
N TYR B 546 -73.23 77.31 -112.19
CA TYR B 546 -74.46 77.46 -112.95
C TYR B 546 -75.63 77.74 -112.01
N SER B 547 -75.65 77.04 -110.87
CA SER B 547 -76.71 77.22 -109.88
C SER B 547 -78.03 76.63 -110.39
N PHE B 551 -76.81 71.49 -105.79
CA PHE B 551 -76.57 70.61 -104.66
C PHE B 551 -76.00 69.24 -105.05
N SER B 552 -76.51 68.61 -106.14
CA SER B 552 -75.96 67.38 -106.71
C SER B 552 -74.54 67.57 -107.21
N GLU B 553 -74.28 68.72 -107.87
CA GLU B 553 -72.95 69.12 -108.32
C GLU B 553 -71.96 69.29 -107.19
N ALA B 554 -72.36 70.00 -106.11
CA ALA B 554 -71.57 70.23 -104.93
C ALA B 554 -71.24 68.92 -104.22
N ALA B 555 -72.24 68.02 -104.09
CA ALA B 555 -72.06 66.69 -103.55
C ALA B 555 -71.03 65.85 -104.31
N SER B 556 -71.12 65.87 -105.65
CA SER B 556 -70.17 65.23 -106.54
C SER B 556 -68.75 65.81 -106.41
N LEU B 557 -68.63 67.14 -106.22
CA LEU B 557 -67.37 67.82 -106.01
C LEU B 557 -66.70 67.42 -104.71
N LEU B 558 -67.47 67.32 -103.62
CA LEU B 558 -67.02 66.81 -102.35
C LEU B 558 -66.65 65.33 -102.33
N LEU B 559 -67.41 64.46 -103.01
CA LEU B 559 -67.02 63.07 -103.20
C LEU B 559 -65.70 62.92 -103.95
N SER B 560 -65.51 63.75 -104.99
CA SER B 560 -64.26 63.86 -105.76
C SER B 560 -63.08 64.29 -104.89
N LEU B 561 -63.29 65.25 -103.98
CA LEU B 561 -62.34 65.62 -102.95
C LEU B 561 -62.02 64.53 -101.95
N MET B 562 -63.00 63.80 -101.43
CA MET B 562 -62.76 62.70 -100.50
C MET B 562 -61.94 61.55 -101.09
N THR B 563 -62.16 61.24 -102.38
CA THR B 563 -61.37 60.29 -103.18
C THR B 563 -59.92 60.70 -103.33
N ALA B 564 -59.73 62.01 -103.54
CA ALA B 564 -58.43 62.57 -103.88
C ALA B 564 -58.29 64.05 -103.50
N ARG B 565 -57.06 64.55 -103.47
CA ARG B 565 -56.79 65.94 -103.09
C ARG B 565 -55.88 66.66 -104.10
N ILE B 566 -55.96 67.99 -104.13
CA ILE B 566 -55.19 68.81 -105.06
C ILE B 566 -54.40 69.90 -104.34
N ALA B 567 -53.25 70.27 -104.90
CA ALA B 567 -52.33 71.19 -104.23
C ALA B 567 -52.89 72.60 -103.97
N PRO B 568 -53.55 73.19 -104.96
CA PRO B 568 -54.26 74.45 -104.73
C PRO B 568 -55.35 74.13 -103.72
N CYS B 569 -55.95 72.98 -103.98
CA CYS B 569 -56.81 72.25 -103.05
C CYS B 569 -57.51 73.23 -102.11
N SER B 570 -56.76 74.22 -101.65
CA SER B 570 -57.31 75.24 -100.76
C SER B 570 -58.40 76.03 -101.48
N PHE B 571 -58.16 76.33 -102.76
CA PHE B 571 -59.15 77.04 -103.56
C PHE B 571 -60.42 76.21 -103.70
N TRP B 572 -60.24 74.90 -103.90
CA TRP B 572 -61.37 73.99 -104.01
C TRP B 572 -62.17 73.97 -102.71
N LEU B 573 -61.46 73.98 -101.59
CA LEU B 573 -62.09 73.99 -100.28
C LEU B 573 -62.90 75.28 -100.11
N THR B 574 -62.34 76.39 -100.57
CA THR B 574 -63.02 77.67 -100.49
C THR B 574 -64.29 77.65 -101.32
N LEU B 575 -64.20 77.03 -102.50
CA LEU B 575 -65.36 76.90 -103.38
C LEU B 575 -66.44 76.07 -102.70
N LEU B 576 -66.02 75.00 -102.02
CA LEU B 576 -66.96 74.15 -101.30
C LEU B 576 -67.64 74.94 -100.20
N LEU B 577 -66.87 75.77 -99.51
CA LEU B 577 -67.41 76.61 -98.44
C LEU B 577 -68.44 77.58 -99.01
N ASP B 578 -68.14 78.13 -100.18
CA ASP B 578 -69.05 79.05 -100.86
C ASP B 578 -70.35 78.33 -101.21
N ALA B 579 -70.22 77.10 -101.68
CA ALA B 579 -71.38 76.29 -102.02
C ALA B 579 -72.24 76.04 -100.78
N LEU B 580 -71.57 75.76 -99.66
CA LEU B 580 -72.27 75.53 -98.40
C LEU B 580 -73.02 76.79 -98.00
N PRO B 581 -72.39 77.94 -98.18
CA PRO B 581 -73.02 79.22 -97.86
C PRO B 581 -74.26 79.44 -98.73
N LEU B 582 -74.15 79.09 -100.00
CA LEU B 582 -75.27 79.21 -100.93
C LEU B 582 -76.42 78.31 -100.48
N LEU B 583 -76.04 77.06 -100.18
CA LEU B 583 -76.89 76.04 -99.58
C LEU B 583 -77.32 76.29 -98.13
N GLU B 584 -76.39 76.84 -97.35
CA GLU B 584 -76.51 77.00 -95.89
C GLU B 584 -76.01 75.81 -95.07
N GLN B 585 -75.45 74.80 -95.74
CA GLN B 585 -74.72 73.71 -95.05
C GLN B 585 -75.50 72.95 -93.97
N LYS B 586 -76.76 72.64 -94.25
CA LYS B 586 -77.62 71.93 -93.30
C LYS B 586 -77.18 70.51 -92.92
N GLN B 587 -76.77 69.75 -93.93
CA GLN B 587 -76.46 68.33 -93.75
C GLN B 587 -74.98 68.00 -93.79
N VAL B 588 -74.13 69.01 -93.79
CA VAL B 588 -72.71 68.78 -93.97
C VAL B 588 -72.15 67.91 -92.86
N ILE B 589 -72.55 68.21 -91.62
CA ILE B 589 -72.17 67.48 -90.40
C ILE B 589 -70.89 66.65 -90.50
N PHE B 590 -70.86 65.78 -91.51
CA PHE B 590 -69.68 65.00 -91.84
C PHE B 590 -68.56 65.91 -92.29
N SER B 591 -68.92 66.95 -93.05
CA SER B 591 -67.94 67.87 -93.62
C SER B 591 -67.16 68.58 -92.53
N ALA B 592 -67.85 68.99 -91.47
CA ALA B 592 -67.19 69.64 -90.36
C ALA B 592 -66.19 68.66 -89.75
N GLU B 593 -66.61 67.41 -89.60
CA GLU B 593 -65.71 66.34 -89.22
C GLU B 593 -64.69 66.14 -90.34
N GLN B 594 -65.18 66.20 -91.57
CA GLN B 594 -64.33 66.09 -92.75
C GLN B 594 -63.35 67.25 -92.82
N THR B 595 -63.83 68.44 -92.48
CA THR B 595 -63.00 69.64 -92.51
C THR B 595 -61.84 69.53 -91.54
N TYR B 596 -62.11 68.97 -90.36
CA TYR B 596 -61.07 68.80 -89.35
C TYR B 596 -59.96 67.88 -89.85
N GLU B 597 -60.35 66.83 -90.55
CA GLU B 597 -59.37 65.89 -91.12
C GLU B 597 -58.51 66.60 -92.15
N LEU B 598 -59.13 67.45 -92.96
CA LEU B 598 -58.41 68.21 -93.97
C LEU B 598 -57.41 69.15 -93.30
N MET B 599 -57.84 69.77 -92.20
CA MET B 599 -56.97 70.67 -91.45
C MET B 599 -55.78 69.89 -90.90
N ARG B 600 -56.03 68.69 -90.41
CA ARG B 600 -54.97 67.84 -89.89
C ARG B 600 -53.98 67.49 -90.99
N CYS B 601 -54.50 67.21 -92.19
CA CYS B 601 -53.67 66.90 -93.33
C CYS B 601 -52.80 68.10 -93.69
N LEU B 602 -53.38 69.29 -93.62
CA LEU B 602 -52.65 70.52 -93.90
C LEU B 602 -51.53 70.70 -92.89
N GLU B 603 -51.82 70.40 -91.63
CA GLU B 603 -50.83 70.50 -90.57
C GLU B 603 -49.69 69.53 -90.83
N ASP B 604 -50.03 68.33 -91.28
CA ASP B 604 -49.03 67.32 -91.60
C ASP B 604 -48.14 67.80 -92.73
N ARG B 605 -48.76 68.44 -93.74
CA ARG B 605 -48.02 68.98 -94.86
C ARG B 605 -47.05 70.06 -94.39
N MET B 606 -47.52 70.89 -93.46
CA MET B 606 -46.69 71.95 -92.90
C MET B 606 -45.50 71.35 -92.17
N ALA B 607 -45.75 70.27 -91.43
CA ALA B 607 -44.69 69.58 -90.71
C ALA B 607 -43.66 69.03 -91.69
N ALA B 608 -44.15 68.48 -92.80
CA ALA B 608 -43.27 67.95 -93.83
C ALA B 608 -42.41 69.05 -94.43
N LYS B 609 -43.01 70.22 -94.64
CA LYS B 609 -42.31 71.36 -95.20
C LYS B 609 -41.82 72.30 -94.11
N ILE B 618 -49.40 84.88 -96.79
CA ILE B 618 -50.65 84.19 -97.12
C ILE B 618 -51.12 83.32 -95.96
N GLN B 619 -50.28 83.22 -94.92
CA GLN B 619 -50.62 82.42 -93.75
C GLN B 619 -51.86 82.96 -93.06
N LYS B 620 -51.95 84.29 -92.97
CA LYS B 620 -53.11 84.93 -92.35
C LYS B 620 -54.36 84.61 -93.15
N GLN B 621 -54.24 84.64 -94.47
CA GLN B 621 -55.36 84.33 -95.35
C GLN B 621 -55.80 82.88 -95.14
N ASP B 622 -54.84 81.99 -94.99
CA ASP B 622 -55.12 80.59 -94.75
C ASP B 622 -55.86 80.42 -93.43
N SER B 623 -55.52 81.21 -92.42
CA SER B 623 -56.26 81.13 -91.15
C SER B 623 -57.75 81.50 -91.33
N SER B 624 -57.98 82.52 -92.14
CA SER B 624 -59.33 83.04 -92.37
C SER B 624 -60.22 81.97 -93.00
N ILE B 625 -59.66 81.19 -93.91
CA ILE B 625 -60.41 80.11 -94.54
C ILE B 625 -60.85 79.08 -93.49
N ASP B 626 -59.95 78.79 -92.55
CA ASP B 626 -60.26 77.86 -91.47
C ASP B 626 -61.39 78.41 -90.61
N ASN B 627 -61.35 79.71 -90.34
CA ASN B 627 -62.42 80.34 -89.57
C ASN B 627 -63.76 80.23 -90.30
N THR B 628 -63.73 80.43 -91.61
CA THR B 628 -64.92 80.33 -92.44
C THR B 628 -65.47 78.92 -92.40
N LYS B 629 -64.57 77.94 -92.41
CA LYS B 629 -64.95 76.54 -92.33
C LYS B 629 -65.64 76.25 -91.00
N VAL B 630 -65.10 76.81 -89.93
CA VAL B 630 -65.66 76.61 -88.60
C VAL B 630 -67.12 77.05 -88.54
N GLU B 631 -67.44 78.11 -89.27
CA GLU B 631 -68.79 78.63 -89.30
C GLU B 631 -69.77 77.60 -89.87
N MET B 632 -69.34 76.91 -90.92
CA MET B 632 -70.15 75.87 -91.53
C MET B 632 -70.41 74.75 -90.54
N LEU B 633 -69.38 74.39 -89.79
CA LEU B 633 -69.50 73.35 -88.78
C LEU B 633 -70.49 73.77 -87.71
N ARG B 634 -70.43 75.04 -87.32
CA ARG B 634 -71.36 75.58 -86.34
C ARG B 634 -72.79 75.51 -86.85
N LEU B 635 -72.96 75.82 -88.13
CA LEU B 635 -74.27 75.77 -88.76
C LEU B 635 -74.80 74.34 -88.75
N ALA B 636 -73.91 73.39 -89.02
CA ALA B 636 -74.28 71.98 -89.01
C ALA B 636 -74.71 71.56 -87.62
N LEU B 637 -73.99 72.04 -86.61
CA LEU B 637 -74.33 71.75 -85.22
C LEU B 637 -75.70 72.31 -84.87
N ALA B 638 -75.98 73.51 -85.37
CA ALA B 638 -77.28 74.14 -85.14
C ALA B 638 -78.38 73.31 -85.79
N ARG B 639 -78.11 72.81 -86.99
CA ARG B 639 -79.07 71.97 -87.69
C ARG B 639 -79.33 70.70 -86.90
N ASN B 640 -78.28 70.12 -86.33
CA ASN B 640 -78.40 68.93 -85.52
C ASN B 640 -79.25 69.21 -84.29
N LEU B 641 -79.05 70.38 -83.68
CA LEU B 641 -79.83 70.78 -82.53
C LEU B 641 -81.31 70.92 -82.89
N ALA B 642 -81.56 71.47 -84.07
CA ALA B 642 -82.93 71.66 -84.55
C ALA B 642 -83.64 70.33 -84.73
N PHE C 5 -64.14 52.02 -167.36
CA PHE C 5 -63.21 52.28 -166.27
C PHE C 5 -61.80 51.97 -166.69
N ALA C 6 -61.00 53.00 -166.85
CA ALA C 6 -59.60 52.86 -167.21
C ALA C 6 -58.78 53.25 -166.00
N ALA C 7 -57.77 52.46 -165.68
CA ALA C 7 -57.01 52.69 -164.46
C ALA C 7 -55.56 52.95 -164.81
N LYS C 8 -55.27 54.15 -165.27
CA LYS C 8 -53.93 54.50 -165.69
C LYS C 8 -53.04 54.69 -164.47
N PHE C 9 -52.59 53.56 -163.95
CA PHE C 9 -51.66 53.51 -162.83
C PHE C 9 -50.37 54.13 -163.30
N VAL C 10 -49.85 55.08 -162.54
CA VAL C 10 -48.69 55.81 -163.03
C VAL C 10 -47.58 55.84 -161.98
N SER C 11 -47.62 54.89 -161.06
CA SER C 11 -46.58 54.67 -160.07
C SER C 11 -46.33 55.88 -159.19
N HIS C 12 -47.37 56.36 -158.52
CA HIS C 12 -47.25 57.35 -157.47
C HIS C 12 -48.46 57.21 -156.56
N LYS C 13 -48.20 56.92 -155.29
CA LYS C 13 -49.24 56.66 -154.32
C LYS C 13 -49.97 57.97 -154.09
N ILE C 14 -50.99 58.19 -154.89
CA ILE C 14 -51.47 59.52 -155.20
C ILE C 14 -52.26 60.03 -154.02
N SER C 15 -52.00 61.27 -153.61
CA SER C 15 -52.72 61.90 -152.54
C SER C 15 -53.97 62.61 -153.01
N ARG C 16 -54.01 63.14 -154.22
CA ARG C 16 -55.15 63.95 -154.64
C ARG C 16 -55.28 63.98 -156.15
N THR C 17 -56.52 64.13 -156.61
CA THR C 17 -56.83 64.43 -158.00
C THR C 17 -58.23 65.00 -158.01
N ARG C 18 -58.58 65.75 -159.04
CA ARG C 18 -59.91 66.37 -159.13
C ARG C 18 -60.37 66.62 -160.56
N TRP C 19 -61.68 66.82 -160.72
CA TRP C 19 -62.27 67.09 -162.02
C TRP C 19 -61.84 68.46 -162.52
N ARG C 20 -61.80 68.62 -163.84
CA ARG C 20 -61.37 69.89 -164.43
C ARG C 20 -62.30 71.04 -164.05
N PRO C 21 -61.69 72.20 -163.79
CA PRO C 21 -62.43 73.40 -163.40
C PRO C 21 -63.39 73.83 -164.49
N ASP C 31 -63.02 64.18 -168.39
CA ASP C 31 -61.77 64.13 -169.16
C ASP C 31 -60.73 65.06 -168.55
N VAL C 32 -61.00 66.36 -168.58
CA VAL C 32 -60.09 67.35 -168.03
C VAL C 32 -59.83 67.11 -166.54
N PHE C 33 -58.60 67.32 -166.12
CA PHE C 33 -58.22 67.14 -164.73
C PHE C 33 -56.76 67.38 -164.45
N ALA C 34 -56.39 67.08 -163.22
CA ALA C 34 -55.02 67.10 -162.73
C ALA C 34 -54.93 66.10 -161.60
N THR C 35 -53.79 66.07 -160.91
CA THR C 35 -53.59 65.17 -159.79
C THR C 35 -52.50 65.69 -158.89
N GLY C 36 -52.52 65.26 -157.63
CA GLY C 36 -51.48 65.64 -156.68
C GLY C 36 -51.12 64.54 -155.69
N SER C 37 -49.87 64.44 -155.31
CA SER C 37 -49.45 63.30 -154.51
C SER C 37 -48.40 63.67 -153.47
N TRP C 38 -48.48 62.96 -152.35
CA TRP C 38 -47.49 62.99 -151.29
C TRP C 38 -46.50 61.90 -151.57
N ASP C 39 -45.73 61.56 -150.55
CA ASP C 39 -44.95 60.33 -150.51
C ASP C 39 -43.87 60.28 -151.57
N ASN C 40 -43.18 61.37 -151.77
CA ASN C 40 -41.99 61.37 -152.59
C ASN C 40 -41.10 62.52 -152.16
N GLU C 41 -39.89 62.53 -152.70
CA GLU C 41 -38.98 63.65 -152.45
C GLU C 41 -39.53 64.91 -153.05
N GLU C 42 -39.65 64.97 -154.36
CA GLU C 42 -40.42 66.01 -154.98
C GLU C 42 -41.87 65.73 -154.65
N ASN C 43 -42.50 66.68 -153.99
CA ASN C 43 -43.94 66.65 -153.84
C ASN C 43 -44.59 66.66 -155.21
N LYS C 44 -45.44 65.67 -155.44
CA LYS C 44 -45.84 65.27 -156.78
C LYS C 44 -47.20 65.82 -157.13
N VAL C 45 -47.29 66.52 -158.26
CA VAL C 45 -48.61 66.90 -158.75
C VAL C 45 -48.55 67.10 -160.25
N CYS C 46 -49.42 66.44 -160.98
CA CYS C 46 -49.44 66.58 -162.42
C CYS C 46 -50.77 67.12 -162.88
N VAL C 47 -50.77 67.78 -164.04
CA VAL C 47 -51.99 68.10 -164.77
C VAL C 47 -52.18 67.08 -165.89
N TRP C 48 -53.39 66.54 -165.95
CA TRP C 48 -53.80 65.48 -166.88
C TRP C 48 -52.91 64.24 -166.78
N LYS C 67 -51.22 61.60 -172.39
CA LYS C 67 -52.40 62.35 -171.97
C LYS C 67 -52.16 63.21 -170.72
N GLN C 68 -51.01 63.90 -170.61
CA GLN C 68 -50.68 64.65 -169.39
C GLN C 68 -50.11 66.04 -169.68
N LEU C 69 -50.67 67.05 -169.03
CA LEU C 69 -50.36 68.43 -169.37
C LEU C 69 -49.15 68.96 -168.62
N CYS C 70 -49.28 69.12 -167.30
CA CYS C 70 -48.30 69.89 -166.54
C CYS C 70 -47.96 69.10 -165.30
N ASP C 71 -46.90 68.31 -165.40
CA ASP C 71 -46.46 67.48 -164.30
C ASP C 71 -45.41 68.18 -163.49
N ILE C 72 -45.84 68.81 -162.41
CA ILE C 72 -45.02 69.77 -161.72
C ILE C 72 -44.52 69.18 -160.41
N LYS C 73 -43.34 69.62 -160.05
CA LYS C 73 -42.73 69.25 -158.80
C LYS C 73 -42.77 70.44 -157.88
N HIS C 74 -43.00 70.18 -156.61
CA HIS C 74 -42.82 71.23 -155.64
C HIS C 74 -42.40 70.63 -154.31
N PRO C 75 -41.74 71.42 -153.46
CA PRO C 75 -41.43 70.98 -152.09
C PRO C 75 -42.66 71.35 -151.25
N GLY C 76 -43.05 70.54 -150.25
CA GLY C 76 -44.22 70.86 -149.46
C GLY C 76 -45.46 70.16 -149.97
N ASP C 77 -46.29 69.67 -149.08
CA ASP C 77 -47.30 68.68 -149.42
C ASP C 77 -48.51 69.31 -150.08
N VAL C 78 -49.60 68.55 -150.15
CA VAL C 78 -50.84 69.07 -150.72
C VAL C 78 -51.93 68.81 -149.70
N MET C 79 -52.24 69.85 -148.92
CA MET C 79 -53.38 69.79 -148.00
C MET C 79 -54.58 70.54 -148.53
N ASP C 80 -54.41 71.75 -149.04
CA ASP C 80 -55.51 72.46 -149.66
C ASP C 80 -55.33 72.46 -151.17
N MET C 81 -56.41 72.23 -151.89
CA MET C 81 -56.29 72.00 -153.33
C MET C 81 -57.51 72.57 -154.02
N GLN C 82 -57.32 73.62 -154.80
CA GLN C 82 -58.43 74.18 -155.58
C GLN C 82 -57.86 74.94 -156.76
N PHE C 83 -58.17 74.50 -157.96
CA PHE C 83 -57.66 75.19 -159.13
C PHE C 83 -58.44 76.48 -159.31
N LEU C 84 -57.87 77.56 -158.81
CA LEU C 84 -58.63 78.79 -158.62
C LEU C 84 -58.98 79.50 -159.92
N ASP C 85 -58.44 79.04 -161.05
CA ASP C 85 -58.99 79.39 -162.35
C ASP C 85 -58.56 78.29 -163.30
N LYS C 86 -58.71 78.55 -164.60
CA LYS C 86 -58.06 77.69 -165.57
C LYS C 86 -56.57 77.90 -165.51
N GLU C 87 -56.15 79.11 -165.18
CA GLU C 87 -54.78 79.31 -164.74
C GLU C 87 -54.63 79.12 -163.24
N ARG C 88 -55.31 79.93 -162.45
CA ARG C 88 -55.04 80.03 -161.02
C ARG C 88 -55.35 78.73 -160.29
N ILE C 89 -54.50 78.38 -159.33
CA ILE C 89 -54.48 77.09 -158.67
C ILE C 89 -53.81 77.26 -157.32
N VAL C 90 -54.50 76.96 -156.26
CA VAL C 90 -53.96 77.14 -154.94
C VAL C 90 -53.88 75.81 -154.23
N THR C 91 -53.02 75.78 -153.21
CA THR C 91 -52.62 74.56 -152.55
C THR C 91 -51.97 74.92 -151.24
N GLY C 92 -52.52 74.36 -150.17
CA GLY C 92 -51.95 74.48 -148.84
C GLY C 92 -51.10 73.28 -148.51
N SER C 93 -49.92 73.49 -147.92
CA SER C 93 -48.96 72.42 -147.70
C SER C 93 -48.61 72.23 -146.24
N SER C 94 -47.99 71.08 -145.95
CA SER C 94 -47.90 70.38 -144.67
C SER C 94 -47.43 71.23 -143.53
N THR C 95 -46.58 72.21 -143.79
CA THR C 95 -46.02 72.98 -142.69
C THR C 95 -46.83 74.21 -142.41
N GLY C 96 -48.15 74.12 -142.58
CA GLY C 96 -48.93 75.31 -142.68
C GLY C 96 -48.63 76.11 -143.92
N THR C 97 -47.99 75.50 -144.90
CA THR C 97 -47.58 76.25 -146.06
C THR C 97 -48.78 76.34 -146.96
N VAL C 98 -48.80 77.34 -147.82
CA VAL C 98 -49.86 77.51 -148.78
C VAL C 98 -49.23 78.06 -150.04
N THR C 99 -49.21 77.26 -151.08
CA THR C 99 -48.57 77.66 -152.31
C THR C 99 -49.64 77.95 -153.33
N ILE C 100 -49.47 79.02 -154.07
CA ILE C 100 -50.40 79.25 -155.17
C ILE C 100 -49.62 79.59 -156.42
N PHE C 101 -50.18 79.15 -157.54
CA PHE C 101 -49.61 79.36 -158.84
C PHE C 101 -50.72 79.41 -159.87
N ARG C 102 -50.38 79.70 -161.10
CA ARG C 102 -51.36 79.91 -162.15
C ARG C 102 -50.97 79.06 -163.36
N HIS C 103 -51.75 78.01 -163.59
CA HIS C 103 -51.50 77.06 -164.67
C HIS C 103 -51.95 77.64 -166.00
N HIS C 104 -51.17 78.54 -166.56
CA HIS C 104 -51.41 78.93 -167.94
C HIS C 104 -51.04 77.73 -168.79
N GLU C 105 -52.06 76.92 -169.07
CA GLU C 105 -51.88 75.75 -169.89
C GLU C 105 -51.54 76.09 -171.33
N ASN C 106 -51.80 77.33 -171.76
CA ASN C 106 -51.40 77.74 -173.10
C ASN C 106 -49.89 77.73 -173.23
N ASN C 107 -49.21 78.48 -172.40
CA ASN C 107 -47.75 78.44 -172.45
C ASN C 107 -47.16 77.37 -171.57
N GLN C 108 -48.00 76.59 -170.91
CA GLN C 108 -47.60 75.57 -169.94
C GLN C 108 -46.71 76.14 -168.86
N THR C 109 -47.08 77.29 -168.32
CA THR C 109 -46.26 77.97 -167.33
C THR C 109 -47.13 78.26 -166.11
N LEU C 110 -46.54 78.20 -164.94
CA LEU C 110 -47.30 78.41 -163.71
C LEU C 110 -46.80 79.66 -163.03
N SER C 111 -47.63 80.66 -162.95
CA SER C 111 -47.25 81.89 -162.28
C SER C 111 -47.29 81.68 -160.78
N VAL C 112 -46.17 81.90 -160.11
CA VAL C 112 -46.08 81.57 -158.69
C VAL C 112 -46.90 82.58 -157.92
N ASN C 113 -48.14 82.21 -157.64
CA ASN C 113 -49.11 83.22 -157.22
C ASN C 113 -48.94 83.60 -155.77
N GLN C 114 -48.93 82.64 -154.85
CA GLN C 114 -48.94 83.07 -153.46
C GLN C 114 -48.23 82.04 -152.59
N ARG C 115 -47.68 82.53 -151.48
CA ARG C 115 -46.85 81.77 -150.57
C ARG C 115 -47.17 82.20 -149.15
N TRP C 116 -47.17 81.25 -148.22
CA TRP C 116 -47.42 81.56 -146.81
C TRP C 116 -46.68 80.49 -146.01
N GLU C 117 -46.04 80.88 -144.92
CA GLU C 117 -45.20 79.92 -144.20
C GLU C 117 -46.01 79.08 -143.22
N GLN C 118 -46.50 79.68 -142.14
CA GLN C 118 -47.11 78.93 -141.06
C GLN C 118 -48.61 79.14 -140.90
N ALA C 119 -49.44 78.44 -141.66
CA ALA C 119 -50.87 78.57 -141.40
C ALA C 119 -51.26 77.91 -140.08
N HIS C 120 -51.11 76.60 -140.00
CA HIS C 120 -51.67 75.82 -138.90
C HIS C 120 -50.60 75.44 -137.90
N ARG C 128 -46.17 73.02 -137.08
CA ARG C 128 -46.80 73.63 -138.22
C ARG C 128 -47.55 72.53 -138.91
N ALA C 129 -48.75 72.24 -138.46
CA ALA C 129 -49.46 71.13 -139.03
C ALA C 129 -50.07 71.53 -140.37
N PRO C 130 -50.66 70.60 -141.10
CA PRO C 130 -51.42 70.97 -142.28
C PRO C 130 -52.85 71.29 -141.89
N CYS C 131 -53.54 71.92 -142.84
CA CYS C 131 -54.98 71.93 -142.75
C CYS C 131 -55.49 70.52 -142.88
N THR C 132 -56.51 70.19 -142.10
CA THR C 132 -56.96 68.81 -142.06
C THR C 132 -58.27 68.61 -142.78
N ALA C 133 -58.72 69.62 -143.50
CA ALA C 133 -59.71 69.54 -144.56
C ALA C 133 -59.53 70.79 -145.41
N ILE C 134 -60.31 70.91 -146.46
CA ILE C 134 -60.31 72.12 -147.26
C ILE C 134 -61.68 72.26 -147.86
N VAL C 135 -62.22 73.45 -147.75
CA VAL C 135 -63.47 73.75 -148.42
C VAL C 135 -63.36 75.19 -148.88
N CYS C 136 -64.38 75.64 -149.58
CA CYS C 136 -64.31 76.96 -150.20
C CYS C 136 -65.36 77.83 -149.56
N SER C 137 -65.06 79.12 -149.53
CA SER C 137 -65.94 80.14 -148.97
C SER C 137 -66.03 81.25 -150.00
N SER C 138 -67.01 82.13 -149.88
CA SER C 138 -67.11 83.21 -150.85
C SER C 138 -66.06 84.24 -150.51
N PRO C 139 -65.11 84.41 -151.42
CA PRO C 139 -64.01 85.37 -151.28
C PRO C 139 -62.88 84.81 -150.39
N GLU C 140 -63.06 83.59 -149.90
CA GLU C 140 -62.05 82.97 -149.05
C GLU C 140 -62.20 81.45 -149.00
N ILE C 141 -61.14 80.76 -148.59
CA ILE C 141 -61.20 79.32 -148.49
C ILE C 141 -61.83 78.95 -147.16
N VAL C 142 -62.80 78.06 -147.19
CA VAL C 142 -63.33 77.56 -145.93
C VAL C 142 -62.39 76.46 -145.45
N SER C 143 -61.37 76.85 -144.71
CA SER C 143 -60.34 75.90 -144.33
C SER C 143 -60.46 75.59 -142.86
N VAL C 144 -59.80 74.52 -142.43
CA VAL C 144 -59.56 74.26 -141.03
C VAL C 144 -58.37 73.35 -140.94
N GLY C 145 -57.73 73.34 -139.77
CA GLY C 145 -56.57 72.50 -139.55
C GLY C 145 -56.71 71.71 -138.27
N GLU C 146 -55.76 70.81 -138.05
CA GLU C 146 -55.83 69.88 -136.93
C GLU C 146 -55.75 70.60 -135.61
N ASP C 147 -54.72 71.41 -135.40
CA ASP C 147 -54.70 72.23 -134.19
C ASP C 147 -55.72 73.36 -134.24
N GLY C 148 -56.26 73.67 -135.41
CA GLY C 148 -57.41 74.53 -135.48
C GLY C 148 -57.11 75.98 -135.77
N ARG C 149 -56.05 76.28 -136.49
CA ARG C 149 -55.72 77.67 -136.79
C ARG C 149 -56.57 78.11 -137.96
N ILE C 150 -57.75 78.64 -137.67
CA ILE C 150 -58.64 78.97 -138.77
C ILE C 150 -58.19 80.31 -139.31
N ASN C 151 -57.27 80.26 -140.26
CA ASN C 151 -56.64 81.46 -140.77
C ASN C 151 -57.09 81.74 -142.18
N CYS C 152 -57.56 82.95 -142.39
CA CYS C 152 -58.29 83.22 -143.62
C CYS C 152 -57.37 83.97 -144.56
N PHE C 153 -56.65 83.25 -145.38
CA PHE C 153 -56.17 83.85 -146.61
C PHE C 153 -57.40 84.04 -147.47
N ARG C 154 -57.48 85.16 -148.16
CA ARG C 154 -58.57 85.36 -149.10
C ARG C 154 -58.01 85.84 -150.43
N ALA C 155 -58.91 86.03 -151.39
CA ALA C 155 -58.48 86.41 -152.72
C ALA C 155 -57.88 87.79 -152.69
N GLU C 156 -56.64 87.86 -153.16
CA GLU C 156 -55.73 88.99 -153.04
C GLU C 156 -55.43 89.35 -151.59
N SER C 157 -55.81 88.51 -150.64
CA SER C 157 -55.45 88.76 -149.25
C SER C 157 -54.19 87.99 -148.92
N ARG C 158 -53.12 88.39 -149.59
CA ARG C 158 -51.79 87.96 -149.19
C ARG C 158 -51.55 88.31 -147.75
N ASP C 159 -52.01 89.48 -147.35
CA ASP C 159 -52.26 89.74 -145.96
C ASP C 159 -53.26 88.74 -145.40
N VAL C 160 -52.82 87.88 -144.52
CA VAL C 160 -53.75 87.02 -143.80
C VAL C 160 -54.41 87.87 -142.72
N LEU C 161 -55.59 88.40 -142.99
CA LEU C 161 -56.16 89.31 -142.02
C LEU C 161 -56.85 88.57 -140.91
N ARG C 162 -57.91 87.85 -141.23
CA ARG C 162 -58.75 87.27 -140.22
C ARG C 162 -58.15 85.96 -139.73
N THR C 163 -58.38 85.68 -138.46
CA THR C 163 -57.87 84.48 -137.81
C THR C 163 -58.75 84.23 -136.59
N ILE C 164 -59.47 83.12 -136.61
CA ILE C 164 -59.95 82.57 -135.36
C ILE C 164 -58.85 81.62 -134.94
N ASP C 165 -58.01 82.06 -134.02
CA ASP C 165 -56.92 81.21 -133.57
C ASP C 165 -57.34 80.50 -132.29
N ASP C 166 -58.46 79.83 -132.36
CA ASP C 166 -58.84 78.99 -131.25
C ASP C 166 -58.01 77.73 -131.29
N ALA C 167 -57.33 77.44 -130.19
CA ALA C 167 -56.43 76.31 -130.16
C ALA C 167 -57.17 74.98 -130.09
N ASP C 168 -57.72 74.52 -131.21
CA ASP C 168 -58.50 73.29 -131.25
C ASP C 168 -57.66 72.09 -130.84
N SER C 169 -58.09 71.41 -129.79
CA SER C 169 -57.25 70.39 -129.19
C SER C 169 -57.21 69.15 -130.05
N SER C 170 -58.35 68.57 -130.33
CA SER C 170 -58.35 67.43 -131.22
C SER C 170 -58.17 67.91 -132.64
N THR C 171 -57.87 66.99 -133.53
CA THR C 171 -57.57 67.31 -134.91
C THR C 171 -58.85 67.76 -135.59
N MET C 172 -58.96 69.04 -135.87
CA MET C 172 -60.15 69.46 -136.58
C MET C 172 -60.03 69.15 -138.05
N HIS C 173 -60.71 68.10 -138.48
CA HIS C 173 -60.68 67.73 -139.88
C HIS C 173 -62.01 67.89 -140.54
N GLY C 174 -62.99 68.50 -139.89
CA GLY C 174 -64.25 68.79 -140.54
C GLY C 174 -64.37 70.27 -140.80
N VAL C 175 -64.64 70.61 -142.06
CA VAL C 175 -64.63 72.00 -142.49
C VAL C 175 -65.51 72.25 -143.71
N THR C 176 -66.35 73.27 -143.63
CA THR C 176 -67.18 73.66 -144.76
C THR C 176 -67.69 75.07 -144.55
N PHE C 177 -68.09 75.69 -145.64
CA PHE C 177 -68.96 76.85 -145.57
C PHE C 177 -70.40 76.34 -145.57
N LEU C 178 -71.21 76.81 -144.62
CA LEU C 178 -72.62 76.42 -144.60
C LEU C 178 -73.49 77.53 -145.13
N ARG C 179 -73.40 78.71 -144.53
CA ARG C 179 -73.98 79.95 -145.04
C ARG C 179 -72.92 81.01 -144.79
N THR C 180 -71.98 81.14 -145.73
CA THR C 180 -70.70 81.80 -145.51
C THR C 180 -70.88 83.23 -145.04
N THR C 181 -70.36 83.53 -143.87
CA THR C 181 -69.35 82.72 -143.20
C THR C 181 -69.82 81.82 -142.07
N GLU C 182 -70.96 81.16 -142.22
CA GLU C 182 -71.28 80.11 -141.26
C GLU C 182 -70.30 78.95 -141.43
N ILE C 183 -69.67 78.56 -140.32
CA ILE C 183 -68.65 77.52 -140.35
C ILE C 183 -69.00 76.51 -139.27
N LEU C 184 -68.21 75.46 -139.20
CA LEU C 184 -68.33 74.49 -138.14
C LEU C 184 -67.04 73.72 -138.09
N THR C 185 -66.26 73.98 -137.05
CA THR C 185 -65.04 73.23 -136.88
C THR C 185 -65.43 71.90 -136.28
N VAL C 186 -64.97 70.82 -136.88
CA VAL C 186 -65.24 69.50 -136.37
C VAL C 186 -63.91 68.86 -136.01
N ASN C 187 -63.66 68.76 -134.71
CA ASN C 187 -62.44 68.18 -134.18
C ASN C 187 -62.45 66.67 -134.32
N SER C 188 -61.33 66.05 -133.96
CA SER C 188 -61.19 64.61 -134.06
C SER C 188 -61.85 63.85 -132.93
N VAL C 189 -62.75 64.49 -132.19
CA VAL C 189 -63.74 63.76 -131.41
C VAL C 189 -65.01 63.80 -132.25
N GLY C 190 -64.85 64.01 -133.55
CA GLY C 190 -65.94 64.20 -134.48
C GLY C 190 -66.68 65.49 -134.18
N GLN C 191 -65.99 66.39 -133.52
CA GLN C 191 -66.63 67.41 -132.71
C GLN C 191 -67.10 68.50 -133.64
N LEU C 192 -68.33 68.38 -134.12
CA LEU C 192 -68.86 69.35 -135.06
C LEU C 192 -69.41 70.51 -134.25
N LYS C 193 -68.53 71.42 -133.90
CA LYS C 193 -69.02 72.66 -133.33
C LYS C 193 -69.26 73.66 -134.45
N LEU C 194 -70.47 74.18 -134.54
CA LEU C 194 -70.78 75.22 -135.49
C LEU C 194 -70.16 76.52 -135.00
N TRP C 195 -69.38 77.17 -135.85
CA TRP C 195 -68.72 78.43 -135.52
C TRP C 195 -69.06 79.51 -136.53
N ASP C 196 -68.44 80.65 -136.34
CA ASP C 196 -68.69 81.78 -137.20
C ASP C 196 -67.36 82.38 -137.59
N LEU C 197 -67.37 83.11 -138.71
CA LEU C 197 -66.21 83.90 -139.06
C LEU C 197 -66.59 85.31 -139.49
N ARG C 198 -67.85 85.52 -139.85
CA ARG C 198 -68.23 86.86 -140.27
C ARG C 198 -68.40 87.80 -139.09
N LYS C 199 -68.93 87.33 -137.97
CA LYS C 199 -68.83 88.12 -136.76
C LYS C 199 -67.46 87.89 -136.14
N GLN C 200 -67.26 88.45 -134.97
CA GLN C 200 -65.96 88.32 -134.35
C GLN C 200 -66.05 87.48 -133.10
N GLY C 201 -64.92 87.32 -132.45
CA GLY C 201 -64.95 86.52 -131.25
C GLY C 201 -64.71 85.07 -131.59
N ASN C 202 -63.91 84.40 -130.79
CA ASN C 202 -63.45 83.09 -131.17
C ASN C 202 -64.34 81.97 -130.70
N ASP C 203 -65.50 82.28 -130.19
CA ASP C 203 -66.36 81.22 -129.73
C ASP C 203 -67.02 80.54 -130.93
N PRO C 204 -67.49 79.32 -130.78
CA PRO C 204 -68.27 78.71 -131.86
C PRO C 204 -69.75 79.04 -131.68
N THR C 205 -70.48 79.06 -132.80
CA THR C 205 -71.88 79.46 -132.76
C THR C 205 -72.77 78.35 -132.23
N GLN C 206 -72.51 77.11 -132.61
CA GLN C 206 -73.28 76.00 -132.10
C GLN C 206 -72.43 74.75 -132.08
N ILE C 207 -73.07 73.61 -131.82
CA ILE C 207 -72.34 72.36 -131.72
C ILE C 207 -73.22 71.18 -132.08
N PHE C 208 -72.78 70.35 -133.01
CA PHE C 208 -73.44 69.11 -133.36
C PHE C 208 -72.57 67.96 -132.91
N SER C 209 -73.17 66.93 -132.32
CA SER C 209 -72.40 65.80 -131.86
C SER C 209 -73.30 64.59 -131.76
N VAL C 210 -72.68 63.43 -131.84
CA VAL C 210 -73.38 62.17 -131.60
C VAL C 210 -73.42 61.95 -130.10
N THR C 211 -74.19 60.96 -129.66
CA THR C 211 -74.31 60.65 -128.24
C THR C 211 -72.97 60.27 -127.65
N GLY C 212 -72.39 59.17 -128.12
CA GLY C 212 -70.99 58.96 -127.90
C GLY C 212 -70.22 59.87 -128.83
N GLU C 213 -68.93 59.99 -128.59
CA GLU C 213 -68.08 60.75 -129.49
C GLU C 213 -67.01 59.89 -130.10
N ARG C 214 -67.38 58.80 -130.73
CA ARG C 214 -66.45 57.72 -131.00
C ARG C 214 -65.44 58.03 -132.07
N VAL C 215 -65.81 58.61 -133.19
CA VAL C 215 -64.88 58.60 -134.32
C VAL C 215 -64.05 59.88 -134.33
N PRO C 216 -62.97 59.93 -135.08
CA PRO C 216 -62.37 61.22 -135.40
C PRO C 216 -62.87 61.72 -136.74
N LEU C 217 -62.55 62.97 -137.04
CA LEU C 217 -63.19 63.63 -138.17
C LEU C 217 -62.66 63.10 -139.48
N HIS C 218 -63.55 62.53 -140.27
CA HIS C 218 -63.23 62.29 -141.65
C HIS C 218 -64.31 62.73 -142.63
N CYS C 219 -65.60 62.54 -142.34
CA CYS C 219 -66.51 62.83 -143.43
C CYS C 219 -67.74 63.58 -142.95
N VAL C 220 -68.18 64.51 -143.77
CA VAL C 220 -69.43 65.23 -143.54
C VAL C 220 -70.06 65.42 -144.90
N ASP C 221 -71.26 65.99 -144.91
CA ASP C 221 -72.00 66.03 -146.16
C ASP C 221 -72.94 67.22 -146.18
N ARG C 222 -72.46 68.33 -146.73
CA ARG C 222 -73.27 69.51 -146.96
C ARG C 222 -73.99 69.36 -148.28
N HIS C 223 -75.31 69.43 -148.23
CA HIS C 223 -76.10 69.08 -149.40
C HIS C 223 -75.96 70.15 -150.48
N PRO C 224 -75.86 69.76 -151.74
CA PRO C 224 -76.17 70.73 -152.78
C PRO C 224 -77.65 71.01 -152.87
N ASN C 225 -78.50 70.16 -152.30
CA ASN C 225 -79.93 70.40 -152.30
C ASN C 225 -80.27 71.56 -151.38
N GLN C 226 -79.53 71.70 -150.30
CA GLN C 226 -79.76 72.82 -149.41
C GLN C 226 -78.48 73.11 -148.66
N GLN C 227 -78.20 74.40 -148.46
CA GLN C 227 -77.02 74.82 -147.72
C GLN C 227 -77.14 74.56 -146.23
N HIS C 228 -78.27 74.03 -145.76
CA HIS C 228 -78.38 73.67 -144.36
C HIS C 228 -78.28 72.18 -144.13
N VAL C 229 -78.46 71.36 -145.12
CA VAL C 229 -78.60 69.94 -144.86
C VAL C 229 -77.25 69.26 -144.89
N VAL C 230 -76.98 68.41 -143.91
CA VAL C 230 -75.67 67.80 -143.87
C VAL C 230 -75.82 66.36 -143.40
N ALA C 231 -74.75 65.62 -143.47
CA ALA C 231 -74.78 64.24 -143.02
C ALA C 231 -73.39 63.84 -142.62
N THR C 232 -73.28 63.24 -141.45
CA THR C 232 -71.98 62.86 -140.93
C THR C 232 -71.61 61.47 -141.43
N GLY C 233 -70.58 61.44 -142.27
CA GLY C 233 -70.07 60.17 -142.72
C GLY C 233 -68.90 59.78 -141.85
N GLY C 234 -69.07 58.68 -141.11
CA GLY C 234 -68.12 58.31 -140.09
C GLY C 234 -67.50 56.94 -140.20
N GLN C 235 -66.89 56.49 -139.12
CA GLN C 235 -65.84 55.50 -139.19
C GLN C 235 -66.33 54.06 -139.30
N ASP C 236 -67.59 53.78 -139.07
CA ASP C 236 -68.01 52.39 -139.14
C ASP C 236 -68.59 52.03 -140.48
N GLY C 237 -68.26 52.79 -141.51
CA GLY C 237 -69.18 52.88 -142.63
C GLY C 237 -70.37 53.60 -142.08
N MET C 238 -70.11 54.62 -141.26
CA MET C 238 -71.13 55.17 -140.39
C MET C 238 -71.92 56.22 -141.16
N LEU C 239 -73.22 55.97 -141.25
CA LEU C 239 -74.17 56.82 -141.93
C LEU C 239 -74.91 57.55 -140.85
N CYS C 240 -74.56 58.80 -140.64
CA CYS C 240 -75.31 59.69 -139.79
C CYS C 240 -75.82 60.83 -140.64
N ILE C 241 -76.94 61.40 -140.23
CA ILE C 241 -77.51 62.54 -140.95
C ILE C 241 -77.76 63.66 -139.96
N TRP C 242 -77.37 64.87 -140.35
CA TRP C 242 -77.44 66.04 -139.48
C TRP C 242 -78.43 67.01 -140.09
N ASP C 243 -79.58 67.09 -139.44
CA ASP C 243 -80.57 68.10 -139.73
C ASP C 243 -80.15 69.35 -138.99
N VAL C 244 -79.93 70.43 -139.72
CA VAL C 244 -79.74 71.69 -139.04
C VAL C 244 -81.12 72.19 -138.67
N ARG C 245 -81.93 72.43 -139.68
CA ARG C 245 -83.17 73.16 -139.47
C ARG C 245 -84.23 72.36 -138.76
N HIS C 246 -84.12 71.05 -138.72
CA HIS C 246 -85.16 70.23 -138.10
C HIS C 246 -84.55 69.52 -136.91
N GLY C 247 -84.45 70.21 -135.78
CA GLY C 247 -83.79 69.56 -134.67
C GLY C 247 -82.32 69.42 -134.94
N LYS C 248 -81.66 68.55 -134.19
CA LYS C 248 -80.27 68.22 -134.46
C LYS C 248 -79.91 66.80 -134.05
N MET C 249 -80.84 65.89 -134.03
CA MET C 249 -80.55 64.56 -133.54
C MET C 249 -79.73 63.76 -134.55
N PRO C 250 -79.34 62.55 -134.19
CA PRO C 250 -78.78 61.66 -135.22
C PRO C 250 -79.91 61.18 -136.09
N MET C 251 -80.05 61.82 -137.25
CA MET C 251 -81.14 61.48 -138.13
C MET C 251 -80.83 60.15 -138.79
N SER C 252 -79.55 59.80 -138.85
CA SER C 252 -79.14 58.45 -139.25
C SER C 252 -78.13 57.87 -138.25
N LEU C 253 -78.09 56.53 -138.18
CA LEU C 253 -76.99 55.78 -137.56
C LEU C 253 -76.97 54.41 -138.25
N LEU C 254 -76.14 54.23 -139.27
CA LEU C 254 -76.18 53.01 -140.07
C LEU C 254 -74.80 52.63 -140.55
N ASN C 255 -74.34 51.45 -140.17
CA ASN C 255 -72.98 51.05 -140.51
C ASN C 255 -72.99 50.03 -141.63
N ALA C 256 -72.30 50.33 -142.72
CA ALA C 256 -72.32 49.45 -143.88
C ALA C 256 -70.93 49.07 -144.36
N HIS C 257 -69.97 49.98 -144.32
CA HIS C 257 -68.66 49.70 -144.86
C HIS C 257 -67.72 49.29 -143.74
N GLU C 258 -66.54 48.81 -144.11
CA GLU C 258 -65.71 48.10 -143.14
C GLU C 258 -65.00 49.05 -142.18
N ALA C 259 -64.09 49.83 -142.69
CA ALA C 259 -63.18 50.64 -141.91
C ALA C 259 -63.66 52.09 -141.87
N GLU C 260 -62.75 52.98 -141.46
CA GLU C 260 -63.09 54.38 -141.22
C GLU C 260 -63.57 55.12 -142.46
N MET C 261 -64.13 56.31 -142.24
CA MET C 261 -64.82 57.05 -143.28
C MET C 261 -63.86 57.54 -144.35
N TRP C 262 -64.04 57.05 -145.56
CA TRP C 262 -63.11 57.44 -146.59
C TRP C 262 -63.47 58.76 -147.21
N GLU C 263 -64.45 58.74 -148.09
CA GLU C 263 -64.94 59.85 -148.88
C GLU C 263 -66.07 59.30 -149.73
N VAL C 264 -66.59 60.14 -150.59
CA VAL C 264 -67.62 59.69 -151.50
C VAL C 264 -67.46 60.48 -152.78
N HIS C 265 -68.30 60.18 -153.76
CA HIS C 265 -68.44 61.07 -154.90
C HIS C 265 -69.93 61.28 -155.07
N PHE C 266 -70.40 62.45 -154.74
CA PHE C 266 -71.73 62.81 -155.15
C PHE C 266 -71.68 63.16 -156.62
N HIS C 267 -72.82 63.09 -157.29
CA HIS C 267 -72.89 63.66 -158.61
C HIS C 267 -73.03 65.17 -158.49
N PRO C 268 -72.28 65.93 -159.28
CA PRO C 268 -72.27 67.38 -159.08
C PRO C 268 -73.53 68.08 -159.53
N SER C 269 -74.50 67.35 -160.07
CA SER C 269 -75.84 67.88 -160.25
C SER C 269 -76.91 66.89 -159.88
N ASN C 270 -76.53 65.66 -159.59
CA ASN C 270 -77.50 64.67 -159.12
C ASN C 270 -77.13 64.49 -157.65
N PRO C 271 -77.89 65.11 -156.77
CA PRO C 271 -77.61 65.02 -155.33
C PRO C 271 -77.77 63.62 -154.74
N ASP C 272 -78.82 62.95 -155.17
CA ASP C 272 -79.14 61.60 -154.70
C ASP C 272 -78.13 60.50 -155.03
N HIS C 273 -77.56 60.55 -156.23
CA HIS C 273 -76.64 59.51 -156.66
C HIS C 273 -75.28 59.71 -156.01
N LEU C 274 -74.87 58.77 -155.16
CA LEU C 274 -73.50 58.74 -154.70
C LEU C 274 -73.12 57.32 -154.36
N PHE C 275 -71.94 57.18 -153.78
CA PHE C 275 -71.44 55.86 -153.45
C PHE C 275 -70.43 56.04 -152.34
N THR C 276 -70.33 55.02 -151.48
CA THR C 276 -69.60 55.19 -150.24
C THR C 276 -68.56 54.11 -150.12
N CYS C 277 -67.41 54.48 -149.59
CA CYS C 277 -66.31 53.57 -149.36
C CYS C 277 -66.02 53.42 -147.87
N SER C 278 -64.88 52.78 -147.59
CA SER C 278 -64.24 52.87 -146.29
C SER C 278 -62.74 52.84 -146.53
N GLU C 279 -61.99 52.71 -145.42
CA GLU C 279 -60.62 53.20 -145.41
C GLU C 279 -59.66 52.32 -146.19
N ASP C 280 -60.09 51.14 -146.61
CA ASP C 280 -59.28 50.42 -147.58
C ASP C 280 -59.46 51.01 -148.97
N GLY C 281 -60.67 51.49 -149.26
CA GLY C 281 -60.90 52.18 -150.51
C GLY C 281 -62.13 51.70 -151.25
N SER C 282 -62.84 50.74 -150.67
CA SER C 282 -63.81 49.97 -151.43
C SER C 282 -65.14 50.70 -151.52
N LEU C 283 -65.39 51.35 -152.65
CA LEU C 283 -66.59 52.16 -152.85
C LEU C 283 -67.79 51.27 -153.14
N TRP C 284 -68.71 51.23 -152.18
CA TRP C 284 -69.98 50.53 -152.38
C TRP C 284 -70.97 51.50 -152.99
N HIS C 285 -71.73 51.03 -153.98
CA HIS C 285 -72.50 51.89 -154.87
C HIS C 285 -73.77 52.32 -154.17
N TRP C 286 -73.61 53.22 -153.21
CA TRP C 286 -74.65 53.56 -152.25
C TRP C 286 -75.76 54.32 -152.95
N ASP C 287 -76.57 53.56 -153.66
CA ASP C 287 -77.40 54.14 -154.70
C ASP C 287 -78.56 54.91 -154.12
N ALA C 288 -78.26 56.09 -153.57
CA ALA C 288 -79.33 56.90 -153.02
C ALA C 288 -80.01 57.74 -154.08
N SER C 289 -79.65 57.59 -155.34
CA SER C 289 -80.51 58.13 -156.37
C SER C 289 -81.74 57.42 -156.47
N ALA C 290 -81.71 56.11 -156.31
CA ALA C 290 -82.90 55.31 -156.47
C ALA C 290 -83.82 55.49 -155.29
N GLU C 336 -79.48 50.72 -153.72
CA GLU C 336 -78.49 49.69 -153.98
C GLU C 336 -77.20 50.13 -153.28
N ILE C 337 -76.41 49.16 -152.82
CA ILE C 337 -74.97 49.29 -152.58
C ILE C 337 -74.37 47.90 -152.59
N THR C 338 -73.29 47.71 -153.31
CA THR C 338 -72.73 46.38 -153.45
C THR C 338 -71.22 46.44 -153.57
N ASN C 339 -70.61 45.35 -154.02
CA ASN C 339 -69.20 45.38 -154.34
C ASN C 339 -69.10 45.80 -155.78
N LEU C 340 -69.12 47.10 -156.03
CA LEU C 340 -69.29 47.57 -157.39
C LEU C 340 -68.29 48.64 -157.76
N LEU C 341 -67.22 48.77 -157.03
CA LEU C 341 -66.16 49.62 -157.48
C LEU C 341 -65.24 48.83 -158.39
N PRO C 342 -64.27 49.49 -159.00
CA PRO C 342 -63.06 48.78 -159.41
C PRO C 342 -62.19 48.59 -158.20
N SER C 343 -62.55 47.62 -157.39
CA SER C 343 -62.21 47.66 -155.99
C SER C 343 -60.94 46.89 -155.73
N SER C 344 -60.83 46.38 -154.50
CA SER C 344 -59.85 45.40 -154.09
C SER C 344 -58.44 45.99 -154.10
N THR C 345 -58.38 47.29 -153.94
CA THR C 345 -57.10 47.96 -153.95
C THR C 345 -56.78 48.53 -152.59
N LEU C 346 -55.73 49.34 -152.58
CA LEU C 346 -55.44 50.25 -151.49
C LEU C 346 -56.25 51.52 -151.65
N SER C 347 -55.85 52.56 -150.94
CA SER C 347 -56.68 53.72 -150.69
C SER C 347 -56.79 54.65 -151.89
N VAL C 348 -57.55 55.73 -151.70
CA VAL C 348 -57.96 56.64 -152.76
C VAL C 348 -57.62 58.06 -152.34
N ASN C 349 -57.70 58.99 -153.29
CA ASN C 349 -56.97 60.25 -153.20
C ASN C 349 -57.80 61.46 -152.81
N SER C 350 -58.75 61.91 -153.63
CA SER C 350 -59.48 63.14 -153.36
C SER C 350 -60.69 63.21 -154.27
N LEU C 351 -61.60 64.14 -153.97
CA LEU C 351 -62.95 64.04 -154.49
C LEU C 351 -63.33 65.26 -155.30
N ASP C 352 -63.62 65.02 -156.59
CA ASP C 352 -64.40 65.90 -157.44
C ASP C 352 -64.79 65.13 -158.70
N VAL C 353 -66.06 65.23 -159.09
CA VAL C 353 -66.60 64.29 -160.05
C VAL C 353 -67.73 64.94 -160.83
N LEU C 354 -67.65 64.88 -162.14
CA LEU C 354 -68.64 65.53 -162.97
C LEU C 354 -68.71 64.75 -164.26
N LEU C 358 -62.87 61.86 -162.11
CA LEU C 358 -63.72 61.54 -160.99
C LEU C 358 -62.98 60.56 -160.13
N VAL C 359 -62.93 60.85 -158.84
CA VAL C 359 -62.11 60.10 -157.90
C VAL C 359 -62.62 60.42 -156.51
N CYS C 360 -62.27 59.59 -155.53
CA CYS C 360 -62.54 59.94 -154.16
C CYS C 360 -61.25 59.82 -153.35
N GLY C 361 -61.40 59.83 -152.03
CA GLY C 361 -60.25 59.82 -151.15
C GLY C 361 -60.35 58.95 -149.92
N THR C 362 -59.51 57.95 -149.79
CA THR C 362 -59.64 57.19 -148.57
C THR C 362 -58.60 57.60 -147.55
N ASP C 363 -58.48 56.80 -146.49
CA ASP C 363 -57.64 57.15 -145.37
C ASP C 363 -56.15 57.11 -145.68
N ALA C 364 -55.68 56.17 -146.47
CA ALA C 364 -54.26 56.09 -146.69
C ALA C 364 -53.78 56.77 -147.96
N GLU C 365 -54.71 57.28 -148.77
CA GLU C 365 -54.40 58.12 -149.95
C GLU C 365 -53.51 57.41 -150.96
N ALA C 366 -54.03 56.37 -151.58
CA ALA C 366 -53.15 55.57 -152.40
C ALA C 366 -53.54 55.66 -153.87
N ILE C 367 -52.98 54.75 -154.68
CA ILE C 367 -52.96 54.82 -156.14
C ILE C 367 -54.16 54.09 -156.72
N TYR C 368 -54.86 54.76 -157.64
CA TYR C 368 -56.05 54.30 -158.34
C TYR C 368 -56.43 55.34 -159.38
N VAL C 369 -57.37 54.97 -160.27
CA VAL C 369 -57.75 55.82 -161.38
C VAL C 369 -59.09 55.34 -161.94
N THR C 370 -59.80 56.24 -162.61
CA THR C 370 -61.04 55.92 -163.32
C THR C 370 -61.28 57.00 -164.37
N ARG C 371 -62.07 56.68 -165.39
CA ARG C 371 -62.30 57.66 -166.45
C ARG C 371 -63.66 57.62 -167.14
N ARG C 372 -64.69 57.01 -166.60
CA ARG C 372 -65.93 56.81 -167.34
C ARG C 372 -67.13 57.13 -166.47
N LEU C 373 -67.09 58.29 -165.82
CA LEU C 373 -67.88 58.48 -164.61
C LEU C 373 -69.34 58.80 -164.88
N PHE C 374 -69.85 58.48 -166.04
CA PHE C 374 -71.29 58.54 -166.18
C PHE C 374 -71.90 57.20 -166.49
N SER C 375 -71.09 56.17 -166.61
CA SER C 375 -71.57 54.86 -167.02
C SER C 375 -72.21 54.09 -165.89
N MET D 1 -33.57 67.71 -155.22
CA MET D 1 -32.16 67.25 -155.50
C MET D 1 -31.55 66.72 -154.23
N PHE D 2 -30.69 65.68 -154.31
CA PHE D 2 -30.06 65.09 -153.16
C PHE D 2 -28.63 64.84 -153.59
N VAL D 3 -27.67 65.01 -152.66
CA VAL D 3 -26.28 64.67 -152.92
C VAL D 3 -25.75 64.16 -151.59
N ALA D 4 -24.90 63.13 -151.63
CA ALA D 4 -24.10 62.72 -150.50
C ALA D 4 -22.70 63.19 -150.82
N ARG D 5 -22.12 64.04 -149.95
CA ARG D 5 -20.79 64.51 -150.14
C ARG D 5 -20.11 64.47 -148.80
N SER D 6 -18.78 64.62 -148.77
CA SER D 6 -18.04 64.86 -147.54
C SER D 6 -18.46 66.18 -146.88
N ILE D 7 -18.53 66.20 -145.55
CA ILE D 7 -19.03 67.33 -144.81
C ILE D 7 -18.07 67.52 -143.66
N ALA D 8 -17.90 68.78 -143.23
CA ALA D 8 -17.02 69.09 -142.15
C ALA D 8 -17.83 68.98 -140.88
N ALA D 9 -17.28 68.26 -139.89
CA ALA D 9 -17.90 68.14 -138.60
C ALA D 9 -18.07 69.42 -137.82
N ASP D 10 -17.08 70.33 -138.01
CA ASP D 10 -16.89 71.60 -137.35
C ASP D 10 -16.22 71.43 -135.98
N HIS D 11 -15.38 70.37 -135.84
CA HIS D 11 -14.71 70.07 -134.59
C HIS D 11 -13.27 70.38 -134.81
N LYS D 12 -12.68 71.17 -133.90
CA LYS D 12 -11.28 71.51 -134.02
C LYS D 12 -10.38 70.31 -133.80
N ASP D 13 -10.66 69.55 -132.74
CA ASP D 13 -9.91 68.37 -132.40
C ASP D 13 -10.58 67.12 -132.97
N LEU D 14 -9.89 65.97 -132.86
CA LEU D 14 -10.33 64.70 -133.41
C LEU D 14 -11.64 64.15 -132.88
N ILE D 15 -12.46 63.58 -133.78
CA ILE D 15 -13.78 63.07 -133.53
C ILE D 15 -13.69 61.67 -133.02
N HIS D 16 -14.10 61.40 -131.77
CA HIS D 16 -14.07 60.05 -131.25
C HIS D 16 -15.23 59.19 -131.72
N ASP D 17 -16.48 59.69 -131.66
CA ASP D 17 -17.64 58.88 -131.90
C ASP D 17 -18.69 59.67 -132.68
N VAL D 18 -19.49 58.91 -133.46
CA VAL D 18 -20.63 59.35 -134.22
C VAL D 18 -21.74 58.37 -133.85
N SER D 19 -22.96 58.86 -133.66
CA SER D 19 -24.06 57.97 -133.36
C SER D 19 -25.29 58.49 -134.07
N PHE D 20 -26.15 57.57 -134.56
CA PHE D 20 -27.43 57.88 -135.16
C PHE D 20 -28.48 57.84 -134.08
N ASP D 21 -29.56 58.63 -134.23
CA ASP D 21 -30.78 58.49 -133.45
C ASP D 21 -31.54 57.21 -133.82
N PHE D 22 -32.72 57.00 -133.20
CA PHE D 22 -33.60 55.89 -133.57
C PHE D 22 -34.08 55.91 -135.02
N HIS D 23 -34.52 57.07 -135.52
CA HIS D 23 -35.01 57.22 -136.88
C HIS D 23 -33.90 57.08 -137.92
N GLY D 24 -32.68 57.54 -137.58
CA GLY D 24 -31.50 57.54 -138.43
C GLY D 24 -31.35 58.85 -139.15
N ARG D 25 -32.33 59.75 -138.94
CA ARG D 25 -32.37 61.11 -139.41
C ARG D 25 -31.40 62.04 -138.69
N ARG D 26 -31.13 61.84 -137.39
CA ARG D 26 -30.24 62.68 -136.63
C ARG D 26 -28.96 61.94 -136.34
N MET D 27 -27.89 62.71 -136.20
CA MET D 27 -26.58 62.20 -135.90
C MET D 27 -26.07 63.03 -134.74
N ALA D 28 -25.35 62.40 -133.80
CA ALA D 28 -24.63 63.09 -132.76
C ALA D 28 -23.18 62.81 -132.99
N THR D 29 -22.33 63.80 -132.68
CA THR D 29 -20.90 63.66 -132.74
C THR D 29 -20.32 64.16 -131.44
N CYS D 30 -19.13 63.67 -131.09
CA CYS D 30 -18.40 64.17 -129.96
C CYS D 30 -16.95 64.19 -130.35
N SER D 31 -16.18 65.11 -129.74
CA SER D 31 -14.76 65.12 -130.03
C SER D 31 -13.98 65.48 -128.82
N SER D 32 -12.68 65.52 -129.06
CA SER D 32 -11.80 66.05 -128.04
C SER D 32 -11.87 67.55 -127.95
N ASP D 33 -12.70 68.34 -128.64
CA ASP D 33 -12.77 69.80 -128.52
C ASP D 33 -13.74 70.17 -127.42
N GLN D 34 -14.35 69.13 -126.82
CA GLN D 34 -15.21 69.17 -125.66
C GLN D 34 -16.63 69.51 -126.00
N SER D 35 -16.97 69.39 -127.30
CA SER D 35 -18.24 69.82 -127.80
C SER D 35 -18.94 68.66 -128.44
N VAL D 36 -20.28 68.68 -128.31
CA VAL D 36 -21.16 67.69 -128.90
C VAL D 36 -21.89 68.45 -129.98
N LYS D 37 -21.94 67.90 -131.22
CA LYS D 37 -22.70 68.47 -132.32
C LYS D 37 -23.82 67.50 -132.64
N VAL D 38 -25.01 68.05 -132.94
CA VAL D 38 -26.15 67.26 -133.38
C VAL D 38 -26.44 67.69 -134.81
N TRP D 39 -26.57 66.72 -135.74
CA TRP D 39 -26.90 67.01 -137.11
C TRP D 39 -28.36 66.69 -137.38
N ASP D 40 -29.00 67.50 -138.23
CA ASP D 40 -30.30 67.26 -138.81
C ASP D 40 -30.03 66.86 -140.24
N LYS D 41 -30.61 65.72 -140.65
CA LYS D 41 -30.73 65.42 -142.04
C LYS D 41 -31.98 66.15 -142.48
N SER D 42 -31.80 67.27 -143.21
CA SER D 42 -32.89 68.03 -143.82
C SER D 42 -33.68 67.13 -144.79
N GLU D 43 -34.98 67.44 -145.06
CA GLU D 43 -35.72 66.75 -146.11
C GLU D 43 -35.11 66.97 -147.49
N ASN D 44 -34.58 68.19 -147.73
CA ASN D 44 -33.57 68.44 -148.76
C ASN D 44 -32.27 67.76 -148.33
N GLY D 45 -31.68 66.82 -149.11
CA GLY D 45 -30.67 65.93 -148.53
C GLY D 45 -29.30 66.51 -148.39
N ASN D 46 -29.10 67.19 -147.27
CA ASN D 46 -27.83 67.67 -146.85
C ASN D 46 -27.96 67.58 -145.34
N TRP D 47 -26.91 67.07 -144.67
CA TRP D 47 -26.82 67.12 -143.23
C TRP D 47 -26.44 68.52 -142.82
N HIS D 48 -27.21 69.15 -141.94
CA HIS D 48 -26.90 70.47 -141.41
C HIS D 48 -26.81 70.29 -139.92
N CYS D 49 -25.86 70.94 -139.22
CA CYS D 49 -25.79 70.79 -137.78
C CYS D 49 -26.91 71.62 -137.14
N THR D 50 -27.68 70.98 -136.26
CA THR D 50 -28.72 71.55 -135.39
C THR D 50 -28.19 72.39 -134.27
N ALA D 51 -27.15 71.89 -133.58
CA ALA D 51 -26.57 72.61 -132.46
C ALA D 51 -25.26 71.97 -132.08
N SER D 52 -24.39 72.80 -131.51
CA SER D 52 -23.11 72.39 -130.97
C SER D 52 -22.89 73.14 -129.65
N TRP D 53 -22.46 72.44 -128.60
CA TRP D 53 -22.20 73.10 -127.36
C TRP D 53 -21.08 72.42 -126.65
N LYS D 54 -20.49 73.15 -125.69
CA LYS D 54 -19.40 72.69 -124.89
C LYS D 54 -19.95 71.86 -123.73
N THR D 55 -19.94 70.53 -123.89
CA THR D 55 -20.48 69.60 -122.91
C THR D 55 -19.69 69.46 -121.65
N HIS D 56 -18.35 69.32 -121.79
CA HIS D 56 -17.47 68.87 -120.72
C HIS D 56 -16.22 69.73 -120.62
N SER D 57 -15.45 69.57 -119.53
CA SER D 57 -14.13 70.18 -119.39
C SER D 57 -13.02 69.47 -120.11
N GLY D 58 -13.16 68.15 -120.31
CA GLY D 58 -12.17 67.27 -120.92
C GLY D 58 -12.79 66.54 -122.06
N SER D 59 -11.95 65.91 -122.94
CA SER D 59 -12.36 65.29 -124.20
C SER D 59 -13.57 64.39 -124.07
N VAL D 60 -14.49 64.39 -125.07
CA VAL D 60 -15.69 63.60 -124.94
C VAL D 60 -15.53 62.37 -125.76
N TRP D 61 -15.31 61.19 -125.12
CA TRP D 61 -15.14 59.97 -125.89
C TRP D 61 -16.42 59.48 -126.52
N ARG D 62 -17.49 59.31 -125.75
CA ARG D 62 -18.62 58.55 -126.25
C ARG D 62 -19.88 59.30 -126.02
N VAL D 63 -20.87 58.88 -126.78
CA VAL D 63 -22.17 59.49 -126.84
C VAL D 63 -23.12 58.38 -127.17
N THR D 64 -24.40 58.62 -126.90
CA THR D 64 -25.43 57.67 -127.25
C THR D 64 -26.75 58.43 -127.21
N TRP D 65 -27.81 57.87 -127.81
CA TRP D 65 -29.16 58.41 -127.86
C TRP D 65 -30.04 57.44 -127.10
N ALA D 66 -30.98 57.93 -126.28
CA ALA D 66 -31.97 57.07 -125.65
C ALA D 66 -33.09 56.74 -126.63
N HIS D 67 -33.97 55.80 -126.25
CA HIS D 67 -35.18 55.50 -127.02
C HIS D 67 -36.11 56.72 -127.16
N PRO D 68 -36.74 57.00 -128.31
CA PRO D 68 -37.53 58.21 -128.54
C PRO D 68 -38.82 58.29 -127.70
N GLU D 69 -39.28 57.17 -127.06
CA GLU D 69 -40.42 57.18 -126.13
C GLU D 69 -40.16 58.04 -124.91
N PHE D 70 -38.95 57.97 -124.33
CA PHE D 70 -38.53 58.78 -123.20
C PHE D 70 -38.45 60.26 -123.53
N GLY D 71 -37.97 60.57 -124.75
CA GLY D 71 -37.85 61.92 -125.26
C GLY D 71 -36.59 62.05 -126.07
N GLN D 72 -36.17 63.29 -126.34
CA GLN D 72 -34.91 63.53 -127.02
C GLN D 72 -33.81 63.64 -125.99
N VAL D 73 -33.13 62.51 -125.71
CA VAL D 73 -32.07 62.47 -124.73
C VAL D 73 -30.82 61.89 -125.36
N LEU D 74 -29.69 62.58 -125.12
CA LEU D 74 -28.37 62.17 -125.51
C LEU D 74 -27.57 62.06 -124.22
N ALA D 75 -26.76 61.00 -124.07
CA ALA D 75 -25.84 60.86 -122.96
C ALA D 75 -24.44 60.97 -123.50
N SER D 76 -23.55 61.55 -122.71
CA SER D 76 -22.18 61.78 -123.12
C SER D 76 -21.27 61.28 -122.07
N CYS D 77 -20.00 61.10 -122.49
CA CYS D 77 -19.00 60.45 -121.68
C CYS D 77 -17.69 61.16 -121.87
N SER D 78 -16.95 61.45 -120.78
CA SER D 78 -15.72 62.20 -120.94
C SER D 78 -14.55 61.71 -120.13
N PHE D 79 -13.37 62.25 -120.49
CA PHE D 79 -12.18 62.07 -119.69
C PHE D 79 -12.20 62.88 -118.40
N ASP D 80 -13.14 63.83 -118.24
CA ASP D 80 -13.35 64.61 -117.03
C ASP D 80 -13.98 63.79 -115.91
N ARG D 81 -14.37 62.51 -116.21
CA ARG D 81 -14.80 61.49 -115.26
C ARG D 81 -16.30 61.55 -115.04
N THR D 82 -17.00 62.28 -115.94
CA THR D 82 -18.41 62.54 -115.79
C THR D 82 -19.10 61.99 -116.99
N ALA D 83 -20.37 61.66 -116.76
CA ALA D 83 -21.30 61.44 -117.81
C ALA D 83 -22.35 62.51 -117.62
N ALA D 84 -22.90 63.02 -118.74
CA ALA D 84 -23.95 63.99 -118.70
C ALA D 84 -25.09 63.48 -119.54
N VAL D 85 -26.31 63.82 -119.13
CA VAL D 85 -27.55 63.56 -119.82
C VAL D 85 -28.03 64.91 -120.27
N TRP D 86 -28.50 64.98 -121.52
CA TRP D 86 -29.01 66.20 -122.09
C TRP D 86 -30.39 65.94 -122.64
N GLU D 87 -31.28 66.93 -122.52
CA GLU D 87 -32.59 66.82 -123.10
C GLU D 87 -32.81 67.97 -124.09
N GLU D 88 -33.20 67.64 -125.31
CA GLU D 88 -33.47 68.67 -126.30
C GLU D 88 -34.70 69.46 -125.87
N ILE D 89 -34.63 70.78 -126.00
CA ILE D 89 -35.76 71.62 -125.63
C ILE D 89 -36.24 72.48 -126.78
N VAL D 90 -37.53 72.39 -127.08
CA VAL D 90 -38.16 73.26 -128.06
C VAL D 90 -39.35 73.94 -127.42
N GLY D 91 -39.43 75.26 -127.52
CA GLY D 91 -40.55 75.98 -126.96
C GLY D 91 -41.34 76.74 -128.00
N GLU D 92 -42.64 76.47 -128.06
CA GLU D 92 -43.53 77.21 -128.94
C GLU D 92 -44.71 77.74 -128.14
N SER D 93 -45.00 79.03 -128.26
CA SER D 93 -46.16 79.61 -127.60
C SER D 93 -47.42 79.04 -128.23
N ASN D 94 -48.43 78.75 -127.41
CA ASN D 94 -49.68 78.25 -127.94
C ASN D 94 -50.11 79.18 -129.06
N ASP D 95 -49.18 79.31 -130.01
CA ASP D 95 -49.38 80.07 -131.24
C ASP D 95 -48.35 79.53 -132.23
N LYS D 96 -48.58 79.78 -133.52
CA LYS D 96 -47.62 79.35 -134.53
C LYS D 96 -46.23 79.93 -134.22
N LEU D 97 -45.20 79.11 -134.37
CA LEU D 97 -43.84 79.56 -134.12
C LEU D 97 -43.56 79.69 -132.62
N ARG D 98 -42.50 80.42 -132.28
CA ARG D 98 -42.16 80.72 -130.90
C ARG D 98 -41.41 79.59 -130.18
N GLY D 99 -41.01 78.57 -130.92
CA GLY D 99 -40.28 77.46 -130.34
C GLY D 99 -38.77 77.59 -130.50
N GLN D 100 -38.06 77.48 -129.39
CA GLN D 100 -36.60 77.59 -129.37
C GLN D 100 -35.94 76.34 -128.81
N SER D 101 -34.91 75.84 -129.50
CA SER D 101 -34.22 74.63 -129.07
C SER D 101 -32.76 74.87 -128.72
N HIS D 102 -32.35 74.37 -127.56
CA HIS D 102 -30.96 74.47 -127.12
C HIS D 102 -30.60 73.30 -126.21
N TRP D 103 -29.34 72.89 -126.23
CA TRP D 103 -28.87 71.79 -125.40
C TRP D 103 -28.98 72.13 -123.91
N VAL D 104 -29.38 71.16 -123.11
CA VAL D 104 -29.51 71.34 -121.67
C VAL D 104 -29.01 70.13 -120.89
N LYS D 105 -28.55 70.35 -119.67
CA LYS D 105 -28.10 69.27 -118.80
C LYS D 105 -29.24 68.80 -117.93
N ARG D 106 -29.68 67.54 -118.05
CA ARG D 106 -30.57 66.95 -117.07
C ARG D 106 -29.88 66.65 -115.76
N THR D 107 -28.68 66.07 -115.84
CA THR D 107 -27.97 65.67 -114.64
C THR D 107 -26.52 65.45 -115.02
N THR D 108 -25.68 65.23 -113.99
CA THR D 108 -24.28 64.86 -114.08
C THR D 108 -24.10 63.61 -113.25
N LEU D 109 -23.23 62.68 -113.70
CA LEU D 109 -22.85 61.53 -112.90
C LEU D 109 -21.41 61.73 -112.50
N VAL D 110 -21.18 62.09 -111.22
CA VAL D 110 -19.84 62.31 -110.68
C VAL D 110 -19.16 61.04 -110.19
N ASP D 111 -19.91 59.92 -110.02
CA ASP D 111 -19.49 58.74 -109.26
C ASP D 111 -18.22 58.05 -109.74
N SER D 112 -18.02 58.03 -111.07
CA SER D 112 -16.80 57.48 -111.66
C SER D 112 -15.56 58.26 -111.22
N ARG D 113 -14.64 57.60 -110.51
CA ARG D 113 -13.48 58.26 -109.96
C ARG D 113 -12.41 58.54 -111.01
N THR D 114 -12.58 57.95 -112.19
CA THR D 114 -11.64 58.06 -113.28
C THR D 114 -12.34 58.26 -114.62
N SER D 115 -11.50 58.62 -115.64
CA SER D 115 -11.88 58.94 -116.99
C SER D 115 -12.70 57.84 -117.57
N VAL D 116 -13.83 58.20 -118.21
CA VAL D 116 -14.73 57.18 -118.64
C VAL D 116 -14.51 56.95 -120.13
N THR D 117 -14.41 55.67 -120.52
CA THR D 117 -14.33 55.28 -121.91
C THR D 117 -15.69 55.26 -122.56
N ASP D 118 -16.73 54.60 -122.03
CA ASP D 118 -17.98 54.45 -122.76
C ASP D 118 -19.22 54.60 -121.92
N VAL D 119 -20.34 54.90 -122.61
CA VAL D 119 -21.69 55.07 -122.09
C VAL D 119 -22.69 54.57 -123.14
N LYS D 120 -23.69 53.77 -122.71
CA LYS D 120 -24.68 53.23 -123.62
C LYS D 120 -25.99 53.18 -122.88
N PHE D 121 -27.10 53.61 -123.52
CA PHE D 121 -28.44 53.40 -123.03
C PHE D 121 -28.78 51.93 -123.18
N ALA D 122 -29.56 51.40 -122.24
CA ALA D 122 -30.08 50.07 -122.33
C ALA D 122 -31.25 50.01 -123.30
N PRO D 123 -31.75 48.84 -123.69
CA PRO D 123 -32.98 48.73 -124.47
C PRO D 123 -34.21 49.42 -123.88
N LYS D 124 -35.13 49.88 -124.72
CA LYS D 124 -36.28 50.68 -124.31
C LYS D 124 -37.23 50.04 -123.29
N HIS D 125 -37.40 48.69 -123.37
CA HIS D 125 -38.27 47.88 -122.55
C HIS D 125 -37.85 47.95 -121.09
N MET D 126 -36.54 47.99 -120.85
CA MET D 126 -35.96 48.12 -119.53
C MET D 126 -36.35 49.41 -118.82
N GLY D 127 -36.53 50.51 -119.56
CA GLY D 127 -36.73 51.83 -119.02
C GLY D 127 -35.51 52.66 -119.34
N LEU D 128 -35.45 53.94 -118.89
CA LEU D 128 -34.19 54.70 -118.89
C LEU D 128 -33.16 54.08 -117.97
N MET D 129 -32.15 53.47 -118.59
CA MET D 129 -31.15 52.72 -117.93
C MET D 129 -29.96 52.96 -118.81
N LEU D 130 -28.77 53.04 -118.24
CA LEU D 130 -27.59 53.21 -119.04
C LEU D 130 -26.48 52.54 -118.29
N ALA D 131 -25.39 52.21 -119.00
CA ALA D 131 -24.21 51.67 -118.38
C ALA D 131 -23.07 52.53 -118.84
N THR D 132 -21.99 52.48 -118.05
CA THR D 132 -20.78 53.23 -118.32
C THR D 132 -19.61 52.43 -117.79
N CYS D 133 -18.42 52.56 -118.44
CA CYS D 133 -17.19 51.89 -118.03
C CYS D 133 -15.99 52.79 -118.19
N SER D 134 -15.06 52.68 -117.23
CA SER D 134 -14.11 53.73 -116.94
C SER D 134 -12.74 53.16 -116.69
N ALA D 135 -11.73 54.03 -116.49
CA ALA D 135 -10.41 53.57 -116.08
C ALA D 135 -10.40 52.89 -114.68
N ASP D 136 -11.40 53.15 -113.78
CA ASP D 136 -11.60 52.59 -112.43
C ASP D 136 -11.96 51.13 -112.64
N GLY D 137 -12.52 50.85 -113.83
CA GLY D 137 -12.73 49.51 -114.33
C GLY D 137 -13.98 48.94 -113.74
N VAL D 138 -14.81 49.86 -113.22
CA VAL D 138 -16.06 49.58 -112.56
C VAL D 138 -17.13 49.96 -113.55
N VAL D 139 -17.89 48.95 -114.02
CA VAL D 139 -19.10 49.17 -114.79
C VAL D 139 -20.14 49.68 -113.83
N ARG D 140 -20.86 50.73 -114.19
CA ARG D 140 -21.92 51.28 -113.37
C ARG D 140 -23.14 51.33 -114.25
N ILE D 141 -24.31 51.04 -113.66
CA ILE D 141 -25.60 51.13 -114.32
C ILE D 141 -26.40 52.16 -113.57
N TYR D 142 -27.00 53.12 -114.29
CA TYR D 142 -27.84 54.14 -113.69
C TYR D 142 -29.20 53.93 -114.28
N GLU D 143 -30.26 54.15 -113.48
CA GLU D 143 -31.64 54.09 -113.93
C GLU D 143 -32.27 55.43 -113.63
N ALA D 144 -33.27 55.82 -114.44
CA ALA D 144 -34.19 56.88 -114.03
C ALA D 144 -35.43 56.18 -113.47
N PRO D 145 -35.67 56.05 -112.15
CA PRO D 145 -36.76 55.24 -111.61
C PRO D 145 -38.11 55.88 -111.87
N ASP D 146 -38.14 57.20 -111.95
CA ASP D 146 -39.26 57.94 -112.44
C ASP D 146 -38.85 58.39 -113.84
N VAL D 147 -39.65 58.02 -114.86
CA VAL D 147 -39.58 58.51 -116.23
C VAL D 147 -39.83 60.02 -116.26
N MET D 148 -40.76 60.53 -115.42
CA MET D 148 -41.09 61.94 -115.35
C MET D 148 -39.93 62.81 -114.90
N ASN D 149 -39.18 62.35 -113.87
CA ASN D 149 -38.01 63.05 -113.41
C ASN D 149 -36.79 62.56 -114.19
N LEU D 150 -36.46 63.25 -115.30
CA LEU D 150 -35.26 62.97 -116.08
C LEU D 150 -33.97 63.35 -115.37
N SER D 151 -34.03 64.17 -114.29
CA SER D 151 -32.90 64.47 -113.41
C SER D 151 -32.66 63.39 -112.37
N GLN D 152 -33.73 62.64 -111.98
CA GLN D 152 -33.66 61.56 -111.00
C GLN D 152 -32.96 60.36 -111.61
N TRP D 153 -31.61 60.33 -111.57
CA TRP D 153 -30.83 59.20 -111.99
C TRP D 153 -30.26 58.59 -110.74
N SER D 154 -30.68 57.35 -110.43
CA SER D 154 -30.17 56.57 -109.34
C SER D 154 -29.04 55.71 -109.88
N LEU D 155 -28.15 55.23 -109.00
CA LEU D 155 -27.11 54.29 -109.37
C LEU D 155 -27.62 52.91 -109.03
N GLN D 156 -27.98 52.10 -110.04
CA GLN D 156 -28.52 50.77 -109.89
C GLN D 156 -27.50 49.72 -109.46
N HIS D 157 -26.30 49.74 -110.06
CA HIS D 157 -25.35 48.67 -109.83
C HIS D 157 -23.95 49.13 -110.13
N GLU D 158 -22.97 48.45 -109.50
CA GLU D 158 -21.55 48.62 -109.67
C GLU D 158 -20.93 47.23 -109.67
N ILE D 159 -20.06 46.93 -110.66
CA ILE D 159 -19.31 45.67 -110.73
C ILE D 159 -17.89 46.00 -111.10
N SER D 160 -16.95 45.11 -110.75
CA SER D 160 -15.53 45.28 -111.03
C SER D 160 -15.12 44.48 -112.26
N CYS D 161 -14.19 45.04 -113.06
CA CYS D 161 -13.59 44.45 -114.24
C CYS D 161 -12.08 44.33 -114.04
N LYS D 162 -11.28 44.79 -115.01
CA LYS D 162 -9.84 44.88 -114.95
C LYS D 162 -9.50 46.31 -115.32
N LEU D 163 -8.29 46.58 -115.85
CA LEU D 163 -7.78 47.90 -116.06
C LEU D 163 -7.16 47.99 -117.45
N SER D 164 -7.61 49.00 -118.24
CA SER D 164 -7.05 49.53 -119.51
C SER D 164 -8.20 49.91 -120.43
N CYS D 165 -8.23 49.41 -121.70
CA CYS D 165 -9.27 49.65 -122.71
C CYS D 165 -10.68 49.36 -122.21
N SER D 166 -11.74 49.88 -122.86
CA SER D 166 -13.06 49.46 -122.45
C SER D 166 -14.02 49.68 -123.62
N CYS D 167 -15.09 48.88 -123.70
CA CYS D 167 -16.24 49.13 -124.54
C CYS D 167 -17.40 48.40 -123.87
N ILE D 168 -18.65 48.88 -124.09
CA ILE D 168 -19.85 48.22 -123.62
C ILE D 168 -20.79 47.99 -124.76
N SER D 169 -21.59 46.91 -124.64
CA SER D 169 -22.65 46.76 -125.58
C SER D 169 -23.77 45.89 -125.04
N TRP D 170 -24.94 46.51 -124.72
CA TRP D 170 -26.13 45.81 -124.25
C TRP D 170 -26.68 44.86 -125.27
N ASN D 171 -27.38 43.79 -124.81
CA ASN D 171 -28.27 43.02 -125.64
C ASN D 171 -29.50 43.92 -126.01
N PRO D 172 -29.73 44.34 -127.27
CA PRO D 172 -30.91 45.06 -127.78
C PRO D 172 -32.14 44.18 -127.87
N SER D 173 -32.08 42.84 -127.60
CA SER D 173 -33.26 41.97 -127.56
C SER D 173 -34.38 42.57 -126.74
N SER D 174 -35.59 42.60 -127.32
CA SER D 174 -36.75 43.07 -126.58
C SER D 174 -37.04 42.14 -125.41
N SER D 175 -37.35 42.72 -124.24
CA SER D 175 -37.53 41.90 -123.06
C SER D 175 -38.99 41.60 -122.96
N ARG D 176 -39.23 40.35 -122.58
CA ARG D 176 -40.46 39.59 -122.54
C ARG D 176 -40.10 38.30 -123.23
N ALA D 177 -39.49 38.40 -124.43
CA ALA D 177 -38.80 37.34 -125.13
C ALA D 177 -37.46 36.91 -124.50
N HIS D 178 -36.57 37.86 -124.13
CA HIS D 178 -35.25 37.54 -123.62
C HIS D 178 -34.91 38.30 -122.36
N SER D 179 -33.82 37.84 -121.70
CA SER D 179 -33.26 38.40 -120.50
C SER D 179 -32.20 39.45 -120.83
N PRO D 180 -31.93 40.42 -119.97
CA PRO D 180 -30.85 41.38 -120.18
C PRO D 180 -29.48 40.79 -119.89
N MET D 181 -28.48 41.20 -120.69
CA MET D 181 -27.10 40.82 -120.52
C MET D 181 -26.31 41.86 -121.28
N ILE D 182 -25.00 41.97 -121.00
CA ILE D 182 -24.18 43.01 -121.60
C ILE D 182 -22.76 42.48 -121.71
N ALA D 183 -22.08 42.79 -122.83
CA ALA D 183 -20.72 42.41 -123.08
C ALA D 183 -19.83 43.60 -122.82
N VAL D 184 -18.69 43.34 -122.12
CA VAL D 184 -17.69 44.34 -121.80
C VAL D 184 -16.39 43.82 -122.39
N GLY D 185 -15.74 44.67 -123.16
CA GLY D 185 -14.48 44.31 -123.79
C GLY D 185 -13.36 45.27 -123.43
N SER D 186 -12.50 44.84 -122.50
CA SER D 186 -11.39 45.66 -122.06
C SER D 186 -10.05 44.99 -122.39
N ASP D 187 -9.15 45.76 -122.99
CA ASP D 187 -7.83 45.25 -123.37
C ASP D 187 -7.96 44.05 -124.30
N GLY D 195 -4.75 39.47 -123.10
CA GLY D 195 -5.93 40.21 -122.70
C GLY D 195 -7.18 39.34 -122.69
N LYS D 196 -7.85 39.27 -121.54
CA LYS D 196 -9.06 38.49 -121.41
C LYS D 196 -10.26 39.36 -121.06
N VAL D 197 -11.35 39.19 -121.80
CA VAL D 197 -12.56 39.97 -121.57
C VAL D 197 -13.72 39.07 -121.16
N GLN D 198 -14.40 39.44 -120.09
CA GLN D 198 -15.54 38.67 -119.60
C GLN D 198 -16.83 39.49 -119.64
N ILE D 199 -17.87 38.91 -120.21
CA ILE D 199 -19.16 39.58 -120.32
C ILE D 199 -19.92 39.53 -119.00
N TYR D 200 -21.24 39.67 -119.07
CA TYR D 200 -22.09 39.63 -117.89
C TYR D 200 -23.52 39.37 -118.30
N GLU D 201 -24.32 38.80 -117.39
CA GLU D 201 -25.75 38.63 -117.48
C GLU D 201 -26.39 39.27 -116.27
N TYR D 202 -27.72 39.12 -116.12
CA TYR D 202 -28.50 39.60 -115.00
C TYR D 202 -29.14 38.39 -114.31
N ASN D 203 -29.15 38.36 -112.96
CA ASN D 203 -29.72 37.24 -112.20
C ASN D 203 -31.22 37.40 -112.00
N GLU D 204 -31.94 36.33 -111.57
CA GLU D 204 -33.39 36.36 -111.40
C GLU D 204 -33.98 37.46 -110.50
N ASN D 205 -33.62 37.43 -109.20
CA ASN D 205 -34.09 38.37 -108.20
C ASN D 205 -33.01 38.71 -107.21
N THR D 206 -31.77 38.22 -107.45
CA THR D 206 -30.57 38.74 -106.80
C THR D 206 -30.40 40.18 -107.19
N ARG D 207 -30.79 40.47 -108.45
CA ARG D 207 -30.85 41.77 -109.10
C ARG D 207 -29.46 42.33 -109.24
N LYS D 208 -28.53 41.40 -109.51
CA LYS D 208 -27.12 41.66 -109.59
C LYS D 208 -26.68 41.04 -110.87
N TYR D 209 -25.59 41.57 -111.42
CA TYR D 209 -25.00 41.07 -112.64
C TYR D 209 -24.05 39.95 -112.27
N ALA D 210 -24.10 38.83 -113.02
CA ALA D 210 -23.22 37.71 -112.82
C ALA D 210 -22.40 37.52 -114.09
N LYS D 211 -21.23 36.88 -113.98
CA LYS D 211 -20.43 36.53 -115.14
C LYS D 211 -20.87 35.17 -115.63
N ALA D 212 -21.78 35.12 -116.61
CA ALA D 212 -22.19 33.89 -117.23
C ALA D 212 -21.07 33.16 -117.98
N GLU D 213 -20.26 33.93 -118.74
CA GLU D 213 -19.26 33.40 -119.63
C GLU D 213 -18.28 34.47 -120.06
N THR D 214 -17.33 34.09 -120.92
CA THR D 214 -16.30 34.97 -121.45
C THR D 214 -16.18 34.71 -122.93
N LEU D 215 -15.77 35.72 -123.74
CA LEU D 215 -15.47 35.49 -125.14
C LEU D 215 -13.98 35.21 -125.27
N MET D 216 -13.60 33.98 -125.63
CA MET D 216 -12.19 33.64 -125.74
C MET D 216 -11.62 33.87 -127.12
N SER D 217 -10.29 33.78 -127.19
CA SER D 217 -9.57 33.95 -128.45
C SER D 217 -9.33 35.39 -128.91
N VAL D 218 -9.62 36.35 -128.03
CA VAL D 218 -9.43 37.75 -128.40
C VAL D 218 -7.94 38.04 -128.64
N SER D 219 -7.65 38.79 -129.69
CA SER D 219 -6.27 39.14 -130.03
C SER D 219 -6.07 40.65 -130.12
N ASP D 220 -5.06 41.14 -129.42
CA ASP D 220 -4.77 42.57 -129.41
C ASP D 220 -5.76 43.28 -128.49
N PRO D 221 -5.68 44.61 -128.45
CA PRO D 221 -6.60 45.40 -127.62
C PRO D 221 -8.00 45.35 -128.21
N VAL D 222 -9.03 45.40 -127.38
CA VAL D 222 -10.40 45.36 -127.89
C VAL D 222 -10.88 46.76 -128.22
N HIS D 223 -10.74 47.13 -129.48
CA HIS D 223 -11.15 48.45 -129.97
C HIS D 223 -12.66 48.70 -129.91
N ASP D 224 -13.43 47.67 -130.25
CA ASP D 224 -14.87 47.80 -130.28
C ASP D 224 -15.57 46.45 -130.15
N ILE D 225 -16.82 46.51 -129.67
CA ILE D 225 -17.69 45.36 -129.53
C ILE D 225 -19.11 45.84 -129.70
N ALA D 226 -19.94 45.04 -130.40
CA ALA D 226 -21.33 45.36 -130.50
C ALA D 226 -22.12 44.07 -130.48
N PHE D 227 -23.34 44.14 -129.90
CA PHE D 227 -24.26 43.04 -129.86
C PHE D 227 -25.17 43.31 -131.04
N ALA D 228 -25.59 42.25 -131.74
CA ALA D 228 -26.45 42.39 -132.89
C ALA D 228 -27.92 42.23 -132.53
N PRO D 229 -28.85 43.03 -133.03
CA PRO D 229 -30.28 42.71 -132.95
C PRO D 229 -30.65 41.27 -133.34
N ASN D 230 -31.30 40.53 -132.43
CA ASN D 230 -31.64 39.12 -132.55
C ASN D 230 -33.06 38.97 -133.12
N LEU D 231 -33.35 39.69 -134.22
CA LEU D 231 -34.70 39.71 -134.72
C LEU D 231 -34.99 38.43 -135.51
N GLY D 232 -35.89 37.58 -134.98
CA GLY D 232 -36.26 36.33 -135.63
C GLY D 232 -35.31 35.18 -135.45
N ARG D 233 -34.23 35.37 -134.65
CA ARG D 233 -33.25 34.35 -134.33
C ARG D 233 -33.27 34.07 -132.85
N SER D 234 -33.25 32.78 -132.47
CA SER D 234 -33.15 32.35 -131.09
C SER D 234 -31.84 32.67 -130.42
N PHE D 235 -30.75 32.49 -131.19
CA PHE D 235 -29.40 32.74 -130.75
C PHE D 235 -29.06 34.21 -130.90
N HIS D 236 -28.01 34.60 -130.18
CA HIS D 236 -27.53 35.95 -130.19
C HIS D 236 -26.15 36.01 -130.79
N ILE D 237 -25.80 37.16 -131.39
CA ILE D 237 -24.55 37.37 -132.05
C ILE D 237 -23.90 38.64 -131.51
N LEU D 238 -22.58 38.59 -131.26
CA LEU D 238 -21.77 39.73 -130.85
C LEU D 238 -20.55 39.70 -131.70
N ALA D 239 -20.14 40.88 -132.20
CA ALA D 239 -18.95 40.98 -132.98
C ALA D 239 -18.03 41.90 -132.27
N VAL D 240 -16.74 41.56 -132.32
CA VAL D 240 -15.67 42.35 -131.75
C VAL D 240 -14.81 42.75 -132.92
N ALA D 241 -14.40 44.02 -132.91
CA ALA D 241 -13.30 44.51 -133.67
C ALA D 241 -12.14 44.54 -132.68
N THR D 242 -11.32 43.47 -132.71
CA THR D 242 -10.01 43.50 -132.10
C THR D 242 -9.07 44.05 -133.20
N LYS D 243 -7.77 43.71 -133.29
CA LYS D 243 -7.00 43.85 -134.54
C LYS D 243 -7.11 42.58 -135.37
N ASP D 244 -8.37 42.11 -135.45
CA ASP D 244 -8.90 40.99 -136.16
C ASP D 244 -10.41 41.20 -135.97
N VAL D 245 -11.31 40.71 -136.86
CA VAL D 245 -12.75 40.74 -136.59
C VAL D 245 -13.18 39.39 -136.13
N ARG D 246 -14.01 39.31 -135.08
CA ARG D 246 -14.57 38.05 -134.66
C ARG D 246 -16.05 38.21 -134.46
N ILE D 247 -16.75 37.10 -134.66
CA ILE D 247 -18.17 36.98 -134.44
C ILE D 247 -18.37 35.80 -133.51
N PHE D 248 -19.14 35.99 -132.42
CA PHE D 248 -19.46 34.95 -131.47
C PHE D 248 -20.96 34.75 -131.48
N THR D 249 -21.37 33.47 -131.36
CA THR D 249 -22.78 33.07 -131.26
C THR D 249 -22.98 32.61 -129.85
N MET D 250 -23.93 33.25 -129.14
CA MET D 250 -24.34 32.84 -127.81
C MET D 250 -25.63 32.07 -127.94
N LYS D 251 -25.76 30.97 -127.20
CA LYS D 251 -27.02 30.28 -127.10
C LYS D 251 -27.25 30.00 -125.61
N PRO D 252 -28.32 30.44 -124.96
CA PRO D 252 -28.72 29.86 -123.69
C PRO D 252 -29.44 28.54 -123.89
N LEU D 253 -29.24 27.60 -122.96
CA LEU D 253 -29.91 26.32 -123.00
C LEU D 253 -30.14 25.94 -121.56
N ARG D 254 -31.17 25.13 -121.30
CA ARG D 254 -31.38 24.59 -119.99
C ARG D 254 -32.15 23.31 -120.11
N VAL D 263 -27.36 24.06 -112.88
CA VAL D 263 -27.06 25.49 -112.73
C VAL D 263 -26.83 26.40 -113.95
N THR D 264 -25.71 26.25 -114.74
CA THR D 264 -25.28 27.28 -115.71
C THR D 264 -26.16 27.20 -116.95
N LYS D 265 -26.29 28.30 -117.72
CA LYS D 265 -27.18 28.26 -118.88
C LYS D 265 -26.65 29.00 -120.09
N PHE D 266 -25.33 28.90 -120.36
CA PHE D 266 -24.72 29.65 -121.44
C PHE D 266 -23.71 28.78 -122.14
N GLU D 267 -23.55 29.09 -123.43
CA GLU D 267 -22.65 28.48 -124.37
C GLU D 267 -22.26 29.58 -125.35
N ILE D 268 -21.01 29.55 -125.84
CA ILE D 268 -20.59 30.33 -126.98
C ILE D 268 -19.99 29.41 -128.00
N HIS D 269 -20.12 29.84 -129.26
CA HIS D 269 -19.38 29.34 -130.38
C HIS D 269 -18.74 30.56 -131.00
N THR D 270 -17.65 30.35 -131.75
CA THR D 270 -17.01 31.41 -132.52
C THR D 270 -17.39 31.15 -133.96
N VAL D 271 -18.21 32.02 -134.59
CA VAL D 271 -18.67 31.87 -135.95
C VAL D 271 -17.58 32.08 -136.98
N ALA D 272 -16.83 33.17 -136.86
CA ALA D 272 -15.85 33.49 -137.85
C ALA D 272 -14.84 34.44 -137.28
N GLN D 273 -13.68 34.47 -137.97
CA GLN D 273 -12.57 35.37 -137.75
C GLN D 273 -12.26 35.93 -139.11
N PHE D 274 -11.83 37.19 -139.18
CA PHE D 274 -11.52 37.83 -140.44
C PHE D 274 -10.42 38.86 -140.27
N ASP D 275 -9.29 38.66 -141.01
CA ASP D 275 -8.12 39.46 -140.93
C ASP D 275 -7.88 40.25 -142.21
N ASN D 276 -8.85 40.32 -143.16
CA ASN D 276 -8.60 40.92 -144.47
C ASN D 276 -8.36 42.43 -144.45
N HIS D 277 -8.63 43.06 -143.30
CA HIS D 277 -8.14 44.39 -142.92
C HIS D 277 -6.63 44.45 -142.80
N ASN D 278 -5.95 43.39 -142.35
CA ASN D 278 -4.50 43.28 -142.18
C ASN D 278 -3.91 44.23 -141.14
N SER D 279 -4.70 44.54 -140.10
CA SER D 279 -4.46 45.69 -139.27
C SER D 279 -5.55 45.84 -138.22
N GLN D 280 -5.54 46.96 -137.44
CA GLN D 280 -6.53 47.19 -136.40
C GLN D 280 -7.88 47.37 -136.99
N VAL D 281 -8.89 46.70 -136.39
CA VAL D 281 -10.24 46.93 -136.75
C VAL D 281 -10.71 47.90 -135.68
N TRP D 282 -10.91 49.19 -136.01
CA TRP D 282 -11.35 50.14 -135.01
C TRP D 282 -12.83 50.10 -134.70
N ARG D 283 -13.70 49.96 -135.72
CA ARG D 283 -15.13 50.03 -135.51
C ARG D 283 -15.76 48.77 -136.02
N VAL D 284 -16.74 48.25 -135.25
CA VAL D 284 -17.64 47.21 -135.69
C VAL D 284 -19.06 47.74 -135.48
N SER D 285 -19.95 47.61 -136.48
CA SER D 285 -21.32 48.10 -136.32
C SER D 285 -22.26 47.10 -136.93
N TRP D 286 -23.52 47.07 -136.49
CA TRP D 286 -24.51 46.14 -136.99
C TRP D 286 -25.58 46.93 -137.70
N ASN D 287 -26.33 46.21 -138.53
CA ASN D 287 -27.55 46.70 -139.15
C ASN D 287 -28.66 46.87 -138.10
N ILE D 288 -29.74 47.60 -138.44
CA ILE D 288 -30.94 47.67 -137.60
C ILE D 288 -31.59 46.32 -137.40
N THR D 289 -31.67 45.51 -138.45
CA THR D 289 -32.20 44.15 -138.39
C THR D 289 -31.21 43.16 -137.77
N GLY D 290 -29.91 43.47 -137.77
CA GLY D 290 -28.81 42.55 -137.45
C GLY D 290 -28.35 41.69 -138.61
N THR D 291 -28.94 41.92 -139.81
CA THR D 291 -28.63 41.24 -141.08
C THR D 291 -27.20 41.43 -141.57
N VAL D 292 -26.72 42.69 -141.52
CA VAL D 292 -25.43 43.15 -142.00
C VAL D 292 -24.59 43.49 -140.79
N LEU D 293 -23.30 43.14 -140.86
CA LEU D 293 -22.28 43.61 -139.95
C LEU D 293 -21.40 44.52 -140.78
N ALA D 294 -20.75 45.52 -140.16
CA ALA D 294 -19.73 46.30 -140.80
C ALA D 294 -18.48 46.27 -139.95
N SER D 295 -17.33 46.46 -140.59
CA SER D 295 -16.06 46.56 -139.92
C SER D 295 -15.23 47.60 -140.65
N SER D 296 -14.38 48.36 -139.92
CA SER D 296 -13.49 49.36 -140.50
C SER D 296 -12.13 49.19 -139.88
N GLY D 297 -11.05 49.65 -140.54
CA GLY D 297 -9.74 49.47 -139.93
C GLY D 297 -8.70 50.35 -140.50
N ASP D 298 -7.41 50.09 -140.16
CA ASP D 298 -6.30 50.93 -140.63
C ASP D 298 -6.01 50.83 -142.12
N ASP D 299 -6.52 49.77 -142.84
CA ASP D 299 -6.45 49.67 -144.30
C ASP D 299 -7.24 50.81 -144.96
N GLY D 300 -8.17 51.41 -144.18
CA GLY D 300 -8.99 52.54 -144.60
C GLY D 300 -10.18 52.07 -145.39
N THR D 301 -10.49 50.79 -145.18
CA THR D 301 -11.50 50.03 -145.87
C THR D 301 -12.59 49.73 -144.87
N VAL D 302 -13.84 49.77 -145.36
CA VAL D 302 -15.02 49.42 -144.59
C VAL D 302 -15.61 48.22 -145.28
N ARG D 303 -15.82 47.12 -144.56
CA ARG D 303 -16.31 45.88 -145.12
C ARG D 303 -17.71 45.65 -144.61
N LEU D 304 -18.64 45.25 -145.49
CA LEU D 304 -19.99 44.85 -145.12
C LEU D 304 -20.06 43.35 -145.18
N TRP D 305 -20.74 42.73 -144.20
CA TRP D 305 -20.81 41.28 -144.08
C TRP D 305 -22.24 40.79 -144.10
N LYS D 306 -22.47 39.62 -144.72
CA LYS D 306 -23.74 38.91 -144.69
C LYS D 306 -23.52 37.57 -144.08
N ALA D 307 -24.59 37.00 -143.51
CA ALA D 307 -24.54 35.64 -143.04
C ALA D 307 -24.89 34.75 -144.22
N ASN D 308 -24.18 33.61 -144.34
CA ASN D 308 -24.48 32.56 -145.27
C ASN D 308 -25.68 31.76 -144.75
N TYR D 309 -26.23 30.84 -145.57
CA TYR D 309 -27.15 29.80 -145.14
C TYR D 309 -26.55 28.88 -144.09
N MET D 310 -25.24 28.64 -144.18
CA MET D 310 -24.45 27.88 -143.23
C MET D 310 -24.20 28.59 -141.90
N ASP D 311 -24.52 29.89 -141.82
CA ASP D 311 -24.29 30.79 -140.70
C ASP D 311 -22.84 31.24 -140.59
N ASN D 312 -22.04 31.00 -141.64
CA ASN D 312 -20.71 31.57 -141.80
C ASN D 312 -20.90 33.01 -142.27
N TRP D 313 -19.95 33.91 -142.04
CA TRP D 313 -20.09 35.26 -142.57
C TRP D 313 -19.30 35.36 -143.86
N LYS D 314 -19.77 36.19 -144.79
CA LYS D 314 -19.08 36.47 -146.03
C LYS D 314 -19.02 37.96 -146.19
N CYS D 315 -17.93 38.49 -146.76
CA CYS D 315 -17.85 39.90 -147.06
C CYS D 315 -18.62 40.14 -148.34
N ILE D 316 -19.72 40.93 -148.27
CA ILE D 316 -20.51 41.37 -149.42
C ILE D 316 -19.70 42.30 -150.31
N GLY D 317 -19.01 43.27 -149.70
CA GLY D 317 -18.34 44.28 -150.45
C GLY D 317 -17.59 45.17 -149.52
N VAL D 318 -16.68 45.96 -150.12
CA VAL D 318 -15.75 46.81 -149.42
C VAL D 318 -15.82 48.21 -149.97
N LEU D 319 -16.04 49.19 -149.10
CA LEU D 319 -15.88 50.59 -149.40
C LEU D 319 -14.46 50.99 -149.01
N LYS D 320 -13.86 51.95 -149.72
CA LYS D 320 -12.50 52.41 -149.48
C LYS D 320 -12.57 53.91 -149.29
N GLY D 321 -11.44 54.52 -148.87
CA GLY D 321 -11.31 55.94 -148.73
C GLY D 321 -9.87 56.22 -148.44
N ASP D 322 -9.42 57.45 -148.73
CA ASP D 322 -8.07 57.90 -148.58
C ASP D 322 -8.05 59.46 -148.43
N LEU E 42 -171.22 95.41 -45.23
CA LEU E 42 -169.97 95.00 -45.93
C LEU E 42 -169.65 93.57 -45.63
N GLU E 43 -168.86 92.92 -46.49
CA GLU E 43 -168.43 91.56 -46.30
C GLU E 43 -167.09 91.49 -46.97
N ARG E 44 -166.20 90.60 -46.49
CA ARG E 44 -164.89 90.44 -47.10
C ARG E 44 -164.93 89.21 -48.00
N SER E 45 -164.15 89.18 -49.08
CA SER E 45 -164.06 87.99 -49.91
C SER E 45 -162.90 87.12 -49.46
N TYR E 46 -163.11 85.79 -49.35
CA TYR E 46 -161.98 84.86 -49.34
C TYR E 46 -161.58 84.54 -50.76
N MET E 47 -160.32 84.12 -50.91
CA MET E 47 -159.81 83.57 -52.13
C MET E 47 -159.31 82.20 -51.79
N GLU E 48 -159.36 81.25 -52.72
CA GLU E 48 -158.77 79.95 -52.50
C GLU E 48 -157.55 79.72 -53.37
N LEU E 49 -156.63 78.90 -52.85
CA LEU E 49 -155.48 78.45 -53.56
C LEU E 49 -155.73 77.01 -53.93
N ILE E 50 -155.53 76.63 -55.20
CA ILE E 50 -155.87 75.31 -55.72
C ILE E 50 -154.58 74.60 -56.05
N GLY E 51 -154.44 73.32 -55.62
CA GLY E 51 -153.37 72.42 -56.03
C GLY E 51 -153.97 71.16 -56.60
N ALA E 52 -153.56 70.78 -57.82
CA ALA E 52 -154.03 69.56 -58.46
C ALA E 52 -153.54 68.27 -57.85
N GLU E 53 -154.47 67.32 -57.60
CA GLU E 53 -154.14 66.00 -57.11
C GLU E 53 -153.68 65.10 -58.23
N ARG E 54 -152.43 65.30 -58.61
CA ARG E 54 -151.76 64.55 -59.64
C ARG E 54 -150.41 64.30 -59.07
N GLU E 55 -149.60 63.44 -59.69
CA GLU E 55 -148.29 63.16 -59.17
C GLU E 55 -147.31 64.32 -59.16
N THR E 56 -146.57 64.41 -58.05
CA THR E 56 -145.48 65.34 -57.86
C THR E 56 -144.36 65.04 -58.82
N SER E 57 -143.89 66.01 -59.61
CA SER E 57 -142.98 65.78 -60.76
C SER E 57 -141.53 65.53 -60.39
N ARG E 58 -141.30 64.99 -59.19
CA ARG E 58 -140.02 64.70 -58.56
C ARG E 58 -140.20 63.59 -57.56
N ARG E 59 -141.32 62.88 -57.69
CA ARG E 59 -141.68 61.75 -56.87
C ARG E 59 -142.40 60.83 -57.82
N ASN E 60 -142.95 59.74 -57.28
CA ASN E 60 -143.62 58.74 -58.05
C ASN E 60 -144.66 58.17 -57.09
N PHE E 61 -144.99 56.88 -57.17
CA PHE E 61 -146.09 56.30 -56.45
C PHE E 61 -145.64 55.18 -55.54
N ARG E 62 -146.59 54.60 -54.79
CA ARG E 62 -146.33 53.35 -54.12
C ARG E 62 -147.61 52.54 -54.08
N ASP E 63 -147.63 51.38 -54.75
CA ASP E 63 -148.87 50.67 -55.01
C ASP E 63 -149.11 49.53 -54.04
N LEU E 64 -150.37 49.22 -53.74
CA LEU E 64 -150.72 48.12 -52.90
C LEU E 64 -151.97 47.47 -53.44
N SER E 65 -152.08 46.13 -53.31
CA SER E 65 -153.34 45.43 -53.51
C SER E 65 -153.61 44.76 -52.19
N LEU E 66 -154.86 44.84 -51.70
CA LEU E 66 -155.27 44.15 -50.50
C LEU E 66 -155.36 42.63 -50.64
N ARG E 67 -155.85 42.15 -51.80
CA ARG E 67 -156.32 40.78 -51.94
C ARG E 67 -156.79 40.59 -53.40
N PRO E 68 -156.70 39.40 -54.03
CA PRO E 68 -156.88 39.18 -55.48
C PRO E 68 -158.00 39.84 -56.29
N ASP E 69 -157.67 40.82 -57.16
CA ASP E 69 -158.59 41.67 -57.88
C ASP E 69 -159.64 40.99 -58.80
N GLY E 75 -164.79 55.37 -66.56
CA GLY E 75 -164.33 56.66 -67.12
C GLY E 75 -164.09 57.80 -66.15
N GLY E 76 -165.16 58.57 -65.82
CA GLY E 76 -165.19 59.49 -64.68
C GLY E 76 -164.71 58.93 -63.34
N PRO E 77 -165.04 57.70 -62.96
CA PRO E 77 -164.25 56.87 -62.05
C PRO E 77 -162.74 56.99 -61.97
N LYS E 78 -161.99 57.00 -63.11
CA LYS E 78 -160.53 56.91 -63.09
C LYS E 78 -159.86 58.05 -62.35
N TYR E 79 -160.30 59.30 -62.55
CA TYR E 79 -159.56 60.41 -61.96
C TYR E 79 -160.43 61.35 -61.19
N ALA E 80 -161.70 61.00 -60.96
CA ALA E 80 -162.60 61.85 -60.23
C ALA E 80 -163.21 61.10 -59.04
N ASP E 81 -162.81 61.50 -57.80
CA ASP E 81 -163.17 60.94 -56.50
C ASP E 81 -164.68 60.86 -56.18
N CYS E 82 -165.14 59.89 -55.38
CA CYS E 82 -166.54 59.86 -54.98
C CYS E 82 -166.76 60.41 -53.59
N ALA E 83 -165.70 60.56 -52.77
CA ALA E 83 -165.79 60.94 -51.38
C ALA E 83 -164.43 60.82 -50.71
N GLY E 84 -163.77 61.94 -50.48
CA GLY E 84 -162.47 61.99 -49.83
C GLY E 84 -162.57 62.64 -48.49
N GLY E 85 -161.47 62.57 -47.72
CA GLY E 85 -161.34 63.29 -46.47
C GLY E 85 -159.89 63.54 -46.19
N TYR E 86 -159.58 64.44 -45.24
CA TYR E 86 -158.22 64.65 -44.79
C TYR E 86 -158.07 63.98 -43.44
N CYS E 87 -156.84 63.78 -42.95
CA CYS E 87 -156.69 63.34 -41.59
C CYS E 87 -155.48 63.96 -40.99
N TYR E 88 -155.58 64.23 -39.69
CA TYR E 88 -154.59 64.99 -38.98
C TYR E 88 -154.32 64.28 -37.68
N SER E 89 -153.13 63.68 -37.55
CA SER E 89 -152.84 62.90 -36.36
C SER E 89 -152.09 63.74 -35.38
N GLU E 90 -152.78 64.73 -34.78
CA GLU E 90 -152.23 65.85 -34.02
C GLU E 90 -151.22 65.44 -32.95
N SER E 91 -150.14 66.23 -32.74
CA SER E 91 -149.04 65.78 -31.90
C SER E 91 -149.26 66.04 -30.43
N SER E 92 -150.40 66.64 -30.05
CA SER E 92 -150.90 66.63 -28.69
C SER E 92 -151.33 65.23 -28.23
N SER E 93 -152.05 64.47 -29.08
CA SER E 93 -152.31 63.05 -28.85
C SER E 93 -151.15 62.16 -29.31
N LEU E 94 -150.64 62.38 -30.54
CA LEU E 94 -149.62 61.58 -31.19
C LEU E 94 -148.26 62.26 -31.20
N LEU E 95 -147.58 62.34 -30.04
CA LEU E 95 -146.31 63.04 -29.96
C LEU E 95 -145.19 62.38 -30.77
N SER E 96 -145.27 61.06 -31.00
CA SER E 96 -144.31 60.30 -31.79
C SER E 96 -144.29 60.63 -33.27
N ALA E 97 -145.31 61.34 -33.79
CA ALA E 97 -145.35 61.67 -35.19
C ALA E 97 -144.71 63.02 -35.48
N THR E 98 -144.22 63.74 -34.45
CA THR E 98 -143.60 65.06 -34.51
C THR E 98 -142.82 65.43 -35.79
N ARG E 99 -143.13 66.54 -36.51
CA ARG E 99 -144.43 67.19 -36.56
C ARG E 99 -145.46 66.34 -37.30
N ASN E 100 -146.73 66.36 -36.86
CA ASN E 100 -147.76 65.42 -37.29
C ASN E 100 -148.02 65.42 -38.79
N ARG E 101 -148.35 64.23 -39.34
CA ARG E 101 -148.57 64.06 -40.77
C ARG E 101 -150.02 64.38 -41.10
N PHE E 102 -150.19 65.10 -42.22
CA PHE E 102 -151.44 65.59 -42.74
C PHE E 102 -151.63 64.83 -44.01
N LEU E 103 -152.56 63.87 -43.98
CA LEU E 103 -152.79 63.03 -45.11
C LEU E 103 -154.11 63.40 -45.74
N HIS E 104 -154.20 63.16 -47.04
CA HIS E 104 -155.36 63.39 -47.86
C HIS E 104 -155.76 62.03 -48.34
N TRP E 105 -157.04 61.64 -48.28
CA TRP E 105 -157.50 60.33 -48.70
C TRP E 105 -158.62 60.55 -49.69
N THR E 106 -158.55 59.91 -50.86
CA THR E 106 -159.48 60.09 -51.96
C THR E 106 -159.93 58.76 -52.49
N SER E 107 -161.26 58.54 -52.57
CA SER E 107 -161.80 57.24 -52.92
C SER E 107 -162.38 57.23 -54.32
N VAL E 115 -156.64 53.05 -56.67
CA VAL E 115 -157.98 53.62 -56.49
C VAL E 115 -158.29 54.36 -55.21
N GLU E 116 -157.52 54.13 -54.15
CA GLU E 116 -157.64 54.85 -52.90
C GLU E 116 -156.30 55.49 -52.74
N ILE E 117 -156.23 56.82 -52.80
CA ILE E 117 -154.97 57.52 -52.90
C ILE E 117 -154.76 58.29 -51.64
N SER E 118 -153.58 58.13 -51.02
CA SER E 118 -153.19 59.00 -49.93
C SER E 118 -152.08 59.88 -50.42
N LEU E 119 -152.21 61.20 -50.28
CA LEU E 119 -151.17 62.16 -50.58
C LEU E 119 -150.82 62.87 -49.29
N ASP E 120 -149.52 62.98 -48.96
CA ASP E 120 -149.09 63.82 -47.86
C ASP E 120 -149.14 65.29 -48.31
N ILE E 121 -150.12 66.04 -47.76
CA ILE E 121 -150.32 67.44 -48.10
C ILE E 121 -149.70 68.28 -47.02
N ASN E 122 -149.17 67.59 -46.00
CA ASN E 122 -148.31 68.11 -45.00
C ASN E 122 -147.13 68.93 -45.48
N LEU E 123 -146.48 69.52 -44.49
CA LEU E 123 -145.21 70.14 -44.58
C LEU E 123 -144.08 69.06 -44.55
N VAL E 124 -144.33 67.88 -45.19
CA VAL E 124 -143.47 66.69 -45.27
C VAL E 124 -143.29 66.12 -46.74
N ASN E 125 -143.95 65.03 -47.25
CA ASN E 125 -143.40 64.28 -48.41
C ASN E 125 -144.39 63.67 -49.49
N ASN E 126 -144.33 62.32 -49.77
CA ASN E 126 -144.98 61.64 -50.91
C ASN E 126 -146.38 61.04 -50.66
N ALA E 127 -146.92 60.39 -51.71
CA ALA E 127 -148.18 59.68 -51.77
C ALA E 127 -148.03 58.15 -51.83
N VAL E 128 -149.11 57.44 -51.47
CA VAL E 128 -149.26 55.99 -51.61
C VAL E 128 -150.61 55.75 -52.25
N ARG E 129 -150.78 54.61 -52.94
CA ARG E 129 -152.09 54.20 -53.37
C ARG E 129 -152.39 52.75 -53.05
N LEU E 130 -153.69 52.46 -52.94
CA LEU E 130 -154.21 51.15 -52.64
C LEU E 130 -155.24 50.80 -53.68
N ARG E 131 -155.27 49.55 -54.17
CA ARG E 131 -156.35 49.00 -54.96
C ARG E 131 -157.27 48.17 -54.07
N ILE E 132 -158.62 48.30 -54.19
CA ILE E 132 -159.52 47.65 -53.25
C ILE E 132 -160.39 46.63 -53.96
N LEU E 133 -160.11 45.34 -53.72
CA LEU E 133 -160.89 44.26 -54.25
C LEU E 133 -162.39 44.33 -54.00
N ASN E 134 -163.18 44.15 -55.07
CA ASN E 134 -164.63 44.00 -55.05
C ASN E 134 -165.27 45.28 -54.56
N CYS E 135 -165.02 46.30 -55.38
CA CYS E 135 -165.33 47.71 -55.24
C CYS E 135 -166.75 48.14 -54.90
N SER E 136 -166.95 49.43 -54.52
CA SER E 136 -165.99 50.49 -54.27
C SER E 136 -166.08 50.88 -52.83
N ILE E 137 -165.13 51.69 -52.36
CA ILE E 137 -165.22 52.29 -51.05
C ILE E 137 -166.47 53.14 -50.98
N LEU E 138 -167.38 52.79 -50.06
CA LEU E 138 -168.62 53.51 -49.93
C LEU E 138 -168.39 54.94 -49.44
N PRO E 139 -169.14 55.96 -49.84
CA PRO E 139 -168.95 57.32 -49.32
C PRO E 139 -169.04 57.41 -47.81
N GLY E 140 -167.99 57.91 -47.14
CA GLY E 140 -167.90 57.86 -45.67
C GLY E 140 -167.35 56.57 -45.14
N GLY E 141 -166.94 55.62 -46.00
CA GLY E 141 -166.39 54.33 -45.60
C GLY E 141 -164.94 54.34 -45.18
N VAL E 142 -164.24 55.47 -45.34
CA VAL E 142 -162.87 55.66 -44.86
C VAL E 142 -162.91 56.38 -43.51
N HIS E 143 -162.25 55.82 -42.47
CA HIS E 143 -162.06 56.51 -41.21
C HIS E 143 -160.61 56.38 -40.79
N ILE E 144 -160.09 57.35 -40.02
CA ILE E 144 -158.69 57.41 -39.62
C ILE E 144 -158.60 57.78 -38.15
N CYS E 145 -157.77 57.07 -37.37
CA CYS E 145 -157.30 57.54 -36.07
C CYS E 145 -155.89 57.04 -35.89
N GLU E 146 -155.23 57.53 -34.84
CA GLU E 146 -153.81 57.45 -34.64
C GLU E 146 -153.38 56.52 -33.53
N THR E 147 -152.37 55.67 -33.80
CA THR E 147 -151.74 54.82 -32.79
C THR E 147 -150.52 55.52 -32.29
N PRO E 148 -149.92 55.23 -31.14
CA PRO E 148 -148.75 55.95 -30.67
C PRO E 148 -147.50 55.76 -31.51
N ASN E 149 -147.51 54.95 -32.60
CA ASN E 149 -146.36 54.82 -33.48
C ASN E 149 -146.74 54.71 -34.96
N ASN E 150 -148.03 54.83 -35.35
CA ASN E 150 -148.46 54.68 -36.74
C ASN E 150 -149.87 55.24 -36.94
N ILE E 151 -150.36 55.32 -38.19
CA ILE E 151 -151.68 55.87 -38.51
C ILE E 151 -152.47 54.72 -39.11
N VAL E 152 -153.75 54.55 -38.72
CA VAL E 152 -154.57 53.44 -39.18
C VAL E 152 -155.75 53.92 -39.97
N VAL E 153 -155.99 53.25 -41.11
CA VAL E 153 -157.11 53.46 -41.98
C VAL E 153 -158.10 52.35 -41.77
N LEU E 154 -159.37 52.71 -41.55
CA LEU E 154 -160.48 51.80 -41.56
C LEU E 154 -161.20 52.01 -42.86
N ILE E 155 -161.35 50.96 -43.68
CA ILE E 155 -162.01 51.09 -44.98
C ILE E 155 -163.11 50.06 -45.10
N LEU E 156 -164.33 50.50 -45.44
CA LEU E 156 -165.35 49.63 -45.98
C LEU E 156 -165.37 49.71 -47.48
N THR E 157 -165.32 48.54 -48.18
CA THR E 157 -165.78 48.48 -49.57
C THR E 157 -167.29 48.31 -49.56
N ASN E 158 -167.88 47.78 -50.63
CA ASN E 158 -169.21 47.21 -50.61
C ASN E 158 -169.21 45.90 -49.81
N GLN E 159 -169.15 46.03 -48.47
CA GLN E 159 -169.35 45.00 -47.47
C GLN E 159 -168.15 44.13 -47.09
N THR E 160 -166.92 44.68 -47.10
CA THR E 160 -165.76 44.09 -46.42
C THR E 160 -165.14 45.15 -45.55
N VAL E 161 -164.69 44.82 -44.32
CA VAL E 161 -163.93 45.72 -43.49
C VAL E 161 -162.44 45.48 -43.68
N HIS E 162 -161.68 46.54 -43.98
CA HIS E 162 -160.24 46.45 -44.10
C HIS E 162 -159.61 47.31 -43.05
N ARG E 163 -158.61 46.78 -42.33
CA ARG E 163 -157.82 47.55 -41.40
C ARG E 163 -156.43 47.70 -41.97
N LEU E 164 -156.05 48.92 -42.37
CA LEU E 164 -154.76 49.18 -42.95
C LEU E 164 -153.96 50.06 -41.99
N ILE E 165 -152.84 49.57 -41.44
CA ILE E 165 -151.85 50.43 -40.83
C ILE E 165 -151.04 51.05 -41.95
N LEU E 166 -150.86 52.38 -41.92
CA LEU E 166 -150.00 53.08 -42.84
C LEU E 166 -148.61 53.23 -42.22
N PRO E 167 -147.54 52.67 -42.79
CA PRO E 167 -146.18 52.98 -42.35
C PRO E 167 -145.74 54.31 -42.92
N HIS E 168 -146.33 55.40 -42.44
CA HIS E 168 -146.06 56.77 -42.83
C HIS E 168 -144.60 57.23 -42.68
N PRO E 169 -143.74 56.82 -41.73
CA PRO E 169 -142.34 57.23 -41.72
C PRO E 169 -141.56 56.92 -42.97
N SER E 170 -141.97 55.88 -43.73
CA SER E 170 -141.19 55.44 -44.87
C SER E 170 -142.01 55.31 -46.14
N ARG E 171 -143.36 55.30 -46.09
CA ARG E 171 -144.17 55.19 -47.31
C ARG E 171 -144.23 56.46 -48.11
N MET E 172 -144.17 57.61 -47.44
CA MET E 172 -144.10 58.88 -48.11
C MET E 172 -142.65 59.33 -48.30
N TYR E 173 -141.68 58.70 -47.61
CA TYR E 173 -140.28 59.09 -47.71
C TYR E 173 -139.51 58.30 -48.75
N ASP E 197 -148.12 42.27 -41.93
CA ASP E 197 -149.40 42.66 -41.39
C ASP E 197 -149.93 44.08 -41.74
N PRO E 198 -149.61 44.84 -42.81
CA PRO E 198 -150.09 46.20 -42.97
C PRO E 198 -151.58 46.23 -43.14
N SER E 199 -152.18 45.20 -43.77
CA SER E 199 -153.59 45.08 -43.96
C SER E 199 -154.09 43.83 -43.28
N ASN E 200 -155.20 43.93 -42.55
CA ASN E 200 -155.96 42.79 -42.07
C ASN E 200 -157.37 42.89 -42.64
N THR E 201 -157.92 41.75 -43.12
CA THR E 201 -159.21 41.68 -43.83
C THR E 201 -160.24 41.07 -42.90
N TYR E 202 -161.36 41.78 -42.61
CA TYR E 202 -162.37 41.27 -41.71
C TYR E 202 -163.75 41.24 -42.34
N VAL E 203 -164.51 40.17 -42.02
CA VAL E 203 -165.91 40.03 -42.36
C VAL E 203 -166.64 40.08 -41.04
N ILE E 204 -167.65 40.95 -40.92
CA ILE E 204 -168.26 41.25 -39.64
C ILE E 204 -169.68 40.72 -39.63
N PRO E 205 -170.14 39.89 -38.67
CA PRO E 205 -171.44 39.22 -38.74
C PRO E 205 -172.68 40.09 -38.85
N ALA E 206 -172.62 41.38 -38.46
CA ALA E 206 -173.68 42.35 -38.71
C ALA E 206 -173.91 42.67 -40.20
N ILE E 207 -172.82 42.77 -40.98
CA ILE E 207 -172.82 43.14 -42.39
C ILE E 207 -173.62 42.20 -43.31
N PRO E 208 -173.59 40.87 -43.27
CA PRO E 208 -174.43 40.02 -44.13
C PRO E 208 -175.92 40.25 -44.06
N GLY E 209 -176.46 40.82 -42.97
CA GLY E 209 -177.89 41.01 -42.81
C GLY E 209 -178.35 42.44 -42.89
N ARG E 210 -177.43 43.40 -42.91
CA ARG E 210 -177.76 44.81 -42.83
C ARG E 210 -176.75 45.61 -43.64
N ALA E 211 -177.20 46.65 -44.35
CA ALA E 211 -176.32 47.48 -45.14
C ALA E 211 -175.40 48.38 -44.30
N PRO E 212 -174.17 48.69 -44.66
CA PRO E 212 -173.36 49.67 -43.95
C PRO E 212 -173.69 51.11 -44.37
N ASN E 213 -173.45 52.09 -43.47
CA ASN E 213 -173.61 53.49 -43.78
C ASN E 213 -172.37 54.23 -43.30
N THR E 214 -172.49 54.94 -42.17
CA THR E 214 -171.47 55.76 -41.58
C THR E 214 -170.60 54.97 -40.63
N THR E 215 -169.38 55.47 -40.40
CA THR E 215 -168.44 54.85 -39.48
C THR E 215 -167.79 55.95 -38.69
N ALA E 216 -167.44 55.65 -37.44
CA ALA E 216 -166.57 56.47 -36.65
C ALA E 216 -165.64 55.57 -35.85
N SER E 217 -164.30 55.65 -36.02
CA SER E 217 -163.39 54.90 -35.17
C SER E 217 -163.23 55.59 -33.84
N THR E 218 -163.52 54.89 -32.73
CA THR E 218 -163.26 55.36 -31.36
C THR E 218 -161.79 55.42 -31.09
N ALA E 219 -161.07 54.35 -31.47
CA ALA E 219 -159.67 54.26 -31.19
C ALA E 219 -158.99 53.40 -32.23
N TRP E 220 -157.74 53.74 -32.55
CA TRP E 220 -156.89 52.79 -33.22
C TRP E 220 -155.59 52.84 -32.46
N LEU E 221 -155.12 51.73 -31.86
CA LEU E 221 -153.88 51.78 -31.13
C LEU E 221 -152.96 50.72 -31.67
N SER E 222 -151.76 50.59 -31.10
CA SER E 222 -150.69 49.76 -31.64
C SER E 222 -151.08 48.30 -31.69
N SER E 223 -151.76 47.83 -30.63
CA SER E 223 -152.08 46.42 -30.47
C SER E 223 -153.57 46.18 -30.41
N ASP E 224 -154.40 47.21 -30.71
CA ASP E 224 -155.84 47.20 -30.55
C ASP E 224 -156.55 48.15 -31.54
N GLY E 225 -157.88 48.22 -31.47
CA GLY E 225 -158.65 49.13 -32.31
C GLY E 225 -160.11 48.88 -32.18
N GLU E 226 -160.88 49.97 -32.07
CA GLU E 226 -162.29 49.92 -31.79
C GLU E 226 -163.04 50.91 -32.66
N ALA E 227 -164.16 50.49 -33.28
CA ALA E 227 -164.85 51.32 -34.25
C ALA E 227 -166.35 51.14 -34.22
N LEU E 228 -167.09 52.21 -34.57
CA LEU E 228 -168.52 52.32 -34.45
C LEU E 228 -169.12 52.41 -35.83
N PHE E 229 -170.07 51.54 -36.17
CA PHE E 229 -170.65 51.47 -37.51
C PHE E 229 -172.15 51.60 -37.43
N ALA E 230 -172.76 52.47 -38.25
CA ALA E 230 -174.19 52.60 -38.31
C ALA E 230 -174.72 51.99 -39.60
N LEU E 231 -175.96 51.46 -39.56
CA LEU E 231 -176.57 50.69 -40.63
C LEU E 231 -177.87 51.37 -41.04
N PRO E 232 -178.33 51.51 -42.29
CA PRO E 232 -179.47 52.36 -42.58
C PRO E 232 -180.68 51.50 -42.89
N SER E 233 -180.47 50.30 -43.44
CA SER E 233 -181.50 49.44 -43.98
C SER E 233 -181.07 47.99 -43.81
N ILE E 234 -181.98 47.01 -43.64
CA ILE E 234 -183.44 47.05 -43.62
C ILE E 234 -184.02 47.63 -42.35
N SER E 235 -183.16 47.79 -41.33
CA SER E 235 -183.49 48.46 -40.11
C SER E 235 -182.21 49.05 -39.63
N GLY E 236 -182.34 50.14 -38.85
CA GLY E 236 -181.24 50.87 -38.27
C GLY E 236 -180.73 50.24 -37.03
N GLY E 237 -179.45 50.44 -36.80
CA GLY E 237 -178.81 49.87 -35.66
C GLY E 237 -177.43 50.40 -35.67
N ILE E 238 -176.71 50.15 -34.57
CA ILE E 238 -175.39 50.65 -34.37
C ILE E 238 -174.57 49.50 -33.83
N LEU E 239 -173.39 49.32 -34.40
CA LEU E 239 -172.51 48.21 -34.14
C LEU E 239 -171.22 48.76 -33.59
N VAL E 240 -170.64 48.07 -32.59
CA VAL E 240 -169.27 48.30 -32.19
C VAL E 240 -168.45 47.11 -32.63
N ILE E 241 -167.36 47.35 -33.39
CA ILE E 241 -166.36 46.33 -33.68
C ILE E 241 -165.23 46.56 -32.70
N LYS E 242 -164.73 45.48 -32.06
CA LYS E 242 -163.49 45.52 -31.33
C LYS E 242 -162.53 44.55 -31.96
N MET E 243 -161.29 45.00 -32.21
CA MET E 243 -160.30 44.23 -32.92
C MET E 243 -159.08 44.03 -32.03
N PRO E 244 -158.54 42.83 -31.94
CA PRO E 244 -157.17 42.68 -31.45
C PRO E 244 -156.22 42.37 -32.62
N PRO E 245 -155.55 43.32 -33.26
CA PRO E 245 -154.54 43.15 -34.31
C PRO E 245 -153.50 42.10 -34.06
N HIS E 246 -152.92 42.07 -32.85
CA HIS E 246 -151.77 41.24 -32.58
C HIS E 246 -152.14 39.94 -31.90
N ASP E 247 -153.42 39.74 -31.54
CA ASP E 247 -153.87 38.49 -30.97
C ASP E 247 -154.48 37.69 -32.11
N MET E 248 -153.90 36.50 -32.36
CA MET E 248 -154.29 35.56 -33.40
C MET E 248 -154.44 36.17 -34.79
N GLU E 249 -153.56 37.13 -35.14
CA GLU E 249 -153.51 37.86 -36.40
C GLU E 249 -154.82 38.55 -36.79
N GLY E 250 -155.50 39.19 -35.81
CA GLY E 250 -156.65 39.99 -36.15
C GLY E 250 -157.98 39.29 -36.07
N LEU E 251 -158.26 38.49 -35.03
CA LEU E 251 -159.65 38.13 -34.75
C LEU E 251 -160.50 39.38 -34.41
N VAL E 252 -161.83 39.26 -34.33
CA VAL E 252 -162.67 40.42 -34.09
C VAL E 252 -163.84 40.02 -33.22
N THR E 253 -164.38 40.96 -32.43
CA THR E 253 -165.57 40.75 -31.63
C THR E 253 -166.57 41.83 -31.91
N ILE E 254 -167.84 41.56 -31.55
CA ILE E 254 -168.97 42.45 -31.79
C ILE E 254 -169.49 42.96 -30.46
N ALA E 255 -170.04 44.17 -30.44
CA ALA E 255 -170.98 44.54 -29.42
C ALA E 255 -172.16 45.22 -30.07
N GLU E 256 -173.37 44.72 -29.77
CA GLU E 256 -174.62 45.31 -30.20
C GLU E 256 -175.01 46.41 -29.23
N LEU E 257 -175.34 47.60 -29.73
CA LEU E 257 -175.70 48.71 -28.86
C LEU E 257 -177.13 49.09 -29.14
N LYS E 258 -177.99 49.04 -28.09
CA LYS E 258 -179.44 49.10 -28.22
C LYS E 258 -179.99 50.50 -28.50
N GLN E 259 -179.15 51.54 -28.33
CA GLN E 259 -179.51 52.94 -28.43
C GLN E 259 -180.55 53.32 -27.39
N SER E 260 -180.35 52.82 -26.15
CA SER E 260 -181.33 52.76 -25.08
C SER E 260 -181.69 54.10 -24.45
N SER E 261 -182.46 54.91 -25.20
CA SER E 261 -182.91 56.23 -24.81
C SER E 261 -184.14 56.18 -23.95
N VAL E 262 -183.96 56.12 -22.62
CA VAL E 262 -185.05 56.03 -21.66
C VAL E 262 -185.96 57.25 -21.65
N MET E 263 -185.36 58.46 -21.71
CA MET E 263 -186.10 59.70 -21.74
C MET E 263 -185.43 60.63 -22.73
N GLN E 264 -186.13 61.71 -23.08
CA GLN E 264 -185.60 62.78 -23.89
C GLN E 264 -186.10 64.07 -23.32
N ARG E 265 -185.26 65.11 -23.37
CA ARG E 265 -185.63 66.41 -22.88
C ARG E 265 -186.26 67.22 -24.00
N LEU E 266 -187.18 68.15 -23.64
CA LEU E 266 -187.84 69.12 -24.50
C LEU E 266 -189.11 68.60 -25.13
N LEU E 267 -189.11 68.49 -26.47
CA LEU E 267 -190.22 67.98 -27.26
C LEU E 267 -190.28 66.47 -27.16
N THR E 268 -191.37 65.86 -27.65
CA THR E 268 -191.42 64.41 -27.68
C THR E 268 -192.23 63.88 -28.84
N GLY E 269 -191.59 63.07 -29.70
CA GLY E 269 -192.28 62.27 -30.70
C GLY E 269 -191.70 60.88 -30.83
N TRP E 270 -192.54 59.87 -31.09
CA TRP E 270 -192.08 58.53 -31.40
C TRP E 270 -193.06 57.91 -32.39
N MET E 271 -192.59 57.48 -33.57
CA MET E 271 -193.46 56.83 -34.54
C MET E 271 -192.65 55.82 -35.35
N PRO E 272 -192.63 54.54 -35.00
CA PRO E 272 -191.81 53.59 -35.73
C PRO E 272 -192.68 52.80 -36.70
N SER E 273 -192.69 53.20 -37.98
CA SER E 273 -193.53 52.60 -39.00
C SER E 273 -192.74 51.62 -39.84
N SER E 274 -193.30 50.44 -40.18
CA SER E 274 -192.60 49.46 -40.99
C SER E 274 -193.57 48.75 -41.89
N ILE E 275 -193.18 48.45 -43.15
CA ILE E 275 -194.04 47.80 -44.14
C ILE E 275 -193.20 46.86 -44.99
N ARG E 276 -192.39 47.42 -45.92
CA ARG E 276 -191.56 46.68 -46.84
C ARG E 276 -190.23 46.35 -46.20
N GLY E 277 -189.48 45.40 -46.80
CA GLY E 277 -188.10 45.13 -46.39
C GLY E 277 -187.15 46.27 -46.68
N ASP E 278 -187.52 47.14 -47.65
CA ASP E 278 -186.90 48.43 -47.83
C ASP E 278 -187.62 49.43 -46.90
N GLN E 279 -186.94 49.83 -45.82
CA GLN E 279 -187.47 50.74 -44.84
C GLN E 279 -186.30 51.32 -44.08
N GLY E 280 -186.48 52.51 -43.46
CA GLY E 280 -185.58 53.05 -42.45
C GLY E 280 -186.38 53.28 -41.20
N PRO E 281 -185.92 53.04 -39.98
CA PRO E 281 -186.70 53.30 -38.79
C PRO E 281 -186.50 54.71 -38.33
N ALA E 282 -187.21 55.09 -37.26
CA ALA E 282 -187.01 56.36 -36.60
C ALA E 282 -185.61 56.54 -36.03
N HIS E 283 -185.01 55.48 -35.43
CA HIS E 283 -183.74 55.57 -34.74
C HIS E 283 -182.52 55.33 -35.60
N LEU E 284 -182.63 55.44 -36.94
CA LEU E 284 -181.52 55.36 -37.89
C LEU E 284 -180.48 56.46 -37.60
N PRO E 285 -179.21 56.23 -37.24
CA PRO E 285 -178.21 57.29 -37.22
C PRO E 285 -178.01 57.97 -38.58
N VAL E 286 -178.33 59.28 -38.68
CA VAL E 286 -178.16 60.10 -39.86
C VAL E 286 -176.72 60.58 -39.94
N SER E 287 -176.15 60.92 -38.78
CA SER E 287 -174.82 61.49 -38.69
C SER E 287 -174.35 61.20 -37.29
N LEU E 288 -173.02 61.08 -37.07
CA LEU E 288 -172.45 60.76 -35.78
C LEU E 288 -171.05 61.34 -35.71
N ALA E 289 -170.55 61.63 -34.50
CA ALA E 289 -169.22 62.17 -34.32
C ALA E 289 -168.63 61.76 -32.97
N VAL E 290 -167.34 61.38 -32.94
CA VAL E 290 -166.65 60.89 -31.75
C VAL E 290 -165.99 62.02 -31.00
N HIS E 291 -165.77 61.80 -29.69
CA HIS E 291 -165.31 62.84 -28.81
C HIS E 291 -164.43 62.31 -27.68
N THR E 292 -163.34 63.04 -27.38
CA THR E 292 -162.31 62.63 -26.42
C THR E 292 -161.89 63.80 -25.53
N LEU E 293 -162.36 63.89 -24.27
CA LEU E 293 -161.89 64.91 -23.34
C LEU E 293 -161.30 64.17 -22.15
N ASP E 294 -159.97 64.24 -21.94
CA ASP E 294 -159.27 63.45 -20.94
C ASP E 294 -159.64 61.97 -20.91
N HIS E 295 -160.41 61.51 -19.90
CA HIS E 295 -160.91 60.15 -19.80
C HIS E 295 -162.36 59.99 -20.25
N ASP E 296 -163.05 61.08 -20.68
CA ASP E 296 -164.43 61.04 -21.12
C ASP E 296 -164.52 60.59 -22.58
N SER E 297 -165.15 59.42 -22.79
CA SER E 297 -165.29 58.80 -24.10
C SER E 297 -166.74 58.81 -24.54
N TYR E 298 -167.10 59.63 -25.54
CA TYR E 298 -168.49 59.81 -25.91
C TYR E 298 -168.63 59.89 -27.43
N LEU E 299 -169.84 59.53 -27.90
CA LEU E 299 -170.23 59.60 -29.29
C LEU E 299 -171.52 60.39 -29.33
N PHE E 300 -171.57 61.41 -30.19
CA PHE E 300 -172.78 62.17 -30.44
C PHE E 300 -173.43 61.65 -31.71
N ALA E 301 -174.77 61.56 -31.75
CA ALA E 301 -175.48 61.05 -32.90
C ALA E 301 -176.80 61.80 -33.12
N LEU E 302 -177.23 61.84 -34.40
CA LEU E 302 -178.50 62.42 -34.81
C LEU E 302 -179.32 61.31 -35.42
N CYS E 303 -180.57 61.14 -34.98
CA CYS E 303 -181.48 60.16 -35.52
C CYS E 303 -182.35 60.70 -36.63
N GLN E 304 -182.99 59.79 -37.40
CA GLN E 304 -183.89 60.09 -38.50
C GLN E 304 -185.16 60.82 -38.08
N ASP E 305 -185.59 60.63 -36.82
CA ASP E 305 -186.71 61.32 -36.21
C ASP E 305 -186.28 62.60 -35.48
N HIS E 306 -185.00 63.01 -35.67
CA HIS E 306 -184.45 64.30 -35.28
C HIS E 306 -184.04 64.34 -33.83
N LYS E 307 -183.75 63.18 -33.22
CA LYS E 307 -183.24 63.14 -31.87
C LYS E 307 -181.74 63.33 -31.82
N LEU E 308 -181.29 64.28 -30.98
CA LEU E 308 -179.89 64.47 -30.67
C LEU E 308 -179.56 63.58 -29.49
N ARG E 309 -178.65 62.61 -29.69
CA ARG E 309 -178.38 61.58 -28.71
C ARG E 309 -176.94 61.58 -28.26
N MET E 310 -176.73 61.42 -26.94
CA MET E 310 -175.42 61.31 -26.32
C MET E 310 -175.16 59.87 -25.91
N TRP E 311 -174.25 59.17 -26.63
CA TRP E 311 -173.96 57.77 -26.37
C TRP E 311 -172.62 57.67 -25.67
N SER E 312 -172.61 57.06 -24.47
CA SER E 312 -171.40 56.81 -23.71
C SER E 312 -170.73 55.58 -24.27
N TYR E 313 -169.46 55.69 -24.71
CA TYR E 313 -168.72 54.54 -25.22
C TYR E 313 -168.44 53.52 -24.11
N LYS E 314 -168.13 54.00 -22.89
CA LYS E 314 -167.75 53.18 -21.76
C LYS E 314 -168.84 52.23 -21.31
N ASP E 315 -170.07 52.75 -21.16
CA ASP E 315 -171.16 51.98 -20.57
C ASP E 315 -172.02 51.37 -21.66
N GLN E 316 -171.82 51.83 -22.92
CA GLN E 316 -172.57 51.48 -24.11
C GLN E 316 -174.05 51.82 -24.01
N MET E 317 -174.35 52.93 -23.33
CA MET E 317 -175.70 53.37 -23.06
C MET E 317 -175.90 54.79 -23.54
N CYS E 318 -177.16 55.16 -23.78
CA CYS E 318 -177.52 56.53 -24.13
C CYS E 318 -177.79 57.30 -22.85
N LEU E 319 -176.86 58.21 -22.48
CA LEU E 319 -176.98 58.98 -21.25
C LEU E 319 -177.96 60.13 -21.35
N MET E 320 -178.10 60.73 -22.56
CA MET E 320 -178.94 61.90 -22.68
C MET E 320 -179.48 62.04 -24.09
N VAL E 321 -180.71 62.61 -24.22
CA VAL E 321 -181.36 62.84 -25.48
C VAL E 321 -182.05 64.20 -25.44
N ALA E 322 -182.21 64.83 -26.61
CA ALA E 322 -183.05 65.99 -26.82
C ALA E 322 -183.77 65.79 -28.15
N ASP E 323 -185.07 66.13 -28.22
CA ASP E 323 -185.88 65.99 -29.44
C ASP E 323 -185.96 67.37 -30.09
N MET E 324 -185.66 67.48 -31.41
CA MET E 324 -185.57 68.75 -32.12
C MET E 324 -186.91 69.22 -32.70
N LEU E 325 -186.91 70.42 -33.32
CA LEU E 325 -188.00 70.90 -34.14
C LEU E 325 -188.18 70.05 -35.39
N GLU E 326 -189.41 69.62 -35.71
CA GLU E 326 -189.69 68.86 -36.91
C GLU E 326 -189.67 69.69 -38.20
N TYR E 327 -189.13 69.10 -39.27
CA TYR E 327 -189.08 69.63 -40.61
C TYR E 327 -188.78 68.42 -41.47
N VAL E 328 -188.72 68.55 -42.80
CA VAL E 328 -188.47 67.42 -43.68
C VAL E 328 -187.03 67.48 -44.20
N PRO E 329 -186.13 66.55 -43.85
CA PRO E 329 -184.74 66.62 -44.32
C PRO E 329 -184.43 65.37 -45.13
N VAL E 330 -185.45 64.82 -45.80
CA VAL E 330 -185.31 63.78 -46.82
C VAL E 330 -185.27 64.54 -48.12
N SER E 331 -184.91 63.88 -49.24
CA SER E 331 -184.70 64.45 -50.57
C SER E 331 -185.91 65.08 -51.25
N LYS E 332 -186.82 65.70 -50.49
CA LYS E 332 -187.89 66.55 -50.97
C LYS E 332 -187.42 68.01 -50.98
N ASP E 333 -186.22 68.29 -50.41
CA ASP E 333 -185.62 69.60 -50.29
C ASP E 333 -184.58 69.89 -51.39
N ILE E 334 -184.28 68.89 -52.24
CA ILE E 334 -183.24 68.90 -53.27
C ILE E 334 -183.39 69.97 -54.34
N ARG E 335 -184.63 70.40 -54.64
CA ARG E 335 -184.93 71.33 -55.70
C ARG E 335 -184.50 70.82 -57.08
N GLN E 336 -183.42 71.40 -57.64
CA GLN E 336 -182.88 71.00 -58.92
C GLN E 336 -181.60 70.18 -58.74
N THR E 337 -181.08 70.04 -57.51
CA THR E 337 -179.80 69.39 -57.27
C THR E 337 -180.00 68.07 -56.56
N ALA E 338 -180.47 67.05 -57.30
CA ALA E 338 -180.73 65.72 -56.78
C ALA E 338 -179.53 65.05 -56.11
N GLY E 339 -179.73 64.51 -54.89
CA GLY E 339 -178.68 63.90 -54.09
C GLY E 339 -178.00 64.84 -53.11
N THR E 340 -178.35 66.14 -53.11
CA THR E 340 -177.68 67.08 -52.21
C THR E 340 -178.23 67.08 -50.79
N GLY E 341 -179.36 66.40 -50.52
CA GLY E 341 -179.89 66.20 -49.17
C GLY E 341 -179.03 65.32 -48.29
N HIS E 342 -178.22 64.44 -48.91
CA HIS E 342 -177.21 63.64 -48.26
C HIS E 342 -176.00 64.47 -47.87
N LYS E 343 -175.92 64.90 -46.60
CA LYS E 343 -174.88 65.77 -46.13
C LYS E 343 -174.70 65.54 -44.64
N LEU E 344 -173.52 65.84 -44.09
CA LEU E 344 -173.28 65.82 -42.66
C LEU E 344 -174.12 66.86 -41.93
N ARG E 345 -174.61 66.50 -40.74
CA ARG E 345 -175.51 67.35 -40.00
C ARG E 345 -174.87 67.86 -38.73
N LEU E 346 -173.73 67.26 -38.36
CA LEU E 346 -173.14 67.42 -37.06
C LEU E 346 -171.67 67.64 -37.26
N ALA E 347 -171.10 68.66 -36.62
CA ALA E 347 -169.66 68.84 -36.60
C ALA E 347 -169.24 69.12 -35.17
N PHE E 348 -167.97 68.85 -34.88
CA PHE E 348 -167.40 69.05 -33.57
C PHE E 348 -166.12 69.80 -33.80
N SER E 349 -165.62 70.42 -32.73
CA SER E 349 -164.42 71.21 -32.82
C SER E 349 -163.16 70.44 -32.54
N GLU E 350 -162.05 71.01 -33.00
CA GLU E 350 -160.73 70.50 -32.84
C GLU E 350 -160.09 71.00 -31.56
N THR E 351 -160.78 71.89 -30.81
CA THR E 351 -160.40 72.29 -29.46
C THR E 351 -160.36 71.08 -28.54
N LEU E 352 -159.21 70.82 -27.87
CA LEU E 352 -159.01 69.64 -27.02
C LEU E 352 -159.98 69.51 -25.84
N GLY E 353 -160.75 70.58 -25.53
CA GLY E 353 -161.90 70.49 -24.64
C GLY E 353 -163.05 69.66 -25.17
N ILE E 354 -163.29 69.63 -26.50
CA ILE E 354 -164.31 68.80 -27.15
C ILE E 354 -165.74 69.06 -26.59
N LEU E 355 -165.97 70.29 -26.10
CA LEU E 355 -167.05 70.51 -25.18
C LEU E 355 -168.33 70.98 -25.90
N TYR E 356 -168.35 71.22 -27.23
CA TYR E 356 -169.50 71.86 -27.87
C TYR E 356 -169.67 71.35 -29.30
N LEU E 357 -170.86 71.52 -29.87
CA LEU E 357 -171.16 71.02 -31.18
C LEU E 357 -171.78 72.06 -32.04
N GLY E 358 -171.70 71.80 -33.34
CA GLY E 358 -172.48 72.48 -34.36
C GLY E 358 -173.45 71.52 -35.03
N VAL E 359 -174.72 71.93 -35.15
CA VAL E 359 -175.81 71.16 -35.77
C VAL E 359 -176.44 71.95 -36.90
N TYR E 360 -176.77 71.32 -38.04
CA TYR E 360 -177.47 71.94 -39.16
C TYR E 360 -178.95 71.54 -39.21
N LEU E 361 -179.82 72.55 -39.25
CA LEU E 361 -181.23 72.45 -39.55
C LEU E 361 -181.43 72.77 -41.02
N HIS E 362 -182.37 72.10 -41.72
CA HIS E 362 -182.72 72.49 -43.08
C HIS E 362 -184.00 73.31 -43.03
N THR E 363 -184.17 74.27 -43.95
CA THR E 363 -185.33 75.15 -43.98
C THR E 363 -185.69 75.30 -45.44
N PRO E 364 -186.86 75.82 -45.84
CA PRO E 364 -187.15 76.15 -47.24
C PRO E 364 -186.18 77.13 -47.86
N LYS E 365 -185.56 78.00 -47.05
CA LYS E 365 -184.53 78.92 -47.48
C LYS E 365 -183.20 78.52 -46.87
N GLN E 366 -182.73 77.29 -47.18
CA GLN E 366 -181.32 76.91 -47.17
C GLN E 366 -180.69 76.56 -45.83
N GLY E 367 -181.51 76.48 -44.78
CA GLY E 367 -181.10 75.98 -43.48
C GLY E 367 -180.77 77.01 -42.45
N GLN E 368 -180.41 76.50 -41.25
CA GLN E 368 -179.98 77.27 -40.12
C GLN E 368 -178.96 76.39 -39.39
N PHE E 369 -178.12 76.96 -38.51
CA PHE E 369 -177.24 76.17 -37.66
C PHE E 369 -177.53 76.46 -36.21
N CYS E 370 -177.23 75.48 -35.33
CA CYS E 370 -177.37 75.60 -33.89
C CYS E 370 -176.05 75.25 -33.24
N VAL E 371 -175.78 75.80 -32.04
CA VAL E 371 -174.60 75.47 -31.24
C VAL E 371 -175.05 74.98 -29.88
N PHE E 372 -174.46 73.85 -29.41
CA PHE E 372 -174.77 73.20 -28.14
C PHE E 372 -173.54 73.07 -27.26
N GLN E 373 -173.65 73.31 -25.94
CA GLN E 373 -172.64 72.96 -24.95
C GLN E 373 -172.83 71.54 -24.46
N LEU E 374 -171.74 70.86 -24.09
CA LEU E 374 -171.72 69.55 -23.49
C LEU E 374 -171.10 69.75 -22.13
N MET E 375 -171.82 69.34 -21.09
CA MET E 375 -171.35 69.41 -19.73
C MET E 375 -171.21 68.01 -19.20
N CYS E 376 -170.02 67.67 -18.67
CA CYS E 376 -169.72 66.38 -18.10
C CYS E 376 -169.51 66.57 -16.62
N ALA E 377 -169.86 65.57 -15.79
CA ALA E 377 -169.92 65.79 -14.37
C ALA E 377 -169.72 64.51 -13.58
N GLU E 378 -169.38 64.66 -12.30
CA GLU E 378 -169.10 63.65 -11.30
C GLU E 378 -170.34 62.86 -10.90
N SER E 379 -171.53 63.35 -11.31
CA SER E 379 -172.81 62.68 -11.17
C SER E 379 -172.96 61.50 -12.11
N ASN E 380 -172.06 61.37 -13.11
CA ASN E 380 -171.95 60.28 -14.07
C ASN E 380 -172.96 60.44 -15.19
N ARG E 381 -173.33 61.69 -15.54
CA ARG E 381 -174.33 62.00 -16.53
C ARG E 381 -173.84 63.21 -17.28
N TYR E 382 -174.16 63.30 -18.58
CA TYR E 382 -173.68 64.36 -19.44
C TYR E 382 -174.88 65.15 -19.90
N SER E 383 -174.80 66.49 -19.85
CA SER E 383 -175.87 67.37 -20.31
C SER E 383 -175.50 67.96 -21.64
N LEU E 384 -176.49 68.12 -22.53
CA LEU E 384 -176.34 68.75 -23.83
C LEU E 384 -177.22 69.99 -23.91
N ASP E 385 -176.62 71.19 -23.84
CA ASP E 385 -177.32 72.41 -23.47
C ASP E 385 -177.24 73.45 -24.59
N HIS E 386 -178.39 74.07 -24.94
CA HIS E 386 -178.49 75.02 -26.04
C HIS E 386 -177.71 76.31 -25.85
N ILE E 387 -177.16 76.86 -26.94
CA ILE E 387 -176.48 78.14 -26.92
C ILE E 387 -177.05 78.99 -28.04
N SER E 388 -176.74 78.65 -29.30
CA SER E 388 -177.19 79.44 -30.44
C SER E 388 -178.36 78.75 -31.07
N SER E 389 -179.54 79.39 -31.00
CA SER E 389 -180.79 78.92 -31.58
C SER E 389 -180.81 78.94 -33.09
N ILE E 390 -180.30 80.03 -33.70
CA ILE E 390 -180.41 80.24 -35.13
C ILE E 390 -179.14 80.84 -35.65
N PHE E 391 -178.88 80.59 -36.94
CA PHE E 391 -177.69 81.06 -37.59
C PHE E 391 -177.99 81.02 -39.07
N THR E 392 -177.64 82.04 -39.88
CA THR E 392 -178.17 82.14 -41.25
C THR E 392 -177.06 82.12 -42.28
N ASN E 393 -177.19 81.23 -43.28
CA ASN E 393 -176.19 80.97 -44.29
C ASN E 393 -176.69 81.35 -45.70
N GLN E 394 -176.31 80.64 -46.78
CA GLN E 394 -176.78 80.95 -48.12
C GLN E 394 -176.89 79.69 -48.97
N GLU E 395 -175.81 79.18 -49.63
CA GLU E 395 -176.00 78.10 -50.59
C GLU E 395 -176.13 76.71 -49.96
N THR E 396 -176.51 75.71 -50.78
CA THR E 396 -176.82 74.34 -50.34
C THR E 396 -175.64 73.63 -49.74
N LEU E 397 -175.70 73.36 -48.42
CA LEU E 397 -174.64 72.74 -47.63
C LEU E 397 -174.11 71.40 -48.14
N ILE E 398 -172.77 71.28 -48.27
CA ILE E 398 -172.02 70.03 -48.44
C ILE E 398 -171.57 69.56 -47.08
N ASP E 399 -170.83 70.44 -46.39
CA ASP E 399 -170.06 70.09 -45.24
C ASP E 399 -169.79 71.37 -44.48
N PHE E 400 -169.54 71.28 -43.18
CA PHE E 400 -169.25 72.42 -42.35
C PHE E 400 -168.30 72.01 -41.25
N THR E 401 -167.41 72.92 -40.87
CA THR E 401 -166.46 72.64 -39.80
C THR E 401 -166.58 73.79 -38.84
N PHE E 402 -166.84 73.48 -37.56
CA PHE E 402 -167.16 74.46 -36.55
C PHE E 402 -166.06 74.47 -35.51
N ASP E 408 -166.28 80.07 -34.73
CA ASP E 408 -165.88 80.19 -36.11
C ASP E 408 -166.57 79.04 -36.80
N ILE E 409 -167.35 79.31 -37.87
CA ILE E 409 -167.97 78.23 -38.60
C ILE E 409 -167.72 78.38 -40.09
N TRP E 410 -166.92 77.45 -40.62
CA TRP E 410 -166.79 77.22 -42.03
C TRP E 410 -168.02 76.57 -42.59
N ALA E 411 -168.57 77.10 -43.68
CA ALA E 411 -169.63 76.44 -44.38
C ALA E 411 -169.20 76.25 -45.83
N LEU E 412 -169.25 75.00 -46.34
CA LEU E 412 -168.89 74.67 -47.71
C LEU E 412 -170.16 74.27 -48.41
N TRP E 413 -170.42 74.87 -49.58
CA TRP E 413 -171.70 74.75 -50.24
C TRP E 413 -171.57 74.27 -51.67
N LEU E 414 -172.65 73.66 -52.18
CA LEU E 414 -172.77 73.07 -53.49
C LEU E 414 -173.82 73.79 -54.28
N ASP E 415 -173.55 73.97 -55.58
CA ASP E 415 -174.44 74.61 -56.49
C ASP E 415 -174.34 73.79 -57.77
N ASP E 416 -175.15 74.07 -58.80
CA ASP E 416 -175.13 73.34 -60.07
C ASP E 416 -173.87 73.53 -60.90
N ASP E 417 -173.74 72.84 -62.07
CA ASP E 417 -172.57 72.84 -62.95
C ASP E 417 -171.18 72.75 -62.28
N ASN E 418 -171.10 72.00 -61.16
CA ASN E 418 -169.91 71.75 -60.37
C ASN E 418 -169.45 72.96 -59.54
N GLN E 419 -170.32 73.98 -59.41
CA GLN E 419 -170.08 75.22 -58.69
C GLN E 419 -169.98 75.05 -57.18
N THR E 420 -169.27 75.97 -56.52
CA THR E 420 -169.05 75.96 -55.09
C THR E 420 -169.06 77.37 -54.58
N VAL E 421 -169.27 77.52 -53.26
CA VAL E 421 -169.08 78.76 -52.54
C VAL E 421 -168.64 78.30 -51.16
N VAL E 422 -167.73 79.04 -50.49
CA VAL E 422 -167.33 78.77 -49.11
C VAL E 422 -167.66 80.03 -48.34
N LYS E 423 -167.96 79.93 -47.04
CA LYS E 423 -168.22 81.08 -46.23
C LYS E 423 -167.66 80.89 -44.84
N HIS E 424 -167.20 81.99 -44.23
CA HIS E 424 -166.80 82.06 -42.85
C HIS E 424 -167.72 83.01 -42.15
N ILE E 425 -167.97 82.73 -40.87
CA ILE E 425 -168.67 83.66 -40.03
C ILE E 425 -167.98 83.67 -38.69
N ASN E 426 -167.62 84.87 -38.17
CA ASN E 426 -167.22 85.02 -36.78
C ASN E 426 -168.47 85.27 -35.96
N PHE E 427 -168.73 84.48 -34.90
CA PHE E 427 -169.84 84.69 -33.99
C PHE E 427 -169.27 85.12 -32.65
N GLU E 428 -169.93 86.05 -31.93
CA GLU E 428 -169.44 86.54 -30.65
C GLU E 428 -170.55 86.37 -29.63
N GLN E 431 -174.30 87.53 -28.87
CA GLN E 431 -174.84 87.06 -30.14
C GLN E 431 -174.61 88.08 -31.25
N ALA E 432 -173.77 87.72 -32.22
CA ALA E 432 -173.46 88.60 -33.33
C ALA E 432 -172.88 87.76 -34.43
N GLY E 433 -172.79 88.28 -35.67
CA GLY E 433 -172.22 87.53 -36.78
C GLY E 433 -171.58 88.43 -37.79
N GLN E 434 -170.30 88.20 -38.11
CA GLN E 434 -169.60 88.91 -39.18
C GLN E 434 -169.37 87.94 -40.31
N TRP E 435 -169.75 88.27 -41.56
CA TRP E 435 -169.71 87.31 -42.62
C TRP E 435 -168.78 87.64 -43.79
N ASN E 436 -168.18 86.60 -44.39
CA ASN E 436 -167.32 86.73 -45.55
C ASN E 436 -167.59 85.59 -46.55
N PRO E 437 -168.01 85.74 -47.81
CA PRO E 437 -168.18 84.61 -48.73
C PRO E 437 -166.98 84.45 -49.67
N VAL E 438 -167.10 83.56 -50.68
CA VAL E 438 -166.13 83.39 -51.77
C VAL E 438 -166.83 83.73 -53.07
N PHE E 439 -166.28 84.65 -53.86
CA PHE E 439 -166.75 84.93 -55.20
C PHE E 439 -165.53 85.36 -56.02
N VAL E 440 -165.40 84.85 -57.27
CA VAL E 440 -164.25 85.10 -58.12
C VAL E 440 -164.77 85.30 -59.54
N ASN E 441 -164.31 86.36 -60.24
CA ASN E 441 -164.64 86.60 -61.63
C ASN E 441 -163.34 86.62 -62.43
N PRO E 442 -163.03 85.64 -63.28
CA PRO E 442 -161.77 85.61 -64.01
C PRO E 442 -161.98 85.58 -65.51
N LEU E 443 -161.09 86.24 -66.29
CA LEU E 443 -161.18 86.31 -67.74
C LEU E 443 -159.93 85.69 -68.37
N PRO E 444 -160.05 84.79 -69.34
CA PRO E 444 -158.92 84.39 -70.15
C PRO E 444 -159.14 84.85 -71.60
N GLU E 445 -158.12 85.45 -72.24
CA GLU E 445 -158.21 85.92 -73.62
C GLU E 445 -157.16 85.23 -74.46
N ASP E 446 -157.40 85.11 -75.78
CA ASP E 446 -156.49 84.47 -76.70
C ASP E 446 -156.67 85.04 -78.11
N ASP E 447 -155.58 85.01 -78.91
CA ASP E 447 -155.52 85.60 -80.22
C ASP E 447 -154.44 84.91 -81.05
N LEU E 448 -154.25 85.37 -82.30
CA LEU E 448 -153.06 85.07 -83.09
C LEU E 448 -151.79 85.69 -82.48
N ALA E 449 -150.62 85.53 -83.12
CA ALA E 449 -149.46 86.26 -82.67
C ALA E 449 -148.76 86.80 -83.89
N ILE E 450 -148.30 88.08 -83.85
CA ILE E 450 -147.39 88.58 -84.87
C ILE E 450 -146.05 87.86 -84.82
N SER E 451 -145.38 87.85 -83.64
CA SER E 451 -144.26 86.96 -83.33
C SER E 451 -143.61 87.20 -81.98
N ASP E 452 -144.00 88.23 -81.19
CA ASP E 452 -143.33 88.53 -79.93
C ASP E 452 -143.37 87.43 -78.89
N GLU E 453 -144.57 86.90 -78.60
CA GLU E 453 -144.71 85.78 -77.70
C GLU E 453 -144.83 84.51 -78.53
N GLN E 454 -143.80 84.32 -79.39
CA GLN E 454 -143.64 83.25 -80.36
C GLN E 454 -144.83 83.02 -81.29
N GLU E 455 -144.97 81.81 -81.86
CA GLU E 455 -146.08 81.45 -82.73
C GLU E 455 -147.17 80.77 -81.91
N PRO E 456 -148.43 80.66 -82.37
CA PRO E 456 -149.55 80.14 -81.59
C PRO E 456 -149.33 78.80 -80.90
N GLN E 457 -148.59 77.86 -81.51
CA GLN E 457 -148.35 76.53 -80.95
C GLN E 457 -147.67 76.57 -79.57
N GLU E 458 -146.62 77.40 -79.42
CA GLU E 458 -145.93 77.63 -78.16
C GLU E 458 -146.81 78.31 -77.12
N ALA E 459 -147.55 79.37 -77.54
CA ALA E 459 -148.45 80.10 -76.66
C ALA E 459 -149.61 79.26 -76.13
N TYR E 460 -150.27 78.46 -76.99
CA TYR E 460 -151.28 77.51 -76.55
C TYR E 460 -150.72 76.40 -75.68
N LEU E 461 -149.49 75.90 -75.92
CA LEU E 461 -148.84 74.95 -75.04
C LEU E 461 -148.60 75.48 -73.62
N GLU E 462 -148.11 76.72 -73.46
CA GLU E 462 -148.01 77.36 -72.15
C GLU E 462 -149.36 77.61 -71.52
N CYS E 463 -150.33 78.15 -72.28
CA CYS E 463 -151.66 78.43 -71.77
C CYS E 463 -152.47 77.20 -71.40
N LEU E 464 -152.13 76.02 -71.95
CA LEU E 464 -152.68 74.74 -71.55
C LEU E 464 -152.01 74.10 -70.34
N PHE E 465 -150.68 74.19 -70.18
CA PHE E 465 -149.98 73.67 -69.01
C PHE E 465 -150.15 74.55 -67.76
N ALA E 466 -150.20 75.89 -67.93
CA ALA E 466 -150.29 76.84 -66.83
C ALA E 466 -151.66 77.16 -66.15
N PRO E 467 -152.90 76.84 -66.56
CA PRO E 467 -154.10 77.32 -65.89
C PRO E 467 -154.31 76.55 -64.61
N GLY E 468 -154.81 77.22 -63.56
CA GLY E 468 -154.99 76.61 -62.25
C GLY E 468 -156.16 75.68 -62.17
N ARG E 469 -156.91 75.56 -63.27
CA ARG E 469 -157.91 74.54 -63.45
C ARG E 469 -157.33 73.46 -64.36
N PHE E 470 -156.28 72.76 -63.92
CA PHE E 470 -155.63 71.75 -64.75
C PHE E 470 -155.14 70.62 -63.86
N THR E 471 -155.31 69.37 -64.33
CA THR E 471 -154.70 68.20 -63.73
C THR E 471 -154.09 67.41 -64.86
N ILE E 472 -153.09 66.56 -64.57
CA ILE E 472 -152.45 65.71 -65.55
C ILE E 472 -153.43 64.68 -66.13
N ALA E 473 -154.26 64.03 -65.30
CA ALA E 473 -155.14 62.98 -65.78
C ALA E 473 -156.18 63.40 -66.83
N ALA E 474 -156.75 64.61 -66.70
CA ALA E 474 -157.61 65.23 -67.69
C ALA E 474 -156.92 65.55 -69.00
N VAL E 475 -155.65 66.06 -68.99
CA VAL E 475 -154.89 66.27 -70.22
C VAL E 475 -154.61 64.94 -70.92
N GLN E 476 -154.22 63.90 -70.16
CA GLN E 476 -153.98 62.56 -70.67
C GLN E 476 -155.23 61.93 -71.26
N LYS E 477 -156.41 62.12 -70.62
CA LYS E 477 -157.67 61.70 -71.18
C LYS E 477 -158.06 62.45 -72.45
N ALA E 478 -157.79 63.75 -72.53
CA ALA E 478 -157.93 64.51 -73.75
C ALA E 478 -157.02 64.06 -74.89
N ILE E 479 -155.74 63.68 -74.61
CA ILE E 479 -154.81 63.10 -75.58
C ILE E 479 -155.37 61.83 -76.21
N GLN E 480 -156.07 61.00 -75.40
CA GLN E 480 -156.75 59.79 -75.89
C GLN E 480 -157.79 60.07 -76.96
N ILE E 481 -158.53 61.18 -76.84
CA ILE E 481 -159.52 61.61 -77.83
C ILE E 481 -158.92 61.99 -79.18
N LEU E 482 -157.72 62.61 -79.21
CA LEU E 482 -157.02 62.91 -80.45
C LEU E 482 -156.09 61.77 -80.86
N ARG E 483 -156.29 60.56 -80.32
CA ARG E 483 -155.43 59.44 -80.62
C ARG E 483 -156.09 58.12 -80.26
N LYS E 484 -155.69 57.55 -79.11
CA LYS E 484 -155.87 56.23 -78.54
C LYS E 484 -154.96 56.31 -77.33
N GLY E 485 -154.72 55.19 -76.62
CA GLY E 485 -153.82 55.15 -75.47
C GLY E 485 -154.57 55.20 -74.18
N SER E 486 -153.86 55.11 -73.04
CA SER E 486 -154.54 55.09 -71.75
C SER E 486 -153.59 55.33 -70.60
N GLY E 487 -153.09 54.25 -69.94
CA GLY E 487 -152.16 54.32 -68.81
C GLY E 487 -150.73 54.52 -69.24
N ARG E 488 -150.40 54.26 -70.51
CA ARG E 488 -149.05 54.42 -71.03
C ARG E 488 -148.57 55.86 -71.03
N VAL E 489 -149.49 56.82 -70.94
CA VAL E 489 -149.19 58.23 -70.87
C VAL E 489 -148.75 58.64 -69.45
N LEU E 490 -149.00 57.79 -68.43
CA LEU E 490 -148.52 57.96 -67.06
C LEU E 490 -147.01 57.81 -66.92
N ASP E 491 -146.39 56.86 -67.67
CA ASP E 491 -144.95 56.63 -67.64
C ASP E 491 -144.17 57.61 -68.51
N LEU E 492 -144.76 58.76 -68.90
CA LEU E 492 -144.10 59.81 -69.63
C LEU E 492 -143.71 60.95 -68.69
N SER E 493 -142.51 61.53 -68.91
CA SER E 493 -142.09 62.77 -68.26
C SER E 493 -143.00 63.94 -68.58
N TRP E 494 -143.06 64.96 -67.70
CA TRP E 494 -143.92 66.11 -67.92
C TRP E 494 -143.64 66.86 -69.23
N GLU E 495 -142.35 67.01 -69.59
CA GLU E 495 -141.89 67.53 -70.87
C GLU E 495 -142.24 66.64 -72.07
N GLU E 496 -142.11 65.30 -71.94
CA GLU E 496 -142.55 64.34 -72.94
C GLU E 496 -144.05 64.40 -73.19
N LEU E 497 -144.84 64.58 -72.11
CA LEU E 497 -146.27 64.86 -72.18
C LEU E 497 -146.58 66.15 -72.91
N ARG E 498 -145.83 67.25 -72.67
CA ARG E 498 -145.94 68.48 -73.45
C ARG E 498 -145.63 68.26 -74.93
N LYS E 499 -144.55 67.53 -75.23
CA LYS E 499 -144.18 67.17 -76.59
C LYS E 499 -145.21 66.31 -77.30
N ASP E 500 -145.79 65.26 -76.67
CA ASP E 500 -146.83 64.44 -77.26
C ASP E 500 -148.10 65.22 -77.59
N VAL E 501 -148.56 66.13 -76.69
CA VAL E 501 -149.70 67.00 -76.98
C VAL E 501 -149.42 67.90 -78.18
N THR E 502 -148.26 68.58 -78.19
CA THR E 502 -147.85 69.49 -79.25
C THR E 502 -147.65 68.82 -80.59
N LEU E 503 -146.98 67.66 -80.59
CA LEU E 503 -146.75 66.83 -81.75
C LEU E 503 -148.05 66.26 -82.30
N THR E 504 -148.97 65.79 -81.43
CA THR E 504 -150.28 65.29 -81.83
C THR E 504 -151.10 66.33 -82.57
N VAL E 505 -151.17 67.57 -82.05
CA VAL E 505 -151.86 68.69 -82.69
C VAL E 505 -151.24 69.04 -84.05
N GLU E 506 -149.90 69.13 -84.13
CA GLU E 506 -149.20 69.44 -85.38
C GLU E 506 -149.38 68.38 -86.46
N ASN E 507 -149.32 67.08 -86.10
CA ASN E 507 -149.50 65.96 -87.02
C ASN E 507 -150.85 65.95 -87.74
N GLU E 508 -151.95 66.28 -87.02
CA GLU E 508 -153.27 66.38 -87.62
C GLU E 508 -153.37 67.47 -88.67
N ILE E 509 -152.80 68.66 -88.39
CA ILE E 509 -152.93 69.81 -89.26
C ILE E 509 -152.08 69.72 -90.51
N GLN E 510 -152.70 69.95 -91.67
CA GLN E 510 -152.05 69.88 -92.96
C GLN E 510 -151.99 71.28 -93.54
N GLN E 520 -150.33 79.96 -95.72
CA GLN E 520 -149.84 80.26 -94.39
C GLN E 520 -150.96 80.69 -93.44
N GLU E 521 -151.88 81.52 -93.93
CA GLU E 521 -152.99 82.04 -93.14
C GLU E 521 -153.98 80.95 -92.72
N GLU E 522 -154.46 80.08 -93.63
CA GLU E 522 -155.33 78.97 -93.25
C GLU E 522 -154.65 77.98 -92.32
N PHE E 523 -153.35 77.68 -92.55
CA PHE E 523 -152.57 76.85 -91.65
C PHE E 523 -152.53 77.43 -90.23
N ARG E 524 -152.31 78.76 -90.08
CA ARG E 524 -152.38 79.41 -88.78
C ARG E 524 -153.77 79.34 -88.16
N GLN E 525 -154.85 79.64 -88.90
CA GLN E 525 -156.22 79.57 -88.41
C GLN E 525 -156.63 78.16 -87.96
N ILE E 526 -156.38 77.13 -88.79
CA ILE E 526 -156.67 75.74 -88.48
C ILE E 526 -155.88 75.23 -87.27
N ASN E 527 -154.59 75.60 -87.18
CA ASN E 527 -153.75 75.27 -86.04
C ASN E 527 -154.25 75.88 -84.73
N ILE E 528 -154.69 77.16 -84.75
CA ILE E 528 -155.32 77.82 -83.60
C ILE E 528 -156.58 77.08 -83.17
N GLU E 529 -157.48 76.73 -84.11
CA GLU E 529 -158.70 76.02 -83.81
C GLU E 529 -158.52 74.65 -83.18
N ASN E 530 -157.52 73.84 -83.65
CA ASN E 530 -157.23 72.56 -83.04
C ASN E 530 -156.80 72.69 -81.58
N TRP E 531 -155.89 73.65 -81.31
CA TRP E 531 -155.48 73.96 -79.96
C TRP E 531 -156.63 74.45 -79.07
N CYS E 532 -157.54 75.29 -79.60
CA CYS E 532 -158.77 75.69 -78.90
C CYS E 532 -159.68 74.52 -78.56
N LYS E 533 -159.89 73.58 -79.50
CA LYS E 533 -160.68 72.37 -79.24
C LYS E 533 -160.04 71.51 -78.17
N PHE E 534 -158.71 71.31 -78.24
CA PHE E 534 -157.96 70.55 -77.26
C PHE E 534 -158.02 71.18 -75.87
N TYR E 535 -157.85 72.52 -75.77
CA TYR E 535 -157.96 73.27 -74.54
C TYR E 535 -159.34 73.11 -73.88
N THR E 536 -160.42 73.23 -74.68
CA THR E 536 -161.80 73.03 -74.23
C THR E 536 -162.03 71.63 -73.73
N CYS E 537 -161.58 70.59 -74.46
CA CYS E 537 -161.71 69.19 -74.03
C CYS E 537 -160.99 68.88 -72.73
N CYS E 538 -159.75 69.39 -72.56
CA CYS E 538 -159.00 69.27 -71.32
C CYS E 538 -159.70 69.89 -70.14
N LEU E 539 -160.23 71.11 -70.33
CA LEU E 539 -161.00 71.83 -69.34
C LEU E 539 -162.29 71.10 -68.96
N GLN E 540 -163.05 70.55 -69.94
CA GLN E 540 -164.28 69.81 -69.72
C GLN E 540 -164.10 68.56 -68.86
N TYR E 541 -163.06 67.73 -69.12
CA TYR E 541 -162.75 66.59 -68.27
C TYR E 541 -162.36 67.03 -66.86
N GLN E 542 -161.58 68.11 -66.77
CA GLN E 542 -161.17 68.73 -65.53
C GLN E 542 -162.31 69.27 -64.69
N GLU E 543 -163.36 69.91 -65.26
CA GLU E 543 -164.41 70.53 -64.46
C GLU E 543 -165.24 69.51 -63.71
N THR E 544 -165.20 68.23 -64.12
CA THR E 544 -165.70 67.12 -63.30
C THR E 544 -165.02 67.07 -61.93
N LEU E 545 -163.71 67.39 -61.87
CA LEU E 545 -162.94 67.45 -60.63
C LEU E 545 -163.28 68.63 -59.76
N SER E 546 -163.93 69.70 -60.29
CA SER E 546 -164.10 70.91 -59.52
C SER E 546 -165.21 70.79 -58.47
N ARG E 547 -166.06 69.74 -58.57
CA ARG E 547 -167.01 69.30 -57.53
C ARG E 547 -166.39 69.24 -56.13
N PRO E 548 -166.84 69.96 -55.12
CA PRO E 548 -166.34 69.81 -53.77
C PRO E 548 -166.96 68.60 -53.08
N LEU E 549 -166.19 67.93 -52.22
CA LEU E 549 -166.58 66.70 -51.53
C LEU E 549 -166.67 66.93 -50.03
N ALA E 550 -165.72 67.68 -49.42
CA ALA E 550 -165.69 67.86 -47.98
C ALA E 550 -164.80 69.05 -47.60
N LEU E 551 -164.88 69.50 -46.33
CA LEU E 551 -164.06 70.58 -45.79
C LEU E 551 -163.55 70.20 -44.41
N LEU E 552 -162.22 70.18 -44.20
CA LEU E 552 -161.65 69.84 -42.90
C LEU E 552 -160.72 70.93 -42.38
N VAL E 553 -160.82 71.27 -41.07
CA VAL E 553 -159.87 72.15 -40.39
C VAL E 553 -158.71 71.34 -39.82
N HIS E 554 -157.47 71.87 -39.90
CA HIS E 554 -156.33 71.21 -39.30
C HIS E 554 -155.78 72.08 -38.17
N PRO E 555 -155.62 71.60 -36.94
CA PRO E 555 -155.13 72.48 -35.85
C PRO E 555 -153.62 72.62 -35.73
N ASP E 556 -152.77 71.71 -36.31
CA ASP E 556 -151.32 71.86 -36.34
C ASP E 556 -150.89 73.04 -37.19
N THR E 557 -151.56 73.16 -38.35
CA THR E 557 -151.41 74.24 -39.29
C THR E 557 -152.46 75.27 -38.94
N ASN E 558 -152.37 76.50 -39.48
CA ASN E 558 -153.53 77.39 -39.42
C ASN E 558 -154.21 77.27 -40.77
N MET E 559 -154.82 76.09 -41.04
CA MET E 559 -155.34 75.81 -42.35
C MET E 559 -156.69 75.15 -42.35
N VAL E 560 -157.60 75.73 -43.15
CA VAL E 560 -158.79 75.07 -43.58
C VAL E 560 -158.50 74.44 -44.93
N CYS E 561 -158.86 73.16 -45.10
CA CYS E 561 -158.59 72.46 -46.34
C CYS E 561 -159.89 72.04 -46.99
N LEU E 562 -160.09 72.45 -48.25
CA LEU E 562 -161.21 72.11 -49.07
C LEU E 562 -160.83 70.89 -49.89
N LEU E 563 -161.72 69.90 -49.98
CA LEU E 563 -161.49 68.73 -50.79
C LEU E 563 -162.41 68.81 -51.98
N ARG E 564 -161.82 68.80 -53.20
CA ARG E 564 -162.56 68.66 -54.42
C ARG E 564 -162.26 67.32 -55.00
N LYS E 565 -163.04 66.92 -56.00
CA LYS E 565 -163.01 65.63 -56.65
C LYS E 565 -161.69 65.24 -57.39
N GLY E 566 -160.61 66.01 -57.19
CA GLY E 566 -159.27 65.79 -57.76
C GLY E 566 -158.44 67.05 -57.74
N PHE E 567 -158.77 67.95 -56.80
CA PHE E 567 -158.04 69.16 -56.54
C PHE E 567 -158.21 69.46 -55.09
N LEU E 568 -157.17 70.02 -54.52
CA LEU E 568 -157.14 70.37 -53.15
C LEU E 568 -157.13 71.87 -53.08
N SER E 569 -157.85 72.47 -52.11
CA SER E 569 -157.76 73.92 -51.97
C SER E 569 -157.67 74.36 -50.54
N PHE E 570 -157.14 75.58 -50.30
CA PHE E 570 -157.09 76.20 -48.99
C PHE E 570 -157.59 77.62 -49.13
N LEU E 571 -158.19 78.20 -48.07
CA LEU E 571 -158.61 79.59 -48.10
C LEU E 571 -157.54 80.56 -47.62
N ALA E 572 -157.39 81.67 -48.36
CA ALA E 572 -156.54 82.77 -48.03
C ALA E 572 -157.39 84.04 -47.95
N PRO E 573 -157.05 85.04 -47.16
CA PRO E 573 -157.59 86.37 -47.36
C PRO E 573 -156.97 87.02 -48.59
N CYS E 574 -157.76 87.79 -49.36
CA CYS E 574 -157.24 88.57 -50.48
C CYS E 574 -156.22 89.63 -50.07
N SER E 575 -155.20 89.88 -50.90
CA SER E 575 -154.29 91.00 -50.68
C SER E 575 -154.87 92.30 -51.22
N LEU E 576 -154.23 93.45 -50.92
CA LEU E 576 -154.62 94.74 -51.47
C LEU E 576 -154.54 94.77 -52.98
N VAL E 577 -153.52 94.10 -53.55
CA VAL E 577 -153.30 93.96 -54.98
C VAL E 577 -154.44 93.22 -55.67
N GLU E 578 -154.92 92.09 -55.10
CA GLU E 578 -156.06 91.35 -55.61
C GLU E 578 -157.35 92.16 -55.60
N HIS E 579 -157.57 92.92 -54.50
CA HIS E 579 -158.71 93.80 -54.35
C HIS E 579 -158.75 94.92 -55.38
N LEU E 580 -157.60 95.56 -55.67
CA LEU E 580 -157.46 96.56 -56.72
C LEU E 580 -157.56 96.04 -58.15
N TYR E 581 -157.08 94.79 -58.41
CA TYR E 581 -157.18 94.16 -59.70
C TYR E 581 -158.63 93.90 -60.13
N LEU E 582 -159.46 93.39 -59.20
CA LEU E 582 -160.85 93.11 -59.48
C LEU E 582 -161.74 94.35 -59.44
N VAL E 583 -162.86 94.30 -60.19
CA VAL E 583 -163.85 95.36 -60.27
C VAL E 583 -164.79 95.34 -59.07
N PRO E 584 -165.52 96.39 -58.69
CA PRO E 584 -165.61 97.68 -59.39
C PRO E 584 -165.07 98.83 -58.57
N ALA E 585 -164.94 100.01 -59.23
CA ALA E 585 -164.43 101.25 -58.68
C ALA E 585 -165.19 101.74 -57.46
N GLU E 586 -166.53 101.61 -57.47
CA GLU E 586 -167.39 101.91 -56.34
C GLU E 586 -167.07 101.07 -55.11
N HIS E 587 -166.86 99.75 -55.25
CA HIS E 587 -166.51 98.86 -54.13
C HIS E 587 -165.19 99.21 -53.47
N LEU E 588 -164.20 99.67 -54.27
CA LEU E 588 -162.97 100.23 -53.75
C LEU E 588 -163.19 101.48 -52.88
N LEU E 589 -164.09 102.39 -53.31
CA LEU E 589 -164.45 103.58 -52.56
C LEU E 589 -165.40 103.32 -51.38
N THR E 590 -166.10 102.17 -51.34
CA THR E 590 -167.02 101.79 -50.27
C THR E 590 -166.28 101.35 -49.01
N VAL E 591 -164.96 101.09 -49.08
CA VAL E 591 -164.14 100.79 -47.92
C VAL E 591 -164.00 101.97 -46.94
N ASP E 592 -164.75 101.91 -45.82
CA ASP E 592 -164.81 102.88 -44.75
C ASP E 592 -163.44 103.26 -44.15
N GLU E 593 -163.15 104.57 -44.13
CA GLU E 593 -161.88 105.15 -43.74
C GLU E 593 -161.48 105.05 -42.27
N SER E 594 -160.39 104.30 -42.01
CA SER E 594 -159.95 104.05 -40.63
C SER E 594 -158.63 104.71 -40.25
N VAL E 595 -157.78 105.15 -41.21
CA VAL E 595 -156.46 105.67 -40.86
C VAL E 595 -156.42 107.18 -40.92
N ILE E 596 -157.49 107.79 -41.47
CA ILE E 596 -157.77 109.19 -41.60
C ILE E 596 -159.28 109.18 -41.78
N SER E 597 -159.98 110.33 -41.83
CA SER E 597 -161.43 110.43 -42.08
C SER E 597 -161.87 110.18 -43.52
N ASP E 598 -163.18 110.26 -43.84
CA ASP E 598 -163.68 110.41 -45.22
C ASP E 598 -163.04 111.65 -45.89
N ASP E 599 -161.99 111.44 -46.73
CA ASP E 599 -161.13 112.51 -47.18
C ASP E 599 -160.15 112.03 -48.26
N ILE E 600 -159.31 112.95 -48.75
CA ILE E 600 -158.29 112.77 -49.78
C ILE E 600 -157.19 111.78 -49.44
N ASP E 601 -156.72 111.71 -48.17
CA ASP E 601 -155.60 110.85 -47.81
C ASP E 601 -156.00 109.38 -47.53
N ALA E 602 -157.31 109.07 -47.59
CA ALA E 602 -157.92 107.76 -47.41
C ALA E 602 -157.53 106.57 -48.31
N ALA E 603 -157.52 106.69 -49.64
CA ALA E 603 -157.63 107.90 -50.41
C ALA E 603 -158.53 107.83 -51.62
N SER E 604 -159.57 108.68 -51.67
CA SER E 604 -160.47 108.80 -52.81
C SER E 604 -159.76 109.19 -54.08
N ASP E 605 -158.89 110.21 -54.00
CA ASP E 605 -158.07 110.68 -55.10
C ASP E 605 -157.11 109.63 -55.62
N ILE E 606 -156.50 108.82 -54.71
CA ILE E 606 -155.70 107.66 -55.08
C ILE E 606 -156.48 106.58 -55.80
N VAL E 607 -157.67 106.23 -55.29
CA VAL E 607 -158.52 105.21 -55.86
C VAL E 607 -159.05 105.62 -57.24
N ASN E 608 -159.30 106.94 -57.44
CA ASN E 608 -159.54 107.49 -58.77
C ASN E 608 -158.37 107.24 -59.73
N LEU E 609 -157.11 107.48 -59.28
CA LEU E 609 -155.93 107.23 -60.08
C LEU E 609 -155.68 105.77 -60.43
N ILE E 610 -155.81 104.80 -59.48
CA ILE E 610 -155.66 103.37 -59.80
C ILE E 610 -156.70 102.85 -60.79
N GLN E 611 -157.97 103.31 -60.74
CA GLN E 611 -158.91 103.01 -61.80
C GLN E 611 -158.56 103.67 -63.14
N CYS E 612 -157.99 104.90 -63.17
CA CYS E 612 -157.43 105.47 -64.40
C CYS E 612 -156.34 104.61 -65.01
N LEU E 613 -155.43 104.06 -64.18
CA LEU E 613 -154.42 103.11 -64.60
C LEU E 613 -155.00 101.88 -65.27
N ARG E 614 -155.98 101.24 -64.58
CA ARG E 614 -156.63 100.01 -65.02
C ARG E 614 -157.38 100.20 -66.33
N MET E 615 -158.09 101.35 -66.54
CA MET E 615 -158.74 101.63 -67.81
C MET E 615 -157.79 101.75 -68.99
N ILE E 616 -156.62 102.38 -68.79
CA ILE E 616 -155.64 102.51 -69.86
C ILE E 616 -155.02 101.16 -70.21
N ALA E 617 -154.77 100.32 -69.19
CA ALA E 617 -154.37 98.95 -69.39
C ALA E 617 -155.39 98.06 -70.07
N ASP E 618 -156.70 98.18 -69.73
CA ASP E 618 -157.78 97.47 -70.40
C ASP E 618 -157.84 97.73 -71.92
N TYR E 619 -157.28 98.86 -72.42
CA TYR E 619 -157.19 99.12 -73.85
C TYR E 619 -156.30 98.13 -74.60
N ILE E 620 -155.14 97.72 -74.03
CA ILE E 620 -154.17 96.88 -74.73
C ILE E 620 -154.72 95.49 -75.07
N SER E 621 -154.52 95.02 -76.32
CA SER E 621 -154.80 93.63 -76.66
C SER E 621 -153.67 92.70 -76.21
N GLU E 622 -153.85 91.38 -76.30
CA GLU E 622 -152.78 90.42 -76.03
C GLU E 622 -151.58 90.59 -76.96
N ASP E 623 -151.76 90.72 -78.31
CA ASP E 623 -150.71 91.13 -79.25
C ASP E 623 -149.97 92.40 -78.80
N MET E 624 -150.71 93.48 -78.45
CA MET E 624 -150.12 94.72 -77.97
C MET E 624 -149.36 94.57 -76.67
N ALA E 625 -149.93 93.81 -75.71
CA ALA E 625 -149.32 93.48 -74.44
C ALA E 625 -147.99 92.76 -74.58
N TYR E 626 -147.91 91.76 -75.50
CA TYR E 626 -146.69 91.04 -75.79
C TYR E 626 -145.56 91.93 -76.32
N LEU E 627 -145.85 92.86 -77.27
CA LEU E 627 -144.87 93.83 -77.75
C LEU E 627 -144.36 94.77 -76.65
N MET E 628 -145.26 95.19 -75.73
CA MET E 628 -144.87 95.93 -74.53
C MET E 628 -143.92 95.15 -73.63
N GLU E 629 -144.11 93.82 -73.45
CA GLU E 629 -143.20 92.98 -72.70
C GLU E 629 -141.82 92.86 -73.26
N SER E 630 -141.72 92.68 -74.60
CA SER E 630 -140.47 92.70 -75.33
C SER E 630 -139.74 94.01 -75.15
N ALA E 631 -140.48 95.14 -75.24
CA ALA E 631 -139.95 96.45 -74.96
C ALA E 631 -139.53 96.69 -73.51
N CYS E 632 -140.37 96.39 -72.50
CA CYS E 632 -140.12 96.74 -71.09
C CYS E 632 -138.88 96.11 -70.45
N CYS E 633 -138.55 94.85 -70.76
CA CYS E 633 -137.29 94.31 -70.27
C CYS E 633 -136.07 94.82 -71.05
N HIS E 634 -136.20 95.05 -72.37
CA HIS E 634 -135.18 95.68 -73.21
C HIS E 634 -134.90 97.14 -72.85
N LEU E 635 -135.95 97.85 -72.38
CA LEU E 635 -136.00 99.24 -71.93
C LEU E 635 -135.04 99.54 -70.80
N GLN E 636 -134.72 98.55 -69.94
CA GLN E 636 -133.91 98.72 -68.75
C GLN E 636 -132.51 99.30 -68.99
N GLU E 639 -132.35 104.87 -72.92
CA GLU E 639 -132.62 106.16 -73.56
C GLU E 639 -133.65 107.06 -72.87
N ARG E 640 -134.20 108.04 -73.61
CA ARG E 640 -135.34 108.87 -73.20
C ARG E 640 -136.64 108.09 -73.35
N VAL E 641 -136.74 106.95 -72.63
CA VAL E 641 -137.65 105.86 -72.92
C VAL E 641 -139.11 106.24 -73.01
N ALA E 642 -139.62 107.12 -72.13
CA ALA E 642 -141.01 107.47 -72.03
C ALA E 642 -141.63 108.03 -73.31
N GLU E 643 -140.88 108.90 -74.03
CA GLU E 643 -141.33 109.47 -75.28
C GLU E 643 -141.49 108.46 -76.40
N GLN E 644 -140.47 107.60 -76.63
CA GLN E 644 -140.49 106.56 -77.65
C GLN E 644 -141.47 105.44 -77.34
N ILE E 645 -141.49 104.97 -76.08
CA ILE E 645 -142.37 103.92 -75.58
C ILE E 645 -143.83 104.31 -75.71
N LEU E 646 -144.17 105.58 -75.43
CA LEU E 646 -145.50 106.07 -75.74
C LEU E 646 -145.84 106.06 -77.21
N GLU E 647 -144.92 106.51 -78.08
CA GLU E 647 -145.18 106.69 -79.49
C GLU E 647 -145.47 105.39 -80.24
N ASP E 648 -144.63 104.36 -80.04
CA ASP E 648 -144.87 103.06 -80.63
C ASP E 648 -146.05 102.30 -80.00
N LEU E 649 -146.10 102.24 -78.65
CA LEU E 649 -147.01 101.34 -77.96
C LEU E 649 -148.34 101.98 -77.59
N ILE E 650 -148.31 103.15 -76.91
CA ILE E 650 -149.52 103.75 -76.37
C ILE E 650 -150.30 104.52 -77.42
N ALA E 651 -149.65 105.44 -78.18
CA ALA E 651 -150.33 106.41 -79.03
C ALA E 651 -151.19 105.80 -80.13
N ASN E 652 -150.71 104.70 -80.73
CA ASN E 652 -151.46 103.92 -81.70
C ASN E 652 -152.72 103.26 -81.15
N ASP E 653 -152.71 102.82 -79.88
CA ASP E 653 -153.70 101.92 -79.32
C ASP E 653 -154.65 102.67 -78.37
N ILE E 654 -154.42 103.97 -78.13
CA ILE E 654 -155.34 104.81 -77.40
C ILE E 654 -156.17 105.66 -78.34
N ASP E 655 -157.48 105.71 -78.10
CA ASP E 655 -158.37 106.73 -78.64
C ASP E 655 -158.01 108.10 -78.06
N ASN E 656 -158.71 109.18 -78.47
CA ASN E 656 -158.56 110.52 -77.92
C ASN E 656 -159.24 110.66 -76.55
N ILE E 657 -159.20 109.56 -75.78
CA ILE E 657 -159.51 109.46 -74.37
C ILE E 657 -158.39 110.11 -73.56
N MET E 658 -157.26 110.42 -74.23
CA MET E 658 -156.12 111.16 -73.74
C MET E 658 -156.49 112.51 -73.13
N GLU E 659 -157.40 113.28 -73.78
CA GLU E 659 -157.97 114.49 -73.22
C GLU E 659 -158.73 114.27 -71.92
N ASN E 660 -159.59 113.22 -71.86
CA ASN E 660 -160.31 112.83 -70.66
C ASN E 660 -159.38 112.45 -69.51
N ILE E 661 -158.30 111.71 -69.81
CA ILE E 661 -157.26 111.36 -68.85
C ILE E 661 -156.53 112.60 -68.34
N GLN E 662 -156.10 113.52 -69.24
CA GLN E 662 -155.43 114.76 -68.86
C GLN E 662 -156.27 115.66 -67.98
N ASN E 663 -157.57 115.86 -68.33
CA ASN E 663 -158.49 116.67 -67.53
C ASN E 663 -158.66 116.13 -66.11
N LYS E 664 -158.93 114.82 -65.95
CA LYS E 664 -159.11 114.20 -64.65
C LYS E 664 -157.87 114.25 -63.78
N LEU E 665 -156.68 114.06 -64.37
CA LEU E 665 -155.41 114.20 -63.68
C LEU E 665 -155.14 115.62 -63.19
N GLN E 666 -155.49 116.64 -64.01
CA GLN E 666 -155.36 118.05 -63.64
C GLN E 666 -156.27 118.49 -62.50
N ASP E 667 -157.54 118.04 -62.49
CA ASP E 667 -158.52 118.35 -61.45
C ASP E 667 -158.09 117.88 -60.05
N THR E 668 -157.55 116.66 -59.94
CA THR E 668 -157.01 116.08 -58.70
C THR E 668 -155.85 116.88 -58.12
N ARG E 669 -155.87 117.16 -56.80
CA ARG E 669 -154.81 117.95 -56.18
C ARG E 669 -153.65 117.08 -55.71
N ASN E 670 -152.43 117.37 -56.20
CA ASN E 670 -151.21 116.63 -55.93
C ASN E 670 -151.21 115.15 -56.37
N PRO E 671 -151.55 114.77 -57.60
CA PRO E 671 -151.79 113.37 -57.97
C PRO E 671 -150.55 112.49 -57.86
N ILE E 672 -149.33 113.06 -58.04
CA ILE E 672 -148.07 112.36 -57.83
C ILE E 672 -147.87 111.85 -56.40
N ARG E 673 -148.24 112.66 -55.38
CA ARG E 673 -148.16 112.24 -53.98
C ARG E 673 -149.12 111.13 -53.71
N ALA E 674 -150.35 111.26 -54.23
CA ALA E 674 -151.40 110.29 -54.10
C ALA E 674 -151.01 108.93 -54.67
N ILE E 675 -150.63 108.84 -55.96
CA ILE E 675 -150.34 107.51 -56.51
C ILE E 675 -149.01 106.93 -56.03
N GLY E 676 -148.09 107.81 -55.57
CA GLY E 676 -146.86 107.36 -54.89
C GLY E 676 -147.10 106.76 -53.54
N PHE E 677 -148.05 107.31 -52.75
CA PHE E 677 -148.51 106.73 -51.50
C PHE E 677 -149.25 105.40 -51.73
N LEU E 678 -150.05 105.29 -52.81
CA LEU E 678 -150.65 103.99 -53.13
C LEU E 678 -149.66 102.93 -53.47
N LEU E 679 -148.61 103.27 -54.24
CA LEU E 679 -147.54 102.35 -54.57
C LEU E 679 -146.88 101.84 -53.32
N GLN E 680 -146.59 102.73 -52.34
CA GLN E 680 -146.13 102.37 -51.01
C GLN E 680 -147.10 101.46 -50.25
N ASN E 681 -148.43 101.66 -50.34
CA ASN E 681 -149.41 100.71 -49.80
C ASN E 681 -149.50 99.37 -50.54
N MET E 682 -149.31 99.34 -51.86
CA MET E 682 -149.33 98.11 -52.65
C MET E 682 -148.04 97.32 -52.57
N ASP E 683 -146.89 98.01 -52.40
CA ASP E 683 -145.63 97.38 -52.12
C ASP E 683 -145.38 97.28 -50.62
N TYR E 684 -146.37 97.75 -49.81
CA TYR E 684 -146.48 97.45 -48.41
C TYR E 684 -146.76 95.98 -48.23
N GLU E 685 -145.65 95.23 -48.17
CA GLU E 685 -145.63 94.02 -47.41
C GLU E 685 -144.71 94.17 -46.21
N MET E 690 -144.51 101.14 -38.18
CA MET E 690 -144.45 100.92 -36.73
C MET E 690 -143.81 99.58 -36.41
N GLU E 691 -143.48 99.38 -35.14
CA GLU E 691 -142.86 98.13 -34.70
C GLU E 691 -143.80 96.96 -34.93
N GLN E 692 -145.08 97.16 -34.66
CA GLN E 692 -146.07 96.11 -34.85
C GLN E 692 -146.15 95.75 -36.33
N PRO E 693 -146.10 96.77 -37.18
CA PRO E 693 -146.14 96.57 -38.62
C PRO E 693 -144.93 95.78 -39.08
N GLN E 694 -143.77 96.11 -38.52
CA GLN E 694 -142.53 95.42 -38.86
C GLN E 694 -142.65 93.95 -38.47
N PRO E 695 -143.24 93.71 -37.30
CA PRO E 695 -143.43 92.35 -36.80
C PRO E 695 -144.36 91.57 -37.72
N ASN E 696 -145.41 92.23 -38.20
CA ASN E 696 -146.37 91.59 -39.09
C ASN E 696 -145.87 91.52 -40.53
N THR E 697 -144.75 92.21 -40.80
CA THR E 697 -144.19 92.22 -42.09
C THR E 697 -143.30 91.01 -42.50
N ARG E 698 -141.96 91.14 -42.25
CA ARG E 698 -140.90 90.17 -42.42
C ARG E 698 -141.02 89.11 -41.36
N LEU E 699 -141.95 88.17 -41.59
CA LEU E 699 -142.13 87.00 -40.75
C LEU E 699 -140.91 86.12 -40.70
N ASN E 700 -140.83 85.38 -39.59
CA ASN E 700 -139.67 84.77 -39.02
C ASN E 700 -138.95 83.77 -39.94
N LEU E 701 -137.61 83.91 -40.13
CA LEU E 701 -136.83 83.01 -40.98
C LEU E 701 -136.77 81.61 -40.43
N SER E 702 -137.22 80.63 -41.23
CA SER E 702 -137.23 79.26 -40.76
C SER E 702 -136.04 78.52 -41.29
N THR E 709 -145.16 69.98 -51.20
CA THR E 709 -146.52 70.50 -51.12
C THR E 709 -146.55 71.96 -50.73
N ALA E 710 -145.79 72.42 -49.71
CA ALA E 710 -145.73 73.81 -49.33
C ALA E 710 -145.26 74.72 -50.46
N SER E 711 -144.22 74.28 -51.20
CA SER E 711 -143.72 74.97 -52.37
C SER E 711 -144.65 75.03 -53.54
N SER E 712 -145.30 73.89 -53.88
CA SER E 712 -146.29 73.77 -54.96
C SER E 712 -147.47 74.69 -54.74
N VAL E 713 -147.93 74.75 -53.48
CA VAL E 713 -148.99 75.62 -53.04
C VAL E 713 -148.61 77.08 -53.16
N VAL E 714 -147.50 77.56 -52.58
CA VAL E 714 -147.20 78.97 -52.71
C VAL E 714 -146.70 79.40 -54.08
N CYS E 715 -146.06 78.52 -54.88
CA CYS E 715 -145.78 78.77 -56.30
C CYS E 715 -147.00 79.26 -57.06
N GLN E 716 -148.13 78.56 -56.86
CA GLN E 716 -149.39 78.93 -57.40
C GLN E 716 -149.96 80.26 -56.86
N ALA E 717 -149.78 80.58 -55.55
CA ALA E 717 -150.10 81.90 -55.01
C ALA E 717 -149.24 83.02 -55.55
N ILE E 718 -147.91 82.82 -55.62
CA ILE E 718 -146.96 83.79 -56.15
C ILE E 718 -147.23 84.09 -57.60
N CYS E 719 -147.60 83.08 -58.41
CA CYS E 719 -148.10 83.30 -59.76
C CYS E 719 -149.36 84.15 -59.86
N LYS E 720 -150.38 83.92 -59.00
CA LYS E 720 -151.57 84.74 -58.98
C LYS E 720 -151.29 86.19 -58.59
N ILE E 721 -150.53 86.38 -57.49
CA ILE E 721 -150.09 87.67 -56.97
C ILE E 721 -149.13 88.39 -57.92
N SER E 722 -148.20 87.67 -58.58
CA SER E 722 -147.30 88.26 -59.55
C SER E 722 -148.02 88.78 -60.75
N ALA E 723 -149.00 88.04 -61.30
CA ALA E 723 -149.79 88.45 -62.44
C ALA E 723 -150.62 89.71 -62.20
N THR E 724 -151.28 89.82 -61.04
CA THR E 724 -152.04 91.01 -60.64
C THR E 724 -151.17 92.23 -60.41
N ARG E 725 -150.01 92.08 -59.73
CA ARG E 725 -149.00 93.12 -59.59
C ARG E 725 -148.37 93.55 -60.89
N PHE E 726 -148.08 92.58 -61.77
CA PHE E 726 -147.47 92.77 -63.08
C PHE E 726 -148.31 93.68 -63.95
N LEU E 727 -149.65 93.50 -63.95
CA LEU E 727 -150.55 94.45 -64.57
C LEU E 727 -150.43 95.81 -63.90
N ILE E 728 -150.64 95.94 -62.58
CA ILE E 728 -150.62 97.24 -61.89
C ILE E 728 -149.32 98.03 -62.06
N CYS E 729 -148.14 97.37 -61.99
CA CYS E 729 -146.86 97.98 -62.27
C CYS E 729 -146.71 98.46 -63.71
N ARG E 730 -147.21 97.69 -64.70
CA ARG E 730 -147.31 98.14 -66.07
C ARG E 730 -148.23 99.34 -66.21
N ASP E 731 -149.41 99.30 -65.57
CA ASP E 731 -150.42 100.32 -65.66
C ASP E 731 -149.93 101.68 -65.16
N LEU E 732 -149.18 101.67 -64.04
CA LEU E 732 -148.46 102.83 -63.52
C LEU E 732 -147.45 103.40 -64.50
N LEU E 733 -146.66 102.52 -65.14
CA LEU E 733 -145.74 102.92 -66.20
C LEU E 733 -146.46 103.53 -67.40
N ILE E 734 -147.58 102.91 -67.86
CA ILE E 734 -148.39 103.41 -68.97
C ILE E 734 -148.95 104.80 -68.70
N LEU E 735 -149.50 105.05 -67.49
CA LEU E 735 -149.98 106.38 -67.13
C LEU E 735 -148.87 107.42 -67.06
N GLN E 736 -147.71 107.08 -66.48
CA GLN E 736 -146.54 107.96 -66.49
C GLN E 736 -146.02 108.24 -67.88
N HIS E 737 -145.93 107.20 -68.75
CA HIS E 737 -145.56 107.36 -70.15
C HIS E 737 -146.54 108.28 -70.87
N LEU E 738 -147.86 108.10 -70.62
CA LEU E 738 -148.91 108.97 -71.13
C LEU E 738 -148.78 110.40 -70.67
N LEU E 739 -148.54 110.64 -69.38
CA LEU E 739 -148.37 111.97 -68.82
C LEU E 739 -147.18 112.74 -69.37
N LEU E 740 -146.03 112.06 -69.53
CA LEU E 740 -144.79 112.67 -69.99
C LEU E 740 -144.82 113.23 -71.42
N ARG E 741 -145.56 112.61 -72.36
CA ARG E 741 -145.68 113.13 -73.72
C ARG E 741 -146.94 113.99 -73.92
N LEU E 742 -147.35 114.79 -72.92
CA LEU E 742 -148.47 115.71 -73.06
C LEU E 742 -147.96 117.13 -73.07
N GLY E 743 -148.44 117.95 -74.02
CA GLY E 743 -148.07 119.36 -74.14
C GLY E 743 -148.80 120.29 -73.20
N ASP E 744 -149.03 119.85 -71.96
CA ASP E 744 -149.84 120.55 -71.00
C ASP E 744 -148.98 120.97 -69.82
N MET E 745 -148.81 122.29 -69.61
CA MET E 745 -148.00 122.84 -68.54
C MET E 745 -148.48 122.50 -67.15
N ALA E 746 -149.81 122.52 -66.92
CA ALA E 746 -150.39 122.25 -65.62
C ALA E 746 -150.19 120.82 -65.16
N LEU E 747 -150.43 119.84 -66.06
CA LEU E 747 -150.16 118.44 -65.80
C LEU E 747 -148.68 118.08 -65.68
N ILE E 748 -147.78 118.69 -66.48
CA ILE E 748 -146.33 118.57 -66.31
C ILE E 748 -145.89 119.07 -64.93
N GLY E 749 -146.44 120.21 -64.46
CA GLY E 749 -146.21 120.73 -63.11
C GLY E 749 -146.76 119.87 -61.99
N ALA E 750 -147.83 119.11 -62.26
CA ALA E 750 -148.46 118.21 -61.32
C ALA E 750 -147.70 116.90 -61.15
N GLY E 751 -146.73 116.64 -62.05
CA GLY E 751 -145.90 115.46 -62.07
C GLY E 751 -144.63 115.59 -61.26
N GLN E 752 -144.54 116.57 -60.34
CA GLN E 752 -143.34 116.80 -59.59
C GLN E 752 -143.54 117.58 -58.29
N LEU E 753 -142.54 117.48 -57.39
CA LEU E 753 -142.25 118.50 -56.41
C LEU E 753 -141.17 119.36 -57.05
N LEU E 754 -141.40 120.68 -57.19
CA LEU E 754 -140.60 121.56 -58.02
C LEU E 754 -139.15 121.80 -57.61
N HIS E 755 -138.87 122.00 -56.32
CA HIS E 755 -137.56 122.47 -55.89
C HIS E 755 -137.39 122.26 -54.39
N SER E 756 -136.55 121.33 -53.89
CA SER E 756 -135.72 120.36 -54.61
C SER E 756 -136.54 119.45 -55.52
N GLN E 757 -136.02 119.18 -56.73
CA GLN E 757 -136.84 118.61 -57.78
C GLN E 757 -136.99 117.10 -57.67
N GLN E 758 -138.24 116.63 -57.46
CA GLN E 758 -138.54 115.22 -57.52
C GLN E 758 -139.72 114.99 -58.43
N GLU E 759 -139.46 114.50 -59.66
CA GLU E 759 -140.49 114.27 -60.66
C GLU E 759 -141.07 112.86 -60.59
N LEU E 760 -141.83 112.49 -61.62
CA LEU E 760 -142.20 111.11 -61.90
C LEU E 760 -141.02 110.25 -62.35
N ILE E 761 -139.89 110.85 -62.79
CA ILE E 761 -138.64 110.16 -63.14
C ILE E 761 -138.08 109.29 -62.00
N PRO E 762 -137.92 109.71 -60.73
CA PRO E 762 -137.58 108.80 -59.65
C PRO E 762 -138.60 107.70 -59.39
N ARG E 763 -139.90 107.99 -59.52
CA ARG E 763 -140.98 107.02 -59.34
C ARG E 763 -140.99 105.96 -60.42
N ALA E 764 -140.76 106.37 -61.69
CA ALA E 764 -140.69 105.53 -62.86
C ALA E 764 -139.58 104.49 -62.79
N ALA E 765 -138.40 104.88 -62.28
CA ALA E 765 -137.30 103.97 -62.07
C ALA E 765 -137.63 102.81 -61.12
N GLN E 766 -138.30 103.09 -59.98
CA GLN E 766 -138.78 102.07 -59.06
C GLN E 766 -139.80 101.13 -59.67
N LEU E 767 -140.71 101.65 -60.50
CA LEU E 767 -141.64 100.85 -61.29
C LEU E 767 -140.98 99.94 -62.31
N LEU E 768 -139.94 100.43 -63.02
CA LEU E 768 -139.15 99.59 -63.91
C LEU E 768 -138.44 98.47 -63.18
N LEU E 769 -137.86 98.75 -61.99
CA LEU E 769 -137.29 97.74 -61.12
C LEU E 769 -138.30 96.73 -60.58
N SER E 770 -139.50 97.18 -60.12
CA SER E 770 -140.55 96.28 -59.66
C SER E 770 -141.09 95.40 -60.77
N TYR E 771 -141.29 95.95 -61.99
CA TYR E 771 -141.65 95.23 -63.20
C TYR E 771 -140.63 94.15 -63.55
N TYR E 772 -139.32 94.50 -63.50
CA TYR E 772 -138.22 93.59 -63.75
C TYR E 772 -138.23 92.38 -62.80
N MET E 773 -138.33 92.62 -61.49
CA MET E 773 -138.36 91.56 -60.49
C MET E 773 -139.61 90.68 -60.58
N ILE E 774 -140.78 91.29 -60.82
CA ILE E 774 -142.02 90.56 -61.04
C ILE E 774 -142.04 89.76 -62.34
N ARG E 775 -141.58 90.33 -63.49
CA ARG E 775 -141.50 89.61 -64.77
C ARG E 775 -140.51 88.47 -64.75
N TRP E 776 -139.40 88.62 -64.00
CA TRP E 776 -138.48 87.54 -63.64
C TRP E 776 -139.22 86.40 -62.93
N GLY E 777 -140.02 86.71 -61.88
CA GLY E 777 -140.74 85.70 -61.11
C GLY E 777 -141.83 85.02 -61.86
N SER E 778 -142.48 85.73 -62.79
CA SER E 778 -143.42 85.14 -63.73
C SER E 778 -142.79 84.14 -64.67
N GLN E 779 -141.57 84.41 -65.20
CA GLN E 779 -140.84 83.47 -66.04
C GLN E 779 -140.45 82.20 -65.29
N CYS E 780 -140.02 82.37 -64.03
CA CYS E 780 -139.62 81.32 -63.12
C CYS E 780 -140.69 80.29 -62.79
N LEU E 781 -141.97 80.53 -63.14
CA LEU E 781 -143.05 79.57 -63.04
C LEU E 781 -142.84 78.30 -63.86
N ALA E 782 -142.36 78.44 -65.11
CA ALA E 782 -142.41 77.36 -66.08
C ALA E 782 -141.50 76.15 -65.86
N CYS E 783 -140.21 76.38 -65.50
CA CYS E 783 -139.17 75.41 -65.77
C CYS E 783 -138.47 74.88 -64.54
N ALA E 784 -137.90 73.67 -64.66
CA ALA E 784 -136.84 73.11 -63.84
C ALA E 784 -136.58 71.65 -64.20
N VAL E 785 -135.29 71.30 -64.29
CA VAL E 785 -134.76 70.05 -64.81
C VAL E 785 -134.19 69.26 -63.63
N PRO E 786 -134.64 68.04 -63.31
CA PRO E 786 -133.90 67.15 -62.43
C PRO E 786 -132.76 66.50 -63.18
N VAL E 787 -131.87 65.78 -62.49
CA VAL E 787 -130.94 64.86 -63.12
C VAL E 787 -131.70 63.78 -63.90
N ASP E 788 -131.11 63.20 -64.96
CA ASP E 788 -131.61 62.10 -65.76
C ASP E 788 -131.56 60.75 -65.02
N VAL E 807 -132.37 66.53 -44.83
CA VAL E 807 -133.50 67.26 -44.26
C VAL E 807 -133.07 68.61 -43.70
N GLU E 808 -131.89 68.66 -43.07
CA GLU E 808 -131.18 69.85 -42.64
C GLU E 808 -130.62 70.70 -43.77
N LYS E 809 -130.06 70.07 -44.82
CA LYS E 809 -129.38 70.72 -45.92
C LYS E 809 -130.33 71.33 -46.95
N ARG E 810 -131.57 71.67 -46.54
CA ARG E 810 -132.59 72.24 -47.39
C ARG E 810 -133.00 71.33 -48.55
N ARG E 811 -133.31 70.04 -48.24
CA ARG E 811 -133.59 68.92 -49.14
C ARG E 811 -134.57 69.17 -50.27
N TYR E 812 -135.45 70.16 -50.09
CA TYR E 812 -136.36 70.62 -51.11
C TYR E 812 -135.62 71.05 -52.36
N THR E 813 -134.42 71.65 -52.21
CA THR E 813 -133.64 72.32 -53.24
C THR E 813 -133.35 71.43 -54.42
N SER E 814 -132.95 70.18 -54.15
CA SER E 814 -132.74 69.17 -55.16
C SER E 814 -134.02 68.60 -55.72
N GLY E 815 -135.08 68.50 -54.89
CA GLY E 815 -136.32 67.83 -55.26
C GLY E 815 -137.45 68.70 -55.71
N ILE E 816 -137.25 70.01 -55.97
CA ILE E 816 -138.32 70.89 -56.43
C ILE E 816 -138.67 70.73 -57.92
N GLN E 817 -139.93 71.02 -58.39
CA GLN E 817 -140.25 70.88 -59.80
C GLN E 817 -140.29 72.15 -60.63
N THR E 818 -140.31 73.36 -60.03
CA THR E 818 -140.22 74.63 -60.78
C THR E 818 -139.29 75.63 -60.10
N ILE E 819 -138.73 76.60 -60.84
CA ILE E 819 -137.87 77.63 -60.25
C ILE E 819 -138.58 78.56 -59.28
N VAL E 820 -139.86 78.93 -59.49
CA VAL E 820 -140.65 79.67 -58.51
C VAL E 820 -140.84 78.90 -57.19
N GLU E 821 -141.03 77.57 -57.22
CA GLU E 821 -140.99 76.73 -56.03
C GLU E 821 -139.62 76.75 -55.35
N LEU E 822 -138.53 76.73 -56.14
CA LEU E 822 -137.18 76.80 -55.61
C LEU E 822 -136.89 78.15 -54.94
N PHE E 823 -137.30 79.25 -55.61
CA PHE E 823 -137.29 80.59 -55.07
C PHE E 823 -138.13 80.67 -53.80
N PHE E 824 -139.33 80.06 -53.77
CA PHE E 824 -140.11 79.95 -52.57
C PHE E 824 -139.32 79.36 -51.41
N GLU E 825 -138.73 78.18 -51.61
CA GLU E 825 -138.15 77.46 -50.52
C GLU E 825 -136.90 78.12 -49.91
N ASP E 826 -136.10 78.83 -50.73
CA ASP E 826 -135.01 79.70 -50.29
C ASP E 826 -135.49 80.79 -49.34
N VAL E 827 -136.76 81.20 -49.46
CA VAL E 827 -137.37 82.21 -48.64
C VAL E 827 -138.17 81.61 -47.47
N ALA E 828 -138.02 80.33 -47.11
CA ALA E 828 -138.80 79.65 -46.07
C ALA E 828 -139.05 80.35 -44.71
N ARG E 829 -140.32 80.39 -44.23
CA ARG E 829 -140.70 81.12 -43.03
C ARG E 829 -141.64 80.30 -42.22
N LYS E 830 -141.77 80.61 -40.91
CA LYS E 830 -142.81 80.11 -40.04
C LYS E 830 -142.98 81.16 -38.95
N HIS E 831 -144.19 81.58 -38.53
CA HIS E 831 -144.37 82.52 -37.43
C HIS E 831 -143.92 82.06 -36.04
N PHE E 832 -144.20 80.80 -35.67
CA PHE E 832 -143.90 80.24 -34.35
C PHE E 832 -142.42 80.21 -33.89
N PRO E 833 -141.37 79.90 -34.66
CA PRO E 833 -140.00 79.93 -34.16
C PRO E 833 -139.47 81.31 -33.84
N HIS E 834 -138.71 81.42 -32.74
CA HIS E 834 -137.99 82.62 -32.35
C HIS E 834 -136.97 83.10 -33.37
N VAL E 835 -136.93 84.43 -33.62
CA VAL E 835 -135.96 85.01 -34.52
C VAL E 835 -134.88 85.69 -33.77
N PHE E 836 -133.64 85.25 -34.03
CA PHE E 836 -132.45 85.77 -33.43
C PHE E 836 -132.25 87.28 -33.66
N ILE E 837 -132.57 87.77 -34.87
CA ILE E 837 -132.41 89.15 -35.28
C ILE E 837 -133.68 90.00 -35.08
N GLN E 838 -134.75 89.47 -34.46
CA GLN E 838 -136.01 90.18 -34.27
C GLN E 838 -136.67 89.59 -33.03
N SER E 839 -136.02 89.71 -31.87
CA SER E 839 -136.41 89.04 -30.63
C SER E 839 -137.73 89.52 -30.05
N GLY E 840 -138.13 90.77 -30.35
CA GLY E 840 -139.42 91.34 -29.97
C GLY E 840 -140.57 90.98 -30.87
N ALA E 841 -140.35 90.20 -31.95
CA ALA E 841 -141.42 89.75 -32.82
C ALA E 841 -142.45 88.87 -32.12
N SER E 842 -143.76 89.14 -32.35
CA SER E 842 -144.84 88.36 -31.77
C SER E 842 -144.91 86.99 -32.39
N GLN E 843 -144.81 85.90 -31.58
CA GLN E 843 -144.85 84.53 -32.05
C GLN E 843 -146.22 83.94 -31.76
N ASN E 849 -147.05 78.50 -42.05
CA ASN E 849 -145.84 78.74 -42.79
C ASN E 849 -146.11 79.12 -44.23
N TRP E 850 -147.05 78.43 -44.91
CA TRP E 850 -147.72 78.85 -46.14
C TRP E 850 -147.91 80.37 -46.32
N SER E 851 -148.79 80.98 -45.49
CA SER E 851 -149.14 82.39 -45.53
C SER E 851 -147.98 83.28 -45.19
N ASP E 852 -147.15 82.86 -44.21
CA ASP E 852 -145.99 83.59 -43.75
C ASP E 852 -144.94 83.76 -44.82
N LEU E 853 -144.71 82.66 -45.55
CA LEU E 853 -143.80 82.55 -46.65
C LEU E 853 -144.19 83.37 -47.86
N ILE E 854 -145.50 83.44 -48.21
CA ILE E 854 -146.00 84.32 -49.26
C ILE E 854 -145.65 85.77 -49.00
N LYS E 855 -145.95 86.27 -47.78
CA LYS E 855 -145.69 87.64 -47.35
C LYS E 855 -144.22 87.99 -47.38
N ARG E 856 -143.37 87.04 -47.04
CA ARG E 856 -141.96 87.22 -47.21
C ARG E 856 -141.41 87.11 -48.64
N ILE E 857 -141.92 86.24 -49.52
CA ILE E 857 -141.52 86.23 -50.92
C ILE E 857 -141.90 87.51 -51.63
N THR E 858 -143.12 87.99 -51.36
CA THR E 858 -143.61 89.26 -51.85
C THR E 858 -142.77 90.43 -51.37
N ASN E 859 -142.22 90.34 -50.15
CA ASN E 859 -141.29 91.31 -49.62
C ASN E 859 -139.97 91.53 -50.31
N TYR E 860 -139.34 90.44 -50.74
CA TYR E 860 -137.95 90.47 -51.17
C TYR E 860 -137.80 91.14 -52.52
N LEU E 861 -138.86 91.05 -53.33
CA LEU E 861 -139.07 91.82 -54.52
C LEU E 861 -139.26 93.33 -54.26
N LEU E 862 -139.96 93.67 -53.16
CA LEU E 862 -140.46 95.01 -52.92
C LEU E 862 -139.55 95.86 -52.04
N GLN E 863 -138.97 95.31 -50.95
CA GLN E 863 -138.09 96.07 -50.08
C GLN E 863 -136.64 95.95 -50.51
N LEU E 864 -136.14 96.99 -51.20
CA LEU E 864 -134.77 97.07 -51.65
C LEU E 864 -134.05 98.18 -50.88
N LEU E 865 -132.76 97.95 -50.54
CA LEU E 865 -131.89 98.90 -49.86
C LEU E 865 -130.46 98.56 -50.32
N TRP E 866 -129.57 98.36 -49.34
CA TRP E 866 -128.24 97.78 -49.40
C TRP E 866 -128.15 96.34 -49.95
N PRO E 867 -129.01 95.33 -49.69
CA PRO E 867 -128.85 93.98 -50.23
C PRO E 867 -128.66 93.84 -51.74
N SER E 868 -127.98 92.76 -52.16
CA SER E 868 -127.77 92.36 -53.54
C SER E 868 -129.04 92.21 -54.38
N ASN E 869 -128.91 92.29 -55.72
CA ASN E 869 -130.01 92.11 -56.67
C ASN E 869 -130.75 90.76 -56.45
N PRO E 870 -132.07 90.72 -56.24
CA PRO E 870 -132.81 89.47 -56.08
C PRO E 870 -132.58 88.38 -57.10
N ASN E 871 -132.62 88.69 -58.41
CA ASN E 871 -132.35 87.72 -59.46
C ASN E 871 -130.96 87.11 -59.29
N PHE E 872 -129.96 87.93 -58.97
CA PHE E 872 -128.60 87.47 -58.80
C PHE E 872 -128.44 86.45 -57.67
N GLN E 873 -129.04 86.71 -56.51
CA GLN E 873 -129.04 85.76 -55.39
C GLN E 873 -129.73 84.45 -55.74
N PHE E 874 -130.91 84.53 -56.38
CA PHE E 874 -131.68 83.36 -56.78
C PHE E 874 -130.99 82.55 -57.86
N ALA E 875 -130.45 83.22 -58.89
CA ALA E 875 -129.70 82.61 -59.96
C ALA E 875 -128.43 81.92 -59.47
N GLU E 876 -127.72 82.48 -58.47
CA GLU E 876 -126.62 81.81 -57.80
C GLU E 876 -127.02 80.52 -57.09
N CYS E 877 -128.16 80.54 -56.35
CA CYS E 877 -128.73 79.34 -55.73
C CYS E 877 -129.09 78.25 -56.72
N LEU E 878 -129.65 78.64 -57.89
CA LEU E 878 -129.88 77.75 -59.02
C LEU E 878 -128.60 77.15 -59.57
N MET E 879 -127.56 77.97 -59.79
CA MET E 879 -126.26 77.55 -60.29
C MET E 879 -125.57 76.55 -59.38
N ARG E 880 -125.65 76.80 -58.06
CA ARG E 880 -125.12 75.95 -57.01
C ARG E 880 -125.75 74.56 -56.98
N ASN E 881 -127.04 74.45 -57.37
CA ASN E 881 -127.75 73.19 -57.46
C ASN E 881 -127.71 72.62 -58.88
N CYS E 882 -126.80 73.12 -59.75
CA CYS E 882 -126.50 72.60 -61.08
C CYS E 882 -127.61 72.83 -62.09
N GLN E 883 -128.43 73.86 -61.87
CA GLN E 883 -129.60 74.18 -62.68
C GLN E 883 -129.22 75.06 -63.86
N TYR E 884 -128.31 74.55 -64.72
CA TYR E 884 -127.68 75.29 -65.79
C TYR E 884 -128.62 75.82 -66.87
N THR E 885 -129.61 75.01 -67.32
CA THR E 885 -130.60 75.39 -68.33
C THR E 885 -131.46 76.53 -67.85
N GLN E 886 -131.90 76.44 -66.59
CA GLN E 886 -132.65 77.45 -65.90
C GLN E 886 -131.86 78.72 -65.70
N LEU E 887 -130.57 78.60 -65.32
CA LEU E 887 -129.65 79.72 -65.26
C LEU E 887 -129.47 80.40 -66.61
N GLN E 888 -129.30 79.61 -67.69
CA GLN E 888 -129.17 80.02 -69.08
C GLN E 888 -130.40 80.75 -69.62
N GLU E 889 -131.62 80.28 -69.25
CA GLU E 889 -132.89 80.90 -69.57
C GLU E 889 -132.99 82.32 -69.02
N TYR E 890 -132.51 82.53 -67.76
CA TYR E 890 -132.62 83.80 -67.07
C TYR E 890 -131.38 84.68 -67.21
N VAL E 891 -130.37 84.32 -68.05
CA VAL E 891 -129.11 85.04 -68.24
C VAL E 891 -129.30 86.49 -68.61
N ARG E 892 -130.26 86.79 -69.52
CA ARG E 892 -130.58 88.13 -69.95
C ARG E 892 -131.01 89.03 -68.81
N LEU E 893 -131.71 88.48 -67.80
CA LEU E 893 -132.18 89.26 -66.67
C LEU E 893 -131.04 89.63 -65.72
N LEU E 894 -129.88 88.94 -65.77
CA LEU E 894 -128.72 89.28 -64.92
C LEU E 894 -128.04 90.57 -65.36
N LEU E 895 -128.35 91.06 -66.57
CA LEU E 895 -128.00 92.37 -67.07
C LEU E 895 -129.27 93.23 -67.13
N PRO E 896 -129.50 94.22 -66.26
CA PRO E 896 -130.75 94.97 -66.34
C PRO E 896 -130.44 96.44 -66.26
N TRP E 897 -131.19 97.21 -65.45
CA TRP E 897 -130.93 98.60 -65.16
C TRP E 897 -129.54 98.80 -64.51
N CYS E 898 -128.80 99.86 -64.92
CA CYS E 898 -127.39 100.07 -64.58
C CYS E 898 -127.06 100.08 -63.09
N GLN E 899 -127.96 100.59 -62.23
CA GLN E 899 -127.77 100.62 -60.79
C GLN E 899 -127.79 99.24 -60.14
N VAL E 900 -128.32 98.21 -60.84
CA VAL E 900 -128.55 96.88 -60.30
C VAL E 900 -127.57 95.89 -60.91
N ASN E 901 -126.57 96.40 -61.66
CA ASN E 901 -125.65 95.60 -62.43
C ASN E 901 -124.28 95.64 -61.76
N VAL E 902 -123.78 94.49 -61.27
CA VAL E 902 -122.56 94.44 -60.47
C VAL E 902 -121.62 93.38 -61.04
N GLY E 903 -120.32 93.45 -60.68
CA GLY E 903 -119.28 92.53 -61.19
C GLY E 903 -119.53 91.08 -60.86
N SER E 904 -120.13 90.82 -59.70
CA SER E 904 -120.59 89.50 -59.26
C SER E 904 -121.65 88.90 -60.17
N CYS E 905 -122.60 89.71 -60.71
CA CYS E 905 -123.56 89.28 -61.73
C CYS E 905 -122.89 88.86 -63.03
N HIS E 906 -121.93 89.68 -63.50
CA HIS E 906 -121.17 89.40 -64.71
C HIS E 906 -120.29 88.15 -64.62
N PHE E 907 -119.68 87.92 -63.44
CA PHE E 907 -118.96 86.70 -63.12
C PHE E 907 -119.85 85.46 -63.16
N MET E 908 -121.13 85.59 -62.75
CA MET E 908 -122.14 84.56 -62.92
C MET E 908 -122.53 84.28 -64.36
N LEU E 909 -122.67 85.33 -65.20
CA LEU E 909 -122.89 85.19 -66.64
C LEU E 909 -121.79 84.35 -67.27
N ALA E 910 -120.53 84.65 -66.90
CA ALA E 910 -119.35 83.94 -67.35
C ALA E 910 -119.34 82.46 -67.00
N GLN E 911 -119.68 82.10 -65.74
CA GLN E 911 -119.82 80.70 -65.36
C GLN E 911 -120.96 79.98 -66.08
N CYS E 912 -122.12 80.64 -66.26
CA CYS E 912 -123.24 80.05 -66.97
C CYS E 912 -122.90 79.68 -68.39
N TYR E 913 -122.22 80.62 -69.08
CA TYR E 913 -121.69 80.40 -70.40
C TYR E 913 -120.65 79.29 -70.45
N LEU E 914 -119.76 79.14 -69.44
CA LEU E 914 -118.88 77.97 -69.36
C LEU E 914 -119.61 76.63 -69.24
N VAL E 915 -120.65 76.55 -68.37
CA VAL E 915 -121.44 75.34 -68.18
C VAL E 915 -122.24 74.96 -69.43
N ALA E 916 -122.75 75.97 -70.16
CA ALA E 916 -123.55 75.74 -71.35
C ALA E 916 -122.70 75.62 -72.62
N GLY E 917 -121.36 75.60 -72.49
CA GLY E 917 -120.43 75.40 -73.60
C GLY E 917 -120.11 76.62 -74.42
N GLU E 918 -120.68 77.77 -74.07
CA GLU E 918 -120.47 79.06 -74.71
C GLU E 918 -119.17 79.72 -74.27
N GLY E 919 -118.02 79.03 -74.45
CA GLY E 919 -116.73 79.43 -73.92
C GLY E 919 -116.21 80.77 -74.38
N HIS E 920 -116.58 81.19 -75.62
CA HIS E 920 -116.28 82.52 -76.13
C HIS E 920 -116.96 83.63 -75.33
N LYS E 921 -118.29 83.52 -75.12
CA LYS E 921 -119.07 84.50 -74.36
C LYS E 921 -118.67 84.56 -72.89
N ALA E 922 -118.27 83.39 -72.33
CA ALA E 922 -117.74 83.29 -71.00
C ALA E 922 -116.47 84.13 -70.80
N LEU E 923 -115.54 84.08 -71.77
CA LEU E 923 -114.34 84.89 -71.79
C LEU E 923 -114.61 86.37 -71.84
N ASP E 924 -115.56 86.82 -72.69
CA ASP E 924 -115.94 88.22 -72.81
C ASP E 924 -116.42 88.79 -71.48
N CYS E 925 -117.28 88.05 -70.76
CA CYS E 925 -117.71 88.39 -69.41
C CYS E 925 -116.61 88.40 -68.37
N PHE E 926 -115.70 87.39 -68.36
CA PHE E 926 -114.56 87.35 -67.46
C PHE E 926 -113.58 88.50 -67.68
N SER E 927 -113.31 88.87 -68.95
CA SER E 927 -112.43 89.98 -69.29
C SER E 927 -112.98 91.35 -68.93
N GLN E 928 -114.29 91.61 -69.17
CA GLN E 928 -114.89 92.88 -68.81
C GLN E 928 -115.10 93.10 -67.32
N ALA E 929 -115.48 92.05 -66.57
CA ALA E 929 -115.76 92.18 -65.16
C ALA E 929 -114.64 91.61 -64.31
N ALA E 930 -114.27 92.34 -63.24
CA ALA E 930 -113.29 91.87 -62.29
C ALA E 930 -113.97 91.55 -60.99
N SER E 931 -113.60 90.43 -60.34
CA SER E 931 -113.99 90.18 -58.97
C SER E 931 -112.87 90.61 -58.08
N GLU E 932 -113.02 91.80 -57.47
CA GLU E 932 -112.17 92.29 -56.41
C GLU E 932 -113.06 92.42 -55.19
N VAL E 933 -113.86 91.36 -54.95
CA VAL E 933 -114.76 91.25 -53.82
C VAL E 933 -114.29 90.06 -53.02
N GLU E 934 -113.18 90.23 -52.28
CA GLU E 934 -112.55 89.19 -51.50
C GLU E 934 -113.37 88.76 -50.29
N ARG E 935 -114.00 89.70 -49.57
CA ARG E 935 -114.83 89.40 -48.41
C ARG E 935 -116.32 89.55 -48.70
N GLU E 936 -116.96 88.65 -49.47
CA GLU E 936 -118.41 88.59 -49.51
C GLU E 936 -118.90 87.19 -49.19
N ASP E 937 -119.28 87.00 -47.91
CA ASP E 937 -119.76 85.79 -47.29
C ASP E 937 -121.02 85.20 -47.95
N PHE E 938 -121.87 86.06 -48.55
CA PHE E 938 -123.16 85.73 -49.11
C PHE E 938 -123.17 84.72 -50.25
N LEU E 939 -122.13 84.70 -51.09
CA LEU E 939 -122.13 83.86 -52.28
C LEU E 939 -121.16 82.71 -52.16
N GLU E 940 -121.68 81.47 -52.15
CA GLU E 940 -120.93 80.23 -52.18
C GLU E 940 -120.04 80.14 -53.42
N LYS E 941 -120.50 80.74 -54.53
CA LYS E 941 -119.75 80.89 -55.75
C LYS E 941 -118.41 81.62 -55.64
N LEU E 942 -118.30 82.60 -54.72
CA LEU E 942 -117.07 83.35 -54.55
C LEU E 942 -115.99 82.59 -53.81
N ILE E 943 -116.32 81.47 -53.11
CA ILE E 943 -115.41 80.69 -52.28
C ILE E 943 -114.12 80.34 -53.00
N ARG E 944 -114.22 79.84 -54.24
CA ARG E 944 -113.04 79.52 -55.03
C ARG E 944 -112.13 80.72 -55.32
N VAL E 945 -112.67 81.94 -55.53
CA VAL E 945 -111.88 83.16 -55.62
C VAL E 945 -111.25 83.44 -54.26
N GLU E 946 -112.08 83.44 -53.20
CA GLU E 946 -111.75 83.78 -51.83
C GLU E 946 -110.68 82.90 -51.17
N GLU E 947 -110.67 81.59 -51.46
CA GLU E 947 -109.63 80.65 -51.05
C GLU E 947 -108.24 81.08 -51.49
N GLY E 948 -108.13 81.73 -52.67
CA GLY E 948 -106.87 82.31 -53.12
C GLY E 948 -106.68 83.72 -52.65
N GLU E 949 -107.74 84.50 -52.44
CA GLU E 949 -107.64 85.85 -51.88
C GLU E 949 -107.15 85.86 -50.45
N SER E 950 -107.49 84.84 -49.65
CA SER E 950 -106.95 84.64 -48.31
C SER E 950 -105.43 84.41 -48.31
N VAL E 951 -104.90 83.72 -49.35
CA VAL E 951 -103.48 83.52 -49.64
C VAL E 951 -102.78 84.75 -50.23
N SER E 952 -103.44 85.48 -51.13
CA SER E 952 -102.79 86.30 -52.18
C SER E 952 -103.55 87.59 -52.47
N PRO E 953 -103.18 88.54 -53.38
CA PRO E 953 -103.99 89.73 -53.62
C PRO E 953 -104.61 89.73 -55.03
N ARG E 954 -104.62 90.84 -55.82
CA ARG E 954 -105.59 91.02 -56.90
C ARG E 954 -105.33 90.32 -58.23
N LEU E 955 -104.10 89.83 -58.44
CA LEU E 955 -103.75 89.02 -59.60
C LEU E 955 -104.44 87.65 -59.56
N GLN E 956 -104.99 87.33 -58.38
CA GLN E 956 -105.76 86.17 -58.05
C GLN E 956 -107.01 86.04 -58.86
N TYR E 957 -107.63 87.15 -59.31
CA TYR E 957 -108.76 87.06 -60.23
C TYR E 957 -108.41 86.32 -61.51
N TYR E 958 -107.32 86.71 -62.19
CA TYR E 958 -106.86 86.05 -63.39
C TYR E 958 -106.38 84.63 -63.12
N ASN E 959 -105.68 84.39 -61.99
CA ASN E 959 -105.29 83.06 -61.51
C ASN E 959 -106.49 82.14 -61.27
N ARG E 960 -107.60 82.69 -60.72
CA ARG E 960 -108.80 81.93 -60.57
C ARG E 960 -109.47 81.54 -61.87
N VAL E 961 -109.64 82.50 -62.81
CA VAL E 961 -110.26 82.26 -64.10
C VAL E 961 -109.43 81.30 -64.93
N LEU E 962 -108.08 81.43 -64.87
CA LEU E 962 -107.09 80.50 -65.39
C LEU E 962 -107.36 79.06 -64.98
N ARG E 963 -107.51 78.83 -63.67
CA ARG E 963 -107.87 77.53 -63.13
C ARG E 963 -109.27 77.07 -63.55
N LEU E 964 -110.28 77.95 -63.53
CA LEU E 964 -111.64 77.60 -63.93
C LEU E 964 -111.75 77.10 -65.36
N LEU E 965 -110.99 77.71 -66.28
CA LEU E 965 -110.95 77.29 -67.66
C LEU E 965 -110.12 76.03 -67.88
N GLU E 966 -109.18 75.69 -66.97
CA GLU E 966 -108.44 74.42 -66.93
C GLU E 966 -109.41 73.30 -66.60
N ASP E 967 -110.23 73.54 -65.56
CA ASP E 967 -111.25 72.65 -65.06
C ASP E 967 -112.29 72.27 -66.15
N VAL E 968 -112.66 73.21 -67.06
CA VAL E 968 -113.56 72.93 -68.20
C VAL E 968 -112.82 72.61 -69.50
N GLY E 969 -111.47 72.54 -69.54
CA GLY E 969 -110.76 72.10 -70.73
C GLY E 969 -110.70 73.07 -71.89
N LEU E 970 -110.51 74.38 -71.65
CA LEU E 970 -110.45 75.39 -72.72
C LEU E 970 -109.04 75.98 -72.93
N PRO E 971 -108.01 75.25 -73.34
CA PRO E 971 -106.62 75.57 -73.02
C PRO E 971 -105.99 76.77 -73.73
N GLU E 972 -106.58 77.40 -74.76
CA GLU E 972 -106.07 78.67 -75.26
C GLU E 972 -106.32 79.80 -74.27
N LEU E 973 -107.57 79.89 -73.79
CA LEU E 973 -108.03 80.92 -72.89
C LEU E 973 -107.37 80.83 -71.52
N VAL E 974 -107.06 79.61 -71.01
CA VAL E 974 -106.37 79.44 -69.73
C VAL E 974 -105.05 80.18 -69.72
N ILE E 975 -104.24 79.99 -70.77
CA ILE E 975 -102.89 80.46 -70.90
C ILE E 975 -102.78 81.96 -70.91
N GLN E 976 -103.70 82.61 -71.63
CA GLN E 976 -103.74 84.05 -71.73
C GLN E 976 -103.92 84.67 -70.36
N LEU E 977 -104.84 84.15 -69.53
CA LEU E 977 -105.03 84.56 -68.16
C LEU E 977 -103.88 84.31 -67.23
N ALA E 978 -103.12 83.21 -67.40
CA ALA E 978 -101.89 82.97 -66.66
C ALA E 978 -100.85 84.04 -66.91
N THR E 979 -100.68 84.41 -68.19
CA THR E 979 -99.87 85.55 -68.64
C THR E 979 -100.40 86.89 -68.14
N ILE E 980 -101.74 87.12 -68.16
CA ILE E 980 -102.35 88.32 -67.54
C ILE E 980 -102.06 88.38 -66.05
N ALA E 981 -102.19 87.25 -65.32
CA ALA E 981 -101.92 87.16 -63.90
C ALA E 981 -100.49 87.50 -63.49
N ILE E 982 -99.48 87.03 -64.26
CA ILE E 982 -98.09 87.47 -64.10
C ILE E 982 -97.92 88.95 -64.42
N GLY E 983 -98.53 89.47 -65.51
CA GLY E 983 -98.39 90.88 -65.90
C GLY E 983 -99.10 91.87 -65.01
N GLU E 984 -100.18 91.44 -64.34
CA GLU E 984 -100.90 92.18 -63.31
C GLU E 984 -100.13 92.19 -61.97
N ALA E 985 -99.24 91.21 -61.77
CA ALA E 985 -98.53 91.04 -60.52
C ALA E 985 -97.60 92.18 -60.12
N ARG E 990 -93.81 84.16 -51.76
CA ARG E 990 -94.44 82.86 -51.64
C ARG E 990 -95.54 82.65 -52.65
N SER E 991 -96.35 83.70 -52.89
CA SER E 991 -97.32 83.73 -53.97
C SER E 991 -96.69 83.55 -55.34
N GLN E 992 -95.54 84.22 -55.65
CA GLN E 992 -94.80 84.03 -56.89
C GLN E 992 -94.36 82.58 -57.10
N ALA E 993 -93.84 81.94 -56.04
CA ALA E 993 -93.47 80.54 -56.06
C ALA E 993 -94.66 79.59 -56.27
N ALA E 994 -95.80 79.83 -55.60
CA ALA E 994 -97.02 79.07 -55.79
C ALA E 994 -97.61 79.21 -57.19
N LEU E 995 -97.69 80.45 -57.72
CA LEU E 995 -98.16 80.72 -59.08
C LEU E 995 -97.29 80.10 -60.15
N ARG E 996 -95.96 80.20 -59.97
CA ARG E 996 -94.97 79.59 -60.84
C ARG E 996 -95.01 78.06 -60.86
N THR E 997 -95.21 77.39 -59.70
CA THR E 997 -95.44 75.94 -59.68
C THR E 997 -96.75 75.53 -60.32
N ARG E 998 -97.82 76.35 -60.22
CA ARG E 998 -99.02 76.19 -61.03
C ARG E 998 -98.73 76.32 -62.51
N ILE E 999 -97.98 77.36 -62.97
CA ILE E 999 -97.60 77.57 -64.36
C ILE E 999 -96.97 76.34 -64.99
N PHE E 1000 -96.05 75.65 -64.28
CA PHE E 1000 -95.51 74.39 -64.75
C PHE E 1000 -96.58 73.32 -64.97
N LYS E 1001 -97.47 73.07 -63.99
CA LYS E 1001 -98.50 72.03 -64.05
C LYS E 1001 -99.49 72.29 -65.18
N HIS E 1002 -100.02 73.51 -65.22
CA HIS E 1002 -100.97 73.96 -66.20
C HIS E 1002 -100.44 74.02 -67.63
N HIS E 1003 -99.21 74.53 -67.83
CA HIS E 1003 -98.57 74.58 -69.14
C HIS E 1003 -98.28 73.18 -69.70
N LEU E 1004 -97.86 72.24 -68.82
CA LEU E 1004 -97.60 70.86 -69.16
C LEU E 1004 -98.83 70.12 -69.69
N ASP E 1005 -99.98 70.23 -68.99
CA ASP E 1005 -101.24 69.62 -69.37
C ASP E 1005 -101.79 70.07 -70.70
N MET E 1006 -101.71 71.38 -71.03
CA MET E 1006 -102.11 71.86 -72.34
C MET E 1006 -101.20 71.47 -73.48
N ALA E 1012 -95.91 82.58 -73.65
CA ALA E 1012 -95.97 83.99 -73.90
C ALA E 1012 -94.59 84.67 -73.93
N TYR E 1013 -93.79 84.44 -74.98
CA TYR E 1013 -92.43 84.94 -75.11
C TYR E 1013 -92.24 86.43 -75.12
N ASP E 1014 -93.07 87.17 -75.85
CA ASP E 1014 -92.98 88.61 -75.86
C ASP E 1014 -93.32 89.18 -74.49
N ALA E 1015 -94.25 88.54 -73.75
CA ALA E 1015 -94.49 88.81 -72.34
C ALA E 1015 -93.32 88.45 -71.43
N LEU E 1016 -92.61 87.31 -71.70
CA LEU E 1016 -91.35 86.97 -71.03
C LEU E 1016 -90.31 88.07 -71.23
N THR E 1017 -90.08 88.52 -72.47
CA THR E 1017 -89.17 89.63 -72.84
C THR E 1017 -89.60 90.95 -72.24
N GLN E 1018 -90.92 91.24 -72.22
CA GLN E 1018 -91.45 92.40 -71.53
C GLN E 1018 -91.29 92.39 -70.00
N ILE E 1019 -90.68 91.37 -69.36
CA ILE E 1019 -90.40 91.41 -67.92
C ILE E 1019 -88.97 91.86 -67.59
N PRO E 1020 -87.86 91.40 -68.19
CA PRO E 1020 -86.52 91.89 -67.90
C PRO E 1020 -86.21 93.32 -68.26
N ASP E 1021 -86.77 93.82 -69.37
CA ASP E 1021 -86.61 95.20 -69.83
C ASP E 1021 -87.13 96.22 -68.77
N PRO E 1022 -88.30 96.09 -68.13
CA PRO E 1022 -88.71 97.01 -67.08
C PRO E 1022 -87.87 96.94 -65.82
N SER E 1023 -87.49 95.74 -65.38
CA SER E 1023 -86.87 95.60 -64.07
C SER E 1023 -86.17 94.27 -63.92
N ARG E 1024 -85.39 94.08 -62.83
CA ARG E 1024 -84.56 92.90 -62.63
C ARG E 1024 -85.31 91.64 -62.19
N GLN E 1025 -86.48 91.35 -62.79
CA GLN E 1025 -87.25 90.15 -62.54
C GLN E 1025 -86.86 89.05 -63.53
N LEU E 1026 -85.55 88.92 -63.83
CA LEU E 1026 -84.94 87.92 -64.71
C LEU E 1026 -85.20 86.50 -64.25
N ASP E 1027 -85.24 86.28 -62.93
CA ASP E 1027 -85.57 85.04 -62.28
C ASP E 1027 -86.95 84.50 -62.62
N CYS E 1028 -87.94 85.40 -62.86
CA CYS E 1028 -89.23 85.00 -63.39
C CYS E 1028 -89.09 84.35 -64.76
N LEU E 1029 -88.33 84.98 -65.68
CA LEU E 1029 -88.05 84.40 -66.98
C LEU E 1029 -87.28 83.10 -66.86
N ARG E 1030 -86.24 83.04 -65.99
CA ARG E 1030 -85.46 81.83 -65.78
C ARG E 1030 -86.28 80.63 -65.35
N GLN E 1031 -87.18 80.77 -64.34
CA GLN E 1031 -88.01 79.66 -63.93
C GLN E 1031 -89.12 79.33 -64.92
N LEU E 1032 -89.78 80.36 -65.51
CA LEU E 1032 -90.79 80.16 -66.53
C LEU E 1032 -90.27 79.54 -67.83
N VAL E 1033 -89.13 80.04 -68.30
CA VAL E 1033 -88.52 79.53 -69.53
C VAL E 1033 -88.20 78.04 -69.40
N VAL E 1034 -87.60 77.67 -68.28
CA VAL E 1034 -87.25 76.27 -68.05
C VAL E 1034 -88.48 75.39 -68.02
N VAL E 1035 -89.54 75.89 -67.38
CA VAL E 1035 -90.79 75.15 -67.29
C VAL E 1035 -91.37 74.96 -68.68
N LEU E 1036 -91.29 76.00 -69.50
CA LEU E 1036 -91.80 75.93 -70.86
C LEU E 1036 -91.01 74.89 -71.65
N CYS E 1037 -89.70 74.87 -71.45
CA CYS E 1037 -88.84 73.91 -72.14
C CYS E 1037 -89.22 72.49 -71.73
N GLU E 1038 -89.50 72.31 -70.45
CA GLU E 1038 -89.89 71.01 -69.92
C GLU E 1038 -91.21 70.57 -70.54
N ARG E 1039 -92.13 71.51 -70.69
CA ARG E 1039 -93.44 71.22 -71.28
C ARG E 1039 -93.30 70.35 -72.53
N LEU E 1042 -88.23 75.16 -80.66
CA LEU E 1042 -87.19 75.35 -79.66
C LEU E 1042 -86.18 76.39 -80.11
N GLN E 1043 -86.16 76.66 -81.42
CA GLN E 1043 -85.24 77.65 -81.98
C GLN E 1043 -85.52 79.05 -81.43
N ASP E 1044 -86.80 79.38 -81.30
CA ASP E 1044 -87.21 80.68 -80.77
C ASP E 1044 -86.74 80.87 -79.34
N LEU E 1045 -86.84 79.82 -78.54
CA LEU E 1045 -86.43 79.86 -77.14
C LEU E 1045 -85.04 80.48 -77.00
N VAL E 1046 -84.10 80.01 -77.81
CA VAL E 1046 -82.73 80.51 -77.77
C VAL E 1046 -82.60 81.92 -78.33
N GLU E 1047 -83.48 82.34 -79.26
CA GLU E 1047 -83.53 83.72 -79.72
C GLU E 1047 -83.91 84.73 -78.65
N PHE E 1048 -84.84 84.42 -77.73
CA PHE E 1048 -85.13 85.31 -76.61
C PHE E 1048 -83.95 85.59 -75.64
N PRO E 1049 -83.03 84.69 -75.22
CA PRO E 1049 -81.78 85.01 -74.55
C PRO E 1049 -80.80 85.88 -75.31
N TYR E 1050 -81.06 86.22 -76.58
CA TYR E 1050 -80.38 87.34 -77.20
C TYR E 1050 -80.84 88.69 -76.60
N VAL E 1051 -82.15 88.84 -76.28
CA VAL E 1051 -82.71 89.99 -75.61
C VAL E 1051 -82.28 90.09 -74.15
N ASN E 1052 -82.29 88.95 -73.43
CA ASN E 1052 -81.83 88.85 -72.05
C ASN E 1052 -80.35 89.25 -71.90
N LEU E 1053 -79.98 89.97 -70.83
CA LEU E 1053 -78.61 90.45 -70.68
C LEU E 1053 -77.56 89.35 -70.59
N HIS E 1054 -76.40 89.51 -71.27
CA HIS E 1054 -75.42 88.45 -71.44
C HIS E 1054 -74.84 87.94 -70.13
N ASN E 1055 -74.65 88.81 -69.12
CA ASN E 1055 -74.24 88.42 -67.78
C ASN E 1055 -75.19 87.40 -67.14
N GLU E 1056 -76.51 87.64 -67.23
CA GLU E 1056 -77.54 86.72 -66.78
C GLU E 1056 -77.58 85.47 -67.63
N VAL E 1057 -77.51 85.62 -68.97
CA VAL E 1057 -77.53 84.53 -69.94
C VAL E 1057 -76.38 83.57 -69.72
N VAL E 1058 -75.15 84.06 -69.45
CA VAL E 1058 -74.03 83.21 -69.11
C VAL E 1058 -74.29 82.39 -67.85
N GLY E 1059 -74.84 82.99 -66.77
CA GLY E 1059 -75.12 82.24 -65.54
C GLY E 1059 -76.27 81.27 -65.64
N ILE E 1060 -77.36 81.67 -66.33
CA ILE E 1060 -78.51 80.82 -66.62
C ILE E 1060 -78.17 79.70 -67.59
N ILE E 1061 -77.47 79.99 -68.71
CA ILE E 1061 -77.09 78.98 -69.68
C ILE E 1061 -76.02 78.03 -69.16
N GLU E 1062 -74.99 78.48 -68.39
CA GLU E 1062 -74.06 77.60 -67.70
C GLU E 1062 -74.77 76.71 -66.67
N SER E 1063 -75.69 77.27 -65.86
CA SER E 1063 -76.53 76.47 -64.96
C SER E 1063 -77.41 75.47 -65.68
N ARG E 1064 -78.00 75.88 -66.82
CA ARG E 1064 -78.70 74.99 -67.72
C ARG E 1064 -77.79 73.93 -68.33
N ALA E 1065 -76.56 74.26 -68.76
CA ALA E 1065 -75.57 73.34 -69.31
C ALA E 1065 -75.11 72.27 -68.34
N ARG E 1066 -74.94 72.62 -67.06
CA ARG E 1066 -74.74 71.65 -66.00
C ARG E 1066 -75.93 70.71 -65.79
N ALA E 1067 -77.17 71.22 -65.98
CA ALA E 1067 -78.36 70.40 -66.05
C ALA E 1067 -78.48 69.58 -67.35
N VAL E 1068 -77.89 70.03 -68.48
CA VAL E 1068 -77.78 69.33 -69.77
C VAL E 1068 -76.97 68.04 -69.63
N ASP E 1069 -75.98 68.01 -68.70
CA ASP E 1069 -75.28 66.80 -68.28
C ASP E 1069 -76.17 65.79 -67.52
N LEU E 1070 -77.48 65.75 -67.85
CA LEU E 1070 -78.55 64.91 -67.35
C LEU E 1070 -78.38 63.45 -67.76
N MET E 1071 -77.57 63.24 -68.83
CA MET E 1071 -77.33 61.95 -69.47
C MET E 1071 -78.53 61.51 -70.29
N THR E 1072 -79.31 62.50 -70.76
CA THR E 1072 -80.47 62.33 -71.61
C THR E 1072 -80.10 62.00 -73.04
N HIS E 1073 -81.04 61.37 -73.80
CA HIS E 1073 -80.92 61.15 -75.23
C HIS E 1073 -81.10 62.42 -76.03
N ASN E 1074 -81.43 63.56 -75.38
CA ASN E 1074 -81.44 64.86 -76.03
C ASN E 1074 -80.03 65.36 -76.33
N TYR E 1075 -79.44 64.86 -77.43
CA TYR E 1075 -78.16 65.28 -77.99
C TYR E 1075 -78.14 66.76 -78.36
N TYR E 1076 -79.31 67.29 -78.76
CA TYR E 1076 -79.50 68.66 -79.23
C TYR E 1076 -79.14 69.71 -78.19
N GLU E 1077 -79.38 69.45 -76.90
CA GLU E 1077 -79.07 70.36 -75.81
C GLU E 1077 -77.60 70.78 -75.74
N LEU E 1078 -76.66 69.86 -76.04
CA LEU E 1078 -75.25 70.14 -76.24
C LEU E 1078 -74.98 71.06 -77.43
N LEU E 1079 -75.64 70.84 -78.58
CA LEU E 1079 -75.52 71.68 -79.77
C LEU E 1079 -76.06 73.10 -79.56
N TYR E 1080 -77.22 73.25 -78.89
CA TYR E 1080 -77.74 74.55 -78.52
C TYR E 1080 -76.91 75.26 -77.46
N ALA E 1081 -76.27 74.52 -76.52
CA ALA E 1081 -75.25 75.07 -75.65
C ALA E 1081 -74.03 75.57 -76.43
N PHE E 1082 -73.56 74.81 -77.44
CA PHE E 1082 -72.50 75.20 -78.37
C PHE E 1082 -72.83 76.49 -79.12
N HIS E 1083 -74.08 76.69 -79.56
CA HIS E 1083 -74.52 77.96 -80.13
C HIS E 1083 -74.45 79.15 -79.17
N ILE E 1084 -74.85 78.99 -77.89
CA ILE E 1084 -74.65 80.03 -76.87
C ILE E 1084 -73.17 80.26 -76.58
N TYR E 1085 -72.35 79.20 -76.53
CA TYR E 1085 -70.92 79.34 -76.45
C TYR E 1085 -70.33 80.08 -77.64
N ARG E 1086 -70.85 79.86 -78.88
CA ARG E 1086 -70.50 80.54 -80.12
C ARG E 1086 -70.64 82.05 -80.04
N HIS E 1087 -71.73 82.53 -79.41
CA HIS E 1087 -72.00 83.92 -79.06
C HIS E 1087 -70.98 84.50 -78.10
N ASN E 1088 -70.58 83.72 -77.07
CA ASN E 1088 -69.56 84.10 -76.10
C ASN E 1088 -68.13 83.80 -76.60
N TYR E 1089 -67.21 83.43 -75.65
CA TYR E 1089 -65.81 83.15 -75.91
C TYR E 1089 -65.55 81.77 -76.54
N ARG E 1090 -66.60 80.92 -76.65
CA ARG E 1090 -66.58 79.61 -77.31
C ARG E 1090 -65.83 78.49 -76.61
N LYS E 1091 -64.98 78.81 -75.62
CA LYS E 1091 -64.09 77.90 -74.93
C LYS E 1091 -64.76 76.67 -74.32
N ALA E 1092 -65.91 76.88 -73.67
CA ALA E 1092 -66.58 75.81 -72.97
C ALA E 1092 -67.28 74.81 -73.88
N GLY E 1093 -67.57 75.14 -75.16
CA GLY E 1093 -68.24 74.18 -76.06
C GLY E 1093 -67.40 72.98 -76.38
N SER E 1094 -66.09 73.20 -76.53
CA SER E 1094 -65.11 72.14 -76.68
C SER E 1094 -65.02 71.22 -75.48
N VAL E 1095 -65.03 71.79 -74.25
CA VAL E 1095 -64.96 70.99 -73.03
C VAL E 1095 -66.22 70.15 -72.81
N MET E 1096 -67.41 70.72 -73.08
CA MET E 1096 -68.69 70.03 -73.04
C MET E 1096 -68.77 68.86 -74.02
N PHE E 1097 -68.19 69.02 -75.23
CA PHE E 1097 -68.07 67.91 -76.17
C PHE E 1097 -67.24 66.75 -75.65
N GLU E 1098 -66.06 66.97 -75.05
CA GLU E 1098 -65.27 65.89 -74.45
C GLU E 1098 -65.99 65.20 -73.29
N TYR E 1099 -66.72 65.97 -72.46
CA TYR E 1099 -67.58 65.41 -71.43
C TYR E 1099 -68.66 64.49 -71.98
N GLY E 1100 -69.35 64.90 -73.06
CA GLY E 1100 -70.33 64.07 -73.76
C GLY E 1100 -69.74 62.87 -74.46
N MET E 1101 -68.50 62.99 -74.99
CA MET E 1101 -67.75 61.88 -75.52
C MET E 1101 -67.43 60.83 -74.47
N ARG E 1102 -66.98 61.27 -73.27
CA ARG E 1102 -66.64 60.38 -72.17
C ARG E 1102 -67.81 59.54 -71.71
N LEU E 1103 -68.99 60.15 -71.48
CA LEU E 1103 -70.20 59.43 -71.11
C LEU E 1103 -70.63 58.44 -72.18
N GLY E 1104 -70.56 58.83 -73.47
CA GLY E 1104 -70.87 57.94 -74.59
C GLY E 1104 -69.91 56.79 -74.78
N ARG E 1105 -68.63 56.95 -74.39
CA ARG E 1105 -67.68 55.85 -74.31
C ARG E 1105 -67.97 54.88 -73.16
N GLU E 1106 -68.34 55.42 -71.98
CA GLU E 1106 -68.57 54.63 -70.77
C GLU E 1106 -69.73 53.65 -70.81
N VAL E 1107 -70.88 54.03 -71.41
CA VAL E 1107 -72.05 53.16 -71.47
C VAL E 1107 -71.84 51.89 -72.30
N ARG E 1108 -71.30 51.99 -73.53
CA ARG E 1108 -71.07 50.82 -74.36
C ARG E 1108 -70.18 51.17 -75.55
N THR E 1109 -69.66 50.16 -76.28
CA THR E 1109 -68.66 50.34 -77.32
C THR E 1109 -69.16 49.96 -78.72
N LEU E 1110 -68.22 49.71 -79.65
CA LEU E 1110 -68.40 49.21 -81.02
C LEU E 1110 -69.00 50.19 -82.01
N ARG E 1111 -70.34 50.32 -82.09
CA ARG E 1111 -70.98 51.26 -83.02
C ARG E 1111 -70.76 52.71 -82.61
N GLY E 1112 -70.28 52.91 -81.37
CA GLY E 1112 -69.83 54.21 -80.89
C GLY E 1112 -68.54 54.66 -81.53
N LEU E 1113 -67.75 53.78 -82.19
CA LEU E 1113 -66.50 54.18 -82.84
C LEU E 1113 -66.68 55.21 -83.93
N GLN E 1114 -67.67 55.04 -84.84
CA GLN E 1114 -68.00 56.01 -85.88
C GLN E 1114 -68.47 57.33 -85.31
N LYS E 1115 -69.26 57.29 -84.20
CA LYS E 1115 -69.62 58.47 -83.44
C LYS E 1115 -68.42 59.17 -82.82
N GLN E 1116 -67.45 58.43 -82.25
CA GLN E 1116 -66.19 58.99 -81.76
C GLN E 1116 -65.36 59.65 -82.86
N VAL E 1117 -65.36 59.11 -84.11
CA VAL E 1117 -64.76 59.78 -85.27
C VAL E 1117 -65.40 61.14 -85.55
N ASN E 1118 -66.75 61.21 -85.55
CA ASN E 1118 -67.50 62.45 -85.71
C ASN E 1118 -67.22 63.45 -84.60
N SER E 1119 -67.11 62.95 -83.35
CA SER E 1119 -66.69 63.74 -82.21
C SER E 1119 -65.27 64.28 -82.30
N TYR E 1120 -64.29 63.50 -82.81
CA TYR E 1120 -62.95 63.98 -83.11
C TYR E 1120 -62.98 65.09 -84.16
N LEU E 1121 -63.79 64.94 -85.23
CA LEU E 1121 -63.99 65.98 -86.23
C LEU E 1121 -64.58 67.26 -85.64
N ALA E 1122 -65.58 67.13 -84.74
CA ALA E 1122 -66.13 68.25 -84.01
C ALA E 1122 -65.12 68.95 -83.11
N CYS E 1123 -64.35 68.21 -82.29
CA CYS E 1123 -63.29 68.76 -81.46
C CYS E 1123 -62.17 69.42 -82.25
N LEU E 1124 -61.74 68.82 -83.38
CA LEU E 1124 -60.77 69.41 -84.28
C LEU E 1124 -61.25 70.72 -84.92
N ASN E 1125 -62.52 70.77 -85.38
CA ASN E 1125 -63.12 72.00 -85.88
C ASN E 1125 -63.23 73.09 -84.81
N CYS E 1126 -63.65 72.74 -83.58
CA CYS E 1126 -63.69 73.66 -82.46
C CYS E 1126 -62.33 74.20 -82.05
N LEU E 1127 -61.27 73.36 -82.08
CA LEU E 1127 -59.88 73.79 -81.91
C LEU E 1127 -59.42 74.77 -82.99
N ARG E 1128 -59.78 74.54 -84.27
CA ARG E 1128 -59.48 75.48 -85.35
C ARG E 1128 -60.18 76.82 -85.20
N LEU E 1129 -61.45 76.83 -84.71
CA LEU E 1129 -62.16 78.04 -84.34
C LEU E 1129 -61.46 78.84 -83.23
N ILE E 1130 -60.94 78.14 -82.19
CA ILE E 1130 -60.28 78.77 -81.05
C ILE E 1130 -58.79 78.46 -81.05
N ARG E 1131 -58.09 78.98 -82.09
CA ARG E 1131 -56.66 78.79 -82.26
C ARG E 1131 -55.73 79.35 -81.18
N PRO E 1132 -55.81 80.56 -80.61
CA PRO E 1132 -54.74 81.04 -79.73
C PRO E 1132 -55.06 80.83 -78.26
N GLU E 1133 -56.35 80.69 -77.90
CA GLU E 1133 -56.76 80.66 -76.51
C GLU E 1133 -56.82 79.25 -75.97
N TYR E 1134 -56.48 79.09 -74.68
CA TYR E 1134 -56.51 77.81 -74.00
C TYR E 1134 -57.77 77.70 -73.15
N ALA E 1135 -58.19 76.45 -72.87
CA ALA E 1135 -59.39 76.14 -72.12
C ALA E 1135 -59.11 74.87 -71.35
N TRP E 1136 -59.59 74.79 -70.09
CA TRP E 1136 -59.22 73.74 -69.16
C TRP E 1136 -60.42 72.92 -68.79
N ILE E 1137 -60.17 71.62 -68.56
CA ILE E 1137 -61.17 70.63 -68.19
C ILE E 1137 -61.11 70.42 -66.68
N VAL E 1138 -62.26 70.14 -66.03
CA VAL E 1138 -62.27 69.79 -64.62
C VAL E 1138 -63.27 68.66 -64.46
N GLN E 1139 -62.87 67.53 -63.79
CA GLN E 1139 -63.66 66.31 -63.65
C GLN E 1139 -63.88 65.63 -65.04
N SER E 1168 -56.37 68.73 -65.98
CA SER E 1168 -56.86 70.04 -66.35
C SER E 1168 -56.40 70.48 -67.71
N GLN E 1169 -55.11 70.24 -68.01
CA GLN E 1169 -54.44 70.58 -69.24
C GLN E 1169 -54.77 69.60 -70.38
N ILE E 1170 -56.07 69.54 -70.75
CA ILE E 1170 -56.59 68.64 -71.77
C ILE E 1170 -56.77 69.43 -73.05
N GLU E 1171 -55.83 70.35 -73.33
CA GLU E 1171 -55.77 71.06 -74.58
C GLU E 1171 -55.16 70.19 -75.71
N ILE E 1172 -54.30 70.79 -76.55
CA ILE E 1172 -53.76 70.24 -77.79
C ILE E 1172 -53.03 68.91 -77.63
N LEU E 1173 -52.29 68.69 -76.52
CA LEU E 1173 -51.62 67.43 -76.32
C LEU E 1173 -52.55 66.22 -76.21
N GLU E 1174 -53.60 66.27 -75.36
CA GLU E 1174 -54.59 65.20 -75.25
C GLU E 1174 -55.43 65.06 -76.53
N LEU E 1175 -55.69 66.16 -77.25
CA LEU E 1175 -56.30 66.09 -78.58
C LEU E 1175 -55.47 65.27 -79.59
N ARG E 1176 -54.12 65.38 -79.54
CA ARG E 1176 -53.23 64.46 -80.24
C ARG E 1176 -53.31 63.01 -79.75
N ASP E 1177 -53.57 62.75 -78.46
CA ASP E 1177 -53.85 61.43 -77.93
C ASP E 1177 -55.20 60.85 -78.38
N LEU E 1178 -56.27 61.68 -78.48
CA LEU E 1178 -57.52 61.30 -79.13
C LEU E 1178 -57.35 60.93 -80.60
N GLU E 1179 -56.45 61.64 -81.32
CA GLU E 1179 -56.05 61.29 -82.68
C GLU E 1179 -55.39 59.91 -82.76
N LYS E 1180 -54.54 59.55 -81.77
CA LYS E 1180 -54.01 58.20 -81.64
C LYS E 1180 -55.10 57.16 -81.41
N GLU E 1181 -56.12 57.44 -80.56
CA GLU E 1181 -57.28 56.58 -80.38
C GLU E 1181 -58.06 56.35 -81.68
N TYR E 1182 -58.23 57.41 -82.50
CA TYR E 1182 -58.80 57.30 -83.84
C TYR E 1182 -57.99 56.39 -84.76
N VAL E 1183 -56.65 56.55 -84.81
CA VAL E 1183 -55.78 55.69 -85.62
C VAL E 1183 -55.81 54.23 -85.16
N LEU E 1184 -55.87 53.97 -83.83
CA LEU E 1184 -56.10 52.64 -83.30
C LEU E 1184 -57.43 52.05 -83.74
N ALA E 1185 -58.52 52.83 -83.74
CA ALA E 1185 -59.80 52.43 -84.29
C ALA E 1185 -59.78 52.13 -85.79
N GLN E 1186 -59.11 52.97 -86.60
CA GLN E 1186 -58.93 52.73 -88.03
C GLN E 1186 -58.21 51.43 -88.35
N THR E 1187 -57.10 51.15 -87.63
CA THR E 1187 -56.35 49.90 -87.77
C THR E 1187 -57.16 48.70 -87.38
N ARG E 1188 -57.92 48.76 -86.26
CA ARG E 1188 -58.82 47.68 -85.86
C ARG E 1188 -59.90 47.39 -86.89
N LEU E 1189 -60.53 48.44 -87.48
CA LEU E 1189 -61.48 48.27 -88.56
C LEU E 1189 -60.88 47.68 -89.82
N THR E 1190 -59.68 48.12 -90.25
CA THR E 1190 -58.97 47.53 -91.38
C THR E 1190 -58.58 46.08 -91.18
N LEU E 1191 -58.10 45.70 -89.97
CA LEU E 1191 -57.87 44.30 -89.62
C LEU E 1191 -59.17 43.48 -89.66
N ALA E 1192 -60.28 44.05 -89.14
CA ALA E 1192 -61.59 43.45 -89.19
C ALA E 1192 -62.11 43.22 -90.61
N LYS E 1193 -61.85 44.16 -91.54
CA LYS E 1193 -62.18 44.02 -92.96
C LYS E 1193 -61.35 42.98 -93.70
N HIS E 1194 -60.16 42.60 -93.19
CA HIS E 1194 -59.32 41.58 -93.82
C HIS E 1194 -59.67 40.17 -93.35
N ASN E 1195 -60.48 40.03 -92.28
CA ASN E 1195 -60.97 38.75 -91.81
C ASN E 1195 -62.06 38.04 -92.66
N PRO E 1196 -63.13 38.64 -93.19
CA PRO E 1196 -64.05 37.97 -94.12
C PRO E 1196 -63.58 37.96 -95.56
N ALA F 9 -112.04 63.93 -104.64
CA ALA F 9 -113.34 64.14 -103.94
C ALA F 9 -113.30 65.42 -103.17
N THR F 10 -112.85 65.36 -101.91
CA THR F 10 -112.60 66.52 -101.10
C THR F 10 -111.13 66.86 -101.21
N TYR F 11 -110.75 68.10 -100.85
CA TYR F 11 -109.35 68.46 -100.74
C TYR F 11 -109.11 68.85 -99.31
N THR F 12 -107.98 68.42 -98.75
CA THR F 12 -107.72 68.52 -97.32
C THR F 12 -106.36 69.12 -97.14
N VAL F 13 -106.20 69.98 -96.11
CA VAL F 13 -104.91 70.53 -95.75
C VAL F 13 -104.83 70.52 -94.25
N ASP F 14 -103.68 70.14 -93.66
CA ASP F 14 -103.43 70.33 -92.25
C ASP F 14 -103.30 71.81 -91.90
N CYS F 15 -103.73 72.23 -90.70
CA CYS F 15 -103.56 73.61 -90.26
C CYS F 15 -102.98 73.67 -88.87
N GLU F 16 -101.96 74.52 -88.65
CA GLU F 16 -101.32 74.70 -87.36
C GLU F 16 -102.23 75.34 -86.30
N ASP F 17 -102.91 76.44 -86.65
CA ASP F 17 -103.81 77.16 -85.77
C ASP F 17 -105.17 77.33 -86.42
N TYR F 18 -106.27 77.23 -85.65
CA TYR F 18 -107.59 77.32 -86.23
C TYR F 18 -108.58 77.98 -85.25
N VAL F 19 -109.58 78.71 -85.76
CA VAL F 19 -110.70 79.27 -85.02
C VAL F 19 -111.84 79.29 -86.04
N HIS F 20 -112.34 80.48 -86.43
CA HIS F 20 -113.43 80.70 -87.36
C HIS F 20 -112.99 80.72 -88.81
N VAL F 21 -113.90 80.40 -89.74
CA VAL F 21 -113.63 80.35 -91.16
C VAL F 21 -114.66 81.20 -91.88
N VAL F 22 -114.19 82.13 -92.73
CA VAL F 22 -115.07 82.93 -93.57
C VAL F 22 -114.58 82.80 -95.01
N GLU F 23 -115.49 82.98 -95.97
CA GLU F 23 -115.21 82.89 -97.39
C GLU F 23 -115.44 84.25 -97.99
N PHE F 24 -114.78 84.55 -99.10
CA PHE F 24 -114.68 85.92 -99.53
C PHE F 24 -115.72 86.18 -100.59
N ASN F 25 -116.70 87.03 -100.23
CA ASN F 25 -117.85 87.35 -101.03
C ASN F 25 -118.02 88.85 -101.29
N PRO F 26 -117.62 89.83 -100.47
CA PRO F 26 -118.03 91.21 -100.71
C PRO F 26 -117.44 91.93 -101.91
N GLY F 33 -111.58 87.06 -105.20
CA GLY F 33 -112.84 86.45 -104.75
C GLY F 33 -112.82 84.96 -104.49
N SER F 34 -111.72 84.27 -104.79
CA SER F 34 -111.55 82.85 -104.54
C SER F 34 -110.49 82.67 -103.47
N LEU F 35 -110.68 83.22 -102.27
CA LEU F 35 -109.69 83.17 -101.20
C LEU F 35 -110.43 82.97 -99.87
N LEU F 36 -109.71 82.51 -98.82
CA LEU F 36 -110.32 82.05 -97.58
C LEU F 36 -109.52 82.48 -96.37
N ALA F 37 -110.21 82.76 -95.24
CA ALA F 37 -109.57 83.33 -94.08
C ALA F 37 -109.83 82.46 -92.89
N TYR F 38 -108.74 82.09 -92.23
CA TYR F 38 -108.79 81.23 -91.10
C TYR F 38 -108.43 82.06 -89.92
N GLY F 39 -109.40 82.37 -89.04
CA GLY F 39 -109.14 82.86 -87.71
C GLY F 39 -108.23 81.93 -86.96
N GLY F 40 -107.29 82.43 -86.15
CA GLY F 40 -106.31 81.59 -85.46
C GLY F 40 -105.94 82.26 -84.18
N ILE F 41 -105.07 81.61 -83.38
CA ILE F 41 -104.57 82.20 -82.15
C ILE F 41 -103.67 83.40 -82.41
N SER F 42 -102.71 83.31 -83.37
CA SER F 42 -101.82 84.41 -83.67
C SER F 42 -102.51 85.53 -84.43
N TYR F 43 -103.36 85.15 -85.41
CA TYR F 43 -104.16 86.01 -86.27
C TYR F 43 -104.61 85.16 -87.43
N VAL F 44 -104.62 85.68 -88.67
CA VAL F 44 -105.35 85.06 -89.75
C VAL F 44 -104.48 84.60 -90.87
N VAL F 45 -104.69 83.34 -91.29
CA VAL F 45 -104.05 82.82 -92.47
C VAL F 45 -104.96 83.01 -93.67
N ILE F 46 -104.41 83.49 -94.80
CA ILE F 46 -105.17 83.68 -96.02
C ILE F 46 -104.81 82.58 -96.98
N ALA F 47 -105.82 81.82 -97.44
CA ALA F 47 -105.63 80.80 -98.42
C ALA F 47 -106.27 81.19 -99.72
N SER F 48 -105.79 80.61 -100.82
CA SER F 48 -106.34 80.80 -102.14
C SER F 48 -106.99 79.54 -102.59
N CYS F 49 -108.23 79.66 -103.09
CA CYS F 49 -108.92 78.62 -103.80
C CYS F 49 -108.40 78.57 -105.22
N ARG F 50 -107.78 77.44 -105.59
CA ARG F 50 -107.32 77.26 -106.94
C ARG F 50 -108.11 76.16 -107.61
N PHE F 51 -108.71 76.50 -108.77
CA PHE F 51 -109.48 75.63 -109.63
C PHE F 51 -108.68 74.51 -110.29
N GLN F 52 -107.37 74.76 -110.54
CA GLN F 52 -106.51 73.83 -111.21
C GLN F 52 -106.30 72.52 -110.49
N GLU F 53 -106.27 71.46 -111.28
CA GLU F 53 -105.85 70.14 -110.91
C GLU F 53 -104.93 69.69 -112.05
N GLU F 54 -103.74 69.11 -111.76
CA GLU F 54 -102.75 68.73 -112.76
C GLU F 54 -103.16 67.50 -113.55
N ASP F 55 -103.95 66.59 -112.96
CA ASP F 55 -104.43 65.37 -113.60
C ASP F 55 -105.38 65.65 -114.77
N SER F 56 -105.91 66.90 -114.87
CA SER F 56 -106.84 67.39 -115.88
C SER F 56 -108.26 66.96 -115.60
N THR F 57 -108.50 66.30 -114.45
CA THR F 57 -109.81 66.19 -113.85
C THR F 57 -110.15 67.52 -113.23
N VAL F 58 -111.28 68.12 -113.59
CA VAL F 58 -111.60 69.47 -113.15
C VAL F 58 -112.66 69.42 -112.08
N GLU F 59 -112.96 70.56 -111.41
CA GLU F 59 -113.88 70.63 -110.28
C GLU F 59 -113.28 69.97 -109.04
N GLY F 60 -111.95 69.81 -109.07
CA GLY F 60 -111.10 69.45 -107.96
C GLY F 60 -110.42 70.70 -107.57
N ILE F 61 -110.58 71.11 -106.32
CA ILE F 61 -110.21 72.45 -105.89
C ILE F 61 -109.22 72.32 -104.77
N GLU F 62 -108.12 73.08 -104.81
CA GLU F 62 -107.09 73.02 -103.79
C GLU F 62 -107.03 74.32 -102.99
N PHE F 63 -106.44 74.27 -101.78
CA PHE F 63 -106.14 75.49 -101.05
C PHE F 63 -104.66 75.74 -101.13
N LYS F 64 -104.27 76.97 -101.45
CA LYS F 64 -102.89 77.36 -101.29
C LYS F 64 -102.78 78.26 -100.10
N THR F 65 -101.93 77.93 -99.12
CA THR F 65 -101.70 78.81 -97.99
C THR F 65 -100.79 79.93 -98.42
N LEU F 66 -101.35 81.13 -98.71
CA LEU F 66 -100.57 82.22 -99.26
C LEU F 66 -99.65 82.83 -98.23
N LYS F 67 -100.21 83.16 -97.05
CA LYS F 67 -99.44 83.76 -95.99
C LYS F 67 -100.21 83.76 -94.71
N THR F 68 -99.48 83.90 -93.59
CA THR F 68 -100.05 84.08 -92.28
C THR F 68 -99.92 85.54 -91.93
N PHE F 69 -101.02 86.20 -91.56
CA PHE F 69 -101.01 87.56 -91.09
C PHE F 69 -100.79 87.44 -89.61
N HIS F 70 -100.09 88.39 -88.95
CA HIS F 70 -99.85 88.27 -87.52
C HIS F 70 -100.46 89.47 -86.82
N HIS F 71 -101.07 89.24 -85.65
CA HIS F 71 -101.67 90.30 -84.87
C HIS F 71 -101.19 90.18 -83.44
N GLY F 72 -101.03 88.92 -82.98
CA GLY F 72 -100.61 88.56 -81.64
C GLY F 72 -101.75 88.26 -80.70
N GLU F 73 -103.01 88.43 -81.17
CA GLU F 73 -104.21 88.15 -80.39
C GLU F 73 -105.08 87.19 -81.18
N ARG F 74 -105.90 86.38 -80.49
CA ARG F 74 -106.85 85.47 -81.13
C ARG F 74 -107.97 86.13 -81.93
N VAL F 75 -108.23 85.66 -83.17
CA VAL F 75 -109.39 86.12 -83.93
C VAL F 75 -110.57 85.20 -83.76
N VAL F 76 -111.68 85.73 -83.20
CA VAL F 76 -112.86 84.91 -83.01
C VAL F 76 -113.77 84.95 -84.22
N ALA F 77 -113.89 86.12 -84.84
CA ALA F 77 -114.82 86.32 -85.92
C ALA F 77 -114.17 87.27 -86.89
N ILE F 78 -114.46 87.10 -88.18
CA ILE F 78 -113.84 87.90 -89.21
C ILE F 78 -114.81 88.07 -90.33
N ALA F 79 -114.77 89.23 -90.98
CA ALA F 79 -115.52 89.48 -92.16
C ALA F 79 -114.66 90.26 -93.08
N TRP F 80 -114.80 90.01 -94.38
CA TRP F 80 -114.07 90.76 -95.36
C TRP F 80 -114.79 92.02 -95.77
N SER F 81 -114.00 93.03 -96.15
CA SER F 81 -114.51 94.23 -96.76
C SER F 81 -114.42 94.15 -98.28
N PRO F 82 -115.36 94.70 -99.08
CA PRO F 82 -115.20 94.90 -100.52
C PRO F 82 -114.04 95.76 -100.91
N GLU F 83 -113.45 96.52 -99.98
CA GLU F 83 -112.35 97.42 -100.25
C GLU F 83 -111.08 96.69 -100.63
N THR F 84 -111.00 95.39 -100.27
CA THR F 84 -109.97 94.50 -100.73
C THR F 84 -109.84 94.42 -102.20
N ARG F 85 -108.59 94.46 -102.67
CA ARG F 85 -108.27 94.29 -104.04
C ARG F 85 -107.03 93.42 -104.18
N CYS F 86 -106.76 92.95 -105.39
CA CYS F 86 -105.49 92.31 -105.68
C CYS F 86 -104.84 93.10 -106.79
N ASP F 87 -103.58 93.55 -106.63
CA ASP F 87 -102.88 94.22 -107.71
C ASP F 87 -102.11 93.22 -108.57
N ALA F 88 -100.95 93.63 -109.11
CA ALA F 88 -100.04 92.70 -109.74
C ALA F 88 -99.17 91.94 -108.74
N LEU F 89 -99.79 90.99 -108.00
CA LEU F 89 -99.23 90.05 -107.03
C LEU F 89 -99.49 90.43 -105.59
N LEU F 90 -99.39 91.72 -105.19
CA LEU F 90 -99.56 92.10 -103.82
C LEU F 90 -101.05 92.16 -103.49
N PRO F 91 -101.52 91.50 -102.44
CA PRO F 91 -102.92 91.57 -102.12
C PRO F 91 -103.16 92.70 -101.15
N LEU F 92 -104.09 93.60 -101.50
CA LEU F 92 -104.49 94.67 -100.60
C LEU F 92 -105.74 94.21 -99.93
N LEU F 93 -105.68 93.79 -98.65
CA LEU F 93 -106.84 93.14 -98.07
C LEU F 93 -107.34 93.89 -96.85
N ARG F 94 -108.66 94.08 -96.68
CA ARG F 94 -109.20 94.73 -95.49
C ARG F 94 -110.20 93.85 -94.79
N PHE F 95 -110.05 93.71 -93.46
CA PHE F 95 -110.87 92.81 -92.67
C PHE F 95 -111.51 93.59 -91.56
N ALA F 96 -112.79 93.30 -91.28
CA ALA F 96 -113.38 93.61 -90.00
C ALA F 96 -113.17 92.40 -89.11
N THR F 97 -112.56 92.57 -87.92
CA THR F 97 -112.18 91.43 -87.09
C THR F 97 -112.68 91.58 -85.68
N ALA F 98 -112.86 90.43 -84.99
CA ALA F 98 -113.10 90.39 -83.57
C ALA F 98 -111.90 89.76 -82.91
N ALA F 99 -111.39 90.41 -81.85
CA ALA F 99 -110.25 89.92 -81.12
C ALA F 99 -110.65 89.44 -79.72
N GLY F 100 -109.78 88.64 -79.06
CA GLY F 100 -110.05 88.10 -77.72
C GLY F 100 -110.31 89.10 -76.63
N ASP F 101 -109.67 90.28 -76.71
CA ASP F 101 -109.81 91.35 -75.75
C ASP F 101 -111.04 92.22 -76.01
N LYS F 102 -112.08 91.66 -76.65
CA LYS F 102 -113.36 92.33 -76.84
C LYS F 102 -113.25 93.55 -77.75
N LYS F 103 -112.33 93.47 -78.73
CA LYS F 103 -112.05 94.56 -79.62
C LYS F 103 -112.61 94.23 -80.98
N ILE F 104 -113.20 95.25 -81.64
CA ILE F 104 -113.50 95.16 -83.06
C ILE F 104 -112.50 96.01 -83.75
N ARG F 105 -111.88 95.46 -84.80
CA ARG F 105 -110.81 96.14 -85.48
C ARG F 105 -111.09 96.14 -86.95
N ILE F 106 -110.48 97.10 -87.64
CA ILE F 106 -110.47 97.14 -89.09
C ILE F 106 -109.03 97.07 -89.45
N PHE F 107 -108.62 96.03 -90.16
CA PHE F 107 -107.25 95.91 -90.60
C PHE F 107 -107.11 96.45 -92.00
N THR F 108 -106.01 97.14 -92.28
CA THR F 108 -105.62 97.40 -93.65
C THR F 108 -104.41 96.55 -93.91
N PHE F 111 -100.04 94.96 -93.60
CA PHE F 111 -100.13 95.30 -92.19
C PHE F 111 -99.83 96.80 -91.95
N GLN F 112 -100.43 97.71 -92.76
CA GLN F 112 -100.16 99.13 -92.67
C GLN F 112 -100.79 99.79 -91.46
N ASP F 113 -102.05 99.46 -91.15
CA ASP F 113 -102.72 100.06 -90.03
C ASP F 113 -103.81 99.14 -89.49
N LYS F 114 -104.23 99.39 -88.25
CA LYS F 114 -105.30 98.71 -87.60
C LYS F 114 -106.17 99.72 -86.89
N ASN F 115 -107.46 99.79 -87.24
CA ASN F 115 -108.37 100.62 -86.49
C ASN F 115 -108.72 99.88 -85.22
N GLU F 116 -108.87 100.58 -84.09
CA GLU F 116 -109.28 99.95 -82.86
C GLU F 116 -110.59 100.53 -82.45
N TYR F 117 -111.53 99.65 -82.10
CA TYR F 117 -112.67 100.07 -81.32
C TYR F 117 -112.73 99.25 -80.05
N LYS F 118 -112.52 99.96 -78.94
CA LYS F 118 -112.39 99.42 -77.60
C LYS F 118 -112.73 100.56 -76.64
N VAL F 119 -112.19 100.58 -75.40
CA VAL F 119 -112.36 101.67 -74.43
C VAL F 119 -113.79 101.66 -73.89
N ILE F 120 -114.35 102.79 -73.45
CA ILE F 120 -115.73 102.97 -73.04
C ILE F 120 -116.71 102.74 -74.19
N GLU F 121 -116.36 103.23 -75.40
CA GLU F 121 -117.16 103.14 -76.60
C GLU F 121 -117.37 101.71 -77.10
N GLY F 122 -116.32 100.85 -77.04
CA GLY F 122 -116.34 99.43 -77.34
C GLY F 122 -117.20 98.56 -76.45
N HIS F 123 -117.28 97.26 -76.80
CA HIS F 123 -117.96 96.28 -75.98
C HIS F 123 -117.20 95.93 -74.71
N SER F 124 -117.93 95.74 -73.60
CA SER F 124 -117.27 95.33 -72.37
C SER F 124 -117.56 93.86 -72.08
N GLY F 125 -118.13 93.11 -73.05
CA GLY F 125 -118.42 91.69 -72.96
C GLY F 125 -117.82 90.93 -74.11
N TYR F 126 -118.02 89.60 -74.18
CA TYR F 126 -117.65 88.85 -75.38
C TYR F 126 -118.41 89.34 -76.60
N ILE F 127 -117.75 89.40 -77.77
CA ILE F 127 -118.40 89.89 -78.96
C ILE F 127 -118.71 88.71 -79.81
N ASN F 128 -120.01 88.38 -79.89
CA ASN F 128 -120.48 87.18 -80.55
C ASN F 128 -120.28 87.22 -82.05
N ASP F 129 -120.58 88.37 -82.68
CA ASP F 129 -120.58 88.42 -84.12
C ASP F 129 -120.32 89.83 -84.63
N LEU F 130 -119.92 89.91 -85.91
CA LEU F 130 -119.67 91.16 -86.59
C LEU F 130 -119.95 91.04 -88.05
N VAL F 131 -120.42 92.14 -88.65
CA VAL F 131 -120.69 92.15 -90.07
C VAL F 131 -120.28 93.47 -90.64
N PHE F 132 -120.04 93.49 -91.96
CA PHE F 132 -119.59 94.65 -92.67
C PHE F 132 -120.60 94.93 -93.77
N CYS F 133 -120.86 96.20 -94.10
CA CYS F 133 -121.71 96.49 -95.25
C CYS F 133 -121.24 97.76 -95.94
N SER F 134 -121.60 97.95 -97.22
CA SER F 134 -121.16 99.13 -97.97
C SER F 134 -122.29 100.11 -98.33
N PRO F 135 -122.42 101.23 -97.63
CA PRO F 135 -123.14 102.42 -98.13
C PRO F 135 -122.22 103.35 -98.90
N GLU F 136 -122.49 104.66 -98.84
CA GLU F 136 -121.61 105.75 -99.23
C GLU F 136 -120.57 106.03 -98.14
N GLY F 137 -119.78 105.00 -97.79
CA GLY F 137 -119.02 104.92 -96.56
C GLY F 137 -119.05 103.45 -96.24
N THR F 138 -118.52 102.98 -95.11
CA THR F 138 -118.66 101.56 -94.78
C THR F 138 -119.14 101.38 -93.37
N ASP F 139 -120.03 100.40 -93.13
CA ASP F 139 -120.60 100.26 -91.81
C ASP F 139 -120.16 98.93 -91.21
N ILE F 140 -119.82 98.93 -89.91
CA ILE F 140 -119.54 97.72 -89.16
C ILE F 140 -120.59 97.64 -88.10
N ALA F 141 -121.26 96.49 -88.00
CA ALA F 141 -122.19 96.24 -86.93
C ALA F 141 -121.65 95.11 -86.12
N SER F 142 -121.84 95.17 -84.80
CA SER F 142 -121.36 94.14 -83.91
C SER F 142 -122.28 94.02 -82.73
N VAL F 143 -122.38 92.81 -82.19
CA VAL F 143 -123.25 92.51 -81.08
C VAL F 143 -122.47 91.80 -80.00
N GLY F 144 -122.72 92.13 -78.71
CA GLY F 144 -121.98 91.53 -77.62
C GLY F 144 -122.83 90.96 -76.52
N ASP F 145 -122.15 90.29 -75.57
CA ASP F 145 -122.70 89.82 -74.31
C ASP F 145 -122.98 90.95 -73.34
N ASP F 146 -122.53 92.18 -73.66
CA ASP F 146 -122.75 93.35 -72.85
C ASP F 146 -124.20 93.86 -72.94
N HIS F 147 -124.95 93.28 -73.90
CA HIS F 147 -126.35 93.55 -74.17
C HIS F 147 -126.46 94.77 -75.04
N THR F 148 -125.45 95.01 -75.90
CA THR F 148 -125.50 96.13 -76.82
C THR F 148 -125.32 95.71 -78.26
N CYS F 149 -125.86 96.53 -79.18
CA CYS F 149 -125.56 96.46 -80.59
C CYS F 149 -124.91 97.77 -80.88
N ARG F 150 -123.80 97.72 -81.61
CA ARG F 150 -123.10 98.93 -81.93
C ARG F 150 -122.97 99.05 -83.39
N ILE F 151 -123.12 100.29 -83.88
CA ILE F 151 -122.85 100.59 -85.26
C ILE F 151 -121.61 101.44 -85.22
N TRP F 152 -120.72 101.16 -86.18
CA TRP F 152 -119.57 101.96 -86.48
C TRP F 152 -119.76 102.42 -87.91
N ASP F 153 -119.72 103.73 -88.14
CA ASP F 153 -119.80 104.29 -89.47
C ASP F 153 -118.39 104.67 -89.92
N LEU F 154 -117.97 104.31 -91.14
CA LEU F 154 -116.69 104.76 -91.69
C LEU F 154 -116.90 105.85 -92.73
N GLY F 156 -115.97 110.30 -91.67
CA GLY F 156 -115.65 110.65 -90.29
C GLY F 156 -116.10 109.59 -89.31
N LYS F 157 -115.31 109.24 -88.27
CA LYS F 157 -115.71 108.17 -87.38
C LYS F 157 -116.91 108.53 -86.52
N GLN F 158 -118.04 107.84 -86.75
CA GLN F 158 -119.26 108.01 -85.99
C GLN F 158 -119.62 106.68 -85.41
N ILE F 159 -120.21 106.68 -84.21
CA ILE F 159 -120.56 105.44 -83.56
C ILE F 159 -121.96 105.55 -83.05
N ALA F 160 -122.60 104.40 -82.84
CA ALA F 160 -123.88 104.35 -82.19
C ALA F 160 -123.84 103.19 -81.23
N MET F 161 -124.55 103.33 -80.10
CA MET F 161 -124.66 102.29 -79.10
C MET F 161 -126.13 102.11 -78.85
N PHE F 162 -126.66 100.90 -79.07
CA PHE F 162 -128.05 100.59 -78.85
C PHE F 162 -128.16 99.46 -77.85
N ILE F 163 -129.11 99.56 -76.91
CA ILE F 163 -129.41 98.50 -75.95
C ILE F 163 -130.18 97.36 -76.60
N LEU F 164 -129.78 96.11 -76.32
CA LEU F 164 -130.54 94.93 -76.68
C LEU F 164 -131.24 94.42 -75.43
N ARG F 165 -132.29 93.59 -75.55
CA ARG F 165 -132.95 93.09 -74.36
C ARG F 165 -132.13 92.02 -73.65
N SER F 166 -131.20 91.39 -74.38
CA SER F 166 -130.42 90.28 -73.87
C SER F 166 -129.20 90.15 -74.78
N PRO F 167 -128.19 89.28 -74.58
CA PRO F 167 -126.93 89.41 -75.28
C PRO F 167 -127.08 89.10 -76.75
N GLY F 168 -126.47 89.92 -77.62
CA GLY F 168 -126.66 89.77 -79.04
C GLY F 168 -125.77 88.71 -79.59
N MET F 169 -126.35 87.56 -79.96
CA MET F 169 -125.62 86.43 -80.49
C MET F 169 -125.22 86.62 -81.94
N SER F 170 -126.07 87.24 -82.77
CA SER F 170 -125.71 87.45 -84.16
C SER F 170 -126.25 88.73 -84.69
N VAL F 171 -125.61 89.22 -85.77
CA VAL F 171 -126.01 90.45 -86.41
C VAL F 171 -125.73 90.31 -87.88
N ALA F 172 -126.64 90.75 -88.76
CA ALA F 172 -126.35 90.71 -90.17
C ALA F 172 -127.12 91.78 -90.90
N TRP F 173 -126.54 92.41 -91.91
CA TRP F 173 -127.19 93.46 -92.66
C TRP F 173 -128.10 92.87 -93.73
N HIS F 174 -129.20 93.55 -94.09
CA HIS F 174 -130.09 93.20 -95.19
C HIS F 174 -129.34 93.16 -96.52
N PRO F 175 -129.11 92.02 -97.18
CA PRO F 175 -128.52 91.98 -98.51
C PRO F 175 -129.26 92.77 -99.57
N GLU F 176 -128.57 93.67 -100.31
CA GLU F 176 -129.17 94.58 -101.28
C GLU F 176 -129.89 95.74 -100.59
N GLY F 177 -129.70 95.91 -99.26
CA GLY F 177 -130.36 96.95 -98.51
C GLY F 177 -129.63 97.31 -97.24
N ALA F 178 -128.52 98.07 -97.37
CA ALA F 178 -127.57 98.36 -96.31
C ALA F 178 -128.13 98.97 -95.02
N PHE F 179 -129.23 99.73 -95.09
CA PHE F 179 -129.83 100.37 -93.93
C PHE F 179 -130.47 99.44 -92.91
N LYS F 180 -131.13 98.34 -93.36
CA LYS F 180 -131.72 97.42 -92.41
C LYS F 180 -130.72 96.35 -91.99
N LEU F 181 -130.79 95.92 -90.74
CA LEU F 181 -130.05 94.79 -90.24
C LEU F 181 -130.94 93.91 -89.40
N MET F 182 -130.43 92.71 -89.08
CA MET F 182 -131.06 91.76 -88.19
C MET F 182 -130.20 91.63 -86.96
N VAL F 183 -130.83 91.52 -85.79
CA VAL F 183 -130.13 91.11 -84.59
C VAL F 183 -130.85 89.91 -84.03
N ALA F 184 -130.09 88.89 -83.62
CA ALA F 184 -130.59 87.78 -82.85
C ALA F 184 -130.11 87.93 -81.41
N GLU F 185 -131.04 88.09 -80.44
CA GLU F 185 -130.71 88.10 -79.03
C GLU F 185 -130.72 86.67 -78.49
N LYS F 186 -129.89 86.34 -77.47
CA LYS F 186 -129.79 85.00 -76.90
C LYS F 186 -131.12 84.46 -76.38
N THR F 187 -131.96 85.35 -75.80
CA THR F 187 -133.33 85.09 -75.35
C THR F 187 -134.26 84.59 -76.44
N GLY F 188 -133.94 84.92 -77.70
CA GLY F 188 -134.67 84.42 -78.85
C GLY F 188 -135.43 85.42 -79.60
N THR F 189 -135.50 86.64 -79.09
CA THR F 189 -136.01 87.75 -79.85
C THR F 189 -135.19 88.00 -81.11
N ILE F 190 -135.84 88.09 -82.27
CA ILE F 190 -135.17 88.49 -83.49
C ILE F 190 -135.65 89.88 -83.77
N ARG F 191 -134.74 90.85 -83.97
CA ARG F 191 -135.12 92.22 -84.17
C ARG F 191 -134.67 92.70 -85.53
N PHE F 192 -135.49 93.58 -86.10
CA PHE F 192 -135.28 94.14 -87.41
C PHE F 192 -134.95 95.57 -87.13
N TYR F 193 -133.74 95.99 -87.50
CA TYR F 193 -133.25 97.28 -87.12
C TYR F 193 -133.00 98.06 -88.37
N ASP F 194 -133.48 99.31 -88.39
CA ASP F 194 -133.15 100.26 -89.42
C ASP F 194 -132.44 101.37 -88.68
N LEU F 195 -131.14 101.59 -88.95
CA LEU F 195 -130.37 102.65 -88.32
C LEU F 195 -130.85 104.02 -88.77
N THR F 196 -131.18 104.12 -90.07
CA THR F 196 -131.61 105.37 -90.70
C THR F 196 -132.95 105.83 -90.19
N THR F 197 -133.92 104.90 -90.06
CA THR F 197 -135.26 105.26 -89.63
C THR F 197 -135.45 105.06 -88.14
N HIS F 198 -136.68 104.77 -87.68
CA HIS F 198 -136.90 104.36 -86.32
C HIS F 198 -136.26 103.00 -86.05
N GLN F 199 -135.45 102.90 -84.97
CA GLN F 199 -134.59 101.75 -84.77
C GLN F 199 -135.23 100.39 -84.70
N ALA F 200 -136.32 100.19 -83.93
CA ALA F 200 -136.95 98.89 -83.88
C ALA F 200 -138.14 98.81 -84.82
N ILE F 201 -137.92 98.38 -86.08
CA ILE F 201 -138.96 98.24 -87.09
C ILE F 201 -139.88 97.08 -86.84
N LEU F 202 -139.34 95.92 -86.46
CA LEU F 202 -140.13 94.73 -86.24
C LEU F 202 -139.43 93.83 -85.24
N SER F 203 -140.16 92.85 -84.69
CA SER F 203 -139.62 91.87 -83.77
C SER F 203 -140.31 90.54 -84.00
N LEU F 204 -139.60 89.43 -83.69
CA LEU F 204 -140.15 88.10 -83.72
C LEU F 204 -139.75 87.43 -82.43
N GLU F 205 -140.53 86.43 -82.00
CA GLU F 205 -140.28 85.64 -80.81
C GLU F 205 -140.00 84.22 -81.25
N MET F 212 -128.98 80.30 -81.35
CA MET F 212 -127.66 80.19 -81.93
C MET F 212 -127.39 81.29 -82.94
N SER F 213 -128.32 81.51 -83.89
CA SER F 213 -128.18 82.61 -84.82
C SER F 213 -129.50 82.86 -85.52
N ALA F 214 -129.61 84.02 -86.15
CA ALA F 214 -130.64 84.35 -87.09
C ALA F 214 -129.91 85.06 -88.19
N ASP F 215 -130.44 85.02 -89.41
CA ASP F 215 -129.75 85.53 -90.54
C ASP F 215 -130.80 85.77 -91.61
N TRP F 216 -130.38 86.35 -92.71
CA TRP F 216 -131.18 86.63 -93.87
C TRP F 216 -131.00 85.56 -94.91
N CYS F 217 -131.89 85.52 -95.92
CA CYS F 217 -131.68 84.67 -97.08
C CYS F 217 -132.13 85.43 -98.33
N VAL F 218 -131.64 85.06 -99.53
CA VAL F 218 -131.95 85.68 -100.83
C VAL F 218 -131.50 87.14 -100.89
N ARG F 219 -132.28 88.02 -101.54
CA ARG F 219 -132.16 89.45 -101.56
C ARG F 219 -132.84 90.03 -100.33
N ASN F 220 -132.72 89.27 -99.22
CA ASN F 220 -133.32 89.47 -97.93
C ASN F 220 -134.77 89.03 -97.95
N THR F 221 -135.20 88.21 -98.94
CA THR F 221 -136.61 87.87 -99.15
C THR F 221 -137.13 86.92 -98.08
N LEU F 222 -136.21 86.41 -97.27
CA LEU F 222 -136.48 85.39 -96.30
C LEU F 222 -135.65 85.68 -95.06
N ARG F 223 -136.16 85.26 -93.89
CA ARG F 223 -135.54 85.44 -92.59
C ARG F 223 -135.51 84.10 -91.91
N ILE F 224 -134.37 83.74 -91.31
CA ILE F 224 -134.21 82.46 -90.68
C ILE F 224 -134.07 82.70 -89.19
N GLY F 225 -134.38 81.70 -88.32
CA GLY F 225 -134.05 81.83 -86.90
C GLY F 225 -133.73 80.50 -86.33
N ALA F 226 -132.48 80.29 -85.88
CA ALA F 226 -131.97 79.00 -85.47
C ALA F 226 -131.57 78.91 -84.02
N VAL F 227 -132.11 77.92 -83.31
CA VAL F 227 -131.87 77.69 -81.90
C VAL F 227 -130.85 76.57 -81.63
N ALA F 228 -130.25 76.50 -80.42
CA ALA F 228 -129.23 75.49 -80.08
C ALA F 228 -129.83 74.14 -79.74
N GLY F 229 -131.15 74.12 -79.43
CA GLY F 229 -131.94 72.91 -79.27
C GLY F 229 -132.38 72.35 -80.60
N ASN F 230 -132.13 73.14 -81.67
CA ASN F 230 -132.05 72.77 -83.06
C ASN F 230 -133.34 73.06 -83.81
N ASP F 231 -134.43 73.46 -83.15
CA ASP F 231 -135.60 74.04 -83.80
C ASP F 231 -135.26 75.25 -84.68
N TRP F 232 -135.90 75.36 -85.85
CA TRP F 232 -135.53 76.35 -86.82
C TRP F 232 -136.77 76.93 -87.45
N ILE F 233 -136.84 78.27 -87.56
CA ILE F 233 -138.00 78.95 -88.12
C ILE F 233 -137.68 79.61 -89.44
N ILE F 234 -138.68 79.57 -90.34
CA ILE F 234 -138.59 80.06 -91.69
C ILE F 234 -139.63 81.14 -91.85
N TRP F 235 -139.21 82.39 -92.13
CA TRP F 235 -140.16 83.44 -92.41
C TRP F 235 -139.88 84.08 -93.75
N GLU F 236 -140.91 84.15 -94.61
CA GLU F 236 -140.83 84.84 -95.89
C GLU F 236 -141.24 86.31 -95.76
N MET F 237 -140.48 87.16 -95.05
CA MET F 237 -140.95 88.52 -94.74
C MET F 237 -141.11 89.50 -95.91
N GLN F 244 -151.17 88.62 -94.16
CA GLN F 244 -150.74 87.60 -93.22
C GLN F 244 -150.35 88.16 -91.86
N ASP F 245 -150.09 87.28 -90.88
CA ASP F 245 -149.52 87.61 -89.58
C ASP F 245 -148.00 87.37 -89.57
N ASN F 246 -147.32 87.51 -88.41
CA ASN F 246 -145.88 87.30 -88.34
C ASN F 246 -145.51 85.84 -88.11
N LYS F 247 -146.47 84.89 -88.07
CA LYS F 247 -146.16 83.54 -87.68
C LYS F 247 -145.19 82.87 -88.66
N PRO F 248 -144.16 82.13 -88.22
CA PRO F 248 -143.28 81.40 -89.12
C PRO F 248 -144.02 80.53 -90.11
N ALA F 249 -143.67 80.62 -91.41
CA ALA F 249 -144.32 79.90 -92.48
C ALA F 249 -144.18 78.39 -92.32
N HIS F 250 -142.96 77.97 -91.92
CA HIS F 250 -142.59 76.58 -91.76
C HIS F 250 -141.54 76.52 -90.67
N ALA F 251 -141.29 75.33 -90.11
CA ALA F 251 -140.23 75.14 -89.16
C ALA F 251 -139.84 73.67 -89.13
N ASP F 252 -138.57 73.33 -88.84
CA ASP F 252 -138.10 71.96 -88.73
C ASP F 252 -137.03 71.83 -87.62
N ARG F 253 -136.03 70.90 -87.76
CA ARG F 253 -134.94 70.76 -86.82
C ARG F 253 -133.60 70.63 -87.52
N ARG F 255 -129.51 72.75 -86.49
CA ARG F 255 -128.52 73.15 -85.50
C ARG F 255 -128.47 74.64 -85.73
N MET F 256 -127.31 75.30 -85.60
CA MET F 256 -127.12 76.62 -86.12
C MET F 256 -127.14 76.56 -87.61
N PHE F 257 -127.91 77.48 -88.18
CA PHE F 257 -128.12 77.50 -89.58
C PHE F 257 -126.99 78.23 -90.33
N ARG F 258 -126.55 77.61 -91.44
CA ARG F 258 -125.59 78.18 -92.35
C ARG F 258 -126.19 78.21 -93.75
N TRP F 259 -126.39 79.41 -94.32
CA TRP F 259 -127.13 79.57 -95.55
C TRP F 259 -126.38 79.25 -96.83
N SER F 260 -126.97 78.40 -97.70
CA SER F 260 -126.54 78.26 -99.10
C SER F 260 -126.67 79.55 -99.86
N LYS F 261 -125.58 80.11 -100.36
CA LYS F 261 -125.62 81.45 -100.89
C LYS F 261 -126.53 81.66 -102.09
N CYS F 262 -126.51 80.73 -103.05
CA CYS F 262 -127.33 80.87 -104.23
C CYS F 262 -128.72 80.32 -104.04
N ASN F 263 -128.87 79.16 -103.37
CA ASN F 263 -130.17 78.54 -103.26
C ASN F 263 -130.82 78.93 -101.95
N GLU F 264 -131.99 79.57 -102.01
CA GLU F 264 -132.75 79.90 -100.85
C GLU F 264 -133.16 78.70 -100.07
N ASN F 265 -133.61 77.62 -100.72
CA ASN F 265 -134.14 76.46 -100.04
C ASN F 265 -133.08 75.54 -99.47
N VAL F 266 -131.78 75.65 -99.84
CA VAL F 266 -130.78 74.71 -99.34
C VAL F 266 -130.15 75.29 -98.10
N PHE F 267 -130.13 74.48 -97.04
CA PHE F 267 -129.86 74.99 -95.73
C PHE F 267 -128.85 74.06 -95.07
N ALA F 268 -127.77 74.57 -94.44
CA ALA F 268 -126.75 73.70 -93.88
C ALA F 268 -126.72 73.82 -92.37
N THR F 269 -126.42 72.69 -91.71
CA THR F 269 -126.38 72.60 -90.27
C THR F 269 -125.20 71.70 -89.95
N THR F 270 -124.70 71.67 -88.70
CA THR F 270 -123.54 70.83 -88.39
C THR F 270 -123.64 70.37 -86.96
N GLY F 271 -122.93 69.31 -86.60
CA GLY F 271 -122.70 68.90 -85.24
C GLY F 271 -121.31 69.27 -84.85
N TYR F 272 -121.14 70.42 -84.16
CA TYR F 272 -119.87 70.84 -83.59
C TYR F 272 -119.13 69.80 -82.73
N PRO F 273 -119.70 69.12 -81.73
CA PRO F 273 -118.91 68.37 -80.76
C PRO F 273 -118.32 67.12 -81.34
N LYS F 277 -117.36 61.81 -84.41
CA LYS F 277 -118.56 62.61 -84.69
C LYS F 277 -118.48 63.31 -86.06
N SER F 278 -118.43 64.67 -86.08
CA SER F 278 -118.53 65.61 -87.21
C SER F 278 -119.73 65.44 -88.12
N GLN F 279 -120.96 65.35 -87.60
CA GLN F 279 -122.08 65.10 -88.48
C GLN F 279 -122.53 66.40 -89.13
N ILE F 280 -122.55 66.48 -90.46
CA ILE F 280 -122.94 67.68 -91.16
C ILE F 280 -124.21 67.32 -91.88
N ALA F 281 -125.24 68.13 -91.72
CA ALA F 281 -126.50 67.85 -92.36
C ALA F 281 -126.83 68.96 -93.31
N ILE F 282 -127.44 68.57 -94.44
CA ILE F 282 -127.89 69.51 -95.43
C ILE F 282 -129.36 69.30 -95.40
N HIS F 283 -130.12 70.36 -95.14
CA HIS F 283 -131.55 70.28 -95.08
C HIS F 283 -132.04 71.11 -96.24
N HIS F 284 -133.21 70.77 -96.78
CA HIS F 284 -133.91 71.66 -97.67
C HIS F 284 -135.17 72.02 -96.91
N PRO F 288 -137.07 65.80 -96.72
CA PRO F 288 -136.33 64.76 -95.98
C PRO F 288 -135.04 65.22 -95.35
N GLN F 289 -134.43 64.38 -94.48
CA GLN F 289 -133.18 64.69 -93.79
C GLN F 289 -131.94 64.01 -94.42
N PRO F 290 -131.14 64.58 -95.32
CA PRO F 290 -129.84 64.04 -95.68
C PRO F 290 -128.73 64.37 -94.70
N ILE F 291 -127.87 63.40 -94.41
CA ILE F 291 -126.60 63.66 -93.74
C ILE F 291 -125.54 63.45 -94.79
N LEU F 292 -125.06 64.55 -95.43
CA LEU F 292 -124.12 64.42 -96.53
C LEU F 292 -122.72 64.07 -96.08
N ILE F 293 -122.26 64.71 -94.99
CA ILE F 293 -120.85 64.63 -94.62
C ILE F 293 -120.72 64.16 -93.19
N GLY F 294 -119.76 63.24 -92.93
CA GLY F 294 -119.27 62.93 -91.61
C GLY F 294 -117.77 62.88 -91.65
N THR F 295 -117.07 63.91 -91.15
CA THR F 295 -115.61 63.92 -91.03
C THR F 295 -115.07 62.91 -90.04
N PRO F 297 -113.86 63.92 -86.78
CA PRO F 297 -113.34 64.74 -85.67
C PRO F 297 -114.26 65.90 -85.28
N VAL F 298 -113.99 66.69 -84.22
CA VAL F 298 -114.68 67.98 -84.00
C VAL F 298 -114.70 68.96 -85.21
N GLY F 299 -115.79 69.73 -85.38
CA GLY F 299 -115.90 70.77 -86.40
C GLY F 299 -115.95 72.16 -85.81
N SER F 300 -114.90 72.99 -86.05
CA SER F 300 -114.77 74.34 -85.49
C SER F 300 -115.75 75.33 -86.06
N GLY F 301 -115.85 75.34 -87.39
CA GLY F 301 -116.53 76.38 -88.11
C GLY F 301 -116.44 76.06 -89.56
N LEU F 302 -117.44 76.50 -90.32
CA LEU F 302 -117.58 76.09 -91.69
C LEU F 302 -118.37 77.12 -92.43
N SER F 303 -118.17 77.22 -93.74
CA SER F 303 -118.78 78.25 -94.54
C SER F 303 -118.94 77.74 -95.94
N TRP F 304 -119.76 78.42 -96.75
CA TRP F 304 -119.94 78.03 -98.12
C TRP F 304 -119.04 78.82 -99.02
N HIS F 305 -118.51 78.18 -100.08
CA HIS F 305 -117.81 78.83 -101.17
C HIS F 305 -118.60 79.98 -101.76
N ARG F 306 -117.89 80.99 -102.29
CA ARG F 306 -118.48 82.18 -102.86
C ARG F 306 -119.57 81.92 -103.91
N ARG F 307 -119.53 80.81 -104.67
CA ARG F 307 -120.58 80.53 -105.63
C ARG F 307 -121.44 79.35 -105.27
N LEU F 308 -121.33 78.84 -104.03
CA LEU F 308 -121.95 77.62 -103.53
C LEU F 308 -121.26 76.28 -103.83
N PRO F 309 -120.37 75.95 -104.80
CA PRO F 309 -120.04 74.56 -105.10
C PRO F 309 -119.40 73.83 -103.94
N LEU F 310 -118.54 74.49 -103.16
CA LEU F 310 -117.89 73.86 -102.05
C LEU F 310 -118.39 74.35 -100.71
N CYS F 311 -118.13 73.54 -99.69
CA CYS F 311 -118.21 73.95 -98.31
C CYS F 311 -116.79 73.90 -97.76
N VAL F 312 -116.34 74.98 -97.08
CA VAL F 312 -115.09 74.97 -96.36
C VAL F 312 -115.36 74.55 -94.93
N VAL F 313 -114.64 73.56 -94.41
CA VAL F 313 -114.80 73.16 -93.02
C VAL F 313 -113.47 73.26 -92.33
N GLY F 314 -113.42 73.93 -91.16
CA GLY F 314 -112.25 73.83 -90.29
C GLY F 314 -112.49 72.89 -89.16
N GLY F 315 -111.69 71.82 -89.07
CA GLY F 315 -111.64 70.95 -87.90
C GLY F 315 -110.51 71.38 -87.00
N TYR F 316 -110.17 70.62 -85.94
CA TYR F 316 -109.03 70.98 -85.09
C TYR F 316 -107.69 70.98 -85.84
N ARG F 317 -107.39 69.96 -86.67
CA ARG F 317 -106.06 69.86 -87.24
C ARG F 317 -106.05 70.13 -88.72
N LYS F 318 -107.21 70.38 -89.33
CA LYS F 318 -107.33 70.32 -90.77
C LYS F 318 -108.40 71.26 -91.29
N LEU F 319 -108.20 71.77 -92.51
CA LEU F 319 -109.15 72.58 -93.24
C LEU F 319 -109.52 71.84 -94.52
N PHE F 320 -110.80 71.91 -94.93
CA PHE F 320 -111.29 70.96 -95.91
C PHE F 320 -112.24 71.57 -96.91
N PHE F 321 -112.07 71.24 -98.21
CA PHE F 321 -113.04 71.60 -99.22
C PHE F 321 -113.86 70.39 -99.54
N TRP F 322 -115.18 70.49 -99.40
CA TRP F 322 -116.08 69.42 -99.77
C TRP F 322 -116.93 69.91 -100.91
N LEU F 323 -116.99 69.16 -102.02
CA LEU F 323 -117.86 69.49 -103.12
C LEU F 323 -119.21 68.89 -102.84
N THR F 324 -120.29 69.68 -103.00
CA THR F 324 -121.65 69.14 -102.93
C THR F 324 -122.34 69.50 -104.20
N GLU F 325 -123.10 68.55 -104.75
CA GLU F 325 -123.91 68.78 -105.92
C GLU F 325 -125.32 68.40 -105.57
N MET F 326 -126.30 69.23 -105.99
CA MET F 326 -127.72 69.06 -105.71
C MET F 326 -128.14 69.42 -104.25
N PHE G 130 -40.72 34.63 -105.29
CA PHE G 130 -41.12 34.82 -103.91
C PHE G 130 -40.16 35.76 -103.18
N SER G 131 -39.04 36.07 -103.82
CA SER G 131 -38.04 36.96 -103.24
C SER G 131 -38.63 38.34 -103.00
N SER G 132 -39.42 38.82 -103.97
CA SER G 132 -40.03 40.13 -103.86
C SER G 132 -41.00 40.14 -102.67
N PHE G 133 -41.74 39.04 -102.51
CA PHE G 133 -42.69 38.92 -101.43
C PHE G 133 -41.95 38.95 -100.09
N PRO G 134 -40.81 38.27 -100.05
CA PRO G 134 -40.01 38.22 -98.84
C PRO G 134 -39.52 39.61 -98.50
N SER G 135 -39.11 40.36 -99.52
CA SER G 135 -38.62 41.72 -99.34
C SER G 135 -39.74 42.59 -98.78
N SER G 136 -40.95 42.40 -99.30
CA SER G 136 -42.10 43.17 -98.86
C SER G 136 -42.38 42.86 -97.39
N MET G 137 -42.27 41.58 -97.03
CA MET G 137 -42.49 41.16 -95.65
C MET G 137 -41.47 41.81 -94.73
N ASP G 138 -40.23 41.88 -95.21
CA ASP G 138 -39.14 42.48 -94.44
C ASP G 138 -39.42 43.97 -94.23
N PRO G 139 -39.94 44.62 -95.27
CA PRO G 139 -40.26 46.04 -95.19
C PRO G 139 -41.50 46.27 -94.34
N TYR G 140 -42.29 45.23 -94.17
CA TYR G 140 -43.52 45.31 -93.37
C TYR G 140 -43.30 45.51 -91.88
N PRO G 141 -42.12 45.14 -91.36
CA PRO G 141 -41.86 45.27 -89.94
C PRO G 141 -41.98 46.71 -89.42
N ASP G 142 -41.45 47.69 -90.15
CA ASP G 142 -41.57 49.07 -89.70
C ASP G 142 -41.10 49.26 -88.27
N VAL G 143 -39.89 48.81 -87.97
CA VAL G 143 -39.34 48.89 -86.61
C VAL G 143 -39.18 50.29 -86.01
N ARG G 144 -38.74 51.27 -86.79
CA ARG G 144 -38.57 52.61 -86.23
C ARG G 144 -38.21 53.60 -87.34
N SER G 145 -38.40 54.89 -87.07
CA SER G 145 -38.04 55.90 -88.05
C SER G 145 -37.15 56.97 -87.42
N PRO G 146 -35.96 57.19 -87.96
CA PRO G 146 -35.43 56.44 -89.10
C PRO G 146 -34.07 55.86 -88.72
N ARG G 147 -33.80 54.60 -89.05
CA ARG G 147 -32.53 54.04 -88.56
C ARG G 147 -31.61 53.20 -89.45
N LEU G 148 -30.31 53.42 -89.29
CA LEU G 148 -29.35 52.59 -90.00
C LEU G 148 -29.32 51.31 -89.18
N PHE G 149 -29.78 51.38 -87.93
CA PHE G 149 -29.90 50.18 -87.11
C PHE G 149 -31.03 49.35 -87.69
N PRO G 150 -32.10 50.00 -88.18
CA PRO G 150 -33.17 49.26 -88.85
C PRO G 150 -32.68 48.79 -90.21
N SER G 151 -31.74 49.50 -90.81
CA SER G 151 -31.14 49.00 -92.06
C SER G 151 -30.38 47.71 -91.75
N SER G 152 -29.76 47.66 -90.57
CA SER G 152 -29.05 46.45 -90.15
C SER G 152 -30.06 45.36 -89.80
N HIS G 153 -31.22 45.74 -89.28
CA HIS G 153 -32.27 44.76 -89.00
C HIS G 153 -32.72 44.17 -90.32
N ALA G 154 -32.67 44.97 -91.37
CA ALA G 154 -32.99 44.44 -92.70
C ALA G 154 -31.90 43.50 -93.20
N LYS G 155 -30.62 43.89 -93.03
CA LYS G 155 -29.50 43.02 -93.46
C LYS G 155 -29.49 41.69 -92.70
N ARG G 156 -30.45 41.51 -91.80
CA ARG G 156 -30.55 40.31 -90.97
C ARG G 156 -30.79 39.15 -91.93
N THR G 157 -31.55 39.43 -92.98
CA THR G 157 -31.85 38.46 -94.01
C THR G 157 -30.55 38.05 -94.69
N SER G 158 -29.54 38.93 -94.56
CA SER G 158 -28.21 38.74 -95.13
C SER G 158 -28.06 39.33 -96.54
N SER G 159 -29.11 40.02 -97.00
CA SER G 159 -29.07 40.64 -98.31
C SER G 159 -29.14 42.16 -98.11
N MET G 160 -28.18 42.87 -98.71
CA MET G 160 -28.15 44.33 -98.59
C MET G 160 -28.21 45.07 -99.92
N GLY G 161 -29.10 46.06 -99.99
CA GLY G 161 -29.27 46.87 -101.19
C GLY G 161 -28.07 47.78 -101.41
N LEU G 162 -27.75 48.05 -102.67
CA LEU G 162 -26.62 48.92 -102.99
C LEU G 162 -26.82 50.34 -102.47
N LEU G 163 -28.04 50.85 -102.61
CA LEU G 163 -28.37 52.19 -102.15
C LEU G 163 -27.78 52.45 -100.76
N GLN G 164 -27.88 51.45 -99.89
CA GLN G 164 -27.35 51.57 -98.53
C GLN G 164 -25.84 51.76 -98.59
N SER G 165 -25.19 51.01 -99.47
CA SER G 165 -23.75 51.10 -99.63
C SER G 165 -23.37 52.49 -100.11
N LYS G 166 -24.15 53.03 -101.03
CA LYS G 166 -23.90 54.35 -101.57
C LYS G 166 -24.03 55.39 -100.46
N PHE G 167 -25.04 55.20 -99.61
CA PHE G 167 -25.27 56.13 -98.50
C PHE G 167 -24.08 56.08 -97.55
N ALA G 168 -23.57 54.87 -97.30
CA ALA G 168 -22.43 54.69 -96.41
C ALA G 168 -21.21 55.40 -96.99
N SER G 169 -21.04 55.28 -98.31
CA SER G 169 -19.92 55.92 -98.98
C SER G 169 -20.02 57.43 -98.85
N PRO G 170 -21.25 57.94 -98.98
CA PRO G 170 -21.48 59.38 -98.87
C PRO G 170 -21.14 59.83 -97.46
N SER G 171 -21.51 59.03 -96.47
CA SER G 171 -21.23 59.35 -95.08
C SER G 171 -19.72 59.39 -94.85
N ILE G 172 -19.02 58.43 -95.45
CA ILE G 172 -17.56 58.36 -95.32
C ILE G 172 -16.94 59.61 -95.93
N SER G 173 -17.47 60.02 -97.07
CA SER G 173 -16.99 61.22 -97.76
C SER G 173 -17.19 62.45 -96.89
N ARG G 174 -18.34 62.52 -96.23
CA ARG G 174 -18.66 63.64 -95.37
C ARG G 174 -17.63 63.82 -94.27
N ALA G 179 -6.55 60.98 -98.88
CA ALA G 179 -6.28 59.94 -97.89
C ALA G 179 -7.60 59.29 -97.47
N GLN G 180 -8.63 60.12 -97.29
CA GLN G 180 -9.94 59.62 -96.89
C GLN G 180 -10.49 58.71 -97.98
N GLY G 181 -10.29 59.11 -99.23
CA GLY G 181 -10.77 58.33 -100.36
C GLY G 181 -10.05 56.98 -100.39
N SER G 182 -8.75 57.00 -100.10
CA SER G 182 -7.97 55.78 -100.07
C SER G 182 -8.49 54.85 -98.98
N HIS G 183 -8.81 55.44 -97.84
CA HIS G 183 -9.33 54.67 -96.71
C HIS G 183 -10.65 54.03 -97.10
N SER G 184 -11.48 54.78 -97.79
CA SER G 184 -12.79 54.29 -98.23
C SER G 184 -12.59 53.11 -99.18
N PRO G 185 -11.61 53.24 -100.07
CA PRO G 185 -11.29 52.20 -101.03
C PRO G 185 -10.84 50.94 -100.31
N ARG G 186 -10.04 51.12 -99.27
CA ARG G 186 -9.53 49.99 -98.48
C ARG G 186 -10.57 49.49 -97.50
N ILE G 187 -11.38 50.41 -96.98
CA ILE G 187 -12.42 50.05 -96.03
C ILE G 187 -13.55 49.30 -96.73
N LEU G 188 -13.88 49.76 -97.94
CA LEU G 188 -14.93 49.12 -98.73
C LEU G 188 -14.50 47.70 -99.07
N PRO G 189 -13.23 47.55 -99.41
CA PRO G 189 -12.69 46.24 -99.74
C PRO G 189 -12.78 45.32 -98.53
N VAL G 190 -12.47 45.87 -97.36
CA VAL G 190 -12.54 45.13 -96.11
C VAL G 190 -13.97 44.66 -95.84
N THR G 191 -14.93 45.56 -96.10
CA THR G 191 -16.33 45.24 -95.90
C THR G 191 -16.74 44.11 -96.84
N PRO G 192 -16.22 44.19 -98.07
CA PRO G 192 -16.49 43.20 -99.10
C PRO G 192 -15.94 41.83 -98.68
N TRP G 193 -14.79 41.84 -98.03
CA TRP G 193 -14.16 40.60 -97.59
C TRP G 193 -15.06 39.84 -96.61
N SER G 194 -15.70 40.55 -95.69
CA SER G 194 -16.59 39.89 -94.74
C SER G 194 -18.08 40.18 -94.95
N VAL G 195 -18.84 39.11 -95.17
CA VAL G 195 -20.29 39.21 -95.36
C VAL G 195 -21.00 38.52 -94.20
N PRO G 196 -20.22 37.95 -93.29
CA PRO G 196 -20.75 37.24 -92.13
C PRO G 196 -21.37 38.16 -91.09
N ALA G 197 -22.30 37.61 -90.31
CA ALA G 197 -22.98 38.39 -89.29
C ALA G 197 -21.99 38.95 -88.28
N PRO G 198 -22.18 40.21 -87.93
CA PRO G 198 -21.34 40.94 -87.00
C PRO G 198 -20.12 41.50 -87.74
N LEU G 199 -20.02 41.15 -89.03
CA LEU G 199 -18.93 41.64 -89.86
C LEU G 199 -19.39 42.85 -90.65
N ALA G 200 -20.62 42.78 -91.16
CA ALA G 200 -21.20 43.88 -91.92
C ALA G 200 -21.35 45.09 -91.02
N PRO G 201 -21.76 44.83 -89.78
CA PRO G 201 -21.94 45.88 -88.79
C PRO G 201 -20.59 46.53 -88.51
N THR G 202 -19.56 45.71 -88.43
CA THR G 202 -18.21 46.22 -88.17
C THR G 202 -17.70 46.99 -89.38
N PHE G 203 -17.98 46.45 -90.57
CA PHE G 203 -17.55 47.09 -91.81
C PHE G 203 -18.24 48.44 -91.94
N VAL G 204 -19.52 48.49 -91.59
CA VAL G 204 -20.29 49.72 -91.66
C VAL G 204 -19.72 50.76 -90.70
N ILE G 205 -19.32 50.30 -89.52
CA ILE G 205 -18.75 51.19 -88.51
C ILE G 205 -17.45 51.82 -89.00
N HIS G 213 5.06 70.11 -90.42
CA HIS G 213 5.52 69.53 -91.67
C HIS G 213 6.10 68.14 -91.40
N LEU G 214 6.86 68.03 -90.32
CA LEU G 214 7.48 66.77 -89.94
C LEU G 214 6.39 65.74 -89.64
N ARG G 215 5.34 66.18 -88.95
CA ARG G 215 4.23 65.31 -88.61
C ARG G 215 3.55 64.82 -89.88
N THR G 216 3.38 65.73 -90.85
CA THR G 216 2.75 65.39 -92.11
C THR G 216 3.60 64.35 -92.84
N VAL G 217 4.91 64.53 -92.78
CA VAL G 217 5.84 63.60 -93.43
C VAL G 217 5.73 62.23 -92.79
N GLY G 218 5.60 62.21 -91.46
CA GLY G 218 5.49 60.95 -90.73
C GLY G 218 4.17 60.24 -91.05
N THR G 219 3.13 61.03 -91.31
CA THR G 219 1.82 60.48 -91.63
C THR G 219 1.94 59.89 -93.03
N ARG G 220 2.67 60.60 -93.87
CA ARG G 220 2.95 60.18 -95.23
C ARG G 220 3.70 58.89 -95.04
N ARG G 221 4.60 58.85 -94.06
CA ARG G 221 5.28 57.59 -93.84
C ARG G 221 4.31 56.58 -93.22
N GLN G 222 3.48 57.07 -92.29
CA GLN G 222 2.49 56.26 -91.62
C GLN G 222 1.47 55.75 -92.63
N GLN G 223 1.09 56.63 -93.56
CA GLN G 223 0.13 56.29 -94.60
C GLN G 223 0.71 55.20 -95.48
N GLU G 224 2.01 55.33 -95.78
CA GLU G 224 2.70 54.35 -96.61
C GLU G 224 2.70 53.00 -95.89
N LEU G 225 2.93 53.04 -94.58
CA LEU G 225 2.95 51.84 -93.76
C LEU G 225 1.57 51.18 -93.79
N VAL G 226 0.53 52.00 -93.73
CA VAL G 226 -0.84 51.53 -93.77
C VAL G 226 -1.12 50.84 -95.11
N PRO G 227 -0.62 51.45 -96.18
CA PRO G 227 -0.82 50.87 -97.51
C PRO G 227 -0.13 49.52 -97.53
N LEU G 228 1.06 49.48 -96.95
CA LEU G 228 1.83 48.25 -96.85
C LEU G 228 1.03 47.29 -95.99
N GLU G 229 0.42 47.83 -94.93
CA GLU G 229 -0.38 47.00 -94.04
C GLU G 229 -1.58 46.46 -94.79
N LYS G 230 -2.19 47.31 -95.61
CA LYS G 230 -3.35 46.91 -96.39
C LYS G 230 -2.94 45.81 -97.36
N SER G 231 -1.77 45.97 -97.97
CA SER G 231 -1.27 44.98 -98.91
C SER G 231 -1.05 43.66 -98.19
N VAL G 232 -0.51 43.73 -96.98
CA VAL G 232 -0.25 42.53 -96.19
C VAL G 232 -1.56 41.83 -95.86
N THR G 233 -2.58 42.61 -95.51
CA THR G 233 -3.89 42.06 -95.19
C THR G 233 -4.46 41.37 -96.41
N HIS G 234 -4.28 42.00 -97.56
CA HIS G 234 -4.79 41.45 -98.81
C HIS G 234 -4.10 40.13 -99.09
N GLY G 235 -2.79 40.08 -98.86
CA GLY G 235 -2.00 38.88 -99.08
C GLY G 235 -2.49 37.77 -98.15
N ARG G 236 -2.79 38.13 -96.92
CA ARG G 236 -3.28 37.18 -95.94
C ARG G 236 -4.62 36.59 -96.39
N GLY G 237 -5.50 37.46 -96.90
CA GLY G 237 -6.79 36.98 -97.36
C GLY G 237 -6.56 36.04 -98.53
N SER G 238 -5.64 36.46 -99.40
CA SER G 238 -5.26 35.72 -100.59
C SER G 238 -4.56 34.42 -100.22
N LEU G 239 -3.71 34.46 -99.20
CA LEU G 239 -3.02 33.23 -98.83
C LEU G 239 -3.89 32.38 -97.90
N LEU G 240 -4.54 33.05 -96.96
CA LEU G 240 -5.38 32.41 -95.97
C LEU G 240 -6.81 32.11 -96.40
N ILE G 241 -7.28 32.68 -97.51
CA ILE G 241 -8.66 32.38 -97.89
C ILE G 241 -8.92 30.88 -97.79
N ASP G 242 -10.05 30.54 -97.17
CA ASP G 242 -10.44 29.14 -97.01
C ASP G 242 -11.86 28.94 -97.54
N MET G 243 -12.04 27.94 -98.38
CA MET G 243 -13.36 27.66 -98.94
C MET G 243 -13.79 26.20 -98.89
N GLY G 244 -14.11 25.70 -97.71
CA GLY G 244 -14.56 24.31 -97.63
C GLY G 244 -16.08 24.23 -97.51
N LEU G 245 -16.68 23.29 -98.23
CA LEU G 245 -18.12 23.12 -98.21
C LEU G 245 -18.54 21.69 -98.59
N PHE G 246 -19.76 21.29 -98.25
CA PHE G 246 -20.70 22.12 -97.51
C PHE G 246 -20.18 22.43 -96.10
N MET G 247 -19.59 21.41 -95.48
CA MET G 247 -19.06 21.54 -94.14
C MET G 247 -17.64 20.99 -94.19
N GLY G 248 -16.68 21.73 -93.66
CA GLY G 248 -15.29 21.30 -93.67
C GLY G 248 -14.64 21.50 -92.31
N ARG G 249 -13.61 20.71 -92.03
CA ARG G 249 -12.92 20.84 -90.76
C ARG G 249 -12.35 22.25 -90.71
N SER G 250 -12.46 22.90 -89.57
CA SER G 250 -11.96 24.26 -89.42
C SER G 250 -10.45 24.35 -89.56
N PHE G 251 -10.00 25.38 -90.27
CA PHE G 251 -8.57 25.63 -90.46
C PHE G 251 -8.19 27.02 -90.00
N ARG G 252 -6.94 27.18 -89.59
CA ARG G 252 -6.42 28.47 -89.11
C ARG G 252 -6.39 29.56 -90.17
N VAL G 253 -6.70 30.78 -89.74
CA VAL G 253 -6.71 31.96 -90.60
C VAL G 253 -6.48 33.21 -89.76
N GLY G 254 -6.07 34.30 -90.40
CA GLY G 254 -5.84 35.52 -89.66
C GLY G 254 -7.16 36.27 -89.50
N TRP G 255 -8.09 35.64 -88.80
CA TRP G 255 -9.40 36.22 -88.53
C TRP G 255 -9.27 37.48 -87.69
N GLY G 256 -8.35 37.43 -86.73
CA GLY G 256 -8.11 38.53 -85.79
C GLY G 256 -7.66 39.87 -86.40
N PRO G 257 -6.83 39.81 -87.43
CA PRO G 257 -6.31 41.02 -88.05
C PRO G 257 -7.42 41.92 -88.59
N ASN G 258 -8.44 41.32 -89.19
CA ASN G 258 -9.54 42.10 -89.72
C ASN G 258 -10.24 42.84 -88.59
N TRP G 259 -10.42 42.16 -87.46
CA TRP G 259 -11.06 42.75 -86.28
C TRP G 259 -10.23 43.91 -85.77
N THR G 260 -8.91 43.76 -85.78
CA THR G 260 -8.03 44.83 -85.31
C THR G 260 -7.99 45.99 -86.29
N LEU G 261 -8.15 45.70 -87.58
CA LEU G 261 -8.13 46.76 -88.60
C LEU G 261 -9.26 47.75 -88.38
N VAL G 262 -10.46 47.26 -88.06
CA VAL G 262 -11.59 48.14 -87.79
C VAL G 262 -11.29 49.04 -86.60
N HIS G 263 -10.70 48.48 -85.56
CA HIS G 263 -10.35 49.27 -84.38
C HIS G 263 -9.33 50.35 -84.74
N ASN G 264 -8.35 50.00 -85.57
CA ASN G 264 -7.35 50.97 -86.00
C ASN G 264 -8.01 52.10 -86.79
N GLY G 265 -8.96 51.75 -87.66
CA GLY G 265 -9.67 52.76 -88.41
C GLY G 265 -10.44 53.69 -87.50
N ASP G 266 -11.09 53.12 -86.48
CA ASP G 266 -11.83 53.94 -85.52
C ASP G 266 -10.88 54.89 -84.80
N LYS G 267 -9.71 54.40 -84.41
CA LYS G 267 -8.73 55.25 -83.74
C LYS G 267 -8.30 56.39 -84.66
N LEU G 268 -8.07 56.08 -85.93
CA LEU G 268 -7.69 57.11 -86.90
C LEU G 268 -8.78 58.16 -87.02
N ARG G 271 -1.93 60.41 -88.95
CA ARG G 271 -0.65 59.90 -88.48
C ARG G 271 -0.40 60.29 -87.03
N LEU G 272 0.26 61.43 -86.83
CA LEU G 272 0.56 61.92 -85.49
C LEU G 272 -0.66 61.85 -84.59
N ASN G 273 -1.77 62.39 -85.07
CA ASN G 273 -3.02 62.40 -84.30
C ASN G 273 -3.38 61.01 -83.77
N ALA G 274 -3.63 60.08 -84.69
CA ALA G 274 -3.99 58.73 -84.33
C ALA G 274 -2.98 58.12 -83.36
N GLU G 275 -1.70 58.34 -83.64
CA GLU G 275 -0.63 57.83 -82.79
C GLU G 275 -0.81 58.29 -81.34
N GLU G 276 -0.84 59.60 -81.14
CA GLU G 276 -0.99 60.17 -79.81
C GLU G 276 -2.46 60.41 -79.48
N ASP G 277 -3.32 59.52 -79.95
CA ASP G 277 -4.75 59.63 -79.69
C ASP G 277 -5.34 58.28 -79.29
N GLN G 278 -4.48 57.29 -79.08
CA GLN G 278 -4.91 55.96 -78.69
C GLN G 278 -4.71 55.74 -77.19
N ASN G 279 -5.80 55.78 -76.44
CA ASN G 279 -5.74 55.58 -75.00
C ASN G 279 -4.82 54.42 -74.61
N MET G 280 -3.64 54.74 -74.10
CA MET G 280 -2.67 53.74 -73.69
C MET G 280 -3.35 52.64 -72.87
N ASP G 281 -4.52 52.94 -72.33
CA ASP G 281 -5.28 51.98 -71.53
C ASP G 281 -6.78 52.22 -71.66
N THR G 282 -7.22 53.42 -71.29
CA THR G 282 -6.31 54.45 -70.79
C THR G 282 -7.06 55.51 -69.99
N ILE G 283 -7.43 55.17 -68.75
CA ILE G 283 -8.17 56.09 -67.90
C ILE G 283 -7.86 55.86 -66.43
N ASP G 284 -7.78 56.94 -65.66
CA ASP G 284 -7.51 56.85 -64.21
C ASP G 284 -8.70 57.40 -63.40
N TYR G 285 -9.18 56.62 -62.43
CA TYR G 285 -10.31 56.99 -61.56
C TYR G 285 -9.84 57.48 -60.17
N GLY G 286 -10.31 58.66 -59.76
CA GLY G 286 -9.95 59.27 -58.47
C GLY G 286 -11.06 59.10 -57.43
N PHE G 287 -10.69 58.65 -56.23
CA PHE G 287 -11.68 58.34 -55.17
C PHE G 287 -11.59 59.23 -53.92
N LEU G 288 -12.73 59.48 -53.29
CA LEU G 288 -12.78 60.29 -52.08
C LEU G 288 -12.78 59.40 -50.83
N PRO G 289 -14.04 59.09 -50.29
CA PRO G 289 -13.98 58.22 -49.11
C PRO G 289 -14.45 56.80 -49.44
N LYS G 290 -13.55 55.96 -49.95
CA LYS G 290 -12.17 56.37 -50.17
C LYS G 290 -11.80 56.28 -51.65
N PRO G 291 -11.84 55.08 -52.20
CA PRO G 291 -11.49 54.85 -53.60
C PRO G 291 -12.71 54.71 -54.49
N THR G 292 -12.62 53.85 -55.50
CA THR G 292 -13.75 53.67 -56.40
C THR G 292 -13.70 52.34 -57.13
N SER G 293 -12.71 52.20 -57.99
CA SER G 293 -12.56 51.01 -58.79
C SER G 293 -11.53 51.39 -59.84
N ALA G 294 -12.01 51.65 -61.06
CA ALA G 294 -11.23 52.00 -62.26
C ALA G 294 -11.07 50.78 -63.20
N LYS G 295 -9.83 50.46 -63.55
CA LYS G 295 -9.46 49.36 -64.47
C LYS G 295 -9.16 49.87 -65.89
N SER G 296 -9.80 49.27 -66.89
CA SER G 296 -9.62 49.64 -68.29
C SER G 296 -10.10 48.51 -69.18
N THR G 298 -9.24 46.78 -65.96
CA THR G 298 -9.49 46.52 -67.38
C THR G 298 -9.74 45.05 -67.67
N GLU G 299 -9.16 44.15 -66.85
CA GLU G 299 -9.41 42.73 -66.90
C GLU G 299 -10.87 42.35 -66.67
N SER G 300 -11.64 43.12 -65.86
CA SER G 300 -13.08 42.93 -65.86
C SER G 300 -13.74 43.51 -67.12
N LYS G 303 -14.21 46.76 -65.98
CA LYS G 303 -13.28 47.74 -65.45
C LYS G 303 -13.69 48.20 -64.06
N VAL G 304 -14.38 47.34 -63.29
CA VAL G 304 -14.76 47.61 -61.92
C VAL G 304 -14.44 46.37 -61.14
N HIS G 305 -14.09 46.49 -59.86
CA HIS G 305 -13.81 45.33 -59.05
C HIS G 305 -14.85 45.27 -57.97
N MET G 306 -15.53 44.13 -57.78
CA MET G 306 -16.32 43.99 -56.57
C MET G 306 -15.40 43.53 -55.47
N GLU G 307 -14.86 44.47 -54.68
CA GLU G 307 -14.02 44.08 -53.58
C GLU G 307 -14.85 43.55 -52.46
N LYS G 308 -14.57 42.32 -52.01
CA LYS G 308 -15.07 41.88 -50.74
C LYS G 308 -14.34 42.62 -49.65
N LEU G 309 -15.03 43.51 -48.95
CA LEU G 309 -14.41 44.29 -47.88
C LEU G 309 -13.06 43.70 -47.47
N SER G 310 -13.10 42.69 -46.63
CA SER G 310 -11.88 42.04 -46.16
C SER G 310 -10.91 41.78 -47.31
N LEU G 311 -9.63 42.05 -47.06
CA LEU G 311 -8.60 41.84 -48.08
C LEU G 311 -7.21 41.87 -47.46
N GLU G 312 -6.59 43.04 -47.46
CA GLU G 312 -5.26 43.21 -46.90
C GLU G 312 -5.28 44.12 -45.67
N GLN G 313 -5.02 45.41 -45.89
CA GLN G 313 -5.02 46.37 -44.80
C GLN G 313 -6.26 46.22 -43.92
N LYS G 314 -6.06 46.11 -42.62
CA LYS G 314 -7.16 45.97 -41.67
C LYS G 314 -6.70 46.23 -40.25
N SER G 315 -5.41 46.05 -40.00
CA SER G 315 -4.85 46.26 -38.67
C SER G 315 -5.20 47.65 -38.14
N ARG G 316 -5.00 48.67 -38.99
CA ARG G 316 -5.31 50.04 -38.62
C ARG G 316 -6.77 50.19 -38.22
N GLU G 317 -7.66 49.61 -39.04
CA GLU G 317 -9.09 49.68 -38.77
C GLU G 317 -9.43 49.03 -37.43
N LEU G 318 -8.81 47.87 -37.17
CA LEU G 318 -9.04 47.15 -35.92
C LEU G 318 -8.56 47.98 -34.72
N GLN G 319 -7.43 48.65 -34.89
CA GLN G 319 -6.88 49.48 -33.82
C GLN G 319 -7.75 50.71 -33.57
N SER G 320 -8.39 51.19 -34.63
CA SER G 320 -9.26 52.36 -34.52
C SER G 320 -10.72 51.95 -34.48
N TYR G 321 -11.10 51.23 -33.42
CA TYR G 321 -12.47 50.77 -33.25
C TYR G 321 -13.29 51.75 -32.40
N LEU G 322 -13.73 52.83 -33.02
CA LEU G 322 -14.53 53.84 -32.33
C LEU G 322 -13.96 54.14 -30.95
N MET G 323 -14.05 53.17 -30.05
CA MET G 323 -13.55 53.33 -28.68
C MET G 323 -12.17 53.98 -28.68
N PRO G 324 -11.24 53.47 -29.60
CA PRO G 324 -9.93 54.15 -29.54
C PRO G 324 -10.06 55.67 -29.69
N LEU G 325 -11.23 56.12 -30.09
CA LEU G 325 -11.48 57.55 -30.28
C LEU G 325 -12.28 58.14 -29.12
N GLU G 326 -13.48 57.62 -28.91
CA GLU G 326 -14.34 58.09 -27.84
C GLU G 326 -13.57 58.28 -26.54
N ILE G 327 -13.03 57.17 -26.02
CA ILE G 327 -12.28 57.20 -24.78
C ILE G 327 -11.30 58.39 -24.74
N GLU G 328 -10.60 58.60 -25.84
CA GLU G 328 -9.63 59.68 -25.93
C GLU G 328 -10.31 61.04 -25.89
N LEU G 329 -11.57 61.08 -26.31
CA LEU G 329 -12.34 62.32 -26.33
C LEU G 329 -12.67 62.78 -24.91
N LYS G 330 -12.92 61.86 -23.99
CA LYS G 330 -13.23 62.31 -22.64
C LYS G 330 -12.02 63.12 -22.16
N ASN G 331 -10.82 62.59 -22.44
CA ASN G 331 -9.57 63.25 -22.08
C ASN G 331 -9.28 64.55 -22.83
N SER G 332 -9.57 64.57 -24.13
CA SER G 332 -9.26 65.75 -24.94
C SER G 332 -9.99 67.03 -24.55
N SER G 333 -11.28 66.94 -24.29
CA SER G 333 -12.07 68.12 -23.92
C SER G 333 -12.32 68.98 -25.14
N VAL G 334 -13.00 70.11 -24.96
CA VAL G 334 -13.26 71.01 -26.07
C VAL G 334 -13.58 72.43 -25.60
N ASP G 335 -13.43 73.41 -26.49
CA ASP G 335 -13.76 74.79 -26.15
C ASP G 335 -15.09 75.21 -26.78
N ARG G 336 -16.17 75.06 -26.01
CA ARG G 336 -17.49 75.43 -26.49
C ARG G 336 -17.64 76.94 -26.60
N SER G 337 -18.09 77.39 -27.77
CA SER G 337 -18.28 78.82 -28.01
C SER G 337 -19.50 79.07 -28.88
N ALA G 338 -19.58 80.27 -29.46
CA ALA G 338 -20.70 80.64 -30.32
C ALA G 338 -20.62 79.93 -31.66
N GLN G 339 -19.54 79.18 -31.87
CA GLN G 339 -19.34 78.45 -33.11
C GLN G 339 -18.41 77.25 -32.91
N CYS G 340 -17.70 76.87 -33.97
CA CYS G 340 -16.77 75.76 -33.91
C CYS G 340 -15.93 75.80 -32.65
N PRO G 341 -15.76 74.59 -31.98
CA PRO G 341 -14.93 74.69 -30.77
C PRO G 341 -13.51 74.21 -31.01
N HIS G 342 -12.80 73.89 -29.93
CA HIS G 342 -11.42 73.42 -30.04
C HIS G 342 -11.14 72.30 -29.02
N PHE G 343 -9.86 72.06 -28.77
CA PHE G 343 -9.46 71.02 -27.82
C PHE G 343 -8.52 71.58 -26.76
N LYS G 344 -8.29 70.80 -25.71
CA LYS G 344 -7.40 71.22 -24.63
C LYS G 344 -6.62 70.03 -24.08
N PRO G 345 -5.40 70.35 -23.44
CA PRO G 345 -4.68 69.19 -22.93
C PRO G 345 -4.87 69.01 -21.44
N ASN G 346 -4.36 67.90 -20.89
CA ASN G 346 -4.49 67.63 -19.46
C ASN G 346 -4.08 66.20 -19.12
N ALA G 347 -3.48 66.02 -17.96
CA ALA G 347 -3.04 64.70 -17.51
C ALA G 347 -3.14 63.69 -18.65
N GLY G 348 -2.87 64.16 -19.87
CA GLY G 348 -2.93 63.33 -21.05
C GLY G 348 -2.26 61.99 -20.87
N VAL G 349 -1.04 62.01 -20.35
CA VAL G 349 -0.29 60.78 -20.10
C VAL G 349 -1.10 59.83 -19.24
N ALA G 350 -1.55 60.32 -18.09
CA ALA G 350 -2.36 59.52 -17.17
C ALA G 350 -3.53 58.90 -17.92
N ALA G 351 -4.28 59.72 -18.64
CA ALA G 351 -5.44 59.24 -19.41
C ALA G 351 -5.06 58.09 -20.32
N ILE G 352 -4.07 58.31 -21.18
CA ILE G 352 -3.61 57.29 -22.12
C ILE G 352 -3.21 56.02 -21.39
N HIS G 353 -2.55 56.18 -20.24
CA HIS G 353 -2.12 55.04 -19.45
C HIS G 353 -3.31 54.21 -18.98
N ASP G 354 -4.28 54.87 -18.38
CA ASP G 354 -5.48 54.20 -17.89
C ASP G 354 -6.17 53.42 -19.02
N TYR G 355 -6.59 54.14 -20.05
CA TYR G 355 -7.26 53.53 -21.19
C TYR G 355 -6.47 52.32 -21.70
N ALA G 356 -5.22 52.55 -22.08
CA ALA G 356 -4.37 51.48 -22.60
C ALA G 356 -4.33 50.31 -21.63
N GLY G 357 -4.35 50.62 -20.33
CA GLY G 357 -4.32 49.58 -19.30
C GLY G 357 -5.58 48.74 -19.30
N TRP G 358 -6.68 49.34 -18.86
CA TRP G 358 -7.96 48.65 -18.79
C TRP G 358 -8.32 48.02 -20.14
N VAL G 359 -8.21 48.82 -21.20
CA VAL G 359 -8.52 48.35 -22.54
C VAL G 359 -7.69 47.12 -22.90
N ARG G 360 -6.37 47.23 -22.74
CA ARG G 360 -5.47 46.13 -23.04
C ARG G 360 -5.85 44.87 -22.28
N ASN G 361 -6.14 45.03 -21.00
CA ASN G 361 -6.53 43.89 -20.15
C ASN G 361 -7.77 43.19 -20.71
N LEU G 362 -8.81 43.97 -20.97
CA LEU G 362 -10.06 43.43 -21.50
C LEU G 362 -9.84 42.79 -22.87
N SER G 363 -8.90 43.33 -23.63
CA SER G 363 -8.59 42.81 -24.96
C SER G 363 -7.88 41.47 -24.88
N ASN G 364 -7.15 41.26 -23.79
CA ASN G 364 -6.42 40.01 -23.60
C ASN G 364 -7.37 38.84 -23.39
N GLU G 365 -8.56 38.93 -24.00
CA GLU G 365 -9.56 37.88 -23.88
C GLU G 365 -10.46 37.85 -25.11
N ALA G 366 -10.12 36.99 -26.07
CA ALA G 366 -10.91 36.87 -27.30
C ALA G 366 -10.92 35.43 -27.80
N GLY G 367 -11.14 35.26 -29.09
CA GLY G 367 -11.17 33.93 -29.70
C GLY G 367 -11.05 34.01 -31.21
N GLU G 368 -9.88 34.46 -31.68
CA GLU G 368 -9.63 34.58 -33.11
C GLU G 368 -8.33 35.35 -33.38
N LEU G 369 -7.78 35.19 -34.58
CA LEU G 369 -6.55 35.86 -34.96
C LEU G 369 -5.37 35.35 -34.13
N GLU G 370 -5.31 35.75 -32.87
CA GLU G 370 -4.25 35.33 -31.97
C GLU G 370 -2.95 36.10 -32.27
N ALA G 371 -1.94 35.37 -32.72
CA ALA G 371 -0.64 35.98 -33.02
C ALA G 371 -0.75 37.49 -33.18
N VAL G 372 -1.58 37.92 -34.13
CA VAL G 372 -1.75 39.34 -34.40
C VAL G 372 -2.06 40.14 -33.14
N VAL G 373 -3.09 39.72 -32.41
CA VAL G 373 -3.49 40.42 -31.19
C VAL G 373 -2.33 40.54 -30.21
N LYS G 374 -1.67 39.42 -29.95
CA LYS G 374 -0.54 39.40 -29.03
C LYS G 374 0.53 40.41 -29.46
N GLN G 375 0.90 40.36 -30.73
CA GLN G 375 1.89 41.28 -31.27
C GLN G 375 1.48 42.74 -31.02
N TRP G 376 0.24 43.07 -31.38
CA TRP G 376 -0.28 44.41 -31.18
C TRP G 376 -0.14 44.84 -29.72
N GLY G 377 -0.58 43.98 -28.81
CA GLY G 377 -0.49 44.26 -27.40
C GLY G 377 0.92 44.55 -26.96
N LEU G 378 1.85 43.69 -27.37
CA LEU G 378 3.27 43.86 -27.04
C LEU G 378 3.78 45.21 -27.53
N THR G 379 3.44 45.54 -28.77
CA THR G 379 3.86 46.80 -29.36
C THR G 379 3.33 47.99 -28.55
N TRP G 380 2.07 47.92 -28.17
CA TRP G 380 1.44 48.98 -27.38
C TRP G 380 2.13 49.13 -26.03
N THR G 381 2.49 48.00 -25.43
CA THR G 381 3.17 48.00 -24.14
C THR G 381 4.56 48.61 -24.26
N LEU G 382 5.22 48.35 -25.37
CA LEU G 382 6.56 48.87 -25.62
C LEU G 382 6.50 50.34 -26.02
N CYS G 383 5.32 50.79 -26.42
CA CYS G 383 5.12 52.18 -26.84
C CYS G 383 4.74 53.05 -25.65
N GLU G 384 3.53 52.84 -25.13
CA GLU G 384 3.05 53.61 -23.98
C GLU G 384 3.86 53.31 -22.73
N SER G 385 4.10 52.03 -22.48
CA SER G 385 4.87 51.60 -21.33
C SER G 385 6.17 52.39 -21.21
N LEU G 386 7.05 52.18 -22.18
CA LEU G 386 8.34 52.87 -22.19
C LEU G 386 8.17 54.38 -22.07
N TRP G 387 7.24 54.92 -22.87
CA TRP G 387 6.98 56.35 -22.86
C TRP G 387 6.80 56.87 -21.43
N GLY G 388 5.85 56.27 -20.71
CA GLY G 388 5.58 56.65 -19.34
C GLY G 388 6.78 56.44 -18.43
N GLN G 389 7.33 55.23 -18.48
CA GLN G 389 8.49 54.89 -17.67
C GLN G 389 9.58 55.96 -17.80
N LEU G 390 9.62 56.61 -18.96
CA LEU G 390 10.60 57.66 -19.21
C LEU G 390 9.95 58.87 -19.88
N LYS G 391 9.00 59.49 -19.18
CA LYS G 391 8.30 60.65 -19.70
C LYS G 391 9.15 61.91 -19.58
N GLU G 399 18.58 64.96 -5.71
CA GLU G 399 19.38 64.15 -6.60
C GLU G 399 19.15 62.62 -6.51
N PRO G 400 18.94 61.97 -5.36
CA PRO G 400 18.62 60.56 -5.35
C PRO G 400 17.24 60.24 -5.92
N ASN G 401 16.36 61.22 -6.22
CA ASN G 401 15.10 61.00 -6.93
C ASN G 401 15.40 60.45 -8.32
N GLU G 402 16.45 60.96 -9.02
CA GLU G 402 16.85 60.36 -10.30
C GLU G 402 17.30 58.91 -10.17
N TYR G 403 18.06 58.61 -9.11
CA TYR G 403 18.43 57.25 -8.77
C TYR G 403 17.21 56.36 -8.49
N VAL G 404 16.25 56.81 -7.65
CA VAL G 404 15.02 56.08 -7.38
C VAL G 404 14.14 55.92 -8.62
N ARG G 405 13.93 56.97 -9.42
CA ARG G 405 13.18 56.92 -10.67
C ARG G 405 13.76 55.93 -11.67
N ASN G 406 15.10 55.88 -11.83
CA ASN G 406 15.75 54.86 -12.64
C ASN G 406 15.52 53.46 -12.10
N LEU G 407 15.58 53.23 -10.77
CA LEU G 407 15.26 51.93 -10.21
C LEU G 407 13.84 51.49 -10.49
N GLU G 408 12.85 52.40 -10.31
CA GLU G 408 11.47 52.15 -10.62
C GLU G 408 11.21 51.88 -12.11
N ARG G 409 11.78 52.69 -13.04
CA ARG G 409 11.69 52.43 -14.48
C ARG G 409 12.34 51.12 -14.86
N ARG G 410 13.54 50.84 -14.32
CA ARG G 410 14.24 49.59 -14.54
C ARG G 410 13.45 48.40 -14.05
N LYS G 411 12.82 48.51 -12.85
CA LYS G 411 11.96 47.50 -12.29
C LYS G 411 10.74 47.19 -13.13
N ALA G 412 10.04 48.22 -13.64
CA ALA G 412 8.89 48.03 -14.51
C ALA G 412 9.26 47.40 -15.84
N PHE G 413 10.35 47.89 -16.47
CA PHE G 413 10.87 47.39 -17.72
C PHE G 413 11.36 45.93 -17.62
N SER G 414 12.16 45.62 -16.62
CA SER G 414 12.65 44.26 -16.46
C SER G 414 11.51 43.26 -16.65
N HIS G 415 10.62 43.19 -15.67
CA HIS G 415 9.47 42.28 -15.73
C HIS G 415 8.72 42.45 -17.05
N TRP G 416 8.64 43.69 -17.53
CA TRP G 416 7.99 43.97 -18.80
C TRP G 416 8.70 43.23 -19.93
N LEU G 417 10.03 43.34 -19.95
CA LEU G 417 10.82 42.64 -20.95
C LEU G 417 10.56 41.14 -20.89
N ALA G 418 10.50 40.61 -19.67
CA ALA G 418 10.22 39.18 -19.48
C ALA G 418 8.88 38.80 -20.11
N HIS G 419 7.85 39.56 -19.78
CA HIS G 419 6.50 39.31 -20.31
C HIS G 419 6.50 39.37 -21.83
N THR G 420 7.30 40.29 -22.38
CA THR G 420 7.40 40.44 -23.83
C THR G 420 8.03 39.19 -24.45
N ALA G 421 9.15 38.75 -23.89
CA ALA G 421 9.83 37.55 -24.37
C ALA G 421 9.18 36.28 -23.84
N GLU G 422 7.96 36.42 -23.31
CA GLU G 422 7.22 35.29 -22.76
C GLU G 422 6.90 34.20 -23.80
N GLU G 423 5.61 33.86 -23.91
CA GLU G 423 5.15 32.79 -24.76
C GLU G 423 6.27 32.19 -25.60
N ARG G 424 7.11 33.06 -26.22
CA ARG G 424 8.29 32.65 -26.97
C ARG G 424 9.31 31.88 -26.15
N ILE G 425 9.53 32.35 -24.93
CA ILE G 425 10.30 31.63 -23.94
C ILE G 425 9.36 30.68 -23.20
N GLU G 426 8.06 30.97 -23.30
CA GLU G 426 7.03 30.16 -22.63
C GLU G 426 7.08 28.70 -23.09
N GLU G 427 6.15 28.30 -23.95
CA GLU G 427 6.09 26.93 -24.44
C GLU G 427 7.45 26.51 -25.01
N GLU G 428 8.16 27.46 -25.60
CA GLU G 428 9.47 27.19 -26.19
C GLU G 428 10.44 26.64 -25.15
N VAL G 429 10.73 27.45 -24.14
CA VAL G 429 11.63 27.02 -23.08
C VAL G 429 11.05 25.81 -22.38
N SER G 430 9.74 25.70 -22.39
CA SER G 430 9.07 24.53 -21.82
C SER G 430 9.63 23.28 -22.47
N LEU G 431 9.38 23.13 -23.76
CA LEU G 431 9.93 22.00 -24.50
C LEU G 431 11.42 21.88 -24.21
N TYR G 432 12.11 23.02 -24.33
CA TYR G 432 13.55 23.09 -24.11
C TYR G 432 13.96 22.28 -22.88
N GLY G 433 13.46 22.66 -21.72
CA GLY G 433 13.60 21.85 -20.52
C GLY G 433 13.15 20.44 -20.86
N PRO G 434 11.78 20.16 -20.69
CA PRO G 434 11.39 18.83 -21.21
C PRO G 434 11.95 18.41 -22.59
N GLU G 435 13.28 18.47 -22.71
CA GLU G 435 13.97 18.09 -23.93
C GLU G 435 15.46 17.89 -23.66
N ARG G 436 16.28 18.88 -24.03
CA ARG G 436 17.72 18.82 -23.82
C ARG G 436 18.43 19.91 -24.63
N HIS G 437 19.54 20.45 -24.12
CA HIS G 437 20.09 20.06 -22.81
C HIS G 437 20.62 21.30 -22.09
N VAL G 438 21.83 21.70 -22.43
CA VAL G 438 22.43 22.92 -21.88
C VAL G 438 21.62 24.12 -22.36
N GLU G 439 22.29 25.25 -22.57
CA GLU G 439 21.63 26.45 -23.06
C GLU G 439 20.42 26.80 -22.18
N ALA G 440 19.53 25.84 -22.00
CA ALA G 440 18.35 26.02 -21.16
C ALA G 440 18.74 26.70 -19.86
N VAL G 441 19.85 26.27 -19.27
CA VAL G 441 20.35 26.88 -18.05
C VAL G 441 20.51 28.38 -18.25
N PHE G 442 20.90 28.76 -19.46
CA PHE G 442 21.04 30.17 -19.82
C PHE G 442 19.67 30.79 -20.02
N SER G 443 18.78 30.05 -20.70
CA SER G 443 17.43 30.49 -20.92
C SER G 443 16.59 30.72 -19.66
N PHE G 444 16.71 29.86 -18.63
CA PHE G 444 16.11 30.10 -17.32
C PHE G 444 16.62 31.39 -16.67
N LEU G 445 17.92 31.70 -16.83
CA LEU G 445 18.51 32.96 -16.41
C LEU G 445 17.88 34.17 -17.12
N THR G 446 17.59 34.09 -18.43
CA THR G 446 16.80 35.11 -19.14
C THR G 446 15.39 35.25 -18.56
N GLY G 447 14.80 34.14 -18.06
CA GLY G 447 13.51 34.18 -17.37
C GLY G 447 13.55 34.71 -15.96
N ILE G 450 14.86 33.34 -11.32
CA ILE G 450 16.16 32.75 -11.03
C ILE G 450 16.06 31.54 -10.09
N SER G 451 15.29 31.66 -9.00
CA SER G 451 15.13 30.63 -7.98
C SER G 451 14.58 29.31 -8.48
N ASP G 452 13.57 29.32 -9.38
CA ASP G 452 13.06 28.14 -10.03
C ASP G 452 14.07 27.47 -10.93
N ALA G 453 14.82 28.28 -11.71
CA ALA G 453 15.90 27.79 -12.56
C ALA G 453 17.02 27.13 -11.76
N CYS G 454 17.44 27.76 -10.64
CA CYS G 454 18.41 27.19 -9.70
C CYS G 454 17.91 25.90 -9.08
N ARG G 455 16.64 25.88 -8.63
CA ARG G 455 16.04 24.68 -8.10
C ARG G 455 15.94 23.55 -9.13
N LEU G 456 15.56 23.83 -10.39
CA LEU G 456 15.58 22.83 -11.43
C LEU G 456 16.98 22.32 -11.72
N ALA G 457 17.99 23.21 -11.80
CA ALA G 457 19.38 22.85 -11.97
C ALA G 457 19.92 21.98 -10.84
N GLN G 458 19.51 22.24 -9.58
CA GLN G 458 19.81 21.37 -8.46
C GLN G 458 19.20 19.97 -8.59
N ASP G 462 26.59 21.72 -9.63
CA ASP G 462 27.34 22.92 -9.92
C ASP G 462 27.19 23.98 -8.79
N HIS G 463 27.54 23.59 -7.55
CA HIS G 463 27.39 24.37 -6.32
C HIS G 463 28.06 25.74 -6.36
N ARG G 464 29.29 25.82 -6.89
CA ARG G 464 29.99 27.08 -7.06
C ARG G 464 29.30 28.02 -8.04
N LEU G 465 28.78 27.50 -9.17
CA LEU G 465 28.04 28.29 -10.14
C LEU G 465 26.77 28.85 -9.51
N SER G 466 26.05 28.04 -8.70
CA SER G 466 24.82 28.44 -8.02
C SER G 466 24.96 29.69 -7.16
N LEU G 467 26.03 29.79 -6.36
CA LEU G 467 26.36 30.99 -5.60
C LEU G 467 26.66 32.22 -6.46
N LEU G 468 27.37 32.06 -7.59
CA LEU G 468 27.60 33.14 -8.54
C LEU G 468 26.32 33.60 -9.23
N LEU G 469 25.38 32.69 -9.55
CA LEU G 469 24.11 33.02 -10.15
C LEU G 469 23.27 33.97 -9.32
N SER G 470 23.32 33.89 -7.97
CA SER G 470 22.57 34.80 -7.13
C SER G 470 23.07 36.24 -7.17
N GLN G 471 24.30 36.47 -7.67
CA GLN G 471 24.84 37.79 -7.93
C GLN G 471 24.20 38.47 -9.13
N MET G 472 23.55 37.71 -10.04
CA MET G 472 22.71 38.29 -11.07
C MET G 472 21.52 39.04 -10.48
N VAL G 473 21.13 40.17 -11.09
CA VAL G 473 20.18 41.16 -10.54
C VAL G 473 20.95 42.14 -9.67
N GLY G 474 22.17 41.73 -9.26
CA GLY G 474 23.15 42.57 -8.64
C GLY G 474 23.99 43.30 -9.66
N SER G 475 24.00 44.63 -9.53
CA SER G 475 24.74 45.54 -10.38
C SER G 475 26.10 45.81 -9.82
N GLN G 476 26.44 45.12 -8.72
CA GLN G 476 27.67 45.15 -8.00
C GLN G 476 28.91 44.99 -8.87
N GLU G 477 30.03 45.61 -8.45
CA GLU G 477 31.31 45.56 -9.12
C GLU G 477 32.02 44.19 -9.09
N MET G 478 31.25 43.11 -8.83
CA MET G 478 31.59 41.73 -9.07
C MET G 478 31.91 41.50 -10.53
N ARG G 479 31.19 42.15 -11.44
CA ARG G 479 31.40 41.95 -12.87
C ARG G 479 32.85 41.65 -13.26
N GLU G 480 33.63 42.73 -13.42
CA GLU G 480 35.00 42.64 -13.90
C GLU G 480 35.81 41.48 -13.34
N LEU G 481 35.90 41.40 -12.01
CA LEU G 481 36.67 40.35 -11.36
C LEU G 481 36.39 38.99 -11.98
N ILE G 482 35.29 38.38 -11.55
CA ILE G 482 34.88 37.07 -12.05
C ILE G 482 35.04 36.98 -13.56
N SER G 483 34.63 38.03 -14.25
CA SER G 483 34.79 38.08 -15.71
C SER G 483 36.21 37.67 -16.11
N LEU G 484 37.13 38.61 -16.05
CA LEU G 484 38.51 38.35 -16.47
C LEU G 484 39.14 37.12 -15.87
N GLN G 485 39.04 36.97 -14.56
CA GLN G 485 39.70 35.85 -13.89
C GLN G 485 39.27 34.49 -14.44
N LEU G 486 37.97 34.27 -14.56
CA LEU G 486 37.46 32.99 -15.07
C LEU G 486 37.96 32.75 -16.49
N VAL G 487 37.92 33.78 -17.33
CA VAL G 487 38.38 33.65 -18.71
C VAL G 487 39.84 33.24 -18.72
N ASP G 488 40.65 33.89 -17.90
CA ASP G 488 42.07 33.57 -17.85
C ASP G 488 42.27 32.12 -17.42
N TRP G 489 41.52 31.69 -16.42
CA TRP G 489 41.63 30.31 -15.95
C TRP G 489 41.30 29.34 -17.07
N ASN G 490 40.22 29.60 -17.79
CA ASN G 490 39.83 28.72 -18.89
C ASN G 490 40.91 28.68 -19.96
N LYS G 491 41.49 29.83 -20.29
CA LYS G 491 42.54 29.88 -21.29
C LYS G 491 43.74 29.05 -20.85
N LEU G 492 44.12 29.18 -19.58
CA LEU G 492 45.24 28.43 -19.06
C LEU G 492 44.96 26.93 -19.13
N GLN G 493 43.73 26.54 -18.81
CA GLN G 493 43.36 25.13 -18.89
C GLN G 493 43.49 24.63 -20.31
N GLU G 501 28.73 26.14 -21.33
CA GLU G 501 27.57 26.59 -20.56
C GLU G 501 27.98 27.21 -19.23
N ARG G 502 29.25 27.60 -19.14
CA ARG G 502 29.78 28.21 -17.92
C ARG G 502 30.38 29.57 -18.21
N LEU G 503 31.12 29.69 -19.33
CA LEU G 503 31.64 30.94 -19.83
C LEU G 503 30.52 31.91 -20.16
N ARG G 504 29.42 31.46 -20.80
CA ARG G 504 28.26 32.31 -21.06
C ARG G 504 27.62 32.88 -19.81
N VAL G 505 27.44 32.09 -18.73
CA VAL G 505 26.99 32.60 -17.43
C VAL G 505 27.91 33.67 -16.88
N PHE G 506 29.23 33.48 -17.00
CA PHE G 506 30.21 34.47 -16.59
C PHE G 506 30.10 35.75 -17.44
N CYS G 507 29.89 35.65 -18.78
CA CYS G 507 29.64 36.81 -19.64
C CYS G 507 28.46 37.66 -19.19
N LEU G 508 27.38 37.01 -18.72
CA LEU G 508 26.25 37.69 -18.11
C LEU G 508 26.62 38.43 -16.84
N LEU G 509 27.40 37.82 -15.90
CA LEU G 509 27.77 38.49 -14.66
C LEU G 509 28.86 39.54 -14.83
N SER G 510 29.63 39.50 -15.93
CA SER G 510 30.51 40.59 -16.37
C SER G 510 29.73 41.87 -16.62
N GLY G 511 28.44 41.75 -16.97
CA GLY G 511 27.55 42.85 -17.26
C GLY G 511 27.74 43.43 -18.63
N THR G 512 28.72 42.97 -19.42
CA THR G 512 28.84 43.43 -20.81
C THR G 512 28.71 42.28 -21.78
N PRO G 513 27.56 41.60 -21.91
CA PRO G 513 27.52 40.28 -22.54
C PRO G 513 27.83 40.32 -24.00
N VAL G 514 27.34 41.32 -24.76
CA VAL G 514 27.48 41.31 -26.21
C VAL G 514 28.56 42.25 -26.73
N TRP G 515 28.68 43.47 -26.19
CA TRP G 515 29.59 44.49 -26.73
C TRP G 515 31.04 44.14 -26.47
N ARG G 516 31.28 43.28 -25.47
CA ARG G 516 32.57 42.69 -25.24
C ARG G 516 32.80 41.51 -26.16
N SER G 517 33.42 41.78 -27.32
CA SER G 517 33.73 40.78 -28.34
C SER G 517 34.82 39.82 -27.90
N SER G 518 35.53 40.13 -26.81
CA SER G 518 36.55 39.31 -26.18
C SER G 518 36.11 37.90 -25.84
N ASP G 519 34.88 37.74 -25.33
CA ASP G 519 34.31 36.44 -25.00
C ASP G 519 33.71 35.74 -26.22
N ASN G 520 33.22 36.54 -27.20
CA ASN G 520 32.70 36.11 -28.50
C ASN G 520 31.54 35.11 -28.39
N ARG G 521 30.69 35.28 -27.37
CA ARG G 521 29.64 34.30 -27.08
C ARG G 521 28.26 34.84 -27.32
N SER G 522 28.00 36.07 -26.87
CA SER G 522 26.65 36.59 -26.85
C SER G 522 26.37 37.40 -28.09
N ILE G 523 27.38 37.64 -28.96
CA ILE G 523 27.12 38.13 -30.31
C ILE G 523 26.66 37.00 -31.20
N ASN G 524 27.37 35.84 -31.16
CA ASN G 524 27.08 34.66 -31.96
C ASN G 524 25.74 34.04 -31.62
N VAL G 525 25.20 34.35 -30.43
CA VAL G 525 23.88 33.95 -29.99
C VAL G 525 22.75 34.57 -30.81
N CYS G 526 23.02 35.68 -31.56
CA CYS G 526 22.04 36.41 -32.34
C CYS G 526 21.31 35.58 -33.39
N SER G 527 22.02 34.64 -34.05
CA SER G 527 21.41 33.67 -34.95
C SER G 527 20.48 32.69 -34.27
N GLN G 528 20.80 32.28 -33.03
CA GLN G 528 20.05 31.31 -32.26
C GLN G 528 18.76 31.87 -31.66
N LEU G 529 18.82 33.08 -31.08
CA LEU G 529 17.75 33.59 -30.25
C LEU G 529 17.09 34.78 -30.89
N ASP G 530 15.83 35.07 -30.51
CA ASP G 530 15.21 36.33 -30.87
C ASP G 530 16.01 37.55 -30.44
N TRP G 531 15.96 38.62 -31.23
CA TRP G 531 16.54 39.89 -30.87
C TRP G 531 15.97 40.43 -29.55
N LYS G 532 14.64 40.26 -29.34
CA LYS G 532 14.00 40.52 -28.07
C LYS G 532 14.53 39.70 -26.88
N ARG G 533 14.88 38.41 -27.09
CA ARG G 533 15.51 37.57 -26.06
C ARG G 533 16.89 38.10 -25.66
N THR G 534 17.72 38.48 -26.65
CA THR G 534 19.03 39.07 -26.42
C THR G 534 18.95 40.46 -25.75
N LEU G 535 17.94 41.31 -26.10
CA LEU G 535 17.68 42.58 -25.40
C LEU G 535 17.42 42.40 -23.92
N ALA G 536 16.60 41.39 -23.55
CA ALA G 536 16.26 41.11 -22.19
C ALA G 536 17.48 40.81 -21.33
N VAL G 537 18.46 40.07 -21.88
CA VAL G 537 19.75 39.85 -21.25
C VAL G 537 20.50 41.13 -20.99
N HIS G 538 20.58 42.02 -21.98
CA HIS G 538 21.18 43.33 -21.79
C HIS G 538 20.45 44.17 -20.76
N LEU G 539 19.12 44.29 -20.82
CA LEU G 539 18.36 45.06 -19.86
C LEU G 539 18.47 44.53 -18.43
N TRP G 540 18.41 43.21 -18.26
CA TRP G 540 18.50 42.58 -16.96
C TRP G 540 19.89 42.66 -16.34
N TYR G 541 20.99 42.44 -17.09
CA TYR G 541 22.32 42.41 -16.48
C TYR G 541 23.24 43.58 -16.80
N MET G 542 22.99 44.25 -17.91
CA MET G 542 23.93 45.19 -18.49
C MET G 542 24.86 45.81 -17.44
N LEU G 543 24.29 46.20 -16.31
CA LEU G 543 25.06 46.78 -15.21
C LEU G 543 24.14 47.44 -14.19
N PRO G 544 24.64 47.65 -12.99
CA PRO G 544 23.86 48.28 -11.91
C PRO G 544 23.49 49.71 -12.25
N PRO G 545 24.47 50.47 -12.93
CA PRO G 545 24.04 51.85 -13.21
C PRO G 545 22.71 51.89 -13.95
N THR G 546 21.63 52.21 -13.24
CA THR G 546 20.30 52.29 -13.84
C THR G 546 20.21 53.45 -14.81
N ALA G 547 20.90 53.24 -15.94
CA ALA G 547 20.68 53.83 -17.27
C ALA G 547 21.33 52.90 -18.33
N THR G 548 22.36 52.18 -17.88
CA THR G 548 23.13 51.29 -18.74
C THR G 548 22.30 50.17 -19.35
N ILE G 549 21.18 49.84 -18.72
CA ILE G 549 20.29 48.81 -19.25
C ILE G 549 19.78 49.26 -20.61
N ALA G 550 19.08 50.38 -20.62
CA ALA G 550 18.62 50.98 -21.86
C ALA G 550 19.81 51.09 -22.80
N GLN G 551 20.95 51.53 -22.27
CA GLN G 551 22.16 51.59 -23.08
C GLN G 551 22.38 50.32 -23.94
N ALA G 552 22.70 49.21 -23.26
CA ALA G 552 22.98 47.94 -23.92
C ALA G 552 21.85 47.45 -24.80
N LEU G 553 20.61 47.74 -24.38
CA LEU G 553 19.45 47.38 -25.20
C LEU G 553 19.58 48.01 -26.57
N ARG G 554 19.61 49.35 -26.58
CA ARG G 554 19.80 50.09 -27.82
C ARG G 554 20.96 49.48 -28.61
N LEU G 555 22.04 49.19 -27.88
CA LEU G 555 23.20 48.52 -28.48
C LEU G 555 22.81 47.30 -29.33
N TYR G 556 22.45 46.20 -28.68
CA TYR G 556 22.10 44.96 -29.39
C TYR G 556 21.10 45.21 -30.52
N GLU G 557 20.21 46.18 -30.27
CA GLU G 557 19.22 46.58 -31.26
C GLU G 557 19.91 47.01 -32.55
N ARG G 558 20.50 48.21 -32.52
CA ARG G 558 21.22 48.73 -33.69
C ARG G 558 22.26 47.72 -34.19
N ALA G 559 22.48 46.69 -33.39
CA ALA G 559 23.44 45.63 -33.70
C ALA G 559 22.95 44.59 -34.72
N PHE G 560 21.84 43.91 -34.44
CA PHE G 560 21.34 42.84 -35.34
C PHE G 560 21.52 43.07 -36.86
N GLN G 561 21.59 41.99 -37.66
CA GLN G 561 21.77 42.12 -39.10
C GLN G 561 21.74 40.76 -39.78
N GLU G 562 20.71 40.53 -40.60
CA GLU G 562 20.58 39.27 -41.31
C GLU G 562 20.36 39.50 -42.81
N HIS G 563 20.98 38.65 -43.62
CA HIS G 563 20.86 38.76 -45.08
C HIS G 563 21.87 37.86 -45.77
N GLN G 597 13.51 45.92 -40.06
CA GLN G 597 12.99 47.28 -40.17
C GLN G 597 11.50 47.34 -39.86
N ARG G 598 10.80 46.30 -40.32
CA ARG G 598 9.38 46.14 -40.31
C ARG G 598 8.85 45.65 -38.98
N ASP G 599 9.71 45.22 -38.02
CA ASP G 599 9.20 44.88 -36.70
C ASP G 599 8.78 46.16 -35.98
N VAL G 600 7.46 46.25 -35.71
CA VAL G 600 6.80 47.35 -35.04
C VAL G 600 7.32 47.50 -33.63
N CYS G 601 7.45 46.37 -32.92
CA CYS G 601 7.83 46.28 -31.53
C CYS G 601 9.26 46.74 -31.36
N VAL G 602 10.11 46.38 -32.33
CA VAL G 602 11.46 46.89 -32.48
C VAL G 602 11.50 48.39 -32.71
N HIS G 603 10.72 48.94 -33.66
CA HIS G 603 10.78 50.36 -33.94
C HIS G 603 10.36 51.25 -32.75
N LEU G 604 9.39 50.79 -31.92
CA LEU G 604 9.06 51.44 -30.66
C LEU G 604 10.22 51.53 -29.68
N LEU G 605 11.06 50.49 -29.60
CA LEU G 605 12.27 50.52 -28.79
C LEU G 605 13.24 51.56 -29.27
N LYS G 606 13.47 51.61 -30.59
CA LYS G 606 14.30 52.63 -31.19
C LYS G 606 13.78 54.04 -30.90
N LEU G 607 12.46 54.26 -30.98
CA LEU G 607 11.88 55.53 -30.58
C LEU G 607 12.13 55.87 -29.12
N TYR G 608 11.95 54.88 -28.22
CA TYR G 608 12.22 55.04 -26.81
C TYR G 608 13.68 55.32 -26.47
N SER G 609 14.61 54.69 -27.19
CA SER G 609 16.04 54.80 -26.93
C SER G 609 16.60 56.15 -27.32
N GLU G 610 15.75 56.96 -27.94
CA GLU G 610 16.14 58.29 -28.39
C GLU G 610 16.00 59.32 -27.27
N ARG G 611 16.52 60.51 -27.49
CA ARG G 611 16.46 61.58 -26.51
C ARG G 611 15.46 62.65 -26.93
N GLN G 612 15.91 63.58 -27.77
CA GLN G 612 15.06 64.66 -28.25
C GLN G 612 15.81 65.55 -29.24
N TYR G 613 15.32 66.78 -29.40
CA TYR G 613 15.94 67.74 -30.32
C TYR G 613 16.26 67.07 -31.65
N ASP G 614 17.26 67.61 -32.35
CA ASP G 614 17.66 67.09 -33.64
C ASP G 614 16.50 67.06 -34.62
N LEU G 615 15.35 67.57 -34.18
CA LEU G 615 14.16 67.61 -35.02
C LEU G 615 14.48 68.10 -36.42
N CYS G 616 14.69 67.17 -37.33
CA CYS G 616 15.00 67.50 -38.72
C CYS G 616 15.47 66.28 -39.50
N GLN G 617 15.24 65.10 -38.93
CA GLN G 617 15.63 63.85 -39.57
C GLN G 617 14.92 62.65 -38.93
N LEU G 618 15.25 62.38 -37.68
CA LEU G 618 14.64 61.25 -36.95
C LEU G 618 13.17 61.53 -36.62
N LEU G 619 12.86 62.80 -36.38
CA LEU G 619 11.47 63.22 -36.40
C LEU G 619 10.90 62.81 -37.76
N ASP G 620 11.79 62.78 -38.74
CA ASP G 620 11.48 62.35 -40.11
C ASP G 620 11.22 60.86 -40.32
N PRO G 621 12.07 59.88 -39.73
CA PRO G 621 11.51 58.52 -39.89
C PRO G 621 10.24 58.44 -39.06
N SER G 622 10.15 59.17 -37.94
CA SER G 622 8.97 59.01 -37.07
C SER G 622 7.73 58.94 -37.93
N SER G 623 7.68 59.80 -38.95
CA SER G 623 6.57 59.76 -39.89
C SER G 623 6.45 58.36 -40.48
N VAL G 624 7.57 57.74 -40.88
CA VAL G 624 7.56 56.37 -41.44
C VAL G 624 6.82 55.48 -40.51
N THR G 625 7.30 55.37 -39.27
CA THR G 625 6.62 54.56 -38.27
C THR G 625 5.14 54.86 -38.39
N PRO G 626 4.73 56.09 -38.01
CA PRO G 626 3.30 56.44 -38.03
C PRO G 626 2.55 55.85 -39.22
N ASP G 627 2.91 56.26 -40.43
CA ASP G 627 2.21 55.79 -41.63
C ASP G 627 2.02 54.28 -41.70
N TYR G 631 -1.94 54.24 -36.91
CA TYR G 631 -2.67 55.36 -37.49
C TYR G 631 -3.16 56.29 -36.40
N ARG G 632 -4.11 55.81 -35.60
CA ARG G 632 -4.66 56.62 -34.52
C ARG G 632 -3.69 56.75 -33.35
N LEU G 633 -2.90 55.70 -33.10
CA LEU G 633 -1.97 55.72 -32.00
C LEU G 633 -0.91 56.75 -32.28
N SER G 634 -0.33 56.71 -33.49
CA SER G 634 0.66 57.68 -33.93
C SER G 634 0.17 59.10 -33.78
N TRP G 635 -1.08 59.41 -34.19
CA TRP G 635 -1.67 60.72 -33.97
C TRP G 635 -1.72 61.15 -32.51
N HIS G 636 -2.24 60.26 -31.64
CA HIS G 636 -2.41 60.55 -30.23
C HIS G 636 -1.08 60.75 -29.55
N LEU G 637 -0.10 59.88 -29.90
CA LEU G 637 1.26 59.98 -29.43
C LEU G 637 1.89 61.33 -29.71
N TRP G 638 1.86 61.81 -30.97
CA TRP G 638 2.44 63.09 -31.32
C TRP G 638 1.73 64.26 -30.64
N MET G 639 0.39 64.23 -30.59
CA MET G 639 -0.39 65.26 -29.93
C MET G 639 -0.11 65.41 -28.46
N VAL G 640 -0.07 64.30 -27.69
CA VAL G 640 0.25 64.36 -26.26
C VAL G 640 1.64 64.89 -26.03
N LEU G 641 2.65 64.38 -26.76
CA LEU G 641 4.02 64.81 -26.59
C LEU G 641 4.25 66.28 -26.88
N GLN G 642 3.67 66.79 -27.98
CA GLN G 642 3.77 68.20 -28.33
C GLN G 642 3.12 69.10 -27.31
N ALA G 643 1.91 68.74 -26.86
CA ALA G 643 1.19 69.52 -25.89
C ALA G 643 1.84 69.54 -24.52
N LEU G 644 2.40 68.40 -24.10
CA LEU G 644 3.03 68.23 -22.82
C LEU G 644 4.37 68.94 -22.71
N ASN G 645 4.96 69.23 -23.87
CA ASN G 645 6.24 69.91 -23.93
C ASN G 645 7.40 68.93 -24.04
N TYR G 646 7.12 67.66 -23.79
CA TYR G 646 8.13 66.61 -23.86
C TYR G 646 8.65 66.44 -25.29
N THR G 647 7.75 66.56 -26.25
CA THR G 647 8.10 66.43 -27.66
C THR G 647 7.24 67.32 -28.54
N HIS G 648 7.75 68.50 -28.86
CA HIS G 648 7.02 69.45 -29.70
C HIS G 648 6.95 68.97 -31.14
N LEU G 649 5.87 68.27 -31.48
CA LEU G 649 5.68 67.75 -32.82
C LEU G 649 5.30 68.86 -33.79
N SER G 650 5.45 68.59 -35.09
CA SER G 650 5.11 69.57 -36.11
C SER G 650 5.12 68.94 -37.51
N GLU G 651 4.10 69.21 -38.32
CA GLU G 651 2.98 70.06 -37.94
C GLU G 651 1.84 69.97 -38.94
N HIS G 652 2.16 70.21 -40.21
CA HIS G 652 1.17 70.15 -41.28
C HIS G 652 1.18 68.84 -42.06
N ARG G 653 2.36 68.31 -42.43
CA ARG G 653 2.42 67.02 -43.10
C ARG G 653 1.94 65.88 -42.22
N GLN G 654 2.30 65.92 -40.92
CA GLN G 654 1.83 64.98 -39.92
C GLN G 654 0.31 65.06 -39.77
N GLY G 655 -0.26 66.27 -39.75
CA GLY G 655 -1.71 66.47 -39.77
C GLY G 655 -2.42 66.04 -41.02
N THR G 656 -1.83 66.22 -42.22
CA THR G 656 -2.39 65.76 -43.50
C THR G 656 -2.56 64.25 -43.48
N LEU G 657 -1.52 63.58 -42.99
CA LEU G 657 -1.45 62.16 -42.83
C LEU G 657 -2.46 61.61 -41.83
N HIS G 658 -2.59 62.26 -40.65
CA HIS G 658 -3.60 61.92 -39.68
C HIS G 658 -5.01 62.08 -40.23
N ALA G 659 -5.24 63.17 -41.00
CA ALA G 659 -6.51 63.48 -41.60
C ALA G 659 -7.01 62.44 -42.60
N SER G 660 -6.15 61.97 -43.53
CA SER G 660 -6.57 60.88 -44.41
C SER G 660 -6.74 59.59 -43.67
N TYR G 661 -5.85 59.24 -42.72
CA TYR G 661 -6.03 58.04 -41.92
C TYR G 661 -7.34 58.05 -41.11
N ALA G 662 -7.66 59.17 -40.43
CA ALA G 662 -8.93 59.37 -39.75
C ALA G 662 -10.14 59.31 -40.67
N ALA G 663 -10.06 59.89 -41.89
CA ALA G 663 -11.07 59.76 -42.90
C ALA G 663 -11.24 58.35 -43.42
N GLN G 664 -10.13 57.61 -43.62
CA GLN G 664 -10.20 56.20 -43.99
C GLN G 664 -10.93 55.42 -42.91
N LEU G 665 -10.61 55.68 -41.64
CA LEU G 665 -11.33 55.14 -40.51
C LEU G 665 -12.79 55.58 -40.40
N GLU G 666 -13.18 56.77 -40.88
CA GLU G 666 -14.59 57.16 -40.88
C GLU G 666 -15.39 56.37 -41.89
N ASN G 667 -14.91 56.32 -43.13
CA ASN G 667 -15.60 55.60 -44.20
C ASN G 667 -16.73 54.73 -43.66
N VAL G 668 -16.45 53.97 -42.61
CA VAL G 668 -17.45 53.10 -42.00
C VAL G 668 -18.21 53.83 -40.91
N GLY G 669 -18.24 55.15 -40.99
CA GLY G 669 -18.93 55.97 -40.01
C GLY G 669 -18.02 56.45 -38.90
N LEU G 670 -17.02 57.25 -39.29
CA LEU G 670 -16.06 57.83 -38.37
C LEU G 670 -16.15 59.35 -38.45
N TRP G 671 -17.20 59.89 -39.06
CA TRP G 671 -17.28 61.34 -39.28
C TRP G 671 -17.23 62.40 -38.15
N GLU G 672 -17.92 62.21 -37.03
CA GLU G 672 -17.90 63.24 -35.99
C GLU G 672 -16.54 63.54 -35.35
N TRP G 673 -15.80 62.49 -35.00
CA TRP G 673 -14.49 62.67 -34.38
C TRP G 673 -13.54 63.37 -35.34
N ALA G 674 -13.58 62.95 -36.60
CA ALA G 674 -12.73 63.54 -37.61
C ALA G 674 -13.07 65.00 -37.76
N ILE G 675 -14.36 65.32 -37.76
CA ILE G 675 -14.77 66.71 -37.91
C ILE G 675 -14.23 67.55 -36.76
N PHE G 676 -14.34 67.02 -35.54
CA PHE G 676 -13.85 67.77 -34.39
C PHE G 676 -12.35 68.01 -34.47
N VAL G 677 -11.62 66.97 -34.90
CA VAL G 677 -10.18 67.09 -35.01
C VAL G 677 -9.83 68.15 -36.04
N LEU G 678 -10.57 68.15 -37.15
CA LEU G 678 -10.33 69.10 -38.22
C LEU G 678 -10.54 70.50 -37.70
N LEU G 679 -11.60 70.69 -36.92
CA LEU G 679 -11.86 72.02 -36.39
C LEU G 679 -10.72 72.49 -35.46
N HIS G 680 -10.28 71.62 -34.57
CA HIS G 680 -9.19 71.98 -33.63
C HIS G 680 -7.81 72.18 -34.29
N ILE G 681 -7.51 71.30 -35.24
CA ILE G 681 -6.24 71.32 -35.96
C ILE G 681 -6.00 72.56 -36.82
N PRO G 682 -7.12 73.06 -37.51
CA PRO G 682 -6.84 74.23 -38.34
C PRO G 682 -5.54 74.27 -39.19
N HIS G 683 -4.68 75.29 -39.15
CA HIS G 683 -4.83 76.50 -38.34
C HIS G 683 -4.22 77.73 -39.03
N PRO G 684 -4.68 79.01 -38.70
CA PRO G 684 -5.77 79.10 -37.71
C PRO G 684 -7.13 78.99 -38.39
N HIS G 685 -7.16 79.12 -39.70
CA HIS G 685 -8.42 79.06 -40.45
C HIS G 685 -8.37 78.07 -41.64
N ILE G 686 -8.65 78.57 -42.84
CA ILE G 686 -8.66 77.78 -44.08
C ILE G 686 -9.15 76.34 -43.95
N ARG G 687 -8.80 75.67 -42.85
CA ARG G 687 -9.23 74.30 -42.61
C ARG G 687 -10.74 74.26 -42.45
N GLU G 688 -11.26 75.26 -41.75
CA GLU G 688 -12.69 75.38 -41.46
C GLU G 688 -13.50 75.37 -42.76
N ALA G 689 -12.98 76.06 -43.77
CA ALA G 689 -13.65 76.13 -45.07
C ALA G 689 -13.71 74.75 -45.73
N GLY G 690 -12.75 73.89 -45.37
CA GLY G 690 -12.70 72.55 -45.92
C GLY G 690 -13.54 71.60 -45.09
N VAL G 691 -13.48 71.76 -43.77
CA VAL G 691 -14.27 70.93 -42.88
C VAL G 691 -15.75 71.16 -43.11
N ARG G 692 -16.11 72.42 -43.33
CA ARG G 692 -17.50 72.78 -43.61
C ARG G 692 -17.96 72.13 -44.91
N GLU G 693 -17.09 72.13 -45.91
CA GLU G 693 -17.41 71.51 -47.20
C GLU G 693 -17.60 70.02 -47.01
N LEU G 694 -16.77 69.41 -46.18
CA LEU G 694 -16.87 67.99 -45.89
C LEU G 694 -18.21 67.69 -45.22
N LEU G 695 -18.61 68.56 -44.30
CA LEU G 695 -19.88 68.40 -43.60
C LEU G 695 -21.03 68.51 -44.59
N ASN G 696 -20.91 69.42 -45.53
CA ASN G 696 -21.93 69.60 -46.57
C ASN G 696 -22.04 68.34 -47.41
N ARG G 697 -20.91 67.74 -47.77
CA ARG G 697 -20.94 66.51 -48.55
C ARG G 697 -21.61 65.42 -47.73
N GLN G 698 -21.27 65.39 -46.46
CA GLN G 698 -21.73 64.37 -45.52
C GLN G 698 -23.24 64.45 -45.47
N CYS G 699 -23.76 65.68 -45.57
CA CYS G 699 -25.20 65.85 -45.64
C CYS G 699 -25.53 66.68 -46.88
N VAL G 700 -25.37 66.05 -48.03
CA VAL G 700 -25.83 66.62 -49.30
C VAL G 700 -27.16 65.97 -49.61
N VAL G 701 -27.14 64.64 -49.74
CA VAL G 701 -28.35 63.84 -49.84
C VAL G 701 -28.36 62.76 -48.77
N ARG G 702 -27.58 61.70 -49.01
CA ARG G 702 -27.45 60.53 -48.13
C ARG G 702 -27.56 60.93 -46.66
N GLU G 703 -26.87 62.02 -46.33
CA GLU G 703 -27.05 62.64 -45.03
C GLU G 703 -28.54 62.87 -44.83
N SER G 704 -29.19 63.50 -45.81
CA SER G 704 -30.62 63.78 -45.74
C SER G 704 -31.44 62.51 -45.96
N PRO G 705 -30.76 61.45 -46.58
CA PRO G 705 -31.58 60.26 -46.78
C PRO G 705 -31.32 59.20 -45.71
N GLU G 706 -30.09 59.16 -45.21
CA GLU G 706 -29.71 58.19 -44.18
C GLU G 706 -29.97 58.76 -42.79
N SER G 707 -30.14 60.07 -42.71
CA SER G 707 -30.39 60.73 -41.44
C SER G 707 -31.89 60.80 -41.14
N LEU G 708 -32.70 60.59 -42.17
CA LEU G 708 -34.16 60.62 -42.02
C LEU G 708 -34.62 59.70 -40.91
N ALA G 709 -34.02 59.85 -39.73
CA ALA G 709 -34.38 59.03 -38.58
C ALA G 709 -33.83 59.63 -37.29
N LYS G 710 -33.55 58.76 -36.31
CA LYS G 710 -33.02 59.21 -35.03
C LYS G 710 -31.50 59.10 -34.99
N GLU G 711 -30.93 58.40 -35.96
CA GLU G 711 -29.49 58.23 -36.03
C GLU G 711 -28.79 59.54 -36.38
N ASN G 712 -29.44 60.38 -37.17
CA ASN G 712 -28.87 61.67 -37.51
C ASN G 712 -28.87 62.66 -36.35
N PHE G 713 -29.94 62.69 -35.57
CA PHE G 713 -30.04 63.73 -34.53
C PHE G 713 -28.91 63.63 -33.51
N LEU G 714 -28.57 62.42 -33.08
CA LEU G 714 -27.49 62.23 -32.12
C LEU G 714 -26.13 62.69 -32.66
N ILE G 715 -25.87 62.35 -33.92
CA ILE G 715 -24.62 62.73 -34.56
C ILE G 715 -24.51 64.24 -34.66
N HIS G 716 -25.62 64.88 -35.02
CA HIS G 716 -25.66 66.33 -35.12
C HIS G 716 -25.39 66.94 -33.76
N ARG G 717 -25.96 66.34 -32.73
CA ARG G 717 -25.76 66.83 -31.37
C ARG G 717 -24.29 66.73 -30.98
N LEU G 718 -23.67 65.62 -31.34
CA LEU G 718 -22.31 65.30 -30.89
C LEU G 718 -21.26 66.30 -31.37
N CYS G 719 -21.39 66.74 -32.60
CA CYS G 719 -20.43 67.68 -33.19
C CYS G 719 -20.44 69.01 -32.44
N VAL G 720 -19.29 69.67 -32.38
CA VAL G 720 -19.16 70.88 -31.59
C VAL G 720 -20.18 71.91 -32.06
N PRO G 721 -20.81 72.63 -31.04
CA PRO G 721 -21.95 73.42 -31.54
C PRO G 721 -21.59 74.52 -32.54
N ALA G 722 -22.37 74.57 -33.60
CA ALA G 722 -22.30 75.62 -34.61
C ALA G 722 -23.65 75.66 -35.30
N GLN G 723 -23.97 76.76 -35.97
CA GLN G 723 -25.23 76.80 -36.70
C GLN G 723 -25.01 76.16 -38.06
N TRP G 724 -24.60 74.89 -38.05
CA TRP G 724 -24.36 74.14 -39.27
C TRP G 724 -25.49 73.16 -39.58
N VAL G 725 -26.52 73.14 -38.74
CA VAL G 725 -27.60 72.17 -38.92
C VAL G 725 -28.51 72.58 -40.07
N HIS G 726 -28.80 73.86 -40.15
CA HIS G 726 -29.61 74.40 -41.24
C HIS G 726 -28.91 74.18 -42.56
N GLU G 727 -27.59 74.37 -42.56
CA GLU G 727 -26.79 74.20 -43.76
C GLU G 727 -26.84 72.77 -44.29
N ALA G 728 -26.81 71.80 -43.38
CA ALA G 728 -26.83 70.40 -43.80
C ALA G 728 -28.24 70.00 -44.26
N LYS G 729 -29.24 70.45 -43.53
CA LYS G 729 -30.63 70.15 -43.85
C LYS G 729 -31.02 70.72 -45.21
N ALA G 730 -30.57 71.94 -45.48
CA ALA G 730 -30.88 72.61 -46.75
C ALA G 730 -30.32 71.84 -47.94
N ILE G 731 -29.10 71.32 -47.78
CA ILE G 731 -28.45 70.58 -48.86
C ILE G 731 -29.24 69.32 -49.20
N ARG G 732 -29.74 68.64 -48.17
CA ARG G 732 -30.52 67.42 -48.35
C ARG G 732 -31.79 67.69 -49.14
N SER G 733 -32.45 68.80 -48.84
CA SER G 733 -33.68 69.19 -49.51
C SER G 733 -33.45 69.42 -51.00
N ARG G 734 -32.33 70.06 -51.33
CA ARG G 734 -31.99 70.35 -52.71
C ARG G 734 -31.80 69.07 -53.51
N ARG G 735 -31.15 68.09 -52.90
CA ARG G 735 -30.90 66.81 -53.55
C ARG G 735 -32.20 66.10 -53.89
N ASP G 736 -33.16 66.16 -52.96
CA ASP G 736 -34.46 65.51 -53.17
C ASP G 736 -35.38 66.38 -54.01
N TYR G 745 -39.10 72.21 -46.93
CA TYR G 745 -37.84 72.60 -47.56
C TYR G 745 -37.56 74.08 -47.39
N LEU G 746 -38.53 74.91 -47.76
CA LEU G 746 -38.38 76.36 -47.66
C LEU G 746 -38.22 76.78 -46.20
N LEU G 747 -38.99 76.15 -45.32
CA LEU G 747 -38.91 76.43 -43.89
C LEU G 747 -37.52 76.07 -43.36
N LYS G 748 -37.00 74.94 -43.82
CA LYS G 748 -35.67 74.50 -43.43
C LYS G 748 -34.62 75.49 -43.89
N GLY G 749 -34.80 76.00 -45.10
CA GLY G 749 -33.88 77.00 -45.66
C GLY G 749 -33.92 78.27 -44.81
N HIS G 750 -35.12 78.65 -44.40
CA HIS G 750 -35.29 79.83 -43.55
C HIS G 750 -34.59 79.63 -42.21
N GLN G 751 -34.69 78.43 -41.66
CA GLN G 751 -34.07 78.10 -40.39
C GLN G 751 -32.55 78.06 -40.52
N LYS G 757 -36.88 83.40 -57.27
CA LYS G 757 -37.13 82.50 -58.38
C LYS G 757 -37.39 81.08 -57.89
N LEU G 758 -36.41 80.51 -57.19
CA LEU G 758 -36.54 79.15 -56.68
C LEU G 758 -37.68 79.07 -55.67
N VAL G 759 -37.81 80.08 -54.83
CA VAL G 759 -38.88 80.13 -53.84
C VAL G 759 -40.23 80.18 -54.55
N THR G 760 -40.30 80.97 -55.61
CA THR G 760 -41.52 81.09 -56.40
C THR G 760 -41.89 79.74 -57.01
N ARG G 761 -40.88 79.03 -57.50
CA ARG G 761 -41.09 77.71 -58.09
C ARG G 761 -41.62 76.75 -57.03
N HIS G 762 -41.07 76.85 -55.83
CA HIS G 762 -41.51 76.02 -54.72
C HIS G 762 -42.97 76.31 -54.39
N LEU G 763 -43.34 77.58 -54.40
CA LEU G 763 -44.71 77.98 -54.13
C LEU G 763 -45.63 77.41 -55.20
N ALA G 764 -45.16 77.45 -56.45
CA ALA G 764 -45.94 76.92 -57.56
C ALA G 764 -46.16 75.43 -57.36
N ALA G 765 -45.13 74.71 -56.92
CA ALA G 765 -45.29 73.28 -56.67
C ALA G 765 -46.31 73.07 -55.55
N ASP G 766 -46.17 73.85 -54.49
CA ASP G 766 -47.18 73.89 -53.43
C ASP G 766 -48.18 75.00 -53.72
N ALA G 767 -48.86 74.90 -54.86
CA ALA G 767 -49.86 75.89 -55.25
C ALA G 767 -50.78 76.23 -54.09
N SER G 778 -48.03 71.26 -44.34
CA SER G 778 -47.86 71.91 -45.64
C SER G 778 -48.10 73.41 -45.54
N PHE G 779 -49.27 73.79 -45.03
CA PHE G 779 -49.63 75.19 -44.89
C PHE G 779 -48.67 75.90 -43.94
N LEU G 780 -48.32 75.23 -42.85
CA LEU G 780 -47.38 75.79 -41.88
C LEU G 780 -46.02 76.01 -42.53
N GLY G 781 -45.60 75.05 -43.34
CA GLY G 781 -44.34 75.16 -44.06
C GLY G 781 -44.36 76.34 -45.01
N GLU G 782 -45.50 76.53 -45.69
CA GLU G 782 -45.67 77.65 -46.60
C GLU G 782 -45.57 78.96 -45.84
N LEU G 783 -46.17 79.00 -44.66
CA LEU G 783 -46.12 80.19 -43.82
C LEU G 783 -44.69 80.49 -43.41
N SER G 784 -43.94 79.44 -43.09
CA SER G 784 -42.54 79.59 -42.71
C SER G 784 -41.75 80.15 -43.88
N ASN G 785 -42.04 79.66 -45.08
CA ASN G 785 -41.37 80.14 -46.28
C ASN G 785 -41.67 81.62 -46.50
N PRO G 786 -42.92 82.00 -46.26
CA PRO G 786 -43.32 83.40 -46.39
C PRO G 786 -42.57 84.26 -45.39
N GLU G 787 -42.40 83.75 -44.18
CA GLU G 787 -41.67 84.47 -43.14
C GLU G 787 -40.22 84.64 -43.56
N HIS G 788 -39.64 83.60 -44.17
CA HIS G 788 -38.27 83.66 -44.64
C HIS G 788 -38.14 84.72 -45.74
N CYS G 789 -39.14 84.78 -46.61
CA CYS G 789 -39.15 85.77 -47.68
C CYS G 789 -39.22 87.17 -47.10
N LYS G 790 -40.02 87.34 -46.06
CA LYS G 790 -40.13 88.63 -45.39
C LYS G 790 -38.80 89.03 -44.78
N HIS G 791 -38.12 88.05 -44.19
CA HIS G 791 -36.81 88.30 -43.59
C HIS G 791 -35.81 88.73 -44.67
N ILE G 792 -35.90 88.08 -45.82
CA ILE G 792 -35.02 88.42 -46.94
C ILE G 792 -35.30 89.85 -47.43
N GLN G 793 -36.57 90.22 -47.45
CA GLN G 793 -36.96 91.56 -47.87
C GLN G 793 -36.47 92.62 -46.90
N LEU G 803 -40.82 88.87 -58.22
CA LEU G 803 -41.32 87.99 -57.17
C LEU G 803 -42.15 88.77 -56.15
N ASP G 804 -42.15 90.09 -56.27
CA ASP G 804 -42.90 90.95 -55.37
C ASP G 804 -44.40 90.68 -55.48
N TYR G 805 -44.87 90.49 -56.71
CA TYR G 805 -46.28 90.19 -56.95
C TYR G 805 -46.65 88.86 -56.31
N ILE G 806 -45.75 87.88 -56.42
CA ILE G 806 -45.97 86.57 -55.82
C ILE G 806 -46.05 86.70 -54.31
N ARG G 807 -45.19 87.53 -53.74
CA ARG G 807 -45.18 87.77 -52.30
C ARG G 807 -46.50 88.40 -51.86
N VAL G 808 -46.99 89.33 -52.68
CA VAL G 808 -48.27 89.98 -52.40
C VAL G 808 -49.41 88.96 -52.43
N ILE G 809 -49.34 88.05 -53.39
CA ILE G 809 -50.34 87.00 -53.51
C ILE G 809 -50.31 86.11 -52.28
N ASP G 810 -49.11 85.80 -51.81
CA ASP G 810 -48.94 84.98 -50.62
C ASP G 810 -49.54 85.69 -49.41
N MET G 811 -49.32 87.00 -49.32
CA MET G 811 -49.88 87.80 -48.23
C MET G 811 -51.40 87.77 -48.27
N LEU G 812 -51.95 87.85 -49.48
CA LEU G 812 -53.39 87.80 -49.66
C LEU G 812 -53.93 86.45 -49.20
N ASN G 813 -53.20 85.38 -49.52
CA ASN G 813 -53.59 84.04 -49.12
C ASN G 813 -53.58 83.93 -47.60
N LEU G 814 -52.57 84.54 -46.98
CA LEU G 814 -52.47 84.55 -45.52
C LEU G 814 -53.65 85.29 -44.90
N ILE G 815 -54.03 86.39 -45.52
CA ILE G 815 -55.15 87.19 -45.04
C ILE G 815 -56.33 86.31 -44.65
N GLY G 822 -61.13 84.23 -54.40
CA GLY G 822 -59.94 84.34 -53.56
C GLY G 822 -58.68 84.14 -54.39
N CYS G 823 -58.58 82.99 -55.05
CA CYS G 823 -57.42 82.67 -55.88
C CYS G 823 -57.28 83.66 -57.02
N GLU G 824 -58.42 84.00 -57.63
CA GLU G 824 -58.43 84.97 -58.73
C GLU G 824 -57.93 86.33 -58.25
N LEU G 825 -58.38 86.71 -57.05
CA LEU G 825 -57.95 87.97 -56.45
C LEU G 825 -56.45 87.96 -56.21
N GLU G 826 -55.94 86.83 -55.74
CA GLU G 826 -54.52 86.68 -55.50
C GLU G 826 -53.74 86.82 -56.80
N LYS G 827 -54.28 86.24 -57.86
CA LYS G 827 -53.66 86.33 -59.18
C LYS G 827 -53.63 87.78 -59.65
N LEU G 828 -54.72 88.49 -59.40
CA LEU G 828 -54.80 89.90 -59.76
C LEU G 828 -53.75 90.70 -59.01
N HIS G 829 -53.57 90.38 -57.73
CA HIS G 829 -52.58 91.05 -56.90
C HIS G 829 -51.18 90.79 -57.44
N THR G 830 -50.95 89.55 -57.88
CA THR G 830 -49.66 89.18 -58.45
C THR G 830 -49.40 89.97 -59.72
N LYS G 831 -50.46 90.13 -60.53
CA LYS G 831 -50.36 90.90 -61.76
C LYS G 831 -50.02 92.35 -61.46
N VAL G 832 -50.64 92.89 -60.41
CA VAL G 832 -50.37 94.26 -59.99
C VAL G 832 -48.92 94.41 -59.56
N MET G 833 -48.42 93.40 -58.84
CA MET G 833 -47.04 93.41 -58.40
C MET G 833 -46.10 93.39 -59.60
N SER G 834 -46.44 92.60 -60.60
CA SER G 834 -45.66 92.51 -61.82
C SER G 834 -45.64 93.87 -62.53
N LEU G 835 -46.79 94.53 -62.55
CA LEU G 835 -46.90 95.85 -63.15
C LEU G 835 -46.01 96.85 -62.42
N CYS G 836 -45.99 96.75 -61.09
CA CYS G 836 -45.18 97.64 -60.27
C CYS G 836 -44.14 96.87 -59.48
N TYR G 845 -48.13 86.35 -69.48
CA TYR G 845 -46.95 86.16 -68.64
C TYR G 845 -46.72 84.68 -68.33
N THR G 846 -45.51 84.21 -68.59
CA THR G 846 -45.17 82.81 -68.35
C THR G 846 -45.27 82.48 -66.87
N ALA G 847 -44.82 83.40 -66.02
CA ALA G 847 -44.90 83.22 -64.58
C ALA G 847 -46.37 83.12 -64.14
N LYS G 848 -47.20 83.97 -64.73
CA LYS G 848 -48.62 83.95 -64.43
C LYS G 848 -49.24 82.62 -64.83
N ASP G 849 -48.83 82.11 -65.99
CA ASP G 849 -49.31 80.83 -66.47
C ASP G 849 -48.90 79.71 -65.50
N ARG G 850 -47.68 79.80 -65.01
CA ARG G 850 -47.18 78.82 -64.05
C ARG G 850 -48.01 78.86 -62.77
N LEU G 851 -48.35 80.08 -62.33
CA LEU G 851 -49.16 80.27 -61.15
C LEU G 851 -50.54 79.65 -61.36
N ALA G 852 -51.08 79.84 -62.55
CA ALA G 852 -52.38 79.26 -62.89
C ALA G 852 -52.32 77.75 -62.85
N GLN G 853 -51.23 77.18 -63.35
CA GLN G 853 -51.02 75.74 -63.34
C GLN G 853 -50.96 75.23 -61.90
N SER G 854 -50.28 75.99 -61.04
CA SER G 854 -50.17 75.64 -59.63
C SER G 854 -51.55 75.65 -58.98
N GLU G 855 -52.36 76.64 -59.34
CA GLU G 855 -53.71 76.75 -58.82
C GLU G 855 -54.54 75.55 -59.26
N MET G 856 -54.36 75.14 -60.51
CA MET G 856 -55.06 73.98 -61.04
C MET G 856 -54.67 72.73 -60.28
N ALA G 857 -53.38 72.61 -59.97
CA ALA G 857 -52.86 71.48 -59.21
C ALA G 857 -53.49 71.46 -57.82
N LYS G 858 -53.61 72.64 -57.22
CA LYS G 858 -54.21 72.76 -55.90
C LYS G 858 -55.68 72.33 -55.95
N ARG G 859 -56.37 72.71 -57.02
CA ARG G 859 -57.76 72.33 -57.20
C ARG G 859 -57.88 70.82 -57.34
N VAL G 860 -56.94 70.22 -58.06
CA VAL G 860 -56.92 68.77 -58.22
C VAL G 860 -56.70 68.08 -56.88
N ALA G 861 -55.83 68.65 -56.07
CA ALA G 861 -55.56 68.12 -54.74
C ALA G 861 -56.82 68.20 -53.89
N ASN G 862 -57.54 69.31 -54.00
CA ASN G 862 -58.78 69.49 -53.26
C ASN G 862 -59.80 68.45 -53.68
N ILE G 863 -59.86 68.18 -54.99
CA ILE G 863 -60.76 67.17 -55.52
C ILE G 863 -60.42 65.79 -54.98
N LEU G 864 -59.12 65.50 -54.89
CA LEU G 864 -58.64 64.22 -54.38
C LEU G 864 -59.02 64.05 -52.91
N MET H 1 6.31 47.28 -82.07
CA MET H 1 5.77 48.63 -82.22
C MET H 1 4.29 48.67 -81.86
N VAL H 2 3.60 49.69 -82.35
CA VAL H 2 2.18 49.84 -82.08
C VAL H 2 1.40 48.66 -82.65
N SER H 3 1.77 48.23 -83.86
CA SER H 3 1.10 47.11 -84.50
C SER H 3 1.31 45.84 -83.67
N VAL H 4 2.52 45.68 -83.16
CA VAL H 4 2.85 44.52 -82.33
C VAL H 4 2.01 44.54 -81.06
N ILE H 5 1.85 45.73 -80.48
CA ILE H 5 1.07 45.88 -79.27
C ILE H 5 -0.39 45.51 -79.55
N ASN H 6 -0.88 45.93 -80.71
CA ASN H 6 -2.26 45.63 -81.10
C ASN H 6 -2.43 44.12 -81.26
N THR H 7 -1.43 43.47 -81.84
CA THR H 7 -1.47 42.03 -82.04
C THR H 7 -1.50 41.34 -80.69
N VAL H 8 -0.72 41.84 -79.74
CA VAL H 8 -0.66 41.29 -78.40
C VAL H 8 -2.02 41.42 -77.71
N ASP H 9 -2.66 42.57 -77.92
CA ASP H 9 -3.96 42.83 -77.32
C ASP H 9 -5.09 42.69 -78.34
N THR H 10 -5.76 41.54 -78.33
CA THR H 10 -6.85 41.28 -79.26
C THR H 10 -8.08 42.08 -78.85
N SER H 11 -8.32 42.13 -77.55
CA SER H 11 -9.45 42.83 -76.98
C SER H 11 -10.56 41.81 -76.70
N HIS H 12 -10.72 41.43 -75.44
CA HIS H 12 -11.75 40.47 -75.08
C HIS H 12 -13.14 41.01 -75.37
N GLU H 13 -13.35 42.28 -75.07
CA GLU H 13 -14.64 42.92 -75.30
C GLU H 13 -14.44 44.38 -75.71
N ASP H 14 -15.40 44.92 -76.45
CA ASP H 14 -15.33 46.32 -76.88
C ASP H 14 -14.54 47.16 -75.88
N MET H 15 -14.07 48.33 -76.31
CA MET H 15 -13.31 49.22 -75.43
C MET H 15 -13.86 50.64 -75.37
N ILE H 16 -13.55 51.33 -74.27
CA ILE H 16 -13.99 52.71 -74.05
C ILE H 16 -12.79 53.59 -73.71
N HIS H 17 -12.90 54.89 -73.98
CA HIS H 17 -11.80 55.80 -73.73
C HIS H 17 -11.80 56.19 -72.28
N ASP H 18 -12.68 57.12 -71.89
CA ASP H 18 -12.79 57.60 -70.54
C ASP H 18 -14.19 57.27 -70.04
N ALA H 19 -14.31 57.13 -68.72
CA ALA H 19 -15.57 56.94 -68.08
C ALA H 19 -15.48 57.44 -66.66
N GLN H 20 -16.36 58.38 -66.27
CA GLN H 20 -16.26 59.01 -64.97
C GLN H 20 -17.57 58.78 -64.24
N MET H 21 -17.47 58.41 -62.95
CA MET H 21 -18.55 58.33 -61.99
C MET H 21 -19.17 59.69 -61.75
N ASP H 22 -20.49 59.70 -61.49
CA ASP H 22 -21.18 60.89 -61.07
C ASP H 22 -20.72 61.35 -59.67
N TYR H 23 -20.99 62.62 -59.34
CA TYR H 23 -21.05 63.08 -57.96
C TYR H 23 -22.14 62.32 -57.22
N TYR H 24 -21.99 62.09 -55.89
CA TYR H 24 -22.91 61.29 -55.10
C TYR H 24 -22.82 59.78 -55.37
N GLY H 25 -21.90 59.34 -56.25
CA GLY H 25 -21.73 57.99 -56.80
C GLY H 25 -22.97 57.25 -57.27
N ILE H 26 -23.85 57.89 -58.08
CA ILE H 26 -25.08 57.28 -58.57
C ILE H 26 -24.90 56.76 -59.99
N ARG H 27 -24.55 57.65 -60.95
CA ARG H 27 -24.42 57.36 -62.35
C ARG H 27 -22.97 57.12 -62.72
N LEU H 28 -22.76 56.66 -63.97
CA LEU H 28 -21.48 56.35 -64.53
C LEU H 28 -21.54 56.56 -66.03
N ALA H 29 -21.23 57.80 -66.47
CA ALA H 29 -21.09 58.10 -67.88
C ALA H 29 -19.86 57.51 -68.52
N THR H 30 -19.99 57.06 -69.77
CA THR H 30 -18.93 56.43 -70.52
C THR H 30 -18.97 56.95 -71.91
N CYS H 31 -17.87 56.70 -72.61
CA CYS H 31 -17.82 56.98 -74.00
C CYS H 31 -16.81 56.06 -74.66
N SER H 32 -17.05 55.70 -75.93
CA SER H 32 -16.13 54.83 -76.64
C SER H 32 -15.87 55.37 -78.03
N SER H 33 -15.00 54.68 -78.80
CA SER H 33 -14.67 55.10 -80.16
C SER H 33 -15.77 54.97 -81.21
N ASP H 34 -16.99 54.54 -80.83
CA ASP H 34 -18.12 54.33 -81.71
C ASP H 34 -18.98 55.58 -81.82
N ARG H 35 -18.59 56.67 -81.09
CA ARG H 35 -19.22 57.98 -81.04
C ARG H 35 -20.39 58.03 -80.07
N SER H 36 -20.46 57.09 -79.10
CA SER H 36 -21.64 56.91 -78.26
C SER H 36 -21.37 57.20 -76.80
N VAL H 37 -22.12 58.16 -76.23
CA VAL H 37 -21.99 58.59 -74.84
C VAL H 37 -23.06 57.90 -74.00
N LYS H 38 -22.71 56.76 -73.39
CA LYS H 38 -23.66 55.96 -72.63
C LYS H 38 -23.65 56.37 -71.17
N ILE H 39 -24.83 56.62 -70.57
CA ILE H 39 -24.93 56.89 -69.15
C ILE H 39 -25.43 55.61 -68.51
N PHE H 40 -24.61 54.96 -67.66
CA PHE H 40 -25.03 53.84 -66.84
C PHE H 40 -25.38 54.33 -65.44
N ASP H 41 -26.10 53.52 -64.65
CA ASP H 41 -26.44 53.71 -63.27
C ASP H 41 -25.88 52.50 -62.51
N VAL H 42 -25.28 52.75 -61.32
CA VAL H 42 -24.60 51.79 -60.47
C VAL H 42 -25.27 51.84 -59.12
N LYS H 43 -26.48 51.24 -58.97
CA LYS H 43 -27.08 51.09 -57.67
C LYS H 43 -26.83 49.67 -57.18
N ASN H 44 -26.00 49.51 -56.12
CA ASN H 44 -25.63 48.26 -55.44
C ASN H 44 -24.45 47.56 -56.09
N GLY H 45 -23.72 48.22 -57.03
CA GLY H 45 -22.62 47.61 -57.76
C GLY H 45 -23.02 47.03 -59.11
N GLY H 46 -24.32 47.02 -59.45
CA GLY H 46 -24.81 46.50 -60.73
C GLY H 46 -24.96 47.59 -61.75
N GLN H 47 -24.33 47.43 -62.93
CA GLN H 47 -24.40 48.37 -64.04
C GLN H 47 -25.69 48.24 -64.86
N ILE H 48 -26.40 49.35 -65.08
CA ILE H 48 -27.66 49.42 -65.82
C ILE H 48 -27.56 50.63 -66.75
N LEU H 49 -27.68 50.48 -68.08
CA LEU H 49 -27.82 51.57 -69.05
C LEU H 49 -29.10 52.39 -68.93
N ILE H 50 -29.02 53.72 -69.11
CA ILE H 50 -30.14 54.64 -69.01
C ILE H 50 -30.36 55.37 -70.34
N ALA H 51 -29.30 55.67 -71.11
CA ALA H 51 -29.42 56.41 -72.35
C ALA H 51 -28.12 56.26 -73.11
N ASP H 52 -28.19 56.31 -74.46
CA ASP H 52 -27.07 56.29 -75.38
C ASP H 52 -27.17 57.63 -76.11
N LEU H 53 -26.51 58.69 -75.56
CA LEU H 53 -26.44 59.98 -76.20
C LEU H 53 -25.47 59.94 -77.38
N ARG H 54 -26.02 59.80 -78.59
CA ARG H 54 -25.25 59.77 -79.81
C ARG H 54 -25.27 61.15 -80.41
N GLY H 55 -24.14 61.61 -80.97
CA GLY H 55 -24.17 62.92 -81.58
C GLY H 55 -22.89 63.46 -82.04
N HIS H 56 -21.79 62.68 -81.98
CA HIS H 56 -20.48 63.15 -82.35
C HIS H 56 -20.12 62.49 -83.67
N ASP H 57 -19.48 63.22 -84.61
CA ASP H 57 -19.06 62.70 -85.92
C ASP H 57 -17.79 61.85 -85.81
N GLY H 58 -17.04 61.96 -84.69
CA GLY H 58 -15.81 61.24 -84.40
C GLY H 58 -15.86 60.64 -83.01
N PRO H 59 -14.95 59.72 -82.68
CA PRO H 59 -14.79 59.12 -81.35
C PRO H 59 -14.75 60.09 -80.19
N VAL H 60 -15.55 59.88 -79.13
CA VAL H 60 -15.53 60.73 -77.95
C VAL H 60 -14.27 60.43 -77.15
N TRP H 61 -13.62 61.48 -76.61
CA TRP H 61 -12.36 61.36 -75.90
C TRP H 61 -12.62 61.24 -74.41
N GLN H 62 -12.71 62.38 -73.71
CA GLN H 62 -12.90 62.45 -72.26
C GLN H 62 -14.30 62.93 -71.94
N VAL H 63 -14.75 62.71 -70.68
CA VAL H 63 -16.10 63.07 -70.29
C VAL H 63 -16.11 63.60 -68.86
N ALA H 64 -16.93 64.62 -68.53
CA ALA H 64 -16.93 65.16 -67.18
C ALA H 64 -18.31 65.64 -66.73
N TRP H 65 -18.71 65.19 -65.51
CA TRP H 65 -19.95 65.53 -64.84
C TRP H 65 -19.77 66.89 -64.23
N ALA H 66 -20.79 67.75 -64.35
CA ALA H 66 -20.82 69.02 -63.66
C ALA H 66 -21.29 68.84 -62.25
N HIS H 67 -21.10 69.87 -61.42
CA HIS H 67 -21.49 69.79 -60.04
C HIS H 67 -23.03 69.73 -59.87
N PRO H 68 -23.64 68.94 -58.97
CA PRO H 68 -25.09 68.77 -58.82
C PRO H 68 -25.85 70.02 -58.38
N MET H 69 -25.13 71.07 -57.95
CA MET H 69 -25.63 72.41 -57.66
C MET H 69 -26.25 73.10 -58.89
N TYR H 70 -25.90 72.66 -60.11
CA TYR H 70 -26.44 73.15 -61.37
C TYR H 70 -27.43 72.19 -61.99
N GLY H 71 -28.08 71.30 -61.18
CA GLY H 71 -28.93 70.25 -61.72
C GLY H 71 -28.08 69.06 -62.10
N ASN H 72 -28.40 68.35 -63.19
CA ASN H 72 -27.64 67.20 -63.60
C ASN H 72 -27.14 67.49 -65.00
N ILE H 73 -25.82 67.76 -65.15
CA ILE H 73 -25.20 68.14 -66.40
C ILE H 73 -24.01 67.25 -66.63
N LEU H 74 -23.81 66.80 -67.87
CA LEU H 74 -22.66 66.04 -68.28
C LEU H 74 -22.18 66.61 -69.59
N ALA H 75 -20.85 66.80 -69.75
CA ALA H 75 -20.27 67.28 -70.98
C ALA H 75 -19.25 66.30 -71.52
N SER H 76 -19.24 66.11 -72.86
CA SER H 76 -18.32 65.22 -73.56
C SER H 76 -17.78 65.91 -74.78
N CYS H 77 -16.46 65.75 -75.02
CA CYS H 77 -15.76 66.21 -76.21
C CYS H 77 -15.32 65.13 -77.11
N SER H 78 -14.92 65.54 -78.32
CA SER H 78 -14.69 64.54 -79.31
C SER H 78 -13.69 64.94 -80.37
N TYR H 79 -13.33 63.95 -81.22
CA TYR H 79 -12.57 64.06 -82.44
C TYR H 79 -13.36 64.79 -83.53
N ASP H 80 -14.65 65.10 -83.34
CA ASP H 80 -15.43 65.78 -84.33
C ASP H 80 -15.30 67.30 -84.29
N ARG H 81 -14.51 67.83 -83.32
CA ARG H 81 -14.19 69.25 -83.15
C ARG H 81 -15.23 69.94 -82.29
N LYS H 82 -16.25 69.20 -81.81
CA LYS H 82 -17.41 69.71 -81.14
C LYS H 82 -17.39 69.22 -79.72
N VAL H 83 -18.05 69.97 -78.84
CA VAL H 83 -18.28 69.60 -77.47
C VAL H 83 -19.75 69.75 -77.19
N ILE H 84 -20.33 68.75 -76.50
CA ILE H 84 -21.73 68.68 -76.22
C ILE H 84 -21.90 68.75 -74.71
N ILE H 85 -22.91 69.51 -74.25
CA ILE H 85 -23.39 69.61 -72.89
C ILE H 85 -24.80 69.04 -72.85
N TRP H 86 -25.01 67.93 -72.11
CA TRP H 86 -26.32 67.32 -71.93
C TRP H 86 -26.83 67.65 -70.54
N LYS H 87 -28.01 68.31 -70.50
CA LYS H 87 -28.78 68.57 -69.29
C LYS H 87 -29.75 67.43 -69.08
N GLU H 88 -30.48 67.44 -67.97
CA GLU H 88 -31.48 66.46 -67.63
C GLU H 88 -32.63 67.23 -67.00
N GLU H 89 -33.88 67.00 -67.46
CA GLU H 89 -35.10 67.59 -66.92
C GLU H 89 -36.19 66.53 -66.80
N ASN H 90 -36.20 65.70 -65.73
CA ASN H 90 -37.22 64.66 -65.48
C ASN H 90 -36.94 63.36 -66.23
N GLY H 91 -35.66 63.04 -66.55
CA GLY H 91 -35.31 61.94 -67.45
C GLY H 91 -35.12 62.38 -68.88
N THR H 92 -35.45 63.65 -69.17
CA THR H 92 -35.22 64.36 -70.43
C THR H 92 -33.75 64.66 -70.59
N TRP H 93 -32.95 63.66 -71.00
CA TRP H 93 -31.55 63.83 -71.35
C TRP H 93 -31.38 64.42 -72.74
N GLU H 94 -31.65 65.74 -72.87
CA GLU H 94 -31.44 66.49 -74.08
C GLU H 94 -30.20 67.37 -73.94
N LYS H 95 -29.62 67.76 -75.09
CA LYS H 95 -28.50 68.69 -75.09
C LYS H 95 -29.02 70.11 -75.07
N THR H 96 -28.62 70.89 -74.05
CA THR H 96 -29.08 72.28 -73.96
C THR H 96 -28.14 73.22 -74.64
N TYR H 97 -26.90 72.78 -74.95
CA TYR H 97 -25.96 73.62 -75.63
C TYR H 97 -24.92 72.73 -76.32
N GLU H 98 -24.29 73.27 -77.38
CA GLU H 98 -23.27 72.61 -78.18
C GLU H 98 -22.29 73.68 -78.58
N TYR H 99 -20.97 73.40 -78.54
CA TYR H 99 -19.94 74.35 -78.91
C TYR H 99 -18.99 73.71 -79.92
N THR H 100 -18.69 74.47 -81.00
CA THR H 100 -17.87 74.04 -82.13
C THR H 100 -16.95 75.18 -82.48
N GLY H 101 -16.13 75.64 -81.52
CA GLY H 101 -15.24 76.79 -81.78
C GLY H 101 -13.78 76.51 -82.01
N HIS H 102 -13.39 75.22 -82.02
CA HIS H 102 -12.05 74.77 -82.31
C HIS H 102 -12.05 74.03 -83.62
N ASP H 103 -10.95 74.14 -84.40
CA ASP H 103 -10.90 73.65 -85.76
C ASP H 103 -10.32 72.24 -85.83
N SER H 104 -9.63 71.80 -84.77
CA SER H 104 -9.12 70.45 -84.69
C SER H 104 -9.65 69.82 -83.43
N SER H 105 -9.61 68.46 -83.38
CA SER H 105 -10.12 67.58 -82.33
C SER H 105 -10.04 68.07 -80.92
N VAL H 106 -10.93 67.60 -80.05
CA VAL H 106 -10.92 68.09 -78.73
C VAL H 106 -10.56 66.96 -77.81
N ASN H 107 -9.28 66.94 -77.39
CA ASN H 107 -8.73 65.91 -76.54
C ASN H 107 -9.31 65.89 -75.14
N SER H 108 -9.66 67.03 -74.49
CA SER H 108 -10.09 66.94 -73.11
C SER H 108 -10.98 68.08 -72.64
N VAL H 109 -11.72 67.80 -71.54
CA VAL H 109 -12.64 68.70 -70.85
C VAL H 109 -12.50 68.53 -69.38
N CYS H 110 -12.90 69.58 -68.64
CA CYS H 110 -12.90 69.55 -67.20
C CYS H 110 -13.73 70.72 -66.68
N TRP H 111 -14.40 70.58 -65.52
CA TRP H 111 -15.25 71.62 -64.97
C TRP H 111 -14.51 72.33 -63.90
N ALA H 112 -14.61 73.68 -63.90
CA ALA H 112 -14.03 74.51 -62.87
C ALA H 112 -14.63 74.13 -61.53
N PRO H 113 -13.90 74.20 -60.42
CA PRO H 113 -14.48 74.02 -59.11
C PRO H 113 -15.73 74.84 -58.88
N HIS H 114 -16.79 74.24 -58.31
CA HIS H 114 -18.18 74.70 -58.33
C HIS H 114 -18.45 76.12 -57.85
N ASP H 115 -17.56 76.69 -57.00
CA ASP H 115 -17.63 78.04 -56.47
C ASP H 115 -17.45 79.12 -57.54
N PHE H 116 -16.66 78.84 -58.62
CA PHE H 116 -16.24 79.84 -59.61
C PHE H 116 -17.38 80.14 -60.57
N GLY H 117 -18.31 79.18 -60.60
CA GLY H 117 -19.57 79.17 -61.31
C GLY H 117 -19.67 77.86 -61.99
N LEU H 118 -20.16 77.87 -63.24
CA LEU H 118 -20.25 76.71 -64.08
C LEU H 118 -19.37 76.96 -65.31
N VAL H 119 -18.04 76.89 -65.11
CA VAL H 119 -17.07 77.12 -66.15
C VAL H 119 -16.54 75.77 -66.62
N LEU H 120 -16.52 75.53 -67.94
CA LEU H 120 -16.01 74.33 -68.56
C LEU H 120 -14.81 74.70 -69.40
N ALA H 121 -13.67 74.02 -69.20
CA ALA H 121 -12.45 74.31 -69.92
C ALA H 121 -12.18 73.18 -70.85
N CYS H 122 -11.75 73.53 -72.06
CA CYS H 122 -11.64 72.58 -73.11
C CYS H 122 -10.40 72.79 -73.95
N GLY H 123 -9.50 71.78 -74.06
CA GLY H 123 -8.26 71.86 -74.83
C GLY H 123 -8.38 71.10 -76.13
N SER H 124 -8.13 71.79 -77.26
CA SER H 124 -8.18 71.20 -78.59
C SER H 124 -6.84 70.64 -79.05
N SER H 125 -6.81 70.00 -80.21
CA SER H 125 -5.59 69.53 -80.84
C SER H 125 -5.08 70.54 -81.86
N ASP H 126 -5.73 71.73 -82.03
CA ASP H 126 -5.27 72.81 -82.90
C ASP H 126 -4.21 73.63 -82.16
N GLY H 127 -4.16 73.46 -80.82
CA GLY H 127 -3.32 74.18 -79.88
C GLY H 127 -4.08 75.28 -79.19
N ALA H 128 -5.40 75.15 -79.13
CA ALA H 128 -6.23 76.16 -78.48
C ALA H 128 -7.19 75.54 -77.47
N ILE H 129 -7.47 76.28 -76.40
CA ILE H 129 -8.39 75.85 -75.36
C ILE H 129 -9.55 76.84 -75.36
N SER H 130 -10.77 76.31 -75.32
CA SER H 130 -11.98 77.11 -75.28
C SER H 130 -12.65 76.85 -73.94
N ILE H 131 -12.99 77.92 -73.23
CA ILE H 131 -13.64 77.82 -71.92
C ILE H 131 -15.06 78.37 -72.05
N LEU H 132 -16.05 77.61 -71.58
CA LEU H 132 -17.44 78.03 -71.66
C LEU H 132 -17.96 78.45 -70.28
N THR H 133 -18.49 79.66 -70.20
CA THR H 133 -18.99 80.20 -68.93
C THR H 133 -20.49 80.31 -69.02
N PHE H 134 -21.24 79.79 -68.02
CA PHE H 134 -22.68 79.84 -68.00
C PHE H 134 -23.19 81.21 -67.51
N THR H 135 -24.25 81.74 -68.17
CA THR H 135 -24.95 82.97 -67.80
C THR H 135 -26.29 82.61 -67.16
N GLY H 136 -27.31 83.50 -67.25
CA GLY H 136 -28.68 83.23 -66.83
C GLY H 136 -29.45 82.07 -67.49
N ASP H 137 -29.65 82.09 -68.83
CA ASP H 137 -30.53 81.18 -69.58
C ASP H 137 -29.70 80.15 -70.35
N GLY H 138 -30.07 79.76 -71.60
CA GLY H 138 -29.18 79.12 -72.59
C GLY H 138 -28.09 79.94 -73.31
N PRO H 139 -27.68 81.22 -73.14
CA PRO H 139 -26.39 81.74 -73.61
C PRO H 139 -25.12 81.19 -72.92
N TRP H 140 -24.04 80.89 -73.69
CA TRP H 140 -22.74 80.50 -73.19
C TRP H 140 -21.70 81.34 -73.92
N GLU H 141 -21.00 82.23 -73.20
CA GLU H 141 -19.94 83.04 -73.77
C GLU H 141 -18.62 82.32 -73.63
N VAL H 142 -17.78 82.40 -74.67
CA VAL H 142 -16.53 81.67 -74.75
C VAL H 142 -15.33 82.60 -74.55
N LYS H 143 -14.38 82.20 -73.69
CA LYS H 143 -13.08 82.85 -73.58
C LYS H 143 -12.03 81.93 -74.19
N LYS H 144 -11.63 82.19 -75.45
CA LYS H 144 -10.69 81.33 -76.18
C LYS H 144 -9.24 81.84 -76.10
N ILE H 145 -8.29 80.91 -75.88
CA ILE H 145 -6.86 81.15 -75.90
C ILE H 145 -6.34 80.46 -77.15
N SER H 146 -5.80 81.22 -78.13
CA SER H 146 -5.23 80.67 -79.35
C SER H 146 -3.73 80.45 -79.18
N ASN H 147 -3.18 79.33 -79.73
CA ASN H 147 -1.77 78.94 -79.68
C ASN H 147 -1.23 78.74 -78.25
N ALA H 148 -2.02 78.06 -77.39
CA ALA H 148 -1.68 77.75 -76.02
C ALA H 148 -0.50 76.80 -75.99
N HIS H 149 -0.51 75.74 -76.80
CA HIS H 149 0.52 74.73 -76.91
C HIS H 149 0.85 74.60 -78.37
N THR H 150 2.10 74.21 -78.71
CA THR H 150 2.61 74.27 -80.08
C THR H 150 1.92 73.42 -81.13
N ILE H 151 1.70 72.11 -80.89
CA ILE H 151 1.20 71.21 -81.93
C ILE H 151 -0.15 70.63 -81.45
N GLY H 152 -0.72 71.11 -80.32
CA GLY H 152 -1.99 70.64 -79.80
C GLY H 152 -1.94 70.39 -78.31
N CYS H 153 -3.12 70.23 -77.67
CA CYS H 153 -3.28 70.13 -76.24
C CYS H 153 -3.93 68.78 -75.95
N ASN H 154 -3.52 68.08 -74.89
CA ASN H 154 -4.08 66.77 -74.56
C ASN H 154 -4.81 66.81 -73.24
N ALA H 155 -4.34 67.61 -72.27
CA ALA H 155 -4.88 67.56 -70.95
C ALA H 155 -5.26 68.91 -70.43
N VAL H 156 -6.28 68.93 -69.57
CA VAL H 156 -6.76 70.15 -69.02
C VAL H 156 -7.15 69.79 -67.61
N SER H 157 -6.71 70.55 -66.59
CA SER H 157 -7.07 70.22 -65.23
C SER H 157 -7.14 71.48 -64.41
N TRP H 158 -8.17 71.57 -63.58
CA TRP H 158 -8.45 72.76 -62.82
C TRP H 158 -7.75 72.77 -61.51
N ALA H 159 -7.19 73.93 -61.15
CA ALA H 159 -6.68 74.13 -59.83
C ALA H 159 -7.82 74.11 -58.79
N PRO H 160 -7.74 73.33 -57.68
CA PRO H 160 -8.66 73.38 -56.53
C PRO H 160 -9.04 74.79 -56.17
N SER H 161 -10.32 75.01 -55.84
CA SER H 161 -10.80 76.28 -55.33
C SER H 161 -10.16 76.61 -54.00
N VAL H 162 -9.32 77.67 -54.00
CA VAL H 162 -8.62 78.12 -52.83
C VAL H 162 -9.10 79.51 -52.51
N ILE H 163 -9.86 79.67 -51.41
CA ILE H 163 -10.35 80.94 -50.92
C ILE H 163 -9.18 81.91 -50.60
N PRO H 164 -9.07 83.16 -51.09
CA PRO H 164 -8.05 84.15 -50.68
C PRO H 164 -8.11 84.59 -49.23
N GLY H 165 -9.21 84.25 -48.55
CA GLY H 165 -9.48 84.39 -47.13
C GLY H 165 -8.72 83.38 -46.28
N ASN H 177 -11.77 89.18 -55.41
CA ASN H 177 -10.59 88.85 -54.62
C ASN H 177 -10.26 87.37 -54.65
N TYR H 178 -10.70 86.70 -55.71
CA TYR H 178 -10.45 85.27 -55.88
C TYR H 178 -9.61 84.99 -57.11
N ILE H 179 -8.55 84.21 -56.95
CA ILE H 179 -7.66 83.87 -58.04
C ILE H 179 -7.67 82.36 -58.33
N LYS H 180 -7.88 82.00 -59.59
CA LYS H 180 -7.91 80.59 -59.99
C LYS H 180 -6.78 80.29 -60.97
N ARG H 181 -6.05 79.20 -60.70
CA ARG H 181 -4.95 78.80 -61.56
C ARG H 181 -5.17 77.43 -62.20
N PHE H 182 -4.97 77.35 -63.51
CA PHE H 182 -5.15 76.11 -64.26
C PHE H 182 -3.90 75.72 -65.06
N VAL H 183 -3.50 74.46 -64.96
CA VAL H 183 -2.32 73.97 -65.68
C VAL H 183 -2.68 72.83 -66.63
N SER H 184 -2.20 72.92 -67.87
CA SER H 184 -2.49 71.89 -68.88
C SER H 184 -1.26 71.43 -69.67
N GLY H 185 -1.31 70.18 -70.15
CA GLY H 185 -0.24 69.60 -70.91
C GLY H 185 -0.61 69.43 -72.33
N GLY H 186 0.40 69.29 -73.18
CA GLY H 186 0.14 69.18 -74.57
C GLY H 186 1.27 68.48 -75.17
N CYS H 187 1.29 68.54 -76.49
CA CYS H 187 2.13 67.72 -77.30
C CYS H 187 3.42 68.48 -77.65
N ASP H 188 3.72 69.67 -77.04
CA ASP H 188 4.98 70.41 -77.18
C ASP H 188 5.96 70.07 -76.06
N ASN H 189 5.48 69.25 -75.10
CA ASN H 189 6.18 68.67 -73.96
C ASN H 189 6.01 69.53 -72.72
N LEU H 190 5.39 70.72 -72.88
CA LEU H 190 5.27 71.72 -71.86
C LEU H 190 3.96 71.54 -71.12
N VAL H 191 4.02 71.62 -69.78
CA VAL H 191 2.85 71.62 -68.93
C VAL H 191 2.59 73.07 -68.51
N LYS H 192 1.92 73.89 -69.35
CA LYS H 192 1.63 75.27 -69.02
C LYS H 192 0.59 75.40 -67.92
N ILE H 193 0.86 76.22 -66.88
CA ILE H 193 -0.14 76.64 -65.91
C ILE H 193 -0.81 77.91 -66.45
N TRP H 194 -2.01 78.22 -65.97
CA TRP H 194 -2.74 79.38 -66.45
C TRP H 194 -3.25 80.31 -65.34
N ARG H 195 -3.16 81.61 -65.59
CA ARG H 195 -3.62 82.62 -64.65
C ARG H 195 -4.68 83.51 -65.30
N GLU H 196 -5.80 83.71 -64.61
CA GLU H 196 -6.89 84.53 -65.15
C GLU H 196 -7.20 85.73 -64.26
N GLU H 197 -7.31 86.91 -64.86
CA GLU H 197 -7.61 88.13 -64.12
C GLU H 197 -9.08 88.55 -64.26
N ASP H 198 -9.33 89.67 -64.94
CA ASP H 198 -10.68 90.15 -65.14
C ASP H 198 -11.51 89.17 -65.96
N GLY H 199 -10.89 88.62 -67.00
CA GLY H 199 -11.53 87.65 -67.86
C GLY H 199 -10.56 86.79 -68.67
N GLN H 200 -9.58 87.47 -69.27
CA GLN H 200 -8.58 86.80 -70.10
C GLN H 200 -7.63 85.91 -69.29
N TRP H 201 -7.15 84.86 -69.91
CA TRP H 201 -6.24 83.92 -69.26
C TRP H 201 -4.84 84.01 -69.86
N LYS H 202 -3.85 84.18 -68.99
CA LYS H 202 -2.47 84.28 -69.40
C LYS H 202 -1.68 83.13 -68.79
N GLU H 203 -0.59 82.69 -69.46
CA GLU H 203 0.26 81.62 -68.99
C GLU H 203 1.12 82.19 -67.87
N ASP H 204 0.85 81.80 -66.61
CA ASP H 204 1.67 82.15 -65.45
C ASP H 204 3.07 81.52 -65.54
N GLN H 205 3.19 80.29 -66.10
CA GLN H 205 4.46 79.59 -66.21
C GLN H 205 4.36 78.39 -67.16
N LYS H 206 5.52 77.95 -67.69
CA LYS H 206 5.72 76.74 -68.47
C LYS H 206 6.51 75.72 -67.67
N LEU H 207 6.26 74.42 -67.91
CA LEU H 207 6.96 73.39 -67.16
C LEU H 207 7.50 72.38 -68.17
N GLU H 208 8.81 72.43 -68.50
CA GLU H 208 9.46 71.53 -69.45
C GLU H 208 10.28 70.51 -68.68
N ALA H 209 9.75 69.28 -68.48
CA ALA H 209 10.55 68.18 -67.94
C ALA H 209 10.36 66.91 -68.75
N HIS H 210 9.35 66.88 -69.63
CA HIS H 210 9.03 65.71 -70.42
C HIS H 210 9.81 65.73 -71.71
N SER H 211 10.21 64.57 -72.25
CA SER H 211 11.02 64.56 -73.46
C SER H 211 10.18 64.33 -74.68
N ASP H 212 8.86 64.15 -74.51
CA ASP H 212 7.92 63.94 -75.57
C ASP H 212 6.53 64.38 -75.07
N TRP H 213 5.49 64.25 -75.92
CA TRP H 213 4.08 64.60 -75.72
C TRP H 213 3.46 64.34 -74.37
N VAL H 214 3.09 65.40 -73.63
CA VAL H 214 2.40 65.30 -72.35
C VAL H 214 1.02 64.71 -72.60
N ARG H 215 0.70 63.58 -71.94
CA ARG H 215 -0.54 62.86 -72.17
C ARG H 215 -1.61 63.41 -71.27
N ASP H 216 -1.40 63.36 -69.95
CA ASP H 216 -2.40 63.77 -69.01
C ASP H 216 -1.72 64.56 -67.91
N VAL H 217 -2.48 65.46 -67.26
CA VAL H 217 -2.00 66.39 -66.26
C VAL H 217 -3.09 66.55 -65.23
N ALA H 218 -2.89 66.09 -63.98
CA ALA H 218 -3.93 66.12 -62.97
C ALA H 218 -3.48 66.96 -61.80
N TRP H 219 -4.28 67.97 -61.42
CA TRP H 219 -4.07 68.84 -60.32
C TRP H 219 -4.75 68.22 -59.13
N ALA H 220 -3.95 67.60 -58.26
CA ALA H 220 -4.38 66.99 -57.04
C ALA H 220 -5.20 67.87 -56.13
N PRO H 221 -6.27 67.37 -55.55
CA PRO H 221 -7.08 68.19 -54.68
C PRO H 221 -6.32 68.49 -53.40
N SER H 222 -6.39 69.74 -52.93
CA SER H 222 -5.74 70.11 -51.68
C SER H 222 -6.54 69.57 -50.51
N ILE H 223 -5.95 68.75 -49.61
CA ILE H 223 -6.59 68.23 -48.39
C ILE H 223 -6.78 69.30 -47.29
N GLY H 224 -7.10 70.55 -47.69
CA GLY H 224 -6.95 71.81 -46.96
C GLY H 224 -5.53 72.32 -46.97
N LEU H 225 -4.57 71.40 -47.19
CA LEU H 225 -3.14 71.62 -47.20
C LEU H 225 -2.64 72.61 -48.26
N PRO H 226 -1.74 73.56 -47.97
CA PRO H 226 -1.38 74.58 -48.93
C PRO H 226 -0.33 74.09 -49.92
N THR H 227 0.34 72.92 -49.72
CA THR H 227 1.42 72.37 -50.55
C THR H 227 0.89 71.75 -51.84
N SER H 228 0.14 72.54 -52.65
CA SER H 228 -0.44 72.15 -53.94
C SER H 228 0.50 71.36 -54.88
N THR H 229 0.03 70.20 -55.39
CA THR H 229 0.78 69.26 -56.21
C THR H 229 0.05 69.10 -57.54
N ILE H 230 0.76 68.67 -58.59
CA ILE H 230 0.16 68.37 -59.88
C ILE H 230 0.92 67.14 -60.37
N ALA H 231 0.27 66.22 -61.11
CA ALA H 231 0.89 65.03 -61.65
C ALA H 231 0.81 65.06 -63.16
N SER H 232 1.79 64.47 -63.86
CA SER H 232 1.81 64.49 -65.30
C SER H 232 2.46 63.24 -65.80
N CYS H 233 2.06 62.80 -67.00
CA CYS H 233 2.56 61.58 -67.59
C CYS H 233 2.75 61.83 -69.07
N SER H 234 3.71 61.18 -69.76
CA SER H 234 3.94 61.49 -71.17
C SER H 234 4.34 60.27 -71.97
N GLN H 235 4.60 60.45 -73.28
CA GLN H 235 5.06 59.42 -74.20
C GLN H 235 6.43 58.83 -73.84
N ASP H 236 7.31 59.59 -73.14
CA ASP H 236 8.60 59.14 -72.63
C ASP H 236 8.50 58.02 -71.61
N GLY H 237 7.29 57.89 -71.00
CA GLY H 237 6.92 56.87 -70.04
C GLY H 237 7.26 57.28 -68.64
N ARG H 238 7.48 58.58 -68.37
CA ARG H 238 7.77 59.11 -67.05
C ARG H 238 6.54 59.72 -66.43
N VAL H 239 6.46 59.66 -65.09
CA VAL H 239 5.41 60.30 -64.33
C VAL H 239 6.10 61.29 -63.42
N TYR H 240 5.75 62.59 -63.47
CA TYR H 240 6.35 63.60 -62.62
C TYR H 240 5.27 64.17 -61.76
N ILE H 241 5.61 64.39 -60.48
CA ILE H 241 4.77 64.99 -59.47
C ILE H 241 5.41 66.32 -59.14
N TRP H 242 5.03 67.37 -59.88
CA TRP H 242 5.54 68.71 -59.71
C TRP H 242 4.93 69.33 -58.44
N THR H 243 5.75 70.03 -57.64
CA THR H 243 5.32 70.54 -56.35
C THR H 243 5.65 71.99 -56.22
N SER H 244 4.83 72.69 -55.43
CA SER H 244 4.97 74.07 -55.04
C SER H 244 5.16 74.05 -53.54
N ASP H 245 6.31 74.56 -53.03
CA ASP H 245 6.67 74.50 -51.63
C ASP H 245 5.82 75.44 -50.77
N ASP H 246 5.26 76.52 -51.34
CA ASP H 246 4.54 77.49 -50.55
C ASP H 246 3.57 78.21 -51.47
N ALA H 247 2.57 78.89 -50.88
CA ALA H 247 1.70 79.80 -51.58
C ALA H 247 2.45 81.01 -52.15
N ALA H 248 2.08 81.46 -53.37
CA ALA H 248 2.61 82.68 -53.99
C ALA H 248 4.10 82.70 -54.42
N THR H 249 4.84 81.57 -54.36
CA THR H 249 6.21 81.50 -54.85
C THR H 249 6.12 80.69 -56.13
N ASN H 250 6.47 81.28 -57.32
CA ASN H 250 6.47 80.66 -58.64
C ASN H 250 7.62 79.64 -58.76
N CYS H 251 7.60 78.58 -57.93
CA CYS H 251 8.57 77.51 -57.91
C CYS H 251 7.75 76.26 -58.06
N TRP H 252 7.85 75.60 -59.23
CA TRP H 252 7.34 74.27 -59.42
C TRP H 252 8.55 73.38 -59.62
N THR H 253 8.89 72.58 -58.59
CA THR H 253 10.03 71.66 -58.57
C THR H 253 9.55 70.27 -58.96
N PRO H 254 9.87 69.71 -60.13
CA PRO H 254 9.42 68.38 -60.51
C PRO H 254 10.19 67.29 -59.79
N LYS H 255 9.52 66.14 -59.55
CA LYS H 255 10.14 65.00 -58.93
C LYS H 255 9.64 63.78 -59.66
N LEU H 256 10.55 62.87 -60.05
CA LEU H 256 10.21 61.69 -60.84
C LEU H 256 9.54 60.66 -59.95
N LEU H 257 8.33 60.22 -60.30
CA LEU H 257 7.67 59.10 -59.66
C LEU H 257 8.22 57.76 -60.14
N HIS H 258 8.21 57.53 -61.48
CA HIS H 258 8.73 56.30 -62.04
C HIS H 258 8.86 56.49 -63.54
N LYS H 259 9.62 55.61 -64.23
CA LYS H 259 9.67 55.52 -65.67
C LYS H 259 9.45 54.08 -66.12
N PHE H 260 8.46 53.87 -67.01
CA PHE H 260 8.16 52.60 -67.64
C PHE H 260 8.76 52.68 -69.04
N ASN H 261 9.02 51.53 -69.68
CA ASN H 261 9.54 51.51 -71.05
C ASN H 261 8.49 51.90 -72.10
N ASP H 262 7.21 51.89 -71.71
CA ASP H 262 6.07 52.22 -72.54
C ASP H 262 5.35 53.45 -72.00
N VAL H 263 4.60 54.11 -72.89
CA VAL H 263 3.79 55.32 -72.65
C VAL H 263 2.82 55.23 -71.49
N VAL H 264 2.58 56.35 -70.79
CA VAL H 264 1.59 56.37 -69.74
C VAL H 264 0.42 57.19 -70.25
N TRP H 265 -0.82 56.66 -70.23
CA TRP H 265 -1.96 57.29 -70.88
C TRP H 265 -2.69 58.26 -69.95
N HIS H 266 -2.93 57.88 -68.68
CA HIS H 266 -3.82 58.64 -67.79
C HIS H 266 -3.30 58.60 -66.37
N VAL H 267 -3.60 59.65 -65.58
CA VAL H 267 -3.15 59.81 -64.20
C VAL H 267 -4.30 60.40 -63.41
N SER H 268 -4.65 59.83 -62.23
CA SER H 268 -5.73 60.40 -61.45
C SER H 268 -5.44 60.30 -59.97
N TRP H 269 -5.89 61.33 -59.22
CA TRP H 269 -5.63 61.47 -57.82
C TRP H 269 -6.80 60.93 -57.05
N SER H 270 -6.52 60.04 -56.09
CA SER H 270 -7.45 59.61 -55.08
C SER H 270 -7.53 60.61 -53.94
N ILE H 271 -8.76 60.95 -53.50
CA ILE H 271 -9.17 62.15 -52.79
C ILE H 271 -8.41 62.39 -51.49
N THR H 272 -8.32 61.37 -50.62
CA THR H 272 -7.95 61.54 -49.22
C THR H 272 -6.46 61.46 -49.02
N ALA H 273 -5.88 60.35 -49.50
CA ALA H 273 -4.52 60.03 -49.21
C ALA H 273 -3.58 60.61 -50.26
N ASN H 274 -4.13 61.18 -51.36
CA ASN H 274 -3.38 61.66 -52.50
C ASN H 274 -2.66 60.51 -53.21
N ILE H 275 -3.37 59.36 -53.37
CA ILE H 275 -2.87 58.17 -54.06
C ILE H 275 -3.00 58.43 -55.54
N LEU H 276 -1.92 58.20 -56.29
CA LEU H 276 -1.94 58.37 -57.72
C LEU H 276 -2.27 57.03 -58.38
N ALA H 277 -3.32 57.01 -59.21
CA ALA H 277 -3.63 55.90 -60.10
C ALA H 277 -2.94 56.17 -61.44
N VAL H 278 -1.91 55.39 -61.78
CA VAL H 278 -1.10 55.57 -62.97
C VAL H 278 -1.59 54.53 -63.94
N SER H 279 -2.29 54.96 -65.00
CA SER H 279 -2.82 54.09 -66.03
C SER H 279 -1.94 54.20 -67.25
N GLY H 280 -1.29 53.09 -67.65
CA GLY H 280 -0.43 53.10 -68.80
C GLY H 280 0.65 52.09 -68.70
N GLY H 281 1.38 51.90 -69.81
CA GLY H 281 2.45 50.95 -69.96
C GLY H 281 1.92 49.71 -70.60
N ASP H 282 1.70 48.66 -69.79
CA ASP H 282 1.49 47.29 -70.22
C ASP H 282 0.04 46.84 -70.08
N ASN H 283 -0.96 47.73 -70.30
CA ASN H 283 -2.38 47.47 -70.05
C ASN H 283 -2.74 47.40 -68.56
N LYS H 284 -1.75 47.64 -67.68
CA LYS H 284 -1.82 47.55 -66.24
C LYS H 284 -1.94 48.95 -65.71
N VAL H 285 -2.51 49.08 -64.50
CA VAL H 285 -2.69 50.35 -63.83
C VAL H 285 -2.06 50.15 -62.47
N THR H 286 -1.28 51.11 -61.97
CA THR H 286 -0.56 50.99 -60.71
C THR H 286 -1.14 52.02 -59.78
N LEU H 287 -0.99 51.82 -58.45
CA LEU H 287 -1.39 52.77 -57.44
C LEU H 287 -0.19 53.20 -56.67
N TRP H 288 -0.03 54.51 -56.40
CA TRP H 288 1.16 55.04 -55.77
C TRP H 288 0.86 55.97 -54.62
N LYS H 289 1.61 55.83 -53.53
CA LYS H 289 1.51 56.70 -52.39
C LYS H 289 2.90 57.19 -52.09
N GLU H 290 3.04 58.50 -51.82
CA GLU H 290 4.28 59.08 -51.35
C GLU H 290 4.56 58.55 -49.95
N SER H 291 5.74 57.94 -49.74
CA SER H 291 6.08 57.38 -48.44
C SER H 291 6.36 58.49 -47.43
N VAL H 292 6.53 58.14 -46.14
CA VAL H 292 6.98 59.04 -45.08
C VAL H 292 8.39 59.63 -45.31
N ASP H 293 9.14 59.08 -46.29
CA ASP H 293 10.49 59.43 -46.70
C ASP H 293 10.52 60.34 -47.95
N GLY H 294 9.37 60.57 -48.65
CA GLY H 294 9.27 61.48 -49.81
C GLY H 294 9.49 60.87 -51.17
N GLN H 295 9.94 59.60 -51.18
CA GLN H 295 10.01 58.75 -52.36
C GLN H 295 8.61 58.18 -52.63
N TRP H 296 8.18 58.09 -53.90
CA TRP H 296 6.88 57.49 -54.20
C TRP H 296 7.06 55.98 -54.29
N ALA H 297 6.06 55.19 -53.85
CA ALA H 297 6.11 53.75 -54.01
C ALA H 297 4.82 53.25 -54.59
N CYS H 298 4.88 52.09 -55.30
CA CYS H 298 3.75 51.37 -55.84
C CYS H 298 3.14 50.57 -54.70
N ILE H 299 1.87 50.84 -54.32
CA ILE H 299 1.14 50.07 -53.32
C ILE H 299 0.80 48.70 -53.89
N SER H 300 0.27 48.63 -55.12
CA SER H 300 -0.32 47.41 -55.65
C SER H 300 -0.45 47.49 -57.16
N ASP H 301 -0.74 46.33 -57.79
CA ASP H 301 -1.05 46.15 -59.19
C ASP H 301 -2.56 45.91 -59.16
N VAL H 302 -3.34 46.64 -59.99
CA VAL H 302 -4.75 46.39 -60.17
C VAL H 302 -4.91 45.30 -61.23
N THR I 143 63.17 29.16 35.85
CA THR I 143 61.72 29.18 35.61
C THR I 143 60.86 29.26 36.86
N MET I 144 61.45 28.99 38.03
CA MET I 144 60.92 29.33 39.34
C MET I 144 60.62 30.82 39.54
N SER I 145 61.28 31.74 38.77
CA SER I 145 61.04 33.17 38.91
C SER I 145 59.80 33.59 38.14
N MET I 146 58.93 32.65 37.72
CA MET I 146 57.61 32.87 37.19
C MET I 146 56.66 33.58 38.17
N TYR I 147 56.70 33.25 39.49
CA TYR I 147 55.95 33.96 40.52
C TYR I 147 56.26 35.45 40.56
N PRO I 148 57.52 35.90 40.48
CA PRO I 148 57.87 37.27 40.17
C PRO I 148 57.14 37.90 39.03
N ASP I 149 57.11 37.37 37.81
CA ASP I 149 56.53 38.07 36.67
C ASP I 149 55.07 38.49 36.85
N PHE I 150 54.17 37.62 37.36
CA PHE I 150 52.79 38.00 37.66
C PHE I 150 52.68 39.08 38.72
N LEU I 151 53.46 38.94 39.79
CA LEU I 151 53.38 39.81 40.95
C LEU I 151 54.11 41.11 40.73
N LYS I 152 55.06 41.11 39.80
CA LYS I 152 55.70 42.26 39.22
C LYS I 152 54.73 43.07 38.40
N SER I 153 53.85 42.42 37.61
CA SER I 153 52.69 43.07 37.02
C SER I 153 51.77 43.68 38.04
N PHE I 154 51.58 43.03 39.23
CA PHE I 154 50.96 43.68 40.35
C PHE I 154 51.69 44.95 40.75
N LEU I 155 53.02 44.98 41.04
CA LEU I 155 53.74 46.20 41.44
C LEU I 155 53.47 47.43 40.58
N GLU I 156 53.46 47.33 39.25
CA GLU I 156 53.13 48.41 38.35
C GLU I 156 51.69 48.92 38.53
N HIS I 157 50.69 48.06 38.75
CA HIS I 157 49.29 48.41 38.98
C HIS I 157 48.93 49.33 40.19
N PRO I 158 49.39 49.29 41.46
CA PRO I 158 49.26 50.36 42.44
C PRO I 158 49.70 51.71 41.93
N SER I 159 50.75 51.75 41.10
CA SER I 159 51.23 52.97 40.48
C SER I 159 50.43 53.38 39.26
N SER I 160 49.68 52.46 38.60
CA SER I 160 49.03 52.73 37.32
C SER I 160 47.61 52.20 37.17
N ALA I 161 47.26 51.53 36.05
CA ALA I 161 45.90 51.28 35.60
C ALA I 161 45.56 49.83 35.34
N VAL I 162 44.29 49.49 35.57
CA VAL I 162 43.75 48.13 35.64
C VAL I 162 43.92 47.24 34.43
N PHE I 163 43.53 47.67 33.21
CA PHE I 163 43.41 46.77 32.07
C PHE I 163 44.74 46.16 31.62
N GLU I 164 45.85 46.91 31.67
CA GLU I 164 47.16 46.41 31.29
C GLU I 164 47.62 45.24 32.15
N LEU I 165 47.09 45.08 33.39
CA LEU I 165 47.36 43.92 34.23
C LEU I 165 46.93 42.60 33.58
N ILE I 166 45.71 42.53 32.98
CA ILE I 166 45.26 41.32 32.28
C ILE I 166 46.04 41.06 31.01
N GLU I 167 46.34 42.13 30.25
CA GLU I 167 47.15 42.08 29.03
C GLU I 167 48.57 41.63 29.30
N GLN I 168 49.21 42.15 30.37
CA GLN I 168 50.47 41.64 30.86
C GLN I 168 50.37 40.21 31.37
N TYR I 169 49.28 39.76 32.04
CA TYR I 169 49.11 38.34 32.33
C TYR I 169 49.09 37.47 31.07
N GLU I 170 48.40 37.87 29.96
CA GLU I 170 48.48 37.21 28.65
C GLU I 170 49.93 37.14 28.17
N ALA I 171 50.64 38.28 28.16
CA ALA I 171 52.04 38.37 27.76
C ALA I 171 53.01 37.55 28.63
N THR I 172 52.89 37.61 29.96
CA THR I 172 53.73 36.86 30.90
C THR I 172 53.61 35.38 30.70
N CYS I 173 52.37 34.85 30.63
CA CYS I 173 52.17 33.44 30.37
C CYS I 173 52.66 33.04 29.02
N ASN I 174 52.47 33.89 28.00
CA ASN I 174 52.98 33.68 26.66
C ASN I 174 54.50 33.50 26.63
N THR I 175 55.24 34.34 27.36
CA THR I 175 56.69 34.20 27.51
C THR I 175 57.09 32.90 28.17
N GLN I 176 56.37 32.50 29.24
CA GLN I 176 56.59 31.23 29.92
C GLN I 176 56.32 30.00 29.05
N ILE I 177 55.30 30.04 28.14
CA ILE I 177 55.07 28.98 27.16
C ILE I 177 56.31 28.71 26.35
N THR I 178 56.93 29.78 25.82
CA THR I 178 58.12 29.75 24.98
C THR I 178 59.32 29.12 25.65
N LEU I 179 59.60 29.44 26.93
CA LEU I 179 60.72 28.86 27.65
C LEU I 179 60.60 27.38 27.89
N LEU I 180 59.43 26.92 28.35
CA LEU I 180 59.15 25.50 28.51
C LEU I 180 59.11 24.79 27.16
N LYS I 181 58.48 25.43 26.18
CA LYS I 181 58.41 24.90 24.83
C LYS I 181 59.80 24.89 24.24
N LYS I 182 60.54 25.97 24.53
CA LYS I 182 61.90 26.14 24.04
C LYS I 182 62.90 26.24 25.17
N ILE I 183 64.00 25.51 25.04
CA ILE I 183 64.22 24.72 23.83
C ILE I 183 64.15 23.23 24.12
N VAL I 184 63.27 22.54 23.40
CA VAL I 184 63.10 21.11 23.57
C VAL I 184 63.27 20.38 22.23
N LYS I 185 64.10 19.34 22.24
CA LYS I 185 64.33 18.55 21.03
C LYS I 185 63.86 17.13 21.26
N ARG I 186 63.03 16.63 20.36
CA ARG I 186 62.53 15.26 20.50
C ARG I 186 62.95 14.36 19.34
N VAL I 187 63.56 13.24 19.67
CA VAL I 187 64.01 12.27 18.69
C VAL I 187 63.44 10.91 19.06
N THR I 188 62.87 10.21 18.08
CA THR I 188 62.31 8.88 18.31
C THR I 188 61.26 8.91 19.43
N PRO I 189 61.43 8.05 20.43
CA PRO I 189 60.53 7.91 21.59
C PRO I 189 60.45 9.20 22.41
N GLY I 190 61.56 9.89 22.58
CA GLY I 190 61.57 11.12 23.37
C GLY I 190 60.66 12.20 22.80
N GLN I 191 60.66 12.33 21.48
CA GLN I 191 59.80 13.31 20.82
C GLN I 191 58.46 13.31 21.52
N GLN I 192 57.97 12.12 21.88
CA GLN I 192 56.71 11.96 22.59
C GLN I 192 56.81 12.63 23.96
N LYS I 193 57.97 12.45 24.62
CA LYS I 193 58.24 13.06 25.92
C LYS I 193 58.23 14.58 25.78
N PHE I 194 58.82 15.07 24.68
CA PHE I 194 58.87 16.50 24.39
C PHE I 194 57.46 17.03 24.19
N SER I 195 56.62 16.25 23.51
CA SER I 195 55.23 16.59 23.26
C SER I 195 54.49 16.68 24.59
N LYS I 196 54.79 15.75 25.50
CA LYS I 196 54.18 15.74 26.84
C LYS I 196 54.60 17.00 27.60
N THR I 197 55.86 17.39 27.44
CA THR I 197 56.40 18.59 28.07
C THR I 197 55.67 19.81 27.52
N ALA I 198 55.43 19.81 26.21
CA ALA I 198 54.72 20.88 25.53
C ALA I 198 53.29 20.97 26.06
N SER I 199 52.68 19.81 26.28
CA SER I 199 51.33 19.73 26.82
C SER I 199 51.31 20.34 28.22
N ILE I 200 52.34 20.05 29.02
CA ILE I 200 52.42 20.63 30.35
C ILE I 200 52.54 22.14 30.22
N LEU I 201 53.40 22.59 29.29
CA LEU I 201 53.53 24.00 29.00
C LEU I 201 52.18 24.33 28.42
N TRP I 202 51.69 23.41 27.59
CA TRP I 202 50.39 23.53 26.98
C TRP I 202 49.39 24.16 27.94
N LEU I 203 49.51 23.84 29.25
CA LEU I 203 48.78 24.51 30.32
C LEU I 203 49.06 26.01 30.39
N LEU I 204 50.33 26.43 30.26
CA LEU I 204 50.66 27.84 30.09
C LEU I 204 50.12 28.45 28.82
N GLN I 205 50.08 27.69 27.69
CA GLN I 205 49.48 28.19 26.45
C GLN I 205 48.03 28.46 26.63
N GLN I 206 47.33 27.52 27.27
CA GLN I 206 45.96 27.69 27.69
C GLN I 206 45.80 28.87 28.64
N GLU I 207 46.72 29.10 29.58
CA GLU I 207 46.70 30.28 30.44
C GLU I 207 46.79 31.59 29.64
N MET I 208 47.68 31.69 28.63
CA MET I 208 47.70 32.83 27.71
C MET I 208 46.41 33.02 26.94
N VAL I 209 45.86 31.94 26.32
CA VAL I 209 44.64 32.07 25.54
C VAL I 209 43.48 32.54 26.44
N THR I 210 43.38 32.02 27.67
CA THR I 210 42.37 32.39 28.65
C THR I 210 42.51 33.81 29.11
N TRP I 211 43.69 34.35 29.38
CA TRP I 211 43.88 35.74 29.71
C TRP I 211 43.46 36.67 28.58
N ARG I 212 43.80 36.34 27.32
CA ARG I 212 43.36 37.06 26.13
C ARG I 212 41.83 37.14 26.01
N LEU I 213 41.13 36.01 26.23
CA LEU I 213 39.68 35.94 26.21
C LEU I 213 39.02 36.74 27.32
N ILE I 214 39.58 36.65 28.54
CA ILE I 214 39.17 37.41 29.71
C ILE I 214 39.28 38.89 29.45
N ALA I 215 40.42 39.33 28.89
CA ALA I 215 40.64 40.70 28.51
C ALA I 215 39.67 41.20 27.45
N ALA I 216 39.45 40.41 26.38
CA ALA I 216 38.55 40.78 25.30
C ALA I 216 37.09 40.96 25.72
N LEU I 217 36.53 40.00 26.49
CA LEU I 217 35.17 40.06 26.98
C LEU I 217 34.92 41.13 28.02
N TYR I 218 35.81 41.27 29.03
CA TYR I 218 35.69 42.32 30.02
C TYR I 218 35.91 43.71 29.45
N ARG I 219 36.81 43.86 28.46
CA ARG I 219 36.92 45.10 27.75
C ARG I 219 35.64 45.46 27.03
N ASP I 220 34.96 44.55 26.32
CA ASP I 220 33.66 44.90 25.75
C ASP I 220 32.60 45.19 26.82
N ARG I 221 32.45 44.29 27.83
CA ARG I 221 31.43 44.41 28.84
C ARG I 221 31.51 45.64 29.76
N ILE I 222 32.71 46.02 30.23
CA ILE I 222 32.86 47.10 31.20
C ILE I 222 33.19 48.41 30.52
N GLN I 223 33.98 48.41 29.44
CA GLN I 223 34.34 49.63 28.75
C GLN I 223 33.15 50.27 28.08
N SER I 224 33.19 51.58 27.87
CA SER I 224 32.24 52.37 27.12
C SER I 224 31.93 51.96 25.67
N ALA I 225 32.36 50.77 25.20
CA ALA I 225 32.06 50.22 23.91
C ALA I 225 30.62 49.72 23.79
N LEU I 226 29.91 49.51 24.92
CA LEU I 226 28.51 49.14 24.90
C LEU I 226 27.59 50.35 25.04
N GLU I 227 28.14 51.58 25.11
CA GLU I 227 27.35 52.79 25.20
C GLU I 227 27.72 53.74 24.11
N GLU I 228 26.76 54.03 23.22
CA GLU I 228 26.98 54.82 22.04
C GLU I 228 25.61 55.27 21.58
N GLU I 229 25.55 56.21 20.62
CA GLU I 229 24.32 56.55 19.94
C GLU I 229 23.70 55.36 19.23
N ASN I 230 22.36 55.32 19.09
CA ASN I 230 21.68 54.23 18.40
C ASN I 230 21.73 54.36 16.88
N MET I 231 22.69 55.12 16.32
CA MET I 231 22.83 55.46 14.92
C MET I 231 22.96 54.28 14.00
N PHE I 232 23.69 53.23 14.42
CA PHE I 232 23.81 51.98 13.68
C PHE I 232 22.46 51.29 13.48
N GLU I 233 21.49 51.48 14.42
CA GLU I 233 20.17 50.89 14.39
C GLU I 233 19.10 51.78 13.82
N ILE I 234 19.39 53.08 13.61
CA ILE I 234 18.51 53.94 12.86
C ILE I 234 18.59 53.64 11.37
N ALA I 235 17.53 53.00 10.85
CA ALA I 235 17.49 52.52 9.50
C ALA I 235 16.09 52.65 8.96
N ALA I 236 15.93 52.40 7.65
CA ALA I 236 14.70 52.54 6.93
C ALA I 236 14.51 51.31 6.08
N PRO I 237 13.33 50.99 5.55
CA PRO I 237 13.13 49.79 4.73
C PRO I 237 14.00 49.75 3.49
N ASN I 238 14.36 50.93 2.95
CA ASN I 238 15.21 51.05 1.78
C ASN I 238 16.68 50.82 2.10
N ALA I 239 17.07 50.81 3.40
CA ALA I 239 18.42 50.46 3.78
C ALA I 239 18.71 49.00 3.47
N SER I 240 19.96 48.70 3.10
CA SER I 240 20.30 47.35 2.69
C SER I 240 20.43 46.38 3.83
N GLU I 241 20.42 45.08 3.52
CA GLU I 241 20.58 43.98 4.44
C GLU I 241 21.88 44.07 5.27
N LYS I 242 22.97 44.63 4.70
CA LYS I 242 24.21 44.88 5.41
C LYS I 242 24.09 45.87 6.57
N THR I 243 23.38 47.02 6.38
CA THR I 243 23.09 47.98 7.46
C THR I 243 22.30 47.34 8.57
N ILE I 244 21.35 46.45 8.22
CA ILE I 244 20.62 45.62 9.16
C ILE I 244 21.52 44.68 9.95
N VAL I 245 22.54 44.06 9.35
CA VAL I 245 23.52 43.29 10.11
C VAL I 245 24.42 44.14 11.00
N ASP I 246 24.90 45.29 10.50
CA ASP I 246 25.64 46.26 11.30
C ASP I 246 24.82 46.74 12.51
N LYS I 247 23.51 47.00 12.34
CA LYS I 247 22.62 47.29 13.45
C LYS I 247 22.47 46.18 14.46
N LEU I 248 22.32 44.91 13.99
CA LEU I 248 22.09 43.78 14.88
C LEU I 248 23.27 43.56 15.78
N PHE I 249 24.49 43.62 15.20
CA PHE I 249 25.71 43.56 15.97
C PHE I 249 25.89 44.71 16.94
N GLN I 250 25.50 45.96 16.61
CA GLN I 250 25.53 47.00 17.63
C GLN I 250 24.51 46.80 18.75
N ARG I 251 23.24 46.57 18.40
CA ARG I 251 22.16 46.49 19.36
C ARG I 251 22.22 45.28 20.26
N ASP I 252 22.49 44.09 19.67
CA ASP I 252 22.52 42.87 20.42
C ASP I 252 23.92 42.63 20.97
N THR I 253 24.12 43.07 22.22
CA THR I 253 25.31 42.80 23.01
C THR I 253 25.52 41.32 23.20
N LEU I 254 24.48 40.51 23.42
CA LEU I 254 24.61 39.08 23.64
C LEU I 254 25.17 38.36 22.42
N VAL I 255 24.65 38.67 21.22
CA VAL I 255 25.17 38.17 19.94
C VAL I 255 26.55 38.69 19.63
N ARG I 256 26.81 39.98 19.90
CA ARG I 256 28.13 40.55 19.72
C ARG I 256 29.18 39.93 20.63
N GLN I 257 28.83 39.57 21.88
CA GLN I 257 29.68 38.77 22.74
C GLN I 257 30.03 37.44 22.12
N SER I 258 29.07 36.74 21.47
CA SER I 258 29.36 35.53 20.70
C SER I 258 30.38 35.75 19.61
N GLN I 259 30.31 36.88 18.87
CA GLN I 259 31.31 37.27 17.90
C GLN I 259 32.70 37.47 18.50
N LEU I 260 32.84 38.14 19.66
CA LEU I 260 34.12 38.27 20.35
C LEU I 260 34.74 36.92 20.70
N VAL I 261 33.91 35.95 21.12
CA VAL I 261 34.36 34.57 21.30
C VAL I 261 34.81 33.93 20.01
N VAL I 262 34.07 34.12 18.89
CA VAL I 262 34.47 33.63 17.57
C VAL I 262 35.81 34.21 17.13
N ASP I 263 36.01 35.54 17.24
CA ASP I 263 37.25 36.24 16.93
C ASP I 263 38.44 35.72 17.74
N TRP I 264 38.19 35.38 19.03
CA TRP I 264 39.15 34.71 19.86
C TRP I 264 39.47 33.28 19.41
N LEU I 265 38.46 32.45 19.09
CA LEU I 265 38.64 31.08 18.60
C LEU I 265 39.40 31.06 17.28
N GLU I 266 39.09 32.00 16.36
CA GLU I 266 39.83 32.21 15.13
C GLU I 266 41.27 32.64 15.36
N SER I 267 41.53 33.55 16.34
CA SER I 267 42.88 33.97 16.75
C SER I 267 43.74 32.79 17.16
N ILE I 268 43.18 31.79 17.88
CA ILE I 268 43.90 30.59 18.29
C ILE I 268 43.41 29.42 17.46
N ALA I 269 43.71 29.45 16.16
CA ALA I 269 43.42 28.35 15.29
C ALA I 269 44.73 27.83 14.74
N LYS I 270 44.80 26.53 14.40
CA LYS I 270 45.97 26.00 13.75
C LYS I 270 45.79 26.02 12.26
N ASP I 271 46.70 26.72 11.57
CA ASP I 271 46.82 26.67 10.14
C ASP I 271 47.93 25.69 9.82
N GLU I 272 47.74 24.88 8.77
CA GLU I 272 48.82 24.17 8.12
C GLU I 272 49.76 25.15 7.47
N VAL I 273 51.02 24.77 7.19
CA VAL I 273 51.88 25.68 6.47
C VAL I 273 51.52 25.76 5.00
N GLY I 274 51.71 26.95 4.39
CA GLY I 274 51.82 27.07 2.94
C GLY I 274 53.06 26.38 2.41
N ASP I 275 54.20 27.09 2.48
CA ASP I 275 55.40 26.75 1.78
C ASP I 275 56.35 25.80 2.54
N PHE I 276 55.97 25.31 3.75
CA PHE I 276 56.78 24.35 4.49
C PHE I 276 56.01 23.06 4.83
N SER I 277 54.91 22.77 4.13
CA SER I 277 54.17 21.53 4.28
C SER I 277 53.66 21.13 2.91
N ASP I 278 53.16 19.91 2.68
CA ASP I 278 52.80 19.46 1.35
C ASP I 278 51.49 20.05 0.87
N ASN I 279 50.71 20.63 1.82
CA ASN I 279 49.48 21.33 1.59
C ASN I 279 49.54 22.40 0.49
N ILE I 280 50.61 23.24 0.39
CA ILE I 280 50.66 24.29 -0.63
C ILE I 280 51.99 24.34 -1.37
N GLU I 281 53.14 24.07 -0.72
CA GLU I 281 54.45 24.00 -1.40
C GLU I 281 54.48 22.97 -2.53
N TYR I 282 53.94 21.77 -2.24
CA TYR I 282 53.87 20.68 -3.19
C TYR I 282 52.59 20.76 -4.02
N TYR I 283 51.66 21.65 -3.66
CA TYR I 283 50.47 21.97 -4.42
C TYR I 283 50.65 23.34 -5.08
N ALA I 284 51.73 23.47 -5.86
CA ALA I 284 52.01 24.67 -6.61
C ALA I 284 51.86 24.43 -8.11
N LYS I 285 50.98 23.48 -8.50
CA LYS I 285 50.56 23.26 -9.88
C LYS I 285 50.27 24.55 -10.65
N SER I 286 50.88 24.71 -11.85
CA SER I 286 50.80 25.92 -12.65
C SER I 286 49.40 26.30 -13.04
N VAL I 287 48.54 25.29 -13.34
CA VAL I 287 47.16 25.52 -13.70
C VAL I 287 46.29 24.48 -13.03
N TYR I 288 45.02 24.84 -12.81
CA TYR I 288 44.00 23.92 -12.32
C TYR I 288 43.70 22.80 -13.30
N TRP I 289 43.58 21.56 -12.77
CA TRP I 289 43.26 20.35 -13.51
C TRP I 289 44.12 20.11 -14.75
N GLU I 290 45.44 20.31 -14.61
CA GLU I 290 46.40 20.07 -15.66
C GLU I 290 46.46 18.62 -16.06
N ASN I 291 46.39 17.69 -15.07
CA ASN I 291 46.46 16.26 -15.37
C ASN I 291 45.24 15.75 -16.14
N THR I 292 44.00 16.13 -15.74
CA THR I 292 42.75 15.80 -16.43
C THR I 292 42.67 16.47 -17.82
N LEU I 293 43.22 17.71 -17.99
CA LEU I 293 43.38 18.35 -19.30
C LEU I 293 44.40 17.65 -20.20
N HIS I 294 45.56 17.30 -19.64
CA HIS I 294 46.60 16.64 -20.41
C HIS I 294 46.23 15.20 -20.71
N THR I 295 45.60 14.53 -19.75
CA THR I 295 45.18 13.14 -19.93
C THR I 295 43.68 13.00 -19.85
N LEU I 296 43.10 12.32 -20.83
CA LEU I 296 41.65 12.11 -20.87
C LEU I 296 41.18 11.30 -19.67
N LYS I 297 41.95 10.28 -19.30
CA LYS I 297 41.61 9.43 -18.16
C LYS I 297 42.57 8.25 -18.07
N SER I 312 35.61 17.86 -21.37
CA SER I 312 34.73 18.45 -22.38
C SER I 312 34.47 19.89 -22.03
N GLU I 313 34.40 20.17 -20.72
CA GLU I 313 34.23 21.49 -20.19
C GLU I 313 35.07 21.65 -18.93
N LEU I 314 35.92 22.69 -18.86
CA LEU I 314 36.85 22.95 -17.76
C LEU I 314 36.20 23.19 -16.41
N ASP I 315 34.99 23.76 -16.41
CA ASP I 315 34.35 24.25 -15.22
C ASP I 315 34.16 23.23 -14.10
N PRO I 316 34.18 23.63 -12.82
CA PRO I 316 33.98 22.75 -11.67
C PRO I 316 32.69 21.95 -11.74
N ASP I 317 31.69 22.40 -12.50
CA ASP I 317 30.43 21.71 -12.67
C ASP I 317 30.52 20.50 -13.59
N ALA I 318 31.57 20.32 -14.41
CA ALA I 318 31.70 19.14 -15.25
C ALA I 318 31.75 17.79 -14.51
N PRO I 319 32.45 17.55 -13.41
CA PRO I 319 32.36 16.29 -12.69
C PRO I 319 31.10 16.17 -11.83
N ILE I 320 30.41 17.26 -11.38
CA ILE I 320 29.09 17.09 -10.77
C ILE I 320 28.06 16.68 -11.81
N ARG I 321 28.19 17.22 -13.04
CA ARG I 321 27.41 16.83 -14.19
C ARG I 321 27.60 15.39 -14.61
N GLN I 322 28.85 14.86 -14.60
CA GLN I 322 29.04 13.48 -15.01
C GLN I 322 30.16 12.75 -14.30
N LYS I 323 29.85 11.53 -13.80
CA LYS I 323 30.67 10.49 -13.20
C LYS I 323 32.18 10.67 -12.94
N LEU I 324 32.96 9.89 -13.72
CA LEU I 324 34.34 9.58 -13.54
C LEU I 324 35.38 10.59 -13.95
N PRO I 325 35.23 11.64 -14.78
CA PRO I 325 36.34 12.35 -15.39
C PRO I 325 37.62 12.60 -14.63
N LEU I 326 37.67 13.26 -13.49
CA LEU I 326 38.91 13.75 -12.91
C LEU I 326 40.00 12.69 -12.68
N ASP I 327 41.24 13.01 -13.14
CA ASP I 327 42.43 12.23 -12.86
C ASP I 327 42.67 12.18 -11.37
N ASP I 328 43.23 11.06 -10.88
CA ASP I 328 43.49 10.85 -9.48
C ASP I 328 44.41 11.91 -8.91
N LEU I 329 45.47 12.29 -9.66
CA LEU I 329 46.39 13.37 -9.28
C LEU I 329 45.70 14.71 -9.08
N ASP I 330 44.80 15.14 -9.98
CA ASP I 330 44.06 16.37 -9.83
C ASP I 330 43.14 16.37 -8.61
N ARG I 331 42.46 15.24 -8.32
CA ARG I 331 41.73 15.08 -7.07
C ARG I 331 42.62 15.16 -5.84
N GLU I 332 43.81 14.53 -5.84
CA GLU I 332 44.78 14.62 -4.76
C GLU I 332 45.25 16.04 -4.50
N ASP I 333 45.57 16.78 -5.57
CA ASP I 333 45.92 18.18 -5.55
C ASP I 333 44.78 19.07 -5.04
N ASP I 334 43.52 18.85 -5.47
CA ASP I 334 42.35 19.52 -4.91
C ASP I 334 42.14 19.26 -3.42
N ILE I 335 42.41 18.03 -2.89
CA ILE I 335 42.36 17.72 -1.46
C ILE I 335 43.25 18.62 -0.64
N ARG I 336 44.50 18.83 -1.09
CA ARG I 336 45.45 19.72 -0.45
C ARG I 336 45.01 21.18 -0.46
N LEU I 337 44.51 21.69 -1.61
CA LEU I 337 43.98 23.04 -1.71
C LEU I 337 42.86 23.32 -0.75
N LEU I 338 41.84 22.46 -0.78
CA LEU I 338 40.60 22.66 -0.05
C LEU I 338 40.83 22.48 1.42
N LYS I 339 41.72 21.55 1.82
CA LYS I 339 42.12 21.45 3.21
C LYS I 339 42.77 22.69 3.73
N TYR I 340 43.71 23.26 2.97
CA TYR I 340 44.36 24.49 3.32
C TYR I 340 43.44 25.70 3.30
N LEU I 341 42.56 25.86 2.29
CA LEU I 341 41.55 26.92 2.32
C LEU I 341 40.64 26.78 3.51
N PHE I 342 40.22 25.56 3.84
CA PHE I 342 39.40 25.24 4.99
C PHE I 342 40.06 25.63 6.32
N THR I 343 41.36 25.35 6.51
CA THR I 343 42.07 25.78 7.71
C THR I 343 42.13 27.29 7.81
N LEU I 344 42.44 27.98 6.69
CA LEU I 344 42.39 29.42 6.61
C LEU I 344 41.03 30.03 6.93
N ILE I 345 39.90 29.46 6.42
CA ILE I 345 38.56 29.91 6.78
C ILE I 345 38.28 29.77 8.26
N ARG I 346 38.71 28.66 8.90
CA ARG I 346 38.61 28.50 10.34
C ARG I 346 39.42 29.52 11.15
N ALA I 347 40.61 29.87 10.66
CA ALA I 347 41.47 30.85 11.27
C ALA I 347 41.00 32.30 11.07
N GLY I 348 39.96 32.52 10.23
CA GLY I 348 39.47 33.86 9.91
C GLY I 348 40.32 34.54 8.87
N MET I 349 41.25 33.80 8.25
CA MET I 349 42.19 34.26 7.26
C MET I 349 41.54 34.34 5.88
N THR I 350 40.37 35.03 5.79
CA THR I 350 39.54 35.17 4.60
C THR I 350 40.25 35.80 3.44
N ASP I 351 40.99 36.90 3.68
CA ASP I 351 41.80 37.56 2.68
C ASP I 351 42.87 36.64 2.13
N GLU I 352 43.55 35.87 2.99
CA GLU I 352 44.51 34.87 2.54
C GLU I 352 43.89 33.75 1.74
N ALA I 353 42.68 33.27 2.15
CA ALA I 353 41.91 32.31 1.39
C ALA I 353 41.54 32.81 -0.01
N GLN I 354 41.11 34.08 -0.15
CA GLN I 354 40.92 34.73 -1.44
C GLN I 354 42.20 34.89 -2.25
N ARG I 355 43.32 35.32 -1.62
CA ARG I 355 44.62 35.45 -2.28
C ARG I 355 45.11 34.12 -2.83
N LEU I 356 44.99 33.05 -2.04
CA LEU I 356 45.32 31.72 -2.48
C LEU I 356 44.42 31.22 -3.58
N CYS I 357 43.08 31.40 -3.47
CA CYS I 357 42.16 30.98 -4.51
C CYS I 357 42.45 31.64 -5.85
N LYS I 358 42.74 32.96 -5.87
CA LYS I 358 43.17 33.61 -7.09
C LYS I 358 44.49 33.09 -7.65
N ARG I 359 45.54 32.96 -6.80
CA ARG I 359 46.87 32.56 -7.22
C ARG I 359 46.98 31.10 -7.64
N CYS I 360 46.21 30.19 -7.03
CA CYS I 360 46.11 28.79 -7.41
C CYS I 360 45.38 28.59 -8.72
N GLY I 361 44.73 29.63 -9.25
CA GLY I 361 44.04 29.58 -10.53
C GLY I 361 42.59 29.28 -10.38
N GLN I 362 42.07 29.25 -9.15
CA GLN I 362 40.70 28.88 -8.88
C GLN I 362 39.82 30.08 -8.66
N ALA I 363 39.61 30.85 -9.76
CA ALA I 363 38.76 32.01 -9.83
C ALA I 363 37.31 31.73 -9.46
N TRP I 364 36.74 30.58 -9.88
CA TRP I 364 35.41 30.16 -9.48
C TRP I 364 35.27 29.94 -7.96
N ARG I 365 36.26 29.27 -7.32
CA ARG I 365 36.24 29.10 -5.87
C ARG I 365 36.39 30.41 -5.13
N ALA I 366 37.21 31.35 -5.67
CA ALA I 366 37.36 32.68 -5.15
C ALA I 366 36.07 33.49 -5.15
N ALA I 367 35.28 33.42 -6.25
CA ALA I 367 33.97 34.02 -6.36
C ALA I 367 32.98 33.55 -5.30
N THR I 368 33.01 32.25 -4.92
CA THR I 368 32.21 31.78 -3.80
C THR I 368 32.54 32.43 -2.48
N LEU I 369 33.84 32.65 -2.18
CA LEU I 369 34.28 33.36 -0.99
C LEU I 369 33.83 34.81 -0.91
N GLU I 370 33.77 35.53 -2.05
CA GLU I 370 33.28 36.91 -2.14
C GLU I 370 31.87 37.09 -1.61
N GLY I 371 31.02 36.06 -1.73
CA GLY I 371 29.61 36.09 -1.36
C GLY I 371 29.32 35.97 0.10
N TRP I 372 30.36 36.00 0.95
CA TRP I 372 30.22 36.28 2.36
C TRP I 372 29.55 37.62 2.64
N LYS I 373 30.06 38.71 2.02
CA LYS I 373 29.57 40.04 2.29
C LYS I 373 28.16 40.31 1.77
N LEU I 374 27.34 40.86 2.67
CA LEU I 374 26.05 41.42 2.40
C LEU I 374 26.11 42.68 1.58
N TYR I 375 25.07 42.95 0.78
CA TYR I 375 25.02 44.16 0.00
C TYR I 375 25.07 45.45 0.81
N HIS I 376 26.06 46.32 0.54
CA HIS I 376 26.12 47.68 1.01
C HIS I 376 26.21 48.59 -0.19
N ASP I 377 25.27 49.54 -0.34
CA ASP I 377 25.46 50.68 -1.20
C ASP I 377 25.80 51.85 -0.29
N ALA I 378 26.94 52.51 -0.54
CA ALA I 378 27.34 53.71 0.13
C ALA I 378 26.35 54.86 -0.08
N ASN I 379 25.74 54.96 -1.28
CA ASN I 379 24.78 56.00 -1.61
C ASN I 379 23.50 55.95 -0.79
N ILE I 380 22.87 54.77 -0.68
CA ILE I 380 21.68 54.60 0.13
C ILE I 380 22.01 54.52 1.60
N ASN I 381 23.06 53.77 1.97
CA ASN I 381 23.33 53.46 3.36
C ASN I 381 24.35 54.42 3.92
N GLY I 382 23.98 55.70 4.10
CA GLY I 382 24.89 56.80 4.47
C GLY I 382 25.67 56.65 5.75
N GLY I 383 25.18 55.82 6.69
CA GLY I 383 25.87 55.50 7.95
C GLY I 383 27.29 55.02 7.79
N THR I 384 27.50 53.99 6.96
CA THR I 384 28.84 53.52 6.61
C THR I 384 29.05 53.84 5.16
N GLU I 385 29.21 55.12 4.81
CA GLU I 385 29.56 55.48 3.44
C GLU I 385 30.98 55.02 3.07
N LEU I 386 31.06 54.01 2.18
CA LEU I 386 32.30 53.60 1.54
C LEU I 386 32.40 54.37 0.22
N GLN I 387 33.15 53.86 -0.78
CA GLN I 387 33.13 54.49 -2.10
C GLN I 387 32.36 53.65 -3.10
N ALA I 388 32.76 52.39 -3.35
CA ALA I 388 32.00 51.50 -4.20
C ALA I 388 30.92 50.77 -3.42
N VAL I 389 29.83 50.37 -4.11
CA VAL I 389 28.90 49.37 -3.61
C VAL I 389 29.58 47.99 -3.52
N GLU I 390 29.25 47.16 -2.50
CA GLU I 390 29.89 45.86 -2.34
C GLU I 390 28.93 44.85 -1.76
N GLY I 391 29.22 43.53 -1.91
CA GLY I 391 28.35 42.45 -1.46
C GLY I 391 27.24 42.08 -2.42
N ASN I 392 26.48 41.01 -2.09
CA ASN I 392 25.49 40.44 -3.00
C ASN I 392 24.06 40.60 -2.48
N PRO I 393 23.09 41.25 -3.15
CA PRO I 393 21.78 41.57 -2.57
C PRO I 393 20.87 40.38 -2.37
N TYR I 394 21.15 39.23 -3.00
CA TYR I 394 20.38 38.03 -2.74
C TYR I 394 21.18 37.10 -1.85
N ARG I 395 21.58 37.53 -0.63
CA ARG I 395 22.38 36.70 0.26
C ARG I 395 21.72 35.39 0.65
N CYS I 396 20.40 35.39 0.90
CA CYS I 396 19.65 34.19 1.21
C CYS I 396 19.70 33.15 0.10
N VAL I 397 19.60 33.56 -1.19
CA VAL I 397 19.80 32.63 -2.32
C VAL I 397 21.21 32.08 -2.30
N TRP I 398 22.21 32.97 -2.09
CA TRP I 398 23.59 32.57 -2.01
C TRP I 398 23.88 31.59 -0.89
N LYS I 399 23.29 31.81 0.31
CA LYS I 399 23.40 30.92 1.44
C LYS I 399 22.79 29.56 1.16
N THR I 400 21.59 29.51 0.57
CA THR I 400 20.94 28.27 0.17
C THR I 400 21.69 27.54 -0.93
N CYS I 401 22.18 28.26 -1.96
CA CYS I 401 23.00 27.68 -3.01
C CYS I 401 24.28 27.10 -2.46
N CYS I 402 24.98 27.83 -1.57
CA CYS I 402 26.11 27.30 -0.84
C CYS I 402 25.78 26.10 0.02
N TRP I 403 24.65 26.10 0.74
CA TRP I 403 24.17 24.95 1.49
C TRP I 403 23.91 23.74 0.61
N ARG I 404 23.22 23.91 -0.54
CA ARG I 404 22.93 22.82 -1.46
C ARG I 404 24.20 22.22 -2.05
N MET I 405 25.14 23.08 -2.47
CA MET I 405 26.47 22.69 -2.94
C MET I 405 27.28 21.95 -1.88
N ALA I 406 27.14 22.30 -0.59
CA ALA I 406 27.73 21.56 0.51
C ALA I 406 27.20 20.14 0.66
N GLU I 407 25.88 19.96 0.56
CA GLU I 407 25.23 18.66 0.67
C GLU I 407 25.57 17.72 -0.43
N ASP I 408 25.62 18.20 -1.68
CA ASP I 408 26.04 17.42 -2.82
C ASP I 408 27.33 16.63 -2.60
N GLU I 409 27.26 15.31 -2.82
CA GLU I 409 28.42 14.45 -2.79
C GLU I 409 29.17 14.54 -4.10
N GLN I 410 30.32 13.84 -4.21
CA GLN I 410 31.19 13.86 -5.39
C GLN I 410 32.08 15.08 -5.40
N PHE I 411 31.89 15.98 -4.43
CA PHE I 411 32.83 17.01 -4.07
C PHE I 411 33.76 16.49 -3.01
N ASN I 412 34.94 17.12 -2.87
CA ASN I 412 35.85 16.85 -1.77
C ASN I 412 35.23 17.11 -0.41
N LYS I 413 35.65 16.34 0.60
CA LYS I 413 35.20 16.45 1.97
C LYS I 413 35.50 17.81 2.58
N TYR I 414 36.72 18.36 2.32
CA TYR I 414 37.09 19.70 2.71
C TYR I 414 36.28 20.80 2.01
N GLU I 415 35.91 20.64 0.72
CA GLU I 415 35.06 21.59 0.01
C GLU I 415 33.66 21.69 0.57
N ARG I 416 33.00 20.53 0.78
CA ARG I 416 31.66 20.43 1.34
C ARG I 416 31.59 21.08 2.70
N ALA I 417 32.63 20.88 3.51
CA ALA I 417 32.85 21.53 4.76
C ALA I 417 33.03 23.04 4.76
N ILE I 418 33.77 23.63 3.78
CA ILE I 418 33.85 25.08 3.64
C ILE I 418 32.47 25.64 3.34
N TYR I 419 31.76 25.01 2.41
CA TYR I 419 30.39 25.35 2.08
C TYR I 419 29.44 25.21 3.26
N ALA I 420 29.57 24.15 4.08
CA ALA I 420 28.86 24.00 5.35
C ALA I 420 29.15 25.10 6.36
N THR I 421 30.42 25.49 6.56
CA THR I 421 30.80 26.63 7.40
C THR I 421 30.22 27.95 6.89
N LEU I 422 30.25 28.18 5.55
CA LEU I 422 29.64 29.32 4.90
C LEU I 422 28.12 29.37 5.02
N SER I 423 27.46 28.20 4.98
CA SER I 423 26.01 28.10 5.08
C SER I 423 25.53 28.18 6.51
N GLY I 424 26.42 27.98 7.49
CA GLY I 424 26.06 27.92 8.89
C GLY I 424 25.42 26.61 9.23
N ASN I 425 26.01 25.53 8.71
CA ASN I 425 25.62 24.16 8.93
C ASN I 425 26.85 23.41 9.38
N LEU I 426 26.67 22.19 9.92
CA LEU I 426 27.76 21.32 10.25
C LEU I 426 28.23 20.50 9.06
N LYS I 427 29.41 19.89 9.23
CA LYS I 427 30.10 19.05 8.28
C LYS I 427 30.27 17.72 9.01
N GLN I 428 30.88 16.66 8.45
CA GLN I 428 30.89 15.35 9.12
C GLN I 428 32.25 14.71 9.24
N LEU I 429 32.91 14.29 8.13
CA LEU I 429 34.21 13.63 8.23
C LEU I 429 35.32 14.50 8.79
N LEU I 430 35.39 15.76 8.33
CA LEU I 430 36.30 16.73 8.89
C LEU I 430 36.09 16.99 10.36
N PRO I 431 34.88 17.05 10.92
CA PRO I 431 34.72 17.13 12.35
C PRO I 431 35.22 15.96 13.16
N VAL I 432 35.60 14.81 12.60
CA VAL I 432 36.18 13.70 13.35
C VAL I 432 37.48 14.14 14.02
N CYS I 433 38.22 15.02 13.32
CA CYS I 433 39.42 15.66 13.82
C CYS I 433 39.15 17.07 14.35
N GLU I 434 37.94 17.36 14.87
CA GLU I 434 37.62 18.66 15.46
C GLU I 434 37.84 18.62 16.96
N SER I 435 38.75 19.48 17.46
CA SER I 435 39.06 19.65 18.87
C SER I 435 38.03 20.56 19.54
N TRP I 436 38.10 20.78 20.87
CA TRP I 436 37.16 21.65 21.57
C TRP I 436 37.05 23.04 20.96
N GLU I 437 38.15 23.80 20.74
CA GLU I 437 38.10 25.15 20.19
C GLU I 437 37.49 25.17 18.81
N ASP I 438 37.90 24.21 17.96
CA ASP I 438 37.36 24.01 16.65
C ASP I 438 35.86 23.68 16.64
N THR I 439 35.38 22.80 17.54
CA THR I 439 33.94 22.49 17.64
C THR I 439 33.14 23.66 18.22
N VAL I 440 33.68 24.41 19.21
CA VAL I 440 33.06 25.64 19.71
C VAL I 440 32.84 26.64 18.59
N TRP I 441 33.84 26.83 17.72
CA TRP I 441 33.77 27.73 16.60
C TRP I 441 32.69 27.36 15.59
N ALA I 442 32.62 26.08 15.18
CA ALA I 442 31.64 25.66 14.20
C ALA I 442 30.22 25.83 14.72
N HIS I 443 29.97 25.42 15.97
CA HIS I 443 28.67 25.59 16.59
C HIS I 443 28.25 27.02 16.89
N PHE I 444 29.16 27.91 17.36
CA PHE I 444 28.85 29.34 17.46
C PHE I 444 28.58 29.98 16.12
N LYS I 445 29.28 29.57 15.05
CA LYS I 445 29.02 30.04 13.70
C LYS I 445 27.59 29.74 13.24
N VAL I 446 27.07 28.52 13.52
CA VAL I 446 25.68 28.17 13.29
C VAL I 446 24.72 29.10 14.03
N MET I 447 25.01 29.40 15.32
CA MET I 447 24.22 30.33 16.10
C MET I 447 24.20 31.74 15.49
N VAL I 448 25.35 32.32 15.10
CA VAL I 448 25.39 33.64 14.47
C VAL I 448 24.65 33.68 13.14
N ASP I 449 24.90 32.70 12.24
CA ASP I 449 24.29 32.61 10.93
C ASP I 449 22.76 32.42 10.98
N SER I 450 22.22 31.65 11.95
CA SER I 450 20.78 31.55 12.17
C SER I 450 20.18 32.82 12.76
N LEU I 451 20.82 33.44 13.78
CA LEU I 451 20.35 34.69 14.39
C LEU I 451 20.27 35.84 13.42
N VAL I 452 21.31 36.04 12.57
CA VAL I 452 21.30 37.10 11.58
C VAL I 452 20.16 36.93 10.59
N GLU I 453 19.96 35.69 10.08
CA GLU I 453 18.86 35.42 9.17
C GLU I 453 17.49 35.65 9.78
N GLN I 454 17.25 35.24 11.04
CA GLN I 454 16.00 35.52 11.73
C GLN I 454 15.69 37.01 11.90
N GLU I 455 16.69 37.84 12.29
CA GLU I 455 16.53 39.29 12.33
C GLU I 455 16.24 39.91 10.97
N ILE I 456 16.92 39.43 9.90
CA ILE I 456 16.68 39.81 8.52
C ILE I 456 15.25 39.46 8.09
N ARG I 457 14.74 38.26 8.45
CA ARG I 457 13.34 37.88 8.22
C ARG I 457 12.35 38.74 8.97
N ALA I 458 12.56 39.01 10.27
CA ALA I 458 11.69 39.85 11.08
C ALA I 458 11.59 41.28 10.56
N SER I 459 12.73 41.84 10.10
CA SER I 459 12.82 43.14 9.46
C SER I 459 12.17 43.17 8.06
N ILE I 460 11.81 42.03 7.42
CA ILE I 460 11.17 41.94 6.10
C ILE I 460 12.18 42.18 4.98
N ILE I 461 13.48 42.10 5.31
CA ILE I 461 14.58 42.27 4.37
C ILE I 461 14.65 41.17 3.33
N SER I 462 14.46 39.91 3.75
CA SER I 462 14.47 38.80 2.81
C SER I 462 13.26 38.75 1.90
N PHE I 463 13.47 38.39 0.63
CA PHE I 463 12.42 38.25 -0.34
C PHE I 463 11.96 36.80 -0.37
N ASN I 464 10.66 36.53 -0.56
CA ASN I 464 10.09 35.19 -0.59
C ASN I 464 10.73 34.28 -1.62
N GLU I 465 11.08 34.80 -2.82
CA GLU I 465 11.76 34.06 -3.87
C GLU I 465 13.08 33.46 -3.45
N ALA I 466 13.80 34.12 -2.53
CA ALA I 466 15.10 33.67 -2.10
C ALA I 466 15.06 32.43 -1.21
N ASN I 467 13.86 32.12 -0.68
CA ASN I 467 13.59 30.98 0.15
C ASN I 467 13.45 29.69 -0.66
N GLU I 468 14.49 29.29 -1.40
CA GLU I 468 14.59 28.04 -2.14
C GLU I 468 14.54 26.79 -1.27
N LEU I 469 15.29 26.74 -0.14
CA LEU I 469 15.28 25.58 0.75
C LEU I 469 15.08 25.89 2.25
N PRO I 470 14.01 26.53 2.75
CA PRO I 470 13.80 26.75 4.18
C PRO I 470 13.77 25.50 5.03
N ARG I 471 13.17 24.42 4.50
CA ARG I 471 12.97 23.17 5.20
C ARG I 471 14.26 22.43 5.51
N GLU I 472 15.33 22.77 4.79
CA GLU I 472 16.62 22.14 4.93
C GLU I 472 17.52 22.89 5.89
N TYR I 473 17.08 24.05 6.43
CA TYR I 473 17.91 24.88 7.28
C TYR I 473 17.33 24.98 8.67
N LEU I 474 18.18 24.83 9.70
CA LEU I 474 17.78 25.02 11.07
C LEU I 474 17.48 26.48 11.39
N GLU I 475 16.18 26.82 11.44
CA GLU I 475 15.69 28.11 11.90
C GLU I 475 15.98 28.42 13.35
N ALA I 476 15.83 27.43 14.24
CA ALA I 476 16.13 27.57 15.65
C ALA I 476 17.59 27.89 15.94
N ASN I 477 17.84 28.64 17.02
CA ASN I 477 19.17 28.92 17.50
C ASN I 477 19.25 28.39 18.91
N TRP I 478 20.36 27.74 19.26
CA TRP I 478 20.58 27.37 20.64
C TRP I 478 21.20 28.53 21.40
N THR I 479 21.01 28.57 22.73
CA THR I 479 21.66 29.56 23.58
C THR I 479 23.13 29.23 23.75
N LEU I 480 23.98 30.22 24.14
CA LEU I 480 25.39 30.00 24.44
C LEU I 480 25.63 28.89 25.45
N ASP I 481 24.74 28.75 26.43
CA ASP I 481 24.75 27.71 27.44
C ASP I 481 24.63 26.31 26.85
N SER I 482 23.59 26.07 26.01
CA SER I 482 23.42 24.83 25.27
C SER I 482 24.57 24.54 24.35
N VAL I 483 25.15 25.57 23.69
CA VAL I 483 26.38 25.43 22.92
C VAL I 483 27.45 24.72 23.72
N PHE I 484 27.84 25.26 24.89
CA PHE I 484 28.79 24.60 25.74
C PHE I 484 28.38 23.24 26.26
N GLU I 485 27.13 23.04 26.69
CA GLU I 485 26.66 21.76 27.17
C GLU I 485 26.74 20.65 26.14
N GLU I 486 26.29 20.90 24.89
CA GLU I 486 26.39 19.95 23.80
C GLU I 486 27.84 19.66 23.41
N LEU I 487 28.70 20.70 23.30
CA LEU I 487 30.13 20.56 23.06
C LEU I 487 30.86 19.81 24.17
N GLN I 488 30.43 20.00 25.45
CA GLN I 488 30.96 19.36 26.64
C GLN I 488 30.79 17.86 26.68
N ALA I 489 29.71 17.32 26.11
CA ALA I 489 29.55 15.90 25.99
C ALA I 489 30.50 15.30 24.97
N THR I 490 31.04 14.09 25.22
CA THR I 490 31.73 13.36 24.15
C THR I 490 30.72 12.64 23.30
N ASP I 491 31.11 12.26 22.08
CA ASP I 491 30.39 11.39 21.16
C ASP I 491 30.02 10.03 21.77
N LYS I 492 30.76 9.59 22.81
CA LYS I 492 30.57 8.30 23.45
C LYS I 492 29.94 8.42 24.83
N LYS I 493 29.25 9.55 25.13
CA LYS I 493 28.52 9.75 26.37
C LYS I 493 29.40 9.77 27.60
N ARG I 494 30.55 10.44 27.49
CA ARG I 494 31.45 10.63 28.60
C ARG I 494 31.62 12.11 28.76
N VAL I 495 32.15 12.57 29.91
CA VAL I 495 32.55 13.95 30.07
C VAL I 495 33.71 14.23 29.12
N LEU I 496 33.66 15.29 28.28
CA LEU I 496 34.77 15.59 27.39
C LEU I 496 36.02 15.96 28.14
N GLU I 497 37.13 15.25 27.82
CA GLU I 497 38.37 15.40 28.53
C GLU I 497 38.95 16.80 28.40
N GLU I 498 38.90 17.38 27.18
CA GLU I 498 39.13 18.79 26.94
C GLU I 498 38.20 19.71 27.75
N ASN I 499 36.85 19.50 27.81
CA ASN I 499 35.99 20.34 28.64
C ASN I 499 36.33 20.27 30.13
N ARG I 500 36.72 19.08 30.63
CA ARG I 500 37.01 18.85 32.03
C ARG I 500 38.29 19.52 32.48
N GLU I 501 39.20 19.88 31.55
CA GLU I 501 40.42 20.60 31.86
C GLU I 501 40.18 21.89 32.63
N HIS I 502 40.98 22.07 33.69
CA HIS I 502 40.78 23.06 34.72
C HIS I 502 40.74 24.50 34.22
N TYR I 503 41.53 24.83 33.18
CA TYR I 503 41.53 26.15 32.60
C TYR I 503 40.50 26.31 31.49
N HIS I 504 40.13 25.22 30.78
CA HIS I 504 39.07 25.24 29.76
C HIS I 504 37.71 25.44 30.36
N ILE I 505 37.45 24.87 31.55
CA ILE I 505 36.22 25.11 32.26
C ILE I 505 36.05 26.60 32.59
N ILE I 506 37.15 27.29 32.98
CA ILE I 506 37.19 28.73 33.18
C ILE I 506 36.89 29.51 31.93
N GLN I 507 37.45 29.14 30.75
CA GLN I 507 37.16 29.84 29.50
C GLN I 507 35.67 29.89 29.25
N LYS I 508 34.98 28.74 29.36
CA LYS I 508 33.54 28.64 29.27
C LYS I 508 32.80 29.50 30.29
N PHE I 509 33.23 29.48 31.57
CA PHE I 509 32.65 30.30 32.61
C PHE I 509 32.78 31.80 32.34
N VAL I 510 33.93 32.27 31.81
CA VAL I 510 34.09 33.64 31.32
C VAL I 510 33.14 33.95 30.16
N ILE I 511 32.96 33.03 29.20
CA ILE I 511 31.97 33.19 28.13
C ILE I 511 30.51 33.28 28.60
N LEU I 512 30.09 32.41 29.54
CA LEU I 512 28.74 32.43 30.12
C LEU I 512 28.46 33.71 30.88
N ALA I 513 29.51 34.25 31.52
CA ALA I 513 29.59 35.48 32.27
C ALA I 513 29.53 35.21 33.76
N ASP I 514 29.20 33.97 34.16
CA ASP I 514 29.31 33.52 35.53
C ASP I 514 30.76 33.13 35.84
N VAL I 515 31.62 34.14 36.03
CA VAL I 515 32.97 33.94 36.53
C VAL I 515 33.04 33.77 38.04
N ASP I 516 32.28 34.59 38.79
CA ASP I 516 32.32 34.73 40.22
C ASP I 516 31.70 33.52 40.88
N GLY I 517 30.68 32.88 40.26
CA GLY I 517 30.14 31.58 40.63
C GLY I 517 31.19 30.52 40.80
N LEU I 518 32.05 30.27 39.78
CA LEU I 518 33.18 29.35 39.95
C LEU I 518 34.19 29.85 41.00
N MET I 519 34.49 31.16 41.09
CA MET I 519 35.46 31.65 42.07
C MET I 519 35.14 31.28 43.54
N ASP I 520 33.86 31.42 43.97
CA ASP I 520 33.31 30.96 45.25
C ASP I 520 33.35 29.40 45.36
N GLU I 521 32.85 28.67 44.32
CA GLU I 521 32.83 27.20 44.18
C GLU I 521 34.21 26.53 44.22
N PHE I 522 35.21 27.11 43.52
CA PHE I 522 36.60 26.70 43.55
C PHE I 522 37.21 26.84 44.94
N SER I 523 36.91 27.93 45.67
CA SER I 523 37.40 28.14 47.01
C SER I 523 36.91 27.09 47.97
N GLU I 524 35.64 26.66 47.84
CA GLU I 524 35.10 25.50 48.54
C GLU I 524 35.86 24.22 48.26
N TRP I 525 36.34 23.97 47.04
CA TRP I 525 37.23 22.85 46.79
C TRP I 525 38.54 22.87 47.61
N LEU I 526 39.12 24.06 47.92
CA LEU I 526 40.31 24.16 48.76
C LEU I 526 40.08 23.62 50.15
N SER I 527 38.93 23.95 50.77
CA SER I 527 38.53 23.41 52.07
C SER I 527 38.21 21.92 52.01
N ASN I 528 37.74 21.44 50.85
CA ASN I 528 37.46 20.03 50.61
C ASN I 528 38.68 19.26 50.08
N GLY I 529 39.89 19.86 50.07
CA GLY I 529 41.14 19.19 49.70
C GLY I 529 41.30 18.89 48.23
N LYS I 530 40.71 19.70 47.35
CA LYS I 530 40.79 19.52 45.91
C LYS I 530 41.43 20.73 45.25
N ASN I 531 41.87 20.58 43.97
CA ASN I 531 42.54 21.58 43.15
C ASN I 531 44.03 21.62 43.36
N LEU I 532 44.53 21.24 44.56
CA LEU I 532 45.91 21.30 44.98
C LEU I 532 46.89 20.61 44.04
N LEU I 533 46.41 19.56 43.34
CA LEU I 533 47.17 18.85 42.33
C LEU I 533 47.65 19.70 41.17
N LEU I 534 46.82 20.63 40.64
CA LEU I 534 47.26 21.45 39.54
C LEU I 534 47.87 22.73 40.06
N GLY I 535 49.20 22.89 39.88
CA GLY I 535 49.93 24.00 40.47
C GLY I 535 49.55 25.36 39.95
N HIS I 536 49.16 25.43 38.68
CA HIS I 536 48.69 26.64 38.04
C HIS I 536 47.34 27.12 38.50
N LEU I 537 46.37 26.21 38.72
CA LEU I 537 44.97 26.56 38.97
C LEU I 537 44.75 27.42 40.20
N LEU I 538 45.47 27.12 41.31
CA LEU I 538 45.44 27.94 42.51
C LEU I 538 45.90 29.37 42.28
N ARG I 539 46.99 29.55 41.51
CA ARG I 539 47.51 30.87 41.15
C ARG I 539 46.54 31.67 40.33
N PHE I 540 45.91 30.99 39.37
CA PHE I 540 45.06 31.54 38.37
C PHE I 540 43.87 32.28 38.93
N MET I 541 43.17 31.60 39.84
CA MET I 541 42.03 32.10 40.57
C MET I 541 42.36 33.29 41.43
N THR I 542 43.54 33.28 42.08
CA THR I 542 44.09 34.44 42.77
C THR I 542 44.23 35.66 41.91
N HIS I 543 44.96 35.56 40.79
CA HIS I 543 45.17 36.67 39.88
C HIS I 543 43.90 37.15 39.22
N LEU I 544 43.04 36.19 38.83
CA LEU I 544 41.76 36.45 38.23
C LEU I 544 40.82 37.20 39.16
N LEU I 545 40.72 36.82 40.45
CA LEU I 545 39.95 37.56 41.43
C LEU I 545 40.47 38.96 41.66
N LEU I 546 41.82 39.11 41.76
CA LEU I 546 42.44 40.39 41.96
C LEU I 546 42.12 41.34 40.83
N PHE I 547 42.20 40.84 39.59
CA PHE I 547 41.80 41.55 38.39
C PHE I 547 40.31 41.89 38.35
N PHE I 548 39.41 40.97 38.75
CA PHE I 548 37.99 41.27 38.79
C PHE I 548 37.66 42.43 39.70
N ARG I 549 38.11 42.41 40.97
CA ARG I 549 37.85 43.47 41.94
C ARG I 549 38.41 44.83 41.54
N THR I 550 39.57 44.88 40.84
CA THR I 550 40.09 46.14 40.35
C THR I 550 39.28 46.74 39.22
N LEU I 551 38.80 45.92 38.25
CA LEU I 551 37.96 46.42 37.17
C LEU I 551 36.56 46.76 37.60
N GLY I 552 35.92 45.88 38.39
CA GLY I 552 34.62 46.14 38.96
C GLY I 552 34.60 45.55 40.32
N LEU I 553 34.06 46.22 41.35
CA LEU I 553 33.93 45.58 42.64
C LEU I 553 32.96 44.39 42.58
N GLN I 554 33.52 43.15 42.61
CA GLN I 554 32.82 41.94 42.22
C GLN I 554 32.87 40.87 43.28
N ALA I 555 33.89 39.98 43.23
CA ALA I 555 34.03 38.80 44.05
C ALA I 555 34.01 39.09 45.54
N LYS I 556 33.39 38.16 46.31
CA LYS I 556 33.21 38.28 47.74
C LYS I 556 34.52 38.44 48.49
N GLU I 557 34.54 39.30 49.53
CA GLU I 557 35.72 39.54 50.34
C GLU I 557 36.26 38.30 51.01
N GLU I 558 35.38 37.43 51.53
CA GLU I 558 35.71 36.12 52.07
C GLU I 558 36.54 35.26 51.13
N VAL I 559 36.11 35.13 49.86
CA VAL I 559 36.82 34.42 48.81
C VAL I 559 38.17 35.01 48.55
N SER I 560 38.28 36.35 48.51
CA SER I 560 39.55 37.02 48.34
C SER I 560 40.53 36.67 49.44
N VAL I 561 40.09 36.68 50.70
CA VAL I 561 40.96 36.30 51.81
C VAL I 561 41.40 34.86 51.75
N GLU I 562 40.48 33.90 51.51
CA GLU I 562 40.81 32.49 51.43
C GLU I 562 41.77 32.17 50.31
N VAL I 563 41.51 32.70 49.10
CA VAL I 563 42.38 32.53 47.95
C VAL I 563 43.75 33.18 48.14
N LEU I 564 43.81 34.44 48.62
CA LEU I 564 45.06 35.14 48.86
C LEU I 564 45.87 34.49 49.96
N LYS I 565 45.22 34.06 51.07
CA LYS I 565 45.87 33.36 52.16
C LYS I 565 46.55 32.08 51.73
N THR I 566 45.86 31.19 50.98
CA THR I 566 46.43 29.96 50.46
C THR I 566 47.56 30.25 49.48
N TYR I 567 47.39 31.28 48.63
CA TYR I 567 48.43 31.72 47.74
C TYR I 567 49.68 32.26 48.44
N ILE I 568 49.54 33.08 49.50
CA ILE I 568 50.66 33.55 50.31
C ILE I 568 51.42 32.41 50.98
N GLN I 569 50.69 31.40 51.50
CA GLN I 569 51.29 30.20 52.09
C GLN I 569 52.16 29.47 51.09
N ARG I 570 51.73 29.38 49.83
CA ARG I 570 52.60 28.91 48.78
C ARG I 570 53.84 29.76 48.56
N LEU I 571 53.77 31.10 48.56
CA LEU I 571 54.96 31.97 48.44
C LEU I 571 56.01 31.72 49.49
N ILE I 572 55.63 31.45 50.76
CA ILE I 572 56.55 31.00 51.79
C ILE I 572 57.21 29.65 51.44
N ASN I 573 56.43 28.66 50.97
CA ASN I 573 56.94 27.36 50.53
C ASN I 573 57.94 27.46 49.38
N GLU I 574 57.64 28.39 48.47
CA GLU I 574 58.51 28.71 47.33
C GLU I 574 59.53 29.80 47.72
N LYS I 575 59.41 30.27 48.96
CA LYS I 575 60.27 31.30 49.57
C LYS I 575 60.30 32.68 48.91
N GLN I 576 59.17 33.13 48.37
CA GLN I 576 59.10 34.45 47.77
C GLN I 576 58.75 35.50 48.82
N ILE I 577 59.69 35.77 49.72
CA ILE I 577 59.38 36.40 51.00
C ILE I 577 58.84 37.83 50.93
N GLU I 578 59.44 38.66 50.07
CA GLU I 578 59.02 40.05 49.93
C GLU I 578 57.60 40.20 49.40
N LEU I 579 57.27 39.36 48.43
CA LEU I 579 55.95 39.37 47.78
C LEU I 579 54.92 38.55 48.55
N ILE I 580 55.35 37.38 49.04
CA ILE I 580 54.49 36.51 49.81
C ILE I 580 54.09 37.21 51.10
N ALA I 581 55.05 37.89 51.72
CA ALA I 581 54.71 38.61 52.96
C ALA I 581 53.64 39.68 52.66
N PHE I 582 53.81 40.41 51.57
CA PHE I 582 52.84 41.44 51.23
C PHE I 582 51.44 40.86 51.01
N TYR I 583 51.36 39.73 50.32
CA TYR I 583 50.03 39.13 50.08
C TYR I 583 49.35 38.72 51.39
N VAL I 584 50.14 38.13 52.29
CA VAL I 584 49.53 37.72 53.56
C VAL I 584 49.05 38.96 54.33
N SER I 585 49.84 40.04 54.31
CA SER I 585 49.46 41.27 54.99
C SER I 585 48.17 41.84 54.40
N HIS I 586 47.95 41.59 53.11
CA HIS I 586 46.74 42.08 52.46
C HIS I 586 45.53 41.49 53.18
N LEU I 587 45.65 40.24 53.61
CA LEU I 587 44.57 39.56 54.32
C LEU I 587 44.78 39.51 55.84
N PRO I 588 43.74 39.89 56.60
CA PRO I 588 43.74 40.30 58.02
C PRO I 588 44.15 39.19 58.98
N GLN I 589 43.74 37.95 58.68
CA GLN I 589 44.03 36.79 59.51
C GLN I 589 45.52 36.49 59.66
N GLU I 590 46.29 36.76 58.62
CA GLU I 590 47.72 36.51 58.58
C GLU I 590 48.56 37.70 59.04
N LEU I 591 47.93 38.66 59.73
CA LEU I 591 48.65 39.85 60.17
C LEU I 591 49.82 39.51 61.10
N ALA I 592 49.64 38.58 62.04
CA ALA I 592 50.81 38.19 62.90
C ALA I 592 51.73 37.00 62.45
N ILE I 593 51.10 35.92 62.02
CA ILE I 593 51.80 34.69 61.65
C ILE I 593 52.77 34.81 60.48
N SER I 594 52.36 35.56 59.45
CA SER I 594 53.20 35.73 58.29
C SER I 594 54.50 36.42 58.68
N GLN I 595 54.39 37.45 59.51
CA GLN I 595 55.59 38.17 59.94
C GLN I 595 56.50 37.23 60.72
N TYR I 596 55.92 36.42 61.61
CA TYR I 596 56.79 35.51 62.36
C TYR I 596 57.55 34.53 61.44
N ALA I 597 56.82 33.89 60.54
CA ALA I 597 57.45 32.90 59.67
C ALA I 597 58.54 33.51 58.81
N VAL I 598 58.27 34.66 58.21
CA VAL I 598 59.29 35.32 57.42
C VAL I 598 60.42 35.77 58.34
N PHE I 599 60.01 36.35 59.48
CA PHE I 599 60.95 36.83 60.49
C PHE I 599 61.74 35.73 61.20
N LEU I 600 61.07 34.64 61.53
CA LEU I 600 61.72 33.54 62.26
C LEU I 600 62.85 32.87 61.47
N GLU I 601 62.62 32.62 60.19
CA GLU I 601 63.64 31.98 59.37
C GLU I 601 64.86 32.89 59.24
N ASN I 602 64.61 34.17 59.03
CA ASN I 602 65.67 35.16 58.87
C ASN I 602 66.52 35.37 60.12
N ILE I 603 65.90 35.40 61.29
CA ILE I 603 66.63 35.64 62.53
C ILE I 603 67.65 34.57 62.93
N THR I 604 67.28 33.30 62.82
CA THR I 604 68.20 32.22 63.20
C THR I 604 69.46 32.12 62.35
N ARG I 609 72.47 39.43 57.06
CA ARG I 609 71.11 39.54 56.57
C ARG I 609 70.57 40.96 56.72
N GLN I 610 71.46 41.93 56.55
CA GLN I 610 71.08 43.34 56.67
C GLN I 610 70.05 43.70 55.61
N ARG I 611 70.26 43.20 54.39
CA ARG I 611 69.34 43.47 53.29
C ARG I 611 67.98 42.89 53.61
N CYS I 612 67.97 41.69 54.17
CA CYS I 612 66.73 41.02 54.54
C CYS I 612 66.00 41.84 55.60
N LEU I 613 66.76 42.36 56.55
CA LEU I 613 66.19 43.16 57.63
C LEU I 613 65.56 44.42 57.04
N GLU I 614 66.24 45.02 56.07
CA GLU I 614 65.75 46.23 55.42
C GLU I 614 64.45 45.92 54.69
N LEU I 615 64.39 44.76 54.04
CA LEU I 615 63.21 44.34 53.32
C LEU I 615 62.05 44.18 54.29
N ALA I 616 62.35 43.59 55.44
CA ALA I 616 61.33 43.36 56.47
C ALA I 616 60.79 44.71 56.96
N LYS I 617 61.70 45.66 57.13
CA LYS I 617 61.32 46.99 57.59
C LYS I 617 60.40 47.65 56.56
N GLU I 618 60.74 47.47 55.28
CA GLU I 618 59.95 48.03 54.20
C GLU I 618 58.56 47.42 54.21
N ALA I 619 58.49 46.11 54.45
CA ALA I 619 57.22 45.40 54.49
C ALA I 619 56.38 45.94 55.64
N GLY I 620 57.03 46.20 56.78
CA GLY I 620 56.35 46.73 57.94
C GLY I 620 55.78 48.10 57.63
N LEU I 621 56.57 48.91 56.93
CA LEU I 621 56.15 50.26 56.56
C LEU I 621 54.93 50.17 55.65
N ASP I 622 54.97 49.22 54.72
CA ASP I 622 53.86 49.02 53.79
C ASP I 622 52.60 48.62 54.55
N VAL I 623 52.76 47.77 55.56
CA VAL I 623 51.63 47.32 56.35
C VAL I 623 51.60 48.01 57.72
N THR I 627 50.15 46.83 66.05
CA THR I 627 51.45 47.01 65.43
C THR I 627 52.18 45.67 65.27
N LYS I 628 53.22 45.67 64.44
CA LYS I 628 53.99 44.45 64.20
C LYS I 628 54.66 43.98 65.48
N THR I 629 55.19 44.93 66.25
CA THR I 629 55.85 44.60 67.51
C THR I 629 54.84 43.97 68.47
N VAL I 630 53.63 44.54 68.49
CA VAL I 630 52.57 44.03 69.36
C VAL I 630 52.21 42.61 68.95
N VAL I 631 52.15 42.38 67.64
CA VAL I 631 51.82 41.05 67.13
C VAL I 631 52.90 40.06 67.55
N GLU I 632 54.16 40.49 67.48
CA GLU I 632 55.27 39.63 67.86
C GLU I 632 55.17 39.29 69.34
N ASN I 633 54.80 40.28 70.15
CA ASN I 633 54.67 40.08 71.59
C ASN I 633 53.67 38.97 71.92
N THR I 634 52.46 39.09 71.39
CA THR I 634 51.42 38.09 71.63
C THR I 634 51.84 36.74 71.07
N ARG I 635 52.44 36.75 69.89
CA ARG I 635 52.90 35.52 69.26
C ARG I 635 53.98 34.87 70.12
N LYS I 636 54.87 35.69 70.65
CA LYS I 636 55.94 35.20 71.50
C LYS I 636 55.35 34.57 72.76
N LYS I 637 54.32 35.20 73.30
CA LYS I 637 53.68 34.69 74.50
C LYS I 637 53.04 33.34 74.20
N ASP I 638 52.42 33.24 73.02
CA ASP I 638 51.78 31.99 72.61
C ASP I 638 52.83 30.90 72.49
N ALA I 639 53.98 31.25 71.94
CA ALA I 639 55.08 30.31 71.77
C ALA I 639 55.57 29.82 73.12
N GLY I 640 55.65 30.74 74.08
CA GLY I 640 56.11 30.41 75.42
C GLY I 640 55.36 29.24 76.02
N LEU I 651 63.27 23.77 81.05
CA LEU I 651 63.60 24.73 80.00
C LEU I 651 62.73 24.50 78.76
N ASP I 652 63.38 24.43 77.60
CA ASP I 652 64.78 24.81 77.45
C ASP I 652 64.95 25.60 76.16
N SER I 653 65.94 26.48 76.11
CA SER I 653 66.15 27.27 74.90
C SER I 653 65.02 28.26 74.60
N GLY I 654 63.80 27.77 74.82
CA GLY I 654 62.60 28.55 74.62
C GLY I 654 62.59 29.73 75.57
N THR I 655 62.95 29.50 76.82
CA THR I 655 63.04 30.61 77.76
C THR I 655 64.23 31.46 77.30
N SER I 656 65.32 30.76 76.99
CA SER I 656 66.55 31.37 76.53
C SER I 656 66.31 32.03 75.18
N GLU I 657 65.54 31.34 74.34
CA GLU I 657 65.19 31.85 73.02
C GLU I 657 64.38 33.13 73.16
N GLU I 658 63.45 33.14 74.12
CA GLU I 658 62.61 34.30 74.38
C GLU I 658 63.47 35.46 74.83
N ASP I 659 64.46 35.18 75.68
CA ASP I 659 65.37 36.22 76.17
C ASP I 659 66.15 36.79 74.99
N ARG I 660 66.59 35.91 74.09
CA ARG I 660 67.34 36.37 72.93
C ARG I 660 66.44 37.25 72.08
N ALA I 661 65.18 36.85 71.90
CA ALA I 661 64.26 37.63 71.11
C ALA I 661 64.06 39.00 71.74
N LYS I 662 63.89 39.08 73.06
CA LYS I 662 63.71 40.40 73.64
C LYS I 662 64.95 41.26 73.49
N ILE I 663 66.14 40.69 73.67
CA ILE I 663 67.33 41.52 73.48
C ILE I 663 67.44 42.00 72.02
N ASP I 664 67.12 41.12 71.07
CA ASP I 664 67.17 41.47 69.67
C ASP I 664 66.18 42.58 69.37
N VAL I 665 64.96 42.52 69.91
CA VAL I 665 63.99 43.57 69.65
C VAL I 665 64.44 44.89 70.28
N ILE I 666 65.06 44.81 71.46
CA ILE I 666 65.55 45.99 72.13
C ILE I 666 66.62 46.65 71.25
N ASP I 667 67.51 45.85 70.67
CA ASP I 667 68.53 46.42 69.78
C ASP I 667 67.83 47.04 68.58
N TRP I 668 66.88 46.29 68.03
CA TRP I 668 66.07 46.71 66.91
C TRP I 668 65.22 47.89 67.35
N LEU I 669 64.68 47.81 68.57
CA LEU I 669 63.87 48.92 69.05
C LEU I 669 64.77 50.12 69.33
N VAL I 670 65.93 49.86 69.90
CA VAL I 670 66.86 50.95 70.20
C VAL I 670 67.26 51.64 68.89
N PHE I 671 67.54 50.85 67.86
CA PHE I 671 67.86 51.45 66.57
C PHE I 671 66.71 52.25 65.90
N GLN I 675 59.26 50.59 68.70
CA GLN I 675 58.73 49.63 69.65
C GLN I 675 59.56 49.54 70.92
N ARG I 676 60.40 50.55 71.23
CA ARG I 676 61.25 50.56 72.42
C ARG I 676 60.52 50.46 73.75
N ALA I 677 59.33 51.08 73.89
CA ALA I 677 58.48 50.94 75.06
C ALA I 677 58.03 49.49 75.29
N GLU I 678 57.52 48.82 74.24
CA GLU I 678 57.19 47.41 74.24
C GLU I 678 58.39 46.50 74.45
N ALA I 679 59.55 46.79 73.81
CA ALA I 679 60.79 46.09 74.04
C ALA I 679 61.25 46.14 75.49
N LEU I 680 61.19 47.31 76.14
CA LEU I 680 61.46 47.46 77.56
C LEU I 680 60.47 46.71 78.44
N LYS I 681 59.16 46.84 78.17
CA LYS I 681 58.13 46.16 78.93
C LYS I 681 58.21 44.64 78.87
N GLN I 682 58.44 44.08 77.66
CA GLN I 682 58.67 42.67 77.45
C GLN I 682 59.98 42.18 78.07
N SER I 683 61.05 42.99 78.00
CA SER I 683 62.33 42.73 78.64
C SER I 683 62.22 42.59 80.14
N ASN I 684 61.48 43.52 80.79
CA ASN I 684 61.16 43.42 82.19
C ASN I 684 60.45 42.11 82.51
N ALA I 685 59.44 41.70 81.72
CA ALA I 685 58.73 40.45 81.92
C ALA I 685 59.59 39.20 81.84
N ILE I 686 60.51 39.15 80.85
CA ILE I 686 61.49 38.10 80.70
C ILE I 686 62.47 38.06 81.86
N MET I 687 63.01 39.22 82.26
CA MET I 687 63.88 39.35 83.41
C MET I 687 63.19 38.99 84.72
N ARG I 688 61.91 39.34 84.94
CA ARG I 688 61.14 38.90 86.10
C ARG I 688 61.06 37.39 86.27
N LYS I 689 60.86 36.61 85.18
CA LYS I 689 60.96 35.16 85.22
C LYS I 689 62.36 34.65 85.61
N PHE I 690 63.43 35.25 85.04
CA PHE I 690 64.82 34.91 85.33
C PHE I 690 65.28 35.28 86.73
N LEU I 691 64.82 36.42 87.29
CA LEU I 691 65.08 36.82 88.65
C LEU I 691 64.50 35.87 89.68
N ALA I 692 63.29 35.33 89.43
CA ALA I 692 62.66 34.36 90.31
C ALA I 692 63.39 33.02 90.36
N SER I 693 64.17 32.68 89.32
CA SER I 693 65.01 31.50 89.28
C SER I 693 66.46 31.79 89.59
N LYS I 694 66.79 33.06 89.89
CA LYS I 694 68.13 33.57 90.17
C LYS I 694 69.13 33.32 89.05
N LYS I 695 68.68 33.45 87.79
CA LYS I 695 69.54 33.33 86.63
C LYS I 695 70.09 34.72 86.30
N HIS I 696 70.99 35.30 87.15
CA HIS I 696 71.53 36.64 87.01
C HIS I 696 72.28 36.88 85.71
N GLU I 697 73.10 35.93 85.21
CA GLU I 697 73.69 36.01 83.89
C GLU I 697 72.67 36.08 82.76
N ALA I 698 71.60 35.26 82.79
CA ALA I 698 70.48 35.36 81.86
C ALA I 698 69.78 36.70 81.89
N ALA I 699 69.48 37.23 83.10
CA ALA I 699 68.93 38.56 83.26
C ALA I 699 69.85 39.68 82.75
N LYS I 700 71.16 39.62 83.04
CA LYS I 700 72.14 40.55 82.50
C LYS I 700 72.35 40.49 81.01
N GLU I 701 72.33 39.29 80.39
CA GLU I 701 72.43 39.13 78.94
C GLU I 701 71.27 39.82 78.22
N VAL I 702 70.04 39.69 78.75
CA VAL I 702 68.88 40.47 78.33
C VAL I 702 69.03 41.97 78.59
N PHE I 703 69.53 42.36 79.77
CA PHE I 703 69.75 43.74 80.18
C PHE I 703 70.68 44.52 79.25
N ALA I 704 71.79 43.92 78.77
CA ALA I 704 72.67 44.53 77.79
C ALA I 704 72.12 44.60 76.36
N LYS I 705 71.13 43.75 76.01
CA LYS I 705 70.43 43.86 74.73
C LYS I 705 69.54 45.08 74.68
N ILE I 706 69.04 45.55 75.84
CA ILE I 706 68.41 46.85 75.99
C ILE I 706 69.41 47.96 75.75
N PRO I 707 69.32 48.79 74.70
CA PRO I 707 70.20 49.94 74.49
C PRO I 707 70.32 50.85 75.69
N GLN I 708 71.54 51.35 75.98
CA GLN I 708 71.84 52.09 77.20
C GLN I 708 71.12 53.44 77.24
N ASP I 709 70.67 53.93 76.08
CA ASP I 709 69.97 55.15 75.84
C ASP I 709 68.45 54.99 75.72
N SER I 710 67.89 53.76 75.86
CA SER I 710 66.46 53.48 75.69
C SER I 710 65.53 54.34 76.52
N ILE I 711 65.89 54.62 77.79
CA ILE I 711 65.11 55.49 78.67
C ILE I 711 64.96 56.89 78.11
N ALA I 712 66.04 57.47 77.56
CA ALA I 712 66.07 58.83 77.06
C ALA I 712 65.15 59.05 75.85
N GLU I 713 65.20 58.13 74.87
CA GLU I 713 64.38 58.16 73.67
C GLU I 713 62.90 57.92 73.87
N ILE I 714 62.48 57.07 74.83
CA ILE I 714 61.07 56.73 75.07
C ILE I 714 60.23 57.95 75.46
N TYR I 715 60.81 58.91 76.20
CA TYR I 715 60.13 60.11 76.63
C TYR I 715 59.60 61.01 75.52
N SER I 716 58.42 61.60 75.75
CA SER I 716 57.75 62.46 74.79
C SER I 716 57.94 63.94 75.07
N GLN I 717 58.48 64.29 76.26
CA GLN I 717 58.63 65.67 76.66
C GLN I 717 59.81 65.78 77.61
N TRP I 718 60.59 66.87 77.51
CA TRP I 718 61.73 67.13 78.37
C TRP I 718 61.39 67.41 79.83
N GLU I 719 60.36 68.25 80.08
CA GLU I 719 59.90 68.57 81.41
C GLU I 719 59.18 67.41 82.07
N GLU I 720 59.59 67.03 83.30
CA GLU I 720 59.11 65.85 84.02
C GLU I 720 57.61 65.80 84.25
N GLN I 721 57.00 66.91 84.72
CA GLN I 721 55.57 66.99 84.94
C GLN I 721 54.72 66.80 83.68
N ALA I 722 55.16 67.38 82.55
CA ALA I 722 54.50 67.21 81.28
C ALA I 722 54.77 65.85 80.65
N MET I 723 55.91 65.21 80.99
CA MET I 723 56.23 63.83 80.64
C MET I 723 55.24 62.86 81.27
N ASP I 724 54.93 63.01 82.58
CA ASP I 724 53.96 62.20 83.32
C ASP I 724 52.58 62.16 82.69
N SER I 725 52.11 63.30 82.13
CA SER I 725 50.83 63.44 81.47
C SER I 725 50.70 62.60 80.21
N ALA I 726 51.75 62.58 79.38
CA ALA I 726 51.74 61.83 78.15
C ALA I 726 52.17 60.39 78.31
N LEU I 727 53.13 60.10 79.22
CA LEU I 727 53.65 58.77 79.46
C LEU I 727 52.57 57.84 80.02
N PRO I 728 52.15 56.77 79.34
CA PRO I 728 51.15 55.86 79.86
C PRO I 728 51.56 55.18 81.13
N ALA I 729 50.61 54.56 81.85
CA ALA I 729 50.91 54.05 83.16
C ALA I 729 51.76 52.79 83.11
N GLU I 730 51.68 52.09 81.99
CA GLU I 730 52.45 50.95 81.58
C GLU I 730 53.92 51.28 81.38
N ASP I 731 54.22 52.48 80.83
CA ASP I 731 55.56 52.93 80.54
C ASP I 731 56.28 53.54 81.73
N ASP I 732 55.60 54.34 82.60
CA ASP I 732 56.23 54.87 83.83
C ASP I 732 56.71 53.74 84.72
N ASN I 733 55.84 52.74 84.95
CA ASN I 733 56.20 51.57 85.72
C ASN I 733 57.30 50.75 85.08
N ALA I 734 57.28 50.52 83.74
CA ALA I 734 58.34 49.79 83.07
C ALA I 734 59.73 50.45 83.15
N ILE I 735 59.83 51.79 83.04
CA ILE I 735 61.07 52.53 83.29
C ILE I 735 61.57 52.35 84.71
N ARG I 736 60.68 52.47 85.73
CA ARG I 736 61.01 52.24 87.12
C ARG I 736 61.41 50.81 87.45
N GLU I 737 60.67 49.80 86.93
CA GLU I 737 61.00 48.38 87.08
C GLU I 737 62.36 48.04 86.53
N HIS I 738 62.73 48.56 85.33
CA HIS I 738 64.04 48.36 84.73
C HIS I 738 65.19 48.89 85.57
N LEU I 739 65.05 50.11 86.14
CA LEU I 739 66.01 50.63 87.10
C LEU I 739 66.06 49.85 88.41
N CYS I 740 64.90 49.37 88.92
CA CYS I 740 64.83 48.43 90.05
C CYS I 740 65.57 47.13 89.77
N ILE I 741 65.42 46.54 88.57
CA ILE I 741 66.15 45.37 88.12
C ILE I 741 67.64 45.64 88.04
N ARG I 742 68.06 46.78 87.44
CA ARG I 742 69.46 47.18 87.41
C ARG I 742 70.08 47.35 88.79
N ALA I 743 69.37 48.00 89.72
CA ALA I 743 69.79 48.16 91.10
C ALA I 743 69.99 46.82 91.79
N TYR I 744 69.07 45.85 91.60
CA TYR I 744 69.25 44.49 92.05
C TYR I 744 70.46 43.79 91.42
N LEU I 745 70.63 43.88 90.09
CA LEU I 745 71.73 43.26 89.37
C LEU I 745 73.11 43.74 89.78
N GLU I 746 73.26 45.08 89.97
CA GLU I 746 74.47 45.72 90.44
C GLU I 746 74.85 45.30 91.86
N SER I 747 73.84 44.95 92.68
CA SER I 747 74.00 44.50 94.05
C SER I 747 74.43 43.06 94.15
N HIS I 748 74.34 42.28 93.06
CA HIS I 748 74.93 40.96 93.02
C HIS I 748 76.26 40.96 92.31
N GLU I 749 76.51 41.92 91.39
CA GLU I 749 77.79 42.07 90.71
C GLU I 749 78.92 42.41 91.67
N ALA I 750 78.73 43.50 92.45
CA ALA I 750 79.63 43.94 93.48
C ALA I 750 79.80 42.95 94.62
N PHE I 751 78.73 42.22 95.02
CA PHE I 751 78.82 41.18 96.01
C PHE I 751 79.68 40.01 95.57
N ASN I 752 79.52 39.50 94.33
CA ASN I 752 80.33 38.40 93.83
C ASN I 752 81.81 38.76 93.69
N GLU I 753 82.15 40.00 93.29
CA GLU I 753 83.52 40.49 93.36
C GLU I 753 84.06 40.55 94.78
N TRP I 754 83.32 41.13 95.73
CA TRP I 754 83.66 41.20 97.14
C TRP I 754 83.83 39.82 97.78
N PHE I 755 82.91 38.89 97.47
CA PHE I 755 82.94 37.53 97.93
C PHE I 755 84.09 36.73 97.31
N LYS I 756 84.47 37.02 96.07
CA LYS I 756 85.68 36.46 95.49
C LYS I 756 86.93 36.94 96.23
N HIS I 757 87.04 38.25 96.51
CA HIS I 757 88.10 38.84 97.31
C HIS I 757 88.19 38.35 98.76
N ILE I 758 87.06 38.10 99.46
CA ILE I 758 87.09 37.60 100.84
C ILE I 758 87.66 36.19 100.93
N ASN I 759 87.61 35.43 99.82
CA ASN I 759 88.12 34.07 99.75
C ASN I 759 89.46 33.99 99.07
N SER I 760 90.14 35.12 98.85
CA SER I 760 91.53 35.16 98.44
C SER I 760 92.44 35.85 99.44
N PRO I 761 92.31 35.78 100.78
CA PRO I 761 93.25 36.46 101.65
C PRO I 761 94.66 35.89 101.53
N PRO I 762 95.72 36.69 101.60
CA PRO I 762 97.08 36.21 101.63
C PRO I 762 97.27 35.17 102.72
N GLN I 763 98.03 34.11 102.42
CA GLN I 763 98.25 33.05 103.35
C GLN I 763 99.47 33.34 104.19
N LYS I 764 99.47 32.87 105.46
CA LYS I 764 100.58 33.07 106.37
C LYS I 764 101.88 32.45 105.85
N PRO I 765 103.05 32.99 106.12
CA PRO I 765 104.33 32.35 105.81
C PRO I 765 104.48 30.97 106.38
N THR I 766 104.75 29.95 105.55
CA THR I 766 105.05 28.60 105.99
C THR I 766 106.25 28.51 106.90
N LEU I 767 106.10 27.89 108.08
CA LEU I 767 107.15 27.81 109.07
C LEU I 767 108.06 26.62 108.88
N VAL I 768 109.37 26.87 108.77
CA VAL I 768 110.38 25.82 108.76
C VAL I 768 110.99 25.73 110.14
N GLY I 769 110.42 24.86 111.02
CA GLY I 769 111.01 24.57 112.31
C GLY I 769 112.36 23.92 112.20
N GLN I 770 113.32 24.32 113.07
CA GLN I 770 114.72 23.93 113.00
C GLN I 770 115.44 24.49 111.77
N ALA I 771 115.14 25.73 111.35
CA ALA I 771 115.65 26.39 110.17
C ALA I 771 117.16 26.54 110.05
N SER I 772 117.70 26.36 108.84
CA SER I 772 119.04 26.81 108.52
C SER I 772 119.16 28.33 108.55
N PHE I 773 120.37 28.92 108.72
CA PHE I 773 120.53 30.37 108.69
C PHE I 773 120.10 31.00 107.36
N THR I 774 120.21 30.29 106.23
CA THR I 774 119.63 30.67 104.94
C THR I 774 118.12 30.75 104.96
N GLU I 775 117.45 29.72 105.53
CA GLU I 775 116.01 29.66 105.63
C GLU I 775 115.43 30.69 106.56
N LYS I 776 116.13 31.01 107.68
CA LYS I 776 115.77 32.10 108.57
C LYS I 776 115.61 33.44 107.87
N VAL I 777 116.61 33.89 107.08
CA VAL I 777 116.53 35.16 106.35
C VAL I 777 115.46 35.18 105.26
N ALA I 778 115.31 34.09 104.48
CA ALA I 778 114.25 34.00 103.49
C ALA I 778 112.87 34.09 104.13
N HIS I 779 112.69 33.43 105.29
CA HIS I 779 111.51 33.54 106.12
C HIS I 779 111.26 34.94 106.68
N GLU I 780 112.28 35.65 107.22
CA GLU I 780 112.19 37.04 107.69
C GLU I 780 111.67 37.98 106.61
N HIS I 781 112.09 37.78 105.35
CA HIS I 781 111.54 38.49 104.20
C HIS I 781 110.12 38.08 103.80
N LYS I 782 109.80 36.77 103.75
CA LYS I 782 108.45 36.29 103.45
C LYS I 782 107.41 36.74 104.46
N GLU I 783 107.77 36.72 105.76
CA GLU I 783 106.99 37.28 106.85
C GLU I 783 106.73 38.75 106.70
N LYS I 784 107.76 39.58 106.45
CA LYS I 784 107.62 40.99 106.17
C LYS I 784 106.78 41.29 104.93
N LYS I 785 106.92 40.58 103.80
CA LYS I 785 106.07 40.76 102.64
C LYS I 785 104.59 40.46 102.91
N TYR I 786 104.28 39.38 103.66
CA TYR I 786 102.92 39.04 104.07
C TYR I 786 102.25 40.17 104.88
N GLU I 787 103.00 40.81 105.78
CA GLU I 787 102.55 41.94 106.57
C GLU I 787 102.35 43.23 105.76
N MET I 788 102.60 43.21 104.44
CA MET I 788 102.24 44.27 103.53
C MET I 788 100.98 43.90 102.77
N ASP I 789 100.94 42.69 102.19
CA ASP I 789 99.81 42.15 101.44
C ASP I 789 98.54 42.09 102.28
N PHE I 790 98.58 41.64 103.55
CA PHE I 790 97.40 41.61 104.42
C PHE I 790 96.80 43.00 104.66
N GLY I 791 97.62 44.07 104.70
CA GLY I 791 97.11 45.44 104.76
C GLY I 791 96.42 45.89 103.51
N ILE I 792 96.93 45.56 102.32
CA ILE I 792 96.27 45.81 101.04
C ILE I 792 95.01 45.00 100.86
N TRP I 793 95.00 43.72 101.27
CA TRP I 793 93.81 42.90 101.17
C TRP I 793 92.74 43.31 102.16
N LYS I 794 93.07 44.04 103.23
CA LYS I 794 92.11 44.86 103.95
C LYS I 794 91.74 46.14 103.20
N GLY I 795 92.70 46.93 102.67
CA GLY I 795 92.48 48.10 101.82
C GLY I 795 91.55 47.95 100.63
N HIS I 796 91.80 46.94 99.77
CA HIS I 796 90.89 46.58 98.68
C HIS I 796 89.55 46.11 99.20
N LEU I 797 89.53 45.31 100.28
CA LEU I 797 88.31 44.85 100.91
C LEU I 797 87.45 45.98 101.42
N ASP I 798 88.03 46.99 102.11
CA ASP I 798 87.29 48.13 102.62
C ASP I 798 86.64 48.95 101.51
N ALA I 799 87.34 49.17 100.38
CA ALA I 799 86.74 49.74 99.19
C ALA I 799 85.64 48.89 98.56
N LEU I 800 85.82 47.57 98.37
CA LEU I 800 84.75 46.71 97.89
C LEU I 800 83.57 46.61 98.84
N THR I 801 83.81 46.60 100.17
CA THR I 801 82.81 46.66 101.23
C THR I 801 81.99 47.92 101.19
N SER I 802 82.62 49.11 101.00
CA SER I 802 81.89 50.36 100.89
C SER I 802 80.99 50.39 99.68
N ASP I 803 81.49 50.03 98.50
CA ASP I 803 80.74 49.91 97.27
C ASP I 803 79.63 48.85 97.29
N VAL I 804 79.86 47.61 97.78
CA VAL I 804 78.79 46.60 97.88
C VAL I 804 77.70 47.01 98.83
N LYS I 805 78.06 47.63 99.99
CA LYS I 805 77.11 48.14 100.97
C LYS I 805 76.18 49.17 100.35
N GLU I 806 76.70 50.15 99.58
CA GLU I 806 75.88 51.19 98.96
C GLU I 806 74.83 50.64 98.00
N LYS I 807 75.21 49.68 97.15
CA LYS I 807 74.29 49.02 96.24
C LYS I 807 73.16 48.29 96.93
N ILE I 808 73.48 47.55 98.00
CA ILE I 808 72.49 46.85 98.80
C ILE I 808 71.46 47.79 99.42
N TYR I 809 71.91 48.93 99.99
CA TYR I 809 71.03 49.99 100.47
C TYR I 809 70.18 50.60 99.37
N ASN I 810 70.69 50.84 98.15
CA ASN I 810 69.91 51.30 97.00
C ASN I 810 68.74 50.37 96.63
N VAL I 811 68.91 49.05 96.80
CA VAL I 811 67.81 48.09 96.63
C VAL I 811 66.87 48.07 97.82
N LEU I 812 67.38 47.92 99.06
CA LEU I 812 66.58 47.80 100.26
C LEU I 812 65.78 49.05 100.59
N LEU I 813 66.37 50.24 100.37
CA LEU I 813 65.75 51.52 100.64
C LEU I 813 65.40 52.25 99.35
N PHE I 814 65.13 51.52 98.23
CA PHE I 814 64.78 52.08 96.93
C PHE I 814 63.89 53.34 96.97
N VAL I 815 64.41 54.43 96.39
CA VAL I 815 63.81 55.75 96.40
C VAL I 815 62.44 55.76 95.74
N ASP I 816 61.47 56.49 96.32
CA ASP I 816 60.17 56.75 95.71
C ASP I 816 59.26 55.51 95.67
N GLY I 817 59.20 54.72 96.76
CA GLY I 817 58.12 53.74 96.98
C GLY I 817 58.53 52.34 97.35
N GLY I 818 59.85 52.05 97.39
CA GLY I 818 60.35 50.71 97.68
C GLY I 818 60.57 49.87 96.44
N TRP I 819 61.47 48.87 96.54
CA TRP I 819 61.87 48.05 95.42
C TRP I 819 60.76 47.19 94.85
N MET I 820 60.59 47.21 93.52
CA MET I 820 59.56 46.48 92.79
C MET I 820 58.16 46.87 93.26
N VAL I 821 57.94 48.18 93.40
CA VAL I 821 56.66 48.77 93.73
C VAL I 821 56.38 49.84 92.69
N ASP I 822 55.25 49.70 91.95
CA ASP I 822 54.78 50.69 91.01
C ASP I 822 54.47 52.03 91.71
N VAL I 823 54.85 53.17 91.11
CA VAL I 823 54.53 54.50 91.64
C VAL I 823 53.28 55.00 90.94
N ARG I 824 53.00 54.47 89.75
CA ARG I 824 51.86 54.84 88.97
C ARG I 824 50.73 53.83 89.12
N GLU I 825 49.57 54.30 89.61
CA GLU I 825 48.49 53.43 90.06
C GLU I 825 47.34 53.35 89.07
N ASP I 826 47.43 54.00 87.91
CA ASP I 826 46.37 54.09 86.91
C ASP I 826 46.59 53.18 85.71
N THR I 827 47.35 52.07 85.86
CA THR I 827 47.57 51.08 84.80
C THR I 827 46.42 50.11 84.73
N GLU I 828 46.15 49.52 83.55
CA GLU I 828 45.23 48.41 83.41
C GLU I 828 45.71 47.16 84.13
N GLU I 829 44.74 46.29 84.53
CA GLU I 829 45.01 45.10 85.31
C GLU I 829 45.98 44.09 84.68
N ASP I 830 47.02 43.73 85.43
CA ASP I 830 48.07 42.82 85.01
C ASP I 830 48.42 41.98 86.25
N PRO I 831 47.71 40.88 86.54
CA PRO I 831 47.92 40.12 87.77
C PRO I 831 49.15 39.28 87.62
N GLU I 832 49.51 38.88 86.37
CA GLU I 832 50.76 38.18 86.16
C GLU I 832 51.94 39.06 86.56
N ARG I 833 52.02 40.33 86.12
CA ARG I 833 53.08 41.20 86.58
C ARG I 833 52.98 41.59 88.03
N SER I 834 51.81 42.01 88.54
CA SER I 834 51.71 42.53 89.91
C SER I 834 52.05 41.51 90.99
N HIS I 835 51.55 40.26 90.87
CA HIS I 835 51.93 39.17 91.73
C HIS I 835 53.39 38.74 91.56
N GLN I 836 53.99 38.80 90.35
CA GLN I 836 55.43 38.64 90.18
C GLN I 836 56.21 39.68 90.94
N MET I 837 55.84 40.97 90.91
CA MET I 837 56.47 42.03 91.67
C MET I 837 56.41 41.77 93.17
N VAL I 838 55.27 41.36 93.74
CA VAL I 838 55.14 40.93 95.14
C VAL I 838 56.03 39.75 95.47
N LEU I 839 56.07 38.71 94.60
CA LEU I 839 56.94 37.56 94.78
C LEU I 839 58.43 37.89 94.74
N LEU I 840 58.88 38.71 93.78
CA LEU I 840 60.28 39.13 93.67
C LEU I 840 60.77 39.83 94.91
N ARG I 841 59.93 40.69 95.53
CA ARG I 841 60.21 41.24 96.83
C ARG I 841 60.41 40.22 97.94
N ARG I 842 59.55 39.18 98.02
CA ARG I 842 59.65 38.15 99.05
C ARG I 842 60.75 37.11 98.82
N LEU I 843 61.33 36.98 97.61
CA LEU I 843 62.42 36.05 97.40
C LEU I 843 63.77 36.72 97.51
N CYS I 844 63.80 38.05 97.39
CA CYS I 844 65.04 38.75 97.16
C CYS I 844 65.32 39.79 98.19
N LEU I 845 64.32 40.49 98.76
CA LEU I 845 64.58 41.35 99.91
C LEU I 845 65.02 40.60 101.17
N PRO I 846 64.48 39.44 101.59
CA PRO I 846 65.07 38.63 102.66
C PRO I 846 66.49 38.21 102.37
N MET I 847 66.75 37.77 101.13
CA MET I 847 68.06 37.36 100.69
C MET I 847 69.11 38.48 100.72
N MET I 848 68.78 39.67 100.19
CA MET I 848 69.63 40.86 100.23
C MET I 848 69.95 41.35 101.63
N CYS I 849 68.97 41.35 102.56
CA CYS I 849 69.23 41.62 103.97
C CYS I 849 70.18 40.62 104.62
N PHE I 850 70.02 39.32 104.35
CA PHE I 850 70.93 38.30 104.82
C PHE I 850 72.33 38.44 104.26
N LEU I 851 72.50 38.74 102.96
CA LEU I 851 73.78 39.08 102.39
C LEU I 851 74.44 40.30 103.02
N LEU I 852 73.68 41.39 103.27
CA LEU I 852 74.20 42.58 103.93
C LEU I 852 74.70 42.33 105.33
N HIS I 853 73.93 41.53 106.10
CA HIS I 853 74.31 41.09 107.43
C HIS I 853 75.61 40.30 107.40
N THR I 854 75.75 39.38 106.44
CA THR I 854 76.99 38.65 106.17
C THR I 854 78.15 39.57 105.79
N VAL I 855 77.95 40.59 104.91
CA VAL I 855 78.98 41.58 104.58
C VAL I 855 79.41 42.43 105.77
N LEU I 856 78.46 42.95 106.58
CA LEU I 856 78.74 43.73 107.77
C LEU I 856 79.43 42.93 108.85
N HIS I 857 78.98 41.67 109.12
CA HIS I 857 79.59 40.78 110.07
C HIS I 857 81.01 40.39 109.69
N ASN I 858 81.25 40.01 108.41
CA ASN I 858 82.56 39.66 107.89
C ASN I 858 83.57 40.80 107.99
N THR I 859 83.14 42.08 107.88
CA THR I 859 84.06 43.22 107.97
C THR I 859 84.11 43.83 109.35
N LYS I 860 83.36 43.27 110.31
CA LYS I 860 83.39 43.61 111.73
C LYS I 860 82.56 44.85 112.07
N GLN I 861 81.59 45.23 111.22
CA GLN I 861 80.74 46.40 111.41
C GLN I 861 79.51 46.04 112.23
N TYR I 862 79.70 45.41 113.39
CA TYR I 862 78.68 44.80 114.22
C TYR I 862 77.58 45.75 114.70
N LYS I 863 77.92 47.02 115.01
CA LYS I 863 76.95 48.04 115.39
C LYS I 863 75.94 48.33 114.28
N ASP I 864 76.42 48.46 113.02
CA ASP I 864 75.60 48.59 111.85
C ASP I 864 74.78 47.34 111.55
N CYS I 865 75.26 46.12 111.89
CA CYS I 865 74.48 44.89 111.73
C CYS I 865 73.17 44.96 112.49
N LEU I 866 73.22 45.43 113.74
CA LEU I 866 72.05 45.56 114.58
C LEU I 866 71.07 46.61 114.13
N ARG I 867 71.54 47.59 113.34
CA ARG I 867 70.71 48.64 112.78
C ARG I 867 69.95 48.17 111.55
N LEU I 868 70.18 46.92 111.09
CA LEU I 868 69.28 46.23 110.17
C LEU I 868 67.90 46.03 110.74
N ALA I 869 67.77 45.86 112.08
CA ALA I 869 66.49 45.80 112.74
C ALA I 869 65.68 47.08 112.64
N ASP I 870 66.31 48.27 112.68
CA ASP I 870 65.67 49.54 112.42
C ASP I 870 65.17 49.65 110.99
N ILE I 871 66.02 49.28 110.00
CA ILE I 871 65.73 49.30 108.56
C ILE I 871 64.56 48.39 108.22
N VAL I 872 64.58 47.15 108.71
CA VAL I 872 63.55 46.17 108.45
C VAL I 872 62.21 46.51 109.08
N SER I 873 62.19 46.93 110.36
CA SER I 873 60.94 47.22 111.04
C SER I 873 60.30 48.51 110.59
N SER I 874 61.10 49.50 110.17
CA SER I 874 60.73 50.81 109.64
C SER I 874 59.40 50.92 108.91
N GLU I 875 58.49 51.75 109.44
CA GLU I 875 57.20 52.02 108.86
C GLU I 875 57.26 52.80 107.56
N ASN I 876 58.40 53.46 107.30
CA ASN I 876 58.71 54.15 106.06
C ASN I 876 58.82 53.21 104.87
N GLN I 877 59.36 51.99 105.06
CA GLN I 877 59.54 51.04 103.98
C GLN I 877 58.64 49.83 104.13
N LYS I 878 58.29 49.45 105.38
CA LYS I 878 57.55 48.25 105.73
C LYS I 878 58.20 46.98 105.22
N LEU I 879 59.53 46.84 105.42
CA LEU I 879 60.24 45.69 104.90
C LEU I 879 59.91 44.43 105.69
N TYR I 880 59.41 44.54 106.94
CA TYR I 880 59.02 43.40 107.74
C TYR I 880 57.88 42.57 107.14
N THR I 881 57.08 43.16 106.23
CA THR I 881 55.97 42.48 105.55
C THR I 881 56.40 41.59 104.41
N VAL I 882 57.67 41.66 103.96
CA VAL I 882 58.16 40.82 102.88
C VAL I 882 58.88 39.60 103.40
N PHE I 883 59.00 39.46 104.74
CA PHE I 883 59.63 38.35 105.41
C PHE I 883 58.59 37.36 105.90
N SER I 884 58.90 36.07 105.85
CA SER I 884 58.19 35.07 106.62
C SER I 884 58.60 35.13 108.08
N LYS I 885 57.74 34.61 109.00
CA LYS I 885 58.03 34.57 110.43
C LYS I 885 59.31 33.81 110.75
N THR I 886 59.58 32.72 109.99
CA THR I 886 60.81 31.95 110.07
C THR I 886 62.02 32.78 109.69
N GLU I 887 61.95 33.57 108.60
CA GLU I 887 63.01 34.46 108.16
C GLU I 887 63.30 35.57 109.15
N MET I 888 62.27 36.16 109.79
CA MET I 888 62.45 37.11 110.87
C MET I 888 63.24 36.53 112.03
N ARG I 889 62.87 35.33 112.53
CA ARG I 889 63.62 34.68 113.60
C ARG I 889 65.06 34.39 113.19
N ASN I 890 65.26 33.93 111.94
CA ASN I 890 66.58 33.72 111.37
C ASN I 890 67.41 34.98 111.27
N LEU I 891 66.84 36.17 111.00
CA LEU I 891 67.48 37.47 111.14
C LEU I 891 67.84 37.79 112.59
N LEU I 892 66.91 37.57 113.54
CA LEU I 892 67.13 37.77 114.95
C LEU I 892 68.24 36.90 115.56
N GLN I 893 68.46 35.68 115.08
CA GLN I 893 69.60 34.87 115.49
C GLN I 893 70.91 35.35 114.88
N LYS I 894 70.89 35.89 113.65
CA LYS I 894 72.02 36.53 113.01
C LYS I 894 72.47 37.80 113.73
N LEU I 895 71.52 38.67 114.14
CA LEU I 895 71.79 39.87 114.92
C LEU I 895 72.38 39.61 116.29
N ARG I 896 71.90 38.57 117.00
CA ARG I 896 72.46 38.13 118.27
C ARG I 896 73.92 37.67 118.13
N GLU I 897 74.32 37.05 117.02
CA GLU I 897 75.71 36.73 116.72
C GLU I 897 76.62 37.95 116.62
N SER I 898 76.19 39.02 115.91
CA SER I 898 76.88 40.30 115.85
C SER I 898 77.02 40.98 117.20
N SER I 899 75.97 40.89 118.03
CA SER I 899 75.93 41.37 119.42
C SER I 899 76.99 40.72 120.30
N LEU I 900 77.22 39.38 120.15
CA LEU I 900 78.23 38.68 120.92
C LEU I 900 79.62 39.23 120.71
N MET I 901 80.00 39.49 119.44
CA MET I 901 81.28 40.09 119.11
C MET I 901 81.44 41.49 119.68
N LEU I 902 80.37 42.30 119.77
CA LEU I 902 80.40 43.56 120.49
C LEU I 902 80.65 43.43 121.99
N LEU I 903 80.06 42.43 122.68
CA LEU I 903 80.37 42.12 124.07
C LEU I 903 81.83 41.73 124.28
N ASP I 904 82.40 40.89 123.38
CA ASP I 904 83.82 40.53 123.36
C ASP I 904 84.75 41.74 123.19
N LEU I 905 84.27 42.83 122.57
CA LEU I 905 85.02 44.06 122.40
C LEU I 905 84.79 45.07 123.55
N GLN I 906 84.00 44.71 124.59
CA GLN I 906 83.79 45.45 125.84
C GLN I 906 82.57 46.38 125.79
N LEU I 907 81.83 46.40 124.68
CA LEU I 907 80.69 47.28 124.50
C LEU I 907 79.40 46.63 124.94
N ASP I 908 78.27 47.38 124.96
CA ASP I 908 76.96 46.82 125.22
C ASP I 908 76.46 45.97 124.04
N PRO I 909 75.31 45.28 124.09
CA PRO I 909 74.77 44.53 122.95
C PRO I 909 74.63 45.31 121.66
N LEU I 910 74.44 46.64 121.71
CA LEU I 910 74.14 47.43 120.53
C LEU I 910 75.33 48.25 120.08
N GLY I 911 76.49 48.09 120.73
CA GLY I 911 77.74 48.70 120.30
C GLY I 911 77.91 50.10 120.78
N TYR I 912 77.30 50.41 121.94
CA TYR I 912 77.51 51.65 122.65
C TYR I 912 78.39 51.33 123.84
N GLU I 913 79.19 52.31 124.30
CA GLU I 913 80.08 52.14 125.44
C GLU I 913 79.32 51.88 126.72
N ILE I 914 79.86 51.00 127.59
CA ILE I 914 79.31 50.79 128.91
C ILE I 914 79.88 51.83 129.85
N GLU J 69 100.31 -39.67 211.32
CA GLU J 69 99.46 -40.67 212.03
C GLU J 69 100.16 -41.16 213.29
N THR J 70 99.70 -42.26 213.90
CA THR J 70 100.36 -43.01 214.94
C THR J 70 101.40 -43.88 214.26
N VAL J 71 102.43 -44.38 214.97
CA VAL J 71 103.54 -45.08 214.36
C VAL J 71 103.20 -46.55 214.11
N ASN J 72 102.76 -47.27 215.16
CA ASN J 72 102.59 -48.72 215.11
C ASN J 72 101.15 -49.20 215.00
N TYR J 73 100.16 -48.29 214.99
CA TYR J 73 98.76 -48.65 215.13
C TYR J 73 97.95 -48.08 213.97
N ASN J 74 96.79 -48.66 213.63
CA ASN J 74 95.77 -47.98 212.85
C ASN J 74 94.75 -47.55 213.89
N VAL J 75 94.31 -46.29 213.83
CA VAL J 75 93.25 -45.79 214.69
C VAL J 75 92.13 -45.38 213.74
N GLN J 76 91.05 -46.17 213.66
CA GLN J 76 90.03 -45.92 212.67
C GLN J 76 88.67 -46.31 213.20
N LEU J 77 87.62 -45.76 212.55
CA LEU J 77 86.20 -46.04 212.75
C LEU J 77 85.88 -47.50 212.94
N PHE J 78 85.22 -47.81 214.07
CA PHE J 78 84.87 -49.16 214.43
C PHE J 78 83.37 -49.25 214.32
N GLY J 79 82.90 -50.24 213.55
CA GLY J 79 81.50 -50.41 213.29
C GLY J 79 80.98 -49.47 212.25
N SER J 80 79.67 -49.54 212.06
CA SER J 80 78.95 -48.75 211.09
C SER J 80 78.62 -47.35 211.57
N SER J 81 77.99 -46.54 210.70
CA SER J 81 77.53 -45.20 211.05
C SER J 81 76.71 -45.11 212.31
N LEU J 82 77.03 -44.15 213.20
CA LEU J 82 76.36 -44.06 214.48
C LEU J 82 74.88 -43.73 214.35
N PRO J 83 74.01 -44.21 215.24
CA PRO J 83 72.61 -43.78 215.29
C PRO J 83 72.40 -42.27 215.22
N VAL J 84 71.30 -41.79 214.60
CA VAL J 84 71.01 -40.36 214.42
C VAL J 84 71.01 -39.58 215.73
N LYS J 85 70.38 -40.17 216.77
CA LYS J 85 70.33 -39.67 218.14
C LYS J 85 71.70 -39.46 218.78
N VAL J 86 72.64 -40.40 218.55
CA VAL J 86 74.02 -40.29 219.03
C VAL J 86 74.76 -39.19 218.28
N MET J 87 74.55 -39.10 216.94
CA MET J 87 75.14 -38.05 216.14
C MET J 87 74.71 -36.65 216.55
N GLU J 88 73.40 -36.43 216.81
CA GLU J 88 72.86 -35.17 217.34
C GLU J 88 73.43 -34.77 218.68
N ALA J 89 73.51 -35.72 219.62
CA ALA J 89 74.09 -35.50 220.93
C ALA J 89 75.55 -35.06 220.86
N LEU J 90 76.36 -35.69 220.00
CA LEU J 90 77.74 -35.31 219.74
C LEU J 90 77.94 -34.00 218.99
N SER J 91 77.17 -33.77 217.92
CA SER J 91 77.26 -32.54 217.11
C SER J 91 76.78 -31.31 217.86
N ASN J 92 75.69 -31.47 218.66
CA ASN J 92 75.15 -30.50 219.58
C ASN J 92 76.02 -30.22 220.82
N ALA J 93 76.65 -31.28 221.41
CA ALA J 93 77.46 -31.16 222.60
C ALA J 93 78.61 -30.18 222.49
N SER J 94 78.73 -29.29 223.49
CA SER J 94 79.78 -28.31 223.56
C SER J 94 80.88 -28.89 224.42
N ALA J 95 82.12 -28.35 224.38
CA ALA J 95 83.21 -28.76 225.25
C ALA J 95 82.99 -28.47 226.75
N ASP J 96 82.03 -27.59 227.12
CA ASP J 96 81.51 -27.42 228.48
C ASP J 96 80.78 -28.67 228.98
N GLU J 97 80.03 -29.33 228.07
CA GLU J 97 79.21 -30.49 228.36
C GLU J 97 80.05 -31.71 228.78
N PRO J 98 79.70 -32.41 229.86
CA PRO J 98 80.31 -33.65 230.25
C PRO J 98 79.51 -34.78 229.64
N MET J 99 80.11 -35.52 228.70
CA MET J 99 79.51 -36.72 228.18
C MET J 99 80.30 -37.82 228.81
N ALA J 100 79.66 -38.96 229.03
CA ALA J 100 80.32 -40.15 229.48
C ALA J 100 79.64 -41.28 228.74
N ALA J 101 80.35 -42.40 228.55
CA ALA J 101 79.83 -43.50 227.79
C ALA J 101 80.24 -44.80 228.44
N CYS J 102 79.33 -45.78 228.49
CA CYS J 102 79.62 -47.11 228.96
C CYS J 102 79.59 -47.97 227.72
N ILE J 103 80.77 -48.50 227.33
CA ILE J 103 80.92 -49.46 226.25
C ILE J 103 80.91 -50.80 226.95
N HIS J 104 79.84 -51.57 226.75
CA HIS J 104 79.66 -52.82 227.43
C HIS J 104 80.21 -53.98 226.61
N GLU J 105 80.78 -54.99 227.31
CA GLU J 105 81.34 -56.22 226.75
C GLU J 105 80.39 -57.04 225.90
N GLY J 106 79.06 -56.89 226.14
CA GLY J 106 78.01 -57.52 225.36
C GLY J 106 77.73 -56.89 224.02
N GLY J 107 78.43 -55.80 223.64
CA GLY J 107 78.28 -55.22 222.31
C GLY J 107 77.26 -54.12 222.21
N TRP J 108 76.92 -53.50 223.35
CA TRP J 108 76.00 -52.39 223.45
C TRP J 108 76.72 -51.20 224.07
N ALA J 109 76.40 -49.98 223.63
CA ALA J 109 77.01 -48.76 224.10
C ALA J 109 75.95 -47.82 224.61
N TRP J 110 76.23 -47.19 225.76
CA TRP J 110 75.29 -46.38 226.48
C TRP J 110 75.94 -45.01 226.64
N LEU J 111 75.34 -43.96 226.05
CA LEU J 111 75.81 -42.59 226.12
C LEU J 111 74.92 -41.87 227.12
N ALA J 112 75.53 -41.29 228.18
CA ALA J 112 74.84 -40.45 229.13
C ALA J 112 75.07 -39.02 228.66
N CYS J 113 74.02 -38.36 228.14
CA CYS J 113 74.10 -37.05 227.53
C CYS J 113 73.00 -36.19 228.10
N ASN J 114 73.35 -35.14 228.85
CA ASN J 114 72.41 -34.34 229.61
C ASN J 114 71.50 -35.19 230.51
N ASP J 115 70.16 -35.09 230.37
CA ASP J 115 69.16 -35.82 231.10
C ASP J 115 68.61 -37.04 230.35
N ARG J 116 69.27 -37.50 229.25
CA ARG J 116 68.91 -38.78 228.70
C ARG J 116 70.08 -39.69 228.49
N LEU J 117 69.71 -40.96 228.40
CA LEU J 117 70.54 -42.10 228.20
C LEU J 117 70.24 -42.58 226.80
N ILE J 118 71.25 -42.72 225.91
CA ILE J 118 71.03 -43.23 224.57
C ILE J 118 71.82 -44.49 224.42
N ILE J 119 71.11 -45.58 224.10
CA ILE J 119 71.64 -46.91 224.15
C ILE J 119 71.43 -47.53 222.85
N TRP J 120 72.51 -48.09 222.34
CA TRP J 120 72.46 -48.64 221.04
C TRP J 120 73.33 -49.86 221.01
N LYS J 121 72.97 -50.78 220.11
CA LYS J 121 73.81 -51.92 219.82
C LYS J 121 74.93 -51.45 218.93
N ILE J 122 76.19 -51.76 219.28
CA ILE J 122 77.33 -51.51 218.43
C ILE J 122 77.16 -52.28 217.13
N SER J 123 76.99 -51.51 216.05
CA SER J 123 76.59 -52.05 214.77
C SER J 123 77.80 -52.47 214.00
N HIS J 124 78.24 -53.74 214.20
CA HIS J 124 79.31 -54.35 213.42
C HIS J 124 78.89 -54.52 211.96
N SER J 125 77.60 -54.81 211.75
CA SER J 125 76.95 -54.82 210.46
C SER J 125 76.19 -53.52 210.26
N SER J 126 76.20 -53.02 209.02
CA SER J 126 75.59 -51.79 208.53
C SER J 126 74.10 -51.87 208.30
N SER J 127 73.54 -53.09 208.27
CA SER J 127 72.15 -53.36 207.91
C SER J 127 71.13 -52.73 208.85
N ALA J 128 70.16 -51.96 208.29
CA ALA J 128 69.19 -51.20 209.05
C ALA J 128 68.14 -52.01 209.81
N LYS J 129 67.83 -53.25 209.39
CA LYS J 129 66.91 -54.09 210.15
C LYS J 129 67.51 -54.69 211.41
N LEU J 130 68.87 -54.61 211.55
CA LEU J 130 69.59 -55.06 212.72
C LEU J 130 69.92 -53.88 213.63
N MET J 131 69.54 -52.66 213.22
CA MET J 131 69.79 -51.43 213.94
C MET J 131 68.91 -51.28 215.18
N VAL J 132 69.53 -51.09 216.36
CA VAL J 132 68.80 -50.83 217.59
C VAL J 132 69.41 -49.62 218.24
N CYS J 133 68.59 -48.57 218.48
CA CYS J 133 68.95 -47.45 219.33
C CYS J 133 67.70 -46.97 220.07
N LYS J 134 67.76 -46.94 221.42
CA LYS J 134 66.68 -46.53 222.28
C LYS J 134 67.17 -45.40 223.16
N GLU J 135 66.25 -44.52 223.55
CA GLU J 135 66.60 -43.36 224.34
C GLU J 135 65.73 -43.41 225.58
N LEU J 136 66.34 -43.35 226.78
CA LEU J 136 65.63 -43.54 228.02
C LEU J 136 65.65 -42.27 228.85
N PRO J 137 64.62 -41.98 229.63
CA PRO J 137 64.57 -40.76 230.41
C PRO J 137 65.18 -40.99 231.79
N LEU J 138 66.26 -40.27 232.15
CA LEU J 138 66.92 -40.49 233.42
C LEU J 138 66.04 -40.10 234.63
N PRO J 139 66.11 -40.74 235.79
CA PRO J 139 65.60 -40.18 237.04
C PRO J 139 66.26 -38.85 237.42
N LEU J 140 65.50 -37.75 237.65
CA LEU J 140 65.98 -36.46 238.15
C LEU J 140 67.08 -36.50 239.22
N SER J 141 68.12 -35.66 239.07
CA SER J 141 69.23 -35.56 240.00
C SER J 141 69.69 -34.12 239.89
N ASP J 142 70.30 -33.56 240.95
CA ASP J 142 70.94 -32.27 240.90
C ASP J 142 72.39 -32.40 240.46
N SER J 143 72.96 -33.63 240.52
CA SER J 143 74.29 -33.87 240.02
C SER J 143 74.19 -34.43 238.61
N GLU J 144 75.27 -34.30 237.82
CA GLU J 144 75.42 -34.96 236.54
C GLU J 144 75.24 -36.46 236.63
N TRP J 145 74.47 -37.04 235.68
CA TRP J 145 74.38 -38.47 235.54
C TRP J 145 75.68 -39.02 235.00
N SER J 146 76.04 -40.26 235.38
CA SER J 146 77.32 -40.82 234.98
C SER J 146 77.04 -42.12 234.30
N ALA J 147 77.77 -42.47 233.24
CA ALA J 147 77.70 -43.76 232.57
C ALA J 147 78.34 -44.89 233.42
N ASP J 148 79.13 -44.53 234.46
CA ASP J 148 79.61 -45.42 235.51
C ASP J 148 78.50 -45.98 236.40
N LEU J 149 77.37 -45.24 236.51
CA LEU J 149 76.23 -45.53 237.37
C LEU J 149 75.14 -46.10 236.55
N VAL J 150 75.59 -46.73 235.49
CA VAL J 150 74.68 -47.11 234.48
C VAL J 150 75.16 -48.42 233.87
N ASP J 151 74.28 -49.45 233.79
CA ASP J 151 74.74 -50.80 233.47
C ASP J 151 73.63 -51.62 232.75
N ILE J 152 74.08 -52.59 231.90
CA ILE J 152 73.22 -53.42 231.08
C ILE J 152 73.17 -54.85 231.58
N CYS J 153 71.98 -55.47 231.58
CA CYS J 153 71.87 -56.87 231.87
C CYS J 153 71.21 -57.57 230.71
N ALA J 154 71.76 -58.72 230.29
CA ALA J 154 71.24 -59.48 229.17
C ALA J 154 70.71 -60.81 229.66
N GLN J 155 69.53 -61.24 229.13
CA GLN J 155 68.91 -62.54 229.37
C GLN J 155 69.88 -63.69 229.10
N THR J 156 70.32 -64.41 230.16
CA THR J 156 71.25 -65.53 230.05
C THR J 156 72.66 -65.07 229.66
N GLY J 157 72.93 -63.73 229.70
CA GLY J 157 74.19 -63.18 229.24
C GLY J 157 74.34 -63.05 227.74
N ASP J 158 73.29 -63.35 226.94
CA ASP J 158 73.34 -63.38 225.50
C ASP J 158 72.75 -62.06 224.95
N PRO J 159 73.47 -61.27 224.14
CA PRO J 159 72.96 -60.05 223.53
C PRO J 159 72.38 -60.36 222.17
N ALA J 160 71.05 -60.26 222.15
CA ALA J 160 70.18 -60.70 221.08
C ALA J 160 68.96 -59.78 221.07
N ALA J 161 69.14 -58.54 220.57
CA ALA J 161 68.11 -57.54 220.37
C ALA J 161 67.63 -56.85 221.63
N ALA J 162 66.68 -55.91 221.47
CA ALA J 162 66.07 -55.14 222.54
C ALA J 162 65.32 -55.94 223.62
N GLN J 163 64.57 -57.04 223.34
CA GLN J 163 63.94 -57.74 224.45
C GLN J 163 64.92 -58.39 225.44
N SER J 164 66.10 -58.85 224.97
CA SER J 164 67.09 -59.50 225.84
C SER J 164 67.73 -58.60 226.86
N VAL J 165 67.61 -57.27 226.68
CA VAL J 165 68.36 -56.29 227.40
C VAL J 165 67.50 -55.59 228.46
N ALA J 166 67.92 -55.70 229.73
CA ALA J 166 67.42 -54.98 230.89
C ALA J 166 68.42 -53.91 231.32
N LEU J 167 67.93 -52.87 232.03
CA LEU J 167 68.72 -51.69 232.30
C LEU J 167 68.52 -51.13 233.65
N MET J 168 69.62 -50.80 234.32
CA MET J 168 69.52 -50.05 235.53
C MET J 168 70.35 -48.79 235.43
N ALA J 169 69.89 -47.78 236.19
CA ALA J 169 70.59 -46.53 236.38
C ALA J 169 70.54 -46.19 237.85
N ALA J 170 71.61 -45.55 238.34
CA ALA J 170 71.66 -44.96 239.67
C ALA J 170 72.09 -43.50 239.59
N THR J 171 71.71 -42.71 240.59
CA THR J 171 72.14 -41.33 240.76
C THR J 171 73.24 -41.31 241.82
N PRO J 172 74.08 -40.28 241.98
CA PRO J 172 75.02 -40.20 243.10
C PRO J 172 74.44 -40.28 244.53
N GLU J 173 73.20 -39.83 244.77
CA GLU J 173 72.50 -39.95 246.05
C GLU J 173 71.86 -41.31 246.28
N GLY J 174 71.69 -42.15 245.24
CA GLY J 174 71.17 -43.50 245.41
C GLY J 174 69.79 -43.77 244.90
N SER J 175 69.24 -42.92 244.00
CA SER J 175 67.96 -43.18 243.37
C SER J 175 68.19 -44.15 242.25
N SER J 176 67.36 -45.19 242.18
CA SER J 176 67.54 -46.28 241.24
C SER J 176 66.35 -46.30 240.31
N ARG J 177 66.60 -46.50 239.00
CA ARG J 177 65.56 -46.69 238.01
C ARG J 177 65.93 -47.90 237.15
N TYR J 178 65.00 -48.87 237.05
CA TYR J 178 65.21 -50.15 236.42
C TYR J 178 64.15 -50.41 235.34
N TRP J 179 64.59 -50.66 234.10
CA TRP J 179 63.76 -51.07 232.98
C TRP J 179 63.95 -52.57 232.83
N PRO J 180 62.95 -53.45 232.95
CA PRO J 180 63.10 -54.88 232.69
C PRO J 180 63.50 -55.20 231.26
N ASN J 181 63.07 -54.37 230.29
CA ASN J 181 63.32 -54.58 228.87
C ASN J 181 63.53 -53.21 228.25
N ILE J 182 64.59 -53.02 227.44
CA ILE J 182 64.87 -51.79 226.69
C ILE J 182 63.92 -51.59 225.52
N LEU J 183 63.17 -52.66 225.16
CA LEU J 183 62.05 -52.61 224.25
C LEU J 183 60.95 -51.67 224.77
N HIS J 184 60.66 -51.74 226.09
CA HIS J 184 59.63 -50.94 226.71
C HIS J 184 60.22 -49.75 227.47
N GLU J 185 60.45 -48.61 226.80
CA GLU J 185 61.18 -47.46 227.34
C GLU J 185 60.44 -46.62 228.40
N GLY J 186 59.09 -46.70 228.39
CA GLY J 186 58.20 -46.08 229.39
C GLY J 186 57.94 -46.98 230.57
N THR J 187 58.47 -48.21 230.56
CA THR J 187 58.15 -49.22 231.55
C THR J 187 59.35 -49.46 232.43
N TYR J 188 59.29 -48.96 233.66
CA TYR J 188 60.37 -49.09 234.60
C TYR J 188 59.81 -49.13 236.01
N ILE J 189 60.65 -49.52 236.98
CA ILE J 189 60.34 -49.47 238.40
C ILE J 189 61.45 -48.71 239.06
N GLU J 190 61.19 -48.24 240.29
CA GLU J 190 62.07 -47.32 240.98
C GLU J 190 62.35 -47.79 242.40
N SER J 191 63.45 -47.29 242.97
CA SER J 191 63.79 -47.56 244.36
C SER J 191 64.81 -46.56 244.84
N TYR J 192 65.21 -46.64 246.12
CA TYR J 192 66.30 -45.82 246.61
C TYR J 192 67.15 -46.62 247.59
N THR J 193 68.45 -46.32 247.60
CA THR J 193 69.48 -46.85 248.49
C THR J 193 69.67 -45.77 249.54
N GLU J 194 70.92 -45.30 249.73
CA GLU J 194 71.27 -44.03 250.35
C GLU J 194 72.77 -43.88 250.47
N PHE J 195 73.27 -42.67 250.16
CA PHE J 195 74.67 -42.29 250.15
C PHE J 195 74.87 -40.91 250.75
N GLY J 196 76.13 -40.53 251.08
CA GLY J 196 76.43 -39.14 251.43
C GLY J 196 76.43 -38.32 250.17
N SER J 197 76.21 -37.00 250.29
CA SER J 197 76.50 -36.05 249.20
C SER J 197 78.01 -36.03 248.90
N LEU J 199 79.45 -38.63 246.98
CA LEU J 199 79.83 -39.99 246.65
C LEU J 199 79.92 -40.29 245.15
N CYS J 200 81.15 -40.61 244.66
CA CYS J 200 81.35 -41.26 243.37
C CYS J 200 81.08 -42.74 243.55
N ALA J 201 80.03 -43.22 242.88
CA ALA J 201 79.59 -44.58 242.95
C ALA J 201 79.71 -45.22 241.57
N PHE J 202 79.69 -46.58 241.52
CA PHE J 202 79.62 -47.36 240.28
C PHE J 202 78.42 -48.27 240.41
N VAL J 203 77.81 -48.62 239.26
CA VAL J 203 76.77 -49.64 239.17
C VAL J 203 77.26 -50.71 238.24
N THR J 204 77.19 -51.98 238.67
CA THR J 204 77.77 -53.05 237.89
C THR J 204 76.82 -54.21 237.78
N ALA J 205 76.46 -54.60 236.54
CA ALA J 205 75.71 -55.82 236.29
C ALA J 205 76.47 -57.08 236.69
N VAL J 206 75.85 -57.94 237.51
CA VAL J 206 76.44 -59.16 238.04
C VAL J 206 75.48 -60.32 237.75
N LYS J 207 75.86 -61.58 238.11
CA LYS J 207 75.00 -62.73 237.84
C LYS J 207 73.65 -62.77 238.52
N GLY J 208 72.70 -63.45 237.85
CA GLY J 208 71.35 -63.67 238.35
C GLY J 208 70.39 -62.55 238.06
N ASN J 209 70.73 -61.74 237.04
CA ASN J 209 70.02 -60.57 236.56
C ASN J 209 70.03 -59.42 237.56
N SER J 210 71.13 -59.30 238.32
CA SER J 210 71.25 -58.38 239.42
C SER J 210 72.47 -57.52 239.29
N PHE J 211 72.59 -56.61 240.26
CA PHE J 211 73.44 -55.47 240.11
C PHE J 211 74.11 -55.23 241.45
N ILE J 212 75.31 -54.65 241.45
CA ILE J 212 75.95 -54.16 242.66
C ILE J 212 76.14 -52.68 242.49
N LEU J 213 75.62 -51.92 243.46
CA LEU J 213 75.83 -50.50 243.57
C LEU J 213 76.89 -50.29 244.63
N SER J 214 77.95 -49.54 244.28
CA SER J 214 79.15 -49.42 245.10
C SER J 214 79.45 -47.99 245.47
N SER J 215 79.51 -47.65 246.77
CA SER J 215 79.74 -46.28 247.21
C SER J 215 81.17 -45.74 247.11
N GLU J 216 81.41 -44.41 247.20
CA GLU J 216 82.77 -43.87 247.36
C GLU J 216 83.45 -44.33 248.64
N LYS J 217 82.64 -44.60 249.69
CA LYS J 217 83.11 -45.12 250.96
C LYS J 217 83.13 -46.64 250.94
N ASN J 218 82.91 -47.29 249.77
CA ASN J 218 82.94 -48.74 249.58
C ASN J 218 81.89 -49.52 250.34
N GLN J 219 80.70 -48.92 250.54
CA GLN J 219 79.51 -49.68 250.86
C GLN J 219 79.04 -50.34 249.57
N LEU J 220 78.91 -51.67 249.57
CA LEU J 220 78.51 -52.41 248.40
C LEU J 220 77.13 -52.98 248.66
N VAL J 221 76.17 -52.69 247.76
CA VAL J 221 74.79 -53.10 247.91
C VAL J 221 74.38 -53.93 246.70
N ARG J 222 73.88 -55.16 246.93
CA ARG J 222 73.28 -55.98 245.91
C ARG J 222 71.88 -55.48 245.61
N LEU J 223 71.50 -55.36 244.32
CA LEU J 223 70.18 -54.94 243.90
C LEU J 223 69.60 -55.98 242.95
N THR J 224 68.46 -56.60 243.35
CA THR J 224 67.86 -57.72 242.64
C THR J 224 66.41 -57.36 242.32
N PRO J 225 66.05 -57.05 241.07
CA PRO J 225 64.67 -56.96 240.62
C PRO J 225 63.86 -58.22 240.85
N ASP J 226 62.68 -58.10 241.49
CA ASP J 226 61.74 -59.18 241.65
C ASP J 226 60.68 -59.02 240.54
N ALA J 227 60.00 -60.13 240.14
CA ALA J 227 58.94 -60.16 239.14
C ALA J 227 57.70 -59.37 239.56
N SER J 228 57.52 -59.10 240.88
CA SER J 228 56.49 -58.18 241.38
C SER J 228 56.62 -56.75 240.89
N GLY J 229 57.87 -56.31 240.62
CA GLY J 229 58.24 -54.92 240.34
C GLY J 229 59.05 -54.31 241.46
N LYS J 230 59.17 -55.00 242.61
CA LYS J 230 60.07 -54.62 243.69
C LYS J 230 61.54 -54.79 243.33
N MET J 231 62.39 -54.01 244.01
CA MET J 231 63.81 -54.20 243.92
C MET J 231 64.28 -54.57 245.31
N ASN J 232 64.70 -55.84 245.50
CA ASN J 232 65.29 -56.31 246.74
C ASN J 232 66.68 -55.72 246.89
N GLN J 233 67.11 -55.41 248.12
CA GLN J 233 68.45 -54.92 248.32
C GLN J 233 69.02 -55.42 249.61
N ARG J 234 70.34 -55.68 249.63
CA ARG J 234 71.05 -56.00 250.85
C ARG J 234 72.50 -55.59 250.71
N VAL J 235 73.15 -55.26 251.84
CA VAL J 235 74.57 -54.97 251.94
C VAL J 235 75.39 -56.25 251.75
N LEU J 236 76.56 -56.18 251.06
CA LEU J 236 77.44 -57.33 250.97
C LEU J 236 78.03 -57.73 252.33
N PRO J 237 78.31 -59.00 252.63
CA PRO J 237 79.03 -59.39 253.84
C PRO J 237 80.36 -58.67 254.02
N GLN J 238 80.57 -57.99 255.16
CA GLN J 238 81.76 -57.17 255.43
C GLN J 238 81.96 -56.02 254.44
N GLY J 239 80.85 -55.54 253.84
CA GLY J 239 80.83 -54.53 252.79
C GLY J 239 79.95 -53.38 253.17
N GLN J 240 79.93 -53.06 254.48
CA GLN J 240 79.15 -51.99 255.09
C GLN J 240 79.73 -50.61 254.75
N GLY J 241 81.00 -50.59 254.31
CA GLY J 241 81.75 -49.47 253.77
C GLY J 241 82.66 -48.83 254.76
N MET J 242 82.13 -48.60 255.94
CA MET J 242 82.89 -48.13 257.07
C MET J 242 83.44 -49.32 257.81
N LEU J 243 83.28 -49.24 259.14
CA LEU J 243 83.66 -50.25 260.05
C LEU J 243 82.54 -51.28 260.32
N SER J 244 82.79 -52.58 260.14
CA SER J 244 81.94 -53.78 260.17
C SER J 244 82.36 -54.63 261.37
N GLY J 245 81.56 -54.71 262.46
CA GLY J 245 81.93 -55.41 263.70
C GLY J 245 83.03 -54.78 264.50
N ILE J 246 83.30 -53.51 264.19
CA ILE J 246 84.24 -52.63 264.83
C ILE J 246 83.36 -51.60 265.47
N GLY J 247 83.91 -51.02 266.53
CA GLY J 247 83.31 -50.00 267.34
C GLY J 247 84.22 -48.81 267.26
N ARG J 248 83.99 -47.85 268.15
CA ARG J 248 84.46 -46.50 267.97
C ARG J 248 85.66 -46.18 268.85
N ARG J 249 86.76 -46.99 268.77
CA ARG J 249 87.99 -46.79 269.54
C ARG J 249 89.19 -46.68 268.62
N VAL J 250 90.42 -46.53 269.19
CA VAL J 250 91.70 -46.39 268.47
C VAL J 250 92.47 -47.67 268.25
N SER J 251 92.59 -48.53 269.25
CA SER J 251 93.16 -49.85 269.17
C SER J 251 92.42 -50.54 270.28
N THR J 252 91.63 -51.60 269.96
CA THR J 252 90.83 -52.46 270.87
C THR J 252 89.82 -53.18 270.01
N LEU J 253 89.29 -52.51 268.97
CA LEU J 253 88.29 -53.06 268.06
C LEU J 253 88.92 -53.43 266.76
N PHE J 254 90.24 -53.49 266.74
CA PHE J 254 91.03 -54.00 265.67
C PHE J 254 90.66 -55.46 265.40
N GLY J 255 89.96 -55.68 264.29
CA GLY J 255 89.45 -57.00 263.96
C GLY J 255 89.53 -57.20 262.48
N ILE J 256 88.38 -57.26 261.80
CA ILE J 256 88.35 -57.42 260.35
C ILE J 256 88.69 -56.13 259.62
N LEU J 257 88.66 -55.01 260.36
CA LEU J 257 88.93 -53.69 259.87
C LEU J 257 89.56 -52.94 261.03
N SER J 258 90.20 -51.78 260.80
CA SER J 258 90.98 -51.05 261.79
C SER J 258 90.38 -49.66 261.95
N PRO J 259 90.42 -49.00 263.09
CA PRO J 259 89.88 -47.64 263.21
C PRO J 259 90.51 -46.58 262.34
N ALA J 260 91.83 -46.65 262.11
CA ALA J 260 92.58 -45.71 261.32
C ALA J 260 92.57 -46.11 259.83
N VAL J 261 91.66 -47.02 259.42
CA VAL J 261 91.46 -47.43 258.04
C VAL J 261 90.88 -46.33 257.16
N GLU J 262 91.37 -46.21 255.92
CA GLU J 262 90.70 -45.47 254.88
C GLU J 262 90.18 -46.49 253.87
N SER J 263 88.84 -46.59 253.70
CA SER J 263 88.20 -47.55 252.79
C SER J 263 87.59 -46.89 251.57
N THR J 264 88.04 -45.66 251.21
CA THR J 264 87.67 -44.94 249.98
C THR J 264 87.86 -45.82 248.75
N LEU J 265 86.86 -45.86 247.86
CA LEU J 265 86.78 -46.74 246.70
C LEU J 265 87.37 -46.16 245.43
N CYS J 266 88.22 -46.93 244.74
CA CYS J 266 88.81 -46.54 243.47
C CYS J 266 88.11 -47.21 242.32
N SER J 267 87.92 -48.53 242.39
CA SER J 267 87.23 -49.19 241.31
C SER J 267 86.70 -50.51 241.77
N VAL J 268 85.90 -51.14 240.90
CA VAL J 268 85.30 -52.43 241.13
C VAL J 268 85.47 -53.24 239.88
N LEU J 269 85.49 -54.58 240.01
CA LEU J 269 85.70 -55.47 238.90
C LEU J 269 84.76 -56.65 239.06
N TRP J 270 84.05 -57.02 237.98
CA TRP J 270 83.19 -58.18 237.93
C TRP J 270 83.80 -59.20 236.99
N ASP J 271 84.13 -60.38 237.50
CA ASP J 271 84.65 -61.51 236.77
C ASP J 271 83.50 -62.49 236.51
N ASP J 274 82.05 -65.87 238.77
CA ASP J 274 81.32 -65.49 239.96
C ASP J 274 82.03 -64.60 240.96
N CYS J 275 83.00 -63.77 240.52
CA CYS J 275 83.83 -63.04 241.46
C CYS J 275 83.78 -61.53 241.27
N PHE J 276 83.45 -60.82 242.37
CA PHE J 276 83.33 -59.38 242.39
C PHE J 276 84.43 -58.88 243.30
N TYR J 277 85.24 -57.92 242.80
CA TYR J 277 86.37 -57.35 243.50
C TYR J 277 86.13 -55.88 243.67
N THR J 278 86.65 -55.34 244.79
CA THR J 278 86.73 -53.91 245.02
C THR J 278 88.15 -53.55 245.27
N LEU J 279 88.57 -52.40 244.71
CA LEU J 279 89.85 -51.80 244.97
C LEU J 279 89.59 -50.53 245.75
N THR J 280 90.16 -50.42 246.95
CA THR J 280 90.07 -49.25 247.81
C THR J 280 91.45 -48.62 247.88
N ASP J 281 91.62 -47.51 248.62
CA ASP J 281 92.90 -46.82 248.75
C ASP J 281 93.95 -47.61 249.54
N SER J 282 93.50 -48.59 250.35
CA SER J 282 94.38 -49.45 251.13
C SER J 282 94.39 -50.91 250.66
N SER J 283 93.28 -51.44 250.12
CA SER J 283 93.17 -52.87 249.92
C SER J 283 92.27 -53.33 248.80
N ILE J 284 92.41 -54.63 248.43
CA ILE J 284 91.56 -55.33 247.47
C ILE J 284 90.73 -56.25 248.31
N ASN J 285 89.41 -56.28 248.06
CA ASN J 285 88.50 -57.23 248.65
C ASN J 285 87.87 -57.98 247.49
N LYS J 286 87.52 -59.27 247.69
CA LYS J 286 86.90 -60.13 246.72
C LYS J 286 85.74 -60.88 247.38
N TRP J 287 84.61 -60.99 246.66
CA TRP J 287 83.43 -61.76 246.99
C TRP J 287 83.23 -62.80 245.90
N ASP J 288 82.73 -64.00 246.29
CA ASP J 288 82.24 -65.06 245.43
C ASP J 288 80.71 -64.95 245.49
N LEU J 289 80.01 -64.90 244.34
CA LEU J 289 78.59 -64.62 244.25
C LEU J 289 77.88 -65.90 243.85
N ASP J 290 76.57 -65.96 244.15
CA ASP J 290 75.65 -66.76 243.36
C ASP J 290 74.60 -65.78 242.80
N ASP J 291 73.41 -66.27 242.40
CA ASP J 291 72.32 -65.45 241.87
C ASP J 291 71.64 -64.54 242.91
N THR J 292 71.78 -64.80 244.24
CA THR J 292 71.11 -64.01 245.29
C THR J 292 71.97 -63.63 246.48
N SER J 293 73.22 -64.13 246.58
CA SER J 293 74.08 -63.84 247.69
C SER J 293 75.53 -63.76 247.30
N GLU J 294 76.36 -63.46 248.31
CA GLU J 294 77.77 -63.25 248.17
C GLU J 294 78.40 -63.83 249.40
N SER J 295 79.60 -64.36 249.25
CA SER J 295 80.42 -64.77 250.37
C SER J 295 81.74 -64.04 250.24
N GLN J 296 82.15 -63.33 251.32
CA GLN J 296 83.43 -62.63 251.40
C GLN J 296 84.57 -63.63 251.35
N VAL J 297 85.50 -63.48 250.39
CA VAL J 297 86.59 -64.41 250.18
C VAL J 297 87.82 -63.93 250.94
N LEU J 298 88.21 -62.65 250.74
CA LEU J 298 89.38 -62.08 251.36
C LEU J 298 89.43 -60.58 251.25
N ASN J 299 90.24 -59.95 252.13
CA ASN J 299 90.67 -58.58 251.98
C ASN J 299 92.21 -58.64 252.10
N TRP J 300 92.93 -58.10 251.10
CA TRP J 300 94.39 -58.03 251.08
C TRP J 300 94.88 -56.62 251.19
N ASP J 301 95.64 -56.33 252.27
CA ASP J 301 96.39 -55.11 252.47
C ASP J 301 97.50 -55.02 251.41
N MET J 302 97.15 -54.49 250.22
CA MET J 302 98.03 -54.42 249.07
C MET J 302 98.99 -53.26 249.22
N SER J 303 98.60 -52.29 250.07
CA SER J 303 99.51 -51.25 250.53
C SER J 303 100.66 -51.85 251.32
N ARG J 304 100.44 -52.79 252.26
CA ARG J 304 101.55 -53.50 252.86
C ARG J 304 102.36 -54.37 251.89
N VAL J 305 101.67 -55.15 251.02
CA VAL J 305 102.30 -56.09 250.09
C VAL J 305 103.14 -55.41 248.99
N LEU J 306 102.59 -54.40 248.28
CA LEU J 306 103.19 -53.96 247.02
C LEU J 306 104.07 -52.73 247.13
N ARG J 307 104.07 -52.05 248.28
CA ARG J 307 104.69 -50.76 248.48
C ARG J 307 106.15 -50.68 248.17
N GLU J 308 106.93 -51.65 248.72
CA GLU J 308 108.35 -51.82 248.47
C GLU J 308 108.58 -52.13 246.99
N TYR J 309 107.79 -53.05 246.38
CA TYR J 309 107.94 -53.45 244.99
C TYR J 309 107.69 -52.30 244.02
N ILE J 310 106.70 -51.44 244.31
CA ILE J 310 106.47 -50.20 243.56
C ILE J 310 107.57 -49.16 243.74
N SER J 311 107.99 -48.88 245.00
CA SER J 311 109.03 -47.90 245.27
C SER J 311 110.41 -48.32 244.77
N ASP J 312 110.80 -49.61 244.95
CA ASP J 312 111.99 -50.27 244.42
C ASP J 312 112.04 -50.21 242.88
N ALA J 313 110.92 -50.47 242.18
CA ALA J 313 110.90 -50.43 240.73
C ALA J 313 111.12 -49.05 240.11
N ILE J 314 110.84 -47.97 240.88
CA ILE J 314 111.01 -46.60 240.44
C ILE J 314 112.32 -46.03 240.98
N TRP J 315 112.49 -45.93 242.30
CA TRP J 315 113.59 -45.21 242.91
C TRP J 315 114.64 -46.15 243.50
N GLY J 316 114.53 -47.48 243.31
CA GLY J 316 115.35 -48.50 243.99
C GLY J 316 116.84 -48.42 243.78
N SER J 317 117.26 -47.89 242.63
CA SER J 317 118.66 -47.81 242.26
C SER J 317 119.24 -46.44 242.49
N GLU J 318 118.43 -45.49 243.04
CA GLU J 318 118.93 -44.20 243.48
C GLU J 318 119.85 -44.35 244.68
N SER J 319 120.87 -43.47 244.80
CA SER J 319 121.85 -43.51 245.87
C SER J 319 121.27 -43.37 247.28
N ASP J 320 120.20 -42.54 247.42
CA ASP J 320 119.45 -42.20 248.59
C ASP J 320 118.10 -42.91 248.65
N TYR J 321 117.93 -44.12 248.01
CA TYR J 321 116.68 -44.87 248.01
C TYR J 321 116.01 -45.06 249.39
N ASP J 322 116.79 -45.38 250.45
CA ASP J 322 116.30 -45.53 251.81
C ASP J 322 115.65 -44.25 252.37
N ASP J 323 116.28 -43.07 252.18
CA ASP J 323 115.71 -41.78 252.57
C ASP J 323 114.48 -41.42 251.76
N ILE J 324 114.55 -41.62 250.42
CA ILE J 324 113.46 -41.36 249.48
C ILE J 324 112.21 -42.16 249.81
N LYS J 325 112.35 -43.49 250.05
CA LYS J 325 111.21 -44.40 250.04
C LYS J 325 110.13 -44.19 251.11
N ALA J 326 110.49 -43.63 252.28
CA ALA J 326 109.55 -43.37 253.35
C ALA J 326 108.66 -42.16 253.10
N GLY J 327 109.01 -41.30 252.12
CA GLY J 327 108.21 -40.17 251.66
C GLY J 327 107.37 -40.42 250.42
N ILE J 328 107.37 -41.66 249.88
CA ILE J 328 106.64 -42.00 248.65
C ILE J 328 105.15 -42.10 248.84
N ASN J 329 104.38 -41.34 248.04
CA ASN J 329 102.94 -41.44 247.99
C ASN J 329 102.58 -42.42 246.90
N ILE J 330 101.68 -43.39 247.20
CA ILE J 330 101.16 -44.35 246.22
C ILE J 330 99.64 -44.27 246.27
N ASN J 331 98.99 -44.13 245.10
CA ASN J 331 97.53 -44.21 244.97
C ASN J 331 97.21 -45.34 244.00
N TYR J 332 96.27 -46.20 244.36
CA TYR J 332 95.82 -47.31 243.56
C TYR J 332 94.57 -46.83 242.81
N LEU J 333 94.48 -46.99 241.47
CA LEU J 333 93.45 -46.28 240.70
C LEU J 333 92.50 -47.16 239.94
N SER J 334 92.94 -48.34 239.49
CA SER J 334 92.08 -49.17 238.68
C SER J 334 92.55 -50.59 238.77
N LEU J 335 91.63 -51.53 238.50
CA LEU J 335 91.84 -52.94 238.69
C LEU J 335 91.16 -53.59 237.52
N ASN J 336 91.91 -54.45 236.84
CA ASN J 336 91.43 -55.23 235.74
C ASN J 336 92.12 -56.58 235.90
N GLN J 337 91.88 -57.52 234.98
CA GLN J 337 92.54 -58.78 235.01
C GLN J 337 92.86 -59.24 233.61
N ASN J 338 93.80 -60.19 233.53
CA ASN J 338 94.19 -60.87 232.34
C ASN J 338 94.57 -62.28 232.77
N CYS J 339 95.17 -63.09 231.88
CA CYS J 339 95.66 -64.44 232.14
C CYS J 339 96.71 -64.56 233.25
N ASP J 340 97.59 -63.55 233.36
CA ASP J 340 98.59 -63.39 234.40
C ASP J 340 97.95 -63.17 235.80
N GLY J 341 96.65 -62.80 235.84
CA GLY J 341 95.89 -62.61 237.06
C GLY J 341 95.37 -61.21 237.13
N LEU J 342 95.46 -60.56 238.31
CA LEU J 342 94.92 -59.24 238.52
C LEU J 342 95.94 -58.20 238.10
N VAL J 343 95.49 -57.13 237.44
CA VAL J 343 96.32 -56.06 236.93
C VAL J 343 95.87 -54.78 237.61
N ILE J 344 96.74 -54.14 238.41
CA ILE J 344 96.43 -52.97 239.20
C ILE J 344 97.17 -51.79 238.62
N LEU J 345 96.47 -50.68 238.38
CA LEU J 345 97.08 -49.43 237.97
C LEU J 345 97.33 -48.60 239.20
N SER J 346 98.60 -48.20 239.41
CA SER J 346 99.02 -47.44 240.56
C SER J 346 99.80 -46.23 240.14
N ALA J 347 99.54 -45.07 240.78
CA ALA J 347 100.32 -43.87 240.58
C ALA J 347 101.19 -43.63 241.81
N ALA J 348 102.49 -43.35 241.61
CA ALA J 348 103.42 -43.11 242.70
C ALA J 348 104.23 -41.86 242.45
N TRP J 349 104.52 -41.08 243.51
CA TRP J 349 105.33 -39.87 243.39
C TRP J 349 106.00 -39.55 244.71
N HIS J 350 107.10 -38.77 244.67
CA HIS J 350 107.80 -38.27 245.83
C HIS J 350 107.78 -36.74 245.76
N PRO J 351 107.23 -35.98 246.72
CA PRO J 351 107.16 -34.51 246.65
C PRO J 351 108.48 -33.80 246.46
N GLY J 352 109.54 -34.35 247.10
CA GLY J 352 110.87 -33.77 247.17
C GLY J 352 111.76 -34.10 246.00
N ASP J 353 111.31 -34.96 245.06
CA ASP J 353 111.93 -35.12 243.75
C ASP J 353 111.91 -33.79 243.01
N ASN J 354 113.00 -33.48 242.31
CA ASN J 354 113.11 -32.26 241.55
C ASN J 354 113.68 -32.65 240.18
N PRO J 355 112.95 -32.56 239.06
CA PRO J 355 111.50 -32.35 238.98
C PRO J 355 110.65 -33.46 239.61
N CYS J 356 109.46 -33.16 240.18
CA CYS J 356 108.56 -34.18 240.70
C CYS J 356 107.64 -34.66 239.59
N GLN J 357 107.79 -35.93 239.17
CA GLN J 357 106.96 -36.57 238.18
C GLN J 357 106.07 -37.61 238.86
N ILE J 358 104.95 -37.99 238.21
CA ILE J 358 104.08 -39.05 238.66
C ILE J 358 104.38 -40.29 237.84
N TYR J 359 104.76 -41.39 238.49
CA TYR J 359 105.07 -42.62 237.80
C TYR J 359 103.84 -43.51 237.85
N TYR J 360 103.34 -43.94 236.68
CA TYR J 360 102.20 -44.83 236.60
C TYR J 360 102.75 -46.23 236.41
N THR J 361 102.30 -47.18 237.23
CA THR J 361 102.76 -48.55 237.15
C THR J 361 101.63 -49.50 236.94
N LEU J 362 101.93 -50.60 236.24
CA LEU J 362 101.04 -51.73 236.16
C LEU J 362 101.66 -52.83 237.01
N VAL J 363 100.88 -53.28 238.01
CA VAL J 363 101.29 -54.28 238.95
C VAL J 363 100.46 -55.52 238.67
N THR J 364 101.09 -56.66 238.35
CA THR J 364 100.39 -57.93 238.15
C THR J 364 100.67 -58.88 239.27
N VAL J 365 99.58 -59.46 239.84
CA VAL J 365 99.68 -60.43 240.91
C VAL J 365 98.70 -61.54 240.59
N LYS J 366 98.97 -62.75 241.11
CA LYS J 366 98.09 -63.89 240.98
C LYS J 366 97.00 -63.84 242.06
N ASP J 367 95.73 -64.15 241.69
CA ASP J 367 94.66 -64.42 242.64
C ASP J 367 94.54 -65.93 242.64
N GLU J 368 95.21 -66.59 243.62
CA GLU J 368 95.15 -68.03 243.75
C GLU J 368 94.81 -68.35 245.19
N GLY J 369 93.55 -68.74 245.43
CA GLY J 369 93.07 -69.05 246.77
C GLY J 369 92.79 -67.81 247.56
N TYR J 370 93.19 -67.74 248.84
CA TYR J 370 92.86 -66.57 249.63
C TYR J 370 94.08 -65.73 250.01
N ASN J 371 95.25 -65.96 249.43
CA ASN J 371 96.44 -65.29 249.89
C ASN J 371 97.18 -64.83 248.67
N ILE J 372 98.02 -63.81 248.87
CA ILE J 372 98.89 -63.28 247.86
C ILE J 372 100.12 -64.16 247.72
N SER J 373 100.62 -64.33 246.46
CA SER J 373 101.88 -65.00 246.17
C SER J 373 103.04 -64.06 246.35
N ASP J 374 104.27 -64.60 246.38
CA ASP J 374 105.50 -63.85 246.55
C ASP J 374 105.92 -63.08 245.29
N GLU J 375 105.37 -63.53 244.15
CA GLU J 375 105.64 -63.06 242.81
C GLU J 375 104.70 -61.91 242.45
N ILE J 376 105.28 -60.70 242.45
CA ILE J 376 104.67 -59.45 242.07
C ILE J 376 105.53 -58.97 240.94
N THR J 377 104.94 -58.54 239.80
CA THR J 377 105.71 -57.83 238.77
C THR J 377 105.27 -56.40 238.84
N VAL J 378 106.22 -55.45 238.74
CA VAL J 378 105.89 -54.05 238.62
C VAL J 378 106.49 -53.57 237.32
N GLU J 379 105.62 -53.02 236.46
CA GLU J 379 105.99 -52.49 235.16
C GLU J 379 105.70 -51.01 235.16
N VAL J 380 106.73 -50.16 234.98
CA VAL J 380 106.61 -48.71 234.97
C VAL J 380 106.35 -48.20 233.56
N THR J 381 105.22 -47.50 233.35
CA THR J 381 104.78 -47.10 232.02
C THR J 381 105.55 -45.90 231.48
N GLN J 382 105.36 -45.59 230.18
CA GLN J 382 105.82 -44.33 229.59
C GLN J 382 105.07 -43.13 230.12
N PHE J 383 103.86 -43.33 230.70
CA PHE J 383 103.06 -42.21 231.09
C PHE J 383 103.65 -41.68 232.39
N ASN J 384 104.27 -40.49 232.31
CA ASN J 384 105.06 -39.96 233.38
C ASN J 384 104.91 -38.44 233.42
N PRO J 385 103.70 -37.87 233.59
CA PRO J 385 103.54 -36.43 233.64
C PRO J 385 104.09 -35.82 234.92
N VAL J 386 104.32 -34.50 234.88
CA VAL J 386 104.70 -33.67 236.02
C VAL J 386 103.64 -33.77 237.12
N PHE J 387 104.02 -33.84 238.42
CA PHE J 387 103.03 -33.70 239.48
C PHE J 387 102.49 -32.28 239.49
N GLN J 388 101.16 -32.17 239.55
CA GLN J 388 100.44 -30.92 239.63
C GLN J 388 99.67 -30.92 240.93
N ALA J 389 98.62 -31.75 241.01
CA ALA J 389 97.82 -31.86 242.20
C ALA J 389 97.31 -33.28 242.25
N ARG J 390 97.06 -33.80 243.47
CA ARG J 390 96.54 -35.14 243.70
C ARG J 390 95.16 -35.36 243.09
N GLY J 391 94.31 -34.31 243.10
CA GLY J 391 92.99 -34.34 242.46
C GLY J 391 93.03 -34.42 240.94
N MET J 392 94.20 -34.11 240.32
CA MET J 392 94.42 -34.16 238.88
C MET J 392 95.09 -35.45 238.44
N GLN J 393 95.35 -36.38 239.38
CA GLN J 393 95.82 -37.71 239.05
C GLN J 393 94.73 -38.63 238.54
N LEU J 394 94.37 -38.47 237.28
CA LEU J 394 93.28 -39.19 236.68
C LEU J 394 93.86 -40.01 235.55
N CYS J 395 93.45 -41.29 235.50
CA CYS J 395 93.97 -42.28 234.58
C CYS J 395 93.22 -43.56 234.84
N GLN J 396 92.76 -44.20 233.76
CA GLN J 396 91.99 -45.42 233.80
C GLN J 396 92.63 -46.46 232.93
N LEU J 397 92.21 -47.71 233.15
CA LEU J 397 92.82 -48.89 232.60
C LEU J 397 91.81 -49.73 231.82
N VAL J 398 92.18 -50.16 230.60
CA VAL J 398 91.44 -51.11 229.76
C VAL J 398 92.39 -52.25 229.39
N VAL J 399 91.90 -53.51 229.46
CA VAL J 399 92.60 -54.72 229.06
C VAL J 399 91.64 -55.46 228.14
N PRO J 400 91.76 -55.37 226.82
CA PRO J 400 90.75 -55.92 225.91
C PRO J 400 91.05 -57.37 225.64
N ASN J 401 92.34 -57.71 225.58
CA ASN J 401 92.82 -59.01 225.26
C ASN J 401 93.33 -59.61 226.57
N PHE J 402 92.67 -60.67 227.06
CA PHE J 402 93.03 -61.42 228.24
C PHE J 402 94.41 -62.12 228.17
N SER J 403 94.96 -62.42 226.96
CA SER J 403 96.14 -63.27 226.79
C SER J 403 97.36 -62.69 226.08
N SER J 404 97.25 -61.55 225.37
CA SER J 404 98.41 -60.73 225.04
C SER J 404 98.60 -59.82 226.23
N GLN J 405 99.85 -59.56 226.68
CA GLN J 405 100.05 -58.94 227.99
C GLN J 405 99.92 -57.40 227.88
N ALA J 406 98.87 -56.90 227.20
CA ALA J 406 98.73 -55.54 226.75
C ALA J 406 97.60 -54.79 227.42
N CYS J 407 97.93 -53.57 227.87
CA CYS J 407 97.02 -52.76 228.62
C CYS J 407 97.02 -51.38 228.06
N TYR J 408 95.89 -50.69 228.21
CA TYR J 408 95.73 -49.40 227.58
C TYR J 408 95.41 -48.45 228.71
N LEU J 409 96.32 -47.51 228.99
CA LEU J 409 96.07 -46.47 229.97
C LEU J 409 95.37 -45.34 229.27
N TYR J 410 94.39 -44.71 229.94
CA TYR J 410 93.74 -43.59 229.33
C TYR J 410 93.39 -42.49 230.28
N THR J 411 93.46 -41.25 229.75
CA THR J 411 92.93 -40.07 230.38
C THR J 411 91.93 -39.50 229.40
N GLN J 412 91.63 -38.19 229.45
CA GLN J 412 90.71 -37.57 228.52
C GLN J 412 91.36 -37.15 227.20
N GLU J 413 92.70 -37.09 227.11
CA GLU J 413 93.40 -36.52 225.96
C GLU J 413 94.30 -37.51 225.25
N MET J 414 94.60 -38.68 225.85
CA MET J 414 95.48 -39.61 225.20
C MET J 414 95.40 -40.98 225.80
N ILE J 415 95.80 -41.95 224.96
CA ILE J 415 95.81 -43.36 225.21
C ILE J 415 97.26 -43.78 225.20
N PHE J 416 97.71 -44.55 226.20
CA PHE J 416 99.02 -45.15 226.19
C PHE J 416 98.85 -46.66 226.09
N ALA J 417 99.35 -47.24 225.00
CA ALA J 417 99.48 -48.67 224.82
C ALA J 417 100.68 -49.09 225.62
N CYS J 418 100.43 -49.97 226.59
CA CYS J 418 101.41 -50.35 227.57
C CYS J 418 101.42 -51.85 227.65
N SER J 419 102.45 -52.33 228.32
CA SER J 419 102.73 -53.73 228.49
C SER J 419 102.52 -54.09 229.95
N THR J 420 102.30 -55.38 230.24
CA THR J 420 102.26 -55.97 231.57
C THR J 420 103.16 -57.17 231.59
N GLY J 421 103.38 -57.72 232.80
CA GLY J 421 103.99 -59.03 232.97
C GLY J 421 105.44 -59.09 232.57
N THR J 422 105.84 -60.18 231.88
CA THR J 422 107.17 -60.30 231.30
C THR J 422 107.44 -59.36 230.15
N GLY J 423 106.35 -59.01 229.42
CA GLY J 423 106.42 -58.24 228.20
C GLY J 423 106.69 -59.06 226.94
N ARG J 424 106.72 -60.40 227.04
CA ARG J 424 107.01 -61.28 225.92
C ARG J 424 106.06 -61.24 224.74
N SER J 425 104.74 -61.17 224.97
CA SER J 425 103.76 -61.13 223.88
C SER J 425 103.17 -59.74 223.71
N THR J 426 103.83 -58.71 224.27
CA THR J 426 103.27 -57.36 224.28
C THR J 426 103.43 -56.64 223.01
N LEU J 427 102.43 -55.78 222.74
CA LEU J 427 102.46 -54.92 221.59
C LEU J 427 103.38 -53.72 221.81
N PRO J 428 103.94 -53.05 220.78
CA PRO J 428 104.80 -51.88 220.94
C PRO J 428 104.27 -50.79 221.86
N GLN J 429 105.09 -50.26 222.79
CA GLN J 429 104.59 -49.19 223.64
C GLN J 429 104.48 -47.85 222.91
N GLU J 430 103.28 -47.25 222.91
CA GLU J 430 103.05 -46.01 222.18
C GLU J 430 101.98 -45.19 222.84
N LYS J 431 102.12 -43.86 222.73
CA LYS J 431 101.17 -42.88 223.14
C LYS J 431 100.38 -42.41 221.94
N ILE J 432 99.04 -42.50 222.00
CA ILE J 432 98.16 -42.18 220.92
C ILE J 432 97.37 -40.92 221.33
N PRO J 433 97.50 -39.78 220.66
CA PRO J 433 96.87 -38.54 221.08
C PRO J 433 95.47 -38.36 220.52
N PHE J 434 94.52 -37.94 221.37
CA PHE J 434 93.14 -37.66 221.04
C PHE J 434 92.80 -36.30 221.62
N GLU J 435 93.81 -35.40 221.67
CA GLU J 435 93.74 -34.10 222.31
C GLU J 435 93.45 -32.96 221.33
N ALA J 436 93.54 -33.23 220.01
CA ALA J 436 93.65 -32.17 219.03
C ALA J 436 92.33 -31.64 218.50
N GLN J 437 92.11 -30.31 218.60
CA GLN J 437 91.00 -29.62 217.92
C GLN J 437 89.62 -29.83 218.55
N GLY J 438 89.60 -29.80 219.90
CA GLY J 438 88.41 -30.01 220.72
C GLY J 438 88.12 -31.46 220.93
N ASP J 439 88.97 -32.33 220.34
CA ASP J 439 88.91 -33.75 220.52
C ASP J 439 89.19 -34.23 221.94
N ASN J 440 88.64 -35.39 222.32
CA ASN J 440 88.72 -35.87 223.67
C ASN J 440 88.32 -37.34 223.72
N ILE J 441 88.88 -38.11 224.68
CA ILE J 441 88.50 -39.47 225.01
C ILE J 441 87.38 -39.46 226.01
N VAL J 442 86.16 -39.77 225.54
CA VAL J 442 84.98 -39.75 226.36
C VAL J 442 84.81 -41.09 227.08
N GLY J 443 85.43 -42.16 226.55
CA GLY J 443 85.29 -43.46 227.17
C GLY J 443 86.04 -44.48 226.38
N ALA J 444 86.16 -45.68 226.94
CA ALA J 444 86.91 -46.72 226.32
C ALA J 444 86.37 -48.05 226.77
N GLY J 445 86.62 -49.10 225.98
CA GLY J 445 86.23 -50.44 226.35
C GLY J 445 86.82 -51.42 225.40
N SER J 446 86.06 -52.49 225.13
CA SER J 446 86.52 -53.54 224.26
C SER J 446 85.29 -54.07 223.56
N CYS J 447 85.41 -54.45 222.28
CA CYS J 447 84.37 -55.17 221.58
C CYS J 447 85.14 -56.30 220.91
N GLU J 448 84.78 -57.58 221.20
CA GLU J 448 85.41 -58.75 220.63
C GLU J 448 86.94 -58.87 220.87
N GLY J 449 87.45 -58.33 222.00
CA GLY J 449 88.89 -58.31 222.28
C GLY J 449 89.66 -57.20 221.60
N TRP J 450 88.97 -56.28 220.89
CA TRP J 450 89.55 -55.15 220.19
C TRP J 450 89.52 -53.93 221.12
N PRO J 451 90.60 -53.21 221.42
CA PRO J 451 90.53 -51.93 222.13
C PRO J 451 89.65 -50.89 221.46
N VAL J 452 88.60 -50.39 222.15
CA VAL J 452 87.63 -49.45 221.59
C VAL J 452 87.75 -48.16 222.35
N PHE J 453 87.85 -47.03 221.62
CA PHE J 453 87.81 -45.70 222.18
C PHE J 453 86.64 -44.97 221.63
N PHE J 454 85.96 -44.21 222.50
CA PHE J 454 84.88 -43.34 222.10
C PHE J 454 85.40 -41.93 222.21
N ILE J 455 85.51 -41.30 221.04
CA ILE J 455 86.21 -40.07 220.86
C ILE J 455 85.22 -38.98 220.47
N ARG J 456 85.42 -37.77 221.01
CA ARG J 456 84.54 -36.63 220.81
C ARG J 456 84.39 -36.22 219.34
N LYS J 457 85.49 -36.19 218.57
CA LYS J 457 85.45 -35.88 217.15
C LYS J 457 85.03 -37.00 216.19
N SER J 458 85.30 -38.28 216.54
CA SER J 458 85.28 -39.36 215.58
C SER J 458 84.46 -40.57 215.98
N GLY J 459 83.74 -40.50 217.12
CA GLY J 459 82.93 -41.62 217.58
C GLY J 459 83.72 -42.83 218.04
N MET J 460 83.17 -44.04 217.82
CA MET J 460 83.86 -45.27 218.15
C MET J 460 85.03 -45.54 217.23
N LEU J 461 86.19 -45.85 217.80
CA LEU J 461 87.38 -46.08 217.04
C LEU J 461 88.12 -47.23 217.65
N THR J 462 88.76 -48.09 216.83
CA THR J 462 89.55 -49.18 217.35
C THR J 462 91.02 -48.83 217.19
N VAL J 463 91.87 -49.43 218.05
CA VAL J 463 93.31 -49.36 217.98
C VAL J 463 93.84 -50.72 217.65
N VAL J 464 94.33 -50.87 216.44
CA VAL J 464 94.80 -52.16 215.99
C VAL J 464 96.22 -52.02 215.54
N ALA J 465 97.09 -52.97 215.91
CA ALA J 465 98.47 -53.02 215.46
C ALA J 465 98.57 -53.08 213.94
N ARG J 466 99.61 -52.48 213.34
CA ARG J 466 99.80 -52.58 211.91
C ARG J 466 100.43 -53.91 211.45
N GLU J 467 101.09 -54.66 212.36
CA GLU J 467 101.62 -55.98 212.09
C GLU J 467 100.67 -57.07 212.64
N LYS J 505 82.60 23.99 202.42
CA LYS J 505 83.98 24.21 202.94
C LYS J 505 84.86 23.00 202.68
N THR J 506 86.13 23.04 203.12
CA THR J 506 87.11 21.96 202.94
C THR J 506 86.71 20.67 203.60
N LYS J 507 86.01 20.74 204.74
CA LYS J 507 85.45 19.60 205.45
C LYS J 507 84.39 18.83 204.66
N HIS J 508 83.58 19.51 203.83
CA HIS J 508 82.54 18.88 203.03
C HIS J 508 83.09 18.15 201.84
N LEU J 509 84.04 18.78 201.13
CA LEU J 509 84.73 18.13 200.04
C LEU J 509 85.48 16.92 200.55
N LYS J 510 86.15 17.03 201.70
CA LYS J 510 86.86 15.92 202.29
C LYS J 510 85.97 14.89 202.95
N ALA J 511 84.65 15.06 202.94
CA ALA J 511 83.72 14.04 203.39
C ALA J 511 83.10 13.32 202.21
N ALA J 512 82.86 14.03 201.08
CA ALA J 512 82.48 13.37 199.86
C ALA J 512 83.62 12.54 199.30
N PHE J 513 84.86 12.99 199.43
CA PHE J 513 86.01 12.28 198.91
C PHE J 513 86.18 10.96 199.68
N LEU J 514 85.81 10.95 200.99
CA LEU J 514 85.75 9.74 201.79
C LEU J 514 84.52 8.87 201.55
N ARG J 515 83.43 9.38 200.96
CA ARG J 515 82.31 8.55 200.58
C ARG J 515 82.48 7.93 199.23
N TYR J 516 83.23 8.57 198.29
CA TYR J 516 83.68 7.92 197.07
C TYR J 516 84.62 6.78 197.41
N CYS J 517 85.46 6.90 198.47
CA CYS J 517 86.34 5.80 198.85
C CYS J 517 85.62 4.52 199.18
N ARG J 518 84.49 4.63 199.88
CA ARG J 518 83.64 3.51 200.19
C ARG J 518 82.76 3.05 199.03
N LYS J 519 82.52 3.89 197.99
CA LYS J 519 81.65 3.58 196.84
C LYS J 519 82.20 2.52 195.92
N ASP J 520 83.52 2.34 195.87
CA ASP J 520 84.16 1.24 195.19
C ASP J 520 83.83 -0.10 195.84
N ILE J 521 83.71 -0.11 197.19
CA ILE J 521 83.45 -1.32 197.96
C ILE J 521 81.97 -1.63 198.11
N LEU J 522 81.14 -0.68 198.62
CA LEU J 522 79.73 -0.90 198.86
C LEU J 522 79.00 0.43 198.78
N GLY J 523 77.68 0.42 198.56
CA GLY J 523 76.95 1.66 198.36
C GLY J 523 76.13 2.12 199.53
N ALA J 524 75.66 1.21 200.41
CA ALA J 524 74.67 1.56 201.43
C ALA J 524 75.07 2.70 202.37
N GLN J 525 76.29 2.67 202.94
CA GLN J 525 76.82 3.77 203.74
C GLN J 525 76.98 5.06 202.95
N SER J 526 77.43 5.00 201.69
CA SER J 526 77.68 6.21 200.95
C SER J 526 76.43 6.89 200.42
N MET J 527 75.34 6.10 200.32
CA MET J 527 74.01 6.56 200.00
C MET J 527 73.32 7.21 201.19
N VAL J 528 73.78 6.97 202.43
CA VAL J 528 73.24 7.68 203.58
C VAL J 528 74.02 8.96 203.84
N ASP J 529 75.26 9.06 203.32
CA ASP J 529 76.05 10.28 203.37
C ASP J 529 75.81 11.13 202.12
N SER J 530 74.94 10.68 201.21
CA SER J 530 74.31 11.53 200.22
C SER J 530 72.91 11.92 200.62
N LEU J 531 72.21 11.07 201.40
CA LEU J 531 70.94 11.41 202.02
C LEU J 531 71.09 12.43 203.15
N PHE J 532 72.19 12.34 203.93
CA PHE J 532 72.57 13.37 204.89
C PHE J 532 73.09 14.62 204.17
N SER J 533 73.43 14.52 202.88
CA SER J 533 73.74 15.67 202.06
C SER J 533 72.50 16.23 201.39
N ASP J 534 71.29 15.82 201.85
CA ASP J 534 70.07 16.59 201.65
C ASP J 534 69.73 17.33 202.97
N SER J 535 70.69 17.34 203.93
CA SER J 535 70.79 18.35 204.99
C SER J 535 71.71 19.44 204.49
N ASP J 536 71.74 19.63 203.16
CA ASP J 536 72.45 20.66 202.46
C ASP J 536 71.85 22.06 202.66
N MET J 537 72.20 22.97 201.75
CA MET J 537 71.61 24.28 201.69
C MET J 537 70.33 24.33 200.85
N GLU J 538 70.36 23.80 199.61
CA GLU J 538 69.28 23.85 198.62
C GLU J 538 68.90 25.23 197.99
N PRO J 539 69.65 26.36 197.97
CA PRO J 539 69.34 27.44 197.04
C PRO J 539 70.19 27.33 195.79
N ASP J 540 69.56 26.94 194.67
CA ASP J 540 70.12 26.69 193.35
C ASP J 540 71.30 27.56 192.90
N ASP J 541 71.17 28.89 192.99
CA ASP J 541 72.02 29.85 192.32
C ASP J 541 73.48 29.92 192.74
N GLU J 542 73.85 29.50 193.97
CA GLU J 542 75.27 29.50 194.32
C GLU J 542 75.69 28.46 195.34
N LEU J 543 74.77 27.89 196.14
CA LEU J 543 75.14 26.84 197.10
C LEU J 543 75.12 25.48 196.44
N ASP J 544 74.34 25.30 195.37
CA ASP J 544 74.46 24.13 194.51
C ASP J 544 75.66 24.29 193.61
N LEU J 545 76.14 25.53 193.47
CA LEU J 545 77.41 25.83 192.87
C LEU J 545 78.55 25.79 193.90
N ALA J 546 78.22 25.39 195.16
CA ALA J 546 79.17 25.13 196.22
C ALA J 546 79.39 23.66 196.49
N VAL J 547 78.55 22.77 195.92
CA VAL J 547 78.83 21.34 195.85
C VAL J 547 79.32 21.02 194.47
N ASN J 548 79.17 21.99 193.54
CA ASN J 548 79.80 21.98 192.24
C ASN J 548 81.29 22.16 192.32
N GLN J 549 81.73 23.11 193.16
CA GLN J 549 83.13 23.41 193.35
C GLN J 549 83.77 22.33 194.22
N ILE J 550 82.98 21.35 194.65
CA ILE J 550 83.44 20.15 195.33
C ILE J 550 83.62 18.99 194.35
N SER J 551 82.61 18.73 193.50
CA SER J 551 82.70 17.71 192.47
C SER J 551 83.76 18.05 191.44
N VAL J 552 83.91 19.34 191.11
CA VAL J 552 85.01 19.83 190.31
C VAL J 552 86.39 19.71 190.98
N ASP J 553 86.52 19.97 192.30
CA ASP J 553 87.80 19.89 192.98
C ASP J 553 88.29 18.45 193.13
N LEU J 554 87.38 17.46 193.08
CA LEU J 554 87.76 16.05 193.05
C LEU J 554 88.08 15.52 191.66
N ILE J 555 87.44 16.07 190.61
CA ILE J 555 87.82 15.78 189.25
C ILE J 555 89.10 16.48 188.87
N ASP J 556 89.68 17.33 189.74
CA ASP J 556 91.00 17.90 189.52
C ASP J 556 92.04 17.17 190.35
N ASP J 557 91.62 16.43 191.41
CA ASP J 557 92.52 15.59 192.17
C ASP J 557 92.56 14.18 191.59
N TYR J 558 91.55 13.69 190.82
CA TYR J 558 91.66 12.39 190.14
C TYR J 558 92.59 12.40 188.89
N PRO J 559 92.70 13.48 188.09
CA PRO J 559 93.75 13.73 187.10
C PRO J 559 95.09 14.12 187.67
N ALA J 560 95.17 14.67 188.90
CA ALA J 560 96.45 14.98 189.51
C ALA J 560 97.27 13.75 189.92
N SER J 561 98.13 13.87 190.95
CA SER J 561 98.81 12.76 191.59
C SER J 561 97.85 11.72 192.19
N ASP J 562 98.31 10.85 193.12
CA ASP J 562 97.40 10.10 194.00
C ASP J 562 96.28 10.99 194.60
N PRO J 563 95.01 10.73 194.25
CA PRO J 563 93.90 11.59 194.63
C PRO J 563 93.62 11.52 196.12
N ARG J 564 93.33 12.65 196.79
CA ARG J 564 93.13 12.70 198.24
C ARG J 564 91.95 11.91 198.84
N TRP J 565 91.15 11.20 198.03
CA TRP J 565 90.16 10.22 198.46
C TRP J 565 90.79 8.90 198.92
N ALA J 566 91.96 8.58 198.32
CA ALA J 566 92.76 7.42 198.60
C ALA J 566 93.32 7.45 199.99
N GLU J 567 93.64 6.27 200.57
CA GLU J 567 94.29 6.05 201.86
C GLU J 567 93.45 5.01 202.59
N SER J 568 92.22 5.39 202.96
CA SER J 568 91.24 4.55 203.65
C SER J 568 90.85 3.32 202.85
N VAL J 569 90.57 3.51 201.56
CA VAL J 569 90.30 2.43 200.63
C VAL J 569 91.47 2.40 199.69
N PRO J 570 92.21 1.31 199.54
CA PRO J 570 93.39 1.31 198.69
C PRO J 570 92.98 0.63 197.40
N GLU J 571 92.10 1.32 196.66
CA GLU J 571 91.62 0.92 195.35
C GLU J 571 92.69 1.17 194.28
N GLU J 572 92.30 1.54 193.06
CA GLU J 572 93.20 1.88 191.97
C GLU J 572 93.70 3.33 192.11
N ALA J 573 93.30 3.98 193.22
CA ALA J 573 93.74 5.28 193.61
C ALA J 573 95.17 5.29 194.12
N ALA J 574 95.57 4.28 194.89
CA ALA J 574 96.84 4.11 195.62
C ALA J 574 98.04 4.90 195.17
N GLY J 575 98.83 5.43 196.14
CA GLY J 575 100.03 6.23 195.92
C GLY J 575 101.11 5.51 195.17
N PHE J 576 100.90 5.39 193.86
CA PHE J 576 101.78 4.78 192.91
C PHE J 576 103.09 5.51 192.90
N SER J 577 104.19 4.75 192.93
CA SER J 577 105.51 5.33 193.00
C SER J 577 105.80 6.29 191.86
N ASN J 578 106.29 7.49 192.21
CA ASN J 578 106.63 8.53 191.26
C ASN J 578 108.07 8.37 190.83
N THR J 579 108.74 7.31 191.32
CA THR J 579 110.05 6.88 190.86
C THR J 579 109.89 5.66 189.96
N SER J 580 108.64 5.24 189.68
CA SER J 580 108.37 4.18 188.74
C SER J 580 108.55 4.65 187.30
N LEU J 581 108.72 3.69 186.37
CA LEU J 581 108.75 3.97 184.95
C LEU J 581 107.38 3.69 184.37
N ILE J 582 106.46 3.22 185.24
CA ILE J 582 105.08 2.96 184.90
C ILE J 582 104.33 4.26 184.94
N LEU J 583 104.57 5.11 183.95
CA LEU J 583 103.87 6.35 183.85
C LEU J 583 102.62 6.13 183.00
N LEU J 584 102.70 5.50 181.81
CA LEU J 584 101.49 5.32 181.00
C LEU J 584 100.41 4.43 181.62
N HIS J 585 100.74 3.21 182.09
CA HIS J 585 99.76 2.34 182.75
C HIS J 585 99.20 2.99 184.02
N GLN J 586 100.01 3.80 184.73
CA GLN J 586 99.55 4.53 185.90
C GLN J 586 98.52 5.58 185.59
N LEU J 587 98.57 6.17 184.38
CA LEU J 587 97.63 7.17 183.95
C LEU J 587 96.41 6.58 183.26
N GLU J 588 96.50 5.35 182.71
CA GLU J 588 95.35 4.55 182.30
C GLU J 588 94.45 4.20 183.49
N ASP J 589 95.06 3.78 184.61
CA ASP J 589 94.42 3.58 185.90
C ASP J 589 93.68 4.83 186.38
N LYS J 590 94.14 6.04 186.01
CA LYS J 590 93.48 7.27 186.42
C LYS J 590 92.35 7.71 185.50
N MET J 591 92.30 7.22 184.24
CA MET J 591 91.14 7.39 183.39
C MET J 591 90.05 6.40 183.75
N LYS J 592 90.44 5.22 184.28
CA LYS J 592 89.50 4.31 184.89
C LYS J 592 88.98 4.80 186.24
N ALA J 593 89.87 5.33 187.10
CA ALA J 593 89.48 5.96 188.35
C ALA J 593 88.55 7.15 188.15
N HIS J 594 88.78 7.97 187.12
CA HIS J 594 87.88 9.06 186.77
C HIS J 594 86.62 8.58 186.07
N SER J 595 86.58 7.31 185.60
CA SER J 595 85.41 6.69 184.99
C SER J 595 84.49 6.08 186.02
N PHE J 596 85.02 5.34 187.02
CA PHE J 596 84.21 4.90 188.13
C PHE J 596 83.81 6.05 189.03
N PHE J 597 84.58 7.14 189.04
CA PHE J 597 84.18 8.37 189.65
C PHE J 597 82.97 9.03 188.99
N VAL J 598 82.80 9.01 187.66
CA VAL J 598 81.63 9.60 187.04
C VAL J 598 80.40 8.72 187.24
N ASP J 599 80.57 7.39 187.30
CA ASP J 599 79.54 6.43 187.64
C ASP J 599 79.05 6.52 189.09
N PHE J 600 79.95 6.81 190.05
CA PHE J 600 79.61 6.91 191.46
C PHE J 600 79.17 8.31 191.84
N LEU J 601 79.10 9.19 190.82
CA LEU J 601 78.27 10.36 190.83
C LEU J 601 76.91 10.04 190.24
N HIS J 602 76.83 9.45 189.03
CA HIS J 602 75.56 9.16 188.34
C HIS J 602 74.56 8.34 189.16
N GLN J 603 75.01 7.31 189.89
CA GLN J 603 74.15 6.56 190.79
C GLN J 603 73.74 7.24 192.08
N VAL J 604 74.68 7.84 192.82
CA VAL J 604 74.39 8.52 194.07
C VAL J 604 73.59 9.79 193.85
N GLY J 605 73.87 10.53 192.76
CA GLY J 605 73.05 11.64 192.32
C GLY J 605 73.14 12.88 193.19
N LEU J 606 73.85 13.95 192.81
CA LEU J 606 74.72 14.14 191.67
C LEU J 606 74.06 14.33 190.31
N PHE J 607 72.92 15.05 190.30
CA PHE J 607 72.08 15.28 189.12
C PHE J 607 71.82 16.76 188.86
N SER J 608 72.73 17.65 189.30
CA SER J 608 72.52 19.09 189.33
C SER J 608 73.81 19.87 189.09
N ARG J 609 74.09 20.91 189.91
CA ARG J 609 75.30 21.72 190.04
C ARG J 609 76.19 22.02 188.84
N LEU J 610 76.21 23.30 188.36
CA LEU J 610 76.84 23.65 187.10
C LEU J 610 77.54 25.05 187.09
N THR J 612 80.46 26.34 185.46
CA THR J 612 81.54 26.55 184.50
C THR J 612 81.86 27.99 184.20
N CYS J 613 80.81 28.76 183.94
CA CYS J 613 80.88 30.19 183.73
C CYS J 613 81.88 30.61 182.66
N GLN J 614 82.98 31.27 183.08
CA GLN J 614 84.05 31.69 182.21
C GLN J 614 85.40 31.24 182.76
N THR J 615 86.18 30.51 181.95
CA THR J 615 87.51 30.04 182.32
C THR J 615 88.43 30.23 181.13
N LYS J 616 89.53 31.01 181.26
CA LYS J 616 90.56 31.16 180.22
C LYS J 616 90.04 31.57 178.82
N GLY J 617 89.04 32.48 178.76
CA GLY J 617 88.39 32.90 177.51
C GLY J 617 87.35 31.97 176.99
N MET J 618 87.08 30.86 177.70
CA MET J 618 86.10 29.90 177.27
C MET J 618 84.84 30.06 178.10
N LEU J 619 83.69 30.07 177.41
CA LEU J 619 82.38 30.05 178.04
C LEU J 619 81.86 28.68 177.83
N VAL J 620 81.19 28.16 178.85
CA VAL J 620 80.80 26.78 178.91
C VAL J 620 79.45 26.79 179.59
N ALA J 621 78.45 26.07 179.06
CA ALA J 621 77.12 26.05 179.64
C ALA J 621 76.99 25.48 181.06
N THR J 622 77.67 24.35 181.36
CA THR J 622 77.35 23.54 182.53
C THR J 622 78.63 22.91 183.15
N ARG J 623 78.81 22.81 184.51
CA ARG J 623 79.98 22.15 185.16
C ARG J 623 80.24 20.77 184.69
N LEU J 624 79.20 20.05 184.32
CA LEU J 624 79.32 18.75 183.73
C LEU J 624 80.12 18.70 182.41
N LEU J 625 80.24 19.83 181.67
CA LEU J 625 81.23 19.98 180.62
C LEU J 625 82.67 19.93 181.13
N LEU J 626 82.95 20.37 182.38
CA LEU J 626 84.27 20.21 183.00
C LEU J 626 84.64 18.78 183.31
N SER J 627 83.68 17.86 183.59
CA SER J 627 84.01 16.43 183.69
C SER J 627 84.42 15.89 182.34
N GLU J 628 83.62 16.15 181.29
CA GLU J 628 83.94 15.82 179.91
C GLU J 628 85.26 16.46 179.45
N HIS J 629 85.53 17.73 179.80
CA HIS J 629 86.78 18.42 179.51
C HIS J 629 88.00 17.84 180.24
N ALA J 630 87.88 17.43 181.51
CA ALA J 630 88.97 16.76 182.20
C ALA J 630 89.19 15.33 181.69
N GLU J 631 88.13 14.62 181.23
CA GLU J 631 88.24 13.36 180.49
C GLU J 631 88.94 13.51 179.13
N LYS J 632 88.57 14.52 178.30
CA LYS J 632 89.20 14.71 176.99
C LYS J 632 90.69 15.03 177.13
N LEU J 633 91.04 15.79 178.18
CA LEU J 633 92.40 16.14 178.48
C LEU J 633 93.03 15.13 179.42
N SER J 634 92.40 13.98 179.67
CA SER J 634 93.11 12.81 180.18
C SER J 634 93.26 11.75 179.10
N ALA J 635 92.59 11.90 177.95
CA ALA J 635 92.86 11.13 176.76
C ALA J 635 94.01 11.73 175.96
N ALA J 636 94.14 13.07 176.00
CA ALA J 636 95.25 13.78 175.39
C ALA J 636 96.62 13.41 175.97
N ILE J 637 96.67 13.25 177.30
CA ILE J 637 97.84 12.86 178.06
C ILE J 637 98.33 11.48 177.72
N VAL J 638 97.44 10.48 177.61
CA VAL J 638 97.80 9.12 177.27
C VAL J 638 98.25 9.02 175.83
N LEU J 639 97.73 9.88 174.95
CA LEU J 639 98.17 9.94 173.57
C LEU J 639 99.60 10.46 173.41
N LYS J 640 100.01 11.48 174.18
CA LYS J 640 101.39 11.98 174.12
C LYS J 640 102.31 11.28 175.09
N ASN J 641 101.78 10.35 175.90
CA ASN J 641 102.57 9.37 176.63
C ASN J 641 102.84 8.15 175.73
N HIS J 642 101.89 7.79 174.84
CA HIS J 642 102.07 6.76 173.83
C HIS J 642 103.14 7.15 172.82
N HIS J 643 103.19 8.43 172.44
CA HIS J 643 104.26 8.97 171.62
C HIS J 643 105.35 9.64 172.43
N ALA J 644 106.40 8.89 172.80
CA ALA J 644 107.53 9.44 173.52
C ALA J 644 108.80 9.30 172.71
N LYS J 645 109.36 10.42 172.25
CA LYS J 645 110.60 10.42 171.49
C LYS J 645 111.39 11.65 171.90
N LEU J 646 112.71 11.66 171.66
CA LEU J 646 113.59 12.72 172.09
C LEU J 646 113.17 14.14 171.68
N PRO J 647 112.74 14.52 170.47
CA PRO J 647 112.25 15.88 170.20
C PRO J 647 111.10 16.32 171.09
N VAL J 648 110.07 15.48 171.31
CA VAL J 648 108.92 15.87 172.11
C VAL J 648 109.25 15.98 173.59
N LEU J 649 110.08 15.06 174.12
CA LEU J 649 110.55 15.11 175.49
C LEU J 649 111.50 16.29 175.76
N VAL J 650 112.22 16.78 174.74
CA VAL J 650 112.97 18.02 174.86
C VAL J 650 112.07 19.24 174.90
N ASN J 651 111.07 19.31 174.00
CA ASN J 651 110.08 20.37 173.96
C ASN J 651 109.26 20.43 175.24
N SER J 652 108.93 19.26 175.83
CA SER J 652 108.39 19.19 177.18
C SER J 652 109.26 19.73 178.29
N ALA J 653 110.53 19.32 178.41
CA ALA J 653 111.44 19.79 179.43
C ALA J 653 111.64 21.30 179.42
N ILE J 654 111.67 21.91 178.22
CA ILE J 654 111.66 23.37 178.07
C ILE J 654 110.40 24.02 178.58
N GLN J 655 109.20 23.49 178.26
CA GLN J 655 107.91 23.98 178.71
C GLN J 655 107.77 23.97 180.22
N LEU J 656 108.11 22.85 180.86
CA LEU J 656 108.00 22.64 182.30
C LEU J 656 108.91 23.55 183.10
N ALA J 657 110.14 23.77 182.60
CA ALA J 657 111.11 24.69 183.17
C ALA J 657 110.77 26.17 182.98
N LEU J 658 109.97 26.52 181.96
CA LEU J 658 109.42 27.85 181.80
C LEU J 658 108.29 28.15 182.78
N ASP J 659 107.35 27.22 182.99
CA ASP J 659 106.28 27.38 183.95
C ASP J 659 106.79 27.48 185.40
N LYS J 660 107.77 26.61 185.80
CA LYS J 660 108.39 26.68 187.10
C LYS J 660 109.66 25.84 187.16
N ARG J 661 110.40 25.86 188.29
CA ARG J 661 111.50 24.93 188.47
C ARG J 661 111.05 23.52 188.83
N MET J 662 111.92 22.53 188.55
CA MET J 662 111.65 21.15 188.85
C MET J 662 112.54 20.69 189.97
N CYS J 663 112.01 19.79 190.84
CA CYS J 663 112.81 19.10 191.82
C CYS J 663 113.83 18.18 191.15
N THR J 664 115.09 18.22 191.59
CA THR J 664 116.18 17.47 190.98
C THR J 664 116.56 16.25 191.81
N VAL J 665 115.62 15.78 192.66
CA VAL J 665 115.74 14.52 193.37
C VAL J 665 115.21 13.43 192.45
N PRO J 666 116.06 12.83 191.62
CA PRO J 666 115.70 12.22 190.34
C PRO J 666 114.44 12.73 189.66
N GLN J 667 113.34 11.94 189.72
CA GLN J 667 111.97 12.34 189.43
C GLN J 667 111.77 13.21 188.22
N ASN J 668 112.37 12.83 187.08
CA ASN J 668 112.46 13.69 185.93
C ASN J 668 111.85 13.10 184.66
N LEU J 669 110.52 13.10 184.60
CA LEU J 669 109.80 13.00 183.34
C LEU J 669 109.79 14.25 182.42
N THR J 670 109.97 15.53 182.83
CA THR J 670 110.25 16.08 184.16
C THR J 670 109.15 15.89 185.19
N ALA J 671 107.88 16.00 184.84
CA ALA J 671 106.81 15.40 185.63
C ALA J 671 105.63 15.35 184.72
N ALA J 672 104.48 14.75 185.12
CA ALA J 672 103.34 14.80 184.24
C ALA J 672 101.99 14.96 184.89
N ASP J 673 101.77 14.46 186.11
CA ASP J 673 100.49 14.52 186.82
C ASP J 673 99.88 15.92 186.94
N VAL J 674 100.72 16.96 187.01
CA VAL J 674 100.25 18.34 187.07
C VAL J 674 100.17 19.00 185.71
N TYR J 675 100.74 18.37 184.67
CA TYR J 675 100.79 18.87 183.30
C TYR J 675 99.78 18.10 182.49
N PHE J 676 98.84 17.46 183.17
CA PHE J 676 97.71 16.74 182.61
C PHE J 676 96.45 17.47 182.95
N ARG J 677 96.34 17.90 184.22
CA ARG J 677 95.37 18.92 184.63
C ARG J 677 95.59 20.19 183.81
N GLU J 678 96.86 20.48 183.45
CA GLU J 678 97.20 21.52 182.51
C GLU J 678 98.10 21.05 181.35
N VAL J 679 97.61 20.11 180.51
CA VAL J 679 98.31 19.69 179.28
C VAL J 679 98.16 20.69 178.15
N SER J 680 97.18 21.60 178.24
CA SER J 680 96.90 22.63 177.25
C SER J 680 98.05 23.58 177.02
N GLN J 681 98.88 23.77 178.07
CA GLN J 681 100.06 24.58 178.04
C GLN J 681 101.22 23.91 177.31
N MET J 682 101.22 22.56 177.22
CA MET J 682 102.32 21.82 176.62
C MET J 682 102.10 21.67 175.12
N GLU J 683 101.16 22.43 174.60
CA GLU J 683 100.87 22.52 173.21
C GLU J 683 101.17 23.89 172.66
N ILE J 684 101.09 24.95 173.49
CA ILE J 684 101.44 26.31 173.08
C ILE J 684 102.94 26.48 173.18
N ILE J 685 103.65 25.55 173.87
CA ILE J 685 105.09 25.63 174.01
C ILE J 685 105.82 24.60 173.16
N PHE J 686 105.17 23.50 172.70
CA PHE J 686 105.86 22.54 171.84
C PHE J 686 105.68 22.99 170.40
N GLU J 687 105.04 24.17 170.27
CA GLU J 687 104.97 25.01 169.08
C GLU J 687 106.06 26.09 169.11
N CYS J 688 106.27 26.78 170.26
CA CYS J 688 107.38 27.72 170.42
C CYS J 688 108.75 27.06 170.38
N LEU J 689 108.78 25.73 170.55
CA LEU J 689 109.97 24.93 170.42
C LEU J 689 110.03 24.25 169.08
N VAL J 690 109.00 24.39 168.23
CA VAL J 690 109.11 24.03 166.83
C VAL J 690 109.57 25.25 166.07
N ASP J 691 109.29 26.47 166.56
CA ASP J 691 109.72 27.74 165.99
C ASP J 691 111.16 28.10 166.29
N LYS J 692 111.67 27.77 167.49
CA LYS J 692 113.08 27.97 167.78
C LYS J 692 113.94 26.84 167.28
N GLU J 693 113.36 25.64 167.11
CA GLU J 693 113.92 24.66 166.23
C GLU J 693 113.85 25.16 164.82
N GLU J 694 112.72 25.72 164.28
CA GLU J 694 112.61 26.34 162.96
C GLU J 694 113.59 27.45 162.62
N ALA J 695 113.99 28.31 163.58
CA ALA J 695 115.01 29.32 163.37
C ALA J 695 116.37 28.74 162.99
N ASP J 696 116.67 27.53 163.52
CA ASP J 696 117.85 26.76 163.23
C ASP J 696 117.56 25.63 162.19
N LEU J 697 116.34 25.59 161.58
CA LEU J 697 115.98 24.62 160.52
C LEU J 697 116.71 24.89 159.23
N GLU J 698 117.24 26.13 159.06
CA GLU J 698 117.97 26.62 157.89
C GLU J 698 117.22 26.40 156.58
N SER J 699 115.88 26.47 156.64
CA SER J 699 114.97 26.21 155.52
C SER J 699 114.70 27.45 154.72
N THR J 700 115.79 28.14 154.35
CA THR J 700 115.84 29.35 153.54
C THR J 700 115.30 29.14 152.13
N SER J 701 115.59 27.96 151.55
CA SER J 701 115.08 27.54 150.25
C SER J 701 115.16 26.04 150.29
N ILE J 702 115.19 25.39 149.13
CA ILE J 702 115.22 23.95 148.89
C ILE J 702 116.30 23.09 149.58
N ASP J 703 117.31 23.68 150.25
CA ASP J 703 118.42 22.95 150.85
C ASP J 703 118.03 22.04 152.01
N SER J 704 117.30 22.60 152.98
CA SER J 704 116.80 21.92 154.16
C SER J 704 115.74 20.87 153.85
N VAL J 705 115.87 19.66 154.44
CA VAL J 705 114.92 18.58 154.20
C VAL J 705 114.51 17.94 155.51
N GLU J 706 115.49 17.47 156.31
CA GLU J 706 115.34 16.80 157.58
C GLU J 706 114.64 17.70 158.58
N TRP J 707 114.91 18.99 158.43
CA TRP J 707 114.36 20.02 159.24
C TRP J 707 112.91 20.38 158.89
N ALA J 708 112.44 20.08 157.66
CA ALA J 708 111.02 20.17 157.33
C ALA J 708 110.30 18.84 157.62
N ASN J 709 111.04 17.83 158.09
CA ASN J 709 110.44 16.58 158.54
C ASN J 709 110.15 16.62 160.03
N ILE J 710 110.89 17.43 160.81
CA ILE J 710 110.65 17.57 162.25
C ILE J 710 109.48 18.50 162.55
N VAL J 711 109.22 19.48 161.66
CA VAL J 711 108.08 20.38 161.79
C VAL J 711 106.77 19.64 161.53
N VAL J 712 106.83 18.59 160.70
CA VAL J 712 105.70 17.72 160.40
C VAL J 712 105.44 16.69 161.50
N ASN J 713 106.49 16.13 162.13
CA ASN J 713 106.37 15.23 163.27
C ASN J 713 105.63 15.83 164.47
N VAL J 714 105.83 17.13 164.74
CA VAL J 714 105.02 17.84 165.73
C VAL J 714 103.57 18.06 165.27
N ASN J 715 103.38 18.43 163.98
CA ASN J 715 102.06 18.59 163.36
C ASN J 715 101.21 17.32 163.42
N THR J 716 101.81 16.14 163.23
CA THR J 716 101.12 14.86 163.39
C THR J 716 100.66 14.59 164.81
N ILE J 717 101.48 14.85 165.84
CA ILE J 717 101.14 14.64 167.25
C ILE J 717 100.11 15.61 167.82
N LEU J 718 100.21 16.92 167.51
CA LEU J 718 99.18 17.86 167.95
C LEU J 718 97.85 17.53 167.28
N LYS J 719 97.91 17.04 166.03
CA LYS J 719 96.75 16.57 165.32
C LYS J 719 96.07 15.34 165.88
N ASP J 720 96.80 14.23 166.14
CA ASP J 720 96.17 13.03 166.66
C ASP J 720 95.74 13.17 168.11
N MET J 721 96.40 14.05 168.88
CA MET J 721 95.86 14.57 170.12
C MET J 721 94.53 15.30 170.00
N LEU J 722 94.27 16.06 168.94
CA LEU J 722 92.94 16.60 168.74
C LEU J 722 91.96 15.53 168.23
N HIS J 723 92.42 14.50 167.49
CA HIS J 723 91.62 13.32 167.13
C HIS J 723 91.11 12.56 168.35
N VAL J 724 91.93 12.40 169.38
CA VAL J 724 91.60 11.73 170.63
C VAL J 724 90.61 12.49 171.48
N ALA J 725 90.63 13.84 171.48
CA ALA J 725 89.64 14.59 172.21
C ALA J 725 88.27 14.47 171.55
N CYS J 726 88.24 14.36 170.21
CA CYS J 726 87.03 14.16 169.42
C CYS J 726 86.36 12.82 169.62
N GLN J 727 87.12 11.71 169.58
CA GLN J 727 86.54 10.39 169.72
C GLN J 727 86.12 10.07 171.14
N TYR J 728 86.64 10.83 172.12
CA TYR J 728 86.23 10.70 173.50
C TYR J 728 85.00 11.56 173.77
N ARG J 729 84.56 12.34 172.76
CA ARG J 729 83.30 13.04 172.76
C ARG J 729 82.29 12.38 171.85
N GLN J 730 82.69 11.27 171.22
CA GLN J 730 81.78 10.35 170.56
C GLN J 730 81.38 9.25 171.52
N SER J 731 82.26 8.89 172.46
CA SER J 731 81.96 7.96 173.55
C SER J 731 81.24 8.64 174.70
N LYS J 732 80.11 9.30 174.39
CA LYS J 732 79.19 9.86 175.35
C LYS J 732 78.47 8.82 176.22
N ASN J 733 77.63 9.28 177.18
CA ASN J 733 76.84 8.42 178.04
C ASN J 733 75.38 8.88 178.06
N SER J 734 75.12 10.15 177.70
CA SER J 734 73.78 10.72 177.58
C SER J 734 72.95 10.02 176.52
N LEU J 735 71.66 9.74 176.82
CA LEU J 735 70.79 9.06 175.91
C LEU J 735 70.05 10.07 175.04
N TYR J 736 70.35 11.38 175.21
CA TYR J 736 69.82 12.43 174.36
C TYR J 736 70.97 13.12 173.60
N LYS J 737 72.14 13.27 174.24
CA LYS J 737 73.28 13.93 173.62
C LYS J 737 74.13 12.92 172.91
N ASN J 738 73.95 12.79 171.58
CA ASN J 738 74.64 11.83 170.75
C ASN J 738 74.21 10.41 171.09
N GLU J 739 72.98 10.01 170.71
CA GLU J 739 72.40 8.69 171.00
C GLU J 739 73.27 7.52 170.51
N SER J 740 73.93 7.66 169.36
CA SER J 740 74.94 6.73 168.86
C SER J 740 76.11 6.55 169.82
N GLY J 741 76.55 5.31 170.09
CA GLY J 741 77.56 5.04 171.13
C GLY J 741 76.93 4.72 172.46
N ILE J 742 75.59 4.72 172.53
CA ILE J 742 74.83 4.49 173.76
C ILE J 742 74.07 3.17 173.63
N GLN J 743 72.72 3.21 173.71
CA GLN J 743 71.86 2.05 173.55
C GLN J 743 71.37 1.99 172.11
N GLU J 744 71.89 2.92 171.27
CA GLU J 744 71.53 3.09 169.88
C GLU J 744 72.77 2.83 169.02
N PRO J 745 72.64 2.47 167.73
CA PRO J 745 73.75 2.07 166.87
C PRO J 745 74.93 3.03 166.81
N GLU J 746 76.16 2.55 167.08
CA GLU J 746 77.37 3.36 167.04
C GLU J 746 78.06 3.34 165.68
N HIS J 747 77.36 2.83 164.66
CA HIS J 747 77.83 2.72 163.28
C HIS J 747 77.83 4.05 162.56
N VAL J 748 77.19 5.07 163.15
CA VAL J 748 77.09 6.41 162.61
C VAL J 748 77.48 7.37 163.71
N PRO J 749 78.68 7.92 163.82
CA PRO J 749 79.01 8.82 164.91
C PRO J 749 78.35 10.17 164.73
N TRP J 750 78.08 10.88 165.84
CA TRP J 750 77.58 12.25 165.79
C TRP J 750 78.71 13.20 165.54
N THR J 751 78.38 14.49 165.22
CA THR J 751 79.31 15.61 165.01
C THR J 751 80.70 15.40 165.60
N ALA J 752 81.76 15.38 164.77
CA ALA J 752 83.07 14.90 165.20
C ALA J 752 83.86 15.92 165.98
N SER J 753 83.17 16.99 166.40
CA SER J 753 83.62 18.02 167.30
C SER J 753 83.91 17.48 168.68
N SER J 754 84.90 18.09 169.36
CA SER J 754 85.13 17.75 170.75
C SER J 754 84.23 18.54 171.69
N GLY J 755 83.37 19.45 171.18
CA GLY J 755 82.56 20.35 172.01
C GLY J 755 83.41 21.24 172.88
N THR J 756 84.61 21.55 172.37
CA THR J 756 85.55 22.50 172.95
C THR J 756 84.98 23.89 172.77
N ALA J 757 85.30 24.79 173.69
CA ALA J 757 84.67 26.09 173.79
C ALA J 757 85.45 27.21 173.06
N GLY J 758 86.54 26.84 172.37
CA GLY J 758 87.39 27.72 171.58
C GLY J 758 88.30 28.61 172.39
N ILE J 759 89.31 27.99 173.03
CA ILE J 759 90.33 28.61 173.86
C ILE J 759 91.13 29.66 173.11
N ARG J 760 91.51 30.77 173.73
CA ARG J 760 92.16 31.84 172.99
C ARG J 760 93.68 31.71 172.96
N SER J 761 94.20 30.58 173.48
CA SER J 761 95.61 30.23 173.36
C SER J 761 95.76 28.90 172.61
N VAL J 762 94.86 27.93 172.83
CA VAL J 762 94.76 26.70 172.05
C VAL J 762 94.39 27.00 170.59
N VAL J 763 93.43 27.89 170.33
CA VAL J 763 93.11 28.31 168.97
C VAL J 763 94.25 29.10 168.30
N THR J 764 94.92 30.00 169.03
CA THR J 764 96.05 30.77 168.50
C THR J 764 97.23 29.91 168.07
N ARG J 765 97.58 28.85 168.82
CA ARG J 765 98.62 27.93 168.38
C ARG J 765 98.22 27.08 167.16
N GLN J 766 96.92 26.91 166.88
CA GLN J 766 96.46 26.25 165.66
C GLN J 766 96.51 27.17 164.45
N HIS J 767 96.13 28.46 164.62
CA HIS J 767 96.26 29.46 163.57
C HIS J 767 97.71 29.93 163.41
N GLY J 768 98.61 29.55 164.33
CA GLY J 768 100.06 29.72 164.13
C GLY J 768 100.63 28.66 163.25
N ILE J 769 100.29 27.38 163.50
CA ILE J 769 100.85 26.27 162.75
C ILE J 769 100.24 26.08 161.39
N ILE J 770 99.06 26.65 161.11
CA ILE J 770 98.61 26.82 159.74
C ILE J 770 99.50 27.74 158.94
N LEU J 771 100.05 28.81 159.56
CA LEU J 771 100.79 29.81 158.81
C LEU J 771 102.21 29.33 158.67
N LYS J 772 102.52 28.17 159.27
CA LYS J 772 103.57 27.30 158.79
C LYS J 772 103.09 26.46 157.61
N VAL J 773 102.43 27.14 156.65
CA VAL J 773 102.18 26.75 155.27
C VAL J 773 103.27 27.40 154.44
N TYR J 774 104.13 28.21 155.10
CA TYR J 774 105.42 28.67 154.59
C TYR J 774 106.34 27.50 154.16
N PRO J 775 106.47 26.33 154.82
CA PRO J 775 107.16 25.17 154.29
C PRO J 775 106.67 24.63 152.96
N GLN J 776 105.35 24.66 152.63
CA GLN J 776 104.87 24.03 151.41
C GLN J 776 105.28 24.78 150.16
N ALA J 777 105.80 26.01 150.34
CA ALA J 777 106.51 26.75 149.33
C ALA J 777 107.80 26.07 148.83
N ASP J 778 108.56 25.42 149.74
CA ASP J 778 109.82 24.75 149.45
C ASP J 778 109.82 23.34 150.05
N SER J 779 109.35 22.33 149.30
CA SER J 779 109.16 20.99 149.83
C SER J 779 108.82 20.03 148.70
N GLY J 780 109.25 18.75 148.81
CA GLY J 780 108.89 17.73 147.82
C GLY J 780 107.41 17.45 147.74
N LEU J 781 106.89 17.11 146.53
CA LEU J 781 105.46 17.08 146.24
C LEU J 781 104.60 16.23 147.17
N ARG J 782 105.00 14.99 147.51
CA ARG J 782 104.19 14.19 148.41
C ARG J 782 104.14 14.74 149.83
N THR J 783 105.25 15.33 150.31
CA THR J 783 105.35 15.93 151.63
C THR J 783 104.41 17.11 151.81
N ILE J 784 104.29 18.00 150.80
CA ILE J 784 103.37 19.14 150.85
C ILE J 784 101.91 18.73 150.93
N LEU J 785 101.55 17.53 150.45
CA LEU J 785 100.20 17.00 150.55
C LEU J 785 99.87 16.41 151.91
N ILE J 786 100.80 15.69 152.56
CA ILE J 786 100.55 15.07 153.86
C ILE J 786 100.40 16.10 154.97
N GLU J 787 101.16 17.21 154.93
CA GLU J 787 100.99 18.31 155.84
C GLU J 787 99.76 19.13 155.52
N GLN J 788 99.32 19.16 154.25
CA GLN J 788 98.08 19.79 153.83
C GLN J 788 96.84 19.02 154.25
N LEU J 789 96.82 17.68 154.09
CA LEU J 789 95.81 16.81 154.67
C LEU J 789 95.83 16.91 156.19
N ALA J 790 97.01 17.02 156.81
CA ALA J 790 97.13 17.30 158.24
C ALA J 790 96.56 18.63 158.73
N ALA J 791 96.87 19.76 158.07
CA ALA J 791 96.35 21.06 158.45
C ALA J 791 94.87 21.19 158.14
N LEU J 792 94.39 20.47 157.10
CA LEU J 792 92.98 20.25 156.90
C LEU J 792 92.34 19.45 158.03
N LEU J 793 92.91 18.30 158.44
CA LEU J 793 92.42 17.51 159.58
C LEU J 793 92.32 18.32 160.88
N ASN J 794 93.30 19.20 161.19
CA ASN J 794 93.21 20.10 162.34
C ASN J 794 92.14 21.18 162.27
N TYR J 795 92.01 21.87 161.13
CA TYR J 795 91.06 22.97 160.98
C TYR J 795 89.62 22.53 161.00
N LEU J 796 89.41 21.24 160.71
CA LEU J 796 88.12 20.61 160.71
C LEU J 796 87.76 20.12 162.10
N LEU J 797 88.58 20.44 163.11
CA LEU J 797 88.26 20.28 164.51
C LEU J 797 87.97 21.66 165.10
N ASP J 798 88.72 22.71 164.70
CA ASP J 798 88.45 24.09 165.10
C ASP J 798 87.10 24.62 164.61
N ASP J 799 86.74 24.42 163.34
CA ASP J 799 85.45 24.85 162.79
C ASP J 799 84.29 24.03 163.37
N TYR J 800 84.60 22.84 163.90
CA TYR J 800 83.63 21.98 164.52
C TYR J 800 83.32 22.39 165.94
N VAL J 801 84.30 22.90 166.70
CA VAL J 801 84.08 23.36 168.06
C VAL J 801 83.40 24.72 168.13
N THR J 802 83.62 25.59 167.13
CA THR J 802 82.88 26.84 166.98
C THR J 802 81.43 26.61 166.59
N GLN J 803 81.17 25.63 165.71
CA GLN J 803 79.82 25.20 165.38
C GLN J 803 79.03 24.63 166.55
N LEU J 804 79.65 23.77 167.38
CA LEU J 804 79.01 23.21 168.56
C LEU J 804 78.70 24.28 169.60
N LYS J 805 79.62 25.22 169.86
CA LYS J 805 79.36 26.33 170.74
C LYS J 805 78.29 27.31 170.28
N SER J 806 78.22 27.62 168.97
CA SER J 806 77.18 28.49 168.42
C SER J 806 75.79 27.90 168.48
N ILE J 807 75.66 26.58 168.27
CA ILE J 807 74.42 25.83 168.41
C ILE J 807 73.79 25.95 169.79
N ASP J 808 74.61 25.97 170.86
CA ASP J 808 74.17 26.07 172.25
C ASP J 808 73.63 27.44 172.67
N LYS J 809 73.87 28.51 171.88
CA LYS J 809 73.39 29.83 172.22
C LYS J 809 71.87 30.00 172.20
N LEU J 810 71.30 30.62 173.25
CA LEU J 810 69.89 30.90 173.31
C LEU J 810 69.52 32.18 172.56
N ALA J 811 68.22 32.39 172.28
CA ALA J 811 67.71 33.50 171.50
C ALA J 811 67.98 34.90 172.03
N ASN J 812 67.90 35.11 173.36
CA ASN J 812 68.27 36.40 173.93
C ASN J 812 69.77 36.48 174.14
N GLU J 813 70.30 37.72 174.09
CA GLU J 813 71.72 38.02 174.01
C GLU J 813 72.27 37.76 172.61
N GLU J 814 71.37 37.68 171.60
CA GLU J 814 71.67 37.37 170.21
C GLU J 814 72.72 38.24 169.58
N ARG J 815 72.84 39.52 170.00
CA ARG J 815 73.90 40.39 169.56
C ARG J 815 75.30 39.81 169.76
N TYR J 816 75.56 39.11 170.87
CA TYR J 816 76.81 38.40 171.05
C TYR J 816 76.91 37.15 170.19
N ASN J 817 75.78 36.48 169.90
CA ASN J 817 75.74 35.30 169.05
C ASN J 817 76.00 35.63 167.57
N ILE J 818 75.52 36.77 167.06
CA ILE J 818 75.72 37.14 165.66
C ILE J 818 77.09 37.74 165.42
N LEU J 819 77.75 38.26 166.47
CA LEU J 819 79.12 38.73 166.39
C LEU J 819 80.14 37.59 166.45
N GLU J 820 79.84 36.51 167.22
CA GLU J 820 80.65 35.29 167.18
C GLU J 820 80.53 34.57 165.83
N MET J 821 79.37 34.66 165.14
CA MET J 821 79.21 34.14 163.78
C MET J 821 80.10 34.81 162.75
N GLU J 822 80.13 36.16 162.72
CA GLU J 822 81.02 36.91 161.86
C GLU J 822 82.48 36.59 162.12
N TYR J 823 82.86 36.37 163.39
CA TYR J 823 84.21 35.95 163.73
C TYR J 823 84.61 34.57 163.20
N ALA J 824 83.72 33.55 163.27
CA ALA J 824 83.97 32.27 162.63
C ALA J 824 83.90 32.33 161.10
N GLN J 825 82.97 33.12 160.54
CA GLN J 825 82.83 33.30 159.11
C GLN J 825 83.98 34.05 158.46
N LYS J 826 84.68 34.93 159.20
CA LYS J 826 85.89 35.56 158.72
C LYS J 826 87.11 34.70 159.00
N ARG J 827 86.92 33.47 159.51
CA ARG J 827 88.01 32.55 159.70
C ARG J 827 87.86 31.36 158.81
N SER J 828 86.65 30.86 158.56
CA SER J 828 86.44 29.99 157.42
C SER J 828 86.84 30.71 156.14
N GLU J 829 86.50 32.01 155.99
CA GLU J 829 87.10 32.90 154.99
C GLU J 829 88.60 33.21 155.09
N LEU J 830 89.35 32.81 156.14
CA LEU J 830 90.82 32.93 156.12
C LEU J 830 91.47 31.59 155.97
N LEU J 831 90.70 30.52 156.22
CA LEU J 831 91.12 29.16 155.99
C LEU J 831 90.96 28.83 154.51
N SER J 832 90.07 29.57 153.80
CA SER J 832 89.87 29.47 152.37
C SER J 832 90.95 30.12 151.54
N PRO J 833 91.43 31.38 151.57
CA PRO J 833 92.55 31.85 150.78
C PRO J 833 93.82 31.04 150.93
N LEU J 834 94.04 30.48 152.12
CA LEU J 834 95.08 29.51 152.42
C LEU J 834 94.98 28.23 151.60
N LEU J 835 93.75 27.72 151.37
CA LEU J 835 93.54 26.55 150.52
C LEU J 835 93.15 26.91 149.08
N ILE J 836 93.13 28.20 148.68
CA ILE J 836 92.99 28.64 147.29
C ILE J 836 94.28 28.36 146.48
N LEU J 837 95.45 28.37 147.14
CA LEU J 837 96.67 27.87 146.52
C LEU J 837 96.82 26.36 146.63
N GLY J 838 96.24 25.75 147.68
CA GLY J 838 96.26 24.32 147.91
C GLY J 838 95.38 23.51 146.98
N GLN J 839 95.35 22.18 147.20
CA GLN J 839 94.53 21.27 146.42
C GLN J 839 93.03 21.38 146.67
N TYR J 840 92.23 21.46 145.59
CA TYR J 840 90.80 21.67 145.72
C TYR J 840 90.06 20.35 145.85
N ALA J 841 90.79 19.23 145.84
CA ALA J 841 90.31 17.93 146.22
C ALA J 841 89.98 17.85 147.71
N TRP J 842 90.54 18.79 148.49
CA TRP J 842 90.27 18.94 149.90
C TRP J 842 89.23 20.01 150.17
N ALA J 843 88.92 20.86 149.17
CA ALA J 843 87.90 21.89 149.25
C ALA J 843 86.51 21.31 149.39
N SER J 844 86.24 20.20 148.68
CA SER J 844 84.99 19.46 148.79
C SER J 844 84.77 18.95 150.21
N ASN J 845 85.82 18.38 150.82
CA ASN J 845 85.80 18.07 152.23
C ASN J 845 85.70 19.30 153.10
N LEU J 846 86.52 20.36 153.05
CA LEU J 846 86.39 21.54 153.92
C LEU J 846 85.01 22.20 153.88
N ALA J 847 84.42 22.34 152.69
CA ALA J 847 83.08 22.82 152.47
C ALA J 847 82.00 22.01 153.17
N GLU J 848 82.14 20.67 153.20
CA GLU J 848 81.23 19.77 153.91
C GLU J 848 81.49 19.72 155.40
N LYS J 849 82.67 20.15 155.85
CA LYS J 849 83.05 20.01 157.23
C LYS J 849 82.45 21.14 158.05
N TYR J 850 82.70 22.40 157.67
CA TYR J 850 81.80 23.48 158.07
C TYR J 850 80.71 23.56 157.02
N CYS J 851 79.78 22.56 157.05
CA CYS J 851 78.77 22.22 156.04
C CYS J 851 77.80 23.30 155.62
N ASP J 852 78.38 24.32 155.02
CA ASP J 852 77.82 25.35 154.23
C ASP J 852 79.06 25.87 153.54
N PHE J 853 79.65 26.96 154.10
CA PHE J 853 80.84 27.66 153.66
C PHE J 853 80.98 27.72 152.14
N ASP J 854 79.89 28.16 151.54
CA ASP J 854 79.58 28.04 150.15
C ASP J 854 80.47 28.93 149.29
N ILE J 855 80.70 30.18 149.74
CA ILE J 855 81.51 31.20 149.10
C ILE J 855 82.93 30.76 148.69
N LEU J 856 83.55 29.78 149.38
CA LEU J 856 84.78 29.11 148.95
C LEU J 856 84.54 28.11 147.86
N VAL J 857 83.63 27.13 148.10
CA VAL J 857 83.46 25.99 147.20
C VAL J 857 82.91 26.44 145.87
N GLN J 858 81.96 27.38 145.90
CA GLN J 858 81.42 28.08 144.76
C GLN J 858 82.43 28.91 143.95
N ILE J 859 83.53 29.42 144.56
CA ILE J 859 84.55 30.11 143.77
C ILE J 859 85.63 29.16 143.28
N CYS J 860 85.73 27.96 143.89
CA CYS J 860 86.57 26.86 143.43
C CYS J 860 85.98 26.19 142.20
N GLU J 861 84.63 26.03 142.16
CA GLU J 861 83.87 25.51 141.03
C GLU J 861 83.83 26.48 139.86
N MET J 862 84.24 27.74 140.11
CA MET J 862 84.24 28.78 139.11
C MET J 862 85.59 29.08 138.53
N THR J 863 86.67 28.73 139.24
CA THR J 863 88.02 28.92 138.73
C THR J 863 88.40 27.79 137.83
N ASP J 864 87.71 26.65 137.97
CA ASP J 864 87.92 25.51 137.14
C ASP J 864 86.86 25.40 136.06
N ASN J 865 86.84 24.23 135.42
CA ASN J 865 85.98 23.88 134.34
C ASN J 865 84.95 22.90 134.87
N GLN J 866 84.60 22.95 136.16
CA GLN J 866 83.68 22.03 136.75
C GLN J 866 82.37 22.65 137.15
N SER J 867 81.54 22.96 136.17
CA SER J 867 80.20 23.34 136.58
C SER J 867 79.34 22.09 136.73
N ARG J 868 79.86 20.90 136.55
CA ARG J 868 79.41 19.62 137.03
C ARG J 868 79.50 19.55 138.54
N LEU J 869 80.55 20.16 139.13
CA LEU J 869 80.58 20.41 140.57
C LEU J 869 79.56 21.44 141.06
N GLN J 870 79.36 22.62 140.44
CA GLN J 870 78.34 23.56 140.93
C GLN J 870 76.90 23.08 140.73
N ARG J 871 76.67 22.16 139.76
CA ARG J 871 75.45 21.38 139.62
C ARG J 871 75.29 20.34 140.71
N TYR J 872 76.39 19.64 141.08
CA TYR J 872 76.41 18.68 142.17
C TYR J 872 76.28 19.35 143.53
N MET J 873 76.83 20.57 143.69
CA MET J 873 76.60 21.43 144.82
C MET J 873 75.16 21.88 144.95
N THR J 874 74.50 22.32 143.86
CA THR J 874 73.09 22.71 143.92
C THR J 874 72.14 21.54 143.98
N LEU J 875 72.55 20.35 143.51
CA LEU J 875 71.79 19.11 143.63
C LEU J 875 71.57 18.66 145.06
N PHE J 876 72.63 18.73 145.86
CA PHE J 876 72.58 18.34 147.26
C PHE J 876 72.46 19.54 148.17
N ALA J 877 71.46 20.37 147.93
CA ALA J 877 71.23 21.58 148.74
C ALA J 877 69.80 22.06 148.61
N GLU J 878 69.20 22.41 149.75
CA GLU J 878 67.82 22.90 149.76
C GLU J 878 67.70 24.26 149.07
N GLN J 879 66.72 24.38 148.19
CA GLN J 879 66.50 25.61 147.42
C GLN J 879 67.78 26.13 146.77
N ASN J 880 68.49 25.25 146.08
CA ASN J 880 69.73 25.61 145.40
C ASN J 880 69.47 26.56 144.24
N PHE J 881 68.29 26.44 143.63
CA PHE J 881 67.92 27.29 142.51
C PHE J 881 67.72 28.75 142.91
N SER J 882 67.02 29.02 144.04
CA SER J 882 66.78 30.38 144.48
C SER J 882 68.04 30.99 145.05
N ASP J 883 68.95 30.15 145.56
CA ASP J 883 70.29 30.56 145.94
C ASP J 883 71.23 30.82 144.77
N PHE J 884 71.35 29.92 143.77
CA PHE J 884 72.28 30.07 142.66
C PHE J 884 72.01 31.30 141.79
N LEU J 885 70.74 31.65 141.55
CA LEU J 885 70.42 32.90 140.88
C LEU J 885 70.76 34.14 141.68
N PHE J 886 70.47 34.16 142.99
CA PHE J 886 70.83 35.29 143.84
C PHE J 886 72.32 35.35 144.13
N ARG J 887 73.03 34.22 144.07
CA ARG J 887 74.47 34.16 144.12
C ARG J 887 75.12 34.64 142.83
N TRP J 888 74.47 34.43 141.68
CA TRP J 888 74.90 34.97 140.40
C TRP J 888 74.81 36.50 140.32
N TYR J 889 73.67 37.07 140.71
CA TYR J 889 73.44 38.51 140.70
C TYR J 889 74.35 39.31 141.64
N LEU J 890 74.59 38.83 142.88
CA LEU J 890 75.57 39.41 143.79
C LEU J 890 76.98 39.39 143.22
N GLU J 891 77.30 38.29 142.52
CA GLU J 891 78.54 38.10 141.84
C GLU J 891 78.52 38.67 140.42
N LYS J 892 77.82 39.82 140.22
CA LYS J 892 77.80 40.58 138.98
C LYS J 892 79.19 40.94 138.50
N GLY J 893 79.61 40.29 137.40
CA GLY J 893 80.94 40.46 136.83
C GLY J 893 82.03 39.68 137.54
N LYS J 894 81.66 38.87 138.53
CA LYS J 894 82.59 38.12 139.36
C LYS J 894 82.49 36.63 139.05
N ARG J 895 81.28 36.09 138.96
CA ARG J 895 81.02 34.69 138.74
C ARG J 895 79.77 34.62 137.91
N GLY J 896 79.68 33.64 136.99
CA GLY J 896 78.53 33.49 136.11
C GLY J 896 78.69 34.08 134.76
N LYS J 897 79.83 34.68 134.51
CA LYS J 897 80.24 35.12 133.20
C LYS J 897 80.59 33.97 132.27
N LEU J 898 80.24 34.11 130.98
CA LEU J 898 80.60 33.16 129.94
C LEU J 898 81.81 33.65 129.17
N LEU J 899 82.29 34.86 129.51
CA LEU J 899 83.47 35.47 128.93
C LEU J 899 84.69 35.18 129.80
N SER J 900 84.49 34.81 131.07
CA SER J 900 85.56 34.38 131.95
C SER J 900 85.90 32.93 131.74
N GLN J 901 84.84 32.11 131.55
CA GLN J 901 84.98 30.74 131.15
C GLN J 901 85.37 30.66 129.68
N PRO J 902 86.14 29.68 129.21
CA PRO J 902 86.38 29.50 127.80
C PRO J 902 85.19 28.78 127.19
N ALA J 903 84.07 29.52 127.07
CA ALA J 903 82.82 29.07 126.52
C ALA J 903 82.86 28.77 125.02
N SER J 904 83.31 27.58 124.70
CA SER J 904 83.39 27.13 123.32
C SER J 904 82.02 27.02 122.67
N GLN J 905 81.06 26.49 123.43
CA GLN J 905 79.70 26.29 122.94
C GLN J 905 78.61 26.86 123.85
N HIS J 906 77.77 25.96 124.35
CA HIS J 906 76.63 26.28 125.21
C HIS J 906 76.98 26.96 126.53
N GLY J 907 78.11 26.58 127.13
CA GLY J 907 78.50 27.13 128.41
C GLY J 907 78.66 28.64 128.38
N GLN J 908 79.24 29.17 127.31
CA GLN J 908 79.41 30.61 127.18
C GLN J 908 78.04 31.30 127.15
N LEU J 909 77.11 30.70 126.41
CA LEU J 909 75.74 31.20 126.28
C LEU J 909 75.00 31.20 127.61
N ALA J 910 75.28 30.18 128.42
CA ALA J 910 74.62 29.99 129.72
C ALA J 910 74.88 31.14 130.70
N ALA J 911 76.09 31.70 130.68
CA ALA J 911 76.43 32.79 131.58
C ALA J 911 75.53 34.00 131.35
N PHE J 912 75.25 34.31 130.09
CA PHE J 912 74.38 35.44 129.75
C PHE J 912 72.96 35.21 130.28
N LEU J 913 72.50 33.97 130.17
CA LEU J 913 71.18 33.57 130.63
C LEU J 913 70.99 33.75 132.13
N GLN J 914 72.05 33.49 132.89
CA GLN J 914 72.01 33.60 134.34
C GLN J 914 71.66 35.01 134.84
N ALA J 915 72.17 36.03 134.16
CA ALA J 915 71.89 37.39 134.57
C ALA J 915 70.39 37.67 134.47
N LEU J 919 69.03 43.59 129.89
CA LEU J 919 69.57 42.74 128.88
C LEU J 919 68.57 41.62 128.66
N SER J 920 67.43 41.66 129.40
CA SER J 920 66.37 40.68 129.44
C SER J 920 65.91 40.28 128.07
N TRP J 921 65.60 41.26 127.21
CA TRP J 921 65.10 41.03 125.87
C TRP J 921 66.00 40.13 125.03
N LEU J 922 67.33 40.20 125.24
CA LEU J 922 68.28 39.35 124.57
C LEU J 922 68.14 37.88 124.93
N HIS J 923 68.02 37.52 126.23
CA HIS J 923 67.86 36.12 126.56
C HIS J 923 66.45 35.65 126.28
N GLU J 924 65.46 36.57 126.28
CA GLU J 924 64.10 36.32 125.83
C GLU J 924 63.95 36.03 124.33
N LEU J 925 64.64 36.76 123.41
CA LEU J 925 64.69 36.38 122.00
C LEU J 925 65.33 35.00 121.80
N ASN J 926 66.44 34.73 122.53
CA ASN J 926 67.13 33.46 122.54
C ASN J 926 66.28 32.28 123.02
N SER J 927 65.44 32.49 124.05
CA SER J 927 64.58 31.45 124.63
C SER J 927 63.31 31.22 123.85
N GLN J 928 63.05 32.09 122.86
CA GLN J 928 61.92 32.08 121.94
C GLN J 928 60.70 32.73 122.57
N GLU J 929 60.92 33.50 123.64
CA GLU J 929 59.91 34.18 124.42
C GLU J 929 59.64 35.59 123.89
N PHE J 930 59.17 35.67 122.64
CA PHE J 930 58.97 36.91 121.89
C PHE J 930 58.01 37.88 122.53
N GLU J 931 56.87 37.39 123.08
CA GLU J 931 55.91 38.21 123.79
C GLU J 931 56.50 38.89 125.02
N LYS J 932 57.34 38.18 125.78
CA LYS J 932 58.08 38.70 126.91
C LYS J 932 59.11 39.74 126.51
N ALA J 933 59.86 39.48 125.42
CA ALA J 933 60.81 40.43 124.86
C ALA J 933 60.18 41.74 124.45
N HIS J 934 58.99 41.70 123.80
CA HIS J 934 58.20 42.88 123.49
C HIS J 934 57.85 43.74 124.70
N ARG J 935 57.39 43.12 125.82
CA ARG J 935 57.07 43.86 127.02
C ARG J 935 58.26 44.61 127.62
N THR J 936 59.43 43.96 127.74
CA THR J 936 60.64 44.62 128.23
C THR J 936 61.23 45.64 127.27
N LEU J 937 61.24 45.37 125.96
CA LEU J 937 61.68 46.32 124.94
C LEU J 937 60.87 47.60 124.95
N GLN J 938 59.52 47.51 125.07
CA GLN J 938 58.69 48.69 125.28
C GLN J 938 58.95 49.43 126.57
N THR J 939 59.14 48.71 127.70
CA THR J 939 59.48 49.30 128.99
C THR J 939 60.77 50.08 128.97
N LEU J 940 61.83 49.54 128.34
CA LEU J 940 63.08 50.25 128.10
C LEU J 940 62.92 51.46 127.21
N ALA J 941 62.10 51.37 126.14
CA ALA J 941 61.79 52.50 125.28
C ALA J 941 61.12 53.67 126.00
N ASN J 942 60.25 53.39 126.99
CA ASN J 942 59.60 54.41 127.79
C ASN J 942 60.51 55.14 128.77
N MET J 943 61.42 54.42 129.47
CA MET J 943 62.37 55.02 130.39
C MET J 943 63.48 55.77 129.67
N GLU J 944 63.70 55.47 128.38
CA GLU J 944 64.70 56.12 127.56
C GLU J 944 64.47 57.61 127.39
N THR J 945 65.43 58.40 127.88
CA THR J 945 65.40 59.86 127.82
C THR J 945 66.71 60.40 127.31
N ARG J 946 67.81 59.64 127.50
CA ARG J 946 69.15 60.09 127.23
C ARG J 946 69.46 60.20 125.74
N TYR J 947 68.98 59.23 124.94
CA TYR J 947 69.32 59.20 123.52
C TYR J 947 68.10 58.97 122.66
N PHE J 948 67.76 59.94 121.78
CA PHE J 948 66.64 59.83 120.86
C PHE J 948 66.75 58.65 119.90
N CYS J 949 67.95 58.45 119.31
CA CYS J 949 68.21 57.38 118.37
C CYS J 949 67.98 56.00 118.97
N LYS J 950 68.33 55.82 120.26
CA LYS J 950 68.10 54.60 120.99
C LYS J 950 66.63 54.35 121.33
N LYS J 951 65.88 55.39 121.71
CA LYS J 951 64.44 55.28 121.95
C LYS J 951 63.67 54.83 120.72
N LYS J 952 64.05 55.37 119.55
CA LYS J 952 63.54 54.93 118.27
C LYS J 952 63.86 53.47 117.94
N THR J 953 65.12 53.05 118.16
CA THR J 953 65.56 51.66 117.95
C THR J 953 64.85 50.65 118.83
N LEU J 954 64.68 50.94 120.14
CA LEU J 954 64.00 50.04 121.05
C LEU J 954 62.54 49.81 120.71
N LEU J 955 61.81 50.86 120.32
CA LEU J 955 60.45 50.72 119.84
C LEU J 955 60.35 49.89 118.57
N GLY J 956 61.23 50.14 117.58
CA GLY J 956 61.36 49.29 116.39
C GLY J 956 61.55 47.83 116.70
N LEU J 957 62.51 47.51 117.59
CA LEU J 957 62.75 46.17 118.07
C LEU J 957 61.57 45.57 118.81
N SER J 958 60.91 46.34 119.69
CA SER J 958 59.71 45.95 120.42
C SER J 958 58.60 45.55 119.48
N LYS J 959 58.33 46.41 118.47
CA LYS J 959 57.37 46.16 117.44
C LYS J 959 57.66 44.95 116.58
N LEU J 960 58.93 44.77 116.13
CA LEU J 960 59.35 43.56 115.42
C LEU J 960 59.23 42.29 116.27
N ALA J 961 59.56 42.36 117.57
CA ALA J 961 59.34 41.28 118.52
C ALA J 961 57.88 40.88 118.68
N ALA J 962 56.95 41.85 118.82
CA ALA J 962 55.52 41.63 118.86
C ALA J 962 54.90 41.11 117.57
N LEU J 963 55.34 41.62 116.41
CA LEU J 963 54.89 41.15 115.11
C LEU J 963 55.34 39.73 114.83
N ALA J 964 56.51 39.32 115.34
CA ALA J 964 57.02 37.99 115.17
C ALA J 964 56.59 37.04 116.28
N SER J 965 55.84 37.55 117.28
CA SER J 965 55.27 36.74 118.35
C SER J 965 53.92 36.16 118.02
N ASP J 966 53.40 35.34 118.93
CA ASP J 966 52.25 34.51 118.78
C ASP J 966 51.00 35.07 119.44
N PHE J 967 50.92 36.42 119.58
CA PHE J 967 49.71 37.11 119.99
C PHE J 967 48.52 36.79 119.09
N GLN J 968 47.32 36.62 119.68
CA GLN J 968 46.08 36.56 118.92
C GLN J 968 45.86 37.85 118.16
N GLU J 969 45.19 37.81 116.99
CA GLU J 969 45.06 38.96 116.11
C GLU J 969 44.50 40.20 116.83
N ASP J 970 43.51 40.02 117.74
CA ASP J 970 43.03 41.03 118.65
C ASP J 970 44.09 41.67 119.57
N VAL J 971 44.89 40.84 120.29
CA VAL J 971 45.98 41.32 121.13
C VAL J 971 47.04 42.00 120.30
N LEU J 972 47.40 41.43 119.13
CA LEU J 972 48.36 42.01 118.23
C LEU J 972 47.94 43.38 117.73
N GLN J 973 46.67 43.55 117.36
CA GLN J 973 46.07 44.82 117.01
C GLN J 973 46.15 45.85 118.13
N GLU J 974 45.85 45.48 119.40
CA GLU J 974 46.04 46.36 120.54
C GLU J 974 47.49 46.81 120.74
N LYS J 975 48.47 45.86 120.68
CA LYS J 975 49.86 46.20 120.79
C LYS J 975 50.31 47.13 119.68
N VAL J 976 50.01 46.87 118.40
CA VAL J 976 50.41 47.77 117.31
C VAL J 976 49.68 49.12 117.32
N GLU J 977 48.48 49.23 117.91
CA GLU J 977 47.79 50.51 118.08
C GLU J 977 48.38 51.40 119.18
N GLU J 978 48.65 50.84 120.37
CA GLU J 978 49.34 51.53 121.45
C GLU J 978 50.76 51.95 121.04
N ILE J 979 51.43 51.10 120.24
CA ILE J 979 52.70 51.42 119.58
C ILE J 979 52.58 52.55 118.57
N ALA J 980 51.51 52.58 117.75
CA ALA J 980 51.29 53.61 116.74
C ALA J 980 51.22 55.01 117.34
N GLU J 981 50.63 55.14 118.53
CA GLU J 981 50.70 56.35 119.35
C GLU J 981 52.12 56.79 119.70
N GLN J 982 52.97 55.85 120.18
CA GLN J 982 54.36 56.13 120.47
C GLN J 982 55.16 56.56 119.25
N GLU J 983 54.95 55.89 118.10
CA GLU J 983 55.50 56.31 116.82
C GLU J 983 54.99 57.70 116.42
N HIS J 984 53.71 58.03 116.68
CA HIS J 984 53.12 59.33 116.39
C HIS J 984 53.77 60.52 117.09
N PHE J 985 53.98 60.46 118.43
CA PHE J 985 54.72 61.48 119.17
C PHE J 985 56.19 61.58 118.74
N LEU J 986 56.87 60.44 118.55
CA LEU J 986 58.27 60.45 118.15
C LEU J 986 58.46 61.09 116.80
N LEU J 987 57.55 60.82 115.84
CA LEU J 987 57.56 61.39 114.50
C LEU J 987 57.63 62.91 114.48
N HIS J 988 57.06 63.60 115.49
CA HIS J 988 57.34 65.00 115.67
C HIS J 988 58.81 65.32 115.86
N GLN J 989 59.56 64.80 116.85
CA GLN J 989 61.00 65.05 116.95
C GLN J 989 61.80 64.57 115.73
N GLU J 990 61.38 63.49 115.07
CA GLU J 990 61.94 63.01 113.81
C GLU J 990 61.89 64.01 112.65
N THR J 991 60.81 64.82 112.56
CA THR J 991 60.60 65.72 111.41
C THR J 991 61.18 67.11 111.62
N LEU J 992 62.06 67.30 112.64
CA LEU J 992 62.68 68.59 112.91
C LEU J 992 63.50 69.14 111.72
N PRO J 993 63.33 70.41 111.31
CA PRO J 993 63.92 70.89 110.06
C PRO J 993 65.42 70.98 110.10
N LYS J 994 66.11 70.65 108.99
CA LYS J 994 67.56 70.55 108.99
C LYS J 994 68.24 71.91 108.90
N LYS J 995 67.47 73.00 108.82
CA LYS J 995 68.00 74.34 108.96
C LYS J 995 68.27 74.66 110.41
N LEU J 996 67.29 74.37 111.29
CA LEU J 996 67.42 74.74 112.67
C LEU J 996 68.36 73.83 113.45
N LEU J 997 68.54 72.59 113.01
CA LEU J 997 69.40 71.68 113.75
C LEU J 997 70.88 71.99 113.54
N GLU J 998 71.25 72.67 112.45
CA GLU J 998 72.60 73.15 112.25
C GLU J 998 72.80 74.54 112.85
N GLU J 999 71.75 75.39 112.83
CA GLU J 999 71.70 76.68 113.51
C GLU J 999 71.85 76.58 115.02
N LYS J 1000 71.13 75.64 115.66
CA LYS J 1000 71.24 75.44 117.09
C LYS J 1000 72.39 74.51 117.42
N GLN J 1001 73.18 74.12 116.40
CA GLN J 1001 74.39 73.34 116.52
C GLN J 1001 74.17 72.01 117.21
N LEU J 1002 73.09 71.30 116.81
CA LEU J 1002 72.65 70.11 117.48
C LEU J 1002 73.20 68.87 116.82
N ASP J 1003 73.65 67.89 117.63
CA ASP J 1003 74.00 66.58 117.15
C ASP J 1003 72.82 65.87 116.48
N LEU J 1004 73.06 65.23 115.33
CA LEU J 1004 72.02 64.60 114.53
C LEU J 1004 71.26 63.50 115.24
N ASN J 1005 71.99 62.54 115.84
CA ASN J 1005 71.38 61.40 116.50
C ASN J 1005 71.72 61.38 117.97
N ALA J 1006 72.81 62.03 118.38
CA ALA J 1006 73.33 61.96 119.73
C ALA J 1006 72.67 62.98 120.66
N MET J 1007 71.37 63.22 120.43
CA MET J 1007 70.61 64.24 121.12
C MET J 1007 69.53 63.58 121.97
N PRO J 1008 69.09 64.18 123.07
CA PRO J 1008 68.16 63.54 124.00
C PRO J 1008 66.76 63.40 123.44
N VAL J 1009 65.94 62.62 124.14
CA VAL J 1009 64.51 62.54 123.89
C VAL J 1009 63.84 63.82 124.39
N LEU J 1010 63.43 64.69 123.46
CA LEU J 1010 62.82 65.95 123.80
C LEU J 1010 61.37 65.79 124.20
N ALA J 1011 60.91 66.72 125.05
CA ALA J 1011 59.54 66.72 125.54
C ALA J 1011 58.68 67.67 124.73
N PRO J 1012 57.33 67.63 124.76
CA PRO J 1012 56.50 68.42 123.86
C PRO J 1012 56.73 69.89 124.01
N PHE J 1013 56.94 70.41 125.23
CA PHE J 1013 57.32 71.80 125.46
C PHE J 1013 58.56 72.20 124.68
N GLN J 1014 59.64 71.43 124.79
CA GLN J 1014 60.85 71.75 124.04
C GLN J 1014 60.60 71.68 122.55
N LEU J 1015 59.95 70.62 122.04
CA LEU J 1015 59.62 70.54 120.64
C LEU J 1015 58.77 71.69 120.13
N ILE J 1016 57.65 72.02 120.80
CA ILE J 1016 56.77 73.14 120.46
C ILE J 1016 57.56 74.43 120.38
N GLN J 1017 58.36 74.74 121.42
CA GLN J 1017 59.19 75.92 121.48
C GLN J 1017 60.29 75.97 120.42
N LEU J 1018 60.90 74.83 120.09
CA LEU J 1018 61.90 74.74 119.04
C LEU J 1018 61.32 74.84 117.64
N TYR J 1019 60.09 74.32 117.38
CA TYR J 1019 59.38 74.44 116.10
C TYR J 1019 59.09 75.90 115.74
N VAL J 1020 58.95 76.77 116.76
CA VAL J 1020 58.50 78.14 116.61
C VAL J 1020 59.61 79.16 116.85
N CYS J 1021 60.84 78.72 117.18
CA CYS J 1021 62.00 79.58 117.37
C CYS J 1021 62.28 80.42 116.14
N GLU J 1022 62.78 81.67 116.33
CA GLU J 1022 63.12 82.64 115.31
C GLU J 1022 64.11 82.05 114.32
N GLU J 1023 65.03 81.23 114.85
CA GLU J 1023 65.97 80.34 114.22
C GLU J 1023 65.38 79.38 113.19
N ASN J 1024 64.15 78.85 113.41
CA ASN J 1024 63.42 78.08 112.41
C ASN J 1024 62.90 79.01 111.31
N LYS J 1025 63.76 79.31 110.32
CA LYS J 1025 63.49 80.33 109.32
C LYS J 1025 62.42 80.00 108.32
N ARG J 1026 62.37 78.77 107.79
CA ARG J 1026 61.46 78.39 106.71
C ARG J 1026 60.17 77.82 107.26
N ALA J 1027 59.87 78.09 108.54
CA ALA J 1027 58.71 77.62 109.25
C ALA J 1027 57.39 77.90 108.55
N ASN J 1028 56.73 76.83 108.09
CA ASN J 1028 55.54 76.90 107.27
C ASN J 1028 54.34 76.37 108.03
N GLU J 1029 53.22 76.11 107.34
CA GLU J 1029 51.99 75.68 107.96
C GLU J 1029 52.11 74.40 108.76
N ASN J 1030 52.92 73.44 108.27
CA ASN J 1030 53.13 72.16 108.89
C ASN J 1030 53.86 72.24 110.21
N ASP J 1031 54.86 73.14 110.33
CA ASP J 1031 55.63 73.32 111.54
C ASP J 1031 54.76 73.85 112.68
N PHE J 1032 53.90 74.85 112.41
CA PHE J 1032 52.94 75.32 113.39
C PHE J 1032 51.81 74.35 113.67
N MET J 1033 51.28 73.64 112.67
CA MET J 1033 50.27 72.62 112.86
C MET J 1033 50.77 71.51 113.79
N LYS J 1034 51.99 71.04 113.58
CA LYS J 1034 52.62 70.07 114.45
C LYS J 1034 53.03 70.63 115.81
N ALA J 1035 53.15 71.96 115.95
CA ALA J 1035 53.39 72.60 117.23
C ALA J 1035 52.08 72.90 117.97
N LEU J 1036 50.93 72.64 117.33
CA LEU J 1036 49.64 72.64 117.98
C LEU J 1036 49.12 71.22 118.17
N ASP J 1037 49.69 70.24 117.45
CA ASP J 1037 49.45 68.82 117.71
C ASP J 1037 50.15 68.34 118.97
N LEU J 1038 51.23 69.03 119.40
CA LEU J 1038 52.03 68.57 120.51
C LEU J 1038 51.51 69.07 121.86
N LEU J 1039 50.30 69.63 121.88
CA LEU J 1039 49.68 70.12 123.11
C LEU J 1039 48.96 69.04 123.91
N GLU J 1040 48.67 67.85 123.33
CA GLU J 1040 47.98 66.79 124.06
C GLU J 1040 48.97 65.82 124.69
N TYR J 1041 50.26 66.15 124.61
CA TYR J 1041 51.33 65.30 125.09
C TYR J 1041 51.95 65.89 126.35
N ILE J 1042 51.33 66.95 126.90
CA ILE J 1042 51.84 67.73 128.02
C ILE J 1042 51.95 67.04 129.38
N GLY J 1043 50.83 66.75 130.09
CA GLY J 1043 50.87 66.42 131.53
C GLY J 1043 50.76 67.68 132.39
N ASP J 1044 49.71 67.75 133.22
CA ASP J 1044 49.41 68.89 134.08
C ASP J 1044 49.18 70.22 133.36
N ASP J 1045 48.21 70.20 132.43
CA ASP J 1045 47.80 71.28 131.55
C ASP J 1045 47.53 72.62 132.23
N SER J 1046 46.85 72.62 133.39
CA SER J 1046 46.63 73.87 134.12
C SER J 1046 47.82 74.38 134.90
N GLU J 1047 48.82 73.53 135.19
CA GLU J 1047 50.07 73.91 135.84
C GLU J 1047 51.07 74.56 134.90
N VAL J 1048 51.24 74.01 133.69
CA VAL J 1048 52.32 74.41 132.79
C VAL J 1048 51.89 75.47 131.77
N ASP J 1049 50.66 75.99 131.93
CA ASP J 1049 50.02 76.96 131.05
C ASP J 1049 49.71 76.53 129.61
N VAL J 1050 48.60 75.77 129.37
CA VAL J 1050 48.17 75.44 128.01
C VAL J 1050 47.86 76.64 127.13
N GLU J 1051 47.05 77.61 127.63
CA GLU J 1051 46.49 78.60 126.73
C GLU J 1051 47.38 79.82 126.57
N GLU J 1052 48.42 79.93 127.40
CA GLU J 1052 49.51 80.85 127.16
C GLU J 1052 50.33 80.50 125.92
N LEU J 1053 50.72 79.22 125.78
CA LEU J 1053 51.43 78.71 124.62
C LEU J 1053 50.61 78.74 123.36
N LYS J 1054 49.30 78.46 123.51
CA LYS J 1054 48.32 78.56 122.45
C LYS J 1054 48.33 79.94 121.81
N LEU J 1055 48.49 81.01 122.63
CA LEU J 1055 48.76 82.34 122.13
C LEU J 1055 50.16 82.60 121.61
N GLU J 1056 51.22 82.17 122.32
CA GLU J 1056 52.61 82.44 121.94
C GLU J 1056 52.89 82.03 120.50
N ILE J 1057 52.41 80.84 120.13
CA ILE J 1057 52.52 80.28 118.81
C ILE J 1057 51.69 80.99 117.76
N LEU J 1058 50.41 81.33 118.04
CA LEU J 1058 49.54 81.99 117.06
C LEU J 1058 49.98 83.43 116.81
N CYS J 1059 50.75 84.03 117.74
CA CYS J 1059 51.37 85.34 117.61
C CYS J 1059 52.67 85.32 116.81
N LYS J 1060 53.55 84.31 116.99
CA LYS J 1060 54.70 84.17 116.11
C LYS J 1060 54.30 83.65 114.74
N ALA J 1061 53.12 83.00 114.64
CA ALA J 1061 52.45 82.69 113.41
C ALA J 1061 51.98 83.91 112.64
N ILE J 1062 52.07 85.13 113.22
CA ILE J 1062 51.72 86.36 112.52
C ILE J 1062 52.97 87.20 112.31
N LYS J 1063 53.96 87.10 113.21
CA LYS J 1063 55.24 87.78 113.07
C LYS J 1063 56.00 87.33 111.84
N ARG J 1064 55.95 86.02 111.54
CA ARG J 1064 56.53 85.49 110.33
C ARG J 1064 55.78 85.81 109.07
N ASP J 1065 54.50 86.13 109.21
CA ASP J 1065 53.69 86.49 108.09
C ASP J 1065 54.12 87.82 107.49
N GLU J 1066 54.35 88.86 108.33
CA GLU J 1066 54.99 90.14 107.97
C GLU J 1066 54.06 91.33 107.59
N TRP J 1067 53.01 91.71 108.36
CA TRP J 1067 51.92 92.55 107.81
C TRP J 1067 52.32 93.90 107.27
N SER J 1068 52.10 94.04 105.97
CA SER J 1068 52.68 95.05 105.11
C SER J 1068 51.55 95.77 104.40
N ALA J 1069 51.88 96.66 103.46
CA ALA J 1069 50.88 97.36 102.70
C ALA J 1069 51.46 97.65 101.34
N THR J 1070 50.62 97.56 100.30
CA THR J 1070 51.08 97.79 98.93
C THR J 1070 50.18 98.86 98.41
N ASP J 1071 50.76 100.01 98.03
CA ASP J 1071 50.08 101.17 97.47
C ASP J 1071 48.87 101.67 98.26
N GLY J 1072 49.01 101.75 99.61
CA GLY J 1072 47.96 102.23 100.49
C GLY J 1072 46.86 101.25 100.78
N LYS J 1073 47.03 99.98 100.38
CA LYS J 1073 46.06 98.94 100.58
C LYS J 1073 46.64 97.83 101.45
N ASP J 1074 45.78 97.18 102.26
CA ASP J 1074 46.14 96.07 103.11
C ASP J 1074 46.80 94.92 102.36
N ASP J 1075 47.90 94.38 102.92
CA ASP J 1075 48.60 93.26 102.35
C ASP J 1075 48.38 92.06 103.27
N PRO J 1076 47.59 91.04 102.89
CA PRO J 1076 47.34 89.92 103.76
C PRO J 1076 48.50 88.96 103.71
N ILE J 1077 49.36 89.11 104.70
CA ILE J 1077 50.49 88.27 104.92
C ILE J 1077 50.13 87.03 105.63
N GLU J 1078 48.91 87.01 106.17
CA GLU J 1078 48.43 85.97 107.02
C GLU J 1078 48.20 84.69 106.31
N ALA J 1079 48.72 84.50 105.10
CA ALA J 1079 48.80 83.32 104.29
C ALA J 1079 49.11 82.03 105.07
N THR J 1080 50.03 82.09 106.06
CA THR J 1080 50.23 80.99 107.01
C THR J 1080 49.14 80.88 108.05
N LYS J 1081 48.71 81.98 108.70
CA LYS J 1081 47.55 81.98 109.60
C LYS J 1081 46.27 81.50 108.93
N ASP J 1082 45.99 81.96 107.70
CA ASP J 1082 45.03 81.49 106.75
C ASP J 1082 45.11 80.00 106.58
N SER J 1083 46.27 79.50 106.13
CA SER J 1083 46.43 78.08 105.90
C SER J 1083 46.25 77.23 107.14
N ILE J 1084 46.80 77.61 108.32
CA ILE J 1084 46.60 76.86 109.55
C ILE J 1084 45.14 76.74 109.96
N PHE J 1085 44.30 77.76 109.72
CA PHE J 1085 42.88 77.70 110.03
C PHE J 1085 42.10 76.91 108.97
N VAL J 1086 42.66 76.73 107.77
CA VAL J 1086 42.18 75.79 106.77
C VAL J 1086 42.58 74.35 107.12
N LYS J 1087 43.65 74.16 107.92
CA LYS J 1087 44.15 72.83 108.30
C LYS J 1087 43.56 72.27 109.58
N VAL J 1088 42.94 73.09 110.46
CA VAL J 1088 42.31 72.59 111.68
C VAL J 1088 41.07 71.74 111.39
N LEU J 1089 40.30 72.12 110.36
CA LEU J 1089 39.07 71.43 110.01
C LEU J 1089 39.38 70.24 109.10
N GLN J 1090 39.05 69.01 109.55
CA GLN J 1090 39.28 67.79 108.79
C GLN J 1090 37.98 67.34 108.16
N ASN J 1091 37.06 68.29 107.92
CA ASN J 1091 35.70 68.06 107.45
C ASN J 1091 34.93 67.17 108.44
N LEU J 1092 34.95 67.53 109.75
CA LEU J 1092 34.43 66.68 110.80
C LEU J 1092 32.90 66.78 110.92
N LEU J 1093 32.28 67.61 110.05
CA LEU J 1093 30.85 67.67 109.80
C LEU J 1093 30.30 66.31 109.34
N ASN J 1094 31.03 65.62 108.43
CA ASN J 1094 30.64 64.29 107.97
C ASN J 1094 31.30 63.20 108.81
N LYS J 1095 32.10 63.58 109.82
CA LYS J 1095 32.67 62.63 110.77
C LYS J 1095 31.81 62.57 112.02
N GLY J 1096 30.74 63.39 112.10
CA GLY J 1096 29.82 63.38 113.23
C GLY J 1096 30.35 64.10 114.44
N ILE J 1097 31.40 64.91 114.26
CA ILE J 1097 31.99 65.70 115.32
C ILE J 1097 31.33 67.07 115.30
N GLU J 1098 31.18 67.71 116.46
CA GLU J 1098 30.72 69.08 116.56
C GLU J 1098 31.74 70.07 116.02
N LEU J 1099 31.99 70.10 114.69
CA LEU J 1099 32.88 71.04 114.04
C LEU J 1099 32.31 72.44 114.06
N LYS J 1100 30.97 72.54 113.91
CA LYS J 1100 30.25 73.79 114.07
C LYS J 1100 30.41 74.34 115.49
N GLY J 1101 31.10 75.49 115.65
CA GLY J 1101 31.42 76.04 116.97
C GLY J 1101 32.59 75.40 117.66
N TYR J 1102 33.63 74.96 116.93
CA TYR J 1102 34.76 74.28 117.55
C TYR J 1102 36.10 74.95 117.25
N LEU J 1103 36.07 76.23 116.84
CA LEU J 1103 37.25 77.06 116.87
C LEU J 1103 37.30 78.00 118.08
N PRO J 1104 36.57 77.96 119.22
CA PRO J 1104 36.85 78.87 120.33
C PRO J 1104 38.06 78.43 121.13
N LYS J 1105 39.03 77.74 120.50
CA LYS J 1105 40.33 77.51 121.07
C LYS J 1105 41.14 78.78 121.08
N ALA J 1106 41.21 79.48 119.93
CA ALA J 1106 41.91 80.73 119.78
C ALA J 1106 41.29 81.88 120.56
N GLU J 1107 42.13 82.76 121.13
CA GLU J 1107 41.65 83.96 121.78
C GLU J 1107 41.55 85.15 120.84
N THR J 1108 41.02 86.29 121.33
CA THR J 1108 40.84 87.47 120.49
C THR J 1108 41.31 88.72 121.20
N LEU J 1109 40.59 89.24 122.21
CA LEU J 1109 41.01 90.47 122.91
C LEU J 1109 42.34 90.28 123.62
N LEU J 1110 42.50 89.09 124.24
CA LEU J 1110 43.74 88.59 124.80
C LEU J 1110 44.88 88.48 123.77
N GLN J 1111 44.57 88.36 122.48
CA GLN J 1111 45.60 88.34 121.45
C GLN J 1111 46.23 89.70 121.23
N SER J 1112 45.42 90.77 121.18
CA SER J 1112 45.97 92.10 120.90
C SER J 1112 46.76 92.64 122.05
N GLU J 1113 46.58 92.07 123.26
CA GLU J 1113 47.50 92.24 124.38
C GLU J 1113 48.94 91.81 124.05
N GLU J 1114 49.14 90.58 123.52
CA GLU J 1114 50.44 90.13 123.01
C GLU J 1114 50.95 90.89 121.79
N LEU J 1115 50.06 91.27 120.85
CA LEU J 1115 50.42 92.11 119.71
C LEU J 1115 50.98 93.47 120.11
N ASN J 1116 50.43 94.10 121.18
CA ASN J 1116 50.98 95.32 121.76
C ASN J 1116 52.40 95.14 122.28
N SER J 1117 52.71 94.01 122.96
CA SER J 1117 54.05 93.68 123.42
C SER J 1117 55.09 93.59 122.30
N LEU J 1118 54.69 93.04 121.15
CA LEU J 1118 55.55 92.95 119.98
C LEU J 1118 55.66 94.24 119.18
N LYS J 1119 54.77 95.22 119.43
CA LYS J 1119 54.71 96.53 118.79
C LYS J 1119 54.06 96.47 117.41
N THR J 1120 53.26 95.42 117.13
CA THR J 1120 52.80 95.12 115.78
C THR J 1120 51.31 95.30 115.60
N ASN J 1121 50.60 95.79 116.62
CA ASN J 1121 49.16 95.97 116.61
C ASN J 1121 48.67 96.84 115.46
N SER J 1122 49.33 98.00 115.23
CA SER J 1122 49.00 98.92 114.15
C SER J 1122 49.08 98.33 112.78
N TYR J 1123 50.04 97.42 112.51
CA TYR J 1123 50.10 96.75 111.24
C TYR J 1123 48.99 95.74 111.05
N PHE J 1124 48.81 94.77 111.96
CA PHE J 1124 48.03 93.60 111.61
C PHE J 1124 46.55 93.63 112.05
N GLU J 1125 46.13 94.61 112.87
CA GLU J 1125 44.80 94.59 113.47
C GLU J 1125 43.67 94.88 112.50
N PHE J 1126 44.01 95.40 111.30
CA PHE J 1126 43.09 95.54 110.19
C PHE J 1126 42.62 94.20 109.63
N SER J 1127 43.52 93.24 109.37
CA SER J 1127 43.14 91.96 108.78
C SER J 1127 43.04 90.86 109.80
N LEU J 1128 43.51 91.07 111.05
CA LEU J 1128 43.24 90.11 112.13
C LEU J 1128 41.76 89.95 112.40
N LYS J 1129 41.07 91.08 112.60
CA LYS J 1129 39.63 91.10 112.69
C LYS J 1129 38.93 90.75 111.40
N ALA J 1130 39.40 91.23 110.23
CA ALA J 1130 38.77 90.92 108.95
C ALA J 1130 38.71 89.42 108.66
N ASN J 1131 39.82 88.70 108.87
CA ASN J 1131 39.89 87.27 108.74
C ASN J 1131 39.10 86.58 109.86
N TYR J 1132 39.15 87.07 111.12
CA TYR J 1132 38.22 86.64 112.18
C TYR J 1132 36.73 86.87 111.94
N GLU J 1133 36.29 87.47 110.81
CA GLU J 1133 34.89 87.48 110.43
C GLU J 1133 34.53 86.30 109.55
N CYS J 1134 35.41 85.94 108.59
CA CYS J 1134 35.22 84.78 107.74
C CYS J 1134 35.80 83.53 108.41
N TYR J 1135 36.15 83.64 109.70
CA TYR J 1135 36.39 82.51 110.58
C TYR J 1135 35.23 82.27 111.53
N MET J 1136 34.24 83.19 111.57
CA MET J 1136 32.99 82.96 112.27
C MET J 1136 31.92 82.46 111.31
N LYS J 1137 32.18 82.59 110.00
CA LYS J 1137 31.37 82.00 108.95
C LYS J 1137 31.85 80.61 108.58
N MET J 1138 33.17 80.34 108.71
CA MET J 1138 33.76 79.03 108.49
C MET J 1138 33.34 78.02 109.57
N ILE K 8 9.57 57.28 3.47
CA ILE K 8 8.81 56.46 4.45
C ILE K 8 7.33 56.31 4.04
N GLN K 9 6.75 57.30 3.35
CA GLN K 9 5.41 57.12 2.75
C GLN K 9 5.35 56.06 1.63
N ARG K 10 6.36 55.97 0.75
CA ARG K 10 6.48 54.87 -0.23
C ARG K 10 6.57 53.53 0.47
N TYR K 11 7.33 53.46 1.56
CA TYR K 11 7.42 52.24 2.36
C TYR K 11 6.08 51.79 2.94
N VAL K 12 5.25 52.70 3.46
CA VAL K 12 3.88 52.32 3.83
C VAL K 12 2.93 52.03 2.67
N GLU K 13 3.14 52.55 1.47
CA GLU K 13 2.38 52.09 0.30
C GLU K 13 2.73 50.63 -0.04
N ASN K 14 4.00 50.27 -0.14
CA ASN K 14 4.42 48.90 -0.40
C ASN K 14 3.99 47.90 0.67
N ALA K 15 4.01 48.35 1.92
CA ALA K 15 3.38 47.60 3.00
C ALA K 15 1.88 47.45 2.73
N GLN K 16 1.08 48.49 2.51
CA GLN K 16 -0.37 48.33 2.26
C GLN K 16 -0.66 47.34 1.10
N ASN K 17 0.07 47.47 0.00
CA ASN K 17 -0.12 46.60 -1.14
C ASN K 17 0.14 45.14 -0.82
N SER K 18 1.23 44.89 -0.09
CA SER K 18 1.58 43.52 0.28
C SER K 18 0.51 42.91 1.17
N ALA K 19 -0.02 43.70 2.10
CA ALA K 19 -1.07 43.24 2.99
C ALA K 19 -2.31 42.87 2.19
N SER K 20 -2.64 43.70 1.21
CA SER K 20 -3.79 43.46 0.36
C SER K 20 -3.60 42.16 -0.41
N SER K 21 -2.38 41.95 -0.90
CA SER K 21 -2.04 40.74 -1.64
C SER K 21 -2.20 39.51 -0.77
N PRO K 22 -1.78 39.63 0.49
CA PRO K 22 -1.89 38.53 1.45
C PRO K 22 -1.59 38.97 2.88
N LYS K 25 -0.17 37.76 6.10
CA LYS K 25 0.91 38.77 6.10
C LYS K 25 1.22 39.55 7.40
N SER K 26 1.43 38.82 8.49
CA SER K 26 1.82 39.46 9.74
C SER K 26 3.01 40.40 9.59
N MET K 27 4.09 40.04 8.90
CA MET K 27 5.25 40.94 8.81
C MET K 27 4.96 42.27 8.10
N LYS K 28 4.04 42.31 7.11
CA LYS K 28 3.51 43.60 6.67
C LYS K 28 2.92 44.32 7.84
N GLY K 29 1.93 43.73 8.49
CA GLY K 29 1.15 44.46 9.48
C GLY K 29 1.95 44.98 10.66
N PHE K 30 2.95 44.22 11.09
CA PHE K 30 3.99 44.56 12.05
C PHE K 30 4.87 45.71 11.59
N LEU K 31 5.24 45.71 10.31
CA LEU K 31 6.08 46.75 9.73
C LEU K 31 5.34 48.07 9.83
N PHE K 32 4.02 48.02 9.64
CA PHE K 32 3.19 49.22 9.72
C PHE K 32 3.30 49.75 11.14
N ALA K 33 3.34 48.83 12.10
CA ALA K 33 3.47 49.20 13.50
C ALA K 33 4.81 49.91 13.72
N ARG K 34 5.85 49.41 13.06
CA ARG K 34 7.18 50.00 13.16
C ARG K 34 7.16 51.42 12.60
N LEU K 35 6.45 51.60 11.49
CA LEU K 35 6.33 52.90 10.85
C LEU K 35 5.61 53.85 11.80
N TYR K 36 4.60 53.33 12.49
CA TYR K 36 3.84 54.12 13.44
C TYR K 36 4.75 54.55 14.59
N TYR K 37 5.61 53.64 15.04
CA TYR K 37 6.54 53.94 16.11
C TYR K 37 7.46 55.05 15.65
N GLU K 38 7.91 54.96 14.40
CA GLU K 38 8.76 55.99 13.83
C GLU K 38 7.89 57.23 13.81
N GLU K 41 0.91 57.98 15.58
CA GLU K 41 -0.53 57.65 15.77
C GLU K 41 -0.59 56.24 16.40
N TYR K 42 -0.33 56.26 17.70
CA TYR K 42 -0.22 55.08 18.55
C TYR K 42 -1.42 54.14 18.63
N GLU K 43 -2.64 54.65 18.66
CA GLU K 43 -3.78 53.74 18.73
C GLU K 43 -3.82 52.85 17.48
N LEU K 44 -3.61 53.48 16.32
CA LEU K 44 -3.61 52.76 15.05
C LEU K 44 -2.47 51.75 15.00
N ALA K 45 -1.30 52.15 15.49
CA ALA K 45 -0.13 51.29 15.51
C ALA K 45 -0.42 50.08 16.39
N LYS K 46 -1.08 50.32 17.52
CA LYS K 46 -1.42 49.26 18.45
C LYS K 46 -2.37 48.28 17.78
N ARG K 47 -3.33 48.82 17.04
CA ARG K 47 -4.29 47.97 16.34
C ARG K 47 -3.55 47.11 15.33
N SER K 48 -2.60 47.70 14.63
CA SER K 48 -1.83 46.98 13.63
C SER K 48 -1.03 45.86 14.29
N VAL K 49 -0.45 46.16 15.45
CA VAL K 49 0.35 45.18 16.18
C VAL K 49 -0.53 44.02 16.61
N SER K 50 -1.76 44.35 17.03
CA SER K 50 -2.71 43.34 17.48
C SER K 50 -3.06 42.40 16.33
N SER K 51 -3.19 42.96 15.13
CA SER K 51 -3.54 42.15 13.97
C SER K 51 -2.36 41.25 13.59
N TYR K 52 -1.16 41.83 13.64
CA TYR K 52 0.04 41.07 13.30
C TYR K 52 0.22 39.91 14.27
N ILE K 53 -0.01 40.17 15.55
CA ILE K 53 0.12 39.14 16.58
C ILE K 53 -0.87 38.02 16.32
N SER K 54 -2.08 38.40 15.93
CA SER K 54 -3.12 37.42 15.64
C SER K 54 -2.73 36.55 14.46
N VAL K 55 -2.14 37.16 13.44
CA VAL K 55 -1.73 36.43 12.24
C VAL K 55 -0.65 35.36 12.46
N GLN K 56 0.33 35.68 13.31
CA GLN K 56 1.45 34.79 13.60
C GLN K 56 2.29 35.40 14.72
N GLU K 57 3.21 34.61 15.28
CA GLU K 57 4.08 35.10 16.34
C GLU K 57 5.47 35.36 15.77
N ARG K 58 5.95 36.60 15.92
CA ARG K 58 7.26 36.98 15.41
C ARG K 58 7.99 37.94 16.35
N ASP K 59 9.32 37.98 16.20
CA ASP K 59 10.30 38.81 16.94
C ASP K 59 9.96 39.45 18.30
N PRO K 60 10.87 39.29 19.25
CA PRO K 60 10.68 39.84 20.59
C PRO K 60 10.14 41.28 20.59
N LYS K 61 10.44 42.05 19.54
CA LYS K 61 10.04 43.45 19.42
C LYS K 61 8.57 43.59 19.04
N ALA K 62 8.06 42.65 18.25
CA ALA K 62 6.64 42.48 18.03
C ALA K 62 5.88 42.17 19.32
N HIS K 63 6.32 41.11 20.00
CA HIS K 63 5.68 40.64 21.23
C HIS K 63 5.61 41.73 22.28
N ARG K 64 6.72 42.47 22.48
CA ARG K 64 6.75 43.57 23.44
C ARG K 64 6.01 44.81 23.01
N PHE K 65 5.94 45.14 21.72
CA PHE K 65 5.12 46.28 21.35
C PHE K 65 3.61 46.02 21.58
N LEU K 66 3.09 44.86 21.15
CA LEU K 66 1.69 44.50 21.49
C LEU K 66 1.47 44.40 22.99
N GLY K 67 2.38 43.74 23.70
CA GLY K 67 2.19 43.47 25.11
C GLY K 67 2.26 44.73 25.95
N GLN K 68 3.10 45.69 25.57
CA GLN K 68 3.17 47.02 26.16
C GLN K 68 1.91 47.84 25.87
N LEU K 69 1.38 47.76 24.64
CA LEU K 69 0.11 48.40 24.30
C LEU K 69 -1.06 47.86 25.14
N PHE K 70 -1.20 46.55 25.28
CA PHE K 70 -2.28 45.95 26.07
C PHE K 70 -2.15 46.23 27.58
N GLU K 71 -0.93 46.08 28.11
CA GLU K 71 -0.51 46.45 29.46
C GLU K 71 -0.99 47.86 29.81
N ILE K 72 -0.68 48.87 29.00
CA ILE K 72 -1.17 50.23 29.29
C ILE K 72 -2.66 50.47 28.96
N GLU K 73 -3.30 49.66 28.09
CA GLU K 73 -4.78 49.62 27.94
C GLU K 73 -5.45 48.95 29.16
N GLY K 74 -4.68 48.44 30.13
CA GLY K 74 -5.19 47.77 31.32
C GLY K 74 -5.64 46.32 31.08
N ASN K 75 -5.51 45.82 29.86
CA ASN K 75 -6.05 44.54 29.39
C ASN K 75 -5.02 43.41 29.63
N VAL K 76 -4.76 43.18 30.91
CA VAL K 76 -3.79 42.19 31.38
C VAL K 76 -4.04 40.76 30.92
N GLU K 77 -5.29 40.39 30.56
CA GLU K 77 -5.61 39.11 29.90
C GLU K 77 -5.05 39.00 28.47
N LYS K 78 -5.12 40.07 27.67
CA LYS K 78 -4.48 40.07 26.35
C LYS K 78 -2.94 40.05 26.46
N ALA K 79 -2.41 40.82 27.42
CA ALA K 79 -0.95 40.86 27.61
C ALA K 79 -0.40 39.52 28.09
N VAL K 80 -1.10 38.81 29.00
CA VAL K 80 -0.74 37.41 29.27
C VAL K 80 -0.85 36.60 28.02
N GLY K 81 -1.88 36.75 27.18
CA GLY K 81 -1.98 35.92 25.99
C GLY K 81 -0.78 36.01 25.05
N CYS K 82 -0.41 37.24 24.68
CA CYS K 82 0.82 37.51 23.91
C CYS K 82 2.03 36.89 24.58
N TYR K 83 2.28 37.24 25.83
CA TYR K 83 3.53 36.93 26.51
C TYR K 83 3.69 35.45 26.86
N LYS K 84 2.59 34.76 27.15
CA LYS K 84 2.49 33.32 27.31
C LYS K 84 2.82 32.64 25.99
N ARG K 85 2.25 33.10 24.87
CA ARG K 85 2.59 32.52 23.56
C ARG K 85 4.04 32.78 23.16
N SER K 86 4.58 33.96 23.46
CA SER K 86 5.96 34.36 23.21
C SER K 86 7.03 33.65 24.05
N LEU K 87 6.65 33.18 25.24
CA LEU K 87 7.45 32.30 26.06
C LEU K 87 7.37 30.87 25.53
N GLU K 88 6.17 30.31 25.41
CA GLU K 88 6.00 28.89 25.11
C GLU K 88 6.25 28.48 23.64
N LEU K 89 6.22 29.47 22.77
CA LEU K 89 6.53 29.34 21.35
C LEU K 89 8.01 29.01 21.28
N ASN K 90 8.76 29.56 22.23
CA ASN K 90 10.21 29.41 22.34
C ASN K 90 11.00 30.50 21.59
N PRO K 91 10.25 31.55 21.07
CA PRO K 91 11.05 32.56 20.36
C PRO K 91 12.09 33.30 21.22
N THR K 92 11.74 33.70 22.45
CA THR K 92 12.68 34.43 23.31
C THR K 92 12.04 35.15 24.51
N GLN K 93 11.74 34.42 25.57
CA GLN K 93 11.15 35.02 26.77
C GLN K 93 12.15 35.00 27.93
N LYS K 94 12.36 36.15 28.57
CA LYS K 94 13.31 36.23 29.68
C LYS K 94 12.72 36.56 31.06
N LEU K 96 7.71 40.85 30.14
CA LEU K 96 6.46 40.13 30.36
C LEU K 96 6.40 39.46 31.72
N THR K 97 7.55 38.98 32.16
CA THR K 97 7.84 38.43 33.48
C THR K 97 7.19 39.20 34.64
N LEU K 98 7.35 40.54 34.63
CA LEU K 98 6.65 41.47 35.52
C LEU K 98 5.15 41.34 35.40
N ARG K 99 4.58 41.45 34.19
CA ARG K 99 3.10 41.40 34.12
C ARG K 99 2.48 40.05 34.48
N ILE K 100 3.20 38.97 34.22
CA ILE K 100 2.70 37.62 34.53
C ILE K 100 2.59 37.42 36.04
N ALA K 101 3.72 37.55 36.73
CA ALA K 101 3.75 37.36 38.18
C ALA K 101 2.88 38.41 38.86
N GLU K 102 2.93 39.64 38.38
CA GLU K 102 2.13 40.73 38.94
C GLU K 102 0.66 40.42 38.75
N LEU K 103 0.31 39.89 37.58
CA LEU K 103 -1.07 39.55 37.28
C LEU K 103 -1.54 38.45 38.22
N ILE K 104 -0.67 37.48 38.47
CA ILE K 104 -0.99 36.38 39.36
C ILE K 104 -1.23 36.90 40.77
N CYS K 105 -0.41 37.86 41.18
CA CYS K 105 -0.54 38.46 42.50
C CYS K 105 -1.88 39.19 42.61
N THR K 106 -2.25 39.88 41.54
CA THR K 106 -3.51 40.61 41.50
C THR K 106 -4.66 39.63 41.63
N LEU K 107 -4.55 38.50 40.94
CA LEU K 107 -5.57 37.47 40.97
C LEU K 107 -5.72 36.91 42.38
N ASN K 108 -4.59 36.73 43.05
CA ASN K 108 -4.57 36.19 44.41
C ASN K 108 -4.80 34.67 44.44
N ARG K 113 -0.05 27.03 41.31
CA ARG K 113 0.25 27.65 40.04
C ARG K 113 0.99 28.97 40.23
N ALA K 114 0.36 29.92 40.92
CA ALA K 114 0.95 31.22 41.17
C ALA K 114 2.21 31.07 42.01
N GLU K 115 2.16 30.20 43.01
CA GLU K 115 3.30 29.96 43.88
C GLU K 115 4.45 29.39 43.07
N TYR K 116 4.12 28.47 42.16
CA TYR K 116 5.13 27.85 41.31
C TYR K 116 5.78 28.90 40.43
N TRP K 117 4.96 29.81 39.91
CA TRP K 117 5.46 30.87 39.05
C TRP K 117 6.41 31.77 39.84
N VAL K 118 6.04 32.05 41.09
CA VAL K 118 6.87 32.88 41.95
C VAL K 118 8.20 32.20 42.20
N GLU K 119 8.16 30.89 42.40
CA GLU K 119 9.37 30.13 42.64
C GLU K 119 10.26 30.18 41.42
N ARG K 120 9.65 30.08 40.24
CA ARG K 120 10.40 30.13 38.99
C ARG K 120 11.06 31.50 38.85
N ALA K 121 10.34 32.54 39.22
CA ALA K 121 10.86 33.90 39.14
C ALA K 121 12.06 34.04 40.07
N SER K 122 11.94 33.46 41.26
CA SER K 122 13.02 33.52 42.24
C SER K 122 14.25 32.80 41.69
N LYS K 123 14.02 31.67 41.03
CA LYS K 123 15.10 30.89 40.45
C LYS K 123 15.80 31.69 39.35
N GLY K 127 19.16 37.46 43.32
CA GLY K 127 19.25 38.88 43.67
C GLY K 127 18.31 39.74 42.82
N SER K 128 17.05 39.35 42.71
CA SER K 128 15.99 40.17 42.13
C SER K 128 15.06 40.68 43.25
N PRO K 129 15.22 41.94 43.68
CA PRO K 129 14.64 42.42 44.95
C PRO K 129 13.12 42.53 44.94
N GLU K 130 12.57 43.34 44.04
CA GLU K 130 11.12 43.55 43.88
C GLU K 130 10.32 42.24 43.69
N ILE K 131 11.01 41.20 43.24
CA ILE K 131 10.53 39.86 43.00
C ILE K 131 10.51 39.09 44.33
N TYR K 132 11.55 39.19 45.14
CA TYR K 132 11.46 38.73 46.54
C TYR K 132 10.35 39.44 47.33
N ARG K 133 10.11 40.73 47.10
CA ARG K 133 9.02 41.52 47.69
C ARG K 133 7.62 41.09 47.25
N LEU K 134 7.36 41.01 45.96
CA LEU K 134 6.08 40.51 45.45
C LEU K 134 5.83 39.08 45.94
N LYS K 135 6.87 38.24 45.99
CA LYS K 135 6.82 36.89 46.55
C LYS K 135 6.35 36.87 48.00
N GLU K 136 7.00 37.64 48.88
CA GLU K 136 6.51 37.80 50.24
C GLU K 136 5.05 38.22 50.24
N GLN K 137 4.63 39.21 49.45
CA GLN K 137 3.25 39.66 49.53
C GLN K 137 2.20 38.60 49.12
N LEU K 138 2.56 37.75 48.16
CA LEU K 138 1.79 36.57 47.77
C LEU K 138 1.65 35.60 48.93
N LEU K 139 2.76 35.24 49.57
CA LEU K 139 2.70 34.50 50.82
C LEU K 139 1.81 35.24 51.87
N SER K 140 1.69 36.56 51.87
CA SER K 140 0.96 37.27 52.93
C SER K 140 -0.52 37.20 52.70
N SER K 141 -0.91 36.92 51.46
CA SER K 141 -2.29 36.59 51.16
C SER K 141 -2.59 35.11 51.08
N GLN K 142 -1.54 34.30 50.90
CA GLN K 142 -1.66 32.85 50.84
C GLN K 142 -0.50 32.26 51.63
N TRP K 147 2.21 32.95 60.32
CA TRP K 147 2.84 34.25 60.53
C TRP K 147 4.34 34.10 60.76
N ASN K 148 4.74 32.94 61.30
CA ASN K 148 6.16 32.68 61.56
C ASN K 148 6.97 32.67 60.27
N GLN K 149 6.40 32.06 59.23
CA GLN K 149 7.07 32.00 57.94
C GLN K 149 7.27 33.41 57.38
N LEU K 150 6.24 34.23 57.54
CA LEU K 150 6.29 35.62 57.07
C LEU K 150 7.37 36.37 57.82
N PHE K 151 7.47 36.13 59.13
CA PHE K 151 8.47 36.79 59.95
C PHE K 151 9.86 36.38 59.48
N ASP K 152 10.01 35.10 59.15
CA ASP K 152 11.28 34.58 58.68
C ASP K 152 11.67 35.24 57.36
N LEU K 153 10.67 35.41 56.49
CA LEU K 153 10.90 36.03 55.19
C LEU K 153 11.63 37.37 55.33
N ILE K 154 11.20 38.17 56.30
CA ILE K 154 11.81 39.47 56.53
C ILE K 154 13.23 39.28 57.05
N GLN K 155 13.39 38.31 57.95
CA GLN K 155 14.70 38.04 58.52
C GLN K 155 15.66 37.63 57.43
N ALA K 156 15.18 36.80 56.50
CA ALA K 156 16.00 36.35 55.39
C ALA K 156 16.43 37.49 54.48
N GLU K 157 15.51 38.42 54.18
CA GLU K 157 15.84 39.54 53.31
C GLU K 157 16.89 40.50 53.90
N LEU K 158 16.74 40.74 55.19
CA LEU K 158 17.57 41.63 56.01
C LEU K 158 19.02 41.12 56.14
N PHE K 159 19.22 39.81 56.17
CA PHE K 159 20.54 39.18 56.24
C PHE K 159 21.38 39.46 55.00
N ASP K 164 21.64 47.39 54.85
CA ASP K 164 20.49 48.23 54.48
C ASP K 164 19.44 48.44 55.58
N VAL K 165 19.56 49.64 56.12
CA VAL K 165 18.81 50.16 57.24
C VAL K 165 17.30 50.00 57.09
N TYR K 166 16.74 50.30 55.91
CA TYR K 166 15.29 50.29 55.68
C TYR K 166 14.67 48.89 55.53
N VAL K 167 15.50 47.93 55.12
CA VAL K 167 15.24 46.49 55.28
C VAL K 167 15.13 46.19 56.75
N ASN K 168 16.15 46.56 57.52
CA ASN K 168 16.20 46.25 58.95
C ASN K 168 15.01 46.85 59.73
N LEU K 169 14.51 47.99 59.24
CA LEU K 169 13.43 48.76 59.81
C LEU K 169 12.05 48.23 59.47
N LYS K 170 11.80 47.81 58.23
CA LYS K 170 10.56 47.09 57.95
C LYS K 170 10.53 45.71 58.61
N LEU K 171 11.70 45.09 58.81
CA LEU K 171 11.88 43.78 59.44
C LEU K 171 11.49 43.89 60.88
N VAL K 172 12.02 44.88 61.59
CA VAL K 172 11.59 45.09 62.97
C VAL K 172 10.16 45.56 63.12
N ASP K 173 9.61 46.28 62.15
CA ASP K 173 8.21 46.67 62.25
C ASP K 173 7.23 45.49 62.11
N LEU K 174 7.55 44.54 61.24
CA LEU K 174 6.68 43.38 61.04
C LEU K 174 6.97 42.21 61.99
N PHE K 175 8.17 42.16 62.55
CA PHE K 175 8.37 41.47 63.81
C PHE K 175 7.43 42.09 64.85
N LEU K 176 7.38 43.43 65.06
CA LEU K 176 6.44 44.08 66.00
C LEU K 176 5.03 43.54 65.81
N SER K 177 4.54 43.55 64.58
CA SER K 177 3.24 42.96 64.28
C SER K 177 3.03 41.52 64.71
N ASN K 178 3.95 40.60 64.36
CA ASN K 178 3.89 39.19 64.76
C ASN K 178 3.92 38.97 66.28
N GLN K 179 4.57 39.90 66.96
CA GLN K 179 4.75 39.91 68.41
C GLN K 179 6.08 39.28 68.80
N ARG K 180 7.14 40.06 68.63
CA ARG K 180 8.51 39.66 68.97
C ARG K 180 9.24 40.87 69.53
N LEU K 181 8.86 41.30 70.72
CA LEU K 181 9.48 42.48 71.33
C LEU K 181 10.97 42.37 71.63
N GLU K 182 11.41 41.24 72.18
CA GLU K 182 12.82 41.07 72.50
C GLU K 182 13.75 41.08 71.29
N GLU K 183 13.36 40.34 70.25
CA GLU K 183 14.15 40.26 69.02
C GLU K 183 14.24 41.58 68.25
N ALA K 184 13.10 42.26 68.15
CA ALA K 184 12.99 43.52 67.42
C ALA K 184 13.81 44.69 67.96
N VAL K 185 13.86 44.84 69.28
CA VAL K 185 14.57 45.97 69.88
C VAL K 185 16.06 45.78 69.74
N LEU K 186 16.57 44.56 69.89
CA LEU K 186 17.94 44.23 69.52
C LEU K 186 18.19 44.48 68.04
N HIS K 187 17.31 44.04 67.14
CA HIS K 187 17.49 44.20 65.70
C HIS K 187 16.83 45.47 65.13
N CYS K 188 16.33 46.39 65.96
CA CYS K 188 16.24 47.81 65.61
C CYS K 188 17.49 48.55 66.05
N LEU K 189 17.94 48.39 67.30
CA LEU K 189 19.09 49.08 67.87
C LEU K 189 20.40 48.75 67.15
N LYS K 190 20.63 47.48 66.79
CA LYS K 190 21.78 47.04 65.98
C LYS K 190 21.86 47.85 64.67
N PRO K 191 20.84 47.85 63.79
CA PRO K 191 20.72 48.81 62.71
C PRO K 191 20.93 50.27 63.05
N GLU K 192 20.23 50.76 64.07
CA GLU K 192 20.17 52.15 64.41
C GLU K 192 21.54 52.72 64.78
N ARG K 193 22.42 51.94 65.41
CA ARG K 193 23.85 52.30 65.60
C ARG K 193 24.84 51.66 64.63
N ARG K 194 24.31 51.08 63.54
CA ARG K 194 24.99 50.84 62.24
C ARG K 194 24.77 51.95 61.21
N ALA K 195 23.82 52.87 61.46
CA ALA K 195 23.41 53.93 60.54
C ALA K 195 23.41 55.32 61.18
N LEU K 196 22.64 55.50 62.27
CA LEU K 196 22.24 56.73 62.99
C LEU K 196 21.60 57.82 62.11
N ILE L 8 19.93 23.10 -40.52
CA ILE L 8 21.09 23.15 -41.45
C ILE L 8 20.78 22.50 -42.81
N GLN L 9 19.90 21.49 -42.85
CA GLN L 9 19.39 20.96 -44.14
C GLN L 9 18.55 21.96 -44.95
N ARG L 10 17.69 22.76 -44.31
CA ARG L 10 16.98 23.88 -44.97
C ARG L 10 17.96 24.89 -45.54
N TYR L 11 19.02 25.19 -44.78
CA TYR L 11 20.07 26.09 -45.24
C TYR L 11 20.78 25.59 -46.51
N VAL L 12 21.10 24.29 -46.60
CA VAL L 12 21.59 23.75 -47.88
C VAL L 12 20.56 23.63 -49.00
N GLU L 13 19.27 23.54 -48.72
CA GLU L 13 18.25 23.68 -49.78
C GLU L 13 18.25 25.09 -50.36
N ASN L 14 18.20 26.14 -49.53
CA ASN L 14 18.25 27.52 -49.99
C ASN L 14 19.53 27.89 -50.72
N ALA L 15 20.65 27.33 -50.27
CA ALA L 15 21.89 27.38 -51.02
C ALA L 15 21.70 26.69 -52.38
N GLN L 16 21.27 25.43 -52.49
CA GLN L 16 21.11 24.78 -53.80
C GLN L 16 20.23 25.58 -54.77
N ASN L 17 19.10 26.08 -54.27
CA ASN L 17 18.19 26.86 -55.09
C ASN L 17 18.83 28.14 -55.64
N SER L 18 19.56 28.84 -54.77
CA SER L 18 20.23 30.07 -55.18
C SER L 18 21.27 29.79 -56.25
N ALA L 19 22.01 28.70 -56.10
CA ALA L 19 23.02 28.32 -57.08
C ALA L 19 22.36 28.04 -58.42
N SER L 20 21.22 27.36 -58.39
CA SER L 20 20.49 27.03 -59.60
C SER L 20 20.03 28.31 -60.28
N SER L 21 19.57 29.26 -59.47
CA SER L 21 19.10 30.54 -59.98
C SER L 21 20.25 31.29 -60.66
N PRO L 22 21.43 31.23 -60.05
CA PRO L 22 22.62 31.89 -60.60
C PRO L 22 23.88 31.45 -59.88
N LYS L 25 27.26 32.70 -58.88
CA LYS L 25 27.00 32.50 -57.44
C LYS L 25 28.07 31.85 -56.55
N SER L 26 29.29 32.35 -56.62
CA SER L 26 30.35 31.86 -55.75
C SER L 26 29.95 31.82 -54.27
N MET L 27 29.33 32.85 -53.70
CA MET L 27 28.99 32.81 -52.27
C MET L 27 28.02 31.69 -51.88
N LYS L 28 27.07 31.31 -52.76
CA LYS L 28 26.36 30.04 -52.55
C LYS L 28 27.36 28.92 -52.45
N GLY L 29 28.15 28.72 -53.49
CA GLY L 29 28.98 27.52 -53.57
C GLY L 29 29.98 27.36 -52.44
N PHE L 30 30.54 28.47 -51.98
CA PHE L 30 31.36 28.63 -50.80
C PHE L 30 30.63 28.30 -49.50
N LEU L 31 29.37 28.73 -49.41
CA LEU L 31 28.55 28.47 -48.23
C LEU L 31 28.36 26.97 -48.09
N PHE L 32 28.22 26.29 -49.23
CA PHE L 32 28.06 24.84 -49.23
C PHE L 32 29.31 24.24 -48.62
N ALA L 33 30.46 24.83 -48.95
CA ALA L 33 31.74 24.37 -48.41
C ALA L 33 31.74 24.54 -46.89
N ARG L 34 31.18 25.64 -46.42
CA ARG L 34 31.09 25.92 -45.00
C ARG L 34 30.23 24.87 -44.31
N LEU L 35 29.13 24.50 -44.96
CA LEU L 35 28.22 23.49 -44.45
C LEU L 35 28.95 22.16 -44.36
N TYR L 36 29.76 21.88 -45.36
CA TYR L 36 30.54 20.65 -45.41
C TYR L 36 31.53 20.63 -44.24
N TYR L 37 32.14 21.79 -43.98
CA TYR L 37 33.09 21.90 -42.87
C TYR L 37 32.36 21.61 -41.58
N GLU L 38 31.15 22.16 -41.46
CA GLU L 38 30.33 21.92 -40.28
C GLU L 38 30.06 20.43 -40.31
N GLU L 41 31.83 15.52 -45.33
CA GLU L 41 32.13 14.93 -46.65
C GLU L 41 33.08 15.91 -47.39
N TYR L 42 34.33 15.82 -46.96
CA TYR L 42 35.42 16.69 -47.39
C TYR L 42 35.74 16.74 -48.88
N GLU L 43 35.70 15.62 -49.60
CA GLU L 43 36.02 15.69 -51.02
C GLU L 43 35.00 16.59 -51.74
N LEU L 44 33.73 16.40 -51.40
CA LEU L 44 32.66 17.20 -51.99
C LEU L 44 32.80 18.67 -51.63
N ALA L 45 33.15 18.92 -50.37
CA ALA L 45 33.33 20.29 -49.90
C ALA L 45 34.46 20.95 -50.66
N LYS L 46 35.53 20.19 -50.89
CA LYS L 46 36.69 20.68 -51.61
C LYS L 46 36.30 21.03 -53.03
N ARG L 47 35.48 20.17 -53.63
CA ARG L 47 35.02 20.42 -55.00
C ARG L 47 34.22 21.70 -55.04
N SER L 48 33.36 21.89 -54.03
CA SER L 48 32.53 23.09 -53.96
C SER L 48 33.41 24.34 -53.82
N VAL L 49 34.44 24.23 -53.00
CA VAL L 49 35.36 25.35 -52.77
C VAL L 49 36.07 25.70 -54.07
N SER L 50 36.44 24.67 -54.82
CA SER L 50 37.13 24.85 -56.09
C SER L 50 36.25 25.60 -57.07
N SER L 51 34.96 25.27 -57.07
CA SER L 51 34.03 25.92 -57.98
C SER L 51 33.82 27.37 -57.56
N TYR L 52 33.70 27.60 -56.26
CA TYR L 52 33.51 28.95 -55.76
C TYR L 52 34.71 29.83 -56.09
N ILE L 53 35.90 29.25 -55.95
CA ILE L 53 37.13 29.98 -56.23
C ILE L 53 37.16 30.36 -57.71
N SER L 54 36.74 29.42 -58.55
CA SER L 54 36.71 29.66 -59.99
C SER L 54 35.75 30.79 -60.35
N VAL L 55 34.60 30.81 -59.67
CA VAL L 55 33.59 31.83 -59.93
C VAL L 55 34.02 33.27 -59.60
N GLN L 56 34.74 33.43 -58.50
CA GLN L 56 35.19 34.73 -58.03
C GLN L 56 36.11 34.55 -56.82
N GLU L 57 36.81 35.61 -56.43
CA GLU L 57 37.70 35.53 -55.27
C GLU L 57 37.05 36.23 -54.08
N ARG L 58 36.89 35.49 -52.98
CA ARG L 58 36.26 36.01 -51.77
C ARG L 58 36.92 35.51 -50.49
N ASP L 59 36.73 36.27 -49.42
CA ASP L 59 37.24 36.04 -48.04
C ASP L 59 38.43 35.09 -47.75
N PRO L 60 39.36 35.59 -46.94
CA PRO L 60 40.53 34.81 -46.58
C PRO L 60 40.23 33.34 -46.23
N LYS L 61 39.02 33.07 -45.73
CA LYS L 61 38.59 31.75 -45.28
C LYS L 61 38.24 30.86 -46.48
N ALA L 62 37.70 31.45 -47.54
CA ALA L 62 37.57 30.80 -48.83
C ALA L 62 38.92 30.41 -49.42
N HIS L 63 39.81 31.41 -49.53
CA HIS L 63 41.14 31.18 -50.12
C HIS L 63 41.90 30.10 -49.42
N ARG L 64 41.90 30.11 -48.08
CA ARG L 64 42.58 29.09 -47.29
C ARG L 64 41.90 27.74 -47.27
N PHE L 65 40.57 27.65 -47.35
CA PHE L 65 39.97 26.33 -47.45
C PHE L 65 40.31 25.64 -48.79
N LEU L 66 40.18 26.33 -49.94
CA LEU L 66 40.64 25.76 -51.22
C LEU L 66 42.13 25.46 -51.21
N GLY L 67 42.93 26.39 -50.74
CA GLY L 67 44.38 26.26 -50.82
C GLY L 67 44.91 25.15 -49.93
N GLN L 68 44.29 24.94 -48.76
CA GLN L 68 44.56 23.81 -47.89
C GLN L 68 44.13 22.47 -48.52
N LEU L 69 42.97 22.44 -49.17
CA LEU L 69 42.52 21.27 -49.91
C LEU L 69 43.51 20.87 -51.03
N PHE L 70 43.95 21.82 -51.86
CA PHE L 70 44.89 21.54 -52.94
C PHE L 70 46.29 21.14 -52.45
N GLU L 71 46.80 21.87 -51.46
CA GLU L 71 48.02 21.59 -50.69
C GLU L 71 48.05 20.12 -50.25
N ILE L 72 47.01 19.63 -49.56
CA ILE L 72 47.00 18.21 -49.16
C ILE L 72 46.68 17.21 -50.30
N GLU L 73 46.05 17.64 -51.41
CA GLU L 73 45.95 16.86 -52.66
C GLU L 73 47.31 16.81 -53.40
N GLY L 74 48.35 17.50 -52.89
CA GLY L 74 49.67 17.54 -53.49
C GLY L 74 49.79 18.48 -54.70
N ASN L 75 48.70 19.16 -55.07
CA ASN L 75 48.56 19.96 -56.29
C ASN L 75 49.02 21.41 -56.04
N VAL L 76 50.31 21.53 -55.74
CA VAL L 76 50.97 22.79 -55.42
C VAL L 76 50.84 23.88 -56.50
N GLU L 77 50.63 23.52 -57.77
CA GLU L 77 50.30 24.47 -58.85
C GLU L 77 48.90 25.11 -58.67
N LYS L 78 47.87 24.35 -58.28
CA LYS L 78 46.58 24.96 -57.95
C LYS L 78 46.64 25.83 -56.69
N ALA L 79 47.37 25.36 -55.67
CA ALA L 79 47.50 26.13 -54.43
C ALA L 79 48.26 27.43 -54.66
N VAL L 80 49.33 27.45 -55.47
CA VAL L 80 49.90 28.73 -55.91
C VAL L 80 48.87 29.53 -56.64
N GLY L 81 48.06 28.96 -57.52
CA GLY L 81 47.10 29.77 -58.26
C GLY L 81 46.13 30.55 -57.37
N CYS L 82 45.47 29.84 -56.45
CA CYS L 82 44.61 30.45 -55.43
C CYS L 82 45.37 31.52 -54.66
N TYR L 83 46.50 31.17 -54.07
CA TYR L 83 47.18 32.03 -53.11
C TYR L 83 47.86 33.26 -53.74
N LYS L 84 48.33 33.13 -54.98
CA LYS L 84 48.82 34.20 -55.84
C LYS L 84 47.69 35.15 -56.16
N ARG L 85 46.51 34.65 -56.53
CA ARG L 85 45.36 35.53 -56.79
C ARG L 85 44.86 36.22 -55.51
N SER L 86 44.86 35.54 -54.38
CA SER L 86 44.49 36.05 -53.06
C SER L 86 45.43 37.08 -52.45
N LEU L 87 46.71 37.04 -52.83
CA LEU L 87 47.69 38.06 -52.54
C LEU L 87 47.50 39.26 -53.48
N GLU L 88 47.55 39.05 -54.79
CA GLU L 88 47.59 40.13 -55.76
C GLU L 88 46.24 40.85 -56.02
N LEU L 89 45.17 40.18 -55.62
CA LEU L 89 43.82 40.71 -55.67
C LEU L 89 43.76 41.84 -54.65
N ASN L 90 44.54 41.66 -53.58
CA ASN L 90 44.63 42.60 -52.45
C ASN L 90 43.63 42.31 -51.34
N PRO L 91 42.92 41.12 -51.44
CA PRO L 91 41.97 40.89 -50.33
C PRO L 91 42.60 40.75 -48.95
N THR L 92 43.71 40.02 -48.82
CA THR L 92 44.36 39.83 -47.51
C THR L 92 45.38 38.69 -47.45
N GLN L 93 46.59 38.91 -47.93
CA GLN L 93 47.64 37.90 -47.90
C GLN L 93 48.74 38.29 -46.91
N LYS L 94 49.10 37.38 -46.00
CA LYS L 94 50.12 37.68 -44.99
C LYS L 94 51.41 36.85 -45.09
N LEU L 96 49.70 30.68 -46.96
CA LEU L 96 50.12 30.51 -48.34
C LEU L 96 51.59 30.77 -48.55
N THR L 97 52.10 31.74 -47.80
CA THR L 97 53.49 32.12 -47.66
C THR L 97 54.46 30.94 -47.58
N LEU L 98 54.14 29.96 -46.73
CA LEU L 98 54.81 28.66 -46.64
C LEU L 98 54.78 27.93 -47.96
N ARG L 99 53.59 27.72 -48.54
CA ARG L 99 53.58 26.92 -49.80
C ARG L 99 54.26 27.58 -50.99
N ILE L 100 54.24 28.91 -51.04
CA ILE L 100 54.87 29.64 -52.14
C ILE L 100 56.38 29.50 -52.11
N ALA L 101 56.99 29.92 -51.01
CA ALA L 101 58.44 29.83 -50.86
C ALA L 101 58.89 28.38 -50.89
N GLU L 102 58.14 27.51 -50.24
CA GLU L 102 58.47 26.09 -50.21
C GLU L 102 58.40 25.52 -51.61
N LEU L 103 57.39 25.93 -52.36
CA LEU L 103 57.22 25.48 -53.74
C LEU L 103 58.41 25.92 -54.59
N ILE L 104 58.83 27.16 -54.36
CA ILE L 104 59.97 27.71 -55.10
C ILE L 104 61.22 26.90 -54.79
N CYS L 105 61.39 26.55 -53.52
CA CYS L 105 62.54 25.77 -53.09
C CYS L 105 62.52 24.40 -53.76
N THR L 106 61.33 23.81 -53.85
CA THR L 106 61.17 22.51 -54.48
C THR L 106 61.55 22.61 -55.95
N LEU L 107 61.14 23.69 -56.59
CA LEU L 107 61.43 23.93 -57.99
C LEU L 107 62.94 24.06 -58.20
N ASN L 108 63.59 24.74 -57.27
CA ASN L 108 65.03 24.94 -57.34
C ASN L 108 65.42 26.02 -58.36
N ARG L 113 63.98 35.40 -59.20
CA ARG L 113 62.58 35.29 -58.81
C ARG L 113 62.44 34.63 -57.44
N ALA L 114 62.91 33.39 -57.33
CA ALA L 114 62.84 32.65 -56.08
C ALA L 114 63.65 33.35 -54.99
N GLU L 115 64.83 33.84 -55.37
CA GLU L 115 65.69 34.54 -54.43
C GLU L 115 65.00 35.80 -53.94
N TYR L 116 64.34 36.50 -54.85
CA TYR L 116 63.62 37.72 -54.50
C TYR L 116 62.50 37.40 -53.53
N TRP L 117 61.81 36.29 -53.78
CA TRP L 117 60.71 35.87 -52.92
C TRP L 117 61.25 35.57 -51.53
N VAL L 118 62.40 34.92 -51.46
CA VAL L 118 63.03 34.57 -50.20
C VAL L 118 63.39 35.85 -49.44
N GLU L 119 63.89 36.84 -50.17
CA GLU L 119 64.26 38.11 -49.57
C GLU L 119 63.03 38.78 -48.99
N ARG L 120 61.92 38.72 -49.74
CA ARG L 120 60.67 39.31 -49.29
C ARG L 120 60.20 38.63 -48.02
N ALA L 121 60.34 37.30 -47.98
CA ALA L 121 59.93 36.54 -46.81
C ALA L 121 60.77 36.95 -45.61
N SER L 122 62.07 37.15 -45.83
CA SER L 122 62.97 37.56 -44.77
C SER L 122 62.56 38.93 -44.25
N LYS L 123 62.18 39.81 -45.16
CA LYS L 123 61.76 41.16 -44.80
C LYS L 123 60.50 41.10 -43.95
N GLY L 127 62.92 37.75 -37.39
CA GLY L 127 62.94 36.59 -36.47
C GLY L 127 61.94 35.51 -36.90
N SER L 128 61.97 35.12 -38.17
CA SER L 128 61.25 33.95 -38.68
C SER L 128 62.25 32.81 -38.98
N PRO L 129 62.38 31.83 -38.09
CA PRO L 129 63.52 30.90 -38.09
C PRO L 129 63.54 29.94 -39.28
N GLU L 130 62.49 29.12 -39.42
CA GLU L 130 62.34 28.16 -40.52
C GLU L 130 62.47 28.77 -41.92
N ILE L 131 62.25 30.07 -42.00
CA ILE L 131 62.35 30.92 -43.17
C ILE L 131 63.81 31.29 -43.42
N TYR L 132 64.55 31.69 -42.37
CA TYR L 132 66.01 31.75 -42.48
C TYR L 132 66.66 30.42 -42.88
N ARG L 133 66.15 29.28 -42.40
CA ARG L 133 66.58 27.92 -42.76
C ARG L 133 66.29 27.54 -44.22
N LEU L 134 65.07 27.67 -44.67
CA LEU L 134 64.72 27.42 -46.07
C LEU L 134 65.54 28.34 -46.99
N LYS L 135 65.74 29.60 -46.59
CA LYS L 135 66.60 30.56 -47.29
C LYS L 135 68.03 30.07 -47.47
N GLU L 136 68.68 29.67 -46.37
CA GLU L 136 69.99 29.03 -46.47
C GLU L 136 69.93 27.85 -47.43
N GLN L 137 68.96 26.95 -47.36
CA GLN L 137 68.98 25.78 -48.22
C GLN L 137 68.85 26.10 -49.73
N LEU L 138 68.10 27.15 -50.06
CA LEU L 138 68.02 27.73 -51.40
C LEU L 138 69.38 28.22 -51.87
N LEU L 139 70.04 29.04 -51.06
CA LEU L 139 71.43 29.39 -51.33
C LEU L 139 72.31 28.11 -51.47
N SER L 140 72.00 26.98 -50.84
CA SER L 140 72.90 25.81 -50.88
C SER L 140 72.74 25.06 -52.17
N SER L 141 71.61 25.27 -52.84
CA SER L 141 71.44 24.78 -54.19
C SER L 141 71.71 25.83 -55.27
N GLN L 142 71.68 27.10 -54.89
CA GLN L 142 71.97 28.20 -55.79
C GLN L 142 72.84 29.21 -55.06
N TRP L 147 81.04 28.74 -51.08
CA TRP L 147 80.94 28.02 -49.82
C TRP L 147 81.14 28.97 -48.64
N ASN L 148 81.91 30.03 -48.86
CA ASN L 148 82.18 31.01 -47.82
C ASN L 148 80.90 31.70 -47.36
N GLN L 149 80.04 32.05 -48.32
CA GLN L 149 78.78 32.71 -48.00
C GLN L 149 77.91 31.77 -47.16
N LEU L 150 77.92 30.49 -47.52
CA LEU L 150 77.14 29.50 -46.79
C LEU L 150 77.66 29.39 -45.36
N PHE L 151 78.98 29.41 -45.22
CA PHE L 151 79.60 29.33 -43.91
C PHE L 151 79.20 30.53 -43.06
N ASP L 152 79.16 31.69 -43.69
CA ASP L 152 78.79 32.93 -43.02
C ASP L 152 77.33 32.85 -42.55
N LEU L 153 76.49 32.28 -43.39
CA LEU L 153 75.07 32.13 -43.08
C LEU L 153 74.87 31.46 -41.72
N ILE L 154 75.64 30.40 -41.47
CA ILE L 154 75.55 29.66 -40.22
C ILE L 154 76.06 30.55 -39.09
N GLN L 155 77.15 31.27 -39.35
CA GLN L 155 77.73 32.14 -38.34
C GLN L 155 76.72 33.20 -37.95
N ALA L 156 76.02 33.75 -38.96
CA ALA L 156 75.03 34.77 -38.71
C ALA L 156 73.87 34.25 -37.86
N GLU L 157 73.39 33.04 -38.15
CA GLU L 157 72.27 32.47 -37.39
C GLU L 157 72.59 32.21 -35.91
N LEU L 158 73.80 31.72 -35.70
CA LEU L 158 74.36 31.35 -34.40
C LEU L 158 74.57 32.54 -33.47
N PHE L 159 74.89 33.71 -34.03
CA PHE L 159 75.06 34.97 -33.28
C PHE L 159 73.76 35.44 -32.64
N ASP L 164 71.80 29.25 -28.05
CA ASP L 164 71.28 27.99 -28.59
C ASP L 164 72.33 27.02 -29.16
N VAL L 165 72.58 26.04 -28.32
CA VAL L 165 73.58 25.00 -28.47
C VAL L 165 73.51 24.29 -29.82
N TYR L 166 72.31 23.93 -30.29
CA TYR L 166 72.14 23.16 -31.53
C TYR L 166 72.34 23.93 -32.82
N VAL L 167 72.13 25.25 -32.75
CA VAL L 167 72.62 26.23 -33.73
C VAL L 167 74.14 26.16 -33.76
N ASN L 168 74.76 26.32 -32.60
CA ASN L 168 76.21 26.34 -32.50
C ASN L 168 76.88 25.05 -33.01
N LEU L 169 76.16 23.94 -32.87
CA LEU L 169 76.58 22.60 -33.25
C LEU L 169 76.40 22.29 -34.71
N LYS L 170 75.30 22.70 -35.35
CA LYS L 170 75.24 22.60 -36.81
C LYS L 170 76.19 23.59 -37.49
N LEU L 171 76.49 24.72 -36.84
CA LEU L 171 77.40 25.76 -37.33
C LEU L 171 78.79 25.21 -37.36
N VAL L 172 79.23 24.61 -36.26
CA VAL L 172 80.53 23.96 -36.29
C VAL L 172 80.63 22.73 -37.17
N ASP L 173 79.54 22.00 -37.36
CA ASP L 173 79.59 20.88 -38.29
C ASP L 173 79.75 21.28 -39.75
N LEU L 174 79.12 22.37 -40.16
CA LEU L 174 79.22 22.83 -41.54
C LEU L 174 80.39 23.77 -41.81
N PHE L 175 80.92 24.40 -40.77
CA PHE L 175 82.29 24.87 -40.79
C PHE L 175 83.20 23.65 -41.05
N LEU L 176 83.09 22.52 -40.32
CA LEU L 176 83.89 21.29 -40.57
C LEU L 176 83.88 20.95 -42.06
N SER L 177 82.69 20.87 -42.65
CA SER L 177 82.57 20.64 -44.08
C SER L 177 83.33 21.61 -44.99
N ASN L 178 83.17 22.93 -44.80
CA ASN L 178 83.88 23.96 -45.57
C ASN L 178 85.42 23.89 -45.43
N GLN L 179 85.84 23.41 -44.26
CA GLN L 179 87.24 23.26 -43.90
C GLN L 179 87.72 24.46 -43.08
N ARG L 180 87.33 24.47 -41.81
CA ARG L 180 87.72 25.52 -40.87
C ARG L 180 87.96 24.88 -39.51
N LEU L 181 89.04 24.11 -39.39
CA LEU L 181 89.34 23.42 -38.14
C LEU L 181 89.61 24.31 -36.94
N GLU L 182 90.38 25.37 -37.11
CA GLU L 182 90.69 26.26 -36.00
C GLU L 182 89.48 26.99 -35.43
N GLU L 183 88.65 27.54 -36.32
CA GLU L 183 87.46 28.27 -35.90
C GLU L 183 86.40 27.40 -35.23
N ALA L 184 86.18 26.21 -35.79
CA ALA L 184 85.19 25.26 -35.30
C ALA L 184 85.42 24.69 -33.90
N VAL L 185 86.67 24.38 -33.57
CA VAL L 185 86.97 23.79 -32.27
C VAL L 185 86.83 24.83 -31.19
N LEU L 186 87.23 26.07 -31.42
CA LEU L 186 86.91 27.17 -30.54
C LEU L 186 85.41 27.38 -30.42
N HIS L 187 84.66 27.37 -31.53
CA HIS L 187 83.21 27.59 -31.52
C HIS L 187 82.39 26.30 -31.44
N CYS L 188 83.01 25.13 -31.21
CA CYS L 188 82.34 24.00 -30.55
C CYS L 188 82.56 24.05 -29.05
N LEU L 189 83.80 24.21 -28.59
CA LEU L 189 84.16 24.23 -27.17
C LEU L 189 83.49 25.38 -26.39
N LYS L 190 83.42 26.58 -26.97
CA LYS L 190 82.70 27.73 -26.39
C LYS L 190 81.24 27.34 -26.08
N PRO L 191 80.42 26.92 -27.07
CA PRO L 191 79.14 26.26 -26.80
C PRO L 191 79.14 25.16 -25.76
N GLU L 192 80.04 24.20 -25.91
CA GLU L 192 80.06 22.98 -25.13
C GLU L 192 80.23 23.24 -23.64
N ARG L 193 81.00 24.27 -23.25
CA ARG L 193 81.07 24.76 -21.85
C ARG L 193 80.23 26.02 -21.55
N ARG L 194 79.32 26.37 -22.46
CA ARG L 194 78.09 27.17 -22.25
C ARG L 194 76.84 26.32 -21.98
N ALA L 195 76.91 25.01 -22.21
CA ALA L 195 75.77 24.07 -22.10
C ALA L 195 76.08 22.85 -21.23
N LEU L 196 77.13 22.08 -21.59
CA LEU L 196 77.55 20.75 -21.13
C LEU L 196 76.47 19.65 -21.18
N ILE M 8 66.60 -21.82 74.38
CA ILE M 8 66.01 -22.57 75.48
C ILE M 8 64.96 -23.54 74.95
N GLN M 9 64.18 -23.07 73.98
CA GLN M 9 63.13 -23.88 73.37
C GLN M 9 63.76 -25.07 72.65
N ARG M 10 64.88 -24.83 71.98
CA ARG M 10 65.58 -25.87 71.23
C ARG M 10 65.99 -27.00 72.16
N TYR M 11 66.54 -26.64 73.32
CA TYR M 11 66.98 -27.64 74.30
C TYR M 11 65.84 -28.51 74.83
N VAL M 12 64.66 -27.94 75.13
CA VAL M 12 63.50 -28.77 75.44
C VAL M 12 62.89 -29.53 74.28
N GLU M 13 63.04 -29.11 73.03
CA GLU M 13 62.67 -29.95 71.88
C GLU M 13 63.58 -31.20 71.80
N ASN M 14 64.90 -31.03 71.87
CA ASN M 14 65.83 -32.17 71.85
C ASN M 14 65.66 -33.13 73.02
N ALA M 15 65.34 -32.57 74.20
CA ALA M 15 64.90 -33.37 75.31
C ALA M 15 63.61 -34.13 74.95
N GLN M 16 62.52 -33.50 74.50
CA GLN M 16 61.28 -34.23 74.17
C GLN M 16 61.52 -35.38 73.16
N ASN M 17 62.38 -35.14 72.17
CA ASN M 17 62.82 -36.15 71.20
C ASN M 17 63.52 -37.33 71.89
N SER M 18 64.49 -37.03 72.75
CA SER M 18 65.17 -37.97 73.66
C SER M 18 64.31 -38.41 74.85
N ALA M 19 62.99 -38.23 74.80
CA ALA M 19 62.04 -38.79 75.75
C ALA M 19 61.16 -39.81 75.04
N SER M 20 60.78 -39.42 73.83
CA SER M 20 59.96 -40.19 72.92
C SER M 20 60.72 -41.44 72.46
N SER M 21 61.96 -41.25 72.02
CA SER M 21 62.75 -42.34 71.44
C SER M 21 63.35 -43.32 72.47
N PRO M 22 64.21 -42.89 73.42
CA PRO M 22 64.79 -43.78 74.44
C PRO M 22 63.91 -43.95 75.71
N ARG M 23 62.58 -43.95 75.55
CA ARG M 23 61.42 -44.09 76.50
C ARG M 23 61.64 -44.35 77.99
N GLU M 24 62.66 -45.09 78.43
CA GLU M 24 63.09 -45.10 79.82
C GLU M 24 63.77 -43.79 80.23
N LYS M 25 64.88 -43.41 79.58
CA LYS M 25 65.48 -42.06 79.52
C LYS M 25 65.32 -41.09 80.71
N SER M 26 65.63 -41.56 81.91
CA SER M 26 65.59 -40.68 83.07
C SER M 26 66.35 -39.38 82.88
N MET M 27 67.57 -39.38 82.34
CA MET M 27 68.31 -38.12 82.21
C MET M 27 67.65 -37.08 81.28
N LYS M 28 66.93 -37.51 80.22
CA LYS M 28 66.01 -36.58 79.55
C LYS M 28 65.05 -36.01 80.55
N GLY M 29 64.28 -36.87 81.20
CA GLY M 29 63.15 -36.39 82.00
C GLY M 29 63.53 -35.47 83.15
N PHE M 30 64.63 -35.83 83.83
CA PHE M 30 65.17 -35.05 84.93
C PHE M 30 65.62 -33.74 84.32
N LEU M 31 66.18 -33.83 83.12
CA LEU M 31 66.65 -32.67 82.38
C LEU M 31 65.45 -31.79 82.10
N PHE M 32 64.32 -32.42 81.79
CA PHE M 32 63.09 -31.69 81.50
C PHE M 32 62.67 -30.94 82.77
N ALA M 33 62.83 -31.60 83.92
CA ALA M 33 62.48 -31.01 85.20
C ALA M 33 63.36 -29.79 85.47
N ARG M 34 64.63 -29.90 85.12
CA ARG M 34 65.60 -28.82 85.28
C ARG M 34 65.20 -27.65 84.39
N LEU M 35 64.75 -27.97 83.19
CA LEU M 35 64.31 -26.96 82.24
C LEU M 35 63.10 -26.23 82.80
N TYR M 36 62.21 -27.00 83.44
CA TYR M 36 61.02 -26.44 84.05
C TYR M 36 61.40 -25.50 85.18
N TYR M 37 62.41 -25.90 85.97
CA TYR M 37 62.88 -25.07 87.07
C TYR M 37 63.41 -23.78 86.49
N GLU M 38 64.15 -23.91 85.39
CA GLU M 38 64.67 -22.76 84.68
C GLU M 38 63.45 -22.01 84.21
N ALA M 39 62.46 -22.77 83.76
CA ALA M 39 61.20 -22.19 83.31
C ALA M 39 60.39 -21.96 84.57
N LYS M 40 59.13 -21.60 84.43
CA LYS M 40 58.32 -21.36 85.62
C LYS M 40 57.01 -22.12 85.66
N GLU M 41 57.10 -23.43 85.92
CA GLU M 41 55.89 -24.27 86.03
C GLU M 41 56.26 -25.51 86.87
N TYR M 42 56.47 -25.24 88.16
CA TYR M 42 56.93 -26.22 89.14
C TYR M 42 56.01 -27.43 89.31
N GLU M 43 54.75 -27.38 88.85
CA GLU M 43 53.87 -28.55 88.86
C GLU M 43 54.22 -29.56 87.75
N LEU M 44 54.58 -29.06 86.57
CA LEU M 44 55.04 -29.90 85.47
C LEU M 44 56.47 -30.40 85.71
N ALA M 45 57.35 -29.54 86.21
CA ALA M 45 58.72 -29.97 86.47
C ALA M 45 58.74 -31.10 87.50
N LYS M 46 57.91 -30.96 88.54
CA LYS M 46 57.84 -31.98 89.58
C LYS M 46 57.34 -33.29 89.00
N ARG M 47 56.35 -33.21 88.11
CA ARG M 47 55.79 -34.39 87.48
C ARG M 47 56.86 -35.08 86.64
N SER M 48 57.66 -34.28 85.94
CA SER M 48 58.73 -34.81 85.11
C SER M 48 59.74 -35.53 85.98
N VAL M 49 60.04 -34.94 87.14
CA VAL M 49 60.98 -35.54 88.07
C VAL M 49 60.46 -36.88 88.56
N SER M 50 59.16 -36.93 88.85
CA SER M 50 58.52 -38.15 89.31
C SER M 50 58.61 -39.23 88.24
N SER M 51 58.39 -38.82 87.00
CA SER M 51 58.46 -39.74 85.87
C SER M 51 59.87 -40.30 85.75
N TYR M 52 60.86 -39.43 85.94
CA TYR M 52 62.25 -39.85 85.86
C TYR M 52 62.55 -40.86 86.96
N ILE M 53 62.00 -40.60 88.14
CA ILE M 53 62.18 -41.50 89.28
C ILE M 53 61.58 -42.87 88.99
N SER M 54 60.40 -42.88 88.36
CA SER M 54 59.74 -44.14 88.03
C SER M 54 60.58 -44.95 87.05
N VAL M 55 61.17 -44.25 86.08
CA VAL M 55 62.02 -44.86 85.07
C VAL M 55 63.35 -45.32 85.65
N ARG M 58 69.21 -42.65 90.98
CA ARG M 58 70.47 -41.96 91.28
C ARG M 58 70.34 -40.46 91.51
N ASP M 59 69.42 -39.78 90.83
CA ASP M 59 69.63 -38.35 90.61
C ASP M 59 69.24 -37.48 91.84
N PRO M 60 70.23 -36.85 92.49
CA PRO M 60 69.98 -36.17 93.75
C PRO M 60 69.07 -34.93 93.62
N LYS M 61 69.08 -34.29 92.44
CA LYS M 61 68.32 -33.08 92.16
C LYS M 61 66.83 -33.39 91.93
N ALA M 62 66.55 -34.55 91.33
CA ALA M 62 65.22 -35.12 91.29
C ALA M 62 64.66 -35.40 92.67
N HIS M 63 65.42 -36.18 93.45
CA HIS M 63 65.00 -36.59 94.80
C HIS M 63 64.70 -35.40 95.68
N ARG M 64 65.58 -34.38 95.66
CA ARG M 64 65.38 -33.17 96.45
C ARG M 64 64.29 -32.24 95.92
N PHE M 65 64.06 -32.16 94.62
CA PHE M 65 62.94 -31.35 94.17
C PHE M 65 61.57 -31.96 94.60
N LEU M 66 61.35 -33.26 94.39
CA LEU M 66 60.14 -33.91 94.93
C LEU M 66 60.04 -33.81 96.44
N GLY M 67 61.14 -34.10 97.15
CA GLY M 67 61.13 -34.17 98.59
C GLY M 67 60.91 -32.81 99.23
N GLN M 68 61.43 -31.74 98.63
CA GLN M 68 61.17 -30.36 99.02
C GLN M 68 59.72 -29.97 98.75
N LEU M 69 59.15 -30.38 97.60
CA LEU M 69 57.74 -30.16 97.31
C LEU M 69 56.81 -30.82 98.34
N PHE M 70 57.04 -32.08 98.67
CA PHE M 70 56.22 -32.81 99.65
C PHE M 70 56.37 -32.26 101.08
N GLU M 71 57.62 -32.01 101.49
CA GLU M 71 57.99 -31.32 102.73
C GLU M 71 57.17 -30.05 102.94
N ILE M 72 57.14 -29.14 101.96
CA ILE M 72 56.33 -27.92 102.10
C ILE M 72 54.81 -28.14 101.90
N GLU M 73 54.35 -29.21 101.23
CA GLU M 73 52.94 -29.66 101.24
C GLU M 73 52.56 -30.28 102.60
N GLY M 74 53.50 -30.41 103.54
CA GLY M 74 53.27 -30.98 104.87
C GLY M 74 53.22 -32.51 104.89
N ASN M 75 53.40 -33.16 103.73
CA ASN M 75 53.20 -34.59 103.51
C ASN M 75 54.51 -35.37 103.80
N VAL M 76 54.91 -35.30 105.07
CA VAL M 76 56.14 -35.91 105.57
C VAL M 76 56.25 -37.42 105.34
N GLU M 77 55.15 -38.15 105.18
CA GLU M 77 55.14 -39.56 104.74
C GLU M 77 55.60 -39.76 103.28
N LYS M 78 55.19 -38.88 102.35
CA LYS M 78 55.74 -38.94 100.98
C LYS M 78 57.21 -38.54 100.94
N ALA M 79 57.59 -37.51 101.71
CA ALA M 79 58.97 -37.06 101.75
C ALA M 79 59.90 -38.12 102.35
N VAL M 80 59.48 -38.82 103.41
CA VAL M 80 60.22 -40.01 103.84
C VAL M 80 60.27 -41.02 102.73
N GLY M 81 59.19 -41.28 102.00
CA GLY M 81 59.24 -42.29 100.95
C GLY M 81 60.30 -42.05 99.89
N CYS M 82 60.30 -40.84 99.31
CA CYS M 82 61.35 -40.40 98.39
C CYS M 82 62.73 -40.56 99.00
N TYR M 83 62.95 -39.96 100.17
CA TYR M 83 64.29 -39.81 100.74
C TYR M 83 64.86 -41.12 101.28
N LYS M 84 64.02 -42.02 101.77
CA LYS M 84 64.32 -43.40 102.14
C LYS M 84 64.74 -44.18 100.90
N ARG M 85 64.00 -44.06 99.80
CA ARG M 85 64.40 -44.74 98.56
C ARG M 85 65.69 -44.18 97.97
N SER M 86 65.90 -42.87 98.04
CA SER M 86 67.11 -42.17 97.60
C SER M 86 68.38 -42.43 98.41
N LEU M 87 68.22 -42.77 99.69
CA LEU M 87 69.28 -43.28 100.55
C LEU M 87 69.56 -44.75 100.23
N GLU M 88 68.55 -45.62 100.31
CA GLU M 88 68.76 -47.07 100.23
C GLU M 88 69.01 -47.63 98.82
N LEU M 89 68.80 -46.85 97.76
CA LEU M 89 69.33 -47.14 96.42
C LEU M 89 70.85 -46.92 96.30
N ASN M 90 71.49 -46.40 97.36
CA ASN M 90 72.83 -45.83 97.46
C ASN M 90 73.55 -45.45 96.14
N PRO M 91 73.01 -44.45 95.40
CA PRO M 91 73.40 -44.21 94.01
C PRO M 91 74.01 -42.80 93.81
N THR M 92 73.92 -41.92 94.83
CA THR M 92 74.63 -40.65 95.09
C THR M 92 73.82 -39.52 95.77
N GLN M 93 73.39 -39.68 97.04
CA GLN M 93 72.84 -38.54 97.79
C GLN M 93 73.03 -38.63 99.33
N LYS M 94 72.55 -37.63 100.07
CA LYS M 94 73.01 -37.25 101.43
C LYS M 94 71.90 -36.78 102.40
N ASP M 95 71.16 -35.72 102.10
CA ASP M 95 70.36 -34.99 103.11
C ASP M 95 69.19 -35.75 103.77
N LEU M 96 68.73 -36.70 102.99
CA LEU M 96 67.49 -37.46 103.12
C LEU M 96 67.31 -38.04 104.49
N THR M 97 68.42 -38.45 105.08
CA THR M 97 68.58 -38.90 106.46
C THR M 97 67.78 -38.10 107.49
N LEU M 98 67.88 -36.77 107.41
CA LEU M 98 67.07 -35.82 108.16
C LEU M 98 65.59 -36.02 107.89
N ARG M 99 65.16 -36.00 106.62
CA ARG M 99 63.70 -36.11 106.39
C ARG M 99 63.09 -37.47 106.76
N ILE M 100 63.89 -38.54 106.77
CA ILE M 100 63.47 -39.81 107.38
C ILE M 100 63.23 -39.60 108.88
N ALA M 101 64.20 -38.98 109.58
CA ALA M 101 64.06 -38.81 111.03
C ALA M 101 62.84 -37.97 111.42
N GLU M 102 62.60 -36.89 110.70
CA GLU M 102 61.52 -35.94 110.95
C GLU M 102 60.14 -36.55 110.63
N LEU M 103 60.07 -37.35 109.55
CA LEU M 103 58.89 -38.19 109.34
C LEU M 103 58.64 -39.07 110.55
N ILE M 104 59.59 -39.93 110.93
CA ILE M 104 59.39 -40.91 112.00
C ILE M 104 58.93 -40.23 113.30
N CYS M 105 59.51 -39.06 113.58
CA CYS M 105 59.10 -38.17 114.65
C CYS M 105 57.59 -37.85 114.63
N THR M 106 57.07 -37.36 113.51
CA THR M 106 55.63 -37.16 113.31
C THR M 106 54.80 -38.45 113.45
N ASP M 111 58.11 -43.22 117.35
CA ASP M 111 59.15 -42.59 118.15
C ASP M 111 60.39 -43.48 118.25
N GLY M 112 60.16 -44.77 118.51
CA GLY M 112 61.25 -45.71 118.64
C GLY M 112 62.03 -45.84 117.34
N ARG M 113 61.32 -45.86 116.22
CA ARG M 113 61.96 -45.97 114.92
C ARG M 113 62.83 -44.74 114.69
N ALA M 114 62.32 -43.58 115.07
CA ALA M 114 63.04 -42.32 114.91
C ALA M 114 64.31 -42.34 115.77
N GLU M 115 64.20 -42.88 116.96
CA GLU M 115 65.33 -42.96 117.89
C GLU M 115 66.59 -43.42 117.17
N TYR M 116 66.42 -44.30 116.18
CA TYR M 116 67.56 -44.83 115.41
C TYR M 116 68.20 -43.82 114.45
N TRP M 117 67.37 -43.05 113.73
CA TRP M 117 67.93 -42.11 112.74
C TRP M 117 68.56 -40.86 113.37
N VAL M 118 68.05 -40.38 114.50
CA VAL M 118 68.64 -39.22 115.19
C VAL M 118 69.89 -39.58 116.01
N GLU M 119 69.96 -40.79 116.56
CA GLU M 119 71.19 -41.33 117.16
C GLU M 119 72.28 -41.49 116.12
N ARG M 120 71.96 -42.04 114.95
CA ARG M 120 72.94 -42.09 113.85
C ARG M 120 73.39 -40.70 113.36
N ALA M 121 72.47 -39.75 113.21
CA ALA M 121 72.82 -38.37 112.87
C ALA M 121 73.81 -37.74 113.86
N SER M 122 73.62 -37.99 115.16
CA SER M 122 74.56 -37.51 116.20
C SER M 122 75.93 -38.17 116.09
N LYS M 123 75.99 -39.47 115.81
CA LYS M 123 77.26 -40.15 115.54
C LYS M 123 77.97 -39.67 114.27
N LEU M 124 77.28 -38.91 113.42
CA LEU M 124 77.89 -38.19 112.30
C LEU M 124 78.18 -36.69 112.56
N PHE M 125 77.60 -36.06 113.59
CA PHE M 125 77.79 -34.64 113.95
C PHE M 125 77.32 -34.37 115.41
N PRO M 126 78.14 -34.62 116.45
CA PRO M 126 77.62 -34.56 117.83
C PRO M 126 77.17 -33.19 118.30
N GLY M 127 77.81 -32.11 117.85
CA GLY M 127 77.31 -30.72 117.98
C GLY M 127 76.25 -30.39 116.95
N SER M 128 75.25 -31.26 116.80
CA SER M 128 74.04 -30.98 116.01
C SER M 128 72.83 -30.75 116.96
N PRO M 129 72.46 -29.48 117.21
CA PRO M 129 71.60 -29.13 118.33
C PRO M 129 70.16 -29.61 118.19
N GLU M 130 69.47 -29.18 117.12
CA GLU M 130 68.09 -29.57 116.82
C GLU M 130 67.86 -31.09 116.77
N ILE M 131 68.93 -31.83 116.54
CA ILE M 131 69.03 -33.27 116.47
C ILE M 131 69.11 -33.84 117.89
N TYR M 132 69.93 -33.26 118.77
CA TYR M 132 69.83 -33.54 120.21
C TYR M 132 68.44 -33.25 120.80
N ARG M 133 67.77 -32.18 120.35
CA ARG M 133 66.40 -31.81 120.72
C ARG M 133 65.33 -32.79 120.24
N LEU M 134 65.29 -33.11 118.96
CA LEU M 134 64.37 -34.11 118.42
C LEU M 134 64.60 -35.47 119.11
N LYS M 135 65.87 -35.83 119.37
CA LYS M 135 66.25 -37.03 120.13
C LYS M 135 65.63 -37.08 121.53
N GLU M 136 65.82 -36.02 122.31
CA GLU M 136 65.13 -35.90 123.60
C GLU M 136 63.63 -36.08 123.40
N GLN M 137 62.98 -35.43 122.44
CA GLN M 137 61.53 -35.54 122.35
C GLN M 137 61.02 -36.96 122.02
N LEU M 138 61.79 -37.71 121.24
CA LEU M 138 61.58 -39.13 120.97
C LEU M 138 61.65 -39.94 122.26
N LEU M 139 62.72 -39.77 123.03
CA LEU M 139 62.77 -40.34 124.37
C LEU M 139 61.55 -39.88 125.22
N TRP M 147 66.55 -41.35 131.65
CA TRP M 147 67.35 -40.31 132.30
C TRP M 147 68.82 -40.71 132.37
N ASN M 148 69.07 -41.96 132.74
CA ASN M 148 70.43 -42.47 132.84
C ASN M 148 71.15 -42.43 131.51
N GLN M 149 70.44 -42.82 130.44
CA GLN M 149 71.02 -42.82 129.10
C GLN M 149 71.40 -41.40 128.69
N LEU M 150 70.53 -40.45 129.02
CA LEU M 150 70.77 -39.05 128.69
C LEU M 150 72.02 -38.54 129.39
N PHE M 151 72.19 -38.93 130.64
CA PHE M 151 73.36 -38.52 131.42
C PHE M 151 74.63 -39.06 130.77
N ASP M 152 74.57 -40.31 130.33
CA ASP M 152 75.70 -40.95 129.68
C ASP M 152 76.04 -40.21 128.39
N LEU M 153 75.00 -39.83 127.65
CA LEU M 153 75.19 -39.11 126.41
C LEU M 153 75.86 -37.77 126.68
N ILE M 154 75.43 -37.11 127.75
CA ILE M 154 76.00 -35.82 128.14
C ILE M 154 77.47 -35.99 128.48
N GLN M 155 77.79 -37.07 129.18
CA GLN M 155 79.17 -37.33 129.57
C GLN M 155 80.01 -37.54 128.31
N ALA M 156 79.45 -38.27 127.35
CA ALA M 156 80.14 -38.52 126.09
C ALA M 156 80.35 -37.21 125.34
N GLU M 157 79.34 -36.36 125.39
CA GLU M 157 79.36 -35.06 124.71
C GLU M 157 80.23 -34.08 125.53
N LEU M 158 80.00 -34.02 126.85
CA LEU M 158 80.82 -33.16 127.70
C LEU M 158 82.29 -33.61 127.76
N PHE M 159 82.54 -34.92 127.68
CA PHE M 159 83.88 -35.50 127.66
C PHE M 159 84.68 -35.10 126.42
N ALA M 160 84.00 -34.92 125.28
CA ALA M 160 84.62 -34.41 124.07
C ALA M 160 84.80 -32.88 124.03
N ASN M 163 83.74 -27.51 127.32
CA ASN M 163 83.26 -26.14 127.19
C ASN M 163 81.73 -26.02 127.23
N ASP M 164 80.97 -27.03 126.78
CA ASP M 164 79.64 -26.79 126.24
C ASP M 164 78.48 -26.85 127.25
N VAL M 165 78.07 -25.63 127.57
CA VAL M 165 77.07 -25.29 128.56
C VAL M 165 75.76 -26.06 128.38
N TYR M 166 75.25 -26.19 127.16
CA TYR M 166 73.95 -26.83 126.89
C TYR M 166 73.95 -28.35 126.98
N VAL M 167 75.10 -28.96 126.77
CA VAL M 167 75.42 -30.33 127.18
C VAL M 167 75.28 -30.43 128.68
N ASN M 168 76.00 -29.57 129.40
CA ASN M 168 76.02 -29.61 130.86
C ASN M 168 74.63 -29.41 131.49
N LEU M 169 73.78 -28.66 130.78
CA LEU M 169 72.43 -28.31 131.17
C LEU M 169 71.40 -29.40 130.89
N LYS M 170 71.52 -30.05 129.73
CA LYS M 170 70.60 -31.11 129.35
C LYS M 170 70.88 -32.38 130.16
N LEU M 171 72.14 -32.76 130.25
CA LEU M 171 72.53 -33.95 130.99
C LEU M 171 72.17 -33.80 132.46
N VAL M 172 72.40 -32.61 133.01
CA VAL M 172 72.08 -32.35 134.41
C VAL M 172 70.59 -32.49 134.64
N ASP M 173 69.81 -31.98 133.68
CA ASP M 173 68.36 -32.05 133.77
C ASP M 173 67.91 -33.50 133.74
N LEU M 174 68.55 -34.30 132.88
CA LEU M 174 68.23 -35.70 132.77
C LEU M 174 68.53 -36.41 134.09
N PHE M 175 69.64 -36.05 134.70
CA PHE M 175 70.04 -36.64 135.98
C PHE M 175 69.01 -36.29 137.05
N LEU M 176 68.54 -35.05 137.02
CA LEU M 176 67.54 -34.59 137.99
C LEU M 176 66.26 -35.40 137.80
N SER M 177 65.90 -35.63 136.55
CA SER M 177 64.70 -36.39 136.23
C SER M 177 64.83 -37.82 136.74
N ASN M 178 66.01 -38.39 136.59
CA ASN M 178 66.27 -39.75 137.04
C ASN M 178 66.20 -39.88 138.56
N LEU M 181 71.52 -37.33 140.50
CA LEU M 181 71.51 -36.06 139.80
C LEU M 181 72.34 -35.01 140.53
N GLU M 182 72.91 -35.41 141.67
CA GLU M 182 73.73 -34.51 142.46
C GLU M 182 74.97 -34.08 141.68
N GLU M 183 75.56 -35.02 140.97
CA GLU M 183 76.75 -34.73 140.16
C GLU M 183 76.40 -33.72 139.07
N ALA M 184 75.23 -33.92 138.46
CA ALA M 184 74.77 -33.03 137.40
C ALA M 184 74.57 -31.63 137.97
N VAL M 185 74.01 -31.56 139.17
CA VAL M 185 73.77 -30.27 139.82
C VAL M 185 75.10 -29.58 140.09
N LEU M 186 76.09 -30.36 140.52
CA LEU M 186 77.41 -29.82 140.80
C LEU M 186 78.02 -29.26 139.52
N HIS M 187 77.84 -29.99 138.42
CA HIS M 187 78.36 -29.57 137.13
C HIS M 187 77.71 -28.26 136.72
N CYS M 188 76.40 -28.16 136.95
CA CYS M 188 75.66 -26.95 136.61
C CYS M 188 76.19 -25.77 137.42
N LEU M 189 76.47 -26.03 138.70
CA LEU M 189 76.99 -24.99 139.58
C LEU M 189 78.35 -24.53 139.07
N LYS M 190 79.17 -25.48 138.64
CA LYS M 190 80.49 -25.16 138.12
C LYS M 190 80.36 -24.29 136.88
N PRO M 191 79.40 -24.64 136.03
CA PRO M 191 79.16 -23.87 134.80
C PRO M 191 78.73 -22.45 135.14
N GLU M 192 77.89 -22.32 136.16
CA GLU M 192 77.42 -21.01 136.58
C GLU M 192 78.60 -20.18 137.09
N ARG M 193 79.49 -20.84 137.83
CA ARG M 193 80.67 -20.17 138.36
C ARG M 193 81.55 -19.68 137.21
N ARG M 194 81.68 -20.52 136.19
CA ARG M 194 82.49 -20.17 135.03
C ARG M 194 81.88 -18.97 134.32
N ALA M 195 80.56 -18.95 134.22
CA ALA M 195 79.86 -17.84 133.58
C ALA M 195 80.10 -16.56 134.36
N LEU M 196 80.08 -16.68 135.69
CA LEU M 196 80.30 -15.53 136.57
C LEU M 196 81.72 -15.00 136.37
N ARG M 197 82.67 -15.91 136.23
CA ARG M 197 84.07 -15.53 136.05
C ARG M 197 84.35 -15.17 134.58
N ILE N 8 92.00 -29.62 1.98
CA ILE N 8 93.32 -29.14 1.48
C ILE N 8 93.30 -28.86 -0.03
N GLN N 9 92.48 -29.58 -0.81
CA GLN N 9 92.26 -29.23 -2.23
C GLN N 9 91.56 -27.87 -2.44
N ARG N 10 90.56 -27.51 -1.63
CA ARG N 10 89.96 -26.16 -1.63
C ARG N 10 91.01 -25.10 -1.32
N TYR N 11 91.88 -25.38 -0.35
CA TYR N 11 92.97 -24.47 0.00
C TYR N 11 93.94 -24.22 -1.17
N VAL N 12 94.31 -25.26 -1.94
CA VAL N 12 95.06 -25.00 -3.19
C VAL N 12 94.28 -24.36 -4.32
N GLU N 13 92.96 -24.48 -4.39
CA GLU N 13 92.18 -23.67 -5.34
C GLU N 13 92.24 -22.18 -4.97
N ASN N 14 91.99 -21.81 -3.71
CA ASN N 14 92.07 -20.42 -3.26
C ASN N 14 93.47 -19.83 -3.40
N ALA N 15 94.49 -20.64 -3.16
CA ALA N 15 95.84 -20.27 -3.51
C ALA N 15 95.97 -20.03 -5.01
N GLN N 16 95.61 -20.95 -5.92
CA GLN N 16 95.73 -20.72 -7.37
C GLN N 16 95.03 -19.42 -7.83
N ASN N 17 93.82 -19.20 -7.35
CA ASN N 17 93.05 -18.01 -7.70
C ASN N 17 93.75 -16.72 -7.27
N SER N 18 94.28 -16.72 -6.05
CA SER N 18 94.96 -15.54 -5.53
C SER N 18 96.21 -15.24 -6.37
N ALA N 19 96.93 -16.28 -6.75
CA ALA N 19 98.13 -16.11 -7.56
C ALA N 19 97.76 -15.51 -8.91
N SER N 20 96.66 -15.99 -9.48
CA SER N 20 96.19 -15.49 -10.77
C SER N 20 95.83 -14.01 -10.64
N SER N 21 95.20 -13.67 -9.53
CA SER N 21 94.80 -12.29 -9.27
C SER N 21 96.03 -11.39 -9.17
N PRO N 22 97.06 -11.91 -8.52
CA PRO N 22 98.31 -11.16 -8.35
C PRO N 22 99.44 -12.03 -7.80
N LYS N 25 102.49 -11.90 -5.68
CA LYS N 25 101.97 -12.86 -4.70
C LYS N 25 102.86 -14.00 -4.18
N SER N 26 104.06 -13.66 -3.72
CA SER N 26 104.93 -14.66 -3.12
C SER N 26 104.26 -15.50 -2.05
N MET N 27 103.49 -14.94 -1.11
CA MET N 27 102.89 -15.78 -0.07
C MET N 27 101.88 -16.80 -0.58
N LYS N 28 101.14 -16.53 -1.66
CA LYS N 28 100.45 -17.62 -2.37
C LYS N 28 101.44 -18.68 -2.76
N GLY N 29 102.44 -18.31 -3.55
CA GLY N 29 103.30 -19.32 -4.17
C GLY N 29 104.07 -20.19 -3.18
N PHE N 30 104.49 -19.60 -2.07
CA PHE N 30 105.04 -20.22 -0.89
C PHE N 30 104.08 -21.18 -0.19
N LEU N 31 102.82 -20.77 -0.09
CA LEU N 31 101.79 -21.58 0.54
C LEU N 31 101.63 -22.86 -0.26
N PHE N 32 101.73 -22.76 -1.58
CA PHE N 32 101.62 -23.91 -2.45
C PHE N 32 102.75 -24.87 -2.09
N ALA N 33 103.92 -24.30 -1.80
CA ALA N 33 105.08 -25.08 -1.42
C ALA N 33 104.78 -25.83 -0.12
N ARG N 34 104.10 -25.15 0.81
CA ARG N 34 103.73 -25.74 2.08
C ARG N 34 102.78 -26.92 1.87
N LEU N 35 101.85 -26.74 0.93
CA LEU N 35 100.88 -27.77 0.59
C LEU N 35 101.62 -28.97 0.01
N TYR N 36 102.63 -28.69 -0.80
CA TYR N 36 103.44 -29.74 -1.41
C TYR N 36 104.18 -30.51 -0.32
N TYR N 37 104.68 -29.79 0.67
CA TYR N 37 105.39 -30.41 1.78
C TYR N 37 104.43 -31.32 2.52
N GLU N 38 103.20 -30.85 2.71
CA GLU N 38 102.17 -31.64 3.36
C GLU N 38 101.96 -32.82 2.42
N GLU N 41 104.86 -34.07 -4.10
CA GLU N 41 105.44 -33.81 -5.43
C GLU N 41 106.47 -32.67 -5.28
N TYR N 42 107.63 -33.11 -4.77
CA TYR N 42 108.74 -32.25 -4.42
C TYR N 42 109.36 -31.37 -5.50
N GLU N 43 109.49 -31.87 -6.73
CA GLU N 43 110.08 -31.03 -7.76
C GLU N 43 109.20 -29.79 -7.98
N LEU N 44 107.89 -30.02 -8.06
CA LEU N 44 106.93 -28.94 -8.26
C LEU N 44 106.95 -27.96 -7.10
N ALA N 45 107.04 -28.51 -5.88
CA ALA N 45 107.07 -27.69 -4.68
C ALA N 45 108.31 -26.82 -4.70
N LYS N 46 109.43 -27.40 -5.13
CA LYS N 46 110.70 -26.69 -5.20
C LYS N 46 110.58 -25.55 -6.20
N ARG N 47 109.92 -25.83 -7.32
CA ARG N 47 109.74 -24.81 -8.34
C ARG N 47 108.91 -23.66 -7.77
N SER N 48 107.88 -24.01 -7.02
CA SER N 48 107.01 -23.01 -6.42
C SER N 48 107.79 -22.15 -5.42
N VAL N 49 108.65 -22.80 -4.64
CA VAL N 49 109.47 -22.11 -3.66
C VAL N 49 110.41 -21.15 -4.35
N SER N 50 110.95 -21.58 -5.48
CA SER N 50 111.87 -20.76 -6.26
C SER N 50 111.17 -19.51 -6.76
N SER N 51 109.93 -19.66 -7.18
CA SER N 51 109.17 -18.52 -7.69
C SER N 51 108.84 -17.56 -6.55
N TYR N 52 108.45 -18.12 -5.41
CA TYR N 52 108.12 -17.30 -4.25
C TYR N 52 109.34 -16.50 -3.80
N ILE N 53 110.50 -17.16 -3.80
CA ILE N 53 111.73 -16.51 -3.38
C ILE N 53 112.05 -15.36 -4.33
N SER N 54 111.83 -15.59 -5.61
CA SER N 54 112.09 -14.57 -6.62
C SER N 54 111.17 -13.36 -6.42
N VAL N 55 109.91 -13.63 -6.09
CA VAL N 55 108.94 -12.56 -5.87
C VAL N 55 109.25 -11.62 -4.71
N GLN N 56 109.72 -12.18 -3.60
CA GLN N 56 110.03 -11.45 -2.39
C GLN N 56 110.70 -12.37 -1.38
N GLU N 57 111.26 -11.80 -0.32
CA GLU N 57 111.91 -12.60 0.71
C GLU N 57 111.01 -12.67 1.94
N ARG N 58 110.67 -13.89 2.35
CA ARG N 58 109.79 -14.10 3.51
C ARG N 58 110.21 -15.30 4.35
N ASP N 59 109.78 -15.29 5.61
CA ASP N 59 110.02 -16.31 6.66
C ASP N 59 111.14 -17.35 6.55
N PRO N 60 111.89 -17.50 7.65
CA PRO N 60 112.99 -18.44 7.70
C PRO N 60 112.67 -19.81 7.08
N LYS N 61 111.40 -20.22 7.09
CA LYS N 61 110.93 -21.50 6.59
C LYS N 61 110.86 -21.51 5.06
N ALA N 62 110.52 -20.38 4.47
CA ALA N 62 110.68 -20.14 3.04
C ALA N 62 112.12 -20.24 2.60
N HIS N 63 112.98 -19.46 3.24
CA HIS N 63 114.40 -19.40 2.88
C HIS N 63 115.06 -20.76 2.95
N ARG N 64 114.78 -21.52 4.02
CA ARG N 64 115.33 -22.88 4.17
C ARG N 64 114.70 -23.92 3.28
N PHE N 65 113.43 -23.82 2.93
CA PHE N 65 112.90 -24.79 1.97
C PHE N 65 113.52 -24.60 0.57
N LEU N 66 113.59 -23.37 0.04
CA LEU N 66 114.31 -23.13 -1.22
C LEU N 66 115.79 -23.52 -1.14
N GLY N 67 116.45 -23.11 -0.07
CA GLY N 67 117.89 -23.29 0.06
C GLY N 67 118.27 -24.76 0.21
N GLN N 68 117.43 -25.55 0.90
CA GLN N 68 117.57 -27.00 0.99
C GLN N 68 117.31 -27.68 -0.36
N LEU N 69 116.30 -27.22 -1.11
CA LEU N 69 116.05 -27.71 -2.46
C LEU N 69 117.25 -27.46 -3.40
N PHE N 70 117.82 -26.27 -3.43
CA PHE N 70 118.96 -25.94 -4.28
C PHE N 70 120.25 -26.68 -3.87
N GLU N 71 120.52 -26.70 -2.56
CA GLU N 71 121.58 -27.49 -1.90
C GLU N 71 121.57 -28.94 -2.41
N ILE N 72 120.44 -29.65 -2.34
CA ILE N 72 120.39 -31.03 -2.84
C ILE N 72 120.33 -31.15 -4.38
N GLU N 73 119.92 -30.10 -5.13
CA GLU N 73 120.09 -30.01 -6.60
C GLU N 73 121.58 -29.76 -6.96
N GLY N 74 122.47 -29.58 -5.97
CA GLY N 74 123.89 -29.31 -6.19
C GLY N 74 124.21 -27.86 -6.58
N ASN N 75 123.20 -27.00 -6.67
CA ASN N 75 123.27 -25.63 -7.20
C ASN N 75 123.63 -24.65 -6.07
N VAL N 76 124.83 -24.84 -5.53
CA VAL N 76 125.37 -24.05 -4.43
C VAL N 76 125.42 -22.54 -4.68
N GLU N 77 125.48 -22.07 -5.93
CA GLU N 77 125.33 -20.65 -6.29
C GLU N 77 123.90 -20.10 -6.03
N LYS N 78 122.85 -20.87 -6.34
CA LYS N 78 121.49 -20.44 -5.97
C LYS N 78 121.28 -20.46 -4.45
N ALA N 79 121.81 -21.50 -3.78
CA ALA N 79 121.67 -21.60 -2.33
C ALA N 79 122.41 -20.47 -1.61
N VAL N 80 123.62 -20.09 -2.05
CA VAL N 80 124.22 -18.85 -1.55
C VAL N 80 123.33 -17.68 -1.85
N GLY N 81 122.72 -17.57 -3.04
CA GLY N 81 121.91 -16.40 -3.32
C GLY N 81 120.75 -16.19 -2.34
N CYS N 82 119.95 -17.24 -2.13
CA CYS N 82 118.89 -17.27 -1.12
C CYS N 82 119.44 -16.89 0.24
N TYR N 83 120.46 -17.61 0.72
CA TYR N 83 120.90 -17.54 2.10
C TYR N 83 121.64 -16.24 2.43
N LYS N 84 122.35 -15.67 1.45
CA LYS N 84 122.96 -14.35 1.49
C LYS N 84 121.89 -13.29 1.59
N ARG N 85 120.83 -13.38 0.79
CA ARG N 85 119.72 -12.42 0.89
C ARG N 85 118.96 -12.55 2.21
N SER N 86 118.76 -13.75 2.72
CA SER N 86 118.11 -14.06 3.99
C SER N 86 118.88 -13.65 5.24
N LEU N 87 120.21 -13.58 5.15
CA LEU N 87 121.07 -13.01 6.15
C LEU N 87 121.03 -11.47 6.07
N GLU N 88 121.36 -10.90 4.91
CA GLU N 88 121.55 -9.46 4.78
C GLU N 88 120.26 -8.61 4.75
N LEU N 89 119.15 -9.29 4.49
CA LEU N 89 117.81 -8.71 4.51
C LEU N 89 117.53 -8.37 5.96
N ASN N 90 118.08 -9.20 6.85
CA ASN N 90 117.91 -9.10 8.30
C ASN N 90 116.73 -9.88 8.84
N PRO N 91 116.08 -10.73 7.95
CA PRO N 91 114.95 -11.46 8.51
C PRO N 91 115.29 -12.43 9.65
N THR N 92 116.37 -13.20 9.53
CA THR N 92 116.76 -14.16 10.57
C THR N 92 117.78 -15.23 10.14
N GLN N 93 119.06 -14.87 10.11
CA GLN N 93 120.11 -15.81 9.73
C GLN N 93 120.98 -16.16 10.94
N LYS N 94 121.18 -17.46 11.19
CA LYS N 94 121.98 -17.88 12.35
C LYS N 94 123.29 -18.62 12.02
N LEU N 96 122.18 -22.40 6.64
CA LEU N 96 122.88 -21.79 5.52
C LEU N 96 124.35 -21.58 5.77
N THR N 97 124.66 -21.26 7.03
CA THR N 97 125.99 -21.16 7.60
C THR N 97 126.97 -22.25 7.16
N LEU N 98 126.51 -23.51 7.21
CA LEU N 98 127.20 -24.68 6.64
C LEU N 98 127.45 -24.51 5.16
N ARG N 99 126.41 -24.24 4.36
CA ARG N 99 126.67 -24.17 2.91
C ARG N 99 127.56 -23.00 2.47
N ILE N 100 127.51 -21.89 3.19
CA ILE N 100 128.31 -20.72 2.86
C ILE N 100 129.79 -20.99 3.07
N ALA N 101 130.16 -21.33 4.30
CA ALA N 101 131.55 -21.62 4.63
C ALA N 101 132.05 -22.82 3.84
N GLU N 102 131.20 -23.84 3.71
CA GLU N 102 131.56 -25.03 2.98
C GLU N 102 131.80 -24.69 1.52
N LEU N 103 130.95 -23.83 0.98
CA LEU N 103 131.06 -23.39 -0.41
C LEU N 103 132.38 -22.65 -0.61
N ILE N 104 132.72 -21.81 0.37
CA ILE N 104 133.96 -21.04 0.30
C ILE N 104 135.15 -21.99 0.32
N CYS N 105 135.07 -23.02 1.14
CA CYS N 105 136.14 -24.01 1.24
C CYS N 105 136.29 -24.72 -0.10
N THR N 106 135.17 -25.05 -0.72
CA THR N 106 135.18 -25.73 -2.02
C THR N 106 135.84 -24.84 -3.05
N LEU N 107 135.52 -23.55 -3.00
CA LEU N 107 136.09 -22.58 -3.93
C LEU N 107 137.60 -22.49 -3.74
N ASN N 108 138.03 -22.52 -2.49
CA ASN N 108 139.46 -22.45 -2.17
C ASN N 108 140.00 -21.02 -2.28
N ARG N 113 138.44 -12.78 2.26
CA ARG N 113 137.00 -12.98 2.25
C ARG N 113 136.61 -14.30 2.93
N ALA N 114 137.09 -15.40 2.37
CA ALA N 114 136.80 -16.72 2.92
C ALA N 114 137.36 -16.84 4.34
N GLU N 115 138.57 -16.33 4.54
CA GLU N 115 139.20 -16.38 5.85
C GLU N 115 138.39 -15.58 6.85
N TYR N 116 137.89 -14.43 6.41
CA TYR N 116 137.08 -13.57 7.27
C TYR N 116 135.80 -14.29 7.65
N TRP N 117 135.21 -14.99 6.68
CA TRP N 117 133.98 -15.74 6.92
C TRP N 117 134.24 -16.83 7.94
N VAL N 118 135.38 -17.49 7.82
CA VAL N 118 135.75 -18.56 8.74
C VAL N 118 135.91 -17.99 10.15
N GLU N 119 136.52 -16.81 10.24
CA GLU N 119 136.71 -16.15 11.52
C GLU N 119 135.37 -15.83 12.15
N ARG N 120 134.44 -15.36 11.32
CA ARG N 120 133.11 -15.02 11.78
C ARG N 120 132.42 -16.27 12.32
N ALA N 121 132.59 -17.37 11.61
CA ALA N 121 131.99 -18.64 12.02
C ALA N 121 132.56 -19.06 13.36
N SER N 122 133.86 -18.89 13.53
CA SER N 122 134.52 -19.25 14.77
C SER N 122 133.97 -18.41 15.91
N LYS N 123 133.76 -17.13 15.64
CA LYS N 123 133.22 -16.21 16.62
C LYS N 123 131.82 -16.62 17.03
N GLY N 127 133.01 -23.35 20.73
CA GLY N 127 132.88 -24.81 20.78
C GLY N 127 132.03 -25.36 19.64
N SER N 128 132.32 -24.95 18.41
CA SER N 128 131.75 -25.54 17.19
C SER N 128 132.83 -26.38 16.47
N PRO N 129 132.81 -27.71 16.63
CA PRO N 129 133.95 -28.56 16.30
C PRO N 129 134.24 -28.66 14.81
N GLU N 130 133.28 -29.14 14.02
CA GLU N 130 133.38 -29.29 12.57
C GLU N 130 133.76 -28.00 11.83
N ILE N 131 133.52 -26.87 12.48
CA ILE N 131 133.82 -25.51 12.06
C ILE N 131 135.28 -25.20 12.35
N TYR N 132 135.79 -25.54 13.54
CA TYR N 132 137.24 -25.56 13.76
C TYR N 132 138.00 -26.47 12.79
N ARG N 133 137.44 -27.62 12.41
CA ARG N 133 137.97 -28.56 11.42
C ARG N 133 138.00 -28.01 9.99
N LEU N 134 136.88 -27.54 9.48
CA LEU N 134 136.82 -26.90 8.16
C LEU N 134 137.78 -25.69 8.11
N LYS N 135 137.86 -24.91 9.21
CA LYS N 135 138.81 -23.81 9.35
C LYS N 135 140.26 -24.24 9.19
N GLU N 136 140.69 -25.25 9.95
CA GLU N 136 142.01 -25.82 9.72
C GLU N 136 142.19 -26.23 8.27
N GLN N 137 141.26 -26.91 7.63
CA GLN N 137 141.48 -27.37 6.26
C GLN N 137 141.65 -26.23 5.23
N LEU N 138 140.94 -25.12 5.45
CA LEU N 138 141.11 -23.88 4.71
C LEU N 138 142.52 -23.32 4.86
N LEU N 139 142.98 -23.19 6.11
CA LEU N 139 144.38 -22.87 6.34
C LEU N 139 145.32 -23.89 5.65
N SER N 140 144.93 -25.16 5.44
CA SER N 140 145.86 -26.16 4.88
C SER N 140 145.97 -26.03 3.39
N SER N 141 144.99 -25.36 2.78
CA SER N 141 145.11 -24.95 1.40
C SER N 141 145.55 -23.52 1.20
N GLN N 142 145.41 -22.71 2.24
CA GLN N 142 145.84 -21.31 2.20
C GLN N 142 146.50 -20.99 3.54
N TRP N 147 153.77 -24.39 7.89
CA TRP N 147 153.44 -25.69 8.46
C TRP N 147 153.37 -25.62 9.98
N ASN N 148 154.14 -24.70 10.56
CA ASN N 148 154.16 -24.54 12.02
C ASN N 148 152.79 -24.12 12.54
N GLN N 149 152.13 -23.21 11.83
CA GLN N 149 150.81 -22.74 12.23
C GLN N 149 149.84 -23.91 12.21
N LEU N 150 149.94 -24.74 11.17
CA LEU N 150 149.07 -25.90 11.03
C LEU N 150 149.30 -26.86 12.20
N PHE N 151 150.57 -27.04 12.56
CA PHE N 151 150.91 -27.92 13.67
C PHE N 151 150.31 -27.39 14.96
N ASP N 152 150.37 -26.07 15.13
CA ASP N 152 149.82 -25.43 16.32
C ASP N 152 148.31 -25.64 16.38
N LEU N 153 147.66 -25.54 15.22
CA LEU N 153 146.22 -25.72 15.14
C LEU N 153 145.78 -27.03 15.79
N ILE N 154 146.52 -28.10 15.50
CA ILE N 154 146.21 -29.41 16.06
C ILE N 154 146.46 -29.39 17.56
N GLN N 155 147.55 -28.75 17.96
CA GLN N 155 147.88 -28.67 19.37
C GLN N 155 146.79 -27.94 20.12
N ALA N 156 146.29 -26.86 19.52
CA ALA N 156 145.22 -26.09 20.13
C ALA N 156 143.94 -26.89 20.29
N GLU N 157 143.57 -27.67 19.27
CA GLU N 157 142.34 -28.46 19.34
C GLU N 157 142.37 -29.56 20.43
N LEU N 158 143.53 -30.19 20.53
CA LEU N 158 143.84 -31.29 21.43
C LEU N 158 143.81 -30.86 22.91
N PHE N 159 144.20 -29.61 23.21
CA PHE N 159 144.18 -29.05 24.55
C PHE N 159 142.76 -28.92 25.11
N ASP N 164 140.12 -36.41 24.79
CA ASP N 164 139.78 -37.09 23.54
C ASP N 164 140.94 -37.63 22.71
N VAL N 165 141.06 -38.95 22.86
CA VAL N 165 142.10 -39.78 22.31
C VAL N 165 142.32 -39.58 20.81
N TYR N 166 141.26 -39.49 20.01
CA TYR N 166 141.36 -39.40 18.55
C TYR N 166 141.79 -38.03 18.01
N VAL N 167 141.52 -36.99 18.80
CA VAL N 167 142.17 -35.68 18.68
C VAL N 167 143.66 -35.85 18.89
N ASN N 168 144.04 -36.44 20.01
CA ASN N 168 145.44 -36.61 20.37
C ASN N 168 146.23 -37.42 19.33
N LEU N 169 145.53 -38.35 18.66
CA LEU N 169 146.06 -39.26 17.66
C LEU N 169 146.20 -38.64 16.28
N LYS N 170 145.23 -37.85 15.83
CA LYS N 170 145.46 -37.09 14.59
C LYS N 170 146.50 -35.97 14.80
N LEU N 171 146.63 -35.46 16.02
CA LEU N 171 147.58 -34.41 16.41
C LEU N 171 148.96 -34.96 16.31
N VAL N 172 149.20 -36.13 16.92
CA VAL N 172 150.50 -36.75 16.76
C VAL N 172 150.81 -37.25 15.36
N ASP N 173 149.81 -37.64 14.58
CA ASP N 173 150.07 -38.03 13.20
C ASP N 173 150.51 -36.86 12.30
N LEU N 174 149.93 -35.68 12.49
CA LEU N 174 150.29 -34.52 11.69
C LEU N 174 151.46 -33.71 12.23
N PHE N 175 151.74 -33.85 13.53
CA PHE N 175 153.08 -33.59 14.02
C PHE N 175 154.06 -34.50 13.27
N LEU N 176 153.85 -35.83 13.18
CA LEU N 176 154.73 -36.75 12.40
C LEU N 176 155.01 -36.17 11.02
N SER N 177 153.97 -35.79 10.30
CA SER N 177 154.14 -35.14 9.00
C SER N 177 155.05 -33.90 8.99
N ASN N 178 154.80 -32.93 9.87
CA ASN N 178 155.61 -31.70 10.00
C ASN N 178 157.09 -31.98 10.34
N GLN N 179 157.29 -33.08 11.06
CA GLN N 179 158.60 -33.54 11.51
C GLN N 179 158.86 -33.06 12.95
N ARG N 180 158.24 -33.76 13.89
CA ARG N 180 158.39 -33.49 15.33
C ARG N 180 158.38 -34.82 16.07
N LEU N 181 159.44 -35.60 15.91
CA LEU N 181 159.51 -36.90 16.55
C LEU N 181 159.50 -36.89 18.08
N GLU N 182 160.27 -36.00 18.69
CA GLU N 182 160.32 -35.96 20.15
C GLU N 182 158.99 -35.57 20.81
N GLU N 183 158.34 -34.55 20.27
CA GLU N 183 157.05 -34.09 20.81
C GLU N 183 155.91 -35.09 20.65
N ALA N 184 155.86 -35.71 19.47
CA ALA N 184 154.82 -36.67 19.13
C ALA N 184 154.78 -37.96 19.95
N VAL N 185 155.96 -38.51 20.26
CA VAL N 185 156.01 -39.78 21.00
C VAL N 185 155.63 -39.54 22.44
N LEU N 186 156.03 -38.44 23.04
CA LEU N 186 155.50 -38.02 24.34
C LEU N 186 154.00 -37.79 24.27
N HIS N 187 153.49 -37.09 23.25
CA HIS N 187 152.05 -36.79 23.13
C HIS N 187 151.27 -37.80 22.29
N CYS N 188 151.88 -38.95 21.90
CA CYS N 188 151.13 -40.18 21.65
C CYS N 188 151.04 -41.02 22.91
N LEU N 189 152.17 -41.27 23.60
CA LEU N 189 152.23 -42.10 24.81
C LEU N 189 151.38 -41.56 25.96
N LYS N 190 151.39 -40.25 26.19
CA LYS N 190 150.54 -39.58 27.18
C LYS N 190 149.05 -39.94 26.94
N PRO N 191 148.45 -39.65 25.77
CA PRO N 191 147.18 -40.23 25.37
C PRO N 191 147.01 -41.73 25.55
N GLU N 192 147.95 -42.49 25.03
CA GLU N 192 147.85 -43.93 24.94
C GLU N 192 147.73 -44.60 26.31
N ARG N 193 148.36 -44.05 27.36
CA ARG N 193 148.12 -44.46 28.76
C ARG N 193 147.22 -43.54 29.58
N ARG N 194 146.49 -42.65 28.90
CA ARG N 194 145.22 -42.01 29.31
C ARG N 194 143.97 -42.74 28.80
N ALA N 195 144.12 -43.69 27.87
CA ALA N 195 143.02 -44.41 27.22
C ALA N 195 143.19 -45.93 27.24
N LEU N 196 144.31 -46.44 26.70
CA LEU N 196 144.68 -47.83 26.37
C LEU N 196 143.67 -48.59 25.50
N UNK O 1 -2.71 -71.91 -140.97
CA UNK O 1 -3.55 -72.52 -139.95
C UNK O 1 -3.03 -73.90 -139.59
N UNK O 2 -2.34 -74.53 -140.52
CA UNK O 2 -1.72 -75.83 -140.25
C UNK O 2 -0.57 -76.10 -141.19
N UNK O 3 0.35 -76.94 -140.78
CA UNK O 3 1.35 -77.41 -141.69
C UNK O 3 2.59 -76.56 -141.65
N UNK O 4 3.66 -77.02 -141.03
CA UNK O 4 4.88 -76.23 -140.98
C UNK O 4 5.60 -76.26 -142.32
N UNK O 5 5.40 -77.31 -143.10
CA UNK O 5 5.94 -77.32 -144.46
C UNK O 5 5.26 -76.27 -145.31
N UNK O 6 3.99 -75.99 -145.06
CA UNK O 6 3.32 -74.91 -145.77
C UNK O 6 3.87 -73.56 -145.32
N UNK O 7 4.27 -73.45 -144.07
CA UNK O 7 4.89 -72.22 -143.59
C UNK O 7 6.24 -72.00 -144.26
N UNK O 8 7.02 -73.07 -144.42
CA UNK O 8 8.32 -72.92 -145.06
C UNK O 8 8.19 -72.61 -146.55
N UNK O 9 7.22 -73.24 -147.23
CA UNK O 9 7.05 -72.94 -148.64
C UNK O 9 6.48 -71.54 -148.85
N UNK O 10 5.61 -71.08 -147.96
CA UNK O 10 5.17 -69.69 -148.04
C UNK O 10 6.28 -68.74 -147.66
N UNK O 11 7.24 -69.18 -146.86
CA UNK O 11 8.41 -68.33 -146.63
C UNK O 11 9.28 -68.25 -147.87
N UNK O 12 9.31 -69.30 -148.67
CA UNK O 12 9.99 -69.21 -149.95
C UNK O 12 9.28 -68.25 -150.89
N UNK O 13 7.95 -68.30 -150.91
CA UNK O 13 7.21 -67.36 -151.76
C UNK O 13 7.32 -65.94 -151.23
N UNK O 14 7.46 -65.77 -149.91
CA UNK O 14 7.65 -64.42 -149.38
C UNK O 14 9.05 -63.92 -149.65
N UNK O 15 10.05 -64.81 -149.75
CA UNK O 15 11.35 -64.38 -150.23
C UNK O 15 11.29 -63.96 -151.68
N UNK O 16 10.48 -64.65 -152.49
CA UNK O 16 10.26 -64.19 -153.85
C UNK O 16 9.55 -62.84 -153.87
N UNK O 17 8.64 -62.61 -152.93
CA UNK O 17 7.96 -61.32 -152.89
C UNK O 17 8.89 -60.21 -152.41
N UNK O 18 9.85 -60.54 -151.55
CA UNK O 18 10.84 -59.54 -151.17
C UNK O 18 11.76 -59.21 -152.34
N UNK O 19 12.09 -60.19 -153.16
CA UNK O 19 12.84 -59.90 -154.37
C UNK O 19 12.02 -59.06 -155.35
N UNK O 20 10.72 -59.31 -155.44
CA UNK O 20 9.88 -58.48 -156.29
C UNK O 20 9.74 -57.07 -155.72
N UNK O 21 9.76 -56.94 -154.40
CA UNK O 21 9.77 -55.61 -153.82
C UNK O 21 11.09 -54.92 -154.04
N UNK O 22 12.18 -55.67 -154.14
CA UNK O 22 13.45 -55.07 -154.53
C UNK O 22 13.41 -54.57 -155.96
N UNK O 23 12.73 -55.29 -156.84
CA UNK O 23 12.56 -54.81 -158.21
C UNK O 23 11.70 -53.56 -158.26
N UNK O 24 10.61 -53.54 -157.50
CA UNK O 24 9.78 -52.34 -157.47
C UNK O 24 10.47 -51.18 -156.78
N UNK O 25 11.37 -51.45 -155.84
CA UNK O 25 12.12 -50.36 -155.24
C UNK O 25 13.17 -49.83 -156.18
N UNK O 26 13.72 -50.68 -157.04
CA UNK O 26 14.62 -50.17 -158.07
C UNK O 26 13.87 -49.31 -159.07
N UNK O 27 12.66 -49.72 -159.44
CA UNK O 27 11.85 -48.89 -160.33
C UNK O 27 11.41 -47.61 -159.63
N UNK O 28 11.23 -47.64 -158.32
CA UNK O 28 10.79 -46.44 -157.62
C UNK O 28 11.96 -45.50 -157.41
N UNK O 29 13.17 -46.03 -157.27
CA UNK O 29 14.34 -45.15 -157.28
C UNK O 29 14.57 -44.56 -158.65
N UNK O 30 14.25 -45.30 -159.70
CA UNK O 30 14.31 -44.74 -161.05
C UNK O 30 13.28 -43.63 -161.22
N UNK O 31 12.09 -43.82 -160.70
CA UNK O 31 11.10 -42.76 -160.78
C UNK O 31 11.45 -41.59 -159.86
N UNK O 32 12.21 -41.82 -158.79
CA UNK O 32 12.57 -40.69 -157.92
C UNK O 32 13.67 -39.86 -158.55
N UNK O 33 14.64 -40.52 -159.20
CA UNK O 33 15.63 -39.79 -159.97
C UNK O 33 15.01 -39.03 -161.12
N UNK O 34 14.05 -39.66 -161.80
CA UNK O 34 13.33 -38.97 -162.85
C UNK O 34 12.41 -37.90 -162.29
N UNK O 35 11.98 -38.02 -161.04
CA UNK O 35 11.11 -37.00 -160.47
C UNK O 35 11.90 -35.78 -160.05
N UNK O 36 13.11 -35.95 -159.54
CA UNK O 36 13.95 -34.80 -159.23
C UNK O 36 14.36 -34.10 -160.52
N UNK O 37 14.77 -34.88 -161.53
CA UNK O 37 15.06 -34.27 -162.82
C UNK O 37 13.82 -33.70 -163.46
N UNK O 38 12.64 -34.22 -163.15
CA UNK O 38 11.42 -33.70 -163.76
C UNK O 38 10.93 -32.45 -163.05
N UNK O 39 11.17 -32.31 -161.76
CA UNK O 39 10.82 -31.05 -161.11
C UNK O 39 11.73 -29.94 -161.58
N UNK O 40 13.03 -30.23 -161.75
CA UNK O 40 13.92 -29.22 -162.29
C UNK O 40 13.58 -28.90 -163.75
N UNK O 41 13.30 -29.93 -164.56
CA UNK O 41 12.97 -29.71 -165.96
C UNK O 41 11.61 -29.05 -166.12
N UNK O 42 10.68 -29.30 -165.21
CA UNK O 42 9.38 -28.68 -165.31
C UNK O 42 9.46 -27.22 -164.93
N UNK O 43 10.32 -26.88 -163.96
CA UNK O 43 10.56 -25.47 -163.66
C UNK O 43 11.18 -24.76 -164.83
N UNK O 44 12.17 -25.37 -165.47
CA UNK O 44 12.83 -24.72 -166.60
C UNK O 44 11.93 -24.62 -167.82
N UNK O 45 11.16 -25.66 -168.13
CA UNK O 45 10.35 -25.61 -169.35
C UNK O 45 9.04 -24.86 -169.16
N UNK O 46 8.46 -24.82 -167.97
CA UNK O 46 7.31 -23.96 -167.79
C UNK O 46 7.76 -22.52 -167.71
N UNK O 47 8.99 -22.26 -167.24
CA UNK O 47 9.57 -20.97 -167.43
C UNK O 47 9.74 -20.63 -168.89
N UNK O 48 10.05 -21.65 -169.71
CA UNK O 48 10.16 -21.43 -171.16
C UNK O 48 8.81 -21.09 -171.77
N UNK O 49 7.76 -21.76 -171.34
CA UNK O 49 6.43 -21.53 -171.89
C UNK O 49 5.91 -20.14 -171.53
N UNK O 50 5.76 -19.85 -170.24
CA UNK O 50 5.28 -18.51 -169.87
C UNK O 50 6.28 -17.43 -170.25
N UNK O 51 7.54 -17.79 -170.49
CA UNK O 51 8.48 -16.85 -171.06
C UNK O 51 8.17 -16.55 -172.50
N UNK O 52 7.71 -17.55 -173.26
CA UNK O 52 7.30 -17.26 -174.63
C UNK O 52 6.06 -16.37 -174.64
N UNK O 53 5.18 -16.57 -173.68
CA UNK O 53 4.00 -15.71 -173.61
C UNK O 53 4.33 -14.27 -173.27
N UNK O 54 5.16 -14.06 -172.25
CA UNK O 54 5.59 -12.70 -171.95
C UNK O 54 6.46 -12.12 -173.05
N UNK O 55 7.14 -12.96 -173.83
CA UNK O 55 7.84 -12.47 -175.01
C UNK O 55 6.86 -11.91 -176.02
N UNK O 56 5.71 -12.53 -176.13
CA UNK O 56 4.71 -11.98 -177.02
C UNK O 56 4.08 -10.70 -176.49
N UNK O 57 3.93 -10.59 -175.17
CA UNK O 57 3.46 -9.32 -174.63
C UNK O 57 4.51 -8.23 -174.82
N UNK O 58 5.78 -8.59 -174.78
CA UNK O 58 6.82 -7.63 -175.13
C UNK O 58 6.76 -7.25 -176.60
N UNK O 59 6.33 -8.19 -177.46
CA UNK O 59 6.10 -7.83 -178.86
C UNK O 59 4.94 -6.85 -179.01
N UNK O 60 3.90 -7.01 -178.21
CA UNK O 60 2.79 -6.06 -178.27
C UNK O 60 3.22 -4.70 -177.76
N UNK O 61 4.09 -4.68 -176.75
CA UNK O 61 4.69 -3.42 -176.32
C UNK O 61 5.56 -2.83 -177.40
N UNK O 62 6.21 -3.67 -178.20
CA UNK O 62 6.98 -3.17 -179.33
C UNK O 62 6.09 -2.53 -180.38
N UNK O 63 4.90 -3.08 -180.62
CA UNK O 63 4.00 -2.49 -181.61
C UNK O 63 3.41 -1.17 -181.11
N UNK O 64 3.07 -1.09 -179.83
CA UNK O 64 2.56 0.20 -179.34
C UNK O 64 3.65 1.25 -179.24
N UNK O 65 4.85 0.85 -178.85
CA UNK O 65 5.97 1.79 -178.80
C UNK O 65 6.41 2.17 -180.18
N UNK O 66 6.14 1.32 -181.17
CA UNK O 66 6.21 1.76 -182.54
C UNK O 66 5.14 2.79 -182.82
N UNK O 67 3.96 2.62 -182.24
CA UNK O 67 2.93 3.64 -182.36
C UNK O 67 3.11 4.81 -181.43
N UNK O 68 4.28 4.96 -180.80
CA UNK O 68 4.57 6.18 -180.07
C UNK O 68 4.82 7.35 -180.99
N UNK O 69 5.16 7.11 -182.24
CA UNK O 69 5.51 8.17 -183.15
C UNK O 69 4.28 8.95 -183.56
N UNK P 1 18.96 -103.25 -127.33
CA UNK P 1 19.75 -103.98 -128.29
C UNK P 1 19.85 -103.20 -129.57
N UNK P 2 19.71 -103.87 -130.70
CA UNK P 2 19.83 -103.18 -131.97
C UNK P 2 18.61 -102.35 -132.27
N UNK P 3 17.42 -102.84 -131.92
CA UNK P 3 16.21 -102.07 -132.13
C UNK P 3 16.17 -100.86 -131.21
N UNK P 4 16.78 -100.98 -130.04
CA UNK P 4 16.83 -99.86 -129.10
C UNK P 4 17.74 -98.77 -129.63
N UNK P 5 18.67 -99.11 -130.50
CA UNK P 5 19.41 -98.07 -131.20
C UNK P 5 18.67 -97.63 -132.45
N UNK P 6 17.80 -98.48 -132.98
CA UNK P 6 17.03 -98.10 -134.16
C UNK P 6 16.06 -97.00 -133.83
N UNK P 7 15.53 -97.01 -132.61
CA UNK P 7 14.66 -95.92 -132.19
C UNK P 7 15.42 -94.62 -132.10
N UNK P 8 16.68 -94.67 -131.69
CA UNK P 8 17.51 -93.47 -131.68
C UNK P 8 17.83 -93.00 -133.08
N UNK P 9 17.96 -93.94 -134.02
CA UNK P 9 18.19 -93.53 -135.40
C UNK P 9 16.94 -92.85 -135.99
N UNK P 10 15.77 -93.36 -135.65
CA UNK P 10 14.55 -92.72 -136.14
C UNK P 10 14.35 -91.35 -135.51
N UNK P 11 14.74 -91.19 -134.24
CA UNK P 11 14.65 -89.87 -133.63
C UNK P 11 15.68 -88.93 -134.23
N UNK P 12 16.82 -89.47 -134.67
CA UNK P 12 17.79 -88.63 -135.36
C UNK P 12 17.26 -88.16 -136.71
N UNK P 13 16.48 -88.99 -137.38
CA UNK P 13 15.87 -88.56 -138.63
C UNK P 13 14.83 -87.48 -138.39
N UNK P 14 14.06 -87.60 -137.31
CA UNK P 14 13.08 -86.56 -137.01
C UNK P 14 13.76 -85.26 -136.60
N UNK P 15 14.91 -85.34 -135.93
CA UNK P 15 15.66 -84.14 -135.62
C UNK P 15 16.26 -83.52 -136.87
N UNK P 16 16.62 -84.34 -137.85
CA UNK P 16 17.12 -83.80 -139.10
C UNK P 16 16.01 -83.06 -139.85
N UNK P 17 14.80 -83.60 -139.82
CA UNK P 17 13.68 -82.93 -140.47
C UNK P 17 13.36 -81.62 -139.77
N UNK P 18 13.39 -81.62 -138.43
CA UNK P 18 13.08 -80.38 -137.71
C UNK P 18 14.21 -79.38 -137.83
N UNK P 19 15.42 -79.83 -138.13
CA UNK P 19 16.46 -78.88 -138.49
C UNK P 19 16.22 -78.32 -139.87
N UNK P 20 15.69 -79.12 -140.78
CA UNK P 20 15.50 -78.64 -142.15
C UNK P 20 14.32 -77.69 -142.25
N UNK P 21 13.38 -77.78 -141.32
CA UNK P 21 12.21 -76.91 -141.41
C UNK P 21 12.54 -75.51 -140.95
N UNK P 22 13.54 -75.37 -140.10
CA UNK P 22 13.87 -74.08 -139.54
C UNK P 22 14.58 -73.22 -140.53
N UNK P 23 14.47 -59.96 -140.88
CA UNK P 23 14.55 -58.58 -140.49
C UNK P 23 14.27 -57.70 -141.68
N UNK P 24 13.22 -58.02 -142.42
CA UNK P 24 12.87 -57.21 -143.57
C UNK P 24 12.21 -55.91 -143.16
N UNK P 25 11.74 -55.80 -141.92
CA UNK P 25 11.12 -54.56 -141.49
C UNK P 25 12.15 -53.46 -141.29
N UNK P 26 13.42 -53.82 -141.07
CA UNK P 26 14.44 -52.78 -140.94
C UNK P 26 14.80 -52.19 -142.29
N UNK P 27 15.03 -53.04 -143.29
CA UNK P 27 15.25 -52.57 -144.64
C UNK P 27 14.03 -51.84 -145.18
N UNK P 28 12.84 -52.23 -144.74
CA UNK P 28 11.67 -51.45 -145.05
C UNK P 28 11.71 -50.11 -144.32
N UNK P 29 12.21 -50.06 -143.09
CA UNK P 29 12.24 -48.81 -142.34
C UNK P 29 13.23 -47.82 -142.91
N UNK P 30 14.15 -48.28 -143.74
CA UNK P 30 14.93 -47.33 -144.53
C UNK P 30 14.22 -47.00 -145.85
N UNK P 31 13.91 -48.03 -146.64
CA UNK P 31 13.51 -47.82 -148.02
C UNK P 31 12.12 -47.22 -148.14
N UNK P 32 11.14 -47.75 -147.41
CA UNK P 32 9.77 -47.26 -147.55
C UNK P 32 9.64 -45.87 -146.97
N UNK P 33 10.48 -45.51 -146.01
CA UNK P 33 10.50 -44.12 -145.54
C UNK P 33 11.01 -43.21 -146.65
N UNK P 34 12.04 -43.64 -147.37
CA UNK P 34 12.49 -42.83 -148.50
C UNK P 34 11.44 -42.75 -149.60
N UNK P 35 10.72 -43.84 -149.86
CA UNK P 35 9.77 -43.84 -150.97
C UNK P 35 8.51 -43.04 -150.64
N UNK P 36 7.98 -43.16 -149.42
CA UNK P 36 6.80 -42.38 -149.09
C UNK P 36 7.15 -40.91 -148.88
N UNK P 37 8.38 -40.60 -148.46
CA UNK P 37 8.77 -39.20 -148.46
C UNK P 37 8.89 -38.66 -149.87
N UNK P 38 9.33 -39.49 -150.81
CA UNK P 38 9.35 -39.10 -152.21
C UNK P 38 7.95 -38.83 -152.72
N UNK P 39 6.99 -39.64 -152.32
CA UNK P 39 5.61 -39.46 -152.79
C UNK P 39 4.99 -38.19 -152.22
N UNK P 40 5.21 -37.92 -150.93
CA UNK P 40 4.60 -36.72 -150.34
C UNK P 40 5.27 -35.44 -150.82
N UNK P 41 6.59 -35.45 -150.96
CA UNK P 41 7.27 -34.24 -151.42
C UNK P 41 7.01 -34.00 -152.90
N UNK P 42 6.89 -35.06 -153.71
CA UNK P 42 6.51 -34.87 -155.09
C UNK P 42 5.09 -34.41 -155.23
N UNK P 43 4.20 -34.82 -154.32
CA UNK P 43 2.85 -34.29 -154.35
C UNK P 43 2.82 -32.82 -153.95
N UNK P 44 3.68 -32.41 -153.02
CA UNK P 44 3.73 -30.99 -152.64
C UNK P 44 4.24 -30.13 -153.79
N UNK P 45 5.34 -30.55 -154.42
CA UNK P 45 5.85 -29.83 -155.56
C UNK P 45 4.87 -29.77 -156.73
N UNK P 46 4.23 -30.89 -157.05
CA UNK P 46 3.34 -30.89 -158.20
C UNK P 46 2.01 -30.20 -157.90
N UNK P 47 1.55 -30.24 -156.66
CA UNK P 47 0.27 -29.60 -156.39
C UNK P 47 0.41 -28.09 -156.29
N UNK P 48 1.53 -27.60 -155.72
CA UNK P 48 1.83 -26.18 -155.85
C UNK P 48 2.02 -25.80 -157.29
N UNK P 49 2.56 -26.71 -158.11
CA UNK P 49 2.59 -26.48 -159.54
C UNK P 49 1.20 -26.52 -160.16
N UNK P 50 0.25 -27.21 -159.54
CA UNK P 50 -1.08 -27.27 -160.14
C UNK P 50 -1.85 -25.97 -159.93
N UNK P 51 -1.78 -25.43 -158.72
CA UNK P 51 -2.38 -24.11 -158.49
C UNK P 51 -1.68 -23.04 -159.31
N UNK P 52 -0.35 -23.08 -159.36
CA UNK P 52 0.33 -22.13 -160.22
C UNK P 52 0.18 -22.46 -161.69
N UNK P 53 -0.29 -23.65 -162.06
CA UNK P 53 -0.46 -23.95 -163.47
C UNK P 53 -1.80 -23.45 -163.97
N UNK P 54 -2.84 -23.51 -163.15
CA UNK P 54 -4.07 -22.80 -163.49
C UNK P 54 -3.81 -21.32 -163.55
N UNK P 55 -3.03 -20.80 -162.61
CA UNK P 55 -2.63 -19.40 -162.68
C UNK P 55 -1.69 -19.14 -163.85
N UNK P 56 -0.98 -20.15 -164.33
CA UNK P 56 -0.04 -19.95 -165.43
C UNK P 56 -0.72 -19.96 -166.78
N UNK P 57 -1.75 -20.79 -166.95
CA UNK P 57 -2.55 -20.69 -168.17
C UNK P 57 -3.30 -19.37 -168.22
N UNK P 58 -3.87 -18.95 -167.09
CA UNK P 58 -4.50 -17.63 -167.11
C UNK P 58 -3.48 -16.51 -167.21
N UNK P 59 -2.24 -16.71 -166.77
CA UNK P 59 -1.23 -15.66 -166.85
C UNK P 59 -0.55 -15.56 -168.21
N UNK P 60 -0.34 -16.69 -168.87
CA UNK P 60 0.16 -16.63 -170.23
C UNK P 60 -0.91 -16.07 -171.15
N UNK P 61 -2.17 -16.41 -170.91
CA UNK P 61 -3.24 -15.67 -171.56
C UNK P 61 -3.35 -14.25 -171.03
N UNK P 62 -2.72 -13.92 -169.90
CA UNK P 62 -2.72 -12.52 -169.48
C UNK P 62 -1.64 -11.71 -170.18
N UNK P 63 -0.55 -12.34 -170.57
CA UNK P 63 0.38 -11.65 -171.47
C UNK P 63 -0.30 -11.40 -172.81
N UNK P 64 -0.95 -12.44 -173.32
CA UNK P 64 -1.91 -12.29 -174.41
C UNK P 64 -2.94 -11.22 -174.14
N UNK P 65 -3.35 -11.07 -172.89
CA UNK P 65 -4.39 -10.11 -172.57
C UNK P 65 -3.85 -8.72 -172.29
N UNK P 66 -2.54 -8.53 -172.18
CA UNK P 66 -2.03 -7.18 -172.36
C UNK P 66 -2.16 -6.78 -173.83
N UNK P 67 -1.73 -7.68 -174.71
CA UNK P 67 -1.95 -7.49 -176.15
C UNK P 67 -3.42 -7.34 -176.48
N UNK P 68 -4.26 -8.15 -175.87
CA UNK P 68 -5.68 -8.13 -176.12
C UNK P 68 -6.41 -7.15 -175.24
N UNK P 69 -5.76 -6.53 -174.26
CA UNK P 69 -6.35 -5.37 -173.64
C UNK P 69 -6.33 -4.23 -174.62
N UNK P 70 -5.20 -4.06 -175.30
CA UNK P 70 -5.15 -3.12 -176.40
C UNK P 70 -6.08 -3.53 -177.54
N UNK P 71 -6.24 -4.84 -177.78
CA UNK P 71 -7.06 -5.25 -178.92
C UNK P 71 -8.54 -5.25 -178.58
N UNK P 72 -8.97 -6.12 -177.67
CA UNK P 72 -10.37 -6.23 -177.30
C UNK P 72 -10.86 -5.07 -176.45
N UNK P 73 -10.02 -4.11 -176.10
CA UNK P 73 -10.57 -2.82 -175.73
C UNK P 73 -11.15 -2.14 -176.95
N UNK P 74 -10.55 -2.38 -178.11
CA UNK P 74 -10.88 -1.63 -179.31
C UNK P 74 -11.57 -2.46 -180.36
N UNK P 75 -12.50 -3.33 -180.01
CA UNK P 75 -13.31 -4.02 -181.01
C UNK P 75 -14.47 -3.12 -181.44
N UNK P 76 -14.14 -2.11 -182.20
CA UNK P 76 -15.11 -1.12 -182.65
C UNK P 76 -15.33 -1.27 -184.14
N UNK P 77 -16.23 -0.50 -184.73
CA UNK P 77 -16.49 -0.64 -186.14
C UNK P 77 -15.41 0.04 -186.95
N UNK P 78 -15.06 -0.48 -188.08
CA UNK P 78 -13.93 0.08 -188.81
C UNK P 78 -14.28 1.30 -189.60
N UNK P 79 -15.50 1.35 -190.12
CA UNK P 79 -15.89 2.44 -191.01
C UNK P 79 -16.00 3.76 -190.28
N UNK P 80 -17.00 3.89 -189.43
CA UNK P 80 -17.21 5.12 -188.69
C UNK P 80 -16.19 5.24 -187.58
N UNK Q 1 15.88 -98.40 -120.93
CA UNK Q 1 15.03 -97.66 -121.84
C UNK Q 1 14.56 -96.38 -121.18
N UNK Q 2 14.96 -96.16 -119.93
CA UNK Q 2 14.57 -94.93 -119.25
C UNK Q 2 15.35 -93.75 -119.80
N UNK Q 3 16.56 -94.00 -120.30
CA UNK Q 3 17.32 -92.94 -120.93
C UNK Q 3 16.67 -92.52 -122.23
N UNK Q 4 16.20 -93.48 -123.03
CA UNK Q 4 15.54 -93.14 -124.28
C UNK Q 4 14.19 -92.50 -124.02
N UNK Q 5 13.53 -92.88 -122.94
CA UNK Q 5 12.24 -92.26 -122.65
C UNK Q 5 12.46 -90.83 -122.15
N UNK Q 6 13.53 -90.60 -121.40
CA UNK Q 6 13.84 -89.24 -120.98
C UNK Q 6 14.25 -88.39 -122.17
N UNK Q 7 14.91 -89.01 -123.14
CA UNK Q 7 15.22 -88.30 -124.38
C UNK Q 7 13.96 -87.99 -125.16
N UNK Q 8 12.95 -88.86 -125.07
CA UNK Q 8 11.69 -88.58 -125.74
C UNK Q 8 10.95 -87.43 -125.06
N UNK Q 9 11.01 -87.36 -123.73
CA UNK Q 9 10.34 -86.28 -123.03
C UNK Q 9 11.03 -84.95 -123.29
N UNK Q 10 12.36 -84.95 -123.29
CA UNK Q 10 13.08 -83.74 -123.63
C UNK Q 10 12.88 -83.38 -125.10
N UNK Q 11 12.69 -84.38 -125.96
CA UNK Q 11 12.43 -84.10 -127.37
C UNK Q 11 11.06 -83.48 -127.55
N UNK Q 12 10.06 -83.90 -126.77
CA UNK Q 12 8.76 -83.28 -126.89
C UNK Q 12 8.77 -81.86 -126.33
N UNK Q 13 9.37 -81.68 -125.15
CA UNK Q 13 9.38 -80.35 -124.52
C UNK Q 13 10.25 -79.39 -125.29
N UNK Q 14 11.19 -79.89 -126.07
CA UNK Q 14 11.88 -79.03 -127.01
C UNK Q 14 11.15 -78.96 -128.33
N UNK Q 15 10.24 -79.90 -128.59
CA UNK Q 15 9.57 -79.92 -129.88
C UNK Q 15 8.55 -78.83 -129.99
N UNK Q 16 7.80 -78.57 -128.92
CA UNK Q 16 6.85 -77.46 -129.02
C UNK Q 16 7.54 -76.13 -128.88
N UNK Q 17 8.67 -76.07 -128.19
CA UNK Q 17 9.41 -74.82 -128.16
C UNK Q 17 10.06 -74.55 -129.51
N UNK Q 18 10.52 -75.59 -130.19
CA UNK Q 18 11.06 -75.40 -131.52
C UNK Q 18 9.96 -75.10 -132.53
N UNK Q 19 8.80 -75.71 -132.38
CA UNK Q 19 7.70 -75.40 -133.26
C UNK Q 19 7.13 -74.03 -132.95
N UNK Q 20 7.26 -73.56 -131.71
CA UNK Q 20 6.77 -72.23 -131.39
C UNK Q 20 7.75 -71.18 -131.87
N UNK Q 21 9.05 -71.46 -131.82
CA UNK Q 21 10.00 -70.55 -132.41
C UNK Q 21 9.86 -70.49 -133.93
N UNK Q 22 9.67 -71.66 -134.57
CA UNK Q 22 9.51 -71.68 -136.01
C UNK Q 22 8.16 -71.09 -136.43
N UNK Q 23 7.11 -71.38 -135.68
CA UNK Q 23 5.81 -70.84 -136.02
C UNK Q 23 5.72 -69.37 -135.69
N UNK Q 24 6.49 -68.91 -134.70
CA UNK Q 24 6.50 -67.49 -134.42
C UNK Q 24 7.31 -66.75 -135.47
N UNK Q 25 8.35 -67.39 -136.01
CA UNK Q 25 9.05 -66.79 -137.13
C UNK Q 25 8.17 -66.71 -138.36
N UNK Q 26 7.40 -67.76 -138.65
CA UNK Q 26 6.57 -67.74 -139.85
C UNK Q 26 5.36 -66.83 -139.66
N UNK Q 27 4.79 -66.79 -138.45
CA UNK Q 27 3.66 -65.92 -138.24
C UNK Q 27 4.10 -64.47 -138.12
N UNK Q 28 5.35 -64.22 -137.70
CA UNK Q 28 5.84 -62.86 -137.74
C UNK Q 28 6.15 -62.45 -139.16
N UNK Q 29 6.60 -63.39 -139.99
CA UNK Q 29 6.75 -63.10 -141.41
C UNK Q 29 5.42 -62.77 -142.05
N UNK Q 30 4.36 -63.46 -141.65
CA UNK Q 30 3.05 -63.12 -142.21
C UNK Q 30 2.51 -61.83 -141.60
N UNK Q 31 2.81 -61.56 -140.32
CA UNK Q 31 2.21 -60.40 -139.67
C UNK Q 31 2.96 -59.13 -139.98
N UNK Q 32 4.20 -59.24 -140.41
CA UNK Q 32 4.87 -58.10 -141.03
C UNK Q 32 4.67 -58.09 -142.53
N UNK Q 33 4.40 -59.24 -143.14
CA UNK Q 33 4.24 -59.29 -144.58
C UNK Q 33 2.87 -58.79 -145.02
N UNK Q 34 1.85 -58.94 -144.18
CA UNK Q 34 0.55 -58.41 -144.54
C UNK Q 34 0.53 -56.89 -144.44
N UNK Q 35 1.07 -56.34 -143.36
CA UNK Q 35 1.14 -54.89 -143.23
C UNK Q 35 2.11 -54.30 -144.25
N UNK Q 36 3.19 -55.01 -144.57
CA UNK Q 36 4.08 -54.52 -145.60
C UNK Q 36 3.47 -54.66 -146.98
N UNK Q 37 2.60 -55.63 -147.20
CA UNK Q 37 1.91 -55.72 -148.47
C UNK Q 37 0.89 -54.62 -148.65
N UNK Q 38 0.22 -54.24 -147.57
CA UNK Q 38 -0.73 -53.13 -147.65
C UNK Q 38 -0.03 -51.80 -147.84
N UNK Q 39 1.06 -51.57 -147.12
CA UNK Q 39 1.81 -50.33 -147.33
C UNK Q 39 2.52 -50.34 -148.68
N UNK Q 40 2.88 -51.51 -149.19
CA UNK Q 40 3.51 -51.56 -150.51
C UNK Q 40 2.49 -51.28 -151.59
N UNK Q 41 1.26 -51.75 -151.44
CA UNK Q 41 0.24 -51.42 -152.41
C UNK Q 41 -0.13 -49.95 -152.35
N UNK Q 42 -0.08 -49.35 -151.16
CA UNK Q 42 -0.34 -47.91 -151.07
C UNK Q 42 0.77 -47.11 -151.73
N UNK Q 43 2.03 -47.53 -151.56
CA UNK Q 43 3.12 -46.81 -152.19
C UNK Q 43 3.12 -46.98 -153.70
N UNK Q 44 2.79 -48.18 -154.19
CA UNK Q 44 2.73 -48.39 -155.64
C UNK Q 44 1.58 -47.63 -156.27
N UNK Q 45 0.43 -47.58 -155.60
CA UNK Q 45 -0.68 -46.85 -156.18
C UNK Q 45 -0.46 -45.35 -156.10
N UNK Q 46 0.30 -44.88 -155.11
CA UNK Q 46 0.64 -43.45 -155.08
C UNK Q 46 1.60 -43.10 -156.21
N UNK Q 47 2.54 -44.00 -156.51
CA UNK Q 47 3.42 -43.75 -157.64
C UNK Q 47 2.65 -43.82 -158.97
N UNK Q 48 1.67 -44.70 -159.07
CA UNK Q 48 0.94 -44.80 -160.33
C UNK Q 48 -0.01 -43.63 -160.53
N UNK Q 49 -0.65 -43.15 -159.46
CA UNK Q 49 -1.47 -41.95 -159.60
C UNK Q 49 -0.63 -40.74 -159.88
N UNK Q 50 0.59 -40.68 -159.34
CA UNK Q 50 1.50 -39.61 -159.71
C UNK Q 50 1.93 -39.75 -161.16
N UNK Q 51 1.95 -40.97 -161.68
CA UNK Q 51 2.28 -41.13 -163.10
C UNK Q 51 1.16 -40.65 -164.01
N UNK Q 52 -0.09 -40.96 -163.66
CA UNK Q 52 -1.20 -40.47 -164.49
C UNK Q 52 -1.33 -38.97 -164.41
N UNK Q 53 -1.11 -38.40 -163.23
CA UNK Q 53 -1.08 -36.94 -163.15
C UNK Q 53 0.17 -36.38 -163.81
N UNK Q 54 1.22 -37.18 -163.98
CA UNK Q 54 2.37 -36.68 -164.73
C UNK Q 54 2.08 -36.65 -166.22
N UNK Q 55 1.29 -37.59 -166.72
CA UNK Q 55 0.85 -37.48 -168.11
C UNK Q 55 -0.05 -36.28 -168.30
N UNK Q 56 -0.92 -36.01 -167.33
CA UNK Q 56 -1.73 -34.80 -167.37
C UNK Q 56 -0.85 -33.56 -167.25
N UNK Q 57 0.26 -33.65 -166.54
CA UNK Q 57 1.18 -32.53 -166.50
C UNK Q 57 1.98 -32.38 -167.77
N UNK Q 58 2.17 -33.47 -168.51
CA UNK Q 58 2.77 -33.33 -169.83
C UNK Q 58 1.85 -32.57 -170.76
N UNK Q 59 0.56 -32.89 -170.71
CA UNK Q 59 -0.41 -32.08 -171.43
C UNK Q 59 -0.50 -30.67 -170.86
N UNK Q 60 -0.20 -30.49 -169.57
CA UNK Q 60 -0.26 -29.15 -169.00
C UNK Q 60 0.95 -28.32 -169.36
N UNK Q 61 2.11 -28.94 -169.54
CA UNK Q 61 3.25 -28.20 -170.06
C UNK Q 61 3.02 -27.85 -171.51
N UNK Q 62 2.32 -28.73 -172.23
CA UNK Q 62 1.83 -28.38 -173.55
C UNK Q 62 0.83 -27.25 -173.47
N UNK Q 63 0.06 -27.17 -172.40
CA UNK Q 63 -0.93 -26.10 -172.26
C UNK Q 63 -0.29 -24.79 -171.86
N UNK Q 64 0.77 -24.84 -171.07
CA UNK Q 64 1.54 -23.64 -170.77
C UNK Q 64 2.21 -23.13 -172.03
N UNK Q 65 2.73 -24.03 -172.86
CA UNK Q 65 3.20 -23.61 -174.17
C UNK Q 65 2.05 -23.19 -175.09
N UNK Q 66 0.86 -23.73 -174.88
CA UNK Q 66 -0.27 -23.35 -175.71
C UNK Q 66 -0.74 -21.96 -175.36
N UNK Q 67 -0.64 -21.61 -174.09
CA UNK Q 67 -0.99 -20.27 -173.71
C UNK Q 67 0.19 -19.33 -173.95
N UNK Q 68 1.39 -19.88 -174.13
CA UNK Q 68 2.47 -19.13 -174.75
C UNK Q 68 2.14 -18.71 -176.17
N UNK Q 69 1.76 -19.68 -176.99
CA UNK Q 69 1.36 -19.38 -178.36
C UNK Q 69 0.10 -18.55 -178.41
N UNK Q 70 -0.76 -18.67 -177.41
CA UNK Q 70 -1.95 -17.84 -177.36
C UNK Q 70 -1.61 -16.44 -176.95
N UNK Q 71 -0.43 -16.23 -176.41
CA UNK Q 71 0.07 -14.87 -176.40
C UNK Q 71 0.73 -14.51 -177.72
N UNK Q 72 1.36 -15.48 -178.40
CA UNK Q 72 2.21 -15.21 -179.54
C UNK Q 72 1.52 -14.55 -180.73
N UNK Q 73 0.20 -14.53 -180.72
CA UNK Q 73 -0.56 -13.64 -181.53
C UNK Q 73 -0.68 -12.32 -180.81
N UNK R 1 -19.58 17.54 -164.86
CA UNK R 1 -20.28 17.08 -163.68
C UNK R 1 -19.36 17.00 -162.49
N UNK R 2 -18.05 16.94 -162.72
CA UNK R 2 -17.10 16.87 -161.62
C UNK R 2 -16.89 18.21 -160.93
N UNK R 3 -17.43 19.29 -161.49
CA UNK R 3 -17.40 20.56 -160.77
C UNK R 3 -18.27 20.50 -159.53
N UNK R 4 -19.27 19.62 -159.51
CA UNK R 4 -19.96 19.32 -158.27
C UNK R 4 -19.00 18.74 -157.23
N UNK R 5 -18.05 17.92 -157.66
CA UNK R 5 -17.06 17.40 -156.72
C UNK R 5 -16.11 18.50 -156.27
N UNK R 6 -15.81 19.45 -157.15
CA UNK R 6 -14.99 20.58 -156.74
C UNK R 6 -15.68 21.43 -155.68
N UNK R 7 -16.97 21.70 -155.85
CA UNK R 7 -17.69 22.52 -154.88
C UNK R 7 -17.87 21.80 -153.56
N UNK R 8 -18.12 20.49 -153.61
CA UNK R 8 -18.18 19.72 -152.38
C UNK R 8 -16.84 19.68 -151.66
N UNK R 9 -15.74 19.69 -152.41
CA UNK R 9 -14.43 19.75 -151.77
C UNK R 9 -14.19 21.11 -151.12
N UNK R 10 -14.73 22.18 -151.70
CA UNK R 10 -14.58 23.49 -151.07
C UNK R 10 -15.32 23.58 -149.75
N UNK R 11 -16.54 23.04 -149.71
CA UNK R 11 -17.27 23.02 -148.44
C UNK R 11 -16.60 22.12 -147.43
N UNK R 12 -15.99 21.02 -147.89
CA UNK R 12 -15.23 20.17 -146.97
C UNK R 12 -13.98 20.86 -146.47
N UNK R 13 -13.40 21.74 -147.27
CA UNK R 13 -12.22 22.46 -146.80
C UNK R 13 -12.58 23.46 -145.72
N UNK R 14 -13.73 24.12 -145.86
CA UNK R 14 -14.16 25.03 -144.80
C UNK R 14 -14.47 24.27 -143.52
N UNK R 15 -15.15 23.13 -143.63
CA UNK R 15 -15.42 22.34 -142.43
C UNK R 15 -14.15 21.73 -141.85
N UNK R 16 -13.12 21.51 -142.66
CA UNK R 16 -11.89 21.01 -142.08
C UNK R 16 -11.09 22.09 -141.40
N UNK R 17 -11.23 23.35 -141.84
CA UNK R 17 -10.66 24.44 -141.05
C UNK R 17 -11.33 24.53 -139.69
N UNK R 18 -12.65 24.31 -139.67
CA UNK R 18 -13.33 24.19 -138.39
C UNK R 18 -12.83 22.99 -137.59
N UNK R 19 -12.44 21.92 -138.27
CA UNK R 19 -11.96 20.75 -137.54
C UNK R 19 -10.58 20.95 -136.94
N UNK R 20 -9.68 21.61 -137.66
CA UNK R 20 -8.34 21.82 -137.11
C UNK R 20 -8.38 22.84 -135.97
N UNK R 21 -9.25 23.86 -136.08
CA UNK R 21 -9.43 24.73 -134.92
C UNK R 21 -10.11 23.99 -133.79
N UNK R 22 -10.92 22.98 -134.10
CA UNK R 22 -11.44 22.13 -133.04
C UNK R 22 -10.35 21.27 -132.41
N UNK R 23 -9.30 20.93 -133.16
CA UNK R 23 -8.18 20.22 -132.55
C UNK R 23 -7.39 21.13 -131.63
N UNK R 24 -7.28 22.42 -131.98
CA UNK R 24 -6.70 23.38 -131.06
C UNK R 24 -7.55 23.53 -129.82
N UNK R 25 -8.87 23.52 -129.99
CA UNK R 25 -9.75 23.59 -128.84
C UNK R 25 -9.72 22.30 -128.03
N UNK R 26 -9.37 21.19 -128.66
CA UNK R 26 -9.21 19.95 -127.92
C UNK R 26 -7.96 19.98 -127.07
N UNK R 27 -6.87 20.51 -127.63
CA UNK R 27 -5.65 20.67 -126.84
C UNK R 27 -5.82 21.73 -125.78
N UNK R 28 -6.78 22.61 -125.94
CA UNK R 28 -7.19 23.45 -124.80
C UNK R 28 -8.09 22.69 -123.85
N UNK R 29 -8.80 21.68 -124.36
CA UNK R 29 -9.82 21.03 -123.56
C UNK R 29 -9.26 20.02 -122.59
N UNK R 30 -8.00 19.65 -122.73
CA UNK R 30 -7.41 18.75 -121.75
C UNK R 30 -7.14 19.47 -120.45
N UNK R 31 -6.46 20.60 -120.52
CA UNK R 31 -6.20 21.40 -119.34
C UNK R 31 -5.93 22.80 -119.78
N UNK S 1 -13.07 24.77 -176.26
CA UNK S 1 -14.19 25.58 -175.83
C UNK S 1 -14.65 25.17 -174.47
N UNK S 2 -15.87 24.63 -174.37
CA UNK S 2 -16.38 24.26 -173.07
C UNK S 2 -15.83 22.92 -172.61
N UNK S 3 -15.44 22.06 -173.55
CA UNK S 3 -14.86 20.79 -173.17
C UNK S 3 -13.49 20.98 -172.54
N UNK S 4 -12.71 21.94 -173.04
CA UNK S 4 -11.41 22.21 -172.45
C UNK S 4 -11.55 22.81 -171.07
N UNK S 5 -12.54 23.67 -170.87
CA UNK S 5 -12.77 24.21 -169.53
C UNK S 5 -13.24 23.15 -168.58
N UNK S 6 -14.02 22.18 -169.07
CA UNK S 6 -14.43 21.08 -168.23
C UNK S 6 -13.24 20.19 -167.85
N UNK S 7 -12.33 19.97 -168.78
CA UNK S 7 -11.17 19.14 -168.46
C UNK S 7 -10.20 19.87 -167.55
N UNK S 8 -10.11 21.19 -167.67
CA UNK S 8 -9.27 21.93 -166.74
C UNK S 8 -9.87 21.96 -165.35
N UNK S 9 -11.20 21.98 -165.26
CA UNK S 9 -11.82 21.88 -163.96
C UNK S 9 -11.63 20.48 -163.38
N UNK S 10 -11.59 19.46 -164.23
CA UNK S 10 -11.27 18.13 -163.74
C UNK S 10 -9.83 18.05 -163.26
N UNK S 11 -8.93 18.75 -163.92
CA UNK S 11 -7.54 18.72 -163.49
C UNK S 11 -7.32 19.47 -162.20
N UNK S 12 -8.04 20.59 -162.01
CA UNK S 12 -7.94 21.29 -160.73
C UNK S 12 -8.61 20.50 -159.63
N UNK S 13 -9.66 19.75 -159.96
CA UNK S 13 -10.25 18.85 -158.98
C UNK S 13 -9.30 17.73 -158.60
N UNK S 14 -8.54 17.22 -159.56
CA UNK S 14 -7.58 16.17 -159.23
C UNK S 14 -6.41 16.70 -158.43
N UNK S 15 -6.00 17.94 -158.69
CA UNK S 15 -4.91 18.51 -157.90
C UNK S 15 -5.38 18.82 -156.49
N UNK S 16 -6.63 19.25 -156.34
CA UNK S 16 -7.17 19.41 -154.99
C UNK S 16 -7.35 18.06 -154.32
N UNK S 17 -7.57 17.01 -155.09
CA UNK S 17 -7.62 15.68 -154.51
C UNK S 17 -6.25 15.23 -154.04
N UNK S 18 -5.20 15.55 -154.80
CA UNK S 18 -3.88 15.10 -154.40
C UNK S 18 -3.30 15.95 -153.30
N UNK S 19 -3.84 17.16 -153.10
CA UNK S 19 -3.41 17.95 -151.96
C UNK S 19 -4.44 18.00 -150.85
N UNK S 20 -5.53 17.28 -150.98
CA UNK S 20 -6.42 17.04 -149.86
C UNK S 20 -6.35 15.61 -149.36
N UNK S 21 -5.97 14.66 -150.19
CA UNK S 21 -5.90 13.28 -149.75
C UNK S 21 -4.66 13.03 -148.92
N UNK S 22 -3.54 13.64 -149.28
CA UNK S 22 -2.36 13.55 -148.43
C UNK S 22 -2.58 14.27 -147.12
N UNK S 23 -3.34 15.36 -147.13
CA UNK S 23 -3.66 16.04 -145.88
C UNK S 23 -4.63 15.21 -145.04
N UNK S 24 -5.55 14.51 -145.70
CA UNK S 24 -6.43 13.61 -144.97
C UNK S 24 -5.67 12.44 -144.39
N UNK S 25 -4.63 11.97 -145.09
CA UNK S 25 -3.86 10.87 -144.56
C UNK S 25 -2.98 11.30 -143.41
N UNK S 26 -2.43 12.51 -143.47
CA UNK S 26 -1.64 13.01 -142.35
C UNK S 26 -2.52 13.32 -141.15
N UNK S 27 -3.75 13.76 -141.38
CA UNK S 27 -4.65 13.99 -140.27
C UNK S 27 -5.15 12.69 -139.67
N UNK S 28 -5.36 11.66 -140.51
CA UNK S 28 -5.74 10.37 -139.99
C UNK S 28 -4.61 9.73 -139.22
N UNK S 29 -3.37 9.96 -139.64
CA UNK S 29 -2.24 9.44 -138.88
C UNK S 29 -2.08 10.17 -137.56
N UNK S 30 -2.35 11.48 -137.53
CA UNK S 30 -2.31 12.21 -136.27
C UNK S 30 -3.41 11.75 -135.33
N UNK S 31 -4.59 11.49 -135.87
CA UNK S 31 -5.67 10.99 -135.03
C UNK S 31 -5.42 9.57 -134.57
N UNK S 32 -4.63 8.80 -135.34
CA UNK S 32 -4.27 7.47 -134.88
C UNK S 32 -3.18 7.54 -133.81
N UNK S 33 -2.29 8.53 -133.91
CA UNK S 33 -1.24 8.65 -132.92
C UNK S 33 -1.79 9.18 -131.61
N UNK S 34 -2.84 9.98 -131.66
CA UNK S 34 -3.44 10.44 -130.42
C UNK S 34 -4.35 9.38 -129.82
N UNK S 35 -4.86 8.48 -130.63
CA UNK S 35 -5.75 7.45 -130.10
C UNK S 35 -4.96 6.29 -129.56
N UNK T 1 -5.62 10.12 -173.32
CA UNK T 1 -6.93 9.76 -172.86
C UNK T 1 -6.80 8.68 -171.82
N UNK T 2 -7.10 9.00 -170.58
CA UNK T 2 -6.97 8.07 -169.47
C UNK T 2 -8.22 8.09 -168.62
N UNK T 3 -9.38 7.91 -169.24
CA UNK T 3 -10.63 8.01 -168.51
C UNK T 3 -10.82 6.82 -167.57
N UNK T 4 -10.19 5.69 -167.85
CA UNK T 4 -10.35 4.54 -166.98
C UNK T 4 -9.61 4.73 -165.66
N UNK T 5 -8.40 5.27 -165.71
CA UNK T 5 -7.68 5.54 -164.47
C UNK T 5 -8.32 6.69 -163.71
N UNK T 6 -8.97 7.60 -164.41
CA UNK T 6 -9.74 8.62 -163.71
C UNK T 6 -10.99 8.01 -163.10
N UNK T 7 -11.51 6.94 -163.68
CA UNK T 7 -12.66 6.28 -163.07
C UNK T 7 -12.26 5.53 -161.81
N UNK T 8 -11.08 4.91 -161.83
CA UNK T 8 -10.57 4.30 -160.60
C UNK T 8 -10.26 5.37 -159.57
N UNK T 9 -9.81 6.52 -159.99
CA UNK T 9 -9.58 7.61 -159.05
C UNK T 9 -10.89 8.19 -158.54
N UNK T 10 -11.97 8.13 -159.31
CA UNK T 10 -13.25 8.58 -158.79
C UNK T 10 -13.82 7.58 -157.80
N UNK T 11 -13.56 6.29 -158.03
CA UNK T 11 -13.92 5.30 -157.03
C UNK T 11 -13.12 5.50 -155.76
N UNK T 12 -11.85 5.90 -155.89
CA UNK T 12 -11.06 6.15 -154.70
C UNK T 12 -11.44 7.47 -154.02
N UNK T 13 -11.95 8.44 -154.77
CA UNK T 13 -12.46 9.64 -154.14
C UNK T 13 -13.74 9.33 -153.39
N UNK T 14 -14.54 8.41 -153.94
CA UNK T 14 -15.64 7.88 -153.16
C UNK T 14 -15.14 7.11 -151.95
N UNK T 15 -13.96 6.51 -152.03
CA UNK T 15 -13.41 5.81 -150.88
C UNK T 15 -12.94 6.76 -149.79
N UNK T 16 -12.30 7.86 -150.17
CA UNK T 16 -11.87 8.80 -149.14
C UNK T 16 -13.03 9.57 -148.53
N UNK T 17 -14.04 9.91 -149.33
CA UNK T 17 -15.23 10.49 -148.72
C UNK T 17 -16.01 9.45 -147.94
N UNK T 18 -15.85 8.17 -148.29
CA UNK T 18 -16.39 7.12 -147.46
C UNK T 18 -15.66 6.99 -146.15
N UNK T 19 -14.36 7.26 -146.14
CA UNK T 19 -13.64 7.29 -144.87
C UNK T 19 -14.10 8.46 -144.02
N UNK T 20 -14.41 9.59 -144.66
CA UNK T 20 -14.96 10.72 -143.91
C UNK T 20 -16.35 10.40 -143.39
N UNK T 21 -17.17 9.71 -144.18
CA UNK T 21 -18.50 9.34 -143.73
C UNK T 21 -18.45 8.28 -142.64
N UNK T 22 -17.49 7.37 -142.70
CA UNK T 22 -17.33 6.38 -141.65
C UNK T 22 -16.81 7.02 -140.38
N UNK T 23 -16.03 8.09 -140.51
CA UNK T 23 -15.66 8.83 -139.31
C UNK T 23 -16.84 9.61 -138.77
N UNK T 24 -17.79 9.97 -139.64
CA UNK T 24 -19.01 10.59 -139.15
C UNK T 24 -19.93 9.57 -138.50
N UNK T 25 -19.80 8.30 -138.88
CA UNK T 25 -20.69 7.30 -138.31
C UNK T 25 -20.27 6.90 -136.91
N UNK T 26 -18.97 6.92 -136.65
CA UNK T 26 -18.48 6.59 -135.33
C UNK T 26 -18.28 7.87 -134.56
N UNK U 1 91.12 27.99 87.48
CA UNK U 1 91.50 27.27 88.69
C UNK U 1 91.58 28.05 89.99
N UNK U 2 92.00 29.31 90.01
CA UNK U 2 91.88 30.18 91.17
C UNK U 2 90.49 30.29 91.87
N UNK U 3 89.46 30.02 91.07
CA UNK U 3 88.08 29.77 91.49
C UNK U 3 88.01 28.89 92.77
N UNK U 4 88.76 27.79 92.71
CA UNK U 4 88.73 26.72 93.68
C UNK U 4 89.29 27.08 95.05
N UNK U 5 89.98 28.22 95.18
CA UNK U 5 90.39 28.73 96.48
C UNK U 5 89.23 29.38 97.25
N UNK U 6 88.43 30.21 96.56
CA UNK U 6 87.25 30.80 97.25
C UNK U 6 86.24 29.71 97.64
N UNK U 7 86.02 28.79 96.70
CA UNK U 7 85.37 27.49 96.96
C UNK U 7 85.89 26.78 98.21
N UNK U 8 87.19 26.46 98.28
CA UNK U 8 87.81 25.74 99.40
C UNK U 8 87.53 26.40 100.77
N UNK U 9 87.59 27.74 100.81
CA UNK U 9 87.23 28.48 102.03
C UNK U 9 85.77 28.27 102.41
N UNK U 10 84.84 28.58 101.48
CA UNK U 10 83.41 28.53 101.82
C UNK U 10 82.86 27.12 102.00
N UNK U 11 83.51 26.09 101.44
CA UNK U 11 83.18 24.70 101.70
C UNK U 11 83.80 24.14 102.97
N UNK U 12 84.81 24.81 103.56
CA UNK U 12 85.13 24.53 104.96
C UNK U 12 84.28 25.32 105.97
N UNK U 13 83.78 26.51 105.63
CA UNK U 13 82.73 27.21 106.40
C UNK U 13 81.38 26.48 106.41
N UNK U 14 80.95 25.99 105.24
CA UNK U 14 79.77 25.16 105.13
C UNK U 14 80.01 23.85 105.87
N UNK U 15 81.09 23.11 105.60
CA UNK U 15 81.37 21.89 106.37
C UNK U 15 81.34 22.04 107.89
N UNK U 16 81.78 23.20 108.39
CA UNK U 16 81.72 23.49 109.82
C UNK U 16 80.31 23.78 110.32
N UNK U 17 79.52 24.59 109.59
CA UNK U 17 78.10 24.78 109.96
C UNK U 17 77.34 23.46 109.96
N UNK U 18 77.47 22.71 108.86
CA UNK U 18 76.86 21.43 108.63
C UNK U 18 77.17 20.49 109.80
N UNK U 19 78.46 20.21 110.07
CA UNK U 19 78.81 19.34 111.20
C UNK U 19 78.26 19.81 112.55
N UNK U 20 78.15 21.12 112.82
CA UNK U 20 77.52 21.54 114.08
C UNK U 20 76.04 21.12 114.11
N UNK U 21 75.29 21.47 113.06
CA UNK U 21 73.84 21.22 112.97
C UNK U 21 73.55 19.73 113.15
N UNK U 22 74.10 18.91 112.26
CA UNK U 22 73.92 17.48 112.31
C UNK U 22 74.45 16.83 113.59
N UNK U 23 75.40 17.44 114.35
CA UNK U 23 75.76 16.79 115.63
C UNK U 23 74.65 16.78 116.68
N UNK U 24 66.99 18.01 111.49
CA UNK U 24 67.86 17.17 110.66
C UNK U 24 67.51 17.26 109.18
N UNK U 25 66.23 17.47 108.89
CA UNK U 25 65.77 17.57 107.51
C UNK U 25 66.42 18.75 106.81
N UNK U 26 66.52 19.88 107.52
CA UNK U 26 67.14 21.08 106.97
C UNK U 26 68.60 20.80 106.65
N UNK U 27 69.27 20.08 107.55
CA UNK U 27 70.67 19.74 107.35
C UNK U 27 70.82 18.85 106.12
N UNK U 28 69.91 17.91 105.96
CA UNK U 28 69.96 17.01 104.81
C UNK U 28 69.79 17.81 103.52
N UNK U 29 68.87 18.77 103.54
CA UNK U 29 68.60 19.61 102.39
C UNK U 29 69.84 20.44 102.03
N UNK U 30 70.51 20.95 103.04
CA UNK U 30 71.71 21.76 102.83
C UNK U 30 72.78 20.90 102.16
N UNK U 31 72.90 19.67 102.62
CA UNK U 31 73.88 18.74 102.06
C UNK U 31 73.56 18.47 100.60
N UNK U 32 72.28 18.29 100.30
CA UNK U 32 71.85 18.05 98.94
C UNK U 32 72.19 19.27 98.10
N UNK U 33 71.91 20.45 98.65
CA UNK U 33 72.18 21.69 97.96
C UNK U 33 73.67 21.88 97.74
N UNK U 34 74.46 21.56 98.76
CA UNK U 34 75.91 21.68 98.68
C UNK U 34 76.45 20.73 97.61
N UNK U 35 75.89 19.53 97.57
CA UNK U 35 76.30 18.54 96.60
C UNK U 35 75.99 19.04 95.20
N UNK U 36 74.81 19.66 95.06
CA UNK U 36 74.40 20.19 93.77
C UNK U 36 75.35 21.30 93.32
N UNK U 37 75.74 22.13 94.28
CA UNK U 37 76.66 23.22 94.00
C UNK U 37 78.00 22.66 93.54
N UNK U 38 78.46 21.61 94.20
CA UNK U 38 79.72 20.98 93.84
C UNK U 38 79.64 20.42 92.44
N UNK U 39 78.49 19.81 92.13
CA UNK U 39 78.26 19.22 90.82
C UNK U 39 78.27 20.28 89.73
N UNK U 40 77.67 21.43 90.02
CA UNK U 40 77.61 22.51 89.04
C UNK U 40 78.99 23.14 88.89
N UNK U 41 79.68 23.32 90.01
CA UNK U 41 81.01 23.91 90.00
C UNK U 41 81.96 23.01 89.22
N UNK U 42 81.82 21.69 89.43
CA UNK U 42 82.65 20.73 88.73
C UNK U 42 82.40 20.80 87.23
N UNK U 43 81.13 20.94 86.86
CA UNK U 43 80.77 21.03 85.45
C UNK U 43 81.38 22.29 84.85
N UNK U 44 81.36 23.37 85.61
CA UNK U 44 81.93 24.64 85.16
C UNK U 44 83.42 24.50 84.94
N UNK U 45 84.08 23.78 85.85
CA UNK U 45 85.52 23.56 85.77
C UNK U 45 85.91 22.94 84.42
N UNK U 46 92.90 16.50 93.75
CA UNK U 46 93.02 15.57 94.85
C UNK U 46 92.13 15.94 96.03
N UNK U 47 92.28 17.17 96.50
CA UNK U 47 91.48 17.65 97.63
C UNK U 47 90.00 17.68 97.29
N UNK U 48 89.68 18.10 96.06
CA UNK U 48 88.30 18.17 95.61
C UNK U 48 87.67 16.78 95.54
N UNK U 49 88.44 15.81 95.04
CA UNK U 49 87.96 14.45 94.91
C UNK U 49 87.68 13.87 96.30
N UNK U 50 88.57 14.16 97.24
CA UNK U 50 88.41 13.67 98.61
C UNK U 50 87.08 14.09 99.19
N UNK U 51 86.85 15.40 99.24
CA UNK U 51 85.61 15.93 99.78
C UNK U 51 84.42 15.47 98.95
N UNK U 52 84.59 15.47 97.63
CA UNK U 52 83.53 15.03 96.73
C UNK U 52 83.21 13.58 96.98
N UNK U 53 84.25 12.78 97.18
CA UNK U 53 84.09 11.35 97.44
C UNK U 53 83.32 11.15 98.74
N UNK U 54 83.66 11.96 99.74
CA UNK U 54 82.99 11.88 101.03
C UNK U 54 81.51 12.22 100.88
N UNK U 55 81.23 13.23 100.07
CA UNK U 55 79.85 13.64 99.83
C UNK U 55 79.09 12.51 99.14
N UNK U 56 79.74 11.85 98.19
CA UNK U 56 79.12 10.75 97.48
C UNK U 56 78.70 9.64 98.43
N UNK U 57 79.61 9.24 99.32
CA UNK U 57 79.33 8.18 100.28
C UNK U 57 78.19 8.58 101.22
N UNK U 58 78.17 9.83 101.65
CA UNK U 58 77.12 10.31 102.55
C UNK U 58 75.78 10.25 101.82
N UNK U 59 75.79 10.63 100.55
CA UNK U 59 74.58 10.61 99.74
C UNK U 59 74.07 9.18 99.61
N UNK U 60 75.00 8.25 99.40
CA UNK U 60 74.65 6.85 99.27
C UNK U 60 74.03 6.35 100.56
N UNK U 61 74.59 6.77 101.69
CA UNK U 61 74.09 6.38 102.99
C UNK U 61 72.66 6.92 103.20
N UNK U 62 72.45 8.15 102.75
CA UNK U 62 71.13 8.77 102.88
C UNK U 62 70.26 8.48 101.66
N UNK U 63 67.12 7.15 96.05
CA UNK U 63 66.68 7.66 94.72
C UNK U 63 67.66 8.72 94.13
N UNK U 64 67.80 9.86 94.82
CA UNK U 64 68.73 10.94 94.41
C UNK U 64 70.19 10.42 94.35
N UNK U 65 70.52 9.66 95.40
CA UNK U 65 71.74 8.89 95.56
C UNK U 65 72.10 8.03 94.37
N UNK U 66 71.16 7.55 93.53
CA UNK U 66 71.55 6.84 92.30
C UNK U 66 71.90 7.72 91.11
N UNK U 67 71.38 8.94 90.98
CA UNK U 67 71.99 9.87 89.98
C UNK U 67 73.41 10.18 90.40
N UNK U 68 73.58 10.49 91.69
CA UNK U 68 74.91 10.71 92.25
C UNK U 68 75.85 9.52 92.00
N UNK U 69 75.36 8.30 92.12
CA UNK U 69 76.11 7.08 91.82
C UNK U 69 76.57 6.94 90.36
N UNK U 70 75.74 7.34 89.40
CA UNK U 70 76.21 7.39 88.01
C UNK U 70 77.26 8.50 87.78
N UNK U 71 77.11 9.64 88.45
CA UNK U 71 78.11 10.70 88.46
C UNK U 71 79.50 10.20 88.90
N UNK U 72 79.49 9.46 89.99
CA UNK U 72 80.66 8.77 90.54
C UNK U 72 81.34 7.81 89.60
N UNK U 73 80.55 7.03 88.86
CA UNK U 73 81.19 6.12 87.93
C UNK U 73 81.72 6.79 86.64
N UNK U 74 81.12 7.89 86.19
CA UNK U 74 81.70 8.70 85.09
C UNK U 74 83.04 9.27 85.51
N UNK U 75 83.13 9.82 86.73
CA UNK U 75 84.39 10.18 87.33
C UNK U 75 85.34 8.99 87.30
N UNK U 76 85.14 8.00 88.15
CA UNK U 76 86.09 6.90 88.35
C UNK U 76 86.59 6.28 87.03
N UNK U 77 85.73 6.03 86.05
CA UNK U 77 86.18 5.58 84.73
C UNK U 77 87.07 6.58 84.02
N UNK U 78 86.55 7.79 83.75
CA UNK U 78 87.31 8.80 82.99
C UNK U 78 88.70 9.09 83.59
N UNK U 79 88.70 9.11 84.91
CA UNK U 79 89.80 9.41 85.77
C UNK U 79 90.83 8.31 85.78
N UNK U 80 90.41 7.04 85.83
CA UNK U 80 91.34 5.96 85.60
C UNK U 80 91.98 6.03 84.20
N UNK U 81 91.14 6.16 83.17
CA UNK U 81 91.63 6.23 81.80
C UNK U 81 90.79 5.36 80.87
N UNK U 82 90.79 5.71 79.58
CA UNK U 82 90.02 4.96 78.59
C UNK U 82 90.63 5.10 77.21
N UNK U 83 92.65 5.04 74.36
CA UNK U 83 92.47 6.47 74.22
C UNK U 83 91.18 6.82 73.50
N UNK U 84 90.77 5.96 72.57
CA UNK U 84 89.55 6.19 71.81
C UNK U 84 88.35 6.20 72.74
N UNK U 85 88.33 5.27 73.70
CA UNK U 85 87.22 5.19 74.65
C UNK U 85 87.15 6.46 75.49
N UNK U 86 88.30 6.94 75.92
CA UNK U 86 88.36 8.16 76.73
C UNK U 86 87.85 9.33 75.91
N UNK U 87 88.22 9.36 74.63
CA UNK U 87 87.78 10.46 73.77
C UNK U 87 86.26 10.41 73.64
N UNK U 88 85.73 9.20 73.50
CA UNK U 88 84.28 9.04 73.36
C UNK U 88 83.59 9.52 74.63
N UNK U 89 84.16 9.19 75.79
CA UNK U 89 83.57 9.62 77.05
C UNK U 89 83.58 11.14 77.15
N UNK U 90 84.69 11.75 76.73
CA UNK U 90 84.78 13.21 76.78
C UNK U 90 83.73 13.84 75.88
N UNK U 91 83.54 13.22 74.72
CA UNK U 91 82.55 13.71 73.75
C UNK U 91 81.15 13.62 74.35
N UNK U 92 80.89 12.53 75.06
CA UNK U 92 79.59 12.33 75.68
C UNK U 92 79.63 12.70 77.16
N UNK U 93 79.47 11.71 78.03
CA UNK U 93 79.51 11.94 79.50
C UNK U 93 78.91 13.32 79.76
N UNK U 94 79.55 14.35 79.19
CA UNK U 94 79.23 15.75 79.51
C UNK U 94 77.83 16.21 79.09
N UNK U 95 76.97 15.32 78.57
CA UNK U 95 75.51 15.48 78.63
C UNK U 95 75.01 15.82 80.05
N UNK U 96 75.13 14.86 80.97
CA UNK U 96 74.67 15.05 82.34
C UNK U 96 73.15 15.20 82.39
N UNK U 97 72.45 14.30 81.70
CA UNK U 97 70.99 14.33 81.67
C UNK U 97 70.39 12.97 81.99
N UNK U 98 69.31 12.56 81.33
CA UNK U 98 68.74 11.23 81.62
C UNK U 98 69.19 9.96 80.84
N UNK U 99 68.33 9.51 79.93
CA UNK U 99 68.54 8.27 79.17
C UNK U 99 69.81 8.21 78.32
N UNK U 100 70.21 9.30 77.71
CA UNK U 100 71.42 9.28 76.92
C UNK U 100 72.58 8.94 77.86
N UNK U 101 72.55 9.54 79.04
CA UNK U 101 73.59 9.31 80.03
C UNK U 101 73.60 7.85 80.46
N UNK U 102 72.44 7.25 80.66
CA UNK U 102 72.41 5.85 81.09
C UNK U 102 73.04 4.90 80.07
N UNK U 103 72.77 5.09 78.79
CA UNK U 103 73.37 4.22 77.78
C UNK U 103 74.90 4.38 77.78
N UNK U 104 75.33 5.64 77.91
CA UNK U 104 76.74 5.98 77.93
C UNK U 104 77.47 5.34 79.09
N UNK U 105 76.83 5.33 80.27
CA UNK U 105 77.45 4.74 81.44
C UNK U 105 77.68 3.24 81.21
N UNK U 106 76.69 2.58 80.61
CA UNK U 106 76.80 1.16 80.32
C UNK U 106 77.94 0.92 79.34
N UNK U 107 78.05 1.80 78.35
CA UNK U 107 79.11 1.66 77.36
C UNK U 107 80.47 1.79 78.04
N UNK U 108 80.56 2.75 78.98
CA UNK U 108 81.79 2.98 79.71
C UNK U 108 82.15 1.76 80.54
N UNK U 109 81.16 1.14 81.17
CA UNK U 109 81.37 -0.04 81.98
C UNK U 109 81.97 -1.17 81.16
N UNK U 110 81.39 -1.40 79.98
CA UNK U 110 81.87 -2.47 79.10
C UNK U 110 83.31 -2.20 78.66
N UNK U 111 83.61 -0.94 78.37
CA UNK U 111 84.96 -0.57 77.95
C UNK U 111 85.93 -0.84 79.09
N UNK U 112 85.51 -0.52 80.31
CA UNK U 112 86.35 -0.73 81.48
C UNK U 112 86.61 -2.22 81.66
N UNK U 113 85.57 -3.02 81.44
CA UNK U 113 85.70 -4.47 81.56
C UNK U 113 86.69 -5.00 80.53
N UNK U 114 86.61 -4.45 79.33
CA UNK U 114 87.51 -4.84 78.25
C UNK U 114 88.95 -4.49 78.60
N UNK U 115 89.14 -3.32 79.21
CA UNK U 115 90.46 -2.88 79.60
C UNK U 115 91.24 -2.33 78.41
N UNK U 116 95.66 -5.77 62.27
CA UNK U 116 95.54 -4.51 63.01
C UNK U 116 94.51 -3.59 62.36
N UNK U 117 94.51 -3.54 61.03
CA UNK U 117 93.57 -2.70 60.29
C UNK U 117 92.12 -3.12 60.52
N UNK U 118 91.89 -4.43 60.55
CA UNK U 118 90.55 -4.96 60.76
C UNK U 118 90.02 -4.57 62.14
N UNK U 119 90.88 -4.62 63.14
CA UNK U 119 90.49 -4.27 64.50
C UNK U 119 90.22 -2.77 64.63
N UNK U 120 91.13 -1.96 64.07
CA UNK U 120 90.98 -0.51 64.13
C UNK U 120 89.73 -0.05 63.40
N UNK U 121 89.50 -0.64 62.23
CA UNK U 121 88.32 -0.29 61.44
C UNK U 121 87.07 -0.66 62.21
N UNK U 122 87.11 -1.81 62.87
CA UNK U 122 85.96 -2.27 63.64
C UNK U 122 85.69 -1.29 64.77
N UNK U 123 86.76 -0.83 65.43
CA UNK U 123 86.60 0.11 66.52
C UNK U 123 86.01 1.41 66.01
N UNK U 124 86.46 1.85 64.84
CA UNK U 124 85.96 3.08 64.26
C UNK U 124 84.48 2.96 63.96
N UNK U 125 84.06 1.80 63.41
CA UNK U 125 82.65 1.61 63.10
C UNK U 125 81.85 1.63 64.40
N UNK U 126 82.39 0.95 65.41
CA UNK U 126 81.78 0.84 66.72
C UNK U 126 81.68 2.16 67.45
N UNK U 127 82.72 2.99 67.34
CA UNK U 127 82.72 4.27 68.05
C UNK U 127 81.66 5.24 67.51
N UNK U 128 81.51 5.32 66.18
CA UNK U 128 80.47 6.04 65.47
C UNK U 128 79.07 5.46 65.70
N UNK U 129 78.95 4.24 66.22
CA UNK U 129 77.68 3.73 66.73
C UNK U 129 77.50 4.10 68.21
N UNK U 130 78.56 4.03 69.02
CA UNK U 130 78.57 4.24 70.47
C UNK U 130 78.17 5.69 70.78
N UNK U 131 78.99 6.64 70.34
CA UNK U 131 78.73 8.07 70.47
C UNK U 131 77.78 8.58 69.37
N UNK U 132 78.29 8.84 68.15
CA UNK U 132 77.62 8.82 66.80
C UNK U 132 77.49 10.12 66.01
N UNK U 133 78.48 17.37 59.93
CA UNK U 133 78.87 18.21 61.05
C UNK U 133 80.27 17.86 61.53
N UNK U 134 80.68 18.47 62.65
CA UNK U 134 82.00 18.22 63.21
C UNK U 134 82.13 16.76 63.62
N UNK U 135 81.08 16.21 64.22
CA UNK U 135 81.09 14.82 64.65
C UNK U 135 81.25 13.91 63.44
N UNK U 136 80.55 14.25 62.37
CA UNK U 136 80.60 13.46 61.14
C UNK U 136 82.03 13.50 60.58
N UNK U 137 82.64 14.68 60.64
CA UNK U 137 84.00 14.84 60.14
C UNK U 137 84.95 13.98 60.95
N UNK U 138 84.74 13.95 62.26
CA UNK U 138 85.56 13.16 63.16
C UNK U 138 85.42 11.68 62.82
N UNK U 139 84.19 11.27 62.55
CA UNK U 139 83.91 9.89 62.20
C UNK U 139 84.64 9.53 60.90
N UNK U 140 84.62 10.45 59.95
CA UNK U 140 85.28 10.24 58.67
C UNK U 140 86.77 10.08 58.89
N UNK U 141 87.32 10.91 59.77
CA UNK U 141 88.75 10.86 60.07
C UNK U 141 89.09 9.51 60.69
N UNK U 142 88.22 9.03 61.57
CA UNK U 142 88.43 7.75 62.23
C UNK U 142 88.43 6.64 61.18
N UNK U 143 87.50 6.73 60.23
CA UNK U 143 87.40 5.74 59.17
C UNK U 143 88.67 5.74 58.34
N UNK U 144 89.19 6.94 58.06
CA UNK U 144 90.41 7.06 57.28
C UNK U 144 91.56 6.41 58.03
N UNK U 145 91.61 6.63 59.34
CA UNK U 145 92.65 6.04 60.18
C UNK U 145 92.57 4.52 60.14
N UNK U 146 91.35 4.01 60.19
CA UNK U 146 91.13 2.56 60.15
C UNK U 146 91.62 2.02 58.82
N UNK U 147 91.34 2.74 57.75
CA UNK U 147 91.76 2.32 56.41
C UNK U 147 93.28 2.29 56.35
N UNK U 148 93.91 3.29 56.95
CA UNK U 148 95.37 3.37 56.98
C UNK U 148 95.95 2.19 57.74
N UNK U 149 97.99 -6.90 47.58
CA UNK U 149 97.03 -7.92 47.17
C UNK U 149 96.57 -8.86 48.29
N UNK U 150 97.51 -9.39 49.07
CA UNK U 150 97.11 -10.26 50.17
C UNK U 150 96.39 -9.40 51.20
N UNK U 151 96.94 -8.19 51.47
CA UNK U 151 96.21 -7.31 52.38
C UNK U 151 94.88 -6.87 51.82
N UNK U 152 94.82 -6.17 50.69
CA UNK U 152 93.56 -5.71 50.08
C UNK U 152 92.48 -6.79 49.91
N UNK U 153 92.82 -8.03 49.56
CA UNK U 153 91.85 -9.15 49.56
C UNK U 153 91.33 -9.43 50.98
N UNK U 154 92.18 -9.53 52.02
CA UNK U 154 91.61 -9.80 53.37
C UNK U 154 90.85 -8.66 54.05
N UNK U 155 91.28 -7.45 53.75
CA UNK U 155 90.79 -6.13 54.14
C UNK U 155 89.40 -5.90 53.59
N UNK U 156 89.25 -6.09 52.28
CA UNK U 156 87.95 -5.96 51.65
C UNK U 156 87.04 -7.14 51.93
N UNK U 157 87.59 -8.33 52.14
CA UNK U 157 86.76 -9.40 52.64
C UNK U 157 86.12 -9.12 54.02
N UNK U 158 86.91 -8.52 54.92
CA UNK U 158 86.38 -8.03 56.18
C UNK U 158 85.35 -6.92 56.05
N UNK U 159 85.53 -5.96 55.13
CA UNK U 159 84.52 -4.92 54.92
C UNK U 159 83.20 -5.44 54.34
N UNK U 160 83.17 -6.39 53.39
CA UNK U 160 81.89 -7.03 53.01
C UNK U 160 81.27 -7.81 54.19
N UNK U 161 82.10 -8.30 55.12
CA UNK U 161 81.60 -8.95 56.32
C UNK U 161 81.17 -8.00 57.46
N UNK U 162 81.21 -6.66 57.24
CA UNK U 162 80.76 -5.69 58.25
C UNK U 162 79.30 -5.95 58.60
N UNK U 163 79.03 -6.26 59.87
CA UNK U 163 77.68 -6.69 60.29
C UNK U 163 76.64 -5.60 60.06
N UNK U 164 75.40 -6.04 59.85
CA UNK U 164 74.31 -5.15 59.46
C UNK U 164 74.18 -3.93 60.38
N UNK U 165 67.46 2.80 60.54
CA UNK U 165 68.27 2.29 59.45
C UNK U 165 69.75 2.28 59.80
N UNK U 166 70.14 1.42 60.73
CA UNK U 166 71.53 1.32 61.14
C UNK U 166 72.41 0.87 59.98
N UNK U 167 71.90 -0.09 59.20
CA UNK U 167 72.65 -0.58 58.05
C UNK U 167 72.84 0.55 57.04
N UNK U 168 71.80 1.34 56.84
CA UNK U 168 71.86 2.46 55.91
C UNK U 168 72.91 3.47 56.39
N UNK U 169 72.93 3.71 57.69
CA UNK U 169 73.89 4.64 58.28
C UNK U 169 75.31 4.13 58.05
N UNK U 170 75.49 2.82 58.21
CA UNK U 170 76.79 2.21 58.02
C UNK U 170 77.23 2.38 56.57
N UNK U 171 76.28 2.19 55.65
CA UNK U 171 76.56 2.34 54.23
C UNK U 171 76.98 3.77 53.92
N UNK U 172 76.29 4.72 54.56
CA UNK U 172 76.61 6.12 54.36
C UNK U 172 78.01 6.41 54.86
N UNK U 173 78.36 5.83 56.00
CA UNK U 173 79.69 6.01 56.57
C UNK U 173 80.75 5.45 55.64
N UNK U 174 80.46 4.29 55.04
CA UNK U 174 81.39 3.66 54.11
C UNK U 174 81.58 4.56 52.91
N UNK U 175 80.49 5.15 52.43
CA UNK U 175 80.55 6.04 51.28
C UNK U 175 81.42 7.25 51.61
N UNK U 176 81.26 7.77 52.82
CA UNK U 176 82.03 8.91 53.28
C UNK U 176 83.51 8.56 53.33
N UNK U 177 83.82 7.36 53.79
CA UNK U 177 85.19 6.90 53.89
C UNK U 177 85.81 6.70 52.51
N UNK U 178 85.21 5.82 51.71
CA UNK U 178 85.71 5.54 50.38
C UNK U 178 86.02 6.83 49.63
N UNK U 179 85.15 7.81 49.80
CA UNK U 179 85.27 9.10 49.16
C UNK U 179 86.49 9.91 49.61
N UNK U 180 86.78 9.88 50.91
CA UNK U 180 87.90 10.65 51.43
C UNK U 180 89.21 9.93 51.15
N UNK U 181 89.20 8.61 51.32
CA UNK U 181 90.38 7.80 51.08
C UNK U 181 90.76 7.89 49.61
N UNK U 182 89.76 7.85 48.74
CA UNK U 182 90.00 7.93 47.30
C UNK U 182 90.63 9.27 46.97
N UNK U 183 90.13 10.32 47.60
CA UNK U 183 90.63 11.67 47.39
C UNK U 183 92.09 11.77 47.83
N UNK U 184 92.40 11.12 48.95
CA UNK U 184 93.76 11.13 49.48
C UNK U 184 93.91 10.13 50.62
N UNK U 185 95.59 8.54 42.97
CA UNK U 185 94.61 8.39 41.90
C UNK U 185 94.38 6.93 41.50
N UNK U 186 95.47 6.16 41.44
CA UNK U 186 95.39 4.75 41.06
C UNK U 186 94.55 3.93 42.04
N UNK U 187 94.72 4.19 43.33
CA UNK U 187 93.98 3.48 44.36
C UNK U 187 92.48 3.73 44.23
N UNK U 188 92.11 4.96 43.93
CA UNK U 188 90.70 5.33 43.80
C UNK U 188 89.93 4.13 43.27
N UNK U 189 90.48 3.49 42.24
CA UNK U 189 89.80 2.33 41.66
C UNK U 189 89.64 1.23 42.68
N UNK U 190 90.67 0.91 43.49
CA UNK U 190 90.40 -0.20 44.42
C UNK U 190 89.27 0.07 45.44
N UNK U 191 89.35 1.22 46.15
CA UNK U 191 88.12 1.52 46.89
C UNK U 191 86.78 1.68 46.19
N UNK U 192 86.72 2.28 45.01
CA UNK U 192 85.40 2.39 44.38
C UNK U 192 84.85 0.99 44.07
N UNK U 193 85.71 0.09 43.58
CA UNK U 193 85.22 -1.24 43.26
C UNK U 193 84.69 -1.92 44.52
N UNK U 194 85.44 -1.81 45.61
CA UNK U 194 85.01 -2.49 46.82
C UNK U 194 83.66 -1.95 47.31
N UNK U 195 83.52 -0.63 47.29
CA UNK U 195 82.27 -0.04 47.78
C UNK U 195 81.10 -0.52 46.94
N UNK U 196 81.30 -0.49 45.62
CA UNK U 196 80.24 -0.88 44.72
C UNK U 196 79.81 -2.32 44.96
N UNK U 197 80.74 -3.24 45.14
CA UNK U 197 80.27 -4.62 45.33
C UNK U 197 79.41 -4.82 46.59
N UNK U 198 79.92 -4.37 47.78
CA UNK U 198 78.92 -4.38 48.84
C UNK U 198 77.60 -3.62 48.74
N UNK U 199 77.62 -2.42 48.15
CA UNK U 199 76.37 -1.70 48.01
C UNK U 199 75.40 -2.50 47.15
N UNK U 200 75.90 -3.05 46.05
CA UNK U 200 75.05 -3.82 45.15
C UNK U 200 74.47 -5.03 45.85
N UNK U 201 75.29 -5.71 46.65
CA UNK U 201 74.79 -6.86 47.39
C UNK U 201 73.70 -6.61 48.45
N UNK U 202 73.81 -5.50 49.18
CA UNK U 202 72.87 -5.18 50.25
C UNK U 202 71.44 -5.04 49.75
N UNK U 203 71.27 -4.44 48.59
CA UNK U 203 69.94 -4.27 48.02
C UNK U 203 69.65 -5.41 47.04
N UNK U 204 67.60 -2.66 46.29
CA UNK U 204 67.00 -1.42 45.75
C UNK U 204 67.95 -0.27 45.94
N UNK U 205 68.21 0.06 47.20
CA UNK U 205 69.14 1.11 47.61
C UNK U 205 70.45 1.01 46.83
N UNK U 206 71.15 -0.12 46.94
CA UNK U 206 72.42 -0.36 46.23
C UNK U 206 72.33 0.01 44.75
N UNK U 207 71.51 -0.70 43.92
CA UNK U 207 71.38 -0.11 42.59
C UNK U 207 71.11 1.41 42.39
N UNK U 208 69.94 1.97 42.82
CA UNK U 208 69.97 3.43 42.66
C UNK U 208 71.12 4.29 43.25
N UNK U 209 71.75 3.91 44.36
CA UNK U 209 72.83 4.67 44.94
C UNK U 209 74.01 4.61 43.99
N UNK U 210 74.25 3.43 43.43
CA UNK U 210 75.31 3.21 42.47
C UNK U 210 75.05 4.05 41.22
N UNK U 211 73.78 4.10 40.80
CA UNK U 211 73.41 4.89 39.62
C UNK U 211 73.71 6.36 39.89
N UNK U 212 73.37 6.83 41.07
CA UNK U 212 73.60 8.21 41.45
C UNK U 212 75.10 8.51 41.58
N UNK U 213 75.73 7.89 42.57
CA UNK U 213 77.16 8.07 42.81
C UNK U 213 77.98 7.66 41.59
N UNK U 214 77.83 6.41 41.18
CA UNK U 214 78.56 5.88 40.02
C UNK U 214 78.38 6.77 38.79
N UNK U 215 77.12 7.03 38.45
CA UNK U 215 76.80 7.86 37.29
C UNK U 215 77.52 9.22 37.39
N UNK U 216 77.38 9.87 38.54
CA UNK U 216 78.01 11.17 38.76
C UNK U 216 79.52 11.09 38.49
N UNK U 217 80.17 10.12 39.13
CA UNK U 217 81.60 9.94 38.96
C UNK U 217 81.96 9.80 37.48
N UNK U 218 81.24 8.91 36.79
CA UNK U 218 81.48 8.68 35.37
C UNK U 218 81.40 9.99 34.59
N UNK U 219 80.31 10.71 34.78
CA UNK U 219 80.10 11.99 34.09
C UNK U 219 81.29 12.93 34.35
N UNK U 220 81.66 13.07 35.61
CA UNK U 220 82.77 13.94 35.99
C UNK U 220 84.04 13.56 35.23
N UNK U 221 84.38 12.28 35.27
CA UNK U 221 85.57 11.77 34.59
C UNK U 221 85.53 12.11 33.11
N UNK U 222 84.40 11.85 32.48
CA UNK U 222 84.23 12.13 31.06
C UNK U 222 84.47 13.60 30.76
N UNK U 223 83.86 14.47 31.55
CA UNK U 223 84.01 15.91 31.36
C UNK U 223 85.47 16.32 31.50
N UNK U 224 86.15 15.78 32.51
CA UNK U 224 87.55 16.08 32.74
C UNK U 224 88.43 15.65 31.58
N UNK U 225 88.11 14.49 31.01
CA UNK U 225 88.87 13.96 29.88
C UNK U 225 88.16 14.23 28.56
N UNK U 226 87.40 15.33 28.52
CA UNK U 226 86.66 15.73 27.32
C UNK U 226 85.84 14.58 26.74
N UNK U 227 80.35 8.82 23.65
CA UNK U 227 80.33 7.52 24.30
C UNK U 227 79.57 7.61 25.62
N UNK U 228 79.97 8.54 26.47
CA UNK U 228 79.31 8.74 27.76
C UNK U 228 77.81 8.94 27.59
N UNK U 229 77.45 9.84 26.67
CA UNK U 229 76.06 10.13 26.40
C UNK U 229 75.26 8.86 26.06
N UNK U 230 75.76 8.09 25.09
CA UNK U 230 75.05 6.87 24.70
C UNK U 230 75.00 5.82 25.81
N UNK U 231 76.04 5.77 26.63
CA UNK U 231 76.09 4.83 27.75
C UNK U 231 74.98 5.19 28.70
N UNK U 232 74.85 6.49 28.98
CA UNK U 232 73.81 6.99 29.86
C UNK U 232 72.43 6.67 29.29
N UNK U 233 72.29 6.85 27.98
CA UNK U 233 71.02 6.57 27.32
C UNK U 233 70.64 5.11 27.53
N UNK U 234 71.61 4.22 27.32
CA UNK U 234 71.40 2.79 27.50
C UNK U 234 71.00 2.47 28.93
N UNK U 235 71.67 3.11 29.89
CA UNK U 235 71.40 2.90 31.30
C UNK U 235 69.97 3.33 31.65
N UNK U 236 69.53 4.43 31.05
CA UNK U 236 68.19 4.95 31.31
C UNK U 236 67.13 4.09 30.63
N UNK U 237 70.77 -2.38 29.59
CA UNK U 237 71.69 -3.24 30.29
C UNK U 237 72.54 -2.49 31.30
N UNK U 238 72.08 -2.45 32.55
CA UNK U 238 72.81 -1.76 33.60
C UNK U 238 74.17 -2.40 33.83
N UNK U 239 74.21 -3.72 33.80
CA UNK U 239 75.45 -4.44 33.99
C UNK U 239 76.43 -4.10 32.87
N UNK U 240 75.90 -4.03 31.66
CA UNK U 240 76.72 -3.69 30.50
C UNK U 240 77.28 -2.29 30.64
N UNK U 241 76.45 -1.38 31.12
CA UNK U 241 76.87 0.00 31.32
C UNK U 241 78.00 0.03 32.34
N UNK U 242 77.85 -0.76 33.40
CA UNK U 242 78.86 -0.82 34.44
C UNK U 242 80.18 -1.34 33.89
N UNK U 243 80.09 -2.37 33.04
CA UNK U 243 81.29 -2.95 32.45
C UNK U 243 81.98 -1.90 31.57
N UNK U 244 81.18 -1.15 30.84
CA UNK U 244 81.71 -0.11 29.96
C UNK U 244 82.43 0.94 30.79
N UNK U 245 81.84 1.29 31.93
CA UNK U 245 82.41 2.28 32.83
C UNK U 245 83.74 1.77 33.38
N UNK U 246 83.79 0.49 33.70
CA UNK U 246 85.00 -0.12 34.23
C UNK U 246 86.15 -0.04 33.23
N UNK U 247 85.81 -0.16 31.95
CA UNK U 247 86.81 -0.11 30.89
C UNK U 247 87.17 1.34 30.59
N UNK U 248 86.15 2.19 30.59
CA UNK U 248 86.35 3.60 30.32
C UNK U 248 87.24 4.20 31.40
N UNK U 249 87.02 3.82 32.65
CA UNK U 249 87.83 4.32 33.74
C UNK U 249 89.27 3.85 33.58
N UNK U 250 89.41 2.57 33.21
CA UNK U 250 90.71 1.94 33.05
C UNK U 250 91.47 2.72 32.01
N UNK U 251 90.75 3.20 31.01
CA UNK U 251 91.35 4.01 29.97
C UNK U 251 90.54 5.30 29.94
N UNK U 252 90.78 6.18 30.92
CA UNK U 252 91.79 5.99 31.96
C UNK U 252 91.52 6.92 33.14
N UNK U 253 95.27 -12.73 39.92
CA UNK U 253 95.63 -12.01 41.13
C UNK U 253 94.40 -11.38 41.78
N UNK U 254 94.43 -10.06 41.91
CA UNK U 254 93.30 -9.33 42.51
C UNK U 254 92.05 -9.51 41.68
N UNK U 255 92.21 -9.45 40.36
CA UNK U 255 91.08 -9.62 39.44
C UNK U 255 90.50 -11.02 39.60
N UNK U 256 91.37 -12.02 39.72
CA UNK U 256 90.94 -13.40 39.89
C UNK U 256 90.17 -13.55 41.19
N UNK U 257 90.65 -12.89 42.24
CA UNK U 257 89.98 -12.93 43.53
C UNK U 257 88.59 -12.32 43.44
N UNK U 258 88.49 -11.21 42.71
CA UNK U 258 87.21 -10.54 42.53
C UNK U 258 86.33 -11.30 41.54
N UNK U 259 86.95 -11.78 40.47
CA UNK U 259 86.22 -12.53 39.44
C UNK U 259 84.87 -12.99 39.98
N UNK U 260 84.92 -13.54 41.17
CA UNK U 260 83.74 -14.05 41.88
C UNK U 260 82.71 -12.94 42.05
N UNK U 261 83.22 -11.80 42.51
CA UNK U 261 82.41 -10.60 42.74
C UNK U 261 81.69 -10.18 41.46
N UNK U 262 82.48 -10.17 40.40
CA UNK U 262 82.00 -9.79 39.05
C UNK U 262 80.84 -10.71 38.64
N UNK U 263 81.08 -12.00 38.84
CA UNK U 263 80.11 -13.05 38.53
C UNK U 263 78.80 -12.80 39.27
N UNK U 264 78.95 -12.52 40.54
CA UNK U 264 77.82 -12.25 41.45
C UNK U 264 77.00 -11.07 40.91
N UNK U 265 77.73 -10.03 40.55
CA UNK U 265 77.14 -8.79 40.01
C UNK U 265 76.32 -9.11 38.76
N UNK U 266 76.92 -9.89 37.90
CA UNK U 266 76.31 -10.32 36.63
C UNK U 266 74.98 -11.05 36.91
N UNK U 267 75.06 -11.96 37.86
CA UNK U 267 73.92 -12.76 38.29
C UNK U 267 72.78 -11.85 38.76
N UNK U 268 73.16 -10.89 39.58
CA UNK U 268 72.22 -9.90 40.15
C UNK U 268 71.51 -9.16 39.02
N UNK U 269 72.32 -8.73 38.07
CA UNK U 269 71.85 -7.98 36.89
C UNK U 269 70.80 -8.81 36.14
N UNK U 270 79.98 -13.34 28.93
CA UNK U 270 81.17 -13.93 28.29
C UNK U 270 82.26 -12.87 28.12
N UNK U 271 81.83 -11.74 27.60
CA UNK U 271 82.69 -10.58 27.35
C UNK U 271 83.38 -10.15 28.65
N UNK U 272 82.56 -10.06 29.69
CA UNK U 272 83.01 -9.66 31.03
C UNK U 272 84.10 -10.62 31.53
N UNK U 273 83.82 -11.89 31.36
CA UNK U 273 84.72 -12.97 31.76
C UNK U 273 86.07 -12.82 31.06
N UNK U 274 85.98 -12.58 29.76
CA UNK U 274 87.15 -12.39 28.90
C UNK U 274 88.00 -11.23 29.43
N UNK U 275 87.32 -10.15 29.73
CA UNK U 275 87.94 -8.92 30.23
C UNK U 275 88.70 -9.23 31.52
N UNK U 276 89.38 -2.63 18.70
CA UNK U 276 88.93 -3.89 18.10
C UNK U 276 88.21 -4.73 19.17
N UNK U 277 88.83 -4.82 20.31
CA UNK U 277 88.32 -5.57 21.46
C UNK U 277 86.94 -5.03 21.86
N UNK U 278 86.87 -3.72 21.93
CA UNK U 278 85.63 -3.00 22.29
C UNK U 278 84.52 -3.35 21.31
N UNK U 279 84.88 -3.31 20.04
CA UNK U 279 83.95 -3.61 18.94
C UNK U 279 83.40 -5.03 19.09
N UNK U 280 84.32 -5.94 19.37
CA UNK U 280 83.99 -7.36 19.57
C UNK U 280 82.98 -7.53 20.71
N UNK U 281 83.08 -6.66 21.71
CA UNK U 281 82.15 -6.69 22.84
C UNK U 281 80.72 -6.45 22.32
N UNK U 282 80.64 -5.90 21.12
CA UNK U 282 79.38 -5.61 20.45
C UNK U 282 78.53 -6.87 20.27
N UNK U 283 79.15 -8.01 19.97
CA UNK U 283 78.42 -9.29 19.83
C UNK U 283 77.78 -9.70 21.17
N UNK U 284 78.51 -9.44 22.26
CA UNK U 284 78.03 -9.71 23.60
C UNK U 284 76.82 -8.83 23.90
N UNK U 285 76.89 -7.56 23.46
CA UNK U 285 75.74 -6.64 23.50
C UNK U 285 74.56 -7.13 22.65
N UNK U 286 74.92 -7.74 21.52
CA UNK U 286 74.06 -8.34 20.50
C UNK U 286 73.44 -9.68 20.92
N UNK U 287 73.82 -10.23 22.09
CA UNK U 287 73.20 -11.47 22.59
C UNK U 287 71.73 -11.05 22.67
N UNK U 288 71.56 -9.81 23.13
CA UNK U 288 70.29 -9.07 23.07
C UNK U 288 69.32 -9.78 22.12
N UNK U 289 68.35 1.50 16.14
CA UNK U 289 68.85 2.89 16.17
C UNK U 289 69.84 3.06 17.32
N UNK U 290 69.42 2.56 18.47
CA UNK U 290 70.22 2.62 19.70
C UNK U 290 71.57 1.94 19.49
N UNK U 291 71.50 0.77 18.89
CA UNK U 291 72.67 -0.06 18.59
C UNK U 291 73.65 0.73 17.71
N UNK U 292 73.07 1.33 16.69
CA UNK U 292 73.82 2.14 15.71
C UNK U 292 74.56 3.27 16.42
N UNK U 293 73.82 3.93 17.29
CA UNK U 293 74.34 5.06 18.09
C UNK U 293 75.54 4.60 18.92
N UNK U 294 75.35 3.46 19.56
CA UNK U 294 76.38 2.85 20.41
C UNK U 294 77.66 2.60 19.60
N UNK U 295 77.44 2.03 18.42
CA UNK U 295 78.52 1.70 17.49
C UNK U 295 79.31 2.96 17.13
N UNK U 296 78.56 4.00 16.82
CA UNK U 296 79.10 5.31 16.45
C UNK U 296 79.99 5.85 17.58
N UNK U 297 79.44 5.74 18.78
CA UNK U 297 80.13 6.20 20.00
C UNK U 297 81.46 5.48 20.15
N UNK U 298 81.39 4.17 19.97
CA UNK U 298 82.56 3.28 20.07
C UNK U 298 83.63 3.73 19.08
N UNK U 299 83.23 3.99 17.84
CA UNK U 299 84.16 4.42 16.81
C UNK U 299 84.89 5.69 17.21
N UNK U 300 88.38 16.18 11.91
CA UNK U 300 87.81 14.86 11.58
C UNK U 300 86.86 14.41 12.70
N UNK U 301 87.35 14.55 13.91
CA UNK U 301 86.61 14.18 15.12
C UNK U 301 85.28 14.95 15.17
N UNK U 302 85.40 16.24 14.93
CA UNK U 302 84.25 17.16 14.92
C UNK U 302 83.20 16.69 13.91
N UNK U 303 83.70 16.36 12.73
CA UNK U 303 82.87 15.89 11.61
C UNK U 303 82.11 14.63 12.03
N UNK U 304 82.85 13.73 12.63
CA UNK U 304 82.31 12.45 13.13
C UNK U 304 81.17 12.70 14.11
N UNK U 305 81.44 13.61 15.03
CA UNK U 305 80.48 14.00 16.07
C UNK U 305 79.19 14.52 15.43
N UNK U 306 79.38 15.38 14.45
CA UNK U 306 78.28 16.00 13.69
C UNK U 306 77.41 14.91 13.05
N UNK U 307 78.11 13.98 12.42
CA UNK U 307 77.47 12.84 11.74
C UNK U 307 76.60 12.04 12.72
N UNK U 308 77.20 11.79 13.87
CA UNK U 308 76.56 11.04 14.95
C UNK U 308 75.26 11.74 15.38
N UNK U 309 75.39 13.04 15.55
CA UNK U 309 74.28 13.92 15.96
C UNK U 309 73.13 13.81 14.94
N UNK U 310 73.52 13.89 13.69
CA UNK U 310 72.58 13.81 12.56
C UNK U 310 71.82 12.49 12.61
N UNK U 311 72.58 11.43 12.81
CA UNK U 311 72.04 10.06 12.90
C UNK U 311 71.00 9.97 14.01
N UNK U 312 71.38 10.53 15.15
CA UNK U 312 70.53 10.56 16.35
C UNK U 312 69.21 11.26 16.02
N UNK U 313 69.34 12.40 15.37
CA UNK U 313 68.20 13.23 14.97
C UNK U 313 67.25 12.42 14.08
N UNK U 314 67.85 11.74 13.13
CA UNK U 314 67.13 10.90 12.16
C UNK U 314 66.33 9.83 12.91
N UNK U 315 67.00 9.20 13.85
CA UNK U 315 66.43 8.13 14.68
C UNK U 315 65.20 8.66 15.42
N UNK U 316 70.76 -1.37 5.47
CA UNK U 316 71.00 0.04 5.14
C UNK U 316 72.03 0.63 6.11
N UNK U 317 71.78 0.35 7.38
CA UNK U 317 72.64 0.82 8.48
C UNK U 317 74.07 0.33 8.27
N UNK U 318 74.16 -0.95 7.95
CA UNK U 318 75.45 -1.63 7.71
C UNK U 318 76.20 -0.92 6.58
N UNK U 319 75.46 -0.67 5.51
CA UNK U 319 75.98 -0.01 4.31
C UNK U 319 76.56 1.37 4.68
N UNK U 320 75.77 2.08 5.46
CA UNK U 320 76.14 3.42 5.93
C UNK U 320 77.46 3.37 6.71
N UNK U 321 77.52 2.39 7.60
CA UNK U 321 78.70 2.16 8.44
C UNK U 321 79.94 1.93 7.57
N UNK U 322 79.75 1.08 6.58
CA UNK U 322 80.80 0.71 5.62
C UNK U 322 81.32 1.97 4.92
N UNK U 323 80.38 2.77 4.47
CA UNK U 323 80.66 4.03 3.77
C UNK U 323 81.52 4.95 4.65
N UNK U 324 81.09 5.05 5.90
CA UNK U 324 81.75 5.87 6.91
C UNK U 324 83.21 5.42 7.08
N UNK U 325 83.35 4.11 7.18
CA UNK U 325 84.66 3.47 7.34
C UNK U 325 85.57 3.83 6.17
N UNK U 326 85.00 3.71 4.99
CA UNK U 326 85.70 4.00 3.73
C UNK U 326 86.21 5.46 3.74
N UNK U 327 85.30 6.34 4.15
CA UNK U 327 85.58 7.78 4.23
C UNK U 327 86.77 8.03 5.16
N UNK U 328 86.70 7.37 6.31
CA UNK U 328 87.73 7.47 7.34
C UNK U 328 89.09 7.06 6.77
N UNK U 329 89.06 5.94 6.08
CA UNK U 329 90.26 5.36 5.44
C UNK U 329 90.88 6.37 4.47
N UNK U 330 90.00 6.95 3.67
CA UNK U 330 90.37 7.95 2.66
C UNK U 330 91.08 9.13 3.33
N UNK U 331 90.45 9.58 4.41
CA UNK U 331 90.96 10.71 5.20
C UNK U 331 92.37 10.40 5.71
N UNK U 332 92.51 9.21 6.23
CA UNK U 332 93.78 8.71 6.78
C UNK U 332 94.87 8.76 5.69
N UNK U 333 94.49 8.25 4.53
CA UNK U 333 95.37 8.20 3.36
C UNK U 333 95.86 9.60 3.00
N UNK U 334 94.90 10.51 2.97
CA UNK U 334 95.14 11.92 2.65
C UNK U 334 96.16 12.51 3.63
N UNK U 335 95.93 12.23 4.89
CA UNK U 335 96.78 12.69 5.99
C UNK U 335 98.22 12.19 5.78
N UNK U 336 89.58 -0.90 13.43
CA UNK U 336 89.16 -1.04 12.02
C UNK U 336 89.12 -2.52 11.63
N UNK U 337 90.20 -3.19 11.99
CA UNK U 337 90.37 -4.63 11.72
C UNK U 337 89.22 -5.42 12.35
N UNK U 338 88.95 -5.09 13.59
CA UNK U 338 87.88 -5.73 14.38
C UNK U 338 86.54 -5.56 13.66
N UNK U 339 86.30 -4.34 13.24
CA UNK U 339 85.07 -3.96 12.53
C UNK U 339 84.91 -4.81 11.27
N UNK U 340 86.00 -4.90 10.54
CA UNK U 340 86.07 -5.67 9.29
C UNK U 340 85.69 -7.13 9.55
N UNK U 341 86.29 -7.66 10.60
CA UNK U 341 86.07 -9.05 11.04
C UNK U 341 84.58 -9.28 11.32
N UNK U 342 84.03 -8.34 12.06
CA UNK U 342 82.61 -8.36 12.44
C UNK U 342 81.73 -8.42 11.19
N UNK U 343 82.04 -7.56 10.23
CA UNK U 343 81.27 -7.50 8.98
C UNK U 343 81.33 -8.83 8.24
N UNK U 344 82.51 -9.43 8.20
CA UNK U 344 82.68 -10.71 7.52
C UNK U 344 81.84 -11.79 8.18
N UNK U 345 81.81 -11.79 9.50
CA UNK U 345 81.03 -12.76 10.25
C UNK U 345 79.55 -12.61 9.92
N UNK U 346 79.11 -11.35 9.84
CA UNK U 346 77.72 -11.06 9.52
C UNK U 346 77.39 -11.56 8.13
N UNK U 347 78.33 -11.36 7.20
CA UNK U 347 78.13 -11.82 5.83
C UNK U 347 78.01 -13.34 5.80
N UNK U 348 78.84 -14.00 6.59
CA UNK U 348 78.82 -15.46 6.66
C UNK U 348 77.47 -15.92 7.20
N UNK U 349 76.97 -15.21 8.21
CA UNK U 349 75.69 -15.55 8.80
C UNK U 349 74.58 -15.40 7.77
N UNK U 350 74.66 -14.33 6.97
CA UNK U 350 73.68 -14.07 5.94
C UNK U 350 73.71 -15.21 4.92
N UNK U 351 74.91 -15.64 4.57
CA UNK U 351 75.09 -16.72 3.61
C UNK U 351 74.47 -18.01 4.14
N UNK U 352 74.66 -18.25 5.44
CA UNK U 352 74.12 -19.45 6.07
C UNK U 352 72.60 -19.49 5.98
N UNK U 353 77.64 -20.36 -4.95
CA UNK U 353 77.62 -19.09 -4.22
C UNK U 353 78.86 -18.98 -3.32
N UNK U 354 79.11 -20.08 -2.62
CA UNK U 354 80.24 -20.19 -1.69
C UNK U 354 81.55 -19.94 -2.45
N UNK U 355 81.65 -20.59 -3.58
CA UNK U 355 82.83 -20.50 -4.46
C UNK U 355 83.06 -19.05 -4.87
N UNK U 356 81.97 -18.42 -5.27
CA UNK U 356 81.97 -17.01 -5.72
C UNK U 356 82.50 -16.12 -4.59
N UNK U 357 81.98 -16.36 -3.41
CA UNK U 357 82.34 -15.63 -2.20
C UNK U 357 83.85 -15.74 -1.94
N UNK U 358 84.33 -16.97 -2.05
CA UNK U 358 85.74 -17.31 -1.86
C UNK U 358 86.61 -16.51 -2.83
N UNK U 359 86.16 -16.53 -4.08
CA UNK U 359 86.85 -15.83 -5.18
C UNK U 359 86.96 -14.34 -4.86
N UNK U 360 85.84 -13.79 -4.42
CA UNK U 360 85.74 -12.38 -4.05
C UNK U 360 86.75 -12.04 -2.96
N UNK U 361 86.77 -12.90 -1.96
CA UNK U 361 87.68 -12.77 -0.81
C UNK U 361 89.14 -12.73 -1.29
N UNK U 362 89.44 -13.66 -2.16
CA UNK U 362 90.78 -13.81 -2.76
C UNK U 362 91.18 -12.51 -3.45
N UNK U 363 90.25 -12.00 -4.24
CA UNK U 363 90.43 -10.77 -5.01
C UNK U 363 90.75 -9.61 -4.07
N UNK U 364 89.96 -9.54 -3.00
CA UNK U 364 90.11 -8.51 -1.97
C UNK U 364 91.52 -8.56 -1.37
N UNK U 365 91.92 -9.77 -1.05
CA UNK U 365 93.23 -10.04 -0.46
C UNK U 365 94.34 -9.53 -1.38
N UNK U 366 94.19 -9.88 -2.65
CA UNK U 366 95.12 -9.49 -3.71
C UNK U 366 95.26 -7.97 -3.76
N UNK U 367 94.11 -7.32 -3.74
CA UNK U 367 94.01 -5.86 -3.79
C UNK U 367 94.78 -5.25 -2.61
N UNK U 368 94.54 -5.81 -1.45
CA UNK U 368 95.18 -5.39 -0.19
C UNK U 368 96.70 -5.48 -0.32
N UNK U 369 97.12 -6.61 -0.84
CA UNK U 369 98.55 -6.90 -1.05
C UNK U 369 99.18 -5.84 -1.96
N UNK U 370 98.46 -5.55 -3.03
CA UNK U 370 98.88 -4.56 -4.02
C UNK U 370 99.07 -3.19 -3.36
N UNK U 371 98.02 12.43 -13.17
CA UNK U 371 97.69 11.13 -13.79
C UNK U 371 96.92 10.27 -12.78
N UNK U 372 97.46 10.23 -11.58
CA UNK U 372 96.89 9.45 -10.47
C UNK U 372 95.46 9.91 -10.20
N UNK U 373 95.31 11.22 -10.14
CA UNK U 373 94.02 11.88 -9.89
C UNK U 373 93.01 11.46 -10.95
N UNK U 374 93.47 11.51 -12.19
CA UNK U 374 92.66 11.15 -13.37
C UNK U 374 92.17 9.72 -13.24
N UNK U 375 93.10 8.86 -12.87
CA UNK U 375 92.84 7.42 -12.71
C UNK U 375 91.74 7.22 -11.65
N UNK U 376 91.92 7.92 -10.56
CA UNK U 376 90.98 7.88 -9.41
C UNK U 376 89.57 8.27 -9.88
N UNK U 377 89.53 9.35 -10.63
CA UNK U 377 88.29 9.90 -11.19
C UNK U 377 87.59 8.84 -12.04
N UNK U 378 88.39 8.22 -12.89
CA UNK U 378 87.93 7.18 -13.82
C UNK U 378 87.29 6.04 -13.02
N UNK U 379 88.01 5.63 -11.98
CA UNK U 379 87.59 4.55 -11.09
C UNK U 379 86.22 4.87 -10.48
N UNK U 380 86.13 6.09 -10.00
CA UNK U 380 84.91 6.62 -9.37
C UNK U 380 83.73 6.52 -10.35
N UNK U 381 84.00 6.96 -11.56
CA UNK U 381 83.02 6.96 -12.65
C UNK U 381 82.51 5.54 -12.90
N UNK U 382 83.46 4.64 -12.96
CA UNK U 382 83.19 3.21 -13.19
C UNK U 382 82.27 2.67 -12.10
N UNK U 383 82.61 3.02 -10.88
CA UNK U 383 81.86 2.60 -9.69
C UNK U 383 80.42 3.08 -9.79
N UNK U 384 80.29 4.35 -10.16
CA UNK U 384 78.99 5.00 -10.32
C UNK U 384 78.15 4.25 -11.34
N UNK U 385 78.79 3.94 -12.45
CA UNK U 385 78.16 3.21 -13.57
C UNK U 385 77.62 1.88 -13.08
N UNK U 386 78.47 1.19 -12.34
CA UNK U 386 78.16 -0.13 -11.77
C UNK U 386 76.92 -0.03 -10.88
N UNK U 387 76.93 0.99 -10.05
CA UNK U 387 75.83 1.26 -9.11
C UNK U 387 74.53 1.45 -9.87
N UNK V 1 -26.54 -54.49 -95.83
CA UNK V 1 -25.14 -54.51 -96.17
C UNK V 1 -24.58 -55.87 -95.89
N UNK V 2 -24.42 -56.14 -94.62
CA UNK V 2 -24.01 -57.47 -94.19
C UNK V 2 -25.14 -58.46 -94.30
N UNK V 3 -26.30 -58.13 -93.75
CA UNK V 3 -27.35 -59.10 -93.57
C UNK V 3 -28.18 -59.35 -94.81
N UNK V 4 -27.71 -58.99 -95.99
CA UNK V 4 -28.47 -59.26 -97.19
C UNK V 4 -28.34 -60.73 -97.54
N UNK V 5 -29.40 -61.50 -97.29
CA UNK V 5 -29.58 -62.80 -97.92
C UNK V 5 -30.26 -62.44 -99.23
N UNK V 6 -29.51 -62.37 -100.30
CA UNK V 6 -29.99 -61.64 -101.48
C UNK V 6 -31.03 -62.38 -102.27
N UNK V 7 -31.03 -63.71 -102.23
CA UNK V 7 -32.21 -64.45 -102.65
C UNK V 7 -32.42 -65.71 -101.84
N UNK V 8 -33.48 -65.76 -101.07
CA UNK V 8 -33.84 -67.02 -100.45
C UNK V 8 -35.26 -67.33 -100.88
N UNK V 9 -35.52 -67.22 -102.17
CA UNK V 9 -36.89 -67.34 -102.65
C UNK V 9 -37.31 -68.80 -102.56
N UNK V 10 -37.86 -69.17 -101.42
CA UNK V 10 -38.32 -70.53 -101.21
C UNK V 10 -39.44 -70.48 -100.18
N UNK V 11 -40.66 -70.44 -100.64
CA UNK V 11 -41.81 -70.63 -99.77
C UNK V 11 -42.31 -72.04 -100.01
N UNK V 12 -42.46 -72.80 -98.92
CA UNK V 12 -42.79 -74.22 -98.95
C UNK V 12 -41.73 -75.01 -99.73
N UNK V 13 -32.44 -82.33 -99.22
CA UNK V 13 -31.04 -82.05 -99.55
C UNK V 13 -30.15 -82.00 -98.31
N UNK V 14 -29.02 -82.69 -98.33
CA UNK V 14 -27.95 -82.43 -97.37
C UNK V 14 -27.11 -81.27 -97.83
N UNK V 15 -25.99 -81.02 -97.18
CA UNK V 15 -25.15 -79.93 -97.59
C UNK V 15 -24.42 -80.25 -98.88
N UNK V 16 -24.58 -79.40 -99.90
CA UNK V 16 -23.97 -79.62 -101.20
C UNK V 16 -23.21 -78.38 -101.62
N UNK V 17 -22.38 -78.52 -102.66
CA UNK V 17 -21.56 -77.43 -103.15
C UNK V 17 -21.87 -77.25 -104.62
N UNK V 18 -22.56 -76.17 -104.95
CA UNK V 18 -23.06 -75.99 -106.30
C UNK V 18 -23.43 -74.53 -106.49
N UNK V 19 -22.77 -73.83 -107.40
CA UNK V 19 -22.92 -72.39 -107.53
C UNK V 19 -23.43 -72.03 -108.92
N UNK V 20 -23.87 -70.78 -109.13
CA UNK V 20 -24.64 -70.55 -110.35
C UNK V 20 -24.60 -69.14 -110.89
N UNK V 21 -24.68 -69.04 -112.22
CA UNK V 21 -24.80 -67.81 -113.01
C UNK V 21 -23.67 -66.79 -112.92
N UNK V 22 -22.42 -67.25 -112.90
CA UNK V 22 -21.29 -66.36 -112.77
C UNK V 22 -21.07 -66.05 -111.29
N UNK V 23 -21.72 -66.83 -110.43
CA UNK V 23 -21.64 -66.66 -109.00
C UNK V 23 -22.68 -65.69 -108.47
N UNK V 24 -23.48 -65.16 -109.40
CA UNK V 24 -24.54 -64.21 -109.05
C UNK V 24 -25.61 -64.83 -108.15
N UNK V 25 -25.99 -66.07 -108.44
CA UNK V 25 -27.03 -66.74 -107.66
C UNK V 25 -26.79 -68.22 -107.35
N UNK V 26 -27.42 -68.67 -106.27
CA UNK V 26 -27.35 -70.05 -105.80
C UNK V 26 -28.43 -70.83 -106.55
N UNK V 27 -28.17 -72.10 -106.85
CA UNK V 27 -29.17 -72.89 -107.57
C UNK V 27 -29.59 -74.20 -106.93
N UNK V 28 -30.91 -74.40 -106.85
CA UNK V 28 -31.50 -75.62 -106.33
C UNK V 28 -33.00 -75.44 -106.23
N UNK V 29 -33.78 -76.00 -107.17
CA UNK V 29 -35.14 -75.59 -107.50
C UNK V 29 -36.05 -75.64 -106.29
N UNK V 30 -36.45 -74.46 -105.81
CA UNK V 30 -37.13 -74.28 -104.54
C UNK V 30 -38.55 -73.85 -104.83
N UNK V 31 -39.50 -74.74 -104.57
CA UNK V 31 -40.80 -74.75 -105.22
C UNK V 31 -40.64 -74.64 -106.73
N UNK V 32 -39.68 -75.37 -107.27
CA UNK V 32 -39.30 -75.41 -108.68
C UNK V 32 -38.87 -74.06 -109.25
N UNK V 33 -38.58 -73.06 -108.42
CA UNK V 33 -38.05 -71.80 -108.90
C UNK V 33 -37.09 -71.23 -107.86
N UNK V 34 -35.80 -71.30 -108.12
CA UNK V 34 -34.81 -71.11 -107.07
C UNK V 34 -33.99 -69.87 -107.33
N UNK V 35 -34.57 -68.71 -107.04
CA UNK V 35 -33.88 -67.44 -107.24
C UNK V 35 -33.16 -66.99 -105.98
N UNK V 36 -32.01 -67.61 -105.71
CA UNK V 36 -31.22 -67.28 -104.53
C UNK V 36 -29.86 -66.72 -104.92
N UNK V 37 -29.49 -65.58 -104.33
CA UNK V 37 -28.21 -64.95 -104.62
C UNK V 37 -27.08 -65.98 -104.62
N UNK V 38 -31.16 -67.00 -111.03
CA UNK V 38 -32.06 -67.98 -111.64
C UNK V 38 -31.32 -69.29 -111.94
N UNK V 39 -31.91 -70.40 -111.53
CA UNK V 39 -31.31 -71.71 -111.74
C UNK V 39 -32.11 -72.80 -111.04
N UNK V 40 -32.18 -73.98 -111.65
CA UNK V 40 -32.90 -75.11 -111.08
C UNK V 40 -32.05 -76.36 -110.99
N UNK V 41 -32.12 -77.04 -109.86
CA UNK V 41 -31.26 -78.20 -109.58
C UNK V 41 -31.99 -79.35 -108.90
N UNK V 42 -32.95 -79.96 -109.55
CA UNK V 42 -33.43 -81.24 -109.04
C UNK V 42 -33.72 -82.21 -110.17
N UNK V 43 -32.90 -82.21 -111.20
CA UNK V 43 -33.19 -83.07 -112.35
C UNK V 43 -33.00 -84.54 -112.07
N UNK V 44 -31.76 -86.42 -106.66
CA UNK V 44 -30.71 -85.85 -107.49
C UNK V 44 -30.06 -84.69 -106.79
N UNK V 45 -28.80 -84.42 -107.11
CA UNK V 45 -28.03 -83.40 -106.42
C UNK V 45 -27.03 -82.79 -107.40
N UNK V 46 -26.56 -81.59 -107.06
CA UNK V 46 -25.91 -80.69 -108.01
C UNK V 46 -24.46 -80.53 -107.63
N UNK V 47 -23.73 -79.84 -108.49
CA UNK V 47 -22.33 -79.53 -108.24
C UNK V 47 -21.95 -78.27 -109.02
N UNK V 48 -20.70 -77.83 -108.85
CA UNK V 48 -20.27 -76.49 -109.24
C UNK V 48 -20.12 -76.31 -110.74
N UNK V 49 -19.66 -75.13 -111.17
CA UNK V 49 -19.27 -74.97 -112.56
C UNK V 49 -18.21 -73.92 -112.78
N UNK V 50 -18.01 -73.65 -114.06
CA UNK V 50 -16.77 -73.16 -114.64
C UNK V 50 -16.72 -71.65 -114.79
N UNK V 51 -17.60 -71.09 -115.59
CA UNK V 51 -17.72 -69.64 -115.66
C UNK V 51 -18.36 -69.05 -114.42
N UNK V 52 -18.80 -69.88 -113.49
CA UNK V 52 -19.44 -69.49 -112.27
C UNK V 52 -20.90 -69.86 -112.45
N UNK V 53 -21.18 -70.81 -113.33
CA UNK V 53 -22.46 -70.81 -114.01
C UNK V 53 -23.47 -71.80 -113.50
N UNK V 54 -23.10 -73.02 -113.21
CA UNK V 54 -24.08 -74.10 -113.22
C UNK V 54 -24.04 -74.88 -111.92
N UNK V 55 -25.16 -74.82 -111.22
CA UNK V 55 -25.45 -75.63 -110.06
C UNK V 55 -26.65 -76.47 -110.45
N UNK V 56 -26.43 -77.64 -111.04
CA UNK V 56 -27.56 -78.30 -111.68
C UNK V 56 -27.56 -79.75 -111.25
N UNK V 57 -28.69 -80.23 -110.77
CA UNK V 57 -28.68 -81.57 -110.22
C UNK V 57 -28.91 -82.61 -111.28
N UNK V 58 -28.62 -83.84 -110.90
CA UNK V 58 -28.89 -85.04 -111.67
C UNK V 58 -28.58 -86.21 -110.79
N UNK V 59 -29.24 -87.32 -111.07
CA UNK V 59 -28.67 -88.59 -110.71
C UNK V 59 -27.54 -88.87 -111.69
N UNK V 60 -26.84 -89.97 -111.48
CA UNK V 60 -25.61 -90.19 -112.20
C UNK V 60 -25.83 -90.78 -113.59
N UNK V 61 -27.00 -90.55 -114.19
CA UNK V 61 -27.34 -91.14 -115.47
C UNK V 61 -26.56 -90.53 -116.61
N UNK V 62 -26.60 -89.23 -116.74
CA UNK V 62 -25.56 -88.60 -117.53
C UNK V 62 -24.44 -88.29 -116.56
N UNK V 63 -23.45 -87.55 -116.99
CA UNK V 63 -22.57 -86.87 -116.06
C UNK V 63 -23.43 -86.00 -115.19
N UNK V 64 -23.28 -86.09 -113.87
CA UNK V 64 -24.34 -85.65 -112.98
C UNK V 64 -24.54 -84.16 -112.95
N UNK V 65 -25.28 -83.65 -113.92
CA UNK V 65 -25.71 -82.27 -113.95
C UNK V 65 -26.99 -82.22 -114.75
N UNK V 66 -27.71 -81.12 -114.71
CA UNK V 66 -28.93 -81.00 -115.48
C UNK V 66 -28.61 -80.47 -116.87
N UNK V 67 -29.66 -80.23 -117.63
CA UNK V 67 -29.54 -79.69 -118.95
C UNK V 67 -29.85 -78.20 -118.88
N UNK V 68 -28.99 -77.39 -119.46
CA UNK V 68 -29.05 -75.96 -119.19
C UNK V 68 -29.33 -75.17 -120.45
N UNK V 69 -30.44 -74.47 -120.53
CA UNK V 69 -30.59 -73.52 -121.65
C UNK V 69 -30.06 -72.17 -121.28
N UNK V 70 -28.76 -72.06 -121.04
CA UNK V 70 -28.20 -70.77 -120.70
C UNK V 70 -28.22 -69.90 -121.94
N UNK V 71 -28.46 -68.62 -121.73
CA UNK V 71 -28.98 -67.79 -122.74
C UNK V 71 -30.47 -67.68 -122.69
N UNK V 72 -31.16 -68.80 -122.58
CA UNK V 72 -32.61 -68.76 -122.54
C UNK V 72 -33.06 -68.49 -121.13
N UNK V 73 -34.10 -67.67 -120.99
CA UNK V 73 -34.60 -67.31 -119.67
C UNK V 73 -35.21 -68.50 -118.96
N UNK V 74 -35.74 -69.43 -119.71
CA UNK V 74 -36.03 -70.71 -119.12
C UNK V 74 -34.77 -71.55 -119.27
N UNK V 75 -34.41 -72.31 -118.24
CA UNK V 75 -33.13 -72.98 -118.19
C UNK V 75 -33.26 -74.49 -118.13
N UNK V 76 -34.47 -75.02 -118.00
CA UNK V 76 -34.64 -76.46 -118.03
C UNK V 76 -35.93 -76.84 -118.75
N UNK V 77 -36.61 -75.88 -119.37
CA UNK V 77 -38.01 -76.05 -119.70
C UNK V 77 -38.27 -76.97 -120.88
N UNK V 78 -39.54 -77.19 -121.20
CA UNK V 78 -39.95 -78.15 -122.22
C UNK V 78 -39.55 -77.72 -123.61
N UNK V 79 -39.31 -76.43 -123.81
CA UNK V 79 -38.62 -75.96 -125.00
C UNK V 79 -37.24 -75.47 -124.71
N UNK V 80 -36.82 -75.51 -123.44
CA UNK V 80 -35.56 -74.92 -123.00
C UNK V 80 -34.71 -75.99 -122.32
N UNK V 81 -34.67 -77.18 -122.88
CA UNK V 81 -33.96 -78.29 -122.26
C UNK V 81 -32.48 -78.04 -122.12
N UNK V 82 -31.75 -78.05 -123.22
CA UNK V 82 -30.29 -78.04 -123.17
C UNK V 82 -29.69 -77.04 -124.13
N UNK V 83 -30.18 -75.81 -124.12
CA UNK V 83 -29.93 -74.94 -125.25
C UNK V 83 -28.59 -74.23 -125.20
N UNK V 84 -27.81 -74.38 -124.14
CA UNK V 84 -26.49 -73.77 -124.14
C UNK V 84 -25.37 -74.75 -124.40
N UNK V 85 -25.25 -75.77 -123.57
CA UNK V 85 -24.25 -76.78 -123.83
C UNK V 85 -24.69 -77.61 -125.02
N UNK V 86 -23.90 -77.58 -126.10
CA UNK V 86 -24.44 -78.12 -127.33
C UNK V 86 -24.29 -79.64 -127.42
N UNK V 87 -23.50 -80.27 -126.55
CA UNK V 87 -23.57 -81.72 -126.35
C UNK V 87 -22.95 -82.05 -125.00
N UNK V 88 -23.20 -83.27 -124.52
CA UNK V 88 -22.82 -83.62 -123.17
C UNK V 88 -22.55 -85.12 -123.12
N UNK V 89 -22.27 -85.62 -121.92
CA UNK V 89 -21.85 -86.99 -121.71
C UNK V 89 -23.00 -87.85 -121.29
N UNK V 90 -22.89 -89.12 -121.60
CA UNK V 90 -23.85 -90.10 -121.15
C UNK V 90 -23.05 -91.35 -120.88
N UNK V 91 -23.12 -91.88 -119.67
CA UNK V 91 -22.50 -93.17 -119.49
C UNK V 91 -23.40 -94.13 -118.75
N UNK V 92 -24.59 -93.69 -118.36
CA UNK V 92 -25.56 -94.71 -117.99
C UNK V 92 -26.46 -95.00 -119.16
N UNK V 93 -25.90 -95.50 -120.23
CA UNK V 93 -26.68 -95.88 -121.39
C UNK V 93 -26.60 -97.37 -121.57
N UNK V 94 -26.72 -98.11 -120.49
CA UNK V 94 -26.48 -99.54 -120.58
C UNK V 94 -27.78 -100.29 -120.80
N UNK V 95 -27.73 -101.24 -121.72
CA UNK V 95 -28.83 -101.89 -122.39
C UNK V 95 -29.37 -103.04 -121.55
N UNK V 96 -30.12 -103.93 -122.18
CA UNK V 96 -30.60 -105.16 -121.56
C UNK V 96 -29.40 -105.94 -121.07
N UNK V 97 -29.29 -106.06 -119.76
CA UNK V 97 -28.03 -106.41 -119.15
C UNK V 97 -27.75 -105.43 -118.06
N UNK V 98 -26.71 -104.65 -118.21
CA UNK V 98 -26.28 -103.80 -117.11
C UNK V 98 -26.96 -102.45 -117.07
N UNK V 99 -26.70 -101.70 -116.02
CA UNK V 99 -27.03 -100.27 -115.98
C UNK V 99 -26.02 -99.62 -115.08
N UNK V 100 -24.91 -99.19 -115.66
CA UNK V 100 -23.79 -98.66 -114.88
C UNK V 100 -23.81 -97.18 -115.05
N UNK V 101 -24.02 -96.45 -113.97
CA UNK V 101 -24.21 -95.02 -114.04
C UNK V 101 -22.94 -94.30 -114.43
N UNK V 102 -23.11 -93.11 -114.96
CA UNK V 102 -21.97 -92.23 -115.19
C UNK V 102 -21.46 -91.73 -113.85
N UNK V 103 -20.36 -91.04 -113.88
CA UNK V 103 -19.57 -90.90 -112.69
C UNK V 103 -20.03 -89.80 -111.75
N UNK V 104 -19.96 -88.51 -112.13
CA UNK V 104 -20.70 -87.35 -111.61
C UNK V 104 -20.25 -86.12 -112.37
N UNK V 105 -20.99 -85.03 -112.25
CA UNK V 105 -20.52 -83.81 -112.89
C UNK V 105 -20.39 -82.63 -111.95
N UNK V 106 -19.17 -82.38 -111.50
CA UNK V 106 -18.83 -81.11 -110.92
C UNK V 106 -18.04 -80.35 -111.94
N UNK V 107 -18.72 -79.52 -112.74
CA UNK V 107 -18.01 -78.69 -113.69
C UNK V 107 -17.10 -77.77 -112.91
N UNK V 108 -15.89 -77.62 -113.38
CA UNK V 108 -14.88 -77.22 -112.45
C UNK V 108 -14.25 -75.90 -112.85
N UNK V 109 -13.39 -75.34 -112.01
CA UNK V 109 -12.50 -74.30 -112.50
C UNK V 109 -11.55 -74.81 -113.54
N UNK V 110 -11.22 -76.09 -113.51
CA UNK V 110 -10.67 -76.73 -114.67
C UNK V 110 -11.80 -77.35 -115.48
N UNK V 111 -12.39 -76.61 -116.44
CA UNK V 111 -13.44 -77.15 -117.30
C UNK V 111 -13.60 -76.35 -118.58
N UNK V 112 -12.85 -76.62 -119.64
CA UNK V 112 -13.00 -75.64 -120.72
C UNK V 112 -12.83 -76.08 -122.14
N UNK V 113 -12.52 -75.07 -122.96
CA UNK V 113 -12.31 -75.09 -124.40
C UNK V 113 -13.64 -75.42 -124.98
N UNK V 114 -14.69 -74.97 -124.31
CA UNK V 114 -16.07 -75.25 -124.62
C UNK V 114 -16.36 -76.73 -124.66
N UNK V 115 -15.61 -77.54 -123.92
CA UNK V 115 -15.82 -78.97 -123.94
C UNK V 115 -16.20 -79.58 -122.59
N UNK V 116 -15.33 -79.57 -121.62
CA UNK V 116 -15.41 -80.64 -120.64
C UNK V 116 -15.36 -80.06 -119.25
N UNK V 117 -15.09 -80.92 -118.26
CA UNK V 117 -15.22 -80.58 -116.85
C UNK V 117 -14.50 -81.59 -115.95
N UNK V 118 -13.73 -81.09 -114.99
CA UNK V 118 -13.10 -81.98 -114.03
C UNK V 118 -14.15 -82.36 -113.03
N UNK V 119 -12.65 -86.95 -113.75
CA UNK V 119 -13.51 -86.12 -114.58
C UNK V 119 -14.63 -86.92 -115.23
N UNK V 120 -15.82 -86.33 -115.35
CA UNK V 120 -16.88 -86.90 -116.15
C UNK V 120 -17.85 -85.83 -116.59
N UNK V 121 -17.76 -85.44 -117.86
CA UNK V 121 -18.70 -84.58 -118.57
C UNK V 121 -18.32 -84.69 -120.02
N UNK V 122 -18.86 -83.85 -120.90
CA UNK V 122 -18.46 -83.96 -122.30
C UNK V 122 -18.75 -82.70 -123.08
N UNK V 123 -18.34 -82.73 -124.34
CA UNK V 123 -18.03 -81.53 -125.07
C UNK V 123 -19.25 -80.84 -125.64
N UNK V 124 -19.28 -79.53 -125.53
CA UNK V 124 -20.50 -78.79 -125.80
C UNK V 124 -20.32 -77.81 -126.93
N UNK V 125 -19.60 -76.72 -126.70
CA UNK V 125 -19.59 -75.72 -127.73
C UNK V 125 -18.33 -75.82 -128.57
N UNK V 126 -17.48 -76.78 -128.25
CA UNK V 126 -16.48 -77.28 -129.17
C UNK V 126 -16.58 -78.79 -129.03
N UNK V 127 -17.43 -79.39 -129.84
CA UNK V 127 -18.08 -80.62 -129.47
C UNK V 127 -17.21 -81.87 -129.62
N UNK V 128 -15.89 -81.77 -129.65
CA UNK V 128 -15.10 -82.90 -130.11
C UNK V 128 -14.93 -84.06 -129.14
N UNK V 129 -15.60 -84.03 -127.99
CA UNK V 129 -15.44 -85.12 -127.02
C UNK V 129 -16.75 -85.35 -126.28
N UNK V 130 -17.56 -86.24 -126.81
CA UNK V 130 -18.73 -86.73 -126.11
C UNK V 130 -18.37 -88.01 -125.35
N UNK V 131 -18.64 -88.08 -124.06
CA UNK V 131 -18.01 -89.12 -123.24
C UNK V 131 -18.86 -90.34 -122.95
N UNK V 132 -18.20 -91.48 -122.90
CA UNK V 132 -18.79 -92.74 -122.52
C UNK V 132 -17.76 -93.49 -121.69
N UNK V 133 -18.05 -94.72 -121.32
CA UNK V 133 -17.09 -95.54 -120.61
C UNK V 133 -17.09 -96.93 -121.24
N UNK V 134 -15.92 -97.41 -121.64
CA UNK V 134 -15.86 -98.69 -122.32
C UNK V 134 -14.49 -99.29 -122.11
N UNK V 135 -14.48 -100.55 -121.66
CA UNK V 135 -13.28 -101.30 -121.30
C UNK V 135 -12.44 -100.56 -120.28
N UNK V 136 -13.10 -99.94 -119.33
CA UNK V 136 -12.48 -99.06 -118.35
C UNK V 136 -11.76 -99.86 -117.29
N UNK V 137 -11.32 -99.23 -116.22
CA UNK V 137 -11.08 -99.98 -114.99
C UNK V 137 -12.35 -100.73 -114.65
N UNK V 138 -12.29 -102.03 -114.84
CA UNK V 138 -13.47 -102.83 -115.08
C UNK V 138 -13.06 -104.27 -114.91
N UNK V 139 -13.64 -105.14 -115.72
CA UNK V 139 -13.28 -106.55 -115.72
C UNK V 139 -11.83 -106.66 -116.14
N UNK V 140 -10.97 -106.62 -115.13
CA UNK V 140 -9.57 -106.95 -115.25
C UNK V 140 -9.11 -107.40 -113.87
N UNK V 141 -7.90 -107.93 -113.77
CA UNK V 141 -7.40 -108.42 -112.49
C UNK V 141 -6.93 -107.23 -111.66
N UNK V 142 -7.91 -106.46 -111.19
CA UNK V 142 -7.65 -105.16 -110.61
C UNK V 142 -8.45 -104.10 -111.33
N UNK V 143 -7.77 -103.05 -111.76
CA UNK V 143 -8.42 -101.94 -112.43
C UNK V 143 -7.40 -101.27 -113.32
N UNK V 144 -7.64 -100.03 -113.67
CA UNK V 144 -6.71 -99.28 -114.50
C UNK V 144 -5.45 -98.95 -113.71
N UNK V 145 -4.46 -98.40 -114.42
CA UNK V 145 -3.16 -98.10 -113.82
C UNK V 145 -3.12 -96.74 -113.19
N UNK V 146 -10.28 -88.19 -101.17
CA UNK V 146 -10.55 -87.80 -99.79
C UNK V 146 -9.60 -86.71 -99.32
N UNK V 147 -8.34 -86.81 -99.74
CA UNK V 147 -7.33 -85.84 -99.38
C UNK V 147 -6.78 -85.10 -100.61
N UNK V 148 -6.75 -83.78 -100.55
CA UNK V 148 -6.25 -82.98 -101.64
C UNK V 148 -5.30 -81.89 -101.17
N UNK V 149 -4.72 -81.15 -102.11
CA UNK V 149 -3.78 -80.09 -101.79
C UNK V 149 -3.62 -79.32 -103.08
N UNK V 150 -2.90 -78.21 -103.08
CA UNK V 150 -2.62 -77.51 -104.33
C UNK V 150 -1.72 -78.42 -105.12
N UNK V 151 -2.10 -78.78 -106.35
CA UNK V 151 -1.50 -79.91 -107.04
C UNK V 151 -0.07 -79.61 -107.44
N UNK V 152 0.58 -80.56 -108.08
CA UNK V 152 2.01 -80.43 -108.27
C UNK V 152 2.38 -79.52 -109.43
N UNK V 153 1.38 -78.94 -110.05
CA UNK V 153 1.60 -77.81 -110.92
C UNK V 153 1.31 -76.52 -110.18
N UNK V 154 0.89 -76.61 -108.93
CA UNK V 154 0.50 -75.42 -108.20
C UNK V 154 -0.80 -74.82 -108.69
N UNK V 155 -1.74 -75.65 -109.13
CA UNK V 155 -3.01 -75.16 -109.64
C UNK V 155 -4.25 -75.94 -109.26
N UNK V 156 -4.15 -77.22 -108.94
CA UNK V 156 -5.34 -78.04 -108.89
C UNK V 156 -5.38 -78.78 -107.55
N UNK V 157 -6.29 -79.72 -107.45
CA UNK V 157 -6.57 -80.39 -106.18
C UNK V 157 -5.80 -81.70 -106.08
N UNK V 158 -4.88 -81.80 -105.14
CA UNK V 158 -4.12 -83.02 -104.98
C UNK V 158 -4.88 -84.03 -104.12
N UNK V 159 -5.77 -84.78 -104.78
CA UNK V 159 -6.60 -85.79 -104.14
C UNK V 159 -5.84 -87.03 -103.69
N UNK V 160 -6.34 -87.67 -102.64
CA UNK V 160 -5.73 -88.89 -102.10
C UNK V 160 -6.69 -90.08 -102.18
N UNK V 161 -6.19 -91.21 -102.67
CA UNK V 161 -7.01 -92.42 -102.80
C UNK V 161 -6.53 -93.55 -101.89
N UNK V 162 -0.58 -87.34 -117.63
CA UNK V 162 -1.35 -86.11 -117.71
C UNK V 162 -2.76 -86.40 -118.18
N UNK V 163 -3.70 -86.44 -117.23
CA UNK V 163 -5.13 -86.43 -117.50
C UNK V 163 -5.78 -85.54 -116.47
N UNK V 164 -5.78 -84.27 -116.73
CA UNK V 164 -6.54 -83.31 -115.96
C UNK V 164 -7.88 -83.21 -116.64
N UNK V 165 -8.72 -82.28 -116.25
CA UNK V 165 -9.77 -81.83 -117.16
C UNK V 165 -9.21 -81.45 -118.50
N UNK V 166 -10.01 -81.67 -119.54
CA UNK V 166 -9.56 -81.46 -120.90
C UNK V 166 -9.17 -80.04 -121.17
N UNK V 167 -9.76 -79.09 -120.45
CA UNK V 167 -9.26 -77.73 -120.39
C UNK V 167 -9.72 -77.06 -119.09
N UNK V 168 -9.39 -75.78 -118.91
CA UNK V 168 -9.53 -75.13 -117.61
C UNK V 168 -10.34 -73.83 -117.65
N UNK V 169 -11.65 -73.88 -117.42
CA UNK V 169 -12.40 -72.63 -117.43
C UNK V 169 -12.71 -72.05 -116.08
N UNK V 170 -10.78 -68.68 -113.47
CA UNK V 170 -9.40 -68.41 -113.13
C UNK V 170 -8.69 -69.74 -113.10
N UNK V 171 -7.88 -69.98 -114.10
CA UNK V 171 -6.86 -71.01 -113.99
C UNK V 171 -5.52 -70.32 -113.91
N UNK V 172 -5.47 -69.18 -113.22
CA UNK V 172 -4.25 -68.39 -113.17
C UNK V 172 -3.17 -69.11 -112.40
N UNK V 173 -3.54 -70.03 -111.54
CA UNK V 173 -2.55 -70.89 -110.93
C UNK V 173 -1.98 -71.88 -111.94
N UNK V 174 -2.69 -72.16 -113.04
CA UNK V 174 -2.11 -73.02 -114.05
C UNK V 174 -1.27 -72.25 -115.05
N UNK V 175 -1.56 -70.96 -115.24
CA UNK V 175 -0.58 -70.15 -115.95
C UNK V 175 0.67 -69.98 -115.10
N UNK V 176 0.49 -69.92 -113.78
CA UNK V 176 1.64 -69.98 -112.88
C UNK V 176 2.28 -71.36 -112.90
N UNK V 177 1.53 -72.38 -113.29
CA UNK V 177 2.13 -73.69 -113.47
C UNK V 177 3.06 -73.71 -114.65
N UNK V 178 2.63 -73.15 -115.77
CA UNK V 178 3.53 -73.08 -116.91
C UNK V 178 4.72 -72.17 -116.61
N UNK V 179 4.49 -71.12 -115.83
CA UNK V 179 5.62 -70.33 -115.36
C UNK V 179 6.51 -71.11 -114.40
N UNK V 180 5.95 -71.98 -113.57
CA UNK V 180 6.75 -72.76 -112.64
C UNK V 180 7.47 -73.90 -113.34
N UNK V 181 6.93 -74.38 -114.45
CA UNK V 181 7.68 -75.28 -115.30
C UNK V 181 8.74 -74.53 -116.07
N UNK V 182 8.55 -73.22 -116.25
CA UNK V 182 9.68 -72.43 -116.72
C UNK V 182 10.71 -72.24 -115.61
N UNK V 183 10.27 -72.21 -114.36
CA UNK V 183 11.18 -72.09 -113.24
C UNK V 183 11.95 -73.37 -113.01
N UNK V 184 11.30 -74.52 -113.21
CA UNK V 184 12.03 -75.78 -113.19
C UNK V 184 12.85 -75.94 -114.46
N UNK V 185 12.53 -75.17 -115.49
CA UNK V 185 13.46 -74.97 -116.58
C UNK V 185 14.46 -73.86 -116.30
N UNK V 186 14.33 -73.17 -115.18
CA UNK V 186 15.31 -72.18 -114.82
C UNK V 186 16.32 -72.77 -113.86
N UNK V 187 10.05 -93.42 -115.23
CA UNK V 187 9.03 -92.44 -114.91
C UNK V 187 9.31 -91.20 -115.68
N UNK V 188 10.27 -91.28 -116.59
CA UNK V 188 10.43 -90.16 -117.50
C UNK V 188 9.53 -90.31 -118.71
N UNK V 189 9.11 -91.54 -119.04
CA UNK V 189 8.10 -91.71 -120.09
C UNK V 189 6.75 -91.23 -119.61
N UNK V 190 6.52 -91.35 -118.30
CA UNK V 190 5.45 -90.62 -117.66
C UNK V 190 5.54 -89.15 -117.97
N UNK V 191 6.74 -88.59 -117.83
CA UNK V 191 6.92 -87.20 -118.20
C UNK V 191 6.90 -87.02 -119.72
N UNK V 192 6.96 -88.10 -120.49
CA UNK V 192 6.77 -87.95 -121.94
C UNK V 192 5.30 -87.80 -122.26
N UNK V 193 4.43 -88.51 -121.54
CA UNK V 193 3.00 -88.27 -121.68
C UNK V 193 2.65 -86.87 -121.20
N UNK V 194 3.26 -86.42 -120.11
CA UNK V 194 3.03 -85.06 -119.65
C UNK V 194 3.74 -84.04 -120.52
N UNK V 195 4.74 -84.50 -121.27
CA UNK V 195 5.41 -83.63 -122.20
C UNK V 195 4.56 -83.39 -123.42
N UNK V 196 4.09 -84.47 -124.06
CA UNK V 196 3.17 -84.34 -125.19
C UNK V 196 1.86 -83.70 -124.77
N UNK V 197 1.56 -83.72 -123.49
CA UNK V 197 0.60 -82.75 -122.97
C UNK V 197 1.09 -81.33 -123.13
N UNK V 198 2.04 -80.93 -122.29
CA UNK V 198 2.34 -79.52 -122.09
C UNK V 198 3.11 -78.95 -123.24
N UNK V 199 3.76 -79.80 -123.98
CA UNK V 199 4.33 -79.36 -125.22
C UNK V 199 3.46 -79.73 -126.40
N UNK V 200 2.15 -79.76 -126.21
CA UNK V 200 1.25 -79.55 -127.32
C UNK V 200 0.58 -78.20 -127.16
N UNK V 201 -0.04 -77.96 -126.01
CA UNK V 201 -0.61 -76.65 -125.76
C UNK V 201 0.34 -75.82 -124.92
N UNK V 202 1.33 -75.23 -125.56
CA UNK V 202 2.16 -74.27 -124.86
C UNK V 202 1.50 -72.91 -124.91
N UNK V 203 1.41 -72.31 -126.09
CA UNK V 203 1.11 -70.89 -126.20
C UNK V 203 -0.26 -70.61 -126.76
N UNK V 204 -1.29 -71.33 -126.36
CA UNK V 204 -2.64 -71.01 -126.80
C UNK V 204 -3.26 -70.02 -125.83
N UNK V 205 -2.87 -68.76 -125.98
CA UNK V 205 -3.31 -67.73 -125.04
C UNK V 205 -4.69 -67.24 -125.42
N UNK V 206 -5.72 -67.83 -124.83
CA UNK V 206 -7.07 -67.29 -124.89
C UNK V 206 -7.75 -67.66 -123.58
N UNK V 207 -8.09 -66.65 -122.79
CA UNK V 207 -8.57 -66.86 -121.44
C UNK V 207 -9.74 -65.96 -121.10
N UNK V 208 -10.73 -65.84 -121.98
CA UNK V 208 -11.66 -64.72 -121.90
C UNK V 208 -12.64 -64.89 -120.77
N UNK V 209 -13.44 -65.94 -120.81
CA UNK V 209 -14.59 -66.08 -119.93
C UNK V 209 -14.24 -66.74 -118.65
N UNK V 210 -13.03 -66.53 -118.14
CA UNK V 210 -12.55 -67.41 -117.12
C UNK V 210 -12.30 -68.71 -117.84
N UNK V 211 -11.26 -68.79 -118.68
CA UNK V 211 -10.97 -69.98 -119.47
C UNK V 211 -9.48 -70.22 -119.52
N UNK V 212 -9.10 -71.49 -119.73
CA UNK V 212 -7.72 -71.91 -120.01
C UNK V 212 -7.77 -73.32 -120.57
N UNK V 213 -6.69 -73.76 -121.18
CA UNK V 213 -6.69 -75.08 -121.80
C UNK V 213 -5.76 -76.13 -121.20
N UNK V 214 -6.33 -77.31 -120.99
CA UNK V 214 -5.59 -78.45 -120.46
C UNK V 214 -5.21 -79.20 -121.73
N UNK V 215 -3.94 -79.51 -121.89
CA UNK V 215 -3.49 -80.17 -123.10
C UNK V 215 -4.13 -81.53 -123.37
N UNK V 216 -4.50 -81.73 -124.62
CA UNK V 216 -5.10 -82.98 -125.08
C UNK V 216 -4.48 -84.20 -124.44
N UNK V 217 -3.17 -84.21 -124.32
CA UNK V 217 -2.52 -85.27 -123.57
C UNK V 217 -2.29 -84.91 -122.14
N UNK V 218 -2.81 -83.75 -121.69
CA UNK V 218 -3.03 -83.49 -120.27
C UNK V 218 -4.48 -83.76 -119.92
N UNK V 219 -5.23 -84.25 -120.91
CA UNK V 219 -6.59 -84.72 -120.71
C UNK V 219 -6.68 -86.21 -120.74
N UNK V 220 -5.73 -86.91 -121.33
CA UNK V 220 -5.88 -88.33 -121.54
C UNK V 220 -4.55 -88.98 -121.23
N UNK V 221 -4.34 -89.32 -119.96
CA UNK V 221 -3.30 -90.25 -119.57
C UNK V 221 -3.60 -90.86 -118.23
N UNK V 222 -2.59 -91.46 -117.64
CA UNK V 222 -2.75 -92.20 -116.41
C UNK V 222 -2.75 -91.30 -115.20
N UNK V 223 -2.49 -91.85 -114.04
CA UNK V 223 -2.60 -91.05 -112.83
C UNK V 223 -1.60 -91.51 -111.79
N UNK V 224 -0.90 -90.54 -111.21
CA UNK V 224 0.34 -90.75 -110.49
C UNK V 224 0.62 -89.50 -109.68
N UNK V 225 3.31 -87.26 -106.58
CA UNK V 225 3.43 -85.92 -105.99
C UNK V 225 4.79 -85.28 -105.91
N UNK V 226 4.81 -84.22 -105.11
CA UNK V 226 6.04 -83.76 -104.50
C UNK V 226 6.55 -84.83 -103.55
N UNK V 227 7.85 -84.96 -103.38
CA UNK V 227 8.38 -85.88 -102.38
C UNK V 227 8.40 -85.11 -101.07
N UNK V 228 7.51 -85.49 -100.16
CA UNK V 228 7.23 -84.62 -99.03
C UNK V 228 7.14 -85.41 -97.74
N UNK V 229 7.16 -84.69 -96.65
CA UNK V 229 6.82 -85.17 -95.34
C UNK V 229 5.64 -84.29 -94.95
N UNK V 230 4.91 -84.58 -93.86
CA UNK V 230 4.82 -85.66 -92.88
C UNK V 230 3.88 -86.73 -93.35
N UNK V 231 4.42 -87.87 -93.74
CA UNK V 231 3.60 -88.91 -94.31
C UNK V 231 4.31 -90.24 -94.34
N UNK V 232 -11.92 -90.72 -89.74
CA UNK V 232 -11.52 -89.33 -89.79
C UNK V 232 -12.55 -88.53 -90.53
N UNK V 233 -12.14 -87.40 -91.05
CA UNK V 233 -13.06 -86.41 -91.57
C UNK V 233 -13.30 -86.47 -93.07
N UNK V 234 -12.40 -85.86 -93.85
CA UNK V 234 -12.36 -85.77 -95.30
C UNK V 234 -11.17 -84.91 -95.64
N UNK V 235 -11.03 -84.48 -96.90
CA UNK V 235 -10.09 -83.40 -97.23
C UNK V 235 -10.45 -82.81 -98.59
N UNK V 236 -9.94 -81.62 -98.87
CA UNK V 236 -10.07 -80.91 -100.16
C UNK V 236 -8.83 -80.04 -100.33
N UNK V 237 -8.89 -79.05 -101.22
CA UNK V 237 -7.69 -78.36 -101.72
C UNK V 237 -7.48 -76.99 -101.10
N UNK V 238 -6.22 -76.61 -100.92
CA UNK V 238 -5.85 -75.37 -100.22
C UNK V 238 -4.88 -74.58 -101.11
N UNK V 239 -4.78 -73.29 -100.83
CA UNK V 239 -3.90 -72.39 -101.55
C UNK V 239 -3.74 -71.15 -100.69
N UNK V 240 -2.51 -70.80 -100.33
CA UNK V 240 -2.33 -69.68 -99.41
C UNK V 240 -1.18 -68.78 -99.79
N UNK V 241 -0.31 -69.21 -100.67
CA UNK V 241 0.90 -68.43 -100.92
C UNK V 241 0.63 -67.27 -101.86
N UNK V 242 1.73 -66.66 -102.29
CA UNK V 242 1.63 -65.72 -103.39
C UNK V 242 1.37 -66.46 -104.68
N UNK V 243 1.83 -67.69 -104.79
CA UNK V 243 1.52 -68.49 -105.96
C UNK V 243 0.76 -69.73 -105.53
N UNK V 244 -0.13 -69.53 -104.58
CA UNK V 244 -1.17 -70.47 -104.19
C UNK V 244 -0.65 -71.77 -103.60
N UNK V 245 0.53 -71.75 -103.00
CA UNK V 245 1.00 -72.93 -102.29
C UNK V 245 0.68 -72.86 -100.82
N UNK V 246 0.52 -74.03 -100.21
CA UNK V 246 -0.12 -74.04 -98.92
C UNK V 246 0.00 -75.31 -98.14
N UNK V 247 -0.87 -75.41 -97.16
CA UNK V 247 -1.26 -76.66 -96.55
C UNK V 247 -2.05 -77.47 -97.57
N UNK V 248 -2.31 -78.69 -97.22
CA UNK V 248 -3.39 -79.44 -97.84
C UNK V 248 -4.63 -79.05 -97.08
N UNK V 249 -5.73 -78.85 -97.78
CA UNK V 249 -6.90 -78.47 -97.01
C UNK V 249 -7.61 -79.68 -96.46
N UNK V 250 -7.03 -80.27 -95.44
CA UNK V 250 -7.66 -81.42 -94.82
C UNK V 250 -8.86 -80.93 -94.03
N UNK V 251 -10.21 -81.54 -91.00
CA UNK V 251 -9.07 -81.81 -90.15
C UNK V 251 -9.25 -83.11 -89.40
N UNK V 252 -8.17 -83.70 -89.09
CA UNK V 252 -8.21 -84.86 -88.23
C UNK V 252 -7.36 -84.64 -87.01
N UNK V 253 -6.24 -84.00 -87.18
CA UNK V 253 -5.39 -83.61 -86.05
C UNK V 253 -4.88 -82.19 -86.15
N UNK V 254 -4.95 -81.54 -87.31
CA UNK V 254 -4.25 -80.29 -87.46
C UNK V 254 -2.76 -80.47 -87.43
N UNK V 255 -2.29 -81.65 -87.78
CA UNK V 255 -0.89 -81.98 -87.70
C UNK V 255 -0.18 -81.48 -88.94
N UNK V 256 1.04 -81.94 -89.15
CA UNK V 256 1.87 -81.43 -90.22
C UNK V 256 1.33 -81.92 -91.57
N UNK V 257 0.54 -81.09 -92.21
CA UNK V 257 0.31 -81.18 -93.66
C UNK V 257 0.38 -79.76 -94.23
N UNK V 258 1.58 -79.30 -94.55
CA UNK V 258 1.83 -78.04 -95.26
C UNK V 258 3.17 -78.17 -95.97
N UNK V 259 3.84 -77.06 -96.20
CA UNK V 259 5.10 -77.19 -96.89
C UNK V 259 6.31 -76.80 -96.03
N UNK V 260 7.29 -77.65 -96.05
CA UNK V 260 8.61 -77.24 -95.63
C UNK V 260 9.50 -77.81 -96.72
N UNK V 261 9.68 -77.03 -97.77
CA UNK V 261 10.08 -77.54 -99.06
C UNK V 261 11.52 -77.20 -99.36
N UNK V 262 12.12 -77.99 -100.24
CA UNK V 262 13.43 -77.64 -100.73
C UNK V 262 13.65 -77.99 -102.20
N UNK V 263 12.64 -78.45 -102.93
CA UNK V 263 12.87 -78.77 -104.32
C UNK V 263 11.78 -78.21 -105.24
N UNK V 264 11.77 -78.67 -106.49
CA UNK V 264 11.09 -77.98 -107.58
C UNK V 264 9.81 -78.69 -107.99
N UNK V 265 8.69 -77.98 -107.93
CA UNK V 265 7.38 -78.63 -107.84
C UNK V 265 6.93 -79.25 -109.15
N UNK V 266 6.75 -80.58 -109.15
CA UNK V 266 6.15 -81.31 -110.26
C UNK V 266 5.69 -82.70 -109.87
N UNK V 267 5.43 -83.56 -110.86
CA UNK V 267 4.83 -84.85 -110.56
C UNK V 267 5.15 -85.97 -111.56
N UNK V 268 4.40 -87.08 -111.51
CA UNK V 268 4.58 -88.17 -112.45
C UNK V 268 3.24 -88.61 -112.98
N UNK V 269 3.27 -89.47 -113.99
CA UNK V 269 2.11 -89.66 -114.85
C UNK V 269 1.59 -91.08 -114.95
N UNK V 270 2.40 -92.06 -115.33
CA UNK V 270 1.83 -93.36 -115.66
C UNK V 270 1.54 -94.17 -114.41
N UNK V 271 2.57 -94.58 -113.70
CA UNK V 271 2.40 -95.29 -112.45
C UNK V 271 2.83 -94.33 -111.36
N UNK V 272 2.44 -94.58 -110.12
CA UNK V 272 2.43 -93.57 -109.08
C UNK V 272 3.82 -93.26 -108.54
N UNK V 273 3.86 -92.55 -107.41
CA UNK V 273 5.07 -92.17 -106.69
C UNK V 273 6.01 -91.30 -107.50
N UNK V 274 5.66 -90.04 -107.72
CA UNK V 274 6.66 -89.07 -108.16
C UNK V 274 7.46 -88.52 -107.02
N UNK V 275 8.70 -88.23 -107.30
CA UNK V 275 9.53 -87.51 -106.36
C UNK V 275 9.95 -86.24 -107.06
N UNK V 276 9.81 -82.36 -107.23
CA UNK V 276 9.98 -81.72 -105.92
C UNK V 276 10.46 -82.74 -104.91
N UNK V 277 11.70 -83.17 -105.08
CA UNK V 277 12.32 -84.26 -104.31
C UNK V 277 12.74 -83.84 -102.91
N UNK V 278 12.21 -82.73 -102.43
CA UNK V 278 12.58 -82.30 -101.09
C UNK V 278 11.51 -81.43 -100.48
N UNK V 279 10.68 -81.98 -99.61
CA UNK V 279 9.63 -81.21 -98.98
C UNK V 279 9.31 -81.82 -97.63
N UNK V 280 8.75 -81.00 -96.75
CA UNK V 280 8.26 -81.48 -95.46
C UNK V 280 7.00 -80.69 -95.15
N UNK V 281 6.37 -80.93 -94.02
CA UNK V 281 5.06 -80.34 -93.74
C UNK V 281 5.08 -79.48 -92.49
N UNK V 282 4.57 -78.26 -92.60
CA UNK V 282 4.62 -77.32 -91.49
C UNK V 282 3.24 -76.81 -91.15
N UNK V 283 2.23 -77.65 -91.23
CA UNK V 283 0.93 -77.18 -90.78
C UNK V 283 0.82 -77.32 -89.29
N UNK V 284 1.35 -76.40 -88.57
CA UNK V 284 1.17 -76.42 -87.13
C UNK V 284 -0.08 -75.61 -86.87
N UNK V 285 -1.24 -76.25 -86.97
CA UNK V 285 -2.52 -75.55 -86.89
C UNK V 285 -3.37 -76.17 -85.80
N UNK V 286 -7.38 -76.14 -84.94
CA UNK V 286 -8.81 -76.14 -84.70
C UNK V 286 -9.20 -77.33 -83.84
N UNK V 287 -8.80 -78.52 -84.27
CA UNK V 287 -9.06 -79.85 -83.71
C UNK V 287 -10.50 -80.31 -83.75
N UNK V 288 -11.03 -80.59 -84.96
CA UNK V 288 -12.12 -81.55 -85.17
C UNK V 288 -12.18 -81.93 -86.64
N UNK V 289 -13.32 -82.49 -87.06
CA UNK V 289 -13.43 -83.31 -88.28
C UNK V 289 -14.56 -82.90 -89.26
N UNK V 290 -14.21 -82.43 -90.45
CA UNK V 290 -15.24 -81.93 -91.38
C UNK V 290 -15.45 -82.79 -92.61
N UNK V 291 -16.19 -82.26 -93.57
CA UNK V 291 -16.30 -82.88 -94.87
C UNK V 291 -15.43 -82.28 -95.94
N UNK V 292 -14.73 -81.20 -95.67
CA UNK V 292 -13.84 -80.53 -96.62
C UNK V 292 -13.03 -79.50 -95.88
N UNK V 293 -12.15 -78.82 -96.62
CA UNK V 293 -11.55 -77.58 -96.20
C UNK V 293 -11.13 -76.85 -97.45
N UNK V 294 -11.04 -75.53 -97.38
CA UNK V 294 -10.74 -74.76 -98.59
C UNK V 294 -10.03 -73.48 -98.21
N UNK V 295 -9.74 -72.63 -99.18
CA UNK V 295 -9.51 -71.24 -98.91
C UNK V 295 -10.84 -70.54 -98.85
N UNK V 296 -10.83 -69.25 -98.90
CA UNK V 296 -12.09 -68.59 -98.65
C UNK V 296 -12.54 -67.75 -99.82
N UNK V 297 -13.52 -68.17 -100.59
CA UNK V 297 -13.73 -67.46 -101.86
C UNK V 297 -14.79 -66.38 -101.86
N UNK V 298 -15.57 -63.53 -99.82
CA UNK V 298 -14.71 -62.40 -100.04
C UNK V 298 -13.35 -62.93 -100.46
N UNK V 299 -12.42 -62.04 -100.72
CA UNK V 299 -11.25 -62.44 -101.48
C UNK V 299 -10.26 -63.19 -100.61
N UNK V 300 -10.16 -64.49 -100.84
CA UNK V 300 -9.02 -65.29 -100.47
C UNK V 300 -8.54 -65.34 -99.03
N UNK V 301 -9.41 -65.54 -98.05
CA UNK V 301 -8.93 -65.71 -96.70
C UNK V 301 -8.69 -67.19 -96.45
N UNK V 302 -8.54 -67.60 -95.20
CA UNK V 302 -8.32 -68.99 -94.86
C UNK V 302 -9.39 -69.42 -93.87
N UNK V 303 -9.75 -70.69 -93.92
CA UNK V 303 -10.80 -71.22 -93.04
C UNK V 303 -10.68 -72.73 -93.02
N UNK V 304 -10.28 -73.31 -91.90
CA UNK V 304 -10.21 -74.76 -91.80
C UNK V 304 -11.48 -75.30 -91.18
N UNK V 305 -12.28 -76.01 -91.97
CA UNK V 305 -13.53 -76.56 -91.47
C UNK V 305 -13.26 -77.79 -90.62
N UNK V 306 -14.11 -78.06 -89.62
CA UNK V 306 -13.98 -79.21 -88.73
C UNK V 306 -15.37 -79.70 -88.26
N UNK V 307 -15.42 -80.47 -87.17
CA UNK V 307 -16.66 -81.06 -86.65
C UNK V 307 -17.27 -80.31 -85.51
N UNK V 308 -16.54 -80.11 -84.48
CA UNK V 308 -16.80 -79.06 -83.52
C UNK V 308 -15.76 -77.98 -83.61
N UNK V 309 -14.92 -78.04 -84.64
CA UNK V 309 -13.83 -77.08 -84.86
C UNK V 309 -14.21 -75.69 -85.37
N UNK V 310 -13.33 -74.74 -85.04
CA UNK V 310 -13.45 -73.35 -85.45
C UNK V 310 -12.14 -73.08 -86.18
N UNK V 311 -12.19 -72.39 -87.32
CA UNK V 311 -10.99 -72.07 -88.09
C UNK V 311 -10.91 -70.54 -88.16
N UNK V 312 -9.77 -69.93 -87.88
CA UNK V 312 -9.71 -68.46 -87.96
C UNK V 312 -8.31 -67.91 -88.20
N UNK V 313 -7.74 -68.07 -89.39
CA UNK V 313 -6.37 -67.58 -89.60
C UNK V 313 -6.03 -66.39 -90.49
N UNK V 314 -5.22 -65.49 -89.93
CA UNK V 314 -4.70 -64.32 -90.60
C UNK V 314 -3.61 -63.74 -89.72
N UNK V 315 -2.45 -63.50 -90.32
CA UNK V 315 -1.40 -62.80 -89.62
C UNK V 315 -0.44 -62.20 -90.62
N UNK V 316 0.42 -61.31 -90.17
CA UNK V 316 1.48 -60.77 -90.99
C UNK V 316 2.84 -61.25 -90.55
N UNK V 317 -12.97 -68.98 -84.01
CA UNK V 317 -14.33 -69.49 -83.89
C UNK V 317 -15.17 -69.33 -85.14
N UNK V 318 -15.16 -70.33 -86.03
CA UNK V 318 -16.12 -70.19 -87.11
C UNK V 318 -17.32 -71.10 -86.91
N UNK V 319 -17.15 -72.37 -87.26
CA UNK V 319 -18.27 -73.27 -87.39
C UNK V 319 -17.73 -74.59 -87.87
N UNK V 320 -18.58 -75.61 -87.89
CA UNK V 320 -18.09 -76.98 -87.92
C UNK V 320 -19.21 -78.01 -88.04
N UNK V 321 -18.92 -79.14 -88.71
CA UNK V 321 -19.94 -80.12 -89.07
C UNK V 321 -19.29 -81.48 -89.31
N UNK V 322 -20.09 -82.53 -89.29
CA UNK V 322 -19.50 -83.87 -89.27
C UNK V 322 -19.96 -84.79 -90.38
N UNK V 323 -21.16 -84.64 -90.90
CA UNK V 323 -21.74 -85.60 -91.83
C UNK V 323 -21.17 -85.39 -93.22
N UNK V 324 -21.79 -86.00 -94.23
CA UNK V 324 -21.23 -85.88 -95.56
C UNK V 324 -21.71 -84.55 -96.13
N UNK V 325 -20.97 -83.50 -95.94
CA UNK V 325 -21.40 -82.21 -96.48
C UNK V 325 -20.72 -81.84 -97.77
N UNK V 326 -21.16 -80.71 -98.31
CA UNK V 326 -20.39 -79.92 -99.25
C UNK V 326 -20.98 -78.52 -99.16
N UNK V 327 -20.21 -77.50 -99.54
CA UNK V 327 -20.67 -76.15 -99.28
C UNK V 327 -19.97 -75.21 -100.23
N UNK V 328 -20.53 -74.04 -100.43
CA UNK V 328 -19.83 -72.98 -101.13
C UNK V 328 -18.74 -72.47 -100.22
N UNK V 329 -17.76 -71.76 -100.79
CA UNK V 329 -16.70 -71.20 -99.98
C UNK V 329 -17.18 -69.82 -99.56
N UNK V 330 -18.96 -66.85 -97.23
CA UNK V 330 -18.97 -65.72 -96.31
C UNK V 330 -20.38 -65.22 -96.10
N UNK V 331 -21.08 -65.84 -95.14
CA UNK V 331 -22.37 -65.36 -94.69
C UNK V 331 -22.23 -64.06 -93.94
N UNK V 332 -23.38 -63.43 -93.71
CA UNK V 332 -23.48 -62.04 -93.24
C UNK V 332 -22.64 -61.11 -94.10
N UNK V 333 -22.50 -61.44 -95.39
CA UNK V 333 -21.61 -60.81 -96.35
C UNK V 333 -20.17 -60.69 -95.88
N UNK V 334 -19.73 -61.53 -94.94
CA UNK V 334 -18.59 -61.21 -94.10
C UNK V 334 -18.09 -62.44 -93.39
N UNK V 335 -17.37 -62.27 -92.31
CA UNK V 335 -16.91 -63.43 -91.57
C UNK V 335 -18.08 -64.14 -90.88
N UNK V 336 -18.83 -64.93 -91.64
CA UNK V 336 -19.80 -65.89 -91.13
C UNK V 336 -19.94 -67.04 -92.11
N UNK V 337 -20.20 -68.24 -91.57
CA UNK V 337 -20.26 -69.44 -92.41
C UNK V 337 -21.56 -69.46 -93.17
N UNK V 338 -21.48 -69.43 -94.50
CA UNK V 338 -22.66 -69.59 -95.35
C UNK V 338 -22.72 -71.00 -95.91
N UNK V 339 -22.95 -71.99 -95.06
CA UNK V 339 -23.06 -73.35 -95.54
C UNK V 339 -24.44 -73.59 -96.13
N UNK V 340 -24.79 -74.85 -96.34
CA UNK V 340 -26.12 -75.15 -96.83
C UNK V 340 -26.92 -75.63 -95.62
N UNK V 341 -27.34 -74.68 -94.80
CA UNK V 341 -27.77 -74.99 -93.45
C UNK V 341 -29.26 -74.82 -93.29
N UNK V 342 -29.90 -75.85 -92.73
CA UNK V 342 -31.35 -75.93 -92.69
C UNK V 342 -31.95 -74.95 -91.70
N UNK V 343 -31.34 -74.80 -90.54
CA UNK V 343 -31.81 -73.78 -89.61
C UNK V 343 -31.48 -72.39 -90.12
N UNK V 344 -30.19 -72.11 -90.28
CA UNK V 344 -29.68 -70.90 -90.91
C UNK V 344 -28.21 -71.10 -91.21
N UNK V 345 -27.78 -70.61 -92.36
CA UNK V 345 -26.35 -70.48 -92.67
C UNK V 345 -25.94 -69.05 -92.34
N UNK V 346 -25.45 -68.83 -91.14
CA UNK V 346 -25.54 -67.54 -90.50
C UNK V 346 -24.27 -67.23 -89.72
N UNK V 347 -24.42 -66.37 -88.71
CA UNK V 347 -23.36 -65.60 -88.09
C UNK V 347 -22.37 -66.46 -87.33
N UNK V 348 -21.62 -67.27 -88.06
CA UNK V 348 -20.45 -67.96 -87.58
C UNK V 348 -19.25 -67.08 -87.89
N UNK V 349 -18.06 -67.66 -87.99
CA UNK V 349 -17.12 -67.00 -88.88
C UNK V 349 -17.05 -67.76 -90.20
N UNK V 350 -15.73 -68.83 -94.39
CA UNK V 350 -14.77 -68.93 -95.44
C UNK V 350 -15.11 -67.78 -96.35
N UNK V 351 -13.25 -65.40 -95.50
CA UNK V 351 -13.83 -64.55 -96.51
C UNK V 351 -12.75 -63.90 -97.32
N LEU W 13 -50.73 -64.24 2.52
CA LEU W 13 -50.87 -64.77 1.12
C LEU W 13 -49.62 -65.58 0.81
N TRP W 14 -49.63 -66.68 0.02
CA TRP W 14 -48.38 -67.42 -0.11
C TRP W 14 -47.57 -66.98 -1.32
N GLY W 15 -48.13 -66.14 -2.20
CA GLY W 15 -47.38 -65.64 -3.35
C GLY W 15 -46.37 -64.54 -3.08
N PRO W 16 -45.47 -64.24 -4.03
CA PRO W 16 -44.47 -63.20 -3.86
C PRO W 16 -45.00 -61.80 -3.86
N TYR W 17 -44.42 -60.95 -3.01
CA TYR W 17 -44.76 -59.54 -2.93
C TYR W 17 -43.78 -58.72 -3.73
N ARG W 18 -43.20 -59.32 -4.77
CA ARG W 18 -42.17 -58.75 -5.63
C ARG W 18 -42.61 -57.44 -6.27
N GLU W 19 -43.88 -57.34 -6.72
CA GLU W 19 -44.44 -56.13 -7.27
C GLU W 19 -44.47 -54.98 -6.28
N ILE W 20 -44.83 -55.17 -4.99
CA ILE W 20 -44.71 -54.14 -3.93
C ILE W 20 -43.30 -53.63 -3.76
N TRP W 21 -42.35 -54.55 -3.81
CA TRP W 21 -40.96 -54.19 -3.73
C TRP W 21 -40.46 -53.40 -4.96
N GLN W 22 -40.89 -53.77 -6.19
CA GLN W 22 -40.65 -52.99 -7.40
C GLN W 22 -41.31 -51.64 -7.37
N THR W 23 -42.48 -51.55 -6.74
CA THR W 23 -43.11 -50.30 -6.40
C THR W 23 -42.30 -49.42 -5.49
N VAL W 24 -41.82 -49.94 -4.34
CA VAL W 24 -41.10 -49.10 -3.39
C VAL W 24 -39.70 -48.69 -3.86
N LEU W 25 -39.14 -49.43 -4.85
CA LEU W 25 -37.94 -49.06 -5.58
C LEU W 25 -38.05 -47.68 -6.24
N SER W 26 -39.16 -47.42 -6.98
CA SER W 26 -39.49 -46.11 -7.56
C SER W 26 -39.72 -45.04 -6.50
N ALA W 27 -40.38 -45.39 -5.37
CA ALA W 27 -40.62 -44.50 -4.23
C ALA W 27 -39.32 -44.03 -3.57
N LEU W 28 -38.31 -44.92 -3.48
CA LEU W 28 -36.98 -44.60 -3.01
C LEU W 28 -36.21 -43.63 -3.90
N ILE W 29 -36.23 -43.88 -5.23
CA ILE W 29 -35.59 -43.06 -6.26
C ILE W 29 -36.14 -41.65 -6.22
N LYS W 30 -37.47 -41.51 -6.06
CA LYS W 30 -38.14 -40.23 -6.03
C LYS W 30 -38.21 -39.59 -4.65
N ARG W 31 -37.86 -40.32 -3.57
CA ARG W 31 -37.93 -39.93 -2.17
C ARG W 31 -39.33 -39.68 -1.61
N GLN W 32 -40.37 -40.22 -2.27
CA GLN W 32 -41.76 -39.87 -2.05
C GLN W 32 -42.52 -41.12 -1.72
N PRO W 33 -43.62 -41.14 -0.97
CA PRO W 33 -44.39 -42.36 -0.74
C PRO W 33 -45.11 -42.78 -2.00
N GLU W 34 -45.12 -41.93 -3.07
CA GLU W 34 -46.00 -42.06 -4.21
C GLU W 34 -46.00 -43.39 -4.85
N ALA W 35 -44.86 -44.04 -5.13
CA ALA W 35 -44.99 -45.33 -5.78
C ALA W 35 -45.78 -46.35 -4.97
N VAL W 36 -45.47 -46.52 -3.65
CA VAL W 36 -46.18 -47.42 -2.73
C VAL W 36 -47.65 -47.06 -2.75
N HIS W 37 -47.93 -45.77 -2.60
CA HIS W 37 -49.30 -45.30 -2.50
C HIS W 37 -50.09 -45.19 -3.81
N SER W 38 -49.43 -45.24 -4.98
CA SER W 38 -50.05 -45.17 -6.30
C SER W 38 -50.37 -46.55 -6.81
N LEU W 39 -49.73 -47.59 -6.23
CA LEU W 39 -50.15 -48.94 -6.44
C LEU W 39 -51.11 -49.37 -5.34
N ILE W 41 -52.67 -49.57 -0.82
CA ILE W 41 -53.71 -50.65 -0.88
C ILE W 41 -53.26 -52.06 -0.54
N VAL W 42 -52.44 -52.69 -1.40
CA VAL W 42 -51.67 -53.91 -1.25
C VAL W 42 -50.67 -53.91 -0.06
N LEU W 43 -49.96 -52.80 0.29
CA LEU W 43 -49.23 -52.78 1.57
C LEU W 43 -50.18 -53.03 2.75
N LYS W 44 -51.25 -52.22 2.89
CA LYS W 44 -52.38 -52.52 3.78
C LYS W 44 -53.28 -53.73 3.41
N LYS W 45 -52.80 -54.66 2.57
CA LYS W 45 -53.35 -55.98 2.37
C LYS W 45 -52.48 -57.08 2.98
N TYR W 46 -51.14 -57.10 2.70
CA TYR W 46 -50.20 -58.14 3.16
C TYR W 46 -49.44 -57.70 4.38
N LYS W 47 -49.99 -56.69 5.04
CA LYS W 47 -49.44 -56.17 6.24
C LYS W 47 -49.13 -57.16 7.39
N PRO W 48 -49.90 -58.18 7.80
CA PRO W 48 -49.50 -59.07 8.87
C PRO W 48 -48.50 -60.10 8.36
N ASP W 49 -48.44 -60.33 7.03
CA ASP W 49 -47.44 -61.16 6.38
C ASP W 49 -46.06 -60.54 6.53
N PHE W 50 -45.94 -59.20 6.32
CA PHE W 50 -44.72 -58.47 6.61
C PHE W 50 -44.36 -58.51 8.10
N ILE W 51 -45.31 -58.31 9.02
CA ILE W 51 -45.08 -58.44 10.46
C ILE W 51 -44.57 -59.80 10.89
N SER W 52 -45.11 -60.87 10.28
CA SER W 52 -44.73 -62.25 10.55
C SER W 52 -43.34 -62.58 10.05
N LEU W 53 -42.81 -61.76 9.13
CA LEU W 53 -41.49 -61.92 8.56
C LEU W 53 -41.27 -63.26 7.84
N PHE W 54 -40.16 -64.00 8.09
CA PHE W 54 -39.97 -65.29 7.41
C PHE W 54 -40.52 -66.44 8.21
N LYS W 55 -41.22 -66.17 9.31
CA LYS W 55 -41.84 -67.22 10.08
C LYS W 55 -43.03 -67.83 9.36
N ASN W 56 -43.09 -69.16 9.32
CA ASN W 56 -44.35 -69.85 9.10
C ASN W 56 -44.78 -70.48 10.43
N PRO W 57 -45.06 -69.74 11.51
CA PRO W 57 -45.16 -70.33 12.83
C PRO W 57 -46.33 -71.29 13.13
N PRO W 58 -47.55 -71.35 12.56
CA PRO W 58 -48.51 -72.38 12.94
C PRO W 58 -48.59 -73.45 11.86
N LYS W 59 -48.41 -73.10 10.58
CA LYS W 59 -48.64 -74.00 9.46
C LYS W 59 -47.36 -74.70 9.06
N SER W 60 -46.75 -75.42 10.02
CA SER W 60 -45.71 -76.41 9.82
C SER W 60 -46.36 -77.75 9.49
N ALA W 61 -45.58 -78.80 9.17
CA ALA W 61 -46.07 -80.05 8.59
C ALA W 61 -47.22 -80.72 9.36
N GLN W 62 -48.32 -81.04 8.64
CA GLN W 62 -49.54 -81.52 9.26
C GLN W 62 -49.85 -82.90 8.74
N GLN W 63 -50.66 -83.69 9.46
CA GLN W 63 -51.14 -84.94 8.90
C GLN W 63 -52.64 -84.90 8.69
N HIS W 64 -53.29 -83.79 9.11
CA HIS W 64 -54.66 -83.48 8.78
C HIS W 64 -54.77 -82.84 7.41
N GLU W 65 -53.67 -82.27 6.88
CA GLU W 65 -53.59 -81.68 5.55
C GLU W 65 -53.11 -82.71 4.53
N ARG W 66 -53.42 -83.99 4.74
CA ARG W 66 -52.89 -85.08 3.94
C ARG W 66 -53.43 -85.17 2.51
N VAL W 67 -52.68 -84.57 1.56
CA VAL W 67 -53.02 -84.34 0.17
C VAL W 67 -53.38 -85.59 -0.65
N GLN W 68 -52.61 -86.70 -0.55
CA GLN W 68 -52.81 -87.91 -1.35
C GLN W 68 -53.87 -88.86 -0.77
N LYS W 69 -54.35 -88.62 0.46
CA LYS W 69 -55.36 -89.46 1.08
C LYS W 69 -56.75 -89.03 0.66
N ALA W 70 -56.86 -87.84 0.01
CA ALA W 70 -58.05 -87.43 -0.66
C ALA W 70 -58.31 -88.33 -1.88
N SER W 71 -59.37 -89.15 -1.85
CA SER W 71 -59.68 -90.15 -2.88
C SER W 71 -60.11 -89.55 -4.21
N THR W 72 -60.52 -88.27 -4.18
CA THR W 72 -60.88 -87.47 -5.34
C THR W 72 -59.72 -86.60 -5.76
N GLU W 73 -58.55 -86.66 -5.09
CA GLU W 73 -57.42 -85.78 -5.32
C GLU W 73 -57.79 -84.30 -5.18
N GLY W 74 -58.29 -83.82 -4.00
CA GLY W 74 -58.73 -82.42 -3.93
C GLY W 74 -58.34 -81.63 -2.72
N ILE W 75 -57.98 -80.34 -2.93
CA ILE W 75 -57.48 -79.45 -1.89
C ILE W 75 -58.21 -78.11 -1.93
N PRO W 76 -58.44 -77.46 -0.79
CA PRO W 76 -58.94 -76.08 -0.77
C PRO W 76 -57.90 -75.08 -0.24
N ILE W 77 -57.89 -73.84 -0.78
CA ILE W 77 -57.07 -72.70 -0.35
C ILE W 77 -57.96 -71.67 0.36
N LYS W 78 -57.49 -70.41 0.43
CA LYS W 78 -58.33 -69.23 0.58
C LYS W 78 -59.30 -69.06 -0.59
N GLY W 79 -60.55 -69.54 -0.45
CA GLY W 79 -61.59 -69.40 -1.47
C GLY W 79 -61.76 -70.62 -2.35
N THR W 80 -61.24 -70.61 -3.58
CA THR W 80 -61.51 -71.66 -4.57
C THR W 80 -60.81 -73.00 -4.29
N GLN W 81 -61.14 -74.08 -5.01
CA GLN W 81 -60.51 -75.37 -4.77
C GLN W 81 -59.99 -75.96 -6.05
N ARG W 82 -59.21 -77.04 -5.93
CA ARG W 82 -58.41 -77.49 -7.04
C ARG W 82 -58.37 -79.02 -7.11
N THR W 83 -59.55 -79.65 -7.27
CA THR W 83 -59.70 -81.11 -7.40
C THR W 83 -59.13 -81.73 -8.65
N ARG W 84 -59.31 -81.16 -9.84
CA ARG W 84 -58.90 -81.91 -11.03
C ARG W 84 -57.45 -81.68 -11.42
N ILE W 85 -56.70 -80.86 -10.67
CA ILE W 85 -55.34 -80.50 -11.02
C ILE W 85 -54.35 -81.17 -10.06
N LEU W 86 -54.83 -81.86 -9.00
CA LEU W 86 -53.96 -82.33 -7.93
C LEU W 86 -53.38 -83.72 -8.27
N GLU W 87 -53.11 -83.98 -9.56
CA GLU W 87 -52.57 -85.23 -10.05
C GLU W 87 -51.25 -85.67 -9.41
N GLU W 88 -50.97 -86.99 -9.35
CA GLU W 88 -49.87 -87.63 -8.63
C GLU W 88 -48.45 -87.05 -8.77
N GLN W 89 -48.07 -86.45 -9.91
CA GLN W 89 -46.80 -85.72 -10.00
C GLN W 89 -46.73 -84.48 -9.09
N LEU W 90 -47.83 -83.69 -9.04
CA LEU W 90 -48.00 -82.53 -8.18
C LEU W 90 -47.99 -82.94 -6.70
N ILE W 91 -48.66 -84.07 -6.35
CA ILE W 91 -48.69 -84.64 -5.02
C ILE W 91 -47.28 -84.89 -4.48
N LYS W 92 -46.41 -85.48 -5.31
CA LYS W 92 -45.02 -85.71 -4.98
C LYS W 92 -44.19 -84.44 -4.82
N GLU W 93 -44.32 -83.40 -5.69
CA GLU W 93 -43.63 -82.13 -5.44
C GLU W 93 -44.06 -81.47 -4.12
N ALA W 94 -45.37 -81.51 -3.81
CA ALA W 94 -45.93 -81.03 -2.57
C ALA W 94 -45.47 -81.76 -1.30
N PHE W 95 -45.45 -83.12 -1.26
CA PHE W 95 -44.88 -83.85 -0.13
C PHE W 95 -43.38 -83.70 -0.02
N ILE W 96 -42.63 -83.60 -1.16
CA ILE W 96 -41.21 -83.26 -1.14
C ILE W 96 -41.00 -81.95 -0.40
N LEU W 97 -41.84 -80.91 -0.64
CA LEU W 97 -41.76 -79.70 0.18
C LEU W 97 -41.97 -79.91 1.67
N SER W 98 -43.03 -80.63 2.06
CA SER W 98 -43.39 -80.86 3.46
C SER W 98 -42.35 -81.60 4.26
N ASP W 99 -41.81 -82.72 3.72
CA ASP W 99 -40.71 -83.44 4.30
C ASP W 99 -39.40 -82.66 4.30
N LEU W 100 -39.08 -81.93 3.20
CA LEU W 100 -37.88 -81.13 3.08
C LEU W 100 -37.79 -79.94 4.06
N TYR W 101 -38.92 -79.24 4.30
CA TYR W 101 -38.89 -77.98 5.04
C TYR W 101 -39.73 -77.93 6.31
N ASN W 102 -40.44 -79.01 6.70
CA ASN W 102 -41.36 -79.01 7.84
C ASN W 102 -42.48 -77.97 7.67
N ILE W 103 -43.17 -78.02 6.52
CA ILE W 103 -44.11 -77.00 6.09
C ILE W 103 -45.46 -77.65 5.87
N GLY W 104 -46.58 -76.98 6.21
CA GLY W 104 -47.93 -77.45 5.91
C GLY W 104 -48.18 -77.71 4.45
N GLU W 105 -48.83 -78.84 4.17
CA GLU W 105 -49.02 -79.40 2.85
C GLU W 105 -49.88 -78.53 1.93
N ILE W 106 -50.99 -77.93 2.41
CA ILE W 106 -51.80 -77.08 1.53
C ILE W 106 -51.13 -75.74 1.27
N ALA W 107 -50.32 -75.25 2.23
CA ALA W 107 -49.48 -74.10 2.05
C ALA W 107 -48.40 -74.29 1.00
N ALA W 108 -47.77 -75.48 1.02
CA ALA W 108 -46.86 -75.95 0.01
C ALA W 108 -47.50 -76.04 -1.37
N VAL W 109 -48.78 -76.43 -1.48
CA VAL W 109 -49.49 -76.35 -2.75
C VAL W 109 -49.79 -74.94 -3.26
N GLU W 110 -50.24 -73.95 -2.43
CA GLU W 110 -50.43 -72.55 -2.91
C GLU W 110 -49.10 -72.01 -3.43
N LEU W 111 -48.00 -72.37 -2.74
CA LEU W 111 -46.64 -72.16 -3.20
C LEU W 111 -46.21 -72.90 -4.46
N LEU W 112 -46.89 -73.96 -4.95
CA LEU W 112 -46.61 -74.46 -6.29
C LEU W 112 -47.55 -73.85 -7.33
N LEU W 113 -48.80 -73.53 -6.95
CA LEU W 113 -49.76 -72.93 -7.85
C LEU W 113 -49.42 -71.54 -8.35
N ILE W 114 -48.87 -70.69 -7.46
CA ILE W 114 -48.51 -69.30 -7.72
C ILE W 114 -47.45 -69.06 -8.78
N GLY W 115 -46.42 -69.92 -8.85
CA GLY W 115 -45.25 -69.73 -9.67
C GLY W 115 -45.19 -70.88 -10.59
N GLU W 116 -44.85 -70.61 -11.87
CA GLU W 116 -44.83 -71.59 -12.94
C GLU W 116 -44.33 -72.97 -12.56
N GLN W 117 -45.22 -73.98 -12.66
CA GLN W 117 -44.89 -75.37 -12.42
C GLN W 117 -43.80 -75.86 -13.34
N GLN W 118 -43.17 -77.00 -13.03
CA GLN W 118 -42.29 -77.59 -14.00
C GLN W 118 -43.00 -78.01 -15.28
N GLN W 119 -42.26 -78.06 -16.41
CA GLN W 119 -42.68 -78.46 -17.74
C GLN W 119 -43.98 -79.27 -17.91
N PRO W 120 -45.02 -78.82 -18.62
CA PRO W 120 -46.31 -79.52 -18.60
C PRO W 120 -46.30 -80.68 -19.59
N THR W 121 -45.44 -80.59 -20.62
CA THR W 121 -45.37 -81.56 -21.73
C THR W 121 -44.58 -82.82 -21.41
N PHE W 122 -43.38 -82.68 -20.83
CA PHE W 122 -42.48 -83.80 -20.61
C PHE W 122 -42.72 -84.37 -19.23
N HIS W 123 -43.54 -85.45 -19.16
CA HIS W 123 -44.04 -86.06 -17.93
C HIS W 123 -43.01 -86.44 -16.89
N GLY W 124 -41.78 -86.84 -17.30
CA GLY W 124 -40.73 -87.23 -16.35
C GLY W 124 -40.12 -86.08 -15.62
N LEU W 125 -40.43 -84.85 -16.05
CA LEU W 125 -39.99 -83.64 -15.40
C LEU W 125 -41.10 -83.01 -14.60
N THR W 126 -42.39 -83.41 -14.70
CA THR W 126 -43.53 -82.65 -14.15
C THR W 126 -43.43 -82.21 -12.70
N ARG W 127 -42.82 -83.03 -11.83
CA ARG W 127 -42.59 -82.76 -10.42
C ARG W 127 -41.26 -82.05 -10.11
N GLY W 128 -40.87 -80.99 -10.87
CA GLY W 128 -39.66 -80.20 -10.60
C GLY W 128 -39.63 -79.47 -9.29
N LEU W 129 -38.90 -78.36 -9.15
CA LEU W 129 -38.90 -77.68 -7.87
C LEU W 129 -38.96 -76.18 -8.07
N VAL W 130 -40.16 -75.64 -8.31
CA VAL W 130 -40.36 -74.19 -8.38
C VAL W 130 -41.12 -73.76 -7.15
N ALA W 131 -41.82 -74.71 -6.48
CA ALA W 131 -42.43 -74.44 -5.20
C ALA W 131 -41.42 -74.10 -4.11
N ILE W 132 -40.22 -74.73 -4.15
CA ILE W 132 -39.11 -74.38 -3.27
C ILE W 132 -38.65 -72.95 -3.44
N LEU W 133 -38.59 -72.46 -4.70
CA LEU W 133 -38.14 -71.12 -5.04
C LEU W 133 -39.07 -70.07 -4.48
N LEU W 134 -40.40 -70.23 -4.68
CA LEU W 134 -41.38 -69.32 -4.14
C LEU W 134 -41.42 -69.21 -2.64
N TYR W 135 -41.18 -70.32 -1.92
CA TYR W 135 -41.05 -70.31 -0.49
C TYR W 135 -39.89 -69.43 -0.03
N TRP W 136 -38.72 -69.52 -0.67
CA TRP W 136 -37.59 -68.65 -0.41
C TRP W 136 -37.76 -67.21 -0.92
N ASP W 137 -38.25 -67.00 -2.17
CA ASP W 137 -38.51 -65.69 -2.77
C ASP W 137 -39.61 -64.88 -2.08
N GLY W 138 -40.72 -65.54 -1.70
CA GLY W 138 -41.76 -64.99 -0.85
C GLY W 138 -41.24 -64.40 0.42
N LYS W 139 -40.40 -65.18 1.13
CA LYS W 139 -39.66 -64.71 2.28
C LYS W 139 -38.68 -63.59 1.98
N SER W 140 -37.78 -63.71 0.97
CA SER W 140 -36.71 -62.73 0.74
C SER W 140 -37.27 -61.33 0.49
N CYS W 141 -38.29 -61.23 -0.37
CA CYS W 141 -39.02 -60.00 -0.65
C CYS W 141 -39.69 -59.38 0.57
N MET W 142 -40.22 -60.21 1.52
CA MET W 142 -40.78 -59.72 2.78
C MET W 142 -39.78 -58.97 3.64
N ALA W 143 -38.57 -59.53 3.86
CA ALA W 143 -37.55 -58.82 4.60
C ALA W 143 -36.99 -57.63 3.89
N GLU W 144 -36.71 -57.72 2.57
CA GLU W 144 -36.20 -56.60 1.78
C GLU W 144 -37.14 -55.41 1.78
N SER W 145 -38.47 -55.66 1.66
CA SER W 145 -39.50 -54.63 1.80
C SER W 145 -39.52 -53.97 3.16
N LEU W 146 -39.46 -54.76 4.24
CA LEU W 146 -39.37 -54.22 5.59
C LEU W 146 -38.12 -53.48 5.85
N LEU W 147 -36.96 -54.07 5.48
CA LEU W 147 -35.61 -53.54 5.56
C LEU W 147 -35.58 -52.18 4.95
N HIS W 148 -36.15 -52.05 3.73
CA HIS W 148 -36.28 -50.81 3.02
C HIS W 148 -37.01 -49.74 3.80
N LEU W 149 -38.21 -50.07 4.32
CA LEU W 149 -39.07 -49.16 5.02
C LEU W 149 -38.48 -48.60 6.31
N ILE W 150 -37.81 -49.49 7.06
CA ILE W 150 -37.29 -49.16 8.36
C ILE W 150 -35.93 -48.47 8.26
N GLN W 151 -35.24 -48.56 7.10
CA GLN W 151 -33.95 -47.93 6.89
C GLN W 151 -34.03 -46.66 6.06
N ALA W 152 -35.01 -46.56 5.12
CA ALA W 152 -34.99 -45.54 4.10
C ALA W 152 -36.18 -44.63 4.24
N ARG W 153 -35.89 -43.42 4.78
CA ARG W 153 -36.84 -42.38 5.10
C ARG W 153 -37.43 -42.61 6.48
N LYS W 154 -38.02 -41.57 7.10
CA LYS W 154 -38.57 -41.69 8.42
C LYS W 154 -39.84 -40.87 8.43
N GLY W 155 -40.90 -41.36 9.12
CA GLY W 155 -42.14 -40.60 9.33
C GLY W 155 -42.98 -40.35 8.09
N LYS W 156 -43.01 -41.30 7.13
CA LYS W 156 -43.78 -41.12 5.91
C LYS W 156 -45.18 -41.68 6.03
N THR W 157 -46.18 -40.82 6.29
CA THR W 157 -47.57 -41.23 6.51
C THR W 157 -48.45 -41.08 5.28
N PHE W 158 -48.80 -42.20 4.63
CA PHE W 158 -49.85 -42.23 3.62
C PHE W 158 -50.93 -43.13 4.20
N THR W 159 -52.13 -42.61 4.51
CA THR W 159 -53.42 -43.32 4.72
C THR W 159 -53.41 -44.82 4.94
N LEU W 160 -52.73 -45.29 6.03
CA LEU W 160 -52.65 -46.65 6.54
C LEU W 160 -51.36 -47.38 6.19
N ASP W 161 -50.52 -46.83 5.30
CA ASP W 161 -49.30 -47.41 4.77
C ASP W 161 -48.12 -46.51 5.19
N HIS W 162 -47.19 -46.91 6.10
CA HIS W 162 -46.27 -45.93 6.67
C HIS W 162 -45.39 -46.43 7.81
N SER W 163 -44.05 -46.21 7.85
CA SER W 163 -43.15 -46.71 8.92
C SER W 163 -43.62 -46.71 10.40
N PRO W 164 -44.32 -45.71 10.96
CA PRO W 164 -45.17 -45.84 12.15
C PRO W 164 -46.20 -46.95 12.25
N GLU W 165 -47.06 -47.26 11.22
CA GLU W 165 -48.21 -48.18 11.22
C GLU W 165 -49.53 -47.64 11.76
N GLN W 180 -45.77 -53.91 17.36
CA GLN W 180 -44.72 -54.44 18.17
C GLN W 180 -44.68 -55.95 17.93
N GLY W 181 -45.42 -56.40 16.89
CA GLY W 181 -45.51 -57.76 16.44
C GLY W 181 -44.24 -58.04 15.74
N LEU W 182 -43.81 -57.07 14.92
CA LEU W 182 -42.54 -57.11 14.25
C LEU W 182 -41.35 -57.11 15.23
N THR W 183 -41.39 -56.23 16.26
CA THR W 183 -40.40 -56.21 17.35
C THR W 183 -40.43 -57.50 18.17
N ASN W 184 -41.61 -58.09 18.42
CA ASN W 184 -41.74 -59.41 19.05
C ASN W 184 -41.34 -60.59 18.14
N LYS W 185 -41.24 -60.43 16.79
CA LYS W 185 -40.88 -61.52 15.90
C LYS W 185 -39.44 -61.47 15.43
N ILE W 186 -38.69 -60.36 15.56
CA ILE W 186 -37.34 -60.22 15.02
C ILE W 186 -36.34 -61.25 15.55
N LEU W 187 -36.32 -61.53 16.87
CA LEU W 187 -35.46 -62.53 17.48
C LEU W 187 -35.90 -63.97 17.22
N THR W 188 -37.22 -64.23 17.23
CA THR W 188 -37.85 -65.51 16.85
C THR W 188 -37.55 -65.86 15.42
N LEU W 189 -37.41 -64.85 14.57
CA LEU W 189 -36.98 -65.05 13.23
C LEU W 189 -35.56 -65.50 13.00
N ILE W 190 -34.60 -64.93 13.75
CA ILE W 190 -33.21 -65.38 13.73
C ILE W 190 -33.16 -66.87 14.12
N SER W 191 -34.00 -67.29 15.11
CA SER W 191 -34.00 -68.65 15.63
C SER W 191 -34.72 -69.62 14.73
N GLN W 192 -35.51 -69.11 13.77
CA GLN W 192 -36.05 -69.88 12.67
C GLN W 192 -35.01 -70.22 11.61
N ILE W 193 -34.03 -69.32 11.38
CA ILE W 193 -32.88 -69.57 10.54
C ILE W 193 -31.91 -70.54 11.19
N ASP W 194 -31.70 -70.47 12.53
CA ASP W 194 -30.92 -71.41 13.30
C ASP W 194 -31.45 -72.85 13.19
N VAL W 195 -30.75 -73.67 12.40
CA VAL W 195 -31.37 -74.84 11.82
C VAL W 195 -30.54 -76.09 12.00
N ASN W 196 -31.11 -77.13 12.65
CA ASN W 196 -30.58 -78.47 12.60
C ASN W 196 -31.29 -79.31 11.55
N ASN W 197 -32.44 -78.84 10.99
CA ASN W 197 -33.23 -79.55 9.98
C ASN W 197 -32.43 -79.91 8.73
N GLU W 198 -31.62 -78.95 8.21
CA GLU W 198 -30.70 -79.20 7.11
C GLU W 198 -29.63 -80.22 7.48
N PHE W 199 -28.98 -80.09 8.66
CA PHE W 199 -27.93 -80.97 9.11
C PHE W 199 -28.40 -82.39 9.42
N ASP W 200 -29.60 -82.58 10.01
CA ASP W 200 -30.22 -83.87 10.20
C ASP W 200 -30.54 -84.57 8.87
N LYS W 201 -31.07 -83.82 7.88
CA LYS W 201 -31.23 -84.28 6.50
C LYS W 201 -29.91 -84.67 5.83
N LEU W 202 -28.83 -83.87 6.02
CA LEU W 202 -27.48 -84.21 5.56
C LEU W 202 -26.95 -85.49 6.18
N LYS W 203 -27.10 -85.67 7.51
CA LYS W 203 -26.71 -86.88 8.23
C LYS W 203 -27.51 -88.10 7.82
N LYS W 204 -28.84 -87.96 7.62
CA LYS W 204 -29.74 -89.01 7.18
C LYS W 204 -29.35 -89.62 5.86
N GLU W 205 -29.09 -88.76 4.86
CA GLU W 205 -28.65 -89.12 3.54
C GLU W 205 -27.23 -89.69 3.54
N ARG W 206 -26.30 -89.23 4.42
CA ARG W 206 -24.96 -89.81 4.53
C ARG W 206 -24.96 -91.26 4.97
N GLY W 207 -25.84 -91.65 5.92
CA GLY W 207 -25.95 -93.03 6.37
C GLY W 207 -26.57 -93.97 5.38
N LEU W 208 -27.35 -93.44 4.42
CA LEU W 208 -27.80 -94.18 3.25
C LEU W 208 -26.76 -94.19 2.14
N GLY W 209 -25.73 -93.33 2.21
CA GLY W 209 -24.73 -93.17 1.16
C GLY W 209 -25.16 -92.29 0.00
N ASN W 210 -26.35 -91.68 0.09
CA ASN W 210 -26.98 -90.96 -1.01
C ASN W 210 -26.63 -89.47 -1.03
N LYS W 211 -26.13 -88.90 0.08
CA LYS W 211 -25.64 -87.51 0.12
C LYS W 211 -24.30 -87.30 -0.54
N LYS W 212 -23.44 -88.31 -0.42
CA LYS W 212 -22.08 -88.23 -0.86
C LYS W 212 -22.02 -88.74 -2.28
N HIS W 213 -21.06 -88.21 -3.06
CA HIS W 213 -20.83 -88.59 -4.45
C HIS W 213 -21.87 -88.04 -5.42
N ARG W 214 -22.82 -87.24 -4.92
CA ARG W 214 -23.97 -86.82 -5.67
C ARG W 214 -24.13 -85.31 -5.55
N LYS W 215 -24.14 -84.60 -6.69
CA LYS W 215 -24.23 -83.14 -6.74
C LYS W 215 -25.68 -82.67 -6.78
N GLU W 216 -26.64 -83.60 -6.78
CA GLU W 216 -28.06 -83.33 -6.70
C GLU W 216 -28.50 -83.05 -5.27
N VAL W 217 -28.37 -81.80 -4.82
CA VAL W 217 -28.64 -81.40 -3.45
C VAL W 217 -29.42 -80.11 -3.50
N SER W 218 -30.08 -79.72 -2.39
CA SER W 218 -30.75 -78.43 -2.29
C SER W 218 -29.78 -77.27 -2.14
N ASP W 219 -30.04 -76.16 -2.87
CA ASP W 219 -29.32 -74.90 -2.71
C ASP W 219 -29.50 -74.31 -1.32
N LEU W 220 -28.40 -73.82 -0.72
CA LEU W 220 -28.40 -73.23 0.61
C LEU W 220 -27.80 -71.83 0.54
N ILE W 221 -28.57 -70.80 0.93
CA ILE W 221 -28.17 -69.40 0.85
C ILE W 221 -28.08 -68.81 2.24
N LYS W 222 -27.35 -67.68 2.38
CA LYS W 222 -27.07 -67.07 3.66
C LYS W 222 -27.56 -65.62 3.69
N GLU W 223 -28.58 -65.29 2.89
CA GLU W 223 -29.00 -63.91 2.64
C GLU W 223 -30.06 -63.43 3.61
N CYS W 224 -30.91 -64.36 4.10
CA CYS W 224 -31.97 -64.11 5.05
C CYS W 224 -31.47 -63.55 6.37
N GLN W 225 -30.36 -64.09 6.91
CA GLN W 225 -29.72 -63.56 8.10
C GLN W 225 -29.15 -62.16 7.90
N GLN W 226 -28.56 -61.89 6.71
CA GLN W 226 -27.98 -60.62 6.33
C GLN W 226 -29.00 -59.50 6.17
N SER W 227 -30.17 -59.77 5.56
CA SER W 227 -31.26 -58.81 5.51
C SER W 227 -31.85 -58.51 6.88
N LEU W 228 -31.95 -59.52 7.77
CA LEU W 228 -32.32 -59.32 9.16
C LEU W 228 -31.40 -58.50 10.01
N ALA W 229 -30.09 -58.61 9.77
CA ALA W 229 -29.08 -57.80 10.37
C ALA W 229 -29.26 -56.31 10.09
N HIS W 230 -29.63 -55.98 8.84
CA HIS W 230 -30.05 -54.65 8.45
C HIS W 230 -31.33 -54.23 9.15
N SER W 231 -32.35 -55.12 9.23
CA SER W 231 -33.62 -54.82 9.88
C SER W 231 -33.48 -54.50 11.34
N LEU W 232 -32.69 -55.30 12.07
CA LEU W 232 -32.39 -55.08 13.46
C LEU W 232 -31.64 -53.77 13.71
N TYR W 233 -30.63 -53.43 12.87
CA TYR W 233 -29.92 -52.16 12.90
C TYR W 233 -30.84 -50.97 12.73
N SER W 234 -31.74 -51.05 11.75
CA SER W 234 -32.71 -50.02 11.47
C SER W 234 -33.65 -49.73 12.58
N TRP W 235 -34.12 -50.76 13.30
CA TRP W 235 -34.95 -50.60 14.47
C TRP W 235 -34.26 -49.85 15.60
N SER W 236 -32.94 -50.03 15.73
CA SER W 236 -32.13 -49.19 16.59
C SER W 236 -32.08 -47.73 16.14
N CYS W 237 -31.87 -47.47 14.82
CA CYS W 237 -31.82 -46.14 14.18
C CYS W 237 -33.11 -45.38 14.20
N GLN W 238 -34.23 -46.06 14.00
CA GLN W 238 -35.53 -45.44 14.05
C GLN W 238 -35.95 -45.08 15.48
N THR W 239 -35.35 -45.75 16.51
CA THR W 239 -35.68 -45.71 17.95
C THR W 239 -36.50 -46.91 18.51
N PRO W 240 -37.32 -47.75 17.85
CA PRO W 240 -38.23 -48.73 18.46
C PRO W 240 -37.74 -49.70 19.50
N LEU W 241 -36.50 -50.17 19.41
CA LEU W 241 -35.95 -51.11 20.37
C LEU W 241 -35.05 -50.41 21.37
N ASN W 242 -35.56 -49.35 21.99
CA ASN W 242 -34.79 -48.59 22.97
C ASN W 242 -35.66 -48.23 24.18
N ARG W 243 -35.04 -48.25 25.36
CA ARG W 243 -33.63 -48.60 25.49
C ARG W 243 -33.42 -49.68 26.54
N GLU W 244 -34.48 -50.45 26.81
CA GLU W 244 -34.42 -51.51 27.80
C GLU W 244 -34.12 -52.86 27.13
N ASP W 245 -33.87 -52.83 25.83
CA ASP W 245 -33.57 -54.04 25.08
C ASP W 245 -32.06 -54.21 24.89
N THR W 246 -31.29 -53.44 25.64
CA THR W 246 -29.83 -53.50 25.57
C THR W 246 -29.30 -54.77 26.23
N LEU W 247 -29.69 -54.98 27.48
CA LEU W 247 -29.26 -56.14 28.23
C LEU W 247 -29.64 -57.45 27.57
N LEU W 248 -30.86 -57.54 27.01
CA LEU W 248 -31.30 -58.68 26.24
C LEU W 248 -30.48 -58.90 24.96
N LEU W 249 -30.15 -57.82 24.22
CA LEU W 249 -29.25 -57.83 23.07
C LEU W 249 -27.82 -58.23 23.41
N ILE W 250 -27.26 -57.71 24.52
CA ILE W 250 -25.95 -58.08 25.05
C ILE W 250 -25.89 -59.56 25.43
N GLY W 251 -26.95 -60.08 26.07
CA GLY W 251 -27.08 -61.51 26.34
C GLY W 251 -27.29 -62.33 25.09
N TYR W 252 -27.99 -61.80 24.08
CA TYR W 252 -28.17 -62.44 22.80
C TYR W 252 -26.87 -62.62 22.03
N LEU W 253 -26.04 -61.57 21.94
CA LEU W 253 -24.75 -61.59 21.24
C LEU W 253 -23.71 -62.46 21.93
N GLU W 254 -23.78 -62.58 23.28
CA GLU W 254 -22.93 -63.49 24.03
C GLU W 254 -23.18 -64.96 23.72
N LYS W 255 -24.45 -65.34 23.49
CA LYS W 255 -24.81 -66.68 23.03
C LYS W 255 -24.15 -67.16 21.76
N VAL W 256 -24.03 -68.49 21.65
CA VAL W 256 -23.37 -69.15 20.53
C VAL W 256 -24.41 -69.82 19.66
N THR W 257 -24.19 -69.89 18.35
CA THR W 257 -25.01 -70.73 17.48
C THR W 257 -24.63 -72.20 17.65
N VAL W 258 -25.56 -73.16 17.41
CA VAL W 258 -25.35 -74.60 17.63
C VAL W 258 -24.20 -75.19 16.83
N GLU W 259 -24.05 -74.81 15.54
CA GLU W 259 -22.98 -75.31 14.69
C GLU W 259 -21.74 -74.41 14.74
N GLY W 260 -21.84 -73.21 15.37
CA GLY W 260 -20.76 -72.23 15.42
C GLY W 260 -19.94 -72.24 16.67
N ASP W 261 -19.53 -71.05 17.13
CA ASP W 261 -18.57 -70.91 18.21
C ASP W 261 -18.93 -69.64 18.98
N GLY W 262 -18.37 -69.47 20.19
CA GLY W 262 -18.77 -68.45 21.17
C GLY W 262 -18.02 -67.17 21.17
N SER W 263 -17.00 -67.04 20.34
CA SER W 263 -16.26 -65.80 20.34
C SER W 263 -15.74 -65.49 18.96
N LEU W 264 -15.66 -66.49 18.06
CA LEU W 264 -15.10 -66.31 16.74
C LEU W 264 -16.15 -66.44 15.64
N ASP W 265 -17.46 -66.44 15.98
CA ASP W 265 -18.48 -66.27 14.97
C ASP W 265 -18.40 -64.84 14.41
N LYS W 266 -18.27 -64.71 13.07
CA LYS W 266 -18.20 -63.45 12.37
C LYS W 266 -19.55 -62.78 12.27
N VAL W 267 -20.66 -63.48 12.61
CA VAL W 267 -22.01 -62.93 12.66
C VAL W 267 -22.13 -61.76 13.65
N ASN W 268 -21.24 -61.76 14.68
CA ASN W 268 -21.04 -60.72 15.69
C ASN W 268 -20.89 -59.32 15.12
N LEU W 269 -20.23 -59.17 13.95
CA LEU W 269 -20.06 -57.92 13.23
C LEU W 269 -21.38 -57.25 12.86
N THR W 270 -22.43 -58.05 12.56
CA THR W 270 -23.74 -57.57 12.15
C THR W 270 -24.46 -56.81 13.26
N LEU W 271 -24.18 -57.14 14.54
CA LEU W 271 -24.75 -56.43 15.68
C LEU W 271 -23.94 -55.21 16.09
N LEU W 272 -22.67 -55.05 15.63
CA LEU W 272 -21.84 -53.94 16.04
C LEU W 272 -22.40 -52.60 15.67
N MET W 273 -22.97 -52.42 14.45
CA MET W 273 -23.51 -51.14 14.06
C MET W 273 -24.55 -50.57 14.99
N SER W 274 -25.50 -51.43 15.42
CA SER W 274 -26.48 -51.09 16.43
C SER W 274 -25.80 -50.77 17.74
N LEU W 275 -24.95 -51.68 18.29
CA LEU W 275 -24.33 -51.50 19.59
C LEU W 275 -23.47 -50.27 19.70
N LEU W 276 -22.58 -50.01 18.71
CA LEU W 276 -21.71 -48.87 18.69
C LEU W 276 -22.50 -47.58 18.69
N TYR W 277 -23.45 -47.45 17.74
CA TYR W 277 -24.30 -46.28 17.63
C TYR W 277 -25.13 -46.05 18.86
N CYS W 278 -25.65 -47.14 19.42
CA CYS W 278 -26.42 -47.05 20.61
C CYS W 278 -25.59 -46.51 21.75
N LEU W 279 -24.36 -47.01 21.98
CA LEU W 279 -23.46 -46.41 22.98
C LEU W 279 -23.16 -44.95 22.71
N ASP W 280 -22.87 -44.62 21.43
CA ASP W 280 -22.47 -43.32 20.95
C ASP W 280 -23.56 -42.23 20.89
N VAL W 281 -24.87 -42.57 20.88
CA VAL W 281 -25.96 -41.61 20.76
C VAL W 281 -27.12 -42.08 21.65
N GLY W 282 -27.71 -43.24 21.36
CA GLY W 282 -28.98 -43.66 21.97
C GLY W 282 -28.97 -44.00 23.44
N PHE W 283 -27.85 -44.52 23.90
CA PHE W 283 -27.58 -44.84 25.28
C PHE W 283 -26.80 -43.71 25.92
N LEU W 284 -26.21 -42.81 25.10
CA LEU W 284 -25.48 -41.63 25.50
C LEU W 284 -26.39 -40.58 26.12
N GLU W 285 -27.48 -40.23 25.43
CA GLU W 285 -28.29 -39.10 25.81
C GLU W 285 -29.77 -39.25 25.53
N GLN W 286 -30.19 -40.22 24.70
CA GLN W 286 -31.61 -40.50 24.52
C GLN W 286 -32.13 -41.27 25.74
N GLY W 287 -32.13 -42.62 25.68
CA GLY W 287 -32.81 -43.45 26.68
C GLY W 287 -34.31 -43.43 26.55
N THR W 288 -35.01 -44.35 27.24
CA THR W 288 -36.44 -44.24 27.43
C THR W 288 -36.73 -43.76 28.84
N ASP W 289 -37.88 -43.09 29.02
CA ASP W 289 -38.40 -42.54 30.25
C ASP W 289 -39.38 -43.48 30.92
N ASP W 290 -39.15 -44.80 30.85
CA ASP W 290 -40.05 -45.81 31.39
C ASP W 290 -39.28 -46.87 32.20
N ARG W 291 -39.54 -48.16 31.93
CA ARG W 291 -38.84 -49.36 32.44
C ARG W 291 -38.38 -49.45 33.88
N GLU W 292 -39.18 -48.95 34.81
CA GLU W 292 -39.02 -48.87 36.25
C GLU W 292 -39.21 -50.26 36.86
N GLU W 293 -38.17 -51.10 36.69
CA GLU W 293 -38.04 -52.44 37.24
C GLU W 293 -37.68 -52.42 38.73
N LEU W 294 -37.47 -51.20 39.25
CA LEU W 294 -37.12 -50.91 40.62
C LEU W 294 -37.90 -49.66 40.99
N MET W 295 -38.19 -49.46 42.29
CA MET W 295 -39.04 -48.37 42.76
C MET W 295 -38.30 -47.14 43.27
N LYS W 296 -37.03 -47.29 43.68
CA LYS W 296 -36.24 -46.18 44.20
C LYS W 296 -35.02 -45.91 43.34
N GLN W 297 -34.87 -46.65 42.23
CA GLN W 297 -33.76 -46.50 41.29
C GLN W 297 -34.05 -45.47 40.25
N ALA W 298 -35.28 -45.50 39.74
CA ALA W 298 -35.68 -44.59 38.73
C ALA W 298 -36.96 -43.97 39.17
N SER W 299 -37.26 -42.86 38.50
CA SER W 299 -38.45 -42.10 38.72
C SER W 299 -39.03 -41.99 37.33
N MET W 300 -39.98 -41.06 37.13
CA MET W 300 -40.62 -40.76 35.86
C MET W 300 -39.68 -40.57 34.68
N PHE W 301 -38.46 -40.06 34.92
CA PHE W 301 -37.46 -39.93 33.88
C PHE W 301 -36.47 -41.03 34.10
N MET W 302 -36.43 -42.02 33.21
CA MET W 302 -35.53 -43.15 33.34
C MET W 302 -34.24 -42.94 32.53
N ASP W 303 -34.19 -41.96 31.60
CA ASP W 303 -33.08 -41.53 30.76
C ASP W 303 -31.67 -41.70 31.35
N ARG W 304 -31.33 -40.81 32.31
CA ARG W 304 -30.12 -40.82 33.11
C ARG W 304 -30.08 -41.93 34.13
N GLN W 305 -31.22 -42.31 34.72
CA GLN W 305 -31.32 -43.35 35.73
C GLN W 305 -30.88 -44.73 35.21
N TYR W 306 -31.27 -45.09 33.97
CA TYR W 306 -30.85 -46.29 33.30
C TYR W 306 -29.37 -46.25 32.89
N ILE W 307 -28.85 -45.09 32.45
CA ILE W 307 -27.42 -44.93 32.14
C ILE W 307 -26.56 -45.31 33.34
N ALA W 308 -26.95 -44.81 34.52
CA ALA W 308 -26.37 -45.14 35.80
C ALA W 308 -26.55 -46.62 36.18
N ALA W 309 -27.74 -47.21 35.95
CA ALA W 309 -28.00 -48.63 36.17
C ALA W 309 -27.14 -49.55 35.31
N ILE W 310 -26.94 -49.24 34.01
CA ILE W 310 -26.02 -49.95 33.13
C ILE W 310 -24.60 -49.83 33.59
N HIS W 311 -24.16 -48.62 33.99
CA HIS W 311 -22.81 -48.39 34.50
C HIS W 311 -22.47 -49.29 35.69
N ASN W 312 -23.36 -49.36 36.69
CA ASN W 312 -23.25 -50.26 37.84
C ASN W 312 -23.32 -51.75 37.50
N ARG W 313 -24.22 -52.12 36.55
CA ARG W 313 -24.45 -53.49 36.09
C ARG W 313 -23.24 -54.12 35.40
N LEU W 314 -22.53 -53.29 34.62
CA LEU W 314 -21.37 -53.63 33.86
C LEU W 314 -20.12 -53.77 34.71
N GLN W 315 -19.52 -54.97 34.71
CA GLN W 315 -18.41 -55.22 35.61
C GLN W 315 -17.60 -56.33 34.99
N ASN W 316 -16.48 -56.69 35.64
CA ASN W 316 -15.73 -57.88 35.31
C ASN W 316 -16.17 -58.95 36.26
N THR W 317 -16.28 -60.20 35.77
CA THR W 317 -16.72 -61.32 36.56
C THR W 317 -15.77 -62.44 36.22
N GLN W 318 -15.75 -63.52 37.01
CA GLN W 318 -14.89 -64.68 36.78
C GLN W 318 -15.06 -65.33 35.39
N PRO W 319 -16.23 -65.61 34.81
CA PRO W 319 -16.29 -66.15 33.48
C PRO W 319 -16.45 -65.03 32.46
N TRP W 320 -16.30 -63.71 32.79
CA TRP W 320 -16.40 -62.62 31.83
C TRP W 320 -15.26 -62.61 30.80
N LYS W 321 -14.13 -63.26 31.12
CA LYS W 321 -13.01 -63.36 30.22
C LYS W 321 -13.20 -64.38 29.10
N SER W 322 -14.16 -65.33 29.20
CA SER W 322 -14.57 -66.15 28.05
C SER W 322 -15.47 -65.38 27.06
N PRO W 323 -16.51 -64.59 27.39
CA PRO W 323 -17.12 -63.64 26.44
C PRO W 323 -16.32 -62.37 26.22
N GLY W 324 -15.18 -62.42 25.52
CA GLY W 324 -14.38 -61.22 25.24
C GLY W 324 -15.09 -60.15 24.41
N MET W 325 -16.12 -60.56 23.64
CA MET W 325 -17.04 -59.66 22.97
C MET W 325 -17.81 -58.76 23.94
N GLN W 326 -18.33 -59.29 25.07
CA GLN W 326 -19.01 -58.50 26.07
C GLN W 326 -18.10 -57.48 26.72
N ALA W 327 -16.82 -57.85 26.95
CA ALA W 327 -15.81 -56.97 27.48
C ALA W 327 -15.58 -55.75 26.59
N THR W 328 -15.48 -55.95 25.27
CA THR W 328 -15.30 -54.91 24.26
C THR W 328 -16.43 -53.94 24.15
N VAL W 329 -17.67 -54.46 24.14
CA VAL W 329 -18.89 -53.67 24.14
C VAL W 329 -19.03 -52.85 25.42
N ARG W 330 -18.71 -53.47 26.58
CA ARG W 330 -18.65 -52.83 27.88
C ARG W 330 -17.59 -51.75 27.99
N LEU W 331 -16.40 -51.97 27.42
CA LEU W 331 -15.41 -50.91 27.33
C LEU W 331 -15.86 -49.75 26.46
N ALA W 332 -16.43 -50.01 25.27
CA ALA W 332 -16.94 -49.01 24.36
C ALA W 332 -18.01 -48.13 25.01
N TRP W 333 -18.82 -48.70 25.92
CA TRP W 333 -19.68 -47.93 26.79
C TRP W 333 -18.95 -46.95 27.69
N ALA W 334 -17.87 -47.39 28.37
CA ALA W 334 -17.08 -46.52 29.24
C ALA W 334 -16.43 -45.36 28.48
N LEU W 335 -15.96 -45.61 27.23
CA LEU W 335 -15.50 -44.60 26.28
C LEU W 335 -16.52 -43.51 26.01
N ALA W 336 -17.76 -43.91 25.66
CA ALA W 336 -18.85 -42.97 25.47
C ALA W 336 -19.24 -42.29 26.79
N LEU W 337 -19.37 -43.09 27.88
CA LEU W 337 -19.82 -42.69 29.22
C LEU W 337 -19.00 -41.59 29.85
N ARG W 338 -17.70 -41.55 29.55
CA ARG W 338 -16.82 -40.47 29.89
C ARG W 338 -17.28 -39.09 29.40
N GLY W 339 -17.86 -38.99 28.19
CA GLY W 339 -18.39 -37.75 27.63
C GLY W 339 -19.82 -37.43 28.02
N ILE W 340 -20.59 -38.41 28.53
CA ILE W 340 -21.99 -38.18 28.94
C ILE W 340 -22.08 -37.60 30.32
N SER W 341 -21.05 -37.94 31.12
CA SER W 341 -20.88 -37.41 32.46
C SER W 341 -20.54 -35.94 32.40
N GLN W 342 -21.50 -35.09 32.83
CA GLN W 342 -21.42 -33.64 32.79
C GLN W 342 -20.27 -33.09 33.63
N PHE W 343 -20.04 -33.71 34.80
CA PHE W 343 -18.96 -33.32 35.67
C PHE W 343 -18.72 -34.47 36.64
N SER W 344 -17.68 -34.37 37.49
CA SER W 344 -17.31 -35.39 38.47
C SER W 344 -18.16 -35.35 39.74
N GLU W 345 -19.33 -34.67 39.72
CA GLU W 345 -20.15 -34.44 40.89
C GLU W 345 -20.71 -35.68 41.57
N VAL W 346 -21.32 -36.60 40.79
CA VAL W 346 -21.83 -37.88 41.28
C VAL W 346 -20.72 -38.92 41.36
N LEU W 347 -19.75 -38.87 40.44
CA LEU W 347 -18.94 -40.03 40.12
C LEU W 347 -17.48 -39.84 40.49
N GLU W 348 -16.90 -40.78 41.26
CA GLU W 348 -15.46 -40.86 41.40
C GLU W 348 -14.84 -41.50 40.16
N PHE W 349 -13.93 -40.79 39.48
CA PHE W 349 -13.26 -41.20 38.27
C PHE W 349 -12.39 -42.44 38.48
N SER W 350 -11.71 -42.52 39.66
CA SER W 350 -10.80 -43.61 39.97
C SER W 350 -11.48 -44.82 40.61
N GLU W 351 -12.81 -44.87 40.60
CA GLU W 351 -13.58 -46.07 40.90
C GLU W 351 -14.61 -46.36 39.82
N ALA W 352 -15.19 -45.32 39.16
CA ALA W 352 -16.29 -45.48 38.24
C ALA W 352 -15.88 -45.46 36.76
N ASP W 353 -14.60 -45.29 36.42
CA ASP W 353 -14.21 -45.30 35.00
C ASP W 353 -12.90 -46.05 34.92
N GLU W 354 -11.83 -45.43 35.46
CA GLU W 354 -10.48 -45.86 35.21
C GLU W 354 -10.16 -47.31 35.59
N PRO W 355 -10.51 -47.90 36.75
CA PRO W 355 -10.39 -49.33 37.02
C PRO W 355 -11.18 -50.17 36.07
N MET W 356 -12.46 -49.87 35.84
CA MET W 356 -13.33 -50.69 35.02
C MET W 356 -12.88 -50.79 33.57
N ALA W 357 -12.40 -49.66 33.00
CA ALA W 357 -11.73 -49.61 31.73
C ALA W 357 -10.38 -50.34 31.73
N GLU W 358 -9.53 -50.20 32.77
CA GLU W 358 -8.27 -50.93 32.91
C GLU W 358 -8.42 -52.44 33.03
N ILE W 359 -9.39 -52.86 33.84
CA ILE W 359 -9.83 -54.23 34.01
C ILE W 359 -10.33 -54.82 32.71
N ALA W 360 -11.06 -54.02 31.91
CA ALA W 360 -11.43 -54.39 30.57
C ALA W 360 -10.20 -54.56 29.65
N ILE W 361 -9.20 -53.63 29.68
CA ILE W 361 -7.94 -53.71 28.95
C ILE W 361 -7.20 -55.01 29.27
N GLY W 362 -7.14 -55.36 30.57
CA GLY W 362 -6.58 -56.64 31.03
C GLY W 362 -7.44 -57.87 30.81
N GLY W 363 -8.62 -57.68 30.20
CA GLY W 363 -9.50 -58.75 29.72
C GLY W 363 -9.52 -58.91 28.22
N ASN W 364 -8.63 -58.23 27.46
CA ASN W 364 -8.41 -58.42 26.02
C ASN W 364 -9.37 -57.66 25.12
N VAL W 365 -9.97 -56.56 25.61
CA VAL W 365 -10.87 -55.74 24.81
C VAL W 365 -10.30 -55.07 23.58
N PHE W 366 -9.06 -54.55 23.65
CA PHE W 366 -8.36 -53.94 22.55
C PHE W 366 -8.02 -54.96 21.49
N LEU W 367 -7.67 -56.21 21.89
CA LEU W 367 -7.49 -57.32 20.99
C LEU W 367 -8.77 -57.65 20.21
N PHE W 368 -9.93 -57.74 20.88
CA PHE W 368 -11.22 -57.91 20.22
C PHE W 368 -11.66 -56.73 19.35
N LEU W 369 -11.38 -55.47 19.75
CA LEU W 369 -11.57 -54.32 18.86
C LEU W 369 -10.70 -54.45 17.60
N THR W 370 -9.41 -54.84 17.75
CA THR W 370 -8.49 -55.13 16.64
C THR W 370 -9.02 -56.23 15.75
N GLU W 371 -9.57 -57.31 16.34
CA GLU W 371 -10.22 -58.41 15.64
C GLU W 371 -11.45 -58.02 14.84
N ALA W 372 -12.34 -57.15 15.40
CA ALA W 372 -13.48 -56.57 14.71
C ALA W 372 -13.09 -55.75 13.49
N VAL W 373 -12.02 -54.96 13.63
CA VAL W 373 -11.44 -54.19 12.57
C VAL W 373 -10.68 -55.00 11.49
N VAL W 374 -9.76 -55.92 11.87
CA VAL W 374 -8.92 -56.69 10.94
C VAL W 374 -9.75 -57.65 10.11
N GLY W 375 -10.85 -58.17 10.71
CA GLY W 375 -11.78 -59.05 10.03
C GLY W 375 -12.86 -58.33 9.29
N SER W 376 -12.61 -57.06 8.90
CA SER W 376 -13.45 -56.26 8.03
C SER W 376 -13.72 -56.92 6.69
N GLU W 377 -14.98 -56.85 6.24
CA GLU W 377 -15.43 -57.55 5.06
C GLU W 377 -16.52 -56.67 4.50
N SER W 378 -16.66 -56.63 3.15
CA SER W 378 -17.65 -55.80 2.47
C SER W 378 -19.08 -56.28 2.70
N PHE W 379 -19.97 -55.39 3.18
CA PHE W 379 -21.34 -55.75 3.51
C PHE W 379 -22.28 -54.68 3.00
N CYS W 380 -23.59 -54.96 2.89
CA CYS W 380 -24.56 -53.99 2.38
C CYS W 380 -24.68 -52.74 3.25
N THR W 381 -24.56 -52.93 4.58
CA THR W 381 -24.67 -51.91 5.59
C THR W 381 -23.31 -51.33 5.96
N ASP W 382 -22.33 -51.37 5.04
CA ASP W 382 -20.97 -50.88 5.20
C ASP W 382 -20.92 -49.43 5.69
N GLU W 383 -21.77 -48.52 5.17
CA GLU W 383 -21.85 -47.12 5.58
C GLU W 383 -22.13 -46.95 7.06
N PHE W 384 -23.15 -47.66 7.61
CA PHE W 384 -23.44 -47.66 9.03
C PHE W 384 -22.31 -48.27 9.83
N PHE W 385 -21.72 -49.39 9.38
CA PHE W 385 -20.58 -50.02 10.05
C PHE W 385 -19.40 -49.08 10.14
N ILE W 386 -18.96 -48.53 8.99
CA ILE W 386 -17.86 -47.59 8.86
C ILE W 386 -18.07 -46.34 9.65
N ARG W 387 -19.25 -45.72 9.54
CA ARG W 387 -19.50 -44.47 10.17
C ARG W 387 -19.61 -44.56 11.69
N ARG W 388 -20.18 -45.67 12.23
CA ARG W 388 -20.21 -45.93 13.65
C ARG W 388 -18.91 -46.40 14.23
N ILE W 389 -18.21 -47.32 13.54
CA ILE W 389 -16.92 -47.79 13.99
C ILE W 389 -15.88 -46.67 13.94
N HIS W 390 -15.91 -45.79 12.91
CA HIS W 390 -15.14 -44.56 12.89
C HIS W 390 -15.41 -43.70 14.10
N LYS W 391 -16.69 -43.52 14.50
CA LYS W 391 -17.02 -42.78 15.70
C LYS W 391 -16.47 -43.42 16.99
N LEU W 392 -16.59 -44.74 17.19
CA LEU W 392 -15.99 -45.40 18.35
C LEU W 392 -14.46 -45.26 18.35
N VAL W 393 -13.84 -45.40 17.15
CA VAL W 393 -12.41 -45.25 16.99
C VAL W 393 -11.95 -43.80 17.07
N THR W 394 -12.82 -42.79 16.92
CA THR W 394 -12.48 -41.40 17.21
C THR W 394 -12.78 -41.06 18.66
N ASP W 395 -13.88 -41.54 19.27
CA ASP W 395 -14.19 -41.32 20.69
C ASP W 395 -13.15 -41.89 21.66
N PHE W 396 -12.49 -43.02 21.32
CA PHE W 396 -11.33 -43.50 22.05
C PHE W 396 -10.11 -42.53 22.09
N PRO W 397 -9.57 -41.92 21.02
CA PRO W 397 -8.57 -40.87 21.07
C PRO W 397 -9.10 -39.65 21.76
N THR W 398 -10.42 -39.37 21.67
CA THR W 398 -11.00 -38.16 22.27
C THR W 398 -11.08 -38.11 23.77
N LEU W 399 -11.69 -39.15 24.35
CA LEU W 399 -12.14 -39.14 25.71
C LEU W 399 -11.25 -39.99 26.60
N MET W 400 -10.41 -40.87 26.01
CA MET W 400 -9.54 -41.76 26.74
C MET W 400 -8.02 -41.56 26.73
N PRO W 401 -7.34 -40.44 26.44
CA PRO W 401 -5.88 -40.37 26.39
C PRO W 401 -5.15 -40.73 27.66
N MET W 402 -5.80 -40.59 28.83
CA MET W 402 -5.31 -41.08 30.10
C MET W 402 -5.05 -42.57 30.08
N LYS W 403 -5.99 -43.36 29.53
CA LYS W 403 -5.83 -44.80 29.37
C LYS W 403 -4.74 -45.15 28.40
N VAL W 404 -4.63 -44.39 27.28
CA VAL W 404 -3.57 -44.55 26.32
C VAL W 404 -2.21 -44.32 26.98
N LYS W 405 -2.03 -43.19 27.72
CA LYS W 405 -0.83 -42.87 28.47
C LYS W 405 -0.52 -43.85 29.58
N GLN W 406 -1.53 -44.29 30.36
CA GLN W 406 -1.36 -45.27 31.42
C GLN W 406 -0.76 -46.57 30.93
N LEU W 407 -1.31 -47.09 29.82
CA LEU W 407 -0.84 -48.27 29.16
C LEU W 407 0.56 -48.12 28.60
N ARG W 408 0.80 -47.14 27.73
CA ARG W 408 2.07 -47.07 27.03
C ARG W 408 3.19 -46.44 27.81
N ASN W 409 2.98 -45.28 28.46
CA ASN W 409 4.08 -44.43 28.89
C ASN W 409 4.52 -44.85 30.27
N ARG W 410 3.83 -45.83 30.88
CA ARG W 410 4.12 -46.30 32.22
C ARG W 410 4.15 -47.81 32.22
N ALA W 411 3.08 -48.51 31.81
CA ALA W 411 3.05 -49.96 31.92
C ALA W 411 3.81 -50.74 30.86
N GLU W 412 3.75 -50.36 29.56
CA GLU W 412 4.46 -51.07 28.50
C GLU W 412 5.96 -50.96 28.61
N GLU W 413 6.48 -49.71 28.71
CA GLU W 413 7.90 -49.43 28.72
C GLU W 413 8.63 -50.12 29.87
N ASP W 414 8.02 -50.08 31.06
CA ASP W 414 8.48 -50.73 32.27
C ASP W 414 8.46 -52.26 32.23
N ALA W 415 7.39 -52.89 31.69
CA ALA W 415 7.14 -54.30 31.97
C ALA W 415 8.16 -55.35 31.54
N ARG W 416 8.29 -55.60 30.22
CA ARG W 416 9.28 -56.51 29.68
C ARG W 416 10.11 -55.81 28.62
N LEU W 417 9.83 -54.53 28.31
CA LEU W 417 10.63 -53.82 27.34
C LEU W 417 11.97 -53.38 27.90
N ILE W 418 11.99 -52.85 29.14
CA ILE W 418 13.22 -52.40 29.79
C ILE W 418 14.10 -53.58 30.26
N GLN W 419 13.51 -54.79 30.34
CA GLN W 419 14.18 -56.02 30.72
C GLN W 419 14.74 -56.77 29.51
N MET W 420 15.94 -56.42 29.05
CA MET W 420 16.47 -56.90 27.77
C MET W 420 17.40 -58.12 27.87
N SER W 421 17.52 -58.73 29.07
CA SER W 421 18.41 -59.86 29.32
C SER W 421 17.63 -61.12 29.60
N MET W 422 16.51 -61.35 28.87
CA MET W 422 15.63 -62.47 29.11
C MET W 422 15.29 -63.17 27.80
N GLN W 423 14.84 -64.44 27.87
CA GLN W 423 14.36 -65.17 26.70
C GLN W 423 12.88 -64.91 26.51
N MET W 424 12.53 -63.92 25.68
CA MET W 424 11.16 -63.64 25.32
C MET W 424 10.78 -64.50 24.11
N GLY W 425 9.78 -65.43 24.26
CA GLY W 425 9.11 -66.15 23.16
C GLY W 425 8.22 -65.15 22.41
N ASN W 426 7.26 -65.54 21.53
CA ASN W 426 6.32 -64.57 20.92
C ASN W 426 5.07 -64.29 21.76
N GLU W 427 4.70 -65.18 22.70
CA GLU W 427 3.66 -64.91 23.68
C GLU W 427 4.01 -63.82 24.72
N PRO W 428 5.15 -63.77 25.43
CA PRO W 428 5.48 -62.63 26.31
C PRO W 428 5.55 -61.18 25.73
N PRO W 429 5.95 -60.85 24.49
CA PRO W 429 5.86 -59.52 23.89
C PRO W 429 4.43 -59.10 23.64
N ALA W 430 3.42 -59.93 23.90
CA ALA W 430 2.04 -59.59 23.66
C ALA W 430 1.19 -60.16 24.80
N SER W 431 -0.14 -59.93 24.84
CA SER W 431 -0.84 -58.78 24.31
C SER W 431 -0.84 -57.65 25.29
N LEU W 432 -1.08 -57.92 26.59
CA LEU W 432 -1.49 -56.95 27.61
C LEU W 432 -0.71 -55.65 27.69
N ARG W 433 0.62 -55.71 27.68
CA ARG W 433 1.39 -54.50 27.76
C ARG W 433 1.48 -53.82 26.42
N ARG W 434 1.33 -54.58 25.33
CA ARG W 434 1.44 -54.16 23.95
C ARG W 434 0.04 -53.96 23.38
N ASP W 435 -0.97 -53.73 24.24
CA ASP W 435 -2.34 -53.49 23.89
C ASP W 435 -2.50 -52.13 23.22
N LEU W 436 -1.49 -51.24 23.32
CA LEU W 436 -1.41 -50.07 22.49
C LEU W 436 -1.07 -50.37 21.04
N GLU W 437 -0.12 -51.27 20.76
CA GLU W 437 0.21 -51.74 19.45
C GLU W 437 -0.97 -52.38 18.76
N HIS W 438 -1.80 -53.10 19.54
CA HIS W 438 -3.11 -53.54 19.11
C HIS W 438 -4.01 -52.38 18.68
N LEU W 439 -4.13 -51.30 19.46
CA LEU W 439 -4.84 -50.09 19.07
C LEU W 439 -4.27 -49.40 17.83
N LEU W 440 -2.95 -49.33 17.67
CA LEU W 440 -2.30 -48.83 16.47
C LEU W 440 -2.65 -49.65 15.23
N LEU W 441 -2.69 -50.99 15.35
CA LEU W 441 -3.11 -51.89 14.28
C LEU W 441 -4.60 -51.85 13.99
N LEU W 442 -5.44 -51.56 15.00
CA LEU W 442 -6.83 -51.19 14.83
C LEU W 442 -6.99 -49.95 13.95
N ILE W 443 -6.19 -48.89 14.16
CA ILE W 443 -6.19 -47.76 13.25
C ILE W 443 -5.71 -48.16 11.87
N GLY W 444 -4.59 -48.91 11.81
CA GLY W 444 -4.01 -49.45 10.58
C GLY W 444 -4.98 -50.15 9.69
N GLU W 445 -5.69 -51.16 10.20
CA GLU W 445 -6.63 -51.91 9.40
C GLU W 445 -7.95 -51.21 9.07
N LEU W 446 -8.58 -50.45 10.01
CA LEU W 446 -9.87 -49.81 9.76
C LEU W 446 -9.84 -48.72 8.70
N TYR W 447 -8.77 -47.90 8.72
CA TYR W 447 -8.67 -46.76 7.85
C TYR W 447 -7.94 -47.10 6.55
N ARG W 448 -7.41 -48.31 6.42
CA ARG W 448 -6.70 -48.60 5.19
C ARG W 448 -7.67 -48.30 4.07
N LYS W 449 -7.21 -47.55 3.09
CA LYS W 449 -8.04 -47.13 1.96
C LYS W 449 -7.21 -46.69 0.76
N ASP W 450 -7.88 -46.48 -0.36
CA ASP W 450 -7.28 -45.77 -1.49
C ASP W 450 -6.94 -44.33 -1.11
N PRO W 451 -5.83 -43.81 -1.65
CA PRO W 451 -5.28 -42.47 -1.40
C PRO W 451 -6.22 -41.34 -1.82
N PHE W 452 -6.91 -41.52 -2.94
CA PHE W 452 -7.81 -40.49 -3.45
C PHE W 452 -8.94 -40.16 -2.47
N HIS W 453 -9.48 -41.19 -1.82
CA HIS W 453 -10.57 -40.99 -0.85
C HIS W 453 -10.14 -40.11 0.33
N LEU W 454 -8.92 -40.34 0.82
CA LEU W 454 -8.40 -39.57 1.93
C LEU W 454 -9.36 -38.53 2.52
N GLU W 455 -10.37 -38.97 3.28
CA GLU W 455 -11.35 -38.06 3.85
C GLU W 455 -11.34 -38.02 5.37
N LEU W 456 -10.60 -38.92 6.05
CA LEU W 456 -10.54 -38.96 7.50
C LEU W 456 -9.15 -38.72 8.06
N ALA W 457 -8.09 -39.25 7.42
CA ALA W 457 -6.74 -39.09 7.92
C ALA W 457 -6.27 -37.65 7.92
N LEU W 458 -6.90 -36.81 7.07
CA LEU W 458 -6.77 -35.37 7.01
C LEU W 458 -7.11 -34.66 8.32
N GLU W 459 -8.05 -35.17 9.14
CA GLU W 459 -8.41 -34.61 10.43
C GLU W 459 -7.21 -34.44 11.38
N TYR W 460 -6.18 -35.32 11.26
CA TYR W 460 -4.90 -35.19 11.93
C TYR W 460 -4.12 -33.93 11.62
N TRP W 461 -4.19 -33.44 10.37
CA TRP W 461 -3.31 -32.38 9.87
C TRP W 461 -4.02 -31.09 9.54
N CYS W 462 -5.36 -31.12 9.42
CA CYS W 462 -6.17 -30.04 8.87
C CYS W 462 -6.10 -28.73 9.66
N GLN W 486 -10.17 -26.17 23.35
CA GLN W 486 -9.71 -25.69 22.07
C GLN W 486 -8.59 -26.54 21.50
N ARG W 487 -8.02 -27.42 22.34
CA ARG W 487 -6.86 -28.18 21.99
C ARG W 487 -6.70 -29.27 23.04
N GLN W 488 -7.58 -30.31 23.19
CA GLN W 488 -7.52 -31.28 24.30
C GLN W 488 -7.39 -32.75 23.98
N VAL W 489 -6.51 -33.04 23.05
CA VAL W 489 -6.38 -34.33 22.43
C VAL W 489 -4.87 -34.37 22.22
N LEU W 490 -4.21 -35.53 22.32
CA LEU W 490 -2.75 -35.51 22.19
C LEU W 490 -2.02 -36.71 21.56
N LEU W 491 -1.14 -37.30 22.38
CA LEU W 491 -0.29 -38.49 22.15
C LEU W 491 0.98 -38.24 21.30
N SER W 492 1.24 -36.97 20.98
CA SER W 492 2.41 -36.60 20.18
C SER W 492 3.79 -36.84 20.81
N LYS W 493 3.94 -36.51 22.10
CA LYS W 493 5.23 -36.65 22.79
C LYS W 493 5.76 -38.08 22.91
N PHE W 494 4.87 -39.01 23.22
CA PHE W 494 5.20 -40.40 23.39
C PHE W 494 6.10 -40.75 22.23
N VAL W 495 5.75 -40.31 21.02
CA VAL W 495 6.63 -40.36 19.87
C VAL W 495 7.95 -39.61 20.06
N ARG W 496 7.93 -38.35 20.56
CA ARG W 496 9.15 -37.60 20.85
C ARG W 496 10.04 -38.24 21.91
N GLN W 497 9.47 -38.75 23.01
CA GLN W 497 10.18 -39.50 24.04
C GLN W 497 10.73 -40.83 23.59
N MET W 498 10.00 -41.57 22.73
CA MET W 498 10.47 -42.82 22.19
C MET W 498 11.55 -42.61 21.11
N SER W 499 11.56 -41.42 20.44
CA SER W 499 12.61 -41.00 19.51
C SER W 499 13.96 -40.75 20.14
N ASP W 500 13.97 -40.27 21.40
CA ASP W 500 15.16 -40.00 22.16
C ASP W 500 15.69 -41.28 22.84
N LEU W 501 15.05 -42.45 22.64
CA LEU W 501 15.63 -43.70 23.13
C LEU W 501 16.64 -44.27 22.16
N LEU W 502 17.92 -44.21 22.57
CA LEU W 502 19.05 -44.67 21.79
C LEU W 502 19.52 -46.10 22.02
N PRO W 503 19.12 -46.94 23.00
CA PRO W 503 19.35 -48.38 22.95
C PRO W 503 19.00 -48.99 21.63
N ALA W 504 19.88 -49.84 21.07
CA ALA W 504 19.68 -50.39 19.75
C ALA W 504 18.39 -51.18 19.67
N THR W 505 18.11 -51.98 20.72
CA THR W 505 16.84 -52.69 20.82
C THR W 505 15.65 -51.79 21.09
N LEU W 506 15.76 -50.52 21.55
CA LEU W 506 14.60 -49.62 21.62
C LEU W 506 14.38 -48.81 20.36
N TYR W 507 15.48 -48.34 19.74
CA TYR W 507 15.51 -47.54 18.53
C TYR W 507 14.79 -48.24 17.37
N LEU W 508 15.00 -49.56 17.19
CA LEU W 508 14.32 -50.32 16.14
C LEU W 508 12.84 -50.64 16.29
N PRO W 509 12.28 -51.04 17.42
CA PRO W 509 10.86 -51.04 17.68
C PRO W 509 10.25 -49.66 17.61
N TYR W 510 10.98 -48.57 17.88
CA TYR W 510 10.53 -47.23 17.57
C TYR W 510 10.29 -47.06 16.05
N LEU W 511 11.24 -47.50 15.19
CA LEU W 511 11.03 -47.54 13.74
C LEU W 511 9.87 -48.45 13.30
N LYS W 512 9.77 -49.65 13.91
CA LYS W 512 8.66 -50.56 13.69
C LYS W 512 7.30 -50.07 14.17
N MET W 513 7.25 -49.33 15.29
CA MET W 513 6.06 -48.66 15.75
C MET W 513 5.61 -47.55 14.81
N LEU W 514 6.53 -46.67 14.38
CA LEU W 514 6.23 -45.58 13.46
C LEU W 514 5.73 -46.01 12.11
N ARG W 515 6.25 -47.13 11.55
CA ARG W 515 5.72 -47.67 10.31
C ARG W 515 4.26 -48.08 10.41
N GLY W 516 3.79 -48.58 11.59
CA GLY W 516 2.39 -48.91 11.82
C GLY W 516 1.53 -47.71 12.12
N LEU W 517 2.16 -46.53 12.27
CA LEU W 517 1.47 -45.27 12.46
C LEU W 517 1.55 -44.39 11.22
N ALA W 518 2.21 -44.85 10.14
CA ALA W 518 2.37 -44.12 8.90
C ALA W 518 1.38 -44.60 7.84
N SER W 519 0.33 -45.34 8.25
CA SER W 519 -0.50 -46.12 7.33
C SER W 519 -1.32 -45.41 6.28
N GLY W 520 -2.04 -44.30 6.61
CA GLY W 520 -2.81 -43.54 5.62
C GLY W 520 -1.96 -42.78 4.67
N PRO W 521 -2.50 -42.25 3.58
CA PRO W 521 -1.74 -41.33 2.73
C PRO W 521 -1.41 -40.07 3.53
N GLN W 522 -2.38 -39.69 4.38
CA GLN W 522 -2.37 -38.61 5.33
C GLN W 522 -1.36 -38.81 6.45
N CYS W 523 -1.34 -40.01 7.09
CA CYS W 523 -0.34 -40.34 8.11
C CYS W 523 1.06 -40.52 7.59
N ALA W 524 1.25 -41.13 6.40
CA ALA W 524 2.54 -41.26 5.78
C ALA W 524 3.19 -39.92 5.53
N HIS W 525 2.38 -38.92 5.13
CA HIS W 525 2.77 -37.53 5.02
C HIS W 525 3.21 -36.88 6.36
N TYR W 526 2.52 -37.15 7.48
CA TYR W 526 2.97 -36.71 8.81
C TYR W 526 4.24 -37.40 9.28
N CYS W 527 4.39 -38.71 9.02
CA CYS W 527 5.63 -39.42 9.31
C CYS W 527 6.82 -38.96 8.46
N PHE W 528 6.57 -38.57 7.20
CA PHE W 528 7.50 -37.83 6.36
C PHE W 528 7.89 -36.49 6.99
N SER W 529 6.91 -35.68 7.46
CA SER W 529 7.17 -34.39 8.08
C SER W 529 7.92 -34.47 9.40
N LEU W 530 7.62 -35.48 10.24
CA LEU W 530 8.21 -35.69 11.54
C LEU W 530 9.73 -35.85 11.57
N LEU W 531 10.29 -36.59 10.59
CA LEU W 531 11.72 -36.78 10.46
C LEU W 531 12.34 -35.84 9.44
N LYS W 532 11.52 -35.07 8.69
CA LYS W 532 12.07 -34.04 7.83
C LYS W 532 12.28 -32.73 8.58
N ALA W 533 11.22 -32.20 9.21
CA ALA W 533 11.20 -30.88 9.77
C ALA W 533 11.61 -31.03 11.21
N ASN W 534 12.92 -31.17 11.44
CA ASN W 534 13.46 -31.31 12.79
C ASN W 534 13.57 -30.00 13.58
N GLY W 535 13.51 -30.08 14.95
CA GLY W 535 13.53 -28.92 15.85
C GLY W 535 12.38 -27.97 15.67
N GLY W 536 11.40 -27.89 16.60
CA GLY W 536 10.29 -26.93 16.51
C GLY W 536 10.63 -25.44 16.52
N SER W 537 11.91 -25.10 16.33
CA SER W 537 12.54 -23.82 16.22
C SER W 537 12.94 -23.49 14.79
N SER W 538 13.17 -24.51 13.92
CA SER W 538 13.47 -24.33 12.50
C SER W 538 12.44 -25.05 11.66
N ALA W 539 11.46 -25.71 12.31
CA ALA W 539 10.41 -26.45 11.68
C ALA W 539 9.35 -25.64 10.94
N GLU W 540 8.93 -26.13 9.75
CA GLU W 540 7.89 -25.51 8.98
C GLU W 540 7.17 -26.62 8.23
N ASN W 541 5.86 -26.84 8.54
CA ASN W 541 5.06 -27.88 7.93
C ASN W 541 3.66 -27.32 7.77
N LEU W 542 2.77 -28.05 7.07
CA LEU W 542 1.35 -27.72 6.98
C LEU W 542 0.62 -27.78 8.32
N GLN W 543 1.00 -28.73 9.19
CA GLN W 543 0.53 -28.84 10.55
C GLN W 543 1.46 -28.09 11.50
N ALA W 544 1.12 -28.05 12.81
CA ALA W 544 1.82 -27.30 13.85
C ALA W 544 3.21 -27.83 14.24
N ALA W 545 4.08 -28.05 13.24
CA ALA W 545 5.44 -28.58 13.27
C ALA W 545 6.25 -28.62 14.57
N GLY W 546 6.60 -29.84 15.04
CA GLY W 546 7.22 -29.98 16.38
C GLY W 546 8.64 -30.45 16.37
N GLY W 547 9.04 -31.20 15.34
CA GLY W 547 10.41 -31.62 15.13
C GLY W 547 11.13 -32.60 16.02
N SER W 548 11.82 -33.55 15.37
CA SER W 548 12.50 -34.69 15.98
C SER W 548 14.00 -34.55 16.03
N PRO W 549 14.69 -34.87 17.13
CA PRO W 549 16.14 -35.13 17.15
C PRO W 549 16.68 -35.95 15.99
N VAL W 550 15.90 -36.93 15.55
CA VAL W 550 16.19 -37.80 14.46
C VAL W 550 15.70 -37.22 13.13
N SER W 551 16.54 -37.25 12.08
CA SER W 551 16.18 -36.84 10.74
C SER W 551 16.19 -38.03 9.78
N TRP W 552 15.66 -37.83 8.54
CA TRP W 552 15.79 -38.80 7.45
C TRP W 552 17.24 -39.11 7.08
N ASP W 553 18.12 -38.10 7.04
CA ASP W 553 19.55 -38.27 6.90
C ASP W 553 20.18 -39.09 7.98
N HIS W 554 19.85 -38.87 9.26
CA HIS W 554 20.39 -39.64 10.35
C HIS W 554 20.15 -41.15 10.16
N PHE W 555 18.97 -41.52 9.62
CA PHE W 555 18.68 -42.88 9.20
C PHE W 555 19.50 -43.39 8.04
N PHE W 556 19.70 -42.58 6.98
CA PHE W 556 20.53 -42.94 5.86
C PHE W 556 22.00 -43.00 6.21
N HIS W 557 22.48 -42.07 7.06
CA HIS W 557 23.78 -42.06 7.71
C HIS W 557 24.00 -43.30 8.55
N SER W 558 23.02 -43.76 9.38
CA SER W 558 23.11 -45.04 10.08
C SER W 558 23.29 -46.19 9.13
N LEU W 559 22.50 -46.22 8.04
CA LEU W 559 22.58 -47.23 7.01
C LEU W 559 23.95 -47.25 6.31
N MET W 560 24.52 -46.08 5.96
CA MET W 560 25.87 -45.90 5.44
C MET W 560 26.97 -46.36 6.40
N LEU W 561 26.87 -46.01 7.69
CA LEU W 561 27.83 -46.46 8.70
C LEU W 561 27.86 -47.98 8.86
N TYR W 562 26.66 -48.62 8.85
CA TYR W 562 26.51 -50.06 8.83
C TYR W 562 27.12 -50.70 7.60
N HIS W 563 26.98 -50.10 6.40
CA HIS W 563 27.68 -50.56 5.20
C HIS W 563 29.17 -50.54 5.31
N GLU W 564 29.77 -49.43 5.81
CA GLU W 564 31.21 -49.37 6.00
C GLU W 564 31.69 -50.37 7.04
N HIS W 565 31.00 -50.44 8.21
CA HIS W 565 31.29 -51.39 9.29
C HIS W 565 31.24 -52.81 8.79
N LEU W 566 30.16 -53.19 8.07
CA LEU W 566 30.09 -54.51 7.48
C LEU W 566 31.24 -54.74 6.50
N ARG W 567 31.46 -53.90 5.46
CA ARG W 567 32.45 -54.23 4.43
C ARG W 567 33.90 -54.19 4.86
N ARG W 568 34.21 -53.54 5.99
CA ARG W 568 35.54 -53.59 6.53
C ARG W 568 35.80 -54.82 7.37
N ASP W 569 34.72 -55.48 7.86
CA ASP W 569 34.77 -56.73 8.58
C ASP W 569 34.30 -57.91 7.70
N LEU W 570 33.95 -57.67 6.42
CA LEU W 570 33.66 -58.68 5.41
C LEU W 570 34.96 -59.36 5.00
N PRO W 571 34.92 -60.62 4.56
CA PRO W 571 36.06 -61.30 3.95
C PRO W 571 36.86 -60.53 2.91
N ASN W 572 38.20 -60.71 2.87
CA ASN W 572 39.04 -60.19 1.79
C ASN W 572 38.61 -60.70 0.42
N THR W 573 38.91 -59.98 -0.68
CA THR W 573 38.71 -60.50 -2.04
C THR W 573 39.49 -61.78 -2.30
N ASP W 574 40.73 -61.88 -1.79
CA ASP W 574 41.51 -63.09 -1.87
C ASP W 574 41.03 -64.17 -0.90
N ASN W 575 40.06 -63.84 -0.02
CA ASN W 575 39.45 -64.78 0.89
C ASN W 575 38.22 -65.42 0.22
N ILE W 576 37.91 -65.09 -1.06
CA ILE W 576 36.94 -65.84 -1.87
C ILE W 576 37.33 -67.32 -1.97
N HIS W 577 38.62 -67.58 -2.20
CA HIS W 577 39.21 -68.90 -2.16
C HIS W 577 39.31 -69.54 -0.77
N GLN W 578 39.61 -68.73 0.27
CA GLN W 578 39.71 -69.20 1.65
C GLN W 578 38.34 -69.57 2.25
N ARG W 579 37.25 -68.98 1.70
CA ARG W 579 35.86 -69.29 1.97
C ARG W 579 35.39 -68.94 3.36
N HIS W 580 35.25 -67.64 3.66
CA HIS W 580 34.82 -67.20 4.96
C HIS W 580 33.30 -67.00 4.97
N PRO W 581 32.51 -67.78 5.73
CA PRO W 581 31.07 -67.58 5.85
C PRO W 581 30.65 -66.18 6.25
N PRO W 582 29.69 -65.58 5.53
CA PRO W 582 29.13 -64.25 5.79
C PRO W 582 27.74 -64.41 6.39
N LEU W 583 26.72 -64.45 5.53
CA LEU W 583 25.32 -64.62 5.93
C LEU W 583 24.79 -63.62 6.97
N ARG W 584 24.41 -62.43 6.53
CA ARG W 584 24.71 -61.93 5.18
C ARG W 584 25.85 -60.93 5.27
N GLY W 585 26.90 -61.30 6.00
CA GLY W 585 28.04 -60.43 6.19
C GLY W 585 27.71 -59.39 7.24
N ILE W 586 27.09 -59.85 8.32
CA ILE W 586 26.69 -58.94 9.40
C ILE W 586 25.75 -59.60 10.44
N THR W 587 25.96 -59.41 11.76
CA THR W 587 25.09 -59.93 12.83
C THR W 587 23.61 -60.00 12.49
N GLN W 588 22.94 -61.14 12.75
CA GLN W 588 21.56 -61.33 12.33
C GLN W 588 20.61 -60.24 12.84
N ARG W 589 20.74 -59.87 14.14
CA ARG W 589 20.02 -58.78 14.76
C ARG W 589 20.25 -57.41 14.10
N GLU W 590 21.50 -57.11 13.68
CA GLU W 590 21.85 -55.91 12.94
C GLU W 590 21.27 -55.89 11.53
N LEU W 591 21.35 -57.01 10.79
CA LEU W 591 20.73 -57.18 9.47
C LEU W 591 19.22 -57.08 9.49
N ASP W 592 18.55 -57.73 10.45
CA ASP W 592 17.12 -57.64 10.66
C ASP W 592 16.71 -56.21 10.93
N GLY W 593 17.49 -55.47 11.77
CA GLY W 593 17.41 -54.02 11.94
C GLY W 593 17.37 -53.24 10.65
N LEU W 594 18.32 -53.51 9.73
CA LEU W 594 18.37 -52.91 8.40
C LEU W 594 17.17 -53.25 7.53
N ILE W 595 16.66 -54.49 7.57
CA ILE W 595 15.44 -54.92 6.90
C ILE W 595 14.26 -54.08 7.39
N ALA W 596 14.13 -53.88 8.71
CA ALA W 596 13.14 -53.00 9.27
C ALA W 596 13.31 -51.53 8.91
N CYS W 597 14.55 -51.00 8.83
CA CYS W 597 14.81 -49.63 8.36
C CYS W 597 14.28 -49.39 6.96
N LEU W 598 14.60 -50.32 6.03
CA LEU W 598 14.15 -50.27 4.66
C LEU W 598 12.66 -50.51 4.49
N GLN W 599 12.06 -51.43 5.27
CA GLN W 599 10.62 -51.59 5.34
C GLN W 599 9.85 -50.41 5.91
N LEU W 600 10.36 -49.70 6.95
CA LEU W 600 9.76 -48.43 7.35
C LEU W 600 9.92 -47.38 6.26
N THR W 601 11.11 -47.28 5.65
CA THR W 601 11.37 -46.39 4.51
C THR W 601 10.38 -46.64 3.40
N CYS W 602 10.28 -47.84 2.79
CA CYS W 602 9.35 -48.14 1.71
C CYS W 602 7.90 -47.69 1.98
N THR W 603 7.35 -48.12 3.14
CA THR W 603 6.00 -47.75 3.59
C THR W 603 5.78 -46.25 3.70
N ILE W 604 6.71 -45.49 4.29
CA ILE W 604 6.54 -44.06 4.46
C ILE W 604 6.57 -43.28 3.15
N ILE W 605 7.38 -43.75 2.18
CA ILE W 605 7.46 -43.18 0.85
C ILE W 605 6.19 -43.34 0.02
N ASP W 606 5.62 -44.57 -0.02
CA ASP W 606 4.40 -44.84 -0.78
C ASP W 606 3.21 -44.07 -0.25
N TRP W 607 3.02 -44.03 1.09
CA TRP W 607 1.87 -43.37 1.66
C TRP W 607 2.02 -41.86 1.80
N SER W 608 3.25 -41.29 1.84
CA SER W 608 3.42 -39.85 1.92
C SER W 608 4.35 -39.28 0.87
N GLU W 609 3.81 -38.36 0.07
CA GLU W 609 4.52 -37.55 -0.90
C GLU W 609 5.60 -36.66 -0.27
N SER W 610 5.36 -36.09 0.93
CA SER W 610 6.34 -35.28 1.64
C SER W 610 7.58 -36.08 2.02
N ALA W 611 7.39 -37.33 2.50
CA ALA W 611 8.46 -38.26 2.78
C ALA W 611 9.21 -38.66 1.52
N ARG W 612 8.47 -38.98 0.44
CA ARG W 612 9.05 -39.35 -0.83
C ARG W 612 9.90 -38.27 -1.48
N LEU W 613 9.40 -37.02 -1.54
CA LEU W 613 10.13 -35.88 -2.07
C LEU W 613 11.34 -35.53 -1.23
N ALA W 614 11.20 -35.52 0.10
CA ALA W 614 12.33 -35.26 0.96
C ALA W 614 13.41 -36.32 0.92
N LEU W 615 13.05 -37.62 1.01
CA LEU W 615 14.03 -38.67 0.96
C LEU W 615 14.67 -38.80 -0.42
N CYS W 616 13.94 -38.61 -1.53
CA CYS W 616 14.51 -38.78 -2.86
C CYS W 616 15.68 -37.87 -3.22
N GLU W 617 15.79 -36.67 -2.61
CA GLU W 617 16.77 -35.67 -2.99
C GLU W 617 17.35 -34.89 -1.80
N MET W 622 18.33 -39.94 2.99
CA MET W 622 18.85 -40.69 1.85
C MET W 622 18.35 -42.13 1.91
N PRO W 623 17.04 -42.29 1.72
CA PRO W 623 16.42 -43.62 1.75
C PRO W 623 17.01 -44.55 0.69
N VAL W 624 17.20 -44.03 -0.53
CA VAL W 624 17.75 -44.82 -1.61
C VAL W 624 19.17 -45.28 -1.28
N VAL W 625 19.95 -44.37 -0.70
CA VAL W 625 21.32 -44.69 -0.32
C VAL W 625 21.32 -45.81 0.72
N VAL W 626 20.39 -45.71 1.67
CA VAL W 626 20.28 -46.73 2.72
C VAL W 626 19.92 -48.06 2.11
N ILE W 627 19.02 -48.05 1.13
CA ILE W 627 18.61 -49.28 0.46
C ILE W 627 19.80 -49.89 -0.26
N LEU W 628 20.61 -49.04 -0.89
CA LEU W 628 21.79 -49.51 -1.61
C LEU W 628 22.76 -50.16 -0.63
N GLY W 629 22.91 -49.54 0.53
CA GLY W 629 23.80 -50.06 1.56
C GLY W 629 23.32 -51.42 2.02
N LEU W 630 22.00 -51.54 2.18
CA LEU W 630 21.41 -52.80 2.62
C LEU W 630 21.68 -53.88 1.57
N LEU W 631 21.55 -53.51 0.30
CA LEU W 631 21.79 -54.45 -0.79
C LEU W 631 23.24 -54.91 -0.77
N GLN W 632 24.11 -54.02 -0.32
CA GLN W 632 25.54 -54.30 -0.26
C GLN W 632 25.79 -55.60 0.49
N CYS W 633 24.97 -55.91 1.49
CA CYS W 633 25.16 -57.16 2.22
C CYS W 633 25.03 -58.27 1.17
N SER W 634 25.89 -59.28 1.26
CA SER W 634 25.92 -60.35 0.27
C SER W 634 24.68 -61.22 0.09
N ILE W 635 24.03 -61.63 1.17
CA ILE W 635 22.85 -62.49 1.04
C ILE W 635 23.38 -63.85 0.60
N PRO W 636 22.53 -64.78 0.16
CA PRO W 636 21.08 -64.57 0.13
C PRO W 636 20.56 -63.95 -1.17
N PRO W 637 19.29 -64.24 -1.48
CA PRO W 637 18.64 -63.69 -2.66
C PRO W 637 17.83 -62.47 -2.27
N LEU W 638 17.80 -62.18 -0.98
CA LEU W 638 17.06 -61.05 -0.44
C LEU W 638 17.59 -59.71 -0.95
N LEU W 639 18.91 -59.58 -1.03
CA LEU W 639 19.50 -58.35 -1.50
C LEU W 639 19.07 -58.06 -2.92
N LYS W 640 19.08 -59.09 -3.76
CA LYS W 640 18.66 -58.92 -5.15
C LYS W 640 17.19 -58.54 -5.17
N ALA W 641 16.39 -59.27 -4.40
CA ALA W 641 14.95 -59.04 -4.30
C ALA W 641 14.64 -57.68 -3.67
N GLU W 642 15.41 -57.34 -2.65
CA GLU W 642 15.22 -56.09 -1.91
C GLU W 642 15.43 -54.84 -2.76
N LEU W 643 16.45 -54.86 -3.62
CA LEU W 643 16.74 -53.71 -4.47
C LEU W 643 15.58 -53.41 -5.41
N LEU W 644 15.00 -54.46 -5.99
CA LEU W 644 13.87 -54.30 -6.90
C LEU W 644 12.66 -53.72 -6.17
N LYS W 645 12.42 -54.22 -4.97
CA LYS W 645 11.28 -53.77 -4.16
C LYS W 645 11.39 -52.29 -3.77
N THR W 646 12.59 -51.86 -3.41
CA THR W 646 12.81 -50.48 -3.00
C THR W 646 12.53 -49.50 -4.12
N LEU W 647 12.96 -49.86 -5.34
CA LEU W 647 12.75 -49.01 -6.50
C LEU W 647 11.27 -48.82 -6.81
N ALA W 648 10.51 -49.90 -6.70
CA ALA W 648 9.08 -49.87 -6.98
C ALA W 648 8.31 -48.95 -6.04
N ALA W 649 8.68 -48.92 -4.76
CA ALA W 649 8.00 -48.04 -3.82
C ALA W 649 8.19 -46.57 -4.23
N PHE W 729 17.63 -48.56 -21.49
CA PHE W 729 16.80 -49.46 -20.72
C PHE W 729 17.39 -50.85 -20.60
N GLU W 730 18.35 -51.24 -21.47
CA GLU W 730 18.86 -52.61 -21.53
C GLU W 730 19.37 -53.25 -20.24
N PRO W 731 20.06 -52.62 -19.27
CA PRO W 731 20.38 -53.23 -17.98
C PRO W 731 19.15 -53.69 -17.22
N TYR W 732 18.06 -52.89 -17.25
CA TYR W 732 16.77 -53.20 -16.68
C TYR W 732 16.08 -54.34 -17.43
N LEU W 733 16.18 -54.37 -18.78
CA LEU W 733 15.64 -55.46 -19.59
C LEU W 733 16.34 -56.78 -19.39
N GLN W 734 17.69 -56.78 -19.37
CA GLN W 734 18.52 -57.95 -19.13
C GLN W 734 18.24 -58.56 -17.78
N PHE W 735 18.08 -57.70 -16.75
CA PHE W 735 17.58 -58.05 -15.45
C PHE W 735 16.21 -58.73 -15.45
N LEU W 736 15.19 -58.11 -16.05
CA LEU W 736 13.86 -58.67 -16.01
C LEU W 736 13.68 -59.89 -16.88
N ARG W 737 14.13 -59.81 -18.15
CA ARG W 737 13.85 -60.84 -19.11
C ARG W 737 14.73 -62.05 -19.05
N ASP W 738 16.06 -61.95 -18.88
CA ASP W 738 16.88 -63.11 -18.56
C ASP W 738 16.81 -63.34 -17.08
N THR W 739 17.65 -62.62 -16.32
CA THR W 739 18.00 -62.89 -14.93
C THR W 739 16.85 -63.33 -14.06
N VAL W 740 15.81 -62.50 -13.86
CA VAL W 740 14.65 -62.84 -13.05
C VAL W 740 13.84 -64.03 -13.57
N PHE W 741 13.44 -64.01 -14.84
CA PHE W 741 12.53 -65.00 -15.39
C PHE W 741 13.16 -66.37 -15.60
N LEU W 742 14.38 -66.38 -16.16
CA LEU W 742 15.00 -67.59 -16.69
C LEU W 742 15.72 -68.37 -15.63
N ARG W 743 16.58 -67.66 -14.90
CA ARG W 743 17.56 -68.30 -14.05
C ARG W 743 17.10 -68.21 -12.62
N TYR W 744 16.56 -67.04 -12.23
CA TYR W 744 16.09 -66.83 -10.89
C TYR W 744 14.75 -67.46 -10.60
N ARG W 745 13.74 -67.59 -11.50
CA ARG W 745 12.45 -68.19 -11.08
C ARG W 745 12.59 -69.59 -10.44
N THR W 746 13.58 -70.35 -10.90
CA THR W 746 13.76 -71.71 -10.40
C THR W 746 13.98 -71.79 -8.89
N ARG W 747 14.72 -70.84 -8.32
CA ARG W 747 14.95 -70.87 -6.88
C ARG W 747 13.64 -70.73 -6.12
N ALA W 748 12.79 -69.81 -6.60
CA ALA W 748 11.47 -69.53 -6.05
C ALA W 748 10.57 -70.75 -6.22
N TYR W 749 10.75 -71.44 -7.33
CA TYR W 749 9.97 -72.62 -7.67
C TYR W 749 10.13 -73.69 -6.61
N ARG W 750 11.28 -73.68 -5.94
CA ARG W 750 11.54 -74.67 -4.90
C ARG W 750 10.48 -74.53 -3.82
N ARG W 751 10.08 -73.30 -3.51
CA ARG W 751 9.05 -73.08 -2.50
C ARG W 751 7.69 -73.21 -3.17
N ALA W 752 6.91 -74.20 -2.71
CA ALA W 752 5.59 -74.49 -3.25
C ALA W 752 4.50 -73.43 -3.08
N ALA W 753 4.44 -72.79 -1.91
CA ALA W 753 3.40 -71.83 -1.64
C ALA W 753 3.79 -70.38 -1.95
N GLU W 754 4.99 -69.99 -1.49
CA GLU W 754 5.56 -68.68 -1.71
C GLU W 754 5.94 -68.45 -3.17
N LYS W 755 6.42 -69.49 -3.91
CA LYS W 755 6.58 -69.41 -5.37
C LYS W 755 5.28 -69.10 -6.09
N TRP W 756 4.16 -69.73 -5.71
CA TRP W 756 2.86 -69.43 -6.31
C TRP W 756 2.44 -67.99 -6.04
N GLU W 757 2.54 -67.52 -4.78
CA GLU W 757 2.22 -66.14 -4.42
C GLU W 757 3.08 -65.09 -5.11
N VAL W 758 4.41 -65.31 -5.19
CA VAL W 758 5.35 -64.44 -5.88
C VAL W 758 5.09 -64.40 -7.37
N ALA W 759 4.88 -65.57 -7.98
CA ALA W 759 4.57 -65.67 -9.38
C ALA W 759 3.25 -64.98 -9.73
N GLU W 760 2.19 -65.17 -8.92
CA GLU W 760 0.90 -64.48 -9.02
C GLU W 760 1.06 -62.96 -8.99
N ALA W 761 1.84 -62.43 -8.03
CA ALA W 761 2.14 -61.01 -7.95
C ALA W 761 2.86 -60.45 -9.18
N VAL W 762 3.84 -61.18 -9.77
CA VAL W 762 4.45 -60.78 -11.03
C VAL W 762 3.49 -60.85 -12.21
N LEU W 763 2.64 -61.88 -12.29
CA LEU W 763 1.67 -62.02 -13.35
C LEU W 763 0.60 -60.93 -13.38
N ASP W 764 0.10 -60.53 -12.19
CA ASP W 764 -0.81 -59.42 -12.01
C ASP W 764 -0.26 -58.12 -12.58
N VAL W 765 1.05 -57.85 -12.39
CA VAL W 765 1.73 -56.73 -13.02
C VAL W 765 1.63 -56.75 -14.54
N PHE W 766 1.93 -57.88 -15.22
CA PHE W 766 1.84 -57.94 -16.68
C PHE W 766 0.41 -57.75 -17.19
N TYR W 767 -0.59 -58.28 -16.45
CA TYR W 767 -2.00 -58.12 -16.75
C TYR W 767 -2.44 -56.66 -16.76
N LYS W 768 -2.04 -55.87 -15.75
CA LYS W 768 -2.40 -54.47 -15.68
C LYS W 768 -1.87 -53.69 -16.86
N LEU W 769 -0.57 -53.82 -17.11
CA LEU W 769 0.06 -53.05 -18.16
C LEU W 769 -0.34 -53.46 -19.59
N LEU W 770 -0.72 -54.74 -19.83
CA LEU W 770 -1.35 -55.12 -21.08
C LEU W 770 -2.75 -54.57 -21.26
N LYS W 771 -3.56 -54.55 -20.18
CA LYS W 771 -4.91 -54.03 -20.21
C LYS W 771 -4.98 -52.54 -20.45
N ASP W 772 -4.13 -51.76 -19.75
CA ASP W 772 -4.16 -50.32 -19.75
C ASP W 772 -3.56 -49.74 -21.04
N TYR W 773 -2.89 -50.59 -21.85
CA TYR W 773 -2.53 -50.24 -23.21
C TYR W 773 -3.73 -50.43 -24.15
N ALA W 794 11.56 -45.93 -29.48
CA ALA W 794 10.94 -47.10 -28.93
C ALA W 794 10.53 -48.05 -30.04
N PHE W 795 9.84 -47.55 -31.10
CA PHE W 795 9.32 -48.38 -32.19
C PHE W 795 10.36 -49.10 -33.07
N LYS W 796 11.41 -48.43 -33.58
CA LYS W 796 12.33 -49.09 -34.52
C LYS W 796 13.43 -49.98 -33.90
N PRO W 797 13.91 -49.81 -32.66
CA PRO W 797 14.93 -50.69 -32.13
C PRO W 797 14.42 -52.08 -31.85
N PRO W 798 15.25 -53.07 -32.04
CA PRO W 798 14.83 -54.46 -31.95
C PRO W 798 14.46 -54.90 -30.53
N GLY W 799 14.75 -54.05 -29.55
CA GLY W 799 14.47 -54.35 -28.16
C GLY W 799 12.99 -54.59 -27.95
N PHE W 800 12.14 -53.77 -28.56
CA PHE W 800 10.71 -53.99 -28.44
C PHE W 800 10.48 -55.34 -29.11
N SER W 801 11.17 -55.51 -30.23
CA SER W 801 11.11 -56.73 -31.02
C SER W 801 11.65 -57.89 -30.20
N LEU W 802 12.83 -57.67 -29.62
CA LEU W 802 13.50 -58.70 -28.85
C LEU W 802 12.94 -59.06 -27.47
N MET W 803 12.66 -58.05 -26.65
CA MET W 803 12.18 -58.34 -25.31
C MET W 803 10.76 -58.89 -25.16
N HIS W 804 9.78 -58.23 -25.76
CA HIS W 804 8.40 -58.70 -25.62
C HIS W 804 8.24 -60.06 -26.25
N HIS W 805 8.76 -60.17 -27.46
CA HIS W 805 8.66 -61.41 -28.20
C HIS W 805 9.41 -62.48 -27.44
N LEU W 806 10.58 -62.13 -26.92
CA LEU W 806 11.36 -63.13 -26.23
C LEU W 806 10.61 -63.65 -25.02
N LEU W 807 10.02 -62.73 -24.26
CA LEU W 807 9.29 -63.15 -23.07
C LEU W 807 8.14 -64.04 -23.45
N ASN W 808 7.40 -63.66 -24.49
CA ASN W 808 6.26 -64.47 -24.87
C ASN W 808 6.69 -65.86 -25.29
N GLU W 809 7.75 -65.93 -26.08
CA GLU W 809 8.22 -67.21 -26.55
C GLU W 809 8.66 -68.07 -25.39
N SER W 810 9.42 -67.47 -24.49
CA SER W 810 9.91 -68.19 -23.32
C SER W 810 9.05 -67.95 -22.08
N PRO W 811 8.63 -66.70 -21.90
CA PRO W 811 7.80 -66.34 -20.74
C PRO W 811 6.46 -67.06 -20.78
N MET W 812 5.86 -67.16 -21.96
CA MET W 812 4.59 -67.83 -22.11
C MET W 812 4.74 -69.31 -21.75
N LEU W 813 5.85 -69.89 -22.20
CA LEU W 813 6.13 -71.30 -21.92
C LEU W 813 6.28 -71.50 -20.42
N GLU W 814 6.97 -70.57 -19.78
CA GLU W 814 7.17 -70.64 -18.34
C GLU W 814 5.84 -70.58 -17.62
N LEU W 815 4.96 -69.71 -18.09
CA LEU W 815 3.64 -69.55 -17.50
C LEU W 815 2.86 -70.85 -17.65
N CYS W 816 2.97 -71.47 -18.82
CA CYS W 816 2.27 -72.73 -19.10
C CYS W 816 2.50 -73.75 -17.98
N LEU W 817 3.76 -73.91 -17.58
CA LEU W 817 4.10 -74.85 -16.53
C LEU W 817 3.45 -74.44 -15.21
N SER W 818 3.46 -73.15 -14.92
CA SER W 818 2.86 -72.63 -13.70
C SER W 818 1.36 -72.92 -13.71
N LEU W 819 0.74 -72.73 -14.87
CA LEU W 819 -0.69 -72.96 -15.01
C LEU W 819 -0.99 -74.44 -14.77
N MET W 820 -0.13 -75.30 -15.30
CA MET W 820 -0.30 -76.73 -15.13
C MET W 820 -0.21 -77.10 -13.65
N GLU W 821 0.75 -76.47 -12.96
CA GLU W 821 0.94 -76.71 -11.54
C GLU W 821 -0.30 -76.28 -10.77
N GLU W 822 -0.87 -75.15 -11.16
CA GLU W 822 -2.07 -74.63 -10.51
C GLU W 822 -3.22 -75.61 -10.72
N GLY W 823 -3.30 -76.16 -11.92
CA GLY W 823 -4.34 -77.12 -12.26
C GLY W 823 -4.20 -78.37 -11.41
N VAL W 824 -2.96 -78.81 -11.22
CA VAL W 824 -2.69 -80.01 -10.44
C VAL W 824 -3.61 -81.15 -10.83
N PHE W 833 -17.34 -68.71 -1.90
CA PHE W 833 -17.47 -67.56 -2.79
C PHE W 833 -16.19 -66.73 -2.81
N PRO W 834 -15.58 -66.57 -1.65
CA PRO W 834 -14.34 -65.80 -1.53
C PRO W 834 -13.20 -66.44 -2.32
N GLY W 835 -13.10 -67.76 -2.28
CA GLY W 835 -12.08 -68.48 -2.98
C GLY W 835 -12.17 -68.31 -4.49
N LYS W 836 -13.40 -68.33 -5.00
CA LYS W 836 -13.63 -68.17 -6.43
C LYS W 836 -13.17 -66.81 -6.92
N LYS W 837 -13.43 -65.78 -6.12
CA LYS W 837 -13.04 -64.42 -6.47
C LYS W 837 -11.53 -64.29 -6.58
N HIS W 838 -10.82 -64.93 -5.66
CA HIS W 838 -9.36 -64.90 -5.65
C HIS W 838 -8.78 -65.53 -6.91
N LEU W 839 -9.38 -66.63 -7.33
CA LEU W 839 -8.94 -67.34 -8.53
C LEU W 839 -9.08 -66.48 -9.78
N GLU W 840 -10.18 -65.73 -9.83
CA GLU W 840 -10.49 -64.86 -10.96
C GLU W 840 -9.45 -63.76 -11.17
N LYS W 841 -8.96 -63.19 -10.07
CA LYS W 841 -7.98 -62.10 -10.19
C LYS W 841 -6.73 -62.61 -10.89
N ALA W 842 -6.29 -63.82 -10.54
CA ALA W 842 -5.12 -64.40 -11.17
C ALA W 842 -5.43 -64.64 -12.65
N VAL W 843 -6.65 -65.11 -12.90
CA VAL W 843 -7.13 -65.39 -14.25
C VAL W 843 -7.22 -64.12 -15.09
N ALA W 844 -7.64 -63.03 -14.46
CA ALA W 844 -7.79 -61.75 -15.15
C ALA W 844 -6.47 -61.24 -15.71
N TYR W 845 -5.39 -61.40 -14.95
CA TYR W 845 -4.08 -60.95 -15.40
C TYR W 845 -3.69 -61.70 -16.67
N CYS W 846 -3.96 -63.00 -16.67
CA CYS W 846 -3.65 -63.84 -17.83
C CYS W 846 -4.49 -63.40 -19.02
N PHE W 847 -5.75 -63.08 -18.75
CA PHE W 847 -6.69 -62.65 -19.78
C PHE W 847 -6.26 -61.34 -20.42
N MET W 848 -5.73 -60.42 -19.62
CA MET W 848 -5.29 -59.13 -20.11
C MET W 848 -4.16 -59.28 -21.12
N LEU W 849 -3.23 -60.20 -20.86
CA LEU W 849 -2.12 -60.43 -21.77
C LEU W 849 -2.63 -60.91 -23.11
N LEU W 850 -3.62 -61.80 -23.08
CA LEU W 850 -4.21 -62.34 -24.31
C LEU W 850 -4.88 -61.23 -25.11
N ASN W 851 -5.56 -60.33 -24.40
CA ASN W 851 -6.26 -59.22 -25.02
C ASN W 851 -5.30 -58.26 -25.72
N LEU W 852 -4.16 -58.00 -25.08
CA LEU W 852 -3.16 -57.10 -25.64
C LEU W 852 -2.60 -57.64 -26.96
N THR W 853 -2.38 -58.96 -27.00
CA THR W 853 -1.85 -59.60 -28.20
C THR W 853 -2.82 -59.46 -29.37
N LEU W 854 -4.11 -59.62 -29.09
CA LEU W 854 -5.13 -59.50 -30.12
C LEU W 854 -5.16 -58.10 -30.73
N GLN W 855 -5.00 -57.09 -29.88
CA GLN W 855 -5.01 -55.70 -30.35
C GLN W 855 -3.84 -55.43 -31.30
N LYS W 856 -2.68 -55.99 -30.97
CA LYS W 856 -1.49 -55.81 -31.80
C LYS W 856 -0.92 -57.15 -32.24
N SER W 870 4.98 -54.01 -36.01
CA SER W 870 3.71 -54.72 -35.95
C SER W 870 3.89 -56.19 -36.30
N MET W 871 5.02 -56.51 -36.93
CA MET W 871 5.30 -57.89 -37.32
C MET W 871 5.40 -58.79 -36.08
N ILE W 872 6.04 -58.29 -35.04
CA ILE W 872 6.18 -59.05 -33.80
C ILE W 872 4.82 -59.32 -33.20
N VAL W 873 3.95 -58.31 -33.24
CA VAL W 873 2.60 -58.44 -32.71
C VAL W 873 1.84 -59.49 -33.50
N THR W 874 2.01 -59.48 -34.82
CA THR W 874 1.35 -60.45 -35.69
C THR W 874 1.81 -61.85 -35.34
N PRO W 875 3.12 -61.99 -35.10
CA PRO W 875 3.70 -63.30 -34.75
C PRO W 875 3.20 -63.81 -33.41
N LEU W 876 3.02 -62.91 -32.44
CA LEU W 876 2.55 -63.30 -31.13
C LEU W 876 1.14 -63.88 -31.22
N GLU W 877 0.30 -63.26 -32.03
CA GLU W 877 -1.07 -63.74 -32.21
C GLU W 877 -1.05 -65.14 -32.80
N GLN W 878 -0.17 -65.35 -33.77
CA GLN W 878 -0.04 -66.65 -34.42
C GLN W 878 0.39 -67.69 -33.40
N LEU W 879 1.33 -67.31 -32.54
CA LEU W 879 1.83 -68.21 -31.50
C LEU W 879 0.70 -68.58 -30.56
N LEU W 880 -0.13 -67.60 -30.22
CA LEU W 880 -1.26 -67.83 -29.33
C LEU W 880 -2.24 -68.80 -29.97
N GLN W 881 -2.46 -68.63 -31.28
CA GLN W 881 -3.37 -69.49 -32.02
C GLN W 881 -2.83 -70.91 -32.00
N GLY W 882 -1.52 -71.05 -32.18
CA GLY W 882 -0.89 -72.36 -32.16
C GLY W 882 -1.05 -73.02 -30.82
N ILE W 883 -0.96 -72.23 -29.76
CA ILE W 883 -1.13 -72.76 -28.41
C ILE W 883 -2.52 -73.36 -28.32
N ASN W 884 -3.49 -72.68 -28.92
CA ASN W 884 -4.87 -73.16 -28.93
C ASN W 884 -4.95 -74.49 -29.68
N PRO W 885 -4.22 -74.59 -30.78
CA PRO W 885 -4.19 -75.80 -31.60
C PRO W 885 -3.63 -76.97 -30.79
N ARG W 886 -2.59 -76.68 -30.00
CA ARG W 886 -1.96 -77.68 -29.16
C ARG W 886 -2.99 -78.17 -28.15
N SER W 887 -3.82 -77.23 -27.70
CA SER W 887 -4.89 -77.47 -26.73
C SER W 887 -4.42 -77.31 -25.29
N LYS W 888 -3.14 -77.03 -25.10
CA LYS W 888 -2.63 -76.84 -23.75
C LYS W 888 -3.35 -75.61 -23.22
N LYS W 889 -3.47 -74.59 -24.08
CA LYS W 889 -4.14 -73.35 -23.71
C LYS W 889 -5.66 -73.53 -23.72
N ALA W 890 -6.18 -74.02 -24.84
CA ALA W 890 -7.61 -74.24 -24.97
C ALA W 890 -8.10 -75.27 -23.96
N ASP W 891 -7.31 -76.32 -23.76
CA ASP W 891 -7.67 -77.36 -22.81
C ASP W 891 -7.71 -76.77 -21.41
N ASN W 892 -6.74 -75.92 -21.10
CA ASN W 892 -6.68 -75.26 -19.80
C ASN W 892 -7.91 -74.39 -19.59
N VAL W 893 -8.31 -73.68 -20.64
CA VAL W 893 -9.47 -72.81 -20.57
C VAL W 893 -10.71 -73.65 -20.30
N VAL W 894 -10.79 -74.80 -20.96
CA VAL W 894 -11.93 -75.70 -20.79
C VAL W 894 -11.97 -76.19 -19.34
N ASN W 895 -10.80 -76.50 -18.79
CA ASN W 895 -10.72 -76.98 -17.43
C ASN W 895 -11.19 -75.89 -16.47
N ILE W 896 -10.80 -74.66 -16.75
CA ILE W 896 -11.19 -73.52 -15.92
C ILE W 896 -12.70 -73.36 -15.96
N ALA W 897 -13.27 -73.53 -17.15
CA ALA W 897 -14.71 -73.42 -17.32
C ALA W 897 -15.42 -74.50 -16.51
N ARG W 898 -14.85 -75.69 -16.53
CA ARG W 898 -15.43 -76.82 -15.79
C ARG W 898 -15.39 -76.51 -14.30
N TYR W 899 -14.28 -75.93 -13.85
CA TYR W 899 -14.13 -75.58 -12.45
C TYR W 899 -15.17 -74.54 -12.05
N LEU W 900 -15.41 -73.58 -12.94
CA LEU W 900 -16.38 -72.54 -12.70
C LEU W 900 -17.77 -73.15 -12.58
N CYS W 901 -18.05 -74.12 -13.45
CA CYS W 901 -19.34 -74.79 -13.44
C CYS W 901 -19.52 -75.54 -12.12
N HIS W 902 -18.45 -76.18 -11.66
CA HIS W 902 -18.49 -76.92 -10.41
C HIS W 902 -18.78 -75.96 -9.26
N GLY W 903 -18.15 -74.79 -9.31
CA GLY W 903 -18.34 -73.77 -8.29
C GLY W 903 -19.77 -73.30 -8.27
N GLU W 908 -15.06 -63.07 -16.92
CA GLU W 908 -13.97 -62.18 -17.28
C GLU W 908 -12.97 -62.86 -18.22
N LEU W 909 -12.70 -64.17 -18.02
CA LEU W 909 -11.97 -64.99 -18.98
C LEU W 909 -12.69 -65.09 -20.32
N ALA W 910 -14.02 -65.30 -20.31
CA ALA W 910 -14.87 -65.34 -21.47
C ALA W 910 -14.88 -64.06 -22.30
N PHE W 911 -14.92 -62.88 -21.65
CA PHE W 911 -14.79 -61.59 -22.32
C PHE W 911 -13.47 -61.43 -23.04
N GLU W 912 -12.35 -61.70 -22.36
CA GLU W 912 -11.03 -61.58 -22.95
C GLU W 912 -10.84 -62.55 -24.10
N SER W 913 -11.33 -63.80 -23.94
CA SER W 913 -11.42 -64.79 -25.00
C SER W 913 -12.25 -64.35 -26.20
N ALA W 914 -13.46 -63.80 -26.01
CA ALA W 914 -14.24 -63.30 -27.13
C ALA W 914 -13.62 -62.09 -27.82
N LYS W 915 -13.05 -61.14 -27.05
CA LYS W 915 -12.35 -60.00 -27.59
C LYS W 915 -11.07 -60.34 -28.37
N ILE W 916 -10.26 -61.32 -27.91
CA ILE W 916 -9.10 -61.80 -28.66
C ILE W 916 -9.46 -62.51 -29.96
N LEU W 917 -10.59 -63.26 -30.01
CA LEU W 917 -11.11 -63.78 -31.27
C LEU W 917 -11.48 -62.68 -32.24
N CYS W 918 -12.02 -61.55 -31.78
CA CYS W 918 -12.29 -60.38 -32.62
C CYS W 918 -11.01 -59.84 -33.24
N SER W 919 -9.94 -59.58 -32.46
CA SER W 919 -8.69 -59.04 -32.99
C SER W 919 -7.98 -59.99 -33.94
N ILE W 920 -7.95 -61.30 -33.64
CA ILE W 920 -7.46 -62.34 -34.53
C ILE W 920 -8.27 -62.45 -35.82
N SER W 921 -9.61 -62.40 -35.74
CA SER W 921 -10.50 -62.68 -36.86
C SER W 921 -10.89 -61.41 -37.62
N GLN W 927 -13.16 -76.05 -34.96
CA GLN W 927 -12.93 -77.48 -35.07
C GLN W 927 -13.75 -78.25 -34.06
N GLU W 928 -14.09 -79.51 -34.37
CA GLU W 928 -14.97 -80.34 -33.59
C GLU W 928 -14.40 -80.70 -32.23
N LYS W 929 -13.07 -80.57 -32.11
CA LYS W 929 -12.30 -80.78 -30.90
C LYS W 929 -12.86 -80.02 -29.73
N ILE W 930 -13.07 -78.69 -29.83
CA ILE W 930 -13.52 -77.87 -28.71
C ILE W 930 -14.84 -78.34 -28.11
N VAL W 931 -15.77 -78.80 -28.97
CA VAL W 931 -17.03 -79.39 -28.56
C VAL W 931 -16.85 -80.72 -27.82
N GLY W 932 -15.97 -81.61 -28.33
CA GLY W 932 -15.64 -82.89 -27.68
C GLY W 932 -14.73 -82.75 -26.49
N ASP W 933 -13.89 -81.71 -26.44
CA ASP W 933 -13.07 -81.32 -25.32
C ASP W 933 -13.93 -81.02 -24.10
N PHE W 934 -15.10 -80.40 -24.35
CA PHE W 934 -16.09 -80.13 -23.33
C PHE W 934 -16.90 -81.38 -22.94
N THR W 935 -16.86 -82.51 -23.69
CA THR W 935 -17.47 -83.76 -23.20
C THR W 935 -16.47 -84.70 -22.58
N GLN W 936 -15.14 -84.45 -22.65
CA GLN W 936 -14.09 -85.35 -22.15
C GLN W 936 -14.26 -85.87 -20.73
N ASP W 937 -14.27 -84.99 -19.72
CA ASP W 937 -14.38 -85.45 -18.34
C ASP W 937 -15.84 -85.43 -17.88
N GLN W 938 -16.78 -85.20 -18.82
CA GLN W 938 -18.22 -85.36 -18.65
C GLN W 938 -18.92 -84.25 -17.89
N ASN W 939 -18.55 -83.96 -16.62
CA ASN W 939 -19.12 -82.86 -15.85
C ASN W 939 -18.45 -81.53 -16.19
N VAL W 940 -18.36 -81.25 -17.49
CA VAL W 940 -17.59 -80.18 -18.08
C VAL W 940 -18.53 -79.36 -18.93
N SER W 941 -19.07 -79.91 -20.04
CA SER W 941 -20.04 -79.19 -20.87
C SER W 941 -21.31 -78.80 -20.15
N GLN W 942 -21.97 -79.79 -19.53
CA GLN W 942 -23.23 -79.59 -18.86
C GLN W 942 -23.10 -78.82 -17.57
N LYS W 943 -22.06 -79.09 -16.76
CA LYS W 943 -21.88 -78.39 -15.50
C LYS W 943 -21.60 -76.90 -15.65
N LEU W 944 -20.75 -76.50 -16.62
CA LEU W 944 -20.51 -75.08 -16.84
C LEU W 944 -21.65 -74.39 -17.56
N MET W 945 -22.40 -75.08 -18.42
CA MET W 945 -23.66 -74.56 -18.94
C MET W 945 -24.68 -74.29 -17.83
N VAL W 946 -24.80 -75.20 -16.84
CA VAL W 946 -25.57 -75.01 -15.61
C VAL W 946 -25.06 -73.85 -14.75
N GLY W 947 -23.74 -73.61 -14.68
CA GLY W 947 -23.19 -72.42 -14.02
C GLY W 947 -23.50 -71.12 -14.74
N PHE W 948 -23.49 -71.11 -16.09
CA PHE W 948 -23.94 -69.98 -16.88
C PHE W 948 -25.42 -69.66 -16.69
N VAL W 949 -26.28 -70.70 -16.51
CA VAL W 949 -27.67 -70.55 -16.11
C VAL W 949 -27.83 -69.77 -14.82
N TYR W 978 -24.88 -64.58 -12.87
CA TYR W 978 -25.45 -63.85 -14.00
C TYR W 978 -24.34 -63.21 -14.82
N MET W 979 -23.35 -62.66 -14.12
CA MET W 979 -22.22 -62.03 -14.78
C MET W 979 -21.44 -63.07 -15.59
N THR W 980 -21.28 -64.25 -15.02
CA THR W 980 -20.57 -65.33 -15.70
C THR W 980 -21.33 -65.73 -16.96
N LYS W 981 -22.65 -65.79 -16.85
CA LYS W 981 -23.49 -66.14 -17.99
C LYS W 981 -23.33 -65.10 -19.09
N ILE W 982 -23.28 -63.83 -18.69
CA ILE W 982 -23.13 -62.74 -19.64
C ILE W 982 -21.79 -62.86 -20.35
N HIS W 983 -20.76 -63.22 -19.59
CA HIS W 983 -19.42 -63.38 -20.14
C HIS W 983 -19.42 -64.52 -21.16
N ILE W 984 -20.13 -65.59 -20.83
CA ILE W 984 -20.22 -66.74 -21.71
C ILE W 984 -20.91 -66.34 -23.01
N LEU W 985 -21.96 -65.53 -22.88
CA LEU W 985 -22.70 -65.06 -24.04
C LEU W 985 -21.80 -64.22 -24.92
N ASN W 986 -20.99 -63.37 -24.29
CA ASN W 986 -20.06 -62.52 -25.03
C ASN W 986 -19.05 -63.38 -25.77
N LEU W 987 -18.57 -64.43 -25.13
CA LEU W 987 -17.61 -65.33 -25.73
C LEU W 987 -18.23 -66.00 -26.96
N LEU W 988 -19.50 -66.40 -26.81
CA LEU W 988 -20.22 -67.04 -27.90
C LEU W 988 -20.34 -66.08 -29.08
N ILE W 989 -20.63 -64.82 -28.76
CA ILE W 989 -20.77 -63.80 -29.79
C ILE W 989 -19.45 -63.62 -30.53
N THR W 990 -18.36 -63.62 -29.76
CA THR W 990 -17.03 -63.47 -30.34
C THR W 990 -16.74 -64.64 -31.27
N SER W 991 -17.14 -65.84 -30.85
CA SER W 991 -16.92 -67.03 -31.65
C SER W 991 -17.70 -66.93 -32.96
N LEU W 992 -18.92 -66.42 -32.86
CA LEU W 992 -19.77 -66.25 -34.03
C LEU W 992 -19.13 -65.26 -34.99
N GLU W 993 -18.57 -64.20 -34.44
CA GLU W 993 -17.91 -63.18 -35.23
C GLU W 993 -16.69 -63.77 -35.96
N MET W 994 -15.97 -64.63 -35.26
CA MET W 994 -14.78 -65.27 -35.83
C MET W 994 -15.11 -65.93 -37.17
N LYS W 1009 -23.58 -77.97 -42.13
CA LYS W 1009 -23.55 -79.32 -41.58
C LYS W 1009 -22.88 -79.31 -40.22
N LYS W 1010 -21.80 -78.56 -40.10
CA LYS W 1010 -21.07 -78.46 -38.84
C LYS W 1010 -21.98 -77.85 -37.79
N PRO W 1011 -22.74 -76.84 -38.19
CA PRO W 1011 -23.66 -76.17 -37.27
C PRO W 1011 -24.75 -77.12 -36.80
N VAL W 1012 -25.23 -77.97 -37.71
CA VAL W 1012 -26.28 -78.94 -37.39
C VAL W 1012 -25.77 -80.00 -36.42
N SER W 1013 -24.51 -80.39 -36.57
CA SER W 1013 -23.92 -81.40 -35.71
C SER W 1013 -23.77 -80.86 -34.30
N THR W 1014 -23.32 -79.61 -34.19
CA THR W 1014 -23.14 -78.97 -32.89
C THR W 1014 -24.44 -78.96 -32.09
N THR W 1015 -25.53 -78.59 -32.74
CA THR W 1015 -26.83 -78.53 -32.08
C THR W 1015 -27.27 -79.92 -31.62
N ASN W 1016 -27.01 -80.93 -32.45
CA ASN W 1016 -27.38 -82.30 -32.11
C ASN W 1016 -26.64 -82.81 -30.88
N LEU W 1017 -25.36 -82.46 -30.78
CA LEU W 1017 -24.54 -82.89 -29.65
C LEU W 1017 -25.07 -82.31 -28.34
N GLN W 1018 -25.49 -81.06 -28.38
CA GLN W 1018 -26.01 -80.38 -27.19
C GLN W 1018 -27.29 -81.06 -26.70
N ASP W 1019 -28.14 -81.47 -27.63
CA ASP W 1019 -29.39 -82.13 -27.28
C ASP W 1019 -29.17 -83.24 -26.26
N LEU W 1023 -33.04 -81.91 -19.44
CA LEU W 1023 -33.80 -81.17 -20.45
C LEU W 1023 -32.98 -80.01 -20.99
N GLY W 1024 -32.48 -80.17 -22.22
CA GLY W 1024 -31.69 -79.14 -22.85
C GLY W 1024 -32.48 -77.86 -23.06
N CYS W 1025 -33.73 -78.01 -23.47
CA CYS W 1025 -34.59 -76.85 -23.69
C CYS W 1025 -34.79 -76.12 -22.38
N PRO W 1026 -34.99 -76.88 -21.31
CA PRO W 1026 -35.19 -76.30 -19.97
C PRO W 1026 -33.94 -75.55 -19.55
N ARG W 1027 -32.78 -76.12 -19.83
CA ARG W 1027 -31.51 -75.48 -19.48
C ARG W 1027 -31.37 -74.17 -20.23
N THR W 1028 -31.77 -74.18 -21.50
CA THR W 1028 -31.70 -72.99 -22.34
C THR W 1028 -32.62 -71.91 -21.76
N CYS W 1029 -33.80 -72.32 -21.32
CA CYS W 1029 -34.76 -71.40 -20.75
C CYS W 1029 -34.18 -70.77 -19.48
N LEU W 1030 -33.51 -71.61 -18.68
CA LEU W 1030 -32.91 -71.14 -17.45
C LEU W 1030 -31.82 -70.12 -17.75
N HIS W 1031 -31.04 -70.39 -18.80
CA HIS W 1031 -29.97 -69.49 -19.21
C HIS W 1031 -30.57 -68.16 -19.64
N SER W 1032 -31.69 -68.22 -20.36
CA SER W 1032 -32.36 -67.02 -20.84
C SER W 1032 -32.84 -66.21 -19.64
N ILE W 1033 -33.38 -66.89 -18.64
CA ILE W 1033 -33.87 -66.24 -17.44
C ILE W 1033 -32.71 -65.54 -16.72
N LEU W 1034 -31.57 -66.22 -16.67
CA LEU W 1034 -30.39 -65.65 -16.03
C LEU W 1034 -29.94 -64.40 -16.76
N ASP W 1035 -30.00 -64.45 -18.09
CA ASP W 1035 -29.61 -63.31 -18.91
C ASP W 1035 -30.55 -62.14 -18.63
N ILE W 1036 -31.84 -62.44 -18.50
CA ILE W 1036 -32.83 -61.42 -18.22
C ILE W 1036 -32.55 -60.78 -16.87
N LEU W 1037 -32.18 -61.61 -15.89
CA LEU W 1037 -31.87 -61.12 -14.56
C LEU W 1037 -30.67 -60.21 -14.61
N ASP W 1052 -28.35 -51.23 -16.12
CA ASP W 1052 -27.19 -51.82 -16.78
C ASP W 1052 -27.24 -53.35 -16.95
N THR W 1053 -27.65 -54.08 -15.91
CA THR W 1053 -27.80 -55.54 -15.89
C THR W 1053 -28.88 -56.13 -16.81
N PRO W 1054 -30.13 -55.65 -16.96
CA PRO W 1054 -31.02 -56.12 -18.02
C PRO W 1054 -30.52 -55.74 -19.39
N HIS W 1055 -29.83 -54.60 -19.54
CA HIS W 1055 -29.19 -54.24 -20.79
C HIS W 1055 -28.11 -55.25 -21.21
N LEU W 1056 -27.29 -55.72 -20.25
CA LEU W 1056 -26.36 -56.82 -20.46
C LEU W 1056 -27.04 -58.12 -20.90
N ALA W 1057 -28.16 -58.48 -20.25
CA ALA W 1057 -28.98 -59.60 -20.65
C ALA W 1057 -29.59 -59.47 -22.05
N GLU W 1058 -30.09 -58.26 -22.43
CA GLU W 1058 -30.56 -57.98 -23.78
C GLU W 1058 -29.47 -58.18 -24.84
N LEU W 1059 -28.26 -57.64 -24.60
CA LEU W 1059 -27.12 -57.81 -25.47
C LEU W 1059 -26.69 -59.26 -25.65
N CYS W 1060 -26.66 -60.08 -24.57
CA CYS W 1060 -26.44 -61.52 -24.71
C CYS W 1060 -27.53 -62.25 -25.48
N TYR W 1061 -28.81 -61.95 -25.20
CA TYR W 1061 -29.93 -62.59 -25.88
C TYR W 1061 -30.07 -62.29 -27.36
N GLN W 1062 -29.78 -61.05 -27.81
CA GLN W 1062 -29.88 -60.71 -29.22
C GLN W 1062 -28.95 -61.52 -30.12
N VAL W 1063 -27.74 -61.77 -29.62
CA VAL W 1063 -26.76 -62.56 -30.38
C VAL W 1063 -27.26 -63.96 -30.65
N ILE W 1064 -27.71 -64.64 -29.60
CA ILE W 1064 -28.22 -66.00 -29.73
C ILE W 1064 -29.45 -66.03 -30.63
N TYR W 1065 -30.32 -65.04 -30.47
CA TYR W 1065 -31.53 -64.95 -31.27
C TYR W 1065 -31.16 -64.77 -32.74
N GLN W 1066 -30.15 -63.92 -32.98
CA GLN W 1066 -29.68 -63.66 -34.34
C GLN W 1066 -29.13 -64.95 -34.95
N LEU W 1067 -28.40 -65.71 -34.15
CA LEU W 1067 -27.83 -66.97 -34.61
C LEU W 1067 -28.94 -67.93 -34.98
N CYS W 1068 -29.99 -67.95 -34.17
CA CYS W 1068 -31.13 -68.82 -34.39
C CYS W 1068 -31.83 -68.43 -35.70
N ALA W 1069 -31.93 -67.13 -35.94
CA ALA W 1069 -32.57 -66.62 -37.15
C ALA W 1069 -32.08 -67.38 -38.39
N PRO W 1076 -36.23 -76.85 -35.37
CA PRO W 1076 -36.22 -77.48 -34.05
C PRO W 1076 -35.76 -76.49 -32.96
N THR W 1077 -34.69 -75.76 -33.25
CA THR W 1077 -34.16 -74.79 -32.29
C THR W 1077 -35.19 -73.70 -32.03
N MET W 1078 -35.85 -73.24 -33.09
CA MET W 1078 -36.86 -72.20 -32.95
C MET W 1078 -38.00 -72.70 -32.07
N ARG W 1079 -38.39 -73.96 -32.28
CA ARG W 1079 -39.47 -74.56 -31.52
C ARG W 1079 -39.08 -74.63 -30.05
N TYR W 1080 -37.82 -74.99 -29.80
CA TYR W 1080 -37.31 -75.08 -28.43
C TYR W 1080 -37.35 -73.71 -27.78
N LEU W 1081 -36.99 -72.68 -28.54
CA LEU W 1081 -36.99 -71.31 -28.02
C LEU W 1081 -38.39 -70.87 -27.65
N ARG W 1082 -39.36 -71.20 -28.50
CA ARG W 1082 -40.74 -70.83 -28.25
C ARG W 1082 -41.26 -71.49 -26.98
N THR W 1083 -40.90 -72.75 -26.78
CA THR W 1083 -41.32 -73.48 -25.59
C THR W 1083 -40.73 -72.81 -24.35
N SER W 1084 -39.48 -72.40 -24.45
CA SER W 1084 -38.81 -71.73 -23.33
C SER W 1084 -39.52 -70.42 -23.01
N GLN W 1085 -39.91 -69.70 -24.06
CA GLN W 1085 -40.61 -68.43 -23.89
C GLN W 1085 -41.94 -68.68 -23.19
N ASP W 1086 -42.62 -69.74 -23.59
CA ASP W 1086 -43.90 -70.10 -22.99
C ASP W 1086 -43.73 -70.42 -21.51
N PHE W 1087 -42.64 -71.12 -21.19
CA PHE W 1087 -42.36 -71.51 -19.81
C PHE W 1087 -42.29 -70.28 -18.91
N GLU W 1101 -38.13 -37.18 -22.25
CA GLU W 1101 -36.78 -37.44 -22.69
C GLU W 1101 -36.64 -38.78 -23.37
N SER W 1102 -35.75 -38.86 -24.38
CA SER W 1102 -35.40 -40.12 -25.04
C SER W 1102 -33.91 -40.29 -24.97
N GLU W 1103 -33.42 -41.17 -24.08
CA GLU W 1103 -32.01 -41.51 -23.96
C GLU W 1103 -31.47 -42.28 -25.17
N ILE W 1104 -30.15 -42.14 -25.47
CA ILE W 1104 -29.45 -42.86 -26.54
C ILE W 1104 -29.63 -44.37 -26.43
N SER W 1105 -29.28 -44.90 -25.26
CA SER W 1105 -29.37 -46.30 -24.90
C SER W 1105 -30.79 -46.82 -24.90
N ALA W 1106 -31.74 -46.02 -24.40
CA ALA W 1106 -33.14 -46.31 -24.50
C ALA W 1106 -33.70 -46.39 -25.93
N MET W 1107 -33.32 -45.47 -26.85
CA MET W 1107 -33.70 -45.60 -28.25
C MET W 1107 -33.13 -46.85 -28.93
N ASN W 1108 -31.86 -47.21 -28.63
CA ASN W 1108 -31.28 -48.46 -29.08
C ASN W 1108 -32.01 -49.70 -28.52
N GLN W 1109 -32.36 -49.71 -27.20
CA GLN W 1109 -33.11 -50.78 -26.55
C GLN W 1109 -34.49 -51.01 -27.15
N MET W 1110 -35.20 -49.92 -27.49
CA MET W 1110 -36.45 -49.97 -28.22
C MET W 1110 -36.29 -50.52 -29.63
N SER W 1111 -35.22 -50.09 -30.35
CA SER W 1111 -34.97 -50.55 -31.72
C SER W 1111 -34.78 -52.05 -31.83
N TRP W 1112 -34.02 -52.64 -30.89
CA TRP W 1112 -33.81 -54.07 -30.80
C TRP W 1112 -35.06 -54.87 -30.45
N LEU W 1113 -35.92 -54.37 -29.53
CA LEU W 1113 -37.22 -55.00 -29.25
C LEU W 1113 -38.14 -55.05 -30.46
N MET W 1114 -38.25 -53.93 -31.19
CA MET W 1114 -39.06 -53.88 -32.40
C MET W 1114 -38.54 -54.82 -33.49
N LYS W 1115 -37.21 -54.93 -33.66
CA LYS W 1115 -36.60 -55.91 -34.55
C LYS W 1115 -36.87 -57.35 -34.15
N THR W 1116 -36.79 -57.70 -32.85
CA THR W 1116 -37.15 -59.05 -32.40
C THR W 1116 -38.62 -59.35 -32.55
N ALA W 1117 -39.52 -58.38 -32.30
CA ALA W 1117 -40.94 -58.48 -32.56
C ALA W 1117 -41.24 -58.71 -34.05
N THR W 1118 -40.52 -58.00 -34.94
CA THR W 1118 -40.57 -58.22 -36.38
C THR W 1118 -40.17 -59.61 -36.81
N ILE W 1119 -39.04 -60.14 -36.30
CA ILE W 1119 -38.62 -61.49 -36.60
C ILE W 1119 -39.57 -62.55 -36.03
N GLU W 1120 -40.02 -62.38 -34.79
CA GLU W 1120 -40.96 -63.28 -34.14
C GLU W 1120 -42.33 -63.34 -34.83
N LEU W 1121 -42.84 -62.20 -35.31
CA LEU W 1121 -44.04 -62.16 -36.13
C LEU W 1121 -43.89 -62.91 -37.46
N ARG W 1122 -42.72 -62.80 -38.14
CA ARG W 1122 -42.42 -63.60 -39.31
C ARG W 1122 -42.33 -65.11 -39.09
N ILE W 1123 -41.62 -65.56 -38.03
CA ILE W 1123 -41.48 -66.98 -37.70
C ILE W 1123 -42.80 -67.60 -37.26
N THR W 1124 -43.66 -66.84 -36.55
CA THR W 1124 -45.02 -67.25 -36.22
C THR W 1124 -45.90 -67.45 -37.44
N SER W 1125 -45.82 -66.52 -38.38
CA SER W 1125 -46.69 -66.51 -39.55
C SER W 1125 -46.70 -67.77 -40.39
N LEU W 1126 -45.56 -68.43 -40.57
CA LEU W 1126 -45.57 -69.65 -41.38
C LEU W 1126 -46.48 -70.67 -40.71
N ASN W 1127 -46.35 -70.85 -39.40
CA ASN W 1127 -47.19 -71.78 -38.65
C ASN W 1127 -47.82 -71.24 -37.35
N ARG W 1128 -47.35 -70.07 -36.92
CA ARG W 1128 -47.85 -69.46 -35.70
C ARG W 1128 -49.37 -69.36 -35.70
N GLN W 1129 -49.94 -69.15 -36.88
CA GLN W 1129 -51.39 -69.05 -37.01
C GLN W 1129 -52.08 -70.35 -36.59
N ARG W 1130 -51.49 -71.47 -37.00
CA ARG W 1130 -52.03 -72.77 -36.65
C ARG W 1130 -52.01 -72.95 -35.13
N SER W 1131 -50.91 -72.52 -34.51
CA SER W 1131 -50.76 -72.63 -33.07
C SER W 1131 -51.83 -71.79 -32.38
N HIS W 1132 -52.06 -70.60 -32.92
CA HIS W 1132 -53.07 -69.70 -32.36
C HIS W 1132 -54.45 -70.35 -32.45
N THR W 1133 -54.71 -71.00 -33.58
CA THR W 1133 -55.98 -71.66 -33.79
C THR W 1133 -56.16 -72.78 -32.78
N GLN W 1134 -55.07 -73.51 -32.53
CA GLN W 1134 -55.10 -74.61 -31.58
C GLN W 1134 -55.40 -74.08 -30.19
N ARG W 1135 -54.78 -72.94 -29.86
CA ARG W 1135 -54.99 -72.32 -28.56
C ARG W 1135 -56.45 -71.91 -28.41
N LEU W 1136 -57.01 -71.37 -29.49
CA LEU W 1136 -58.41 -70.94 -29.48
C LEU W 1136 -59.31 -72.15 -29.26
N LEU W 1137 -58.97 -73.25 -29.90
CA LEU W 1137 -59.75 -74.48 -29.76
C LEU W 1137 -59.69 -74.97 -28.32
N HIS W 1138 -58.51 -74.88 -27.71
CA HIS W 1138 -58.32 -75.29 -26.33
C HIS W 1138 -59.18 -74.42 -25.42
N LEU W 1139 -59.20 -73.13 -25.70
CA LEU W 1139 -59.99 -72.20 -24.91
C LEU W 1139 -61.47 -72.55 -25.02
N LEU W 1140 -61.90 -72.90 -26.23
CA LEU W 1140 -63.30 -73.26 -26.46
C LEU W 1140 -63.63 -74.51 -25.66
N LEU W 1141 -62.69 -75.46 -25.64
CA LEU W 1141 -62.88 -76.70 -24.91
C LEU W 1141 -63.00 -76.43 -23.42
N ASP W 1142 -62.20 -75.50 -22.92
CA ASP W 1142 -62.21 -75.13 -21.51
C ASP W 1142 -61.90 -76.34 -20.63
N PHE W 1170 -62.40 -66.07 -28.73
CA PHE W 1170 -62.59 -64.89 -29.57
C PHE W 1170 -62.27 -63.61 -28.82
N ASP W 1171 -62.55 -63.60 -27.52
CA ASP W 1171 -62.29 -62.43 -26.69
C ASP W 1171 -60.80 -62.13 -26.65
N THR W 1172 -59.99 -63.18 -26.53
CA THR W 1172 -58.54 -63.02 -26.49
C THR W 1172 -58.05 -62.41 -27.81
N THR W 1173 -58.62 -62.89 -28.91
CA THR W 1173 -58.25 -62.39 -30.23
C THR W 1173 -58.61 -60.92 -30.33
N SER W 1174 -59.77 -60.56 -29.80
CA SER W 1174 -60.22 -59.17 -29.84
C SER W 1174 -59.26 -58.29 -29.04
N LYS W 1175 -58.82 -58.81 -27.89
CA LYS W 1175 -57.89 -58.09 -27.04
C LYS W 1175 -56.58 -57.88 -27.78
N VAL W 1176 -56.14 -58.90 -28.50
CA VAL W 1176 -54.89 -58.83 -29.25
C VAL W 1176 -55.02 -57.76 -30.34
N ARG W 1177 -56.18 -57.72 -30.98
CA ARG W 1177 -56.44 -56.75 -32.03
C ARG W 1177 -56.39 -55.34 -31.45
N ARG W 1178 -56.96 -55.19 -30.27
CA ARG W 1178 -56.98 -53.89 -29.59
C ARG W 1178 -55.56 -53.46 -29.27
N LYS W 1179 -54.75 -54.41 -28.83
CA LYS W 1179 -53.35 -54.14 -28.50
C LYS W 1179 -52.61 -53.69 -29.75
N ILE W 1180 -52.89 -54.36 -30.86
CA ILE W 1180 -52.25 -54.02 -32.14
C ILE W 1180 -52.63 -52.61 -32.55
N LEU W 1181 -53.91 -52.26 -32.34
CA LEU W 1181 -54.40 -50.93 -32.68
C LEU W 1181 -53.68 -49.89 -31.83
N ARG W 1182 -53.50 -50.21 -30.55
CA ARG W 1182 -52.82 -49.29 -29.64
C ARG W 1182 -51.38 -49.09 -30.10
N ILE W 1183 -50.75 -50.18 -30.53
CA ILE W 1183 -49.38 -50.12 -31.01
C ILE W 1183 -49.28 -49.24 -32.25
N LEU W 1184 -50.27 -49.36 -33.13
CA LEU W 1184 -50.31 -48.58 -34.36
C LEU W 1184 -50.70 -47.13 -34.09
N ASP W 1185 -50.36 -46.65 -32.90
CA ASP W 1185 -50.67 -45.29 -32.51
C ASP W 1185 -49.45 -44.39 -32.56
N ILE W 1193 -35.29 -27.55 -42.66
CA ILE W 1193 -34.29 -26.52 -42.91
C ILE W 1193 -33.19 -26.48 -41.85
N PRO W 1194 -33.26 -27.40 -40.90
CA PRO W 1194 -32.26 -27.46 -39.84
C PRO W 1194 -30.87 -27.76 -40.40
N GLU W 1195 -30.81 -28.68 -41.36
CA GLU W 1195 -29.54 -29.03 -41.98
C GLU W 1195 -28.97 -27.81 -42.70
N PRO W 1196 -29.84 -27.08 -43.38
CA PRO W 1196 -29.43 -25.88 -44.10
C PRO W 1196 -28.88 -24.84 -43.13
N LEU W 1197 -29.54 -24.70 -41.99
CA LEU W 1197 -29.10 -23.75 -40.98
C LEU W 1197 -27.73 -24.15 -40.46
N GLN W 1198 -27.53 -25.45 -40.27
CA GLN W 1198 -26.26 -25.96 -39.79
C GLN W 1198 -25.17 -25.65 -40.81
N LEU W 1199 -25.49 -25.82 -42.09
CA LEU W 1199 -24.54 -25.55 -43.16
C LEU W 1199 -24.17 -24.07 -43.16
N ASP W 1200 -25.17 -23.22 -42.95
CA ASP W 1200 -24.95 -21.78 -42.92
C ASP W 1200 -24.02 -21.44 -41.76
N PHE W 1201 -24.24 -22.08 -40.61
CA PHE W 1201 -23.42 -21.84 -39.45
C PHE W 1201 -21.98 -22.26 -39.73
N PHE W 1202 -21.82 -23.38 -40.41
CA PHE W 1202 -20.49 -23.87 -40.77
C PHE W 1202 -19.80 -22.88 -41.68
N GLN W 1206 -14.21 -29.81 -51.10
CA GLN W 1206 -13.89 -28.89 -50.02
C GLN W 1206 -14.44 -29.40 -48.69
N ILE W 1207 -14.72 -28.47 -47.78
CA ILE W 1207 -15.25 -28.82 -46.47
C ILE W 1207 -16.61 -29.51 -46.61
N GLU W 1208 -17.44 -29.00 -47.52
CA GLU W 1208 -18.76 -29.58 -47.74
C GLU W 1208 -18.60 -31.00 -48.26
N GLN W 1209 -17.65 -31.19 -49.16
CA GLN W 1209 -17.40 -32.51 -49.72
C GLN W 1209 -16.96 -33.47 -48.64
N VAL W 1210 -16.11 -32.98 -47.73
CA VAL W 1210 -15.62 -33.79 -46.63
C VAL W 1210 -16.78 -34.19 -45.73
N ILE W 1211 -17.70 -33.25 -45.49
CA ILE W 1211 -18.86 -33.52 -44.66
C ILE W 1211 -19.73 -34.58 -45.32
N ALA W 1212 -19.87 -34.50 -46.64
CA ALA W 1212 -20.67 -35.46 -47.37
C ALA W 1212 -20.05 -36.84 -47.25
N ASN W 1213 -18.71 -36.88 -47.34
CA ASN W 1213 -17.99 -38.14 -47.22
C ASN W 1213 -18.21 -38.74 -45.85
N CYS W 1214 -18.18 -37.89 -44.82
CA CYS W 1214 -18.38 -38.34 -43.45
C CYS W 1214 -19.78 -38.91 -43.31
N GLU W 1215 -20.75 -38.25 -43.93
CA GLU W 1215 -22.13 -38.71 -43.87
C GLU W 1215 -22.25 -40.08 -44.54
N HIS W 1216 -21.56 -40.24 -45.65
CA HIS W 1216 -21.58 -41.51 -46.38
C HIS W 1216 -20.98 -42.60 -45.51
N LYS W 1217 -19.90 -42.28 -44.80
CA LYS W 1217 -19.25 -43.24 -43.93
C LYS W 1217 -20.20 -43.65 -42.82
N ASN W 1218 -20.93 -42.67 -42.29
CA ASN W 1218 -21.89 -42.92 -41.23
C ASN W 1218 -23.01 -43.84 -41.72
N ARG W 1219 -23.45 -43.62 -42.96
CA ARG W 1219 -24.51 -44.43 -43.55
C ARG W 1219 -24.08 -45.88 -43.67
N VAL W 1227 -20.54 -43.24 -35.09
CA VAL W 1227 -20.43 -41.83 -34.75
C VAL W 1227 -19.20 -41.56 -33.90
N LYS W 1228 -18.93 -42.46 -32.96
CA LYS W 1228 -17.77 -42.32 -32.09
C LYS W 1228 -16.50 -42.39 -32.91
N LEU W 1229 -16.47 -43.31 -33.88
CA LEU W 1229 -15.33 -43.48 -34.75
C LEU W 1229 -15.10 -42.22 -35.56
N LEU W 1230 -16.20 -41.63 -36.04
CA LEU W 1230 -16.13 -40.41 -36.82
C LEU W 1230 -15.55 -39.28 -35.97
N HIS W 1231 -16.03 -39.23 -34.73
CA HIS W 1231 -15.60 -38.23 -33.77
C HIS W 1231 -14.12 -38.37 -33.50
N ARG W 1232 -13.64 -39.60 -33.37
CA ARG W 1232 -12.22 -39.81 -33.16
C ARG W 1232 -11.49 -39.34 -34.41
N VAL W 1233 -12.02 -39.71 -35.57
CA VAL W 1233 -11.44 -39.34 -36.86
C VAL W 1233 -11.49 -37.83 -37.07
N LEU W 1234 -12.61 -37.22 -36.69
CA LEU W 1234 -12.77 -35.79 -36.82
C LEU W 1234 -11.75 -35.09 -35.94
N VAL W 1235 -11.54 -35.65 -34.75
CA VAL W 1235 -10.60 -35.09 -33.80
C VAL W 1235 -9.20 -35.18 -34.37
N ALA W 1236 -8.89 -36.30 -35.02
CA ALA W 1236 -7.59 -36.49 -35.63
C ALA W 1236 -7.39 -35.46 -36.73
N GLU W 1237 -8.43 -35.22 -37.51
CA GLU W 1237 -8.35 -34.24 -38.59
C GLU W 1237 -8.10 -32.84 -38.02
N VAL W 1238 -8.78 -32.54 -36.92
CA VAL W 1238 -8.64 -31.24 -36.28
C VAL W 1238 -7.21 -31.09 -35.78
N ASN W 1239 -6.68 -32.18 -35.24
CA ASN W 1239 -5.32 -32.20 -34.73
C ASN W 1239 -4.34 -31.94 -35.85
N ALA W 1240 -4.61 -32.56 -37.01
CA ALA W 1240 -3.75 -32.40 -38.17
C ALA W 1240 -3.77 -30.94 -38.62
N LEU W 1241 -4.96 -30.33 -38.60
CA LEU W 1241 -5.09 -28.94 -39.01
C LEU W 1241 -4.29 -28.05 -38.05
N GLN W 1242 -4.38 -28.38 -36.76
CA GLN W 1242 -3.69 -27.64 -35.72
C GLN W 1242 -2.18 -27.76 -35.88
N GLY W 1243 -1.76 -28.95 -36.31
CA GLY W 1243 -0.37 -29.28 -36.49
C GLY W 1243 0.38 -28.43 -37.48
N MET W 1244 -0.23 -28.10 -38.62
CA MET W 1244 0.54 -27.27 -39.54
C MET W 1244 1.42 -26.43 -38.61
N ALA W 1245 0.85 -25.29 -38.22
CA ALA W 1245 1.44 -24.33 -37.29
C ALA W 1245 0.26 -24.01 -36.38
N ALA W 1246 0.52 -23.71 -35.11
CA ALA W 1246 -0.59 -23.41 -34.21
C ALA W 1246 -1.38 -22.19 -34.65
N ILE W 1247 -0.67 -21.13 -35.02
CA ILE W 1247 -1.29 -19.90 -35.50
C ILE W 1247 -1.80 -19.03 -34.34
N GLY W 1248 -2.16 -17.80 -34.64
CA GLY W 1248 -2.69 -16.89 -33.63
C GLY W 1248 -4.04 -17.34 -33.09
N GLN W 1249 -4.89 -17.80 -34.00
CA GLN W 1249 -6.24 -18.25 -33.67
C GLN W 1249 -6.29 -19.49 -32.77
N ARG W 1250 -5.38 -20.42 -33.03
CA ARG W 1250 -5.26 -21.71 -32.32
C ARG W 1250 -6.40 -22.11 -31.39
N PRO W 1251 -6.39 -21.60 -30.17
CA PRO W 1251 -7.43 -21.91 -29.18
C PRO W 1251 -8.83 -21.45 -29.58
N LEU W 1252 -8.94 -20.26 -30.15
CA LEU W 1252 -10.23 -19.72 -30.56
C LEU W 1252 -10.93 -20.54 -31.64
N LEU W 1253 -10.15 -21.01 -32.61
CA LEU W 1253 -10.69 -21.80 -33.72
C LEU W 1253 -11.31 -23.12 -33.28
N MET W 1254 -10.68 -23.78 -32.32
CA MET W 1254 -11.15 -25.07 -31.81
C MET W 1254 -12.54 -25.04 -31.17
N GLU W 1255 -12.83 -24.00 -30.40
CA GLU W 1255 -14.13 -23.91 -29.73
C GLU W 1255 -15.31 -23.83 -30.69
N GLU W 1256 -15.22 -22.99 -31.70
CA GLU W 1256 -16.31 -22.87 -32.67
C GLU W 1256 -16.46 -24.15 -33.48
N ILE W 1257 -15.33 -24.67 -33.93
CA ILE W 1257 -15.28 -25.88 -34.74
C ILE W 1257 -15.79 -27.10 -34.01
N ASN W 1258 -15.38 -27.27 -32.75
CA ASN W 1258 -15.82 -28.44 -31.99
C ASN W 1258 -17.33 -28.41 -31.81
N THR W 1259 -17.86 -27.24 -31.48
CA THR W 1259 -19.29 -27.09 -31.29
C THR W 1259 -20.03 -27.39 -32.59
N ILE W 1260 -19.47 -26.90 -33.69
CA ILE W 1260 -20.11 -27.12 -34.98
C ILE W 1260 -20.15 -28.62 -35.28
N LEU W 1261 -19.04 -29.29 -34.99
CA LEU W 1261 -18.95 -30.72 -35.25
C LEU W 1261 -19.96 -31.47 -34.41
N GLN W 1262 -20.11 -31.07 -33.15
CA GLN W 1262 -21.06 -31.72 -32.27
C GLN W 1262 -22.47 -31.55 -32.80
N TYR W 1263 -22.77 -30.34 -33.27
CA TYR W 1263 -24.10 -30.08 -33.79
C TYR W 1263 -24.36 -30.95 -35.02
N VAL W 1264 -23.35 -31.06 -35.88
CA VAL W 1264 -23.49 -31.85 -37.08
C VAL W 1264 -23.73 -33.32 -36.71
N VAL W 1265 -22.99 -33.81 -35.74
CA VAL W 1265 -23.12 -35.20 -35.30
C VAL W 1265 -24.51 -35.49 -34.75
N GLU W 1266 -25.05 -34.57 -33.96
CA GLU W 1266 -26.36 -34.75 -33.36
C GLU W 1266 -27.44 -34.83 -34.45
N ARG W 1267 -27.33 -33.97 -35.45
CA ARG W 1267 -28.30 -33.96 -36.54
C ARG W 1267 -28.24 -35.28 -37.29
N ASN W 1268 -27.04 -35.78 -37.52
CA ASN W 1268 -26.85 -37.04 -38.21
C ASN W 1268 -27.48 -38.18 -37.41
N LYS W 1269 -27.29 -38.14 -36.10
CA LYS W 1269 -27.84 -39.16 -35.23
C LYS W 1269 -29.36 -39.13 -35.31
N LEU W 1270 -29.92 -37.93 -35.33
CA LEU W 1270 -31.37 -37.76 -35.41
C LEU W 1270 -31.87 -38.33 -36.72
N LEU W 1271 -31.14 -38.08 -37.80
CA LEU W 1271 -31.53 -38.57 -39.11
C LEU W 1271 -31.52 -40.10 -39.11
N GLN W 1272 -30.50 -40.67 -38.47
CA GLN W 1272 -30.38 -42.12 -38.40
C GLN W 1272 -31.56 -42.69 -37.63
N CYS W 1273 -31.93 -42.02 -36.55
CA CYS W 1273 -33.05 -42.47 -35.73
C CYS W 1273 -34.33 -42.43 -36.55
N LEU W 1274 -34.48 -41.37 -37.35
CA LEU W 1274 -35.67 -41.22 -38.19
C LEU W 1274 -35.72 -42.35 -39.20
N HIS W 1275 -34.57 -42.69 -39.77
CA HIS W 1275 -34.50 -43.77 -40.75
C HIS W 1275 -34.88 -45.10 -40.10
N ALA W 1276 -34.41 -45.30 -38.88
CA ALA W 1276 -34.70 -46.53 -38.14
C ALA W 1276 -36.18 -46.67 -37.83
N LYS W 1277 -36.81 -45.56 -37.47
CA LYS W 1277 -38.23 -45.56 -37.13
C LYS W 1277 -39.05 -45.84 -38.37
N ARG W 1278 -38.68 -45.24 -39.49
CA ARG W 1278 -39.41 -45.46 -40.73
C ARG W 1278 -39.28 -46.92 -41.13
N HIS W 1279 -38.07 -47.45 -40.99
CA HIS W 1279 -37.79 -48.84 -41.30
C HIS W 1279 -38.56 -49.77 -40.38
N ALA W 1280 -38.63 -49.40 -39.10
CA ALA W 1280 -39.33 -50.21 -38.13
C ALA W 1280 -40.83 -50.14 -38.39
N LEU W 1281 -41.32 -48.94 -38.70
CA LEU W 1281 -42.72 -48.75 -38.98
C LEU W 1281 -43.14 -49.55 -40.21
N GLU W 1282 -42.29 -49.54 -41.23
CA GLU W 1282 -42.60 -50.28 -42.45
C GLU W 1282 -42.63 -51.78 -42.12
N SER W 1283 -41.66 -52.18 -41.31
CA SER W 1283 -41.50 -53.56 -40.87
C SER W 1283 -42.67 -54.05 -40.02
N TRP W 1284 -43.16 -53.20 -39.13
CA TRP W 1284 -44.27 -53.62 -38.28
C TRP W 1284 -45.56 -53.59 -39.08
N ARG W 1285 -45.76 -52.53 -39.87
CA ARG W 1285 -46.97 -52.44 -40.68
C ARG W 1285 -46.97 -53.56 -41.71
N GLN W 1286 -45.80 -53.77 -42.29
CA GLN W 1286 -45.56 -54.78 -43.31
C GLN W 1286 -45.76 -56.18 -42.78
N LEU W 1287 -45.28 -56.47 -41.58
CA LEU W 1287 -45.50 -57.82 -41.09
C LEU W 1287 -46.83 -57.92 -40.37
N VAL W 1288 -47.15 -56.94 -39.54
CA VAL W 1288 -48.41 -56.98 -38.81
C VAL W 1288 -49.59 -56.93 -39.78
N GLU W 1289 -49.43 -56.08 -40.79
CA GLU W 1289 -50.48 -55.90 -41.78
C GLU W 1289 -50.69 -57.19 -42.54
N ILE W 1290 -49.60 -57.85 -42.91
CA ILE W 1290 -49.67 -59.10 -43.65
C ILE W 1290 -50.35 -60.14 -42.80
N ILE W 1291 -50.02 -60.13 -41.51
CA ILE W 1291 -50.59 -61.08 -40.60
C ILE W 1291 -52.10 -60.91 -40.53
N LEU W 1292 -52.59 -59.67 -40.44
CA LEU W 1292 -54.04 -59.53 -40.39
C LEU W 1292 -54.57 -59.96 -41.75
N THR W 1293 -53.93 -59.42 -42.77
CA THR W 1293 -54.18 -59.68 -44.18
C THR W 1293 -53.72 -61.05 -44.63
N ALA W 1294 -52.55 -61.47 -44.19
CA ALA W 1294 -52.07 -62.78 -44.62
C ALA W 1294 -52.90 -63.83 -43.92
N CYS W 1295 -53.12 -63.61 -42.63
CA CYS W 1295 -53.91 -64.49 -41.80
C CYS W 1295 -55.36 -64.51 -42.27
N PRO W 1296 -55.86 -63.33 -42.64
CA PRO W 1296 -57.25 -63.21 -43.09
C PRO W 1296 -58.13 -64.39 -42.66
N GLN W 1297 -57.59 -65.60 -42.66
CA GLN W 1297 -58.39 -66.74 -42.25
C GLN W 1297 -58.81 -66.52 -40.80
N ASP W 1298 -57.88 -66.02 -40.00
CA ASP W 1298 -58.16 -65.71 -38.60
C ASP W 1298 -59.22 -64.61 -38.55
N LEU W 1299 -59.08 -63.65 -39.46
CA LEU W 1299 -59.93 -62.45 -39.56
C LEU W 1299 -61.43 -62.59 -39.89
N ILE W 1300 -61.81 -63.70 -40.50
CA ILE W 1300 -63.20 -63.91 -40.93
C ILE W 1300 -64.29 -63.90 -39.85
N PRO W 1301 -64.01 -64.41 -38.66
CA PRO W 1301 -65.02 -64.48 -37.60
C PRO W 1301 -65.62 -63.15 -37.08
N THR W 1302 -64.84 -62.09 -36.90
CA THR W 1302 -65.38 -60.83 -36.39
C THR W 1302 -66.39 -60.16 -37.33
N GLU W 1303 -67.47 -59.61 -36.78
CA GLU W 1303 -68.48 -58.94 -37.60
C GLU W 1303 -68.38 -57.41 -37.62
N HIS W 1304 -68.36 -56.78 -36.45
CA HIS W 1304 -68.23 -55.32 -36.38
C HIS W 1304 -66.86 -55.07 -36.95
N ARG W 1305 -65.96 -55.95 -36.53
CA ARG W 1305 -64.58 -56.02 -36.94
C ARG W 1305 -64.20 -55.16 -38.14
N GLN W 1306 -65.16 -54.83 -39.01
CA GLN W 1306 -65.06 -53.79 -40.02
C GLN W 1306 -64.85 -52.42 -39.37
N LEU W 1307 -65.47 -52.19 -38.20
CA LEU W 1307 -65.17 -51.09 -37.31
C LEU W 1307 -63.74 -51.09 -36.77
N ILE W 1308 -63.22 -52.25 -36.31
CA ILE W 1308 -61.85 -52.38 -35.80
C ILE W 1308 -60.79 -52.00 -36.83
N ILE W 1309 -60.90 -52.46 -38.10
CA ILE W 1309 -59.96 -52.03 -39.15
C ILE W 1309 -60.11 -50.58 -39.55
N ARG W 1310 -61.33 -50.03 -39.51
CA ARG W 1310 -61.57 -48.63 -39.73
C ARG W 1310 -60.92 -47.75 -38.68
N ASP W 1311 -61.04 -48.15 -37.39
CA ASP W 1311 -60.37 -47.53 -36.27
C ASP W 1311 -58.84 -47.65 -36.40
N LEU W 1312 -58.29 -48.84 -36.77
CA LEU W 1312 -56.85 -49.01 -37.06
C LEU W 1312 -56.35 -48.08 -38.16
N LEU W 1313 -57.12 -47.95 -39.25
CA LEU W 1313 -56.83 -47.04 -40.34
C LEU W 1313 -56.89 -45.57 -39.93
N GLN W 1314 -57.82 -45.18 -39.04
CA GLN W 1314 -57.95 -43.82 -38.54
C GLN W 1314 -56.72 -43.30 -37.79
N ASP W 1315 -56.23 -44.07 -36.80
CA ASP W 1315 -55.02 -43.79 -36.05
C ASP W 1315 -53.76 -43.83 -36.91
N LEU W 1316 -53.66 -44.81 -37.81
CA LEU W 1316 -52.54 -44.89 -38.74
C LEU W 1316 -52.46 -43.81 -39.80
N HIS W 1317 -53.60 -43.39 -40.38
CA HIS W 1317 -53.65 -42.41 -41.46
C HIS W 1317 -53.05 -41.06 -41.11
N VAL W 1318 -53.31 -40.51 -39.91
CA VAL W 1318 -52.74 -39.23 -39.52
C VAL W 1318 -51.21 -39.29 -39.49
N LYS W 1319 -50.65 -40.32 -38.82
CA LYS W 1319 -49.23 -40.51 -38.69
C LYS W 1319 -48.47 -40.84 -39.96
N ILE W 1320 -49.05 -41.64 -40.88
CA ILE W 1320 -48.46 -41.87 -42.19
C ILE W 1320 -48.50 -40.66 -43.11
N LEU W 1321 -49.60 -39.88 -43.09
CA LEU W 1321 -49.72 -38.66 -43.89
C LEU W 1321 -48.74 -37.55 -43.51
N ASP W 1322 -48.51 -37.34 -42.20
CA ASP W 1322 -47.69 -36.26 -41.66
C ASP W 1322 -46.21 -36.21 -42.12
N GLN W 1327 -40.47 -39.28 -45.61
CA GLN W 1327 -40.83 -40.09 -44.45
C GLN W 1327 -40.99 -41.53 -44.87
N GLU W 1328 -40.09 -42.44 -44.47
CA GLU W 1328 -40.11 -43.84 -44.90
C GLU W 1328 -41.38 -44.60 -44.61
N LEU W 1329 -42.12 -44.20 -43.55
CA LEU W 1329 -43.45 -44.70 -43.28
C LEU W 1329 -44.36 -44.54 -44.49
N MET W 1330 -44.52 -43.37 -45.12
CA MET W 1330 -45.41 -43.20 -46.26
C MET W 1330 -45.17 -44.18 -47.45
N PRO W 1331 -43.97 -44.43 -48.03
CA PRO W 1331 -43.76 -45.47 -49.06
C PRO W 1331 -44.19 -46.84 -48.61
N ILE W 1332 -44.10 -47.22 -47.35
CA ILE W 1332 -44.71 -48.53 -46.97
C ILE W 1332 -46.27 -48.58 -47.13
N VAL W 1333 -46.85 -47.38 -47.14
CA VAL W 1333 -48.31 -47.18 -47.22
C VAL W 1333 -49.04 -47.75 -48.43
N ALA W 1334 -48.45 -47.71 -49.62
CA ALA W 1334 -49.13 -48.25 -50.79
C ALA W 1334 -49.39 -49.75 -50.62
N GLY W 1335 -48.39 -50.47 -50.10
CA GLY W 1335 -48.50 -51.89 -49.87
C GLY W 1335 -49.58 -52.10 -48.82
N ALA W 1336 -49.58 -51.25 -47.80
CA ALA W 1336 -50.61 -51.42 -46.79
C ALA W 1336 -52.03 -51.28 -47.40
N VAL W 1337 -52.18 -50.31 -48.29
CA VAL W 1337 -53.46 -50.05 -48.97
C VAL W 1337 -53.90 -51.23 -49.85
N PHE W 1338 -52.95 -51.85 -50.54
CA PHE W 1338 -53.29 -53.00 -51.38
C PHE W 1338 -53.82 -54.13 -50.48
N THR W 1339 -53.22 -54.38 -49.32
CA THR W 1339 -53.76 -55.49 -48.50
C THR W 1339 -55.21 -55.35 -48.00
N LEU W 1340 -55.56 -54.16 -47.55
CA LEU W 1340 -56.87 -53.88 -46.99
C LEU W 1340 -58.05 -54.10 -47.95
N THR W 1341 -57.90 -53.67 -49.20
CA THR W 1341 -58.99 -53.84 -50.15
C THR W 1341 -59.31 -55.32 -50.35
N ALA W 1342 -58.27 -56.13 -50.48
CA ALA W 1342 -58.46 -57.56 -50.66
C ALA W 1342 -59.13 -58.16 -49.43
N HIS W 1343 -58.70 -57.72 -48.25
CA HIS W 1343 -59.33 -58.27 -47.04
C HIS W 1343 -60.82 -57.93 -47.03
N LEU W 1344 -61.13 -56.69 -47.40
CA LEU W 1344 -62.51 -56.22 -47.42
C LEU W 1344 -63.35 -57.03 -48.40
N SER W 1345 -62.78 -57.32 -49.57
CA SER W 1345 -63.50 -58.08 -50.56
C SER W 1345 -63.81 -59.47 -50.05
N GLN W 1346 -62.83 -60.08 -49.38
CA GLN W 1346 -63.07 -61.42 -48.85
C GLN W 1346 -64.19 -61.39 -47.81
N SER W 1347 -64.16 -60.37 -46.96
CA SER W 1347 -65.18 -60.25 -45.94
C SER W 1347 -66.56 -60.10 -46.57
N VAL W 1348 -66.63 -59.30 -47.62
CA VAL W 1348 -67.89 -59.07 -48.31
C VAL W 1348 -68.42 -60.37 -48.90
N ARG W 1349 -67.55 -61.17 -49.51
CA ARG W 1349 -68.00 -62.43 -50.09
C ARG W 1349 -68.56 -63.34 -49.00
N THR W 1350 -67.86 -63.37 -47.87
CA THR W 1350 -68.31 -64.22 -46.78
C THR W 1350 -69.69 -63.77 -46.30
N GLU W 1351 -69.86 -62.46 -46.16
CA GLU W 1351 -71.13 -61.91 -45.71
C GLU W 1351 -72.24 -62.28 -46.68
N LEU W 1352 -71.93 -62.23 -47.96
CA LEU W 1352 -72.89 -62.56 -49.00
C LEU W 1352 -73.35 -64.01 -48.96
N LYS W 1353 -72.44 -64.96 -48.69
CA LYS W 1353 -72.87 -66.37 -48.66
C LYS W 1353 -73.88 -66.78 -47.56
N THR W 1380 -78.26 -59.54 -46.49
CA THR W 1380 -77.68 -58.40 -45.81
C THR W 1380 -77.24 -57.33 -46.79
N GLU W 1381 -78.09 -57.07 -47.79
CA GLU W 1381 -77.77 -56.06 -48.80
C GLU W 1381 -77.64 -54.69 -48.17
N ASN W 1382 -78.53 -54.38 -47.23
CA ASN W 1382 -78.49 -53.10 -46.54
C ASN W 1382 -77.19 -52.96 -45.74
N ILE W 1383 -76.79 -54.05 -45.10
CA ILE W 1383 -75.56 -54.06 -44.31
C ILE W 1383 -74.37 -53.82 -45.24
N SER W 1384 -74.41 -54.44 -46.41
CA SER W 1384 -73.33 -54.28 -47.38
C SER W 1384 -73.25 -52.83 -47.83
N ALA W 1385 -74.42 -52.22 -48.04
CA ALA W 1385 -74.48 -50.83 -48.47
C ALA W 1385 -73.89 -49.94 -47.39
N GLY W 1386 -74.20 -50.25 -46.14
CA GLY W 1386 -73.69 -49.49 -45.02
C GLY W 1386 -72.18 -49.59 -44.96
N PHE W 1387 -71.67 -50.79 -45.20
CA PHE W 1387 -70.24 -51.03 -45.19
C PHE W 1387 -69.57 -50.21 -46.28
N ALA W 1388 -70.21 -50.18 -47.46
CA ALA W 1388 -69.69 -49.42 -48.58
C ALA W 1388 -69.63 -47.94 -48.24
N SER W 1389 -70.68 -47.47 -47.56
CA SER W 1389 -70.76 -46.07 -47.15
C SER W 1389 -69.64 -45.75 -46.17
N ILE W 1390 -69.37 -46.68 -45.26
CA ILE W 1390 -68.32 -46.49 -44.26
C ILE W 1390 -66.93 -46.73 -44.87
N GLY W 1391 -66.87 -47.65 -45.84
CA GLY W 1391 -65.61 -47.96 -46.51
C GLY W 1391 -65.10 -46.89 -47.43
N ASP W 1392 -65.95 -46.44 -48.37
CA ASP W 1392 -65.67 -45.36 -49.29
C ASP W 1392 -65.42 -44.02 -48.60
N SER W 1393 -66.17 -43.73 -47.52
CA SER W 1393 -65.93 -42.58 -46.65
C SER W 1393 -64.53 -42.59 -46.04
N SER W 1394 -64.08 -43.74 -45.51
CA SER W 1394 -62.71 -43.91 -45.06
C SER W 1394 -61.69 -43.80 -46.18
N LEU W 1395 -61.93 -44.45 -47.34
CA LEU W 1395 -61.03 -44.40 -48.50
C LEU W 1395 -60.85 -42.99 -49.07
N HIS W 1396 -61.89 -42.13 -49.05
CA HIS W 1396 -61.77 -40.71 -49.37
C HIS W 1396 -60.84 -39.93 -48.43
N MET W 1397 -60.94 -40.16 -47.11
CA MET W 1397 -60.04 -39.49 -46.18
C MET W 1397 -58.64 -40.09 -46.17
N ILE W 1398 -58.48 -41.35 -46.60
CA ILE W 1398 -57.22 -41.92 -47.04
C ILE W 1398 -56.66 -41.17 -48.24
N LEU W 1399 -57.45 -40.96 -49.33
CA LEU W 1399 -57.01 -40.24 -50.52
C LEU W 1399 -56.56 -38.82 -50.22
N ARG W 1400 -57.29 -38.10 -49.36
CA ARG W 1400 -56.91 -36.77 -48.91
C ARG W 1400 -55.57 -36.71 -48.18
N ASN W 1401 -55.29 -37.64 -47.23
CA ASN W 1401 -54.00 -37.63 -46.53
C ASN W 1401 -52.84 -37.97 -47.44
N LEU W 1402 -53.03 -38.93 -48.37
CA LEU W 1402 -52.02 -39.28 -49.35
C LEU W 1402 -51.63 -38.10 -50.22
N LEU W 1403 -52.61 -37.30 -50.69
CA LEU W 1403 -52.36 -36.05 -51.40
C LEU W 1403 -51.59 -35.00 -50.58
N GLU W 1404 -51.97 -34.76 -49.31
CA GLU W 1404 -51.25 -33.83 -48.45
C GLU W 1404 -49.81 -34.27 -48.15
N PHE W 1405 -49.63 -35.58 -47.86
CA PHE W 1405 -48.33 -36.21 -47.64
C PHE W 1405 -47.40 -36.17 -48.84
N ILE W 1406 -47.93 -36.38 -50.07
CA ILE W 1406 -47.16 -36.19 -51.29
C ILE W 1406 -46.67 -34.76 -51.43
N LEU W 1407 -47.56 -33.74 -51.32
CA LEU W 1407 -47.21 -32.33 -51.52
C LEU W 1407 -46.08 -31.89 -50.62
N LYS W 1408 -46.19 -32.20 -49.32
CA LYS W 1408 -45.23 -31.78 -48.33
C LYS W 1408 -43.83 -32.31 -48.55
N THR W 1409 -43.67 -33.49 -49.19
CA THR W 1409 -42.39 -34.18 -49.38
C THR W 1409 -41.77 -34.71 -48.08
N PHE W 1413 -42.23 -37.85 -53.95
CA PHE W 1413 -41.06 -38.71 -54.08
C PHE W 1413 -41.46 -40.11 -54.55
N GLN W 1414 -40.56 -41.06 -54.37
CA GLN W 1414 -40.82 -42.44 -54.78
C GLN W 1414 -41.99 -43.01 -54.00
N ARG W 1415 -42.05 -42.72 -52.71
CA ARG W 1415 -43.13 -43.21 -51.86
C ARG W 1415 -44.46 -42.63 -52.34
N VAL W 1416 -44.44 -41.34 -52.70
CA VAL W 1416 -45.63 -40.68 -53.19
C VAL W 1416 -46.09 -41.32 -54.49
N ARG W 1417 -45.13 -41.65 -55.35
CA ARG W 1417 -45.43 -42.29 -56.62
C ARG W 1417 -46.08 -43.66 -56.38
N ALA W 1418 -45.55 -44.38 -55.40
CA ALA W 1418 -46.07 -45.69 -55.05
C ALA W 1418 -47.50 -45.56 -54.56
N HIS W 1419 -47.76 -44.50 -53.78
CA HIS W 1419 -49.08 -44.24 -53.23
C HIS W 1419 -50.12 -44.02 -54.32
N LEU W 1420 -49.71 -43.36 -55.39
CA LEU W 1420 -50.60 -43.07 -56.50
C LEU W 1420 -51.11 -44.37 -57.13
N TYR W 1421 -50.24 -45.36 -57.24
CA TYR W 1421 -50.63 -46.65 -57.80
C TYR W 1421 -51.69 -47.29 -56.92
N GLY W 1422 -51.52 -47.18 -55.61
CA GLY W 1422 -52.46 -47.72 -54.65
C GLY W 1422 -53.81 -47.04 -54.80
N SER W 1423 -53.77 -45.73 -54.99
CA SER W 1423 -54.99 -44.95 -55.16
C SER W 1423 -55.71 -45.41 -56.43
N LEU W 1424 -54.95 -45.67 -57.48
CA LEU W 1424 -55.51 -46.12 -58.74
C LEU W 1424 -56.22 -47.45 -58.58
N LEU W 1425 -55.59 -48.38 -57.85
CA LEU W 1425 -56.17 -49.69 -57.63
C LEU W 1425 -57.47 -49.57 -56.84
N TYR W 1426 -57.48 -48.69 -55.85
CA TYR W 1426 -58.68 -48.48 -55.04
C TYR W 1426 -59.80 -47.94 -55.91
N TYR W 1427 -59.45 -47.03 -56.81
CA TYR W 1427 -60.43 -46.44 -57.72
C TYR W 1427 -61.01 -47.52 -58.63
N LEU W 1428 -60.14 -48.40 -59.09
CA LEU W 1428 -60.57 -49.49 -59.97
C LEU W 1428 -61.53 -50.40 -59.22
N GLN W 1429 -61.21 -50.67 -57.96
CA GLN W 1429 -62.06 -51.51 -57.12
C GLN W 1429 -63.43 -50.87 -56.95
N ILE W 1430 -63.43 -49.55 -56.75
CA ILE W 1430 -64.67 -48.82 -56.57
C ILE W 1430 -65.51 -48.91 -57.85
N ALA W 1431 -64.83 -48.81 -58.98
CA ALA W 1431 -65.52 -48.89 -60.28
C ALA W 1431 -66.14 -50.26 -60.44
N GLN W 1432 -65.40 -51.30 -60.02
CA GLN W 1432 -65.89 -52.66 -60.12
C GLN W 1432 -67.12 -52.83 -59.24
N ARG W 1433 -67.08 -52.23 -58.05
CA ARG W 1433 -68.20 -52.31 -57.13
C ARG W 1433 -69.42 -51.64 -57.75
N PRO W 1434 -69.19 -50.51 -58.40
CA PRO W 1434 -70.28 -49.77 -59.05
C PRO W 1434 -70.89 -50.62 -60.16
N ASP W 1435 -70.03 -51.30 -60.91
CA ASP W 1435 -70.48 -52.16 -62.00
C ASP W 1435 -71.32 -53.30 -61.45
N GLU W 1436 -70.90 -53.85 -60.31
CA GLU W 1436 -71.63 -54.95 -59.68
C GLU W 1436 -72.03 -56.00 -60.69
N SER W 1459 -71.91 -42.00 -56.57
CA SER W 1459 -72.58 -40.92 -55.90
C SER W 1459 -71.91 -39.57 -56.14
N LYS W 1460 -72.66 -38.47 -56.03
CA LYS W 1460 -72.23 -37.16 -56.48
C LYS W 1460 -70.99 -36.60 -55.79
N LEU W 1461 -70.89 -36.66 -54.45
CA LEU W 1461 -69.71 -36.15 -53.79
C LEU W 1461 -68.46 -37.00 -54.05
N GLN W 1462 -68.59 -38.32 -54.36
CA GLN W 1462 -67.48 -39.11 -54.87
C GLN W 1462 -66.94 -38.55 -56.18
N ARG W 1463 -67.83 -38.20 -57.12
CA ARG W 1463 -67.45 -37.56 -58.38
C ARG W 1463 -66.78 -36.21 -58.18
N ASP W 1464 -67.38 -35.34 -57.34
CA ASP W 1464 -66.89 -34.01 -57.09
C ASP W 1464 -65.56 -33.99 -56.35
N ASN W 1465 -65.37 -34.83 -55.32
CA ASN W 1465 -64.05 -35.03 -54.70
C ASN W 1465 -63.00 -35.63 -55.64
N LEU W 1466 -63.36 -36.67 -56.43
CA LEU W 1466 -62.44 -37.32 -57.36
C LEU W 1466 -61.93 -36.37 -58.43
N SER W 1467 -62.84 -35.58 -59.04
CA SER W 1467 -62.46 -34.58 -60.02
C SER W 1467 -61.61 -33.47 -59.44
N ILE W 1468 -61.86 -33.04 -58.18
CA ILE W 1468 -60.99 -32.14 -57.44
C ILE W 1468 -59.60 -32.72 -57.25
N PHE W 1469 -59.43 -34.00 -56.89
CA PHE W 1469 -58.12 -34.63 -56.79
C PHE W 1469 -57.37 -34.71 -58.12
N GLU W 1470 -58.03 -35.19 -59.20
CA GLU W 1470 -57.37 -35.43 -60.46
C GLU W 1470 -57.19 -34.19 -61.32
N SER W 1471 -57.82 -33.05 -60.95
CA SER W 1471 -57.66 -31.75 -61.62
C SER W 1471 -56.24 -31.24 -61.60
N TYR W 1472 -55.47 -31.64 -60.57
CA TYR W 1472 -54.10 -31.24 -60.34
C TYR W 1472 -53.09 -32.15 -61.04
N GLY W 1487 -42.25 -36.67 -66.34
CA GLY W 1487 -40.94 -37.18 -65.93
C GLY W 1487 -40.94 -37.83 -64.56
N HIS W 1488 -42.08 -38.01 -63.90
CA HIS W 1488 -42.13 -38.66 -62.60
C HIS W 1488 -42.73 -40.02 -62.77
N ASP W 1489 -41.87 -41.04 -62.87
CA ASP W 1489 -42.23 -42.39 -63.22
C ASP W 1489 -43.28 -43.07 -62.35
N ILE W 1490 -43.24 -42.87 -61.02
CA ILE W 1490 -44.31 -43.31 -60.13
C ILE W 1490 -45.64 -42.58 -60.36
N GLY W 1491 -45.62 -41.23 -60.55
CA GLY W 1491 -46.78 -40.40 -60.85
C GLY W 1491 -47.60 -40.86 -62.03
N ARG W 1492 -46.94 -41.02 -63.20
CA ARG W 1492 -47.53 -41.52 -64.42
C ARG W 1492 -48.10 -42.93 -64.35
N MET W 1493 -47.45 -43.87 -63.62
CA MET W 1493 -48.02 -45.18 -63.37
C MET W 1493 -49.33 -45.13 -62.61
N LEU W 1494 -49.38 -44.34 -61.53
CA LEU W 1494 -50.56 -44.13 -60.73
C LEU W 1494 -51.65 -43.37 -61.48
N ALA W 1495 -51.29 -42.36 -62.28
CA ALA W 1495 -52.22 -41.63 -63.12
C ALA W 1495 -52.93 -42.50 -64.16
N LEU W 1496 -52.18 -43.34 -64.91
CA LEU W 1496 -52.78 -44.30 -65.85
C LEU W 1496 -53.62 -45.37 -65.18
N ALA W 1497 -53.15 -45.91 -64.05
CA ALA W 1497 -53.90 -46.86 -63.25
C ALA W 1497 -55.21 -46.30 -62.70
N LEU W 1498 -55.21 -45.01 -62.29
CA LEU W 1498 -56.40 -44.30 -61.91
C LEU W 1498 -57.42 -44.19 -63.04
N LEU W 1499 -56.98 -43.84 -64.26
CA LEU W 1499 -57.86 -43.70 -65.41
C LEU W 1499 -58.67 -44.97 -65.72
N ASP W 1500 -58.08 -46.20 -65.61
CA ASP W 1500 -58.75 -47.50 -65.78
C ASP W 1500 -59.96 -47.63 -64.86
N ARG W 1501 -59.81 -47.12 -63.63
CA ARG W 1501 -60.85 -47.19 -62.65
C ARG W 1501 -61.96 -46.18 -62.89
N ILE W 1502 -61.64 -44.95 -63.34
CA ILE W 1502 -62.64 -43.96 -63.71
C ILE W 1502 -63.56 -44.43 -64.83
N VAL W 1503 -63.02 -45.02 -65.93
CA VAL W 1503 -63.84 -45.65 -66.96
C VAL W 1503 -64.63 -46.84 -66.48
N SER W 1504 -64.05 -47.69 -65.60
CA SER W 1504 -64.70 -48.89 -65.08
C SER W 1504 -65.91 -48.61 -64.21
N VAL W 1505 -65.90 -47.52 -63.42
CA VAL W 1505 -67.02 -47.15 -62.56
C VAL W 1505 -68.05 -46.28 -63.26
N GLN W 1509 -74.02 -36.06 -68.25
CA GLN W 1509 -72.84 -35.65 -68.98
C GLN W 1509 -72.20 -34.40 -68.39
N GLN W 1510 -72.54 -34.04 -67.15
CA GLN W 1510 -72.06 -32.82 -66.53
C GLN W 1510 -70.64 -32.98 -66.03
N TRP W 1511 -70.25 -34.22 -65.66
CA TRP W 1511 -68.92 -34.54 -65.24
C TRP W 1511 -67.83 -34.26 -66.28
N LEU W 1512 -68.05 -34.64 -67.55
CA LEU W 1512 -67.10 -34.37 -68.62
C LEU W 1512 -66.89 -32.88 -68.88
N LEU W 1513 -67.98 -32.08 -68.83
CA LEU W 1513 -67.92 -30.64 -68.87
C LEU W 1513 -67.16 -30.04 -67.69
N TYR W 1514 -67.36 -30.56 -66.47
CA TYR W 1514 -66.57 -30.16 -65.32
C TYR W 1514 -65.07 -30.47 -65.48
N LEU W 1515 -64.71 -31.66 -66.01
CA LEU W 1515 -63.33 -32.01 -66.32
C LEU W 1515 -62.65 -31.17 -67.39
N SER W 1516 -63.37 -30.73 -68.45
CA SER W 1516 -62.82 -29.74 -69.37
C SER W 1516 -62.60 -28.37 -68.74
N TYR W 1520 -47.11 -26.32 -73.42
CA TYR W 1520 -46.24 -27.38 -72.93
C TYR W 1520 -46.99 -28.71 -72.83
N LEU W 1521 -48.30 -28.67 -73.02
CA LEU W 1521 -49.12 -29.88 -72.94
C LEU W 1521 -48.68 -30.88 -74.00
N LYS W 1522 -48.43 -30.41 -75.21
CA LYS W 1522 -47.99 -31.29 -76.28
C LYS W 1522 -46.66 -31.93 -75.93
N VAL W 1523 -45.74 -31.14 -75.37
CA VAL W 1523 -44.45 -31.67 -74.98
C VAL W 1523 -44.62 -32.75 -73.93
N LEU W 1524 -45.49 -32.51 -72.95
CA LEU W 1524 -45.73 -33.49 -71.91
C LEU W 1524 -46.28 -34.78 -72.51
N VAL W 1525 -47.19 -34.65 -73.46
CA VAL W 1525 -47.76 -35.82 -74.11
C VAL W 1525 -46.67 -36.60 -74.84
N ASP W 1526 -45.78 -35.89 -75.52
CA ASP W 1526 -44.69 -36.55 -76.22
C ASP W 1526 -43.80 -37.30 -75.25
N SER W 1527 -43.52 -36.67 -74.10
CA SER W 1527 -42.69 -37.31 -73.09
C SER W 1527 -43.36 -38.59 -72.60
N LEU W 1528 -44.67 -38.52 -72.35
CA LEU W 1528 -45.40 -39.70 -71.90
C LEU W 1528 -45.30 -40.81 -72.94
N ALA W 1529 -45.44 -40.44 -74.21
CA ALA W 1529 -45.36 -41.43 -75.28
C ALA W 1529 -43.98 -42.08 -75.30
N GLU W 1530 -42.93 -41.28 -75.14
CA GLU W 1530 -41.58 -41.82 -75.11
C GLU W 1530 -41.41 -42.78 -73.94
N ASP W 1531 -41.95 -42.41 -72.77
CA ASP W 1531 -41.86 -43.28 -71.61
C ASP W 1531 -42.57 -44.60 -71.86
N ASP W 1532 -43.73 -44.55 -72.51
CA ASP W 1532 -44.46 -45.77 -72.84
C ASP W 1532 -43.67 -46.65 -73.80
N VAL W 1533 -43.04 -46.02 -74.79
CA VAL W 1533 -42.26 -46.75 -75.79
C VAL W 1533 -41.03 -47.41 -75.15
N THR W 1540 -47.53 -59.37 -54.73
CA THR W 1540 -47.11 -58.22 -55.53
C THR W 1540 -47.10 -58.59 -57.00
N PRO W 1541 -46.62 -59.79 -57.30
CA PRO W 1541 -46.58 -60.27 -58.68
C PRO W 1541 -47.99 -60.38 -59.24
N GLN W 1542 -48.92 -60.86 -58.43
CA GLN W 1542 -50.31 -60.99 -58.85
C GLN W 1542 -50.87 -59.61 -59.15
N PRO W 1543 -50.54 -58.65 -58.30
CA PRO W 1543 -51.02 -57.28 -58.48
C PRO W 1543 -50.48 -56.71 -59.79
N PRO W 1544 -49.25 -57.01 -60.16
CA PRO W 1544 -48.70 -56.45 -61.41
C PRO W 1544 -49.48 -56.83 -62.68
N LEU W 1545 -49.93 -58.08 -62.75
CA LEU W 1545 -50.66 -58.55 -63.92
C LEU W 1545 -51.95 -57.78 -64.18
N LEU W 1546 -52.69 -57.44 -63.14
CA LEU W 1546 -53.94 -56.70 -63.31
C LEU W 1546 -53.66 -55.33 -63.93
N LYS W 1547 -52.61 -54.67 -63.45
CA LYS W 1547 -52.23 -53.37 -63.96
C LYS W 1547 -51.85 -53.48 -65.43
N ALA W 1548 -51.12 -54.55 -65.76
CA ALA W 1548 -50.71 -54.75 -67.13
C ALA W 1548 -51.95 -54.91 -68.01
N LEU W 1549 -52.92 -55.66 -67.51
CA LEU W 1549 -54.17 -55.90 -68.23
C LEU W 1549 -54.92 -54.59 -68.46
N TYR W 1550 -54.96 -53.73 -67.45
CA TYR W 1550 -55.65 -52.45 -67.59
C TYR W 1550 -54.97 -51.60 -68.66
N ILE W 1551 -53.64 -51.65 -68.66
CA ILE W 1551 -52.88 -50.88 -69.65
C ILE W 1551 -53.22 -51.39 -71.05
N TYR W 1552 -53.29 -52.72 -71.19
CA TYR W 1552 -53.59 -53.32 -72.47
C TYR W 1552 -54.99 -52.90 -72.93
N GLU W 1553 -55.90 -52.84 -71.97
CA GLU W 1553 -57.28 -52.44 -72.23
C GLU W 1553 -57.38 -51.01 -72.74
N SER W 1554 -56.59 -50.08 -72.18
CA SER W 1554 -56.67 -48.70 -72.67
C SER W 1554 -56.24 -48.61 -74.14
N LYS W 1555 -55.22 -49.38 -74.45
CA LYS W 1555 -54.56 -49.54 -75.75
C LYS W 1555 -55.52 -49.94 -76.88
N MET W 1556 -56.39 -50.93 -76.67
CA MET W 1556 -57.41 -51.31 -77.63
C MET W 1556 -58.49 -50.29 -77.82
N ALA W 1557 -58.92 -49.59 -76.74
CA ALA W 1557 -59.82 -48.48 -76.84
C ALA W 1557 -59.28 -47.38 -77.74
N PHE W 1558 -57.96 -47.10 -77.63
CA PHE W 1558 -57.25 -46.23 -78.55
C PHE W 1558 -57.28 -46.73 -79.99
N LEU W 1559 -56.98 -48.01 -80.26
CA LEU W 1559 -57.06 -48.58 -81.61
C LEU W 1559 -58.46 -48.44 -82.22
N THR W 1560 -59.51 -48.69 -81.42
CA THR W 1560 -60.92 -48.44 -81.77
C THR W 1560 -61.21 -47.00 -82.08
N ARG W 1561 -60.67 -46.02 -81.31
CA ARG W 1561 -60.79 -44.60 -81.63
C ARG W 1561 -60.16 -44.20 -82.95
N VAL W 1562 -58.94 -44.67 -83.21
CA VAL W 1562 -58.19 -44.37 -84.43
C VAL W 1562 -58.92 -44.88 -85.67
N ALA W 1563 -59.43 -46.11 -85.55
CA ALA W 1563 -60.13 -46.82 -86.61
C ALA W 1563 -61.63 -46.54 -86.62
N LYS W 1564 -62.04 -45.57 -85.83
CA LYS W 1564 -63.45 -45.19 -85.75
C LYS W 1564 -63.87 -44.78 -87.16
N ILE W 1570 -57.76 -50.14 -94.19
CA ILE W 1570 -56.37 -49.72 -94.36
C ILE W 1570 -55.59 -49.71 -93.06
N GLU W 1571 -56.12 -49.07 -92.00
CA GLU W 1571 -55.43 -48.96 -90.73
C GLU W 1571 -55.23 -50.28 -90.02
N LEU W 1572 -56.22 -51.19 -90.09
CA LEU W 1572 -56.01 -52.57 -89.67
C LEU W 1572 -54.93 -53.30 -90.48
N LEU W 1573 -54.99 -53.32 -91.80
CA LEU W 1573 -54.06 -54.20 -92.52
C LEU W 1573 -52.53 -54.17 -92.32
N ARG W 1574 -51.90 -53.01 -92.26
CA ARG W 1574 -50.44 -53.00 -92.09
C ARG W 1574 -49.97 -53.62 -90.77
N SER W 1575 -50.63 -53.28 -89.67
CA SER W 1575 -50.25 -53.80 -88.36
C SER W 1575 -50.41 -55.31 -88.29
N GLY W 1576 -51.52 -55.81 -88.82
CA GLY W 1576 -51.78 -57.23 -88.80
C GLY W 1576 -50.72 -57.95 -89.62
N VAL W 1577 -50.39 -57.41 -90.77
CA VAL W 1577 -49.37 -58.04 -91.61
C VAL W 1577 -48.05 -57.98 -90.85
N ILE W 1578 -47.77 -56.83 -90.25
CA ILE W 1578 -46.56 -56.64 -89.47
C ILE W 1578 -46.57 -57.50 -88.22
N VAL W 1579 -47.73 -57.57 -87.57
CA VAL W 1579 -47.90 -58.34 -86.34
C VAL W 1579 -47.69 -59.83 -86.55
N ARG W 1580 -48.21 -60.35 -87.65
CA ARG W 1580 -48.08 -61.77 -87.97
C ARG W 1580 -46.61 -62.17 -88.12
N LEU W 1581 -45.93 -61.55 -89.08
CA LEU W 1581 -44.53 -61.85 -89.32
C LEU W 1581 -43.67 -61.48 -88.11
N ALA W 1582 -43.97 -60.36 -87.49
CA ALA W 1582 -43.24 -59.90 -86.32
C ALA W 1582 -43.38 -60.88 -85.16
N GLN W 1583 -44.58 -61.41 -84.98
CA GLN W 1583 -44.84 -62.36 -83.91
C GLN W 1583 -44.03 -63.63 -84.10
N CYS W 1584 -43.92 -64.10 -85.33
CA CYS W 1584 -43.18 -65.31 -85.64
C CYS W 1584 -41.69 -65.14 -85.30
N GLN W 1585 -41.15 -63.97 -85.60
CA GLN W 1585 -39.75 -63.68 -85.32
C GLN W 1585 -39.47 -63.74 -83.82
N VAL W 1586 -40.38 -63.20 -83.03
CA VAL W 1586 -40.24 -63.19 -81.58
C VAL W 1586 -40.19 -64.60 -81.02
N TYR W 1587 -41.04 -65.48 -81.56
CA TYR W 1587 -41.10 -66.86 -81.11
C TYR W 1587 -39.78 -67.59 -81.37
N ASP W 1588 -39.19 -67.32 -82.52
CA ASP W 1588 -37.93 -67.95 -82.90
C ASP W 1588 -36.92 -66.91 -83.39
N VAL W 1606 -47.07 -78.76 -70.19
CA VAL W 1606 -47.06 -77.87 -71.36
C VAL W 1606 -46.07 -76.70 -71.33
N PHE W 1607 -45.49 -76.39 -72.50
CA PHE W 1607 -44.62 -75.24 -72.66
C PHE W 1607 -45.16 -74.37 -73.78
N ILE W 1608 -44.99 -74.77 -75.06
CA ILE W 1608 -45.46 -74.06 -76.25
C ILE W 1608 -46.99 -73.81 -76.37
N PRO W 1609 -47.96 -74.60 -75.90
CA PRO W 1609 -49.36 -74.20 -75.85
C PRO W 1609 -49.72 -72.85 -75.21
N ALA W 1610 -49.18 -72.53 -74.01
CA ALA W 1610 -49.45 -71.28 -73.32
C ALA W 1610 -48.96 -69.97 -74.02
N PRO W 1611 -47.82 -69.81 -74.68
CA PRO W 1611 -47.52 -68.65 -75.52
C PRO W 1611 -48.52 -68.41 -76.61
N VAL W 1612 -49.07 -69.49 -77.19
CA VAL W 1612 -50.06 -69.40 -78.23
C VAL W 1612 -51.41 -68.89 -77.70
N GLU W 1613 -51.84 -69.29 -76.48
CA GLU W 1613 -53.03 -68.71 -75.87
C GLU W 1613 -52.89 -67.22 -75.63
N ARG W 1614 -51.72 -66.77 -75.11
CA ARG W 1614 -51.37 -65.38 -74.92
C ARG W 1614 -51.34 -64.57 -76.20
N TYR W 1615 -50.74 -65.10 -77.29
CA TYR W 1615 -50.78 -64.48 -78.60
C TYR W 1615 -52.21 -64.34 -79.12
N ARG W 1616 -53.05 -65.38 -78.99
CA ARG W 1616 -54.46 -65.30 -79.31
C ARG W 1616 -55.20 -64.31 -78.43
N GLN W 1617 -54.87 -64.25 -77.12
CA GLN W 1617 -55.33 -63.25 -76.17
C GLN W 1617 -54.82 -61.84 -76.42
N ILE W 1618 -54.00 -61.61 -77.47
CA ILE W 1618 -53.79 -60.29 -78.04
C ILE W 1618 -54.72 -59.99 -79.19
N LEU W 1619 -54.89 -60.97 -80.11
CA LEU W 1619 -55.83 -60.85 -81.19
C LEU W 1619 -57.26 -60.72 -80.70
N LEU W 1620 -57.63 -61.40 -79.59
CA LEU W 1620 -58.92 -61.24 -78.93
C LEU W 1620 -59.28 -59.81 -78.52
N PRO W 1621 -58.52 -59.01 -77.75
CA PRO W 1621 -58.74 -57.59 -77.59
C PRO W 1621 -58.64 -56.84 -78.89
N ALA W 1622 -57.65 -57.10 -79.77
CA ALA W 1622 -57.50 -56.32 -80.99
C ALA W 1622 -58.70 -56.40 -81.93
N LEU W 1623 -59.26 -57.60 -82.13
CA LEU W 1623 -60.52 -57.79 -82.82
C LEU W 1623 -61.72 -57.18 -82.09
N GLN W 1624 -61.81 -57.30 -80.74
CA GLN W 1624 -62.84 -56.61 -79.95
C GLN W 1624 -62.78 -55.09 -80.05
N ILE W 1625 -61.57 -54.49 -80.02
CA ILE W 1625 -61.31 -53.08 -80.28
C ILE W 1625 -61.86 -52.69 -81.63
N CYS W 1626 -61.50 -53.43 -82.71
CA CYS W 1626 -62.03 -53.17 -84.04
C CYS W 1626 -63.55 -53.31 -84.10
N GLN W 1627 -64.12 -54.37 -83.52
CA GLN W 1627 -65.55 -54.63 -83.52
C GLN W 1627 -66.36 -53.52 -82.88
N LEU W 1628 -65.98 -53.08 -81.67
CA LEU W 1628 -66.64 -51.97 -80.99
C LEU W 1628 -66.50 -50.64 -81.71
N ILE W 1629 -65.32 -50.36 -82.27
CA ILE W 1629 -65.06 -49.14 -83.02
C ILE W 1629 -66.00 -48.98 -84.21
N LEU W 1630 -66.20 -50.07 -84.95
CA LEU W 1630 -67.07 -50.11 -86.11
C LEU W 1630 -68.55 -50.09 -85.77
N THR W 1631 -69.00 -50.88 -84.76
CA THR W 1631 -70.41 -50.92 -84.37
C THR W 1631 -70.93 -49.61 -83.81
N SER W 1632 -70.15 -48.96 -82.91
CA SER W 1632 -70.47 -47.69 -82.30
C SER W 1632 -70.52 -46.52 -83.27
N SER W 1633 -69.58 -46.46 -84.23
CA SER W 1633 -69.51 -45.36 -85.18
C SER W 1633 -70.65 -45.28 -86.19
N THR W 1634 -71.15 -46.44 -86.67
CA THR W 1634 -72.16 -46.63 -87.73
C THR W 1634 -73.34 -45.68 -87.75
N ALA W 1635 -73.93 -45.33 -86.58
CA ALA W 1635 -75.05 -44.43 -86.49
C ALA W 1635 -74.82 -43.01 -87.03
N GLN W 1636 -73.62 -42.43 -86.82
CA GLN W 1636 -73.30 -41.12 -87.36
C GLN W 1636 -72.26 -41.19 -88.47
N HIS W 1637 -71.55 -42.33 -88.60
CA HIS W 1637 -70.44 -42.49 -89.51
C HIS W 1637 -70.55 -43.80 -90.24
N LEU W 1638 -71.64 -44.00 -91.00
CA LEU W 1638 -71.95 -45.25 -91.71
C LEU W 1638 -70.88 -45.74 -92.68
N GLN W 1639 -70.00 -44.82 -93.16
CA GLN W 1639 -68.88 -45.14 -94.02
C GLN W 1639 -67.76 -45.89 -93.32
N ALA W 1640 -67.79 -46.03 -91.98
CA ALA W 1640 -66.91 -46.93 -91.27
C ALA W 1640 -67.17 -48.40 -91.60
N ALA W 1641 -68.35 -48.73 -92.17
CA ALA W 1641 -68.61 -50.03 -92.73
C ALA W 1641 -67.87 -50.28 -94.07
N GLY W 1642 -67.31 -49.22 -94.70
CA GLY W 1642 -66.32 -49.41 -95.76
C GLY W 1642 -65.00 -49.87 -95.19
N GLN W 1643 -64.62 -49.29 -94.04
CA GLN W 1643 -63.45 -49.68 -93.29
C GLN W 1643 -63.50 -51.09 -92.70
N VAL W 1644 -64.65 -51.58 -92.18
CA VAL W 1644 -64.79 -52.99 -91.77
C VAL W 1644 -64.60 -53.96 -92.91
N LEU W 1645 -65.18 -53.64 -94.08
CA LEU W 1645 -65.05 -54.41 -95.29
C LEU W 1645 -63.62 -54.46 -95.79
N GLN W 1646 -62.92 -53.30 -95.82
CA GLN W 1646 -61.50 -53.26 -96.16
C GLN W 1646 -60.60 -54.04 -95.21
N PHE W 1647 -60.85 -53.99 -93.88
CA PHE W 1647 -60.12 -54.78 -92.91
C PHE W 1647 -60.24 -56.29 -93.14
N LEU W 1648 -61.47 -56.79 -93.37
CA LEU W 1648 -61.70 -58.18 -93.69
C LEU W 1648 -61.19 -58.61 -95.06
N VAL W 1649 -61.30 -57.76 -96.10
CA VAL W 1649 -60.72 -58.04 -97.41
C VAL W 1649 -59.19 -58.08 -97.39
N ALA W 1650 -58.53 -57.12 -96.70
CA ALA W 1650 -57.08 -57.05 -96.56
C ALA W 1650 -56.48 -58.17 -95.73
N HIS W 1651 -57.22 -58.67 -94.71
CA HIS W 1651 -56.79 -59.74 -93.84
C HIS W 1651 -57.65 -60.98 -93.99
N SER W 1652 -58.16 -61.24 -95.21
CA SER W 1652 -58.76 -62.53 -95.57
C SER W 1652 -57.73 -63.66 -95.55
N ASP W 1653 -58.19 -64.93 -95.65
CA ASP W 1653 -57.39 -66.14 -95.41
C ASP W 1653 -57.17 -66.39 -93.92
N THR W 1654 -56.62 -65.39 -93.19
CA THR W 1654 -56.43 -65.44 -91.74
C THR W 1654 -57.73 -65.67 -91.01
N ILE W 1655 -58.81 -64.95 -91.37
CA ILE W 1655 -60.15 -65.22 -90.86
C ILE W 1655 -60.66 -66.59 -91.26
N GLN W 1656 -60.38 -67.06 -92.50
CA GLN W 1656 -60.86 -68.32 -93.00
C GLN W 1656 -60.26 -69.51 -92.27
N ALA W 1657 -58.95 -69.46 -91.96
CA ALA W 1657 -58.28 -70.42 -91.10
C ALA W 1657 -58.81 -70.43 -89.68
N ILE W 1658 -59.00 -69.26 -89.03
CA ILE W 1658 -59.56 -69.12 -87.69
C ILE W 1658 -60.99 -69.62 -87.58
N LEU W 1659 -61.85 -69.31 -88.58
CA LEU W 1659 -63.23 -69.76 -88.61
C LEU W 1659 -63.37 -71.25 -88.87
N ARG W 1660 -62.32 -71.92 -89.40
CA ARG W 1660 -62.32 -73.36 -89.59
C ARG W 1660 -61.49 -74.07 -88.53
N SER W 1661 -60.83 -73.36 -87.60
CA SER W 1661 -59.93 -73.99 -86.65
C SER W 1661 -60.63 -74.27 -85.34
N GLN W 1662 -61.97 -74.22 -85.32
CA GLN W 1662 -62.79 -74.46 -84.15
C GLN W 1662 -62.63 -75.83 -83.49
N GLU W 1663 -62.51 -76.89 -84.29
CA GLU W 1663 -62.31 -78.24 -83.78
C GLU W 1663 -60.94 -78.47 -83.15
N GLY W 1664 -60.88 -79.16 -81.99
CA GLY W 1664 -59.63 -79.55 -81.32
C GLY W 1664 -58.81 -78.41 -80.79
N SER W 1665 -59.45 -77.28 -80.47
CA SER W 1665 -58.72 -76.05 -80.32
C SER W 1665 -59.18 -75.25 -79.11
N LEU W 1666 -58.40 -74.22 -78.74
CA LEU W 1666 -58.65 -73.40 -77.56
C LEU W 1666 -59.93 -72.58 -77.60
N GLY W 1667 -60.51 -72.29 -76.41
CA GLY W 1667 -61.61 -71.33 -76.26
C GLY W 1667 -61.28 -69.95 -76.75
N SER W 1668 -59.99 -69.56 -76.72
CA SER W 1668 -59.47 -68.36 -77.34
C SER W 1668 -59.66 -68.32 -78.85
N LEU W 1669 -59.59 -69.45 -79.57
CA LEU W 1669 -59.99 -69.51 -80.97
C LEU W 1669 -61.49 -69.50 -81.16
N GLN W 1670 -62.28 -70.09 -80.25
CA GLN W 1670 -63.74 -69.95 -80.29
C GLN W 1670 -64.18 -68.52 -80.10
N GLU W 1671 -63.60 -67.78 -79.14
CA GLU W 1671 -63.82 -66.36 -79.02
C GLU W 1671 -63.36 -65.59 -80.26
N LEU W 1672 -62.19 -65.91 -80.85
CA LEU W 1672 -61.71 -65.31 -82.09
C LEU W 1672 -62.64 -65.55 -83.28
N ALA W 1673 -63.21 -66.77 -83.39
CA ALA W 1673 -64.26 -67.09 -84.34
C ALA W 1673 -65.61 -66.43 -84.04
N LEU W 1674 -65.93 -66.15 -82.75
CA LEU W 1674 -67.12 -65.43 -82.32
C LEU W 1674 -67.01 -63.94 -82.57
N LEU W 1675 -65.79 -63.45 -82.89
CA LEU W 1675 -65.60 -62.13 -83.48
C LEU W 1675 -65.99 -62.13 -84.97
N THR W 1676 -66.71 -63.17 -85.44
CA THR W 1676 -67.55 -63.18 -86.66
C THR W 1676 -68.69 -62.19 -86.56
N GLY W 1677 -68.96 -61.67 -85.35
CA GLY W 1677 -69.85 -60.53 -85.15
C GLY W 1677 -69.26 -59.21 -85.60
N ILE W 1678 -68.02 -59.20 -86.13
CA ILE W 1678 -67.52 -58.17 -87.02
C ILE W 1678 -68.17 -58.24 -88.40
N ILE W 1679 -68.38 -59.45 -88.96
CA ILE W 1679 -68.91 -59.67 -90.30
C ILE W 1679 -70.42 -59.39 -90.39
N SER W 1680 -71.17 -59.64 -89.30
CA SER W 1680 -72.62 -59.49 -89.30
C SER W 1680 -73.10 -58.15 -88.77
N HIS X 22 39.89 -19.30 -70.29
CA HIS X 22 39.13 -19.66 -69.09
C HIS X 22 37.66 -19.33 -69.26
N ILE X 23 36.76 -20.27 -68.92
CA ILE X 23 35.33 -20.14 -69.19
C ILE X 23 34.58 -20.24 -67.87
N GLY X 24 33.74 -19.23 -67.59
CA GLY X 24 32.78 -19.25 -66.50
C GLY X 24 31.39 -19.17 -67.05
N PHE X 25 30.54 -20.17 -66.78
CA PHE X 25 29.21 -20.28 -67.31
C PHE X 25 28.21 -20.24 -66.17
N SER X 26 27.13 -19.42 -66.31
CA SER X 26 26.09 -19.33 -65.31
C SER X 26 24.74 -19.44 -65.98
N TRP X 27 23.88 -20.37 -65.48
CA TRP X 27 22.50 -20.47 -65.90
C TRP X 27 21.68 -19.31 -65.37
N GLY X 28 20.94 -18.62 -66.26
CA GLY X 28 19.99 -17.60 -65.84
C GLY X 28 18.66 -18.20 -65.45
N LEU X 34 21.16 -17.24 -70.78
CA LEU X 34 22.24 -17.77 -69.97
C LEU X 34 23.47 -16.96 -70.30
N TYR X 35 24.46 -16.87 -69.38
CA TYR X 35 25.62 -16.02 -69.62
C TYR X 35 26.90 -16.79 -69.48
N GLU X 36 27.84 -16.56 -70.40
CA GLU X 36 29.19 -17.03 -70.34
C GLU X 36 30.12 -15.83 -70.31
N THR X 37 31.11 -15.83 -69.40
CA THR X 37 32.13 -14.80 -69.31
C THR X 37 33.47 -15.49 -69.15
N LEU X 38 34.54 -14.74 -69.35
CA LEU X 38 35.88 -15.31 -69.22
C LEU X 38 36.76 -14.58 -68.21
N TYR X 39 37.37 -15.35 -67.31
CA TYR X 39 38.27 -14.80 -66.30
C TYR X 39 39.54 -14.41 -67.04
N GLN X 40 40.35 -13.51 -66.47
CA GLN X 40 41.54 -13.11 -67.20
C GLN X 40 42.41 -14.33 -67.49
N LYS X 41 42.78 -14.47 -68.75
CA LYS X 41 43.60 -15.57 -69.22
C LYS X 41 44.18 -15.25 -70.60
N GLN X 42 45.20 -16.00 -71.01
CA GLN X 42 45.83 -15.79 -72.31
C GLN X 42 44.86 -16.07 -73.44
N GLY X 43 44.08 -17.13 -73.30
CA GLY X 43 43.10 -17.54 -74.30
C GLY X 43 43.74 -18.56 -75.23
N ASN X 44 42.92 -19.41 -75.86
CA ASN X 44 41.46 -19.39 -75.71
C ASN X 44 40.72 -18.11 -76.10
N SER X 45 41.11 -17.50 -77.22
CA SER X 45 42.24 -17.97 -78.00
C SER X 45 43.37 -16.94 -77.95
N GLU X 46 43.05 -15.67 -78.24
CA GLU X 46 41.70 -15.24 -78.63
C GLU X 46 41.70 -14.76 -80.07
N THR X 47 40.80 -15.31 -80.87
CA THR X 47 40.70 -14.93 -82.29
C THR X 47 39.32 -14.46 -82.74
N ALA X 48 39.25 -13.32 -83.45
CA ALA X 48 40.42 -12.50 -83.74
C ALA X 48 40.95 -11.98 -82.41
N ALA X 49 40.02 -11.54 -81.57
CA ALA X 49 40.34 -11.03 -80.25
C ALA X 49 39.22 -11.36 -79.27
N ARG X 50 39.60 -11.60 -78.01
CA ARG X 50 38.65 -11.86 -76.95
C ARG X 50 39.02 -10.84 -75.86
N CYS X 51 38.08 -9.99 -75.47
CA CYS X 51 38.37 -9.00 -74.43
C CYS X 51 37.29 -8.92 -73.37
N PRO X 52 37.10 -10.00 -72.63
CA PRO X 52 36.08 -10.04 -71.59
C PRO X 52 34.74 -9.67 -72.21
N PHE X 53 34.52 -10.10 -73.45
CA PHE X 53 33.29 -9.80 -74.16
C PHE X 53 32.09 -10.49 -73.53
N MET X 54 30.99 -9.76 -73.41
CA MET X 54 29.80 -10.34 -72.82
C MET X 54 29.37 -11.46 -73.75
N TYR X 55 29.02 -12.60 -73.16
CA TYR X 55 28.59 -13.73 -73.96
C TYR X 55 27.15 -14.08 -73.61
N LEU X 56 26.31 -14.17 -74.64
CA LEU X 56 24.93 -14.52 -74.41
C LEU X 56 24.75 -15.96 -74.88
N VAL X 57 24.37 -16.82 -73.94
CA VAL X 57 24.17 -18.22 -74.26
C VAL X 57 22.73 -18.57 -73.93
N ARG X 58 22.04 -19.16 -74.91
CA ARG X 58 20.65 -19.54 -74.69
C ARG X 58 20.18 -20.51 -75.77
N SER X 59 18.86 -20.57 -75.94
CA SER X 59 18.16 -21.45 -76.89
C SER X 59 18.45 -21.24 -78.38
N ASP X 62 17.59 -23.90 -80.81
CA ASP X 62 16.39 -24.69 -81.09
C ASP X 62 15.13 -23.86 -81.30
N ILE X 63 14.91 -22.83 -80.48
CA ILE X 63 13.76 -21.95 -80.70
C ILE X 63 14.19 -20.55 -81.12
N TYR X 64 13.75 -20.12 -82.29
CA TYR X 64 14.09 -18.78 -82.77
C TYR X 64 13.18 -18.23 -83.86
N SER X 65 13.21 -16.91 -84.02
CA SER X 65 12.64 -16.21 -85.17
C SER X 65 11.24 -15.65 -84.95
N PRO X 66 10.95 -14.55 -85.65
CA PRO X 66 9.62 -13.92 -85.65
C PRO X 66 8.53 -14.77 -86.30
N VAL X 67 8.86 -15.42 -87.41
CA VAL X 67 7.86 -16.08 -88.25
C VAL X 67 7.81 -17.46 -87.64
N LEU X 68 9.02 -17.92 -87.32
CA LEU X 68 9.28 -19.04 -86.44
C LEU X 68 8.23 -19.11 -85.34
N ARG X 69 7.89 -17.95 -84.79
CA ARG X 69 6.89 -17.87 -83.74
C ARG X 69 5.55 -18.32 -84.28
N LYS X 70 5.23 -17.89 -85.49
CA LYS X 70 3.98 -18.25 -86.13
C LYS X 70 3.92 -19.76 -86.34
N LEU X 71 5.01 -20.31 -86.88
CA LEU X 71 5.10 -21.73 -87.14
C LEU X 71 5.08 -22.54 -85.86
N PHE X 72 5.81 -22.07 -84.85
CA PHE X 72 5.81 -22.74 -83.56
C PHE X 72 4.42 -22.63 -82.94
N ASN X 73 3.83 -21.45 -83.03
CA ASN X 73 2.50 -21.21 -82.48
C ASN X 73 1.48 -22.07 -83.20
N GLU X 74 1.60 -22.17 -84.52
CA GLU X 74 0.70 -22.98 -85.32
C GLU X 74 0.83 -24.44 -84.91
N SER X 75 2.06 -24.88 -84.68
CA SER X 75 2.29 -26.26 -84.28
C SER X 75 1.65 -26.53 -82.93
N HIS X 76 1.77 -25.57 -82.01
CA HIS X 76 1.19 -25.70 -80.69
C HIS X 76 -0.32 -25.81 -80.81
N SER X 77 -0.89 -24.98 -81.69
CA SER X 77 -2.34 -24.98 -81.89
C SER X 77 -2.78 -26.33 -82.43
N ILE X 78 -2.00 -26.89 -83.36
CA ILE X 78 -2.32 -28.17 -83.95
C ILE X 78 -2.28 -29.26 -82.87
N PHE X 79 -1.28 -29.19 -82.00
CA PHE X 79 -1.16 -30.17 -80.93
C PHE X 79 -2.37 -30.07 -80.01
N VAL X 80 -2.77 -28.84 -79.73
CA VAL X 80 -3.90 -28.60 -78.85
C VAL X 80 -5.16 -29.20 -79.48
N GLY X 81 -5.31 -29.01 -80.78
CA GLY X 81 -6.46 -29.53 -81.49
C GLY X 81 -6.48 -31.04 -81.45
N LEU X 82 -5.30 -31.65 -81.60
CA LEU X 82 -5.19 -33.09 -81.55
C LEU X 82 -5.59 -33.61 -80.18
N GLN X 83 -5.16 -32.91 -79.14
CA GLN X 83 -5.53 -33.30 -77.78
C GLN X 83 -7.03 -33.17 -77.57
N LYS X 84 -7.59 -32.09 -78.11
CA LYS X 84 -9.00 -31.77 -77.96
C LYS X 84 -9.93 -32.79 -78.60
N SER X 85 -9.57 -33.25 -79.80
CA SER X 85 -10.46 -34.07 -80.61
C SER X 85 -10.47 -35.54 -80.21
N ALA X 86 -9.29 -36.15 -80.10
CA ALA X 86 -9.21 -37.58 -79.84
C ALA X 86 -9.83 -37.98 -78.50
N GLU X 87 -9.57 -37.20 -77.46
CA GLU X 87 -10.12 -37.51 -76.14
C GLU X 87 -11.63 -37.43 -76.16
N GLU X 88 -12.16 -36.41 -76.85
CA GLU X 88 -13.60 -36.23 -76.97
C GLU X 88 -14.20 -37.42 -77.71
N ALA X 89 -13.52 -37.86 -78.76
CA ALA X 89 -13.98 -38.98 -79.56
C ALA X 89 -14.03 -40.24 -78.70
N SER X 90 -13.01 -40.42 -77.87
CA SER X 90 -12.94 -41.57 -76.98
C SER X 90 -14.10 -41.53 -76.00
N GLY X 91 -14.44 -40.33 -75.54
CA GLY X 91 -15.57 -40.14 -74.65
C GLY X 91 -16.82 -40.62 -75.37
N LYS X 92 -16.87 -40.35 -76.67
CA LYS X 92 -17.94 -40.83 -77.53
C LYS X 92 -17.92 -42.35 -77.53
N SER X 93 -16.72 -42.92 -77.46
CA SER X 93 -16.46 -44.35 -77.46
C SER X 93 -16.21 -44.91 -78.86
N ARG X 94 -16.01 -46.22 -78.95
CA ARG X 94 -15.52 -46.82 -80.19
C ARG X 94 -16.49 -46.63 -81.35
N LYS X 95 -15.92 -46.23 -82.49
CA LYS X 95 -16.65 -46.05 -83.72
C LYS X 95 -15.66 -46.07 -84.89
N ALA X 96 -16.16 -46.25 -86.09
CA ALA X 96 -15.32 -46.12 -87.27
C ALA X 96 -14.84 -44.67 -87.27
N GLN X 97 -15.76 -43.78 -86.91
CA GLN X 97 -15.49 -42.37 -86.71
C GLN X 97 -14.03 -42.15 -86.29
N LEU X 98 -13.55 -43.02 -85.42
CA LEU X 98 -12.17 -42.94 -84.96
C LEU X 98 -11.20 -43.15 -86.12
N VAL X 99 -11.55 -44.09 -86.99
CA VAL X 99 -10.75 -44.37 -88.17
C VAL X 99 -10.73 -43.17 -89.10
N GLN X 100 -11.88 -42.51 -89.24
CA GLN X 100 -11.98 -41.33 -90.10
C GLN X 100 -11.46 -40.09 -89.40
N VAL X 101 -11.65 -40.04 -88.08
CA VAL X 101 -11.19 -38.90 -87.29
C VAL X 101 -9.67 -38.75 -87.41
N SER X 102 -8.98 -39.88 -87.40
CA SER X 102 -7.54 -39.89 -87.55
C SER X 102 -7.13 -39.34 -88.92
N ARG X 103 -7.89 -39.72 -89.94
CA ARG X 103 -7.62 -39.26 -91.30
C ARG X 103 -7.80 -37.75 -91.41
N ASN X 104 -8.82 -37.24 -90.71
CA ASN X 104 -9.09 -35.80 -90.72
C ASN X 104 -7.96 -35.01 -90.09
N TYR X 105 -7.39 -35.54 -89.01
CA TYR X 105 -6.26 -34.90 -88.35
C TYR X 105 -5.06 -34.85 -89.28
N ARG X 106 -4.85 -35.93 -90.02
CA ARG X 106 -3.76 -35.99 -91.00
C ARG X 106 -3.97 -34.94 -92.09
N SER X 107 -5.22 -34.79 -92.52
CA SER X 107 -5.56 -33.79 -93.53
C SER X 107 -5.26 -32.40 -93.01
N VAL X 108 -5.59 -32.17 -91.73
CA VAL X 108 -5.33 -30.88 -91.09
C VAL X 108 -3.83 -30.61 -91.04
N LEU X 109 -3.05 -31.65 -90.75
CA LEU X 109 -1.60 -31.53 -90.71
C LEU X 109 -1.06 -31.17 -92.09
N ARG X 110 -1.64 -31.79 -93.12
CA ARG X 110 -1.25 -31.51 -94.50
C ARG X 110 -1.55 -30.04 -94.83
N ALA X 111 -2.71 -29.57 -94.37
CA ALA X 111 -3.10 -28.18 -94.59
C ALA X 111 -2.11 -27.23 -93.91
N CYS X 112 -1.69 -27.60 -92.71
CA CYS X 112 -0.71 -26.81 -91.97
C CYS X 112 0.62 -26.76 -92.73
N MET X 113 1.00 -27.90 -93.29
CA MET X 113 2.23 -27.97 -94.08
C MET X 113 2.13 -27.06 -95.30
N GLU X 114 0.95 -27.05 -95.93
CA GLU X 114 0.71 -26.20 -97.08
C GLU X 114 0.82 -24.73 -96.68
N GLU X 115 0.29 -24.39 -95.51
CA GLU X 115 0.38 -23.03 -94.99
C GLU X 115 1.82 -22.63 -94.76
N MET X 116 2.61 -23.58 -94.23
CA MET X 116 4.03 -23.34 -94.00
C MET X 116 4.74 -23.09 -95.33
N HIS X 117 4.38 -23.85 -96.35
CA HIS X 117 4.96 -23.68 -97.68
C HIS X 117 4.62 -22.30 -98.22
N THR X 118 3.38 -21.88 -97.98
CA THR X 118 2.90 -20.57 -98.40
C THR X 118 3.68 -19.45 -97.72
N LEU X 119 3.99 -19.65 -96.44
CA LEU X 119 4.69 -18.62 -95.67
C LEU X 119 6.06 -18.30 -96.25
N SER X 120 6.73 -19.38 -96.65
CA SER X 120 8.08 -19.28 -97.13
C SER X 120 8.31 -18.38 -98.28
N GLU X 121 7.75 -18.69 -99.43
CA GLU X 121 8.03 -17.90 -100.60
C GLU X 121 7.53 -16.54 -100.32
N SER X 122 6.58 -16.45 -99.40
CA SER X 122 6.11 -15.17 -99.02
C SER X 122 7.28 -14.41 -98.47
N THR X 123 8.35 -15.07 -98.06
CA THR X 123 9.51 -14.30 -97.66
C THR X 123 9.73 -13.46 -98.86
N ARG X 124 10.12 -12.22 -98.63
CA ARG X 124 10.29 -11.30 -99.74
C ARG X 124 11.75 -11.05 -100.08
N GLU X 125 12.03 -10.16 -101.04
CA GLU X 125 13.40 -9.80 -101.36
C GLU X 125 14.22 -10.12 -100.18
N THR X 126 15.18 -11.03 -100.27
CA THR X 126 15.91 -11.37 -99.02
C THR X 126 17.00 -12.41 -99.08
N ALA X 127 17.28 -13.04 -97.93
CA ALA X 127 18.37 -14.00 -97.86
C ALA X 127 17.90 -15.44 -98.00
N GLN X 128 18.65 -16.34 -97.37
CA GLN X 128 18.30 -17.73 -97.44
C GLN X 128 18.29 -18.31 -96.06
N LYS X 129 17.13 -18.74 -95.62
CA LYS X 129 17.00 -19.37 -94.33
C LYS X 129 15.66 -20.08 -94.37
N TYR X 130 15.54 -21.19 -93.64
CA TYR X 130 14.28 -21.94 -93.56
C TYR X 130 13.79 -22.52 -94.88
N ILE X 131 14.54 -22.38 -95.96
CA ILE X 131 14.15 -23.04 -97.21
C ILE X 131 14.30 -24.53 -96.98
N SER X 132 15.41 -24.89 -96.35
CA SER X 132 15.63 -26.29 -96.01
C SER X 132 14.55 -26.75 -95.05
N GLN X 133 14.12 -25.86 -94.15
CA GLN X 133 13.09 -26.21 -93.18
C GLN X 133 11.80 -26.53 -93.90
N ILE X 134 11.45 -25.73 -94.90
CA ILE X 134 10.25 -25.97 -95.69
C ILE X 134 10.36 -27.26 -96.47
N SER X 135 11.55 -27.56 -96.99
CA SER X 135 11.74 -28.84 -97.68
C SER X 135 11.49 -29.98 -96.71
N ILE X 136 11.99 -29.85 -95.49
CA ILE X 136 11.82 -30.88 -94.48
C ILE X 136 10.35 -31.04 -94.14
N LEU X 137 9.63 -29.91 -94.08
CA LEU X 137 8.20 -29.95 -93.79
C LEU X 137 7.46 -30.68 -94.90
N SER X 138 7.85 -30.44 -96.15
CA SER X 138 7.23 -31.17 -97.26
C SER X 138 7.50 -32.66 -97.15
N ALA X 139 8.73 -33.01 -96.78
CA ALA X 139 9.05 -34.43 -96.60
C ALA X 139 8.18 -35.02 -95.50
N MET X 140 7.97 -34.27 -94.43
CA MET X 140 7.17 -34.75 -93.30
C MET X 140 5.73 -34.92 -93.73
N GLU X 141 5.23 -34.03 -94.58
CA GLU X 141 3.88 -34.15 -95.09
C GLU X 141 3.75 -35.40 -95.93
N LEU X 142 4.76 -35.67 -96.76
CA LEU X 142 4.74 -36.90 -97.54
C LEU X 142 4.70 -38.12 -96.61
N SER X 143 5.49 -38.07 -95.54
CA SER X 143 5.52 -39.18 -94.59
C SER X 143 4.17 -39.36 -93.92
N TRP X 144 3.50 -38.26 -93.60
CA TRP X 144 2.19 -38.31 -92.97
C TRP X 144 1.19 -38.90 -93.93
N ASN X 145 1.31 -38.55 -95.20
CA ASN X 145 0.42 -39.13 -96.21
C ASN X 145 0.64 -40.64 -96.24
N LEU X 146 1.90 -41.06 -96.23
CA LEU X 146 2.18 -42.50 -96.21
C LEU X 146 1.56 -43.16 -95.00
N CYS X 147 1.65 -42.51 -93.84
CA CYS X 147 1.10 -43.07 -92.61
C CYS X 147 -0.41 -43.19 -92.67
N GLU X 148 -1.07 -42.20 -93.27
CA GLU X 148 -2.52 -42.24 -93.42
C GLU X 148 -2.90 -43.37 -94.35
N ILE X 149 -2.12 -43.55 -95.40
CA ILE X 149 -2.38 -44.65 -96.32
C ILE X 149 -2.27 -45.97 -95.57
N LEU X 150 -1.26 -46.09 -94.71
CA LEU X 150 -1.09 -47.30 -93.92
C LEU X 150 -2.28 -47.53 -93.00
N PHE X 151 -2.76 -46.47 -92.36
CA PHE X 151 -3.90 -46.59 -91.45
C PHE X 151 -5.16 -46.97 -92.20
N PRO X 156 -7.41 -49.14 -102.07
CA PRO X 156 -6.82 -48.12 -101.21
C PRO X 156 -5.37 -47.88 -101.58
N ALA X 157 -4.62 -48.94 -101.85
CA ALA X 157 -3.22 -48.81 -102.23
C ALA X 157 -3.09 -48.01 -103.52
N GLY X 158 -3.96 -48.27 -104.49
CA GLY X 158 -3.93 -47.53 -105.74
C GLY X 158 -4.22 -46.06 -105.52
N PRO X 159 -5.21 -45.76 -104.67
CA PRO X 159 -5.49 -44.35 -104.37
C PRO X 159 -4.28 -43.72 -103.72
N LEU X 160 -3.61 -44.43 -102.84
CA LEU X 160 -2.42 -43.91 -102.17
C LEU X 160 -1.33 -43.61 -103.17
N LEU X 161 -1.13 -44.51 -104.14
CA LEU X 161 -0.12 -44.29 -105.18
C LEU X 161 -0.46 -43.06 -106.00
N ILE X 162 -1.74 -42.89 -106.33
CA ILE X 162 -2.16 -41.71 -107.06
C ILE X 162 -1.84 -40.45 -106.27
N LEU X 163 -2.14 -40.48 -104.97
CA LEU X 163 -1.87 -39.33 -104.12
C LEU X 163 -0.38 -39.03 -104.07
N LEU X 164 0.45 -40.07 -104.02
CA LEU X 164 1.89 -39.90 -103.98
C LEU X 164 2.38 -39.26 -105.27
N LEU X 165 1.83 -39.71 -106.40
CA LEU X 165 2.19 -39.10 -107.67
C LEU X 165 1.81 -37.63 -107.66
N GLU X 166 0.63 -37.32 -107.13
CA GLU X 166 0.20 -35.93 -107.06
C GLU X 166 1.16 -35.10 -106.23
N TRP X 167 1.59 -35.65 -105.09
CA TRP X 167 2.52 -34.93 -104.22
C TRP X 167 3.85 -34.71 -104.93
N VAL X 168 4.32 -35.71 -105.67
CA VAL X 168 5.57 -35.57 -106.41
C VAL X 168 5.43 -34.46 -107.43
N ARG X 169 4.29 -34.40 -108.11
CA ARG X 169 4.05 -33.35 -109.09
C ARG X 169 4.07 -31.99 -108.42
N LEU X 170 3.44 -31.89 -107.25
CA LEU X 170 3.42 -30.64 -106.51
C LEU X 170 4.83 -30.20 -106.13
N HIS X 171 5.66 -31.15 -105.71
CA HIS X 171 7.04 -30.84 -105.34
C HIS X 171 7.85 -30.39 -106.55
N HIS X 191 5.50 -34.05 -128.49
CA HIS X 191 6.78 -34.71 -128.30
C HIS X 191 6.70 -35.78 -127.22
N GLU X 192 7.85 -36.34 -126.86
CA GLU X 192 7.90 -37.38 -125.82
C GLU X 192 7.42 -36.84 -124.49
N LYS X 193 7.83 -35.61 -124.16
CA LYS X 193 7.40 -34.97 -122.92
C LYS X 193 5.90 -34.78 -122.92
N PHE X 194 5.35 -34.39 -124.06
CA PHE X 194 3.91 -34.20 -124.20
C PHE X 194 3.19 -35.52 -123.99
N TRP X 195 3.75 -36.59 -124.54
CA TRP X 195 3.18 -37.92 -124.38
C TRP X 195 3.18 -38.32 -122.92
N ASP X 196 4.28 -38.00 -122.22
CA ASP X 196 4.39 -38.30 -120.80
C ASP X 196 3.33 -37.54 -120.02
N GLY X 197 3.10 -36.29 -120.40
CA GLY X 197 2.09 -35.47 -119.76
C GLY X 197 0.71 -36.06 -119.97
N VAL X 198 0.47 -36.56 -121.17
CA VAL X 198 -0.80 -37.20 -121.50
C VAL X 198 -1.00 -38.45 -120.65
N THR X 199 0.08 -39.20 -120.46
CA THR X 199 0.02 -40.43 -119.67
C THR X 199 -0.04 -40.11 -118.18
N GLY X 200 0.96 -39.39 -117.70
CA GLY X 200 1.03 -39.01 -116.28
C GLY X 200 -0.29 -38.62 -115.67
N TYR X 201 -1.07 -37.74 -116.35
CA TYR X 201 -2.39 -37.34 -115.89
C TYR X 201 -3.38 -38.49 -115.86
N VAL X 202 -3.40 -39.35 -116.90
CA VAL X 202 -4.25 -40.53 -116.96
C VAL X 202 -3.99 -41.49 -115.81
N LEU X 203 -2.71 -41.77 -115.51
CA LEU X 203 -2.28 -42.68 -114.46
C LEU X 203 -2.75 -42.26 -113.08
N GLN X 204 -2.86 -40.93 -112.85
CA GLN X 204 -3.31 -40.36 -111.59
C GLN X 204 -4.81 -40.12 -111.55
N GLY X 205 -5.53 -40.53 -112.62
CA GLY X 205 -6.97 -40.37 -112.72
C GLY X 205 -7.39 -38.96 -113.01
N VAL X 230 -2.38 -42.27 -140.03
CA VAL X 230 -2.23 -43.69 -139.74
C VAL X 230 -1.53 -43.90 -138.41
N LEU X 231 -0.48 -43.13 -138.15
CA LEU X 231 0.28 -43.24 -136.92
C LEU X 231 -0.60 -42.92 -135.72
N ASP X 232 -1.43 -41.89 -135.86
CA ASP X 232 -2.34 -41.50 -134.78
C ASP X 232 -3.32 -42.63 -134.50
N ASP X 233 -3.82 -43.26 -135.56
CA ASP X 233 -4.74 -44.37 -135.43
C ASP X 233 -4.08 -45.53 -134.70
N LEU X 234 -2.80 -45.78 -135.03
CA LEU X 234 -2.04 -46.84 -134.38
C LEU X 234 -1.88 -46.54 -132.90
N LEU X 235 -1.63 -45.26 -132.58
CA LEU X 235 -1.50 -44.84 -131.19
C LEU X 235 -2.80 -45.07 -130.44
N LYS X 236 -3.91 -44.76 -131.10
CA LYS X 236 -5.23 -44.96 -130.51
C LYS X 236 -5.46 -46.44 -130.24
N LYS X 237 -5.05 -47.29 -131.18
CA LYS X 237 -5.18 -48.72 -131.02
C LYS X 237 -4.36 -49.20 -129.83
N MET X 238 -3.16 -48.65 -129.69
CA MET X 238 -2.28 -49.00 -128.58
C MET X 238 -2.94 -48.61 -127.26
N PRO X 239 -3.57 -47.44 -127.24
CA PRO X 239 -4.27 -46.96 -126.05
C PRO X 239 -5.42 -47.89 -125.70
N MET X 240 -6.14 -48.35 -126.72
CA MET X 240 -7.25 -49.28 -126.52
C MET X 240 -6.73 -50.58 -125.93
N LEU X 241 -5.58 -51.03 -126.43
CA LEU X 241 -4.96 -52.26 -125.93
C LEU X 241 -4.59 -52.09 -124.46
N HIS X 242 -4.06 -50.92 -124.12
CA HIS X 242 -3.68 -50.62 -122.75
C HIS X 242 -4.91 -50.65 -121.85
N THR X 243 -6.01 -50.09 -122.36
CA THR X 243 -7.27 -50.08 -121.62
C THR X 243 -7.78 -51.51 -121.39
N GLY X 244 -7.63 -52.35 -122.41
CA GLY X 244 -8.10 -53.73 -122.33
C GLY X 244 -7.33 -54.58 -121.34
N GLY X 245 -6.39 -53.96 -120.63
CA GLY X 245 -5.59 -54.68 -119.65
C GLY X 245 -6.00 -54.29 -118.24
N THR X 246 -6.24 -53.00 -118.05
CA THR X 246 -6.66 -52.50 -116.75
C THR X 246 -8.01 -53.09 -116.37
N GLN X 247 -8.90 -53.19 -117.35
CA GLN X 247 -10.22 -53.79 -117.14
C GLN X 247 -10.09 -55.26 -116.75
N THR X 248 -9.16 -55.96 -117.40
CA THR X 248 -8.94 -57.37 -117.13
C THR X 248 -8.08 -58.01 -118.21
N PHE X 252 -10.00 -59.03 -114.54
CA PHE X 252 -9.22 -60.25 -114.46
C PHE X 252 -7.79 -59.93 -114.84
N GLU X 253 -6.87 -60.06 -113.87
CA GLU X 253 -5.43 -59.90 -114.04
C GLU X 253 -4.82 -60.88 -115.03
N LEU X 254 -5.37 -62.11 -115.09
CA LEU X 254 -5.06 -63.07 -116.13
C LEU X 254 -5.38 -62.57 -117.54
N LYS X 255 -6.54 -61.92 -117.75
CA LYS X 255 -6.86 -61.31 -119.03
C LYS X 255 -5.93 -60.17 -119.37
N TRP X 256 -5.49 -59.35 -118.39
CA TRP X 256 -4.49 -58.31 -118.61
C TRP X 256 -3.15 -58.86 -119.04
N GLN X 257 -2.69 -59.98 -118.43
CA GLN X 257 -1.45 -60.65 -118.80
C GLN X 257 -1.43 -61.01 -120.30
N HIS X 258 -2.50 -61.68 -120.78
CA HIS X 258 -2.73 -61.96 -122.20
C HIS X 258 -2.92 -60.70 -123.05
N TRP X 259 -3.59 -59.64 -122.53
CA TRP X 259 -3.76 -58.38 -123.23
C TRP X 259 -2.45 -57.67 -123.55
N ARG X 260 -1.53 -57.63 -122.57
CA ARG X 260 -0.21 -57.05 -122.77
C ARG X 260 0.61 -57.80 -123.81
N GLU X 261 0.54 -59.13 -123.79
CA GLU X 261 1.29 -59.95 -124.74
C GLU X 261 0.88 -59.65 -126.18
N GLU X 262 -0.42 -59.54 -126.41
CA GLU X 262 -0.94 -59.27 -127.75
C GLU X 262 -0.46 -57.90 -128.24
N CYS X 263 -0.47 -56.92 -127.34
CA CYS X 263 -0.01 -55.58 -127.69
C CYS X 263 1.47 -55.60 -128.05
N GLU X 264 2.24 -56.38 -127.30
CA GLU X 264 3.67 -56.52 -127.57
C GLU X 264 3.88 -57.15 -128.95
N ARG X 265 3.06 -58.15 -129.26
CA ARG X 265 3.14 -58.81 -130.56
C ARG X 265 2.83 -57.82 -131.67
N HIS X 266 1.84 -56.98 -131.45
CA HIS X 266 1.46 -55.96 -132.42
C HIS X 266 2.61 -54.99 -132.63
N LEU X 267 3.28 -54.62 -131.54
CA LEU X 267 4.43 -53.72 -131.61
C LEU X 267 5.54 -54.36 -132.42
N GLN X 268 5.75 -55.66 -132.21
CA GLN X 268 6.77 -56.39 -132.94
C GLN X 268 6.44 -56.40 -134.43
N ASN X 269 5.16 -56.57 -134.75
CA ASN X 269 4.71 -56.57 -136.13
C ASN X 269 4.96 -55.20 -136.77
N GLY X 270 4.71 -54.14 -136.00
CA GLY X 270 4.96 -52.79 -136.46
C GLY X 270 6.42 -52.56 -136.73
N THR X 271 7.27 -53.10 -135.86
CA THR X 271 8.72 -52.95 -136.01
C THR X 271 9.12 -51.49 -136.18
N GLU X 279 5.83 -43.12 -134.18
CA GLU X 279 6.04 -44.56 -133.99
C GLU X 279 6.39 -44.83 -132.52
N ALA X 280 7.21 -43.97 -131.95
CA ALA X 280 7.59 -44.11 -130.55
C ALA X 280 6.37 -43.96 -129.65
N VAL X 281 5.49 -43.02 -130.00
CA VAL X 281 4.27 -42.79 -129.25
C VAL X 281 3.38 -44.03 -129.32
N CYS X 282 3.31 -44.63 -130.51
CA CYS X 282 2.53 -45.84 -130.71
C CYS X 282 3.07 -46.97 -129.85
N ARG X 283 4.40 -47.06 -129.79
CA ARG X 283 5.04 -48.08 -128.97
C ARG X 283 4.71 -47.87 -127.50
N VAL X 284 4.70 -46.62 -127.08
CA VAL X 284 4.37 -46.27 -125.70
C VAL X 284 2.93 -46.67 -125.40
N LEU X 285 2.04 -46.44 -126.36
CA LEU X 285 0.64 -46.81 -126.22
C LEU X 285 0.51 -48.32 -126.07
N LEU X 286 1.35 -49.05 -126.81
CA LEU X 286 1.43 -50.49 -126.63
C LEU X 286 1.93 -50.84 -125.22
N GLY X 287 2.92 -50.09 -124.74
CA GLY X 287 3.42 -50.27 -123.38
C GLY X 287 3.89 -51.68 -123.12
N ASP X 288 3.39 -52.26 -122.03
CA ASP X 288 3.56 -53.68 -121.75
C ASP X 288 5.00 -54.23 -121.72
N GLU X 289 5.89 -53.64 -120.92
CA GLU X 289 5.67 -52.40 -120.19
C GLU X 289 6.99 -51.62 -120.11
N GLU X 290 7.88 -51.90 -121.06
CA GLU X 290 9.30 -51.62 -120.94
C GLU X 290 9.73 -50.16 -120.77
N VAL X 291 9.07 -49.24 -121.46
CA VAL X 291 9.52 -47.86 -121.51
C VAL X 291 9.57 -47.15 -120.14
N LEU X 292 8.59 -47.40 -119.30
CA LEU X 292 8.46 -46.70 -118.03
C LEU X 292 9.80 -46.72 -117.29
N LEU X 293 10.48 -47.87 -117.34
CA LEU X 293 11.77 -48.01 -116.71
C LEU X 293 12.78 -47.07 -117.34
N GLU X 294 12.71 -46.96 -118.67
CA GLU X 294 13.60 -46.06 -119.41
C GLU X 294 13.34 -44.62 -119.00
N LYS X 295 12.06 -44.28 -118.83
CA LYS X 295 11.69 -42.94 -118.41
C LYS X 295 12.24 -42.65 -117.02
N ARG X 296 12.17 -43.65 -116.15
CA ARG X 296 12.70 -43.51 -114.79
C ARG X 296 14.20 -43.28 -114.83
N ASP X 297 14.88 -44.00 -115.72
CA ASP X 297 16.32 -43.86 -115.89
C ASP X 297 16.65 -42.45 -116.36
N LEU X 298 15.84 -41.94 -117.28
CA LEU X 298 16.02 -40.58 -117.79
C LEU X 298 15.84 -39.57 -116.68
N MET X 299 14.86 -39.79 -115.82
CA MET X 299 14.58 -38.89 -114.70
C MET X 299 15.83 -38.68 -113.85
N THR X 301 12.68 -40.74 -112.31
CA THR X 301 12.67 -41.01 -110.88
C THR X 301 11.94 -42.31 -110.51
N TRP X 302 12.55 -43.05 -109.58
CA TRP X 302 12.09 -44.37 -109.18
C TRP X 302 10.71 -44.37 -108.54
N TYR X 303 10.44 -43.37 -107.70
CA TYR X 303 9.13 -43.29 -107.06
C TYR X 303 8.05 -43.09 -108.10
N HIS X 304 8.34 -42.24 -109.09
CA HIS X 304 7.40 -41.98 -110.17
C HIS X 304 7.17 -43.26 -110.95
N PHE X 305 8.25 -44.01 -111.20
CA PHE X 305 8.14 -45.27 -111.93
C PHE X 305 7.24 -46.25 -111.17
N LEU X 306 7.42 -46.30 -109.85
CA LEU X 306 6.62 -47.18 -109.01
C LEU X 306 5.15 -46.79 -109.05
N VAL X 307 4.90 -45.48 -109.04
CA VAL X 307 3.52 -45.00 -109.12
C VAL X 307 2.91 -45.42 -110.44
N SER X 308 3.70 -45.31 -111.50
CA SER X 308 3.22 -45.70 -112.84
C SER X 308 2.89 -47.18 -112.86
N ARG X 309 3.73 -47.98 -112.22
CA ARG X 309 3.51 -49.42 -112.13
C ARG X 309 2.22 -49.75 -111.38
N LEU X 310 1.95 -49.04 -110.28
CA LEU X 310 0.75 -49.27 -109.50
C LEU X 310 -0.51 -48.94 -110.32
N LEU X 311 -0.40 -47.85 -111.08
CA LEU X 311 -1.46 -47.30 -111.91
C LEU X 311 -1.85 -48.11 -113.16
N PHE X 312 -0.87 -48.62 -113.96
CA PHE X 312 -1.19 -49.18 -115.27
C PHE X 312 -0.84 -50.66 -115.43
N LYS X 313 0.01 -51.25 -114.55
CA LYS X 313 0.43 -52.64 -114.72
C LYS X 313 -0.49 -53.55 -113.93
N HIS X 314 -0.31 -53.66 -112.59
CA HIS X 314 -1.19 -54.44 -111.74
C HIS X 314 -1.33 -53.68 -110.43
N PRO X 315 -2.52 -53.38 -109.89
CA PRO X 315 -2.65 -52.40 -108.81
C PRO X 315 -2.64 -53.12 -107.49
N THR X 316 -1.61 -53.96 -107.35
CA THR X 316 -1.19 -54.58 -106.09
C THR X 316 0.27 -54.19 -105.81
N VAL X 317 0.55 -53.76 -104.58
CA VAL X 317 1.84 -53.18 -104.22
C VAL X 317 2.74 -54.02 -103.30
N LYS X 318 2.51 -55.33 -103.26
CA LYS X 318 3.07 -56.19 -102.21
C LYS X 318 4.59 -56.31 -102.05
N PRO X 319 5.35 -56.42 -103.16
CA PRO X 319 6.79 -56.67 -103.03
C PRO X 319 7.70 -55.55 -103.54
N THR X 320 8.47 -54.99 -102.61
CA THR X 320 9.21 -53.78 -102.83
C THR X 320 10.70 -54.03 -102.97
N GLU X 321 11.13 -55.28 -103.06
CA GLU X 321 12.54 -55.52 -103.33
C GLU X 321 12.90 -55.03 -104.73
N LEU X 322 12.10 -55.41 -105.72
CA LEU X 322 12.34 -55.01 -107.11
C LEU X 322 12.18 -53.53 -107.32
N HIS X 323 11.10 -52.99 -106.74
CA HIS X 323 10.80 -51.57 -106.83
C HIS X 323 11.92 -50.82 -106.15
N PHE X 324 12.37 -51.37 -105.03
CA PHE X 324 13.41 -50.73 -104.24
C PHE X 324 14.67 -50.65 -105.06
N TYR X 325 15.00 -51.73 -105.74
CA TYR X 325 16.21 -51.77 -106.55
C TYR X 325 16.09 -50.73 -107.65
N ALA X 326 14.91 -50.65 -108.25
CA ALA X 326 14.71 -49.69 -109.33
C ALA X 326 14.88 -48.26 -108.85
N GLN X 327 14.33 -47.94 -107.68
CA GLN X 327 14.47 -46.58 -107.16
C GLN X 327 15.93 -46.32 -106.84
N SER X 328 16.54 -47.33 -106.23
CA SER X 328 17.93 -47.32 -105.83
C SER X 328 18.84 -47.24 -107.03
N SER X 329 18.52 -47.97 -108.09
CA SER X 329 19.43 -47.94 -109.23
C SER X 329 19.06 -46.81 -110.17
N LEU X 330 17.76 -46.63 -110.38
CA LEU X 330 17.27 -45.56 -111.25
C LEU X 330 17.66 -44.21 -110.66
N ASP X 331 17.53 -44.08 -109.34
CA ASP X 331 17.88 -42.85 -108.66
C ASP X 331 19.38 -42.56 -108.82
N MET X 332 20.19 -43.61 -108.73
CA MET X 332 21.62 -43.49 -108.90
C MET X 332 21.94 -43.02 -110.31
N PHE X 333 21.23 -43.58 -111.28
CA PHE X 333 21.41 -43.19 -112.68
C PHE X 333 21.07 -41.72 -112.87
N LEU X 334 19.99 -41.28 -112.22
CA LEU X 334 19.57 -39.89 -112.29
C LEU X 334 20.64 -38.99 -111.70
N ALA X 335 21.23 -39.43 -110.59
CA ALA X 335 22.30 -38.67 -109.94
C ALA X 335 23.49 -38.55 -110.86
N PRO X 340 19.59 -33.16 -100.73
CA PRO X 340 18.66 -34.02 -101.49
C PRO X 340 19.01 -35.49 -101.32
N GLU X 341 20.29 -35.82 -101.34
CA GLU X 341 20.73 -37.20 -101.14
C GLU X 341 20.33 -37.68 -99.76
N PRO X 342 20.48 -36.82 -98.77
CA PRO X 342 20.09 -37.14 -97.40
C PRO X 342 18.59 -37.39 -97.31
N LEU X 343 17.81 -36.57 -98.01
CA LEU X 343 16.37 -36.73 -98.04
C LEU X 343 16.00 -38.08 -98.67
N ASP X 344 16.72 -38.43 -99.72
CA ASP X 344 16.50 -39.70 -100.40
C ASP X 344 16.80 -40.86 -99.44
N ASN X 345 17.87 -40.72 -98.67
CA ASN X 345 18.24 -41.73 -97.69
C ASN X 345 17.16 -41.87 -96.62
N ILE X 346 16.61 -40.74 -96.20
CA ILE X 346 15.53 -40.74 -95.22
C ILE X 346 14.32 -41.46 -95.78
N LEU X 347 14.02 -41.22 -97.06
CA LEU X 347 12.91 -41.87 -97.72
C LEU X 347 13.13 -43.38 -97.76
N LEU X 348 14.36 -43.78 -98.05
CA LEU X 348 14.72 -45.19 -98.08
C LEU X 348 14.52 -45.83 -96.71
N ALA X 349 14.90 -45.09 -95.67
CA ALA X 349 14.73 -45.56 -94.30
C ALA X 349 13.25 -45.74 -93.99
N ALA X 350 12.43 -44.80 -94.45
CA ALA X 350 11.00 -44.87 -94.25
C ALA X 350 10.43 -46.10 -94.95
N PHE X 351 10.92 -46.37 -96.15
CA PHE X 351 10.50 -47.53 -96.92
C PHE X 351 10.86 -48.81 -96.16
N GLU X 352 12.01 -48.80 -95.51
CA GLU X 352 12.43 -49.91 -94.69
C GLU X 352 11.41 -50.09 -93.57
N PHE X 353 10.76 -48.98 -93.23
CA PHE X 353 9.67 -48.96 -92.25
C PHE X 353 10.09 -48.49 -90.86
N ASP X 354 11.39 -48.28 -90.64
CA ASP X 354 11.83 -47.62 -89.43
C ASP X 354 11.28 -48.42 -88.22
N ILE X 355 10.74 -47.74 -87.20
CA ILE X 355 10.64 -46.29 -87.22
C ILE X 355 11.82 -45.64 -86.50
N HIS X 356 12.64 -46.47 -85.86
CA HIS X 356 13.80 -45.97 -85.13
C HIS X 356 14.77 -45.26 -86.06
N GLN X 357 14.98 -45.84 -87.25
CA GLN X 357 15.85 -45.24 -88.24
C GLN X 357 15.32 -43.88 -88.68
N VAL X 358 14.01 -43.81 -88.86
CA VAL X 358 13.36 -42.56 -89.24
C VAL X 358 13.56 -41.52 -88.16
N ILE X 359 13.44 -41.94 -86.90
CA ILE X 359 13.63 -41.04 -85.77
C ILE X 359 15.06 -40.52 -85.75
N LYS X 360 16.01 -41.40 -86.06
CA LYS X 360 17.41 -41.03 -86.11
C LYS X 360 17.64 -39.99 -87.22
N GLU X 361 16.98 -40.20 -88.35
CA GLU X 361 17.08 -39.27 -89.47
C GLU X 361 16.52 -37.91 -89.07
N PHE X 362 15.42 -37.92 -88.34
CA PHE X 362 14.81 -36.69 -87.87
C PHE X 362 15.76 -35.96 -86.92
N SER X 363 16.43 -36.72 -86.06
CA SER X 363 17.39 -36.15 -85.14
C SER X 363 18.55 -35.51 -85.91
N ILE X 364 18.99 -36.18 -86.97
CA ILE X 364 20.06 -35.67 -87.80
C ILE X 364 19.63 -34.36 -88.47
N VAL X 365 18.40 -34.33 -88.96
CA VAL X 365 17.82 -33.10 -89.47
C VAL X 365 17.67 -32.10 -88.33
N SER X 366 17.24 -32.61 -87.19
CA SER X 366 17.08 -31.82 -85.97
C SER X 366 15.74 -31.09 -85.94
N SER X 367 14.95 -31.26 -86.99
CA SER X 367 13.62 -30.65 -87.05
C SER X 367 12.67 -31.38 -87.98
N ASN X 368 11.37 -31.19 -87.78
CA ASN X 368 10.88 -30.53 -86.59
C ASN X 368 11.03 -31.43 -85.38
N TRP X 369 11.40 -30.83 -84.24
CA TRP X 369 11.58 -31.60 -83.01
C TRP X 369 10.26 -31.90 -82.33
N TRP X 370 9.51 -30.85 -81.99
CA TRP X 370 8.22 -31.01 -81.33
C TRP X 370 7.24 -31.76 -82.21
N PHE X 371 7.24 -31.44 -83.50
CA PHE X 371 6.37 -32.12 -84.46
C PHE X 371 6.71 -33.60 -84.54
N VAL X 372 8.01 -33.90 -84.53
CA VAL X 372 8.48 -35.27 -84.57
C VAL X 372 8.02 -36.02 -83.32
N ALA X 373 8.09 -35.34 -82.18
CA ALA X 373 7.65 -35.93 -80.92
C ALA X 373 6.16 -36.23 -80.98
N HIS X 374 5.40 -35.31 -81.57
CA HIS X 374 3.95 -35.49 -81.72
C HIS X 374 3.67 -36.70 -82.60
N LEU X 375 4.44 -36.84 -83.66
CA LEU X 375 4.30 -37.97 -84.57
C LEU X 375 4.58 -39.28 -83.84
N THR X 376 5.61 -39.25 -83.00
CA THR X 376 5.97 -40.43 -82.21
C THR X 376 4.83 -40.79 -81.26
N ASP X 377 4.22 -39.77 -80.66
CA ASP X 377 3.10 -39.98 -79.76
C ASP X 377 1.93 -40.60 -80.51
N LEU X 378 1.70 -40.12 -81.73
CA LEU X 378 0.63 -40.66 -82.57
C LEU X 378 0.90 -42.13 -82.88
N LEU X 379 2.16 -42.45 -83.17
CA LEU X 379 2.55 -43.82 -83.45
C LEU X 379 2.30 -44.70 -82.24
N ASP X 380 2.61 -44.18 -81.06
CA ASP X 380 2.39 -44.90 -79.81
C ASP X 380 0.90 -45.17 -79.62
N HIS X 381 0.08 -44.17 -79.94
CA HIS X 381 -1.36 -44.31 -79.83
C HIS X 381 -1.86 -45.39 -80.77
N CYS X 382 -1.33 -45.36 -82.00
CA CYS X 382 -1.65 -46.36 -83.02
C CYS X 382 -1.21 -47.78 -82.69
N GLN X 383 -0.01 -47.89 -82.11
CA GLN X 383 0.65 -49.18 -81.83
C GLN X 383 -0.29 -50.34 -81.55
N LEU X 384 -1.26 -50.51 -82.43
CA LEU X 384 -2.33 -51.51 -82.26
C LEU X 384 -1.93 -52.98 -82.30
N PHE X 385 -1.05 -53.34 -83.24
CA PHE X 385 -0.85 -54.74 -83.59
C PHE X 385 0.12 -55.56 -82.74
N GLN X 386 -0.19 -55.72 -81.45
CA GLN X 386 0.40 -56.77 -80.64
C GLN X 386 1.93 -56.82 -80.69
N ALA X 387 2.57 -55.66 -80.62
CA ALA X 387 4.03 -55.63 -80.78
C ALA X 387 4.77 -55.34 -79.47
N HIS X 388 5.70 -56.22 -79.12
CA HIS X 388 6.56 -56.02 -77.96
C HIS X 388 7.42 -54.78 -78.20
N ASN X 389 7.90 -54.65 -79.42
CA ASN X 389 8.66 -53.47 -79.82
C ASN X 389 7.80 -52.23 -79.65
N LEU X 390 6.52 -52.37 -79.98
CA LEU X 390 5.57 -51.28 -79.82
C LEU X 390 5.46 -50.89 -78.34
N TYR X 391 5.47 -51.89 -77.47
CA TYR X 391 5.45 -51.63 -76.04
C TYR X 391 6.71 -50.86 -75.68
N PHE X 392 7.83 -51.29 -76.24
CA PHE X 392 9.07 -50.51 -76.17
C PHE X 392 8.81 -49.22 -76.92
N GLY X 393 8.11 -49.36 -78.04
CA GLY X 393 7.65 -48.23 -78.84
C GLY X 393 6.90 -47.23 -77.98
N ALA X 394 6.06 -47.75 -77.08
CA ALA X 394 5.30 -46.91 -76.17
C ALA X 394 6.25 -46.14 -75.27
N ASN X 395 7.30 -46.81 -74.80
CA ASN X 395 8.31 -46.17 -73.96
C ASN X 395 9.01 -45.05 -74.73
N MET X 396 9.30 -45.30 -75.99
CA MET X 396 9.94 -44.30 -76.84
C MET X 396 9.02 -43.09 -77.00
N ARG X 397 7.74 -43.36 -77.16
CA ARG X 397 6.74 -42.29 -77.29
C ARG X 397 6.71 -41.46 -76.01
N GLU X 398 6.77 -42.14 -74.87
CA GLU X 398 6.78 -41.47 -73.58
C GLU X 398 8.01 -40.58 -73.46
N PHE X 399 9.14 -41.04 -73.98
CA PHE X 399 10.36 -40.24 -73.98
C PHE X 399 10.17 -38.96 -74.80
N LEU X 400 9.46 -39.08 -75.91
CA LEU X 400 9.27 -37.97 -76.84
C LEU X 400 8.52 -36.79 -76.20
N LEU X 401 7.52 -37.10 -75.38
CA LEU X 401 6.78 -36.05 -74.68
C LEU X 401 7.70 -35.29 -73.74
N LEU X 402 8.57 -36.02 -73.06
CA LEU X 402 9.54 -35.41 -72.15
C LEU X 402 10.49 -34.51 -72.93
N ASP X 403 10.88 -34.97 -74.12
CA ASP X 403 11.75 -34.18 -74.98
C ASP X 403 11.06 -32.88 -75.40
N TYR X 404 9.77 -32.97 -75.70
CA TYR X 404 8.96 -31.81 -76.06
C TYR X 404 8.88 -30.82 -74.91
N ALA X 405 8.74 -31.36 -73.70
CA ALA X 405 8.71 -30.52 -72.50
C ALA X 405 10.03 -29.80 -72.33
N SER X 406 11.13 -30.51 -72.59
CA SER X 406 12.46 -29.91 -72.51
C SER X 406 12.58 -28.80 -73.53
N GLY X 407 12.03 -29.04 -74.71
CA GLY X 407 12.01 -28.06 -75.78
C GLY X 407 11.26 -26.80 -75.43
N LEU X 408 10.13 -26.94 -74.72
CA LEU X 408 9.34 -25.76 -74.35
C LEU X 408 10.17 -24.83 -73.46
N PHE X 409 10.03 -23.52 -73.67
CA PHE X 409 10.86 -22.57 -72.97
C PHE X 409 10.15 -21.45 -72.18
N SER X 410 9.22 -20.70 -72.81
CA SER X 410 8.69 -19.51 -72.14
C SER X 410 7.38 -19.02 -72.71
N HIS X 411 6.77 -19.73 -73.68
CA HIS X 411 5.53 -19.27 -74.26
C HIS X 411 4.35 -19.84 -73.49
N HIS X 412 3.60 -19.03 -72.77
CA HIS X 412 2.74 -19.60 -71.73
C HIS X 412 1.72 -20.63 -72.24
N SER X 413 1.09 -20.35 -73.37
CA SER X 413 0.11 -21.26 -73.94
C SER X 413 0.78 -22.60 -74.27
N LEU X 414 1.99 -22.52 -74.81
CA LEU X 414 2.75 -23.70 -75.16
C LEU X 414 3.04 -24.54 -73.92
N TRP X 415 3.39 -23.87 -72.82
CA TRP X 415 3.65 -24.56 -71.56
C TRP X 415 2.40 -25.28 -71.07
N GLN X 416 1.24 -24.62 -71.20
CA GLN X 416 -0.01 -25.26 -70.79
C GLN X 416 -0.26 -26.50 -71.64
N LEU X 417 0.01 -26.38 -72.94
CA LEU X 417 -0.18 -27.49 -73.86
C LEU X 417 0.71 -28.65 -73.46
N GLY X 418 1.95 -28.34 -73.08
CA GLY X 418 2.90 -29.34 -72.65
C GLY X 418 2.44 -30.06 -71.40
N VAL X 419 1.87 -29.31 -70.45
CA VAL X 419 1.35 -29.93 -69.24
C VAL X 419 0.20 -30.89 -69.59
N ASP X 420 -0.64 -30.45 -70.52
CA ASP X 420 -1.76 -31.29 -70.95
C ASP X 420 -1.23 -32.58 -71.58
N TYR X 421 -0.18 -32.46 -72.39
CA TYR X 421 0.42 -33.62 -73.04
C TYR X 421 0.99 -34.57 -71.99
N PHE X 422 1.59 -33.99 -70.96
CA PHE X 422 2.16 -34.76 -69.86
C PHE X 422 1.10 -35.56 -69.11
N ASP X 423 -0.08 -34.98 -68.90
CA ASP X 423 -1.14 -35.69 -68.19
C ASP X 423 -1.62 -36.97 -68.91
N TYR X 424 -1.69 -36.86 -70.23
CA TYR X 424 -2.27 -37.83 -71.14
C TYR X 424 -1.26 -38.93 -71.53
N GLY X 429 4.48 -32.29 -66.84
CA GLY X 429 4.86 -31.41 -65.75
C GLY X 429 3.76 -30.61 -65.12
N ARG X 430 3.83 -30.39 -63.78
CA ARG X 430 2.88 -29.54 -63.09
C ARG X 430 3.65 -28.66 -62.10
N GLU X 431 4.36 -29.26 -61.13
CA GLU X 431 5.11 -28.56 -60.10
C GLU X 431 6.19 -27.60 -60.60
N TYR X 432 7.01 -28.01 -61.58
CA TYR X 432 8.01 -27.13 -62.17
C TYR X 432 7.40 -25.90 -62.87
N LEU X 433 6.34 -26.13 -63.63
CA LEU X 433 5.67 -25.05 -64.34
C LEU X 433 5.38 -23.88 -63.41
N LYS X 434 4.70 -24.16 -62.31
CA LYS X 434 4.36 -23.13 -61.34
C LYS X 434 5.62 -22.51 -60.74
N LEU X 435 6.62 -23.35 -60.46
CA LEU X 435 7.88 -22.87 -59.92
C LEU X 435 8.57 -21.96 -60.92
N HIS X 436 8.51 -22.34 -62.19
CA HIS X 436 9.10 -21.54 -63.26
C HIS X 436 8.41 -20.19 -63.34
N MET X 437 7.08 -20.20 -63.19
CA MET X 437 6.31 -18.97 -63.22
C MET X 437 6.71 -18.07 -62.06
N GLU X 438 6.92 -18.67 -60.89
CA GLU X 438 7.34 -17.94 -59.72
C GLU X 438 8.71 -17.30 -59.95
N ARG X 439 9.60 -18.06 -60.59
CA ARG X 439 10.93 -17.55 -60.91
C ARG X 439 10.83 -16.37 -61.86
N ILE X 440 9.93 -16.47 -62.83
CA ILE X 440 9.70 -15.39 -63.78
C ILE X 440 9.19 -14.14 -63.07
N PRO X 441 8.30 -14.34 -62.10
CA PRO X 441 7.73 -13.23 -61.32
C PRO X 441 7.34 -12.06 -62.22
N THR X 444 1.35 -9.34 -64.13
CA THR X 444 1.02 -9.87 -62.80
C THR X 444 -0.35 -10.53 -62.82
N GLU X 445 -1.30 -9.92 -63.51
CA GLU X 445 -2.64 -10.47 -63.62
C GLU X 445 -2.61 -11.81 -64.35
N LYS X 446 -1.79 -11.87 -65.40
CA LYS X 446 -1.62 -13.10 -66.16
C LYS X 446 -1.04 -14.19 -65.28
N LYS X 447 -0.07 -13.82 -64.44
CA LYS X 447 0.54 -14.76 -63.52
C LYS X 447 -0.48 -15.29 -62.54
N ALA X 448 -1.34 -14.39 -62.06
CA ALA X 448 -2.40 -14.76 -61.14
C ALA X 448 -3.36 -15.75 -61.80
N LEU X 449 -3.67 -15.49 -63.06
CA LEU X 449 -4.54 -16.38 -63.82
C LEU X 449 -3.91 -17.76 -63.97
N LYS X 450 -2.60 -17.78 -64.20
CA LYS X 450 -1.87 -19.03 -64.32
C LYS X 450 -1.92 -19.79 -63.00
N ALA X 451 -1.78 -19.06 -61.91
CA ALA X 451 -1.85 -19.67 -60.58
C ALA X 451 -3.23 -20.27 -60.34
N LEU X 452 -4.26 -19.56 -60.78
CA LEU X 452 -5.63 -20.04 -60.64
C LEU X 452 -5.81 -21.32 -61.45
N ARG X 453 -5.23 -21.35 -62.64
CA ARG X 453 -5.31 -22.53 -63.49
C ARG X 453 -4.62 -23.71 -62.82
N ILE X 454 -3.49 -23.44 -62.19
CA ILE X 454 -2.75 -24.47 -61.48
C ILE X 454 -3.59 -25.02 -60.33
N CYS X 455 -4.28 -24.11 -59.63
CA CYS X 455 -5.15 -24.51 -58.53
C CYS X 455 -6.28 -25.40 -59.04
N GLU X 456 -6.82 -25.04 -60.19
CA GLU X 456 -7.89 -25.82 -60.81
C GLU X 456 -7.39 -27.22 -61.17
N GLN X 457 -6.16 -27.28 -61.67
CA GLN X 457 -5.54 -28.55 -62.02
C GLN X 457 -5.37 -29.41 -60.77
N THR X 461 2.11 -25.83 -56.51
CA THR X 461 1.10 -24.94 -55.98
C THR X 461 1.65 -24.10 -54.84
N GLU X 462 2.30 -24.76 -53.89
CA GLU X 462 2.87 -24.06 -52.73
C GLU X 462 3.96 -23.09 -53.18
N GLN X 463 4.78 -23.51 -54.14
CA GLN X 463 5.83 -22.65 -54.67
C GLN X 463 5.22 -21.42 -55.34
N VAL X 464 4.13 -21.63 -56.06
CA VAL X 464 3.43 -20.54 -56.73
C VAL X 464 2.88 -19.56 -55.69
N ARG X 465 2.36 -20.10 -54.60
CA ARG X 465 1.83 -19.28 -53.53
C ARG X 465 2.94 -18.44 -52.91
N SER X 466 4.11 -19.06 -52.75
CA SER X 466 5.26 -18.37 -52.19
C SER X 466 5.69 -17.23 -53.12
N ILE X 467 5.64 -17.49 -54.42
CA ILE X 467 5.99 -16.49 -55.41
C ILE X 467 5.01 -15.32 -55.34
N CYS X 468 3.73 -15.64 -55.15
CA CYS X 468 2.70 -14.61 -55.03
C CYS X 468 2.96 -13.76 -53.79
N LYS X 469 3.36 -14.41 -52.70
CA LYS X 469 3.68 -13.72 -51.46
C LYS X 469 4.86 -12.78 -51.66
N THR X 470 5.85 -13.25 -52.42
CA THR X 470 7.05 -12.45 -52.68
C THR X 470 6.73 -11.22 -53.51
N MET X 471 5.77 -11.36 -54.43
CA MET X 471 5.38 -10.26 -55.29
C MET X 471 4.64 -9.19 -54.48
N ALA X 472 3.79 -9.65 -53.57
CA ALA X 472 3.05 -8.73 -52.71
C ALA X 472 4.01 -7.95 -51.82
N MET X 473 5.03 -8.64 -51.31
CA MET X 473 6.04 -8.00 -50.48
C MET X 473 6.78 -6.93 -51.28
N GLN X 474 7.10 -7.25 -52.54
CA GLN X 474 7.78 -6.32 -53.42
C GLN X 474 6.90 -5.09 -53.65
N SER X 475 5.60 -5.31 -53.83
CA SER X 475 4.67 -4.22 -54.02
C SER X 475 4.63 -3.33 -52.79
N LEU X 476 4.66 -3.96 -51.61
CA LEU X 476 4.66 -3.21 -50.36
C LEU X 476 5.93 -2.37 -50.25
N CYS X 477 7.05 -2.94 -50.67
CA CYS X 477 8.32 -2.22 -50.67
C CYS X 477 8.27 -1.02 -51.60
N ARG X 480 3.62 -0.37 -54.05
CA ARG X 480 2.61 0.30 -53.27
C ARG X 480 2.79 0.03 -51.78
N LEU X 481 2.53 1.02 -50.89
CA LEU X 481 2.74 0.87 -49.45
C LEU X 481 1.46 0.43 -48.70
N GLY X 482 0.36 0.28 -49.45
CA GLY X 482 -0.94 -0.13 -48.94
C GLY X 482 -1.51 -1.21 -49.79
N SER X 483 -1.68 -0.97 -51.10
CA SER X 483 -2.24 -1.96 -52.02
C SER X 483 -1.44 -3.25 -52.13
N ALA X 484 -0.10 -3.19 -51.96
CA ALA X 484 0.74 -4.37 -51.88
C ALA X 484 0.40 -5.23 -50.68
N LEU X 485 0.19 -4.61 -49.50
CA LEU X 485 -0.32 -5.28 -48.32
C LEU X 485 -1.70 -5.86 -48.53
N SER X 486 -2.63 -5.12 -49.17
CA SER X 486 -3.97 -5.61 -49.52
C SER X 486 -3.91 -6.83 -50.44
N TRP X 487 -3.06 -6.73 -51.46
CA TRP X 487 -2.89 -7.83 -52.40
C TRP X 487 -2.24 -9.03 -51.74
N SER X 488 -1.14 -8.79 -51.02
CA SER X 488 -0.43 -9.87 -50.34
C SER X 488 -1.31 -10.51 -49.28
N ILE X 489 -2.07 -9.69 -48.55
CA ILE X 489 -2.98 -10.19 -47.54
C ILE X 489 -4.06 -11.06 -48.17
N ARG X 490 -4.55 -10.63 -49.32
CA ARG X 490 -5.55 -11.40 -50.06
C ARG X 490 -4.98 -12.75 -50.49
N ALA X 491 -3.73 -12.73 -50.94
CA ALA X 491 -3.06 -13.95 -51.34
C ALA X 491 -2.93 -14.90 -50.16
N LYS X 492 -2.60 -14.34 -48.99
CA LYS X 492 -2.47 -15.13 -47.77
C LYS X 492 -3.82 -15.76 -47.41
N ASP X 493 -4.88 -14.98 -47.57
CA ASP X 493 -6.23 -15.47 -47.30
C ASP X 493 -6.56 -16.62 -48.24
N ALA X 494 -6.18 -16.49 -49.50
CA ALA X 494 -6.40 -17.53 -50.49
C ALA X 494 -5.64 -18.80 -50.12
N ALA X 495 -4.42 -18.62 -49.63
CA ALA X 495 -3.59 -19.77 -49.23
C ALA X 495 -3.13 -20.56 -50.44
N LEU X 499 2.46 -13.80 -42.56
CA LEU X 499 2.12 -12.66 -43.40
C LEU X 499 0.86 -11.98 -42.88
N ILE X 500 -0.11 -12.78 -42.46
CA ILE X 500 -1.35 -12.26 -41.91
C ILE X 500 -1.08 -11.48 -40.63
N SER X 501 -0.17 -12.01 -39.81
CA SER X 501 0.22 -11.35 -38.57
C SER X 501 0.87 -10.00 -38.88
N ASP X 502 1.71 -9.98 -39.91
CA ASP X 502 2.37 -8.75 -40.33
C ASP X 502 1.34 -7.73 -40.79
N ARG X 503 0.33 -8.21 -41.51
CA ARG X 503 -0.75 -7.33 -41.98
C ARG X 503 -1.50 -6.75 -40.81
N PHE X 504 -1.73 -7.58 -39.79
CA PHE X 504 -2.42 -7.14 -38.59
C PHE X 504 -1.60 -6.06 -37.87
N LEU X 505 -0.29 -6.27 -37.84
CA LEU X 505 0.62 -5.31 -37.23
C LEU X 505 0.57 -3.98 -37.98
N LYS X 506 0.51 -4.05 -39.30
CA LYS X 506 0.45 -2.86 -40.14
C LYS X 506 -0.88 -2.12 -39.95
N GLU X 507 -1.97 -2.86 -40.08
CA GLU X 507 -3.30 -2.29 -39.92
C GLU X 507 -3.48 -1.63 -38.56
N TYR X 508 -3.05 -2.31 -37.48
CA TYR X 508 -3.08 -1.79 -36.11
C TYR X 508 -2.23 -0.55 -35.97
N CYS X 509 -1.02 -0.52 -36.55
CA CYS X 509 -0.19 0.68 -36.59
C CYS X 509 -0.90 1.82 -37.31
N GLU X 510 -1.51 1.57 -38.48
CA GLU X 510 -2.23 2.58 -39.25
C GLU X 510 -3.41 3.18 -38.47
N ARG X 511 -4.24 2.34 -37.81
CA ARG X 511 -5.36 2.76 -36.95
C ARG X 511 -4.94 3.53 -35.71
N GLY X 512 -3.71 3.32 -35.21
CA GLY X 512 -3.14 4.17 -34.18
C GLY X 512 -2.63 5.50 -34.66
N ASN X 513 -1.97 5.49 -35.81
CA ASN X 513 -1.37 6.71 -36.34
C ASN X 513 -2.37 7.80 -36.65
N ASP X 518 -9.46 5.29 -44.81
CA ASP X 518 -8.68 4.17 -44.30
C ASP X 518 -9.50 3.30 -43.35
N LEU X 519 -10.19 3.93 -42.41
CA LEU X 519 -10.98 3.20 -41.41
C LEU X 519 -12.06 2.34 -42.06
N ILE X 520 -12.78 2.90 -43.03
CA ILE X 520 -13.82 2.15 -43.72
C ILE X 520 -13.23 0.95 -44.45
N ASP X 521 -12.08 1.15 -45.10
CA ASP X 521 -11.42 0.06 -45.79
C ASP X 521 -11.06 -1.04 -44.81
N ASN X 522 -10.53 -0.64 -43.66
CA ASN X 522 -10.16 -1.61 -42.63
C ASN X 522 -11.37 -2.40 -42.18
N LEU X 523 -12.49 -1.71 -41.96
CA LEU X 523 -13.72 -2.38 -41.55
C LEU X 523 -14.13 -3.40 -42.60
N GLY X 524 -14.09 -3.00 -43.87
CA GLY X 524 -14.45 -3.91 -44.94
C GLY X 524 -13.56 -5.14 -44.95
N SER X 525 -12.26 -4.94 -44.77
CA SER X 525 -11.32 -6.06 -44.76
C SER X 525 -11.63 -7.00 -43.60
N ALA X 526 -11.94 -6.44 -42.44
CA ALA X 526 -12.27 -7.25 -41.27
C ALA X 526 -13.53 -8.07 -41.54
N MET X 527 -14.53 -7.46 -42.17
CA MET X 527 -15.75 -8.16 -42.49
C MET X 527 -15.47 -9.33 -43.44
N ARG X 532 -7.05 -10.15 -35.91
CA ARG X 532 -8.51 -10.12 -36.02
C ARG X 532 -9.12 -9.52 -34.75
N LEU X 533 -8.56 -9.89 -33.61
CA LEU X 533 -9.03 -9.36 -32.33
C LEU X 533 -8.81 -7.85 -32.27
N THR X 534 -7.66 -7.41 -32.78
CA THR X 534 -7.36 -5.99 -32.82
C THR X 534 -8.35 -5.26 -33.71
N PHE X 535 -8.69 -5.87 -34.83
CA PHE X 535 -9.66 -5.30 -35.75
C PHE X 535 -11.02 -5.17 -35.07
N LEU X 536 -11.39 -6.20 -34.31
CA LEU X 536 -12.64 -6.19 -33.58
C LEU X 536 -12.65 -5.06 -32.56
N GLY X 537 -11.52 -4.86 -31.89
CA GLY X 537 -11.38 -3.79 -30.93
C GLY X 537 -11.53 -2.44 -31.59
N LYS X 538 -10.96 -2.30 -32.77
CA LYS X 538 -11.06 -1.07 -33.54
C LYS X 538 -12.52 -0.81 -33.91
N TYR X 539 -13.22 -1.86 -34.29
CA TYR X 539 -14.63 -1.75 -34.64
C TYR X 539 -15.43 -1.30 -33.43
N ARG X 540 -15.11 -1.84 -32.26
CA ARG X 540 -15.77 -1.47 -31.02
C ARG X 540 -15.53 0.00 -30.72
N GLU X 541 -14.30 0.45 -30.95
CA GLU X 541 -13.94 1.85 -30.73
C GLU X 541 -14.75 2.75 -31.67
N PHE X 542 -14.91 2.31 -32.91
CA PHE X 542 -15.70 3.04 -33.89
C PHE X 542 -17.15 3.14 -33.44
N HIS X 543 -17.67 2.04 -32.90
CA HIS X 543 -19.04 2.01 -32.41
C HIS X 543 -19.19 2.99 -31.25
N ARG X 544 -18.19 3.04 -30.39
CA ARG X 544 -18.20 3.96 -29.25
C ARG X 544 -18.20 5.39 -29.75
N MET X 545 -17.43 5.67 -30.79
CA MET X 545 -17.36 7.00 -31.38
C MET X 545 -18.72 7.38 -31.95
N TYR X 546 -19.37 6.41 -32.59
CA TYR X 546 -20.70 6.62 -33.14
C TYR X 546 -21.71 6.95 -32.04
N SER X 547 -21.59 6.25 -30.92
CA SER X 547 -22.48 6.45 -29.79
C SER X 547 -23.88 5.93 -30.09
N PHE X 551 -22.24 0.68 -25.76
CA PHE X 551 -21.87 -0.23 -24.68
C PHE X 551 -21.43 -1.62 -25.17
N SER X 552 -22.13 -2.22 -26.17
CA SER X 552 -21.73 -3.45 -26.84
C SER X 552 -20.38 -3.33 -27.55
N GLU X 553 -20.17 -2.19 -28.23
CA GLU X 553 -18.92 -1.83 -28.86
C GLU X 553 -17.76 -1.73 -27.89
N ALA X 554 -17.96 -1.01 -26.76
CA ALA X 554 -16.99 -0.83 -25.70
C ALA X 554 -16.62 -2.16 -25.06
N ALA X 555 -17.63 -3.02 -24.79
CA ALA X 555 -17.44 -4.37 -24.30
C ALA X 555 -16.58 -5.24 -25.21
N SER X 556 -16.87 -5.21 -26.52
CA SER X 556 -16.08 -5.87 -27.55
C SER X 556 -14.64 -5.36 -27.63
N LEU X 557 -14.43 -4.03 -27.45
CA LEU X 557 -13.12 -3.41 -27.42
C LEU X 557 -12.28 -3.88 -26.24
N LEU X 558 -12.89 -3.95 -25.04
CA LEU X 558 -12.27 -4.51 -23.86
C LEU X 558 -11.98 -5.99 -23.91
N LEU X 559 -12.88 -6.82 -24.48
CA LEU X 559 -12.58 -8.22 -24.73
C LEU X 559 -11.39 -8.42 -25.68
N SER X 560 -11.32 -7.58 -26.73
CA SER X 560 -10.20 -7.52 -27.67
C SER X 560 -8.88 -7.15 -26.99
N LEU X 561 -8.91 -6.20 -26.04
CA LEU X 561 -7.80 -5.88 -25.17
C LEU X 561 -7.38 -7.01 -24.23
N MET X 562 -8.31 -7.71 -23.57
CA MET X 562 -7.99 -8.82 -22.71
C MET X 562 -7.31 -10.00 -23.41
N THR X 563 -7.74 -10.28 -24.66
CA THR X 563 -7.14 -11.26 -25.57
C THR X 563 -5.70 -10.91 -25.94
N ALA X 564 -5.48 -9.61 -26.16
CA ALA X 564 -4.22 -9.10 -26.70
C ALA X 564 -3.96 -7.64 -26.32
N ARG X 565 -2.71 -7.19 -26.48
CA ARG X 565 -2.32 -5.83 -26.15
C ARG X 565 -1.54 -5.13 -27.27
N ILE X 566 -1.56 -3.80 -27.27
CA ILE X 566 -0.91 -3.00 -28.31
C ILE X 566 0.04 -1.96 -27.70
N ALA X 567 1.11 -1.63 -28.42
CA ALA X 567 2.16 -0.76 -27.89
C ALA X 567 1.72 0.66 -27.55
N PRO X 568 0.94 1.30 -28.42
CA PRO X 568 0.33 2.59 -28.08
C PRO X 568 -0.61 2.30 -26.92
N CYS X 569 -1.29 1.18 -27.08
CA CYS X 569 -2.04 0.49 -26.05
C CYS X 569 -2.54 1.48 -25.00
N SER X 570 -1.68 2.44 -24.65
CA SER X 570 -2.05 3.47 -23.70
C SER X 570 -3.20 4.30 -24.23
N PHE X 571 -3.15 4.62 -25.53
CA PHE X 571 -4.20 5.38 -26.16
C PHE X 571 -5.51 4.61 -26.12
N TRP X 572 -5.44 3.30 -26.35
CA TRP X 572 -6.61 2.44 -26.31
C TRP X 572 -7.20 2.44 -24.90
N LEU X 573 -6.32 2.40 -23.89
CA LEU X 573 -6.76 2.42 -22.50
C LEU X 573 -7.47 3.74 -22.21
N THR X 574 -6.92 4.83 -22.73
CA THR X 574 -7.52 6.15 -22.55
C THR X 574 -8.91 6.19 -23.18
N LEU X 575 -9.03 5.58 -24.36
CA LEU X 575 -10.31 5.52 -25.05
C LEU X 575 -11.32 4.73 -24.23
N LEU X 576 -10.85 3.64 -23.63
CA LEU X 576 -11.71 2.82 -22.79
C LEU X 576 -12.19 3.62 -21.58
N LEU X 577 -11.28 4.40 -21.01
CA LEU X 577 -11.62 5.25 -19.87
C LEU X 577 -12.67 6.28 -20.28
N ASP X 578 -12.52 6.83 -21.47
CA ASP X 578 -13.48 7.80 -21.98
C ASP X 578 -14.85 7.15 -22.16
N ALA X 579 -14.85 5.92 -22.64
CA ALA X 579 -16.09 5.16 -22.82
C ALA X 579 -16.76 4.93 -21.46
N LEU X 580 -15.95 4.62 -20.47
CA LEU X 580 -16.46 4.40 -19.12
C LEU X 580 -17.08 5.68 -18.59
N PRO X 581 -16.43 6.81 -18.85
CA PRO X 581 -16.95 8.11 -18.44
C PRO X 581 -18.28 8.40 -19.11
N LEU X 582 -18.38 8.06 -20.39
CA LEU X 582 -19.62 8.24 -21.13
C LEU X 582 -20.73 7.39 -20.53
N LEU X 583 -20.38 6.12 -20.29
CA LEU X 583 -21.17 5.13 -19.58
C LEU X 583 -21.36 5.38 -18.09
N GLU X 584 -20.30 5.87 -17.44
CA GLU X 584 -20.19 6.02 -15.98
C GLU X 584 -19.64 4.79 -15.25
N GLN X 585 -19.24 3.76 -16.00
CA GLN X 585 -18.47 2.64 -15.45
C GLN X 585 -19.11 1.90 -14.26
N LYS X 586 -20.41 1.65 -14.34
CA LYS X 586 -21.15 0.97 -13.29
C LYS X 586 -20.73 -0.47 -12.99
N GLN X 587 -20.50 -1.24 -14.06
CA GLN X 587 -20.25 -2.67 -13.94
C GLN X 587 -18.81 -3.07 -14.20
N VAL X 588 -17.91 -2.09 -14.32
CA VAL X 588 -16.55 -2.39 -14.71
C VAL X 588 -15.86 -3.30 -13.71
N ILE X 589 -16.07 -3.00 -12.41
CA ILE X 589 -15.54 -3.76 -11.28
C ILE X 589 -14.34 -4.65 -11.57
N PHE X 590 -14.50 -5.50 -12.58
CA PHE X 590 -13.42 -6.33 -13.09
C PHE X 590 -12.33 -5.47 -13.70
N SER X 591 -12.75 -4.41 -14.39
CA SER X 591 -11.83 -3.53 -15.09
C SER X 591 -10.87 -2.86 -14.12
N ALA X 592 -11.38 -2.44 -12.97
CA ALA X 592 -10.51 -1.84 -11.96
C ALA X 592 -9.48 -2.87 -11.52
N GLU X 593 -9.94 -4.10 -11.31
CA GLU X 593 -9.04 -5.22 -11.09
C GLU X 593 -8.21 -5.45 -12.34
N GLN X 594 -8.87 -5.35 -13.49
CA GLN X 594 -8.22 -5.48 -14.78
C GLN X 594 -7.21 -4.37 -14.99
N THR X 595 -7.58 -3.16 -14.58
CA THR X 595 -6.71 -2.00 -14.72
C THR X 595 -5.41 -2.17 -13.93
N TYR X 596 -5.52 -2.74 -12.74
CA TYR X 596 -4.36 -2.97 -11.89
C TYR X 596 -3.38 -3.92 -12.56
N GLU X 597 -3.92 -4.96 -13.20
CA GLU X 597 -3.09 -5.92 -13.91
C GLU X 597 -2.35 -5.24 -15.06
N LEU X 598 -3.05 -4.36 -15.76
CA LEU X 598 -2.45 -3.60 -16.85
C LEU X 598 -1.33 -2.72 -16.34
N MET X 599 -1.55 -2.10 -15.19
CA MET X 599 -0.54 -1.26 -14.56
C MET X 599 0.68 -2.09 -14.20
N ARG X 600 0.45 -3.30 -13.69
CA ARG X 600 1.54 -4.20 -13.34
C ARG X 600 2.33 -4.58 -14.59
N CYS X 601 1.63 -4.81 -15.69
CA CYS X 601 2.27 -5.14 -16.96
C CYS X 601 3.13 -3.98 -17.43
N LEU X 602 2.62 -2.76 -17.26
CA LEU X 602 3.36 -1.57 -17.64
C LEU X 602 4.63 -1.46 -16.80
N GLU X 603 4.51 -1.76 -15.51
CA GLU X 603 5.65 -1.72 -14.61
C GLU X 603 6.70 -2.74 -15.05
N ASP X 604 6.23 -3.91 -15.46
CA ASP X 604 7.12 -4.97 -15.93
C ASP X 604 7.85 -4.50 -17.19
N ARG X 605 7.12 -3.82 -18.07
CA ARG X 605 7.71 -3.30 -19.29
C ARG X 605 8.78 -2.27 -18.97
N MET X 606 8.50 -1.43 -17.98
CA MET X 606 9.46 -0.42 -17.53
C MET X 606 10.72 -1.09 -16.99
N ALA X 607 10.53 -2.17 -16.24
CA ALA X 607 11.65 -2.91 -15.68
C ALA X 607 12.49 -3.50 -16.81
N ALA X 608 11.82 -4.01 -17.84
CA ALA X 608 12.50 -4.57 -19.00
C ALA X 608 13.32 -3.49 -19.71
N LYS X 609 12.75 -2.30 -19.81
CA LYS X 609 13.42 -1.18 -20.47
C LYS X 609 14.11 -0.28 -19.45
N ILE X 618 5.19 11.29 -17.72
CA ILE X 618 3.96 10.56 -17.97
C ILE X 618 3.35 10.03 -16.67
N GLN X 619 4.08 10.19 -15.57
CA GLN X 619 3.62 9.73 -14.27
C GLN X 619 2.35 10.46 -13.86
N LYS X 620 2.30 11.76 -14.12
CA LYS X 620 1.13 12.57 -13.81
C LYS X 620 -0.07 12.08 -14.61
N GLN X 621 0.17 11.77 -15.87
CA GLN X 621 -0.88 11.26 -16.74
C GLN X 621 -1.40 9.93 -16.21
N ASP X 622 -0.49 9.08 -15.75
CA ASP X 622 -0.87 7.79 -15.18
C ASP X 622 -1.72 7.99 -13.94
N SER X 623 -1.44 9.01 -13.14
CA SER X 623 -2.28 9.28 -11.97
C SER X 623 -3.73 9.63 -12.38
N SER X 624 -3.85 10.40 -13.45
CA SER X 624 -5.14 10.87 -13.92
C SER X 624 -6.03 9.70 -14.33
N ILE X 625 -5.43 8.69 -14.95
CA ILE X 625 -6.16 7.50 -15.35
C ILE X 625 -6.73 6.80 -14.12
N ASP X 626 -5.94 6.74 -13.05
CA ASP X 626 -6.38 6.13 -11.80
C ASP X 626 -7.56 6.91 -11.22
N ASN X 627 -7.48 8.24 -11.30
CA ASN X 627 -8.58 9.07 -10.82
C ASN X 627 -9.86 8.81 -11.62
N THR X 628 -9.70 8.65 -12.94
CA THR X 628 -10.82 8.36 -13.82
C THR X 628 -11.44 7.02 -13.45
N LYS X 629 -10.59 6.05 -13.14
CA LYS X 629 -11.04 4.73 -12.73
C LYS X 629 -11.85 4.82 -11.44
N VAL X 630 -11.37 5.63 -10.50
CA VAL X 630 -12.06 5.79 -9.22
C VAL X 630 -13.50 6.26 -9.42
N GLU X 631 -13.70 7.10 -10.43
CA GLU X 631 -15.03 7.63 -10.71
C GLU X 631 -15.99 6.51 -11.10
N MET X 632 -15.50 5.56 -11.88
CA MET X 632 -16.31 4.42 -12.29
C MET X 632 -16.70 3.59 -11.07
N LEU X 633 -15.76 3.41 -10.15
CA LEU X 633 -16.01 2.68 -8.92
C LEU X 633 -17.07 3.39 -8.09
N ARG X 634 -16.98 4.71 -8.04
CA ARG X 634 -17.97 5.52 -7.31
C ARG X 634 -19.35 5.35 -7.93
N LEU X 635 -19.40 5.32 -9.26
CA LEU X 635 -20.65 5.13 -9.97
C LEU X 635 -21.24 3.76 -9.64
N ALA X 636 -20.37 2.75 -9.57
CA ALA X 636 -20.80 1.40 -9.24
C ALA X 636 -21.37 1.38 -7.82
N LEU X 637 -20.72 2.09 -6.92
CA LEU X 637 -21.19 2.18 -5.54
C LEU X 637 -22.56 2.83 -5.48
N ALA X 638 -22.75 3.87 -6.29
CA ALA X 638 -24.02 4.56 -6.35
C ALA X 638 -25.11 3.62 -6.87
N ARG X 639 -24.76 2.82 -7.86
CA ARG X 639 -25.69 1.84 -8.42
C ARG X 639 -26.08 0.82 -7.35
N ASN X 640 -25.09 0.40 -6.56
CA ASN X 640 -25.34 -0.54 -5.48
C ASN X 640 -26.29 0.06 -4.44
N LEU X 641 -26.08 1.35 -4.15
CA LEU X 641 -26.94 2.06 -3.21
C LEU X 641 -28.37 2.13 -3.74
N ALA X 642 -28.50 2.36 -5.04
CA ALA X 642 -29.81 2.45 -5.67
C ALA X 642 -30.57 1.13 -5.57
N PHE Y 5 -16.99 -16.05 -89.12
CA PHE Y 5 -16.03 -15.75 -88.07
C PHE Y 5 -14.62 -16.04 -88.54
N ALA Y 6 -14.12 -15.22 -89.43
CA ALA Y 6 -12.80 -15.42 -90.02
C ALA Y 6 -11.76 -15.15 -88.94
N ALA Y 7 -11.15 -16.21 -88.44
CA ALA Y 7 -10.08 -16.08 -87.48
C ALA Y 7 -8.81 -15.65 -88.17
N LYS Y 8 -7.83 -15.22 -87.38
CA LYS Y 8 -6.54 -14.86 -87.94
C LYS Y 8 -5.50 -14.97 -86.85
N PHE Y 9 -4.50 -15.80 -87.09
CA PHE Y 9 -3.34 -15.84 -86.22
C PHE Y 9 -2.54 -14.58 -86.46
N VAL Y 10 -2.47 -13.74 -85.43
CA VAL Y 10 -1.47 -12.70 -85.44
C VAL Y 10 -0.10 -13.29 -85.18
N SER Y 11 -0.07 -14.45 -84.53
CA SER Y 11 1.08 -14.95 -83.79
C SER Y 11 1.58 -13.89 -82.84
N HIS Y 12 0.65 -13.28 -82.11
CA HIS Y 12 0.97 -12.22 -81.16
C HIS Y 12 -0.17 -12.17 -80.18
N LYS Y 13 0.12 -12.44 -78.92
CA LYS Y 13 -0.90 -12.50 -77.88
C LYS Y 13 -1.50 -11.13 -77.70
N ILE Y 14 -2.74 -10.98 -78.12
CA ILE Y 14 -3.34 -9.65 -78.24
C ILE Y 14 -3.79 -9.15 -76.88
N SER Y 15 -3.68 -7.85 -76.66
CA SER Y 15 -4.17 -7.26 -75.43
C SER Y 15 -5.23 -6.20 -75.69
N ARG Y 16 -5.38 -5.78 -76.94
CA ARG Y 16 -6.29 -4.69 -77.20
C ARG Y 16 -6.93 -4.87 -78.56
N THR Y 17 -8.12 -4.33 -78.73
CA THR Y 17 -8.83 -4.40 -80.01
C THR Y 17 -9.86 -3.26 -80.02
N ARG Y 18 -9.85 -2.47 -81.07
CA ARG Y 18 -10.83 -1.40 -81.23
C ARG Y 18 -11.45 -1.43 -82.63
N TRP Y 19 -12.76 -1.53 -82.67
CA TRP Y 19 -13.50 -1.05 -83.82
C TRP Y 19 -13.27 0.44 -83.83
N ARG Y 20 -12.49 0.92 -84.77
CA ARG Y 20 -11.95 2.25 -84.62
C ARG Y 20 -12.99 3.33 -84.90
N PRO Y 21 -12.85 4.49 -84.29
CA PRO Y 21 -13.61 5.65 -84.73
C PRO Y 21 -13.14 6.03 -86.11
N VAL Y 22 -14.07 6.17 -87.03
CA VAL Y 22 -13.74 6.50 -88.39
C VAL Y 22 -14.92 7.19 -89.05
N GLN Y 29 -18.39 0.54 -89.97
CA GLN Y 29 -18.80 -0.44 -88.98
C GLN Y 29 -17.59 -0.97 -88.25
N PRO Y 30 -17.66 -2.17 -87.74
CA PRO Y 30 -16.46 -2.72 -87.09
C PRO Y 30 -15.50 -3.26 -88.13
N ASP Y 31 -14.88 -2.38 -88.89
CA ASP Y 31 -14.08 -2.79 -90.03
C ASP Y 31 -12.64 -2.33 -89.89
N VAL Y 32 -12.43 -1.08 -89.49
CA VAL Y 32 -11.10 -0.60 -89.17
C VAL Y 32 -10.73 -1.20 -87.83
N PHE Y 33 -10.01 -2.30 -87.88
CA PHE Y 33 -9.53 -2.88 -86.64
C PHE Y 33 -8.22 -2.25 -86.27
N ALA Y 34 -8.04 -2.00 -84.99
CA ALA Y 34 -6.70 -1.78 -84.48
C ALA Y 34 -6.50 -2.68 -83.27
N THR Y 35 -5.24 -2.85 -82.90
CA THR Y 35 -4.95 -3.80 -81.84
C THR Y 35 -3.66 -3.43 -81.14
N GLY Y 36 -3.60 -3.70 -79.84
CA GLY Y 36 -2.39 -3.50 -79.10
C GLY Y 36 -1.90 -4.80 -78.52
N SER Y 37 -0.66 -5.17 -78.83
CA SER Y 37 -0.13 -6.45 -78.39
C SER Y 37 0.90 -6.24 -77.29
N TRP Y 38 0.46 -6.54 -76.08
CA TRP Y 38 1.33 -6.54 -74.92
C TRP Y 38 2.11 -7.83 -74.92
N ASP Y 39 2.97 -7.95 -73.91
CA ASP Y 39 3.75 -9.14 -73.64
C ASP Y 39 4.63 -9.53 -74.81
N ASN Y 40 5.30 -8.57 -75.42
CA ASN Y 40 6.34 -8.92 -76.37
C ASN Y 40 7.57 -8.05 -76.16
N GLU Y 41 8.71 -8.55 -76.66
CA GLU Y 41 10.03 -8.01 -76.36
C GLU Y 41 10.22 -6.60 -76.86
N GLU Y 42 9.37 -6.14 -77.75
CA GLU Y 42 9.22 -4.74 -78.01
C GLU Y 42 7.74 -4.56 -78.24
N ASN Y 43 7.04 -4.06 -77.22
CA ASN Y 43 5.60 -4.19 -77.08
C ASN Y 43 4.85 -3.66 -78.28
N LYS Y 44 3.76 -4.31 -78.63
CA LYS Y 44 3.31 -4.15 -79.98
C LYS Y 44 1.92 -3.58 -80.04
N VAL Y 45 1.60 -3.01 -81.20
CA VAL Y 45 0.29 -2.52 -81.55
C VAL Y 45 0.31 -2.29 -83.05
N CYS Y 46 -0.80 -2.56 -83.70
CA CYS Y 46 -0.90 -2.34 -85.13
C CYS Y 46 -2.18 -1.59 -85.42
N VAL Y 47 -2.07 -0.58 -86.29
CA VAL Y 47 -3.23 0.15 -86.78
C VAL Y 47 -3.35 -0.12 -88.27
N TRP Y 48 -4.60 -0.18 -88.74
CA TRP Y 48 -5.13 -0.64 -90.01
C TRP Y 48 -5.00 -2.14 -90.20
N ALA Y 49 -4.30 -2.84 -89.35
CA ALA Y 49 -4.30 -4.29 -89.41
C ALA Y 49 -5.64 -4.80 -88.92
N THR Y 50 -6.21 -5.79 -89.61
CA THR Y 50 -5.68 -6.31 -90.86
C THR Y 50 -6.70 -6.19 -91.96
N SER Y 51 -7.89 -6.69 -91.66
CA SER Y 51 -9.00 -6.84 -92.60
C SER Y 51 -8.56 -7.60 -93.84
N ASP Y 65 -5.29 -6.13 -96.97
CA ASP Y 65 -5.81 -7.06 -96.00
C ASP Y 65 -4.73 -7.48 -95.05
N PRO Y 66 -3.51 -7.45 -95.51
CA PRO Y 66 -2.40 -7.48 -94.56
C PRO Y 66 -2.43 -6.19 -93.76
N LYS Y 67 -2.30 -5.08 -94.48
CA LYS Y 67 -2.57 -3.73 -94.03
C LYS Y 67 -1.90 -3.34 -92.72
N GLN Y 68 -0.66 -3.75 -92.51
CA GLN Y 68 0.06 -3.32 -91.31
C GLN Y 68 0.62 -1.92 -91.50
N LEU Y 69 -0.26 -0.93 -91.62
CA LEU Y 69 0.19 0.41 -91.94
C LEU Y 69 0.88 1.04 -90.75
N CYS Y 70 0.41 0.73 -89.57
CA CYS Y 70 0.98 1.29 -88.37
C CYS Y 70 1.21 0.22 -87.34
N ASP Y 71 1.99 -0.81 -87.70
CA ASP Y 71 2.40 -1.79 -86.71
C ASP Y 71 3.41 -1.14 -85.78
N ILE Y 72 2.91 -0.58 -84.68
CA ILE Y 72 3.61 0.44 -83.92
C ILE Y 72 4.83 -0.15 -83.25
N LYS Y 73 5.99 0.20 -83.76
CA LYS Y 73 7.21 -0.10 -83.05
C LYS Y 73 7.24 0.73 -81.78
N HIS Y 74 7.21 0.04 -80.65
CA HIS Y 74 6.97 0.84 -79.48
C HIS Y 74 7.57 0.22 -78.22
N PRO Y 75 8.39 0.96 -77.52
CA PRO Y 75 8.68 0.59 -76.13
C PRO Y 75 7.50 0.97 -75.27
N GLY Y 76 7.34 0.33 -74.13
CA GLY Y 76 6.19 0.56 -73.29
C GLY Y 76 4.98 -0.21 -73.77
N ASP Y 77 4.19 -0.66 -72.82
CA ASP Y 77 3.07 -1.53 -73.14
C ASP Y 77 1.77 -0.74 -73.08
N VAL Y 78 0.65 -1.44 -73.17
CA VAL Y 78 -0.63 -0.79 -73.37
C VAL Y 78 -1.46 -0.94 -72.12
N MET Y 79 -1.52 0.12 -71.30
CA MET Y 79 -2.45 0.11 -70.17
C MET Y 79 -3.74 0.81 -70.55
N ASP Y 80 -3.66 2.07 -70.94
CA ASP Y 80 -4.81 2.76 -71.52
C ASP Y 80 -4.67 2.70 -73.04
N MET Y 81 -5.79 2.94 -73.74
CA MET Y 81 -5.84 2.88 -75.19
C MET Y 81 -7.12 3.55 -75.68
N GLN Y 82 -6.97 4.50 -76.58
CA GLN Y 82 -8.15 5.17 -77.11
C GLN Y 82 -7.88 5.68 -78.51
N PHE Y 83 -8.88 5.59 -79.36
CA PHE Y 83 -8.78 6.21 -80.68
C PHE Y 83 -9.00 7.68 -80.44
N LEU Y 84 -7.91 8.43 -80.30
CA LEU Y 84 -7.97 9.83 -79.89
C LEU Y 84 -8.54 10.73 -80.96
N ASP Y 85 -8.55 10.27 -82.19
CA ASP Y 85 -9.45 10.80 -83.22
C ASP Y 85 -9.68 9.65 -84.16
N LYS Y 86 -10.28 9.94 -85.31
CA LYS Y 86 -10.23 8.98 -86.40
C LYS Y 86 -8.89 9.01 -87.07
N GLU Y 87 -8.12 10.05 -86.79
CA GLU Y 87 -6.72 10.09 -87.14
C GLU Y 87 -5.86 10.40 -85.94
N ARG Y 88 -6.30 9.99 -84.75
CA ARG Y 88 -5.41 10.07 -83.60
C ARG Y 88 -5.72 8.95 -82.64
N ILE Y 89 -4.71 8.60 -81.84
CA ILE Y 89 -4.69 7.40 -81.00
C ILE Y 89 -4.09 7.75 -79.66
N VAL Y 90 -4.85 7.51 -78.61
CA VAL Y 90 -4.37 7.74 -77.27
C VAL Y 90 -4.16 6.40 -76.60
N THR Y 91 -3.31 6.40 -75.58
CA THR Y 91 -2.90 5.19 -74.94
C THR Y 91 -2.22 5.53 -73.62
N GLY Y 92 -2.08 4.54 -72.76
CA GLY Y 92 -1.35 4.70 -71.52
C GLY Y 92 -0.33 3.59 -71.37
N SER Y 93 0.86 3.97 -70.94
CA SER Y 93 2.00 3.08 -71.08
C SER Y 93 2.38 2.43 -69.76
N SER Y 94 3.09 1.30 -69.89
CA SER Y 94 3.17 0.17 -68.95
C SER Y 94 3.46 0.56 -67.53
N THR Y 95 4.35 1.49 -67.31
CA THR Y 95 4.69 1.85 -65.94
C THR Y 95 3.77 2.91 -65.40
N GLY Y 96 2.53 2.96 -65.87
CA GLY Y 96 1.75 4.15 -65.69
C GLY Y 96 2.27 5.32 -66.47
N THR Y 97 2.99 5.07 -67.56
CA THR Y 97 3.36 6.17 -68.42
C THR Y 97 2.22 6.40 -69.40
N VAL Y 98 2.39 7.39 -70.26
CA VAL Y 98 1.31 7.77 -71.16
C VAL Y 98 1.85 7.81 -72.58
N THR Y 99 1.01 7.42 -73.54
CA THR Y 99 1.51 7.30 -74.90
C THR Y 99 0.39 7.54 -75.89
N ILE Y 100 0.58 8.51 -76.78
CA ILE Y 100 -0.47 8.85 -77.73
C ILE Y 100 0.17 9.43 -78.97
N PHE Y 101 -0.26 8.97 -80.13
CA PHE Y 101 0.12 9.58 -81.39
C PHE Y 101 -1.11 9.96 -82.19
N ARG Y 102 -0.89 10.52 -83.38
CA ARG Y 102 -1.98 10.96 -84.24
C ARG Y 102 -1.96 10.16 -85.53
N HIS Y 103 -2.94 9.29 -85.69
CA HIS Y 103 -2.89 8.25 -86.71
C HIS Y 103 -3.11 8.83 -88.09
N HIS Y 104 -2.07 9.46 -88.63
CA HIS Y 104 -2.16 10.03 -89.95
C HIS Y 104 -2.13 8.93 -90.98
N GLU Y 105 -3.29 8.37 -91.26
CA GLU Y 105 -3.38 7.19 -92.09
C GLU Y 105 -3.16 7.49 -93.56
N ASN Y 106 -3.15 8.76 -93.93
CA ASN Y 106 -2.81 9.11 -95.30
C ASN Y 106 -1.35 8.83 -95.56
N ASN Y 107 -0.46 9.54 -94.89
CA ASN Y 107 0.95 9.44 -95.18
C ASN Y 107 1.65 8.35 -94.40
N GLN Y 108 0.90 7.58 -93.61
CA GLN Y 108 1.36 6.37 -92.92
C GLN Y 108 2.39 6.64 -91.83
N THR Y 109 2.77 7.88 -91.60
CA THR Y 109 3.55 8.20 -90.43
C THR Y 109 2.62 8.84 -89.41
N LEU Y 110 3.17 9.35 -88.32
CA LEU Y 110 2.37 9.95 -87.27
C LEU Y 110 3.26 10.88 -86.47
N SER Y 111 2.73 11.40 -85.38
CA SER Y 111 3.50 12.21 -84.45
C SER Y 111 3.05 11.83 -83.06
N VAL Y 112 4.00 11.46 -82.21
CA VAL Y 112 3.69 11.02 -80.87
C VAL Y 112 3.22 12.21 -80.07
N ASN Y 113 1.93 12.23 -79.75
CA ASN Y 113 1.37 13.40 -79.08
C ASN Y 113 1.74 13.42 -77.61
N GLN Y 114 1.27 12.44 -76.85
CA GLN Y 114 1.35 12.51 -75.40
C GLN Y 114 2.34 11.50 -74.87
N ARG Y 115 3.23 11.97 -73.99
CA ARG Y 115 4.28 11.14 -73.41
C ARG Y 115 4.51 11.62 -71.98
N TRP Y 116 3.81 11.04 -71.03
CA TRP Y 116 4.03 11.40 -69.65
C TRP Y 116 4.74 10.26 -68.94
N GLU Y 117 5.40 10.57 -67.83
CA GLU Y 117 6.27 9.61 -67.17
C GLU Y 117 5.58 8.76 -66.12
N GLN Y 118 4.96 9.37 -65.13
CA GLN Y 118 4.60 8.66 -63.92
C GLN Y 118 3.16 8.91 -63.50
N ALA Y 119 2.21 8.74 -64.43
CA ALA Y 119 0.83 9.15 -64.20
C ALA Y 119 0.18 8.36 -63.08
N ALA Y 129 4.05 1.76 -61.05
CA ALA Y 129 2.62 1.57 -60.88
C ALA Y 129 1.93 1.72 -62.21
N PRO Y 130 1.18 0.74 -62.68
CA PRO Y 130 0.40 0.90 -63.92
C PRO Y 130 -1.02 1.35 -63.60
N CYS Y 131 -1.77 1.69 -64.64
CA CYS Y 131 -3.20 1.98 -64.52
C CYS Y 131 -3.98 0.71 -64.78
N THR Y 132 -5.18 0.64 -64.22
CA THR Y 132 -5.89 -0.62 -64.04
C THR Y 132 -7.06 -0.77 -64.99
N ALA Y 133 -7.51 0.31 -65.58
CA ALA Y 133 -8.63 0.30 -66.52
C ALA Y 133 -8.49 1.56 -67.37
N ILE Y 134 -9.54 1.92 -68.09
CA ILE Y 134 -9.51 3.18 -68.81
C ILE Y 134 -10.92 3.70 -68.88
N VAL Y 135 -11.10 4.96 -68.55
CA VAL Y 135 -12.38 5.59 -68.61
C VAL Y 135 -12.32 6.68 -69.67
N CYS Y 136 -13.43 7.38 -69.85
CA CYS Y 136 -13.40 8.58 -70.65
C CYS Y 136 -14.42 9.55 -70.12
N SER Y 137 -14.08 10.83 -70.24
CA SER Y 137 -15.05 11.90 -70.14
C SER Y 137 -14.51 12.98 -71.07
N SER Y 138 -15.17 13.16 -72.21
CA SER Y 138 -14.55 13.80 -73.35
C SER Y 138 -14.28 15.27 -73.06
N PRO Y 139 -13.04 15.74 -73.24
CA PRO Y 139 -11.93 14.87 -73.68
C PRO Y 139 -10.86 14.78 -72.63
N GLU Y 140 -11.29 14.74 -71.38
CA GLU Y 140 -10.37 14.44 -70.30
C GLU Y 140 -10.33 12.95 -70.09
N ILE Y 141 -9.25 12.31 -70.48
CA ILE Y 141 -9.17 10.87 -70.48
C ILE Y 141 -8.94 10.49 -69.03
N VAL Y 142 -10.04 10.29 -68.32
CA VAL Y 142 -9.98 9.88 -66.93
C VAL Y 142 -9.68 8.39 -66.89
N SER Y 143 -9.19 7.93 -65.75
CA SER Y 143 -8.77 6.54 -65.57
C SER Y 143 -8.63 6.29 -64.08
N VAL Y 144 -8.25 5.06 -63.74
CA VAL Y 144 -8.08 4.62 -62.36
C VAL Y 144 -6.86 3.72 -62.25
N GLY Y 145 -6.30 3.62 -61.04
CA GLY Y 145 -5.13 2.80 -60.80
C GLY Y 145 -5.49 1.57 -59.95
N GLU Y 146 -4.50 0.71 -59.72
CA GLU Y 146 -4.71 -0.49 -58.92
C GLU Y 146 -3.87 -0.46 -57.65
N ARG Y 149 -4.31 6.33 -57.19
CA ARG Y 149 -3.91 7.69 -57.52
C ARG Y 149 -4.48 8.03 -58.89
N ILE Y 150 -4.97 9.26 -59.05
CA ILE Y 150 -5.53 9.68 -60.32
C ILE Y 150 -4.77 10.85 -60.91
N ASN Y 151 -4.38 10.75 -62.18
CA ASN Y 151 -3.65 11.81 -62.82
C ASN Y 151 -4.45 12.34 -64.00
N CYS Y 152 -5.23 13.38 -63.77
CA CYS Y 152 -6.13 13.89 -64.79
C CYS Y 152 -5.32 14.72 -65.77
N PHE Y 153 -4.86 14.08 -66.82
CA PHE Y 153 -4.54 14.79 -68.04
C PHE Y 153 -5.84 14.97 -68.79
N ARG Y 154 -5.81 15.79 -69.83
CA ARG Y 154 -7.02 16.07 -70.58
C ARG Y 154 -6.67 16.52 -71.99
N ALA Y 155 -7.69 17.06 -72.66
CA ALA Y 155 -7.54 17.58 -74.01
C ALA Y 155 -6.50 18.69 -74.03
N GLU Y 156 -5.36 18.38 -74.63
CA GLU Y 156 -4.19 19.25 -74.74
C GLU Y 156 -3.67 19.70 -73.38
N SER Y 157 -4.01 18.97 -72.33
CA SER Y 157 -3.61 19.35 -70.99
C SER Y 157 -2.31 18.61 -70.67
N ARG Y 158 -1.24 19.05 -71.32
CA ARG Y 158 0.04 18.36 -71.18
C ARG Y 158 0.62 18.56 -69.79
N ASP Y 159 0.09 19.52 -69.04
CA ASP Y 159 0.34 19.60 -67.62
C ASP Y 159 -0.71 18.78 -66.87
N VAL Y 160 -0.28 18.05 -65.87
CA VAL Y 160 -1.20 17.21 -65.11
C VAL Y 160 -2.03 18.13 -64.24
N LEU Y 161 -3.25 18.41 -64.66
CA LEU Y 161 -4.03 19.44 -63.98
C LEU Y 161 -4.60 18.96 -62.66
N ARG Y 162 -5.57 18.07 -62.67
CA ARG Y 162 -6.19 17.63 -61.45
C ARG Y 162 -5.48 16.38 -60.99
N THR Y 163 -5.32 16.27 -59.66
CA THR Y 163 -4.67 15.09 -59.07
C THR Y 163 -5.24 14.88 -57.67
N ILE Y 164 -6.37 14.19 -57.59
CA ILE Y 164 -6.87 13.79 -56.30
C ILE Y 164 -6.13 12.52 -55.95
N ASP Y 165 -4.94 12.67 -55.38
CA ASP Y 165 -4.04 11.54 -55.13
C ASP Y 165 -4.56 10.73 -53.97
N ASP Y 166 -5.56 9.90 -54.25
CA ASP Y 166 -6.11 9.04 -53.22
C ASP Y 166 -5.66 7.63 -53.56
N ALA Y 167 -4.96 6.98 -52.63
CA ALA Y 167 -4.50 5.63 -52.89
C ALA Y 167 -5.73 4.75 -53.05
N ASP Y 168 -5.66 3.81 -53.99
CA ASP Y 168 -6.74 2.87 -54.23
C ASP Y 168 -6.29 1.49 -53.73
N SER Y 169 -7.07 0.91 -52.83
CA SER Y 169 -6.76 -0.40 -52.24
C SER Y 169 -6.74 -1.62 -53.17
N HIS Y 173 -10.10 -0.38 -59.98
CA HIS Y 173 -10.18 -0.70 -61.39
C HIS Y 173 -11.54 -0.45 -61.98
N GLY Y 174 -12.48 0.12 -61.23
CA GLY Y 174 -13.70 0.56 -61.86
C GLY Y 174 -13.59 2.03 -62.18
N VAL Y 175 -13.82 2.42 -63.43
CA VAL Y 175 -13.62 3.81 -63.84
C VAL Y 175 -14.53 4.17 -65.00
N THR Y 176 -15.33 5.21 -64.82
CA THR Y 176 -16.23 5.66 -65.87
C THR Y 176 -16.69 7.08 -65.58
N PHE Y 177 -17.55 7.56 -66.46
CA PHE Y 177 -18.21 8.84 -66.26
C PHE Y 177 -19.70 8.59 -66.06
N LEU Y 178 -20.14 8.59 -64.80
CA LEU Y 178 -21.56 8.43 -64.53
C LEU Y 178 -22.31 9.69 -64.93
N ARG Y 179 -21.73 10.83 -64.63
CA ARG Y 179 -22.10 12.10 -65.23
C ARG Y 179 -20.81 12.90 -65.19
N THR Y 180 -20.63 13.83 -66.12
CA THR Y 180 -19.44 14.66 -66.12
C THR Y 180 -19.45 15.56 -64.89
N THR Y 181 -18.37 15.54 -64.11
CA THR Y 181 -17.24 14.66 -64.33
C THR Y 181 -17.16 13.74 -63.16
N GLU Y 182 -18.30 13.23 -62.73
CA GLU Y 182 -18.30 12.29 -61.63
C GLU Y 182 -17.73 10.95 -62.08
N ILE Y 183 -17.23 10.19 -61.11
CA ILE Y 183 -16.69 8.86 -61.38
C ILE Y 183 -16.95 8.00 -60.16
N LEU Y 184 -16.52 6.75 -60.23
CA LEU Y 184 -16.62 5.87 -59.08
C LEU Y 184 -15.47 4.87 -59.10
N THR Y 185 -14.51 5.08 -58.21
CA THR Y 185 -13.36 4.21 -58.07
C THR Y 185 -13.76 2.90 -57.43
N VAL Y 186 -13.39 1.79 -58.05
CA VAL Y 186 -13.73 0.48 -57.49
C VAL Y 186 -12.45 -0.29 -57.21
N ASN Y 187 -12.07 -0.34 -55.93
CA ASN Y 187 -10.88 -1.03 -55.47
C ASN Y 187 -11.03 -2.54 -55.63
N SER Y 188 -9.91 -3.25 -55.48
CA SER Y 188 -9.87 -4.69 -55.67
C SER Y 188 -10.55 -5.48 -54.57
N VAL Y 189 -11.29 -4.84 -53.67
CA VAL Y 189 -12.38 -5.50 -52.99
C VAL Y 189 -13.66 -5.38 -53.81
N GLY Y 190 -13.54 -4.95 -55.06
CA GLY Y 190 -14.66 -4.69 -55.94
C GLY Y 190 -15.46 -3.56 -55.36
N GLN Y 191 -14.77 -2.55 -54.86
CA GLN Y 191 -15.38 -1.63 -53.92
C GLN Y 191 -15.55 -0.31 -54.64
N LEU Y 192 -16.76 -0.06 -55.11
CA LEU Y 192 -17.04 1.11 -55.93
C LEU Y 192 -17.33 2.26 -54.99
N LYS Y 193 -16.96 3.45 -55.42
CA LYS Y 193 -17.12 4.65 -54.62
C LYS Y 193 -17.17 5.83 -55.57
N LEU Y 194 -18.32 6.48 -55.63
CA LEU Y 194 -18.50 7.65 -56.46
C LEU Y 194 -17.73 8.82 -55.86
N TRP Y 195 -16.73 9.28 -56.58
CA TRP Y 195 -15.99 10.50 -56.30
C TRP Y 195 -16.13 11.41 -57.50
N ASP Y 196 -15.31 12.44 -57.55
CA ASP Y 196 -15.37 13.33 -58.69
C ASP Y 196 -13.99 13.89 -58.99
N LEU Y 197 -13.96 14.77 -59.99
CA LEU Y 197 -12.89 15.72 -60.19
C LEU Y 197 -13.48 17.07 -60.56
N ARG Y 198 -14.80 17.15 -60.64
CA ARG Y 198 -15.50 18.40 -60.92
C ARG Y 198 -15.40 19.39 -59.77
N LYS Y 199 -16.03 19.10 -58.64
CA LYS Y 199 -15.87 19.96 -57.49
C LYS Y 199 -14.53 19.63 -56.83
N GLN Y 200 -14.17 20.36 -55.79
CA GLN Y 200 -12.94 20.04 -55.10
C GLN Y 200 -13.21 18.90 -54.14
N GLY Y 201 -12.17 18.43 -53.50
CA GLY Y 201 -12.32 17.34 -52.57
C GLY Y 201 -11.56 16.12 -53.03
N ASN Y 202 -11.31 15.23 -52.08
CA ASN Y 202 -10.56 14.04 -52.37
C ASN Y 202 -11.17 12.78 -51.82
N ASP Y 203 -12.27 12.86 -51.11
CA ASP Y 203 -12.98 11.68 -50.67
C ASP Y 203 -13.77 11.13 -51.84
N PRO Y 204 -14.50 10.07 -51.66
CA PRO Y 204 -15.60 9.79 -52.57
C PRO Y 204 -16.89 10.37 -52.04
N THR Y 205 -17.85 10.53 -52.94
CA THR Y 205 -19.15 11.03 -52.55
C THR Y 205 -20.08 9.90 -52.15
N GLN Y 206 -19.93 8.73 -52.76
CA GLN Y 206 -20.82 7.62 -52.49
C GLN Y 206 -20.02 6.35 -52.60
N ILE Y 207 -20.69 5.22 -52.38
CA ILE Y 207 -20.02 3.94 -52.45
C ILE Y 207 -21.03 2.86 -52.78
N PHE Y 208 -20.66 2.03 -53.73
CA PHE Y 208 -21.39 0.81 -54.06
C PHE Y 208 -20.57 -0.37 -53.56
N SER Y 209 -21.26 -1.34 -53.00
CA SER Y 209 -20.59 -2.45 -52.35
C SER Y 209 -21.53 -3.63 -52.30
N VAL Y 210 -20.94 -4.81 -52.43
CA VAL Y 210 -21.66 -6.07 -52.25
C VAL Y 210 -21.63 -6.38 -50.76
N THR Y 211 -22.44 -7.36 -50.35
CA THR Y 211 -22.40 -7.80 -48.96
C THR Y 211 -21.04 -8.37 -48.62
N GLY Y 212 -20.67 -9.49 -49.20
CA GLY Y 212 -19.30 -9.91 -49.08
C GLY Y 212 -18.55 -9.31 -50.24
N GLU Y 213 -17.33 -8.90 -50.03
CA GLU Y 213 -16.54 -8.25 -51.07
C GLU Y 213 -15.71 -9.22 -51.84
N ARG Y 214 -16.27 -10.38 -52.16
CA ARG Y 214 -15.50 -11.59 -52.46
C ARG Y 214 -14.56 -11.42 -53.64
N VAL Y 215 -15.05 -10.95 -54.76
CA VAL Y 215 -14.22 -10.94 -55.96
C VAL Y 215 -13.31 -9.71 -55.93
N PRO Y 216 -12.38 -9.59 -56.87
CA PRO Y 216 -11.64 -8.34 -57.00
C PRO Y 216 -12.06 -7.54 -58.21
N LEU Y 217 -11.48 -6.36 -58.33
CA LEU Y 217 -11.91 -5.39 -59.32
C LEU Y 217 -11.49 -5.84 -60.70
N HIS Y 218 -12.40 -6.44 -61.44
CA HIS Y 218 -12.09 -6.88 -62.79
C HIS Y 218 -13.01 -6.29 -63.84
N CYS Y 219 -14.32 -6.34 -63.62
CA CYS Y 219 -15.24 -5.99 -64.70
C CYS Y 219 -16.58 -5.54 -64.15
N VAL Y 220 -16.86 -4.25 -64.34
CA VAL Y 220 -18.13 -3.67 -63.97
C VAL Y 220 -18.77 -3.14 -65.22
N ASP Y 221 -20.03 -2.74 -65.13
CA ASP Y 221 -20.81 -2.32 -66.27
C ASP Y 221 -21.55 -1.03 -65.92
N ARG Y 222 -21.80 -0.22 -66.94
CA ARG Y 222 -22.51 1.03 -66.76
C ARG Y 222 -23.23 1.31 -68.05
N HIS Y 223 -24.52 1.44 -67.99
CA HIS Y 223 -25.32 1.24 -69.18
C HIS Y 223 -25.33 2.47 -70.08
N PRO Y 224 -25.21 2.30 -71.39
CA PRO Y 224 -25.47 3.43 -72.29
C PRO Y 224 -26.93 3.73 -72.45
N ASN Y 225 -27.83 2.90 -71.93
CA ASN Y 225 -29.25 3.21 -71.98
C ASN Y 225 -29.57 4.41 -71.12
N GLN Y 226 -28.83 4.57 -70.03
CA GLN Y 226 -28.94 5.72 -69.17
C GLN Y 226 -27.67 5.73 -68.33
N GLN Y 227 -26.97 6.86 -68.28
CA GLN Y 227 -25.72 6.93 -67.56
C GLN Y 227 -25.89 6.92 -66.06
N HIS Y 228 -27.09 6.74 -65.56
CA HIS Y 228 -27.27 6.33 -64.18
C HIS Y 228 -27.72 4.89 -64.06
N VAL Y 229 -27.42 4.04 -65.03
CA VAL Y 229 -27.73 2.63 -64.93
C VAL Y 229 -26.44 1.83 -65.08
N VAL Y 230 -26.27 0.82 -64.22
CA VAL Y 230 -24.99 0.15 -64.09
C VAL Y 230 -25.19 -1.28 -63.65
N ALA Y 231 -24.21 -2.11 -63.94
CA ALA Y 231 -24.21 -3.50 -63.54
C ALA Y 231 -22.78 -3.87 -63.22
N THR Y 232 -22.54 -5.18 -63.09
CA THR Y 232 -21.18 -5.70 -63.06
C THR Y 232 -21.22 -7.19 -63.37
N GLY Y 233 -20.05 -7.76 -63.57
CA GLY Y 233 -20.01 -9.19 -63.76
C GLY Y 233 -19.25 -9.84 -62.63
N GLY Y 234 -19.83 -10.86 -62.01
CA GLY Y 234 -19.18 -11.54 -60.92
C GLY Y 234 -18.14 -12.51 -61.41
N GLN Y 235 -17.00 -12.48 -60.74
CA GLN Y 235 -15.85 -13.28 -61.16
C GLN Y 235 -16.03 -14.75 -60.84
N ASP Y 236 -17.12 -15.13 -60.21
CA ASP Y 236 -17.53 -16.52 -60.17
C ASP Y 236 -18.28 -16.93 -61.42
N GLY Y 237 -18.74 -15.96 -62.19
CA GLY Y 237 -19.62 -16.29 -63.28
C GLY Y 237 -20.97 -15.69 -63.03
N MET Y 238 -20.97 -14.65 -62.23
CA MET Y 238 -22.22 -14.00 -61.87
C MET Y 238 -22.35 -12.68 -62.59
N LEU Y 239 -23.54 -12.11 -62.52
CA LEU Y 239 -23.71 -10.71 -62.81
C LEU Y 239 -23.54 -9.95 -61.51
N CYS Y 240 -23.54 -8.62 -61.57
CA CYS Y 240 -23.81 -7.87 -60.36
C CYS Y 240 -24.49 -6.58 -60.82
N ILE Y 241 -25.81 -6.65 -60.94
CA ILE Y 241 -26.53 -5.52 -61.50
C ILE Y 241 -26.78 -4.50 -60.42
N TRP Y 242 -26.84 -3.24 -60.80
CA TRP Y 242 -26.83 -2.13 -59.85
C TRP Y 242 -27.93 -1.16 -60.16
N ASP Y 243 -28.44 -0.54 -59.11
CA ASP Y 243 -29.42 0.50 -59.22
C ASP Y 243 -28.87 1.74 -58.54
N VAL Y 244 -28.75 2.83 -59.30
CA VAL Y 244 -28.31 4.08 -58.72
C VAL Y 244 -29.46 4.74 -57.98
N ARG Y 245 -30.52 5.02 -58.70
CA ARG Y 245 -31.65 5.67 -58.09
C ARG Y 245 -32.42 4.73 -57.20
N HIS Y 246 -32.69 3.52 -57.67
CA HIS Y 246 -33.54 2.60 -56.94
C HIS Y 246 -32.73 1.92 -55.84
N GLY Y 247 -32.44 2.71 -54.81
CA GLY Y 247 -31.64 2.20 -53.72
C GLY Y 247 -30.21 2.03 -54.19
N LYS Y 248 -29.53 1.08 -53.57
CA LYS Y 248 -28.18 0.70 -53.97
C LYS Y 248 -27.98 -0.80 -53.91
N MET Y 249 -29.03 -1.57 -54.06
CA MET Y 249 -28.96 -2.97 -53.70
C MET Y 249 -28.20 -3.76 -54.75
N PRO Y 250 -27.79 -4.95 -54.42
CA PRO Y 250 -27.37 -5.88 -55.47
C PRO Y 250 -28.62 -6.32 -56.20
N MET Y 251 -28.80 -5.81 -57.40
CA MET Y 251 -30.00 -6.16 -58.14
C MET Y 251 -29.94 -7.60 -58.64
N SER Y 252 -29.03 -7.88 -59.57
CA SER Y 252 -28.98 -9.19 -60.20
C SER Y 252 -27.56 -9.72 -60.18
N LEU Y 253 -27.34 -10.77 -59.38
CA LEU Y 253 -26.21 -11.66 -59.50
C LEU Y 253 -26.45 -12.63 -60.67
N LEU Y 254 -25.61 -13.64 -60.78
CA LEU Y 254 -25.91 -14.83 -61.57
C LEU Y 254 -25.11 -16.00 -61.05
N ASN Y 255 -25.03 -17.02 -61.88
CA ASN Y 255 -24.09 -18.11 -61.65
C ASN Y 255 -23.62 -18.73 -62.96
N ALA Y 256 -23.57 -17.98 -64.05
CA ALA Y 256 -23.55 -18.60 -65.37
C ALA Y 256 -22.14 -18.92 -65.87
N HIS Y 257 -21.19 -18.03 -65.72
CA HIS Y 257 -19.90 -18.35 -66.31
C HIS Y 257 -19.04 -19.12 -65.34
N GLU Y 258 -17.82 -19.42 -65.78
CA GLU Y 258 -16.96 -20.37 -65.08
C GLU Y 258 -15.85 -19.67 -64.32
N ALA Y 259 -15.25 -18.67 -64.92
CA ALA Y 259 -14.01 -18.08 -64.48
C ALA Y 259 -14.25 -16.63 -64.09
N GLU Y 260 -13.19 -15.86 -63.95
CA GLU Y 260 -13.32 -14.44 -63.61
C GLU Y 260 -14.05 -13.67 -64.70
N MET Y 261 -14.64 -12.56 -64.31
CA MET Y 261 -15.39 -11.76 -65.28
C MET Y 261 -14.44 -11.14 -66.28
N TRP Y 262 -14.71 -11.40 -67.55
CA TRP Y 262 -13.74 -11.16 -68.61
C TRP Y 262 -13.93 -9.83 -69.34
N GLU Y 263 -14.97 -9.74 -70.17
CA GLU Y 263 -15.57 -8.52 -70.70
C GLU Y 263 -16.74 -8.94 -71.56
N VAL Y 264 -17.60 -7.99 -71.88
CA VAL Y 264 -18.90 -8.26 -72.47
C VAL Y 264 -18.96 -7.55 -73.81
N HIS Y 265 -19.31 -8.28 -74.84
CA HIS Y 265 -19.65 -7.65 -76.10
C HIS Y 265 -21.05 -7.13 -75.88
N PHE Y 266 -21.26 -5.89 -76.23
CA PHE Y 266 -22.58 -5.28 -76.27
C PHE Y 266 -22.70 -4.57 -77.62
N HIS Y 267 -23.91 -4.53 -78.15
CA HIS Y 267 -24.14 -3.79 -79.38
C HIS Y 267 -23.99 -2.30 -79.11
N PRO Y 268 -23.31 -1.57 -79.97
CA PRO Y 268 -23.13 -0.15 -79.70
C PRO Y 268 -24.38 0.68 -79.94
N SER Y 269 -25.45 0.08 -80.45
CA SER Y 269 -26.72 0.79 -80.60
C SER Y 269 -27.90 0.02 -80.07
N ASN Y 270 -27.74 -1.29 -79.94
CA ASN Y 270 -28.77 -2.09 -79.31
C ASN Y 270 -28.14 -2.21 -77.93
N PRO Y 271 -28.62 -1.41 -76.98
CA PRO Y 271 -28.05 -1.43 -75.64
C PRO Y 271 -28.25 -2.78 -74.98
N ASP Y 272 -29.47 -3.28 -75.12
CA ASP Y 272 -29.91 -4.54 -74.55
C ASP Y 272 -29.17 -5.75 -75.09
N HIS Y 273 -28.90 -5.76 -76.39
CA HIS Y 273 -28.20 -6.90 -76.96
C HIS Y 273 -26.81 -6.91 -76.34
N LEU Y 274 -26.46 -8.05 -75.76
CA LEU Y 274 -25.17 -8.24 -75.13
C LEU Y 274 -24.96 -9.73 -74.95
N PHE Y 275 -23.72 -10.14 -74.71
CA PHE Y 275 -23.46 -11.54 -74.50
C PHE Y 275 -22.32 -11.66 -73.51
N THR Y 276 -22.24 -12.80 -72.83
CA THR Y 276 -21.37 -12.90 -71.66
C THR Y 276 -20.16 -13.76 -71.99
N CYS Y 277 -19.24 -13.86 -71.03
CA CYS Y 277 -17.94 -14.44 -71.27
C CYS Y 277 -17.32 -14.98 -69.96
N SER Y 278 -16.13 -15.55 -70.06
CA SER Y 278 -15.38 -15.96 -68.87
C SER Y 278 -13.88 -16.00 -69.16
N GLU Y 279 -13.11 -16.04 -68.08
CA GLU Y 279 -11.69 -15.69 -68.10
C GLU Y 279 -10.77 -16.77 -68.61
N ASP Y 280 -11.28 -17.79 -69.28
CA ASP Y 280 -10.38 -18.56 -70.12
C ASP Y 280 -10.35 -18.01 -71.53
N GLY Y 281 -11.06 -16.91 -71.74
CA GLY Y 281 -11.42 -16.50 -73.07
C GLY Y 281 -12.77 -16.99 -73.49
N SER Y 282 -13.54 -17.58 -72.57
CA SER Y 282 -14.79 -18.21 -72.93
C SER Y 282 -15.84 -17.16 -73.25
N LEU Y 283 -16.99 -17.61 -73.74
CA LEU Y 283 -18.04 -16.72 -74.20
C LEU Y 283 -19.35 -17.48 -74.18
N TRP Y 284 -20.26 -17.08 -73.30
CA TRP Y 284 -21.61 -17.63 -73.31
C TRP Y 284 -22.56 -16.53 -73.78
N HIS Y 285 -23.20 -16.77 -74.92
CA HIS Y 285 -24.14 -15.82 -75.51
C HIS Y 285 -25.35 -15.77 -74.62
N TRP Y 286 -25.41 -14.72 -73.82
CA TRP Y 286 -26.62 -14.45 -73.08
C TRP Y 286 -27.44 -13.45 -73.86
N ASP Y 287 -28.42 -13.94 -74.61
CA ASP Y 287 -29.19 -13.13 -75.53
C ASP Y 287 -30.06 -12.22 -74.68
N ALA Y 288 -29.56 -11.01 -74.48
CA ALA Y 288 -30.18 -10.06 -73.58
C ALA Y 288 -30.98 -8.99 -74.30
N SER Y 289 -31.02 -9.01 -75.62
CA SER Y 289 -32.06 -8.29 -76.34
C SER Y 289 -33.24 -9.17 -76.63
N ALA Y 290 -33.19 -10.43 -76.23
CA ALA Y 290 -34.30 -11.33 -76.39
C ALA Y 290 -35.43 -10.89 -75.48
N GLN Y 334 -36.40 -15.51 -70.75
CA GLN Y 334 -35.54 -14.76 -71.65
C GLN Y 334 -34.06 -15.05 -71.47
N LEU Y 335 -33.67 -15.84 -70.47
CA LEU Y 335 -32.27 -16.27 -70.37
C LEU Y 335 -31.96 -17.23 -71.50
N GLU Y 336 -31.29 -16.72 -72.51
CA GLU Y 336 -30.90 -17.51 -73.65
C GLU Y 336 -29.40 -17.44 -73.75
N ILE Y 337 -28.69 -18.26 -72.98
CA ILE Y 337 -27.23 -18.24 -72.93
C ILE Y 337 -26.65 -19.59 -73.32
N THR Y 338 -25.81 -19.59 -74.35
CA THR Y 338 -25.28 -20.84 -74.86
C THR Y 338 -23.78 -20.75 -75.07
N ASN Y 339 -23.18 -21.84 -75.55
CA ASN Y 339 -21.77 -21.86 -75.88
C ASN Y 339 -21.55 -21.03 -77.14
N LEU Y 340 -21.12 -19.79 -76.97
CA LEU Y 340 -21.24 -18.84 -78.07
C LEU Y 340 -20.13 -18.92 -79.09
N LEU Y 341 -18.93 -18.50 -78.70
CA LEU Y 341 -17.96 -18.04 -79.68
C LEU Y 341 -17.25 -19.23 -80.29
N PRO Y 342 -16.33 -18.97 -81.21
CA PRO Y 342 -15.36 -20.02 -81.53
C PRO Y 342 -14.51 -20.19 -80.31
N SER Y 343 -14.84 -21.23 -79.57
CA SER Y 343 -14.54 -21.30 -78.16
C SER Y 343 -13.22 -22.00 -77.91
N SER Y 344 -13.02 -22.36 -76.64
CA SER Y 344 -12.01 -23.30 -76.18
C SER Y 344 -10.59 -22.86 -76.45
N THR Y 345 -10.39 -21.61 -76.80
CA THR Y 345 -9.04 -21.15 -77.05
C THR Y 345 -8.53 -20.49 -75.78
N LEU Y 346 -7.37 -19.86 -75.86
CA LEU Y 346 -6.90 -19.05 -74.77
C LEU Y 346 -7.57 -17.70 -74.84
N SER Y 347 -7.12 -16.78 -74.01
CA SER Y 347 -7.89 -15.60 -73.67
C SER Y 347 -8.03 -14.56 -74.76
N VAL Y 348 -8.82 -13.53 -74.50
CA VAL Y 348 -9.22 -12.53 -75.49
C VAL Y 348 -8.83 -11.17 -74.97
N ASN Y 349 -8.76 -10.20 -75.88
CA ASN Y 349 -7.89 -9.05 -75.65
C ASN Y 349 -8.54 -7.82 -75.00
N SER Y 350 -9.46 -7.17 -75.70
CA SER Y 350 -10.13 -5.97 -75.19
C SER Y 350 -11.28 -5.64 -76.13
N LEU Y 351 -12.26 -4.92 -75.60
CA LEU Y 351 -13.57 -4.90 -76.20
C LEU Y 351 -13.85 -3.61 -76.95
N ASP Y 352 -14.37 -3.79 -78.16
CA ASP Y 352 -15.04 -2.76 -78.93
C ASP Y 352 -15.82 -3.44 -80.04
N VAL Y 353 -17.13 -3.30 -80.07
CA VAL Y 353 -17.91 -4.04 -81.04
C VAL Y 353 -19.04 -3.18 -81.55
N LEU Y 354 -19.10 -2.99 -82.86
CA LEU Y 354 -20.11 -2.11 -83.42
C LEU Y 354 -20.43 -2.45 -84.85
N GLY Y 355 -21.49 -3.21 -85.06
CA GLY Y 355 -21.98 -3.43 -86.40
C GLY Y 355 -21.52 -4.71 -87.04
N LEU Y 358 -14.18 -6.76 -83.68
CA LEU Y 358 -14.93 -6.89 -82.44
C LEU Y 358 -14.26 -7.88 -81.50
N VAL Y 359 -14.35 -7.62 -80.20
CA VAL Y 359 -13.88 -8.55 -79.17
C VAL Y 359 -14.58 -8.23 -77.88
N CYS Y 360 -14.51 -9.16 -76.93
CA CYS Y 360 -14.89 -8.90 -75.54
C CYS Y 360 -13.79 -9.49 -74.67
N GLY Y 361 -12.77 -8.69 -74.41
CA GLY Y 361 -11.47 -9.25 -74.03
C GLY Y 361 -11.43 -9.84 -72.62
N THR Y 362 -10.70 -10.92 -72.49
CA THR Y 362 -10.80 -11.73 -71.29
C THR Y 362 -10.01 -11.14 -70.15
N ASP Y 363 -9.84 -11.94 -69.09
CA ASP Y 363 -9.00 -11.49 -67.99
C ASP Y 363 -7.53 -11.74 -68.28
N ALA Y 364 -7.22 -12.51 -69.31
CA ALA Y 364 -5.84 -12.90 -69.50
C ALA Y 364 -5.26 -12.54 -70.86
N GLU Y 365 -6.07 -12.01 -71.78
CA GLU Y 365 -5.61 -11.34 -72.99
C GLU Y 365 -4.68 -12.14 -73.89
N ALA Y 366 -5.13 -13.25 -74.43
CA ALA Y 366 -4.31 -13.94 -75.40
C ALA Y 366 -4.76 -13.58 -76.81
N ILE Y 367 -4.26 -14.35 -77.76
CA ILE Y 367 -4.49 -14.08 -79.16
C ILE Y 367 -5.72 -14.83 -79.63
N TYR Y 368 -6.56 -14.14 -80.40
CA TYR Y 368 -7.79 -14.66 -81.00
C TYR Y 368 -8.33 -13.57 -81.91
N VAL Y 369 -9.23 -13.94 -82.81
CA VAL Y 369 -9.88 -12.99 -83.69
C VAL Y 369 -11.09 -13.63 -84.33
N THR Y 370 -12.08 -12.81 -84.67
CA THR Y 370 -13.15 -13.09 -85.60
C THR Y 370 -13.75 -11.75 -86.01
N ARG Y 371 -14.00 -11.56 -87.31
CA ARG Y 371 -14.53 -10.27 -87.76
C ARG Y 371 -15.76 -10.51 -88.62
N ARG Y 372 -16.89 -10.83 -87.99
CA ARG Y 372 -18.14 -11.05 -88.69
C ARG Y 372 -19.30 -10.59 -87.83
N LEU Y 373 -19.17 -9.42 -87.20
CA LEU Y 373 -19.92 -9.13 -85.99
C LEU Y 373 -21.39 -8.78 -86.24
N PHE Y 374 -21.83 -8.76 -87.49
CA PHE Y 374 -23.25 -8.53 -87.70
C PHE Y 374 -24.09 -9.78 -87.55
N ILE Z 7 28.54 -7.15 -71.28
CA ILE Z 7 29.15 -5.95 -70.71
C ILE Z 7 30.13 -6.31 -69.59
N ALA Z 8 31.33 -5.74 -69.65
CA ALA Z 8 32.36 -6.00 -68.65
C ALA Z 8 31.78 -5.92 -67.24
N ALA Z 9 32.03 -6.97 -66.45
CA ALA Z 9 31.53 -7.02 -65.10
C ALA Z 9 31.60 -5.71 -64.33
N ASP Z 10 32.66 -4.94 -64.63
CA ASP Z 10 33.07 -3.70 -64.01
C ASP Z 10 33.84 -3.96 -62.70
N HIS Z 11 34.56 -5.10 -62.63
CA HIS Z 11 35.31 -5.49 -61.46
C HIS Z 11 36.74 -5.35 -61.82
N LYS Z 12 37.52 -4.64 -60.98
CA LYS Z 12 38.93 -4.49 -61.23
C LYS Z 12 39.70 -5.78 -61.09
N ASP Z 13 39.42 -6.50 -59.99
CA ASP Z 13 40.06 -7.76 -59.72
C ASP Z 13 39.19 -8.93 -60.20
N LEU Z 14 39.75 -10.15 -60.15
CA LEU Z 14 39.09 -11.35 -60.64
C LEU Z 14 37.79 -11.74 -59.97
N ILE Z 15 36.83 -12.20 -60.79
CA ILE Z 15 35.47 -12.54 -60.39
C ILE Z 15 35.45 -13.95 -59.89
N HIS Z 16 35.14 -14.16 -58.60
CA HIS Z 16 35.06 -15.50 -58.06
C HIS Z 16 33.75 -16.22 -58.41
N ASP Z 17 32.59 -15.56 -58.24
CA ASP Z 17 31.31 -16.23 -58.34
C ASP Z 17 30.30 -15.32 -59.03
N VAL Z 18 29.34 -15.98 -59.71
CA VAL Z 18 28.19 -15.41 -60.37
C VAL Z 18 27.02 -16.24 -59.88
N SER Z 19 25.89 -15.60 -59.57
CA SER Z 19 24.72 -16.34 -59.16
C SER Z 19 23.51 -15.68 -59.75
N PHE Z 20 22.49 -16.48 -60.13
CA PHE Z 20 21.21 -16.02 -60.61
C PHE Z 20 20.27 -15.93 -59.43
N ASP Z 21 19.28 -15.01 -59.49
CA ASP Z 21 18.14 -15.00 -58.59
C ASP Z 21 17.19 -16.18 -58.86
N PHE Z 22 16.06 -16.25 -58.14
CA PHE Z 22 15.02 -17.24 -58.39
C PHE Z 22 14.41 -17.17 -59.79
N HIS Z 23 14.07 -15.96 -60.26
CA HIS Z 23 13.47 -15.75 -61.57
C HIS Z 23 14.44 -16.03 -62.71
N GLY Z 24 15.74 -15.72 -62.49
CA GLY Z 24 16.82 -15.87 -63.47
C GLY Z 24 17.05 -14.58 -64.21
N ARG Z 25 16.22 -13.57 -63.92
CA ARG Z 25 16.30 -12.21 -64.39
C ARG Z 25 17.44 -11.41 -63.78
N ARG Z 26 17.81 -11.65 -62.52
CA ARG Z 26 18.86 -10.92 -61.86
C ARG Z 26 20.07 -11.81 -61.69
N MET Z 27 21.24 -11.17 -61.67
CA MET Z 27 22.50 -11.84 -61.48
C MET Z 27 23.21 -11.08 -60.40
N ALA Z 28 23.94 -11.79 -59.52
CA ALA Z 28 24.84 -11.20 -58.56
C ALA Z 28 26.22 -11.65 -58.93
N THR Z 29 27.22 -10.77 -58.72
CA THR Z 29 28.61 -11.09 -58.93
C THR Z 29 29.36 -10.66 -57.69
N CYS Z 30 30.51 -11.29 -57.45
CA CYS Z 30 31.40 -10.89 -56.41
C CYS Z 30 32.81 -11.03 -56.93
N SER Z 31 33.73 -10.23 -56.42
CA SER Z 31 35.11 -10.40 -56.84
C SER Z 31 36.04 -10.13 -55.72
N SER Z 32 37.31 -10.25 -56.09
CA SER Z 32 38.34 -9.82 -55.17
C SER Z 32 38.46 -8.33 -55.09
N ASP Z 33 37.68 -7.45 -55.71
CA ASP Z 33 37.80 -5.99 -55.60
C ASP Z 33 36.99 -5.50 -54.41
N GLN Z 34 36.32 -6.46 -53.74
CA GLN Z 34 35.59 -6.32 -52.51
C GLN Z 34 34.20 -5.80 -52.71
N SER Z 35 33.73 -5.88 -53.97
CA SER Z 35 32.47 -5.30 -54.34
C SER Z 35 31.56 -6.37 -54.90
N VAL Z 36 30.27 -6.18 -54.63
CA VAL Z 36 29.21 -7.05 -55.13
C VAL Z 36 28.48 -6.21 -56.13
N LYS Z 37 28.24 -6.75 -57.36
CA LYS Z 37 27.44 -6.09 -58.39
C LYS Z 37 26.20 -6.91 -58.58
N VAL Z 38 25.05 -6.23 -58.77
CA VAL Z 38 23.79 -6.88 -59.09
C VAL Z 38 23.41 -6.41 -60.47
N TRP Z 39 23.08 -7.35 -61.38
CA TRP Z 39 22.64 -7.03 -62.72
C TRP Z 39 21.14 -7.18 -62.84
N ASP Z 40 20.52 -6.28 -63.64
CA ASP Z 40 19.15 -6.37 -64.08
C ASP Z 40 19.23 -6.80 -65.52
N LYS Z 41 18.48 -7.86 -65.86
CA LYS Z 41 18.18 -8.14 -67.22
C LYS Z 41 16.99 -7.26 -67.55
N SER Z 42 17.23 -6.17 -68.31
CA SER Z 42 16.19 -5.29 -68.82
C SER Z 42 15.20 -6.09 -69.68
N GLU Z 43 13.94 -5.62 -69.84
CA GLU Z 43 13.02 -6.22 -70.80
C GLU Z 43 13.51 -6.07 -72.24
N ASN Z 44 14.14 -4.92 -72.55
CA ASN Z 44 15.08 -4.80 -73.67
C ASN Z 44 16.32 -5.63 -73.36
N GLY Z 45 16.71 -6.64 -74.19
CA GLY Z 45 17.66 -7.65 -73.70
C GLY Z 45 19.09 -7.25 -73.70
N ASN Z 46 19.49 -6.59 -72.62
CA ASN Z 46 20.84 -6.27 -72.33
C ASN Z 46 20.85 -6.34 -70.82
N TRP Z 47 21.89 -6.98 -70.24
CA TRP Z 47 22.14 -6.93 -68.82
C TRP Z 47 22.73 -5.58 -68.47
N HIS Z 48 22.13 -4.87 -67.52
CA HIS Z 48 22.65 -3.60 -67.04
C HIS Z 48 22.86 -3.78 -65.56
N CYS Z 49 23.95 -3.25 -64.97
CA CYS Z 49 24.14 -3.41 -63.54
C CYS Z 49 23.20 -2.45 -62.81
N THR Z 50 22.44 -2.99 -61.84
CA THR Z 50 21.58 -2.31 -60.90
C THR Z 50 22.30 -1.54 -59.84
N ALA Z 51 23.34 -2.15 -59.24
CA ALA Z 51 24.12 -1.52 -58.21
C ALA Z 51 25.36 -2.30 -57.94
N SER Z 52 26.38 -1.58 -57.47
CA SER Z 52 27.65 -2.15 -57.05
C SER Z 52 28.10 -1.43 -55.77
N TRP Z 53 28.55 -2.17 -54.75
CA TRP Z 53 29.01 -1.55 -53.56
C TRP Z 53 30.09 -2.37 -52.96
N LYS Z 54 30.86 -1.72 -52.06
CA LYS Z 54 31.96 -2.31 -51.37
C LYS Z 54 31.43 -3.06 -50.15
N THR Z 55 31.26 -4.39 -50.30
CA THR Z 55 30.71 -5.23 -49.26
C THR Z 55 31.61 -5.48 -48.08
N HIS Z 56 32.89 -5.77 -48.34
CA HIS Z 56 33.82 -6.32 -47.36
C HIS Z 56 35.17 -5.63 -47.40
N SER Z 57 36.01 -5.89 -46.39
CA SER Z 57 37.40 -5.44 -46.38
C SER Z 57 38.34 -6.28 -47.20
N GLY Z 58 38.03 -7.57 -47.37
CA GLY Z 58 38.84 -8.56 -48.07
C GLY Z 58 38.02 -9.21 -49.12
N SER Z 59 38.68 -9.93 -50.07
CA SER Z 59 38.08 -10.51 -51.28
C SER Z 59 36.79 -11.25 -51.02
N VAL Z 60 35.79 -11.15 -51.92
CA VAL Z 60 34.51 -11.78 -51.66
C VAL Z 60 34.44 -13.02 -52.49
N TRP Z 61 34.57 -14.22 -51.86
CA TRP Z 61 34.51 -15.45 -52.62
C TRP Z 61 33.13 -15.78 -53.11
N ARG Z 62 32.12 -15.81 -52.24
CA ARG Z 62 30.87 -16.43 -52.62
C ARG Z 62 29.74 -15.54 -52.27
N VAL Z 63 28.63 -15.82 -52.94
CA VAL Z 63 27.42 -15.07 -52.87
C VAL Z 63 26.31 -16.05 -53.10
N THR Z 64 25.10 -15.65 -52.70
CA THR Z 64 23.93 -16.47 -52.93
C THR Z 64 22.73 -15.56 -52.76
N TRP Z 65 21.55 -15.98 -53.26
CA TRP Z 65 20.28 -15.28 -53.18
C TRP Z 65 19.37 -16.14 -52.33
N ALA Z 66 18.59 -15.53 -51.43
CA ALA Z 66 17.57 -16.27 -50.69
C ALA Z 66 16.32 -16.45 -51.55
N HIS Z 67 15.37 -17.28 -51.07
CA HIS Z 67 14.07 -17.44 -51.72
C HIS Z 67 13.28 -16.11 -51.78
N PRO Z 68 12.58 -15.75 -52.87
CA PRO Z 68 11.93 -14.45 -53.03
C PRO Z 68 10.76 -14.22 -52.07
N GLU Z 69 10.22 -15.26 -51.38
CA GLU Z 69 9.19 -15.12 -50.33
C GLU Z 69 9.66 -14.30 -49.16
N PHE Z 70 10.92 -14.52 -48.70
CA PHE Z 70 11.54 -13.75 -47.63
C PHE Z 70 11.76 -12.30 -47.99
N GLY Z 71 12.16 -12.06 -49.25
CA GLY Z 71 12.39 -10.73 -49.78
C GLY Z 71 13.56 -10.75 -50.71
N GLN Z 72 14.11 -9.57 -51.05
CA GLN Z 72 15.32 -9.50 -51.85
C GLN Z 72 16.51 -9.52 -50.94
N VAL Z 73 17.08 -10.72 -50.71
CA VAL Z 73 18.22 -10.90 -49.83
C VAL Z 73 19.31 -11.63 -50.58
N LEU Z 74 20.54 -11.07 -50.46
CA LEU Z 74 21.76 -11.64 -50.97
C LEU Z 74 22.66 -11.84 -49.76
N ALA Z 75 23.35 -13.00 -49.69
CA ALA Z 75 24.35 -13.26 -48.66
C ALA Z 75 25.69 -13.32 -49.34
N SER Z 76 26.73 -12.84 -48.65
CA SER Z 76 28.06 -12.79 -49.20
C SER Z 76 29.00 -13.39 -48.24
N CYS Z 77 30.18 -13.73 -48.77
CA CYS Z 77 31.18 -14.49 -48.06
C CYS Z 77 32.55 -13.96 -48.38
N SER Z 78 33.42 -13.77 -47.38
CA SER Z 78 34.71 -13.17 -47.66
C SER Z 78 35.89 -13.79 -46.98
N PHE Z 79 37.08 -13.40 -47.46
CA PHE Z 79 38.31 -13.72 -46.77
C PHE Z 79 38.51 -12.91 -45.50
N ASP Z 80 37.72 -11.86 -45.26
CA ASP Z 80 37.72 -11.05 -44.04
C ASP Z 80 37.12 -11.80 -42.86
N ARG Z 81 36.55 -13.01 -43.09
CA ARG Z 81 36.09 -13.97 -42.09
C ARG Z 81 34.64 -13.73 -41.74
N THR Z 82 33.96 -12.92 -42.56
CA THR Z 82 32.61 -12.49 -42.28
C THR Z 82 31.73 -12.96 -43.41
N ALA Z 83 30.47 -13.13 -43.04
CA ALA Z 83 29.41 -13.24 -43.99
C ALA Z 83 28.52 -12.04 -43.71
N ALA Z 84 27.95 -11.47 -44.78
CA ALA Z 84 27.02 -10.37 -44.65
C ALA Z 84 25.75 -10.75 -45.38
N VAL Z 85 24.62 -10.25 -44.85
CA VAL Z 85 23.30 -10.37 -45.40
C VAL Z 85 22.95 -8.97 -45.83
N TRP Z 86 22.37 -8.83 -47.03
CA TRP Z 86 21.96 -7.56 -47.56
C TRP Z 86 20.51 -7.65 -47.96
N GLU Z 87 19.75 -6.54 -47.81
CA GLU Z 87 18.40 -6.44 -48.33
C GLU Z 87 18.38 -5.31 -49.34
N GLU Z 88 17.73 -5.54 -50.51
CA GLU Z 88 17.49 -4.51 -51.53
C GLU Z 88 16.47 -3.49 -51.06
N ILE Z 89 16.77 -2.19 -51.20
CA ILE Z 89 15.84 -1.12 -50.91
C ILE Z 89 15.38 -0.60 -52.25
N VAL Z 90 14.06 -0.72 -52.55
CA VAL Z 90 13.46 -0.23 -53.79
C VAL Z 90 13.62 1.27 -53.98
N GLY Z 91 13.53 2.01 -52.87
CA GLY Z 91 13.57 3.47 -52.84
C GLY Z 91 14.84 4.12 -53.29
N GLU Z 92 16.00 3.46 -53.08
CA GLU Z 92 17.26 3.92 -53.59
C GLU Z 92 17.32 3.81 -55.10
N SER Z 101 24.16 2.33 -52.66
CA SER Z 101 23.33 2.47 -51.48
C SER Z 101 22.10 1.59 -51.59
N HIS Z 102 21.93 0.92 -52.75
CA HIS Z 102 20.75 0.15 -53.09
C HIS Z 102 20.44 -0.98 -52.13
N TRP Z 103 21.49 -1.60 -51.58
CA TRP Z 103 21.41 -2.69 -50.64
C TRP Z 103 21.97 -2.27 -49.30
N VAL Z 104 21.27 -2.64 -48.20
CA VAL Z 104 21.66 -2.33 -46.83
C VAL Z 104 22.13 -3.58 -46.13
N LYS Z 105 23.16 -3.49 -45.24
CA LYS Z 105 23.56 -4.63 -44.42
C LYS Z 105 22.46 -4.95 -43.42
N ARG Z 106 21.87 -6.15 -43.49
CA ARG Z 106 21.00 -6.63 -42.42
C ARG Z 106 21.77 -7.00 -41.18
N THR Z 107 22.89 -7.72 -41.37
CA THR Z 107 23.65 -8.21 -40.24
C THR Z 107 25.02 -8.61 -40.75
N THR Z 108 25.92 -8.94 -39.81
CA THR Z 108 27.26 -9.47 -40.04
C THR Z 108 27.36 -10.73 -39.21
N LEU Z 109 28.06 -11.76 -39.74
CA LEU Z 109 28.37 -12.94 -38.96
C LEU Z 109 29.86 -12.94 -38.70
N VAL Z 110 30.27 -12.60 -37.46
CA VAL Z 110 31.67 -12.54 -37.05
C VAL Z 110 32.23 -13.89 -36.61
N ASP Z 111 31.38 -14.91 -36.36
CA ASP Z 111 31.73 -16.12 -35.62
C ASP Z 111 32.83 -16.97 -36.22
N SER Z 112 32.91 -17.02 -37.57
CA SER Z 112 34.00 -17.70 -38.26
C SER Z 112 35.35 -17.08 -37.97
N ARG Z 113 36.25 -17.85 -37.33
CA ARG Z 113 37.53 -17.34 -36.91
C ARG Z 113 38.52 -17.19 -38.06
N THR Z 114 38.16 -17.77 -39.22
CA THR Z 114 38.99 -17.76 -40.40
C THR Z 114 38.20 -17.48 -41.66
N SER Z 115 38.97 -17.23 -42.76
CA SER Z 115 38.49 -16.87 -44.08
C SER Z 115 37.48 -17.85 -44.56
N VAL Z 116 36.36 -17.36 -45.08
CA VAL Z 116 35.29 -18.27 -45.42
C VAL Z 116 35.35 -18.51 -46.91
N THR Z 117 35.24 -19.80 -47.30
CA THR Z 117 35.13 -20.20 -48.69
C THR Z 117 33.73 -20.05 -49.19
N ASP Z 118 32.67 -20.58 -48.55
CA ASP Z 118 31.34 -20.58 -49.16
C ASP Z 118 30.22 -20.28 -48.20
N VAL Z 119 29.09 -19.84 -48.78
CA VAL Z 119 27.83 -19.51 -48.15
C VAL Z 119 26.66 -19.89 -49.08
N LYS Z 120 25.63 -20.56 -48.54
CA LYS Z 120 24.49 -20.97 -49.33
C LYS Z 120 23.27 -20.85 -48.48
N PHE Z 121 22.16 -20.29 -49.01
CA PHE Z 121 20.86 -20.35 -48.38
C PHE Z 121 20.34 -21.76 -48.49
N ALA Z 122 19.60 -22.18 -47.46
CA ALA Z 122 18.90 -23.44 -47.48
C ALA Z 122 17.65 -23.36 -48.33
N PRO Z 123 16.97 -24.46 -48.65
CA PRO Z 123 15.67 -24.42 -49.30
C PRO Z 123 14.60 -23.59 -48.61
N LYS Z 124 13.66 -23.01 -49.37
CA LYS Z 124 12.66 -22.07 -48.85
C LYS Z 124 11.75 -22.59 -47.75
N HIS Z 125 11.42 -23.92 -47.79
CA HIS Z 125 10.53 -24.62 -46.86
C HIS Z 125 11.09 -24.59 -45.46
N MET Z 126 12.42 -24.71 -45.35
CA MET Z 126 13.14 -24.65 -44.09
C MET Z 126 12.99 -23.33 -43.35
N GLY Z 127 12.86 -22.21 -44.10
CA GLY Z 127 12.89 -20.87 -43.55
C GLY Z 127 14.16 -20.20 -44.00
N LEU Z 128 14.42 -18.94 -43.57
CA LEU Z 128 15.75 -18.35 -43.71
C LEU Z 128 16.78 -19.08 -42.89
N MET Z 129 17.65 -19.81 -43.60
CA MET Z 129 18.61 -20.67 -43.03
C MET Z 129 19.72 -20.59 -44.03
N LEU Z 130 20.97 -20.65 -43.58
CA LEU Z 130 22.08 -20.63 -44.49
C LEU Z 130 23.16 -21.43 -43.85
N ALA Z 131 24.13 -21.88 -44.66
CA ALA Z 131 25.29 -22.57 -44.16
C ALA Z 131 26.48 -21.87 -44.72
N THR Z 132 27.63 -22.04 -44.05
CA THR Z 132 28.88 -21.44 -44.46
C THR Z 132 30.00 -22.38 -44.02
N CYS Z 133 31.11 -22.40 -44.79
CA CYS Z 133 32.28 -23.21 -44.50
C CYS Z 133 33.56 -22.47 -44.79
N SER Z 134 34.56 -22.69 -43.92
CA SER Z 134 35.65 -21.77 -43.73
C SER Z 134 36.97 -22.49 -43.62
N ALA Z 135 38.09 -21.75 -43.52
CA ALA Z 135 39.38 -22.38 -43.25
C ALA Z 135 39.44 -23.05 -41.85
N ASP Z 136 38.58 -22.67 -40.85
CA ASP Z 136 38.44 -23.21 -39.48
C ASP Z 136 37.89 -24.60 -39.64
N GLY Z 137 37.19 -24.82 -40.76
CA GLY Z 137 36.76 -26.12 -41.22
C GLY Z 137 35.52 -26.52 -40.50
N VAL Z 138 34.86 -25.52 -39.92
CA VAL Z 138 33.67 -25.64 -39.13
C VAL Z 138 32.56 -25.13 -40.02
N VAL Z 139 31.64 -26.03 -40.40
CA VAL Z 139 30.39 -25.67 -41.06
C VAL Z 139 29.52 -25.05 -40.00
N ARG Z 140 28.90 -23.90 -40.30
CA ARG Z 140 28.00 -23.24 -39.39
C ARG Z 140 26.72 -23.03 -40.13
N ILE Z 141 25.58 -23.18 -39.44
CA ILE Z 141 24.25 -22.93 -39.96
C ILE Z 141 23.67 -21.81 -39.16
N TYR Z 142 23.11 -20.79 -39.82
CA TYR Z 142 22.48 -19.68 -39.16
C TYR Z 142 21.05 -19.71 -39.61
N GLU Z 143 20.11 -19.37 -38.71
CA GLU Z 143 18.70 -19.25 -39.03
C GLU Z 143 18.26 -17.86 -38.68
N ALA Z 144 17.24 -17.34 -39.39
CA ALA Z 144 16.51 -16.17 -38.92
C ALA Z 144 15.25 -16.71 -38.22
N PRO Z 145 15.12 -16.80 -36.88
CA PRO Z 145 14.00 -17.49 -36.22
C PRO Z 145 12.73 -16.69 -36.36
N ASP Z 146 12.85 -15.36 -36.44
CA ASP Z 146 11.78 -14.50 -36.84
C ASP Z 146 12.11 -14.10 -38.28
N VAL Z 147 11.16 -14.38 -39.22
CA VAL Z 147 11.16 -13.89 -40.59
C VAL Z 147 11.09 -12.37 -40.61
N MET Z 148 10.32 -11.75 -39.69
CA MET Z 148 10.18 -10.31 -39.61
C MET Z 148 11.47 -9.60 -39.28
N ASN Z 149 12.25 -10.13 -38.33
CA ASN Z 149 13.54 -9.58 -38.00
C ASN Z 149 14.62 -10.22 -38.88
N LEU Z 150 14.91 -9.57 -40.03
CA LEU Z 150 15.98 -9.99 -40.91
C LEU Z 150 17.37 -9.78 -40.35
N SER Z 151 17.53 -8.96 -39.28
CA SER Z 151 18.76 -8.80 -38.52
C SER Z 151 18.97 -9.90 -37.49
N GLN Z 152 17.87 -10.51 -36.99
CA GLN Z 152 17.90 -11.59 -36.00
C GLN Z 152 18.39 -12.87 -36.67
N TRP Z 153 19.71 -13.06 -36.76
CA TRP Z 153 20.30 -14.28 -37.23
C TRP Z 153 20.93 -14.96 -36.03
N SER Z 154 20.38 -16.13 -35.68
CA SER Z 154 20.91 -16.97 -34.62
C SER Z 154 21.86 -17.96 -35.27
N LEU Z 155 22.77 -18.55 -34.48
CA LEU Z 155 23.64 -19.61 -34.93
C LEU Z 155 23.00 -20.92 -34.52
N GLN Z 156 22.44 -21.67 -35.49
CA GLN Z 156 21.77 -22.93 -35.26
C GLN Z 156 22.69 -24.09 -34.92
N HIS Z 157 23.82 -24.23 -35.64
CA HIS Z 157 24.65 -25.40 -35.49
C HIS Z 157 26.06 -25.12 -35.93
N GLU Z 158 27.00 -25.91 -35.40
CA GLU Z 158 28.41 -25.91 -35.71
C GLU Z 158 28.85 -27.37 -35.76
N ILE Z 159 29.58 -27.78 -36.82
CA ILE Z 159 30.16 -29.12 -36.93
C ILE Z 159 31.56 -28.98 -37.45
N SER Z 160 32.42 -29.98 -37.19
CA SER Z 160 33.82 -29.97 -37.61
C SER Z 160 34.00 -30.82 -38.87
N CYS Z 161 34.91 -30.37 -39.75
CA CYS Z 161 35.31 -31.04 -40.98
C CYS Z 161 36.81 -31.34 -40.92
N LYS Z 162 37.56 -30.99 -41.98
CA LYS Z 162 39.00 -31.07 -42.06
C LYS Z 162 39.46 -29.68 -42.49
N LEU Z 163 40.63 -29.58 -43.14
CA LEU Z 163 41.29 -28.33 -43.42
C LEU Z 163 41.78 -28.30 -44.85
N SER Z 164 41.37 -27.26 -45.61
CA SER Z 164 41.86 -26.79 -46.93
C SER Z 164 40.68 -26.27 -47.75
N CYS Z 165 40.46 -26.78 -49.00
CA CYS Z 165 39.37 -26.41 -49.91
C CYS Z 165 38.00 -26.52 -49.25
N SER Z 166 36.95 -25.88 -49.81
CA SER Z 166 35.62 -26.13 -49.27
C SER Z 166 34.59 -25.79 -50.34
N CYS Z 167 33.42 -26.46 -50.30
CA CYS Z 167 32.24 -26.07 -51.04
C CYS Z 167 31.07 -26.65 -50.25
N ILE Z 168 29.88 -26.02 -50.35
CA ILE Z 168 28.66 -26.54 -49.75
C ILE Z 168 27.58 -26.65 -50.78
N SER Z 169 26.68 -27.61 -50.58
CA SER Z 169 25.51 -27.64 -51.40
C SER Z 169 24.36 -28.36 -50.75
N TRP Z 170 23.31 -27.61 -50.32
CA TRP Z 170 22.10 -28.15 -49.73
C TRP Z 170 21.33 -29.03 -50.68
N ASN Z 171 20.57 -30.00 -50.14
CA ASN Z 171 19.50 -30.66 -50.86
C ASN Z 171 18.36 -29.62 -51.12
N PRO Z 172 18.07 -29.17 -52.36
CA PRO Z 172 16.94 -28.32 -52.77
C PRO Z 172 15.60 -29.03 -52.73
N SER Z 173 15.52 -30.37 -52.44
CA SER Z 173 14.26 -31.08 -52.27
C SER Z 173 13.31 -30.36 -51.35
N SER Z 174 12.06 -30.17 -51.81
CA SER Z 174 11.04 -29.58 -50.97
C SER Z 174 10.76 -30.46 -49.75
N SER Z 175 10.64 -29.84 -48.56
CA SER Z 175 10.48 -30.64 -47.37
C SER Z 175 9.01 -30.75 -47.12
N ARG Z 176 8.66 -31.97 -46.71
CA ARG Z 176 7.36 -32.57 -46.53
C ARG Z 176 7.50 -33.90 -47.24
N ALA Z 177 7.99 -33.87 -48.49
CA ALA Z 177 8.48 -35.01 -49.25
C ALA Z 177 9.80 -35.61 -48.75
N HIS Z 178 10.83 -34.76 -48.48
CA HIS Z 178 12.15 -35.25 -48.09
C HIS Z 178 12.70 -34.53 -46.88
N SER Z 179 13.78 -35.12 -46.34
CA SER Z 179 14.53 -34.63 -45.19
C SER Z 179 15.67 -33.72 -45.65
N PRO Z 180 16.14 -32.79 -44.83
CA PRO Z 180 17.30 -31.97 -45.15
C PRO Z 180 18.61 -32.73 -45.00
N MET Z 181 19.56 -32.44 -45.90
CA MET Z 181 20.90 -32.98 -45.85
C MET Z 181 21.73 -32.05 -46.72
N ILE Z 182 23.06 -32.10 -46.56
CA ILE Z 182 23.94 -31.18 -47.24
C ILE Z 182 25.28 -31.87 -47.48
N ALA Z 183 25.86 -31.65 -48.68
CA ALA Z 183 27.14 -32.19 -49.05
C ALA Z 183 28.20 -31.13 -48.90
N VAL Z 184 29.36 -31.51 -48.31
CA VAL Z 184 30.49 -30.64 -48.10
C VAL Z 184 31.66 -31.32 -48.80
N GLY Z 185 32.33 -30.56 -49.65
CA GLY Z 185 33.47 -31.06 -50.40
C GLY Z 185 34.73 -30.26 -50.15
N SER Z 186 35.62 -30.79 -49.31
CA SER Z 186 36.86 -30.12 -48.98
C SER Z 186 38.07 -30.94 -49.44
N ASP Z 187 38.99 -30.28 -50.14
CA ASP Z 187 40.19 -30.95 -50.62
C ASP Z 187 39.83 -32.13 -51.54
N ASP Z 188 40.43 -33.29 -51.30
CA ASP Z 188 40.16 -34.47 -52.11
C ASP Z 188 40.86 -34.39 -53.45
N GLY Z 195 41.10 -38.05 -53.54
CA GLY Z 195 39.69 -37.96 -53.83
C GLY Z 195 38.83 -38.41 -52.66
N LYS Z 196 38.45 -37.46 -51.80
CA LYS Z 196 37.64 -37.75 -50.63
C LYS Z 196 36.33 -36.94 -50.62
N VAL Z 197 35.22 -37.60 -50.34
CA VAL Z 197 33.91 -36.95 -50.28
C VAL Z 197 33.25 -37.07 -48.91
N GLN Z 198 32.75 -35.94 -48.40
CA GLN Z 198 32.08 -35.92 -47.11
C GLN Z 198 30.61 -35.50 -47.25
N ILE Z 199 29.71 -36.27 -46.66
CA ILE Z 199 28.27 -35.97 -46.73
C ILE Z 199 27.62 -35.96 -45.35
N TYR Z 200 26.63 -35.08 -45.17
CA TYR Z 200 25.93 -34.97 -43.89
C TYR Z 200 24.41 -34.88 -44.03
N GLU Z 201 23.71 -35.34 -42.98
CA GLU Z 201 22.26 -35.32 -42.94
C GLU Z 201 21.83 -34.61 -41.67
N TYR Z 202 20.51 -34.60 -41.39
CA TYR Z 202 19.91 -34.02 -40.21
C TYR Z 202 19.21 -35.14 -39.45
N ASN Z 203 19.33 -35.17 -38.10
CA ASN Z 203 18.71 -36.21 -37.28
C ASN Z 203 17.26 -35.87 -36.93
N GLU Z 204 16.46 -36.84 -36.42
CA GLU Z 204 15.05 -36.64 -36.11
C GLU Z 204 14.69 -35.47 -35.17
N ASN Z 205 15.17 -35.54 -33.91
CA ASN Z 205 14.92 -34.55 -32.88
C ASN Z 205 16.14 -34.34 -32.00
N THR Z 206 17.26 -34.97 -32.36
CA THR Z 206 18.58 -34.61 -31.84
C THR Z 206 18.89 -33.21 -32.26
N ARG Z 207 18.41 -32.87 -33.47
CA ARG Z 207 18.45 -31.58 -34.13
C ARG Z 207 19.87 -31.19 -34.42
N LYS Z 208 20.66 -32.23 -34.77
CA LYS Z 208 22.07 -32.15 -34.99
C LYS Z 208 22.30 -32.82 -36.31
N TYR Z 209 23.39 -32.42 -36.97
CA TYR Z 209 23.78 -33.00 -38.23
C TYR Z 209 24.63 -34.22 -37.94
N ALA Z 210 24.37 -35.32 -38.66
CA ALA Z 210 25.11 -36.55 -38.54
C ALA Z 210 25.77 -36.83 -39.88
N LYS Z 211 26.86 -37.61 -39.88
CA LYS Z 211 27.50 -38.06 -41.11
C LYS Z 211 26.86 -39.36 -41.53
N ALA Z 212 25.86 -39.29 -42.41
CA ALA Z 212 25.23 -40.47 -42.98
C ALA Z 212 26.17 -41.33 -43.82
N GLU Z 213 26.99 -40.66 -44.66
CA GLU Z 213 27.82 -41.31 -45.64
C GLU Z 213 28.88 -40.36 -46.19
N THR Z 214 29.69 -40.86 -47.13
CA THR Z 214 30.76 -40.11 -47.76
C THR Z 214 30.70 -40.39 -49.25
N LEU Z 215 31.15 -39.44 -50.11
CA LEU Z 215 31.28 -39.71 -51.53
C LEU Z 215 32.70 -40.16 -51.80
N MET Z 216 32.89 -41.43 -52.18
CA MET Z 216 34.23 -41.94 -52.43
C MET Z 216 34.69 -41.79 -53.86
N SER Z 217 35.98 -42.03 -54.06
CA SER Z 217 36.57 -41.93 -55.39
C SER Z 217 36.69 -40.49 -55.85
N VAL Z 218 36.68 -39.55 -54.91
CA VAL Z 218 36.86 -38.15 -55.29
C VAL Z 218 38.30 -38.01 -55.79
N SER Z 219 38.52 -37.25 -56.86
CA SER Z 219 39.88 -37.09 -57.39
C SER Z 219 40.37 -35.64 -57.50
N ASP Z 220 41.56 -35.38 -56.97
CA ASP Z 220 42.16 -34.05 -57.01
C ASP Z 220 41.40 -33.14 -56.06
N PRO Z 221 41.57 -31.83 -56.19
CA PRO Z 221 40.81 -30.94 -55.31
C PRO Z 221 39.39 -30.71 -55.80
N VAL Z 222 38.40 -30.89 -54.89
CA VAL Z 222 37.01 -30.70 -55.25
C VAL Z 222 36.81 -29.24 -55.33
N HIS Z 223 36.85 -28.76 -56.59
CA HIS Z 223 36.64 -27.38 -56.88
C HIS Z 223 35.21 -26.99 -56.59
N ASP Z 224 34.27 -27.87 -56.97
CA ASP Z 224 32.87 -27.56 -56.86
C ASP Z 224 32.02 -28.81 -56.65
N ILE Z 225 30.84 -28.60 -56.05
CA ILE Z 225 29.86 -29.64 -55.81
C ILE Z 225 28.49 -28.99 -55.84
N ALA Z 226 27.50 -29.68 -56.44
CA ALA Z 226 26.17 -29.19 -56.41
C ALA Z 226 25.22 -30.37 -56.30
N PHE Z 227 24.09 -30.16 -55.61
CA PHE Z 227 23.05 -31.14 -55.47
C PHE Z 227 22.07 -30.76 -56.54
N ALA Z 228 21.45 -31.76 -57.19
CA ALA Z 228 20.51 -31.52 -58.25
C ALA Z 228 19.07 -31.49 -57.74
N PRO Z 229 18.20 -30.58 -58.16
CA PRO Z 229 16.77 -30.73 -57.94
C PRO Z 229 16.18 -32.11 -58.27
N ASN Z 230 15.53 -32.76 -57.28
CA ASN Z 230 15.01 -34.12 -57.37
C ASN Z 230 13.55 -34.10 -57.79
N LEU Z 231 13.23 -33.35 -58.86
CA LEU Z 231 11.86 -33.16 -59.22
C LEU Z 231 11.33 -34.39 -59.97
N GLY Z 232 10.38 -35.13 -59.34
CA GLY Z 232 9.80 -36.33 -59.94
C GLY Z 232 10.63 -37.59 -59.83
N ARG Z 233 11.79 -37.53 -59.14
CA ARG Z 233 12.67 -38.67 -58.91
C ARG Z 233 12.76 -38.93 -57.43
N SER Z 234 12.66 -40.22 -57.04
CA SER Z 234 12.84 -40.66 -55.67
C SER Z 234 14.24 -40.49 -55.15
N PHE Z 235 15.22 -40.82 -56.01
CA PHE Z 235 16.62 -40.73 -55.69
C PHE Z 235 17.14 -39.31 -55.91
N HIS Z 236 18.29 -39.05 -55.30
CA HIS Z 236 18.93 -37.76 -55.38
C HIS Z 236 20.23 -37.88 -56.11
N ILE Z 237 20.65 -36.79 -56.75
CA ILE Z 237 21.86 -36.73 -57.55
C ILE Z 237 22.70 -35.55 -57.08
N LEU Z 238 24.03 -35.76 -56.96
CA LEU Z 238 25.00 -34.73 -56.64
C LEU Z 238 26.13 -34.92 -57.61
N ALA Z 239 26.62 -33.80 -58.16
CA ALA Z 239 27.73 -33.84 -59.06
C ALA Z 239 28.83 -33.03 -58.45
N VAL Z 240 30.06 -33.53 -58.63
CA VAL Z 240 31.26 -32.87 -58.17
C VAL Z 240 32.04 -32.59 -59.43
N ALA Z 241 32.61 -31.38 -59.47
CA ALA Z 241 33.69 -31.03 -60.34
C ALA Z 241 34.92 -31.14 -59.48
N THR Z 242 35.60 -32.30 -59.56
CA THR Z 242 36.96 -32.43 -59.10
C THR Z 242 37.84 -31.99 -60.29
N LYS Z 243 39.07 -32.49 -60.50
CA LYS Z 243 39.74 -32.46 -61.82
C LYS Z 243 39.38 -33.71 -62.61
N ASP Z 244 38.08 -34.01 -62.56
CA ASP Z 244 37.34 -35.06 -63.22
C ASP Z 244 35.90 -34.65 -62.88
N VAL Z 245 34.86 -35.04 -63.66
CA VAL Z 245 33.47 -34.83 -63.26
C VAL Z 245 32.91 -36.13 -62.74
N ARG Z 246 32.20 -36.10 -61.61
CA ARG Z 246 31.54 -37.28 -61.12
C ARG Z 246 30.13 -36.93 -60.78
N ILE Z 247 29.26 -37.96 -60.89
CA ILE Z 247 27.86 -37.90 -60.54
C ILE Z 247 27.62 -39.05 -59.58
N PHE Z 248 26.99 -38.77 -58.42
CA PHE Z 248 26.63 -39.76 -57.43
C PHE Z 248 25.13 -39.77 -57.29
N THR Z 249 24.58 -40.99 -57.11
CA THR Z 249 23.16 -41.22 -56.86
C THR Z 249 23.04 -41.65 -55.45
N MET Z 250 22.26 -40.89 -54.64
CA MET Z 250 21.94 -41.25 -53.28
C MET Z 250 20.55 -41.85 -53.27
N LYS Z 251 20.36 -42.93 -52.51
CA LYS Z 251 19.04 -43.46 -52.27
C LYS Z 251 18.92 -43.71 -50.77
N PRO Z 252 17.99 -43.14 -50.02
CA PRO Z 252 17.65 -43.65 -48.71
C PRO Z 252 16.76 -44.89 -48.82
N LEU Z 253 16.93 -45.85 -47.90
CA LEU Z 253 16.11 -47.02 -47.86
C LEU Z 253 15.98 -47.39 -46.41
N ARG Z 254 14.88 -48.07 -46.04
CA ARG Z 254 14.76 -48.57 -44.70
C ARG Z 254 13.81 -49.75 -44.73
N VAL Z 263 19.36 -49.58 -38.02
CA VAL Z 263 19.85 -48.20 -37.91
C VAL Z 263 20.06 -47.33 -39.17
N THR Z 264 21.07 -47.61 -40.05
CA THR Z 264 21.52 -46.65 -41.08
C THR Z 264 20.53 -46.61 -42.22
N LYS Z 265 20.45 -45.50 -42.99
CA LYS Z 265 19.45 -45.44 -44.05
C LYS Z 265 19.95 -44.78 -45.32
N PHE Z 266 21.21 -45.03 -45.71
CA PHE Z 266 21.79 -44.37 -46.86
C PHE Z 266 22.61 -45.35 -47.64
N GLU Z 267 22.69 -45.07 -48.95
CA GLU Z 267 23.42 -45.79 -49.97
C GLU Z 267 23.82 -44.74 -50.99
N ILE Z 268 25.02 -44.92 -51.60
CA ILE Z 268 25.41 -44.20 -52.79
C ILE Z 268 25.78 -45.19 -53.85
N HIS Z 269 25.59 -44.75 -55.09
CA HIS Z 269 26.15 -45.33 -56.27
C HIS Z 269 26.86 -44.20 -56.98
N THR Z 270 27.84 -44.53 -57.83
CA THR Z 270 28.53 -43.57 -58.67
C THR Z 270 27.99 -43.78 -60.06
N VAL Z 271 27.21 -42.82 -60.61
CA VAL Z 271 26.60 -42.91 -61.93
C VAL Z 271 27.60 -42.85 -63.06
N ALA Z 272 28.49 -41.84 -63.03
CA ALA Z 272 29.40 -41.65 -64.12
C ALA Z 272 30.57 -40.83 -63.66
N GLN Z 273 31.65 -40.95 -64.46
CA GLN Z 273 32.87 -40.20 -64.36
C GLN Z 273 33.11 -39.68 -65.76
N PHE Z 274 33.69 -38.47 -65.88
CA PHE Z 274 33.95 -37.87 -67.17
C PHE Z 274 35.18 -36.99 -67.13
N ASP Z 275 36.18 -37.33 -67.97
CA ASP Z 275 37.46 -36.68 -68.01
C ASP Z 275 37.66 -35.92 -69.31
N ASN Z 276 36.62 -35.74 -70.17
CA ASN Z 276 36.81 -35.17 -71.52
C ASN Z 276 37.25 -33.70 -71.53
N HIS Z 277 37.16 -33.03 -70.36
CA HIS Z 277 37.83 -31.78 -70.06
C HIS Z 277 39.35 -31.90 -70.09
N ASN Z 278 39.94 -33.05 -69.69
CA ASN Z 278 41.38 -33.33 -69.66
C ASN Z 278 42.17 -32.46 -68.71
N SER Z 279 41.53 -32.05 -67.60
CA SER Z 279 41.98 -30.93 -66.80
C SER Z 279 41.05 -30.66 -65.65
N GLN Z 280 41.27 -29.55 -64.89
CA GLN Z 280 40.42 -29.20 -63.77
C GLN Z 280 39.04 -28.86 -64.22
N VAL Z 281 38.03 -29.39 -63.52
CA VAL Z 281 36.68 -29.00 -63.75
C VAL Z 281 36.44 -27.99 -62.64
N TRP Z 282 36.37 -26.69 -62.97
CA TRP Z 282 36.15 -25.68 -61.95
C TRP Z 282 34.72 -25.53 -61.49
N ARG Z 283 33.75 -25.57 -62.41
CA ARG Z 283 32.36 -25.33 -62.07
C ARG Z 283 31.52 -26.50 -62.49
N VAL Z 284 30.58 -26.89 -61.63
CA VAL Z 284 29.52 -27.81 -61.97
C VAL Z 284 28.20 -27.12 -61.62
N SER Z 285 27.20 -27.14 -62.52
CA SER Z 285 25.93 -26.48 -62.25
C SER Z 285 24.82 -27.36 -62.75
N TRP Z 286 23.62 -27.24 -62.18
CA TRP Z 286 22.47 -28.03 -62.56
C TRP Z 286 21.45 -27.13 -63.18
N ASN Z 287 20.52 -27.74 -63.92
CA ASN Z 287 19.33 -27.11 -64.42
C ASN Z 287 18.37 -26.80 -63.28
N ILE Z 288 17.35 -25.94 -63.52
CA ILE Z 288 16.25 -25.73 -62.56
C ILE Z 288 15.47 -26.99 -62.27
N THR Z 289 15.17 -27.78 -63.31
CA THR Z 289 14.50 -29.07 -63.18
C THR Z 289 15.40 -30.17 -62.65
N GLY Z 290 16.74 -30.02 -62.77
CA GLY Z 290 17.75 -31.07 -62.56
C GLY Z 290 17.98 -31.98 -63.75
N THR Z 291 17.30 -31.68 -64.88
CA THR Z 291 17.40 -32.39 -66.17
C THR Z 291 18.79 -32.37 -66.81
N VAL Z 292 19.43 -31.19 -66.81
CA VAL Z 292 20.71 -30.89 -67.43
C VAL Z 292 21.70 -30.66 -66.31
N LEU Z 293 22.92 -31.17 -66.50
CA LEU Z 293 24.08 -30.83 -65.70
C LEU Z 293 24.97 -30.02 -66.62
N ALA Z 294 25.80 -29.12 -66.08
CA ALA Z 294 26.83 -28.47 -66.83
C ALA Z 294 28.15 -28.65 -66.11
N SER Z 295 29.25 -28.61 -66.87
CA SER Z 295 30.58 -28.66 -66.32
C SER Z 295 31.45 -27.72 -67.14
N SER Z 296 32.46 -27.07 -66.50
CA SER Z 296 33.40 -26.20 -67.19
C SER Z 296 34.79 -26.52 -66.71
N GLY Z 297 35.84 -26.20 -67.46
CA GLY Z 297 37.17 -26.55 -66.98
C GLY Z 297 38.26 -25.80 -67.67
N ASP Z 298 39.53 -26.21 -67.47
CA ASP Z 298 40.68 -25.51 -68.04
C ASP Z 298 40.81 -25.66 -69.56
N ASP Z 299 40.11 -26.64 -70.20
CA ASP Z 299 40.01 -26.75 -71.66
C ASP Z 299 39.31 -25.53 -72.26
N GLY Z 300 38.54 -24.81 -71.40
CA GLY Z 300 37.83 -23.59 -71.76
C GLY Z 300 36.52 -23.92 -72.41
N THR Z 301 36.08 -25.15 -72.15
CA THR Z 301 34.91 -25.77 -72.73
C THR Z 301 33.90 -25.95 -71.62
N VAL Z 302 32.62 -25.75 -71.99
CA VAL Z 302 31.49 -25.95 -71.11
C VAL Z 302 30.70 -27.07 -71.72
N ARG Z 303 30.43 -28.14 -70.96
CA ARG Z 303 29.73 -29.32 -71.47
C ARG Z 303 28.38 -29.36 -70.80
N LEU Z 304 27.31 -29.64 -71.59
CA LEU Z 304 25.98 -29.88 -71.08
C LEU Z 304 25.72 -31.36 -71.11
N TRP Z 305 25.06 -31.89 -70.07
CA TRP Z 305 24.83 -33.31 -69.92
C TRP Z 305 23.36 -33.63 -69.80
N LYS Z 306 22.93 -34.76 -70.39
CA LYS Z 306 21.59 -35.30 -70.20
C LYS Z 306 21.71 -36.66 -69.61
N ALA Z 307 20.64 -37.11 -68.92
CA ALA Z 307 20.56 -38.45 -68.45
C ALA Z 307 19.99 -39.30 -69.58
N ASN Z 308 20.55 -40.51 -69.76
CA ASN Z 308 20.02 -41.53 -70.63
C ASN Z 308 18.79 -42.17 -69.99
N TYR Z 309 18.06 -43.02 -70.74
CA TYR Z 309 17.06 -43.94 -70.20
C TYR Z 309 17.65 -44.93 -69.21
N MET Z 310 18.91 -45.32 -69.43
CA MET Z 310 19.68 -46.16 -68.55
C MET Z 310 20.16 -45.50 -67.27
N ASP Z 311 19.99 -44.16 -67.16
CA ASP Z 311 20.45 -43.31 -66.08
C ASP Z 311 21.95 -43.02 -66.11
N ASN Z 312 22.61 -43.37 -67.24
CA ASN Z 312 23.98 -42.96 -67.55
C ASN Z 312 23.92 -41.52 -68.01
N TRP Z 313 24.99 -40.73 -67.88
CA TRP Z 313 24.97 -39.37 -68.42
C TRP Z 313 25.62 -39.38 -69.77
N LYS Z 314 25.16 -38.49 -70.66
CA LYS Z 314 25.77 -38.30 -71.97
C LYS Z 314 25.98 -36.83 -72.15
N CYS Z 315 27.07 -36.44 -72.85
CA CYS Z 315 27.29 -35.05 -73.16
C CYS Z 315 26.42 -34.72 -74.37
N ILE Z 316 25.45 -33.80 -74.19
CA ILE Z 316 24.62 -33.27 -75.26
C ILE Z 316 25.44 -32.46 -76.24
N GLY Z 317 26.29 -31.56 -75.71
CA GLY Z 317 27.00 -30.64 -76.55
C GLY Z 317 27.95 -29.85 -75.71
N VAL Z 318 28.88 -29.18 -76.40
CA VAL Z 318 29.97 -28.45 -75.80
C VAL Z 318 30.02 -27.06 -76.37
N LEU Z 319 30.01 -26.06 -75.49
CA LEU Z 319 30.31 -24.68 -75.82
C LEU Z 319 31.80 -24.47 -75.58
N LYS Z 320 32.44 -23.58 -76.35
CA LYS Z 320 33.86 -23.29 -76.25
C LYS Z 320 34.00 -21.80 -76.08
N GLY Z 321 35.22 -21.34 -75.78
CA GLY Z 321 35.53 -19.93 -75.67
C GLY Z 321 37.02 -19.83 -75.54
N LEU AA 42 -112.09 38.83 38.95
CA LEU AA 42 -110.89 38.41 38.16
C LEU AA 42 -110.77 36.91 38.17
N GLU AA 43 -110.06 36.35 37.20
CA GLU AA 43 -109.82 34.94 37.11
C GLU AA 43 -108.49 34.81 36.42
N ARG AA 44 -107.73 33.74 36.69
CA ARG AA 44 -106.45 33.53 36.05
C ARG AA 44 -106.64 32.51 34.95
N SER AA 45 -105.86 32.59 33.86
CA SER AA 45 -105.92 31.57 32.81
C SER AA 45 -104.89 30.49 33.07
N TYR AA 46 -105.28 29.20 32.93
CA TYR AA 46 -104.28 28.15 32.74
C TYR AA 46 -103.91 28.06 31.29
N MET AA 47 -102.72 27.51 31.03
CA MET AA 47 -102.28 27.15 29.72
C MET AA 47 -101.96 25.68 29.79
N GLU AA 48 -102.13 24.93 28.69
CA GLU AA 48 -101.70 23.55 28.66
C GLU AA 48 -100.53 23.34 27.74
N LEU AA 49 -99.73 22.33 28.07
CA LEU AA 49 -98.63 21.86 27.27
C LEU AA 49 -99.07 20.57 26.65
N ILE AA 50 -98.91 20.41 25.31
CA ILE AA 50 -99.42 19.29 24.56
C ILE AA 50 -98.23 18.48 24.07
N GLY AA 51 -98.26 17.14 24.25
CA GLY AA 51 -97.31 16.20 23.66
C GLY AA 51 -98.07 15.16 22.87
N ALA AA 52 -97.71 14.96 21.59
CA ALA AA 52 -98.33 13.97 20.74
C ALA AA 52 -98.01 12.54 21.09
N GLU AA 53 -99.06 11.68 21.17
CA GLU AA 53 -98.91 10.27 21.40
C GLU AA 53 -98.57 9.55 20.11
N ARG AA 54 -97.30 9.64 19.76
CA ARG AA 54 -96.72 9.03 18.60
C ARG AA 54 -95.41 8.49 19.09
N GLU AA 55 -94.73 7.67 18.30
CA GLU AA 55 -93.46 7.13 18.73
C GLU AA 55 -92.35 8.12 18.94
N THR AA 56 -91.61 7.90 20.04
CA THR AA 56 -90.41 8.63 20.39
C THR AA 56 -89.33 8.37 19.37
N SER AA 57 -88.72 9.42 18.76
CA SER AA 57 -87.86 9.29 17.58
C SER AA 57 -86.45 8.79 17.88
N ARG AA 58 -86.30 8.00 18.94
CA ARG AA 58 -85.08 7.43 19.48
C ARG AA 58 -85.41 6.18 20.25
N ARG AA 59 -86.62 5.67 20.01
CA ARG AA 59 -87.10 4.46 20.61
C ARG AA 59 -87.95 3.84 19.52
N ASN AA 60 -88.64 2.76 19.85
CA ASN AA 60 -89.42 2.00 18.91
C ASN AA 60 -90.54 1.41 19.76
N PHE AA 61 -91.03 0.20 19.44
CA PHE AA 61 -92.21 -0.34 20.06
C PHE AA 61 -91.93 -1.67 20.73
N ARG AA 62 -92.95 -2.26 21.37
CA ARG AA 62 -92.86 -3.64 21.78
C ARG AA 62 -94.23 -4.26 21.70
N ASP AA 63 -94.39 -5.27 20.83
CA ASP AA 63 -95.71 -5.75 20.45
C ASP AA 63 -96.11 -7.01 21.18
N LEU AA 64 -97.41 -7.19 21.44
CA LEU AA 64 -97.90 -8.39 22.07
C LEU AA 64 -99.22 -8.76 21.43
N SER AA 65 -99.50 -10.06 21.31
CA SER AA 65 -100.84 -10.55 21.01
C SER AA 65 -101.21 -11.42 22.18
N LEU AA 66 -102.45 -11.28 22.69
CA LEU AA 66 -102.96 -12.12 23.76
C LEU AA 66 -103.25 -13.55 23.32
N ARG AA 67 -103.77 -13.73 22.09
CA ARG AA 67 -104.41 -14.98 21.70
C ARG AA 67 -104.91 -14.83 20.25
N PRO AA 68 -104.96 -15.87 19.40
CA PRO AA 68 -105.15 -15.78 17.94
C PRO AA 68 -106.17 -14.83 17.29
N ASP AA 69 -105.71 -13.77 16.61
CA ASP AA 69 -106.50 -12.68 16.08
C ASP AA 69 -107.63 -13.04 15.08
N GLY AA 75 -110.78 3.11 10.28
CA GLY AA 75 -110.14 4.41 9.97
C GLY AA 75 -109.78 5.30 11.14
N GLY AA 76 -110.74 6.12 11.63
CA GLY AA 76 -110.66 6.82 12.93
C GLY AA 76 -110.27 5.95 14.11
N PRO AA 77 -110.76 4.72 14.26
CA PRO AA 77 -110.09 3.63 14.97
C PRO AA 77 -108.58 3.54 15.05
N LYS AA 78 -107.82 3.67 13.93
CA LYS AA 78 -106.39 3.39 13.90
C LYS AA 78 -105.59 4.27 14.83
N TYR AA 79 -105.85 5.58 14.89
CA TYR AA 79 -104.97 6.45 15.66
C TYR AA 79 -105.73 7.33 16.62
N ALA AA 80 -107.04 7.13 16.79
CA ALA AA 80 -107.82 7.93 17.69
C ALA AA 80 -108.53 7.04 18.73
N ASP AA 81 -108.10 7.15 20.00
CA ASP AA 81 -108.53 6.39 21.19
C ASP AA 81 -110.04 6.45 21.51
N CYS AA 82 -110.63 5.43 22.12
CA CYS AA 82 -112.03 5.49 22.53
C CYS AA 82 -112.18 5.80 24.01
N ALA AA 83 -111.12 5.65 24.82
CA ALA AA 83 -111.17 5.76 26.26
C ALA AA 83 -109.84 5.33 26.86
N GLY AA 84 -109.04 6.31 27.29
CA GLY AA 84 -107.76 6.06 27.92
C GLY AA 84 -107.78 6.45 29.35
N GLY AA 85 -106.71 6.09 30.08
CA GLY AA 85 -106.49 6.52 31.45
C GLY AA 85 -105.02 6.54 31.74
N TYR AA 86 -104.61 7.18 32.84
CA TYR AA 86 -103.24 7.14 33.31
C TYR AA 86 -103.19 6.20 34.51
N CYS AA 87 -102.00 5.75 34.91
CA CYS AA 87 -101.91 5.04 36.17
C CYS AA 87 -100.63 5.37 36.85
N TYR AA 88 -100.72 5.41 38.18
CA TYR AA 88 -99.65 5.88 39.00
C TYR AA 88 -99.47 4.90 40.13
N SER AA 89 -98.38 4.15 40.14
CA SER AA 89 -98.20 3.11 41.14
C SER AA 89 -97.35 3.64 42.27
N GLU AA 90 -97.90 4.59 43.05
CA GLU AA 90 -97.23 5.46 44.01
C GLU AA 90 -96.28 4.73 44.96
N SER AA 91 -95.12 5.32 45.29
CA SER AA 91 -94.10 4.58 46.01
C SER AA 91 -94.29 4.57 47.51
N SER AA 92 -95.34 5.23 48.02
CA SER AA 92 -95.85 5.03 49.36
C SER AA 92 -96.47 3.63 49.55
N SER AA 93 -97.27 3.14 48.58
CA SER AA 93 -97.71 1.75 48.55
C SER AA 93 -96.67 0.83 47.90
N LEU AA 94 -96.13 1.21 46.73
CA LEU AA 94 -95.22 0.42 45.92
C LEU AA 94 -93.79 0.91 46.02
N LEU AA 95 -93.12 0.67 47.15
CA LEU AA 95 -91.76 1.17 47.35
C LEU AA 95 -90.73 0.55 46.41
N SER AA 96 -90.98 -0.69 45.93
CA SER AA 96 -90.13 -1.40 44.99
C SER AA 96 -90.05 -0.80 43.60
N ALA AA 97 -90.96 0.13 43.25
CA ALA AA 97 -90.94 0.73 41.94
C ALA AA 97 -90.13 2.01 41.90
N THR AA 98 -89.56 2.44 43.03
CA THR AA 98 -88.77 3.66 43.21
C THR AA 98 -87.93 4.16 42.02
N ARG AA 99 -88.10 5.41 41.53
CA ARG AA 99 -89.31 6.24 41.63
C ARG AA 99 -90.43 5.68 40.75
N ASN AA 100 -91.69 5.78 41.22
CA ASN AA 100 -92.82 5.08 40.63
C ASN AA 100 -93.07 5.39 39.17
N ARG AA 101 -93.54 4.40 38.40
CA ARG AA 101 -93.79 4.53 36.98
C ARG AA 101 -95.18 5.09 36.72
N PHE AA 102 -95.24 6.03 35.76
CA PHE AA 102 -96.41 6.78 35.38
C PHE AA 102 -96.68 6.29 33.99
N LEU AA 103 -97.74 5.48 33.85
CA LEU AA 103 -98.06 4.91 32.58
C LEU AA 103 -99.32 5.56 32.06
N HIS AA 104 -99.42 5.59 30.74
CA HIS AA 104 -100.54 6.12 30.00
C HIS AA 104 -101.11 4.93 29.28
N TRP AA 105 -102.43 4.71 29.29
CA TRP AA 105 -103.06 3.58 28.63
C TRP AA 105 -104.13 4.13 27.72
N THR AA 106 -104.12 3.72 26.45
CA THR AA 106 -105.03 4.23 25.42
C THR AA 106 -105.64 3.09 24.66
N SER AA 107 -106.98 3.06 24.56
CA SER AA 107 -107.68 1.94 23.97
C SER AA 107 -108.26 2.27 22.61
N VAL AA 115 -103.09 -2.10 19.41
CA VAL AA 115 -104.34 -1.41 19.71
C VAL AA 115 -104.56 -0.89 21.11
N GLU AA 116 -103.84 -1.41 22.10
CA GLU AA 116 -103.88 -0.94 23.47
C GLU AA 116 -102.46 -0.53 23.72
N ILE AA 117 -102.22 0.78 23.92
CA ILE AA 117 -100.88 1.32 23.93
C ILE AA 117 -100.59 1.80 25.31
N SER AA 118 -99.44 1.37 25.87
CA SER AA 118 -98.95 1.96 27.09
C SER AA 118 -97.73 2.76 26.76
N LEU AA 119 -97.69 4.04 27.15
CA LEU AA 119 -96.52 4.89 27.02
C LEU AA 119 -96.11 5.29 28.42
N ASP AA 120 -94.80 5.17 28.75
CA ASP AA 120 -94.28 5.73 29.97
C ASP AA 120 -94.13 7.24 29.82
N ILE AA 121 -94.99 8.00 30.51
CA ILE AA 121 -95.02 9.44 30.44
C ILE AA 121 -94.30 9.97 31.67
N ASN AA 122 -93.87 9.04 32.52
CA ASN AA 122 -92.96 9.25 33.59
C ASN AA 122 -91.67 9.98 33.24
N LEU AA 123 -90.96 10.28 34.32
CA LEU AA 123 -89.61 10.73 34.33
C LEU AA 123 -88.64 9.54 34.13
N VAL AA 124 -89.03 8.54 33.27
CA VAL AA 124 -88.34 7.29 32.96
C VAL AA 124 -88.22 6.99 31.42
N ASN AA 125 -89.02 6.11 30.71
CA ASN AA 125 -88.57 5.52 29.41
C ASN AA 125 -89.61 5.26 28.26
N ASN AA 126 -89.73 4.01 27.73
CA ASN AA 126 -90.46 3.64 26.49
C ASN AA 126 -91.92 3.19 26.65
N ALA AA 127 -92.54 2.83 25.50
CA ALA AA 127 -93.87 2.32 25.34
C ALA AA 127 -93.93 0.83 24.98
N VAL AA 128 -95.09 0.19 25.21
CA VAL AA 128 -95.44 -1.16 24.81
C VAL AA 128 -96.79 -1.10 24.15
N ARG AA 129 -97.12 -2.05 23.26
CA ARG AA 129 -98.46 -2.21 22.78
C ARG AA 129 -98.95 -3.63 22.83
N LEU AA 130 -100.28 -3.77 22.91
CA LEU AA 130 -100.97 -5.03 22.96
C LEU AA 130 -102.03 -5.04 21.88
N ARG AA 131 -102.22 -6.16 21.18
CA ARG AA 131 -103.35 -6.41 20.31
C ARG AA 131 -104.38 -7.26 21.04
N ILE AA 132 -105.68 -6.93 20.98
CA ILE AA 132 -106.68 -7.63 21.79
C ILE AA 132 -107.67 -8.38 20.91
N LEU AA 133 -107.56 -9.71 20.90
CA LEU AA 133 -108.49 -10.55 20.17
C LEU AA 133 -109.97 -10.34 20.47
N ASN AA 134 -110.77 -10.21 19.39
CA ASN AA 134 -112.21 -10.17 19.41
C ASN AA 134 -112.68 -8.93 20.15
N CYS AA 135 -112.30 -7.81 19.54
CA CYS AA 135 -112.42 -6.44 19.95
C CYS AA 135 -113.77 -5.88 20.39
N SER AA 136 -113.81 -4.69 21.00
CA SER AA 136 -112.71 -3.83 21.42
C SER AA 136 -112.77 -3.72 22.91
N ILE AA 137 -111.72 -3.14 23.53
CA ILE AA 137 -111.74 -2.79 24.93
C ILE AA 137 -112.87 -1.81 25.18
N LEU AA 138 -113.83 -2.21 26.04
CA LEU AA 138 -114.96 -1.37 26.31
C LEU AA 138 -114.55 -0.11 27.06
N PRO AA 139 -115.16 1.07 26.88
CA PRO AA 139 -114.80 2.25 27.64
C PRO AA 139 -114.89 2.07 29.14
N GLY AA 140 -113.78 2.30 29.89
CA GLY AA 140 -113.71 1.96 31.30
C GLY AA 140 -113.33 0.53 31.58
N GLY AA 141 -113.05 -0.29 30.54
CA GLY AA 141 -112.68 -1.69 30.69
C GLY AA 141 -111.25 -1.95 31.07
N VAL AA 142 -110.39 -0.92 31.12
CA VAL AA 142 -109.02 -1.00 31.61
C VAL AA 142 -108.98 -0.56 33.06
N HIS AA 143 -108.41 -1.38 33.97
CA HIS AA 143 -108.14 -0.97 35.33
C HIS AA 143 -106.73 -1.37 35.69
N ILE AA 144 -106.08 -0.65 36.64
CA ILE AA 144 -104.69 -0.85 37.01
C ILE AA 144 -104.57 -0.77 38.52
N CYS AA 145 -103.84 -1.72 39.14
CA CYS AA 145 -103.33 -1.57 40.49
C CYS AA 145 -102.00 -2.28 40.55
N GLU AA 146 -101.28 -2.09 41.67
CA GLU AA 146 -99.89 -2.39 41.82
C GLU AA 146 -99.60 -3.57 42.73
N THR AA 147 -98.70 -4.48 42.27
CA THR AA 147 -98.20 -5.57 43.10
C THR AA 147 -96.90 -5.14 43.71
N PRO AA 148 -96.36 -5.73 44.77
CA PRO AA 148 -95.10 -5.25 45.34
C PRO AA 148 -93.88 -5.45 44.45
N ASN AA 149 -93.99 -6.04 43.25
CA ASN AA 149 -92.86 -6.14 42.33
C ASN AA 149 -93.23 -5.91 40.86
N ASN AA 150 -94.50 -5.56 40.52
CA ASN AA 150 -94.92 -5.38 39.14
C ASN AA 150 -96.25 -4.62 39.07
N ILE AA 151 -96.72 -4.23 37.87
CA ILE AA 151 -97.95 -3.47 37.68
C ILE AA 151 -98.88 -4.37 36.90
N VAL AA 152 -100.18 -4.43 37.25
CA VAL AA 152 -101.13 -5.33 36.62
C VAL AA 152 -102.23 -4.55 35.95
N VAL AA 153 -102.55 -4.95 34.71
CA VAL AA 153 -103.63 -4.44 33.91
C VAL AA 153 -104.76 -5.45 33.92
N LEU AA 154 -105.96 -4.96 34.23
CA LEU AA 154 -107.19 -5.70 34.07
C LEU AA 154 -107.87 -5.15 32.84
N ILE AA 155 -108.14 -6.00 31.83
CA ILE AA 155 -108.76 -5.54 30.61
C ILE AA 155 -109.99 -6.37 30.31
N LEU AA 156 -111.14 -5.71 30.07
CA LEU AA 156 -112.26 -6.33 29.40
C LEU AA 156 -112.26 -5.97 27.93
N THR AA 157 -112.37 -6.97 27.03
CA THR AA 157 -112.81 -6.70 25.65
C THR AA 157 -114.32 -6.68 25.66
N ASN AA 158 -114.99 -6.91 24.52
CA ASN AA 158 -116.37 -7.30 24.46
C ASN AA 158 -116.55 -8.73 25.00
N GLN AA 159 -116.49 -8.86 26.33
CA GLN AA 159 -116.83 -10.03 27.12
C GLN AA 159 -115.74 -11.10 27.31
N THR AA 160 -114.46 -10.72 27.37
CA THR AA 160 -113.39 -11.58 27.91
C THR AA 160 -112.64 -10.79 28.96
N VAL AA 161 -112.25 -11.42 30.09
CA VAL AA 161 -111.39 -10.80 31.08
C VAL AA 161 -109.95 -11.18 30.81
N HIS AA 162 -109.05 -10.20 30.70
CA HIS AA 162 -107.63 -10.45 30.55
C HIS AA 162 -106.90 -9.89 31.74
N ARG AA 163 -105.98 -10.67 32.32
CA ARG AA 163 -105.10 -10.21 33.37
C ARG AA 163 -103.71 -10.14 32.81
N LEU AA 164 -103.16 -8.93 32.65
CA LEU AA 164 -101.84 -8.72 32.11
C LEU AA 164 -100.95 -8.15 33.20
N ILE AA 165 -99.91 -8.88 33.62
CA ILE AA 165 -98.81 -8.30 34.38
C ILE AA 165 -97.92 -7.58 33.38
N LEU AA 166 -97.57 -6.32 33.66
CA LEU AA 166 -96.62 -5.57 32.88
C LEU AA 166 -95.22 -5.72 33.48
N PRO AA 167 -94.23 -6.31 32.81
CA PRO AA 167 -92.85 -6.27 33.27
C PRO AA 167 -92.23 -4.92 32.94
N HIS AA 168 -92.68 -3.87 33.65
CA HIS AA 168 -92.23 -2.49 33.52
C HIS AA 168 -90.73 -2.27 33.73
N PRO AA 169 -89.93 -2.96 34.56
CA PRO AA 169 -88.48 -2.74 34.64
C PRO AA 169 -87.75 -2.91 33.32
N SER AA 170 -88.28 -3.73 32.40
CA SER AA 170 -87.56 -4.03 31.18
C SER AA 170 -88.38 -3.82 29.93
N ARG AA 171 -89.72 -3.66 29.99
CA ARG AA 171 -90.52 -3.43 28.80
C ARG AA 171 -90.42 -2.02 28.24
N MET AA 172 -90.21 -1.04 29.14
CA MET AA 172 -89.96 0.32 28.70
C MET AA 172 -88.46 0.59 28.57
N TYR AA 173 -87.59 -0.28 29.11
CA TYR AA 173 -86.15 -0.07 29.06
C TYR AA 173 -85.49 -0.73 27.89
N ARG AA 174 -85.91 -1.96 27.53
CA ARG AA 174 -85.12 -2.83 26.69
C ARG AA 174 -85.81 -3.28 25.44
N SER AA 175 -85.05 -3.24 24.33
CA SER AA 175 -85.46 -3.66 23.03
C SER AA 175 -85.15 -5.11 22.74
N GLU AA 176 -84.23 -5.73 23.48
CA GLU AA 176 -83.89 -7.12 23.36
C GLU AA 176 -83.46 -7.53 24.76
N ILE AA 177 -83.53 -8.81 25.18
CA ILE AA 177 -83.06 -9.17 26.53
C ILE AA 177 -82.21 -10.43 26.48
N ILE AA 178 -82.83 -11.61 26.57
CA ILE AA 178 -82.14 -12.89 26.45
C ILE AA 178 -82.28 -13.29 25.01
N SER AA 179 -81.17 -13.66 24.36
CA SER AA 179 -81.18 -14.19 23.00
C SER AA 179 -81.83 -15.56 22.94
N ASP AA 180 -83.06 -15.63 22.42
CA ASP AA 180 -83.90 -16.81 22.43
C ASP AA 180 -84.85 -16.71 21.25
N SER AA 181 -86.01 -17.40 21.27
CA SER AA 181 -87.04 -17.30 20.25
C SER AA 181 -87.81 -15.99 20.36
N HIS AA 182 -87.71 -15.30 21.52
CA HIS AA 182 -88.20 -13.95 21.71
C HIS AA 182 -87.33 -12.87 21.07
N ILE AA 183 -86.40 -13.25 20.17
CA ILE AA 183 -85.63 -12.32 19.36
C ILE AA 183 -85.84 -12.74 17.92
N GLN AA 184 -86.49 -11.87 17.11
CA GLN AA 184 -86.69 -12.15 15.70
C GLN AA 184 -86.25 -10.95 14.86
N SER AA 185 -86.29 -9.76 15.46
CA SER AA 185 -85.71 -8.56 14.92
C SER AA 185 -85.13 -7.88 16.14
N ILE AA 186 -84.75 -6.58 16.08
CA ILE AA 186 -84.20 -5.86 17.23
C ILE AA 186 -85.30 -5.31 18.14
N PHE AA 187 -85.58 -4.01 18.08
CA PHE AA 187 -86.68 -3.39 18.78
C PHE AA 187 -88.02 -3.81 18.20
N THR AA 188 -88.07 -3.84 16.85
CA THR AA 188 -89.18 -4.29 16.03
C THR AA 188 -89.50 -5.75 16.31
N ASP AA 189 -90.71 -6.23 15.93
CA ASP AA 189 -91.11 -7.63 16.09
C ASP AA 189 -91.12 -8.06 17.56
N ILE AA 190 -90.67 -9.27 17.86
CA ILE AA 190 -90.39 -9.65 19.23
C ILE AA 190 -89.07 -9.07 19.71
N GLY AA 191 -89.18 -8.08 20.62
CA GLY AA 191 -88.06 -7.41 21.27
C GLY AA 191 -87.68 -7.98 22.62
N LYS AA 192 -88.05 -7.32 23.75
CA LYS AA 192 -87.81 -7.90 25.07
C LYS AA 192 -88.32 -9.33 25.27
N THR AA 193 -87.74 -10.13 26.19
CA THR AA 193 -88.29 -11.46 26.50
C THR AA 193 -89.71 -11.43 26.97
N ASN AA 194 -90.54 -12.43 26.61
CA ASN AA 194 -91.76 -12.64 27.37
C ASN AA 194 -91.50 -13.65 28.46
N PHE AA 195 -92.22 -13.51 29.58
CA PHE AA 195 -92.37 -14.57 30.56
C PHE AA 195 -93.38 -15.56 29.97
N HIS AA 196 -93.60 -16.72 30.61
CA HIS AA 196 -94.63 -17.64 30.16
C HIS AA 196 -96.04 -17.16 30.51
N ASP AA 197 -96.18 -16.51 31.68
CA ASP AA 197 -97.41 -16.07 32.30
C ASP AA 197 -97.74 -14.55 32.25
N PRO AA 198 -97.31 -13.65 31.32
CA PRO AA 198 -97.61 -12.22 31.43
C PRO AA 198 -99.09 -11.97 31.30
N SER AA 199 -99.80 -12.78 30.51
CA SER AA 199 -101.23 -12.68 30.31
C SER AA 199 -101.88 -13.96 30.75
N ASN AA 200 -102.98 -13.84 31.51
CA ASN AA 200 -103.88 -14.95 31.77
C ASN AA 200 -105.27 -14.57 31.26
N THR AA 201 -105.96 -15.50 30.58
CA THR AA 201 -107.23 -15.29 29.89
C THR AA 201 -108.35 -15.91 30.70
N TYR AA 202 -109.36 -15.13 31.14
CA TYR AA 202 -110.44 -15.65 31.95
C TYR AA 202 -111.80 -15.40 31.35
N VAL AA 203 -112.70 -16.40 31.46
CA VAL AA 203 -114.10 -16.29 31.13
C VAL AA 203 -114.83 -16.40 32.45
N ILE AA 204 -115.72 -15.45 32.75
CA ILE AA 204 -116.30 -15.31 34.08
C ILE AA 204 -117.77 -15.65 34.01
N PRO AA 205 -118.34 -16.57 34.80
CA PRO AA 205 -119.72 -17.05 34.63
C PRO AA 205 -120.84 -16.02 34.71
N ALA AA 206 -120.62 -14.85 35.33
CA ALA AA 206 -121.53 -13.72 35.29
C ALA AA 206 -121.71 -13.09 33.89
N ILE AA 207 -120.61 -12.98 33.12
CA ILE AA 207 -120.55 -12.35 31.80
C ILE AA 207 -121.46 -12.98 30.75
N PRO AA 208 -121.61 -14.30 30.53
CA PRO AA 208 -122.54 -14.86 29.54
C PRO AA 208 -123.99 -14.44 29.66
N GLY AA 209 -124.45 -14.03 30.86
CA GLY AA 209 -125.86 -13.68 31.08
C GLY AA 209 -126.11 -12.22 31.27
N ARG AA 210 -125.08 -11.41 31.43
CA ARG AA 210 -125.23 -10.01 31.78
C ARG AA 210 -124.11 -9.20 31.13
N ALA AA 211 -124.42 -7.99 30.63
CA ALA AA 211 -123.43 -7.15 29.99
C ALA AA 211 -122.41 -6.55 30.98
N PRO AA 212 -121.14 -6.35 30.66
CA PRO AA 212 -120.22 -5.63 31.53
C PRO AA 212 -120.35 -4.12 31.41
N ASN AA 213 -119.99 -3.37 32.47
CA ASN AA 213 -119.96 -1.91 32.43
C ASN AA 213 -118.64 -1.44 33.02
N THR AA 214 -118.68 -0.96 34.27
CA THR AA 214 -117.56 -0.40 34.98
C THR AA 214 -116.81 -1.47 35.75
N THR AA 215 -115.54 -1.19 36.05
CA THR AA 215 -114.69 -2.09 36.82
C THR AA 215 -113.92 -1.25 37.79
N ALA AA 216 -113.61 -1.84 38.96
CA ALA AA 216 -112.65 -1.31 39.88
C ALA AA 216 -111.85 -2.45 40.48
N SER AA 217 -110.52 -2.51 40.29
CA SER AA 217 -109.71 -3.52 40.98
C SER AA 217 -109.48 -3.12 42.42
N THR AA 218 -109.87 -3.98 43.37
CA THR AA 218 -109.56 -3.81 44.80
C THR AA 218 -108.09 -4.01 45.05
N ALA AA 219 -107.52 -5.06 44.45
CA ALA AA 219 -106.15 -5.39 44.70
C ALA AA 219 -105.58 -6.11 43.50
N TRP AA 220 -104.29 -5.89 43.23
CA TRP AA 220 -103.57 -6.79 42.39
C TRP AA 220 -102.28 -7.06 43.11
N LEU AA 221 -101.96 -8.30 43.48
CA LEU AA 221 -100.73 -8.56 44.19
C LEU AA 221 -99.95 -9.62 43.43
N SER AA 222 -98.78 -10.01 43.95
CA SER AA 222 -97.83 -10.85 43.24
C SER AA 222 -98.40 -12.21 42.93
N SER AA 223 -99.15 -12.78 43.89
CA SER AA 223 -99.66 -14.14 43.79
C SER AA 223 -101.17 -14.19 43.83
N ASP AA 224 -101.84 -13.03 43.74
CA ASP AA 224 -103.28 -12.88 43.92
C ASP AA 224 -103.85 -11.67 43.14
N GLY AA 225 -105.17 -11.44 43.24
CA GLY AA 225 -105.80 -10.31 42.61
C GLY AA 225 -107.28 -10.37 42.71
N GLU AA 226 -107.90 -9.23 43.03
CA GLU AA 226 -109.31 -9.16 43.34
C GLU AA 226 -109.92 -7.93 42.68
N ALA AA 227 -111.08 -8.07 42.00
CA ALA AA 227 -111.64 -6.99 41.22
C ALA AA 227 -113.15 -6.97 41.24
N LEU AA 228 -113.73 -5.77 41.12
CA LEU AA 228 -115.14 -5.50 41.28
C LEU AA 228 -115.71 -5.07 39.94
N PHE AA 229 -116.78 -5.73 39.47
CA PHE AA 229 -117.35 -5.46 38.15
C PHE AA 229 -118.82 -5.16 38.28
N ALA AA 230 -119.30 -4.08 37.65
CA ALA AA 230 -120.71 -3.75 37.64
C ALA AA 230 -121.30 -4.03 36.27
N LEU AA 231 -122.59 -4.40 36.23
CA LEU AA 231 -123.29 -4.86 35.04
C LEU AA 231 -124.49 -3.95 34.80
N PRO AA 232 -124.91 -3.51 33.60
CA PRO AA 232 -125.93 -2.48 33.49
C PRO AA 232 -127.24 -3.10 33.05
N SER AA 233 -127.19 -4.19 32.28
CA SER AA 233 -128.31 -4.79 31.59
C SER AA 233 -128.07 -6.29 31.48
N ILE AA 234 -129.11 -7.16 31.48
CA ILE AA 234 -130.56 -6.93 31.53
C ILE AA 234 -131.05 -6.53 32.90
N SER AA 235 -130.20 -6.69 33.91
CA SER AA 235 -130.45 -6.23 35.24
C SER AA 235 -129.11 -5.91 35.81
N GLY AA 236 -129.10 -4.98 36.77
CA GLY AA 236 -127.92 -4.52 37.47
C GLY AA 236 -127.51 -5.44 38.55
N GLY AA 237 -126.21 -5.46 38.80
CA GLY AA 237 -125.66 -6.31 39.79
C GLY AA 237 -124.22 -5.97 39.88
N ILE AA 238 -123.55 -6.53 40.89
CA ILE AA 238 -122.18 -6.25 41.16
C ILE AA 238 -121.52 -7.58 41.46
N LEU AA 239 -120.36 -7.80 40.83
CA LEU AA 239 -119.64 -9.04 40.87
C LEU AA 239 -118.29 -8.78 41.50
N VAL AA 240 -117.83 -9.72 42.33
CA VAL AA 240 -116.44 -9.75 42.74
C VAL AA 240 -115.78 -10.93 42.08
N ILE AA 241 -114.66 -10.69 41.36
CA ILE AA 241 -113.79 -11.75 40.86
C ILE AA 241 -112.65 -11.87 41.84
N LYS AA 242 -112.31 -13.11 42.26
CA LYS AA 242 -111.08 -13.37 42.97
C LYS AA 242 -110.25 -14.31 42.14
N MET AA 243 -108.95 -14.00 41.97
CA MET AA 243 -108.07 -14.74 41.11
C MET AA 243 -106.90 -15.25 41.91
N PRO AA 244 -106.52 -16.52 41.77
CA PRO AA 244 -105.19 -16.94 42.20
C PRO AA 244 -104.28 -17.13 40.97
N PRO AA 245 -103.48 -16.16 40.52
CA PRO AA 245 -102.49 -16.27 39.44
C PRO AA 245 -101.61 -17.48 39.46
N HIS AA 246 -101.04 -17.82 40.63
CA HIS AA 246 -100.00 -18.82 40.72
C HIS AA 246 -100.55 -20.17 41.14
N ASP AA 247 -101.85 -20.27 41.49
CA ASP AA 247 -102.47 -21.52 41.82
C ASP AA 247 -103.17 -22.01 40.56
N MET AA 248 -102.75 -23.20 40.08
CA MET AA 248 -103.24 -23.86 38.88
C MET AA 248 -103.31 -22.99 37.63
N GLU AA 249 -102.30 -22.09 37.46
CA GLU AA 249 -102.15 -21.15 36.37
C GLU AA 249 -103.35 -20.25 36.13
N GLY AA 250 -103.95 -19.72 37.22
CA GLY AA 250 -105.00 -18.72 37.06
C GLY AA 250 -106.39 -19.25 37.03
N LEU AA 251 -106.77 -20.18 37.90
CA LEU AA 251 -108.21 -20.40 38.14
C LEU AA 251 -108.89 -19.15 38.71
N VAL AA 252 -110.23 -19.10 38.80
CA VAL AA 252 -110.92 -17.90 39.27
C VAL AA 252 -112.13 -18.31 40.06
N THR AA 253 -112.55 -17.47 41.03
CA THR AA 253 -113.76 -17.69 41.79
C THR AA 253 -114.62 -16.45 41.75
N ILE AA 254 -115.92 -16.61 42.07
CA ILE AA 254 -116.90 -15.56 42.02
C ILE AA 254 -117.36 -15.25 43.43
N ALA AA 255 -117.76 -13.99 43.68
CA ALA AA 255 -118.65 -13.71 44.79
C ALA AA 255 -119.72 -12.77 44.28
N GLU AA 256 -121.00 -13.15 44.51
CA GLU AA 256 -122.15 -12.34 44.21
C GLU AA 256 -122.40 -11.41 45.39
N LEU AA 257 -122.56 -10.10 45.14
CA LEU AA 257 -122.78 -9.15 46.20
C LEU AA 257 -124.17 -8.54 46.02
N LYS AA 258 -125.02 -8.67 47.06
CA LYS AA 258 -126.45 -8.39 46.96
C LYS AA 258 -126.80 -6.92 46.97
N GLN AA 259 -125.83 -6.04 47.32
CA GLN AA 259 -126.01 -4.61 47.50
C GLN AA 259 -127.00 -4.31 48.61
N SER AA 260 -126.87 -5.06 49.72
CA SER AA 260 -127.87 -5.20 50.78
C SER AA 260 -128.05 -3.96 51.65
N SER AA 261 -128.69 -2.93 51.09
CA SER AA 261 -128.97 -1.67 51.73
C SER AA 261 -130.21 -1.72 52.59
N VAL AA 262 -130.05 -2.05 53.88
CA VAL AA 262 -131.15 -2.17 54.83
C VAL AA 262 -131.89 -0.87 55.09
N MET AA 263 -131.15 0.23 55.24
CA MET AA 263 -131.71 1.55 55.45
C MET AA 263 -130.92 2.55 54.65
N GLN AA 264 -131.47 3.76 54.52
CA GLN AA 264 -130.79 4.87 53.92
C GLN AA 264 -131.12 6.09 54.74
N ARG AA 265 -130.15 7.01 54.88
CA ARG AA 265 -130.35 8.23 55.61
C ARG AA 265 -130.86 9.31 54.67
N LEU AA 266 -131.65 10.27 55.22
CA LEU AA 266 -132.18 11.46 54.57
C LEU AA 266 -133.50 11.24 53.87
N LEU AA 267 -133.51 11.39 52.53
CA LEU AA 267 -134.66 11.20 51.68
C LEU AA 267 -134.92 9.71 51.49
N THR AA 268 -136.08 9.36 50.91
CA THR AA 268 -136.33 7.96 50.62
C THR AA 268 -137.18 7.76 49.39
N GLY AA 269 -136.65 7.06 48.38
CA GLY AA 269 -137.43 6.56 47.26
C GLY AA 269 -137.02 5.16 46.85
N TRP AA 270 -138.00 4.33 46.43
CA TRP AA 270 -137.72 3.03 45.85
C TRP AA 270 -138.76 2.74 44.79
N MET AA 271 -138.34 2.50 43.53
CA MET AA 271 -139.27 2.16 42.47
C MET AA 271 -138.60 1.22 41.47
N PRO AA 272 -138.76 -0.10 41.58
CA PRO AA 272 -138.06 -1.00 40.66
C PRO AA 272 -139.02 -1.46 39.57
N SER AA 273 -138.95 -0.82 38.40
CA SER AA 273 -139.87 -1.10 37.30
C SER AA 273 -139.20 -1.99 36.26
N SER AA 274 -139.91 -3.00 35.72
CA SER AA 274 -139.34 -3.90 34.73
C SER AA 274 -140.39 -4.29 33.72
N ILE AA 275 -140.03 -4.39 32.41
CA ILE AA 275 -140.95 -4.72 31.34
C ILE AA 275 -140.24 -5.59 30.31
N ARG AA 276 -139.36 -4.96 29.50
CA ARG AA 276 -138.63 -5.63 28.44
C ARG AA 276 -137.36 -6.24 28.98
N GLY AA 277 -136.73 -7.14 28.20
CA GLY AA 277 -135.40 -7.67 28.52
C GLY AA 277 -134.31 -6.62 28.44
N ASP AA 278 -134.55 -5.55 27.66
CA ASP AA 278 -133.77 -4.33 27.73
C ASP AA 278 -134.36 -3.44 28.83
N GLN AA 279 -133.64 -3.36 29.96
CA GLN AA 279 -134.05 -2.58 31.10
C GLN AA 279 -132.82 -2.32 31.94
N GLY AA 280 -132.85 -1.26 32.77
CA GLY AA 280 -131.90 -1.03 33.84
C GLY AA 280 -132.67 -0.94 35.14
N PRO AA 281 -132.25 -1.48 36.28
CA PRO AA 281 -133.00 -1.36 37.52
C PRO AA 281 -132.64 -0.09 38.23
N ALA AA 282 -133.29 0.17 39.37
CA ALA AA 282 -132.93 1.24 40.25
C ALA AA 282 -131.52 1.13 40.83
N HIS AA 283 -131.07 -0.09 41.20
CA HIS AA 283 -129.81 -0.29 41.88
C HIS AA 283 -128.62 -0.53 40.95
N LEU AA 284 -128.70 -0.15 39.66
CA LEU AA 284 -127.60 -0.20 38.71
C LEU AA 284 -126.44 0.69 39.18
N PRO AA 285 -125.22 0.23 39.46
CA PRO AA 285 -124.07 1.13 39.67
C PRO AA 285 -123.78 2.03 38.47
N VAL AA 286 -123.93 3.35 38.62
CA VAL AA 286 -123.64 4.36 37.61
C VAL AA 286 -122.15 4.65 37.60
N SER AA 287 -121.54 4.69 38.79
CA SER AA 287 -120.15 5.05 38.97
C SER AA 287 -119.74 4.44 40.29
N LEU AA 288 -118.44 4.11 40.44
CA LEU AA 288 -117.92 3.48 41.64
C LEU AA 288 -116.46 3.85 41.80
N ALA AA 289 -115.93 3.83 43.04
CA ALA AA 289 -114.54 4.15 43.29
C ALA AA 289 -114.03 3.42 44.53
N VAL AA 290 -112.80 2.87 44.47
CA VAL AA 290 -112.19 2.09 45.54
C VAL AA 290 -111.40 2.95 46.48
N HIS AA 291 -111.22 2.46 47.71
CA HIS AA 291 -110.64 3.23 48.76
C HIS AA 291 -109.84 2.39 49.75
N THR AA 292 -108.66 2.90 50.18
CA THR AA 292 -107.71 2.20 51.03
C THR AA 292 -107.14 3.10 52.11
N LEU AA 293 -107.61 3.02 53.36
CA LEU AA 293 -107.01 3.75 54.47
C LEU AA 293 -106.54 2.74 55.48
N ASP AA 294 -105.22 2.60 55.68
CA ASP AA 294 -104.63 1.54 56.51
C ASP AA 294 -105.19 0.14 56.25
N HIS AA 295 -106.03 -0.39 57.17
CA HIS AA 295 -106.70 -1.67 57.02
C HIS AA 295 -108.15 -1.55 56.57
N ASP AA 296 -108.69 -0.32 56.37
CA ASP AA 296 -110.06 -0.09 55.95
C ASP AA 296 -110.19 -0.25 54.44
N SER AA 297 -110.98 -1.26 54.01
CA SER AA 297 -111.18 -1.59 52.61
C SER AA 297 -112.61 -1.31 52.21
N TYR AA 298 -112.85 -0.27 51.39
CA TYR AA 298 -114.20 0.15 51.08
C TYR AA 298 -114.33 0.54 49.62
N LEU AA 299 -115.56 0.43 49.10
CA LEU AA 299 -115.93 0.82 47.76
C LEU AA 299 -117.10 1.76 47.89
N PHE AA 300 -117.02 2.93 47.23
CA PHE AA 300 -118.11 3.87 47.16
C PHE AA 300 -118.82 3.69 45.83
N ALA AA 301 -120.16 3.79 45.79
CA ALA AA 301 -120.92 3.60 44.58
C ALA AA 301 -122.12 4.55 44.52
N LEU AA 302 -122.53 4.89 43.29
CA LEU AA 302 -123.71 5.69 43.01
C LEU AA 302 -124.67 4.83 42.22
N CYS AA 303 -125.93 4.75 42.64
CA CYS AA 303 -126.96 4.01 41.94
C CYS AA 303 -127.75 4.87 40.96
N GLN AA 304 -128.49 4.21 40.05
CA GLN AA 304 -129.33 4.83 39.04
C GLN AA 304 -130.49 5.63 39.61
N ASP AA 305 -130.96 5.26 40.83
CA ASP AA 305 -131.98 5.96 41.58
C ASP AA 305 -131.40 7.01 42.52
N HIS AA 306 -130.07 7.28 42.40
CA HIS AA 306 -129.37 8.39 43.02
C HIS AA 306 -128.95 8.10 44.44
N LYS AA 307 -128.83 6.82 44.81
CA LYS AA 307 -128.34 6.46 46.12
C LYS AA 307 -126.83 6.44 46.19
N LEU AA 308 -126.27 7.14 47.17
CA LEU AA 308 -124.86 7.08 47.50
C LEU AA 308 -124.65 5.96 48.47
N ARG AA 309 -123.88 4.93 48.09
CA ARG AA 309 -123.76 3.70 48.85
C ARG AA 309 -122.33 3.42 49.26
N MET AA 310 -122.16 2.98 50.52
CA MET AA 310 -120.88 2.59 51.09
C MET AA 310 -120.81 1.08 51.21
N TRP AA 311 -120.00 0.42 50.36
CA TRP AA 311 -119.89 -1.03 50.34
C TRP AA 311 -118.59 -1.44 50.99
N SER AA 312 -118.67 -2.27 52.05
CA SER AA 312 -117.50 -2.81 52.73
C SER AA 312 -116.99 -3.98 51.93
N TYR AA 313 -115.71 -3.96 51.50
CA TYR AA 313 -115.13 -5.07 50.77
C TYR AA 313 -115.00 -6.32 51.65
N LYS AA 314 -114.63 -6.12 52.93
CA LYS AA 314 -114.38 -7.19 53.88
C LYS AA 314 -115.59 -8.05 54.16
N ASP AA 315 -116.74 -7.42 54.43
CA ASP AA 315 -117.92 -8.13 54.89
C ASP AA 315 -118.84 -8.42 53.71
N GLN AA 316 -118.57 -7.75 52.56
CA GLN AA 316 -119.35 -7.77 51.33
C GLN AA 316 -120.78 -7.27 51.52
N MET AA 317 -120.94 -6.27 52.40
CA MET AA 317 -122.22 -5.71 52.78
C MET AA 317 -122.22 -4.21 52.58
N CYS AA 318 -123.44 -3.64 52.45
CA CYS AA 318 -123.61 -2.20 52.37
C CYS AA 318 -123.78 -1.65 53.77
N LEU AA 319 -122.74 -0.97 54.28
CA LEU AA 319 -122.77 -0.43 55.64
C LEU AA 319 -123.59 0.83 55.78
N MET AA 320 -123.65 1.67 54.72
CA MET AA 320 -124.32 2.94 54.84
C MET AA 320 -124.82 3.42 53.49
N VAL AA 321 -125.96 4.14 53.49
CA VAL AA 321 -126.57 4.70 52.30
C VAL AA 321 -127.07 6.10 52.61
N ALA AA 322 -127.15 6.95 51.58
CA ALA AA 322 -127.83 8.23 51.62
C ALA AA 322 -128.55 8.39 50.29
N ASP AA 323 -129.80 8.90 50.30
CA ASP AA 323 -130.60 9.10 49.10
C ASP AA 323 -130.49 10.59 48.72
N MET AA 324 -130.18 10.90 47.44
CA MET AA 324 -129.92 12.26 46.99
C MET AA 324 -131.17 13.01 46.52
N LEU AA 325 -131.01 14.29 46.15
CA LEU AA 325 -132.02 15.06 45.45
C LEU AA 325 -132.30 14.49 44.07
N GLU AA 326 -133.58 14.29 43.68
CA GLU AA 326 -133.95 13.81 42.36
C GLU AA 326 -133.80 14.87 41.28
N TYR AA 327 -133.34 14.44 40.10
CA TYR AA 327 -133.20 15.20 38.87
C TYR AA 327 -133.07 14.14 37.80
N VAL AA 328 -132.98 14.51 36.51
CA VAL AA 328 -132.87 13.55 35.44
C VAL AA 328 -131.43 13.52 34.90
N PRO AA 329 -130.66 12.44 35.05
CA PRO AA 329 -129.27 12.41 34.58
C PRO AA 329 -129.14 11.30 33.56
N VAL AA 330 -130.20 11.03 32.80
CA VAL AA 330 -130.18 10.21 31.61
C VAL AA 330 -130.03 11.18 30.47
N SER AA 331 -129.75 10.70 29.24
CA SER AA 331 -129.46 11.49 28.05
C SER AA 331 -130.57 12.39 27.51
N LYS AA 332 -131.40 12.97 28.39
CA LYS AA 332 -132.35 14.02 28.10
C LYS AA 332 -131.69 15.38 28.36
N ASP AA 333 -130.48 15.39 28.95
CA ASP AA 333 -129.70 16.57 29.30
C ASP AA 333 -128.63 16.92 28.27
N ILE AA 334 -128.45 16.07 27.24
CA ILE AA 334 -127.41 16.14 26.21
C ILE AA 334 -127.41 17.40 25.37
N ARG AA 335 -128.58 18.04 25.18
CA ARG AA 335 -128.75 19.20 24.31
C ARG AA 335 -128.38 18.91 22.87
N GLN AA 336 -127.23 19.43 22.40
CA GLN AA 336 -126.72 19.21 21.06
C GLN AA 336 -125.58 18.22 21.05
N THR AA 337 -125.09 17.77 22.23
CA THR AA 337 -123.90 16.93 22.31
C THR AA 337 -124.29 15.53 22.77
N ALA AA 338 -124.88 14.75 21.85
CA ALA AA 338 -125.32 13.39 22.12
C ALA AA 338 -124.21 12.45 22.63
N GLY AA 339 -124.50 11.72 23.72
CA GLY AA 339 -123.53 10.83 24.38
C GLY AA 339 -122.76 11.47 25.50
N THR AA 340 -122.92 12.79 25.76
CA THR AA 340 -122.15 13.44 26.81
C THR AA 340 -122.70 13.25 28.21
N GLY AA 341 -123.91 12.67 28.37
CA GLY AA 341 -124.48 12.30 29.66
C GLY AA 341 -123.75 11.15 30.35
N HIS AA 342 -123.06 10.31 29.56
CA HIS AA 342 -122.17 9.28 30.03
C HIS AA 342 -120.86 9.86 30.54
N LYS AA 343 -120.74 10.02 31.87
CA LYS AA 343 -119.60 10.65 32.48
C LYS AA 343 -119.47 10.12 33.90
N LEU AA 344 -118.25 10.15 34.46
CA LEU AA 344 -118.03 9.83 35.86
C LEU AA 344 -118.73 10.80 36.79
N ARG AA 345 -119.27 10.28 37.91
CA ARG AA 345 -120.06 11.10 38.81
C ARG AA 345 -119.37 11.26 40.14
N LEU AA 346 -118.33 10.46 40.37
CA LEU AA 346 -117.72 10.28 41.67
C LEU AA 346 -116.24 10.34 41.48
N ALA AA 347 -115.54 11.15 42.30
CA ALA AA 347 -114.10 11.13 42.33
C ALA AA 347 -113.66 11.07 43.78
N PHE AA 348 -112.44 10.59 44.00
CA PHE AA 348 -111.85 10.46 45.30
C PHE AA 348 -110.48 11.07 45.21
N SER AA 349 -109.91 11.41 46.36
CA SER AA 349 -108.62 12.04 46.40
C SER AA 349 -107.48 11.07 46.51
N GLU AA 350 -106.30 11.57 46.14
CA GLU AA 350 -105.05 10.87 46.18
C GLU AA 350 -104.37 11.02 47.53
N THR AA 351 -104.94 11.84 48.45
CA THR AA 351 -104.52 11.92 49.84
C THR AA 351 -104.64 10.56 50.50
N LEU AA 352 -103.55 10.03 51.09
CA LEU AA 352 -103.51 8.70 51.71
C LEU AA 352 -104.50 8.47 52.85
N GLY AA 353 -105.12 9.54 53.38
CA GLY AA 353 -106.28 9.43 54.25
C GLY AA 353 -107.52 8.88 53.59
N ILE AA 354 -107.76 9.15 52.28
CA ILE AA 354 -108.88 8.59 51.51
C ILE AA 354 -110.26 8.92 52.13
N LEU AA 355 -110.33 10.05 52.85
CA LEU AA 355 -111.39 10.24 53.81
C LEU AA 355 -112.57 10.99 53.21
N TYR AA 356 -112.56 11.49 51.95
CA TYR AA 356 -113.61 12.39 51.48
C TYR AA 356 -113.83 12.18 49.97
N LEU AA 357 -114.99 12.61 49.47
CA LEU AA 357 -115.34 12.41 48.10
C LEU AA 357 -115.80 13.67 47.47
N GLY AA 358 -115.76 13.66 46.13
CA GLY AA 358 -116.43 14.61 45.26
C GLY AA 358 -117.51 13.93 44.45
N VAL AA 359 -118.72 14.53 44.42
CA VAL AA 359 -119.88 14.03 43.69
C VAL AA 359 -120.41 15.11 42.75
N TYR AA 360 -120.80 14.75 41.50
CA TYR AA 360 -121.41 15.65 40.54
C TYR AA 360 -122.93 15.46 40.44
N LEU AA 361 -123.66 16.57 40.61
CA LEU AA 361 -125.07 16.71 40.32
C LEU AA 361 -125.21 17.33 38.94
N HIS AA 362 -126.22 16.94 38.15
CA HIS AA 362 -126.51 17.61 36.89
C HIS AA 362 -127.66 18.58 37.12
N THR AA 363 -127.71 19.70 36.39
CA THR AA 363 -128.74 20.72 36.55
C THR AA 363 -129.07 21.19 35.16
N PRO AA 364 -130.15 21.93 34.88
CA PRO AA 364 -130.39 22.54 33.58
C PRO AA 364 -129.29 23.49 33.12
N LYS AA 365 -128.57 24.11 34.09
CA LYS AA 365 -127.43 24.95 33.83
C LYS AA 365 -126.16 24.27 34.32
N GLN AA 366 -125.86 23.08 33.78
CA GLN AA 366 -124.51 22.52 33.69
C GLN AA 366 -123.95 21.84 34.92
N GLY AA 367 -124.78 21.67 35.96
CA GLY AA 367 -124.44 20.88 37.13
C GLY AA 367 -123.99 21.64 38.33
N GLN AA 368 -123.71 20.87 39.39
CA GLN AA 368 -123.19 21.34 40.66
C GLN AA 368 -122.30 20.22 41.19
N PHE AA 369 -121.40 20.50 42.14
CA PHE AA 369 -120.64 19.45 42.81
C PHE AA 369 -120.90 19.49 44.30
N CYS AA 370 -120.74 18.34 44.97
CA CYS AA 370 -120.87 18.19 46.40
C CYS AA 370 -119.61 17.56 46.95
N VAL AA 371 -119.30 17.83 48.24
CA VAL AA 371 -118.17 17.21 48.93
C VAL AA 371 -118.69 16.52 50.18
N PHE AA 372 -118.25 15.26 50.42
CA PHE AA 372 -118.66 14.43 51.55
C PHE AA 372 -117.46 13.97 52.36
N GLN AA 373 -117.54 13.97 53.71
CA GLN AA 373 -116.60 13.30 54.60
C GLN AA 373 -116.98 11.85 54.81
N LEU AA 374 -115.99 10.97 55.02
CA LEU AA 374 -116.15 9.58 55.37
C LEU AA 374 -115.53 9.44 56.73
N MET AA 375 -116.30 8.93 57.68
CA MET AA 375 -115.83 8.69 59.03
C MET AA 375 -115.88 7.20 59.28
N CYS AA 376 -114.75 6.63 59.72
CA CYS AA 376 -114.63 5.21 60.02
C CYS AA 376 -114.41 5.09 61.51
N ALA AA 377 -114.89 3.99 62.14
CA ALA AA 377 -114.94 3.95 63.59
C ALA AA 377 -114.92 2.53 64.09
N GLU AA 378 -114.56 2.39 65.39
CA GLU AA 378 -114.43 1.18 66.17
C GLU AA 378 -115.77 0.50 66.44
N SER AA 379 -116.87 1.20 66.15
CA SER AA 379 -118.23 0.69 66.17
C SER AA 379 -118.53 -0.26 65.03
N ASN AA 380 -117.64 -0.31 64.01
CA ASN AA 380 -117.67 -1.20 62.85
C ASN AA 380 -118.65 -0.70 61.80
N ARG AA 381 -118.84 0.63 61.72
CA ARG AA 381 -119.78 1.24 60.81
C ARG AA 381 -119.13 2.51 60.30
N TYR AA 382 -119.43 2.89 59.04
CA TYR AA 382 -118.81 4.02 58.39
C TYR AA 382 -119.89 5.03 58.12
N SER AA 383 -119.63 6.32 58.41
CA SER AA 383 -120.57 7.40 58.15
C SER AA 383 -120.12 8.18 56.95
N LEU AA 384 -121.08 8.63 56.12
CA LEU AA 384 -120.83 9.48 54.96
C LEU AA 384 -121.55 10.82 55.13
N ASP AA 385 -120.80 11.90 55.42
CA ASP AA 385 -121.33 13.10 56.03
C ASP AA 385 -121.11 14.32 55.13
N HIS AA 386 -122.16 15.12 54.92
CA HIS AA 386 -122.13 16.28 54.02
C HIS AA 386 -121.19 17.39 54.44
N ILE AA 387 -120.55 18.06 53.47
CA ILE AA 387 -119.71 19.23 53.72
C ILE AA 387 -120.17 20.34 52.79
N SER AA 388 -119.88 20.21 51.48
CA SER AA 388 -120.21 21.26 50.53
C SER AA 388 -121.45 20.85 49.79
N SER AA 389 -122.54 21.62 50.00
CA SER AA 389 -123.85 21.42 49.38
C SER AA 389 -123.85 21.74 47.89
N ILE AA 390 -123.19 22.85 47.48
CA ILE AA 390 -123.26 23.34 46.13
C ILE AA 390 -121.92 23.86 45.70
N PHE AA 391 -121.68 23.83 44.39
CA PHE AA 391 -120.44 24.25 43.82
C PHE AA 391 -120.74 24.54 42.35
N THR AA 392 -120.25 25.64 41.76
CA THR AA 392 -120.74 26.06 40.44
C THR AA 392 -119.65 26.10 39.40
N ASN AA 393 -119.89 25.44 38.26
CA ASN AA 393 -118.91 25.26 37.20
C ASN AA 393 -119.34 25.96 35.90
N GLN AA 394 -119.06 25.42 34.69
CA GLN AA 394 -119.47 26.04 33.44
C GLN AA 394 -119.73 24.98 32.38
N GLU AA 395 -118.73 24.48 31.61
CA GLU AA 395 -119.05 23.63 30.47
C GLU AA 395 -119.37 22.19 30.82
N THR AA 396 -119.87 21.41 29.83
CA THR AA 396 -120.35 20.04 30.01
C THR AA 396 -119.29 19.07 30.45
N LEU AA 397 -119.40 18.57 31.70
CA LEU AA 397 -118.43 17.67 32.33
C LEU AA 397 -118.08 16.40 31.57
N ILE AA 398 -116.76 16.14 31.39
CA ILE AA 398 -116.18 14.87 30.98
C ILE AA 398 -115.81 14.09 32.21
N ASP AA 399 -114.96 14.70 33.04
CA ASP AA 399 -114.26 14.04 34.10
C ASP AA 399 -113.82 15.12 35.08
N PHE AA 400 -113.59 14.74 36.33
CA PHE AA 400 -113.17 15.66 37.36
C PHE AA 400 -112.30 14.94 38.35
N THR AA 401 -111.29 15.63 38.87
CA THR AA 401 -110.39 15.03 39.85
C THR AA 401 -110.38 15.96 41.03
N PHE AA 402 -110.68 15.45 42.23
CA PHE AA 402 -110.88 16.27 43.41
C PHE AA 402 -109.80 15.94 44.42
N ASP AA 408 -109.29 21.27 46.24
CA ASP AA 408 -108.86 21.58 44.92
C ASP AA 408 -109.69 20.70 44.02
N ILE AA 409 -110.42 21.26 43.04
CA ILE AA 409 -111.17 20.43 42.12
C ILE AA 409 -110.90 20.83 40.69
N TRP AA 410 -110.22 19.92 39.98
CA TRP AA 410 -110.10 19.95 38.55
C TRP AA 410 -111.41 19.58 37.90
N ALA AA 411 -111.87 20.38 36.94
CA ALA AA 411 -113.01 20.00 36.13
C ALA AA 411 -112.59 20.04 34.68
N LEU AA 412 -112.80 18.92 33.94
CA LEU AA 412 -112.48 18.82 32.52
C LEU AA 412 -113.78 18.74 31.78
N TRP AA 413 -113.95 19.58 30.74
CA TRP AA 413 -115.22 19.75 30.10
C TRP AA 413 -115.15 19.54 28.60
N LEU AA 414 -116.30 19.18 28.01
CA LEU AA 414 -116.49 18.88 26.60
C LEU AA 414 -117.42 19.86 25.98
N ASP AA 415 -117.12 20.25 24.74
CA ASP AA 415 -117.91 21.17 23.99
C ASP AA 415 -117.90 20.60 22.56
N ASP AA 416 -118.67 21.17 21.62
CA ASP AA 416 -118.74 20.69 20.24
C ASP AA 416 -117.45 20.89 19.43
N ASP AA 417 -117.40 20.41 18.17
CA ASP AA 417 -116.24 20.42 17.29
C ASP AA 417 -114.88 20.04 17.89
N ASN AA 418 -114.91 19.08 18.84
CA ASN AA 418 -113.76 18.53 19.56
C ASN AA 418 -113.16 19.50 20.59
N GLN AA 419 -113.88 20.58 20.94
CA GLN AA 419 -113.50 21.62 21.86
C GLN AA 419 -113.44 21.14 23.33
N THR AA 420 -112.61 21.83 24.13
CA THR AA 420 -112.40 21.51 25.53
C THR AA 420 -112.24 22.79 26.30
N VAL AA 421 -112.43 22.71 27.62
CA VAL AA 421 -112.09 23.75 28.56
C VAL AA 421 -111.72 22.98 29.83
N VAL AA 422 -110.72 23.45 30.60
CA VAL AA 422 -110.39 22.88 31.90
C VAL AA 422 -110.54 24.00 32.91
N LYS AA 423 -110.86 23.68 34.17
CA LYS AA 423 -110.99 24.69 35.19
C LYS AA 423 -110.46 24.16 36.50
N HIS AA 424 -109.87 25.07 37.30
CA HIS AA 424 -109.47 24.81 38.66
C HIS AA 424 -110.27 25.71 39.55
N ILE AA 425 -110.57 25.24 40.75
CA ILE AA 425 -111.14 26.09 41.77
C ILE AA 425 -110.47 25.73 43.08
N ASN AA 426 -109.96 26.75 43.81
CA ASN AA 426 -109.55 26.59 45.19
C ASN AA 426 -110.77 26.84 46.07
N PHE AA 427 -111.13 25.91 46.96
CA PHE AA 427 -112.22 26.07 47.90
C PHE AA 427 -111.60 26.17 49.30
N GLU AA 428 -112.25 26.96 50.15
CA GLU AA 428 -111.84 27.20 51.53
C GLU AA 428 -112.84 26.54 52.50
N GLN AA 431 -116.31 28.45 53.56
CA GLN AA 431 -116.89 28.30 52.22
C GLN AA 431 -116.51 29.48 51.33
N ALA AA 432 -115.73 29.20 50.29
CA ALA AA 432 -115.30 30.22 49.37
C ALA AA 432 -114.82 29.54 48.11
N GLY AA 433 -114.67 30.28 46.99
CA GLY AA 433 -114.18 29.67 45.76
C GLY AA 433 -113.42 30.67 44.92
N GLN AA 434 -112.18 30.34 44.55
CA GLN AA 434 -111.38 31.14 43.62
C GLN AA 434 -111.27 30.38 42.31
N TRP AA 435 -111.59 31.00 41.16
CA TRP AA 435 -111.68 30.25 39.93
C TRP AA 435 -110.71 30.68 38.84
N ASN AA 436 -110.23 29.70 38.04
CA ASN AA 436 -109.35 29.94 36.91
C ASN AA 436 -109.76 29.05 35.71
N PRO AA 437 -110.16 29.50 34.52
CA PRO AA 437 -110.46 28.60 33.40
C PRO AA 437 -109.28 28.46 32.42
N VAL AA 438 -109.51 27.81 31.26
CA VAL AA 438 -108.56 27.73 30.15
C VAL AA 438 -109.21 28.39 28.95
N PHE AA 439 -108.52 29.37 28.34
CA PHE AA 439 -108.94 29.96 27.09
C PHE AA 439 -107.68 30.36 26.34
N VAL AA 440 -107.60 30.10 25.02
CA VAL AA 440 -106.42 30.36 24.21
C VAL AA 440 -106.90 30.88 22.87
N ASN AA 441 -106.30 31.99 22.37
CA ASN AA 441 -106.59 32.53 21.06
C ASN AA 441 -105.28 32.53 20.24
N PRO AA 442 -105.10 31.69 19.22
CA PRO AA 442 -103.84 31.64 18.48
C PRO AA 442 -104.05 31.94 17.00
N LEU AA 443 -103.07 32.61 16.35
CA LEU AA 443 -103.14 32.96 14.95
C LEU AA 443 -101.98 32.32 14.20
N PRO AA 444 -102.21 31.64 13.06
CA PRO AA 444 -101.13 31.27 12.16
C PRO AA 444 -101.27 32.01 10.84
N GLU AA 445 -100.19 32.60 10.31
CA GLU AA 445 -100.21 33.32 9.05
C GLU AA 445 -99.24 32.67 8.07
N ASP AA 446 -99.49 32.84 6.77
CA ASP AA 446 -98.66 32.27 5.72
C ASP AA 446 -98.74 33.12 4.45
N ASP AA 447 -97.67 33.10 3.64
CA ASP AA 447 -97.52 33.92 2.46
C ASP AA 447 -96.53 33.27 1.50
N LEU AA 448 -96.27 33.92 0.35
CA LEU AA 448 -95.13 33.64 -0.49
C LEU AA 448 -93.79 33.96 0.19
N ALA AA 449 -92.65 33.77 -0.49
CA ALA AA 449 -91.41 34.24 0.09
C ALA AA 449 -90.64 34.91 -1.02
N ILE AA 450 -90.01 36.08 -0.74
CA ILE AA 450 -89.02 36.65 -1.67
C ILE AA 450 -87.79 35.76 -1.79
N SER AA 451 -87.15 35.44 -0.64
CA SER AA 451 -86.16 34.36 -0.53
C SER AA 451 -85.49 34.26 0.83
N ASP AA 452 -85.75 35.16 1.82
CA ASP AA 452 -85.06 35.13 3.10
C ASP AA 452 -85.24 33.87 3.90
N GLU AA 453 -86.50 33.45 4.12
CA GLU AA 453 -86.80 32.20 4.79
C GLU AA 453 -87.07 31.14 3.73
N GLN AA 454 -86.08 30.99 2.82
CA GLN AA 454 -86.06 30.11 1.68
C GLN AA 454 -87.25 30.22 0.73
N GLU AA 455 -87.55 29.16 -0.04
CA GLU AA 455 -88.69 29.14 -0.95
C GLU AA 455 -89.87 28.46 -0.25
N PRO AA 456 -91.12 28.60 -0.70
CA PRO AA 456 -92.31 28.09 -0.02
C PRO AA 456 -92.28 26.63 0.40
N GLN AA 457 -91.66 25.72 -0.39
CA GLN AA 457 -91.59 24.31 -0.09
C GLN AA 457 -90.93 23.98 1.25
N GLU AA 458 -89.78 24.62 1.54
CA GLU AA 458 -89.07 24.53 2.81
C GLU AA 458 -89.87 25.10 3.97
N ALA AA 459 -90.45 26.30 3.77
CA ALA AA 459 -91.26 26.97 4.78
C ALA AA 459 -92.53 26.21 5.17
N TYR AA 460 -93.29 25.68 4.18
CA TYR AA 460 -94.40 24.79 4.45
C TYR AA 460 -94.01 23.47 5.09
N LEU AA 461 -92.85 22.88 4.73
CA LEU AA 461 -92.33 21.70 5.41
C LEU AA 461 -92.04 21.91 6.90
N GLU AA 462 -91.39 23.03 7.28
CA GLU AA 462 -91.22 23.38 8.68
C GLU AA 462 -92.53 23.68 9.39
N CYS AA 463 -93.42 24.47 8.75
CA CYS AA 463 -94.71 24.83 9.33
C CYS AA 463 -95.67 23.67 9.47
N LEU AA 464 -95.49 22.58 8.69
CA LEU AA 464 -96.20 21.33 8.86
C LEU AA 464 -95.64 20.39 9.92
N PHE AA 465 -94.30 20.27 10.06
CA PHE AA 465 -93.69 19.45 11.10
C PHE AA 465 -93.75 20.09 12.50
N ALA AA 466 -93.62 21.43 12.59
CA ALA AA 466 -93.60 22.16 13.85
C ALA AA 466 -94.91 22.52 14.60
N PRO AA 467 -96.18 22.45 14.17
CA PRO AA 467 -97.31 22.95 14.93
C PRO AA 467 -97.63 21.98 16.05
N GLY AA 468 -98.05 22.50 17.21
CA GLY AA 468 -98.32 21.68 18.39
C GLY AA 468 -99.61 20.91 18.31
N ARG AA 469 -100.35 21.09 17.21
CA ARG AA 469 -101.48 20.28 16.86
C ARG AA 469 -101.04 19.32 15.76
N PHE AA 470 -100.09 18.41 16.03
CA PHE AA 470 -99.58 17.50 15.02
C PHE AA 470 -99.25 16.17 15.66
N THR AA 471 -99.57 15.06 14.97
CA THR AA 471 -99.12 13.74 15.33
C THR AA 471 -98.61 13.11 14.06
N ILE AA 472 -97.73 12.10 14.17
CA ILE AA 472 -97.21 11.36 13.03
C ILE AA 472 -98.30 10.60 12.29
N ALA AA 473 -99.22 9.92 12.98
CA ALA AA 473 -100.23 9.11 12.33
C ALA AA 473 -101.19 9.84 11.39
N ALA AA 474 -101.61 11.08 11.76
CA ALA AA 474 -102.37 11.99 10.93
C ALA AA 474 -101.62 12.45 9.68
N VAL AA 475 -100.30 12.79 9.77
CA VAL AA 475 -99.51 13.12 8.59
C VAL AA 475 -99.40 11.93 7.65
N GLN AA 476 -99.16 10.72 8.19
CA GLN AA 476 -99.10 9.48 7.43
C GLN AA 476 -100.41 9.15 6.74
N LYS AA 477 -101.55 9.36 7.43
CA LYS AA 477 -102.86 9.23 6.83
C LYS AA 477 -103.13 10.24 5.73
N ALA AA 478 -102.70 11.49 5.90
CA ALA AA 478 -102.74 12.48 4.85
C ALA AA 478 -101.87 12.15 3.62
N ILE AA 479 -100.66 11.56 3.81
CA ILE AA 479 -99.81 11.05 2.72
C ILE AA 479 -100.52 10.01 1.88
N GLN AA 480 -101.34 9.13 2.52
CA GLN AA 480 -102.16 8.14 1.83
C GLN AA 480 -103.15 8.75 0.85
N ILE AA 481 -103.74 9.92 1.19
CA ILE AA 481 -104.65 10.64 0.31
C ILE AA 481 -103.99 11.19 -0.95
N LEU AA 482 -102.73 11.65 -0.87
CA LEU AA 482 -101.98 12.09 -2.05
C LEU AA 482 -101.20 10.94 -2.69
N ARG AA 483 -101.56 9.68 -2.38
CA ARG AA 483 -100.85 8.54 -2.91
C ARG AA 483 -101.69 7.27 -2.79
N LYS AA 484 -101.37 6.44 -1.79
CA LYS AA 484 -101.73 5.08 -1.48
C LYS AA 484 -100.83 4.80 -0.28
N GLY AA 485 -100.73 3.53 0.20
CA GLY AA 485 -99.86 3.16 1.30
C GLY AA 485 -100.62 3.07 2.59
N SER AA 486 -99.94 2.67 3.68
CA SER AA 486 -100.61 2.49 4.96
C SER AA 486 -99.65 2.38 6.11
N GLY AA 487 -99.31 1.15 6.55
CA GLY AA 487 -98.39 0.87 7.65
C GLY AA 487 -96.95 0.96 7.26
N ARG AA 488 -96.64 0.91 5.94
CA ARG AA 488 -95.27 0.98 5.44
C ARG AA 488 -94.60 2.33 5.70
N VAL AA 489 -95.40 3.36 5.99
CA VAL AA 489 -94.90 4.69 6.33
C VAL AA 489 -94.43 4.75 7.79
N LEU AA 490 -94.80 3.76 8.63
CA LEU AA 490 -94.31 3.61 10.01
C LEU AA 490 -92.84 3.23 10.09
N ASP AA 491 -92.34 2.37 9.17
CA ASP AA 491 -90.95 1.96 9.12
C ASP AA 491 -90.03 2.98 8.43
N LEU AA 492 -90.47 4.25 8.29
CA LEU AA 492 -89.67 5.33 7.76
C LEU AA 492 -89.13 6.20 8.88
N SER AA 493 -87.87 6.65 8.77
CA SER AA 493 -87.30 7.68 9.64
C SER AA 493 -88.04 8.99 9.55
N TRP AA 494 -87.98 9.82 10.61
CA TRP AA 494 -88.67 11.11 10.63
C TRP AA 494 -88.29 12.04 9.47
N GLU AA 495 -86.99 12.09 9.13
CA GLU AA 495 -86.45 12.78 7.97
C GLU AA 495 -86.90 12.19 6.64
N GLU AA 496 -86.96 10.84 6.50
CA GLU AA 496 -87.51 10.16 5.34
C GLU AA 496 -88.99 10.46 5.14
N LEU AA 497 -89.75 10.53 6.23
CA LEU AA 497 -91.13 11.01 6.26
C LEU AA 497 -91.27 12.45 5.78
N ARG AA 498 -90.38 13.37 6.22
CA ARG AA 498 -90.32 14.73 5.69
C ARG AA 498 -90.03 14.76 4.20
N LYS AA 499 -89.05 13.96 3.73
CA LYS AA 499 -88.72 13.82 2.33
C LYS AA 499 -89.86 13.25 1.47
N ASP AA 500 -90.57 12.20 1.92
CA ASP AA 500 -91.70 11.63 1.19
C ASP AA 500 -92.86 12.63 1.05
N VAL AA 501 -93.21 13.39 2.11
CA VAL AA 501 -94.21 14.45 2.01
C VAL AA 501 -93.81 15.51 0.99
N THR AA 502 -92.57 16.03 1.09
CA THR AA 502 -92.03 17.06 0.22
C THR AA 502 -91.92 16.64 -1.22
N LEU AA 503 -91.40 15.42 -1.46
CA LEU AA 503 -91.27 14.81 -2.76
C LEU AA 503 -92.63 14.53 -3.40
N THR AA 504 -93.61 14.03 -2.61
CA THR AA 504 -94.98 13.79 -3.07
C THR AA 504 -95.65 15.04 -3.59
N VAL AA 505 -95.56 16.17 -2.83
CA VAL AA 505 -96.09 17.46 -3.24
C VAL AA 505 -95.42 17.98 -4.51
N GLU AA 506 -94.08 17.91 -4.61
CA GLU AA 506 -93.33 18.35 -5.78
C GLU AA 506 -93.65 17.56 -7.04
N ASN AA 507 -93.76 16.21 -6.94
CA ASN AA 507 -94.07 15.33 -8.05
C ASN AA 507 -95.40 15.62 -8.74
N GLU AA 508 -96.45 15.95 -7.96
CA GLU AA 508 -97.75 16.33 -8.50
C GLU AA 508 -97.70 17.61 -9.32
N ILE AA 509 -96.98 18.64 -8.83
CA ILE AA 509 -96.95 19.95 -9.46
C ILE AA 509 -96.10 19.99 -10.73
N GLN AA 510 -96.69 20.51 -11.81
CA GLN AA 510 -96.04 20.61 -13.09
C GLN AA 510 -95.79 22.07 -13.39
N ASN AA 511 -94.70 22.38 -14.11
CA ASN AA 511 -94.49 23.71 -14.64
C ASN AA 511 -95.23 23.87 -15.97
N GLN AA 520 -93.00 30.72 -13.92
CA GLN AA 520 -92.48 30.69 -12.57
C GLN AA 520 -93.53 31.07 -11.53
N GLU AA 521 -94.34 32.10 -11.84
CA GLU AA 521 -95.37 32.58 -10.95
C GLU AA 521 -96.50 31.58 -10.72
N GLU AA 522 -97.08 30.96 -11.77
CA GLU AA 522 -98.09 29.94 -11.59
C GLU AA 522 -97.56 28.70 -10.88
N PHE AA 523 -96.31 28.28 -11.19
CA PHE AA 523 -95.65 27.21 -10.47
C PHE AA 523 -95.55 27.49 -8.97
N ARG AA 524 -95.16 28.72 -8.57
CA ARG AA 524 -95.14 29.12 -7.18
C ARG AA 524 -96.54 29.12 -6.55
N GLN AA 525 -97.56 29.69 -7.22
CA GLN AA 525 -98.93 29.71 -6.72
C GLN AA 525 -99.53 28.31 -6.53
N ILE AA 526 -99.41 27.43 -7.54
CA ILE AA 526 -99.89 26.06 -7.50
C ILE AA 526 -99.18 25.23 -6.43
N ASN AA 527 -97.85 25.40 -6.29
CA ASN AA 527 -97.07 24.74 -5.25
C ASN AA 527 -97.50 25.17 -3.84
N ILE AA 528 -97.77 26.48 -3.61
CA ILE AA 528 -98.31 26.97 -2.34
C ILE AA 528 -99.67 26.33 -2.04
N GLU AA 529 -100.59 26.29 -3.01
CA GLU AA 529 -101.91 25.70 -2.83
C GLU AA 529 -101.90 24.22 -2.48
N ASN AA 530 -101.02 23.40 -3.10
CA ASN AA 530 -100.90 21.99 -2.76
C ASN AA 530 -100.46 21.79 -1.31
N TRP AA 531 -99.45 22.54 -0.87
CA TRP AA 531 -99.00 22.54 0.51
C TRP AA 531 -100.09 23.00 1.49
N CYS AA 532 -100.88 24.04 1.15
CA CYS AA 532 -102.05 24.45 1.92
C CYS AA 532 -103.10 23.37 2.06
N LYS AA 533 -103.44 22.66 0.95
CA LYS AA 533 -104.37 21.54 1.00
C LYS AA 533 -103.86 20.41 1.87
N PHE AA 534 -102.57 20.05 1.75
CA PHE AA 534 -101.94 19.03 2.55
C PHE AA 534 -101.92 19.39 4.03
N TYR AA 535 -101.58 20.65 4.38
CA TYR AA 535 -101.61 21.15 5.74
C TYR AA 535 -102.99 21.05 6.37
N THR AA 536 -104.05 21.48 5.63
CA THR AA 536 -105.44 21.36 6.06
C THR AA 536 -105.87 19.93 6.30
N CYS AA 537 -105.54 19.00 5.37
CA CYS AA 537 -105.86 17.59 5.52
C CYS AA 537 -105.20 16.93 6.73
N CYS AA 538 -103.90 17.24 6.98
CA CYS AA 538 -103.18 16.78 8.15
C CYS AA 538 -103.80 17.26 9.44
N LEU AA 539 -104.18 18.55 9.50
CA LEU AA 539 -104.85 19.16 10.62
C LEU AA 539 -106.22 18.55 10.88
N GLN AA 540 -107.04 18.30 9.82
CA GLN AA 540 -108.36 17.69 9.92
C GLN AA 540 -108.35 16.28 10.51
N TYR AA 541 -107.43 15.40 10.08
CA TYR AA 541 -107.27 14.10 10.70
C TYR AA 541 -106.84 14.20 12.16
N GLN AA 542 -105.92 15.13 12.44
CA GLN AA 542 -105.46 15.44 13.77
C GLN AA 542 -106.52 15.95 14.71
N GLU AA 543 -107.47 16.82 14.29
CA GLU AA 543 -108.44 17.41 15.21
C GLU AA 543 -109.41 16.38 15.77
N THR AA 544 -109.52 15.21 15.12
CA THR AA 544 -110.17 14.04 15.74
C THR AA 544 -109.52 13.64 17.05
N LEU AA 545 -108.18 13.77 17.15
CA LEU AA 545 -107.41 13.49 18.35
C LEU AA 545 -107.60 14.52 19.45
N SER AA 546 -108.09 15.74 19.15
CA SER AA 546 -108.13 16.79 20.14
C SER AA 546 -109.24 16.62 21.16
N ARG AA 547 -110.24 15.73 20.87
CA ARG AA 547 -111.23 15.23 21.82
C ARG AA 547 -110.64 14.82 23.18
N PRO AA 548 -110.99 15.39 24.32
CA PRO AA 548 -110.54 14.92 25.61
C PRO AA 548 -111.32 13.69 26.06
N LEU AA 549 -110.65 12.76 26.77
CA LEU AA 549 -111.20 11.51 27.22
C LEU AA 549 -111.27 11.45 28.74
N ALA AA 550 -110.24 11.94 29.45
CA ALA AA 550 -110.19 11.83 30.91
C ALA AA 550 -109.16 12.80 31.49
N LEU AA 551 -109.20 13.01 32.82
CA LEU AA 551 -108.25 13.84 33.55
C LEU AA 551 -107.80 13.14 34.82
N LEU AA 552 -106.48 12.91 35.00
CA LEU AA 552 -105.97 12.26 36.20
C LEU AA 552 -104.91 13.09 36.90
N VAL AA 553 -104.97 13.20 38.25
CA VAL AA 553 -103.92 13.79 39.07
C VAL AA 553 -102.88 12.76 39.47
N HIS AA 554 -101.59 13.12 39.46
CA HIS AA 554 -100.54 12.21 39.90
C HIS AA 554 -99.91 12.77 41.16
N PRO AA 555 -99.80 12.05 42.28
CA PRO AA 555 -99.22 12.64 43.50
C PRO AA 555 -97.70 12.55 43.62
N ASP AA 556 -96.99 11.67 42.87
CA ASP AA 556 -95.51 11.62 42.85
C ASP AA 556 -94.93 12.89 42.23
N THR AA 557 -95.56 13.31 41.13
CA THR AA 557 -95.28 14.52 40.41
C THR AA 557 -96.18 15.59 40.96
N ASN AA 558 -95.94 16.89 40.67
CA ASN AA 558 -96.95 17.89 40.91
C ASN AA 558 -97.64 18.11 39.58
N MET AA 559 -98.40 17.11 39.10
CA MET AA 559 -98.93 17.14 37.76
C MET AA 559 -100.37 16.68 37.67
N VAL AA 560 -101.18 17.51 37.01
CA VAL AA 560 -102.45 17.11 36.48
C VAL AA 560 -102.23 16.72 35.04
N CYS AA 561 -102.75 15.56 34.62
CA CYS AA 561 -102.57 15.07 33.28
C CYS AA 561 -103.90 14.95 32.58
N LEU AA 562 -104.04 15.61 31.42
CA LEU AA 562 -105.19 15.58 30.57
C LEU AA 562 -104.96 14.51 29.52
N LEU AA 563 -105.98 13.68 29.27
CA LEU AA 563 -105.90 12.66 28.24
C LEU AA 563 -106.78 13.08 27.10
N ARG AA 564 -106.19 13.24 25.90
CA ARG AA 564 -106.94 13.43 24.68
C ARG AA 564 -106.81 12.20 23.85
N LYS AA 565 -107.62 12.10 22.81
CA LYS AA 565 -107.75 10.96 21.93
C LYS AA 565 -106.50 10.57 21.10
N GLY AA 566 -105.32 11.13 21.43
CA GLY AA 566 -104.03 10.85 20.81
C GLY AA 566 -103.03 11.96 21.06
N PHE AA 567 -103.25 12.70 22.15
CA PHE AA 567 -102.38 13.74 22.62
C PHE AA 567 -102.52 13.77 24.10
N LEU AA 568 -101.42 14.07 24.76
CA LEU AA 568 -101.35 14.15 26.17
C LEU AA 568 -101.14 15.59 26.52
N SER AA 569 -101.77 16.09 27.59
CA SER AA 569 -101.50 17.45 28.00
C SER AA 569 -101.36 17.61 29.50
N PHE AA 570 -100.68 18.68 29.94
CA PHE AA 570 -100.57 19.02 31.35
C PHE AA 570 -100.87 20.50 31.50
N LEU AA 571 -101.40 20.94 32.66
CA LEU AA 571 -101.64 22.35 32.90
C LEU AA 571 -100.45 23.05 33.53
N ALA AA 572 -100.15 24.25 33.02
CA ALA AA 572 -99.16 25.17 33.54
C ALA AA 572 -99.85 26.48 33.87
N PRO AA 573 -99.38 27.26 34.83
CA PRO AA 573 -99.73 28.67 34.91
C PRO AA 573 -99.03 29.46 33.81
N CYS AA 574 -99.71 30.46 33.20
CA CYS AA 574 -99.08 31.35 32.25
C CYS AA 574 -97.94 32.18 32.84
N SER AA 575 -96.89 32.46 32.05
CA SER AA 575 -95.84 33.37 32.46
C SER AA 575 -96.24 34.82 32.20
N LEU AA 576 -95.46 35.80 32.70
CA LEU AA 576 -95.66 37.21 32.42
C LEU AA 576 -95.57 37.52 30.93
N VAL AA 577 -94.65 36.84 30.23
CA VAL AA 577 -94.43 36.94 28.79
C VAL AA 577 -95.66 36.51 28.00
N GLU AA 578 -96.29 35.37 28.35
CA GLU AA 578 -97.50 34.89 27.72
C GLU AA 578 -98.67 35.85 27.91
N HIS AA 579 -98.81 36.39 29.14
CA HIS AA 579 -99.83 37.38 29.47
C HIS AA 579 -99.70 38.68 28.68
N LEU AA 580 -98.47 39.19 28.49
CA LEU AA 580 -98.20 40.35 27.65
C LEU AA 580 -98.36 40.13 26.15
N TYR AA 581 -98.04 38.92 25.65
CA TYR AA 581 -98.21 38.54 24.26
C TYR AA 581 -99.67 38.56 23.81
N LEU AA 582 -100.58 38.00 24.63
CA LEU AA 582 -101.99 37.97 24.34
C LEU AA 582 -102.72 39.28 24.63
N VAL AA 583 -103.82 39.51 23.90
CA VAL AA 583 -104.66 40.69 24.05
C VAL AA 583 -105.62 40.56 25.23
N PRO AA 584 -106.19 41.61 25.82
CA PRO AA 584 -106.11 43.01 25.39
C PRO AA 584 -105.43 43.91 26.40
N ALA AA 585 -105.14 45.16 25.97
CA ALA AA 585 -104.48 46.20 26.74
C ALA AA 585 -105.18 46.53 28.05
N GLU AA 586 -106.52 46.58 28.03
CA GLU AA 586 -107.35 46.77 29.21
C GLU AA 586 -107.15 45.69 30.25
N HIS AA 587 -107.12 44.40 29.86
CA HIS AA 587 -106.89 43.27 30.78
C HIS AA 587 -105.54 43.32 31.46
N LEU AA 588 -104.50 43.79 30.77
CA LEU AA 588 -103.20 44.08 31.36
C LEU AA 588 -103.27 45.15 32.45
N LEU AA 589 -104.04 46.23 32.22
CA LEU AA 589 -104.25 47.30 33.18
C LEU AA 589 -105.22 46.95 34.30
N THR AA 590 -106.07 45.91 34.14
CA THR AA 590 -107.05 45.45 35.14
C THR AA 590 -106.38 44.69 36.29
N VAL AA 591 -105.11 44.29 36.13
CA VAL AA 591 -104.33 43.66 37.21
C VAL AA 591 -104.05 44.60 38.38
N ASP AA 592 -104.80 44.42 39.49
CA ASP AA 592 -104.75 45.17 40.73
C ASP AA 592 -103.35 45.25 41.36
N GLU AA 593 -102.90 46.49 41.63
CA GLU AA 593 -101.57 46.81 42.10
C GLU AA 593 -101.19 46.38 43.51
N SER AA 594 -100.21 45.46 43.61
CA SER AA 594 -99.81 44.89 44.90
C SER AA 594 -98.43 45.29 45.39
N VAL AA 595 -97.52 45.79 44.51
CA VAL AA 595 -96.14 46.06 44.93
C VAL AA 595 -95.91 47.54 45.16
N ILE AA 596 -96.88 48.37 44.75
CA ILE AA 596 -96.98 49.80 44.90
C ILE AA 596 -98.49 50.01 44.76
N SER AA 597 -99.02 51.23 44.93
CA SER AA 597 -100.44 51.57 44.73
C SER AA 597 -100.89 51.66 43.27
N ASP AA 598 -102.18 51.97 42.99
CA ASP AA 598 -102.63 52.44 41.67
C ASP AA 598 -101.84 53.70 41.24
N ASP AA 599 -100.83 53.51 40.37
CA ASP AA 599 -99.82 54.53 40.11
C ASP AA 599 -98.90 54.14 38.94
N ILE AA 600 -97.95 55.02 38.63
CA ILE AA 600 -96.96 54.91 37.56
C ILE AA 600 -96.00 53.74 37.70
N ASP AA 601 -95.55 53.36 38.91
CA ASP AA 601 -94.55 52.31 39.09
C ASP AA 601 -95.14 50.89 39.09
N ALA AA 602 -96.48 50.76 38.99
CA ALA AA 602 -97.27 49.54 38.93
C ALA AA 602 -97.02 48.50 37.82
N ALA AA 603 -96.99 48.86 36.52
CA ALA AA 603 -96.93 50.21 36.00
C ALA AA 603 -97.82 50.47 34.81
N SER AA 604 -98.74 51.45 34.95
CA SER AA 604 -99.62 51.90 33.87
C SER AA 604 -98.85 52.43 32.69
N ASP AA 605 -97.85 53.29 32.94
CA ASP AA 605 -96.96 53.86 31.94
C ASP AA 605 -96.15 52.80 31.21
N ILE AA 606 -95.66 51.78 31.94
CA ILE AA 606 -95.02 50.61 31.34
C ILE AA 606 -95.92 49.80 30.44
N VAL AA 607 -97.16 49.52 30.90
CA VAL AA 607 -98.13 48.74 30.15
C VAL AA 607 -98.59 49.47 28.89
N ASN AA 608 -98.66 50.82 28.95
CA ASN AA 608 -98.81 51.64 27.76
C ASN AA 608 -97.67 51.44 26.74
N LEU AA 609 -96.40 51.42 27.20
CA LEU AA 609 -95.26 51.18 26.35
C LEU AA 609 -95.20 49.78 25.73
N ILE AA 610 -95.47 48.69 26.47
CA ILE AA 610 -95.49 47.33 25.89
C ILE AA 610 -96.59 47.16 24.84
N GLN AA 611 -97.78 47.76 25.00
CA GLN AA 611 -98.75 47.79 23.91
C GLN AA 611 -98.31 48.64 22.72
N CYS AA 612 -97.58 49.77 22.92
CA CYS AA 612 -96.94 50.49 21.81
C CYS AA 612 -95.97 49.62 21.03
N LEU AA 613 -95.15 48.80 21.72
CA LEU AA 613 -94.25 47.84 21.11
C LEU AA 613 -94.99 46.84 20.23
N ARG AA 614 -96.05 46.21 20.80
CA ARG AA 614 -96.85 45.20 20.15
C ARG AA 614 -97.56 45.72 18.90
N MET AA 615 -98.12 46.95 18.93
CA MET AA 615 -98.72 47.57 17.75
C MET AA 615 -97.75 47.78 16.60
N ILE AA 616 -96.51 48.22 16.89
CA ILE AA 616 -95.50 48.41 15.86
C ILE AA 616 -95.07 47.09 15.24
N ALA AA 617 -94.95 46.04 16.07
CA ALA AA 617 -94.72 44.69 15.61
C ALA AA 617 -95.85 44.09 14.80
N ASP AA 618 -97.12 44.32 15.17
CA ASP AA 618 -98.28 43.88 14.40
C ASP AA 618 -98.30 44.44 12.96
N TYR AA 619 -97.60 45.56 12.67
CA TYR AA 619 -97.45 46.06 11.31
C TYR AA 619 -96.69 45.14 10.37
N ILE AA 620 -95.61 44.48 10.84
CA ILE AA 620 -94.75 43.67 9.98
C ILE AA 620 -95.47 42.46 9.39
N SER AA 621 -95.33 42.21 8.07
CA SER AA 621 -95.78 40.95 7.47
C SER AA 621 -94.79 39.83 7.72
N GLU AA 622 -95.14 38.57 7.39
CA GLU AA 622 -94.21 37.46 7.46
C GLU AA 622 -92.98 37.64 6.54
N ASP AA 623 -93.14 38.05 5.25
CA ASP AA 623 -92.04 38.48 4.38
C ASP AA 623 -91.14 39.55 5.05
N MET AA 624 -91.73 40.62 5.63
CA MET AA 624 -91.00 41.66 6.31
C MET AA 624 -90.28 41.16 7.55
N ALA AA 625 -90.94 40.32 8.37
CA ALA AA 625 -90.39 39.68 9.54
C ALA AA 625 -89.17 38.83 9.23
N TYR AA 626 -89.21 38.03 8.14
CA TYR AA 626 -88.08 37.22 7.69
C TYR AA 626 -86.85 38.04 7.32
N LEU AA 627 -87.01 39.17 6.58
CA LEU AA 627 -85.89 40.07 6.27
C LEU AA 627 -85.28 40.70 7.53
N MET AA 628 -86.13 41.05 8.53
CA MET AA 628 -85.66 41.50 9.84
C MET AA 628 -84.83 40.44 10.56
N GLU AA 629 -85.19 39.15 10.47
CA GLU AA 629 -84.40 38.06 11.03
C GLU AA 629 -83.04 37.89 10.44
N SER AA 630 -82.95 37.94 9.10
CA SER AA 630 -81.70 37.94 8.36
C SER AA 630 -80.81 39.08 8.77
N ALA AA 631 -81.40 40.29 8.90
CA ALA AA 631 -80.70 41.44 9.42
C ALA AA 631 -80.28 41.34 10.89
N CYS AA 632 -81.15 40.97 11.84
CA CYS AA 632 -80.87 41.01 13.28
C CYS AA 632 -79.74 40.12 13.77
N CYS AA 633 -79.55 38.90 13.22
CA CYS AA 633 -78.39 38.12 13.57
C CYS AA 633 -77.11 38.61 12.89
N HIS AA 634 -77.20 39.11 11.63
CA HIS AA 634 -76.09 39.74 10.92
C HIS AA 634 -75.62 41.06 11.55
N LEU AA 635 -76.61 41.76 12.09
CA LEU AA 635 -76.50 43.10 12.66
C LEU AA 635 -75.57 43.42 13.83
N GLN AA 636 -75.46 42.53 14.82
CA GLN AA 636 -74.61 42.88 15.96
C GLN AA 636 -73.19 43.17 15.50
N ARG AA 640 -73.50 51.72 12.86
CA ARG AA 640 -74.52 52.60 13.44
C ARG AA 640 -75.91 52.03 13.17
N VAL AA 641 -76.17 50.81 13.66
CA VAL AA 641 -77.21 49.91 13.18
C VAL AA 641 -78.61 50.49 13.18
N ALA AA 642 -79.00 51.24 14.23
CA ALA AA 642 -80.33 51.75 14.42
C ALA AA 642 -80.86 52.62 13.28
N GLU AA 643 -80.00 53.50 12.72
CA GLU AA 643 -80.36 54.36 11.60
C GLU AA 643 -80.65 53.61 10.32
N GLN AA 644 -79.75 52.68 9.91
CA GLN AA 644 -79.90 51.87 8.72
C GLN AA 644 -81.01 50.85 8.83
N ILE AA 645 -81.11 50.14 9.97
CA ILE AA 645 -82.12 49.15 10.29
C ILE AA 645 -83.52 49.74 10.25
N LEU AA 646 -83.69 50.96 10.78
CA LEU AA 646 -84.94 51.67 10.59
C LEU AA 646 -85.27 51.98 9.14
N GLU AA 647 -84.29 52.48 8.36
CA GLU AA 647 -84.50 52.95 7.01
C GLU AA 647 -84.96 51.87 6.04
N ASP AA 648 -84.26 50.72 6.03
CA ASP AA 648 -84.67 49.59 5.21
C ASP AA 648 -85.94 48.89 5.70
N LEU AA 649 -86.02 48.58 7.01
CA LEU AA 649 -87.04 47.69 7.53
C LEU AA 649 -88.28 48.42 8.04
N ILE AA 650 -88.10 49.43 8.92
CA ILE AA 650 -89.22 50.07 9.59
C ILE AA 650 -89.88 51.12 8.73
N ALA AA 651 -89.12 52.06 8.14
CA ALA AA 651 -89.66 53.27 7.50
C ALA AA 651 -90.57 53.00 6.33
N ASN AA 652 -90.25 51.98 5.51
CA ASN AA 652 -91.08 51.50 4.42
C ASN AA 652 -92.43 50.92 4.85
N ASP AA 653 -92.48 50.24 6.02
CA ASP AA 653 -93.59 49.40 6.42
C ASP AA 653 -94.43 50.06 7.51
N ILE AA 654 -94.04 51.25 7.99
CA ILE AA 654 -94.84 52.04 8.89
C ILE AA 654 -95.54 53.16 8.13
N ASP AA 655 -96.85 53.34 8.40
CA ASP AA 655 -97.59 54.54 8.08
C ASP AA 655 -97.05 55.73 8.90
N ASN AA 656 -97.61 56.95 8.72
CA ASN AA 656 -97.28 58.13 9.51
C ASN AA 656 -97.95 58.08 10.90
N ILE AA 657 -98.06 56.86 11.45
CA ILE AA 657 -98.39 56.54 12.81
C ILE AA 657 -97.20 56.87 13.71
N MET AA 658 -96.04 57.15 13.09
CA MET AA 658 -94.82 57.63 13.70
C MET AA 658 -95.01 58.88 14.55
N GLU AA 659 -95.81 59.86 14.09
CA GLU AA 659 -96.22 61.02 14.87
C GLU AA 659 -97.02 60.66 16.12
N ASN AA 660 -98.00 59.73 15.99
CA ASN AA 660 -98.78 59.21 17.11
C ASN AA 660 -97.91 58.50 18.14
N ILE AA 661 -96.93 57.68 17.69
CA ILE AA 661 -95.96 57.04 18.56
C ILE AA 661 -95.08 58.05 19.28
N GLN AA 662 -94.53 59.06 18.57
CA GLN AA 662 -93.70 60.11 19.15
C GLN AA 662 -94.43 60.92 20.21
N ASN AA 663 -95.67 61.36 19.93
CA ASN AA 663 -96.49 62.12 20.88
C ASN AA 663 -96.74 61.35 22.18
N LYS AA 664 -97.19 60.07 22.08
CA LYS AA 664 -97.46 59.24 23.25
C LYS AA 664 -96.22 58.97 24.10
N LEU AA 665 -95.06 58.73 23.45
CA LEU AA 665 -93.80 58.58 24.15
C LEU AA 665 -93.34 59.84 24.88
N GLN AA 666 -93.55 61.03 24.28
CA GLN AA 666 -93.24 62.31 24.90
C GLN AA 666 -94.10 62.64 26.13
N ASP AA 667 -95.42 62.35 26.07
CA ASP AA 667 -96.35 62.59 27.17
C ASP AA 667 -96.01 61.81 28.45
N THR AA 668 -95.63 60.52 28.32
CA THR AA 668 -95.18 59.66 29.41
C THR AA 668 -93.93 60.18 30.12
N ARG AA 669 -93.92 60.20 31.47
CA ARG AA 669 -92.78 60.71 32.20
C ARG AA 669 -91.74 59.63 32.48
N ASN AA 670 -90.49 59.85 32.03
CA ASN AA 670 -89.38 58.91 32.14
C ASN AA 670 -89.57 57.55 31.42
N PRO AA 671 -89.96 57.47 30.14
CA PRO AA 671 -90.36 56.20 29.52
C PRO AA 671 -89.25 55.18 29.44
N ILE AA 672 -87.97 55.60 29.36
CA ILE AA 672 -86.81 54.71 29.40
C ILE AA 672 -86.69 53.92 30.71
N ARG AA 673 -86.95 54.55 31.87
CA ARG AA 673 -86.95 53.89 33.16
C ARG AA 673 -88.05 52.86 33.24
N ALA AA 674 -89.25 53.25 32.77
CA ALA AA 674 -90.41 52.42 32.73
C ALA AA 674 -90.19 51.16 31.90
N ILE AA 675 -89.82 51.25 30.61
CA ILE AA 675 -89.71 50.04 29.82
C ILE AA 675 -88.47 49.21 30.15
N GLY AA 676 -87.44 49.85 30.76
CA GLY AA 676 -86.29 49.14 31.32
C GLY AA 676 -86.62 48.32 32.54
N PHE AA 677 -87.49 48.83 33.43
CA PHE AA 677 -88.04 48.09 34.56
C PHE AA 677 -88.94 46.93 34.09
N LEU AA 678 -89.75 47.13 33.02
CA LEU AA 678 -90.51 46.02 32.48
C LEU AA 678 -89.66 44.91 31.93
N LEU AA 679 -88.57 45.26 31.20
CA LEU AA 679 -87.63 44.29 30.69
C LEU AA 679 -87.04 43.45 31.82
N GLN AA 680 -86.66 44.11 32.93
CA GLN AA 680 -86.25 43.45 34.16
C GLN AA 680 -87.34 42.53 34.75
N ASN AA 681 -88.63 42.92 34.73
CA ASN AA 681 -89.74 42.03 35.10
C ASN AA 681 -89.99 40.87 34.11
N MET AA 682 -89.79 41.07 32.81
CA MET AA 682 -89.97 40.03 31.80
C MET AA 682 -88.80 39.07 31.71
N ASP AA 683 -87.57 39.56 31.98
CA ASP AA 683 -86.40 38.73 32.11
C ASP AA 683 -86.18 38.32 33.56
N TYR AA 684 -87.11 38.75 34.47
CA TYR AA 684 -87.27 38.20 35.79
C TYR AA 684 -87.74 36.77 35.69
N GLU AA 685 -86.74 35.89 35.59
CA GLU AA 685 -86.89 34.56 36.11
C GLU AA 685 -85.95 34.36 37.30
N MET AA 690 -84.86 39.57 46.61
CA MET AA 690 -84.82 39.05 47.97
C MET AA 690 -84.38 37.60 48.00
N GLU AA 691 -84.09 37.09 49.21
CA GLU AA 691 -83.66 35.71 49.37
C GLU AA 691 -84.75 34.75 48.91
N GLN AA 692 -85.99 35.07 49.26
CA GLN AA 692 -87.11 34.23 48.88
C GLN AA 692 -87.23 34.20 47.36
N PRO AA 693 -87.04 35.36 46.73
CA PRO AA 693 -87.10 35.45 45.27
C PRO AA 693 -86.00 34.61 44.64
N GLN AA 694 -84.82 34.65 45.23
CA GLN AA 694 -83.69 33.89 44.72
C GLN AA 694 -84.02 32.40 44.82
N PRO AA 695 -84.63 32.01 45.93
CA PRO AA 695 -85.02 30.62 46.15
C PRO AA 695 -86.04 30.17 45.11
N ASN AA 696 -86.98 31.05 44.79
CA ASN AA 696 -88.02 30.75 43.82
C ASN AA 696 -87.52 30.89 42.38
N THR AA 697 -86.31 31.42 42.23
CA THR AA 697 -85.73 31.61 40.95
C THR AA 697 -85.01 30.39 40.32
N ARG AA 698 -83.66 30.29 40.56
CA ARG AA 698 -82.73 29.25 40.18
C ARG AA 698 -83.01 28.03 41.03
N LEU AA 699 -84.05 27.29 40.65
CA LEU AA 699 -84.39 26.01 41.24
C LEU AA 699 -83.28 24.98 41.11
N ASN AA 700 -83.32 24.04 42.05
CA ASN AA 700 -82.25 23.18 42.48
C ASN AA 700 -81.67 22.29 41.38
N LEU AA 701 -80.32 22.29 41.19
CA LEU AA 701 -79.64 21.48 40.16
C LEU AA 701 -79.78 20.01 40.44
N SER AA 702 -80.35 19.26 39.48
CA SER AA 702 -80.55 17.84 39.68
C SER AA 702 -79.46 17.06 39.00
N THR AA 703 -78.83 16.19 39.78
CA THR AA 703 -77.92 15.19 39.26
C THR AA 703 -78.76 13.98 38.92
N ILE AA 708 -86.82 11.31 28.30
CA ILE AA 708 -87.24 11.69 26.97
C ILE AA 708 -88.61 12.33 26.96
N THR AA 709 -89.54 11.83 27.80
CA THR AA 709 -90.81 12.51 28.00
C THR AA 709 -90.66 13.86 28.66
N ALA AA 710 -89.85 14.00 29.73
CA ALA AA 710 -89.61 15.28 30.38
C ALA AA 710 -89.02 16.31 29.43
N SER AA 711 -88.04 15.90 28.60
CA SER AA 711 -87.45 16.72 27.58
C SER AA 711 -88.36 17.12 26.45
N SER AA 712 -89.14 16.17 25.91
CA SER AA 712 -90.13 16.38 24.85
C SER AA 712 -91.18 17.39 25.26
N VAL AA 713 -91.64 17.27 26.51
CA VAL AA 713 -92.58 18.18 27.13
C VAL AA 713 -92.01 19.57 27.28
N VAL AA 714 -90.84 19.77 27.92
CA VAL AA 714 -90.37 21.13 28.06
C VAL AA 714 -89.81 21.75 26.78
N CYS AA 715 -89.27 20.96 25.82
CA CYS AA 715 -88.96 21.44 24.48
C CYS AA 715 -90.10 22.23 23.85
N GLN AA 716 -91.31 21.65 23.93
CA GLN AA 716 -92.51 22.29 23.49
C GLN AA 716 -92.90 23.54 24.29
N ALA AA 717 -92.69 23.58 25.63
CA ALA AA 717 -92.83 24.80 26.42
C ALA AA 717 -91.83 25.89 26.08
N ILE AA 718 -90.54 25.53 25.95
CA ILE AA 718 -89.46 26.45 25.60
C ILE AA 718 -89.69 27.06 24.24
N CYS AA 719 -90.18 26.28 23.26
CA CYS AA 719 -90.63 26.81 21.97
C CYS AA 719 -91.78 27.82 22.07
N LYS AA 720 -92.82 27.56 22.88
CA LYS AA 720 -93.90 28.52 23.08
C LYS AA 720 -93.42 29.82 23.74
N ILE AA 721 -92.65 29.69 24.84
CA ILE AA 721 -92.06 30.79 25.58
C ILE AA 721 -91.01 31.55 24.78
N SER AA 722 -90.17 30.85 23.99
CA SER AA 722 -89.19 31.49 23.12
C SER AA 722 -89.83 32.32 22.04
N ALA AA 723 -90.89 31.83 21.38
CA ALA AA 723 -91.62 32.55 20.37
C ALA AA 723 -92.27 33.84 20.85
N THR AA 724 -92.92 33.81 22.02
CA THR AA 724 -93.53 34.99 22.65
C THR AA 724 -92.50 36.03 23.09
N ARG AA 725 -91.38 35.59 23.71
CA ARG AA 725 -90.24 36.46 24.03
C ARG AA 725 -89.55 37.03 22.82
N PHE AA 726 -89.38 36.22 21.77
CA PHE AA 726 -88.74 36.57 20.52
C PHE AA 726 -89.44 37.74 19.84
N LEU AA 727 -90.80 37.74 19.84
CA LEU AA 727 -91.56 38.89 19.43
C LEU AA 727 -91.27 40.08 20.33
N ILE AA 728 -91.47 39.98 21.67
CA ILE AA 728 -91.29 41.10 22.59
C ILE AA 728 -89.90 41.75 22.54
N CYS AA 729 -88.82 40.93 22.47
CA CYS AA 729 -87.46 41.40 22.30
C CYS AA 729 -87.24 42.13 20.97
N ARG AA 730 -87.82 41.64 19.86
CA ARG AA 730 -87.85 42.35 18.59
C ARG AA 730 -88.61 43.66 18.71
N ASP AA 731 -89.79 43.66 19.34
CA ASP AA 731 -90.66 44.80 19.46
C ASP AA 731 -90.00 45.96 20.21
N LEU AA 732 -89.26 45.65 21.30
CA LEU AA 732 -88.39 46.58 22.01
C LEU AA 732 -87.31 47.18 21.14
N LEU AA 733 -86.63 46.35 20.33
CA LEU AA 733 -85.67 46.82 19.35
C LEU AA 733 -86.30 47.73 18.31
N ILE AA 734 -87.48 47.37 17.75
CA ILE AA 734 -88.20 48.17 16.77
C ILE AA 734 -88.57 49.54 17.32
N LEU AA 735 -89.11 49.64 18.55
CA LEU AA 735 -89.41 50.91 19.17
C LEU AA 735 -88.18 51.77 19.42
N GLN AA 736 -87.07 51.18 19.90
CA GLN AA 736 -85.81 51.89 20.04
C GLN AA 736 -85.23 52.35 18.72
N HIS AA 737 -85.27 51.50 17.67
CA HIS AA 737 -84.88 51.87 16.32
C HIS AA 737 -85.72 53.02 15.80
N LEU AA 738 -87.06 52.98 16.03
CA LEU AA 738 -87.98 54.06 15.72
C LEU AA 738 -87.68 55.35 16.44
N LEU AA 739 -87.40 55.30 17.76
CA LEU AA 739 -87.07 56.46 18.56
C LEU AA 739 -85.79 57.17 18.13
N LEU AA 740 -84.73 56.40 17.83
CA LEU AA 740 -83.42 56.91 17.47
C LEU AA 740 -83.37 57.72 16.18
N ARG AA 741 -84.17 57.40 15.14
CA ARG AA 741 -84.21 58.18 13.91
C ARG AA 741 -85.34 59.22 13.90
N LEU AA 742 -85.66 59.86 15.05
CA LEU AA 742 -86.64 60.93 15.09
C LEU AA 742 -85.96 62.25 15.36
N GLY AA 743 -86.32 63.29 14.58
CA GLY AA 743 -85.75 64.64 14.72
C GLY AA 743 -86.37 65.45 15.83
N ASP AA 744 -86.67 64.82 16.98
CA ASP AA 744 -87.38 65.43 18.07
C ASP AA 744 -86.48 65.50 19.30
N MET AA 745 -86.14 66.72 19.75
CA MET AA 745 -85.28 66.94 20.88
C MET AA 745 -85.82 66.41 22.20
N ALA AA 746 -87.13 66.56 22.44
CA ALA AA 746 -87.75 66.13 23.68
C ALA AA 746 -87.74 64.62 23.85
N LEU AA 747 -88.09 63.87 22.80
CA LEU AA 747 -88.02 62.43 22.78
C LEU AA 747 -86.61 61.85 22.79
N ILE AA 748 -85.63 62.48 22.11
CA ILE AA 748 -84.19 62.15 22.24
C ILE AA 748 -83.70 62.31 23.68
N GLY AA 749 -84.11 63.41 24.36
CA GLY AA 749 -83.83 63.62 25.78
C GLY AA 749 -84.49 62.64 26.73
N ALA AA 750 -85.66 62.10 26.33
CA ALA AA 750 -86.40 61.12 27.11
C ALA AA 750 -85.82 59.71 27.00
N GLY AA 751 -84.89 59.51 26.06
CA GLY AA 751 -84.21 58.25 25.79
C GLY AA 751 -82.95 58.06 26.59
N GLN AA 752 -82.74 58.84 27.67
CA GLN AA 752 -81.52 58.75 28.44
C GLN AA 752 -81.63 59.30 29.86
N LEU AA 753 -80.66 58.89 30.71
CA LEU AA 753 -80.25 59.65 31.87
C LEU AA 753 -79.05 60.47 31.39
N LEU AA 754 -79.11 61.81 31.50
CA LEU AA 754 -78.19 62.73 30.84
C LEU AA 754 -76.73 62.69 31.26
N HIS AA 755 -76.44 62.61 32.57
CA HIS AA 755 -75.07 62.81 33.05
C HIS AA 755 -74.95 62.30 34.49
N SER AA 756 -74.24 61.18 34.78
CA SER AA 756 -73.55 60.27 33.88
C SER AA 756 -74.46 59.67 32.83
N GLN AA 757 -73.98 59.57 31.57
CA GLN AA 757 -74.86 59.32 30.45
C GLN AA 757 -75.21 57.84 30.28
N GLN AA 758 -76.51 57.52 30.41
CA GLN AA 758 -76.99 56.20 30.10
C GLN AA 758 -78.18 56.31 29.17
N GLU AA 759 -77.98 56.03 27.88
CA GLU AA 759 -79.02 56.13 26.87
C GLU AA 759 -79.78 54.82 26.67
N LEU AA 760 -80.58 54.74 25.59
CA LEU AA 760 -81.13 53.50 25.07
C LEU AA 760 -80.06 52.60 24.45
N ILE AA 761 -78.85 53.13 24.11
CA ILE AA 761 -77.71 52.36 23.61
C ILE AA 761 -77.28 51.23 24.56
N PRO AA 762 -77.07 51.37 25.88
CA PRO AA 762 -76.87 50.23 26.76
C PRO AA 762 -78.02 49.24 26.82
N ARG AA 763 -79.28 49.72 26.78
CA ARG AA 763 -80.46 48.87 26.79
C ARG AA 763 -80.61 48.06 25.51
N ALA AA 764 -80.31 48.67 24.35
CA ALA AA 764 -80.35 48.07 23.04
C ALA AA 764 -79.39 46.90 22.90
N ALA AA 765 -78.17 47.02 23.46
CA ALA AA 765 -77.20 45.95 23.47
C ALA AA 765 -77.68 44.69 24.19
N GLN AA 766 -78.33 44.84 25.36
CA GLN AA 766 -78.94 43.73 26.09
C GLN AA 766 -80.08 43.06 25.33
N LEU AA 767 -80.90 43.85 24.62
CA LEU AA 767 -81.92 43.33 23.70
C LEU AA 767 -81.37 42.56 22.52
N LEU AA 768 -80.28 43.03 21.90
CA LEU AA 768 -79.59 42.29 20.86
C LEU AA 768 -79.03 40.96 21.35
N LEU AA 769 -78.45 40.93 22.56
CA LEU AA 769 -78.02 39.71 23.22
C LEU AA 769 -79.15 38.76 23.56
N SER AA 770 -80.28 39.26 24.12
CA SER AA 770 -81.45 38.44 24.41
C SER AA 770 -82.09 37.86 23.16
N TYR AA 771 -82.21 38.66 22.09
CA TYR AA 771 -82.66 38.24 20.77
C TYR AA 771 -81.77 37.12 20.19
N TYR AA 772 -80.44 37.27 20.30
CA TYR AA 772 -79.46 36.29 19.86
C TYR AA 772 -79.63 34.95 20.55
N MET AA 773 -79.71 34.94 21.90
CA MET AA 773 -79.89 33.72 22.67
C MET AA 773 -81.24 33.04 22.44
N ILE AA 774 -82.33 33.84 22.34
CA ILE AA 774 -83.65 33.33 22.01
C ILE AA 774 -83.76 32.80 20.57
N ARG AA 775 -83.21 33.51 19.55
CA ARG AA 775 -83.23 33.06 18.16
C ARG AA 775 -82.40 31.80 17.93
N TRP AA 776 -81.28 31.65 18.69
CA TRP AA 776 -80.52 30.43 18.81
C TRP AA 776 -81.39 29.27 19.31
N GLY AA 777 -82.15 29.48 20.41
CA GLY AA 777 -83.02 28.45 21.00
C GLY AA 777 -84.18 28.06 20.15
N SER AA 778 -84.71 29.02 19.37
CA SER AA 778 -85.72 28.75 18.35
C SER AA 778 -85.22 27.87 17.23
N GLN AA 779 -83.97 28.09 16.74
CA GLN AA 779 -83.36 27.23 15.72
C GLN AA 779 -83.17 25.80 16.21
N CYS AA 780 -82.71 25.68 17.47
CA CYS AA 780 -82.46 24.41 18.17
C CYS AA 780 -83.66 23.49 18.31
N LEU AA 781 -84.89 23.97 18.03
CA LEU AA 781 -86.08 23.15 17.96
C LEU AA 781 -86.04 22.05 16.91
N ALA AA 782 -85.53 22.35 15.71
CA ALA AA 782 -85.71 21.50 14.55
C ALA AA 782 -84.97 20.16 14.53
N CYS AA 783 -83.68 20.15 14.90
CA CYS AA 783 -82.77 19.12 14.43
C CYS AA 783 -82.15 18.28 15.53
N ALA AA 784 -81.74 17.04 15.17
CA ALA AA 784 -80.77 16.21 15.84
C ALA AA 784 -80.70 14.83 15.21
N VAL AA 785 -79.47 14.33 15.03
CA VAL AA 785 -79.10 13.14 14.28
C VAL AA 785 -78.65 12.07 15.27
N PRO AA 786 -79.27 10.89 15.36
CA PRO AA 786 -78.66 9.75 16.04
C PRO AA 786 -77.60 9.13 15.16
N VAL AA 787 -76.81 8.18 15.69
CA VAL AA 787 -76.01 7.28 14.87
C VAL AA 787 -76.90 6.48 13.92
N ASP AA 788 -76.38 6.03 12.77
CA ASP AA 788 -77.01 5.18 11.78
C ASP AA 788 -77.15 3.72 12.24
N ILE AA 789 -77.26 3.56 13.57
CA ILE AA 789 -77.49 2.36 14.32
C ILE AA 789 -78.97 1.98 14.31
N LEU AA 790 -79.84 2.94 13.91
CA LEU AA 790 -81.23 2.70 13.59
C LEU AA 790 -81.34 2.26 12.14
N GLU AA 791 -81.86 1.06 11.91
CA GLU AA 791 -82.00 0.52 10.59
C GLU AA 791 -83.14 -0.48 10.73
N SER AA 792 -83.89 -0.80 9.66
CA SER AA 792 -85.01 -1.74 9.72
C SER AA 792 -84.63 -3.13 9.22
N ASN AA 793 -83.45 -3.21 8.59
CA ASN AA 793 -82.70 -4.42 8.25
C ASN AA 793 -82.34 -5.29 9.46
N LEU AA 794 -82.16 -6.59 9.23
CA LEU AA 794 -81.82 -7.55 10.27
C LEU AA 794 -80.32 -7.75 10.39
N GLN AA 795 -79.52 -6.98 9.64
CA GLN AA 795 -78.07 -7.05 9.70
C GLN AA 795 -77.47 -5.93 10.54
N HIS AA 796 -78.27 -4.89 10.87
CA HIS AA 796 -77.77 -3.74 11.60
C HIS AA 796 -78.69 -3.52 12.77
N LEU AA 797 -78.27 -3.94 13.98
CA LEU AA 797 -79.14 -3.99 15.13
C LEU AA 797 -78.45 -3.33 16.32
N SER AA 798 -79.13 -2.41 17.03
CA SER AA 798 -78.52 -1.66 18.14
C SER AA 798 -78.53 -2.39 19.45
N VAL AA 799 -77.35 -2.82 19.95
CA VAL AA 799 -77.25 -3.46 21.26
C VAL AA 799 -77.55 -2.52 22.43
N LEU AA 800 -77.96 -3.09 23.57
CA LEU AA 800 -78.23 -2.30 24.76
C LEU AA 800 -76.99 -1.98 25.58
N GLU AA 801 -76.76 -0.68 25.83
CA GLU AA 801 -75.64 -0.18 26.60
C GLU AA 801 -76.02 0.06 28.07
N LEU AA 802 -77.00 -0.74 28.57
CA LEU AA 802 -77.45 -0.67 29.95
C LEU AA 802 -76.53 -1.42 30.91
N SER AA 803 -75.59 -2.23 30.38
CA SER AA 803 -74.49 -2.84 31.13
C SER AA 803 -73.55 -1.83 31.75
N ASP AA 804 -73.31 -0.72 31.03
CA ASP AA 804 -72.49 0.39 31.44
C ASP AA 804 -73.23 1.31 32.41
N SER AA 805 -74.54 1.06 32.61
CA SER AA 805 -75.44 1.81 33.48
C SER AA 805 -75.39 3.30 33.31
N GLN AA 806 -75.53 3.77 32.04
CA GLN AA 806 -75.42 5.17 31.70
C GLN AA 806 -76.47 6.11 32.29
N VAL AA 807 -77.36 5.61 33.18
CA VAL AA 807 -78.38 6.33 33.90
C VAL AA 807 -77.79 7.50 34.70
N GLU AA 808 -76.61 7.27 35.30
CA GLU AA 808 -75.76 8.25 35.95
C GLU AA 808 -75.10 9.23 34.99
N LYS AA 809 -74.60 8.73 33.83
CA LYS AA 809 -73.83 9.49 32.85
C LYS AA 809 -74.69 10.41 31.97
N ARG AA 810 -75.88 10.82 32.46
CA ARG AA 810 -76.82 11.67 31.75
C ARG AA 810 -77.33 11.06 30.44
N ARG AA 811 -77.80 9.78 30.52
CA ARG AA 811 -78.22 8.90 29.41
C ARG AA 811 -79.16 9.49 28.38
N TYR AA 812 -79.90 10.53 28.76
CA TYR AA 812 -80.73 11.29 27.86
C TYR AA 812 -79.93 11.86 26.70
N THR AA 813 -78.66 12.26 26.94
CA THR AA 813 -77.80 13.00 26.04
C THR AA 813 -77.61 12.33 24.71
N SER AA 814 -77.38 11.01 24.74
CA SER AA 814 -77.30 10.19 23.55
C SER AA 814 -78.64 9.90 22.90
N GLY AA 815 -79.71 9.79 23.72
CA GLY AA 815 -81.02 9.37 23.25
C GLY AA 815 -82.03 10.45 23.00
N ILE AA 816 -81.66 11.73 22.98
CA ILE AA 816 -82.60 12.83 22.72
C ILE AA 816 -82.95 13.00 21.23
N GLN AA 817 -84.15 13.53 20.86
CA GLN AA 817 -84.48 13.71 19.44
C GLN AA 817 -84.35 15.11 18.87
N THR AA 818 -84.21 16.17 19.69
CA THR AA 818 -83.95 17.54 19.20
C THR AA 818 -82.90 18.27 20.04
N ILE AA 819 -82.21 19.28 19.48
CA ILE AA 819 -81.23 20.07 20.24
C ILE AA 819 -81.83 20.87 21.40
N VAL AA 820 -83.03 21.44 21.27
CA VAL AA 820 -83.73 22.07 22.39
C VAL AA 820 -84.04 21.10 23.54
N GLU AA 821 -84.40 19.83 23.26
CA GLU AA 821 -84.48 18.78 24.27
C GLU AA 821 -83.13 18.50 24.91
N LEU AA 822 -82.04 18.48 24.12
CA LEU AA 822 -80.69 18.28 24.63
C LEU AA 822 -80.23 19.41 25.54
N PHE AA 823 -80.50 20.67 25.11
CA PHE AA 823 -80.31 21.87 25.89
C PHE AA 823 -81.15 21.82 27.16
N PHE AA 824 -82.41 21.38 27.09
CA PHE AA 824 -83.21 21.14 28.27
C PHE AA 824 -82.53 20.25 29.27
N GLU AA 825 -82.08 19.06 28.85
CA GLU AA 825 -81.62 18.07 29.78
C GLU AA 825 -80.30 18.44 30.48
N ASP AA 826 -79.40 19.17 29.78
CA ASP AA 826 -78.21 19.79 30.37
C ASP AA 826 -78.56 20.74 31.52
N VAL AA 827 -79.75 21.32 31.49
CA VAL AA 827 -80.23 22.23 32.50
C VAL AA 827 -81.11 21.53 33.55
N ALA AA 828 -81.14 20.19 33.66
CA ALA AA 828 -82.01 19.43 34.56
C ALA AA 828 -82.17 19.88 36.04
N ARG AA 829 -83.43 20.00 36.54
CA ARG AA 829 -83.72 20.54 37.86
C ARG AA 829 -84.78 19.70 38.52
N LYS AA 830 -84.87 19.77 39.86
CA LYS AA 830 -85.97 19.25 40.65
C LYS AA 830 -86.00 20.09 41.91
N HIS AA 831 -87.15 20.57 42.42
CA HIS AA 831 -87.22 21.30 43.68
C HIS AA 831 -86.85 20.53 44.96
N PHE AA 832 -87.29 19.27 45.09
CA PHE AA 832 -87.09 18.44 46.27
C PHE AA 832 -85.62 18.12 46.69
N PRO AA 833 -84.61 17.84 45.86
CA PRO AA 833 -83.25 17.58 46.33
C PRO AA 833 -82.55 18.81 46.90
N HIS AA 834 -81.79 18.60 47.99
CA HIS AA 834 -80.93 19.60 48.59
C HIS AA 834 -79.84 20.13 47.67
N VAL AA 835 -79.64 21.46 47.66
CA VAL AA 835 -78.58 22.08 46.87
C VAL AA 835 -77.42 22.46 47.73
N PHE AA 836 -76.26 21.92 47.35
CA PHE AA 836 -75.01 22.16 48.04
C PHE AA 836 -74.61 23.64 48.09
N ILE AA 837 -74.86 24.38 46.99
CA ILE AA 837 -74.52 25.79 46.86
C ILE AA 837 -75.67 26.75 47.23
N GLN AA 838 -76.80 26.25 47.76
CA GLN AA 838 -77.96 27.06 48.11
C GLN AA 838 -78.69 26.33 49.21
N SER AA 839 -78.04 26.15 50.38
CA SER AA 839 -78.54 25.32 51.46
C SER AA 839 -79.78 25.85 52.15
N GLY AA 840 -80.01 27.17 52.10
CA GLY AA 840 -81.22 27.82 52.61
C GLY AA 840 -82.41 27.79 51.67
N ALA AA 841 -82.28 27.21 50.47
CA ALA AA 841 -83.39 27.07 49.54
C ALA AA 841 -84.54 26.21 50.08
N SER AA 842 -85.78 26.70 49.93
CA SER AA 842 -86.97 25.97 50.37
C SER AA 842 -87.22 24.75 49.50
N GLN AA 843 -87.26 23.54 50.08
CA GLN AA 843 -87.49 22.30 49.36
C GLN AA 843 -88.93 21.85 49.56
N ASN AA 849 -90.38 18.63 38.45
CA ASN AA 849 -89.13 18.83 37.73
C ASN AA 849 -89.34 19.53 36.39
N TRP AA 850 -90.35 19.11 35.61
CA TRP AA 850 -90.95 19.84 34.49
C TRP AA 850 -90.95 21.37 34.61
N SER AA 851 -91.75 21.92 35.55
CA SER AA 851 -91.90 23.35 35.80
C SER AA 851 -90.63 23.99 36.28
N ASP AA 852 -89.88 23.30 37.15
CA ASP AA 852 -88.64 23.77 37.72
C ASP AA 852 -87.57 24.00 36.68
N LEU AA 853 -87.48 23.04 35.76
CA LEU AA 853 -86.58 23.02 34.64
C LEU AA 853 -86.84 24.09 33.61
N ILE AA 854 -88.14 24.40 33.30
CA ILE AA 854 -88.50 25.53 32.44
C ILE AA 854 -87.97 26.84 32.97
N LYS AA 855 -88.22 27.13 34.27
CA LYS AA 855 -87.78 28.35 34.95
C LYS AA 855 -86.28 28.51 34.96
N ARG AA 856 -85.56 27.40 35.09
CA ARG AA 856 -84.14 27.42 34.94
C ARG AA 856 -83.59 27.53 33.51
N ILE AA 857 -84.21 26.92 32.48
CA ILE AA 857 -83.80 27.12 31.10
C ILE AA 857 -84.01 28.54 30.65
N THR AA 858 -85.16 29.13 31.04
CA THR AA 858 -85.47 30.52 30.81
C THR AA 858 -84.49 31.45 31.49
N ASN AA 859 -83.96 31.06 32.67
CA ASN AA 859 -82.91 31.78 33.35
C ASN AA 859 -81.58 31.95 32.68
N TYR AA 860 -81.08 30.90 32.05
CA TYR AA 860 -79.70 30.82 31.60
C TYR AA 860 -79.45 31.72 30.41
N LEU AA 861 -80.51 31.92 29.62
CA LEU AA 861 -80.61 32.93 28.60
C LEU AA 861 -80.60 34.36 29.14
N LEU AA 862 -81.26 34.58 30.29
CA LEU AA 862 -81.59 35.91 30.79
C LEU AA 862 -80.58 36.44 31.81
N GLN AA 863 -80.08 35.63 32.75
CA GLN AA 863 -79.12 36.08 33.75
C GLN AA 863 -77.69 35.86 33.27
N LEU AA 864 -77.12 36.88 32.65
CA LEU AA 864 -75.78 36.72 32.04
C LEU AA 864 -74.55 36.80 32.94
N LEU AA 865 -73.71 35.78 32.84
CA LEU AA 865 -72.45 35.75 33.59
C LEU AA 865 -71.28 35.22 32.74
N TRP AA 866 -71.26 33.91 32.52
CA TRP AA 866 -70.26 33.27 31.66
C TRP AA 866 -70.73 32.05 30.86
N PRO AA 867 -72.05 31.92 30.63
CA PRO AA 867 -72.64 30.76 29.95
C PRO AA 867 -72.27 30.50 28.48
N SER AA 868 -72.12 29.22 28.16
CA SER AA 868 -71.83 28.72 26.83
C SER AA 868 -73.04 28.32 25.99
N ASN AA 869 -72.89 28.28 24.64
CA ASN AA 869 -73.94 27.87 23.71
C ASN AA 869 -74.50 26.48 24.05
N PRO AA 870 -75.82 26.27 24.25
CA PRO AA 870 -76.39 24.97 24.53
C PRO AA 870 -76.01 23.83 23.63
N ASN AA 871 -76.06 23.99 22.30
CA ASN AA 871 -75.63 22.97 21.36
C ASN AA 871 -74.19 22.55 21.60
N PHE AA 872 -73.30 23.53 21.85
CA PHE AA 872 -71.90 23.25 22.08
C PHE AA 872 -71.64 22.38 23.32
N GLN AA 873 -72.30 22.68 24.45
CA GLN AA 873 -72.21 21.86 25.64
C GLN AA 873 -72.73 20.45 25.42
N PHE AA 874 -73.89 20.30 24.76
CA PHE AA 874 -74.49 19.01 24.48
C PHE AA 874 -73.68 18.19 23.49
N ALA AA 875 -73.20 18.82 22.41
CA ALA AA 875 -72.35 18.20 21.41
C ALA AA 875 -71.02 17.73 21.99
N GLU AA 876 -70.41 18.48 22.94
CA GLU AA 876 -69.26 18.02 23.69
C GLU AA 876 -69.52 16.77 24.52
N CYS AA 877 -70.66 16.71 25.24
CA CYS AA 877 -71.10 15.53 25.97
C CYS AA 877 -71.29 14.31 25.09
N LEU AA 878 -71.87 14.50 23.89
CA LEU AA 878 -71.96 13.48 22.84
C LEU AA 878 -70.59 12.99 22.38
N MET AA 879 -69.65 13.92 22.09
CA MET AA 879 -68.29 13.62 21.64
C MET AA 879 -67.52 12.82 22.68
N ARG AA 880 -67.66 13.18 23.96
CA ARG AA 880 -67.06 12.51 25.10
C ARG AA 880 -67.52 11.06 25.26
N ASN AA 881 -68.77 10.75 24.86
CA ASN AA 881 -69.32 9.41 24.89
C ASN AA 881 -69.17 8.71 23.53
N CYS AA 882 -68.29 9.23 22.64
CA CYS AA 882 -67.90 8.62 21.37
C CYS AA 882 -69.01 8.60 20.33
N GLN AA 883 -69.96 9.54 20.43
CA GLN AA 883 -71.12 9.63 19.57
C GLN AA 883 -70.83 10.42 18.31
N TYR AA 884 -69.84 9.95 17.54
CA TYR AA 884 -69.28 10.65 16.39
C TYR AA 884 -70.26 10.95 15.26
N THR AA 885 -71.11 9.98 14.88
CA THR AA 885 -72.13 10.13 13.82
C THR AA 885 -73.13 11.20 14.16
N GLN AA 886 -73.60 11.16 15.42
CA GLN AA 886 -74.48 12.15 16.00
C GLN AA 886 -73.85 13.53 16.08
N LEU AA 887 -72.57 13.61 16.48
CA LEU AA 887 -71.80 14.83 16.44
C LEU AA 887 -71.68 15.39 15.03
N GLN AA 888 -71.38 14.52 14.04
CA GLN AA 888 -71.27 14.81 12.61
C GLN AA 888 -72.56 15.32 11.99
N GLU AA 889 -73.71 14.74 12.38
CA GLU AA 889 -75.04 15.15 11.99
C GLU AA 889 -75.34 16.60 12.40
N TYR AA 890 -74.92 16.99 13.62
CA TYR AA 890 -75.21 18.30 14.18
C TYR AA 890 -74.09 19.31 13.97
N VAL AA 891 -73.02 18.99 13.18
CA VAL AA 891 -71.85 19.86 12.94
C VAL AA 891 -72.21 21.23 12.42
N ARG AA 892 -73.17 21.30 11.47
CA ARG AA 892 -73.64 22.55 10.90
C ARG AA 892 -74.22 23.50 11.94
N LEU AA 893 -74.87 22.97 12.99
CA LEU AA 893 -75.46 23.78 14.03
C LEU AA 893 -74.41 24.39 14.95
N LEU AA 894 -73.16 23.85 14.98
CA LEU AA 894 -72.09 24.41 15.81
C LEU AA 894 -71.56 25.73 15.26
N LEU AA 895 -71.90 26.05 13.99
CA LEU AA 895 -71.70 27.34 13.37
C LEU AA 895 -73.07 28.03 13.19
N PRO AA 896 -73.44 29.05 13.96
CA PRO AA 896 -74.78 29.63 13.79
C PRO AA 896 -74.64 31.14 13.73
N TRP AA 897 -75.51 31.88 14.44
CA TRP AA 897 -75.42 33.31 14.59
C TRP AA 897 -74.10 33.75 15.23
N CYS AA 898 -73.48 34.85 14.72
CA CYS AA 898 -72.12 35.27 15.06
C CYS AA 898 -71.84 35.48 16.54
N GLN AA 899 -72.81 35.95 17.33
CA GLN AA 899 -72.67 36.14 18.78
C GLN AA 899 -72.53 34.84 19.56
N VAL AA 900 -72.91 33.69 18.97
CA VAL AA 900 -72.98 32.40 19.63
C VAL AA 900 -71.87 31.48 19.13
N ASN AA 901 -70.93 32.04 18.36
CA ASN AA 901 -69.89 31.30 17.68
C ASN AA 901 -68.55 31.57 18.36
N VAL AA 902 -67.93 30.55 18.99
CA VAL AA 902 -66.73 30.74 19.79
C VAL AA 902 -65.66 29.76 19.36
N GLY AA 903 -64.38 30.03 19.72
CA GLY AA 903 -63.23 29.20 19.32
C GLY AA 903 -63.29 27.76 19.79
N SER AA 904 -63.90 27.55 20.97
CA SER AA 904 -64.20 26.23 21.53
C SER AA 904 -65.15 25.41 20.67
N CYS AA 905 -66.18 26.04 20.04
CA CYS AA 905 -67.05 25.39 19.06
C CYS AA 905 -66.30 24.94 17.82
N HIS AA 906 -65.44 25.81 17.27
CA HIS AA 906 -64.61 25.51 16.11
C HIS AA 906 -63.59 24.40 16.35
N PHE AA 907 -62.99 24.36 17.54
CA PHE AA 907 -62.12 23.29 18.00
C PHE AA 907 -62.85 21.93 18.08
N MET AA 908 -64.15 21.95 18.47
CA MET AA 908 -65.02 20.79 18.38
C MET AA 908 -65.34 20.32 16.97
N LEU AA 909 -65.57 21.26 16.01
CA LEU AA 909 -65.74 20.95 14.60
C LEU AA 909 -64.53 20.20 14.07
N ALA AA 910 -63.32 20.69 14.44
CA ALA AA 910 -62.06 20.10 14.07
C ALA AA 910 -61.87 18.67 14.57
N GLN AA 911 -62.20 18.40 15.85
CA GLN AA 911 -62.18 17.04 16.38
C GLN AA 911 -63.19 16.12 15.72
N CYS AA 912 -64.42 16.59 15.46
CA CYS AA 912 -65.44 15.80 14.80
C CYS AA 912 -65.01 15.34 13.42
N TYR AA 913 -64.45 16.28 12.65
CA TYR AA 913 -63.86 16.00 11.36
C TYR AA 913 -62.67 15.03 11.45
N LEU AA 914 -61.80 15.10 12.49
CA LEU AA 914 -60.79 14.06 12.69
C LEU AA 914 -61.36 12.66 12.93
N VAL AA 915 -62.39 12.53 13.79
CA VAL AA 915 -63.04 11.25 14.10
C VAL AA 915 -63.74 10.66 12.89
N ALA AA 916 -64.35 11.51 12.04
CA ALA AA 916 -65.09 11.08 10.87
C ALA AA 916 -64.20 10.94 9.64
N GLY AA 917 -62.88 11.10 9.79
CA GLY AA 917 -61.89 10.90 8.72
C GLY AA 917 -61.70 12.07 7.78
N GLU AA 918 -62.43 13.16 8.01
CA GLU AA 918 -62.36 14.39 7.24
C GLU AA 918 -61.17 15.26 7.63
N GLY AA 919 -59.94 14.70 7.54
CA GLY AA 919 -58.71 15.32 8.04
C GLY AA 919 -58.36 16.66 7.44
N HIS AA 920 -58.75 16.91 6.17
CA HIS AA 920 -58.61 18.20 5.53
C HIS AA 920 -59.44 19.30 6.19
N LYS AA 921 -60.74 19.04 6.41
CA LYS AA 921 -61.65 19.99 7.05
C LYS AA 921 -61.30 20.23 8.51
N ALA AA 922 -60.78 19.19 9.18
CA ALA AA 922 -60.28 19.30 10.53
C ALA AA 922 -59.14 20.30 10.67
N LEU AA 923 -58.18 20.27 9.72
CA LEU AA 923 -57.08 21.23 9.64
C LEU AA 923 -57.54 22.65 9.43
N ASP AA 924 -58.51 22.88 8.52
CA ASP AA 924 -59.05 24.19 8.25
C ASP AA 924 -59.65 24.84 9.51
N CYS AA 925 -60.43 24.07 10.29
CA CYS AA 925 -60.94 24.50 11.58
C CYS AA 925 -59.87 24.73 12.64
N PHE AA 926 -58.84 23.85 12.76
CA PHE AA 926 -57.72 24.05 13.67
C PHE AA 926 -56.89 25.29 13.36
N SER AA 927 -56.63 25.55 12.07
CA SER AA 927 -55.90 26.74 11.63
C SER AA 927 -56.62 28.06 11.84
N GLN AA 928 -57.94 28.13 11.55
CA GLN AA 928 -58.72 29.33 11.77
C GLN AA 928 -58.98 29.67 13.22
N ALA AA 929 -59.25 28.66 14.07
CA ALA AA 929 -59.59 28.90 15.45
C ALA AA 929 -58.42 28.57 16.37
N ALA AA 930 -58.18 29.43 17.36
CA ALA AA 930 -57.17 29.19 18.36
C ALA AA 930 -57.84 28.92 19.69
N SER AA 931 -57.35 27.93 20.45
CA SER AA 931 -57.75 27.77 21.84
C SER AA 931 -56.70 28.42 22.70
N GLU AA 932 -57.02 29.63 23.19
CA GLU AA 932 -56.27 30.34 24.20
C GLU AA 932 -57.20 30.47 25.38
N VAL AA 933 -57.87 29.36 25.72
CA VAL AA 933 -58.78 29.24 26.85
C VAL AA 933 -58.17 28.20 27.76
N GLU AA 934 -57.12 28.59 28.51
CA GLU AA 934 -56.39 27.73 29.39
C GLU AA 934 -57.19 27.31 30.63
N ARG AA 935 -57.95 28.23 31.24
CA ARG AA 935 -58.76 27.95 32.41
C ARG AA 935 -60.26 27.88 32.09
N GLU AA 936 -60.75 26.83 31.41
CA GLU AA 936 -62.19 26.58 31.36
C GLU AA 936 -62.50 25.17 31.82
N ASP AA 937 -62.89 25.06 33.10
CA ASP AA 937 -63.24 23.87 33.83
C ASP AA 937 -64.39 23.07 33.23
N PHE AA 938 -65.31 23.74 32.52
CA PHE AA 938 -66.55 23.20 31.98
C PHE AA 938 -66.40 22.09 30.95
N LEU AA 939 -65.34 22.11 30.12
CA LEU AA 939 -65.21 21.16 29.03
C LEU AA 939 -64.11 20.16 29.27
N GLU AA 940 -64.47 18.87 29.40
CA GLU AA 940 -63.57 17.74 29.52
C GLU AA 940 -62.65 17.64 28.30
N LYS AA 941 -63.15 18.07 27.13
CA LYS AA 941 -62.39 18.18 25.91
C LYS AA 941 -61.15 19.09 25.97
N LEU AA 942 -61.18 20.16 26.79
CA LEU AA 942 -60.07 21.08 26.89
C LEU AA 942 -58.92 20.53 27.73
N ILE AA 943 -59.13 19.47 28.53
CA ILE AA 943 -58.15 18.89 29.45
C ILE AA 943 -56.82 18.64 28.78
N ARG AA 944 -56.81 18.01 27.59
CA ARG AA 944 -55.58 17.76 26.87
C ARG AA 944 -54.81 19.03 26.47
N VAL AA 945 -55.50 20.14 26.14
CA VAL AA 945 -54.86 21.44 25.93
C VAL AA 945 -54.30 21.93 27.26
N GLU AA 946 -55.16 21.94 28.31
CA GLU AA 946 -54.92 22.45 29.64
C GLU AA 946 -53.77 21.78 30.39
N GLU AA 947 -53.58 20.46 30.24
CA GLU AA 947 -52.44 19.70 30.76
C GLU AA 947 -51.11 20.26 30.30
N GLY AA 948 -51.04 20.79 29.06
CA GLY AA 948 -49.86 21.49 28.58
C GLY AA 948 -49.86 22.95 28.89
N GLU AA 949 -51.02 23.61 29.01
CA GLU AA 949 -51.10 25.01 29.41
C GLU AA 949 -50.65 25.23 30.86
N SER AA 950 -50.88 24.24 31.75
CA SER AA 950 -50.35 24.26 33.11
C SER AA 950 -48.82 24.22 33.15
N VAL AA 951 -48.18 23.51 32.20
CA VAL AA 951 -46.74 23.46 31.96
C VAL AA 951 -46.18 24.71 31.26
N SER AA 952 -46.90 25.26 30.26
CA SER AA 952 -46.34 26.02 29.15
C SER AA 952 -47.24 27.19 28.72
N PRO AA 953 -46.97 28.07 27.73
CA PRO AA 953 -47.91 29.13 27.34
C PRO AA 953 -48.49 28.91 25.94
N ARG AA 954 -48.61 29.91 25.04
CA ARG AA 954 -49.58 29.86 23.94
C ARG AA 954 -49.19 29.08 22.70
N LEU AA 955 -47.90 28.73 22.55
CA LEU AA 955 -47.43 27.86 21.48
C LEU AA 955 -47.94 26.43 21.65
N GLN AA 956 -48.48 26.16 22.85
CA GLN AA 956 -49.11 24.95 23.29
C GLN AA 956 -50.31 24.57 22.47
N TYR AA 957 -51.05 25.55 21.90
CA TYR AA 957 -52.14 25.22 20.99
C TYR AA 957 -51.66 24.41 19.78
N TYR AA 958 -50.61 24.88 19.09
CA TYR AA 958 -50.03 24.15 17.97
C TYR AA 958 -49.39 22.84 18.38
N ASN AA 959 -48.69 22.80 19.55
CA ASN AA 959 -48.17 21.59 20.17
C ASN AA 959 -49.25 20.56 20.48
N ARG AA 960 -50.42 21.01 20.95
CA ARG AA 960 -51.53 20.12 21.17
C ARG AA 960 -52.11 19.53 19.90
N VAL AA 961 -52.36 20.36 18.87
CA VAL AA 961 -52.92 19.91 17.60
C VAL AA 961 -51.94 18.98 16.88
N LEU AA 962 -50.64 19.29 16.96
CA LEU AA 962 -49.52 18.44 16.55
C LEU AA 962 -49.62 17.03 17.09
N ARG AA 963 -49.78 16.91 18.42
CA ARG AA 963 -49.99 15.64 19.08
C ARG AA 963 -51.30 14.97 18.71
N LEU AA 964 -52.42 15.72 18.61
CA LEU AA 964 -53.71 15.16 18.23
C LEU AA 964 -53.72 14.51 16.86
N LEU AA 965 -53.02 15.12 15.89
CA LEU AA 965 -52.89 14.57 14.57
C LEU AA 965 -51.90 13.40 14.48
N GLU AA 966 -50.94 13.28 15.43
CA GLU AA 966 -50.07 12.13 15.62
C GLU AA 966 -50.89 10.93 16.06
N ASP AA 967 -51.77 11.17 17.05
CA ASP AA 967 -52.68 10.20 17.62
C ASP AA 967 -53.64 9.59 16.56
N VAL AA 968 -54.09 10.38 15.56
CA VAL AA 968 -54.91 9.87 14.44
C VAL AA 968 -54.12 9.53 13.18
N GLY AA 969 -52.76 9.62 13.18
CA GLY AA 969 -51.97 9.17 12.04
C GLY AA 969 -52.00 10.01 10.79
N LEU AA 970 -51.99 11.36 10.90
CA LEU AA 970 -52.01 12.26 9.74
C LEU AA 970 -50.69 12.99 9.48
N PRO AA 971 -49.56 12.35 9.16
CA PRO AA 971 -48.24 12.89 9.47
C PRO AA 971 -47.74 14.07 8.65
N GLU AA 972 -48.38 14.51 7.55
CA GLU AA 972 -48.02 15.79 6.94
C GLU AA 972 -48.43 16.96 7.81
N LEU AA 973 -49.70 16.94 8.25
CA LEU AA 973 -50.30 17.99 9.04
C LEU AA 973 -49.68 18.13 10.41
N VAL AA 974 -49.23 17.01 11.05
CA VAL AA 974 -48.56 17.06 12.34
C VAL AA 974 -47.34 17.96 12.29
N ILE AA 975 -46.49 17.77 11.28
CA ILE AA 975 -45.20 18.39 11.13
C ILE AA 975 -45.28 19.88 10.96
N GLN AA 976 -46.25 20.34 10.16
CA GLN AA 976 -46.48 21.73 9.92
C GLN AA 976 -46.76 22.47 11.22
N LEU AA 977 -47.64 21.92 12.08
CA LEU AA 977 -47.92 22.44 13.40
C LEU AA 977 -46.76 22.44 14.37
N ALA AA 978 -45.86 21.42 14.32
CA ALA AA 978 -44.64 21.42 15.10
C ALA AA 978 -43.73 22.60 14.76
N THR AA 979 -43.57 22.85 13.44
CA THR AA 979 -42.91 24.02 12.89
C THR AA 979 -43.61 25.32 13.26
N ILE AA 980 -44.97 25.38 13.20
CA ILE AA 980 -45.74 26.54 13.67
C ILE AA 980 -45.50 26.79 15.16
N ALA AA 981 -45.50 25.73 15.99
CA ALA AA 981 -45.27 25.83 17.42
C ALA AA 981 -43.90 26.39 17.80
N ILE AA 982 -42.82 25.97 17.11
CA ILE AA 982 -41.50 26.60 17.24
C ILE AA 982 -41.50 28.05 16.77
N GLY AA 983 -42.15 28.37 15.63
CA GLY AA 983 -42.18 29.74 15.10
C GLY AA 983 -43.02 30.72 15.87
N GLU AA 984 -44.06 30.22 16.58
CA GLU AA 984 -44.89 30.97 17.51
C GLU AA 984 -44.17 31.21 18.84
N ALA AA 985 -43.17 30.37 19.17
CA ALA AA 985 -42.47 30.43 20.42
C ALA AA 985 -41.70 31.69 20.73
N TRP AA 989 -36.91 27.96 28.88
CA TRP AA 989 -35.84 26.97 28.79
C TRP AA 989 -36.39 25.55 28.91
N ARG AA 990 -37.16 25.32 29.97
CA ARG AA 990 -37.75 24.00 30.20
C ARG AA 990 -38.73 23.62 29.09
N SER AA 991 -39.51 24.60 28.65
CA SER AA 991 -40.48 24.37 27.58
C SER AA 991 -39.79 23.96 26.28
N GLN AA 992 -38.67 24.62 25.99
CA GLN AA 992 -37.92 24.33 24.77
C GLN AA 992 -37.41 22.89 24.77
N ALA AA 993 -36.80 22.48 25.88
CA ALA AA 993 -36.27 21.15 26.02
C ALA AA 993 -37.32 20.04 25.88
N ALA AA 994 -38.50 20.20 26.51
CA ALA AA 994 -39.61 19.27 26.39
C ALA AA 994 -40.17 19.20 24.97
N LEU AA 995 -40.40 20.35 24.31
CA LEU AA 995 -40.87 20.42 22.93
C LEU AA 995 -39.89 19.82 21.93
N ARG AA 996 -38.59 20.10 22.12
CA ARG AA 996 -37.51 19.55 21.33
C ARG AA 996 -37.36 18.02 21.47
N THR AA 997 -37.51 17.45 22.69
CA THR AA 997 -37.54 16.00 22.84
C THR AA 997 -38.78 15.36 22.24
N ARG AA 998 -39.95 16.05 22.25
CA ARG AA 998 -41.09 15.65 21.44
C ARG AA 998 -40.78 15.67 19.94
N ILE AA 999 -40.16 16.75 19.41
CA ILE AA 999 -39.77 16.86 18.01
C ILE AA 999 -38.97 15.67 17.51
N PHE AA 1000 -38.00 15.18 18.31
CA PHE AA 1000 -37.29 13.96 17.97
C PHE AA 1000 -38.22 12.74 17.84
N LYS AA 1001 -39.09 12.48 18.83
CA LYS AA 1001 -39.98 11.32 18.86
C LYS AA 1001 -40.96 11.33 17.70
N HIS AA 1002 -41.64 12.47 17.53
CA HIS AA 1002 -42.61 12.69 16.49
C HIS AA 1002 -42.06 12.68 15.07
N HIS AA 1003 -40.89 13.31 14.84
CA HIS AA 1003 -40.23 13.30 13.54
C HIS AA 1003 -39.75 11.92 13.13
N LEU AA 1004 -39.25 11.12 14.11
CA LEU AA 1004 -38.81 9.75 13.91
C LEU AA 1004 -39.91 8.82 13.45
N ASP AA 1005 -41.08 8.86 14.11
CA ASP AA 1005 -42.25 8.06 13.79
C ASP AA 1005 -42.81 8.30 12.40
N MET AA 1006 -42.90 9.57 11.95
CA MET AA 1006 -43.33 9.85 10.59
C MET AA 1006 -42.33 9.47 9.51
N GLY AA 1007 -41.03 9.74 9.72
CA GLY AA 1007 -39.97 9.50 8.74
C GLY AA 1007 -39.94 10.46 7.57
N HIS AA 1008 -41.10 10.90 7.07
CA HIS AA 1008 -41.22 11.83 5.95
C HIS AA 1008 -40.70 13.25 6.23
N ASN AA 1009 -41.03 13.87 7.38
CA ASN AA 1009 -40.56 15.21 7.71
C ASN AA 1009 -39.08 15.21 8.10
N ASN AA 1010 -38.52 14.03 8.34
CA ASN AA 1010 -37.18 13.80 8.78
C ASN AA 1010 -36.16 13.90 7.60
N GLN AA 1011 -36.50 14.72 6.59
CA GLN AA 1011 -35.65 15.11 5.48
C GLN AA 1011 -35.02 16.47 5.75
N ALA AA 1012 -35.29 17.06 6.93
CA ALA AA 1012 -34.86 18.37 7.32
C ALA AA 1012 -33.37 18.46 7.67
N TYR AA 1013 -32.47 18.37 6.68
CA TYR AA 1013 -31.03 18.35 6.86
C TYR AA 1013 -30.40 19.54 7.50
N ASP AA 1014 -30.80 20.75 7.13
CA ASP AA 1014 -30.27 21.94 7.75
C ASP AA 1014 -30.70 22.03 9.21
N ALA AA 1015 -31.92 21.54 9.54
CA ALA AA 1015 -32.35 21.31 10.92
C ALA AA 1015 -31.56 20.23 11.64
N LEU AA 1016 -31.20 19.11 10.95
CA LEU AA 1016 -30.27 18.11 11.47
C LEU AA 1016 -28.93 18.72 11.83
N THR AA 1017 -28.31 19.51 10.93
CA THR AA 1017 -27.06 20.26 11.13
C THR AA 1017 -27.17 21.30 12.23
N GLN AA 1018 -28.31 22.02 12.29
CA GLN AA 1018 -28.60 22.93 13.39
C GLN AA 1018 -28.77 22.27 14.77
N ILE AA 1019 -28.65 20.93 14.94
CA ILE AA 1019 -28.69 20.31 16.25
C ILE AA 1019 -27.28 20.04 16.84
N PRO AA 1020 -26.27 19.48 16.15
CA PRO AA 1020 -24.93 19.28 16.71
C PRO AA 1020 -24.14 20.53 17.04
N ASP AA 1021 -24.27 21.60 16.22
CA ASP AA 1021 -23.60 22.87 16.42
C ASP AA 1021 -24.00 23.52 17.77
N PRO AA 1022 -25.27 23.59 18.24
CA PRO AA 1022 -25.59 24.12 19.56
C PRO AA 1022 -25.08 23.26 20.69
N SER AA 1023 -25.20 21.93 20.60
CA SER AA 1023 -24.93 21.08 21.75
C SER AA 1023 -24.72 19.64 21.35
N ARG AA 1024 -24.29 18.77 22.29
CA ARG AA 1024 -23.91 17.40 22.00
C ARG AA 1024 -25.08 16.44 21.80
N GLN AA 1025 -26.13 16.85 21.08
CA GLN AA 1025 -27.27 16.01 20.72
C GLN AA 1025 -27.03 15.31 19.38
N LEU AA 1026 -25.79 14.85 19.14
CA LEU AA 1026 -25.34 14.12 17.95
C LEU AA 1026 -26.12 12.85 17.73
N ASP AA 1027 -26.49 12.15 18.82
CA ASP AA 1027 -27.32 10.97 18.84
C ASP AA 1027 -28.70 11.16 18.21
N CYS AA 1028 -29.29 12.37 18.33
CA CYS AA 1028 -30.51 12.71 17.60
C CYS AA 1028 -30.28 12.64 16.11
N LEU AA 1029 -29.19 13.24 15.59
CA LEU AA 1029 -28.83 13.16 14.19
C LEU AA 1029 -28.53 11.72 13.77
N ARG AA 1030 -27.78 10.96 14.59
CA ARG AA 1030 -27.46 9.56 14.30
C ARG AA 1030 -28.68 8.69 14.11
N GLN AA 1031 -29.68 8.74 15.04
CA GLN AA 1031 -30.88 7.95 14.86
C GLN AA 1031 -31.81 8.45 13.76
N LEU AA 1032 -31.97 9.79 13.63
CA LEU AA 1032 -32.77 10.39 12.58
C LEU AA 1032 -32.19 10.17 11.18
N VAL AA 1033 -30.88 10.31 10.95
CA VAL AA 1033 -30.28 10.04 9.66
C VAL AA 1033 -30.32 8.57 9.28
N VAL AA 1034 -30.32 7.64 10.26
CA VAL AA 1034 -30.60 6.23 10.00
C VAL AA 1034 -32.01 6.01 9.46
N VAL AA 1035 -33.05 6.65 10.02
CA VAL AA 1035 -34.41 6.61 9.45
C VAL AA 1035 -34.49 7.23 8.06
N LEU AA 1036 -33.72 8.28 7.79
CA LEU AA 1036 -33.56 8.78 6.43
C LEU AA 1036 -32.82 7.81 5.48
N CYS AA 1037 -31.81 7.07 5.97
CA CYS AA 1037 -31.22 5.92 5.28
C CYS AA 1037 -32.21 4.78 5.03
N GLU AA 1038 -33.16 4.54 5.96
CA GLU AA 1038 -34.30 3.64 5.77
C GLU AA 1038 -35.22 4.10 4.63
N ARG AA 1039 -35.43 5.42 4.43
CA ARG AA 1039 -36.06 6.00 3.24
C ARG AA 1039 -35.26 5.70 1.95
N SER AA 1040 -33.92 5.67 2.07
CA SER AA 1040 -33.01 5.00 1.13
C SER AA 1040 -32.87 5.59 -0.27
N GLN AA 1041 -32.77 6.93 -0.37
CA GLN AA 1041 -32.46 7.58 -1.62
C GLN AA 1041 -31.04 8.08 -1.57
N LEU AA 1042 -30.05 7.17 -1.67
CA LEU AA 1042 -28.66 7.43 -1.36
C LEU AA 1042 -27.95 8.51 -2.18
N GLN AA 1043 -28.28 8.71 -3.48
CA GLN AA 1043 -27.69 9.82 -4.23
C GLN AA 1043 -28.02 11.20 -3.63
N ASP AA 1044 -29.32 11.52 -3.47
CA ASP AA 1044 -29.81 12.69 -2.78
C ASP AA 1044 -29.32 12.74 -1.35
N LEU AA 1045 -29.43 11.60 -0.63
CA LEU AA 1045 -29.08 11.48 0.78
C LEU AA 1045 -27.64 11.84 1.04
N VAL AA 1046 -26.68 11.40 0.21
CA VAL AA 1046 -25.26 11.68 0.38
C VAL AA 1046 -24.87 13.07 -0.09
N GLU AA 1047 -25.59 13.65 -1.07
CA GLU AA 1047 -25.40 15.04 -1.46
C GLU AA 1047 -25.70 16.07 -0.38
N PHE AA 1048 -26.75 15.87 0.44
CA PHE AA 1048 -26.99 16.75 1.59
C PHE AA 1048 -25.87 16.81 2.66
N PRO AA 1049 -25.14 15.76 3.10
CA PRO AA 1049 -23.91 15.86 3.89
C PRO AA 1049 -22.76 16.59 3.26
N TYR AA 1050 -22.84 17.02 1.99
CA TYR AA 1050 -21.95 18.05 1.48
C TYR AA 1050 -22.25 19.43 2.11
N VAL AA 1051 -23.55 19.75 2.33
CA VAL AA 1051 -23.99 20.96 3.01
C VAL AA 1051 -23.67 20.93 4.51
N ASN AA 1052 -23.92 19.78 5.16
CA ASN AA 1052 -23.60 19.56 6.57
C ASN AA 1052 -22.10 19.73 6.85
N LEU AA 1053 -21.70 20.34 7.99
CA LEU AA 1053 -20.30 20.59 8.27
C LEU AA 1053 -19.43 19.34 8.38
N HIS AA 1054 -18.21 19.35 7.80
CA HIS AA 1054 -17.39 18.15 7.66
C HIS AA 1054 -17.01 17.50 8.98
N ASN AA 1055 -16.78 18.30 10.04
CA ASN AA 1055 -16.55 17.80 11.40
C ASN AA 1055 -17.69 16.92 11.91
N GLU AA 1056 -18.95 17.36 11.73
CA GLU AA 1056 -20.14 16.60 12.04
C GLU AA 1056 -20.29 15.39 11.13
N VAL AA 1057 -20.10 15.59 9.81
CA VAL AA 1057 -20.19 14.55 8.80
C VAL AA 1057 -19.23 13.42 9.05
N VAL AA 1058 -17.98 13.70 9.44
CA VAL AA 1058 -17.01 12.67 9.84
C VAL AA 1058 -17.50 11.85 11.02
N GLY AA 1059 -18.05 12.49 12.08
CA GLY AA 1059 -18.55 11.75 13.25
C GLY AA 1059 -19.82 10.98 13.01
N ILE AA 1060 -20.76 11.57 12.25
CA ILE AA 1060 -22.00 10.92 11.84
C ILE AA 1060 -21.76 9.80 10.83
N ILE AA 1061 -20.93 10.02 9.80
CA ILE AA 1061 -20.62 9.00 8.81
C ILE AA 1061 -19.76 7.88 9.36
N GLU AA 1062 -18.75 8.13 10.23
CA GLU AA 1062 -18.02 7.09 10.95
C GLU AA 1062 -18.94 6.28 11.87
N SER AA 1063 -19.83 6.95 12.63
CA SER AA 1063 -20.86 6.26 13.43
C SER AA 1063 -21.81 5.44 12.60
N ARG AA 1064 -22.23 5.97 11.43
CA ARG AA 1064 -22.98 5.24 10.43
C ARG AA 1064 -22.19 4.07 9.85
N ALA AA 1065 -20.89 4.22 9.54
CA ALA AA 1065 -20.01 3.18 9.02
C ALA AA 1065 -19.80 2.02 9.96
N ARG AA 1066 -19.69 2.28 11.27
CA ARG AA 1066 -19.73 1.25 12.29
C ARG AA 1066 -21.06 0.51 12.35
N ALA AA 1067 -22.18 1.21 12.09
CA ALA AA 1067 -23.48 0.59 11.89
C ALA AA 1067 -23.62 -0.16 10.55
N VAL AA 1068 -22.87 0.24 9.49
CA VAL AA 1068 -22.75 -0.43 8.18
C VAL AA 1068 -22.16 -1.82 8.32
N ASP AA 1069 -21.28 -2.05 9.33
CA ASP AA 1069 -20.79 -3.36 9.73
C ASP AA 1069 -21.89 -4.25 10.38
N LEU AA 1070 -23.16 -4.07 9.94
CA LEU AA 1070 -24.38 -4.76 10.32
C LEU AA 1070 -24.40 -6.20 9.85
N MET AA 1071 -23.55 -6.50 8.83
CA MET AA 1071 -23.45 -7.79 8.15
C MET AA 1071 -24.63 -8.01 7.21
N THR AA 1072 -25.21 -6.89 6.74
CA THR AA 1072 -26.31 -6.85 5.78
C THR AA 1072 -25.87 -7.18 4.37
N HIS AA 1073 -26.82 -7.62 3.52
CA HIS AA 1073 -26.61 -7.82 2.09
C HIS AA 1073 -26.54 -6.50 1.34
N ASN AA 1074 -26.74 -5.35 2.02
CA ASN AA 1074 -26.51 -4.04 1.44
C ASN AA 1074 -25.01 -3.75 1.27
N TYR AA 1075 -24.41 -4.29 0.20
CA TYR AA 1075 -23.04 -4.05 -0.23
C TYR AA 1075 -22.76 -2.59 -0.53
N TYR AA 1076 -23.80 -1.86 -0.99
CA TYR AA 1076 -23.74 -0.46 -1.41
C TYR AA 1076 -23.31 0.47 -0.30
N GLU AA 1077 -23.70 0.21 0.96
CA GLU AA 1077 -23.35 1.03 2.12
C GLU AA 1077 -21.85 1.20 2.32
N LEU AA 1078 -21.04 0.16 2.05
CA LEU AA 1078 -19.58 0.23 1.98
C LEU AA 1078 -19.07 1.15 0.87
N LEU AA 1079 -19.66 1.06 -0.35
CA LEU AA 1079 -19.33 1.93 -1.48
C LEU AA 1079 -19.66 3.39 -1.24
N TYR AA 1080 -20.83 3.69 -0.66
CA TYR AA 1080 -21.17 5.05 -0.27
C TYR AA 1080 -20.34 5.59 0.88
N ALA AA 1081 -19.91 4.71 1.83
CA ALA AA 1081 -18.89 5.07 2.81
C ALA AA 1081 -17.54 5.40 2.16
N PHE AA 1082 -17.12 4.62 1.14
CA PHE AA 1082 -15.94 4.87 0.32
C PHE AA 1082 -15.99 6.23 -0.38
N HIS AA 1083 -17.16 6.64 -0.91
CA HIS AA 1083 -17.36 7.98 -1.45
C HIS AA 1083 -17.18 9.11 -0.43
N ILE AA 1084 -17.72 8.97 0.81
CA ILE AA 1084 -17.44 9.92 1.89
C ILE AA 1084 -15.98 9.91 2.30
N TYR AA 1085 -15.34 8.73 2.36
CA TYR AA 1085 -13.91 8.65 2.57
C TYR AA 1085 -13.12 9.33 1.46
N ARG AA 1086 -13.56 9.23 0.18
CA ARG AA 1086 -13.01 9.90 -0.99
C ARG AA 1086 -12.92 11.42 -0.84
N HIS AA 1087 -13.99 12.03 -0.29
CA HIS AA 1087 -14.07 13.43 0.12
C HIS AA 1087 -13.05 13.81 1.19
N ASN AA 1088 -12.87 12.94 2.21
CA ASN AA 1088 -11.88 13.12 3.27
C ASN AA 1088 -10.47 12.63 2.87
N TYR AA 1089 -9.71 12.08 3.86
CA TYR AA 1089 -8.35 11.59 3.70
C TYR AA 1089 -8.25 10.22 3.03
N ARG AA 1090 -9.40 9.54 2.79
CA ARG AA 1090 -9.52 8.28 2.06
C ARG AA 1090 -9.02 7.04 2.77
N LYS AA 1091 -8.21 7.18 3.84
CA LYS AA 1091 -7.53 6.11 4.55
C LYS AA 1091 -8.43 4.98 5.05
N ALA AA 1092 -9.60 5.33 5.61
CA ALA AA 1092 -10.47 4.36 6.20
C ALA AA 1092 -11.24 3.52 5.19
N GLY AA 1093 -11.36 3.94 3.91
CA GLY AA 1093 -12.09 3.13 2.92
C GLY AA 1093 -11.41 1.83 2.60
N SER AA 1094 -10.07 1.84 2.57
CA SER AA 1094 -9.25 0.65 2.44
C SER AA 1094 -9.42 -0.32 3.59
N VAL AA 1095 -9.44 0.20 4.85
CA VAL AA 1095 -9.60 -0.64 6.03
C VAL AA 1095 -10.98 -1.29 6.10
N MET AA 1096 -12.05 -0.53 5.77
CA MET AA 1096 -13.41 -1.02 5.68
C MET AA 1096 -13.59 -2.12 4.63
N PHE AA 1097 -12.88 -2.01 3.48
CA PHE AA 1097 -12.87 -3.09 2.50
C PHE AA 1097 -12.26 -4.39 3.02
N GLU AA 1098 -11.11 -4.37 3.73
CA GLU AA 1098 -10.56 -5.58 4.34
C GLU AA 1098 -11.47 -6.19 5.39
N TYR AA 1099 -12.14 -5.34 6.20
CA TYR AA 1099 -13.16 -5.81 7.13
C TYR AA 1099 -14.33 -6.54 6.46
N GLY AA 1100 -14.84 -5.98 5.35
CA GLY AA 1100 -15.87 -6.62 4.53
C GLY AA 1100 -15.41 -7.87 3.81
N MET AA 1101 -14.13 -7.92 3.40
CA MET AA 1101 -13.51 -9.12 2.87
C MET AA 1101 -13.44 -10.23 3.89
N ARG AA 1102 -13.04 -9.92 5.14
CA ARG AA 1102 -12.94 -10.89 6.21
C ARG AA 1102 -14.26 -11.56 6.54
N LEU AA 1103 -15.34 -10.79 6.71
CA LEU AA 1103 -16.67 -11.31 6.94
C LEU AA 1103 -17.16 -12.19 5.80
N GLY AA 1104 -16.92 -11.76 4.54
CA GLY AA 1104 -17.26 -12.55 3.37
C GLY AA 1104 -16.48 -13.83 3.18
N ARG AA 1105 -15.22 -13.89 3.68
CA ARG AA 1105 -14.46 -15.13 3.78
C ARG AA 1105 -14.99 -16.07 4.86
N GLU AA 1106 -15.37 -15.54 6.03
CA GLU AA 1106 -15.82 -16.32 7.17
C GLU AA 1106 -17.10 -17.11 6.99
N VAL AA 1107 -18.13 -16.53 6.33
CA VAL AA 1107 -19.41 -17.21 6.12
C VAL AA 1107 -19.32 -18.46 5.26
N ARG AA 1108 -18.68 -18.40 4.08
CA ARG AA 1108 -18.55 -19.56 3.20
C ARG AA 1108 -17.52 -19.30 2.11
N THR AA 1109 -17.10 -20.36 1.39
CA THR AA 1109 -15.99 -20.30 0.43
C THR AA 1109 -16.44 -20.55 -1.02
N LEU AA 1110 -15.46 -20.90 -1.89
CA LEU AA 1110 -15.59 -21.31 -3.29
C LEU AA 1110 -15.95 -20.22 -4.27
N ARG AA 1111 -17.26 -19.88 -4.45
CA ARG AA 1111 -17.65 -18.82 -5.38
C ARG AA 1111 -17.25 -17.44 -4.88
N GLY AA 1112 -16.85 -17.36 -3.60
CA GLY AA 1112 -16.26 -16.17 -3.03
C GLY AA 1112 -14.86 -15.90 -3.53
N LEU AA 1113 -14.17 -16.86 -4.17
CA LEU AA 1113 -12.82 -16.64 -4.70
C LEU AA 1113 -12.74 -15.55 -5.75
N GLN AA 1114 -13.66 -15.54 -6.74
CA GLN AA 1114 -13.75 -14.49 -7.75
C GLN AA 1114 -14.08 -13.13 -7.15
N LYS AA 1115 -14.95 -13.08 -6.12
CA LYS AA 1115 -15.19 -11.90 -5.34
C LYS AA 1115 -13.96 -11.41 -4.58
N GLN AA 1116 -13.16 -12.31 -3.97
CA GLN AA 1116 -11.88 -11.98 -3.37
C GLN AA 1116 -10.87 -11.41 -4.36
N VAL AA 1117 -10.84 -11.90 -5.64
CA VAL AA 1117 -10.05 -11.28 -6.71
C VAL AA 1117 -10.45 -9.84 -6.97
N ASN AA 1118 -11.77 -9.56 -7.08
CA ASN AA 1118 -12.30 -8.21 -7.22
C ASN AA 1118 -11.97 -7.32 -6.05
N SER AA 1119 -12.05 -7.86 -4.82
CA SER AA 1119 -11.61 -7.19 -3.61
C SER AA 1119 -10.13 -6.88 -3.56
N TYR AA 1120 -9.24 -7.79 -4.03
CA TYR AA 1120 -7.82 -7.50 -4.20
C TYR AA 1120 -7.59 -6.36 -5.19
N LEU AA 1121 -8.32 -6.35 -6.34
CA LEU AA 1121 -8.28 -5.25 -7.30
C LEU AA 1121 -8.71 -3.92 -6.68
N ALA AA 1122 -9.79 -3.92 -5.87
CA ALA AA 1122 -10.23 -2.77 -5.13
C ALA AA 1122 -9.20 -2.26 -4.12
N CYS AA 1123 -8.62 -3.13 -3.29
CA CYS AA 1123 -7.57 -2.79 -2.34
C CYS AA 1123 -6.30 -2.28 -3.01
N LEU AA 1124 -5.87 -2.90 -4.14
CA LEU AA 1124 -4.75 -2.43 -4.93
C LEU AA 1124 -4.97 -1.04 -5.53
N ASN AA 1125 -6.17 -0.77 -6.08
CA ASN AA 1125 -6.53 0.54 -6.57
C ASN AA 1125 -6.56 1.59 -5.46
N CYS AA 1126 -7.14 1.27 -4.29
CA CYS AA 1126 -7.14 2.14 -3.12
C CYS AA 1126 -5.75 2.45 -2.59
N LEU AA 1127 -4.83 1.46 -2.58
CA LEU AA 1127 -3.42 1.66 -2.28
C LEU AA 1127 -2.72 2.60 -3.26
N ARG AA 1128 -2.99 2.48 -4.58
CA ARG AA 1128 -2.47 3.39 -5.58
C ARG AA 1128 -2.97 4.83 -5.41
N LEU AA 1129 -4.25 5.01 -5.04
CA LEU AA 1129 -4.81 6.31 -4.67
C LEU AA 1129 -4.10 6.93 -3.46
N ILE AA 1130 -3.78 6.14 -2.42
CA ILE AA 1130 -3.14 6.60 -1.19
C ILE AA 1130 -1.71 6.08 -1.11
N ARG AA 1131 -0.85 6.51 -2.04
CA ARG AA 1131 0.54 6.10 -2.12
C ARG AA 1131 1.46 6.48 -0.93
N PRO AA 1132 1.51 7.67 -0.31
CA PRO AA 1132 2.56 7.94 0.67
C PRO AA 1132 2.09 7.73 2.09
N GLU AA 1133 0.78 7.78 2.34
CA GLU AA 1133 0.24 7.76 3.69
C GLU AA 1133 -0.08 6.35 4.15
N TYR AA 1134 0.12 6.10 5.46
CA TYR AA 1134 -0.17 4.81 6.07
C TYR AA 1134 -1.49 4.87 6.81
N ALA AA 1135 -2.12 3.69 6.99
CA ALA AA 1135 -3.41 3.54 7.62
C ALA AA 1135 -3.40 2.21 8.35
N TRP AA 1136 -3.99 2.16 9.57
CA TRP AA 1136 -3.86 1.04 10.47
C TRP AA 1136 -5.20 0.38 10.71
N ILE AA 1137 -5.17 -0.93 10.88
CA ILE AA 1137 -6.34 -1.77 11.14
C ILE AA 1137 -6.43 -2.04 12.62
N VAL AA 1138 -7.66 -2.17 13.17
CA VAL AA 1138 -7.86 -2.56 14.56
C VAL AA 1138 -9.02 -3.53 14.58
N GLN AA 1139 -8.85 -4.74 15.21
CA GLN AA 1139 -9.83 -5.82 15.24
C GLN AA 1139 -10.03 -6.40 13.80
N PRO AA 1140 -10.93 -7.31 13.40
CA PRO AA 1140 -11.07 -7.66 12.00
C PRO AA 1140 -12.24 -6.89 11.40
N VAL AA 1141 -12.78 -5.91 12.15
CA VAL AA 1141 -13.96 -5.11 11.88
C VAL AA 1141 -14.35 -4.53 13.22
N SER AA 1142 -15.26 -3.53 13.25
CA SER AA 1142 -15.99 -2.95 14.38
C SER AA 1142 -16.36 -3.87 15.55
N GLY AA 1143 -16.49 -3.30 16.78
CA GLY AA 1143 -16.50 -4.11 18.01
C GLY AA 1143 -15.13 -4.23 18.62
N ALA AA 1144 -14.24 -3.27 18.32
CA ALA AA 1144 -12.87 -3.27 18.76
C ALA AA 1144 -12.58 -3.12 20.24
N VAL AA 1145 -11.82 -4.08 20.79
CA VAL AA 1145 -11.34 -4.05 22.17
C VAL AA 1145 -9.82 -3.95 22.20
N TYR AA 1146 -9.18 -3.85 21.02
CA TYR AA 1146 -7.76 -3.59 20.90
C TYR AA 1146 -7.54 -2.11 20.63
N GLU AA 1147 -6.38 -1.58 21.06
CA GLU AA 1147 -5.97 -0.21 20.79
C GLU AA 1147 -5.18 -0.11 19.48
N ARG AA 1148 -4.18 0.79 19.42
CA ARG AA 1148 -3.30 0.91 18.27
C ARG AA 1148 -1.86 0.52 18.65
N PRO AA 1149 -1.37 -0.68 18.31
CA PRO AA 1149 0.03 -1.05 18.56
C PRO AA 1149 1.03 -0.28 17.71
N GLY AA 1150 0.59 0.52 16.71
CA GLY AA 1150 1.48 1.22 15.80
C GLY AA 1150 2.19 0.36 14.78
N ALA AA 1151 3.14 0.99 14.05
CA ALA AA 1151 4.00 0.34 13.07
C ALA AA 1151 5.49 0.61 13.32
N SER AA 1152 5.83 1.69 14.05
CA SER AA 1152 7.17 1.89 14.61
C SER AA 1152 7.44 1.15 15.92
N PRO AA 1153 6.52 0.65 16.78
CA PRO AA 1153 6.90 -0.15 17.93
C PRO AA 1153 7.26 -1.58 17.59
N LYS AA 1154 8.40 -1.75 16.89
CA LYS AA 1154 8.96 -3.05 16.56
C LYS AA 1154 9.91 -3.49 17.67
N ARG AA 1155 10.16 -2.60 18.63
CA ARG AA 1155 10.87 -2.89 19.85
C ARG AA 1155 10.12 -3.86 20.74
N ASN AA 1156 10.85 -4.82 21.33
CA ASN AA 1156 10.33 -5.72 22.33
C ASN AA 1156 10.63 -5.15 23.71
N TYR AA 1157 10.26 -5.90 24.76
CA TYR AA 1157 10.63 -5.61 26.13
C TYR AA 1157 11.62 -6.70 26.53
N ASP AA 1158 11.08 -7.89 26.80
CA ASP AA 1158 11.72 -9.11 27.19
C ASP AA 1158 11.53 -10.23 26.17
N GLY AA 1159 10.55 -10.08 25.27
CA GLY AA 1159 10.08 -11.12 24.37
C GLY AA 1159 8.68 -11.58 24.67
N GLU AA 1160 8.12 -11.23 25.85
CA GLU AA 1160 6.73 -11.50 26.19
C GLU AA 1160 5.85 -10.34 25.74
N SER AA 1161 6.45 -9.15 25.55
CA SER AA 1161 5.71 -8.01 24.98
C SER AA 1161 5.70 -8.00 23.46
N SER AA 1162 6.35 -8.98 22.81
CA SER AA 1162 6.24 -9.14 21.36
C SER AA 1162 5.19 -10.19 21.02
N ALA AA 1163 4.31 -10.53 21.99
CA ALA AA 1163 3.19 -11.44 21.83
C ALA AA 1163 1.89 -10.70 21.53
N VAL AA 1164 1.93 -9.37 21.33
CA VAL AA 1164 0.84 -8.59 20.77
C VAL AA 1164 0.54 -9.08 19.35
N PRO AA 1165 -0.70 -9.23 18.85
CA PRO AA 1165 -0.97 -9.77 17.51
C PRO AA 1165 -0.27 -9.05 16.36
N SER AA 1166 0.03 -7.75 16.55
CA SER AA 1166 0.79 -6.90 15.63
C SER AA 1166 0.15 -6.76 14.26
N SER AA 1167 -1.18 -6.90 14.24
CA SER AA 1167 -2.01 -6.84 13.07
C SER AA 1167 -2.69 -5.50 13.00
N SER AA 1168 -2.07 -4.47 13.61
CA SER AA 1168 -2.35 -3.08 13.27
C SER AA 1168 -1.70 -2.67 11.96
N GLN AA 1169 -0.44 -3.10 11.77
CA GLN AA 1169 0.37 -2.82 10.60
C GLN AA 1169 0.00 -3.70 9.40
N ILE AA 1170 -1.25 -3.55 8.92
CA ILE AA 1170 -1.82 -4.31 7.81
C ILE AA 1170 -1.77 -3.45 6.56
N GLU AA 1171 -0.68 -2.68 6.42
CA GLU AA 1171 -0.40 -1.94 5.21
C GLU AA 1171 0.17 -2.86 4.09
N ILE AA 1172 1.17 -2.36 3.35
CA ILE AA 1172 1.72 -2.94 2.13
C ILE AA 1172 2.22 -4.37 2.29
N LEU AA 1173 2.83 -4.74 3.44
CA LEU AA 1173 3.28 -6.12 3.63
C LEU AA 1173 2.17 -7.16 3.60
N GLU AA 1174 1.07 -6.97 4.36
CA GLU AA 1174 -0.08 -7.88 4.34
C GLU AA 1174 -0.81 -7.85 3.00
N LEU AA 1175 -0.84 -6.69 2.31
CA LEU AA 1175 -1.34 -6.62 0.94
C LEU AA 1175 -0.55 -7.52 -0.04
N ARG AA 1176 0.78 -7.63 0.12
CA ARG AA 1176 1.58 -8.64 -0.56
C ARG AA 1176 1.25 -10.08 -0.15
N ASP AA 1177 0.84 -10.34 1.11
CA ASP AA 1177 0.31 -11.62 1.55
C ASP AA 1177 -1.07 -11.97 0.96
N LEU AA 1178 -1.98 -10.99 0.81
CA LEU AA 1178 -3.21 -11.14 0.05
C LEU AA 1178 -2.99 -11.47 -1.42
N GLU AA 1179 -1.93 -10.88 -2.03
CA GLU AA 1179 -1.47 -11.24 -3.36
C GLU AA 1179 -1.02 -12.70 -3.46
N LYS AA 1180 -0.32 -13.23 -2.43
CA LYS AA 1180 -0.01 -14.64 -2.32
C LYS AA 1180 -1.26 -15.52 -2.24
N GLU AA 1181 -2.29 -15.10 -1.45
CA GLU AA 1181 -3.59 -15.79 -1.41
C GLU AA 1181 -4.27 -15.85 -2.77
N TYR AA 1182 -4.22 -14.75 -3.55
CA TYR AA 1182 -4.69 -14.71 -4.93
C TYR AA 1182 -3.94 -15.70 -5.83
N VAL AA 1183 -2.59 -15.76 -5.78
CA VAL AA 1183 -1.79 -16.70 -6.55
C VAL AA 1183 -2.09 -18.16 -6.17
N LEU AA 1184 -2.30 -18.45 -4.87
CA LEU AA 1184 -2.77 -19.75 -4.42
C LEU AA 1184 -4.13 -20.12 -5.00
N ALA AA 1185 -5.09 -19.17 -5.04
CA ALA AA 1185 -6.37 -19.35 -5.69
C ALA AA 1185 -6.26 -19.59 -7.20
N GLN AA 1186 -5.41 -18.84 -7.93
CA GLN AA 1186 -5.14 -19.04 -9.34
C GLN AA 1186 -4.60 -20.43 -9.66
N THR AA 1187 -3.61 -20.90 -8.88
CA THR AA 1187 -3.05 -22.25 -9.02
C THR AA 1187 -4.07 -23.32 -8.76
N ARG AA 1188 -4.90 -23.19 -7.70
CA ARG AA 1188 -5.98 -24.12 -7.43
C ARG AA 1188 -7.00 -24.20 -8.56
N LEU AA 1189 -7.41 -23.06 -9.13
CA LEU AA 1189 -8.29 -23.03 -10.30
C LEU AA 1189 -7.67 -23.66 -11.54
N THR AA 1190 -6.38 -23.40 -11.84
CA THR AA 1190 -5.67 -24.04 -12.96
C THR AA 1190 -5.53 -25.54 -12.79
N LEU AA 1191 -5.22 -26.04 -11.58
CA LEU AA 1191 -5.24 -27.47 -11.27
C LEU AA 1191 -6.63 -28.08 -11.46
N ALA AA 1192 -7.69 -27.37 -10.99
CA ALA AA 1192 -9.07 -27.76 -11.17
C ALA AA 1192 -9.50 -27.84 -12.64
N LYS AA 1193 -9.02 -26.92 -13.50
CA LYS AA 1193 -9.23 -26.96 -14.95
C LYS AA 1193 -8.52 -28.09 -15.67
N HIS AA 1194 -7.44 -28.66 -15.09
CA HIS AA 1194 -6.72 -29.77 -15.70
C HIS AA 1194 -7.32 -31.13 -15.33
N ASN AA 1195 -8.23 -31.19 -14.35
CA ASN AA 1195 -8.94 -32.39 -13.98
C ASN AA 1195 -10.06 -32.89 -14.94
N PRO AA 1196 -10.97 -32.11 -15.52
CA PRO AA 1196 -11.89 -32.60 -16.55
C PRO AA 1196 -11.31 -32.63 -17.96
N ALA BA 9 -45.36 -3.26 -12.28
CA ALA BA 9 -46.79 -3.14 -11.86
C ALA BA 9 -47.16 -1.71 -11.69
N THR BA 10 -46.97 -1.19 -10.49
CA THR BA 10 -47.13 0.23 -10.22
C THR BA 10 -45.77 0.88 -10.31
N TYR BA 11 -45.74 2.22 -10.45
CA TYR BA 11 -44.49 2.95 -10.39
C TYR BA 11 -44.62 3.90 -9.23
N THR BA 12 -43.54 4.04 -8.43
CA THR BA 12 -43.60 4.73 -7.17
C THR BA 12 -42.46 5.70 -7.11
N VAL BA 13 -42.68 6.89 -6.53
CA VAL BA 13 -41.63 7.87 -6.31
C VAL BA 13 -41.85 8.45 -4.94
N ASP BA 14 -40.78 8.64 -4.14
CA ASP BA 14 -40.86 9.40 -2.91
C ASP BA 14 -41.11 10.89 -3.20
N CYS BA 15 -41.85 11.60 -2.32
CA CYS BA 15 -42.05 13.02 -2.49
C CYS BA 15 -41.77 13.76 -1.20
N GLU BA 16 -41.02 14.88 -1.26
CA GLU BA 16 -40.70 15.70 -0.11
C GLU BA 16 -41.90 16.41 0.51
N ASP BA 17 -42.71 17.08 -0.34
CA ASP BA 17 -43.89 17.82 0.07
C ASP BA 17 -45.11 17.35 -0.72
N TYR BA 18 -46.29 17.25 -0.08
CA TYR BA 18 -47.47 16.76 -0.77
C TYR BA 18 -48.73 17.46 -0.25
N VAL BA 19 -49.75 17.65 -1.12
CA VAL BA 19 -51.09 18.12 -0.78
C VAL BA 19 -51.99 17.45 -1.82
N HIS BA 20 -52.64 18.23 -2.72
CA HIS BA 20 -53.54 17.77 -3.76
C HIS BA 20 -52.83 17.37 -5.04
N VAL BA 21 -53.46 16.47 -5.83
CA VAL BA 21 -52.90 15.97 -7.07
C VAL BA 21 -53.93 16.18 -8.17
N VAL BA 22 -53.51 16.80 -9.28
CA VAL BA 22 -54.35 16.94 -10.46
C VAL BA 22 -53.58 16.43 -11.65
N GLU BA 23 -54.29 15.97 -12.69
CA GLU BA 23 -53.73 15.44 -13.91
C GLU BA 23 -54.12 16.35 -15.03
N PHE BA 24 -53.32 16.38 -16.11
CA PHE BA 24 -53.43 17.45 -17.06
C PHE BA 24 -54.28 17.00 -18.22
N ASN BA 25 -55.45 17.63 -18.34
CA ASN BA 25 -56.46 17.31 -19.31
C ASN BA 25 -56.89 18.49 -20.18
N PRO BA 26 -56.86 19.78 -19.81
CA PRO BA 26 -57.49 20.80 -20.64
C PRO BA 26 -56.83 21.13 -21.97
N PHE BA 27 -55.51 21.00 -22.10
CA PHE BA 27 -54.79 21.13 -23.36
C PHE BA 27 -54.52 19.73 -23.91
N ALA BA 32 -47.93 18.93 -23.72
CA ALA BA 32 -47.84 18.91 -22.27
C ALA BA 32 -48.79 17.93 -21.61
N GLY BA 33 -49.57 17.15 -22.36
CA GLY BA 33 -50.75 16.44 -21.82
C GLY BA 33 -50.48 15.22 -20.97
N SER BA 34 -49.21 14.79 -20.84
CA SER BA 34 -48.82 13.67 -20.01
C SER BA 34 -47.96 14.20 -18.87
N LEU BA 35 -48.49 15.10 -18.03
CA LEU BA 35 -47.74 15.72 -16.94
C LEU BA 35 -48.68 15.85 -15.73
N LEU BA 36 -48.10 16.04 -14.52
CA LEU BA 36 -48.83 15.93 -13.27
C LEU BA 36 -48.40 16.98 -12.28
N ALA BA 37 -49.33 17.47 -11.43
CA ALA BA 37 -49.07 18.58 -10.55
C ALA BA 37 -49.37 18.19 -9.15
N TYR BA 38 -48.37 18.41 -8.29
CA TYR BA 38 -48.46 18.06 -6.91
C TYR BA 38 -48.51 19.35 -6.16
N GLY BA 39 -49.69 19.69 -5.59
CA GLY BA 39 -49.81 20.71 -4.57
C GLY BA 39 -48.88 20.40 -3.41
N GLY BA 40 -48.25 21.40 -2.80
CA GLY BA 40 -47.28 21.19 -1.74
C GLY BA 40 -47.30 22.36 -0.81
N ILE BA 41 -46.49 22.32 0.28
CA ILE BA 41 -46.37 23.44 1.18
C ILE BA 41 -45.71 24.65 0.53
N SER BA 42 -44.58 24.46 -0.20
CA SER BA 42 -43.89 25.57 -0.86
C SER BA 42 -44.63 26.08 -2.08
N TYR BA 43 -45.19 25.15 -2.88
CA TYR BA 43 -45.95 25.37 -4.10
C TYR BA 43 -45.98 24.06 -4.83
N VAL BA 44 -45.86 24.04 -6.17
CA VAL BA 44 -46.22 22.89 -6.95
C VAL BA 44 -45.07 22.29 -7.69
N VAL BA 45 -44.93 20.97 -7.57
CA VAL BA 45 -43.98 20.22 -8.36
C VAL BA 45 -44.66 19.70 -9.61
N ILE BA 46 -44.01 19.84 -10.79
CA ILE BA 46 -44.53 19.33 -12.04
C ILE BA 46 -43.77 18.10 -12.42
N ALA BA 47 -44.49 17.00 -12.62
CA ALA BA 47 -43.91 15.76 -13.06
C ALA BA 47 -44.35 15.44 -14.46
N SER BA 48 -43.55 14.63 -15.15
CA SER BA 48 -43.87 14.16 -16.48
C SER BA 48 -44.14 12.70 -16.43
N CYS BA 49 -45.25 12.29 -17.06
CA CYS BA 49 -45.56 10.90 -17.33
C CYS BA 49 -44.77 10.46 -18.54
N ARG BA 50 -43.87 9.50 -18.35
CA ARG BA 50 -43.14 8.94 -19.46
C ARG BA 50 -43.53 7.50 -19.68
N PHE BA 51 -43.95 7.21 -20.92
CA PHE BA 51 -44.33 5.90 -21.42
C PHE BA 51 -43.20 4.88 -21.47
N GLN BA 52 -41.97 5.36 -21.68
CA GLN BA 52 -40.81 4.50 -21.81
C GLN BA 52 -40.48 3.67 -20.60
N GLU BA 53 -40.08 2.44 -20.87
CA GLU BA 53 -39.48 1.53 -19.94
C GLU BA 53 -38.28 0.94 -20.70
N GLU BA 54 -37.08 0.86 -20.08
CA GLU BA 54 -35.86 0.40 -20.74
C GLU BA 54 -35.83 -1.10 -20.98
N ASP BA 55 -36.53 -1.89 -20.14
CA ASP BA 55 -36.61 -3.33 -20.26
C ASP BA 55 -37.36 -3.79 -21.53
N SER BA 56 -38.09 -2.86 -22.19
CA SER BA 56 -38.88 -3.07 -23.39
C SER BA 56 -40.21 -3.72 -23.10
N THR BA 57 -40.53 -3.92 -21.80
CA THR BA 57 -41.89 -4.15 -21.34
C THR BA 57 -42.61 -2.83 -21.36
N VAL BA 58 -43.74 -2.72 -22.05
CA VAL BA 58 -44.42 -1.45 -22.25
C VAL BA 58 -45.63 -1.38 -21.35
N GLU BA 59 -46.28 -0.19 -21.25
CA GLU BA 59 -47.41 0.05 -20.35
C GLU BA 59 -46.94 0.10 -18.89
N GLY BA 60 -45.62 0.31 -18.73
CA GLY BA 60 -44.95 0.62 -17.49
C GLY BA 60 -44.63 2.06 -17.60
N ILE BA 61 -45.11 2.86 -16.65
CA ILE BA 61 -45.12 4.30 -16.79
C ILE BA 61 -44.36 4.88 -15.63
N GLU BA 62 -43.45 5.83 -15.86
CA GLU BA 62 -42.65 6.45 -14.82
C GLU BA 62 -43.02 7.91 -14.64
N PHE BA 63 -42.69 8.48 -13.47
CA PHE BA 63 -42.79 9.92 -13.27
C PHE BA 63 -41.41 10.50 -13.31
N LYS BA 64 -41.22 11.59 -14.08
CA LYS BA 64 -40.01 12.36 -13.96
C LYS BA 64 -40.33 13.63 -13.25
N THR BA 65 -39.64 13.93 -12.14
CA THR BA 65 -39.82 15.21 -11.47
C THR BA 65 -39.09 16.29 -12.23
N LEU BA 66 -39.82 17.08 -13.05
CA LEU BA 66 -39.18 18.06 -13.92
C LEU BA 66 -38.63 19.23 -13.16
N LYS BA 67 -39.46 19.82 -12.28
CA LYS BA 67 -39.06 20.95 -11.50
C LYS BA 67 -40.06 21.24 -10.40
N THR BA 68 -39.60 21.97 -9.38
CA THR BA 68 -40.45 22.49 -8.33
C THR BA 68 -40.68 23.95 -8.62
N PHE BA 69 -41.95 24.37 -8.64
CA PHE BA 69 -42.30 25.75 -8.79
C PHE BA 69 -42.37 26.27 -7.38
N HIS BA 70 -42.01 27.54 -7.11
CA HIS BA 70 -42.04 28.06 -5.76
C HIS BA 70 -43.01 29.21 -5.67
N HIS BA 71 -43.78 29.28 -4.57
CA HIS BA 71 -44.72 30.37 -4.36
C HIS BA 71 -44.52 30.93 -2.98
N GLY BA 72 -44.20 30.03 -2.03
CA GLY BA 72 -43.98 30.33 -0.63
C GLY BA 72 -45.20 30.11 0.24
N GLU BA 73 -46.35 29.75 -0.37
CA GLU BA 73 -47.59 29.48 0.33
C GLU BA 73 -48.08 28.10 -0.06
N ARG BA 74 -48.84 27.41 0.83
CA ARG BA 74 -49.43 26.11 0.53
C ARG BA 74 -50.49 26.09 -0.58
N VAL BA 75 -50.40 25.14 -1.52
CA VAL BA 75 -51.45 24.95 -2.52
C VAL BA 75 -52.43 23.89 -2.10
N VAL BA 76 -53.70 24.26 -1.92
CA VAL BA 76 -54.70 23.30 -1.51
C VAL BA 76 -55.34 22.64 -2.71
N ALA BA 77 -55.59 23.41 -3.78
CA ALA BA 77 -56.32 22.92 -4.93
C ALA BA 77 -55.68 23.56 -6.13
N ILE BA 78 -55.69 22.85 -7.26
CA ILE BA 78 -55.05 23.34 -8.46
C ILE BA 78 -55.80 22.80 -9.65
N ALA BA 79 -55.86 23.60 -10.71
CA ALA BA 79 -56.41 23.16 -11.95
C ALA BA 79 -55.55 23.74 -13.02
N TRP BA 80 -55.39 22.99 -14.11
CA TRP BA 80 -54.65 23.49 -15.23
C TRP BA 80 -55.52 24.26 -16.20
N SER BA 81 -54.89 25.22 -16.89
CA SER BA 81 -55.50 25.92 -17.99
C SER BA 81 -55.11 25.29 -19.32
N PRO BA 82 -55.97 25.22 -20.35
CA PRO BA 82 -55.58 24.90 -21.72
C PRO BA 82 -54.56 25.81 -22.33
N GLU BA 83 -54.33 27.00 -21.75
CA GLU BA 83 -53.42 27.99 -22.26
C GLU BA 83 -51.97 27.54 -22.18
N THR BA 84 -51.70 26.55 -21.31
CA THR BA 84 -50.44 25.86 -21.25
C THR BA 84 -50.01 25.27 -22.54
N ARG BA 85 -48.73 25.46 -22.86
CA ARG BA 85 -48.11 24.86 -24.00
C ARG BA 85 -46.73 24.38 -23.64
N CYS BA 86 -46.12 23.58 -24.52
CA CYS BA 86 -44.73 23.24 -24.39
C CYS BA 86 -44.05 23.70 -25.66
N ASP BA 87 -42.96 24.50 -25.58
CA ASP BA 87 -42.22 24.86 -26.77
C ASP BA 87 -41.10 23.86 -27.07
N ALA BA 88 -39.96 24.33 -27.61
CA ALA BA 88 -38.78 23.51 -27.71
C ALA BA 88 -37.98 23.46 -26.39
N LEU BA 89 -38.53 22.72 -25.39
CA LEU BA 89 -37.99 22.41 -24.07
C LEU BA 89 -38.61 23.22 -22.96
N LEU BA 90 -38.84 24.54 -23.12
CA LEU BA 90 -39.36 25.34 -22.05
C LEU BA 90 -40.87 25.14 -21.93
N PRO BA 91 -41.37 24.81 -20.74
CA PRO BA 91 -42.80 24.61 -20.61
C PRO BA 91 -43.46 25.92 -20.24
N LEU BA 92 -44.47 26.35 -21.01
CA LEU BA 92 -45.24 27.52 -20.69
C LEU BA 92 -46.47 27.04 -20.00
N LEU BA 93 -46.59 27.16 -18.66
CA LEU BA 93 -47.68 26.50 -17.98
C LEU BA 93 -48.55 27.50 -17.24
N ARG BA 94 -49.89 27.37 -17.30
CA ARG BA 94 -50.77 28.26 -16.54
C ARG BA 94 -51.69 27.47 -15.63
N PHE BA 95 -51.78 27.88 -14.36
CA PHE BA 95 -52.53 27.17 -13.34
C PHE BA 95 -53.52 28.11 -12.73
N ALA BA 96 -54.74 27.62 -12.47
CA ALA BA 96 -55.62 28.23 -11.50
C ALA BA 96 -55.36 27.55 -10.18
N THR BA 97 -55.04 28.31 -9.11
CA THR BA 97 -54.60 27.71 -7.85
C THR BA 97 -55.39 28.25 -6.68
N ALA BA 98 -55.46 27.45 -5.60
CA ALA BA 98 -55.96 27.87 -4.33
C ALA BA 98 -54.81 27.90 -3.35
N ALA BA 99 -54.66 29.00 -2.61
CA ALA BA 99 -53.62 29.16 -1.64
C ALA BA 99 -54.17 29.16 -0.22
N GLY BA 100 -53.31 28.93 0.80
CA GLY BA 100 -53.71 28.87 2.21
C GLY BA 100 -54.38 30.12 2.76
N ASP BA 101 -53.99 31.30 2.26
CA ASP BA 101 -54.54 32.57 2.67
C ASP BA 101 -55.84 32.92 1.95
N LYS BA 102 -56.60 31.90 1.50
CA LYS BA 102 -57.93 32.08 0.93
C LYS BA 102 -57.89 32.84 -0.38
N LYS BA 103 -56.80 32.65 -1.14
CA LYS BA 103 -56.58 33.34 -2.38
C LYS BA 103 -56.79 32.39 -3.54
N ILE BA 104 -57.42 32.88 -4.62
CA ILE BA 104 -57.43 32.19 -5.88
C ILE BA 104 -56.50 32.95 -6.77
N ARG BA 105 -55.58 32.23 -7.42
CA ARG BA 105 -54.58 32.87 -8.22
C ARG BA 105 -54.55 32.23 -9.58
N ILE BA 106 -54.03 32.99 -10.54
CA ILE BA 106 -53.74 32.47 -11.87
C ILE BA 106 -52.28 32.66 -12.03
N PHE BA 107 -51.53 31.57 -12.20
CA PHE BA 107 -50.11 31.66 -12.41
C PHE BA 107 -49.82 31.65 -13.89
N THR BA 108 -48.84 32.46 -14.33
CA THR BA 108 -48.24 32.27 -15.64
C THR BA 108 -46.86 31.74 -15.40
N PHE BA 111 -42.41 31.62 -14.04
CA PHE BA 111 -42.84 32.44 -12.92
C PHE BA 111 -42.91 33.94 -13.29
N GLN BA 112 -43.51 34.27 -14.46
CA GLN BA 112 -43.57 35.64 -14.95
C GLN BA 112 -44.54 36.52 -14.19
N ASP BA 113 -45.75 35.99 -13.89
CA ASP BA 113 -46.74 36.78 -13.19
C ASP BA 113 -47.69 35.87 -12.43
N LYS BA 114 -48.38 36.45 -11.44
CA LYS BA 114 -49.41 35.81 -10.67
C LYS BA 114 -50.58 36.74 -10.54
N ASN BA 115 -51.76 36.33 -11.01
CA ASN BA 115 -52.95 37.10 -10.77
C ASN BA 115 -53.39 36.83 -9.34
N GLU BA 116 -53.89 37.84 -8.62
CA GLU BA 116 -54.41 37.64 -7.29
C GLU BA 116 -55.86 37.95 -7.29
N TYR BA 117 -56.65 37.06 -6.69
CA TYR BA 117 -57.97 37.42 -6.28
C TYR BA 117 -58.12 37.15 -4.78
N LYS BA 118 -58.28 38.26 -4.05
CA LYS BA 118 -58.30 38.33 -2.60
C LYS BA 118 -59.05 39.61 -2.24
N VAL BA 119 -58.79 40.24 -1.07
CA VAL BA 119 -59.37 41.53 -0.68
C VAL BA 119 -60.85 41.34 -0.32
N ILE BA 120 -61.69 42.37 -0.45
CA ILE BA 120 -63.14 42.31 -0.28
C ILE BA 120 -63.80 41.40 -1.32
N GLU BA 121 -63.33 41.48 -2.58
CA GLU BA 121 -63.84 40.73 -3.71
C GLU BA 121 -63.65 39.22 -3.59
N GLY BA 122 -62.49 38.76 -3.07
CA GLY BA 122 -62.15 37.38 -2.75
C GLY BA 122 -62.97 36.73 -1.67
N HIS BA 123 -62.72 35.41 -1.46
CA HIS BA 123 -63.32 34.66 -0.37
C HIS BA 123 -62.77 35.04 0.98
N SER BA 124 -63.63 35.10 2.01
CA SER BA 124 -63.17 35.38 3.37
C SER BA 124 -63.20 34.11 4.20
N GLY BA 125 -63.41 32.93 3.58
CA GLY BA 125 -63.41 31.62 4.23
C GLY BA 125 -62.46 30.68 3.56
N TYR BA 126 -62.35 29.42 4.02
CA TYR BA 126 -61.61 28.39 3.29
C TYR BA 126 -62.20 28.17 1.90
N ILE BA 127 -61.36 27.96 0.89
CA ILE BA 127 -61.84 27.76 -0.46
C ILE BA 127 -61.73 26.31 -0.76
N ASN BA 128 -62.90 25.64 -0.83
CA ASN BA 128 -62.96 24.21 -0.96
C ASN BA 128 -62.49 23.73 -2.32
N ASP BA 129 -62.89 24.43 -3.40
CA ASP BA 129 -62.62 23.92 -4.73
C ASP BA 129 -62.55 25.05 -5.74
N LEU BA 130 -61.95 24.75 -6.90
CA LEU BA 130 -61.82 25.66 -7.99
C LEU BA 130 -61.79 24.92 -9.30
N VAL BA 131 -62.35 25.54 -10.35
CA VAL BA 131 -62.32 24.94 -11.67
C VAL BA 131 -62.09 26.01 -12.69
N PHE BA 132 -61.61 25.59 -13.87
CA PHE BA 132 -61.27 26.47 -14.96
C PHE BA 132 -62.08 26.02 -16.16
N CYS BA 133 -62.54 26.95 -17.01
CA CYS BA 133 -63.18 26.56 -18.25
C CYS BA 133 -62.86 27.54 -19.36
N SER BA 134 -62.98 27.14 -20.63
CA SER BA 134 -62.66 28.00 -21.75
C SER BA 134 -63.87 28.44 -22.59
N PRO BA 135 -64.38 29.67 -22.45
CA PRO BA 135 -65.20 30.33 -23.46
C PRO BA 135 -64.35 31.11 -24.45
N GLU BA 136 -64.90 32.23 -24.97
CA GLU BA 136 -64.20 33.28 -25.68
C GLU BA 136 -63.48 34.22 -24.71
N GLY BA 137 -62.57 33.65 -23.90
CA GLY BA 137 -62.07 34.25 -22.67
C GLY BA 137 -61.87 33.06 -21.78
N THR BA 138 -61.49 33.22 -20.51
CA THR BA 138 -61.40 32.04 -19.64
C THR BA 138 -62.08 32.29 -18.34
N ASP BA 139 -62.79 31.28 -17.79
CA ASP BA 139 -63.56 31.49 -16.59
C ASP BA 139 -62.99 30.67 -15.46
N ILE BA 140 -62.91 31.25 -14.25
CA ILE BA 140 -62.54 30.54 -13.05
C ILE BA 140 -63.74 30.59 -12.15
N ALA BA 141 -64.17 29.42 -11.66
CA ALA BA 141 -65.22 29.36 -10.67
C ALA BA 141 -64.63 28.80 -9.41
N SER BA 142 -65.08 29.30 -8.26
CA SER BA 142 -64.58 28.86 -6.98
C SER BA 142 -65.67 28.96 -5.95
N VAL BA 143 -65.62 28.06 -4.97
CA VAL BA 143 -66.62 27.98 -3.93
C VAL BA 143 -65.94 27.97 -2.58
N GLY BA 144 -66.50 28.68 -1.58
CA GLY BA 144 -65.87 28.76 -0.27
C GLY BA 144 -66.79 28.45 0.88
N ASP BA 145 -66.18 28.40 2.09
CA ASP BA 145 -66.86 28.30 3.37
C ASP BA 145 -67.56 29.60 3.74
N ASP BA 146 -67.32 30.69 2.99
CA ASP BA 146 -67.92 31.99 3.22
C ASP BA 146 -69.39 32.01 2.78
N HIS BA 147 -69.82 30.93 2.09
CA HIS BA 147 -71.16 30.70 1.59
C HIS BA 147 -71.34 31.41 0.29
N THR BA 148 -70.26 31.56 -0.49
CA THR BA 148 -70.36 32.20 -1.78
C THR BA 148 -69.80 31.33 -2.90
N CYS BA 149 -70.32 31.57 -4.12
CA CYS BA 149 -69.74 31.06 -5.34
C CYS BA 149 -69.33 32.27 -6.09
N ARG BA 150 -68.11 32.26 -6.63
CA ARG BA 150 -67.63 33.39 -7.35
C ARG BA 150 -67.23 32.98 -8.72
N ILE BA 151 -67.54 33.84 -9.67
CA ILE BA 151 -67.07 33.67 -11.01
C ILE BA 151 -66.06 34.77 -11.23
N TRP BA 152 -64.97 34.40 -11.89
CA TRP BA 152 -63.98 35.29 -12.39
C TRP BA 152 -63.97 35.11 -13.89
N ASP BA 153 -64.15 36.20 -14.64
CA ASP BA 153 -64.09 36.17 -16.08
C ASP BA 153 -62.73 36.72 -16.51
N LEU BA 154 -62.01 36.04 -17.43
CA LEU BA 154 -60.77 36.58 -17.99
C LEU BA 154 -60.99 37.10 -19.40
N GLY BA 156 -61.22 41.67 -20.19
CA GLY BA 156 -61.25 42.60 -19.07
C GLY BA 156 -61.66 41.90 -17.78
N LYS BA 157 -61.03 42.21 -16.63
CA LYS BA 157 -61.37 41.49 -15.41
C LYS BA 157 -62.76 41.81 -14.90
N GLN BA 158 -63.66 40.82 -14.92
CA GLN BA 158 -65.02 40.94 -14.43
C GLN BA 158 -65.20 39.87 -13.38
N ILE BA 159 -66.00 40.16 -12.36
CA ILE BA 159 -66.21 39.22 -11.29
C ILE BA 159 -67.68 39.14 -11.01
N ALA BA 160 -68.09 38.02 -10.40
CA ALA BA 160 -69.43 37.88 -9.90
C ALA BA 160 -69.35 37.23 -8.55
N MET BA 161 -70.28 37.59 -7.65
CA MET BA 161 -70.37 37.02 -6.33
C MET BA 161 -71.79 36.56 -6.17
N PHE BA 162 -72.00 35.27 -5.92
CA PHE BA 162 -73.33 34.70 -5.73
C PHE BA 162 -73.39 34.05 -4.36
N ILE BA 163 -74.51 34.24 -3.64
CA ILE BA 163 -74.76 33.59 -2.37
C ILE BA 163 -75.14 32.12 -2.55
N LEU BA 164 -74.56 31.22 -1.75
CA LEU BA 164 -74.96 29.84 -1.65
C LEU BA 164 -75.78 29.68 -0.39
N ARG BA 165 -76.59 28.61 -0.25
CA ARG BA 165 -77.36 28.44 0.98
C ARG BA 165 -76.49 27.98 2.15
N SER BA 166 -75.33 27.40 1.84
CA SER BA 166 -74.45 26.82 2.82
C SER BA 166 -73.08 26.69 2.18
N PRO BA 167 -71.97 26.27 2.81
CA PRO BA 167 -70.65 26.45 2.24
C PRO BA 167 -70.44 25.58 1.04
N GLY BA 168 -69.85 26.13 -0.02
CA GLY BA 168 -69.72 25.41 -1.27
C GLY BA 168 -68.54 24.50 -1.25
N MET BA 169 -68.79 23.19 -1.16
CA MET BA 169 -67.76 22.19 -1.09
C MET BA 169 -67.13 21.91 -2.44
N SER BA 170 -67.91 21.92 -3.53
CA SER BA 170 -67.33 21.68 -4.84
C SER BA 170 -68.00 22.47 -5.91
N VAL BA 171 -67.29 22.66 -7.03
CA VAL BA 171 -67.79 23.41 -8.16
C VAL BA 171 -67.21 22.79 -9.40
N ALA BA 172 -67.99 22.61 -10.46
CA ALA BA 172 -67.43 22.11 -11.70
C ALA BA 172 -68.25 22.58 -12.87
N TRP BA 173 -67.62 22.92 -14.00
CA TRP BA 173 -68.32 23.38 -15.17
C TRP BA 173 -68.85 22.21 -15.98
N HIS BA 174 -69.99 22.39 -16.69
CA HIS BA 174 -70.55 21.43 -17.63
C HIS BA 174 -69.55 21.09 -18.75
N PRO BA 175 -68.98 19.88 -18.85
CA PRO BA 175 -68.13 19.51 -19.98
C PRO BA 175 -68.80 19.61 -21.33
N GLU BA 176 -68.18 20.30 -22.31
CA GLU BA 176 -68.75 20.58 -23.62
C GLU BA 176 -69.82 21.69 -23.56
N GLY BA 177 -69.93 22.39 -22.40
CA GLY BA 177 -70.93 23.41 -22.22
C GLY BA 177 -70.55 24.41 -21.15
N ALA BA 178 -69.62 25.33 -21.47
CA ALA BA 178 -68.98 26.25 -20.55
C ALA BA 178 -69.89 27.12 -19.68
N PHE BA 179 -71.09 27.48 -20.17
CA PHE BA 179 -72.02 28.32 -19.44
C PHE BA 179 -72.64 27.71 -18.20
N LYS BA 180 -72.96 26.40 -18.21
CA LYS BA 180 -73.52 25.78 -17.03
C LYS BA 180 -72.43 25.25 -16.11
N LEU BA 181 -72.65 25.33 -14.80
CA LEU BA 181 -71.80 24.71 -13.81
C LEU BA 181 -72.64 24.01 -12.78
N MET BA 182 -71.97 23.21 -11.94
CA MET BA 182 -72.55 22.54 -10.79
C MET BA 182 -71.95 23.12 -9.55
N VAL BA 183 -72.75 23.30 -8.50
CA VAL BA 183 -72.24 23.57 -7.17
C VAL BA 183 -72.79 22.53 -6.24
N ALA BA 184 -71.93 21.99 -5.38
CA ALA BA 184 -72.33 21.16 -4.27
C ALA BA 184 -72.19 21.96 -2.98
N GLU BA 185 -73.29 22.23 -2.27
CA GLU BA 185 -73.26 22.86 -0.96
C GLU BA 185 -73.09 21.80 0.12
N LYS BA 186 -72.41 22.11 1.26
CA LYS BA 186 -72.16 21.16 2.35
C LYS BA 186 -73.42 20.52 2.91
N THR BA 187 -74.52 21.30 2.99
CA THR BA 187 -75.87 20.88 3.37
C THR BA 187 -76.45 19.79 2.51
N GLY BA 188 -75.97 19.67 1.26
CA GLY BA 188 -76.34 18.61 0.36
C GLY BA 188 -77.13 19.00 -0.80
N THR BA 189 -77.53 20.25 -0.86
CA THR BA 189 -78.11 20.82 -2.07
C THR BA 189 -77.13 20.79 -3.22
N ILE BA 190 -77.54 20.25 -4.37
CA ILE BA 190 -76.74 20.32 -5.58
C ILE BA 190 -77.44 21.32 -6.45
N ARG BA 191 -76.73 22.34 -6.94
CA ARG BA 191 -77.33 23.37 -7.74
C ARG BA 191 -76.73 23.42 -9.11
N PHE BA 192 -77.59 23.75 -10.09
CA PHE BA 192 -77.24 23.81 -11.48
C PHE BA 192 -77.27 25.27 -11.78
N TYR BA 193 -76.13 25.82 -12.19
CA TYR BA 193 -76.00 27.24 -12.34
C TYR BA 193 -75.68 27.54 -13.76
N ASP BA 194 -76.38 28.50 -14.35
CA ASP BA 194 -76.06 29.04 -15.64
C ASP BA 194 -75.76 30.50 -15.37
N LEU BA 195 -74.50 30.94 -15.57
CA LEU BA 195 -74.11 32.33 -15.37
C LEU BA 195 -74.77 33.23 -16.40
N THR BA 196 -74.84 32.75 -17.64
CA THR BA 196 -75.39 33.49 -18.77
C THR BA 196 -76.87 33.73 -18.63
N THR BA 197 -77.63 32.71 -18.22
CA THR BA 197 -79.08 32.82 -18.12
C THR BA 197 -79.51 33.16 -16.70
N HIS BA 198 -80.72 32.75 -16.28
CA HIS BA 198 -81.12 32.85 -14.89
C HIS BA 198 -80.27 31.93 -14.03
N GLN BA 199 -79.68 32.44 -12.93
CA GLN BA 199 -78.66 31.74 -12.19
C GLN BA 199 -79.02 30.39 -11.62
N ALA BA 200 -80.17 30.21 -10.94
CA ALA BA 200 -80.52 28.91 -10.42
C ALA BA 200 -81.46 28.17 -11.37
N ILE BA 201 -80.90 27.37 -12.30
CA ILE BA 201 -81.68 26.58 -13.26
C ILE BA 201 -82.37 25.40 -12.63
N LEU BA 202 -81.68 24.66 -11.75
CA LEU BA 202 -82.25 23.47 -11.13
C LEU BA 202 -81.58 23.25 -9.79
N SER BA 203 -82.19 22.39 -8.95
CA SER BA 203 -81.65 22.02 -7.66
C SER BA 203 -81.99 20.57 -7.38
N LEU BA 204 -81.14 19.90 -6.59
CA LEU BA 204 -81.39 18.55 -6.10
C LEU BA 204 -81.13 18.56 -4.61
N GLU BA 205 -81.75 17.61 -3.89
CA GLU BA 205 -81.58 17.44 -2.47
C GLU BA 205 -80.93 16.09 -2.24
N MET BA 212 -69.55 15.52 0.36
CA MET BA 212 -68.14 15.57 0.00
C MET BA 212 -67.90 16.23 -1.35
N SER BA 213 -68.65 15.82 -2.38
CA SER BA 213 -68.57 16.48 -3.67
C SER BA 213 -69.75 16.08 -4.53
N ALA BA 214 -69.97 16.84 -5.59
CA ALA BA 214 -70.84 16.50 -6.68
C ALA BA 214 -70.07 16.91 -7.90
N ASP BA 215 -70.33 16.27 -9.03
CA ASP BA 215 -69.55 16.48 -10.22
C ASP BA 215 -70.41 16.01 -11.37
N TRP BA 216 -69.90 16.22 -12.57
CA TRP BA 216 -70.50 15.81 -13.81
C TRP BA 216 -69.90 14.51 -14.29
N CYS BA 217 -70.55 13.85 -15.27
CA CYS BA 217 -69.95 12.72 -15.95
C CYS BA 217 -70.29 12.80 -17.44
N VAL BA 218 -69.50 12.16 -18.32
CA VAL BA 218 -69.68 12.12 -19.78
C VAL BA 218 -69.54 13.51 -20.40
N ARG BA 219 -70.33 13.84 -21.43
CA ARG BA 219 -70.51 15.14 -22.03
C ARG BA 219 -71.52 15.93 -21.22
N ASN BA 220 -71.47 15.70 -19.89
CA ASN BA 220 -72.33 16.21 -18.88
C ASN BA 220 -73.63 15.44 -18.84
N THR BA 221 -73.68 14.22 -19.44
CA THR BA 221 -74.92 13.45 -19.63
C THR BA 221 -75.43 12.88 -18.31
N LEU BA 222 -74.61 12.97 -17.28
CA LEU BA 222 -74.85 12.37 -16.00
C LEU BA 222 -74.36 13.32 -14.92
N ARG BA 223 -74.99 13.25 -13.74
CA ARG BA 223 -74.69 14.07 -12.58
C ARG BA 223 -74.51 13.14 -11.41
N ILE BA 224 -73.47 13.37 -10.60
CA ILE BA 224 -73.18 12.51 -9.48
C ILE BA 224 -73.38 13.32 -8.21
N GLY BA 225 -73.64 12.69 -7.05
CA GLY BA 225 -73.64 13.43 -5.78
C GLY BA 225 -73.16 12.56 -4.68
N ALA BA 226 -72.00 12.87 -4.08
CA ALA BA 226 -71.33 12.01 -3.13
C ALA BA 226 -71.22 12.60 -1.74
N VAL BA 227 -71.67 11.83 -0.73
CA VAL BA 227 -71.67 12.24 0.66
C VAL BA 227 -70.51 11.62 1.46
N ALA BA 228 -70.16 12.18 2.65
CA ALA BA 228 -69.04 11.69 3.48
C ALA BA 228 -69.41 10.45 4.28
N GLY BA 229 -70.73 10.21 4.44
CA GLY BA 229 -71.26 8.98 5.02
C GLY BA 229 -71.31 7.86 4.01
N ASN BA 230 -71.02 8.22 2.75
CA ASN BA 230 -70.61 7.39 1.63
C ASN BA 230 -71.75 7.01 0.71
N ASP BA 231 -73.02 7.33 1.05
CA ASP BA 231 -74.12 7.28 0.10
C ASP BA 231 -73.87 8.12 -1.16
N TRP BA 232 -74.29 7.59 -2.32
CA TRP BA 232 -73.94 8.21 -3.58
C TRP BA 232 -75.12 8.15 -4.51
N ILE BA 233 -75.45 9.28 -5.17
CA ILE BA 233 -76.59 9.36 -6.08
C ILE BA 233 -76.16 9.52 -7.51
N ILE BA 234 -76.92 8.88 -8.41
CA ILE BA 234 -76.67 8.83 -9.82
C ILE BA 234 -77.86 9.45 -10.51
N TRP BA 235 -77.67 10.57 -11.25
CA TRP BA 235 -78.75 11.13 -12.03
C TRP BA 235 -78.33 11.26 -13.48
N GLU BA 236 -79.17 10.73 -14.39
CA GLU BA 236 -78.98 10.88 -15.82
C GLU BA 236 -79.71 12.11 -16.35
N MET BA 237 -79.29 13.35 -15.99
CA MET BA 237 -80.09 14.54 -16.32
C MET BA 237 -80.21 14.91 -17.80
N GLN BA 244 -90.01 12.10 -16.82
CA GLN BA 244 -89.58 11.68 -15.50
C GLN BA 244 -89.60 12.80 -14.47
N ASP BA 245 -89.35 12.46 -13.19
CA ASP BA 245 -89.13 13.39 -12.11
C ASP BA 245 -87.62 13.59 -11.85
N ASN BA 246 -87.23 14.34 -10.79
CA ASN BA 246 -85.81 14.56 -10.50
C ASN BA 246 -85.20 13.46 -9.64
N LYS BA 247 -85.94 12.38 -9.30
CA LYS BA 247 -85.43 11.40 -8.37
C LYS BA 247 -84.18 10.71 -8.88
N PRO BA 248 -83.12 10.48 -8.08
CA PRO BA 248 -81.96 9.73 -8.50
C PRO BA 248 -82.30 8.39 -9.11
N ALA BA 249 -81.72 8.08 -10.29
CA ALA BA 249 -81.98 6.86 -11.01
C ALA BA 249 -81.57 5.62 -10.23
N HIS BA 250 -80.40 5.72 -9.58
CA HIS BA 250 -79.79 4.66 -8.83
C HIS BA 250 -78.98 5.29 -7.71
N ALA BA 251 -78.61 4.52 -6.69
CA ALA BA 251 -77.74 4.99 -5.63
C ALA BA 251 -77.07 3.80 -4.98
N ASP BA 252 -75.83 3.96 -4.45
CA ASP BA 252 -75.12 2.91 -3.73
C ASP BA 252 -74.29 3.49 -2.57
N ARG BA 253 -73.12 2.89 -2.22
CA ARG BA 253 -72.23 3.42 -1.20
C ARG BA 253 -70.78 3.38 -1.65
N ARG BA 255 -67.49 6.74 -1.21
CA ARG BA 255 -66.81 7.74 -0.39
C ARG BA 255 -67.03 8.99 -1.21
N MET BA 256 -66.08 9.93 -1.25
CA MET BA 256 -66.05 10.96 -2.25
C MET BA 256 -65.78 10.34 -3.59
N PHE BA 257 -66.59 10.73 -4.54
CA PHE BA 257 -66.53 10.17 -5.84
C PHE BA 257 -65.46 10.82 -6.71
N ARG BA 258 -64.68 9.98 -7.42
CA ARG BA 258 -63.69 10.39 -8.39
C ARG BA 258 -64.00 9.73 -9.72
N TRP BA 259 -64.32 10.52 -10.76
CA TRP BA 259 -64.83 9.99 -12.02
C TRP BA 259 -63.79 9.43 -12.96
N SER BA 260 -64.02 8.19 -13.46
CA SER BA 260 -63.30 7.66 -14.62
C SER BA 260 -63.56 8.48 -15.85
N LYS BA 261 -62.50 9.07 -16.44
CA LYS BA 261 -62.73 10.05 -17.48
C LYS BA 261 -63.40 9.54 -18.74
N CYS BA 262 -63.00 8.36 -19.22
CA CYS BA 262 -63.59 7.80 -20.42
C CYS BA 262 -64.85 7.02 -20.15
N ASN BA 263 -64.88 6.21 -19.08
CA ASN BA 263 -66.03 5.36 -18.84
C ASN BA 263 -66.98 6.02 -17.89
N GLU BA 264 -68.22 6.24 -18.32
CA GLU BA 264 -69.25 6.78 -17.49
C GLU BA 264 -69.55 5.91 -16.31
N ASN BA 265 -69.64 4.58 -16.50
CA ASN BA 265 -70.03 3.68 -15.45
C ASN BA 265 -68.94 3.35 -14.45
N VAL BA 266 -67.65 3.66 -14.71
CA VAL BA 266 -66.59 3.28 -13.77
C VAL BA 266 -66.36 4.43 -12.82
N PHE BA 267 -66.37 4.13 -11.52
CA PHE BA 267 -66.47 5.15 -10.54
C PHE BA 267 -65.44 4.84 -9.46
N ALA BA 268 -64.64 5.82 -9.00
CA ALA BA 268 -63.59 5.54 -8.02
C ALA BA 268 -63.88 6.21 -6.72
N THR BA 269 -63.49 5.54 -5.62
CA THR BA 269 -63.71 6.02 -4.27
C THR BA 269 -62.46 5.66 -3.49
N THR BA 270 -62.23 6.24 -2.30
CA THR BA 270 -61.00 5.94 -1.56
C THR BA 270 -61.28 6.03 -0.08
N GLY BA 271 -60.45 5.42 0.75
CA GLY BA 271 -60.42 5.63 2.17
C GLY BA 271 -59.23 6.48 2.50
N TYR BA 272 -59.45 7.80 2.67
CA TYR BA 272 -58.42 8.74 3.13
C TYR BA 272 -57.67 8.34 4.41
N PRO BA 273 -58.27 7.96 5.56
CA PRO BA 273 -57.56 7.88 6.81
C PRO BA 273 -56.60 6.70 6.86
N LYS BA 277 -54.00 1.09 6.38
CA LYS BA 277 -55.25 1.38 5.69
C LYS BA 277 -55.06 1.51 4.16
N SER BA 278 -55.29 2.71 3.58
CA SER BA 278 -55.36 3.09 2.16
C SER BA 278 -56.28 2.27 1.29
N GLN BA 279 -57.55 2.06 1.69
CA GLN BA 279 -58.40 1.21 0.87
C GLN BA 279 -58.97 1.99 -0.29
N ILE BA 280 -58.74 1.55 -1.53
CA ILE BA 280 -59.23 2.25 -2.71
C ILE BA 280 -60.22 1.31 -3.32
N ALA BA 281 -61.43 1.82 -3.61
CA ALA BA 281 -62.44 0.99 -4.20
C ALA BA 281 -62.80 1.53 -5.55
N ILE BA 282 -63.10 0.59 -6.46
CA ILE BA 282 -63.52 0.92 -7.79
C ILE BA 282 -64.89 0.37 -7.81
N HIS BA 283 -65.89 1.19 -8.10
CA HIS BA 283 -67.26 0.76 -8.16
C HIS BA 283 -67.67 0.93 -9.58
N HIS BA 284 -68.61 0.11 -10.05
CA HIS BA 284 -69.29 0.38 -11.29
C HIS BA 284 -70.72 0.64 -10.87
N PRO BA 288 -71.29 -5.30 -8.30
CA PRO BA 288 -70.53 -5.75 -7.13
C PRO BA 288 -69.51 -4.76 -6.63
N GLN BA 289 -68.91 -5.01 -5.43
CA GLN BA 289 -67.92 -4.14 -4.83
C GLN BA 289 -66.47 -4.64 -4.97
N PRO BA 290 -65.65 -4.26 -5.95
CA PRO BA 290 -64.21 -4.53 -5.94
C PRO BA 290 -63.42 -3.57 -5.08
N ILE BA 291 -62.44 -4.10 -4.33
CA ILE BA 291 -61.42 -3.26 -3.72
C ILE BA 291 -60.15 -3.56 -4.48
N LEU BA 292 -59.78 -2.71 -5.46
CA LEU BA 292 -58.65 -2.98 -6.31
C LEU BA 292 -57.31 -2.74 -5.63
N ILE BA 293 -57.21 -1.65 -4.86
CA ILE BA 293 -55.92 -1.20 -4.36
C ILE BA 293 -55.98 -1.05 -2.85
N GLY BA 294 -54.93 -1.51 -2.15
CA GLY BA 294 -54.65 -1.15 -0.77
C GLY BA 294 -53.19 -0.81 -0.65
N THR BA 295 -52.83 0.49 -0.56
CA THR BA 295 -51.45 0.92 -0.32
C THR BA 295 -50.92 0.56 1.05
N PRO BA 297 -50.61 3.00 3.70
CA PRO BA 297 -50.51 4.29 4.41
C PRO BA 297 -51.70 5.22 4.20
N VAL BA 298 -51.81 6.40 4.85
CA VAL BA 298 -52.78 7.43 4.44
C VAL BA 298 -52.76 7.84 2.95
N GLY BA 299 -53.94 8.17 2.36
CA GLY BA 299 -54.05 8.67 0.99
C GLY BA 299 -54.49 10.12 0.95
N SER BA 300 -53.62 11.04 0.49
CA SER BA 300 -53.87 12.49 0.45
C SER BA 300 -54.92 12.88 -0.57
N GLY BA 301 -54.75 12.35 -1.79
CA GLY BA 301 -55.47 12.83 -2.94
C GLY BA 301 -55.04 12.02 -4.10
N LEU BA 302 -55.95 11.85 -5.08
CA LEU BA 302 -55.72 10.93 -6.16
C LEU BA 302 -56.55 11.36 -7.34
N SER BA 303 -56.11 11.01 -8.54
CA SER BA 303 -56.76 11.44 -9.75
C SER BA 303 -56.53 10.44 -10.82
N TRP BA 304 -57.30 10.49 -11.91
CA TRP BA 304 -57.12 9.58 -13.00
C TRP BA 304 -56.25 10.19 -14.06
N HIS BA 305 -55.39 9.36 -14.69
CA HIS BA 305 -54.65 9.73 -15.89
C HIS BA 305 -55.52 10.30 -16.98
N ARG BA 306 -54.96 11.18 -17.81
CA ARG BA 306 -55.65 11.86 -18.88
C ARG BA 306 -56.42 10.94 -19.82
N ARG BA 307 -56.01 9.68 -20.05
CA ARG BA 307 -56.77 8.78 -20.90
C ARG BA 307 -57.42 7.64 -20.17
N LEU BA 308 -57.45 7.70 -18.81
CA LEU BA 308 -57.90 6.65 -17.92
C LEU BA 308 -56.89 5.53 -17.57
N PRO BA 309 -55.80 5.11 -18.22
CA PRO BA 309 -55.13 3.85 -17.89
C PRO BA 309 -54.60 3.81 -16.47
N LEU BA 310 -54.06 4.92 -15.97
CA LEU BA 310 -53.51 4.96 -14.63
C LEU BA 310 -54.36 5.76 -13.67
N CYS BA 311 -54.16 5.50 -12.38
CA CYS BA 311 -54.58 6.37 -11.31
C CYS BA 311 -53.33 6.92 -10.67
N VAL BA 312 -53.24 8.24 -10.45
CA VAL BA 312 -52.18 8.84 -9.67
C VAL BA 312 -52.65 8.94 -8.25
N VAL BA 313 -51.84 8.45 -7.29
CA VAL BA 313 -52.20 8.58 -5.88
C VAL BA 313 -51.07 9.29 -5.17
N GLY BA 314 -51.38 10.34 -4.38
CA GLY BA 314 -50.42 10.89 -3.45
C GLY BA 314 -50.69 10.42 -2.06
N GLY BA 315 -49.72 9.72 -1.44
CA GLY BA 315 -49.71 9.40 -0.02
C GLY BA 315 -48.90 10.43 0.72
N TYR BA 316 -48.62 10.25 2.02
CA TYR BA 316 -47.76 11.19 2.74
C TYR BA 316 -46.33 11.27 2.20
N ARG BA 317 -45.67 10.14 1.91
CA ARG BA 317 -44.26 10.19 1.55
C ARG BA 317 -44.02 9.86 0.11
N LYS BA 318 -45.08 9.54 -0.66
CA LYS BA 318 -44.89 8.92 -1.95
C LYS BA 318 -46.00 9.26 -2.91
N LEU BA 319 -45.67 9.29 -4.21
CA LEU BA 319 -46.61 9.49 -5.29
C LEU BA 319 -46.56 8.26 -6.18
N PHE BA 320 -47.71 7.82 -6.70
CA PHE BA 320 -47.80 6.48 -7.24
C PHE BA 320 -48.65 6.38 -8.49
N PHE BA 321 -48.16 5.65 -9.50
CA PHE BA 321 -48.97 5.31 -10.66
C PHE BA 321 -49.45 3.91 -10.52
N TRP BA 322 -50.76 3.70 -10.57
CA TRP BA 322 -51.33 2.38 -10.55
C TRP BA 322 -52.01 2.14 -11.86
N LEU BA 323 -51.70 1.04 -12.57
CA LEU BA 323 -52.39 0.68 -13.78
C LEU BA 323 -53.62 -0.11 -13.41
N THR BA 324 -54.78 0.23 -13.98
CA THR BA 324 -55.98 -0.56 -13.82
C THR BA 324 -56.47 -0.91 -15.20
N GLU BA 325 -56.90 -2.16 -15.37
CA GLU BA 325 -57.49 -2.62 -16.61
C GLU BA 325 -58.84 -3.20 -16.25
N MET BA 326 -59.86 -2.88 -17.08
CA MET BA 326 -61.24 -3.31 -16.90
C MET BA 326 -62.00 -2.56 -15.77
N ASP CA 142 11.78 -37.13 -29.99
CA ASP CA 142 12.33 -36.87 -28.67
C ASP CA 142 12.08 -35.42 -28.24
N VAL CA 143 11.54 -34.63 -29.16
CA VAL CA 143 11.25 -33.23 -28.88
C VAL CA 143 10.22 -33.11 -27.76
N ARG CA 144 9.21 -33.97 -27.81
CA ARG CA 144 8.17 -33.96 -26.79
C ARG CA 144 8.76 -34.28 -25.44
N SER CA 145 9.67 -35.26 -25.42
CA SER CA 145 10.33 -35.66 -24.18
C SER CA 145 11.15 -34.51 -23.63
N PRO CA 146 11.83 -33.79 -24.53
CA PRO CA 146 12.64 -32.65 -24.12
C PRO CA 146 11.74 -31.58 -23.51
N ARG CA 147 10.58 -31.37 -24.12
CA ARG CA 147 9.63 -30.37 -23.63
C ARG CA 147 9.16 -30.76 -22.24
N LEU CA 148 8.90 -32.05 -22.03
CA LEU CA 148 8.46 -32.45 -20.70
C LEU CA 148 9.60 -32.15 -19.75
N PHE CA 149 10.81 -32.49 -20.18
CA PHE CA 149 12.02 -32.23 -19.41
C PHE CA 149 12.30 -30.73 -19.33
N PRO CA 150 12.07 -30.05 -20.44
CA PRO CA 150 12.30 -28.61 -20.56
C PRO CA 150 11.43 -27.78 -19.63
N SER CA 151 10.18 -28.18 -19.42
CA SER CA 151 9.29 -27.41 -18.57
C SER CA 151 9.73 -27.23 -17.10
N SER CA 152 10.26 -28.28 -16.47
CA SER CA 152 10.69 -28.19 -15.07
C SER CA 152 11.97 -27.38 -14.86
N HIS CA 153 11.99 -26.56 -13.80
CA HIS CA 153 13.16 -25.75 -13.46
C HIS CA 153 13.60 -25.94 -12.00
N ALA CA 154 14.85 -26.33 -11.81
CA ALA CA 154 15.43 -26.55 -10.47
C ALA CA 154 15.58 -25.32 -9.57
N LYS CA 155 16.03 -24.22 -10.14
CA LYS CA 155 16.28 -22.97 -9.42
C LYS CA 155 16.62 -21.75 -10.28
N ARG CA 156 16.38 -20.57 -9.71
CA ARG CA 156 16.66 -19.30 -10.38
C ARG CA 156 17.49 -18.42 -9.44
N THR CA 157 18.57 -17.81 -9.94
CA THR CA 157 18.99 -17.95 -11.32
C THR CA 157 20.31 -18.72 -11.41
N SER CA 158 20.33 -19.72 -12.28
CA SER CA 158 21.49 -20.56 -12.48
C SER CA 158 21.49 -21.17 -13.89
N SER CA 159 22.68 -21.38 -14.45
CA SER CA 159 22.78 -21.97 -15.77
C SER CA 159 22.79 -23.48 -15.60
N MET CA 160 21.64 -24.04 -15.27
CA MET CA 160 21.53 -25.48 -15.06
C MET CA 160 21.29 -26.35 -16.29
N GLY CA 161 22.28 -26.43 -17.17
CA GLY CA 161 22.16 -27.26 -18.36
C GLY CA 161 22.05 -28.68 -17.81
N LEU CA 162 22.85 -28.91 -16.77
CA LEU CA 162 22.92 -30.16 -16.03
C LEU CA 162 21.51 -30.50 -15.58
N LEU CA 163 20.65 -29.49 -15.51
CA LEU CA 163 19.26 -29.70 -15.17
C LEU CA 163 18.73 -30.54 -16.33
N GLN CA 164 19.17 -30.17 -17.54
CA GLN CA 164 18.83 -30.87 -18.78
C GLN CA 164 19.42 -32.27 -18.77
N SER CA 165 20.62 -32.36 -18.22
CA SER CA 165 21.37 -33.60 -18.08
C SER CA 165 20.53 -34.56 -17.24
N LYS CA 166 19.84 -34.00 -16.25
CA LYS CA 166 18.94 -34.79 -15.39
C LYS CA 166 17.95 -35.33 -16.39
N PHE CA 167 17.59 -34.47 -17.33
CA PHE CA 167 16.76 -34.85 -18.46
C PHE CA 167 17.52 -35.91 -19.25
N ALA CA 168 18.84 -35.76 -19.29
CA ALA CA 168 19.75 -36.66 -19.99
C ALA CA 168 19.98 -36.27 -21.45
N SER CA 169 19.47 -35.11 -21.83
CA SER CA 169 19.65 -34.62 -23.20
C SER CA 169 20.66 -33.47 -23.23
N PRO CA 170 21.68 -33.62 -24.06
CA PRO CA 170 22.72 -32.61 -24.21
C PRO CA 170 22.43 -31.71 -25.39
N SER CA 171 22.45 -30.40 -25.14
CA SER CA 171 22.19 -29.43 -26.19
C SER CA 171 23.41 -28.55 -26.40
N ILE CA 172 23.83 -28.43 -27.65
CA ILE CA 172 24.99 -27.62 -28.00
C ILE CA 172 24.72 -26.16 -27.66
N SER CA 173 23.48 -25.74 -27.92
CA SER CA 173 23.09 -24.35 -27.65
C SER CA 173 23.36 -24.01 -26.20
N ARG CA 174 23.07 -24.96 -25.30
CA ARG CA 174 23.30 -24.76 -23.88
C ARG CA 174 24.78 -24.58 -23.62
N ILE CA 175 25.60 -25.38 -24.30
CA ILE CA 175 27.04 -25.29 -24.15
C ILE CA 175 27.53 -23.92 -24.60
N SER CA 176 26.96 -23.44 -25.70
CA SER CA 176 27.32 -22.14 -26.25
C SER CA 176 26.97 -21.04 -25.26
N THR CA 178 30.38 -19.87 -22.96
CA THR CA 178 31.79 -19.64 -23.29
C THR CA 178 32.15 -18.17 -23.15
N ALA CA 179 31.80 -17.58 -22.02
CA ALA CA 179 32.09 -16.17 -21.77
C ALA CA 179 33.60 -15.93 -21.77
N GLN CA 180 34.33 -16.84 -21.15
CA GLN CA 180 35.78 -16.73 -21.08
C GLN CA 180 36.37 -16.78 -22.48
N GLY CA 181 35.83 -17.67 -23.31
CA GLY CA 181 36.29 -17.82 -24.69
C GLY CA 181 36.02 -16.54 -25.45
N SER CA 182 34.86 -15.95 -25.21
CA SER CA 182 34.49 -14.71 -25.89
C SER CA 182 35.46 -13.60 -25.48
N HIS CA 183 35.80 -13.57 -24.20
CA HIS CA 183 36.74 -12.57 -23.69
C HIS CA 183 38.10 -12.75 -24.36
N SER CA 184 38.51 -14.00 -24.52
CA SER CA 184 39.79 -14.32 -25.15
C SER CA 184 39.79 -13.85 -26.59
N PRO CA 185 38.66 -14.04 -27.27
CA PRO CA 185 38.52 -13.64 -28.67
C PRO CA 185 39.49 -14.43 -29.56
N ILE CA 187 46.46 -19.33 -26.60
CA ILE CA 187 46.63 -20.40 -25.62
C ILE CA 187 45.33 -20.64 -24.86
N LEU CA 188 44.63 -19.57 -24.51
CA LEU CA 188 43.38 -19.68 -23.79
C LEU CA 188 42.35 -20.41 -24.67
N PRO CA 189 42.34 -20.07 -25.95
CA PRO CA 189 41.43 -20.70 -26.89
C PRO CA 189 41.73 -22.18 -27.00
N VAL CA 190 43.01 -22.52 -27.02
CA VAL CA 190 43.43 -23.91 -27.10
C VAL CA 190 42.96 -24.66 -25.87
N THR CA 191 43.08 -24.02 -24.71
CA THR CA 191 42.67 -24.63 -23.46
C THR CA 191 41.16 -24.87 -23.48
N PRO CA 192 40.41 -23.91 -24.02
CA PRO CA 192 38.97 -24.04 -24.11
C PRO CA 192 38.61 -25.22 -25.02
N TRP CA 193 39.35 -25.36 -26.11
CA TRP CA 193 39.12 -26.45 -27.05
C TRP CA 193 39.38 -27.78 -26.36
N SER CA 194 40.44 -27.82 -25.57
CA SER CA 194 40.79 -29.04 -24.84
C SER CA 194 39.67 -29.39 -23.87
N VAL CA 195 39.13 -28.37 -23.21
CA VAL CA 195 38.05 -28.57 -22.25
C VAL CA 195 36.82 -29.12 -22.96
N PRO CA 196 36.55 -28.60 -24.16
CA PRO CA 196 35.39 -29.04 -24.94
C PRO CA 196 35.56 -30.48 -25.39
N ALA CA 197 36.79 -30.84 -25.75
CA ALA CA 197 37.08 -32.20 -26.21
C ALA CA 197 36.93 -33.17 -25.06
N PRO CA 198 37.38 -32.77 -23.88
CA PRO CA 198 37.29 -33.60 -22.69
C PRO CA 198 35.82 -33.84 -22.35
N LEU CA 199 35.01 -32.78 -22.47
CA LEU CA 199 33.59 -32.88 -22.18
C LEU CA 199 32.93 -33.85 -23.16
N ALA CA 200 33.35 -33.78 -24.42
CA ALA CA 200 32.82 -34.65 -25.46
C ALA CA 200 33.16 -36.10 -25.15
N PRO CA 201 34.39 -36.32 -24.67
CA PRO CA 201 34.86 -37.66 -24.33
C PRO CA 201 34.00 -38.28 -23.24
N VAL CA 204 31.78 -36.94 -16.14
CA VAL CA 204 32.30 -36.26 -17.32
C VAL CA 204 31.50 -34.99 -17.56
N ILE CA 205 30.19 -35.07 -17.38
CA ILE CA 205 29.32 -33.91 -17.56
C ILE CA 205 29.68 -32.83 -16.55
N PRO CA 206 29.96 -33.24 -15.32
CA PRO CA 206 30.33 -32.31 -14.28
C PRO CA 206 31.63 -31.61 -14.64
N ARG CA 207 32.57 -32.39 -15.19
CA ARG CA 207 33.87 -31.85 -15.59
C ARG CA 207 33.67 -30.82 -16.69
N PRO CA 208 32.77 -31.13 -17.63
CA PRO CA 208 32.48 -30.23 -18.73
C PRO CA 208 31.90 -28.93 -18.20
N ALA CA 209 31.01 -29.05 -17.21
CA ALA CA 209 30.38 -27.89 -16.60
C ALA CA 209 31.44 -27.02 -15.93
N PRO CA 210 32.39 -27.68 -15.27
CA PRO CA 210 33.47 -26.98 -14.58
C PRO CA 210 34.34 -26.24 -15.59
N GLU CA 211 34.58 -26.87 -16.74
CA GLU CA 211 35.39 -26.26 -17.79
C GLU CA 211 34.99 -24.82 -18.03
N ARG CA 215 59.22 -8.53 -15.09
CA ARG CA 215 57.98 -9.22 -15.37
C ARG CA 215 57.90 -9.57 -16.85
N THR CA 216 58.32 -8.62 -17.69
CA THR CA 216 58.30 -8.83 -19.13
C THR CA 216 59.24 -9.97 -19.49
N VAL CA 217 60.40 -10.01 -18.84
CA VAL CA 217 61.38 -11.06 -19.09
C VAL CA 217 60.80 -12.41 -18.70
N GLY CA 218 60.20 -12.37 -17.49
CA GLY CA 218 59.53 -13.47 -16.85
C GLY CA 218 58.28 -13.83 -17.63
N THR CA 219 57.63 -12.80 -18.15
CA THR CA 219 56.42 -12.99 -18.93
C THR CA 219 56.78 -13.83 -20.15
N ARG CA 220 57.91 -13.49 -20.74
CA ARG CA 220 58.43 -14.20 -21.89
C ARG CA 220 58.77 -15.59 -21.42
N ARG CA 221 59.37 -15.67 -20.24
CA ARG CA 221 59.72 -16.96 -19.63
C ARG CA 221 58.40 -17.66 -19.34
N GLN CA 222 57.45 -16.88 -18.87
CA GLN CA 222 56.11 -17.39 -18.55
C GLN CA 222 55.46 -17.88 -19.83
N GLN CA 223 55.67 -17.14 -20.91
CA GLN CA 223 55.11 -17.51 -22.21
C GLN CA 223 55.69 -18.85 -22.66
N GLU CA 224 56.99 -19.01 -22.45
CA GLU CA 224 57.69 -20.24 -22.80
C GLU CA 224 57.14 -21.40 -21.98
N LEU CA 225 56.87 -21.15 -20.71
CA LEU CA 225 56.32 -22.17 -19.83
C LEU CA 225 54.95 -22.58 -20.33
N VAL CA 226 54.19 -21.58 -20.76
CA VAL CA 226 52.85 -21.79 -21.29
C VAL CA 226 52.93 -22.64 -22.55
N PRO CA 227 53.93 -22.37 -23.39
CA PRO CA 227 54.14 -23.11 -24.62
C PRO CA 227 54.47 -24.56 -24.30
N LEU CA 228 55.28 -24.75 -23.27
CA LEU CA 228 55.66 -26.10 -22.83
C LEU CA 228 54.42 -26.84 -22.36
N GLU CA 229 53.56 -26.15 -21.62
CA GLU CA 229 52.33 -26.74 -21.12
C GLU CA 229 51.45 -27.13 -22.30
N LYS CA 230 51.44 -26.27 -23.31
CA LYS CA 230 50.68 -26.49 -24.52
C LYS CA 230 51.18 -27.75 -25.21
N SER CA 231 52.50 -27.93 -25.23
CA SER CA 231 53.01 -29.14 -25.86
C SER CA 231 52.68 -30.34 -24.99
N VAL CA 232 52.84 -30.17 -23.68
CA VAL CA 232 52.56 -31.23 -22.71
C VAL CA 232 51.09 -31.58 -22.77
N THR CA 233 50.24 -30.57 -22.89
CA THR CA 233 48.81 -30.77 -22.97
C THR CA 233 48.46 -31.56 -24.22
N HIS CA 234 49.13 -31.22 -25.33
CA HIS CA 234 48.90 -31.91 -26.59
C HIS CA 234 49.31 -33.37 -26.44
N GLY CA 235 50.42 -33.58 -25.75
CA GLY CA 235 50.94 -34.92 -25.50
C GLY CA 235 49.94 -35.69 -24.65
N ARG CA 236 49.36 -35.02 -23.66
CA ARG CA 236 48.38 -35.66 -22.79
C ARG CA 236 47.16 -36.03 -23.61
N GLY CA 237 46.78 -35.13 -24.51
CA GLY CA 237 45.63 -35.36 -25.38
C GLY CA 237 45.94 -36.55 -26.28
N SER CA 238 47.19 -36.61 -26.74
CA SER CA 238 47.60 -37.73 -27.60
C SER CA 238 47.66 -39.00 -26.78
N LEU CA 239 48.19 -38.90 -25.56
CA LEU CA 239 48.31 -40.04 -24.67
C LEU CA 239 46.92 -40.57 -24.33
N LEU CA 240 45.98 -39.65 -24.10
CA LEU CA 240 44.62 -40.01 -23.78
C LEU CA 240 43.99 -40.77 -24.95
N ILE CA 241 44.25 -40.28 -26.17
CA ILE CA 241 43.70 -40.94 -27.35
C ILE CA 241 44.30 -42.34 -27.44
N ASP CA 242 45.60 -42.42 -27.17
CA ASP CA 242 46.33 -43.68 -27.18
C ASP CA 242 45.80 -44.60 -26.10
N MET CA 243 45.52 -44.03 -24.93
CA MET CA 243 45.01 -44.84 -23.82
C MET CA 243 43.62 -45.36 -24.16
N GLY CA 244 42.81 -44.51 -24.78
CA GLY CA 244 41.46 -44.89 -25.15
C GLY CA 244 41.49 -46.01 -26.18
N LEU CA 245 42.43 -45.92 -27.12
CA LEU CA 245 42.59 -46.92 -28.16
C LEU CA 245 42.95 -48.25 -27.54
N PHE CA 246 43.84 -48.21 -26.54
CA PHE CA 246 44.27 -49.41 -25.84
C PHE CA 246 43.10 -50.07 -25.13
N MET CA 247 42.25 -49.24 -24.53
CA MET CA 247 41.08 -49.73 -23.80
C MET CA 247 40.18 -50.56 -24.71
N VAL CA 253 41.87 -40.80 -16.17
CA VAL CA 253 41.95 -39.84 -17.26
C VAL CA 253 41.20 -38.57 -16.88
N GLY CA 254 40.04 -38.75 -16.26
CA GLY CA 254 39.22 -37.62 -15.84
C GLY CA 254 39.97 -36.80 -14.80
N TRP CA 255 40.61 -37.50 -13.85
CA TRP CA 255 41.35 -36.84 -12.79
C TRP CA 255 42.54 -36.07 -13.35
N GLY CA 256 43.27 -36.69 -14.27
CA GLY CA 256 44.42 -36.04 -14.87
C GLY CA 256 43.93 -34.84 -15.68
N PRO CA 257 42.85 -35.06 -16.43
CA PRO CA 257 42.27 -34.01 -17.25
C PRO CA 257 41.76 -32.88 -16.38
N ASN CA 258 41.13 -33.24 -15.26
CA ASN CA 258 40.61 -32.25 -14.34
C ASN CA 258 41.75 -31.41 -13.78
N TRP CA 259 42.86 -32.07 -13.44
CA TRP CA 259 44.01 -31.38 -12.90
C TRP CA 259 44.58 -30.42 -13.93
N THR CA 260 44.62 -30.86 -15.18
CA THR CA 260 45.12 -30.04 -16.25
C THR CA 260 44.25 -28.81 -16.41
N LEU CA 261 42.93 -29.01 -16.33
CA LEU CA 261 41.98 -27.93 -16.46
C LEU CA 261 42.18 -26.92 -15.34
N VAL CA 262 42.41 -27.44 -14.12
CA VAL CA 262 42.63 -26.59 -12.96
C VAL CA 262 43.78 -25.63 -13.17
N HIS CA 263 44.92 -26.18 -13.60
CA HIS CA 263 46.10 -25.36 -13.85
C HIS CA 263 45.85 -24.35 -14.95
N ASN CA 264 45.15 -24.78 -16.00
CA ASN CA 264 44.83 -23.89 -17.11
C ASN CA 264 43.94 -22.76 -16.63
N GLY CA 265 42.98 -23.10 -15.77
CA GLY CA 265 42.06 -22.10 -15.23
C GLY CA 265 42.83 -21.10 -14.39
N ASP CA 266 43.80 -21.59 -13.62
CA ASP CA 266 44.62 -20.73 -12.79
C ASP CA 266 45.42 -19.77 -13.67
N LYS CA 267 45.95 -20.30 -14.77
CA LYS CA 267 46.72 -19.49 -15.70
C LYS CA 267 45.84 -18.40 -16.29
N LEU CA 268 44.60 -18.76 -16.62
CA LEU CA 268 43.66 -17.82 -17.19
C LEU CA 268 43.35 -16.71 -16.19
N THR CA 269 43.21 -17.09 -14.91
CA THR CA 269 42.92 -16.13 -13.86
C THR CA 269 44.12 -15.96 -12.92
N ASN CA 273 50.53 -17.05 -12.05
CA ASN CA 273 49.19 -17.63 -11.99
C ASN CA 273 49.19 -19.00 -11.35
N ALA CA 274 50.10 -19.87 -11.79
CA ALA CA 274 50.22 -21.22 -11.26
C ALA CA 274 50.22 -21.20 -9.73
N GLU CA 275 51.32 -20.71 -9.15
CA GLU CA 275 51.44 -20.64 -7.70
C GLU CA 275 50.22 -19.99 -7.07
N GLU CA 276 49.80 -18.87 -7.64
CA GLU CA 276 48.64 -18.15 -7.13
C GLU CA 276 47.46 -19.08 -6.88
N ASP CA 277 46.98 -19.71 -7.94
CA ASP CA 277 45.86 -20.64 -7.84
C ASP CA 277 46.17 -21.78 -6.87
N GLN CA 278 47.33 -22.41 -7.06
CA GLN CA 278 47.74 -23.51 -6.20
C GLN CA 278 47.53 -23.18 -4.73
N ASN CA 279 47.86 -21.96 -4.35
CA ASN CA 279 47.71 -21.51 -2.97
C ASN CA 279 48.50 -22.38 -1.99
N ASP CA 281 45.03 -23.71 -1.55
CA ASP CA 281 44.51 -23.69 -0.19
C ASP CA 281 45.62 -23.46 0.82
N THR CA 282 45.29 -22.80 1.93
CA THR CA 282 46.27 -22.52 2.97
C THR CA 282 45.71 -21.47 3.90
N ILE CA 283 44.81 -21.90 4.78
CA ILE CA 283 44.26 -21.05 5.82
C ILE CA 283 44.67 -21.64 7.16
N ASP CA 284 45.16 -20.80 8.07
CA ASP CA 284 45.59 -21.24 9.40
C ASP CA 284 44.60 -20.72 10.44
N TYR CA 285 44.12 -21.60 11.31
CA TYR CA 285 43.16 -21.23 12.34
C TYR CA 285 43.81 -21.16 13.74
N GLY CA 286 43.64 -20.03 14.41
CA GLY CA 286 44.25 -19.82 15.72
C GLY CA 286 43.31 -19.98 16.89
N PHE CA 287 43.64 -20.93 17.76
CA PHE CA 287 42.79 -21.23 18.92
C PHE CA 287 43.20 -20.47 20.18
N LEU CA 288 42.71 -19.25 20.32
CA LEU CA 288 42.93 -18.47 21.53
C LEU CA 288 43.57 -19.32 22.62
N THR CA 292 43.93 -25.08 17.55
CA THR CA 292 43.26 -26.30 17.12
C THR CA 292 43.74 -26.72 15.74
N SER CA 293 43.24 -26.03 14.73
CA SER CA 293 43.65 -26.23 13.36
C SER CA 293 43.29 -24.93 12.64
N ALA CA 294 42.12 -24.91 12.02
CA ALA CA 294 41.62 -23.78 11.27
C ALA CA 294 40.61 -24.44 10.34
N LYS CA 295 40.76 -24.26 9.04
CA LYS CA 295 39.91 -24.95 8.08
C LYS CA 295 40.65 -25.10 6.76
N SER CA 296 40.68 -24.02 5.99
CA SER CA 296 41.34 -24.01 4.70
C SER CA 296 40.89 -22.78 3.93
N SER CA 300 34.71 -32.94 4.01
CA SER CA 300 34.35 -31.54 3.82
C SER CA 300 33.52 -31.02 4.98
N PRO CA 301 32.89 -31.99 5.78
CA PRO CA 301 31.85 -31.44 6.63
C PRO CA 301 31.91 -31.53 8.16
N PHE CA 302 32.98 -32.04 8.75
CA PHE CA 302 33.01 -32.17 10.21
C PHE CA 302 34.23 -32.98 10.53
N LYS CA 303 35.39 -32.32 10.55
CA LYS CA 303 36.66 -32.94 10.91
C LYS CA 303 37.13 -32.31 12.21
N VAL CA 304 37.53 -33.15 13.16
CA VAL CA 304 38.02 -32.69 14.46
C VAL CA 304 39.53 -32.88 14.55
N HIS CA 305 40.24 -31.82 14.94
CA HIS CA 305 41.71 -31.85 15.05
C HIS CA 305 42.15 -31.96 16.51
N MET CA 306 43.02 -32.92 16.81
CA MET CA 306 43.49 -33.16 18.17
C MET CA 306 44.91 -32.62 18.40
N GLU CA 307 45.07 -31.80 19.43
CA GLU CA 307 46.35 -31.16 19.72
C GLU CA 307 47.13 -31.83 20.85
N LYS CA 308 48.30 -32.37 20.51
CA LYS CA 308 49.21 -32.95 21.49
C LYS CA 308 50.09 -31.86 22.07
N LYS CA 314 41.51 -33.77 30.23
CA LYS CA 314 40.37 -33.46 31.08
C LYS CA 314 40.60 -33.96 32.50
N SER CA 315 40.80 -35.27 32.64
CA SER CA 315 41.03 -35.87 33.96
C SER CA 315 42.21 -35.23 34.65
N ARG CA 316 43.40 -35.82 34.47
CA ARG CA 316 44.62 -35.30 35.08
C ARG CA 316 44.70 -33.79 34.98
N GLU CA 317 44.36 -33.27 33.81
CA GLU CA 317 44.38 -31.83 33.58
C GLU CA 317 43.63 -31.10 34.69
N LEU CA 318 42.30 -31.14 34.64
CA LEU CA 318 41.47 -30.50 35.64
C LEU CA 318 41.98 -30.81 37.04
N GLN CA 319 42.39 -32.05 37.26
CA GLN CA 319 42.94 -32.46 38.54
C GLN CA 319 44.01 -31.49 39.00
N SER CA 320 45.21 -31.62 38.42
CA SER CA 320 46.33 -30.75 38.76
C SER CA 320 45.88 -29.29 38.83
N TYR CA 321 45.02 -28.91 37.89
CA TYR CA 321 44.46 -27.57 37.87
C TYR CA 321 43.96 -27.21 39.27
N LEU CA 322 42.73 -27.63 39.56
CA LEU CA 322 42.08 -27.37 40.85
C LEU CA 322 43.06 -27.56 42.00
N MET CA 323 43.96 -28.51 41.84
CA MET CA 323 45.05 -28.72 42.78
C MET CA 323 45.78 -27.41 43.05
N PRO CA 324 46.94 -27.16 42.29
CA PRO CA 324 47.49 -25.80 42.46
C PRO CA 324 46.53 -24.62 42.64
N LEU CA 325 45.29 -24.76 42.18
CA LEU CA 325 44.29 -23.71 42.34
C LEU CA 325 44.06 -23.44 43.82
N GLU CA 326 43.29 -24.32 44.45
CA GLU CA 326 43.04 -24.22 45.88
C GLU CA 326 44.36 -24.42 46.65
N ILE CA 327 45.45 -24.51 45.91
CA ILE CA 327 46.76 -24.72 46.51
C ILE CA 327 47.79 -23.73 45.98
N GLU CA 328 47.39 -22.47 45.86
CA GLU CA 328 48.28 -21.42 45.38
C GLU CA 328 47.67 -20.03 45.52
N LEU CA 329 46.34 -19.97 45.63
CA LEU CA 329 45.64 -18.71 45.75
C LEU CA 329 45.34 -18.38 47.21
N LYS CA 330 44.98 -19.41 47.98
CA LYS CA 330 44.66 -19.24 49.39
C LYS CA 330 45.84 -18.76 50.20
N ASN CA 331 47.02 -19.28 49.88
CA ASN CA 331 48.25 -18.82 50.48
C ASN CA 331 48.53 -17.35 50.13
N SER CA 332 48.27 -17.02 48.87
CA SER CA 332 48.49 -15.67 48.35
C SER CA 332 47.48 -14.68 48.91
N SER CA 333 47.93 -13.44 49.14
CA SER CA 333 47.07 -12.40 49.68
C SER CA 333 46.98 -11.20 48.75
N VAL CA 334 45.75 -10.77 48.47
CA VAL CA 334 45.54 -9.61 47.62
C VAL CA 334 44.80 -8.49 48.37
N ASP CA 335 45.37 -7.29 48.33
CA ASP CA 335 44.75 -6.12 48.96
C ASP CA 335 43.52 -5.69 48.15
N ARG CA 336 42.53 -5.14 48.84
CA ARG CA 336 41.34 -4.65 48.17
C ARG CA 336 41.33 -3.13 48.13
N SER CA 337 41.27 -2.58 46.92
CA SER CA 337 41.29 -1.13 46.72
C SER CA 337 40.68 -0.78 45.37
N ALA CA 338 40.34 0.51 45.20
CA ALA CA 338 39.84 0.98 43.91
C ALA CA 338 40.95 0.77 42.89
N GLN CA 339 42.18 1.05 43.30
CA GLN CA 339 43.35 0.77 42.51
C GLN CA 339 43.56 -0.74 42.46
N CYS CA 340 44.24 -1.22 41.43
CA CYS CA 340 44.41 -2.67 41.25
C CYS CA 340 45.18 -3.27 42.42
N PRO CA 341 44.69 -4.51 42.87
CA PRO CA 341 45.42 -5.03 44.05
C PRO CA 341 46.85 -5.48 43.73
N HIS CA 342 47.74 -5.32 44.69
CA HIS CA 342 49.12 -5.78 44.55
C HIS CA 342 49.40 -6.88 45.56
N PHE CA 343 49.95 -8.00 45.08
CA PHE CA 343 50.20 -9.16 45.93
C PHE CA 343 51.25 -8.89 47.01
N LYS CA 344 50.99 -9.42 48.20
CA LYS CA 344 51.93 -9.31 49.32
C LYS CA 344 52.36 -10.71 49.77
N PRO CA 345 53.66 -10.91 49.92
CA PRO CA 345 54.18 -12.23 50.29
C PRO CA 345 53.98 -12.52 51.78
N ASN CA 346 54.00 -13.80 52.15
CA ASN CA 346 53.82 -14.21 53.54
C ASN CA 346 53.79 -15.71 53.70
N ALA CA 347 54.72 -16.24 54.48
CA ALA CA 347 54.80 -17.69 54.72
C ALA CA 347 54.65 -18.47 53.42
N GLY CA 348 55.24 -17.96 52.34
CA GLY CA 348 55.12 -18.62 51.05
C GLY CA 348 55.73 -20.00 51.04
N VAL CA 349 56.92 -20.14 51.61
CA VAL CA 349 57.59 -21.43 51.67
C VAL CA 349 56.81 -22.43 52.51
N ALA CA 350 56.32 -21.99 53.67
CA ALA CA 350 55.58 -22.88 54.55
C ALA CA 350 54.31 -23.35 53.87
N ALA CA 351 53.65 -22.42 53.20
CA ALA CA 351 52.41 -22.74 52.49
C ALA CA 351 52.70 -23.75 51.39
N ILE CA 352 53.80 -23.54 50.67
CA ILE CA 352 54.14 -24.46 49.59
C ILE CA 352 54.40 -25.85 50.15
N HIS CA 353 55.10 -25.90 51.28
CA HIS CA 353 55.42 -27.16 51.91
C HIS CA 353 54.15 -27.89 52.33
N ASP CA 354 53.19 -27.14 52.88
CA ASP CA 354 51.93 -27.74 53.28
C ASP CA 354 51.17 -28.28 52.08
N TYR CA 355 51.19 -27.51 51.00
CA TYR CA 355 50.50 -27.87 49.77
C TYR CA 355 51.05 -29.12 49.11
N ALA CA 356 52.37 -29.26 49.10
CA ALA CA 356 53.03 -30.28 48.32
C ALA CA 356 52.96 -31.62 49.05
N GLY CA 357 53.18 -31.59 50.36
CA GLY CA 357 53.14 -32.79 51.15
C GLY CA 357 51.75 -33.40 51.12
N TRP CA 358 50.74 -32.54 51.24
CA TRP CA 358 49.37 -33.02 51.23
C TRP CA 358 49.05 -33.67 49.89
N VAL CA 359 49.51 -33.04 48.81
CA VAL CA 359 49.25 -33.55 47.48
C VAL CA 359 49.91 -34.92 47.33
N ARG CA 360 51.13 -35.02 47.84
CA ARG CA 360 51.87 -36.27 47.75
C ARG CA 360 51.15 -37.38 48.49
N ASN CA 361 50.61 -37.06 49.67
CA ASN CA 361 49.86 -38.06 50.41
C ASN CA 361 48.60 -38.48 49.65
N LEU CA 362 47.90 -37.48 49.11
CA LEU CA 362 46.71 -37.70 48.31
C LEU CA 362 46.98 -38.41 46.98
N SER CA 363 48.08 -38.03 46.35
CA SER CA 363 48.36 -38.42 44.97
C SER CA 363 49.00 -39.79 44.90
N ASN CA 364 49.73 -40.16 45.95
CA ASN CA 364 50.39 -41.46 46.01
C ASN CA 364 49.37 -42.60 46.08
N GLU CA 365 48.20 -42.38 45.50
CA GLU CA 365 47.14 -43.38 45.51
C GLU CA 365 46.23 -43.23 44.30
N ALA CA 366 46.53 -43.99 43.24
CA ALA CA 366 45.74 -43.94 42.01
C ALA CA 366 45.66 -45.31 41.36
N GLY CA 367 45.41 -45.33 40.05
CA GLY CA 367 45.31 -46.58 39.30
C GLY CA 367 45.45 -46.34 37.81
N GLU CA 368 46.62 -45.91 37.38
CA GLU CA 368 46.88 -45.64 35.97
C GLU CA 368 48.22 -44.92 35.79
N LEU CA 369 48.75 -44.99 34.57
CA LEU CA 369 50.02 -44.34 34.26
C LEU CA 369 51.18 -45.00 35.01
N GLU CA 370 51.25 -44.73 36.31
CA GLU CA 370 52.30 -45.30 37.15
C GLU CA 370 53.64 -44.59 36.94
N ALA CA 371 54.61 -45.31 36.40
CA ALA CA 371 55.93 -44.74 36.15
C ALA CA 371 55.90 -43.21 36.16
N VAL CA 372 55.09 -42.64 35.28
CA VAL CA 372 55.00 -41.19 35.16
C VAL CA 372 54.73 -40.51 36.50
N VAL CA 373 53.68 -40.96 37.18
CA VAL CA 373 53.31 -40.38 38.48
C VAL CA 373 54.49 -40.43 39.46
N LYS CA 374 55.09 -41.60 39.59
CA LYS CA 374 56.22 -41.78 40.49
C LYS CA 374 57.33 -40.79 40.18
N GLN CA 375 57.70 -40.71 38.89
CA GLN CA 375 58.74 -39.79 38.45
C GLN CA 375 58.41 -38.36 38.86
N TRP CA 376 57.19 -37.93 38.56
CA TRP CA 376 56.73 -36.59 38.90
C TRP CA 376 56.90 -36.32 40.39
N GLY CA 377 56.42 -37.25 41.21
CA GLY CA 377 56.53 -37.13 42.64
C GLY CA 377 57.96 -36.97 43.10
N LEU CA 378 58.83 -37.83 42.59
CA LEU CA 378 60.25 -37.77 42.94
C LEU CA 378 60.84 -36.40 42.58
N THR CA 379 60.52 -35.92 41.38
CA THR CA 379 61.00 -34.61 40.93
C THR CA 379 60.54 -33.51 41.88
N TRP CA 380 59.27 -33.55 42.25
CA TRP CA 380 58.70 -32.56 43.15
C TRP CA 380 59.40 -32.59 44.51
N THR CA 381 59.69 -33.80 44.98
CA THR CA 381 60.38 -33.96 46.26
C THR CA 381 61.80 -33.42 46.21
N LEU CA 382 62.45 -33.60 45.06
CA LEU CA 382 63.81 -33.12 44.86
C LEU CA 382 63.83 -31.61 44.62
N CYS CA 383 62.67 -31.05 44.28
CA CYS CA 383 62.55 -29.63 44.02
C CYS CA 383 62.21 -28.87 45.29
N GLU CA 384 61.00 -29.07 45.80
CA GLU CA 384 60.55 -28.41 47.02
C GLU CA 384 61.35 -28.89 48.23
N SER CA 385 61.52 -30.20 48.33
CA SER CA 385 62.27 -30.79 49.44
C SER CA 385 63.61 -30.09 49.62
N LEU CA 386 64.49 -30.24 48.64
CA LEU CA 386 65.81 -29.62 48.69
C LEU CA 386 65.71 -28.12 48.97
N TRP CA 387 64.81 -27.45 48.24
CA TRP CA 387 64.62 -26.01 48.42
C TRP CA 387 64.47 -25.65 49.89
N GLY CA 388 63.50 -26.27 50.55
CA GLY CA 388 63.25 -26.01 51.96
C GLY CA 388 64.43 -26.40 52.83
N GLN CA 389 64.92 -27.62 52.64
CA GLN CA 389 66.07 -28.11 53.40
C GLN CA 389 67.21 -27.08 53.38
N LEU CA 390 67.29 -26.32 52.30
CA LEU CA 390 68.32 -25.29 52.16
C LEU CA 390 67.73 -24.00 51.63
N LYS CA 391 66.81 -23.41 52.40
CA LYS CA 391 66.17 -22.16 52.00
C LYS CA 391 67.09 -20.96 52.25
N GLU CA 399 74.95 -15.72 65.50
CA GLU CA 399 75.86 -16.48 64.65
C GLU CA 399 75.69 -18.00 64.68
N PRO CA 400 75.42 -18.71 65.79
CA PRO CA 400 75.17 -20.14 65.73
C PRO CA 400 73.86 -20.49 65.05
N ASN CA 401 72.96 -19.53 64.70
CA ASN CA 401 71.78 -19.79 63.89
C ASN CA 401 72.21 -20.29 62.50
N GLU CA 402 73.29 -19.72 61.91
CA GLU CA 402 73.82 -20.25 60.65
C GLU CA 402 74.32 -21.68 60.78
N TYR CA 403 75.01 -21.98 61.89
CA TYR CA 403 75.41 -23.33 62.23
C TYR CA 403 74.22 -24.29 62.38
N VAL CA 404 73.17 -23.91 63.14
CA VAL CA 404 71.96 -24.70 63.30
C VAL CA 404 71.19 -24.87 61.98
N ARG CA 405 71.00 -23.79 61.19
CA ARG CA 405 70.35 -23.83 59.88
C ARG CA 405 71.06 -24.77 58.91
N ASN CA 406 72.41 -24.75 58.86
CA ASN CA 406 73.16 -25.72 58.08
C ASN CA 406 72.97 -27.15 58.56
N LEU CA 407 72.92 -27.42 59.89
CA LEU CA 407 72.63 -28.75 60.39
C LEU CA 407 71.24 -29.23 59.98
N GLU CA 408 70.22 -28.38 60.10
CA GLU CA 408 68.87 -28.69 59.67
C GLU CA 408 68.75 -28.92 58.15
N ARG CA 409 69.36 -28.05 57.30
CA ARG CA 409 69.39 -28.27 55.85
C ARG CA 409 70.13 -29.54 55.49
N ARG CA 410 71.29 -29.78 56.12
CA ARG CA 410 72.07 -30.99 55.93
C ARG CA 410 71.29 -32.23 56.31
N LYS CA 411 70.57 -32.19 57.45
CA LYS CA 411 69.70 -33.25 57.93
C LYS CA 411 68.57 -33.59 56.97
N ALA CA 412 67.87 -32.57 56.43
CA ALA CA 412 66.81 -32.79 55.46
C ALA CA 412 67.32 -33.36 54.15
N PHE CA 413 68.43 -32.80 53.64
CA PHE CA 413 69.07 -33.25 52.41
C PHE CA 413 69.62 -34.68 52.51
N SER CA 414 70.35 -34.98 53.56
CA SER CA 414 70.88 -36.33 53.75
C SER CA 414 69.81 -37.38 53.42
N HIS CA 415 68.85 -37.51 54.32
CA HIS CA 415 67.76 -38.47 54.14
C HIS CA 415 67.11 -38.30 52.77
N TRP CA 416 67.01 -37.04 52.32
CA TRP CA 416 66.46 -36.75 51.01
C TRP CA 416 67.29 -37.42 49.92
N LEU CA 417 68.60 -37.26 50.01
CA LEU CA 417 69.52 -37.89 49.07
C LEU CA 417 69.33 -39.40 49.07
N ALA CA 418 69.18 -39.96 50.26
CA ALA CA 418 68.95 -41.40 50.38
C ALA CA 418 67.69 -41.84 49.64
N HIS CA 419 66.58 -41.13 49.90
CA HIS CA 419 65.32 -41.42 49.26
C HIS CA 419 65.44 -41.31 47.74
N THR CA 420 66.23 -40.34 47.28
CA THR CA 420 66.45 -40.15 45.85
C THR CA 420 67.17 -41.35 45.25
N ALA CA 421 68.27 -41.75 45.90
CA ALA CA 421 69.04 -42.90 45.44
C ALA CA 421 68.40 -44.22 45.88
N GLU CA 422 67.14 -44.15 46.31
CA GLU CA 422 66.42 -45.34 46.76
C GLU CA 422 66.23 -46.40 45.67
N GLU CA 423 64.98 -46.78 45.44
CA GLU CA 423 64.63 -47.86 44.54
C GLU CA 423 65.85 -48.37 43.76
N ARG CA 424 66.69 -47.46 43.25
CA ARG CA 424 67.95 -47.80 42.59
C ARG CA 424 68.93 -48.53 43.47
N ILE CA 425 69.03 -48.09 44.71
CA ILE CA 425 69.74 -48.82 45.75
C ILE CA 425 68.79 -49.82 46.38
N GLU CA 426 67.49 -49.58 46.18
CA GLU CA 426 66.45 -50.45 46.73
C GLU CA 426 66.60 -51.90 46.24
N GLU CA 427 65.76 -52.31 45.30
CA GLU CA 427 65.82 -53.67 44.78
C GLU CA 427 67.23 -54.02 44.31
N GLU CA 428 67.94 -53.02 43.80
CA GLU CA 428 69.30 -53.21 43.32
C GLU CA 428 70.20 -53.75 44.42
N VAL CA 429 70.38 -52.96 45.47
CA VAL CA 429 71.22 -53.38 46.59
C VAL CA 429 70.64 -54.64 47.21
N SER CA 430 69.32 -54.82 47.09
CA SER CA 430 68.67 -56.02 47.57
C SER CA 430 69.35 -57.22 46.93
N LEU CA 431 69.20 -57.34 45.62
CA LEU CA 431 69.86 -58.43 44.89
C LEU CA 431 71.32 -58.49 45.31
N TYR CA 432 71.98 -57.32 45.27
CA TYR CA 432 73.39 -57.19 45.63
C TYR CA 432 73.74 -58.02 46.84
N GLY CA 433 73.12 -57.71 47.99
CA GLY CA 433 73.20 -58.54 49.16
C GLY CA 433 72.84 -59.96 48.75
N PRO CA 434 71.48 -60.31 48.80
CA PRO CA 434 71.19 -61.63 48.21
C PRO CA 434 71.88 -61.98 46.88
N GLU CA 435 73.21 -61.86 46.87
CA GLU CA 435 74.02 -62.17 45.69
C GLU CA 435 75.49 -62.31 46.08
N ARG CA 436 76.29 -61.28 45.81
CA ARG CA 436 77.71 -61.28 46.14
C ARG CA 436 78.44 -60.14 45.42
N HIS CA 437 79.47 -59.57 46.04
CA HIS CA 437 79.92 -59.96 47.37
C HIS CA 437 80.34 -58.73 48.17
N VAL CA 438 81.56 -58.26 47.94
CA VAL CA 438 82.05 -57.05 48.57
C VAL CA 438 81.23 -55.86 48.06
N GLU CA 439 81.86 -54.70 47.94
CA GLU CA 439 81.18 -53.51 47.43
C GLU CA 439 79.90 -53.24 48.21
N ALA CA 440 79.04 -54.25 48.29
CA ALA CA 440 77.79 -54.14 49.04
C ALA CA 440 78.03 -53.49 50.39
N VAL CA 441 79.12 -53.89 51.05
CA VAL CA 441 79.49 -53.30 52.33
C VAL CA 441 79.59 -51.78 52.17
N PHE CA 442 80.07 -51.35 51.02
CA PHE CA 442 80.17 -49.92 50.72
C PHE CA 442 78.78 -49.37 50.40
N SER CA 443 78.00 -50.12 49.65
CA SER CA 443 76.64 -49.72 49.32
C SER CA 443 75.70 -49.57 50.50
N PHE CA 444 75.77 -50.46 51.52
CA PHE CA 444 75.06 -50.29 52.79
C PHE CA 444 75.45 -49.01 53.51
N LEU CA 445 76.75 -48.63 53.47
CA LEU CA 445 77.23 -47.35 53.96
C LEU CA 445 76.62 -46.16 53.24
N THR CA 446 76.45 -46.20 51.90
CA THR CA 446 75.66 -45.20 51.17
C THR CA 446 74.20 -45.15 51.63
N GLY CA 447 73.62 -46.28 52.04
CA GLY CA 447 72.27 -46.33 52.63
C GLY CA 447 72.19 -45.84 54.05
N ILE CA 450 73.17 -47.29 58.75
CA ILE CA 450 74.46 -47.83 59.13
C ILE CA 450 74.35 -49.06 60.02
N SER CA 451 73.48 -49.02 61.05
CA SER CA 451 73.29 -50.09 62.02
C SER CA 451 72.85 -51.41 61.44
N ASP CA 452 71.91 -51.41 60.46
CA ASP CA 452 71.51 -52.61 59.75
C ASP CA 452 72.62 -53.20 58.90
N ALA CA 453 73.40 -52.33 58.21
CA ALA CA 453 74.56 -52.75 57.45
C ALA CA 453 75.63 -53.39 58.33
N CYS CA 454 75.95 -52.77 59.49
CA CYS CA 454 76.85 -53.33 60.48
C CYS CA 454 76.37 -54.66 61.03
N ARG CA 455 75.06 -54.74 61.38
CA ARG CA 455 74.47 -55.99 61.81
C ARG CA 455 74.52 -57.09 60.76
N LEU CA 456 74.24 -56.78 59.47
CA LEU CA 456 74.38 -57.75 58.41
C LEU CA 456 75.82 -58.20 58.22
N ALA CA 457 76.79 -57.26 58.25
CA ALA CA 457 78.20 -57.55 58.19
C ALA CA 457 78.69 -58.44 59.34
N GLN CA 458 78.18 -58.22 60.57
CA GLN CA 458 78.41 -59.12 61.67
C GLN CA 458 77.88 -60.54 61.46
N HIS CA 463 85.94 -56.59 63.30
CA HIS CA 463 85.65 -55.85 64.53
C HIS CA 463 86.25 -54.45 64.58
N ARG CA 464 87.52 -54.31 64.16
CA ARG CA 464 88.17 -53.01 64.07
C ARG CA 464 87.52 -52.07 63.07
N LEU CA 465 87.13 -52.58 61.89
CA LEU CA 465 86.43 -51.80 60.89
C LEU CA 465 85.09 -51.31 61.42
N SER CA 466 84.34 -52.18 62.14
CA SER CA 466 83.04 -51.85 62.73
C SER CA 466 83.05 -50.61 63.63
N LEU CA 467 84.05 -50.49 64.53
CA LEU CA 467 84.26 -49.31 65.34
C LEU CA 467 84.56 -48.04 64.54
N LEU CA 468 85.38 -48.13 63.46
CA LEU CA 468 85.63 -47.02 62.56
C LEU CA 468 84.40 -46.59 61.79
N LEU CA 469 83.54 -47.54 61.37
CA LEU CA 469 82.29 -47.26 60.67
C LEU CA 469 81.36 -46.35 61.45
N SER CA 470 81.29 -46.48 62.79
CA SER CA 470 80.43 -45.62 63.60
C SER CA 470 80.87 -44.16 63.64
N GLN CA 471 82.13 -43.86 63.25
CA GLN CA 471 82.62 -42.51 63.08
C GLN CA 471 82.05 -41.83 61.84
N MET CA 472 81.51 -42.59 60.86
CA MET CA 472 80.73 -42.01 59.77
C MET CA 472 79.47 -41.34 60.29
N VAL CA 473 79.08 -40.20 59.68
CA VAL CA 473 78.04 -39.27 60.17
C VAL CA 473 78.69 -38.29 61.13
N GLY CA 474 79.89 -38.65 61.62
CA GLY CA 474 80.78 -37.79 62.34
C GLY CA 474 81.65 -36.99 61.42
N SER CA 475 81.61 -35.67 61.60
CA SER CA 475 82.37 -34.70 60.83
C SER CA 475 83.67 -34.39 61.51
N GLN CA 476 83.93 -35.10 62.61
CA GLN CA 476 85.10 -35.03 63.44
C GLN CA 476 86.42 -35.12 62.68
N GLU CA 477 87.47 -34.47 63.20
CA GLU CA 477 88.81 -34.44 62.63
C GLU CA 477 89.57 -35.77 62.69
N MET CA 478 88.82 -36.89 62.85
CA MET CA 478 89.25 -38.25 62.60
C MET CA 478 89.71 -38.43 61.17
N ARG CA 479 89.03 -37.78 60.22
CA ARG CA 479 89.36 -37.93 58.81
C ARG CA 479 90.87 -38.14 58.54
N GLU CA 480 91.60 -37.04 58.48
CA GLU CA 480 93.01 -37.04 58.10
C GLU CA 480 93.82 -38.18 58.70
N LEU CA 481 93.80 -38.30 60.02
CA LEU CA 481 94.57 -39.33 60.71
C LEU CA 481 94.40 -40.69 60.04
N ILE CA 482 93.29 -41.36 60.35
CA ILE CA 482 92.99 -42.67 59.78
C ILE CA 482 93.28 -42.71 58.30
N SER CA 483 92.87 -41.65 57.59
CA SER CA 483 93.15 -41.56 56.16
C SER CA 483 94.61 -41.89 55.87
N LEU CA 484 95.49 -40.92 56.08
CA LEU CA 484 96.92 -41.10 55.81
C LEU CA 484 97.42 -42.43 56.36
N GLN CA 485 96.92 -42.79 57.55
CA GLN CA 485 97.30 -44.04 58.18
C GLN CA 485 97.13 -45.19 57.20
N LEU CA 486 95.88 -45.60 56.97
CA LEU CA 486 95.64 -46.52 55.87
C LEU CA 486 96.54 -46.03 54.74
N VAL CA 487 95.95 -45.47 53.69
CA VAL CA 487 96.67 -44.85 52.58
C VAL CA 487 97.99 -45.53 52.23
N ASP CA 488 99.04 -45.20 52.99
CA ASP CA 488 100.35 -45.82 52.79
C ASP CA 488 100.23 -47.32 53.05
N TRP CA 489 100.02 -47.69 54.31
CA TRP CA 489 99.79 -49.07 54.67
C TRP CA 489 98.62 -49.60 53.84
N ASN CA 490 97.75 -48.68 53.44
CA ASN CA 490 96.60 -49.02 52.61
C ASN CA 490 97.05 -49.78 51.38
N LYS CA 491 97.78 -49.11 50.49
CA LYS CA 491 98.31 -49.74 49.28
C LYS CA 491 99.27 -50.87 49.67
N LEU CA 492 100.00 -50.68 50.76
CA LEU CA 492 100.92 -51.69 51.25
C LEU CA 492 100.24 -53.06 51.30
N GLN CA 493 99.03 -53.09 51.84
CA GLN CA 493 98.27 -54.33 51.92
C GLN CA 493 97.58 -54.61 50.59
N VAL CA 494 96.90 -53.59 50.06
CA VAL CA 494 96.21 -53.70 48.79
C VAL CA 494 97.20 -53.87 47.65
N ASP CA 495 98.13 -52.92 47.52
CA ASP CA 495 99.13 -53.03 46.45
C ASP CA 495 99.42 -54.48 46.12
N HIS CA 496 99.83 -55.25 47.14
CA HIS CA 496 100.13 -56.66 46.94
C HIS CA 496 99.10 -57.55 47.63
N GLN CA 499 93.15 -55.84 50.75
CA GLN CA 499 91.71 -55.78 50.50
C GLN CA 499 91.31 -54.44 49.89
N GLU CA 500 90.44 -54.50 48.89
CA GLU CA 500 89.98 -53.29 48.21
C GLU CA 500 88.69 -52.78 48.83
N GLU CA 501 88.12 -53.57 49.74
CA GLU CA 501 86.88 -53.20 50.42
C GLU CA 501 87.16 -52.59 51.79
N ARG CA 502 88.40 -52.16 52.00
CA ARG CA 502 88.79 -51.56 53.27
C ARG CA 502 89.36 -50.16 53.07
N LEU CA 503 90.19 -49.99 52.02
CA LEU CA 503 90.68 -48.69 51.60
C LEU CA 503 89.55 -47.76 51.20
N ARG CA 504 88.53 -48.24 50.46
CA ARG CA 504 87.36 -47.43 50.13
C ARG CA 504 86.59 -46.92 51.35
N VAL CA 505 86.37 -47.75 52.38
CA VAL CA 505 85.78 -47.32 53.65
C VAL CA 505 86.60 -46.22 54.30
N PHE CA 506 87.94 -46.35 54.28
CA PHE CA 506 88.84 -45.33 54.80
C PHE CA 506 88.74 -44.04 53.99
N CYS CA 507 88.64 -44.10 52.64
CA CYS CA 507 88.40 -42.93 51.78
C CYS CA 507 87.16 -42.14 52.15
N LEU CA 508 86.08 -42.86 52.51
CA LEU CA 508 84.87 -42.25 53.04
C LEU CA 508 85.09 -41.52 54.37
N LEU CA 509 85.83 -42.13 55.33
CA LEU CA 509 86.05 -41.48 56.63
C LEU CA 509 87.11 -40.38 56.58
N SER CA 510 87.97 -40.35 55.54
CA SER CA 510 88.82 -39.21 55.22
C SER CA 510 88.02 -37.96 54.92
N GLY CA 511 86.76 -38.13 54.47
CA GLY CA 511 85.85 -37.05 54.15
C GLY CA 511 86.13 -36.42 52.81
N THR CA 512 87.19 -36.82 52.09
CA THR CA 512 87.40 -36.31 50.73
C THR CA 512 87.41 -37.44 49.72
N PRO CA 513 86.31 -38.17 49.47
CA PRO CA 513 86.37 -39.46 48.81
C PRO CA 513 86.79 -39.37 47.38
N VAL CA 514 86.32 -38.37 46.60
CA VAL CA 514 86.58 -38.31 45.18
C VAL CA 514 87.66 -37.33 44.77
N TRP CA 515 87.69 -36.10 45.36
CA TRP CA 515 88.58 -35.04 44.93
C TRP CA 515 90.03 -35.34 45.29
N ARG CA 516 90.21 -36.21 46.28
CA ARG CA 516 91.51 -36.75 46.60
C ARG CA 516 91.87 -37.89 45.67
N SER CA 517 92.58 -37.57 44.58
CA SER CA 517 93.02 -38.52 43.57
C SER CA 517 94.10 -39.45 44.06
N SER CA 518 94.70 -39.13 45.22
CA SER CA 518 95.71 -39.92 45.90
C SER CA 518 95.31 -41.36 46.17
N ASP CA 519 94.04 -41.59 46.58
CA ASP CA 519 93.52 -42.93 46.82
C ASP CA 519 93.05 -43.61 45.54
N ASN CA 520 92.61 -42.80 44.54
CA ASN CA 520 92.21 -43.22 43.20
C ASN CA 520 91.10 -44.26 43.17
N ARG CA 521 90.15 -44.17 44.13
CA ARG CA 521 89.14 -45.20 44.30
C ARG CA 521 87.75 -44.72 43.96
N SER CA 522 87.40 -43.51 44.42
CA SER CA 522 86.04 -43.05 44.34
C SER CA 522 85.81 -42.21 43.10
N ILE CA 523 86.87 -41.91 42.33
CA ILE CA 523 86.72 -41.39 40.98
C ILE CA 523 86.38 -42.52 40.02
N ASN CA 524 87.14 -43.63 40.08
CA ASN CA 524 86.97 -44.80 39.23
C ASN CA 524 85.63 -45.50 39.44
N VAL CA 525 84.98 -45.25 40.60
CA VAL CA 525 83.65 -45.71 40.92
C VAL CA 525 82.57 -45.12 40.02
N CYS CA 526 82.85 -43.98 39.33
CA CYS CA 526 81.89 -43.27 38.48
C CYS CA 526 81.29 -44.10 37.36
N SER CA 527 82.10 -44.98 36.73
CA SER CA 527 81.62 -45.95 35.76
C SER CA 527 80.67 -47.00 36.33
N GLN CA 528 80.92 -47.42 37.58
CA GLN CA 528 80.14 -48.45 38.26
C GLN CA 528 78.80 -47.96 38.77
N LEU CA 529 78.75 -46.77 39.38
CA LEU CA 529 77.59 -46.33 40.13
C LEU CA 529 76.93 -45.15 39.47
N ASP CA 530 75.67 -44.94 39.81
CA ASP CA 530 74.97 -43.75 39.34
C ASP CA 530 75.65 -42.50 39.88
N TRP CA 531 75.84 -41.52 39.01
CA TRP CA 531 76.57 -40.30 39.35
C TRP CA 531 75.89 -39.51 40.46
N LYS CA 532 74.57 -39.39 40.38
CA LYS CA 532 73.84 -38.63 41.37
C LYS CA 532 73.99 -39.29 42.74
N ARG CA 533 73.90 -40.62 42.77
CA ARG CA 533 74.04 -41.35 44.02
C ARG CA 533 75.43 -41.15 44.59
N THR CA 534 76.43 -41.18 43.71
CA THR CA 534 77.80 -41.01 44.17
C THR CA 534 77.97 -39.61 44.78
N LEU CA 535 77.37 -38.62 44.12
CA LEU CA 535 77.46 -37.25 44.60
C LEU CA 535 76.80 -37.12 45.96
N ALA CA 536 75.65 -37.78 46.12
CA ALA CA 536 74.94 -37.73 47.39
C ALA CA 536 75.79 -38.34 48.49
N VAL CA 537 76.44 -39.47 48.18
CA VAL CA 537 77.28 -40.13 49.17
C VAL CA 537 78.43 -39.21 49.57
N HIS CA 538 79.01 -38.54 48.59
CA HIS CA 538 80.13 -37.65 48.86
C HIS CA 538 79.67 -36.51 49.76
N LEU CA 539 78.49 -35.98 49.47
CA LEU CA 539 77.94 -34.88 50.26
C LEU CA 539 77.71 -35.32 51.70
N TRP CA 540 77.21 -36.54 51.85
CA TRP CA 540 76.98 -37.09 53.19
C TRP CA 540 78.28 -37.26 53.96
N TYR CA 541 79.32 -37.72 53.29
CA TYR CA 541 80.59 -38.01 53.94
C TYR CA 541 81.67 -36.93 53.76
N MET CA 542 81.30 -35.80 53.17
CA MET CA 542 82.28 -34.84 52.71
C MET CA 542 82.57 -33.67 53.64
N LEU CA 543 81.53 -33.07 54.21
CA LEU CA 543 81.73 -31.93 55.10
C LEU CA 543 80.98 -32.04 56.42
N PRO CA 544 81.75 -31.82 57.58
CA PRO CA 544 80.92 -31.72 58.80
C PRO CA 544 80.04 -30.48 58.66
N PRO CA 545 80.68 -29.36 58.10
CA PRO CA 545 79.77 -28.21 57.91
C PRO CA 545 78.76 -28.45 56.80
N THR CA 546 77.58 -27.85 56.93
CA THR CA 546 76.53 -27.98 55.92
C THR CA 546 76.95 -27.41 54.56
N ALA CA 547 77.65 -26.28 54.59
CA ALA CA 547 78.00 -25.56 53.37
C ALA CA 547 78.89 -26.38 52.42
N THR CA 548 79.86 -27.10 52.98
CA THR CA 548 80.75 -27.93 52.17
C THR CA 548 80.01 -29.07 51.45
N ILE CA 549 78.87 -29.48 51.99
CA ILE CA 549 78.07 -30.52 51.36
C ILE CA 549 77.66 -30.05 49.97
N ALA CA 550 76.90 -28.95 49.93
CA ALA CA 550 76.53 -28.33 48.68
C ALA CA 550 77.79 -28.15 47.84
N GLN CA 551 78.86 -27.68 48.48
CA GLN CA 551 80.13 -27.54 47.77
C GLN CA 551 80.47 -28.77 46.91
N ALA CA 552 80.78 -29.88 47.57
CA ALA CA 552 81.18 -31.11 46.91
C ALA CA 552 80.14 -31.65 45.93
N LEU CA 553 78.86 -31.42 46.24
CA LEU CA 553 77.79 -31.81 45.33
C LEU CA 553 78.01 -31.12 43.98
N ARG CA 554 77.97 -29.78 44.01
CA ARG CA 554 78.23 -29.01 42.81
C ARG CA 554 79.47 -29.53 42.11
N LEU CA 555 80.51 -29.79 42.91
CA LEU CA 555 81.74 -30.40 42.39
C LEU CA 555 81.48 -31.60 41.48
N TYR CA 556 81.10 -32.74 42.07
CA TYR CA 556 80.88 -33.97 41.30
C TYR CA 556 79.96 -33.73 40.10
N GLU CA 557 79.02 -32.81 40.30
CA GLU CA 557 78.10 -32.42 39.24
C GLU CA 557 78.87 -31.92 38.03
N ARG CA 558 79.41 -30.70 38.13
CA ARG CA 558 80.19 -30.12 37.04
C ARG CA 558 81.31 -31.06 36.61
N ALA CA 559 81.52 -32.11 37.40
CA ALA CA 559 82.54 -33.12 37.13
C ALA CA 559 82.18 -34.14 36.05
N PHE CA 560 81.09 -34.88 36.22
CA PHE CA 560 80.71 -35.94 35.25
C PHE CA 560 81.00 -35.65 33.76
N GLN CA 561 81.19 -36.70 32.94
CA GLN CA 561 81.48 -36.52 31.52
C GLN CA 561 81.58 -37.86 30.81
N GLU CA 562 80.63 -38.11 29.91
CA GLU CA 562 80.60 -39.36 29.15
C GLU CA 562 80.51 -39.09 27.64
N HIS CA 563 81.22 -39.88 26.86
CA HIS CA 563 81.22 -39.74 25.41
C HIS CA 563 82.32 -40.57 24.76
N GLN CA 597 69.78 -35.18 30.58
CA GLN CA 597 69.34 -33.80 30.62
C GLN CA 597 67.86 -33.70 30.94
N ARG CA 598 67.10 -34.64 30.39
CA ARG CA 598 65.67 -34.73 30.38
C ARG CA 598 65.13 -35.34 31.66
N ASP CA 599 65.96 -35.92 32.56
CA ASP CA 599 65.43 -36.37 33.84
C ASP CA 599 65.08 -35.15 34.71
N VAL CA 600 63.77 -35.02 34.98
CA VAL CA 600 63.18 -33.97 35.77
C VAL CA 600 63.70 -33.99 37.19
N CYS CA 601 63.77 -35.21 37.77
CA CYS CA 601 64.15 -35.45 39.14
C CYS CA 601 65.60 -35.10 39.35
N VAL CA 602 66.42 -35.40 38.34
CA VAL CA 602 67.79 -34.94 38.24
C VAL CA 602 67.92 -33.42 38.17
N HIS CA 603 67.17 -32.74 37.28
CA HIS CA 603 67.30 -31.30 37.17
C HIS CA 603 66.92 -30.54 38.45
N LEU CA 604 65.95 -31.02 39.23
CA LEU CA 604 65.65 -30.50 40.55
C LEU CA 604 66.82 -30.57 41.53
N LEU CA 605 67.60 -31.66 41.50
CA LEU CA 605 68.81 -31.78 42.29
C LEU CA 605 69.83 -30.74 41.91
N LYS CA 606 70.06 -30.56 40.61
CA LYS CA 606 70.94 -29.53 40.13
C LYS CA 606 70.50 -28.13 40.55
N LEU CA 607 69.18 -27.84 40.52
CA LEU CA 607 68.68 -26.59 41.05
C LEU CA 607 68.95 -26.43 42.54
N TYR CA 608 68.72 -27.49 43.34
CA TYR CA 608 69.01 -27.50 44.75
C TYR CA 608 70.48 -27.34 45.10
N SER CA 609 71.38 -27.93 44.32
CA SER CA 609 72.80 -27.94 44.59
C SER CA 609 73.43 -26.57 44.34
N GLU CA 610 72.62 -25.70 43.74
CA GLU CA 610 73.06 -24.48 43.08
C GLU CA 610 73.55 -23.35 43.98
N ARG CA 611 74.44 -22.53 43.41
CA ARG CA 611 74.94 -21.33 44.07
C ARG CA 611 74.24 -20.08 43.53
N GLN CA 612 74.98 -19.22 42.82
CA GLN CA 612 74.42 -17.97 42.31
C GLN CA 612 75.16 -17.41 41.10
N GLN CA 617 75.36 -14.78 28.73
CA GLN CA 617 75.35 -16.18 28.36
C GLN CA 617 74.84 -17.03 29.51
N LEU CA 618 75.75 -17.40 30.41
CA LEU CA 618 75.50 -18.35 31.49
C LEU CA 618 74.38 -17.80 32.35
N LEU CA 619 74.28 -16.48 32.35
CA LEU CA 619 73.15 -15.82 32.94
C LEU CA 619 71.93 -16.34 32.18
N ASP CA 620 72.07 -16.51 30.86
CA ASP CA 620 70.97 -17.10 30.08
C ASP CA 620 70.63 -18.56 30.44
N PRO CA 621 71.66 -19.48 30.67
CA PRO CA 621 71.14 -20.78 31.16
C PRO CA 621 70.43 -20.62 32.50
N SER CA 622 70.94 -19.74 33.36
CA SER CA 622 70.30 -19.58 34.66
C SER CA 622 68.85 -19.11 34.50
N SER CA 623 68.63 -18.22 33.53
CA SER CA 623 67.27 -17.82 33.20
C SER CA 623 66.51 -19.06 32.75
N VAL CA 624 67.18 -19.91 31.97
CA VAL CA 624 66.62 -21.20 31.60
C VAL CA 624 66.44 -22.12 32.81
N THR CA 625 67.42 -22.12 33.71
CA THR CA 625 67.36 -22.94 34.92
C THR CA 625 66.21 -22.51 35.81
N PRO CA 626 66.03 -21.12 35.91
CA PRO CA 626 64.85 -20.74 36.70
C PRO CA 626 63.55 -21.14 36.00
N ASP CA 627 63.63 -21.68 34.79
CA ASP CA 627 62.42 -21.91 34.00
C ASP CA 627 61.13 -22.07 34.88
N PRO CA 628 60.71 -23.29 35.45
CA PRO CA 628 61.34 -24.53 34.97
C PRO CA 628 60.43 -25.23 33.97
N LEU CA 629 60.67 -26.51 33.69
CA LEU CA 629 59.91 -27.24 32.66
C LEU CA 629 58.40 -27.40 32.89
N ASP CA 630 57.98 -27.73 34.11
CA ASP CA 630 56.56 -27.73 34.44
C ASP CA 630 56.17 -26.28 34.39
N TYR CA 631 55.04 -25.93 33.80
CA TYR CA 631 54.55 -24.56 33.91
C TYR CA 631 54.13 -24.25 35.35
N ARG CA 632 53.39 -25.21 35.92
CA ARG CA 632 52.82 -25.07 37.25
C ARG CA 632 53.89 -24.98 38.33
N LEU CA 633 54.89 -25.84 38.23
CA LEU CA 633 55.95 -25.86 39.23
C LEU CA 633 56.68 -24.53 39.23
N SER CA 634 56.97 -24.03 38.03
CA SER CA 634 57.68 -22.77 37.90
C SER CA 634 56.84 -21.65 38.49
N TRP CA 635 55.54 -21.67 38.19
CA TRP CA 635 54.68 -20.61 38.70
C TRP CA 635 54.66 -20.63 40.22
N HIS CA 636 54.50 -21.80 40.82
CA HIS CA 636 54.42 -21.84 42.28
C HIS CA 636 55.72 -21.38 42.93
N LEU CA 637 56.85 -21.88 42.42
CA LEU CA 637 58.15 -21.55 42.99
C LEU CA 637 58.51 -20.07 42.85
N TRP CA 638 58.27 -19.50 41.67
CA TRP CA 638 58.60 -18.11 41.43
C TRP CA 638 57.79 -17.20 42.33
N MET CA 639 56.50 -17.51 42.43
CA MET CA 639 55.60 -16.72 43.27
C MET CA 639 56.06 -16.81 44.71
N VAL CA 640 56.44 -18.01 45.14
CA VAL CA 640 56.84 -18.19 46.52
C VAL CA 640 58.08 -17.35 46.78
N LEU CA 641 59.01 -17.37 45.83
CA LEU CA 641 60.26 -16.64 45.98
C LEU CA 641 60.00 -15.14 46.07
N GLN CA 642 59.09 -14.64 45.24
CA GLN CA 642 58.76 -13.22 45.26
C GLN CA 642 58.13 -12.84 46.60
N ALA CA 643 57.18 -13.63 47.06
CA ALA CA 643 56.53 -13.37 48.34
C ALA CA 643 57.50 -13.50 49.50
N LEU CA 644 58.31 -14.56 49.47
CA LEU CA 644 59.32 -14.80 50.50
C LEU CA 644 60.40 -13.74 50.53
N ASN CA 645 60.86 -13.35 49.34
CA ASN CA 645 61.95 -12.40 49.19
C ASN CA 645 63.30 -13.09 49.37
N TYR CA 646 63.25 -14.41 49.57
CA TYR CA 646 64.46 -15.22 49.76
C TYR CA 646 65.37 -15.20 48.53
N THR CA 647 64.74 -15.29 47.35
CA THR CA 647 65.48 -15.34 46.10
C THR CA 647 64.92 -14.34 45.10
N HIS CA 648 65.77 -13.89 44.17
CA HIS CA 648 65.35 -12.88 43.20
C HIS CA 648 65.28 -13.41 41.78
N LEU CA 649 64.13 -13.19 41.15
CA LEU CA 649 63.92 -13.55 39.75
C LEU CA 649 63.58 -12.32 38.91
N SER CA 650 63.72 -12.46 37.60
CA SER CA 650 63.44 -11.35 36.68
C SER CA 650 63.42 -11.83 35.23
N GLU CA 651 62.40 -11.42 34.46
CA GLU CA 651 61.34 -10.55 34.93
C GLU CA 651 60.19 -10.47 33.94
N HIS CA 652 60.52 -10.12 32.69
CA HIS CA 652 59.52 -10.02 31.64
C HIS CA 652 59.47 -11.23 30.72
N ARG CA 653 60.62 -11.77 30.28
CA ARG CA 653 60.61 -12.98 29.47
C ARG CA 653 60.07 -14.19 30.23
N GLN CA 654 60.43 -14.31 31.53
CA GLN CA 654 59.92 -15.33 32.43
C GLN CA 654 58.41 -15.19 32.59
N GLY CA 655 57.89 -13.96 32.75
CA GLY CA 655 56.46 -13.68 32.77
C GLY CA 655 55.72 -13.94 31.47
N THR CA 656 56.31 -13.66 30.29
CA THR CA 656 55.74 -13.96 28.98
C THR CA 656 55.49 -15.44 28.84
N LEU CA 657 56.50 -16.21 29.24
CA LEU CA 657 56.49 -17.65 29.25
C LEU CA 657 55.45 -18.25 30.19
N HIS CA 658 55.36 -17.73 31.42
CA HIS CA 658 54.33 -18.11 32.37
C HIS CA 658 52.93 -17.82 31.84
N ALA CA 659 52.75 -16.64 31.19
CA ALA CA 659 51.50 -16.21 30.65
C ALA CA 659 50.95 -17.10 29.54
N SER CA 660 51.78 -17.50 28.56
CA SER CA 660 51.31 -18.47 27.58
C SER CA 660 51.07 -19.83 28.17
N TYR CA 661 51.94 -20.32 29.08
CA TYR CA 661 51.69 -21.59 29.74
C TYR CA 661 50.39 -21.60 30.56
N ALA CA 662 50.13 -20.55 31.35
CA ALA CA 662 48.88 -20.36 32.05
C ALA CA 662 47.66 -20.25 31.15
N ALA CA 663 47.78 -19.55 30.01
CA ALA CA 663 46.75 -19.51 28.98
C ALA CA 663 46.52 -20.85 28.31
N GLN CA 664 47.58 -21.63 28.03
CA GLN CA 664 47.44 -22.97 27.51
C GLN CA 664 46.67 -23.82 28.50
N LEU CA 665 47.00 -23.72 29.80
CA LEU CA 665 46.26 -24.35 30.85
C LEU CA 665 44.81 -23.84 31.03
N GLU CA 666 44.49 -22.59 30.68
CA GLU CA 666 43.10 -22.14 30.73
C GLU CA 666 42.26 -22.76 29.65
N ASN CA 667 42.73 -22.71 28.41
CA ASN CA 667 42.01 -23.28 27.28
C ASN CA 667 40.83 -24.13 27.72
N VAL CA 668 41.06 -24.93 28.76
CA VAL CA 668 40.04 -25.81 29.31
C VAL CA 668 38.90 -24.94 29.83
N GLY CA 669 39.23 -23.68 30.12
CA GLY CA 669 38.27 -22.73 30.68
C GLY CA 669 38.41 -22.60 32.18
N LEU CA 670 39.36 -21.76 32.56
CA LEU CA 670 39.63 -21.43 33.95
C LEU CA 670 39.64 -19.92 34.09
N TRP CA 671 38.46 -19.32 34.19
CA TRP CA 671 38.33 -17.88 34.25
C TRP CA 671 39.05 -17.36 35.49
N GLU CA 672 38.95 -18.11 36.58
CA GLU CA 672 39.64 -17.75 37.81
C GLU CA 672 41.15 -17.75 37.58
N TRP CA 673 41.64 -18.72 36.80
CA TRP CA 673 43.07 -18.80 36.54
C TRP CA 673 43.58 -17.51 35.91
N ALA CA 674 42.95 -17.11 34.81
CA ALA CA 674 43.32 -15.87 34.13
C ALA CA 674 43.31 -14.70 35.10
N ILE CA 675 42.27 -14.63 35.92
CA ILE CA 675 42.15 -13.56 36.91
C ILE CA 675 43.37 -13.53 37.82
N PHE CA 676 43.62 -14.63 38.53
CA PHE CA 676 44.62 -14.66 39.58
C PHE CA 676 46.02 -14.39 39.07
N VAL CA 677 46.36 -14.99 37.92
CA VAL CA 677 47.66 -14.74 37.32
C VAL CA 677 47.80 -13.29 36.90
N LEU CA 678 46.73 -12.74 36.32
CA LEU CA 678 46.75 -11.37 35.81
C LEU CA 678 46.95 -10.30 36.88
N LEU CA 679 46.30 -10.46 38.03
CA LEU CA 679 46.33 -9.43 39.06
C LEU CA 679 47.73 -9.20 39.62
N HIS CA 680 48.45 -10.28 39.89
CA HIS CA 680 49.83 -10.19 40.34
C HIS CA 680 50.76 -9.60 39.28
N ILE CA 681 50.55 -10.04 38.04
CA ILE CA 681 51.44 -9.73 36.92
C ILE CA 681 51.57 -8.26 36.52
N PRO CA 682 50.38 -7.50 36.54
CA PRO CA 682 50.31 -6.35 35.63
C PRO CA 682 51.38 -6.20 34.55
N HIS CA 683 52.01 -5.05 34.39
CA HIS CA 683 51.60 -3.75 34.92
C HIS CA 683 52.20 -2.60 34.09
N PRO CA 684 51.57 -1.34 34.07
CA PRO CA 684 50.17 -1.33 34.50
C PRO CA 684 49.22 -1.04 33.34
N HIS CA 685 49.52 0.00 32.58
CA HIS CA 685 48.64 0.49 31.51
C HIS CA 685 48.42 -0.44 30.31
N ILE CA 686 49.48 -1.09 29.86
CA ILE CA 686 49.39 -1.93 28.68
C ILE CA 686 48.90 -3.33 29.06
N ARG CA 687 49.41 -3.83 30.18
CA ARG CA 687 49.00 -5.13 30.68
C ARG CA 687 47.50 -5.12 31.03
N GLU CA 688 47.06 -4.03 31.64
CA GLU CA 688 45.66 -3.89 31.99
C GLU CA 688 44.79 -3.88 30.74
N ALA CA 689 45.27 -3.20 29.70
CA ALA CA 689 44.54 -3.11 28.44
C ALA CA 689 44.42 -4.49 27.78
N GLY CA 690 45.37 -5.36 28.09
CA GLY CA 690 45.38 -6.71 27.54
C GLY CA 690 44.56 -7.64 28.41
N VAL CA 691 44.68 -7.49 29.72
CA VAL CA 691 43.92 -8.30 30.66
C VAL CA 691 42.43 -8.03 30.49
N ARG CA 692 42.08 -6.76 30.29
CA ARG CA 692 40.69 -6.38 30.08
C ARG CA 692 40.15 -7.02 28.80
N GLU CA 693 40.98 -7.03 27.76
CA GLU CA 693 40.59 -7.64 26.50
C GLU CA 693 40.37 -9.13 26.68
N LEU CA 694 41.23 -9.76 27.47
CA LEU CA 694 41.11 -11.18 27.76
C LEU CA 694 39.80 -11.45 28.50
N LEU CA 695 39.47 -10.57 29.44
CA LEU CA 695 38.23 -10.71 30.20
C LEU CA 695 37.03 -10.59 29.27
N ASN CA 696 37.12 -9.66 28.32
CA ASN CA 696 36.06 -9.47 27.34
C ASN CA 696 35.88 -10.71 26.49
N ARG CA 697 36.99 -11.33 26.08
CA ARG CA 697 36.89 -12.56 25.31
C ARG CA 697 36.24 -13.65 26.15
N GLN CA 698 36.64 -13.69 27.41
CA GLN CA 698 36.19 -14.69 28.36
C GLN CA 698 34.69 -14.58 28.48
N CYS CA 699 34.20 -13.35 28.41
CA CYS CA 699 32.77 -13.13 28.41
C CYS CA 699 32.39 -12.30 27.19
N VAL CA 700 32.49 -12.92 26.03
CA VAL CA 700 31.98 -12.35 24.79
C VAL CA 700 30.61 -12.97 24.53
N VAL CA 701 30.60 -14.30 24.40
CA VAL CA 701 29.38 -15.07 24.37
C VAL CA 701 29.40 -16.17 25.43
N ARG CA 702 30.14 -17.24 25.14
CA ARG CA 702 30.28 -18.41 26.02
C ARG CA 702 30.26 -18.00 27.48
N GLU CA 703 30.98 -16.93 27.81
CA GLU CA 703 30.87 -16.30 29.10
C GLU CA 703 29.39 -16.04 29.38
N SER CA 704 28.72 -15.41 28.43
CA SER CA 704 27.31 -15.09 28.56
C SER CA 704 26.45 -16.35 28.37
N PRO CA 705 27.08 -17.42 27.73
CA PRO CA 705 26.22 -18.59 27.57
C PRO CA 705 26.51 -19.66 28.62
N GLU CA 706 27.77 -19.73 29.06
CA GLU CA 706 28.17 -20.70 30.07
C GLU CA 706 27.99 -20.14 31.47
N SER CA 707 27.85 -18.82 31.56
CA SER CA 707 27.66 -18.16 32.85
C SER CA 707 26.19 -18.07 33.22
N LEU CA 708 25.32 -18.25 32.23
CA LEU CA 708 23.88 -18.19 32.44
C LEU CA 708 23.46 -19.11 33.58
N ALA CA 709 24.10 -18.97 34.73
CA ALA CA 709 23.79 -19.79 35.89
C ALA CA 709 24.40 -19.20 37.16
N LYS CA 710 24.72 -20.07 38.11
CA LYS CA 710 25.31 -19.65 39.37
C LYS CA 710 26.83 -19.78 39.34
N GLU CA 711 27.33 -20.49 38.34
CA GLU CA 711 28.78 -20.69 38.20
C GLU CA 711 29.48 -19.40 37.82
N ASN CA 712 28.81 -18.54 37.07
CA ASN CA 712 29.39 -17.26 36.69
C ASN CA 712 29.47 -16.28 37.86
N PHE CA 713 28.44 -16.21 38.70
CA PHE CA 713 28.41 -15.19 39.73
C PHE CA 713 29.59 -15.30 40.70
N LEU CA 714 29.92 -16.53 41.11
CA LEU CA 714 31.04 -16.75 42.02
C LEU CA 714 32.37 -16.32 41.41
N ILE CA 715 32.58 -16.65 40.14
CA ILE CA 715 33.80 -16.30 39.44
C ILE CA 715 33.94 -14.78 39.34
N HIS CA 716 32.83 -14.13 39.04
CA HIS CA 716 32.81 -12.67 38.94
C HIS CA 716 33.16 -12.07 40.29
N ARG CA 717 32.62 -12.66 41.35
CA ARG CA 717 32.90 -12.18 42.69
C ARG CA 717 34.39 -12.31 43.02
N LEU CA 718 34.97 -13.44 42.62
CA LEU CA 718 36.33 -13.79 43.00
C LEU CA 718 37.38 -12.80 42.48
N CYS CA 719 37.20 -12.35 41.24
CA CYS CA 719 38.16 -11.44 40.63
C CYS CA 719 38.21 -10.11 41.37
N VAL CA 720 39.38 -9.48 41.37
CA VAL CA 720 39.57 -8.27 42.17
C VAL CA 720 38.55 -7.22 41.74
N PRO CA 721 37.98 -6.48 42.79
CA PRO CA 721 36.84 -5.66 42.35
C PRO CA 721 37.18 -4.57 41.34
N ALA CA 722 36.34 -4.50 40.30
CA ALA CA 722 36.39 -3.45 39.30
C ALA CA 722 35.01 -3.39 38.67
N GLN CA 723 34.67 -2.28 38.02
CA GLN CA 723 33.38 -2.21 37.35
C GLN CA 723 33.53 -2.86 35.98
N TRP CA 724 33.91 -4.13 35.97
CA TRP CA 724 34.07 -4.88 34.73
C TRP CA 724 32.91 -5.84 34.48
N VAL CA 725 31.92 -5.85 35.37
CA VAL CA 725 30.81 -6.79 35.24
C VAL CA 725 29.87 -6.36 34.14
N HIS CA 726 29.60 -5.06 34.06
CA HIS CA 726 28.74 -4.51 33.03
C HIS CA 726 29.38 -4.74 31.67
N GLU CA 727 30.70 -4.58 31.61
CA GLU CA 727 31.44 -4.76 30.37
C GLU CA 727 31.33 -6.19 29.85
N ALA CA 728 31.39 -7.17 30.74
CA ALA CA 728 31.31 -8.57 30.32
C ALA CA 728 29.89 -8.94 29.93
N LYS CA 729 28.92 -8.46 30.72
CA LYS CA 729 27.51 -8.73 30.46
C LYS CA 729 27.06 -8.15 29.12
N ALA CA 730 27.54 -6.94 28.82
CA ALA CA 730 27.18 -6.26 27.58
C ALA CA 730 27.67 -7.03 26.36
N ILE CA 731 28.88 -7.58 26.45
CA ILE CA 731 29.46 -8.34 25.35
C ILE CA 731 28.63 -9.58 25.05
N ARG CA 732 28.16 -10.25 26.10
CA ARG CA 732 27.36 -11.46 25.94
C ARG CA 732 26.05 -11.16 25.22
N SER CA 733 25.44 -10.03 25.56
CA SER CA 733 24.18 -9.62 24.95
C SER CA 733 24.35 -9.39 23.45
N ARG CA 734 25.45 -8.77 23.08
CA ARG CA 734 25.73 -8.48 21.67
C ARG CA 734 25.87 -9.77 20.86
N ARG CA 735 26.51 -10.77 21.45
CA ARG CA 735 26.72 -12.05 20.78
C ARG CA 735 25.38 -12.74 20.50
N ASP CA 736 24.47 -12.65 21.47
CA ASP CA 736 23.15 -13.27 21.33
C ASP CA 736 22.21 -12.38 20.53
N TYR CA 745 18.96 -6.49 27.79
CA TYR CA 745 20.19 -6.13 27.09
C TYR CA 745 20.51 -4.65 27.25
N LEU CA 746 19.54 -3.80 26.93
CA LEU CA 746 19.72 -2.36 27.04
C LEU CA 746 19.96 -1.94 28.48
N LEU CA 747 19.22 -2.56 29.40
CA LEU CA 747 19.38 -2.27 30.82
C LEU CA 747 20.77 -2.67 31.28
N LYS CA 748 21.25 -3.81 30.80
CA LYS CA 748 22.59 -4.28 31.13
C LYS CA 748 23.64 -3.30 30.61
N GLY CA 749 23.41 -2.79 29.41
CA GLY CA 749 24.32 -1.82 28.81
C GLY CA 749 24.35 -0.55 29.66
N HIS CA 750 23.18 -0.14 30.14
CA HIS CA 750 23.08 1.04 30.99
C HIS CA 750 23.84 0.83 32.30
N GLN CA 751 23.73 -0.38 32.84
CA GLN CA 751 24.41 -0.72 34.09
C GLN CA 751 25.92 -0.79 33.90
N LYS CA 757 20.86 7.84 20.72
CA LYS CA 757 20.55 7.28 19.42
C LYS CA 757 19.92 5.89 19.56
N LEU CA 758 20.68 4.97 20.15
CA LEU CA 758 20.20 3.60 20.35
C LEU CA 758 18.97 3.58 21.24
N VAL CA 759 18.98 4.39 22.29
CA VAL CA 759 17.84 4.48 23.20
C VAL CA 759 16.61 5.00 22.46
N THR CA 760 16.84 5.98 21.60
CA THR CA 760 15.76 6.55 20.79
C THR CA 760 15.18 5.49 19.86
N ARG CA 761 16.05 4.68 19.28
CA ARG CA 761 15.63 3.61 18.40
C ARG CA 761 14.79 2.59 19.18
N HIS CA 762 15.21 2.30 20.40
CA HIS CA 762 14.49 1.38 21.26
C HIS CA 762 13.11 1.93 21.57
N LEU CA 763 13.03 3.23 21.83
CA LEU CA 763 11.74 3.88 22.10
C LEU CA 763 10.84 3.77 20.88
N ALA CA 764 11.44 3.97 19.71
CA ALA CA 764 10.69 3.87 18.47
C ALA CA 764 10.13 2.47 18.30
N ALA CA 765 10.93 1.45 18.63
CA ALA CA 765 10.44 0.08 18.53
C ALA CA 765 9.29 -0.12 19.51
N ASP CA 766 9.47 0.37 20.74
CA ASP CA 766 8.40 0.43 21.72
C ASP CA 766 7.69 1.78 21.63
N ALA CA 767 7.13 2.08 20.47
CA ALA CA 767 6.42 3.33 20.26
C ALA CA 767 5.47 3.63 21.42
N SER CA 778 6.03 -3.78 29.91
CA SER CA 778 6.48 -2.94 28.80
C SER CA 778 6.56 -1.47 29.22
N PHE CA 779 5.45 -0.95 29.74
CA PHE CA 779 5.40 0.44 30.18
C PHE CA 779 6.38 0.69 31.32
N LEU CA 780 6.46 -0.27 32.25
CA LEU CA 780 7.38 -0.16 33.37
C LEU CA 780 8.82 -0.13 32.86
N GLY CA 781 9.11 -0.96 31.87
CA GLY CA 781 10.44 -1.01 31.27
C GLY CA 781 10.77 0.32 30.61
N GLU CA 782 9.77 0.90 29.94
CA GLU CA 782 9.96 2.20 29.31
C GLU CA 782 10.25 3.26 30.35
N LEU CA 783 9.55 3.20 31.47
CA LEU CA 783 9.76 4.13 32.56
C LEU CA 783 11.19 4.00 33.10
N SER CA 784 11.65 2.76 33.22
CA SER CA 784 13.00 2.49 33.70
C SER CA 784 14.02 3.08 32.73
N ASN CA 785 13.75 2.93 31.44
CA ASN CA 785 14.63 3.48 30.42
C ASN CA 785 14.68 5.00 30.52
N PRO CA 786 13.52 5.61 30.78
CA PRO CA 786 13.45 7.05 30.95
C PRO CA 786 14.27 7.49 32.16
N GLU CA 787 14.19 6.71 33.23
CA GLU CA 787 14.94 7.00 34.44
C GLU CA 787 16.43 6.92 34.15
N HIS CA 788 16.83 5.92 33.37
CA HIS CA 788 18.23 5.76 32.98
C HIS CA 788 18.70 6.96 32.17
N CYS CA 789 17.84 7.43 31.27
CA CYS CA 789 18.15 8.60 30.46
C CYS CA 789 18.34 9.82 31.35
N LYS CA 790 17.48 9.95 32.35
CA LYS CA 790 17.57 11.06 33.29
C LYS CA 790 18.89 11.00 34.05
N HIS CA 791 19.28 9.79 34.44
CA HIS CA 791 20.54 9.59 35.15
C HIS CA 791 21.71 9.99 34.25
N ILE CA 792 21.62 9.64 32.98
CA ILE CA 792 22.65 10.00 32.00
C ILE CA 792 22.75 11.51 31.86
N GLN CA 793 21.60 12.17 31.86
CA GLN CA 793 21.55 13.62 31.72
C GLN CA 793 22.16 14.31 32.94
N LEU CA 803 19.09 14.51 22.81
CA LEU CA 803 18.17 13.49 23.30
C LEU CA 803 17.19 14.06 24.32
N ASP CA 804 17.44 15.31 24.74
CA ASP CA 804 16.59 15.96 25.72
C ASP CA 804 15.17 16.13 25.18
N TYR CA 805 15.06 16.49 23.90
CA TYR CA 805 13.76 16.64 23.27
C TYR CA 805 13.02 15.31 23.24
N ILE CA 806 13.75 14.24 22.96
CA ILE CA 806 13.17 12.91 22.94
C ILE CA 806 12.66 12.53 24.33
N ARG CA 807 13.44 12.88 25.35
CA ARG CA 807 13.06 12.62 26.73
C ARG CA 807 11.78 13.37 27.07
N VAL CA 808 11.69 14.62 26.61
CA VAL CA 808 10.51 15.44 26.83
C VAL CA 808 9.29 14.80 26.17
N ILE CA 809 9.49 14.27 24.96
CA ILE CA 809 8.42 13.61 24.23
C ILE CA 809 7.95 12.38 25.00
N ASP CA 810 8.91 11.64 25.57
CA ASP CA 810 8.59 10.46 26.35
C ASP CA 810 7.78 10.85 27.58
N MET CA 811 8.16 11.95 28.21
CA MET CA 811 7.44 12.46 29.37
C MET CA 811 6.01 12.82 28.98
N LEU CA 812 5.86 13.44 27.82
CA LEU CA 812 4.54 13.81 27.33
C LEU CA 812 3.69 12.57 27.09
N ASN CA 813 4.32 11.53 26.55
CA ASN CA 813 3.63 10.26 26.31
C ASN CA 813 3.17 9.65 27.63
N LEU CA 814 4.03 9.74 28.64
CA LEU CA 814 3.71 9.24 29.97
C LEU CA 814 2.53 10.00 30.56
N ILE CA 815 2.51 11.31 30.35
CA ILE CA 815 1.42 12.16 30.86
C ILE CA 815 0.07 11.52 30.60
N GLY CA 822 3.83 26.99 28.16
CA GLY CA 822 4.46 25.72 28.51
C GLY CA 822 3.88 24.58 27.69
N CYS CA 823 2.57 24.39 27.78
CA CYS CA 823 1.89 23.33 27.04
C CYS CA 823 2.04 23.53 25.54
N GLU CA 824 1.91 24.78 25.11
CA GLU CA 824 2.07 25.11 23.69
C GLU CA 824 3.49 24.79 23.22
N LEU CA 825 4.46 25.10 24.06
CA LEU CA 825 5.86 24.81 23.76
C LEU CA 825 6.07 23.31 23.63
N GLU CA 826 5.44 22.55 24.53
CA GLU CA 826 5.53 21.10 24.50
C GLU CA 826 4.94 20.57 23.20
N LYS CA 827 3.81 21.16 22.79
CA LYS CA 827 3.16 20.76 21.54
C LYS CA 827 4.07 21.04 20.36
N LEU CA 828 4.75 22.17 20.40
CA LEU CA 828 5.68 22.55 19.34
C LEU CA 828 6.83 21.54 19.28
N HIS CA 829 7.31 21.13 20.45
CA HIS CA 829 8.38 20.14 20.53
C HIS CA 829 7.92 18.82 19.93
N THR CA 830 6.69 18.45 20.22
CA THR CA 830 6.12 17.22 19.68
C THR CA 830 6.04 17.29 18.16
N LYS CA 831 5.65 18.46 17.66
CA LYS CA 831 5.57 18.68 16.22
C LYS CA 831 6.95 18.54 15.58
N VAL CA 832 7.96 19.08 16.27
CA VAL CA 832 9.33 18.99 15.79
C VAL CA 832 9.78 17.53 15.74
N MET CA 833 9.39 16.77 16.76
CA MET CA 833 9.72 15.35 16.81
C MET CA 833 9.07 14.61 15.66
N SER CA 834 7.82 14.98 15.36
CA SER CA 834 7.09 14.37 14.26
C SER CA 834 7.79 14.68 12.94
N LEU CA 835 8.27 15.91 12.81
CA LEU CA 835 8.99 16.33 11.61
C LEU CA 835 10.28 15.52 11.46
N CYS CA 836 10.96 15.29 12.57
CA CYS CA 836 12.20 14.53 12.56
C CYS CA 836 12.07 13.25 13.40
N TYR CA 845 9.06 5.41 6.93
CA TYR CA 845 9.20 4.36 7.95
C TYR CA 845 7.85 4.05 8.59
N THR CA 846 7.50 2.78 8.61
CA THR CA 846 6.23 2.34 9.20
C THR CA 846 6.20 2.66 10.69
N ALA CA 847 7.32 2.43 11.37
CA ALA CA 847 7.42 2.72 12.79
C ALA CA 847 7.24 4.22 13.04
N LYS CA 848 7.83 5.03 12.17
CA LYS CA 848 7.71 6.48 12.27
C LYS CA 848 6.25 6.89 12.08
N ASP CA 849 5.57 6.25 11.14
CA ASP CA 849 4.16 6.53 10.89
C ASP CA 849 3.33 6.18 12.12
N ARG CA 850 3.66 5.06 12.75
CA ARG CA 850 2.97 4.64 13.95
C ARG CA 850 3.17 5.66 15.07
N LEU CA 851 4.40 6.16 15.17
CA LEU CA 851 4.71 7.18 16.17
C LEU CA 851 3.90 8.44 15.92
N ALA CA 852 3.78 8.81 14.65
CA ALA CA 852 2.99 9.97 14.27
C ALA CA 852 1.53 9.78 14.65
N GLN CA 853 1.03 8.56 14.44
CA GLN CA 853 -0.35 8.24 14.80
C GLN CA 853 -0.54 8.36 16.30
N SER CA 854 0.45 7.90 17.06
CA SER CA 854 0.40 7.99 18.51
C SER CA 854 0.37 9.45 18.95
N GLU CA 855 1.17 10.27 18.28
CA GLU CA 855 1.21 11.69 18.57
C GLU CA 855 -0.15 12.33 18.30
N MET CA 856 -0.78 11.91 17.20
CA MET CA 856 -2.10 12.41 16.85
C MET CA 856 -3.12 12.03 17.91
N ALA CA 857 -3.00 10.79 18.41
CA ALA CA 857 -3.89 10.31 19.46
C ALA CA 857 -3.71 11.14 20.72
N LYS CA 858 -2.45 11.46 21.04
CA LYS CA 858 -2.14 12.28 22.20
C LYS CA 858 -2.75 13.67 22.04
N ARG CA 859 -2.68 14.21 20.84
CA ARG CA 859 -3.26 15.51 20.55
C ARG CA 859 -4.77 15.47 20.75
N VAL CA 860 -5.39 14.38 20.30
CA VAL CA 860 -6.83 14.19 20.45
C VAL CA 860 -7.19 14.14 21.94
N ALA CA 861 -6.36 13.46 22.72
CA ALA CA 861 -6.58 13.36 24.15
C ALA CA 861 -6.49 14.74 24.80
N ASN CA 862 -5.52 15.53 24.34
CA ASN CA 862 -5.35 16.89 24.85
C ASN CA 862 -6.58 17.73 24.53
N ILE CA 863 -7.11 17.55 23.32
CA ILE CA 863 -8.31 18.26 22.89
C ILE CA 863 -9.50 17.87 23.77
N LEU CA 864 -9.59 16.59 24.10
CA LEU CA 864 -10.67 16.09 24.94
C LEU CA 864 -10.61 16.66 26.34
N GLN CA 872 -9.83 24.18 23.37
CA GLN CA 872 -8.98 23.22 22.67
C GLN CA 872 -8.50 23.79 21.33
N PRO CA 873 -8.41 25.12 21.27
CA PRO CA 873 -7.95 25.79 20.05
C PRO CA 873 -6.53 25.38 19.70
N PRO CA 874 -5.68 25.30 20.72
CA PRO CA 874 -4.29 24.89 20.51
C PRO CA 874 -4.23 23.46 19.98
N GLU CA 875 -5.08 22.61 20.52
CA GLU CA 875 -5.15 21.21 20.06
C GLU CA 875 -5.59 21.16 18.61
N SER CA 876 -6.55 22.01 18.25
CA SER CA 876 -7.03 22.08 16.88
C SER CA 876 -5.90 22.52 15.95
N MET CA 877 -5.12 23.49 16.41
CA MET CA 877 -3.98 23.98 15.64
C MET CA 877 -2.97 22.86 15.43
N SER CA 878 -2.74 22.08 16.48
CA SER CA 878 -1.81 20.95 16.40
C SER CA 878 -2.32 19.94 15.38
N ASP CA 879 -3.62 19.71 15.39
CA ASP CA 879 -4.23 18.78 14.44
C ASP CA 879 -4.06 19.28 13.00
N SER CA 880 -4.20 20.58 12.82
CA SER CA 880 -4.07 21.20 11.51
C SER CA 880 -2.67 20.98 10.95
N VAL DA 2 56.66 -29.27 -10.11
CA VAL DA 2 55.54 -28.41 -10.45
C VAL DA 2 54.31 -29.22 -10.85
N SER DA 3 54.17 -29.47 -12.16
CA SER DA 3 53.04 -30.24 -12.67
C SER DA 3 53.06 -31.66 -12.14
N VAL DA 4 54.24 -32.26 -12.04
CA VAL DA 4 54.35 -33.64 -11.56
C VAL DA 4 53.86 -33.88 -10.13
N ILE DA 5 54.17 -32.97 -9.22
CA ILE DA 5 53.76 -33.12 -7.82
C ILE DA 5 52.25 -33.13 -7.55
N ASN DA 6 51.51 -32.25 -8.22
CA ASN DA 6 50.07 -32.15 -8.04
C ASN DA 6 49.26 -33.39 -8.43
N THR DA 7 49.64 -34.01 -9.54
CA THR DA 7 48.96 -35.18 -10.07
C THR DA 7 49.15 -36.48 -9.28
N VAL DA 8 50.11 -36.50 -8.37
CA VAL DA 8 50.40 -37.70 -7.60
C VAL DA 8 49.29 -38.29 -6.71
N ASP DA 9 48.59 -37.43 -5.97
CA ASP DA 9 47.51 -37.90 -5.10
C ASP DA 9 46.13 -37.46 -5.58
N THR DA 10 45.97 -36.16 -5.79
CA THR DA 10 44.70 -35.59 -6.27
C THR DA 10 43.54 -35.99 -5.35
N SER DA 11 43.78 -36.00 -4.05
CA SER DA 11 42.74 -36.38 -3.09
C SER DA 11 41.51 -35.46 -3.06
N HIS DA 12 41.74 -34.16 -3.08
CA HIS DA 12 40.63 -33.19 -3.04
C HIS DA 12 39.76 -33.49 -1.81
N GLU DA 13 38.44 -33.55 -1.99
CA GLU DA 13 37.52 -33.87 -0.90
C GLU DA 13 37.67 -32.99 0.35
N ASP DA 14 37.71 -31.67 0.17
CA ASP DA 14 37.62 -31.02 -1.12
C ASP DA 14 38.42 -29.72 -1.09
N MET DA 15 38.77 -29.20 -2.26
CA MET DA 15 39.56 -27.97 -2.32
C MET DA 15 38.84 -26.76 -1.74
N ILE DA 16 39.59 -25.97 -0.97
CA ILE DA 16 39.11 -24.75 -0.34
C ILE DA 16 40.35 -23.89 -0.12
N HIS DA 17 40.19 -22.59 0.07
CA HIS DA 17 41.40 -21.79 0.26
C HIS DA 17 41.54 -21.48 1.72
N ASP DA 18 40.78 -20.48 2.23
CA ASP DA 18 40.82 -20.08 3.61
C ASP DA 18 39.45 -20.32 4.22
N ALA DA 19 39.43 -20.52 5.54
CA ALA DA 19 38.21 -20.63 6.26
C ALA DA 19 38.46 -20.22 7.70
N GLN DA 20 37.71 -19.23 8.20
CA GLN DA 20 37.95 -18.68 9.52
C GLN DA 20 36.70 -18.83 10.34
N MET DA 21 36.88 -19.28 11.60
CA MET DA 21 35.88 -19.32 12.64
C MET DA 21 35.40 -17.93 13.01
N ASP DA 22 34.12 -17.82 13.37
CA ASP DA 22 33.58 -16.60 13.91
C ASP DA 22 34.18 -16.26 15.28
N TYR DA 23 34.04 -14.98 15.69
CA TYR DA 23 34.14 -14.60 17.09
C TYR DA 23 33.05 -15.31 17.89
N TYR DA 24 33.30 -15.61 19.18
CA TYR DA 24 32.38 -16.38 20.02
C TYR DA 24 32.30 -17.87 19.68
N GLY DA 25 33.11 -18.34 18.68
CA GLY DA 25 33.11 -19.67 18.08
C GLY DA 25 31.78 -20.27 17.68
N ILE DA 26 30.90 -19.51 16.98
CA ILE DA 26 29.58 -20.00 16.57
C ILE DA 26 29.59 -20.46 15.11
N ARG DA 27 29.95 -19.54 14.18
CA ARG DA 27 29.93 -19.78 12.75
C ARG DA 27 31.32 -20.12 12.25
N LEU DA 28 31.39 -20.52 10.97
CA LEU DA 28 32.59 -20.91 10.29
C LEU DA 28 32.42 -20.61 8.81
N ALA DA 29 32.80 -19.39 8.40
CA ALA DA 29 32.85 -19.02 7.00
C ALA DA 29 33.98 -19.68 6.23
N THR DA 30 33.69 -20.05 4.97
CA THR DA 30 34.63 -20.74 4.11
C THR DA 30 34.53 -20.14 2.75
N CYS DA 31 35.54 -20.44 1.95
CA CYS DA 31 35.50 -20.09 0.58
C CYS DA 31 36.36 -21.06 -0.21
N SER DA 32 36.00 -21.33 -1.48
CA SER DA 32 36.78 -22.24 -2.30
C SER DA 32 36.96 -21.66 -3.68
N SER DA 33 37.70 -22.37 -4.55
CA SER DA 33 37.95 -21.91 -5.92
C SER DA 33 36.76 -21.89 -6.87
N ASP DA 34 35.53 -22.23 -6.40
CA ASP DA 34 34.34 -22.31 -7.20
C ASP DA 34 33.58 -20.98 -7.18
N ARG DA 35 34.12 -19.97 -6.43
CA ARG DA 35 33.61 -18.61 -6.27
C ARG DA 35 32.54 -18.52 -5.19
N SER DA 36 32.47 -19.50 -4.26
CA SER DA 36 31.35 -19.62 -3.33
C SER DA 36 31.76 -19.43 -1.90
N VAL DA 37 31.15 -18.44 -1.22
CA VAL DA 37 31.43 -18.10 0.17
C VAL DA 37 30.38 -18.74 1.07
N LYS DA 38 30.67 -19.94 1.59
CA LYS DA 38 29.73 -20.70 2.39
C LYS DA 38 29.88 -20.36 3.87
N ILE DA 39 28.79 -20.05 4.58
CA ILE DA 39 28.82 -19.84 6.01
C ILE DA 39 28.27 -21.10 6.63
N PHE DA 40 29.10 -21.87 7.37
CA PHE DA 40 28.64 -22.99 8.18
C PHE DA 40 28.46 -22.55 9.63
N ASP DA 41 27.73 -23.34 10.44
CA ASP DA 41 27.54 -23.20 11.85
C ASP DA 41 28.05 -24.49 12.50
N VAL DA 42 28.76 -24.34 13.64
CA VAL DA 42 29.42 -25.40 14.38
C VAL DA 42 28.87 -25.38 15.80
N LYS DA 43 27.64 -25.86 16.02
CA LYS DA 43 27.14 -26.03 17.37
C LYS DA 43 27.30 -27.50 17.76
N ASN DA 44 28.18 -27.79 18.74
CA ASN DA 44 28.50 -29.10 19.33
C ASN DA 44 29.56 -29.86 18.54
N GLY DA 45 30.26 -29.21 17.58
CA GLY DA 45 31.25 -29.87 16.72
C GLY DA 45 30.69 -30.34 15.40
N GLY DA 46 29.37 -30.22 15.16
CA GLY DA 46 28.73 -30.64 13.91
C GLY DA 46 28.60 -29.48 12.96
N GLN DA 47 29.10 -29.63 11.72
CA GLN DA 47 29.03 -28.64 10.67
C GLN DA 47 27.67 -28.63 9.96
N ILE DA 48 27.04 -27.44 9.84
CA ILE DA 48 25.74 -27.22 9.22
C ILE DA 48 25.86 -25.98 8.35
N LEU DA 49 25.62 -26.05 7.01
CA LEU DA 49 25.50 -24.90 6.12
C LEU DA 49 24.30 -23.99 6.38
N ILE DA 50 24.49 -22.65 6.26
CA ILE DA 50 23.47 -21.66 6.50
C ILE DA 50 23.21 -20.84 5.23
N ALA DA 51 24.22 -20.59 4.38
CA ALA DA 51 24.07 -19.78 3.19
C ALA DA 51 25.29 -19.99 2.31
N ASP DA 52 25.11 -19.88 0.98
CA ASP DA 52 26.13 -19.94 -0.03
C ASP DA 52 26.09 -18.56 -0.69
N LEU DA 53 26.89 -17.58 -0.15
CA LEU DA 53 27.01 -16.27 -0.74
C LEU DA 53 27.89 -16.33 -1.98
N ARG DA 54 27.24 -16.36 -3.17
CA ARG DA 54 27.89 -16.39 -4.44
C ARG DA 54 27.94 -14.98 -4.97
N GLY DA 55 29.05 -14.60 -5.61
CA GLY DA 55 29.08 -13.25 -6.15
C GLY DA 55 30.37 -12.80 -6.70
N HIS DA 56 31.39 -13.67 -6.77
CA HIS DA 56 32.70 -13.30 -7.24
C HIS DA 56 32.90 -13.91 -8.60
N ASP DA 57 33.52 -13.19 -9.57
CA ASP DA 57 33.79 -13.67 -10.92
C ASP DA 57 34.98 -14.64 -10.96
N GLY DA 58 35.83 -14.65 -9.91
CA GLY DA 58 37.01 -15.48 -9.76
C GLY DA 58 37.02 -16.14 -8.41
N PRO DA 59 37.87 -17.16 -8.19
CA PRO DA 59 38.08 -17.83 -6.91
C PRO DA 59 38.31 -16.93 -5.70
N VAL DA 60 37.58 -17.12 -4.59
CA VAL DA 60 37.78 -16.35 -3.39
C VAL DA 60 39.06 -16.79 -2.72
N TRP DA 61 39.85 -15.83 -2.19
CA TRP DA 61 41.15 -16.10 -1.59
C TRP DA 61 40.99 -16.27 -0.10
N GLN DA 62 41.06 -15.16 0.66
CA GLN DA 62 41.00 -15.15 2.12
C GLN DA 62 39.68 -14.59 2.60
N VAL DA 63 39.33 -14.81 3.87
CA VAL DA 63 38.03 -14.38 4.39
C VAL DA 63 38.19 -13.92 5.84
N ALA DA 64 37.50 -12.85 6.29
CA ALA DA 64 37.65 -12.39 7.66
C ALA DA 64 36.37 -11.82 8.24
N TRP DA 65 36.03 -12.30 9.47
CA TRP DA 65 34.89 -11.89 10.27
C TRP DA 65 35.23 -10.57 10.92
N ALA DA 66 34.28 -9.63 10.91
CA ALA DA 66 34.43 -8.41 11.66
C ALA DA 66 34.06 -8.63 13.10
N HIS DA 67 34.41 -7.66 13.97
CA HIS DA 67 34.12 -7.77 15.36
C HIS DA 67 32.59 -7.72 15.67
N PRO DA 68 32.00 -8.51 16.58
CA PRO DA 68 30.55 -8.55 16.85
C PRO DA 68 29.95 -7.27 17.41
N MET DA 69 30.79 -6.31 17.82
CA MET DA 69 30.44 -4.95 18.20
C MET DA 69 29.79 -4.14 17.07
N TYR DA 70 30.00 -4.55 15.80
CA TYR DA 70 29.39 -3.94 14.62
C TYR DA 70 28.27 -4.79 14.04
N GLY DA 71 27.63 -5.66 14.86
CA GLY DA 71 26.63 -6.61 14.36
C GLY DA 71 27.34 -7.84 13.85
N ASN DA 72 26.88 -8.47 12.75
CA ASN DA 72 27.50 -9.66 12.24
C ASN DA 72 27.90 -9.32 10.81
N ILE DA 73 29.22 -9.17 10.57
CA ILE DA 73 29.77 -8.78 9.28
C ILE DA 73 30.87 -9.75 8.92
N LEU DA 74 30.92 -10.14 7.64
CA LEU DA 74 31.95 -10.98 7.11
C LEU DA 74 32.38 -10.38 5.78
N ALA DA 75 33.70 -10.29 5.51
CA ALA DA 75 34.22 -9.79 4.26
C ALA DA 75 35.10 -10.83 3.58
N SER DA 76 34.98 -10.96 2.24
CA SER DA 76 35.76 -11.88 1.43
C SER DA 76 36.26 -11.17 0.20
N CYS DA 77 37.53 -11.43 -0.17
CA CYS DA 77 38.17 -10.97 -1.38
C CYS DA 77 38.44 -12.03 -2.37
N SER DA 78 38.77 -11.60 -3.59
CA SER DA 78 38.83 -12.56 -4.64
C SER DA 78 39.77 -12.19 -5.77
N TYR DA 79 39.96 -13.15 -6.67
CA TYR DA 79 40.63 -13.05 -7.96
C TYR DA 79 39.83 -12.19 -8.94
N ASP DA 80 38.59 -11.79 -8.62
CA ASP DA 80 37.79 -10.99 -9.52
C ASP DA 80 38.05 -9.50 -9.41
N ARG DA 81 38.97 -9.08 -8.49
CA ARG DA 81 39.42 -7.72 -8.30
C ARG DA 81 38.52 -6.98 -7.32
N LYS DA 82 37.49 -7.66 -6.78
CA LYS DA 82 36.43 -7.08 -6.00
C LYS DA 82 36.53 -7.66 -4.60
N VAL DA 83 36.01 -6.89 -3.63
CA VAL DA 83 35.86 -7.32 -2.27
C VAL DA 83 34.43 -7.06 -1.86
N ILE DA 84 33.84 -8.05 -1.17
CA ILE DA 84 32.45 -8.01 -0.77
C ILE DA 84 32.42 -8.01 0.76
N ILE DA 85 31.52 -7.18 1.33
CA ILE DA 85 31.16 -7.12 2.73
C ILE DA 85 29.71 -7.58 2.86
N TRP DA 86 29.46 -8.69 3.57
CA TRP DA 86 28.13 -9.20 3.83
C TRP DA 86 27.77 -8.90 5.27
N LYS DA 87 26.66 -8.16 5.46
CA LYS DA 87 26.02 -7.89 6.73
C LYS DA 87 24.97 -8.96 6.97
N GLU DA 88 24.34 -8.94 8.15
CA GLU DA 88 23.30 -9.85 8.51
C GLU DA 88 22.26 -9.03 9.29
N GLU DA 89 20.97 -9.13 8.92
CA GLU DA 89 19.85 -8.46 9.59
C GLU DA 89 18.69 -9.43 9.77
N ASN DA 90 18.70 -10.32 10.79
CA ASN DA 90 17.61 -11.28 11.07
C ASN DA 90 17.71 -12.57 10.26
N GLY DA 91 18.93 -12.97 9.81
CA GLY DA 91 19.11 -14.04 8.83
C GLY DA 91 19.21 -13.55 7.41
N THR DA 92 18.98 -12.23 7.21
CA THR DA 92 19.15 -11.49 5.96
C THR DA 92 20.63 -11.29 5.69
N TRP DA 93 21.31 -12.33 5.17
CA TRP DA 93 22.69 -12.26 4.71
C TRP DA 93 22.79 -11.62 3.34
N GLU DA 94 22.63 -10.28 3.29
CA GLU DA 94 22.80 -9.49 2.10
C GLU DA 94 24.12 -8.73 2.16
N LYS DA 95 24.65 -8.33 0.99
CA LYS DA 95 25.83 -7.50 0.94
C LYS DA 95 25.44 -6.04 1.07
N THR DA 96 25.99 -5.34 2.09
CA THR DA 96 25.67 -3.93 2.27
C THR DA 96 26.63 -3.04 1.56
N TYR DA 97 27.78 -3.57 1.13
CA TYR DA 97 28.74 -2.77 0.40
C TYR DA 97 29.63 -3.70 -0.41
N GLU DA 98 30.22 -3.17 -1.50
CA GLU DA 98 31.11 -3.87 -2.39
C GLU DA 98 32.15 -2.86 -2.84
N TYR DA 99 33.44 -3.26 -2.94
CA TYR DA 99 34.52 -2.38 -3.35
C TYR DA 99 35.31 -3.03 -4.47
N THR DA 100 35.60 -2.25 -5.53
CA THR DA 100 36.27 -2.69 -6.75
C THR DA 100 37.26 -1.61 -7.12
N GLY DA 101 38.19 -1.28 -6.21
CA GLY DA 101 39.16 -0.20 -6.50
C GLY DA 101 40.56 -0.59 -6.86
N HIS DA 102 40.83 -1.90 -6.97
CA HIS DA 102 42.11 -2.43 -7.40
C HIS DA 102 41.94 -3.11 -8.73
N ASP DA 103 42.97 -3.05 -9.59
CA ASP DA 103 42.86 -3.46 -10.98
C ASP DA 103 43.31 -4.91 -11.17
N SER DA 104 44.03 -5.46 -10.19
CA SER DA 104 44.44 -6.86 -10.22
C SER DA 104 43.96 -7.50 -8.95
N SER DA 105 43.88 -8.86 -8.95
CA SER DA 105 43.39 -9.76 -7.90
C SER DA 105 43.63 -9.35 -6.48
N VAL DA 106 42.77 -9.80 -5.57
CA VAL DA 106 42.93 -9.37 -4.23
C VAL DA 106 43.27 -10.58 -3.39
N ASN DA 107 44.57 -10.73 -3.09
CA ASN DA 107 45.09 -11.84 -2.34
C ASN DA 107 44.63 -11.88 -0.89
N SER DA 108 44.43 -10.75 -0.18
CA SER DA 108 44.12 -10.88 1.25
C SER DA 108 43.37 -9.70 1.83
N VAL DA 109 42.70 -9.96 2.98
CA VAL DA 109 41.93 -9.03 3.78
C VAL DA 109 42.17 -9.28 5.23
N CYS DA 110 41.93 -8.25 6.06
CA CYS DA 110 42.05 -8.35 7.48
C CYS DA 110 41.36 -7.15 8.11
N TRP DA 111 40.79 -7.30 9.33
CA TRP DA 111 40.07 -6.22 10.00
C TRP DA 111 40.97 -5.63 11.03
N ALA DA 112 40.98 -4.28 11.11
CA ALA DA 112 41.71 -3.56 12.11
C ALA DA 112 41.19 -3.95 13.48
N PRO DA 113 42.01 -4.00 14.53
CA PRO DA 113 41.54 -4.19 15.88
C PRO DA 113 40.38 -3.28 16.25
N HIS DA 114 39.32 -3.83 16.88
CA HIS DA 114 37.98 -3.26 16.99
C HIS DA 114 37.88 -1.85 17.57
N ASP DA 115 38.88 -1.40 18.36
CA ASP DA 115 38.97 -0.07 18.95
C ASP DA 115 39.16 1.04 17.92
N PHE DA 116 39.83 0.75 16.77
CA PHE DA 116 40.25 1.76 15.79
C PHE DA 116 39.08 2.21 14.95
N GLY DA 117 38.06 1.33 14.95
CA GLY DA 117 36.76 1.47 14.36
C GLY DA 117 36.48 0.20 13.63
N LEU DA 118 35.90 0.32 12.43
CA LEU DA 118 35.63 -0.77 11.55
C LEU DA 118 36.42 -0.54 10.27
N VAL DA 119 37.75 -0.74 10.34
CA VAL DA 119 38.65 -0.53 9.23
C VAL DA 119 39.02 -1.90 8.66
N LEU DA 120 38.92 -2.06 7.32
CA LEU DA 120 39.27 -3.28 6.61
C LEU DA 120 40.42 -2.95 5.69
N ALA DA 121 41.51 -3.74 5.76
CA ALA DA 121 42.68 -3.52 4.95
C ALA DA 121 42.77 -4.61 3.96
N CYS DA 122 43.13 -4.23 2.73
CA CYS DA 122 43.07 -5.14 1.63
C CYS DA 122 44.25 -4.99 0.69
N GLY DA 123 45.04 -6.06 0.47
CA GLY DA 123 46.23 -6.05 -0.41
C GLY DA 123 45.93 -6.72 -1.72
N SER DA 124 46.15 -6.00 -2.84
CA SER DA 124 45.94 -6.50 -4.19
C SER DA 124 47.17 -7.15 -4.78
N SER DA 125 47.05 -7.74 -5.98
CA SER DA 125 48.17 -8.27 -6.73
C SER DA 125 48.68 -7.25 -7.75
N ASP DA 126 48.13 -6.00 -7.79
CA ASP DA 126 48.61 -4.92 -8.65
C ASP DA 126 49.80 -4.24 -7.97
N GLY DA 127 49.94 -4.49 -6.65
CA GLY DA 127 50.91 -3.88 -5.75
C GLY DA 127 50.32 -2.76 -4.95
N ALA DA 128 49.00 -2.78 -4.80
CA ALA DA 128 48.29 -1.75 -4.05
C ALA DA 128 47.33 -2.39 -3.06
N ILE DA 129 47.21 -1.78 -1.87
CA ILE DA 129 46.32 -2.24 -0.83
C ILE DA 129 45.30 -1.12 -0.59
N SER DA 130 44.02 -1.46 -0.55
CA SER DA 130 42.96 -0.46 -0.33
C SER DA 130 42.36 -0.68 1.06
N ILE DA 131 42.24 0.39 1.85
CA ILE DA 131 41.69 0.30 3.20
C ILE DA 131 40.28 0.91 3.24
N LEU DA 132 39.31 0.17 3.78
CA LEU DA 132 37.94 0.67 3.86
C LEU DA 132 37.57 1.09 5.29
N THR DA 133 37.14 2.34 5.44
CA THR DA 133 36.78 2.84 6.77
C THR DA 133 35.30 3.07 6.81
N PHE DA 134 34.59 2.57 7.84
CA PHE DA 134 33.16 2.74 8.00
C PHE DA 134 32.81 4.12 8.58
N THR DA 135 31.77 4.78 8.05
CA THR DA 135 31.21 6.04 8.54
C THR DA 135 29.90 5.77 9.27
N GLY DA 136 28.96 6.74 9.31
CA GLY DA 136 27.60 6.55 9.83
C GLY DA 136 26.68 5.51 9.19
N ASP DA 137 26.38 5.61 7.87
CA ASP DA 137 25.37 4.81 7.18
C ASP DA 137 26.04 3.76 6.27
N GLY DA 138 25.53 3.48 5.05
CA GLY DA 138 26.27 2.82 3.96
C GLY DA 138 27.37 3.57 3.19
N PRO DA 139 27.90 4.81 3.38
CA PRO DA 139 29.20 5.24 2.82
C PRO DA 139 30.46 4.55 3.37
N TRP DA 140 31.44 4.21 2.49
CA TRP DA 140 32.74 3.67 2.88
C TRP DA 140 33.78 4.46 2.09
N GLU DA 141 34.63 5.25 2.78
CA GLU DA 141 35.70 6.00 2.16
C GLU DA 141 36.96 5.16 2.15
N VAL DA 142 37.71 5.23 1.04
CA VAL DA 142 38.89 4.41 0.84
C VAL DA 142 40.16 5.22 0.97
N LYS DA 143 41.16 4.70 1.72
CA LYS DA 143 42.50 5.22 1.75
C LYS DA 143 43.42 4.25 1.01
N LYS DA 144 43.74 4.55 -0.26
CA LYS DA 144 44.54 3.66 -1.11
C LYS DA 144 46.01 4.03 -1.13
N ILE DA 145 46.90 3.02 -1.05
CA ILE DA 145 48.34 3.14 -1.18
C ILE DA 145 48.69 2.47 -2.50
N SER DA 146 49.22 3.23 -3.48
CA SER DA 146 49.64 2.70 -4.77
C SER DA 146 51.12 2.35 -4.74
N ASN DA 147 51.52 1.23 -5.39
CA ASN DA 147 52.89 0.71 -5.47
C ASN DA 147 53.52 0.40 -4.11
N ALA DA 148 52.76 -0.26 -3.22
CA ALA DA 148 53.17 -0.67 -1.90
C ALA DA 148 54.27 -1.71 -2.00
N HIS DA 149 54.10 -2.73 -2.86
CA HIS DA 149 55.03 -3.82 -3.10
C HIS DA 149 55.22 -3.90 -4.59
N THR DA 150 56.40 -4.37 -5.05
CA THR DA 150 56.80 -4.28 -6.46
C THR DA 150 55.95 -5.02 -7.48
N ILE DA 151 55.63 -6.31 -7.29
CA ILE DA 151 54.97 -7.11 -8.31
C ILE DA 151 53.63 -7.61 -7.76
N GLY DA 152 53.19 -7.12 -6.56
CA GLY DA 152 51.93 -7.53 -5.95
C GLY DA 152 52.08 -7.86 -4.48
N CYS DA 153 50.96 -7.95 -3.75
CA CYS DA 153 50.90 -8.11 -2.31
C CYS DA 153 50.16 -9.41 -2.04
N ASN DA 154 50.59 -10.20 -1.04
CA ASN DA 154 49.95 -11.48 -0.73
C ASN DA 154 49.33 -11.44 0.64
N ALA DA 155 49.95 -10.73 1.60
CA ALA DA 155 49.52 -10.81 2.97
C ALA DA 155 49.30 -9.46 3.57
N VAL DA 156 48.38 -9.41 4.52
CA VAL DA 156 48.04 -8.18 5.17
C VAL DA 156 47.74 -8.57 6.59
N SER DA 157 48.33 -7.91 7.59
CA SER DA 157 48.05 -8.28 8.98
C SER DA 157 48.16 -7.07 9.84
N TRP DA 158 47.21 -6.93 10.75
CA TRP DA 158 47.18 -5.80 11.67
C TRP DA 158 47.58 -6.22 13.09
N ALA DA 159 48.66 -5.61 13.58
CA ALA DA 159 49.15 -5.92 14.92
C ALA DA 159 48.14 -5.51 15.99
N PRO DA 160 48.03 -6.32 17.03
CA PRO DA 160 47.09 -6.06 18.12
C PRO DA 160 47.46 -4.78 18.89
N SER DA 161 46.45 -4.02 19.29
CA SER DA 161 46.67 -2.78 20.02
C SER DA 161 47.32 -3.05 21.37
N VAL DA 162 48.24 -2.17 21.77
CA VAL DA 162 48.92 -2.30 23.05
C VAL DA 162 48.80 -1.03 23.88
N TYR DA 178 46.11 7.39 18.86
CA TYR DA 178 47.29 6.56 19.06
C TYR DA 178 47.94 6.21 17.74
N ILE DA 179 48.86 5.24 17.78
CA ILE DA 179 49.56 4.80 16.58
C ILE DA 179 49.25 3.34 16.25
N LYS DA 180 48.91 3.08 15.00
CA LYS DA 180 48.62 1.73 14.55
C LYS DA 180 49.63 1.31 13.50
N ARG DA 181 50.23 0.14 13.69
CA ARG DA 181 51.24 -0.35 12.75
C ARG DA 181 50.81 -1.64 12.07
N PHE DA 182 50.90 -1.65 10.74
CA PHE DA 182 50.54 -2.82 9.95
C PHE DA 182 51.71 -3.30 9.11
N VAL DA 183 51.97 -4.61 9.16
CA VAL DA 183 53.05 -5.19 8.39
C VAL DA 183 52.50 -6.14 7.33
N SER DA 184 52.92 -5.96 6.09
CA SER DA 184 52.44 -6.81 5.00
C SER DA 184 53.56 -7.33 4.10
N GLY DA 185 53.37 -8.53 3.58
CA GLY DA 185 54.32 -9.17 2.69
C GLY DA 185 53.81 -9.24 1.31
N GLY DA 186 54.73 -9.41 0.37
CA GLY DA 186 54.35 -9.42 -0.99
C GLY DA 186 55.36 -10.19 -1.73
N CYS DA 187 55.28 -10.06 -3.03
CA CYS DA 187 55.97 -10.91 -3.95
C CYS DA 187 57.29 -10.24 -4.37
N ASP DA 188 57.75 -9.11 -3.73
CA ASP DA 188 59.05 -8.47 -3.94
C ASP DA 188 60.08 -8.96 -2.94
N ASN DA 189 59.61 -9.78 -1.98
CA ASN DA 189 60.35 -10.47 -0.93
C ASN DA 189 60.36 -9.67 0.35
N LEU DA 190 59.83 -8.42 0.30
CA LEU DA 190 59.89 -7.47 1.38
C LEU DA 190 58.63 -7.58 2.22
N VAL DA 191 58.81 -7.57 3.55
CA VAL DA 191 57.72 -7.51 4.49
C VAL DA 191 57.62 -6.08 5.00
N LYS DA 192 56.95 -5.16 4.26
CA LYS DA 192 56.83 -3.78 4.68
C LYS DA 192 55.88 -3.62 5.87
N ILE DA 193 56.32 -2.88 6.91
CA ILE DA 193 55.44 -2.43 7.99
C ILE DA 193 54.84 -1.09 7.55
N TRP DA 194 53.73 -0.69 8.17
CA TRP DA 194 53.09 0.58 7.80
C TRP DA 194 52.73 1.51 8.96
N ARG DA 195 52.82 2.81 8.70
CA ARG DA 195 52.51 3.84 9.69
C ARG DA 195 51.66 4.95 9.06
N GLU DA 196 50.83 5.59 9.89
CA GLU DA 196 49.96 6.68 9.42
C GLU DA 196 50.28 8.01 10.10
N GLU DA 197 50.38 9.07 9.30
CA GLU DA 197 50.69 10.39 9.82
C GLU DA 197 49.43 11.26 10.00
N ASP DA 198 49.29 12.29 9.17
CA ASP DA 198 48.13 13.19 9.28
C ASP DA 198 46.83 12.44 9.02
N GLY DA 199 46.85 11.55 8.02
CA GLY DA 199 45.69 10.76 7.68
C GLY DA 199 46.00 9.57 6.84
N GLN DA 200 47.04 9.70 5.99
CA GLN DA 200 47.53 8.71 5.07
C GLN DA 200 48.59 7.84 5.69
N TRP DA 201 48.80 6.67 5.08
CA TRP DA 201 49.71 5.67 5.57
C TRP DA 201 51.06 5.77 4.86
N LYS DA 202 52.16 5.54 5.58
CA LYS DA 202 53.51 5.55 5.06
C LYS DA 202 54.24 4.31 5.55
N GLU DA 203 55.23 3.81 4.77
CA GLU DA 203 56.02 2.65 5.11
C GLU DA 203 57.01 3.08 6.17
N ASP DA 204 56.81 2.66 7.44
CA ASP DA 204 57.75 2.88 8.53
C ASP DA 204 59.09 2.13 8.29
N GLN DA 205 59.04 0.93 7.68
CA GLN DA 205 60.24 0.13 7.43
C GLN DA 205 59.96 -1.00 6.43
N LYS DA 206 61.03 -1.51 5.77
CA LYS DA 206 61.05 -2.69 4.94
C LYS DA 206 61.81 -3.81 5.61
N LEU DA 207 61.45 -5.07 5.34
CA LEU DA 207 62.10 -6.19 5.97
C LEU DA 207 62.46 -7.20 4.88
N GLU DA 208 63.74 -7.24 4.43
CA GLU DA 208 64.23 -8.14 3.40
C GLU DA 208 65.02 -9.26 4.04
N ALA DA 209 64.41 -10.44 4.25
CA ALA DA 209 65.14 -11.63 4.66
C ALA DA 209 64.78 -12.84 3.82
N HIS DA 210 63.70 -12.75 3.02
CA HIS DA 210 63.21 -13.84 2.21
C HIS DA 210 63.87 -13.82 0.86
N SER DA 211 64.13 -14.98 0.24
CA SER DA 211 64.83 -15.00 -1.04
C SER DA 211 63.88 -15.10 -2.20
N ASP DA 212 62.57 -15.17 -1.91
CA ASP DA 212 61.53 -15.23 -2.90
C ASP DA 212 60.23 -14.71 -2.26
N TRP DA 213 59.12 -14.71 -3.02
CA TRP DA 213 57.76 -14.25 -2.69
C TRP DA 213 57.24 -14.53 -1.30
N VAL DA 214 57.03 -13.49 -0.48
CA VAL DA 214 56.43 -13.60 0.84
C VAL DA 214 54.99 -14.05 0.70
N ARG DA 215 54.62 -15.19 1.33
CA ARG DA 215 53.32 -15.78 1.17
C ARG DA 215 52.38 -15.19 2.18
N ASP DA 216 52.69 -15.34 3.47
CA ASP DA 216 51.81 -14.89 4.52
C ASP DA 216 52.65 -14.23 5.59
N VAL DA 217 52.03 -13.29 6.34
CA VAL DA 217 52.67 -12.46 7.33
C VAL DA 217 51.68 -12.27 8.46
N ALA DA 218 51.94 -12.81 9.66
CA ALA DA 218 51.00 -12.74 10.76
C ALA DA 218 51.62 -12.00 11.92
N TRP DA 219 50.94 -10.96 12.42
CA TRP DA 219 51.32 -10.17 13.54
C TRP DA 219 50.67 -10.79 14.75
N ALA DA 220 51.49 -11.52 15.52
CA ALA DA 220 51.11 -12.15 16.75
C ALA DA 220 50.44 -11.25 17.76
N PRO DA 221 49.39 -11.68 18.41
CA PRO DA 221 48.73 -10.85 19.38
C PRO DA 221 49.61 -10.69 20.61
N SER DA 222 49.70 -9.46 21.13
CA SER DA 222 50.48 -9.21 22.33
C SER DA 222 49.73 -9.73 23.55
N ILE DA 223 50.32 -10.66 24.35
CA ILE DA 223 49.73 -11.18 25.60
C ILE DA 223 49.73 -10.17 26.76
N GLY DA 224 49.49 -8.87 26.44
CA GLY DA 224 49.81 -7.67 27.21
C GLY DA 224 51.26 -7.27 27.11
N LEU DA 225 52.12 -8.25 26.75
CA LEU DA 225 53.55 -8.16 26.64
C LEU DA 225 54.06 -7.17 25.58
N PRO DA 226 55.05 -6.31 25.85
CA PRO DA 226 55.43 -5.27 24.90
C PRO DA 226 56.35 -5.79 23.79
N THR DA 227 56.92 -7.02 23.90
CA THR DA 227 57.87 -7.61 22.94
C THR DA 227 57.18 -8.12 21.68
N SER DA 228 56.45 -7.23 20.97
CA SER DA 228 55.73 -7.51 19.73
C SER DA 228 56.52 -8.32 18.66
N THR DA 229 55.91 -9.41 18.16
CA THR DA 229 56.50 -10.36 17.21
C THR DA 229 55.65 -10.39 15.97
N ILE DA 230 56.23 -10.83 14.84
CA ILE DA 230 55.51 -11.01 13.59
C ILE DA 230 56.11 -12.26 12.98
N ALA DA 231 55.32 -13.08 12.25
CA ALA DA 231 55.79 -14.29 11.61
C ALA DA 231 55.59 -14.19 10.12
N SER DA 232 56.46 -14.81 9.31
CA SER DA 232 56.35 -14.71 7.88
C SER DA 232 56.85 -15.99 7.26
N CYS DA 233 56.31 -16.34 6.08
CA CYS DA 233 56.65 -17.56 5.40
C CYS DA 233 56.75 -17.25 3.92
N SER DA 234 57.58 -17.94 3.12
CA SER DA 234 57.72 -17.57 1.72
C SER DA 234 57.95 -18.78 0.83
N GLN DA 235 58.11 -18.55 -0.50
CA GLN DA 235 58.40 -19.57 -1.50
C GLN DA 235 59.75 -20.29 -1.29
N ASP DA 236 60.74 -19.64 -0.63
CA ASP DA 236 62.02 -20.22 -0.25
C ASP DA 236 61.91 -21.39 0.73
N GLY DA 237 60.75 -21.45 1.44
CA GLY DA 237 60.37 -22.48 2.37
C GLY DA 237 60.85 -22.18 3.75
N ARG DA 238 61.22 -20.91 4.06
CA ARG DA 238 61.66 -20.48 5.37
C ARG DA 238 60.55 -19.80 6.12
N VAL DA 239 60.56 -19.93 7.46
CA VAL DA 239 59.64 -19.24 8.33
C VAL DA 239 60.49 -18.36 9.23
N TYR DA 240 60.26 -17.04 9.27
CA TYR DA 240 61.01 -16.13 10.10
C TYR DA 240 60.05 -15.52 11.08
N ILE DA 241 60.52 -15.39 12.34
CA ILE DA 241 59.82 -14.78 13.44
C ILE DA 241 60.61 -13.52 13.78
N TRP DA 242 60.25 -12.41 13.12
CA TRP DA 242 60.89 -11.13 13.32
C TRP DA 242 60.45 -10.52 14.64
N THR DA 243 61.38 -9.94 15.41
CA THR DA 243 61.11 -9.46 16.76
C THR DA 243 61.58 -8.06 16.92
N SER DA 244 60.88 -7.33 17.81
CA SER DA 244 61.19 -5.99 18.25
C SER DA 244 61.49 -6.10 19.72
N ASP DA 245 62.72 -5.72 20.15
CA ASP DA 245 63.18 -5.88 21.51
C ASP DA 245 62.50 -4.92 22.49
N ASP DA 246 61.98 -3.77 22.01
CA ASP DA 246 61.43 -2.79 22.90
C ASP DA 246 60.44 -1.94 22.10
N ALA DA 247 59.57 -1.21 22.82
CA ALA DA 247 58.72 -0.19 22.23
C ALA DA 247 59.52 0.98 21.65
N ALA DA 248 59.09 1.52 20.49
CA ALA DA 248 59.68 2.72 19.88
C ALA DA 248 61.12 2.64 19.34
N THR DA 249 61.76 1.45 19.27
CA THR DA 249 63.07 1.28 18.66
C THR DA 249 62.82 0.56 17.36
N ASN DA 250 63.11 1.18 16.18
CA ASN DA 250 62.94 0.63 14.82
C ASN DA 250 63.99 -0.48 14.58
N CYS DA 251 63.95 -1.57 15.35
CA CYS DA 251 64.81 -2.71 15.23
C CYS DA 251 63.88 -3.88 15.10
N TRP DA 252 63.83 -4.49 13.90
CA TRP DA 252 63.19 -5.76 13.69
C TRP DA 252 64.30 -6.74 13.34
N THR DA 253 64.65 -7.62 14.30
CA THR DA 253 65.70 -8.61 14.18
C THR DA 253 65.08 -9.94 13.78
N PRO DA 254 65.24 -10.48 12.56
CA PRO DA 254 64.64 -11.75 12.16
C PRO DA 254 65.37 -12.93 12.76
N LYS DA 255 64.63 -14.03 13.01
CA LYS DA 255 65.19 -15.24 13.52
C LYS DA 255 64.53 -16.37 12.78
N LEU DA 256 65.32 -17.34 12.26
CA LEU DA 256 64.82 -18.43 11.47
C LEU DA 256 64.14 -19.46 12.36
N LEU DA 257 62.86 -19.79 12.09
CA LEU DA 257 62.16 -20.87 12.74
C LEU DA 257 62.56 -22.22 12.15
N HIS DA 258 62.42 -22.39 10.80
CA HIS DA 258 62.78 -23.62 10.14
C HIS DA 258 62.79 -23.37 8.65
N LYS DA 259 63.42 -24.27 7.86
CA LYS DA 259 63.33 -24.29 6.42
C LYS DA 259 62.96 -25.68 5.93
N PHE DA 260 61.89 -25.76 5.11
CA PHE DA 260 61.43 -26.96 4.46
C PHE DA 260 61.91 -26.86 3.03
N ASN DA 261 62.02 -28.00 2.29
CA ASN DA 261 62.42 -27.98 0.90
C ASN DA 261 61.33 -27.46 -0.03
N ASP DA 262 60.08 -27.38 0.46
CA ASP DA 262 58.91 -26.91 -0.25
C ASP DA 262 58.36 -25.66 0.40
N VAL DA 263 57.59 -24.88 -0.38
CA VAL DA 263 56.91 -23.63 -0.03
C VAL DA 263 56.05 -23.70 1.21
N VAL DA 264 55.96 -22.59 1.97
CA VAL DA 264 55.06 -22.55 3.12
C VAL DA 264 53.93 -21.60 2.74
N TRP DA 265 52.65 -22.04 2.84
CA TRP DA 265 51.53 -21.28 2.33
C TRP DA 265 50.97 -20.30 3.35
N HIS DA 266 50.79 -20.72 4.63
CA HIS DA 266 50.04 -19.95 5.62
C HIS DA 266 50.68 -20.10 6.99
N VAL DA 267 50.53 -19.06 7.85
CA VAL DA 267 51.11 -19.01 9.19
C VAL DA 267 50.08 -18.38 10.10
N SER DA 268 49.79 -18.99 11.27
CA SER DA 268 48.83 -18.36 12.18
C SER DA 268 49.23 -18.56 13.62
N TRP DA 269 48.94 -17.55 14.44
CA TRP DA 269 49.32 -17.50 15.83
C TRP DA 269 48.17 -17.97 16.67
N SER DA 270 48.45 -18.94 17.55
CA SER DA 270 47.57 -19.34 18.63
C SER DA 270 47.68 -18.39 19.81
N ILE DA 271 46.52 -17.98 20.36
CA ILE DA 271 46.28 -16.79 21.17
C ILE DA 271 47.17 -16.67 22.41
N THR DA 272 47.23 -17.75 23.22
CA THR DA 272 47.74 -17.69 24.59
C THR DA 272 49.21 -17.90 24.66
N ALA DA 273 49.66 -19.02 24.07
CA ALA DA 273 51.00 -19.48 24.23
C ALA DA 273 51.90 -18.93 23.14
N ASN DA 274 51.32 -18.26 22.11
CA ASN DA 274 52.01 -17.77 20.93
C ASN DA 274 52.56 -18.94 20.11
N ILE DA 275 51.74 -20.01 19.96
CA ILE DA 275 52.07 -21.21 19.18
C ILE DA 275 51.86 -20.86 17.74
N LEU DA 276 52.84 -21.13 16.87
CA LEU DA 276 52.73 -20.90 15.47
C LEU DA 276 52.23 -22.16 14.78
N ALA DA 277 51.10 -22.06 14.03
CA ALA DA 277 50.63 -23.08 13.13
C ALA DA 277 51.23 -22.80 11.76
N VAL DA 278 52.16 -23.65 11.29
CA VAL DA 278 52.87 -23.48 10.04
C VAL DA 278 52.22 -24.41 9.07
N SER DA 279 51.47 -23.87 8.10
CA SER DA 279 50.79 -24.65 7.09
C SER DA 279 51.58 -24.54 5.80
N GLY DA 280 52.08 -25.69 5.29
CA GLY DA 280 52.84 -25.67 4.06
C GLY DA 280 53.83 -26.79 4.02
N GLY DA 281 54.45 -26.97 2.85
CA GLY DA 281 55.43 -28.00 2.57
C GLY DA 281 54.74 -29.16 1.92
N ASP DA 282 54.49 -30.23 2.70
CA ASP DA 282 54.13 -31.54 2.22
C ASP DA 282 52.65 -31.88 2.47
N ASN DA 283 51.72 -30.91 2.38
CA ASN DA 283 50.30 -31.06 2.74
C ASN DA 283 50.07 -31.17 4.25
N LYS DA 284 51.15 -31.06 5.05
CA LYS DA 284 51.19 -31.22 6.48
C LYS DA 284 51.23 -29.84 7.09
N VAL DA 285 50.78 -29.73 8.36
CA VAL DA 285 50.77 -28.48 9.08
C VAL DA 285 51.49 -28.81 10.38
N THR DA 286 52.39 -27.95 10.85
CA THR DA 286 53.19 -28.20 12.04
C THR DA 286 52.79 -27.17 13.06
N LEU DA 287 53.04 -27.45 14.36
CA LEU DA 287 52.79 -26.53 15.45
C LEU DA 287 54.10 -26.24 16.13
N TRP DA 288 54.38 -24.96 16.43
CA TRP DA 288 55.67 -24.57 16.99
C TRP DA 288 55.55 -23.68 18.20
N LYS DA 289 56.37 -23.94 19.21
CA LYS DA 289 56.43 -23.12 20.40
C LYS DA 289 57.88 -22.77 20.59
N GLU DA 290 58.16 -21.49 20.92
CA GLU DA 290 59.47 -21.05 21.30
C GLU DA 290 59.83 -21.67 22.65
N SER DA 291 60.96 -22.38 22.73
CA SER DA 291 61.36 -23.03 23.97
C SER DA 291 61.82 -22.01 24.99
N VAL DA 292 62.06 -22.45 26.25
CA VAL DA 292 62.67 -21.63 27.30
C VAL DA 292 64.10 -21.16 26.99
N ASP DA 293 64.72 -21.71 25.91
CA ASP DA 293 66.06 -21.46 25.40
C ASP DA 293 66.06 -20.49 24.20
N GLY DA 294 64.89 -20.13 23.61
CA GLY DA 294 64.77 -19.15 22.52
C GLY DA 294 64.84 -19.71 21.12
N GLN DA 295 65.15 -21.01 21.00
CA GLN DA 295 65.05 -21.79 19.78
C GLN DA 295 63.60 -22.23 19.60
N TRP DA 296 63.06 -22.22 18.37
CA TRP DA 296 61.69 -22.69 18.17
C TRP DA 296 61.73 -24.21 18.00
N ALA DA 297 60.70 -24.93 18.48
CA ALA DA 297 60.62 -26.36 18.25
C ALA DA 297 59.24 -26.73 17.76
N CYS DA 298 59.15 -27.84 17.00
CA CYS DA 298 57.91 -28.44 16.53
C CYS DA 298 57.33 -29.24 17.68
N ILE DA 299 56.12 -28.88 18.18
CA ILE DA 299 55.41 -29.64 19.20
C ILE DA 299 54.91 -30.95 18.61
N SER DA 300 54.27 -30.91 17.42
CA SER DA 300 53.54 -32.04 16.90
C SER DA 300 53.28 -31.88 15.41
N ASP DA 301 52.85 -32.98 14.76
CA ASP DA 301 52.41 -33.05 13.37
C ASP DA 301 50.90 -33.16 13.53
N VAL DA 302 50.12 -32.33 12.80
CA VAL DA 302 48.68 -32.45 12.74
C VAL DA 302 48.34 -33.47 11.65
N ASN DA 303 47.07 -33.95 11.62
CA ASN DA 303 46.52 -34.87 10.65
C ASN DA 303 46.80 -36.34 11.00
N THR EA 143 125.19 -52.89 102.72
CA THR EA 143 123.73 -53.07 102.61
C THR EA 143 123.01 -53.28 103.93
N MET EA 144 123.76 -53.60 105.00
CA MET EA 144 123.34 -53.50 106.39
C MET EA 144 122.84 -52.12 106.81
N SER EA 145 123.26 -51.02 106.14
CA SER EA 145 122.84 -49.68 106.48
C SER EA 145 121.48 -49.36 105.89
N MET EA 146 120.72 -50.36 105.43
CA MET EA 146 119.33 -50.28 105.06
C MET EA 146 118.41 -49.87 106.21
N TYR EA 147 118.64 -50.36 107.46
CA TYR EA 147 117.90 -49.90 108.64
C TYR EA 147 117.99 -48.40 108.85
N PRO EA 148 119.17 -47.74 108.73
CA PRO EA 148 119.28 -46.31 108.58
C PRO EA 148 118.34 -45.66 107.62
N ASP EA 149 118.26 -46.04 106.33
CA ASP EA 149 117.45 -45.31 105.36
C ASP EA 149 115.98 -45.15 105.73
N PHE EA 150 115.28 -46.20 106.19
CA PHE EA 150 113.90 -46.08 106.66
C PHE EA 150 113.75 -45.18 107.88
N LEU EA 151 114.66 -45.32 108.84
CA LEU EA 151 114.59 -44.63 110.11
C LEU EA 151 115.08 -43.20 110.00
N LYS EA 152 115.93 -42.94 109.01
CA LYS EA 152 116.33 -41.64 108.53
C LYS EA 152 115.15 -40.90 107.92
N SER EA 153 114.31 -41.58 107.14
CA SER EA 153 113.00 -41.06 106.74
C SER EA 153 112.12 -40.73 107.93
N PHE EA 154 112.16 -41.53 109.02
CA PHE EA 154 111.58 -41.14 110.27
C PHE EA 154 112.16 -39.83 110.77
N LEU EA 155 113.49 -39.62 110.94
CA LEU EA 155 114.07 -38.36 111.44
C LEU EA 155 113.54 -37.11 110.79
N GLU EA 156 113.39 -37.04 109.46
CA GLU EA 156 112.81 -35.91 108.76
C GLU EA 156 111.34 -35.66 109.13
N HIS EA 157 110.51 -36.69 109.33
CA HIS EA 157 109.10 -36.59 109.72
C HIS EA 157 108.76 -35.91 111.08
N PRO EA 158 109.35 -36.02 112.29
CA PRO EA 158 109.17 -35.12 113.42
C PRO EA 158 109.37 -33.67 113.06
N SER EA 159 110.29 -33.36 112.14
CA SER EA 159 110.52 -32.01 111.67
C SER EA 159 109.54 -31.59 110.58
N SER EA 160 108.86 -32.52 109.88
CA SER EA 160 108.04 -32.21 108.71
C SER EA 160 106.69 -32.93 108.61
N ALA EA 161 106.34 -33.50 107.45
CA ALA EA 161 104.98 -33.90 107.10
C ALA EA 161 104.84 -35.36 106.67
N VAL EA 162 103.65 -35.92 106.96
CA VAL EA 162 103.33 -37.33 106.90
C VAL EA 162 103.49 -38.03 105.55
N PHE EA 163 102.91 -37.52 104.45
CA PHE EA 163 102.81 -38.29 103.22
C PHE EA 163 104.15 -38.62 102.56
N GLU EA 164 105.14 -37.71 102.62
CA GLU EA 164 106.45 -37.95 102.06
C GLU EA 164 107.16 -39.13 102.70
N LEU EA 165 106.80 -39.52 103.95
CA LEU EA 165 107.33 -40.72 104.60
C LEU EA 165 107.02 -42.00 103.81
N ILE EA 166 105.78 -42.19 103.32
CA ILE EA 166 105.43 -43.35 102.51
C ILE EA 166 106.09 -43.33 101.14
N GLU EA 167 106.15 -42.14 100.51
CA GLU EA 167 106.81 -41.91 99.24
C GLU EA 167 108.31 -42.16 99.30
N GLN EA 168 108.98 -41.69 100.37
CA GLN EA 168 110.34 -42.05 100.68
C GLN EA 168 110.51 -43.53 100.99
N TYR EA 169 109.58 -44.22 101.68
CA TYR EA 169 109.64 -45.67 101.79
C TYR EA 169 109.61 -46.39 100.43
N GLU EA 170 108.76 -45.96 99.45
CA GLU EA 170 108.79 -46.42 98.06
C GLU EA 170 110.17 -46.21 97.44
N ALA EA 171 110.70 -44.97 97.53
CA ALA EA 171 112.02 -44.63 97.03
C ALA EA 171 113.18 -45.38 97.67
N THR EA 172 113.21 -45.51 99.01
CA THR EA 172 114.25 -46.22 99.76
C THR EA 172 114.31 -47.67 99.36
N CYS EA 173 113.17 -48.37 99.33
CA CYS EA 173 113.14 -49.76 98.90
C CYS EA 173 113.54 -49.90 97.47
N ASN EA 174 113.11 -48.97 96.60
CA ASN EA 174 113.49 -48.93 95.21
C ASN EA 174 115.01 -48.87 95.01
N THR EA 175 115.70 -48.02 95.78
CA THR EA 175 117.17 -47.94 95.78
C THR EA 175 117.82 -49.24 96.22
N GLN EA 176 117.29 -49.88 97.27
CA GLN EA 176 117.76 -51.17 97.75
C GLN EA 176 117.58 -52.30 96.76
N ILE EA 177 116.47 -52.33 95.95
CA ILE EA 177 116.28 -53.28 94.85
C ILE EA 177 117.46 -53.23 93.91
N THR EA 178 117.85 -52.02 93.48
CA THR EA 178 118.94 -51.77 92.54
C THR EA 178 120.28 -52.27 93.00
N LEU EA 179 120.64 -52.08 94.29
CA LEU EA 179 121.91 -52.56 94.81
C LEU EA 179 122.03 -54.06 94.85
N LEU EA 180 121.00 -54.75 95.36
CA LEU EA 180 120.94 -56.20 95.33
C LEU EA 180 120.87 -56.74 93.91
N LYS EA 181 120.14 -56.04 93.02
CA LYS EA 181 119.99 -56.37 91.62
C LYS EA 181 121.19 -56.30 90.73
N LYS EA 182 121.99 -55.23 90.79
CA LYS EA 182 123.00 -55.02 89.77
C LYS EA 182 124.09 -56.06 89.78
N ILE EA 183 124.62 -56.38 90.97
CA ILE EA 183 125.76 -57.26 91.09
C ILE EA 183 126.09 -57.45 92.55
N VAL EA 184 126.30 -58.72 92.95
CA VAL EA 184 126.73 -59.05 94.28
C VAL EA 184 127.91 -59.95 94.13
N LYS EA 185 129.04 -59.60 94.78
CA LYS EA 185 130.28 -60.35 94.66
C LYS EA 185 130.64 -60.97 95.98
N ARG EA 186 131.03 -62.26 95.96
CA ARG EA 186 131.29 -63.06 97.12
C ARG EA 186 132.14 -64.24 96.69
N VAL EA 187 132.47 -65.11 97.67
CA VAL EA 187 133.37 -66.22 97.54
C VAL EA 187 132.86 -67.33 98.46
N THR EA 188 133.24 -68.59 98.19
CA THR EA 188 132.99 -69.78 99.01
C THR EA 188 131.53 -70.02 99.42
N PRO EA 189 130.96 -70.14 100.64
CA PRO EA 189 129.51 -70.25 100.83
C PRO EA 189 128.73 -69.04 100.36
N GLY EA 190 129.39 -67.87 100.23
CA GLY EA 190 128.75 -66.63 99.86
C GLY EA 190 128.43 -66.53 98.41
N GLN EA 191 128.86 -67.49 97.57
CA GLN EA 191 128.45 -67.55 96.17
C GLN EA 191 126.95 -67.70 96.03
N GLN EA 192 126.26 -68.23 97.08
CA GLN EA 192 124.83 -68.14 97.18
C GLN EA 192 124.38 -66.71 97.05
N LYS EA 193 124.92 -65.74 97.82
CA LYS EA 193 124.53 -64.33 97.74
C LYS EA 193 124.56 -63.75 96.35
N PHE EA 194 125.44 -64.17 95.42
CA PHE EA 194 125.38 -63.75 94.02
C PHE EA 194 124.03 -64.07 93.35
N SER EA 195 123.44 -65.27 93.56
CA SER EA 195 122.17 -65.65 92.94
C SER EA 195 120.99 -65.63 93.90
N LYS EA 196 121.27 -65.76 95.21
CA LYS EA 196 120.40 -65.61 96.36
C LYS EA 196 119.95 -64.18 96.57
N THR EA 197 120.78 -63.17 96.18
CA THR EA 197 120.40 -61.77 96.23
C THR EA 197 119.21 -61.49 95.35
N ALA EA 198 119.05 -62.23 94.23
CA ALA EA 198 117.92 -62.15 93.35
C ALA EA 198 116.61 -62.48 94.05
N SER EA 199 116.61 -63.48 94.96
CA SER EA 199 115.48 -63.74 95.85
C SER EA 199 115.19 -62.59 96.81
N ILE EA 200 116.22 -62.03 97.48
CA ILE EA 200 116.08 -60.92 98.41
C ILE EA 200 115.62 -59.62 97.73
N LEU EA 201 116.16 -59.34 96.52
CA LEU EA 201 115.86 -58.25 95.60
C LEU EA 201 114.41 -58.19 95.23
N TRP EA 202 113.82 -59.32 94.81
CA TRP EA 202 112.45 -59.32 94.35
C TRP EA 202 111.48 -58.99 95.48
N LEU EA 203 111.79 -59.45 96.71
CA LEU EA 203 111.09 -59.02 97.91
C LEU EA 203 111.16 -57.53 98.18
N LEU EA 204 112.33 -56.89 97.99
CA LEU EA 204 112.44 -55.45 97.98
C LEU EA 204 111.67 -54.77 96.86
N GLN EA 205 111.61 -55.38 95.65
CA GLN EA 205 110.82 -54.84 94.56
C GLN EA 205 109.37 -54.83 94.90
N GLN EA 206 108.89 -55.93 95.48
CA GLN EA 206 107.58 -56.04 96.03
C GLN EA 206 107.35 -55.03 97.14
N GLU EA 207 108.33 -54.77 98.02
CA GLU EA 207 108.23 -53.72 99.03
C GLU EA 207 108.04 -52.33 98.42
N MET EA 208 108.79 -51.95 97.35
CA MET EA 208 108.54 -50.73 96.60
C MET EA 208 107.16 -50.65 95.98
N VAL EA 209 106.71 -51.72 95.27
CA VAL EA 209 105.40 -51.68 94.64
C VAL EA 209 104.29 -51.52 95.68
N THR EA 210 104.40 -52.19 96.83
CA THR EA 210 103.47 -52.11 97.95
C THR EA 210 103.44 -50.76 98.58
N TRP EA 211 104.57 -50.08 98.81
CA TRP EA 211 104.58 -48.73 99.32
C TRP EA 211 103.91 -47.75 98.37
N ARG EA 212 104.15 -47.86 97.05
CA ARG EA 212 103.49 -47.08 96.02
C ARG EA 212 101.96 -47.22 96.04
N LEU EA 213 101.47 -48.46 96.17
CA LEU EA 213 100.04 -48.76 96.27
C LEU EA 213 99.41 -48.21 97.53
N ILE EA 214 100.10 -48.37 98.68
CA ILE EA 214 99.72 -47.83 99.97
C ILE EA 214 99.59 -46.33 99.92
N ALA EA 215 100.58 -45.65 99.32
CA ALA EA 215 100.55 -44.23 99.12
C ALA EA 215 99.42 -43.76 98.22
N ALA EA 216 99.19 -44.44 97.08
CA ALA EA 216 98.13 -44.08 96.15
C ALA EA 216 96.72 -44.19 96.72
N LEU EA 217 96.39 -45.32 97.39
CA LEU EA 217 95.09 -45.53 98.00
C LEU EA 217 94.81 -44.65 99.20
N TYR EA 218 95.78 -44.49 100.14
CA TYR EA 218 95.61 -43.60 101.27
C TYR EA 218 95.57 -42.15 100.90
N ARG EA 219 96.33 -41.74 99.85
CA ARG EA 219 96.18 -40.40 99.31
C ARG EA 219 94.79 -40.17 98.77
N ASP EA 220 94.17 -41.07 98.00
CA ASP EA 220 92.78 -40.87 97.61
C ASP EA 220 91.83 -40.89 98.80
N ARG EA 221 91.90 -41.91 99.68
CA ARG EA 221 90.99 -42.08 100.79
C ARG EA 221 91.00 -40.98 101.86
N ILE EA 222 92.18 -40.48 102.26
CA ILE EA 222 92.28 -39.52 103.35
C ILE EA 222 92.34 -38.09 102.85
N GLN EA 223 92.99 -37.84 101.70
CA GLN EA 223 93.10 -36.50 101.15
C GLN EA 223 91.77 -35.97 100.69
N SER EA 224 91.59 -34.66 100.66
CA SER EA 224 90.46 -33.93 100.12
C SER EA 224 90.06 -34.22 98.66
N ALA EA 225 90.60 -35.26 97.99
CA ALA EA 225 90.23 -35.68 96.67
C ALA EA 225 88.88 -36.40 96.61
N ALA EA 239 73.15 -34.94 77.88
CA ALA EA 239 74.56 -35.11 78.09
C ALA EA 239 75.03 -36.46 77.55
N SER EA 240 76.27 -36.52 77.02
CA SER EA 240 76.75 -37.73 76.41
C SER EA 240 77.14 -38.80 77.39
N GLU EA 241 77.28 -40.04 76.89
CA GLU EA 241 77.71 -41.21 77.64
C GLU EA 241 79.05 -41.02 78.35
N LYS EA 242 79.99 -40.23 77.76
CA LYS EA 242 81.25 -39.87 78.40
C LYS EA 242 81.11 -39.07 79.68
N THR EA 243 80.24 -38.03 79.72
CA THR EA 243 79.94 -37.27 80.94
C THR EA 243 79.36 -38.16 82.02
N ILE EA 244 78.52 -39.13 81.64
CA ILE EA 244 78.02 -40.18 82.52
C ILE EA 244 79.14 -41.06 83.09
N VAL EA 245 80.16 -41.43 82.32
CA VAL EA 245 81.31 -42.12 82.87
C VAL EA 245 82.18 -41.26 83.78
N ASP EA 246 82.43 -40.00 83.41
CA ASP EA 246 83.10 -39.02 84.26
C ASP EA 246 82.37 -38.83 85.60
N LYS EA 247 81.01 -38.76 85.58
CA LYS EA 247 80.23 -38.76 86.79
C LYS EA 247 80.35 -40.00 87.65
N LEU EA 248 80.33 -41.20 87.04
CA LEU EA 248 80.37 -42.44 87.78
C LEU EA 248 81.66 -42.60 88.53
N PHE EA 249 82.78 -42.28 87.85
CA PHE EA 249 84.08 -42.23 88.49
C PHE EA 249 84.21 -41.20 89.59
N GLN EA 250 83.59 -40.00 89.48
CA GLN EA 250 83.58 -39.09 90.62
C GLN EA 250 82.74 -39.59 91.78
N ARG EA 251 81.48 -39.97 91.52
CA ARG EA 251 80.54 -40.33 92.56
C ARG EA 251 80.87 -41.63 93.27
N ASP EA 252 81.24 -42.68 92.51
CA ASP EA 252 81.53 -43.96 93.08
C ASP EA 252 83.00 -44.04 93.46
N THR EA 253 83.27 -43.73 94.74
CA THR EA 253 84.57 -43.91 95.36
C THR EA 253 85.02 -45.35 95.34
N LEU EA 254 84.12 -46.34 95.53
CA LEU EA 254 84.49 -47.74 95.54
C LEU EA 254 85.01 -48.21 94.18
N VAL EA 255 84.32 -47.83 93.08
CA VAL EA 255 84.76 -48.10 91.72
C VAL EA 255 86.01 -47.32 91.35
N ARG EA 256 86.11 -46.05 91.77
CA ARG EA 256 87.30 -45.26 91.55
C ARG EA 256 88.53 -45.81 92.27
N GLN EA 257 88.37 -46.38 93.49
CA GLN EA 257 89.43 -47.13 94.15
C GLN EA 257 89.89 -48.31 93.32
N SER EA 258 88.97 -49.07 92.67
CA SER EA 258 89.35 -50.11 91.71
C SER EA 258 90.20 -49.60 90.58
N GLN EA 259 89.89 -48.42 90.02
CA GLN EA 259 90.71 -47.75 89.01
C GLN EA 259 92.10 -47.42 89.51
N LEU EA 260 92.28 -46.88 90.74
CA LEU EA 260 93.59 -46.63 91.32
C LEU EA 260 94.44 -47.90 91.43
N VAL EA 261 93.80 -49.03 91.77
CA VAL EA 261 94.46 -50.33 91.73
C VAL EA 261 94.86 -50.73 90.32
N VAL EA 262 93.98 -50.52 89.31
CA VAL EA 262 94.29 -50.78 87.90
C VAL EA 262 95.48 -49.95 87.42
N ASP EA 263 95.50 -48.63 87.70
CA ASP EA 263 96.59 -47.71 87.39
C ASP EA 263 97.92 -48.14 88.00
N TRP EA 264 97.87 -48.65 89.25
CA TRP EA 264 99.01 -49.27 89.89
C TRP EA 264 99.47 -50.57 89.22
N LEU EA 265 98.56 -51.50 88.87
CA LEU EA 265 98.88 -52.75 88.19
C LEU EA 265 99.49 -52.49 86.82
N GLU EA 266 98.94 -51.51 86.06
CA GLU EA 266 99.51 -51.02 84.82
C GLU EA 266 100.89 -50.40 84.98
N SER EA 267 101.11 -49.59 86.05
CA SER EA 267 102.43 -49.03 86.38
C SER EA 267 103.49 -50.10 86.55
N ILE EA 268 103.16 -51.24 87.16
CA ILE EA 268 104.09 -52.36 87.34
C ILE EA 268 103.69 -53.48 86.41
N ALA EA 269 103.83 -53.24 85.10
CA ALA EA 269 103.62 -54.26 84.11
C ALA EA 269 104.92 -54.50 83.38
N LYS EA 270 105.13 -55.72 82.87
CA LYS EA 270 106.28 -55.99 82.04
C LYS EA 270 105.94 -55.79 80.58
N ASP EA 271 106.66 -54.89 79.93
CA ASP EA 271 106.63 -54.74 78.50
C ASP EA 271 107.83 -55.48 77.95
N GLU EA 272 107.64 -56.18 76.81
CA GLU EA 272 108.74 -56.63 75.98
C GLU EA 272 109.44 -55.44 75.39
N VAL EA 273 110.70 -55.58 74.94
CA VAL EA 273 111.34 -54.46 74.27
C VAL EA 273 110.82 -54.26 72.88
N GLY EA 274 110.76 -52.98 72.42
CA GLY EA 274 110.69 -52.67 71.00
C GLY EA 274 111.95 -53.09 70.27
N ASP EA 275 112.97 -52.23 70.33
CA ASP EA 275 114.13 -52.28 69.49
C ASP EA 275 115.28 -53.16 70.02
N PHE EA 276 115.12 -53.84 71.19
CA PHE EA 276 116.13 -54.76 71.70
C PHE EA 276 115.60 -56.17 71.93
N SER EA 277 114.48 -56.54 71.29
CA SER EA 277 113.95 -57.90 71.34
C SER EA 277 113.35 -58.20 69.98
N ASP EA 278 113.01 -59.45 69.63
CA ASP EA 278 112.58 -59.78 68.29
C ASP EA 278 111.15 -59.34 68.01
N ASN EA 279 110.41 -59.03 69.10
CA ASN EA 279 109.08 -58.49 69.09
C ASN EA 279 108.85 -57.31 68.15
N ILE EA 280 109.77 -56.30 68.06
CA ILE EA 280 109.57 -55.14 67.20
C ILE EA 280 110.77 -54.79 66.36
N GLU EA 281 112.02 -54.96 66.85
CA GLU EA 281 113.24 -54.74 66.06
C GLU EA 281 113.30 -55.60 64.79
N TYR EA 282 112.98 -56.90 64.96
CA TYR EA 282 112.96 -57.86 63.89
C TYR EA 282 111.60 -57.88 63.20
N TYR EA 283 110.58 -57.19 63.75
CA TYR EA 283 109.29 -56.98 63.15
C TYR EA 283 109.20 -55.53 62.68
N ALA EA 284 110.16 -55.13 61.83
CA ALA EA 284 110.18 -53.82 61.23
C ALA EA 284 109.91 -53.89 59.74
N LYS EA 285 109.13 -54.92 59.29
CA LYS EA 285 108.59 -55.02 57.94
C LYS EA 285 108.04 -53.71 57.39
N SER EA 286 108.48 -53.32 56.17
CA SER EA 286 108.14 -52.04 55.56
C SER EA 286 106.66 -51.85 55.35
N VAL EA 287 105.94 -52.93 54.99
CA VAL EA 287 104.51 -52.88 54.78
C VAL EA 287 103.86 -54.11 55.39
N TYR EA 288 102.59 -54.00 55.78
CA TYR EA 288 101.77 -55.11 56.22
C TYR EA 288 101.54 -56.14 55.13
N TRP EA 289 101.66 -57.44 55.49
CA TRP EA 289 101.44 -58.58 54.61
C TRP EA 289 102.17 -58.53 53.29
N GLU EA 290 103.46 -58.14 53.34
CA GLU EA 290 104.31 -58.09 52.18
C GLU EA 290 104.53 -59.47 51.58
N ASN EA 291 104.73 -60.51 52.42
CA ASN EA 291 104.97 -61.86 51.93
C ASN EA 291 103.76 -62.44 51.22
N THR EA 292 102.53 -62.33 51.77
CA THR EA 292 101.28 -62.76 51.15
C THR EA 292 100.93 -61.94 49.89
N LEU EA 293 101.29 -60.62 49.84
CA LEU EA 293 101.20 -59.81 48.62
C LEU EA 293 102.21 -60.21 47.54
N HIS EA 294 103.45 -60.45 47.94
CA HIS EA 294 104.50 -60.84 47.01
C HIS EA 294 104.31 -62.28 46.53
N THR EA 295 103.89 -63.14 47.45
CA THR EA 295 103.67 -64.55 47.12
C THR EA 295 102.20 -64.93 47.31
N LEU EA 296 101.63 -65.58 46.30
CA LEU EA 296 100.24 -66.01 46.36
C LEU EA 296 100.01 -67.02 47.47
N LYS EA 297 100.97 -67.94 47.63
CA LYS EA 297 100.87 -68.97 48.66
C LYS EA 297 101.99 -70.00 48.52
N ASP EA 317 89.86 -58.52 56.94
CA ASP EA 317 88.71 -59.37 56.80
C ASP EA 317 88.87 -60.43 55.72
N ALA EA 318 89.84 -60.34 54.79
CA ALA EA 318 90.05 -61.37 53.78
C ALA EA 318 90.37 -62.78 54.31
N PRO EA 319 91.22 -63.04 55.30
CA PRO EA 319 91.38 -64.37 55.86
C PRO EA 319 90.27 -64.79 56.80
N ILE EA 320 89.48 -63.90 57.45
CA ILE EA 320 88.28 -64.35 58.15
C ILE EA 320 87.20 -64.78 57.16
N ARG EA 321 87.12 -64.08 56.01
CA ARG EA 321 86.27 -64.43 54.90
C ARG EA 321 86.64 -65.77 54.26
N GLN EA 322 87.93 -66.10 54.08
CA GLN EA 322 88.26 -67.37 53.47
C GLN EA 322 89.56 -68.00 53.97
N LYS EA 323 89.49 -69.30 54.33
CA LYS EA 323 90.52 -70.27 54.70
C LYS EA 323 92.00 -69.88 54.84
N LEU EA 324 92.79 -70.43 53.90
CA LEU EA 324 94.21 -70.54 53.91
C LEU EA 324 95.05 -69.33 53.54
N PRO EA 325 94.65 -68.22 52.88
CA PRO EA 325 95.58 -67.28 52.28
C PRO EA 325 96.89 -66.94 52.96
N LEU EA 326 96.96 -66.42 54.16
CA LEU EA 326 98.18 -65.81 54.69
C LEU EA 326 99.42 -66.70 54.67
N ASP EA 327 100.54 -66.15 54.15
CA ASP EA 327 101.86 -66.75 54.21
C ASP EA 327 102.28 -66.94 55.66
N ASP EA 328 103.04 -68.01 55.93
CA ASP EA 328 103.47 -68.35 57.25
C ASP EA 328 104.29 -67.23 57.88
N LEU EA 329 105.19 -66.60 57.11
CA LEU EA 329 105.98 -65.45 57.54
C LEU EA 329 105.13 -64.27 58.00
N ASP EA 330 104.09 -63.88 57.23
CA ASP EA 330 103.20 -62.81 57.63
C ASP EA 330 102.44 -63.11 58.92
N ARG EA 331 101.95 -64.36 59.10
CA ARG EA 331 101.40 -64.78 60.37
C ARG EA 331 102.39 -64.72 61.53
N GLU EA 332 103.66 -65.15 61.33
CA GLU EA 332 104.72 -65.04 62.32
C GLU EA 332 105.01 -63.60 62.72
N ASP EA 333 105.09 -62.69 61.74
CA ASP EA 333 105.24 -61.27 61.93
C ASP EA 333 104.04 -60.63 62.66
N ASP EA 334 102.79 -61.00 62.32
CA ASP EA 334 101.61 -60.60 63.06
C ASP EA 334 101.60 -61.07 64.52
N ILE EA 335 102.10 -62.29 64.84
CA ILE EA 335 102.25 -62.77 66.21
C ILE EA 335 103.09 -61.85 67.07
N ARG EA 336 104.25 -61.41 66.54
CA ARG EA 336 105.12 -60.45 67.21
C ARG EA 336 104.47 -59.11 67.45
N LEU EA 337 103.78 -58.53 66.43
CA LEU EA 337 103.05 -57.28 66.56
C LEU EA 337 102.01 -57.30 67.65
N LEU EA 338 101.13 -58.30 67.60
CA LEU EA 338 99.97 -58.39 68.45
C LEU EA 338 100.37 -58.71 69.86
N LYS EA 339 101.44 -59.52 70.05
CA LYS EA 339 101.99 -59.74 71.36
C LYS EA 339 102.51 -58.48 71.99
N TYR EA 340 103.27 -57.69 71.23
CA TYR EA 340 103.78 -56.43 71.69
C TYR EA 340 102.70 -55.38 71.92
N LEU EA 341 101.69 -55.24 71.04
CA LEU EA 341 100.56 -54.36 71.29
C LEU EA 341 99.80 -54.79 72.53
N PHE EA 342 99.60 -56.10 72.73
CA PHE EA 342 98.97 -56.68 73.89
C PHE EA 342 99.70 -56.36 75.19
N THR EA 343 101.05 -56.45 75.23
CA THR EA 343 101.82 -56.07 76.41
C THR EA 343 101.68 -54.59 76.70
N LEU EA 344 101.76 -53.72 75.66
CA LEU EA 344 101.49 -52.30 75.79
C LEU EA 344 100.09 -51.97 76.32
N ILE EA 345 99.02 -52.64 75.84
CA ILE EA 345 97.66 -52.45 76.37
C ILE EA 345 97.58 -52.82 77.84
N ARG EA 346 98.23 -53.92 78.28
CA ARG EA 346 98.31 -54.25 79.69
C ARG EA 346 99.06 -53.24 80.54
N ALA EA 347 100.12 -52.65 80.02
CA ALA EA 347 100.90 -51.62 80.67
C ALA EA 347 100.20 -50.26 80.71
N GLY EA 348 99.05 -50.10 80.02
CA GLY EA 348 98.34 -48.83 79.92
C GLY EA 348 98.96 -47.90 78.92
N MET EA 349 99.91 -48.41 78.12
CA MET EA 349 100.66 -47.68 77.13
C MET EA 349 99.86 -47.53 75.83
N THR EA 350 98.61 -47.03 75.95
CA THR EA 350 97.63 -46.89 74.86
C THR EA 350 98.11 -46.01 73.75
N ASP EA 351 98.70 -44.85 74.08
CA ASP EA 351 99.30 -43.94 73.11
C ASP EA 351 100.42 -44.61 72.33
N GLU EA 352 101.30 -45.36 73.01
CA GLU EA 352 102.34 -46.13 72.35
C GLU EA 352 101.80 -47.24 71.46
N ALA EA 353 100.73 -47.94 71.90
CA ALA EA 353 100.02 -48.90 71.10
C ALA EA 353 99.43 -48.30 69.81
N GLN EA 354 98.82 -47.11 69.89
CA GLN EA 354 98.39 -46.35 68.72
C GLN EA 354 99.54 -45.89 67.82
N ARG EA 355 100.64 -45.36 68.40
CA ARG EA 355 101.83 -44.96 67.66
C ARG EA 355 102.44 -46.11 66.89
N LEU EA 356 102.57 -47.28 67.54
CA LEU EA 356 103.03 -48.47 66.88
C LEU EA 356 102.09 -48.97 65.81
N CYS EA 357 100.77 -49.01 66.06
CA CYS EA 357 99.81 -49.44 65.06
C CYS EA 357 99.85 -48.59 63.81
N LYS EA 358 99.94 -47.25 63.94
CA LYS EA 358 100.14 -46.39 62.79
C LYS EA 358 101.46 -46.62 62.06
N ARG EA 359 102.60 -46.69 62.78
CA ARG EA 359 103.92 -46.84 62.19
C ARG EA 359 104.19 -48.18 61.55
N CYS EA 360 103.62 -49.28 62.11
CA CYS EA 360 103.69 -50.62 61.54
C CYS EA 360 102.86 -50.77 60.29
N GLY EA 361 102.00 -49.78 59.98
CA GLY EA 361 101.20 -49.79 58.77
C GLY EA 361 99.82 -50.33 59.00
N GLN EA 362 99.46 -50.59 60.26
CA GLN EA 362 98.19 -51.19 60.60
C GLN EA 362 97.18 -50.19 61.06
N ALA EA 363 96.75 -49.33 60.11
CA ALA EA 363 95.73 -48.31 60.28
C ALA EA 363 94.38 -48.86 60.73
N TRP EA 364 93.95 -50.03 60.20
CA TRP EA 364 92.75 -50.70 60.67
C TRP EA 364 92.82 -51.12 62.14
N ARG EA 365 93.94 -51.70 62.59
CA ARG EA 365 94.12 -52.06 64.00
C ARG EA 365 94.14 -50.83 64.90
N ALA EA 366 94.76 -49.72 64.42
CA ALA EA 366 94.78 -48.44 65.10
C ALA EA 366 93.38 -47.88 65.33
N ALA EA 367 92.50 -47.94 64.31
CA ALA EA 367 91.12 -47.53 64.39
C ALA EA 367 90.33 -48.28 65.47
N THR EA 368 90.59 -49.59 65.66
CA THR EA 368 89.98 -50.32 66.78
C THR EA 368 90.36 -49.79 68.14
N LEU EA 369 91.64 -49.41 68.35
CA LEU EA 369 92.10 -48.79 69.58
C LEU EA 369 91.47 -47.45 69.90
N GLU EA 370 91.16 -46.61 68.88
CA GLU EA 370 90.49 -45.32 69.03
C GLU EA 370 89.13 -45.43 69.71
N GLY EA 371 88.42 -46.57 69.51
CA GLY EA 371 87.08 -46.80 70.02
C GLY EA 371 86.98 -47.15 71.46
N TRP EA 372 88.08 -47.06 72.21
CA TRP EA 372 88.06 -46.98 73.66
C TRP EA 372 87.25 -45.80 74.18
N LYS EA 373 87.51 -44.58 73.67
CA LYS EA 373 86.87 -43.38 74.16
C LYS EA 373 85.39 -43.28 73.81
N LEU EA 374 84.60 -42.98 74.85
CA LEU EA 374 83.22 -42.61 74.78
C LEU EA 374 83.01 -41.26 74.15
N TYR EA 375 81.86 -41.07 73.49
CA TYR EA 375 81.55 -39.79 72.88
C TYR EA 375 81.50 -38.62 73.85
N HIS EA 376 82.32 -37.58 73.62
CA HIS EA 376 82.23 -36.29 74.26
C HIS EA 376 82.06 -35.24 73.20
N ASP EA 377 80.99 -34.44 73.28
CA ASP EA 377 80.92 -33.18 72.57
C ASP EA 377 81.18 -32.11 73.59
N ALA EA 378 82.18 -31.23 73.33
CA ALA EA 378 82.47 -30.08 74.13
C ALA EA 378 81.30 -29.09 74.17
N ASN EA 379 80.56 -28.94 73.05
CA ASN EA 379 79.43 -28.02 72.95
C ASN EA 379 78.27 -28.37 73.88
N ILE EA 380 77.83 -29.65 73.87
CA ILE EA 380 76.78 -30.10 74.76
C ILE EA 380 77.27 -30.31 76.18
N ASN EA 381 78.45 -30.93 76.34
CA ASN EA 381 78.91 -31.35 77.65
C ASN EA 381 79.85 -30.32 78.23
N GLY EA 382 79.32 -29.15 78.63
CA GLY EA 382 80.09 -27.98 79.04
C GLY EA 382 81.01 -28.16 80.23
N GLY EA 383 80.76 -29.17 81.08
CA GLY EA 383 81.63 -29.51 82.21
C GLY EA 383 83.08 -29.76 81.87
N THR EA 384 83.34 -30.63 80.89
CA THR EA 384 84.69 -30.83 80.36
C THR EA 384 84.69 -30.31 78.95
N GLU EA 385 84.62 -28.98 78.76
CA GLU EA 385 84.77 -28.40 77.44
C GLU EA 385 86.19 -28.59 76.88
N LEU EA 386 86.31 -29.46 75.85
CA LEU EA 386 87.53 -29.58 75.05
C LEU EA 386 87.36 -28.65 73.85
N GLN EA 387 88.07 -28.90 72.73
CA GLN EA 387 87.80 -28.13 71.51
C GLN EA 387 87.06 -28.96 70.47
N ALA EA 388 87.61 -30.09 70.02
CA ALA EA 388 86.90 -30.98 69.13
C ALA EA 388 86.02 -31.96 69.89
N VAL EA 389 84.93 -32.44 69.25
CA VAL EA 389 84.22 -33.63 69.69
C VAL EA 389 85.10 -34.88 69.53
N GLU EA 390 85.01 -35.87 70.45
CA GLU EA 390 85.84 -37.07 70.37
C GLU EA 390 85.10 -38.28 70.89
N GLY EA 391 85.56 -39.50 70.54
CA GLY EA 391 84.91 -40.77 70.91
C GLY EA 391 83.77 -41.19 70.01
N ASN EA 392 83.21 -42.39 70.26
CA ASN EA 392 82.21 -42.98 69.37
C ASN EA 392 80.85 -43.12 70.04
N PRO EA 393 79.73 -42.55 69.55
CA PRO EA 393 78.46 -42.51 70.28
C PRO EA 393 77.75 -43.85 70.40
N TYR EA 394 78.12 -44.85 69.59
CA TYR EA 394 77.57 -46.19 69.76
C TYR EA 394 78.58 -47.09 70.43
N ARG EA 395 79.06 -46.75 71.65
CA ARG EA 395 80.07 -47.55 72.34
C ARG EA 395 79.64 -48.98 72.61
N CYS EA 396 78.37 -49.21 72.97
CA CYS EA 396 77.84 -50.55 73.18
C CYS EA 396 77.92 -51.43 71.94
N VAL EA 397 77.62 -50.89 70.73
CA VAL EA 397 77.84 -51.62 69.48
C VAL EA 397 79.29 -51.93 69.29
N TRP EA 398 80.17 -50.95 69.53
CA TRP EA 398 81.59 -51.13 69.42
C TRP EA 398 82.15 -52.18 70.38
N LYS EA 399 81.68 -52.19 71.64
CA LYS EA 399 82.02 -53.19 72.62
C LYS EA 399 81.60 -54.59 72.21
N THR EA 400 80.36 -54.75 71.73
CA THR EA 400 79.85 -56.02 71.22
C THR EA 400 80.57 -56.49 69.97
N CYS EA 401 80.83 -55.57 69.01
CA CYS EA 401 81.60 -55.89 67.82
C CYS EA 401 83.01 -56.32 68.17
N CYS EA 402 83.69 -55.61 69.08
CA CYS EA 402 84.97 -56.03 69.62
C CYS EA 402 84.92 -57.37 70.34
N TRP EA 403 83.87 -57.63 71.15
CA TRP EA 403 83.64 -58.93 71.77
C TRP EA 403 83.47 -60.06 70.76
N ARG EA 404 82.64 -59.85 69.72
CA ARG EA 404 82.41 -60.84 68.68
C ARG EA 404 83.68 -61.16 67.90
N MET EA 405 84.45 -60.11 67.52
CA MET EA 405 85.75 -60.23 66.89
C MET EA 405 86.77 -60.97 67.75
N ALA EA 406 86.72 -60.80 69.09
CA ALA EA 406 87.53 -61.57 70.01
C ALA EA 406 87.22 -63.06 70.02
N GLU EA 407 85.94 -63.44 70.00
CA GLU EA 407 85.52 -64.82 70.00
C GLU EA 407 85.86 -65.56 68.75
N ASP EA 408 85.70 -64.93 67.57
CA ASP EA 408 86.10 -65.49 66.32
C ASP EA 408 87.51 -66.07 66.30
N GLU EA 409 87.61 -67.35 65.91
CA GLU EA 409 88.86 -68.02 65.72
C GLU EA 409 89.45 -67.65 64.37
N GLN EA 410 90.67 -68.14 64.06
CA GLN EA 410 91.39 -67.85 62.82
C GLN EA 410 92.09 -66.50 62.89
N PHE EA 411 91.89 -65.77 64.00
CA PHE EA 411 92.70 -64.65 64.41
C PHE EA 411 93.81 -65.15 65.30
N ASN EA 412 94.89 -64.37 65.41
CA ASN EA 412 95.94 -64.64 66.37
C ASN EA 412 95.44 -64.62 67.82
N LYS EA 413 96.08 -65.45 68.67
CA LYS EA 413 95.77 -65.58 70.08
C LYS EA 413 95.95 -64.27 70.84
N TYR EA 414 97.03 -63.51 70.55
CA TYR EA 414 97.25 -62.18 71.09
C TYR EA 414 96.21 -61.14 70.62
N GLU EA 415 95.73 -61.21 69.35
CA GLU EA 415 94.68 -60.32 68.87
C GLU EA 415 93.35 -60.51 69.56
N ARG EA 416 92.89 -61.78 69.67
CA ARG EA 416 91.65 -62.16 70.33
C ARG EA 416 91.63 -61.70 71.77
N ALA EA 417 92.78 -61.83 72.43
CA ALA EA 417 93.04 -61.31 73.74
C ALA EA 417 93.00 -59.81 73.93
N ILE EA 418 93.53 -59.00 72.99
CA ILE EA 418 93.38 -57.54 73.04
C ILE EA 418 91.92 -57.17 72.94
N TYR EA 419 91.19 -57.79 72.00
CA TYR EA 419 89.77 -57.62 71.84
C TYR EA 419 88.99 -58.06 73.08
N ALA EA 420 89.36 -59.18 73.73
CA ALA EA 420 88.82 -59.60 75.02
C ALA EA 420 89.06 -58.60 76.15
N THR EA 421 90.28 -58.04 76.28
CA THR EA 421 90.59 -56.96 77.23
C THR EA 421 89.77 -55.70 76.96
N LEU EA 422 89.61 -55.31 75.68
CA LEU EA 422 88.77 -54.21 75.25
C LEU EA 422 87.28 -54.41 75.51
N SER EA 423 86.80 -55.65 75.36
CA SER EA 423 85.40 -56.00 75.59
C SER EA 423 85.07 -56.17 77.04
N GLY EA 424 86.09 -56.34 77.90
CA GLY EA 424 85.89 -56.63 79.30
C GLY EA 424 85.49 -58.05 79.52
N ASN EA 425 86.18 -58.96 78.81
CA ASN EA 425 86.01 -60.39 78.87
C ASN EA 425 87.39 -60.99 79.10
N LEU EA 426 87.43 -62.27 79.48
CA LEU EA 426 88.68 -63.00 79.59
C LEU EA 426 89.13 -63.58 78.25
N LYS EA 427 90.39 -64.01 78.23
CA LYS EA 427 91.09 -64.61 77.12
C LYS EA 427 91.51 -65.97 77.64
N GLN EA 428 92.21 -66.85 76.88
CA GLN EA 428 92.48 -68.21 77.37
C GLN EA 428 93.93 -68.65 77.26
N LEU EA 429 94.51 -68.81 76.07
CA LEU EA 429 95.90 -69.27 75.94
C LEU EA 429 96.93 -68.31 76.51
N LEU EA 430 96.76 -67.01 76.23
CA LEU EA 430 97.58 -65.97 76.83
C LEU EA 430 97.51 -65.94 78.35
N PRO EA 431 96.36 -66.14 79.01
CA PRO EA 431 96.35 -66.27 80.45
C PRO EA 431 97.09 -67.44 81.04
N VAL EA 432 97.59 -68.44 80.28
CA VAL EA 432 98.40 -69.52 80.84
C VAL EA 432 99.68 -68.96 81.43
N CYS EA 433 100.21 -67.90 80.80
CA CYS EA 433 101.35 -67.15 81.27
C CYS EA 433 100.94 -65.87 82.00
N GLU EA 434 99.76 -65.84 82.68
CA GLU EA 434 99.32 -64.70 83.46
C GLU EA 434 99.71 -64.88 84.92
N SER EA 435 100.54 -63.96 85.44
CA SER EA 435 100.97 -63.92 86.84
C SER EA 435 99.91 -63.27 87.71
N TRP EA 436 100.09 -63.20 89.05
CA TRP EA 436 99.12 -62.59 89.94
C TRP EA 436 98.74 -61.16 89.55
N GLU EA 437 99.69 -60.23 89.34
CA GLU EA 437 99.39 -58.84 88.99
C GLU EA 437 98.63 -58.75 87.68
N ASP EA 438 99.07 -59.52 86.68
CA ASP EA 438 98.42 -59.64 85.41
C ASP EA 438 97.00 -60.19 85.49
N THR EA 439 96.75 -61.25 86.30
CA THR EA 439 95.40 -61.79 86.48
C THR EA 439 94.50 -60.84 87.28
N VAL EA 440 95.04 -60.14 88.31
CA VAL EA 440 94.30 -59.10 89.04
C VAL EA 440 93.80 -58.02 88.09
N TRP EA 441 94.67 -57.56 87.17
CA TRP EA 441 94.35 -56.55 86.19
C TRP EA 441 93.24 -56.96 85.24
N ALA EA 442 93.31 -58.17 84.66
CA ALA EA 442 92.30 -58.62 83.74
C ALA EA 442 90.93 -58.74 84.40
N HIS EA 443 90.87 -59.33 85.60
CA HIS EA 443 89.64 -59.46 86.35
C HIS EA 443 89.06 -58.15 86.88
N PHE EA 444 89.88 -57.20 87.38
CA PHE EA 444 89.38 -55.86 87.71
C PHE EA 444 88.88 -55.10 86.50
N LYS EA 445 89.50 -55.26 85.32
CA LYS EA 445 89.03 -54.68 84.08
C LYS EA 445 87.62 -55.14 83.71
N VAL EA 446 87.32 -56.45 83.87
CA VAL EA 446 85.96 -56.99 83.72
C VAL EA 446 84.97 -56.32 84.67
N MET EA 447 85.36 -56.15 85.95
CA MET EA 447 84.53 -55.44 86.92
C MET EA 447 84.24 -54.00 86.52
N VAL EA 448 85.25 -53.19 86.11
CA VAL EA 448 85.03 -51.82 85.67
C VAL EA 448 84.15 -51.74 84.42
N ASP EA 449 84.43 -52.54 83.38
CA ASP EA 449 83.70 -52.57 82.13
C ASP EA 449 82.23 -52.99 82.29
N SER EA 450 81.93 -53.96 83.19
CA SER EA 450 80.55 -54.31 83.53
C SER EA 450 79.83 -53.23 84.33
N LEU EA 451 80.49 -52.65 85.37
CA LEU EA 451 79.92 -51.58 86.18
C LEU EA 451 79.56 -50.34 85.39
N VAL EA 452 80.45 -49.87 84.50
CA VAL EA 452 80.19 -48.71 83.66
C VAL EA 452 78.99 -48.94 82.77
N GLU EA 453 78.91 -50.12 82.11
CA GLU EA 453 77.77 -50.45 81.27
C GLU EA 453 76.45 -50.52 82.04
N GLN EA 454 76.41 -51.11 83.24
CA GLN EA 454 75.21 -51.11 84.07
C GLN EA 454 74.72 -49.73 84.47
N GLU EA 455 75.61 -48.80 84.88
CA GLU EA 455 75.27 -47.40 85.14
C GLU EA 455 74.74 -46.68 83.90
N ILE EA 456 75.37 -46.92 82.72
CA ILE EA 456 74.92 -46.42 81.44
C ILE EA 456 73.51 -46.93 81.10
N ARG EA 457 73.22 -48.23 81.34
CA ARG EA 457 71.89 -48.79 81.17
C ARG EA 457 70.85 -48.20 82.12
N ALA EA 458 71.17 -48.07 83.43
CA ALA EA 458 70.28 -47.48 84.41
C ALA EA 458 69.92 -46.02 84.12
N SER EA 459 70.92 -45.25 83.63
CA SER EA 459 70.74 -43.88 83.17
C SER EA 459 69.94 -43.76 81.86
N ILE EA 460 69.69 -44.88 81.10
CA ILE EA 460 68.92 -44.90 79.85
C ILE EA 460 69.76 -44.36 78.68
N ILE EA 461 71.09 -44.28 78.88
CA ILE EA 461 72.04 -43.82 77.88
C ILE EA 461 72.15 -44.76 76.70
N SER EA 462 72.19 -46.08 76.95
CA SER EA 462 72.26 -47.05 75.87
C SER EA 462 70.98 -47.18 75.07
N PHE EA 463 71.10 -47.34 73.75
CA PHE EA 463 69.97 -47.52 72.87
C PHE EA 463 69.73 -49.01 72.68
N ASN EA 464 68.46 -49.45 72.57
CA ASN EA 464 68.11 -50.86 72.41
C ASN EA 464 68.74 -51.53 71.21
N GLU EA 465 68.87 -50.82 70.07
CA GLU EA 465 69.54 -51.29 68.87
C GLU EA 465 70.97 -51.72 69.07
N ALA EA 466 71.69 -51.08 70.01
CA ALA EA 466 73.08 -51.37 70.25
C ALA EA 466 73.31 -52.69 70.97
N ASN EA 467 72.24 -53.26 71.56
CA ASN EA 467 72.23 -54.53 72.24
C ASN EA 467 72.19 -55.71 71.28
N GLU EA 468 73.19 -55.84 70.39
CA GLU EA 468 73.38 -56.96 69.48
C GLU EA 468 73.61 -58.31 70.17
N LEU EA 469 74.48 -58.37 71.22
CA LEU EA 469 74.73 -59.62 71.93
C LEU EA 469 74.65 -59.53 73.47
N PRO EA 470 73.58 -59.14 74.16
CA PRO EA 470 73.49 -59.13 75.62
C PRO EA 470 73.73 -60.46 76.28
N ARG EA 471 73.24 -61.55 75.67
CA ARG EA 471 73.30 -62.89 76.19
C ARG EA 471 74.72 -63.45 76.29
N GLU EA 472 75.64 -62.86 75.52
CA GLU EA 472 77.01 -63.29 75.46
C GLU EA 472 77.90 -62.54 76.43
N TYR EA 473 77.36 -61.53 77.15
CA TYR EA 473 78.15 -60.70 78.04
C TYR EA 473 77.70 -60.88 79.47
N LEU EA 474 78.69 -60.99 80.39
CA LEU EA 474 78.41 -61.04 81.80
C LEU EA 474 77.94 -59.72 82.36
N GLU EA 475 76.61 -59.58 82.58
CA GLU EA 475 76.00 -58.45 83.24
C GLU EA 475 76.40 -58.27 84.69
N ALA EA 476 76.49 -59.38 85.45
CA ALA EA 476 76.92 -59.37 86.82
C ALA EA 476 78.35 -58.86 87.02
N ASN EA 477 78.61 -58.22 88.17
CA ASN EA 477 79.93 -57.81 88.56
C ASN EA 477 80.24 -58.48 89.87
N TRP EA 478 81.47 -58.99 90.04
CA TRP EA 478 81.88 -59.48 91.31
C TRP EA 478 82.40 -58.34 92.18
N THR EA 479 82.36 -58.50 93.51
CA THR EA 479 82.95 -57.53 94.43
C THR EA 479 84.45 -57.64 94.41
N LEU EA 480 85.20 -56.59 94.86
CA LEU EA 480 86.66 -56.61 94.99
C LEU EA 480 87.17 -57.79 95.81
N ASP EA 481 86.41 -58.19 96.85
CA ASP EA 481 86.68 -59.32 97.69
C ASP EA 481 86.69 -60.65 96.93
N SER EA 482 85.62 -60.94 96.17
CA SER EA 482 85.55 -62.10 95.28
C SER EA 482 86.62 -62.08 94.22
N VAL EA 483 86.98 -60.89 93.66
CA VAL EA 483 88.12 -60.76 92.77
C VAL EA 483 89.36 -61.37 93.37
N PHE EA 484 89.79 -60.93 94.57
CA PHE EA 484 90.93 -61.53 95.23
C PHE EA 484 90.77 -62.98 95.59
N GLU EA 485 89.61 -63.43 96.10
CA GLU EA 485 89.39 -64.82 96.44
C GLU EA 485 89.52 -65.78 95.25
N GLU EA 486 88.89 -65.44 94.10
CA GLU EA 486 89.01 -66.23 92.88
C GLU EA 486 90.44 -66.23 92.33
N LEU EA 487 91.11 -65.06 92.28
CA LEU EA 487 92.52 -64.95 91.90
C LEU EA 487 93.47 -65.71 92.84
N GLN EA 488 93.16 -65.74 94.15
CA GLN EA 488 93.90 -66.43 95.19
C GLN EA 488 93.96 -67.93 95.03
N ALA EA 489 92.91 -68.56 94.50
CA ALA EA 489 92.95 -69.97 94.20
C ALA EA 489 93.86 -70.27 93.02
N THR EA 490 94.59 -71.41 93.05
CA THR EA 490 95.25 -71.87 91.83
C THR EA 490 94.27 -72.64 90.99
N ASP EA 491 94.58 -72.80 89.68
CA ASP EA 491 93.89 -73.65 88.74
C ASP EA 491 93.80 -75.12 89.17
N LYS EA 492 94.70 -75.57 90.07
CA LYS EA 492 94.77 -76.94 90.55
C LYS EA 492 94.27 -77.09 91.98
N LYS EA 493 93.48 -76.13 92.50
CA LYS EA 493 92.86 -76.19 93.81
C LYS EA 493 93.86 -76.19 94.95
N ARG EA 494 94.88 -75.34 94.83
CA ARG EA 494 95.87 -75.15 95.87
C ARG EA 494 95.84 -73.69 96.21
N VAL EA 495 96.41 -73.31 97.37
CA VAL EA 495 96.63 -71.90 97.68
C VAL EA 495 97.63 -71.33 96.67
N LEU EA 496 97.33 -70.20 96.00
CA LEU EA 496 98.27 -69.61 95.06
C LEU EA 496 99.54 -69.16 95.74
N GLU EA 497 100.69 -69.63 95.23
CA GLU EA 497 101.98 -69.38 95.83
C GLU EA 497 102.33 -67.90 95.85
N GLU EA 498 102.06 -67.20 94.73
CA GLU EA 498 102.06 -65.74 94.67
C GLU EA 498 101.09 -65.08 95.68
N ASN EA 499 99.81 -65.51 95.82
CA ASN EA 499 98.93 -64.92 96.84
C ASN EA 499 99.45 -65.13 98.28
N ARG EA 500 100.05 -66.29 98.56
CA ARG EA 500 100.52 -66.64 99.89
C ARG EA 500 101.74 -65.84 100.31
N GLU EA 501 102.48 -65.23 99.36
CA GLU EA 501 103.60 -64.37 99.65
C GLU EA 501 103.26 -63.24 100.61
N HIS EA 502 104.15 -63.07 101.61
CA HIS EA 502 103.93 -62.25 102.78
C HIS EA 502 103.62 -60.78 102.49
N TYR EA 503 104.23 -60.21 101.44
CA TYR EA 503 103.98 -58.85 101.05
C TYR EA 503 102.82 -58.72 100.07
N HIS EA 504 102.53 -59.75 99.25
CA HIS EA 504 101.39 -59.78 98.34
C HIS EA 504 100.08 -59.87 99.09
N ILE EA 505 100.04 -60.62 100.20
CA ILE EA 505 98.86 -60.66 101.06
C ILE EA 505 98.53 -59.27 101.60
N ILE EA 506 99.55 -58.47 101.98
CA ILE EA 506 99.40 -57.07 102.38
C ILE EA 506 98.85 -56.20 101.28
N GLN EA 507 99.32 -56.33 100.01
CA GLN EA 507 98.81 -55.54 98.89
C GLN EA 507 97.30 -55.69 98.80
N LYS EA 508 96.81 -56.93 98.81
CA LYS EA 508 95.40 -57.26 98.83
C LYS EA 508 94.66 -56.67 100.02
N PHE EA 509 95.22 -56.76 101.24
CA PHE EA 509 94.65 -56.18 102.45
C PHE EA 509 94.53 -54.65 102.38
N VAL EA 510 95.54 -53.95 101.81
CA VAL EA 510 95.44 -52.52 101.50
C VAL EA 510 94.34 -52.23 100.49
N ILE EA 511 94.18 -53.03 99.43
CA ILE EA 511 93.07 -52.90 98.48
C ILE EA 511 91.68 -53.11 99.10
N LEU EA 512 91.48 -54.15 99.94
CA LEU EA 512 90.23 -54.40 100.63
C LEU EA 512 89.84 -53.28 101.58
N ALA EA 513 90.88 -52.67 102.20
CA ALA EA 513 90.85 -51.54 103.09
C ALA EA 513 91.00 -52.00 104.53
N ASP EA 514 90.90 -53.32 104.79
CA ASP EA 514 91.23 -53.92 106.06
C ASP EA 514 92.74 -54.11 106.18
N VAL EA 515 93.47 -53.01 106.43
CA VAL EA 515 94.87 -53.04 106.77
C VAL EA 515 95.14 -53.38 108.24
N ASP EA 516 94.35 -52.80 109.15
CA ASP EA 516 94.52 -52.83 110.59
C ASP EA 516 94.17 -54.20 111.14
N GLY EA 517 93.18 -54.90 110.52
CA GLY EA 517 92.88 -56.31 110.75
C GLY EA 517 94.09 -57.21 110.67
N LEU EA 518 94.86 -57.19 109.55
CA LEU EA 518 96.12 -57.93 109.50
C LEU EA 518 97.15 -57.41 110.50
N MET EA 519 97.26 -56.09 110.75
CA MET EA 519 98.26 -55.58 111.70
C MET EA 519 98.16 -56.17 113.13
N ASP EA 520 96.93 -56.30 113.69
CA ASP EA 520 96.60 -56.98 114.94
C ASP EA 520 96.87 -58.52 114.83
N GLU EA 521 96.38 -59.19 113.74
CA GLU EA 521 96.55 -60.62 113.41
C GLU EA 521 98.01 -61.06 113.23
N PHE EA 522 98.83 -60.25 112.52
CA PHE EA 522 100.26 -60.42 112.38
C PHE EA 522 100.99 -60.37 113.71
N SER EA 523 100.62 -59.44 114.60
CA SER EA 523 101.23 -59.32 115.91
C SER EA 523 100.99 -60.55 116.76
N GLU EA 524 99.79 -61.16 116.68
CA GLU EA 524 99.50 -62.45 117.26
C GLU EA 524 100.41 -63.57 116.74
N TRP EA 525 100.79 -63.58 115.46
CA TRP EA 525 101.80 -64.52 114.98
C TRP EA 525 103.16 -64.39 115.67
N LEU EA 526 103.60 -63.16 116.09
CA LEU EA 526 104.85 -62.99 116.82
C LEU EA 526 104.86 -63.72 118.16
N SER EA 527 103.75 -63.65 118.90
CA SER EA 527 103.57 -64.40 120.14
C SER EA 527 103.46 -65.90 119.92
N ASN EA 528 102.94 -66.30 118.74
CA ASN EA 528 102.85 -67.70 118.34
C ASN EA 528 104.09 -68.20 117.59
N GLY EA 529 105.21 -67.42 117.56
CA GLY EA 529 106.48 -67.83 116.99
C GLY EA 529 106.52 -67.92 115.48
N LYS EA 530 105.74 -67.11 114.77
CA LYS EA 530 105.67 -67.10 113.33
C LYS EA 530 106.06 -65.73 112.79
N ASN EA 531 106.37 -65.65 111.47
CA ASN EA 531 106.80 -64.47 110.73
C ASN EA 531 108.28 -64.21 110.81
N LEU EA 532 108.95 -64.65 111.89
CA LEU EA 532 110.36 -64.43 112.19
C LEU EA 532 111.30 -64.84 111.08
N LEU EA 533 110.92 -65.86 110.29
CA LEU EA 533 111.66 -66.32 109.14
C LEU EA 533 111.87 -65.25 108.07
N LEU EA 534 110.86 -64.42 107.74
CA LEU EA 534 111.06 -63.40 106.73
C LEU EA 534 111.53 -62.12 107.36
N GLY EA 535 112.79 -61.73 107.08
CA GLY EA 535 113.41 -60.60 107.76
C GLY EA 535 112.79 -59.26 107.47
N HIS EA 536 112.25 -59.10 106.26
CA HIS EA 536 111.55 -57.90 105.83
C HIS EA 536 110.20 -57.71 106.49
N LEU EA 537 109.40 -58.77 106.66
CA LEU EA 537 108.01 -58.69 107.08
C LEU EA 537 107.80 -58.03 108.44
N LEU EA 538 108.67 -58.34 109.42
CA LEU EA 538 108.66 -57.70 110.72
C LEU EA 538 108.88 -56.19 110.65
N ARG EA 539 109.85 -55.74 109.82
CA ARG EA 539 110.12 -54.34 109.60
C ARG EA 539 108.96 -53.60 108.99
N PHE EA 540 108.34 -54.26 108.01
CA PHE EA 540 107.31 -53.71 107.17
C PHE EA 540 106.10 -53.26 107.93
N MET EA 541 105.59 -54.14 108.81
CA MET EA 541 104.49 -53.92 109.69
C MET EA 541 104.75 -52.80 110.67
N THR EA 542 105.98 -52.71 111.20
CA THR EA 542 106.42 -51.57 112.01
C THR EA 542 106.28 -50.24 111.31
N HIS EA 543 106.90 -50.10 110.12
CA HIS EA 543 106.85 -48.86 109.37
C HIS EA 543 105.47 -48.51 108.88
N LEU EA 544 104.71 -49.53 108.46
CA LEU EA 544 103.34 -49.42 108.02
C LEU EA 544 102.41 -48.94 109.11
N LEU EA 545 102.52 -49.49 110.35
CA LEU EA 545 101.75 -49.00 111.48
C LEU EA 545 102.10 -47.58 111.86
N LEU EA 546 103.40 -47.24 111.86
CA LEU EA 546 103.86 -45.89 112.18
C LEU EA 546 103.27 -44.88 111.22
N PHE EA 547 103.29 -45.21 109.92
CA PHE EA 547 102.67 -44.44 108.87
C PHE EA 547 101.15 -44.33 109.02
N PHE EA 548 100.44 -45.42 109.36
CA PHE EA 548 99.00 -45.35 109.57
C PHE EA 548 98.61 -44.38 110.66
N ARG EA 549 99.20 -44.49 111.87
CA ARG EA 549 98.89 -43.61 112.99
C ARG EA 549 99.20 -42.14 112.74
N THR EA 550 100.26 -41.82 111.96
CA THR EA 550 100.54 -40.44 111.59
C THR EA 550 99.53 -39.85 110.63
N LEU EA 551 99.06 -40.60 109.62
CA LEU EA 551 98.05 -40.11 108.69
C LEU EA 551 96.66 -40.05 109.28
N GLY EA 552 96.26 -41.11 110.01
CA GLY EA 552 95.00 -41.12 110.72
C GLY EA 552 95.21 -41.89 111.98
N LEU EA 553 94.70 -41.42 113.12
CA LEU EA 553 94.81 -42.24 114.33
C LEU EA 553 94.02 -43.55 114.19
N GLN EA 554 94.75 -44.68 114.00
CA GLN EA 554 94.20 -45.94 113.51
C GLN EA 554 94.52 -47.11 114.42
N ALA EA 555 95.64 -47.81 114.14
CA ALA EA 555 96.03 -49.04 114.78
C ALA EA 555 96.14 -48.95 116.28
N LYS EA 556 95.75 -50.05 116.97
CA LYS EA 556 95.72 -50.14 118.42
C LYS EA 556 97.07 -49.87 119.06
N GLU EA 557 97.08 -49.15 120.20
CA GLU EA 557 98.29 -48.82 120.92
C GLU EA 557 99.08 -50.03 121.36
N GLU EA 558 98.39 -51.10 121.84
CA GLU EA 558 98.96 -52.40 122.16
C GLU EA 558 99.81 -52.98 121.04
N VAL EA 559 99.26 -53.03 119.81
CA VAL EA 559 99.94 -53.48 118.61
C VAL EA 559 101.16 -52.66 118.31
N SER EA 560 101.07 -51.33 118.44
CA SER EA 560 102.20 -50.45 118.26
C SER EA 560 103.33 -50.77 119.20
N VAL EA 561 103.05 -50.99 120.50
CA VAL EA 561 104.07 -51.35 121.45
C VAL EA 561 104.71 -52.69 121.15
N GLU EA 562 103.91 -53.74 120.88
CA GLU EA 562 104.43 -55.06 120.57
C GLU EA 562 105.31 -55.09 119.33
N VAL EA 563 104.84 -54.47 118.24
CA VAL EA 563 105.59 -54.35 117.00
C VAL EA 563 106.87 -53.53 117.16
N LEU EA 564 106.78 -52.34 117.80
CA LEU EA 564 107.95 -51.48 118.02
C LEU EA 564 108.96 -52.13 118.94
N LYS EA 565 108.51 -52.79 120.03
CA LYS EA 565 109.37 -53.50 120.94
C LYS EA 565 110.18 -54.61 120.29
N THR EA 566 109.54 -55.48 119.48
CA THR EA 566 110.22 -56.54 118.74
C THR EA 566 111.18 -55.96 117.72
N TYR EA 567 110.77 -54.87 117.05
CA TYR EA 567 111.64 -54.17 116.13
C TYR EA 567 112.86 -53.53 116.78
N ILE EA 568 112.73 -52.88 117.96
CA ILE EA 568 113.85 -52.34 118.72
C ILE EA 568 114.82 -53.42 119.16
N GLN EA 569 114.32 -54.59 119.59
CA GLN EA 569 115.13 -55.74 119.95
C GLN EA 569 115.99 -56.20 118.79
N ARG EA 570 115.44 -56.19 117.56
CA ARG EA 570 116.25 -56.39 116.40
C ARG EA 570 117.33 -55.33 116.18
N LEU EA 571 117.06 -54.02 116.37
CA LEU EA 571 118.09 -52.99 116.27
C LEU EA 571 119.29 -53.20 117.18
N ILE EA 572 119.08 -53.67 118.43
CA ILE EA 572 120.17 -54.10 119.29
C ILE EA 572 120.97 -55.26 118.71
N ASN EA 573 120.29 -56.30 118.17
CA ASN EA 573 120.94 -57.44 117.52
C ASN EA 573 121.78 -57.03 116.29
N GLU EA 574 121.25 -56.06 115.56
CA GLU EA 574 121.93 -55.48 114.40
C GLU EA 574 122.82 -54.30 114.85
N LYS EA 575 122.78 -54.01 116.15
CA LYS EA 575 123.55 -52.94 116.81
C LYS EA 575 123.30 -51.50 116.34
N GLN EA 576 122.06 -51.18 115.99
CA GLN EA 576 121.72 -49.82 115.57
C GLN EA 576 121.35 -48.96 116.79
N ILE EA 577 122.34 -48.67 117.63
CA ILE EA 577 122.08 -48.26 119.01
C ILE EA 577 121.34 -46.93 119.18
N GLU EA 578 121.72 -45.92 118.40
CA GLU EA 578 121.09 -44.60 118.49
C GLU EA 578 119.61 -44.61 118.11
N LEU EA 579 119.29 -45.37 117.07
CA LEU EA 579 117.92 -45.49 116.54
C LEU EA 579 117.13 -46.56 117.29
N ILE EA 580 117.77 -47.69 117.57
CA ILE EA 580 117.12 -48.78 118.30
C ILE EA 580 116.77 -48.31 119.70
N ALA EA 581 117.69 -47.57 120.32
CA ALA EA 581 117.39 -47.07 121.66
C ALA EA 581 116.15 -46.15 121.63
N PHE EA 582 116.09 -45.28 120.63
CA PHE EA 582 114.95 -44.37 120.52
C PHE EA 582 113.65 -45.14 120.35
N TYR EA 583 113.63 -46.18 119.51
CA TYR EA 583 112.39 -46.94 119.33
C TYR EA 583 111.92 -47.61 120.62
N VAL EA 584 112.89 -48.19 121.35
CA VAL EA 584 112.49 -48.83 122.61
C VAL EA 584 111.92 -47.79 123.57
N SER EA 585 112.54 -46.61 123.64
CA SER EA 585 112.07 -45.54 124.51
C SER EA 585 110.65 -45.11 124.13
N HIS EA 586 110.33 -45.23 122.85
CA HIS EA 586 109.00 -44.86 122.38
C HIS EA 586 107.98 -45.72 123.12
N LEU EA 587 108.31 -46.98 123.36
CA LEU EA 587 107.43 -47.90 124.05
C LEU EA 587 107.82 -48.11 125.53
N PRO EA 588 106.82 -47.99 126.43
CA PRO EA 588 106.91 -47.76 127.88
C PRO EA 588 107.59 -48.91 128.64
N GLN EA 589 107.33 -50.14 128.21
CA GLN EA 589 107.86 -51.35 128.84
C GLN EA 589 109.39 -51.42 128.82
N GLU EA 590 109.99 -50.90 127.75
CA GLU EA 590 111.44 -50.93 127.55
C GLU EA 590 112.14 -49.69 128.10
N LEU EA 591 111.47 -48.93 128.96
CA LEU EA 591 112.05 -47.70 129.50
C LEU EA 591 113.35 -47.96 130.26
N ALA EA 592 113.41 -49.01 131.07
CA ALA EA 592 114.70 -49.32 131.76
C ALA EA 592 115.74 -50.28 131.07
N ILE EA 593 115.22 -51.39 130.55
CA ILE EA 593 116.05 -52.44 129.95
C ILE EA 593 116.85 -52.01 128.73
N SER EA 594 116.23 -51.23 127.86
CA SER EA 594 116.91 -50.78 126.66
C SER EA 594 118.12 -49.96 127.02
N GLN EA 595 117.97 -49.06 127.99
CA GLN EA 595 119.09 -48.23 128.42
C GLN EA 595 120.20 -49.09 128.97
N TYR EA 596 119.84 -50.10 129.78
CA TYR EA 596 120.91 -50.94 130.33
C TYR EA 596 121.69 -51.67 129.21
N ALA EA 597 120.98 -52.30 128.30
CA ALA EA 597 121.65 -53.06 127.25
C ALA EA 597 122.54 -52.18 126.39
N VAL EA 598 122.03 -51.03 125.98
CA VAL EA 598 122.86 -50.11 125.19
C VAL EA 598 124.00 -49.62 126.07
N PHE EA 599 123.65 -49.26 127.29
CA PHE EA 599 124.60 -48.76 128.29
C PHE EA 599 125.63 -49.80 128.76
N LEU EA 600 125.16 -51.02 129.00
CA LEU EA 600 126.04 -52.08 129.49
C LEU EA 600 127.16 -52.46 128.54
N GLU EA 601 126.83 -52.59 127.26
CA GLU EA 601 127.83 -52.95 126.26
C GLU EA 601 128.89 -51.85 126.15
N ASN EA 602 128.43 -50.61 126.14
CA ASN EA 602 129.31 -49.45 126.04
C ASN EA 602 130.27 -49.27 127.21
N ILE EA 603 129.77 -49.47 128.43
CA ILE EA 603 130.60 -49.28 129.62
C ILE EA 603 131.80 -50.22 129.77
N THR EA 604 131.60 -51.51 129.51
CA THR EA 604 132.70 -52.47 129.66
C THR EA 604 133.87 -52.27 128.70
N ARG EA 611 132.16 -40.69 128.53
CA ARG EA 611 132.63 -40.27 127.22
C ARG EA 611 131.48 -40.09 126.24
N CYS EA 612 131.76 -40.29 124.96
CA CYS EA 612 130.74 -40.15 123.92
C CYS EA 612 129.62 -41.17 124.13
N LEU EA 613 130.01 -42.39 124.47
CA LEU EA 613 129.04 -43.45 124.70
C LEU EA 613 128.14 -43.08 125.88
N GLU EA 614 128.75 -42.53 126.93
CA GLU EA 614 128.02 -42.11 128.11
C GLU EA 614 127.03 -41.02 127.75
N LEU EA 615 127.47 -40.09 126.90
CA LEU EA 615 126.62 -39.00 126.46
C LEU EA 615 125.42 -39.55 125.69
N ALA EA 616 125.69 -40.54 124.85
CA ALA EA 616 124.64 -41.17 124.05
C ALA EA 616 123.63 -41.83 124.97
N LYS EA 617 124.14 -42.50 126.01
CA LYS EA 617 123.27 -43.18 126.97
C LYS EA 617 122.40 -42.16 127.68
N GLU EA 618 122.98 -41.02 128.03
CA GLU EA 618 122.24 -39.96 128.70
C GLU EA 618 121.14 -39.44 127.80
N ALA EA 619 121.46 -39.29 126.51
CA ALA EA 619 120.49 -38.81 125.54
C ALA EA 619 119.34 -39.81 125.43
N GLY EA 620 119.68 -41.09 125.44
CA GLY EA 620 118.67 -42.13 125.36
C GLY EA 620 117.75 -42.07 126.58
N LEU EA 621 118.35 -41.84 127.74
CA LEU EA 621 117.59 -41.76 128.98
C LEU EA 621 116.64 -40.57 128.90
N ASP EA 622 117.13 -39.47 128.35
CA ASP EA 622 116.32 -38.26 128.20
C ASP EA 622 115.14 -38.52 127.28
N VAL EA 623 115.40 -39.27 126.21
CA VAL EA 623 114.35 -39.59 125.24
C VAL EA 623 113.07 -40.02 125.94
N LYS EA 628 114.02 -44.59 141.72
CA LYS EA 628 113.85 -45.56 140.65
C LYS EA 628 114.93 -46.64 140.70
N THR EA 629 116.17 -46.24 140.49
CA THR EA 629 117.29 -47.17 140.51
C THR EA 629 117.43 -47.81 141.89
N VAL EA 630 117.26 -47.00 142.93
CA VAL EA 630 117.36 -47.49 144.29
C VAL EA 630 116.26 -48.51 144.55
N VAL EA 631 115.07 -48.23 144.05
CA VAL EA 631 113.94 -49.12 144.22
C VAL EA 631 114.22 -50.44 143.51
N GLU EA 632 114.82 -50.36 142.32
CA GLU EA 632 115.15 -51.55 141.56
C GLU EA 632 116.16 -52.39 142.33
N ASN EA 633 117.13 -51.71 142.95
CA ASN EA 633 118.15 -52.39 143.72
C ASN EA 633 117.52 -53.11 144.91
N THR EA 634 116.57 -52.44 145.54
CA THR EA 634 115.87 -53.01 146.69
C THR EA 634 115.11 -54.25 146.26
N ARG EA 635 114.49 -54.18 145.09
CA ARG EA 635 113.73 -55.31 144.55
C ARG EA 635 114.68 -56.48 144.30
N LYS EA 636 115.85 -56.17 143.76
CA LYS EA 636 116.84 -57.20 143.48
C LYS EA 636 117.28 -57.86 144.77
N LYS EA 637 117.47 -57.06 145.81
CA LYS EA 637 117.88 -57.57 147.11
C LYS EA 637 116.80 -58.50 147.66
N ASP EA 638 115.55 -58.09 147.48
CA ASP EA 638 114.42 -58.90 147.96
C ASP EA 638 114.40 -60.23 147.23
N ALA EA 639 114.66 -60.19 145.92
CA ALA EA 639 114.68 -61.40 145.11
C ALA EA 639 115.79 -62.32 145.61
N GLY EA 640 116.94 -61.73 145.93
CA GLY EA 640 118.07 -62.49 146.42
C GLY EA 640 117.74 -63.16 147.75
N GLU EA 641 117.03 -62.44 148.60
CA GLU EA 641 116.65 -62.95 149.91
C GLU EA 641 115.70 -64.14 149.79
N PHE EA 642 115.00 -64.21 148.67
CA PHE EA 642 114.04 -65.31 148.43
C PHE EA 642 114.59 -66.10 147.25
N ALA EA 643 114.63 -65.48 146.09
CA ALA EA 643 115.12 -66.15 144.89
C ALA EA 643 114.24 -67.36 144.57
N HIS EA 644 112.94 -67.17 144.80
CA HIS EA 644 111.90 -68.18 144.54
C HIS EA 644 112.06 -69.51 145.28
N HIS EA 645 111.95 -70.61 144.54
CA HIS EA 645 112.03 -71.95 145.09
C HIS EA 645 113.35 -72.34 145.73
N ASP EA 646 114.47 -71.96 145.14
CA ASP EA 646 115.77 -72.34 145.68
C ASP EA 646 116.63 -71.17 146.17
N PHE EA 647 117.06 -71.27 147.43
CA PHE EA 647 117.92 -70.27 148.04
C PHE EA 647 119.17 -70.94 148.60
N ALA EA 648 120.33 -70.39 148.30
CA ALA EA 648 121.58 -70.97 148.78
C ALA EA 648 121.67 -70.91 150.30
N PRO EA 649 122.13 -71.99 150.94
CA PRO EA 649 122.28 -72.05 152.40
C PRO EA 649 123.31 -71.05 152.91
N ALA EA 650 124.42 -70.94 152.19
CA ALA EA 650 125.49 -70.01 152.55
C ALA EA 650 125.77 -69.06 151.40
N LEU EA 651 125.85 -67.76 151.72
CA LEU EA 651 126.13 -66.72 150.73
C LEU EA 651 125.12 -66.79 149.58
N ASP EA 652 125.64 -66.80 148.35
CA ASP EA 652 127.03 -66.47 148.08
C ASP EA 652 127.11 -65.58 146.85
N SER EA 653 128.14 -64.75 146.77
CA SER EA 653 128.28 -63.86 145.61
C SER EA 653 127.18 -62.80 145.54
N GLY EA 654 125.96 -63.23 145.84
CA GLY EA 654 124.81 -62.37 145.84
C GLY EA 654 124.97 -61.30 146.88
N THR EA 655 125.45 -61.66 148.07
CA THR EA 655 125.71 -60.65 149.08
C THR EA 655 126.90 -59.82 148.57
N SER EA 656 127.90 -60.55 148.08
CA SER EA 656 129.12 -59.97 147.53
C SER EA 656 128.77 -59.17 146.28
N GLU EA 657 127.87 -59.73 145.48
CA GLU EA 657 127.43 -59.08 144.25
C GLU EA 657 126.71 -57.77 144.60
N GLU EA 658 125.90 -57.81 145.65
CA GLU EA 658 125.16 -56.65 146.11
C GLU EA 658 126.14 -55.57 146.56
N ASP EA 659 127.19 -55.99 147.27
CA ASP EA 659 128.21 -55.05 147.73
C ASP EA 659 128.91 -54.41 146.53
N ARG EA 660 129.19 -55.22 145.51
CA ARG EA 660 129.82 -54.72 144.31
C ARG EA 660 128.90 -53.70 143.65
N ALA EA 661 127.61 -54.01 143.59
CA ALA EA 661 126.66 -53.11 142.97
C ALA EA 661 126.62 -51.80 143.74
N LYS EA 662 126.59 -51.84 145.07
CA LYS EA 662 126.56 -50.56 145.78
C LYS EA 662 127.83 -49.76 145.56
N ILE EA 663 129.00 -50.42 145.56
CA ILE EA 663 130.21 -49.63 145.30
C ILE EA 663 130.19 -49.02 143.89
N ASP EA 664 129.70 -49.79 142.92
CA ASP EA 664 129.63 -49.32 141.56
C ASP EA 664 128.70 -48.12 141.46
N VAL EA 665 127.54 -48.19 142.12
CA VAL EA 665 126.61 -47.05 142.08
C VAL EA 665 127.21 -45.83 142.76
N ILE EA 666 127.95 -46.05 143.84
CA ILE EA 666 128.59 -44.96 144.56
C ILE EA 666 129.60 -44.29 143.63
N ASP EA 667 130.37 -45.07 142.88
CA ASP EA 667 131.32 -44.47 141.95
C ASP EA 667 130.54 -43.71 140.89
N TRP EA 668 129.48 -44.35 140.38
CA TRP EA 668 128.59 -43.79 139.40
C TRP EA 668 127.87 -42.62 140.03
N LEU EA 669 127.46 -42.78 141.29
CA LEU EA 669 126.77 -41.68 141.96
C LEU EA 669 127.76 -40.56 142.24
N VAL EA 670 128.98 -40.93 142.65
CA VAL EA 670 129.99 -39.93 142.93
C VAL EA 670 130.29 -39.15 141.66
N PHE EA 671 130.41 -39.85 140.53
CA PHE EA 671 130.63 -39.14 139.27
C PHE EA 671 129.48 -38.23 138.80
N GLN EA 675 122.27 -39.74 142.28
CA GLN EA 675 121.79 -40.75 143.19
C GLN EA 675 122.74 -41.00 144.35
N ARG EA 676 123.67 -40.07 144.65
CA ARG EA 676 124.64 -40.21 145.73
C ARG EA 676 124.06 -40.40 147.12
N ALA EA 677 122.94 -39.74 147.45
CA ALA EA 677 122.20 -39.93 148.69
C ALA EA 677 121.69 -41.37 148.84
N GLU EA 678 121.03 -41.91 147.80
CA GLU EA 678 120.61 -43.29 147.71
C GLU EA 678 121.76 -44.28 147.71
N ALA EA 679 122.86 -44.00 146.97
CA ALA EA 679 124.07 -44.79 147.00
C ALA EA 679 124.68 -44.90 148.39
N LEU EA 680 124.77 -43.78 149.14
CA LEU EA 680 125.21 -43.79 150.52
C LEU EA 680 124.27 -44.56 151.44
N LYS EA 681 122.94 -44.34 151.34
CA LYS EA 681 121.96 -45.03 152.15
C LYS EA 681 121.95 -46.54 151.93
N GLN EA 682 122.00 -46.99 150.67
CA GLN EA 682 122.12 -48.39 150.32
C GLN EA 682 123.44 -49.00 150.75
N SER EA 683 124.55 -48.24 150.62
CA SER EA 683 125.88 -48.64 151.09
C SER EA 683 125.93 -48.91 152.56
N ASN EA 684 125.31 -48.02 153.38
CA ASN EA 684 125.14 -48.23 154.79
C ASN EA 684 124.39 -49.51 155.07
N ALA EA 685 123.28 -49.79 154.36
CA ALA EA 685 122.51 -51.02 154.54
C ALA EA 685 123.28 -52.30 154.25
N ILE EA 686 124.08 -52.30 153.17
CA ILE EA 686 124.98 -53.39 152.82
C ILE EA 686 126.07 -53.60 153.86
N MET EA 687 126.73 -52.50 154.29
CA MET EA 687 127.72 -52.53 155.34
C MET EA 687 127.15 -52.97 156.68
N ARG EA 688 125.92 -52.58 157.08
CA ARG EA 688 125.25 -53.08 158.28
C ARG EA 688 125.09 -54.60 158.32
N LYS EA 689 124.73 -55.25 157.19
CA LYS EA 689 124.74 -56.71 157.10
C LYS EA 689 126.14 -57.32 157.28
N PHE EA 690 127.18 -56.74 156.64
CA PHE EA 690 128.56 -57.17 156.75
C PHE EA 690 129.20 -56.96 158.12
N LEU EA 691 128.87 -55.85 158.82
CA LEU EA 691 129.30 -55.60 160.18
C LEU EA 691 128.77 -56.61 161.17
N ALA EA 692 127.51 -57.06 161.01
CA ALA EA 692 126.91 -58.07 161.87
C ALA EA 692 127.56 -59.45 161.73
N SER EA 693 128.20 -59.73 160.57
CA SER EA 693 128.96 -60.95 160.34
C SER EA 693 130.44 -60.76 160.51
N LYS EA 694 130.90 -59.55 160.88
CA LYS EA 694 132.28 -59.15 161.05
C LYS EA 694 133.13 -59.34 159.80
N LYS EA 695 132.57 -59.06 158.62
CA LYS EA 695 133.29 -59.13 157.37
C LYS EA 695 133.89 -57.74 157.10
N HIS EA 696 134.90 -57.29 157.90
CA HIS EA 696 135.52 -55.97 157.80
C HIS EA 696 136.13 -55.65 156.46
N GLU EA 697 136.83 -56.60 155.79
CA GLU EA 697 137.28 -56.42 154.42
C GLU EA 697 136.15 -56.20 153.44
N ALA EA 698 135.03 -56.95 153.51
CA ALA EA 698 133.84 -56.72 152.71
C ALA EA 698 133.23 -55.33 152.94
N ALA EA 699 133.10 -54.91 154.22
CA ALA EA 699 132.66 -53.57 154.56
C ALA EA 699 133.58 -52.46 154.04
N LYS EA 700 134.91 -52.63 154.17
CA LYS EA 700 135.89 -51.70 153.63
C LYS EA 700 135.93 -51.63 152.10
N GLU EA 701 135.77 -52.77 151.39
CA GLU EA 701 135.70 -52.80 149.94
C GLU EA 701 134.52 -51.98 149.41
N VAL EA 702 133.34 -52.09 150.06
CA VAL EA 702 132.20 -51.21 149.85
C VAL EA 702 132.47 -49.76 150.22
N PHE EA 703 133.12 -49.50 151.37
CA PHE EA 703 133.46 -48.18 151.87
C PHE EA 703 134.35 -47.37 150.91
N ALA EA 704 135.35 -47.98 150.24
CA ALA EA 704 136.16 -47.32 149.24
C ALA EA 704 135.47 -47.09 147.90
N LYS EA 705 134.39 -47.86 147.58
CA LYS EA 705 133.58 -47.59 146.41
C LYS EA 705 132.76 -46.33 146.57
N ILE EA 706 132.42 -45.94 147.81
CA ILE EA 706 131.89 -44.63 148.13
C ILE EA 706 132.94 -43.56 147.88
N PRO EA 707 132.78 -42.63 146.93
CA PRO EA 707 133.71 -41.52 146.71
C PRO EA 707 134.01 -40.73 147.97
N GLN EA 708 135.28 -40.32 148.17
CA GLN EA 708 135.75 -39.71 149.40
C GLN EA 708 135.13 -38.34 149.65
N ASP EA 709 134.61 -37.72 148.58
CA ASP EA 709 133.96 -36.44 148.54
C ASP EA 709 132.43 -36.51 148.57
N SER EA 710 131.81 -37.72 148.67
CA SER EA 710 130.35 -37.90 148.64
C SER EA 710 129.57 -37.07 149.64
N ILE EA 711 130.08 -36.93 150.88
CA ILE EA 711 129.46 -36.11 151.91
C ILE EA 711 129.34 -34.65 151.50
N ALA EA 712 130.39 -34.08 150.88
CA ALA EA 712 130.45 -32.69 150.51
C ALA EA 712 129.43 -32.30 149.43
N GLU EA 713 129.30 -33.13 148.36
CA GLU EA 713 128.37 -32.95 147.26
C GLU EA 713 126.89 -33.12 147.62
N ILE EA 714 126.54 -34.04 148.55
CA ILE EA 714 125.14 -34.31 148.91
C ILE EA 714 124.43 -33.09 149.49
N TYR EA 715 125.15 -32.25 150.25
CA TYR EA 715 124.60 -31.05 150.85
C TYR EA 715 124.00 -30.03 149.90
N SER EA 716 122.90 -29.40 150.31
CA SER EA 716 122.19 -28.42 149.51
C SER EA 716 122.51 -26.99 149.89
N GLN EA 717 123.18 -26.77 151.03
CA GLN EA 717 123.47 -25.45 151.54
C GLN EA 717 124.75 -25.49 152.35
N TRP EA 718 125.58 -24.45 152.26
CA TRP EA 718 126.82 -24.32 153.01
C TRP EA 718 126.65 -24.16 154.52
N GLU EA 719 125.72 -23.30 154.95
CA GLU EA 719 125.42 -23.08 156.35
C GLU EA 719 124.70 -24.26 156.99
N GLU EA 720 125.22 -24.77 158.13
CA GLU EA 720 124.74 -25.98 158.78
C GLU EA 720 123.28 -25.97 159.18
N GLN EA 721 122.79 -24.88 159.81
CA GLN EA 721 121.39 -24.75 160.19
C GLN EA 721 120.42 -24.77 159.02
N ALA EA 722 120.77 -24.11 157.91
CA ALA EA 722 119.96 -24.13 156.71
C ALA EA 722 120.07 -25.44 155.93
N MET EA 723 121.20 -26.17 156.08
CA MET EA 723 121.39 -27.52 155.59
C MET EA 723 120.42 -28.49 156.23
N ASP EA 724 120.25 -28.45 157.58
CA ASP EA 724 119.33 -29.27 158.35
C ASP EA 724 117.88 -29.18 157.88
N SER EA 725 117.43 -27.96 157.48
CA SER EA 725 116.09 -27.69 156.97
C SER EA 725 115.77 -28.40 155.68
N ALA EA 726 116.73 -28.40 154.73
CA ALA EA 726 116.55 -29.03 153.44
C ALA EA 726 116.89 -30.50 153.43
N LEU EA 727 117.92 -30.92 154.19
CA LEU EA 727 118.38 -32.30 154.27
C LEU EA 727 117.31 -33.22 154.85
N PRO EA 728 116.75 -34.19 154.14
CA PRO EA 728 115.76 -35.10 154.69
C PRO EA 728 116.26 -35.91 155.85
N ALA EA 729 115.35 -36.54 156.61
CA ALA EA 729 115.75 -37.19 157.83
C ALA EA 729 116.51 -38.48 157.58
N GLU EA 730 116.26 -39.08 156.41
CA GLU EA 730 116.92 -40.21 155.82
C GLU EA 730 118.37 -39.93 155.49
N ASP EA 731 118.69 -38.71 155.01
CA ASP EA 731 120.02 -38.31 154.61
C ASP EA 731 120.90 -37.84 155.77
N ASP EA 732 120.37 -37.10 156.77
CA ASP EA 732 121.16 -36.72 157.96
C ASP EA 732 121.66 -37.97 158.70
N ASN EA 733 120.76 -38.93 158.93
CA ASN EA 733 121.12 -40.18 159.55
C ASN EA 733 122.09 -40.99 158.71
N ALA EA 734 121.92 -41.10 157.38
CA ALA EA 734 122.85 -41.81 156.53
C ALA EA 734 124.28 -41.25 156.51
N ILE EA 735 124.45 -39.91 156.51
CA ILE EA 735 125.75 -39.26 156.68
C ILE EA 735 126.39 -39.60 158.02
N ARG EA 736 125.63 -39.54 159.13
CA ARG EA 736 126.09 -39.91 160.46
C ARG EA 736 126.44 -41.38 160.61
N GLU EA 737 125.59 -42.30 160.10
CA GLU EA 737 125.81 -43.74 160.09
C GLU EA 737 127.10 -44.10 159.35
N HIS EA 738 127.37 -43.49 158.17
CA HIS EA 738 128.58 -43.71 157.42
C HIS EA 738 129.86 -43.33 158.16
N LEU EA 739 129.86 -42.16 158.85
CA LEU EA 739 130.94 -41.78 159.73
C LEU EA 739 131.08 -42.67 160.96
N CYS EA 740 129.96 -43.14 161.55
CA CYS EA 740 129.96 -44.17 162.59
C CYS EA 740 130.58 -45.48 162.13
N ILE EA 741 130.26 -45.94 160.90
CA ILE EA 741 130.86 -47.11 160.27
C ILE EA 741 132.35 -46.91 160.04
N ARG EA 742 132.77 -45.75 159.51
CA ARG EA 742 134.18 -45.42 159.35
C ARG EA 742 134.94 -45.42 160.66
N ALA EA 743 134.38 -44.81 161.73
CA ALA EA 743 134.97 -44.82 163.06
C ALA EA 743 135.15 -46.22 163.60
N TYR EA 744 134.15 -47.11 163.42
CA TYR EA 744 134.29 -48.53 163.74
C TYR EA 744 135.38 -49.21 162.91
N LEU EA 745 135.41 -49.02 161.59
CA LEU EA 745 136.38 -49.63 160.69
C LEU EA 745 137.83 -49.25 160.99
N GLU EA 746 138.09 -47.96 161.27
CA GLU EA 746 139.38 -47.43 161.66
C GLU EA 746 139.87 -48.00 162.99
N SER EA 747 138.94 -48.36 163.88
CA SER EA 747 139.23 -48.96 165.18
C SER EA 747 139.57 -50.41 165.11
N HIS EA 748 139.31 -51.09 163.98
CA HIS EA 748 139.80 -52.43 163.75
C HIS EA 748 141.05 -52.43 162.89
N GLU EA 749 141.26 -51.40 162.05
CA GLU EA 749 142.47 -51.27 161.24
C GLU EA 749 143.71 -51.07 162.09
N ALA EA 750 143.68 -50.06 162.98
CA ALA EA 750 144.71 -49.76 163.94
C ALA EA 750 144.94 -50.86 164.97
N PHE EA 751 143.87 -51.56 165.41
CA PHE EA 751 144.00 -52.70 166.30
C PHE EA 751 144.73 -53.87 165.66
N ASN EA 752 144.40 -54.25 164.40
CA ASN EA 752 145.09 -55.34 163.72
C ASN EA 752 146.56 -55.05 163.45
N GLU EA 753 146.94 -53.80 163.12
CA GLU EA 753 148.33 -53.40 163.08
C GLU EA 753 149.03 -53.50 164.43
N TRP EA 754 148.42 -52.96 165.50
CA TRP EA 754 148.93 -53.05 166.86
C TRP EA 754 149.07 -54.49 167.36
N PHE EA 755 148.07 -55.33 167.08
CA PHE EA 755 148.05 -56.73 167.41
C PHE EA 755 149.08 -57.53 166.60
N LYS EA 756 149.35 -57.14 165.35
CA LYS EA 756 150.45 -57.72 164.60
C LYS EA 756 151.80 -57.37 165.22
N HIS EA 757 152.01 -56.10 165.61
CA HIS EA 757 153.20 -55.65 166.33
C HIS EA 757 153.41 -56.27 167.71
N ILE EA 758 152.35 -56.54 168.52
CA ILE EA 758 152.49 -57.15 169.83
C ILE EA 758 152.98 -58.60 169.74
N ASN EA 759 152.76 -59.26 168.57
CA ASN EA 759 153.17 -60.63 168.33
C ASN EA 759 154.43 -60.71 167.49
N SER EA 760 155.15 -59.60 167.31
CA SER EA 760 156.49 -59.60 166.73
C SER EA 760 157.54 -59.05 167.69
N PRO EA 761 157.55 -59.24 169.03
CA PRO EA 761 158.62 -58.70 169.84
C PRO EA 761 159.97 -59.33 169.52
N PRO EA 762 161.07 -58.60 169.53
CA PRO EA 762 162.40 -59.15 169.38
C PRO EA 762 162.65 -60.29 170.34
N GLN EA 763 163.29 -61.36 169.86
CA GLN EA 763 163.54 -62.52 170.67
C GLN EA 763 164.87 -62.37 171.39
N LYS EA 764 164.97 -62.96 172.60
CA LYS EA 764 166.17 -62.91 173.40
C LYS EA 764 167.37 -63.54 172.69
N PRO EA 765 168.60 -63.09 172.87
CA PRO EA 765 169.78 -63.77 172.35
C PRO EA 765 169.92 -65.21 172.79
N THR EA 766 170.03 -66.16 171.85
CA THR EA 766 170.28 -67.57 172.13
C THR EA 766 171.57 -67.80 172.90
N LEU EA 767 171.50 -68.52 174.02
CA LEU EA 767 172.65 -68.74 174.87
C LEU EA 767 173.45 -69.96 174.47
N VAL EA 768 174.76 -69.77 174.24
CA VAL EA 768 175.70 -70.86 174.02
C VAL EA 768 176.44 -71.12 175.33
N GLY EA 769 175.90 -72.04 176.17
CA GLY EA 769 176.62 -72.48 177.37
C GLY EA 769 177.90 -73.18 177.05
N GLN EA 770 178.97 -72.91 177.83
CA GLN EA 770 180.32 -73.38 177.57
C GLN EA 770 180.96 -72.75 176.33
N ALA EA 771 180.69 -71.47 176.05
CA ALA EA 771 181.11 -70.72 174.89
C ALA EA 771 182.61 -70.64 174.61
N SER EA 772 182.99 -70.73 173.33
CA SER EA 772 184.34 -70.32 172.90
C SER EA 772 184.54 -68.83 173.06
N PHE EA 773 185.80 -68.33 173.14
CA PHE EA 773 186.05 -66.88 173.21
C PHE EA 773 185.52 -66.10 172.01
N THR EA 774 185.47 -66.72 170.80
CA THR EA 774 184.78 -66.20 169.63
C THR EA 774 183.28 -66.02 169.82
N GLU EA 775 182.61 -67.07 170.37
CA GLU EA 775 181.18 -67.06 170.63
C GLU EA 775 180.78 -66.09 171.72
N LYS EA 776 181.61 -65.91 172.75
CA LYS EA 776 181.42 -64.90 173.79
C LYS EA 776 181.28 -63.49 173.22
N VAL EA 777 182.21 -63.02 172.37
CA VAL EA 777 182.14 -61.69 171.77
C VAL EA 777 180.96 -61.51 170.81
N ALA EA 778 180.65 -62.51 169.97
CA ALA EA 778 179.49 -62.46 169.09
C ALA EA 778 178.19 -62.36 169.88
N HIS EA 779 178.09 -63.10 171.00
CA HIS EA 779 177.03 -63.00 171.96
C HIS EA 779 176.93 -61.65 172.66
N GLU EA 780 178.05 -61.06 173.15
CA GLU EA 780 178.09 -59.71 173.74
C GLU EA 780 177.52 -58.65 172.81
N HIS EA 781 177.80 -58.75 171.50
CA HIS EA 781 177.17 -57.91 170.49
C HIS EA 781 175.70 -58.20 170.21
N LYS EA 782 175.28 -59.49 170.09
CA LYS EA 782 173.88 -59.86 169.89
C LYS EA 782 172.99 -59.45 171.05
N GLU EA 783 173.48 -59.60 172.30
CA GLU EA 783 172.86 -59.12 173.52
C GLU EA 783 172.69 -57.62 173.52
N LYS EA 784 173.73 -56.83 173.24
CA LYS EA 784 173.65 -55.39 173.08
C LYS EA 784 172.71 -54.93 171.99
N LYS EA 785 172.68 -55.56 170.79
CA LYS EA 785 171.71 -55.22 169.75
C LYS EA 785 170.26 -55.46 170.16
N TYR EA 786 169.96 -56.58 170.84
CA TYR EA 786 168.64 -56.88 171.38
C TYR EA 786 168.13 -55.80 172.34
N GLU EA 787 169.01 -55.28 173.21
CA GLU EA 787 168.73 -54.21 174.14
C GLU EA 787 168.51 -52.85 173.48
N MET EA 788 168.62 -52.76 172.14
CA MET EA 788 168.23 -51.59 171.38
C MET EA 788 166.88 -51.83 170.73
N ASP EA 789 166.70 -52.98 170.05
CA ASP EA 789 165.48 -53.38 169.39
C ASP EA 789 164.29 -53.45 170.36
N PHE EA 790 164.45 -54.02 171.58
CA PHE EA 790 163.37 -54.06 172.57
C PHE EA 790 162.87 -52.68 173.00
N GLY EA 791 163.77 -51.66 173.04
CA GLY EA 791 163.37 -50.27 173.27
C GLY EA 791 162.56 -49.66 172.15
N ILE EA 792 162.93 -49.92 170.88
CA ILE EA 792 162.15 -49.50 169.71
C ILE EA 792 160.83 -50.23 169.61
N TRP EA 793 160.78 -51.53 169.90
CA TRP EA 793 159.54 -52.28 169.86
C TRP EA 793 158.61 -51.91 171.00
N LYS EA 794 159.10 -51.30 172.09
CA LYS EA 794 158.28 -50.50 172.97
C LYS EA 794 157.90 -49.13 172.38
N GLY EA 795 158.86 -48.36 171.82
CA GLY EA 795 158.62 -47.10 171.11
C GLY EA 795 157.57 -47.09 170.02
N HIS EA 796 157.65 -48.03 169.05
CA HIS EA 796 156.61 -48.23 168.05
C HIS EA 796 155.31 -48.68 168.67
N LEU EA 797 155.35 -49.58 169.68
CA LEU EA 797 154.17 -50.02 170.39
C LEU EA 797 153.46 -48.89 171.09
N ASP EA 798 154.16 -47.99 171.80
CA ASP EA 798 153.56 -46.86 172.48
C ASP EA 798 152.85 -45.91 171.54
N ALA EA 799 153.43 -45.63 170.37
CA ALA EA 799 152.74 -44.91 169.30
C ALA EA 799 151.53 -45.64 168.71
N LEU EA 800 151.61 -46.93 168.39
CA LEU EA 800 150.45 -47.70 167.96
C LEU EA 800 149.36 -47.82 169.04
N THR EA 801 149.74 -47.97 170.32
CA THR EA 801 148.87 -47.95 171.49
C THR EA 801 148.13 -46.66 171.64
N SER EA 802 148.80 -45.49 171.49
CA SER EA 802 148.15 -44.20 171.58
C SER EA 802 147.13 -44.00 170.48
N ASP EA 803 147.48 -44.27 169.22
CA ASP EA 803 146.60 -44.24 168.08
C ASP EA 803 145.42 -45.22 168.14
N VAL EA 804 145.63 -46.52 168.49
CA VAL EA 804 144.52 -47.48 168.61
C VAL EA 804 143.56 -47.10 169.72
N LYS EA 805 144.08 -46.61 170.88
CA LYS EA 805 143.28 -46.15 171.99
C LYS EA 805 142.35 -45.01 171.59
N GLU EA 806 142.85 -43.99 170.85
CA GLU EA 806 142.04 -42.86 170.40
C GLU EA 806 140.86 -43.26 169.54
N LYS EA 807 141.08 -44.16 168.56
CA LYS EA 807 140.03 -44.68 167.70
C LYS EA 807 138.94 -45.40 168.46
N ILE EA 808 139.32 -46.26 169.42
CA ILE EA 808 138.39 -46.98 170.27
C ILE EA 808 137.49 -46.04 171.07
N TYR EA 809 138.07 -45.00 171.68
CA TYR EA 809 137.32 -43.94 172.34
C TYR EA 809 136.39 -43.18 171.41
N ASN EA 810 136.78 -42.85 170.16
CA ASN EA 810 135.90 -42.24 169.15
C ASN EA 810 134.67 -43.08 168.84
N VAL EA 811 134.75 -44.42 168.87
CA VAL EA 811 133.59 -45.29 168.74
C VAL EA 811 132.77 -45.37 170.03
N LEU EA 812 133.41 -45.67 171.18
CA LEU EA 812 132.73 -45.84 172.45
C LEU EA 812 132.06 -44.59 172.98
N LEU EA 813 132.69 -43.41 172.80
CA LEU EA 813 132.19 -42.14 173.24
C LEU EA 813 131.75 -41.28 172.07
N PHE EA 814 131.32 -41.88 170.93
CA PHE EA 814 130.86 -41.18 169.73
C PHE EA 814 130.07 -39.89 169.98
N VAL EA 815 130.60 -38.78 169.44
CA VAL EA 815 130.09 -37.44 169.63
C VAL EA 815 128.66 -37.29 169.13
N ASP EA 816 127.79 -36.56 169.88
CA ASP EA 816 126.47 -36.19 169.44
C ASP EA 816 125.47 -37.36 169.39
N GLY EA 817 125.48 -38.24 170.42
CA GLY EA 817 124.37 -39.18 170.66
C GLY EA 817 124.73 -40.63 170.86
N GLY EA 818 126.02 -41.00 170.74
CA GLY EA 818 126.47 -42.38 170.85
C GLY EA 818 126.50 -43.11 169.53
N TRP EA 819 127.33 -44.16 169.44
CA TRP EA 819 127.57 -44.89 168.21
C TRP EA 819 126.35 -45.64 167.70
N MET EA 820 126.04 -45.48 166.39
CA MET EA 820 124.88 -46.08 165.73
C MET EA 820 123.57 -45.68 166.38
N VAL EA 821 123.45 -44.36 166.66
CA VAL EA 821 122.26 -43.74 167.18
C VAL EA 821 121.93 -42.57 166.28
N ASP EA 822 120.73 -42.57 165.67
CA ASP EA 822 120.23 -41.47 164.87
C ASP EA 822 120.08 -40.19 165.72
N VAL EA 823 120.47 -39.02 165.18
CA VAL EA 823 120.28 -37.73 165.85
C VAL EA 823 119.00 -37.09 165.35
N ARG EA 824 118.56 -37.50 164.15
CA ARG EA 824 117.37 -37.00 163.53
C ARG EA 824 116.20 -37.95 163.73
N GLU EA 825 115.14 -37.47 164.39
CA GLU EA 825 114.06 -38.32 164.88
C GLU EA 825 112.80 -38.25 164.02
N ASP EA 826 112.81 -37.48 162.92
CA ASP EA 826 111.66 -37.25 162.06
C ASP EA 826 111.70 -38.07 160.76
N THR EA 827 112.39 -39.22 160.73
CA THR EA 827 112.43 -40.12 159.57
C THR EA 827 111.21 -41.02 159.54
N GLU EA 828 110.79 -41.47 158.35
CA GLU EA 828 109.80 -42.51 158.22
C GLU EA 828 110.26 -43.86 158.77
N GLU EA 829 109.30 -44.70 159.21
CA GLU EA 829 109.57 -45.97 159.84
C GLU EA 829 110.38 -46.97 159.02
N ASP EA 830 111.48 -47.46 159.62
CA ASP EA 830 112.41 -48.37 159.01
C ASP EA 830 112.84 -49.35 160.12
N PRO EA 831 112.11 -50.43 160.38
CA PRO EA 831 112.39 -51.30 161.52
C PRO EA 831 113.54 -52.19 161.15
N GLU EA 832 113.74 -52.49 159.85
CA GLU EA 832 114.92 -53.23 159.44
C GLU EA 832 116.19 -52.46 159.76
N ARG EA 833 116.29 -51.17 159.44
CA ARG EA 833 117.44 -50.41 159.85
C ARG EA 833 117.53 -50.15 161.34
N SER EA 834 116.45 -49.71 162.01
CA SER EA 834 116.54 -49.32 163.42
C SER EA 834 116.93 -50.46 164.35
N HIS EA 835 116.32 -51.65 164.19
CA HIS EA 835 116.73 -52.84 164.90
C HIS EA 835 118.13 -53.34 164.54
N GLN EA 836 118.61 -53.19 163.27
CA GLN EA 836 120.01 -53.41 162.93
C GLN EA 836 120.93 -52.48 163.69
N MET EA 837 120.64 -51.19 163.81
CA MET EA 837 121.42 -50.24 164.59
C MET EA 837 121.50 -50.63 166.05
N VAL EA 838 120.40 -51.03 166.70
CA VAL EA 838 120.40 -51.58 168.06
C VAL EA 838 121.23 -52.84 168.20
N LEU EA 839 121.13 -53.79 167.24
CA LEU EA 839 121.93 -55.00 167.22
C LEU EA 839 123.42 -54.74 167.04
N LEU EA 840 123.82 -53.86 166.10
CA LEU EA 840 125.22 -53.52 165.88
C LEU EA 840 125.89 -52.96 167.12
N ARG EA 841 125.18 -52.12 167.89
CA ARG EA 841 125.63 -51.69 169.20
C ARG EA 841 125.88 -52.84 170.18
N ARG EA 842 124.97 -53.84 170.28
CA ARG EA 842 125.11 -54.96 171.20
C ARG EA 842 126.11 -56.03 170.76
N LEU EA 843 126.55 -56.07 169.48
CA LEU EA 843 127.55 -57.04 169.06
C LEU EA 843 128.94 -56.45 169.08
N CYS EA 844 129.05 -55.12 169.07
CA CYS EA 844 130.30 -54.48 168.76
C CYS EA 844 130.75 -53.55 169.85
N LEU EA 845 129.86 -52.86 170.59
CA LEU EA 845 130.30 -52.13 171.77
C LEU EA 845 130.83 -53.01 172.90
N PRO EA 846 130.26 -54.18 173.28
CA PRO EA 846 130.91 -55.10 174.20
C PRO EA 846 132.26 -55.58 173.72
N MET EA 847 132.35 -55.91 172.42
CA MET EA 847 133.59 -56.35 171.80
C MET EA 847 134.70 -55.29 171.81
N MET EA 848 134.39 -54.03 171.42
CA MET EA 848 135.31 -52.91 171.47
C MET EA 848 135.81 -52.57 172.86
N CYS EA 849 134.94 -52.61 173.90
CA CYS EA 849 135.36 -52.48 175.30
C CYS EA 849 136.31 -53.58 175.74
N PHE EA 850 136.04 -54.86 175.37
CA PHE EA 850 136.94 -55.95 175.65
C PHE EA 850 138.28 -55.84 174.95
N LEU EA 851 138.32 -55.43 173.67
CA LEU EA 851 139.56 -55.12 172.98
C LEU EA 851 140.34 -53.99 173.64
N LEU EA 852 139.69 -52.89 174.07
CA LEU EA 852 140.35 -51.80 174.77
C LEU EA 852 140.99 -52.20 176.07
N HIS EA 853 140.25 -53.02 176.86
CA HIS EA 853 140.74 -53.61 178.09
C HIS EA 853 141.98 -54.46 177.86
N THR EA 854 141.95 -55.30 176.81
CA THR EA 854 143.11 -56.05 176.34
C THR EA 854 144.29 -55.17 175.91
N VAL EA 855 144.05 -54.08 175.15
CA VAL EA 855 145.10 -53.11 174.80
C VAL EA 855 145.72 -52.41 176.00
N LEU EA 856 144.89 -51.91 176.94
CA LEU EA 856 145.34 -51.25 178.15
C LEU EA 856 146.08 -52.20 179.08
N HIS EA 857 145.59 -53.43 179.29
CA HIS EA 857 146.26 -54.45 180.09
C HIS EA 857 147.59 -54.88 179.52
N ASN EA 858 147.66 -55.14 178.19
CA ASN EA 858 148.88 -55.52 177.50
C ASN EA 858 149.97 -54.45 177.58
N THR EA 859 149.61 -53.15 177.63
CA THR EA 859 150.61 -52.07 177.72
C THR EA 859 150.85 -51.59 179.13
N LYS EA 860 150.17 -52.20 180.13
CA LYS EA 860 150.37 -51.99 181.55
C LYS EA 860 149.67 -50.74 182.09
N GLN EA 861 148.64 -50.24 181.39
CA GLN EA 861 147.88 -49.05 181.77
C GLN EA 861 146.72 -49.42 182.68
N TYR EA 862 147.01 -50.17 183.76
CA TYR EA 862 146.04 -50.79 184.64
C TYR EA 862 145.07 -49.83 185.32
N LYS EA 863 145.51 -48.62 185.71
CA LYS EA 863 144.67 -47.58 186.28
C LYS EA 863 143.56 -47.14 185.32
N ASP EA 864 143.90 -46.92 184.04
CA ASP EA 864 142.97 -46.64 182.97
C ASP EA 864 142.05 -47.81 182.67
N CYS EA 865 142.49 -49.08 182.84
CA CYS EA 865 141.62 -50.24 182.67
C CYS EA 865 140.41 -50.18 183.56
N LEU EA 866 140.61 -49.82 184.84
CA LEU EA 866 139.55 -49.71 185.82
C LEU EA 866 138.59 -48.57 185.58
N ARG EA 867 139.04 -47.54 184.82
CA ARG EA 867 138.22 -46.41 184.45
C ARG EA 867 137.32 -46.72 183.27
N LEU EA 868 137.41 -47.93 182.68
CA LEU EA 868 136.38 -48.48 181.82
C LEU EA 868 135.05 -48.66 182.53
N ALA EA 869 135.06 -48.94 183.85
CA ALA EA 869 133.85 -49.00 184.65
C ALA EA 869 133.12 -47.67 184.74
N ASP EA 870 133.82 -46.53 184.82
CA ASP EA 870 133.25 -45.20 184.75
C ASP EA 870 132.60 -44.94 183.38
N ILE EA 871 133.32 -45.25 182.28
CA ILE EA 871 132.87 -45.09 180.90
C ILE EA 871 131.63 -45.89 180.60
N VAL EA 872 131.62 -47.19 180.99
CA VAL EA 872 130.51 -48.08 180.76
C VAL EA 872 129.27 -47.72 181.55
N SER EA 873 129.41 -47.41 182.86
CA SER EA 873 128.26 -47.13 183.71
C SER EA 873 127.66 -45.77 183.44
N SER EA 874 128.48 -44.79 183.02
CA SER EA 874 128.12 -43.42 182.65
C SER EA 874 126.74 -43.17 182.09
N GLU EA 875 125.94 -42.34 182.80
CA GLU EA 875 124.62 -41.95 182.39
C GLU EA 875 124.59 -41.07 181.16
N ASN EA 876 125.74 -40.43 180.83
CA ASN EA 876 125.95 -39.66 179.63
C ASN EA 876 125.87 -40.48 178.35
N GLN EA 877 126.35 -41.74 178.38
CA GLN EA 877 126.35 -42.60 177.21
C GLN EA 877 125.40 -43.77 177.35
N LYS EA 878 125.16 -44.24 178.59
CA LYS EA 878 124.40 -45.42 178.92
C LYS EA 878 124.91 -46.67 178.23
N LEU EA 879 126.23 -46.90 178.27
CA LEU EA 879 126.81 -48.04 177.57
C LEU EA 879 126.47 -49.34 178.28
N TYR EA 880 126.13 -49.32 179.58
CA TYR EA 880 125.76 -50.51 180.32
C TYR EA 880 124.51 -51.22 179.78
N THR EA 881 123.65 -50.52 179.02
CA THR EA 881 122.44 -51.05 178.42
C THR EA 881 122.68 -51.86 177.16
N VAL EA 882 123.90 -51.81 176.58
CA VAL EA 882 124.21 -52.57 175.38
C VAL EA 882 124.91 -53.87 175.72
N PHE EA 883 125.17 -54.14 177.02
CA PHE EA 883 125.79 -55.36 177.50
C PHE EA 883 124.74 -56.32 178.03
N SER EA 884 124.97 -57.63 177.83
CA SER EA 884 124.28 -58.64 178.59
C SER EA 884 124.84 -58.75 180.00
N LYS EA 885 124.07 -59.30 180.95
CA LYS EA 885 124.49 -59.48 182.33
C LYS EA 885 125.76 -60.35 182.44
N THR EA 886 125.87 -61.37 181.56
CA THR EA 886 127.04 -62.21 181.43
C THR EA 886 128.26 -61.42 180.99
N GLU EA 887 128.12 -60.53 179.99
CA GLU EA 887 129.18 -59.65 179.51
C GLU EA 887 129.66 -58.66 180.55
N MET EA 888 128.73 -58.08 181.35
CA MET EA 888 129.09 -57.25 182.49
C MET EA 888 129.96 -57.97 183.50
N ARG EA 889 129.58 -59.20 183.93
CA ARG EA 889 130.39 -59.98 184.84
C ARG EA 889 131.75 -60.31 184.25
N ASN EA 890 131.79 -60.66 182.96
CA ASN EA 890 133.01 -60.89 182.22
C ASN EA 890 133.91 -59.65 182.13
N LEU EA 891 133.39 -58.42 182.04
CA LEU EA 891 134.13 -57.19 182.23
C LEU EA 891 134.67 -57.03 183.64
N LEU EA 892 133.83 -57.27 184.66
CA LEU EA 892 134.22 -57.22 186.06
C LEU EA 892 135.33 -58.19 186.46
N GLN EA 893 135.41 -59.40 185.86
CA GLN EA 893 136.54 -60.29 186.07
C GLN EA 893 137.80 -59.83 185.35
N LYS EA 894 137.68 -59.17 184.19
CA LYS EA 894 138.78 -58.53 183.48
C LYS EA 894 139.38 -57.36 184.25
N LEU EA 895 138.54 -56.50 184.84
CA LEU EA 895 138.97 -55.39 185.68
C LEU EA 895 139.68 -55.82 186.95
N ARG EA 896 139.22 -56.88 187.62
CA ARG EA 896 139.88 -57.46 188.77
C ARG EA 896 141.28 -57.99 188.44
N GLU EA 897 141.52 -58.53 187.23
CA GLU EA 897 142.84 -58.89 186.76
C GLU EA 897 143.82 -57.72 186.66
N SER EA 898 143.38 -56.56 186.10
CA SER EA 898 144.14 -55.32 186.07
C SER EA 898 144.47 -54.78 187.46
N SER EA 899 143.51 -54.88 188.39
CA SER EA 899 143.65 -54.54 189.80
C SER EA 899 144.75 -55.33 190.51
N LEU EA 900 144.88 -56.64 190.22
CA LEU EA 900 145.92 -57.48 190.80
C LEU EA 900 147.31 -56.98 190.48
N MET EA 901 147.57 -56.63 189.20
CA MET EA 901 148.84 -56.08 188.78
C MET EA 901 149.15 -54.74 189.46
N LEU EA 902 148.15 -53.89 189.73
CA LEU EA 902 148.33 -52.70 190.56
C LEU EA 902 148.74 -52.99 192.00
N LEU EA 903 148.16 -54.01 192.66
CA LEU EA 903 148.61 -54.46 193.97
C LEU EA 903 150.05 -54.95 193.98
N ASP EA 904 150.47 -55.73 192.96
CA ASP EA 904 151.84 -56.17 192.75
C ASP EA 904 152.83 -55.00 192.59
N LEU EA 905 152.36 -53.83 192.11
CA LEU EA 905 153.15 -52.63 191.97
C LEU EA 905 153.11 -51.73 193.21
N GLN EA 906 152.43 -52.13 194.30
CA GLN EA 906 152.40 -51.51 195.63
C GLN EA 906 151.24 -50.51 195.79
N LEU EA 907 150.39 -50.35 194.78
CA LEU EA 907 149.29 -49.39 194.81
C LEU EA 907 148.01 -50.02 195.33
N ASP EA 908 146.95 -49.20 195.54
CA ASP EA 908 145.64 -49.72 195.90
C ASP EA 908 144.96 -50.44 194.71
N PRO EA 909 143.78 -51.06 194.84
CA PRO EA 909 143.09 -51.66 193.69
C PRO EA 909 142.86 -50.76 192.51
N LEU EA 910 142.76 -49.44 192.69
CA LEU EA 910 142.38 -48.52 191.64
C LEU EA 910 143.57 -47.73 191.12
N GLY EA 911 144.78 -48.01 191.62
CA GLY EA 911 146.01 -47.43 191.11
C GLY EA 911 146.32 -46.10 191.69
N TYR EA 912 145.85 -45.86 192.93
CA TYR EA 912 146.23 -44.70 193.71
C TYR EA 912 147.21 -45.18 194.77
N GLU EA 913 148.10 -44.29 195.22
CA GLU EA 913 149.10 -44.62 196.22
C GLU EA 913 148.48 -44.96 197.56
N ILE EA 914 149.04 -45.95 198.28
CA ILE EA 914 148.62 -46.25 199.64
C ILE EA 914 149.36 -45.32 200.60
N GLU FA 69 120.62 -126.29 250.02
CA GLU FA 69 120.79 -127.52 250.83
C GLU FA 69 122.26 -127.78 251.07
N THR FA 70 122.65 -128.98 251.53
CA THR FA 70 124.00 -129.49 251.59
C THR FA 70 124.35 -129.97 250.19
N VAL FA 71 125.64 -130.11 249.84
CA VAL FA 71 126.04 -130.40 248.46
C VAL FA 71 125.95 -131.89 248.16
N ASN FA 72 126.58 -132.75 249.00
CA ASN FA 72 126.74 -134.16 248.71
C ASN FA 72 125.82 -135.10 249.51
N TYR FA 73 124.99 -134.55 250.42
CA TYR FA 73 124.27 -135.36 251.38
C TYR FA 73 122.79 -135.06 251.31
N ASN FA 74 121.89 -135.97 251.72
CA ASN FA 74 120.53 -135.65 252.08
C ASN FA 74 120.55 -135.60 253.59
N VAL FA 75 119.96 -134.55 254.18
CA VAL FA 75 119.80 -134.44 255.62
C VAL FA 75 118.30 -134.40 255.85
N GLN FA 76 117.70 -135.50 256.35
CA GLN FA 76 116.26 -135.58 256.45
C GLN FA 76 115.86 -136.41 257.64
N LEU FA 77 114.59 -136.23 258.07
CA LEU FA 77 113.88 -136.95 259.12
C LEU FA 77 114.11 -138.44 259.10
N PHE FA 78 114.58 -138.98 260.23
CA PHE FA 78 114.91 -140.37 260.38
C PHE FA 78 113.88 -140.94 261.32
N GLY FA 79 113.21 -142.02 260.86
CA GLY FA 79 112.15 -142.62 261.61
C GLY FA 79 110.85 -141.89 261.51
N SER FA 80 109.89 -142.38 262.27
CA SER FA 80 108.54 -141.85 262.31
C SER FA 80 108.40 -140.64 263.21
N SER FA 81 107.19 -140.07 263.27
CA SER FA 81 106.87 -138.96 264.16
C SER FA 81 107.25 -139.17 265.60
N LEU FA 82 107.90 -138.17 266.23
CA LEU FA 82 108.40 -138.34 267.57
C LEU FA 82 107.28 -138.51 268.60
N PRO FA 83 107.47 -139.27 269.69
CA PRO FA 83 106.51 -139.31 270.79
C PRO FA 83 106.02 -137.96 271.28
N VAL FA 84 104.75 -137.85 271.74
CA VAL FA 84 104.13 -136.60 272.17
C VAL FA 84 104.94 -135.88 273.27
N LYS FA 85 105.42 -136.66 274.25
CA LYS FA 85 106.29 -136.23 275.34
C LYS FA 85 107.60 -135.61 274.88
N VAL FA 86 108.24 -136.18 273.83
CA VAL FA 86 109.45 -135.64 273.24
C VAL FA 86 109.15 -134.35 272.51
N MET FA 87 108.02 -134.29 271.76
CA MET FA 87 107.59 -133.09 271.07
C MET FA 87 107.31 -131.91 272.01
N GLU FA 88 106.63 -132.14 273.15
CA GLU FA 88 106.41 -131.14 274.19
C GLU FA 88 107.67 -130.61 274.81
N ALA FA 89 108.62 -131.50 275.15
CA ALA FA 89 109.90 -131.12 275.70
C ALA FA 89 110.70 -130.23 274.76
N LEU FA 90 110.72 -130.54 273.45
CA LEU FA 90 111.35 -129.73 272.42
C LEU FA 90 110.65 -128.41 272.10
N SER FA 91 109.30 -128.42 271.96
CA SER FA 91 108.54 -127.22 271.67
C SER FA 91 108.51 -126.23 272.82
N ASN FA 92 108.43 -126.75 274.07
CA ASN FA 92 108.57 -126.02 275.32
C ASN FA 92 109.97 -125.52 275.63
N ALA FA 93 111.03 -126.32 275.33
CA ALA FA 93 112.41 -125.96 275.61
C ALA FA 93 112.87 -124.66 274.98
N SER FA 94 113.49 -123.81 275.80
CA SER FA 94 114.01 -122.53 275.38
C SER FA 94 115.49 -122.74 275.05
N ALA FA 95 116.14 -121.82 274.31
CA ALA FA 95 117.57 -121.87 274.03
C ALA FA 95 118.48 -121.69 275.28
N ASP FA 96 117.95 -121.19 276.42
CA ASP FA 96 118.58 -121.23 277.73
C ASP FA 96 118.73 -122.66 278.25
N GLU FA 97 117.71 -123.52 278.00
CA GLU FA 97 117.64 -124.88 278.46
C GLU FA 97 118.75 -125.78 277.85
N PRO FA 98 119.46 -126.56 278.66
CA PRO FA 98 120.39 -127.55 278.18
C PRO FA 98 119.66 -128.86 278.04
N MET FA 99 119.51 -129.34 276.80
CA MET FA 99 118.99 -130.65 276.56
C MET FA 99 120.19 -131.45 276.14
N ALA FA 100 120.17 -132.74 276.46
CA ALA FA 100 121.17 -133.67 276.00
C ALA FA 100 120.42 -134.94 275.68
N ALA FA 101 120.97 -135.76 274.77
CA ALA FA 101 120.31 -136.95 274.33
C ALA FA 101 121.33 -138.06 274.16
N CYS FA 102 120.97 -139.29 274.59
CA CYS FA 102 121.78 -140.46 274.36
C CYS FA 102 121.03 -141.25 273.31
N ILE FA 103 121.61 -141.37 272.10
CA ILE FA 103 121.13 -142.19 271.03
C ILE FA 103 121.90 -143.48 271.17
N HIS FA 104 121.22 -144.55 271.58
CA HIS FA 104 121.87 -145.81 271.85
C HIS FA 104 121.86 -146.71 270.62
N GLU FA 105 122.95 -147.48 270.43
CA GLU FA 105 123.15 -148.45 269.36
C GLU FA 105 122.08 -149.52 269.23
N GLY FA 106 121.38 -149.81 270.34
CA GLY FA 106 120.26 -150.74 270.39
C GLY FA 106 118.95 -150.20 269.83
N GLY FA 107 118.90 -148.94 269.38
CA GLY FA 107 117.70 -148.42 268.72
C GLY FA 107 116.74 -147.70 269.64
N TRP FA 108 117.24 -147.26 270.81
CA TRP FA 108 116.49 -146.51 271.79
C TRP FA 108 117.17 -145.17 272.01
N ALA FA 109 116.38 -144.11 272.24
CA ALA FA 109 116.87 -142.76 272.45
C ALA FA 109 116.37 -142.23 273.77
N TRP FA 110 117.26 -141.58 274.51
CA TRP FA 110 117.02 -141.13 275.85
C TRP FA 110 117.26 -139.63 275.86
N LEU FA 111 116.22 -138.82 276.14
CA LEU FA 111 116.30 -137.37 276.22
C LEU FA 111 116.32 -137.00 277.69
N ALA FA 112 117.36 -136.28 278.14
CA ALA FA 112 117.45 -135.74 279.46
C ALA FA 112 116.95 -134.30 279.35
N CYS FA 113 115.75 -134.00 279.90
CA CYS FA 113 115.09 -132.73 279.76
C CYS FA 113 114.62 -132.29 281.13
N ASN FA 114 115.19 -131.20 281.66
CA ASN FA 114 114.97 -130.78 283.03
C ASN FA 114 115.22 -131.89 284.05
N ASP FA 115 114.22 -132.22 284.91
CA ASP FA 115 114.28 -133.27 285.91
C ASP FA 115 113.63 -134.57 285.46
N ARG FA 116 113.34 -134.78 284.14
CA ARG FA 116 112.96 -136.09 283.70
C ARG FA 116 113.75 -136.56 282.51
N LEU FA 117 113.70 -137.88 282.38
CA LEU FA 117 114.33 -138.67 281.39
C LEU FA 117 113.21 -139.20 280.52
N ILE FA 118 113.24 -138.98 279.20
CA ILE FA 118 112.22 -139.51 278.31
C ILE FA 118 112.87 -140.44 277.33
N ILE FA 119 112.39 -141.69 277.33
CA ILE FA 119 113.05 -142.79 276.66
C ILE FA 119 112.09 -143.40 275.77
N TRP FA 120 112.53 -143.58 274.53
CA TRP FA 120 111.66 -144.08 273.55
C TRP FA 120 112.44 -144.95 272.61
N LYS FA 121 111.74 -145.92 272.01
CA LYS FA 121 112.31 -146.71 270.96
C LYS FA 121 112.28 -145.88 269.70
N ILE FA 122 113.42 -145.76 268.99
CA ILE FA 122 113.48 -145.13 267.68
C ILE FA 122 112.57 -145.89 266.73
N SER FA 123 111.50 -145.21 266.31
CA SER FA 123 110.42 -145.81 265.58
C SER FA 123 110.71 -145.81 264.12
N HIS FA 124 111.40 -146.86 263.63
CA HIS FA 124 111.64 -147.08 262.20
C HIS FA 124 110.34 -147.34 261.46
N SER FA 125 109.41 -148.04 262.15
CA SER FA 125 108.04 -148.22 261.72
C SER FA 125 107.14 -147.24 262.44
N SER FA 126 106.13 -146.73 261.71
CA SER FA 126 105.12 -145.77 262.12
C SER FA 126 104.00 -146.32 262.96
N SER FA 127 103.88 -147.67 263.03
CA SER FA 127 102.77 -148.36 263.68
C SER FA 127 102.67 -148.12 265.18
N ALA FA 128 101.48 -147.70 265.67
CA ALA FA 128 101.25 -147.31 267.05
C ALA FA 128 101.30 -148.44 268.07
N LYS FA 129 101.05 -149.71 267.70
CA LYS FA 129 101.18 -150.82 268.63
C LYS FA 129 102.64 -151.20 268.91
N LEU FA 130 103.59 -150.70 268.10
CA LEU FA 130 105.01 -150.90 268.26
C LEU FA 130 105.65 -149.71 268.96
N MET FA 131 104.84 -148.67 269.25
CA MET FA 131 105.29 -147.44 269.88
C MET FA 131 105.61 -147.61 271.36
N VAL FA 132 106.83 -147.26 271.78
CA VAL FA 132 107.20 -147.27 273.18
C VAL FA 132 107.82 -145.94 273.52
N CYS FA 133 107.26 -145.22 274.52
CA CYS FA 133 107.88 -144.07 275.13
C CYS FA 133 107.54 -144.03 276.61
N LYS FA 134 108.56 -144.01 277.48
CA LYS FA 134 108.40 -144.00 278.92
C LYS FA 134 109.13 -142.80 279.46
N GLU FA 135 108.65 -142.27 280.58
CA GLU FA 135 109.22 -141.08 281.18
C GLU FA 135 109.57 -141.44 282.60
N LEU FA 136 110.83 -141.21 283.01
CA LEU FA 136 111.33 -141.64 284.29
C LEU FA 136 111.69 -140.46 285.16
N PRO FA 137 111.54 -140.54 286.48
CA PRO FA 137 111.84 -139.41 287.34
C PRO FA 137 113.28 -139.46 287.82
N LEU FA 138 114.10 -138.44 287.48
CA LEU FA 138 115.50 -138.46 287.84
C LEU FA 138 115.75 -138.39 289.36
N PRO FA 139 116.77 -139.01 289.93
CA PRO FA 139 117.26 -138.67 291.28
C PRO FA 139 117.68 -137.21 291.42
N LEU FA 140 117.14 -136.43 292.37
CA LEU FA 140 117.55 -135.05 292.71
C LEU FA 140 119.05 -134.76 292.67
N SER FA 141 119.43 -133.62 292.06
CA SER FA 141 120.82 -133.17 291.95
C SER FA 141 120.73 -131.68 291.92
N ASP FA 142 121.80 -130.97 292.36
CA ASP FA 142 121.90 -129.52 292.20
C ASP FA 142 122.54 -129.17 290.87
N SER FA 143 123.20 -130.14 290.22
CA SER FA 143 123.74 -129.93 288.90
C SER FA 143 122.75 -130.45 287.87
N GLU FA 144 122.84 -129.98 286.62
CA GLU FA 144 122.14 -130.52 285.48
C GLU FA 144 122.40 -131.99 285.28
N TRP FA 145 121.33 -132.77 285.03
CA TRP FA 145 121.47 -134.15 284.63
C TRP FA 145 122.01 -134.24 283.22
N SER FA 146 122.79 -135.29 282.91
CA SER FA 146 123.43 -135.39 281.62
C SER FA 146 123.02 -136.70 281.03
N ALA FA 147 122.78 -136.78 279.71
CA ALA FA 147 122.51 -138.00 278.97
C ALA FA 147 123.78 -138.87 278.82
N ASP FA 148 124.98 -138.30 279.08
CA ASP FA 148 126.25 -139.01 279.23
C ASP FA 148 126.30 -139.91 280.46
N LEU FA 149 125.50 -139.58 281.49
CA LEU FA 149 125.46 -140.26 282.79
C LEU FA 149 124.27 -141.13 282.84
N VAL FA 150 123.91 -141.56 281.66
CA VAL FA 150 122.66 -142.19 281.51
C VAL FA 150 122.79 -143.26 280.42
N ASP FA 151 122.39 -144.52 280.73
CA ASP FA 151 122.72 -145.63 279.85
C ASP FA 151 121.65 -146.76 279.91
N ILE FA 152 121.51 -147.51 278.79
CA ILE FA 152 120.52 -148.56 278.61
C ILE FA 152 121.15 -149.93 278.62
N CYS FA 153 120.51 -150.91 279.29
CA CYS FA 153 120.95 -152.27 279.19
C CYS FA 153 119.81 -153.13 278.69
N ALA FA 154 120.09 -154.02 277.73
CA ALA FA 154 119.09 -154.89 277.15
C ALA FA 154 119.39 -156.34 277.51
N GLN FA 155 118.33 -157.12 277.84
CA GLN FA 155 118.37 -158.55 278.10
C GLN FA 155 119.03 -159.31 276.97
N THR FA 156 120.24 -159.86 277.20
CA THR FA 156 121.00 -160.62 276.19
C THR FA 156 121.53 -159.72 275.07
N GLY FA 157 121.45 -158.37 275.25
CA GLY FA 157 121.81 -157.41 274.21
C GLY FA 157 120.78 -157.22 273.11
N ASP FA 158 119.58 -157.84 273.23
CA ASP FA 158 118.54 -157.81 272.21
C ASP FA 158 117.50 -156.74 272.59
N PRO FA 159 117.20 -155.75 271.73
CA PRO FA 159 116.18 -154.74 271.99
C PRO FA 159 114.86 -155.20 271.38
N ALA FA 160 113.97 -155.54 272.32
CA ALA FA 160 112.71 -156.22 272.08
C ALA FA 160 111.73 -155.75 273.16
N ALA FA 161 111.22 -154.51 273.00
CA ALA FA 161 110.20 -153.89 273.84
C ALA FA 161 110.67 -153.43 275.20
N ALA FA 162 109.75 -152.85 275.99
CA ALA FA 162 109.99 -152.35 277.32
C ALA FA 162 110.45 -153.37 278.37
N GLN FA 163 110.00 -154.64 278.42
CA GLN FA 163 110.55 -155.54 279.43
C GLN FA 163 112.05 -155.86 279.25
N SER FA 164 112.57 -155.88 278.00
CA SER FA 164 113.97 -156.19 277.74
C SER FA 164 114.94 -155.15 278.22
N VAL FA 165 114.45 -153.94 278.52
CA VAL FA 165 115.27 -152.79 278.74
C VAL FA 165 115.35 -152.42 280.23
N ALA FA 166 116.58 -152.42 280.78
CA ALA FA 166 116.96 -151.92 282.08
C ALA FA 166 117.70 -150.60 281.96
N LEU FA 167 117.70 -149.78 283.04
CA LEU FA 167 118.16 -148.42 282.98
C LEU FA 167 118.91 -147.99 284.17
N MET FA 168 120.04 -147.34 283.95
CA MET FA 168 120.71 -146.69 285.03
C MET FA 168 120.92 -145.21 284.72
N ALA FA 169 120.96 -144.42 285.79
CA ALA FA 169 121.29 -143.03 285.76
C ALA FA 169 122.27 -142.75 286.88
N ALA FA 170 123.20 -141.81 286.64
CA ALA FA 170 124.08 -141.26 287.65
C ALA FA 170 124.00 -139.74 287.67
N THR FA 171 124.33 -139.13 288.81
CA THR FA 171 124.44 -137.69 288.98
C THR FA 171 125.93 -137.34 288.94
N PRO FA 172 126.38 -136.10 288.73
CA PRO FA 172 127.80 -135.73 288.87
C PRO FA 172 128.49 -136.03 290.21
N GLU FA 173 127.77 -136.02 291.35
CA GLU FA 173 128.28 -136.38 292.67
C GLU FA 173 128.33 -137.89 292.93
N GLY FA 174 127.62 -138.71 292.11
CA GLY FA 174 127.70 -140.16 292.25
C GLY FA 174 126.48 -140.86 292.78
N SER FA 175 125.29 -140.21 292.78
CA SER FA 175 124.05 -140.87 293.16
C SER FA 175 123.58 -141.68 292.00
N SER FA 176 123.21 -142.94 292.26
CA SER FA 176 122.85 -143.89 291.23
C SER FA 176 121.40 -144.28 291.41
N ARG FA 177 120.65 -144.36 290.30
CA ARG FA 177 119.29 -144.86 290.29
C ARG FA 177 119.15 -145.85 289.16
N TYR FA 178 118.67 -147.08 289.48
CA TYR FA 178 118.61 -148.21 288.59
C TYR FA 178 117.19 -148.77 288.52
N TRP FA 179 116.60 -148.84 287.31
CA TRP FA 179 115.33 -149.47 287.02
C TRP FA 179 115.65 -150.82 286.40
N PRO FA 180 115.28 -151.99 286.95
CA PRO FA 180 115.48 -153.28 286.31
C PRO FA 180 114.75 -153.43 285.00
N ASN FA 181 113.59 -152.77 284.83
CA ASN FA 181 112.75 -152.85 283.66
C ASN FA 181 112.15 -151.47 283.44
N ILE FA 182 112.19 -150.93 282.21
CA ILE FA 182 111.57 -149.65 281.80
C ILE FA 182 110.06 -149.77 281.73
N LEU FA 183 109.53 -151.01 281.73
CA LEU FA 183 108.13 -151.30 281.91
C LEU FA 183 107.60 -150.78 283.25
N HIS FA 184 108.40 -150.97 284.32
CA HIS FA 184 108.03 -150.57 285.67
C HIS FA 184 108.73 -149.27 286.07
N GLU FA 185 108.14 -148.10 285.76
CA GLU FA 185 108.78 -146.79 285.91
C GLU FA 185 108.90 -146.26 287.35
N GLY FA 186 108.04 -146.77 288.26
CA GLY FA 186 108.08 -146.50 289.70
C GLY FA 186 108.96 -147.46 290.46
N THR FA 187 109.54 -148.45 289.76
CA THR FA 187 110.28 -149.53 290.40
C THR FA 187 111.75 -149.38 290.10
N TYR FA 188 112.52 -148.96 291.11
CA TYR FA 188 113.93 -148.74 290.96
C TYR FA 188 114.61 -149.01 292.29
N ILE FA 189 115.95 -149.11 292.28
CA ILE FA 189 116.78 -149.21 293.46
C ILE FA 189 117.82 -148.13 293.34
N GLU FA 190 118.48 -147.80 294.47
CA GLU FA 190 119.35 -146.67 294.56
C GLU FA 190 120.67 -147.03 295.20
N SER FA 191 121.71 -146.22 294.97
CA SER FA 191 123.00 -146.39 295.60
C SER FA 191 123.80 -145.12 295.48
N TYR FA 192 125.02 -145.10 296.04
CA TYR FA 192 125.91 -143.98 295.83
C TYR FA 192 127.35 -144.46 295.71
N THR FA 193 128.13 -143.77 294.89
CA THR FA 193 129.56 -143.94 294.66
C THR FA 193 130.23 -142.88 295.50
N GLU FA 194 131.08 -142.03 294.88
CA GLU FA 194 131.50 -140.73 295.39
C GLU FA 194 132.53 -140.11 294.47
N PHE FA 195 132.37 -138.78 294.22
CA PHE FA 195 133.19 -137.97 293.34
C PHE FA 195 133.47 -136.62 293.97
N GLY FA 196 134.45 -135.85 293.42
CA GLY FA 196 134.61 -134.45 293.81
C GLY FA 196 133.51 -133.64 293.16
N SER FA 197 133.18 -132.47 293.72
CA SER FA 197 132.38 -131.47 293.03
C SER FA 197 133.12 -130.95 291.79
N LEU FA 199 133.17 -132.88 288.84
CA LEU FA 199 133.46 -134.04 288.01
C LEU FA 199 132.48 -134.26 286.85
N CYS FA 200 132.97 -134.15 285.58
CA CYS FA 200 132.28 -134.67 284.41
C CYS FA 200 132.55 -136.16 284.34
N ALA FA 201 131.48 -136.94 284.48
CA ALA FA 201 131.53 -138.38 284.49
C ALA FA 201 130.73 -138.92 283.31
N PHE FA 202 130.96 -140.20 282.95
CA PHE FA 202 130.17 -140.93 281.96
C PHE FA 202 129.67 -142.18 282.64
N VAL FA 203 128.50 -142.70 282.19
CA VAL FA 203 127.98 -143.99 282.60
C VAL FA 203 127.84 -144.82 281.35
N THR FA 204 128.36 -146.05 281.37
CA THR FA 204 128.39 -146.87 280.17
C THR FA 204 127.93 -148.27 280.45
N ALA FA 205 126.87 -148.73 279.78
CA ALA FA 205 126.46 -150.12 279.80
C ALA FA 205 127.50 -151.07 279.23
N VAL FA 206 127.89 -152.10 280.00
CA VAL FA 206 128.91 -153.08 279.63
C VAL FA 206 128.32 -154.48 279.80
N LYS FA 207 129.08 -155.56 279.46
CA LYS FA 207 128.57 -156.92 279.58
C LYS FA 207 128.22 -157.40 280.97
N GLY FA 208 127.24 -158.34 281.00
CA GLY FA 208 126.79 -159.01 282.22
C GLY FA 208 125.72 -158.25 282.97
N ASN FA 209 125.03 -157.36 282.25
CA ASN FA 209 123.97 -156.48 282.70
C ASN FA 209 124.47 -155.41 283.67
N SER FA 210 125.72 -154.96 283.44
CA SER FA 210 126.41 -154.07 284.35
C SER FA 210 126.92 -152.86 283.65
N PHE FA 211 127.53 -151.97 284.45
CA PHE FA 211 127.73 -150.61 284.05
C PHE FA 211 129.09 -150.20 284.55
N ILE FA 212 129.75 -149.26 283.87
CA ILE FA 212 130.96 -148.61 284.38
C ILE FA 212 130.65 -147.15 284.50
N LEU FA 213 130.86 -146.61 285.71
CA LEU FA 213 130.79 -145.20 286.01
C LEU FA 213 132.21 -144.69 286.03
N SER FA 214 132.48 -143.62 285.27
CA SER FA 214 133.83 -143.13 285.01
C SER FA 214 134.00 -141.70 285.43
N SER FA 215 134.93 -141.39 286.35
CA SER FA 215 135.11 -140.01 286.85
C SER FA 215 135.85 -139.05 285.92
N GLU FA 216 135.80 -137.71 286.15
CA GLU FA 216 136.68 -136.75 285.47
C GLU FA 216 138.15 -137.00 285.75
N LYS FA 217 138.46 -137.55 286.94
CA LYS FA 217 139.81 -137.90 287.35
C LYS FA 217 140.13 -139.34 286.94
N ASN FA 218 139.25 -140.00 286.14
CA ASN FA 218 139.44 -141.34 285.61
C ASN FA 218 139.47 -142.45 286.65
N GLN FA 219 138.74 -142.28 287.76
CA GLN FA 219 138.36 -143.39 288.60
C GLN FA 219 137.24 -144.13 287.89
N LEU FA 220 137.44 -145.44 287.63
CA LEU FA 220 136.47 -146.24 286.94
C LEU FA 220 135.89 -147.24 287.92
N VAL FA 221 134.55 -147.26 288.05
CA VAL FA 221 133.84 -148.10 288.99
C VAL FA 221 132.86 -148.98 288.25
N ARG FA 222 132.96 -150.32 288.43
CA ARG FA 222 131.99 -151.27 287.95
C ARG FA 222 130.77 -151.25 288.85
N LEU FA 223 129.55 -151.23 288.27
CA LEU FA 223 128.31 -151.27 289.00
C LEU FA 223 127.45 -152.41 288.49
N THR FA 224 127.14 -153.38 289.39
CA THR FA 224 126.46 -154.62 289.04
C THR FA 224 125.21 -154.75 289.91
N PRO FA 225 124.01 -154.54 289.39
CA PRO FA 225 122.77 -154.91 290.08
C PRO FA 225 122.66 -156.36 290.47
N ASP FA 226 122.36 -156.65 291.74
CA ASP FA 226 122.09 -157.99 292.23
C ASP FA 226 120.56 -158.15 292.25
N ALA FA 227 120.05 -159.41 292.16
CA ALA FA 227 118.64 -159.77 292.21
C ALA FA 227 117.98 -159.44 293.55
N SER FA 228 118.78 -159.27 294.64
CA SER FA 228 118.30 -158.75 295.93
C SER FA 228 117.72 -157.34 295.87
N GLY FA 229 118.23 -156.51 294.93
CA GLY FA 229 117.98 -155.08 294.83
C GLY FA 229 119.20 -154.25 295.20
N LYS FA 230 120.27 -154.89 295.71
CA LYS FA 230 121.57 -154.26 295.92
C LYS FA 230 122.28 -153.93 294.62
N MET FA 231 123.16 -152.93 294.69
CA MET FA 231 124.06 -152.65 293.60
C MET FA 231 125.47 -152.87 294.13
N ASN FA 232 126.14 -153.93 293.64
CA ASN FA 232 127.52 -154.21 293.95
C ASN FA 232 128.40 -153.21 293.24
N GLN FA 233 129.54 -152.80 293.85
CA GLN FA 233 130.44 -151.91 293.20
C GLN FA 233 131.87 -152.22 293.55
N ARG FA 234 132.78 -152.02 292.58
CA ARG FA 234 134.20 -152.12 292.84
C ARG FA 234 134.94 -151.26 291.83
N VAL FA 235 136.13 -150.76 292.24
CA VAL FA 235 137.06 -150.02 291.39
C VAL FA 235 137.71 -150.95 290.38
N LEU FA 236 137.94 -150.50 289.12
CA LEU FA 236 138.68 -151.29 288.16
C LEU FA 236 140.16 -151.50 288.58
N PRO FA 237 140.81 -152.62 288.26
CA PRO FA 237 142.25 -152.78 288.49
C PRO FA 237 143.08 -151.67 287.87
N GLN FA 238 143.92 -150.98 288.66
CA GLN FA 238 144.72 -149.82 288.24
C GLN FA 238 143.88 -148.65 287.72
N GLY FA 239 142.62 -148.54 288.21
CA GLY FA 239 141.64 -147.57 287.76
C GLY FA 239 141.10 -146.79 288.92
N GLN FA 240 141.99 -146.51 289.90
CA GLN FA 240 141.72 -145.77 291.12
C GLN FA 240 141.54 -144.27 290.85
N GLY FA 241 142.04 -143.84 289.67
CA GLY FA 241 141.90 -142.51 289.08
C GLY FA 241 143.08 -141.63 289.27
N MET FA 242 143.56 -141.61 290.51
CA MET FA 242 144.78 -140.94 290.87
C MET FA 242 145.93 -141.90 290.69
N LEU FA 243 146.80 -141.91 291.71
CA LEU FA 243 147.92 -142.76 291.81
C LEU FA 243 147.59 -144.10 292.52
N SER FA 244 147.90 -145.25 291.88
CA SER FA 244 147.62 -146.67 292.18
C SER FA 244 148.95 -147.35 292.49
N GLY FA 245 149.25 -147.72 293.75
CA GLY FA 245 150.55 -148.28 294.17
C GLY FA 245 151.72 -147.34 294.11
N ILE FA 246 151.40 -146.05 294.04
CA ILE FA 246 152.29 -144.92 294.05
C ILE FA 246 152.00 -144.25 295.34
N GLY FA 247 153.00 -143.55 295.84
CA GLY FA 247 153.00 -142.79 297.06
C GLY FA 247 153.28 -141.37 296.68
N ARG FA 248 153.58 -140.55 297.68
CA ARG FA 248 153.48 -139.12 297.58
C ARG FA 248 154.85 -138.45 297.43
N ARG FA 249 155.65 -138.84 296.40
CA ARG FA 249 156.97 -138.28 296.13
C ARG FA 249 157.05 -137.76 294.70
N VAL FA 250 158.22 -137.24 294.27
CA VAL FA 250 158.50 -136.66 292.95
C VAL FA 250 159.09 -137.61 291.93
N SER FA 251 160.08 -138.40 292.32
CA SER FA 251 160.66 -139.46 291.53
C SER FA 251 161.14 -140.39 292.61
N THR FA 252 160.62 -141.63 292.68
CA THR FA 252 160.95 -142.72 293.62
C THR FA 252 159.82 -143.73 293.55
N LEU FA 253 158.58 -143.24 293.39
CA LEU FA 253 157.38 -144.07 293.33
C LEU FA 253 156.90 -144.19 291.92
N PHE FA 254 157.75 -143.81 290.98
CA PHE FA 254 157.58 -144.01 289.57
C PHE FA 254 157.44 -145.50 289.28
N GLY FA 255 156.21 -145.92 288.94
CA GLY FA 255 155.93 -147.33 288.74
C GLY FA 255 154.92 -147.45 287.64
N ILE FA 256 153.69 -147.87 287.96
CA ILE FA 256 152.64 -148.00 286.96
C ILE FA 256 152.05 -146.66 286.56
N LEU FA 257 152.34 -145.63 287.35
CA LEU FA 257 151.89 -144.29 287.18
C LEU FA 257 153.00 -143.40 287.72
N SER FA 258 153.00 -142.07 287.41
CA SER FA 258 154.09 -141.16 287.74
C SER FA 258 153.52 -140.04 288.61
N PRO FA 259 154.25 -139.42 289.52
CA PRO FA 259 153.72 -138.32 290.32
C PRO FA 259 153.25 -137.10 289.58
N ALA FA 260 153.95 -136.73 288.48
CA ALA FA 260 153.66 -135.58 287.67
C ALA FA 260 152.65 -135.92 286.57
N VAL FA 261 151.94 -137.07 286.69
CA VAL FA 261 150.89 -137.51 285.79
C VAL FA 261 149.63 -136.63 285.88
N GLU FA 262 149.01 -136.34 284.73
CA GLU FA 262 147.66 -135.84 284.67
C GLU FA 262 146.79 -136.95 284.08
N SER FA 263 145.82 -137.47 284.86
CA SER FA 263 144.94 -138.56 284.46
C SER FA 263 143.51 -138.11 284.20
N THR FA 264 143.28 -136.80 283.97
CA THR FA 264 142.00 -136.21 283.57
C THR FA 264 141.39 -136.96 282.39
N LEU FA 265 140.09 -137.30 282.47
CA LEU FA 265 139.38 -138.14 281.52
C LEU FA 265 138.71 -137.37 280.40
N CYS FA 266 138.90 -137.80 279.14
CA CYS FA 266 138.26 -137.21 277.99
C CYS FA 266 137.11 -138.05 277.51
N SER FA 267 137.31 -139.37 277.36
CA SER FA 267 136.21 -140.19 276.94
C SER FA 267 136.48 -141.62 277.27
N VAL FA 268 135.44 -142.46 277.09
CA VAL FA 268 135.51 -143.88 277.31
C VAL FA 268 134.86 -144.56 276.15
N LEU FA 269 135.24 -145.82 275.89
CA LEU FA 269 134.75 -146.58 274.76
C LEU FA 269 134.50 -148.00 275.21
N TRP FA 270 133.33 -148.56 274.87
CA TRP FA 270 132.98 -149.94 275.15
C TRP FA 270 132.89 -150.67 273.82
N ASP FA 271 133.72 -151.71 273.65
CA ASP FA 271 133.75 -152.58 272.51
C ASP FA 271 133.02 -153.87 272.88
N ASP FA 274 134.45 -157.59 274.55
CA ASP FA 274 134.78 -157.50 275.95
C ASP FA 274 135.80 -156.45 276.37
N CYS FA 275 135.91 -155.33 275.61
CA CYS FA 275 136.99 -154.38 275.85
C CYS FA 275 136.51 -152.98 276.15
N PHE FA 276 136.96 -152.44 277.29
CA PHE FA 276 136.61 -151.12 277.75
C PHE FA 276 137.87 -150.29 277.75
N TYR FA 277 137.83 -149.13 277.10
CA TYR FA 277 138.95 -148.23 276.94
C TYR FA 277 138.62 -146.92 277.59
N THR FA 278 139.65 -146.27 278.13
CA THR FA 278 139.60 -144.89 278.59
C THR FA 278 140.61 -144.09 277.87
N LEU FA 279 140.24 -142.86 277.50
CA LEU FA 279 141.13 -141.88 276.94
C LEU FA 279 141.27 -140.78 277.96
N THR FA 280 142.50 -140.51 278.42
CA THR FA 280 142.83 -139.46 279.36
C THR FA 280 143.64 -138.41 278.61
N ASP FA 281 144.07 -137.32 279.28
CA ASP FA 281 144.84 -136.25 278.66
C ASP FA 281 146.26 -136.68 278.26
N SER FA 282 146.77 -137.76 278.88
CA SER FA 282 148.09 -138.31 278.58
C SER FA 282 148.06 -139.67 277.87
N SER FA 283 147.06 -140.53 278.14
CA SER FA 283 147.14 -141.91 277.72
C SER FA 283 145.81 -142.61 277.47
N ILE FA 284 145.91 -143.79 276.80
CA ILE FA 284 144.81 -144.71 276.54
C ILE FA 284 145.07 -145.87 277.45
N ASN FA 285 144.05 -146.32 278.20
CA ASN FA 285 144.09 -147.53 278.98
C ASN FA 285 142.98 -148.42 278.43
N LYS FA 286 143.17 -149.75 278.48
CA LYS FA 286 142.24 -150.75 278.04
C LYS FA 286 142.12 -151.86 279.10
N TRP FA 287 140.88 -152.31 279.36
CA TRP FA 287 140.53 -153.43 280.21
C TRP FA 287 139.82 -154.46 279.35
N ASP FA 288 140.04 -155.76 279.64
CA ASP FA 288 139.30 -156.91 279.13
C ASP FA 288 138.33 -157.30 280.26
N LEU FA 289 137.03 -157.45 279.97
CA LEU FA 289 136.00 -157.67 280.97
C LEU FA 289 135.50 -159.09 280.87
N ASP FA 290 134.89 -159.59 281.95
CA ASP FA 290 133.88 -160.62 281.84
C ASP FA 290 132.59 -160.03 282.44
N ASP FA 291 131.63 -160.87 282.86
CA ASP FA 291 130.36 -160.45 283.47
C ASP FA 291 130.51 -159.83 284.88
N THR FA 292 131.63 -160.05 285.61
CA THR FA 292 131.80 -159.56 286.99
C THR FA 292 133.16 -158.94 287.30
N SER FA 293 134.14 -159.01 286.37
CA SER FA 293 135.45 -158.46 286.61
C SER FA 293 136.08 -157.91 285.37
N GLU FA 294 137.30 -157.39 285.55
CA GLU FA 294 138.06 -156.72 284.54
C GLU FA 294 139.49 -157.09 284.79
N SER FA 295 140.27 -157.20 283.72
CA SER FA 295 141.70 -157.34 283.80
C SER FA 295 142.32 -156.21 282.99
N GLN FA 296 143.22 -155.42 283.62
CA GLN FA 296 143.97 -154.35 282.97
C GLN FA 296 144.87 -154.92 281.89
N VAL FA 297 144.72 -154.45 280.63
CA VAL FA 297 145.48 -154.97 279.51
C VAL FA 297 146.73 -154.13 279.28
N LEU FA 298 146.57 -152.79 279.22
CA LEU FA 298 147.65 -151.88 278.98
C LEU FA 298 147.30 -150.45 279.24
N ASN FA 299 148.32 -149.60 279.44
CA ASN FA 299 148.22 -148.16 279.39
C ASN FA 299 149.30 -147.73 278.39
N TRP FA 300 148.93 -146.95 277.36
CA TRP FA 300 149.84 -146.41 276.35
C TRP FA 300 149.94 -144.92 276.45
N ASP FA 301 151.17 -144.42 276.72
CA ASP FA 301 151.55 -143.02 276.64
C ASP FA 301 151.47 -142.55 275.19
N MET FA 302 150.24 -142.15 274.77
CA MET FA 302 149.97 -141.77 273.40
C MET FA 302 150.44 -140.36 273.13
N SER FA 303 150.63 -139.58 274.22
CA SER FA 303 151.33 -138.31 274.18
C SER FA 303 152.78 -138.52 273.75
N ARG FA 304 153.53 -139.49 274.31
CA ARG FA 304 154.84 -139.83 273.76
C ARG FA 304 154.81 -140.36 272.33
N VAL FA 305 153.90 -141.30 272.02
CA VAL FA 305 153.82 -141.96 270.72
C VAL FA 305 153.42 -141.03 269.57
N LEU FA 306 152.32 -140.23 269.71
CA LEU FA 306 151.69 -139.60 268.56
C LEU FA 306 152.09 -138.15 268.34
N ARG FA 307 152.79 -137.53 269.30
CA ARG FA 307 153.07 -136.11 269.33
C ARG FA 307 153.77 -135.56 268.12
N GLU FA 308 154.87 -136.23 267.71
CA GLU FA 308 155.64 -135.92 266.52
C GLU FA 308 154.76 -136.11 265.28
N TYR FA 309 153.99 -137.22 265.18
CA TYR FA 309 153.15 -137.51 264.04
C TYR FA 309 152.04 -136.48 263.84
N ILE FA 310 151.43 -136.00 264.95
CA ILE FA 310 150.48 -134.90 264.91
C ILE FA 310 151.11 -133.56 264.54
N SER FA 311 152.24 -133.19 265.17
CA SER FA 311 152.91 -131.93 264.89
C SER FA 311 153.52 -131.87 263.49
N ASP FA 312 154.18 -132.95 263.01
CA ASP FA 312 154.69 -133.17 261.66
C ASP FA 312 153.58 -133.07 260.60
N ALA FA 313 152.39 -133.67 260.84
CA ALA FA 313 151.31 -133.61 259.87
C ALA FA 313 150.70 -132.22 259.67
N ILE FA 314 150.87 -131.30 260.64
CA ILE FA 314 150.37 -129.94 260.58
C ILE FA 314 151.49 -128.99 260.18
N TRP FA 315 152.55 -128.87 261.00
CA TRP FA 315 153.56 -127.83 260.83
C TRP FA 315 154.87 -128.39 260.25
N GLY FA 316 154.93 -129.69 259.87
CA GLY FA 316 156.16 -130.39 259.50
C GLY FA 316 156.96 -129.83 258.36
N SER FA 317 156.27 -129.16 257.42
CA SER FA 317 156.88 -128.62 256.22
C SER FA 317 157.15 -127.14 256.33
N GLU FA 318 156.84 -126.52 257.49
CA GLU FA 318 157.22 -125.16 257.79
C GLU FA 318 158.73 -125.02 257.92
N SER FA 319 159.28 -123.86 257.51
CA SER FA 319 160.72 -123.59 257.55
C SER FA 319 161.35 -123.68 258.95
N ASP FA 320 160.59 -123.25 259.98
CA ASP FA 320 160.89 -123.20 261.38
C ASP FA 320 160.21 -124.32 262.17
N TYR FA 321 159.89 -125.49 261.56
CA TYR FA 321 159.23 -126.62 262.23
C TYR FA 321 159.86 -127.04 263.58
N ASP FA 322 161.22 -127.11 263.67
CA ASP FA 322 161.92 -127.44 264.90
C ASP FA 322 161.66 -126.46 266.05
N ASP FA 323 161.67 -125.13 265.79
CA ASP FA 323 161.34 -124.12 266.76
C ASP FA 323 159.85 -124.15 267.16
N ILE FA 324 158.96 -124.29 266.15
CA ILE FA 324 157.51 -124.38 266.33
C ILE FA 324 157.12 -125.56 267.22
N LYS FA 325 157.66 -126.77 266.96
CA LYS FA 325 157.11 -128.00 267.50
C LYS FA 325 157.15 -128.18 269.02
N ALA FA 326 158.14 -127.56 269.71
CA ALA FA 326 158.26 -127.64 271.16
C ALA FA 326 157.24 -126.78 271.91
N GLY FA 327 156.57 -125.84 271.21
CA GLY FA 327 155.49 -125.02 271.75
C GLY FA 327 154.09 -125.51 271.42
N ILE FA 328 153.93 -126.66 270.74
CA ILE FA 328 152.63 -127.20 270.33
C ILE FA 328 151.83 -127.79 271.47
N ASN FA 329 150.59 -127.31 271.64
CA ASN FA 329 149.65 -127.86 272.58
C ASN FA 329 148.83 -128.90 271.84
N ILE FA 330 148.66 -130.11 272.41
CA ILE FA 330 147.81 -131.16 271.87
C ILE FA 330 146.85 -131.59 272.97
N ASN FA 331 145.53 -131.65 272.68
CA ASN FA 331 144.52 -132.20 273.56
C ASN FA 331 143.82 -133.34 272.84
N TYR FA 332 143.66 -134.48 273.52
CA TYR FA 332 143.00 -135.67 273.00
C TYR FA 332 141.55 -135.60 273.47
N LEU FA 333 140.54 -135.74 272.60
CA LEU FA 333 139.16 -135.39 272.97
C LEU FA 333 138.18 -136.53 272.89
N SER FA 334 138.38 -137.48 271.97
CA SER FA 334 137.40 -138.53 271.81
C SER FA 334 138.07 -139.72 271.18
N LEU FA 335 137.47 -140.90 271.39
CA LEU FA 335 138.02 -142.17 271.02
C LEU FA 335 136.86 -142.98 270.53
N ASN FA 336 137.02 -143.54 269.33
CA ASN FA 336 136.07 -144.41 268.72
C ASN FA 336 136.91 -145.46 268.02
N GLN FA 337 136.28 -146.41 267.33
CA GLN FA 337 136.99 -147.38 266.56
C GLN FA 337 136.26 -147.68 265.28
N ASN FA 338 137.00 -148.26 264.34
CA ASN FA 338 136.51 -148.76 263.09
C ASN FA 338 137.37 -149.98 262.75
N CYS FA 339 137.27 -150.52 261.52
CA CYS FA 339 138.06 -151.64 261.02
C CYS FA 339 139.56 -151.44 261.02
N ASP FA 340 140.02 -150.20 260.75
CA ASP FA 340 141.40 -149.74 260.79
C ASP FA 340 141.95 -149.77 262.24
N GLY FA 341 141.08 -149.86 263.26
CA GLY FA 341 141.44 -149.95 264.66
C GLY FA 341 140.87 -148.79 265.42
N LEU FA 342 141.66 -148.18 266.32
CA LEU FA 342 141.19 -147.11 267.18
C LEU FA 342 141.33 -145.80 266.45
N VAL FA 343 140.33 -144.90 266.59
CA VAL FA 343 140.28 -143.61 265.94
C VAL FA 343 140.21 -142.57 267.04
N ILE FA 344 141.23 -141.70 267.14
CA ILE FA 344 141.37 -140.71 268.19
C ILE FA 344 141.18 -139.34 267.58
N LEU FA 345 140.32 -138.51 268.19
CA LEU FA 345 140.15 -137.13 267.80
C LEU FA 345 141.04 -136.28 268.69
N SER FA 346 141.93 -135.50 268.05
CA SER FA 346 142.91 -134.67 268.73
C SER FA 346 142.85 -133.26 268.21
N ALA FA 347 142.91 -132.27 269.11
CA ALA FA 347 143.02 -130.86 268.75
C ALA FA 347 144.42 -130.38 269.04
N ALA FA 348 145.07 -129.70 268.09
CA ALA FA 348 146.41 -129.19 268.24
C ALA FA 348 146.49 -127.72 267.83
N TRP FA 349 147.31 -126.91 268.55
CA TRP FA 349 147.49 -125.51 268.21
C TRP FA 349 148.83 -125.02 268.73
N HIS FA 350 149.33 -123.92 268.14
CA HIS FA 350 150.54 -123.24 268.56
C HIS FA 350 150.16 -121.80 268.92
N PRO FA 351 150.35 -121.28 270.14
CA PRO FA 351 149.95 -119.92 270.51
C PRO FA 351 150.52 -118.81 269.66
N GLY FA 352 151.78 -119.00 269.22
CA GLY FA 352 152.58 -118.01 268.49
C GLY FA 352 152.36 -118.00 267.00
N ASP FA 353 151.55 -118.94 266.46
CA ASP FA 353 151.02 -118.87 265.10
C ASP FA 353 150.19 -117.60 264.96
N ASN FA 354 150.31 -116.93 263.81
CA ASN FA 354 149.57 -115.73 263.53
C ASN FA 354 149.02 -115.90 262.11
N PRO FA 355 147.71 -116.02 261.89
CA PRO FA 355 146.66 -116.29 262.89
C PRO FA 355 146.81 -117.63 263.61
N CYS FA 356 146.39 -117.75 264.90
CA CYS FA 356 146.41 -119.03 265.60
C CYS FA 356 145.09 -119.75 265.37
N GLN FA 357 145.16 -120.90 264.66
CA GLN FA 357 144.02 -121.75 264.40
C GLN FA 357 144.16 -123.03 265.21
N ILE FA 358 143.03 -123.74 265.44
CA ILE FA 358 143.02 -125.05 266.08
C ILE FA 358 142.88 -126.09 265.01
N TYR FA 359 143.83 -127.03 264.90
CA TYR FA 359 143.77 -128.07 263.91
C TYR FA 359 143.20 -129.31 264.56
N TYR FA 360 142.11 -129.87 264.01
CA TYR FA 360 141.50 -131.08 264.51
C TYR FA 360 142.00 -132.21 263.65
N THR FA 361 142.52 -133.28 264.27
CA THR FA 361 143.04 -134.42 263.55
C THR FA 361 142.35 -135.68 263.95
N LEU FA 362 142.24 -136.61 262.99
CA LEU FA 362 141.86 -137.97 263.26
C LEU FA 362 143.09 -138.82 263.13
N VAL FA 363 143.43 -139.51 264.23
CA VAL FA 363 144.59 -140.36 264.34
C VAL FA 363 144.10 -141.78 264.41
N THR FA 364 144.52 -142.66 263.45
CA THR FA 364 144.17 -144.08 263.48
C THR FA 364 145.38 -144.91 263.80
N VAL FA 365 145.22 -145.82 264.78
CA VAL FA 365 146.26 -146.74 265.20
C VAL FA 365 145.63 -148.10 265.38
N LYS FA 366 146.44 -149.15 265.23
CA LYS FA 366 146.01 -150.52 265.47
C LYS FA 366 146.09 -150.84 266.96
N ASP FA 367 145.07 -151.55 267.50
CA ASP FA 367 145.13 -152.17 268.82
C ASP FA 367 145.36 -153.65 268.52
N GLU FA 368 146.64 -154.07 268.55
CA GLU FA 368 147.01 -155.45 268.33
C GLU FA 368 147.92 -155.89 269.45
N GLY FA 369 147.36 -156.67 270.39
CA GLY FA 369 148.10 -157.16 271.54
C GLY FA 369 148.23 -156.09 272.59
N TYR FA 370 149.43 -155.93 273.19
CA TYR FA 370 149.56 -154.94 274.25
C TYR FA 370 150.45 -153.76 273.89
N ASN FA 371 150.83 -153.59 272.62
CA ASN FA 371 151.79 -152.57 272.28
C ASN FA 371 151.27 -151.86 271.06
N ILE FA 372 151.75 -150.63 270.88
CA ILE FA 372 151.46 -149.83 269.72
C ILE FA 372 152.33 -150.25 268.55
N SER FA 373 151.77 -150.23 267.33
CA SER FA 373 152.50 -150.43 266.08
C SER FA 373 153.19 -149.17 265.64
N ASP FA 374 154.11 -149.28 264.68
CA ASP FA 374 154.88 -148.18 264.14
C ASP FA 374 154.06 -147.28 263.18
N GLU FA 375 152.96 -147.87 262.67
CA GLU FA 375 152.04 -147.31 261.70
C GLU FA 375 150.94 -146.52 262.40
N ILE FA 376 151.06 -145.19 262.31
CA ILE FA 376 150.14 -144.20 262.80
C ILE FA 376 149.76 -143.43 261.55
N THR FA 377 148.45 -143.20 261.30
CA THR FA 377 148.04 -142.26 260.26
C THR FA 377 147.53 -141.05 260.97
N VAL FA 378 147.86 -139.83 260.48
CA VAL FA 378 147.27 -138.61 260.99
C VAL FA 378 146.60 -137.95 259.82
N GLU FA 379 145.29 -137.69 259.97
CA GLU FA 379 144.47 -137.04 258.97
C GLU FA 379 143.97 -135.73 259.56
N VAL FA 380 144.32 -134.59 258.93
CA VAL FA 380 143.95 -133.26 259.38
C VAL FA 380 142.63 -132.84 258.73
N THR FA 381 141.61 -132.54 259.55
CA THR FA 381 140.25 -132.27 259.06
C THR FA 381 140.11 -130.88 258.46
N GLN FA 382 138.96 -130.61 257.80
CA GLN FA 382 138.56 -129.26 257.40
C GLN FA 382 138.22 -128.40 258.58
N PHE FA 383 137.91 -128.99 259.76
CA PHE FA 383 137.45 -128.20 260.86
C PHE FA 383 138.68 -127.53 261.46
N ASN FA 384 138.77 -126.21 261.29
CA ASN FA 384 139.96 -125.47 261.60
C ASN FA 384 139.58 -124.08 262.13
N PRO FA 385 138.81 -123.95 263.21
CA PRO FA 385 138.44 -122.64 263.73
C PRO FA 385 139.61 -121.91 264.37
N VAL FA 386 139.46 -120.59 264.51
CA VAL FA 386 140.37 -119.71 265.23
C VAL FA 386 140.52 -120.17 266.69
N PHE FA 387 141.73 -120.15 267.29
CA PHE FA 387 141.85 -120.34 268.72
C PHE FA 387 141.22 -119.18 269.47
N GLN FA 388 140.36 -119.52 270.46
CA GLN FA 388 139.71 -118.58 271.32
C GLN FA 388 140.16 -118.86 272.73
N ALA FA 389 139.73 -119.98 273.30
CA ALA FA 389 140.10 -120.37 274.62
C ALA FA 389 140.09 -121.89 274.66
N ARG FA 390 140.95 -122.49 275.52
CA ARG FA 390 141.06 -123.92 275.70
C ARG FA 390 139.77 -124.57 276.18
N GLY FA 391 139.01 -123.86 277.04
CA GLY FA 391 137.70 -124.31 277.50
C GLY FA 391 136.62 -124.33 276.43
N MET FA 392 136.85 -123.65 275.29
CA MET FA 392 135.94 -123.58 274.15
C MET FA 392 136.32 -124.59 273.06
N GLN FA 393 137.37 -125.40 273.28
CA GLN FA 393 137.71 -126.49 272.40
C GLN FA 393 136.83 -127.70 272.57
N LEU FA 394 135.63 -127.63 272.00
CA LEU FA 394 134.63 -128.66 272.17
C LEU FA 394 134.35 -129.23 270.79
N CYS FA 395 134.31 -130.57 270.72
CA CYS FA 395 134.17 -131.32 269.48
C CYS FA 395 134.14 -132.77 269.85
N GLN FA 396 133.19 -133.51 269.27
CA GLN FA 396 132.98 -134.91 269.52
C GLN FA 396 132.97 -135.67 268.22
N LEU FA 397 133.10 -136.99 268.35
CA LEU FA 397 133.34 -137.91 267.25
C LEU FA 397 132.29 -139.00 267.21
N VAL FA 398 131.72 -139.26 266.02
CA VAL FA 398 130.83 -140.38 265.71
C VAL FA 398 131.40 -141.14 264.53
N VAL FA 399 131.40 -142.49 264.59
CA VAL FA 399 131.80 -143.40 263.53
C VAL FA 399 130.66 -144.40 263.38
N PRO FA 400 129.74 -144.24 262.42
CA PRO FA 400 128.55 -145.07 262.37
C PRO FA 400 128.83 -146.34 261.61
N ASN FA 401 129.70 -146.22 260.59
CA ASN FA 401 130.04 -147.31 259.71
C ASN FA 401 131.46 -147.72 260.09
N PHE FA 402 131.61 -148.96 260.60
CA PHE FA 402 132.87 -149.57 260.96
C PHE FA 402 133.84 -149.79 259.79
N SER FA 403 133.37 -149.86 258.51
CA SER FA 403 134.19 -150.28 257.36
C SER FA 403 134.34 -149.31 256.19
N SER FA 404 133.50 -148.26 256.07
CA SER FA 404 133.83 -147.09 255.26
C SER FA 404 134.66 -146.20 256.17
N GLN FA 405 135.73 -145.54 255.67
CA GLN FA 405 136.69 -144.92 256.57
C GLN FA 405 136.21 -143.51 256.99
N ALA FA 406 134.93 -143.37 257.38
CA ALA FA 406 134.23 -142.12 257.51
C ALA FA 406 133.83 -141.80 258.95
N CYS FA 407 134.12 -140.54 259.33
CA CYS FA 407 133.93 -140.09 260.68
C CYS FA 407 133.22 -138.78 260.64
N TYR FA 408 132.46 -138.50 261.70
CA TYR FA 408 131.63 -137.32 261.72
C TYR FA 408 132.06 -136.56 262.94
N LEU FA 409 132.66 -135.37 262.74
CA LEU FA 409 133.00 -134.49 263.84
C LEU FA 409 131.79 -133.65 264.14
N TYR FA 410 131.54 -133.38 265.43
CA TYR FA 410 130.44 -132.52 265.75
C TYR FA 410 130.68 -131.61 266.92
N THR FA 411 130.08 -130.43 266.82
CA THR FA 411 129.95 -129.48 267.92
C THR FA 411 128.47 -129.25 268.09
N GLN FA 412 128.05 -128.11 268.67
CA GLN FA 412 126.64 -127.80 268.82
C GLN FA 412 125.99 -127.17 267.59
N GLU FA 413 126.79 -126.67 266.62
CA GLU FA 413 126.27 -125.88 265.50
C GLU FA 413 126.54 -126.50 264.15
N MET FA 414 127.41 -127.51 264.05
CA MET FA 414 127.69 -128.10 262.75
C MET FA 414 128.37 -129.44 262.88
N ILE FA 415 128.21 -130.20 261.79
CA ILE FA 415 128.69 -131.54 261.59
C ILE FA 415 129.70 -131.47 260.47
N PHE FA 416 130.89 -132.06 260.64
CA PHE FA 416 131.86 -132.21 259.58
C PHE FA 416 131.98 -133.67 259.25
N ALA FA 417 131.62 -134.04 258.01
CA ALA FA 417 131.86 -135.35 257.44
C ALA FA 417 133.32 -135.37 257.05
N CYS FA 418 134.06 -136.30 257.64
CA CYS FA 418 135.49 -136.37 257.54
C CYS FA 418 135.86 -137.78 257.21
N SER FA 419 137.12 -137.90 256.83
CA SER FA 419 137.71 -139.13 256.39
C SER FA 419 138.72 -139.58 257.44
N THR FA 420 139.07 -140.88 257.46
CA THR FA 420 140.14 -141.48 258.24
C THR FA 420 140.98 -142.32 257.32
N GLY FA 421 142.14 -142.79 257.85
CA GLY FA 421 142.92 -143.83 257.21
C GLY FA 421 143.57 -143.41 255.92
N THR FA 422 143.54 -144.28 254.90
CA THR FA 422 144.00 -143.95 253.55
C THR FA 422 143.12 -142.95 252.84
N GLY FA 423 141.83 -142.96 253.18
CA GLY FA 423 140.82 -142.18 252.50
C GLY FA 423 140.23 -142.84 251.26
N ARG FA 424 140.60 -144.10 250.96
CA ARG FA 424 140.15 -144.82 249.78
C ARG FA 424 138.65 -145.06 249.64
N SER FA 425 137.95 -145.43 250.73
CA SER FA 425 136.51 -145.69 250.67
C SER FA 425 135.73 -144.57 251.32
N THR FA 426 136.35 -143.39 251.51
CA THR FA 426 135.72 -142.30 252.24
C THR FA 426 134.73 -141.53 251.46
N LEU FA 427 133.71 -141.05 252.18
CA LEU FA 427 132.70 -140.20 251.62
C LEU FA 427 133.21 -138.77 251.43
N PRO FA 428 132.68 -137.94 250.52
CA PRO FA 428 133.11 -136.55 250.32
C PRO FA 428 133.22 -135.72 251.59
N GLN FA 429 134.32 -134.96 251.79
CA GLN FA 429 134.40 -134.13 252.98
C GLN FA 429 133.52 -132.89 252.91
N GLU FA 430 132.61 -132.71 253.89
CA GLU FA 430 131.68 -131.61 253.87
C GLU FA 430 131.30 -131.20 255.26
N LYS FA 431 131.03 -129.88 255.42
CA LYS FA 431 130.52 -129.28 256.61
C LYS FA 431 129.03 -129.08 256.46
N ILE FA 432 128.25 -129.61 257.40
CA ILE FA 432 126.80 -129.56 257.37
C ILE FA 432 126.34 -128.64 258.51
N PRO FA 433 125.69 -127.51 258.26
CA PRO FA 433 125.34 -126.55 259.30
C PRO FA 433 123.98 -126.82 259.92
N PHE FA 434 123.91 -126.76 261.26
CA PHE FA 434 122.72 -126.94 262.05
C PHE FA 434 122.65 -125.77 263.03
N GLU FA 435 123.15 -124.59 262.60
CA GLU FA 435 123.31 -123.40 263.41
C GLU FA 435 122.16 -122.40 263.24
N ALA FA 436 121.30 -122.60 262.21
CA ALA FA 436 120.44 -121.54 261.74
C ALA FA 436 119.08 -121.46 262.44
N GLN FA 437 118.73 -120.28 262.99
CA GLN FA 437 117.38 -119.98 263.48
C GLN FA 437 117.01 -120.64 264.80
N GLY FA 438 117.97 -120.65 265.74
CA GLY FA 438 117.85 -121.25 267.07
C GLY FA 438 118.12 -122.72 267.03
N ASP FA 439 118.42 -123.25 265.83
CA ASP FA 439 118.80 -124.63 265.63
C ASP FA 439 120.13 -125.00 266.27
N ASN FA 440 120.28 -126.30 266.61
CA ASN FA 440 121.45 -126.75 267.35
C ASN FA 440 121.52 -128.27 267.28
N ILE FA 441 122.74 -128.84 267.35
CA ILE FA 441 123.03 -130.26 267.50
C ILE FA 441 123.04 -130.63 268.95
N VAL FA 442 121.97 -131.30 269.40
CA VAL FA 442 121.80 -131.70 270.77
C VAL FA 442 122.51 -133.03 271.03
N GLY FA 443 122.74 -133.83 269.97
CA GLY FA 443 123.37 -135.11 270.16
C GLY FA 443 123.49 -135.82 268.85
N ALA FA 444 124.22 -136.92 268.84
CA ALA FA 444 124.46 -137.65 267.63
C ALA FA 444 124.73 -139.09 267.97
N GLY FA 445 124.52 -139.98 267.00
CA GLY FA 445 124.82 -141.38 267.18
C GLY FA 445 124.70 -142.10 265.89
N SER FA 446 124.23 -143.34 265.94
CA SER FA 446 124.10 -144.18 264.77
C SER FA 446 122.91 -145.05 265.01
N CYS FA 447 122.12 -145.35 263.97
CA CYS FA 447 121.08 -146.36 264.02
C CYS FA 447 121.32 -147.16 262.77
N GLU FA 448 121.57 -148.49 262.87
CA GLU FA 448 121.80 -149.39 261.76
C GLU FA 448 122.99 -149.00 260.84
N GLY FA 449 124.04 -148.35 261.38
CA GLY FA 449 125.16 -147.86 260.58
C GLY FA 449 124.93 -146.54 259.87
N TRP FA 450 123.76 -145.89 260.11
CA TRP FA 450 123.40 -144.61 259.52
C TRP FA 450 123.81 -143.49 260.48
N PRO FA 451 124.58 -142.46 260.12
CA PRO FA 451 124.79 -141.29 260.98
C PRO FA 451 123.51 -140.59 261.40
N VAL FA 452 123.23 -140.48 262.71
CA VAL FA 452 122.01 -139.89 263.23
C VAL FA 452 122.38 -138.64 264.00
N PHE FA 453 121.68 -137.53 263.73
CA PHE FA 453 121.79 -136.30 264.47
C PHE FA 453 120.47 -135.98 265.09
N PHE FA 454 120.52 -135.50 266.34
CA PHE FA 454 119.34 -135.02 267.03
C PHE FA 454 119.46 -133.53 267.11
N ILE FA 455 118.56 -132.88 266.39
CA ILE FA 455 118.61 -131.47 266.12
C ILE FA 455 117.47 -130.76 266.80
N ARG FA 456 117.75 -129.56 267.35
CA ARG FA 456 116.78 -128.78 268.11
C ARG FA 456 115.52 -128.40 267.33
N LYS FA 457 115.66 -128.00 266.05
CA LYS FA 457 114.53 -127.69 265.19
C LYS FA 457 113.78 -128.86 264.55
N SER FA 458 114.48 -129.99 264.28
CA SER FA 458 113.98 -131.00 263.36
C SER FA 458 114.00 -132.41 263.90
N GLY FA 459 114.36 -132.61 265.17
CA GLY FA 459 114.42 -133.95 265.76
C GLY FA 459 115.50 -134.84 265.21
N MET FA 460 115.24 -136.16 265.14
CA MET FA 460 116.19 -137.10 264.59
C MET FA 460 116.32 -136.95 263.08
N LEU FA 461 117.55 -136.88 262.58
CA LEU FA 461 117.80 -136.69 261.19
C LEU FA 461 118.97 -137.55 260.81
N THR FA 462 118.96 -138.13 259.59
CA THR FA 462 120.08 -138.92 259.10
C THR FA 462 120.82 -138.11 258.09
N VAL FA 463 122.13 -138.41 257.92
CA VAL FA 463 122.99 -137.87 256.89
C VAL FA 463 123.38 -138.97 255.97
N VAL FA 464 122.83 -138.93 254.76
CA VAL FA 464 123.08 -139.99 253.82
C VAL FA 464 123.63 -139.37 252.56
N ALA FA 465 124.67 -139.99 251.97
CA ALA FA 465 125.23 -139.59 250.70
C ALA FA 465 124.18 -139.58 249.58
N ARG FA 466 124.30 -138.65 248.61
CA ARG FA 466 123.37 -138.67 247.49
C ARG FA 466 123.73 -139.69 246.40
N GLU FA 467 124.98 -140.22 246.37
CA GLU FA 467 125.40 -141.28 245.48
C GLU FA 467 125.42 -142.63 246.24
N LYS FA 505 147.98 -93.53 261.88
CA LYS FA 505 149.37 -93.45 262.44
C LYS FA 505 150.22 -94.60 261.97
N THR FA 506 151.50 -94.67 262.41
CA THR FA 506 152.46 -95.70 262.02
C THR FA 506 152.03 -97.10 262.42
N LYS FA 507 151.32 -97.24 263.55
CA LYS FA 507 150.74 -98.49 264.02
C LYS FA 507 149.69 -99.07 263.09
N HIS FA 508 148.88 -98.22 262.41
CA HIS FA 508 147.85 -98.68 261.50
C HIS FA 508 148.40 -99.18 260.19
N LEU FA 509 149.36 -98.43 259.61
CA LEU FA 509 150.05 -98.87 258.43
C LEU FA 509 150.78 -100.16 258.70
N LYS FA 510 151.43 -100.30 259.85
CA LYS FA 510 152.12 -101.51 260.21
C LYS FA 510 151.22 -102.63 260.65
N ALA FA 511 149.90 -102.44 260.67
CA ALA FA 511 148.95 -103.50 260.90
C ALA FA 511 148.33 -103.97 259.61
N ALA FA 512 148.11 -103.05 258.64
CA ALA FA 512 147.73 -103.46 257.32
C ALA FA 512 148.86 -104.19 256.60
N PHE FA 513 150.12 -103.79 256.84
CA PHE FA 513 151.26 -104.41 256.18
C PHE FA 513 151.40 -105.85 256.69
N LEU FA 514 151.01 -106.11 257.96
CA LEU FA 514 150.93 -107.45 258.51
C LEU FA 514 149.68 -108.24 258.11
N ARG FA 515 148.62 -107.60 257.62
CA ARG FA 515 147.48 -108.33 257.08
C ARG FA 515 147.66 -108.66 255.63
N TYR FA 516 148.42 -107.88 254.85
CA TYR FA 516 148.88 -108.29 253.52
C TYR FA 516 149.80 -109.48 253.65
N CYS FA 517 150.64 -109.58 254.71
CA CYS FA 517 151.49 -110.76 254.87
C CYS FA 517 150.74 -112.06 254.94
N ARG FA 518 149.61 -112.06 255.64
CA ARG FA 518 148.74 -113.22 255.72
C ARG FA 518 147.86 -113.42 254.49
N LYS FA 519 147.65 -112.40 253.64
CA LYS FA 519 146.80 -112.47 252.45
C LYS FA 519 147.32 -113.34 251.34
N ASP FA 520 148.64 -113.53 251.26
CA ASP FA 520 149.27 -114.47 250.38
C ASP FA 520 148.92 -115.91 250.77
N ILE FA 521 148.79 -116.19 252.09
CA ILE FA 521 148.50 -117.52 252.59
C ILE FA 521 147.01 -117.83 252.68
N LEU FA 522 146.21 -116.99 253.36
CA LEU FA 522 144.78 -117.22 253.54
C LEU FA 522 144.08 -115.88 253.72
N GLY FA 523 142.75 -115.84 253.49
CA GLY FA 523 142.04 -114.56 253.54
C GLY FA 523 141.22 -114.33 254.77
N ALA FA 524 140.73 -115.39 255.46
CA ALA FA 524 139.74 -115.22 256.52
C ALA FA 524 140.15 -114.29 257.66
N GLN FA 525 141.36 -114.46 258.22
CA GLN FA 525 141.90 -113.54 259.22
C GLN FA 525 142.08 -112.11 258.69
N SER FA 526 142.53 -111.95 257.45
CA SER FA 526 142.83 -110.62 256.96
C SER FA 526 141.58 -109.84 256.57
N MET FA 527 140.48 -110.57 256.31
CA MET FA 527 139.16 -110.04 256.08
C MET FA 527 138.48 -109.61 257.37
N VAL FA 528 138.92 -110.11 258.54
CA VAL FA 528 138.37 -109.62 259.81
C VAL FA 528 139.17 -108.42 260.31
N ASP FA 529 140.42 -108.24 259.83
CA ASP FA 529 141.24 -107.07 260.11
C ASP FA 529 141.01 -105.98 259.05
N SER FA 530 140.14 -106.25 258.07
CA SER FA 530 139.54 -105.20 257.26
C SER FA 530 138.15 -104.88 257.73
N LEU FA 531 137.42 -105.85 258.32
CA LEU FA 531 136.14 -105.62 258.98
C LEU FA 531 136.31 -104.84 260.29
N PHE FA 532 137.39 -105.10 261.04
CA PHE FA 532 137.78 -104.28 262.18
C PHE FA 532 138.32 -102.92 261.74
N SER FA 533 138.67 -102.78 260.45
CA SER FA 533 139.02 -101.49 259.86
C SER FA 533 137.79 -100.79 259.31
N ASP FA 534 136.57 -101.26 259.66
CA ASP FA 534 135.35 -100.46 259.62
C ASP FA 534 135.01 -99.98 261.05
N SER FA 535 135.96 -100.17 262.01
CA SER FA 535 136.06 -99.39 263.24
C SER FA 535 137.01 -98.23 262.97
N ASP FA 536 137.06 -97.79 261.71
CA ASP FA 536 137.80 -96.65 261.22
C ASP FA 536 137.20 -95.32 261.68
N MET FA 537 137.57 -94.25 260.97
CA MET FA 537 137.01 -92.95 261.17
C MET FA 537 135.74 -92.70 260.35
N GLU FA 538 135.77 -92.99 259.02
CA GLU FA 538 134.70 -92.73 258.06
C GLU FA 538 134.35 -91.25 257.71
N PRO FA 539 135.11 -90.15 257.91
CA PRO FA 539 134.81 -88.91 257.20
C PRO FA 539 135.68 -88.79 255.96
N ASP FA 540 135.05 -88.94 254.78
CA ASP FA 540 135.62 -88.94 253.44
C ASP FA 540 136.81 -88.02 253.17
N ASP FA 541 136.71 -86.72 253.53
CA ASP FA 541 137.57 -85.66 253.04
C ASP FA 541 139.04 -85.70 253.49
N GLU FA 542 139.39 -86.36 254.61
CA GLU FA 542 140.81 -86.45 254.96
C GLU FA 542 141.20 -87.68 255.76
N LEU FA 543 140.27 -88.38 256.44
CA LEU FA 543 140.61 -89.59 257.17
C LEU FA 543 140.59 -90.80 256.26
N ASP FA 544 139.80 -90.76 255.18
CA ASP FA 544 139.91 -91.74 254.11
C ASP FA 544 141.13 -91.43 253.26
N LEU FA 545 141.62 -90.20 253.37
CA LEU FA 545 142.90 -89.79 252.84
C LEU FA 545 144.03 -90.06 253.85
N ALA FA 546 143.69 -90.69 255.00
CA ALA FA 546 144.63 -91.16 256.00
C ALA FA 546 144.83 -92.67 255.99
N VAL FA 547 143.97 -93.41 255.25
CA VAL FA 547 144.23 -94.81 254.91
C VAL FA 547 144.73 -94.86 253.49
N ASN FA 548 144.60 -93.73 252.76
CA ASN FA 548 145.24 -93.50 251.50
C ASN FA 548 146.74 -93.37 251.62
N GLN FA 549 147.18 -92.60 252.62
CA GLN FA 549 148.58 -92.37 252.87
C GLN FA 549 149.21 -93.60 253.52
N ILE FA 550 148.40 -94.64 253.75
CA ILE FA 550 148.83 -95.95 254.18
C ILE FA 550 149.00 -96.90 253.01
N SER FA 551 147.99 -96.98 252.11
CA SER FA 551 148.09 -97.77 250.91
C SER FA 551 149.15 -97.26 249.97
N VAL FA 552 149.31 -95.93 249.89
CA VAL FA 552 150.44 -95.31 249.22
C VAL FA 552 151.82 -95.58 249.85
N ASP FA 553 151.93 -95.59 251.20
CA ASP FA 553 153.21 -95.82 251.87
C ASP FA 553 153.67 -97.27 251.73
N LEU FA 554 152.75 -98.22 251.49
CA LEU FA 554 153.11 -99.59 251.17
C LEU FA 554 153.42 -99.86 249.72
N ILE FA 555 152.80 -99.09 248.79
CA ILE FA 555 153.20 -99.12 247.39
C ILE FA 555 154.49 -98.39 247.17
N ASP FA 556 155.07 -97.73 248.19
CA ASP FA 556 156.40 -97.15 248.10
C ASP FA 556 157.43 -98.05 248.77
N ASP FA 557 156.99 -98.97 249.66
CA ASP FA 557 157.87 -99.95 250.25
C ASP FA 557 157.89 -101.23 249.41
N TYR FA 558 156.88 -101.55 248.55
CA TYR FA 558 156.98 -102.69 247.64
C TYR FA 558 157.92 -102.45 246.43
N PRO FA 559 158.05 -101.23 245.85
CA PRO FA 559 159.11 -100.81 244.93
C PRO FA 559 160.46 -100.57 245.57
N ALA FA 560 160.53 -100.27 246.87
CA ALA FA 560 161.81 -100.10 247.54
C ALA FA 560 162.60 -101.40 247.71
N SER FA 561 163.46 -101.49 248.75
CA SER FA 561 164.11 -102.72 249.17
C SER FA 561 163.15 -103.84 249.55
N ASP FA 562 163.58 -104.88 250.30
CA ASP FA 562 162.66 -105.77 251.01
C ASP FA 562 161.53 -104.99 251.76
N PRO FA 563 160.28 -105.16 251.36
CA PRO FA 563 159.17 -104.38 251.90
C PRO FA 563 158.87 -104.73 253.35
N ARG FA 564 158.60 -103.75 254.22
CA ARG FA 564 158.39 -103.98 255.64
C ARG FA 564 157.19 -104.85 256.08
N TRP FA 565 156.39 -105.37 255.14
CA TRP FA 565 155.38 -106.42 255.38
C TRP FA 565 155.99 -107.80 255.57
N ALA FA 566 157.15 -108.02 254.92
CA ALA FA 566 157.93 -109.22 254.97
C ALA FA 566 158.49 -109.46 256.35
N GLU FA 567 158.78 -110.74 256.69
CA GLU FA 567 159.41 -111.22 257.92
C GLU FA 567 158.56 -112.37 258.43
N SER FA 568 157.32 -112.04 258.85
CA SER FA 568 156.33 -112.98 259.37
C SER FA 568 155.94 -114.04 258.35
N VAL FA 569 155.66 -113.59 257.10
CA VAL FA 569 155.39 -114.47 255.99
C VAL FA 569 156.56 -114.33 255.06
N PRO FA 570 157.29 -115.39 254.71
CA PRO FA 570 158.47 -115.24 253.88
C PRO FA 570 158.07 -115.65 252.48
N GLU FA 571 157.20 -114.81 251.88
CA GLU FA 571 156.72 -114.94 250.52
C GLU FA 571 157.81 -114.53 249.52
N GLU FA 572 157.44 -113.90 248.40
CA GLU FA 572 158.34 -113.37 247.39
C GLU FA 572 158.87 -111.99 247.82
N ALA FA 573 158.46 -111.56 249.03
CA ALA FA 573 158.93 -110.37 249.67
C ALA FA 573 160.35 -110.48 250.17
N ALA FA 574 160.73 -111.63 250.75
CA ALA FA 574 161.99 -111.95 251.44
C ALA FA 574 163.21 -111.10 251.16
N GLY FA 575 164.00 -110.78 252.22
CA GLY FA 575 165.22 -109.97 252.16
C GLY FA 575 166.28 -110.56 251.29
N PHE FA 576 166.08 -110.42 249.97
CA PHE FA 576 166.97 -110.85 248.93
C PHE FA 576 168.29 -110.15 249.08
N SER FA 577 169.38 -110.92 248.95
CA SER FA 577 170.70 -110.38 249.15
C SER FA 577 171.02 -109.23 248.22
N ASN FA 578 171.52 -108.13 248.80
CA ASN FA 578 171.88 -106.93 248.08
C ASN FA 578 173.33 -107.02 247.62
N THR FA 579 173.98 -108.17 247.90
CA THR FA 579 175.29 -108.52 247.37
C THR FA 579 175.11 -109.53 246.26
N SER FA 580 173.85 -109.88 245.90
CA SER FA 580 173.57 -110.74 244.75
C SER FA 580 173.78 -109.99 243.44
N LEU FA 581 173.95 -110.76 242.34
CA LEU FA 581 173.99 -110.20 241.01
C LEU FA 581 172.62 -110.35 240.38
N ILE FA 582 171.69 -110.97 241.13
CA ILE FA 582 170.31 -111.14 240.74
C ILE FA 582 169.57 -109.86 241.03
N LEU FA 583 169.83 -108.83 240.23
CA LEU FA 583 169.14 -107.58 240.36
C LEU FA 583 167.91 -107.61 239.47
N LEU FA 584 167.99 -108.00 238.19
CA LEU FA 584 166.79 -108.00 237.36
C LEU FA 584 165.68 -108.98 237.78
N HIS FA 585 165.99 -110.28 238.00
CA HIS FA 585 165.00 -111.24 238.48
C HIS FA 585 164.44 -110.85 239.85
N GLN FA 586 165.25 -110.19 240.71
CA GLN FA 586 164.80 -109.70 242.00
C GLN FA 586 163.78 -108.58 241.88
N LEU FA 587 163.85 -107.78 240.82
CA LEU FA 587 162.93 -106.69 240.58
C LEU FA 587 161.70 -107.12 239.78
N GLU FA 588 161.77 -108.23 239.01
CA GLU FA 588 160.62 -108.91 238.45
C GLU FA 588 159.70 -109.48 239.53
N ASP FA 589 160.30 -110.11 240.56
CA ASP FA 589 159.65 -110.55 241.78
C ASP FA 589 158.92 -109.40 242.49
N LYS FA 590 159.40 -108.15 242.37
CA LYS FA 590 158.76 -107.02 243.00
C LYS FA 590 157.65 -106.39 242.17
N MET FA 591 157.60 -106.63 240.85
CA MET FA 591 156.44 -106.28 240.04
C MET FA 591 155.34 -107.30 240.21
N LYS FA 592 155.70 -108.56 240.48
CA LYS FA 592 154.75 -109.56 240.91
C LYS FA 592 154.23 -109.33 242.32
N ALA FA 593 155.11 -108.99 243.28
CA ALA FA 593 154.73 -108.60 244.62
C ALA FA 593 153.81 -107.38 244.65
N HIS FA 594 154.06 -106.38 243.79
CA HIS FA 594 153.18 -105.23 243.67
C HIS FA 594 151.91 -105.56 242.87
N SER FA 595 151.86 -106.70 242.17
CA SER FA 595 150.69 -107.18 241.44
C SER FA 595 149.75 -107.96 242.33
N PHE FA 596 150.27 -108.89 243.17
CA PHE FA 596 149.44 -109.53 244.17
C PHE FA 596 149.05 -108.56 245.27
N PHE FA 597 149.84 -107.50 245.50
CA PHE FA 597 149.44 -106.41 246.33
C PHE FA 597 148.25 -105.62 245.81
N VAL FA 598 148.11 -105.38 244.50
CA VAL FA 598 146.93 -104.66 243.99
C VAL FA 598 145.69 -105.54 244.02
N ASP FA 599 145.84 -106.86 243.81
CA ASP FA 599 144.80 -107.85 243.96
C ASP FA 599 144.29 -108.04 245.39
N PHE FA 600 145.19 -107.95 246.39
CA PHE FA 600 144.85 -108.13 247.81
C PHE FA 600 144.42 -106.81 248.44
N LEU FA 601 144.37 -105.76 247.61
CA LEU FA 601 143.56 -104.59 247.85
C LEU FA 601 142.19 -104.78 247.19
N HIS FA 602 142.12 -105.12 245.89
CA HIS FA 602 140.85 -105.25 245.16
C HIS FA 602 139.83 -106.19 245.80
N GLN FA 603 140.26 -107.36 246.32
CA GLN FA 603 139.39 -108.25 247.06
C GLN FA 603 138.96 -107.82 248.44
N VAL FA 604 139.92 -107.40 249.28
CA VAL FA 604 139.62 -106.96 250.64
C VAL FA 604 138.84 -105.67 250.67
N GLY FA 605 139.14 -104.74 249.74
CA GLY FA 605 138.34 -103.55 249.52
C GLY FA 605 138.45 -102.50 250.61
N LEU FA 606 139.17 -101.38 250.46
CA LEU FA 606 140.06 -101.00 249.38
C LEU FA 606 139.41 -100.53 248.09
N PHE FA 607 138.28 -99.81 248.21
CA PHE FA 607 137.46 -99.35 247.09
C PHE FA 607 137.22 -97.83 247.12
N SER FA 608 138.14 -97.06 247.73
CA SER FA 608 137.95 -95.65 248.03
C SER FA 608 139.26 -94.86 247.95
N ARG FA 609 139.55 -94.00 248.97
CA ARG FA 609 140.76 -93.25 249.26
C ARG FA 609 141.66 -92.73 248.15
N LEU FA 610 141.71 -91.39 247.92
CA LEU FA 610 142.36 -90.81 246.76
C LEU FA 610 143.08 -89.45 247.03
N THR FA 612 146.02 -87.91 245.69
CA THR FA 612 147.12 -87.54 244.80
C THR FA 612 147.46 -86.09 244.78
N CYS FA 613 146.43 -85.25 244.67
CA CYS FA 613 146.51 -83.81 244.75
C CYS FA 613 147.53 -83.21 243.79
N GLN FA 614 148.63 -82.66 244.32
CA GLN FA 614 149.71 -82.10 243.56
C GLN FA 614 151.06 -82.66 244.01
N THR FA 615 151.83 -83.24 243.08
CA THR FA 615 153.15 -83.79 243.37
C THR FA 615 154.08 -83.38 242.25
N LYS FA 616 155.19 -82.66 242.53
CA LYS FA 616 156.23 -82.32 241.54
C LYS FA 616 155.74 -81.64 240.24
N GLY FA 617 154.75 -80.73 240.36
CA GLY FA 617 154.12 -80.05 239.21
C GLY FA 617 153.06 -80.86 238.51
N MET FA 618 152.78 -82.08 238.99
CA MET FA 618 151.78 -82.93 238.38
C MET FA 618 150.53 -82.92 239.22
N LEU FA 619 149.38 -82.74 238.53
CA LEU FA 619 148.07 -82.86 239.14
C LEU FA 619 147.51 -84.16 238.67
N VAL FA 620 146.84 -84.85 239.56
CA VAL FA 620 146.42 -86.21 239.36
C VAL FA 620 145.06 -86.32 240.01
N ALA FA 621 144.07 -86.91 239.35
CA ALA FA 621 142.73 -87.02 239.91
C ALA FA 621 142.58 -87.85 241.20
N THR FA 622 143.23 -89.02 241.28
CA THR FA 622 142.90 -90.04 242.26
C THR FA 622 144.16 -90.80 242.75
N ARG FA 623 144.35 -91.17 244.06
CA ARG FA 623 145.49 -91.96 244.58
C ARG FA 623 145.73 -93.23 243.85
N LEU FA 624 144.69 -93.85 243.35
CA LEU FA 624 144.79 -95.01 242.51
C LEU FA 624 145.61 -94.81 241.22
N LEU FA 625 145.73 -93.56 240.71
CA LEU FA 625 146.75 -93.23 239.70
C LEU FA 625 148.18 -93.39 240.22
N LEU FA 626 148.46 -93.22 241.53
CA LEU FA 626 149.76 -93.50 242.10
C LEU FA 626 150.11 -94.99 242.14
N SER FA 627 149.13 -95.93 242.23
CA SER FA 627 149.45 -97.34 242.05
C SER FA 627 149.86 -97.63 240.63
N GLU FA 628 149.07 -97.16 239.64
CA GLU FA 628 149.40 -97.21 238.22
C GLU FA 628 150.74 -96.52 237.91
N HIS FA 629 151.02 -95.34 238.50
CA HIS FA 629 152.28 -94.63 238.36
C HIS FA 629 153.48 -95.35 238.97
N ALA FA 630 153.35 -96.01 240.13
CA ALA FA 630 154.42 -96.82 240.68
C ALA FA 630 154.62 -98.13 239.90
N GLU FA 631 153.55 -98.71 239.31
CA GLU FA 631 153.66 -99.80 238.34
C GLU FA 631 154.37 -99.41 237.05
N LYS FA 632 154.03 -98.25 236.42
CA LYS FA 632 154.67 -97.82 235.17
C LYS FA 632 156.15 -97.55 235.37
N LEU FA 633 156.51 -97.02 236.55
CA LEU FA 633 157.88 -96.76 236.92
C LEU FA 633 158.49 -97.94 237.66
N SER FA 634 157.83 -99.10 237.67
CA SER FA 634 158.53 -100.36 237.96
C SER FA 634 158.66 -101.20 236.70
N ALA FA 635 158.00 -100.82 235.59
CA ALA FA 635 158.27 -101.35 234.27
C ALA FA 635 159.44 -100.62 233.61
N ALA FA 636 159.60 -99.32 233.91
CA ALA FA 636 160.71 -98.52 233.47
C ALA FA 636 162.07 -99.01 233.96
N ILE FA 637 162.10 -99.43 235.24
CA ILE FA 637 163.27 -99.98 235.91
C ILE FA 637 163.74 -101.28 235.30
N VAL FA 638 162.83 -102.22 235.00
CA VAL FA 638 163.18 -103.49 234.41
C VAL FA 638 163.65 -103.32 232.98
N LEU FA 639 163.14 -102.29 232.28
CA LEU FA 639 163.60 -101.97 230.95
C LEU FA 639 165.04 -101.46 230.89
N LYS FA 640 165.45 -100.61 231.86
CA LYS FA 640 166.84 -100.13 231.89
C LYS FA 640 167.75 -101.03 232.72
N ASN FA 641 167.19 -102.08 233.33
CA ASN FA 641 167.95 -103.20 233.85
C ASN FA 641 168.22 -104.22 232.74
N HIS FA 642 167.27 -104.39 231.80
CA HIS FA 642 167.44 -105.20 230.60
C HIS FA 642 168.54 -104.65 229.69
N HIS FA 643 168.61 -103.32 229.57
CA HIS FA 643 169.69 -102.65 228.88
C HIS FA 643 170.78 -102.16 229.81
N ALA FA 644 171.82 -102.98 230.03
CA ALA FA 644 172.95 -102.61 230.86
C ALA FA 644 174.22 -102.61 230.02
N LYS FA 645 174.81 -101.42 229.80
CA LYS FA 645 176.05 -101.29 229.06
C LYS FA 645 176.84 -100.19 229.71
N LEU FA 646 178.18 -100.16 229.48
CA LEU FA 646 179.07 -99.20 230.12
C LEU FA 646 178.67 -97.73 229.99
N PRO FA 647 178.25 -97.11 228.87
CA PRO FA 647 177.79 -95.73 228.86
C PRO FA 647 176.64 -95.44 229.82
N VAL FA 648 175.59 -96.29 229.87
CA VAL FA 648 174.43 -96.05 230.72
C VAL FA 648 174.76 -96.23 232.20
N LEU FA 649 175.58 -97.25 232.54
CA LEU FA 649 176.04 -97.47 233.90
C LEU FA 649 177.00 -96.39 234.40
N VAL FA 650 177.73 -95.72 233.50
CA VAL FA 650 178.49 -94.53 233.86
C VAL FA 650 177.61 -93.33 234.13
N ASN FA 651 176.63 -93.07 233.25
CA ASN FA 651 175.65 -92.00 233.41
C ASN FA 651 174.81 -92.19 234.68
N SER FA 652 174.48 -93.45 235.04
CA SER FA 652 173.91 -93.77 236.34
C SER FA 652 174.78 -93.47 237.54
N ALA FA 653 176.05 -93.92 237.57
CA ALA FA 653 176.95 -93.67 238.68
C ALA FA 653 177.17 -92.19 238.96
N ILE FA 654 177.23 -91.34 237.91
CA ILE FA 654 177.24 -89.89 238.03
C ILE FA 654 175.98 -89.32 238.67
N GLN FA 655 174.78 -89.78 238.23
CA GLN FA 655 173.49 -89.37 238.77
C GLN FA 655 173.34 -89.65 240.24
N LEU FA 656 173.66 -90.88 240.65
CA LEU FA 656 173.53 -91.37 242.02
C LEU FA 656 174.45 -90.65 242.99
N ALA FA 657 175.69 -90.35 242.55
CA ALA FA 657 176.66 -89.58 243.30
C ALA FA 657 176.35 -88.09 243.40
N LEU FA 658 175.56 -87.54 242.46
CA LEU FA 658 175.03 -86.18 242.56
C LEU FA 658 173.90 -86.06 243.57
N ASP FA 659 172.95 -87.00 243.59
CA ASP FA 659 171.87 -87.02 244.55
C ASP FA 659 172.37 -87.21 246.00
N LYS FA 660 173.32 -88.15 246.23
CA LYS FA 660 173.95 -88.35 247.53
C LYS FA 660 175.20 -89.20 247.41
N ARG FA 661 175.93 -89.41 248.54
CA ARG FA 661 177.02 -90.38 248.54
C ARG FA 661 176.54 -91.82 248.62
N MET FA 662 177.40 -92.74 248.16
CA MET FA 662 177.11 -94.16 248.18
C MET FA 662 177.98 -94.85 249.20
N CYS FA 663 177.44 -95.88 249.87
CA CYS FA 663 178.22 -96.77 250.70
C CYS FA 663 179.22 -97.56 249.88
N THR FA 664 180.48 -97.62 250.33
CA THR FA 664 181.57 -98.26 249.59
C THR FA 664 181.91 -99.61 250.17
N VAL FA 665 180.97 -100.23 250.90
CA VAL FA 665 181.06 -101.61 251.36
C VAL FA 665 180.53 -102.48 250.23
N PRO FA 666 181.37 -102.92 249.31
CA PRO FA 666 181.01 -103.28 247.93
C PRO FA 666 179.76 -102.63 247.36
N GLN FA 667 178.66 -103.38 247.26
CA GLN FA 667 177.29 -102.92 247.04
C GLN FA 667 177.11 -101.83 246.02
N ASN FA 668 177.73 -101.98 244.84
CA ASN FA 668 177.84 -100.93 243.87
C ASN FA 668 177.23 -101.25 242.51
N LEU FA 669 175.89 -101.21 242.45
CA LEU FA 669 175.18 -101.05 241.19
C LEU FA 669 175.20 -99.65 240.52
N THR FA 670 175.40 -98.48 241.18
CA THR FA 670 175.67 -98.20 242.59
C THR FA 670 174.57 -98.56 243.56
N ALA FA 671 173.29 -98.38 243.23
CA ALA FA 671 172.21 -99.10 243.89
C ALA FA 671 171.03 -98.96 242.97
N ALA FA 672 169.88 -99.60 243.24
CA ALA FA 672 168.75 -99.37 242.37
C ALA FA 672 167.40 -99.31 243.05
N ASP FA 673 167.15 -100.04 244.15
CA ASP FA 673 165.86 -100.09 244.84
C ASP FA 673 165.28 -98.73 245.22
N VAL FA 674 166.14 -97.73 245.50
CA VAL FA 674 165.69 -96.40 245.83
C VAL FA 674 165.62 -95.47 244.62
N TYR FA 675 166.19 -95.90 243.48
CA TYR FA 675 166.25 -95.15 242.23
C TYR FA 675 165.25 -95.73 241.28
N PHE FA 676 164.28 -96.47 241.83
CA PHE FA 676 163.16 -97.05 241.13
C PHE FA 676 161.91 -96.39 241.59
N ARG FA 677 161.78 -96.20 242.92
CA ARG FA 677 160.84 -95.28 243.52
C ARG FA 677 161.07 -93.86 242.97
N GLU FA 678 162.35 -93.53 242.68
CA GLU FA 678 162.72 -92.33 241.95
C GLU FA 678 163.62 -92.59 240.73
N VAL FA 679 163.12 -93.33 239.72
CA VAL FA 679 163.83 -93.52 238.44
C VAL FA 679 163.70 -92.32 237.52
N SER FA 680 162.73 -91.43 237.79
CA SER FA 680 162.47 -90.22 237.00
C SER FA 680 163.65 -89.26 236.98
N GLN FA 681 164.46 -89.30 238.04
CA GLN FA 681 165.66 -88.52 238.18
C GLN FA 681 166.81 -89.05 237.35
N MET FA 682 166.80 -90.35 236.99
CA MET FA 682 167.89 -90.98 236.25
C MET FA 682 167.69 -90.84 234.76
N GLU FA 683 166.75 -89.96 234.40
CA GLU FA 683 166.48 -89.60 233.05
C GLU FA 683 166.80 -88.16 232.78
N ILE FA 684 166.73 -87.29 233.80
CA ILE FA 684 167.11 -85.88 233.66
C ILE FA 684 168.61 -85.76 233.79
N ILE FA 685 169.29 -86.80 234.29
CA ILE FA 685 170.74 -86.78 234.47
C ILE FA 685 171.46 -87.64 233.43
N PHE FA 686 170.79 -88.61 232.76
CA PHE FA 686 171.48 -89.40 231.74
C PHE FA 686 171.32 -88.67 230.41
N GLU FA 687 170.70 -87.48 230.49
CA GLU FA 687 170.65 -86.43 229.51
C GLU FA 687 171.76 -85.40 229.75
N CYS FA 688 171.96 -84.95 231.01
CA CYS FA 688 173.09 -84.07 231.35
C CYS FA 688 174.44 -84.74 231.19
N LEU FA 689 174.46 -86.08 231.10
CA LEU FA 689 175.65 -86.85 230.83
C LEU FA 689 175.71 -87.25 229.37
N VAL FA 690 174.67 -86.95 228.56
CA VAL FA 690 174.79 -87.03 227.13
C VAL FA 690 175.27 -85.69 226.62
N ASP FA 691 175.01 -84.58 227.33
CA ASP FA 691 175.47 -83.22 227.02
C ASP FA 691 176.92 -82.95 227.40
N LYS FA 692 177.40 -83.53 228.51
CA LYS FA 692 178.81 -83.41 228.84
C LYS FA 692 179.67 -84.42 228.14
N GLU FA 693 179.07 -85.56 227.73
CA GLU FA 693 179.61 -86.37 226.68
C GLU FA 693 179.57 -85.60 225.41
N GLU FA 694 178.46 -84.93 224.98
CA GLU FA 694 178.36 -84.06 223.80
C GLU FA 694 179.35 -82.91 223.69
N ALA FA 695 179.76 -82.28 224.79
CA ALA FA 695 180.80 -81.25 224.79
C ALA FA 695 182.15 -81.78 224.31
N ASP FA 696 182.42 -83.06 224.60
CA ASP FA 696 183.61 -83.79 224.17
C ASP FA 696 183.30 -84.69 222.94
N LEU FA 697 182.09 -84.60 222.32
CA LEU FA 697 181.72 -85.32 221.09
C LEU FA 697 182.48 -84.82 219.88
N GLU FA 698 183.03 -83.58 219.96
CA GLU FA 698 183.77 -82.90 218.92
C GLU FA 698 183.02 -82.84 217.57
N SER FA 699 181.68 -82.75 217.64
CA SER FA 699 180.79 -82.79 216.49
C SER FA 699 180.54 -81.41 215.94
N THR FA 700 181.64 -80.67 215.72
CA THR FA 700 181.71 -79.34 215.16
C THR FA 700 181.19 -79.26 213.74
N SER FA 701 181.46 -80.30 212.94
CA SER FA 701 180.96 -80.45 211.58
C SER FA 701 181.01 -81.95 211.33
N ILE FA 702 181.06 -82.36 210.06
CA ILE FA 702 181.06 -83.72 209.55
C ILE FA 702 182.11 -84.71 210.06
N ASP FA 703 183.13 -84.28 210.84
CA ASP FA 703 184.22 -85.12 211.29
C ASP FA 703 183.82 -86.25 212.25
N SER FA 704 183.09 -85.87 213.30
CA SER FA 704 182.55 -86.76 214.34
C SER FA 704 181.49 -87.72 213.82
N VAL FA 705 181.60 -89.01 214.17
CA VAL FA 705 180.64 -90.01 213.72
C VAL FA 705 180.21 -90.88 214.87
N GLU FA 706 181.16 -91.52 215.57
CA GLU FA 706 180.99 -92.42 216.69
C GLU FA 706 180.31 -91.72 217.83
N TRP FA 707 180.59 -90.43 217.93
CA TRP FA 707 180.06 -89.56 218.93
C TRP FA 707 178.61 -89.13 218.65
N ALA FA 708 178.14 -89.17 217.38
CA ALA FA 708 176.73 -89.00 217.07
C ALA FA 708 176.00 -90.33 217.08
N ASN FA 709 176.71 -91.45 217.35
CA ASN FA 709 176.09 -92.74 217.55
C ASN FA 709 175.78 -92.98 219.03
N ILE FA 710 176.53 -92.35 219.95
CA ILE FA 710 176.27 -92.49 221.38
C ILE FA 710 175.13 -91.62 221.86
N VAL FA 711 174.88 -90.49 221.17
CA VAL FA 711 173.76 -89.61 221.47
C VAL FA 711 172.44 -90.25 221.06
N VAL FA 712 172.48 -91.14 220.03
CA VAL FA 712 171.36 -91.91 219.58
C VAL FA 712 171.06 -93.12 220.45
N ASN FA 713 172.10 -93.81 220.97
CA ASN FA 713 171.96 -94.93 221.91
C ASN FA 713 171.23 -94.55 223.20
N VAL FA 714 171.43 -93.33 223.72
CA VAL FA 714 170.62 -92.83 224.82
C VAL FA 714 169.19 -92.49 224.41
N ASN FA 715 169.00 -91.87 223.21
CA ASN FA 715 167.70 -91.58 222.63
C ASN FA 715 166.83 -92.81 222.43
N THR FA 716 167.41 -93.94 222.02
CA THR FA 716 166.70 -95.22 221.93
C THR FA 716 166.22 -95.76 223.27
N ILE FA 717 167.04 -95.72 224.33
CA ILE FA 717 166.68 -96.19 225.68
C ILE FA 717 165.67 -95.33 226.42
N LEU FA 718 165.79 -93.99 226.38
CA LEU FA 718 164.76 -93.14 226.97
C LEU FA 718 163.45 -93.30 226.24
N LYS FA 719 163.51 -93.55 224.93
CA LYS FA 719 162.34 -93.85 224.12
C LYS FA 719 161.64 -95.16 224.42
N ASP FA 720 162.35 -96.30 224.48
CA ASP FA 720 161.70 -97.58 224.76
C ASP FA 720 161.27 -97.70 226.19
N MET FA 721 161.93 -97.01 227.13
CA MET FA 721 161.38 -96.72 228.45
C MET FA 721 160.06 -95.97 228.46
N LEU FA 722 159.82 -95.01 227.56
CA LEU FA 722 158.50 -94.43 227.46
C LEU FA 722 157.51 -95.35 226.75
N HIS FA 723 157.96 -96.24 225.83
CA HIS FA 723 157.16 -97.31 225.24
C HIS FA 723 156.61 -98.29 226.29
N VAL FA 724 157.43 -98.65 227.28
CA VAL FA 724 157.08 -99.54 228.38
C VAL FA 724 156.09 -98.95 229.35
N ALA FA 725 156.14 -97.63 229.60
CA ALA FA 725 155.14 -97.02 230.47
C ALA FA 725 153.78 -96.98 229.78
N CYS FA 726 153.76 -96.82 228.45
CA CYS FA 726 152.55 -96.85 227.63
C CYS FA 726 151.86 -98.19 227.57
N GLN FA 727 152.61 -99.30 227.30
CA GLN FA 727 152.00 -100.61 227.18
C GLN FA 727 151.57 -101.18 228.52
N TYR FA 728 152.09 -100.63 229.63
CA TYR FA 728 151.66 -101.03 230.95
C TYR FA 728 150.45 -100.22 231.37
N ARG FA 729 150.02 -99.25 230.54
CA ARG FA 729 148.77 -98.55 230.67
C ARG FA 729 147.77 -99.00 229.64
N GLN FA 730 148.16 -99.98 228.81
CA GLN FA 730 147.24 -100.72 227.97
C GLN FA 730 146.81 -101.99 228.71
N SER FA 731 147.69 -102.54 229.56
CA SER FA 731 147.36 -103.66 230.45
C SER FA 731 146.64 -103.20 231.71
N LYS FA 732 145.51 -102.48 231.52
CA LYS FA 732 144.60 -102.10 232.58
C LYS FA 732 143.86 -103.27 233.22
N ASN FA 733 143.02 -103.00 234.23
CA ASN FA 733 142.20 -103.99 234.91
C ASN FA 733 140.75 -103.53 235.01
N SER FA 734 140.51 -102.19 234.91
CA SER FA 734 139.18 -101.60 234.89
C SER FA 734 138.35 -102.07 233.72
N LEU FA 735 137.07 -102.38 233.95
CA LEU FA 735 136.18 -102.86 232.91
C LEU FA 735 135.47 -101.69 232.25
N TYR FA 736 135.79 -100.45 232.68
CA TYR FA 736 135.29 -99.23 232.05
C TYR FA 736 136.44 -98.44 231.45
N LYS FA 737 137.62 -98.43 232.10
CA LYS FA 737 138.76 -97.67 231.63
C LYS FA 737 139.60 -98.55 230.74
N ASN FA 738 139.43 -98.40 229.40
CA ASN FA 738 140.13 -99.19 228.42
C ASN FA 738 139.67 -100.65 228.46
N GLU FA 739 138.43 -100.95 228.01
CA GLU FA 739 137.84 -102.29 228.03
C GLU FA 739 138.68 -103.36 227.34
N SER FA 740 139.36 -103.01 226.23
CA SER FA 740 140.36 -103.84 225.57
C SER FA 740 141.52 -104.22 226.49
N GLY FA 741 141.94 -105.51 226.51
CA GLY FA 741 142.93 -105.98 227.48
C GLY FA 741 142.29 -106.53 228.73
N ILE FA 742 140.95 -106.54 228.79
CA ILE FA 742 140.18 -106.99 229.94
C ILE FA 742 139.40 -108.24 229.55
N GLN FA 743 138.05 -108.21 229.63
CA GLN FA 743 137.18 -109.28 229.25
C GLN FA 743 136.70 -109.05 227.82
N GLU FA 744 137.24 -108.00 227.18
CA GLU FA 744 136.90 -107.55 225.85
C GLU FA 744 138.13 -107.67 224.96
N PRO FA 745 138.00 -107.77 223.63
CA PRO FA 745 139.12 -108.00 222.71
C PRO FA 745 140.31 -107.07 222.84
N GLU FA 746 141.54 -107.61 223.01
CA GLU FA 746 142.76 -106.84 223.15
C GLU FA 746 143.46 -106.60 221.81
N HIS FA 747 142.75 -106.89 220.70
CA HIS FA 747 143.24 -106.74 219.34
C HIS FA 747 143.27 -105.29 218.88
N VAL FA 748 142.65 -104.40 219.66
CA VAL FA 748 142.57 -102.98 219.38
C VAL FA 748 142.95 -102.25 220.66
N PRO FA 749 144.17 -101.75 220.89
CA PRO FA 749 144.50 -101.09 222.13
C PRO FA 749 143.85 -99.72 222.21
N TRP FA 750 143.58 -99.24 223.43
CA TRP FA 750 143.11 -97.88 223.65
C TRP FA 750 144.25 -96.90 223.58
N THR FA 751 143.95 -95.59 223.53
CA THR FA 751 144.90 -94.46 223.54
C THR FA 751 146.28 -94.81 224.09
N ALA FA 752 147.34 -94.67 223.28
CA ALA FA 752 148.64 -95.25 223.61
C ALA FA 752 149.44 -94.41 224.59
N SER FA 753 148.77 -93.43 225.20
CA SER FA 753 149.22 -92.61 226.29
C SER FA 753 149.49 -93.39 227.53
N SER FA 754 150.48 -92.96 228.33
CA SER FA 754 150.70 -93.56 229.62
C SER FA 754 149.81 -92.95 230.69
N GLY FA 755 148.96 -91.95 230.36
CA GLY FA 755 148.15 -91.21 231.35
C GLY FA 755 149.01 -90.52 232.37
N THR FA 756 150.22 -90.14 231.94
CA THR FA 756 151.16 -89.33 232.69
C THR FA 756 150.62 -87.94 232.80
N ALA FA 757 150.94 -87.22 233.87
CA ALA FA 757 150.33 -85.96 234.22
C ALA FA 757 151.13 -84.74 233.73
N GLY FA 758 152.23 -84.98 232.98
CA GLY FA 758 153.09 -83.98 232.38
C GLY FA 758 154.01 -83.28 233.36
N ILE FA 759 155.00 -84.02 233.86
CA ILE FA 759 156.03 -83.60 234.82
C ILE FA 759 156.85 -82.44 234.28
N ARG FA 760 157.23 -81.47 235.11
CA ARG FA 760 157.91 -80.29 234.58
C ARG FA 760 159.43 -80.43 234.55
N SER FA 761 159.93 -81.65 234.84
CA SER FA 761 161.34 -82.00 234.66
C SER FA 761 161.48 -83.14 233.67
N VAL FA 762 160.56 -84.13 233.70
CA VAL FA 762 160.44 -85.18 232.68
C VAL FA 762 160.09 -84.61 231.32
N VAL FA 763 159.14 -83.66 231.23
CA VAL FA 763 158.84 -82.97 229.97
C VAL FA 763 159.99 -82.10 229.47
N THR FA 764 160.68 -81.36 230.36
CA THR FA 764 161.82 -80.52 230.01
C THR FA 764 162.99 -81.31 229.42
N ARG FA 765 163.33 -82.50 229.95
CA ARG FA 765 164.35 -83.34 229.34
C ARG FA 765 163.95 -83.93 227.99
N GLN FA 766 162.65 -84.02 227.67
CA GLN FA 766 162.19 -84.42 226.34
C GLN FA 766 162.26 -83.27 225.34
N HIS FA 767 161.89 -82.05 225.74
CA HIS FA 767 162.06 -80.86 224.91
C HIS FA 767 163.51 -80.38 224.86
N GLY FA 768 164.40 -80.95 225.68
CA GLY FA 768 165.84 -80.77 225.54
C GLY FA 768 166.42 -81.66 224.47
N ILE FA 769 166.05 -82.96 224.46
CA ILE FA 769 166.61 -83.91 223.52
C ILE FA 769 166.00 -83.82 222.14
N ILE FA 770 164.83 -83.18 221.97
CA ILE FA 770 164.40 -82.74 220.66
C ILE FA 770 165.31 -81.70 220.06
N LEU FA 771 165.87 -80.77 220.87
CA LEU FA 771 166.62 -79.67 220.33
C LEU FA 771 168.04 -80.13 220.12
N LYS FA 772 168.33 -81.39 220.47
CA LYS FA 772 169.37 -82.17 219.86
C LYS FA 772 168.90 -82.75 218.52
N VAL FA 773 168.24 -81.90 217.71
CA VAL FA 773 168.01 -82.01 216.28
C VAL FA 773 169.11 -81.21 215.59
N TYR FA 774 169.98 -80.56 216.40
CA TYR FA 774 171.27 -80.04 216.01
C TYR FA 774 172.18 -81.12 215.36
N PRO FA 775 172.29 -82.39 215.78
CA PRO FA 775 172.97 -83.44 215.03
C PRO FA 775 172.48 -83.70 213.63
N GLN FA 776 171.17 -83.59 213.30
CA GLN FA 776 170.69 -83.97 211.97
C GLN FA 776 171.13 -82.99 210.89
N ALA FA 777 171.66 -81.83 211.32
CA ALA FA 777 172.39 -80.91 210.47
C ALA FA 777 173.66 -81.51 209.86
N ASP FA 778 174.42 -82.33 210.63
CA ASP FA 778 175.65 -82.96 210.22
C ASP FA 778 175.64 -84.45 210.54
N SER FA 779 175.16 -85.29 209.60
CA SER FA 779 174.95 -86.70 209.87
C SER FA 779 174.60 -87.42 208.57
N GLY FA 780 175.01 -88.70 208.43
CA GLY FA 780 174.65 -89.52 207.26
C GLY FA 780 173.16 -89.75 207.11
N LEU FA 781 172.65 -89.83 205.86
CA LEU FA 781 171.22 -89.78 205.56
C LEU FA 781 170.35 -90.79 206.30
N ARG FA 782 170.72 -92.07 206.40
CA ARG FA 782 169.89 -93.03 207.12
C ARG FA 782 169.83 -92.75 208.62
N THR FA 783 170.95 -92.29 209.21
CA THR FA 783 171.05 -91.96 210.63
C THR FA 783 170.12 -90.82 211.03
N ILE FA 784 170.02 -89.75 210.20
CA ILE FA 784 169.13 -88.63 210.47
C ILE FA 784 167.65 -89.02 210.45
N LEU FA 785 167.28 -90.10 209.75
CA LEU FA 785 165.92 -90.61 209.74
C LEU FA 785 165.56 -91.45 210.95
N ILE FA 786 166.49 -92.30 211.45
CA ILE FA 786 166.23 -93.16 212.61
C ILE FA 786 166.08 -92.37 213.91
N GLU FA 787 166.85 -91.28 214.08
CA GLU FA 787 166.69 -90.37 215.20
C GLU FA 787 165.47 -89.48 215.03
N GLN FA 788 165.04 -89.21 213.79
CA GLN FA 788 163.82 -88.48 213.50
C GLN FA 788 162.56 -89.30 213.75
N LEU FA 789 162.52 -90.58 213.33
CA LEU FA 789 161.50 -91.53 213.72
C LEU FA 789 161.50 -91.73 215.23
N ALA FA 790 162.69 -91.77 215.87
CA ALA FA 790 162.80 -91.76 217.33
C ALA FA 790 162.24 -90.54 218.06
N ALA FA 791 162.57 -89.30 217.64
CA ALA FA 791 162.07 -88.10 218.27
C ALA FA 791 160.59 -87.89 217.97
N LEU FA 792 160.11 -88.39 216.81
CA LEU FA 792 158.70 -88.55 216.57
C LEU FA 792 158.03 -89.54 217.51
N LEU FA 793 158.58 -90.76 217.69
CA LEU FA 793 158.08 -91.74 218.65
C LEU FA 793 157.98 -91.20 220.07
N ASN FA 794 158.96 -90.42 220.57
CA ASN FA 794 158.88 -89.76 221.87
C ASN FA 794 157.83 -88.66 222.01
N TYR FA 795 157.71 -87.76 221.02
CA TYR FA 795 156.78 -86.63 221.08
C TYR FA 795 155.34 -87.06 221.01
N LEU FA 796 155.12 -88.25 220.47
CA LEU FA 796 153.81 -88.85 220.34
C LEU FA 796 153.43 -89.60 221.60
N LEU FA 797 154.24 -89.49 222.67
CA LEU FA 797 153.91 -89.91 224.01
C LEU FA 797 153.64 -88.68 224.86
N ASP FA 798 154.40 -87.58 224.66
CA ASP FA 798 154.16 -86.30 225.33
C ASP FA 798 152.81 -85.66 224.94
N ASP FA 799 152.46 -85.61 223.64
CA ASP FA 799 151.18 -85.06 223.19
C ASP FA 799 150.01 -85.96 223.59
N TYR FA 800 150.30 -87.23 223.88
CA TYR FA 800 149.31 -88.19 224.32
C TYR FA 800 148.99 -88.05 225.80
N VAL FA 801 149.97 -87.71 226.64
CA VAL FA 801 149.74 -87.51 228.05
C VAL FA 801 149.09 -86.18 228.39
N THR FA 802 149.33 -85.14 227.58
CA THR FA 802 148.62 -83.88 227.67
C THR FA 802 147.16 -84.00 227.24
N GLN FA 803 146.89 -84.79 226.19
CA GLN FA 803 145.54 -85.12 225.77
C GLN FA 803 144.74 -85.90 226.81
N LEU FA 804 145.33 -86.92 227.45
CA LEU FA 804 144.67 -87.68 228.49
C LEU FA 804 144.38 -86.84 229.72
N LYS FA 805 145.31 -85.97 230.17
CA LYS FA 805 145.06 -85.04 231.25
C LYS FA 805 144.00 -83.97 230.98
N SER FA 806 143.94 -83.42 229.75
CA SER FA 806 142.93 -82.44 229.37
C SER FA 806 141.51 -83.01 229.32
N ILE FA 807 141.37 -84.26 228.85
CA ILE FA 807 140.12 -85.01 228.83
C ILE FA 807 139.48 -85.15 230.22
N ASP FA 808 140.30 -85.34 231.27
CA ASP FA 808 139.85 -85.51 232.64
C ASP FA 808 139.32 -84.25 233.32
N LYS FA 809 139.57 -83.05 232.75
CA LYS FA 809 139.12 -81.80 233.34
C LYS FA 809 137.61 -81.62 233.34
N LEU FA 810 137.04 -81.21 234.49
CA LEU FA 810 135.63 -80.91 234.61
C LEU FA 810 135.28 -79.51 234.12
N ALA FA 811 133.99 -79.24 233.87
CA ALA FA 811 133.50 -77.98 233.32
C ALA FA 811 133.78 -76.71 234.12
N ASN FA 812 133.71 -76.76 235.45
CA ASN FA 812 134.08 -75.62 236.26
C ASN FA 812 135.58 -75.60 236.50
N GLU FA 813 136.13 -74.38 236.69
CA GLU FA 813 137.56 -74.10 236.68
C GLU FA 813 138.11 -74.10 235.26
N GLU FA 814 137.21 -73.95 234.24
CA GLU FA 814 137.52 -74.00 232.82
C GLU FA 814 138.59 -73.03 232.38
N ARG FA 815 138.72 -71.87 233.04
CA ARG FA 815 139.81 -70.94 232.78
C ARG FA 815 141.19 -71.58 232.87
N TYR FA 816 141.44 -72.48 233.83
CA TYR FA 816 142.67 -73.24 233.88
C TYR FA 816 142.75 -74.29 232.79
N ASN FA 817 141.63 -74.88 232.37
CA ASN FA 817 141.57 -75.86 231.30
C ASN FA 817 141.86 -75.26 229.93
N ILE FA 818 141.39 -74.04 229.64
CA ILE FA 818 141.60 -73.40 228.35
C ILE FA 818 143.00 -72.80 228.23
N LEU FA 819 143.65 -72.49 229.36
CA LEU FA 819 145.03 -72.04 229.39
C LEU FA 819 146.03 -73.19 229.23
N GLU FA 820 145.71 -74.40 229.76
CA GLU FA 820 146.50 -75.59 229.51
C GLU FA 820 146.38 -76.04 228.04
N MET FA 821 145.22 -75.79 227.36
CA MET FA 821 145.07 -76.04 225.93
C MET FA 821 145.98 -75.20 225.06
N GLU FA 822 146.04 -73.88 225.29
CA GLU FA 822 146.95 -72.97 224.59
C GLU FA 822 148.40 -73.37 224.80
N TYR FA 823 148.76 -73.83 225.99
CA TYR FA 823 150.09 -74.34 226.26
C TYR FA 823 150.48 -75.60 225.48
N ALA FA 824 149.59 -76.59 225.34
CA ALA FA 824 149.82 -77.73 224.46
C ALA FA 824 149.76 -77.37 222.98
N GLN FA 825 148.85 -76.48 222.58
CA GLN FA 825 148.72 -76.02 221.20
C GLN FA 825 149.89 -75.16 220.72
N LYS FA 826 150.59 -74.47 221.63
CA LYS FA 826 151.82 -73.77 221.28
C LYS FA 826 153.01 -74.69 221.39
N ARG FA 827 152.81 -75.98 221.66
CA ARG FA 827 153.89 -76.95 221.67
C ARG FA 827 153.71 -77.94 220.56
N SER FA 828 152.50 -78.36 220.21
CA SER FA 828 152.30 -79.00 218.92
C SER FA 828 152.71 -78.04 217.81
N GLU FA 829 152.40 -76.73 217.91
CA GLU FA 829 153.02 -75.67 217.11
C GLU FA 829 154.53 -75.41 217.28
N LEU FA 830 155.27 -76.02 218.23
CA LEU FA 830 156.73 -75.92 218.24
C LEU FA 830 157.36 -77.23 217.84
N LEU FA 831 156.58 -78.31 217.87
CA LEU FA 831 156.98 -79.60 217.39
C LEU FA 831 156.82 -79.63 215.87
N SER FA 832 155.95 -78.76 215.31
CA SER FA 832 155.76 -78.58 213.90
C SER FA 832 156.86 -77.80 213.21
N PRO FA 833 157.36 -76.57 213.49
CA PRO FA 833 158.49 -75.97 212.80
C PRO FA 833 159.74 -76.81 212.80
N LEU FA 834 159.95 -77.60 213.87
CA LEU FA 834 160.97 -78.62 213.98
C LEU FA 834 160.86 -79.72 212.92
N LEU FA 835 159.63 -80.17 212.60
CA LEU FA 835 159.41 -81.14 211.53
C LEU FA 835 159.04 -80.50 210.18
N ILE FA 836 159.04 -79.16 210.04
CA ILE FA 836 158.92 -78.44 208.76
C ILE FA 836 160.20 -78.60 207.93
N LEU FA 837 161.38 -78.73 208.58
CA LEU FA 837 162.60 -79.12 207.88
C LEU FA 837 162.71 -80.62 207.69
N GLY FA 838 162.13 -81.42 208.61
CA GLY FA 838 162.12 -82.87 208.55
C GLY FA 838 161.23 -83.47 207.48
N GLN FA 839 161.16 -84.81 207.44
CA GLN FA 839 160.35 -85.54 206.49
C GLN FA 839 158.84 -85.45 206.74
N TYR FA 840 158.06 -85.16 205.69
CA TYR FA 840 156.64 -84.95 205.86
C TYR FA 840 155.87 -86.26 205.74
N ALA FA 841 156.59 -87.36 205.50
CA ALA FA 841 156.09 -88.72 205.61
C ALA FA 841 155.74 -89.07 207.06
N TRP FA 842 156.32 -88.31 208.02
CA TRP FA 842 156.03 -88.42 209.43
C TRP FA 842 154.99 -87.42 209.89
N ALA FA 843 154.71 -86.38 209.08
CA ALA FA 843 153.71 -85.38 209.35
C ALA FA 843 152.32 -85.94 209.37
N SER FA 844 152.02 -86.89 208.45
CA SER FA 844 150.77 -87.62 208.41
C SER FA 844 150.52 -88.38 209.70
N ASN FA 845 151.56 -89.09 210.20
CA ASN FA 845 151.52 -89.67 211.51
C ASN FA 845 151.44 -88.63 212.62
N LEU FA 846 152.28 -87.59 212.77
CA LEU FA 846 152.15 -86.60 213.86
C LEU FA 846 150.79 -85.92 213.94
N ALA FA 847 150.20 -85.55 212.79
CA ALA FA 847 148.87 -85.00 212.67
C ALA FA 847 147.77 -85.92 213.18
N GLU FA 848 147.89 -87.25 212.96
CA GLU FA 848 146.96 -88.24 213.47
C GLU FA 848 147.21 -88.59 214.93
N LYS FA 849 148.40 -88.27 215.46
CA LYS FA 849 148.77 -88.68 216.79
C LYS FA 849 148.17 -87.73 217.80
N TYR FA 850 148.44 -86.42 217.69
CA TYR FA 850 147.56 -85.42 218.26
C TYR FA 850 146.48 -85.13 217.24
N CYS FA 851 145.57 -86.09 217.08
CA CYS FA 851 144.46 -86.00 216.13
C CYS FA 851 143.34 -85.05 216.56
N ASP FA 852 142.55 -84.63 215.56
CA ASP FA 852 141.42 -83.73 215.78
C ASP FA 852 141.78 -82.43 216.48
N PHE FA 853 142.90 -81.84 216.08
CA PHE FA 853 143.21 -80.48 216.50
C PHE FA 853 142.99 -79.51 215.33
N ASP FA 854 142.11 -78.54 215.55
CA ASP FA 854 141.78 -77.52 214.56
C ASP FA 854 142.98 -76.64 214.21
N ILE FA 855 143.77 -76.33 215.23
CA ILE FA 855 144.93 -75.45 215.07
C ILE FA 855 146.01 -75.97 214.11
N LEU FA 856 146.32 -77.26 214.14
CA LEU FA 856 147.38 -77.77 213.26
C LEU FA 856 146.87 -78.00 211.85
N VAL FA 857 145.81 -78.80 211.69
CA VAL FA 857 145.37 -79.25 210.37
C VAL FA 857 144.86 -78.09 209.55
N GLN FA 858 144.12 -77.18 210.19
CA GLN FA 858 143.71 -75.91 209.66
C GLN FA 858 144.83 -74.95 209.25
N ILE FA 859 146.03 -75.00 209.87
CA ILE FA 859 147.14 -74.16 209.41
C ILE FA 859 147.98 -74.87 208.36
N CYS FA 860 147.86 -76.21 208.24
CA CYS FA 860 148.43 -77.02 207.17
C CYS FA 860 147.66 -76.84 205.87
N GLU FA 861 146.32 -76.74 205.95
CA GLU FA 861 145.42 -76.47 204.83
C GLU FA 861 145.53 -75.03 204.34
N MET FA 862 146.21 -74.17 205.13
CA MET FA 862 146.37 -72.78 204.82
C MET FA 862 147.74 -72.42 204.28
N THR FA 863 148.76 -73.26 204.57
CA THR FA 863 150.09 -73.03 204.03
C THR FA 863 150.19 -73.57 202.64
N ASP FA 864 149.29 -74.49 202.27
CA ASP FA 864 149.24 -75.04 200.95
C ASP FA 864 148.12 -74.39 200.14
N ASN FA 865 147.86 -75.03 199.00
CA ASN FA 865 146.89 -74.62 198.03
C ASN FA 865 145.70 -75.57 198.11
N GLN FA 866 145.43 -76.15 199.29
CA GLN FA 866 144.36 -77.09 199.46
C GLN FA 866 143.23 -76.58 200.30
N SER FA 867 142.42 -75.68 199.74
CA SER FA 867 141.21 -75.37 200.47
C SER FA 867 140.12 -76.36 200.07
N ARG FA 868 140.38 -77.34 199.25
CA ARG FA 868 139.70 -78.59 199.07
C ARG FA 868 139.83 -79.47 200.30
N LEU FA 869 141.00 -79.43 200.97
CA LEU FA 869 141.15 -79.98 202.30
C LEU FA 869 140.38 -79.23 203.38
N GLN FA 870 140.39 -77.87 203.50
CA GLN FA 870 139.62 -77.20 204.54
C GLN FA 870 138.10 -77.26 204.32
N ARG FA 871 137.65 -77.49 203.06
CA ARG FA 871 136.29 -77.88 202.73
C ARG FA 871 135.97 -79.31 203.13
N TYR FA 872 136.91 -80.25 202.94
CA TYR FA 872 136.78 -81.63 203.37
C TYR FA 872 136.84 -81.77 204.89
N MET FA 873 137.64 -80.93 205.56
CA MET FA 873 137.64 -80.77 207.00
C MET FA 873 136.32 -80.23 207.54
N THR FA 874 135.73 -79.19 206.93
CA THR FA 874 134.43 -78.68 207.38
C THR FA 874 133.25 -79.55 206.97
N LEU FA 875 133.40 -80.37 205.91
CA LEU FA 875 132.41 -81.34 205.47
C LEU FA 875 132.16 -82.44 206.49
N PHE FA 876 133.24 -82.96 207.11
CA PHE FA 876 133.14 -84.00 208.13
C PHE FA 876 133.55 -83.47 209.49
N ALA FA 877 132.71 -82.61 210.09
CA ALA FA 877 133.05 -82.02 211.36
C ALA FA 877 131.84 -81.60 212.15
N GLU FA 878 132.04 -81.46 213.48
CA GLU FA 878 131.07 -80.92 214.39
C GLU FA 878 131.52 -79.52 214.74
N GLN FA 879 130.83 -78.49 214.21
CA GLN FA 879 131.09 -77.08 214.48
C GLN FA 879 132.39 -76.48 213.93
N ASN FA 880 133.12 -77.14 213.00
CA ASN FA 880 134.40 -76.62 212.50
C ASN FA 880 134.25 -75.35 211.67
N PHE FA 881 133.05 -75.05 211.16
CA PHE FA 881 132.75 -73.78 210.54
C PHE FA 881 132.87 -72.59 211.51
N SER FA 882 132.32 -72.72 212.75
CA SER FA 882 132.39 -71.66 213.73
C SER FA 882 133.78 -71.53 214.29
N ASP FA 883 134.55 -72.62 214.28
CA ASP FA 883 135.96 -72.59 214.58
C ASP FA 883 136.84 -72.01 213.50
N PHE FA 884 136.71 -72.42 212.21
CA PHE FA 884 137.56 -71.94 211.12
C PHE FA 884 137.46 -70.44 210.87
N LEU FA 885 136.27 -69.84 210.98
CA LEU FA 885 136.13 -68.39 210.92
C LEU FA 885 136.76 -67.66 212.10
N PHE FA 886 136.60 -68.15 213.33
CA PHE FA 886 137.22 -67.55 214.49
C PHE FA 886 138.71 -67.82 214.55
N ARG FA 887 139.19 -68.91 213.94
CA ARG FA 887 140.59 -69.19 213.74
C ARG FA 887 141.22 -68.30 212.68
N TRP FA 888 140.45 -67.91 211.64
CA TRP FA 888 140.87 -66.95 210.63
C TRP FA 888 141.07 -65.55 211.18
N TYR FA 889 140.09 -65.03 211.95
CA TYR FA 889 140.14 -63.71 212.54
C TYR FA 889 141.26 -63.51 213.58
N LEU FA 890 141.50 -64.50 214.46
CA LEU FA 890 142.63 -64.49 215.38
C LEU FA 890 143.97 -64.47 214.64
N GLU FA 891 144.02 -65.20 213.52
CA GLU FA 891 145.14 -65.26 212.63
C GLU FA 891 145.11 -64.15 211.59
N LYS FA 892 144.62 -62.93 211.96
CA LYS FA 892 144.64 -61.74 211.14
C LYS FA 892 146.04 -61.41 210.65
N GLY FA 893 146.25 -61.59 209.33
CA GLY FA 893 147.53 -61.38 208.67
C GLY FA 893 148.50 -62.53 208.85
N LYS FA 894 148.07 -63.63 209.48
CA LYS FA 894 148.90 -64.78 209.77
C LYS FA 894 148.51 -65.97 208.92
N ARG FA 895 147.19 -66.25 208.81
CA ARG FA 895 146.67 -67.37 208.10
C ARG FA 895 145.36 -66.92 207.51
N GLY FA 896 145.02 -67.39 206.29
CA GLY FA 896 143.79 -66.99 205.61
C GLY FA 896 143.94 -65.93 204.60
N LYS FA 897 145.17 -65.43 204.44
CA LYS FA 897 145.54 -64.55 203.38
C LYS FA 897 145.58 -65.25 202.02
N LEU FA 898 145.16 -64.53 200.96
CA LEU FA 898 145.26 -64.99 199.59
C LEU FA 898 146.47 -64.39 198.90
N LEU FA 899 147.20 -63.53 199.62
CA LEU FA 899 148.42 -62.91 199.15
C LEU FA 899 149.64 -63.69 199.63
N SER FA 900 149.46 -64.53 200.69
CA SER FA 900 150.51 -65.43 201.15
C SER FA 900 150.53 -66.70 200.32
N GLN FA 901 149.34 -67.20 199.99
CA GLN FA 901 149.18 -68.29 199.05
C GLN FA 901 149.42 -67.79 197.63
N PRO FA 902 149.97 -68.59 196.70
CA PRO FA 902 150.05 -68.19 195.32
C PRO FA 902 148.69 -68.41 194.66
N HIS FA 906 145.69 -74.70 191.76
CA HIS FA 906 145.30 -75.33 193.01
C HIS FA 906 145.23 -74.31 194.15
N GLY FA 907 146.28 -73.47 194.24
CA GLY FA 907 146.33 -72.45 195.27
C GLY FA 907 145.19 -71.45 195.14
N GLN FA 908 144.89 -71.07 193.91
CA GLN FA 908 143.81 -70.12 193.65
C GLN FA 908 142.49 -70.74 194.10
N LEU FA 909 142.32 -72.02 193.81
CA LEU FA 909 141.11 -72.74 194.19
C LEU FA 909 140.98 -72.79 195.71
N ALA FA 910 142.10 -73.01 196.39
CA ALA FA 910 142.11 -73.08 197.84
C ALA FA 910 141.81 -71.72 198.46
N ALA FA 911 142.35 -70.67 197.86
CA ALA FA 911 142.14 -69.31 198.36
C ALA FA 911 140.67 -68.93 198.20
N PHE FA 912 140.09 -69.36 197.10
CA PHE FA 912 138.70 -69.10 196.78
C PHE FA 912 137.83 -69.71 197.87
N LEU FA 913 138.19 -70.90 198.34
CA LEU FA 913 137.40 -71.48 199.44
C LEU FA 913 137.56 -70.50 200.60
N GLN FA 914 138.78 -70.00 200.70
CA GLN FA 914 139.31 -69.00 201.61
C GLN FA 914 138.71 -67.63 201.32
N ALA FA 915 138.04 -67.52 200.16
CA ALA FA 915 137.17 -66.42 199.83
C ALA FA 915 135.86 -66.52 200.59
N HIS FA 916 135.62 -67.62 201.28
CA HIS FA 916 134.40 -67.68 202.06
C HIS FA 916 134.57 -66.49 203.01
N ASP FA 917 133.49 -65.74 203.23
CA ASP FA 917 133.51 -64.54 204.08
C ASP FA 917 134.51 -63.49 203.58
N HIS FA 918 135.47 -63.13 204.42
CA HIS FA 918 136.19 -61.85 204.35
C HIS FA 918 137.04 -61.61 203.08
N LEU FA 919 137.43 -62.68 202.42
CA LEU FA 919 138.28 -62.62 201.21
C LEU FA 919 137.50 -62.49 199.89
N SER FA 920 136.21 -62.21 200.01
CA SER FA 920 135.30 -62.07 198.87
C SER FA 920 135.62 -60.98 197.84
N TRP FA 921 136.18 -59.84 198.27
CA TRP FA 921 136.45 -58.75 197.33
C TRP FA 921 137.39 -59.18 196.20
N LEU FA 922 138.43 -59.93 196.52
CA LEU FA 922 139.32 -60.47 195.52
C LEU FA 922 138.96 -61.86 195.08
N HIS FA 923 138.71 -62.81 196.02
CA HIS FA 923 138.35 -64.15 195.60
C HIS FA 923 136.92 -64.21 195.10
N GLU FA 924 136.07 -63.28 195.56
CA GLU FA 924 134.72 -63.07 195.05
C GLU FA 924 134.65 -62.54 193.61
N LEU FA 925 135.49 -61.56 193.19
CA LEU FA 925 135.60 -61.18 191.78
C LEU FA 925 136.08 -62.35 190.92
N ASN FA 926 137.08 -63.09 191.41
CA ASN FA 926 137.61 -64.29 190.76
C ASN FA 926 136.59 -65.42 190.58
N SER FA 927 135.69 -65.52 191.55
CA SER FA 927 134.62 -66.51 191.54
C SER FA 927 133.39 -65.98 190.80
N GLN FA 928 133.54 -64.78 190.23
CA GLN FA 928 132.50 -64.06 189.48
C GLN FA 928 131.26 -63.73 190.30
N GLU FA 929 131.46 -63.46 191.58
CA GLU FA 929 130.37 -63.07 192.47
C GLU FA 929 130.20 -61.55 192.33
N PHE FA 930 129.56 -61.13 191.26
CA PHE FA 930 129.35 -59.71 190.99
C PHE FA 930 128.50 -59.02 192.05
N GLU FA 931 127.46 -59.69 192.51
CA GLU FA 931 126.58 -59.11 193.52
C GLU FA 931 127.30 -58.76 194.81
N LYS FA 932 128.20 -59.64 195.28
CA LYS FA 932 129.05 -59.42 196.43
C LYS FA 932 130.04 -58.29 196.23
N ALA FA 933 130.67 -58.24 195.03
CA ALA FA 933 131.58 -57.16 194.65
C ALA FA 933 130.91 -55.79 194.66
N HIS FA 934 129.67 -55.69 194.15
CA HIS FA 934 128.85 -54.48 194.24
C HIS FA 934 128.62 -53.98 195.66
N ARG FA 935 128.28 -54.88 196.61
CA ARG FA 935 128.09 -54.49 198.00
C ARG FA 935 129.34 -53.90 198.66
N THR FA 936 130.51 -54.54 198.49
CA THR FA 936 131.76 -54.01 199.01
C THR FA 936 132.26 -52.77 198.31
N LEU FA 937 132.14 -52.68 196.98
CA LEU FA 937 132.49 -51.48 196.21
C LEU FA 937 131.69 -50.25 196.63
N GLN FA 938 130.36 -50.39 196.85
CA GLN FA 938 129.56 -49.34 197.44
C GLN FA 938 129.95 -48.96 198.86
N THR FA 939 130.24 -49.94 199.73
CA THR FA 939 130.70 -49.71 201.09
C THR FA 939 132.01 -48.93 201.16
N LEU FA 940 132.99 -49.26 200.30
CA LEU FA 940 134.22 -48.50 200.14
C LEU FA 940 133.98 -47.10 199.62
N ALA FA 941 133.07 -46.91 198.66
CA ALA FA 941 132.67 -45.62 198.16
C ALA FA 941 132.09 -44.68 199.22
N ASN FA 942 131.32 -45.22 200.18
CA ASN FA 942 130.75 -44.48 201.28
C ASN FA 942 131.77 -44.00 202.32
N MET FA 943 132.72 -44.87 202.72
CA MET FA 943 133.77 -44.50 203.67
C MET FA 943 134.81 -43.57 203.07
N GLU FA 944 134.89 -43.52 201.74
CA GLU FA 944 135.81 -42.66 201.02
C GLU FA 944 135.58 -41.17 201.27
N THR FA 945 136.59 -40.52 201.87
CA THR FA 945 136.56 -39.11 202.20
C THR FA 945 137.82 -38.43 201.73
N ARG FA 946 138.92 -39.19 201.60
CA ARG FA 946 140.24 -38.67 201.32
C ARG FA 946 140.40 -38.16 199.91
N TYR FA 947 139.85 -38.88 198.91
CA TYR FA 947 140.03 -38.53 197.52
C TYR FA 947 138.73 -38.55 196.74
N PHE FA 948 138.32 -37.39 196.18
CA PHE FA 948 137.10 -37.27 195.39
C PHE FA 948 137.12 -38.15 194.14
N CYS FA 949 138.25 -38.17 193.41
CA CYS FA 949 138.41 -38.95 192.20
C CYS FA 949 138.24 -40.44 192.44
N LYS FA 950 138.71 -40.95 193.58
CA LYS FA 950 138.54 -42.33 193.99
C LYS FA 950 137.12 -42.69 194.38
N LYS FA 951 136.41 -41.80 195.10
CA LYS FA 951 135.00 -41.99 195.44
C LYS FA 951 134.11 -42.11 194.22
N LYS FA 952 134.38 -41.27 193.19
CA LYS FA 952 133.74 -41.37 191.90
C LYS FA 952 134.02 -42.69 191.17
N THR FA 953 135.29 -43.13 191.14
CA THR FA 953 135.70 -44.40 190.54
C THR FA 953 135.07 -45.61 191.18
N LEU FA 954 135.04 -45.70 192.53
CA LEU FA 954 134.44 -46.82 193.25
C LEU FA 954 132.95 -46.98 192.98
N LEU FA 955 132.19 -45.87 192.96
CA LEU FA 955 130.79 -45.91 192.60
C LEU FA 955 130.55 -46.38 191.16
N GLY FA 956 131.34 -45.86 190.20
CA GLY FA 956 131.35 -46.37 188.83
C GLY FA 956 131.57 -47.85 188.71
N LEU FA 957 132.60 -48.37 189.40
CA LEU FA 957 132.88 -49.79 189.48
C LEU FA 957 131.77 -50.59 190.13
N SER FA 958 131.21 -50.09 191.25
CA SER FA 958 130.08 -50.67 191.96
C SER FA 958 128.87 -50.84 191.06
N LYS FA 959 128.52 -49.75 190.35
CA LYS FA 959 127.46 -49.73 189.38
C LYS FA 959 127.66 -50.68 188.21
N LEU FA 960 128.88 -50.71 187.60
CA LEU FA 960 129.21 -51.67 186.57
C LEU FA 960 129.17 -53.12 187.05
N ALA FA 961 129.62 -53.39 188.30
CA ALA FA 961 129.50 -54.69 188.93
C ALA FA 961 128.05 -55.15 189.13
N ALA FA 962 127.15 -54.27 189.61
CA ALA FA 962 125.73 -54.52 189.73
C ALA FA 962 124.99 -54.68 188.41
N LEU FA 963 125.31 -53.87 187.39
CA LEU FA 963 124.73 -54.01 186.06
C LEU FA 963 125.14 -55.29 185.36
N ALA FA 964 126.36 -55.79 185.65
CA ALA FA 964 126.84 -57.03 185.08
C ALA FA 964 126.50 -58.24 185.93
N SER FA 965 125.86 -58.03 187.10
CA SER FA 965 125.40 -59.11 187.96
C SER FA 965 124.02 -59.60 187.62
N ASP FA 966 123.59 -60.64 188.33
CA ASP FA 966 122.42 -61.43 188.08
C ASP FA 966 121.24 -61.07 188.99
N PHE FA 967 121.19 -59.82 189.49
CA PHE FA 967 120.02 -59.29 190.17
C PHE FA 967 118.76 -59.37 189.34
N GLN FA 968 117.62 -59.72 189.98
CA GLN FA 968 116.31 -59.61 189.35
C GLN FA 968 116.03 -58.17 188.98
N GLU FA 969 115.24 -57.91 187.92
CA GLU FA 969 115.03 -56.56 187.40
C GLU FA 969 114.55 -55.58 188.47
N ASP FA 970 113.66 -56.01 189.38
CA ASP FA 970 113.27 -55.29 190.58
C ASP FA 970 114.42 -54.89 191.52
N VAL FA 971 115.29 -55.86 191.92
CA VAL FA 971 116.45 -55.61 192.74
C VAL FA 971 117.44 -54.71 192.03
N LEU FA 972 117.67 -54.95 190.72
CA LEU FA 972 118.54 -54.12 189.91
C LEU FA 972 118.09 -52.68 189.84
N GLN FA 973 116.78 -52.45 189.65
CA GLN FA 973 116.16 -51.13 189.71
C GLN FA 973 116.36 -50.44 191.06
N GLU FA 974 116.18 -51.14 192.20
CA GLU FA 974 116.50 -50.59 193.50
C GLU FA 974 117.96 -50.19 193.67
N LYS FA 975 118.91 -51.06 193.27
CA LYS FA 975 120.33 -50.74 193.33
C LYS FA 975 120.67 -49.53 192.47
N VAL FA 976 120.24 -49.45 191.21
CA VAL FA 976 120.53 -48.29 190.36
C VAL FA 976 119.81 -47.00 190.78
N GLU FA 977 118.68 -47.07 191.51
CA GLU FA 977 118.02 -45.90 192.08
C GLU FA 977 118.71 -45.32 193.30
N GLU FA 978 119.09 -46.17 194.28
CA GLU FA 978 119.90 -45.78 195.43
C GLU FA 978 121.27 -45.23 195.01
N ILE FA 979 121.87 -45.82 193.95
CA ILE FA 979 123.06 -45.33 193.29
C ILE FA 979 122.85 -43.97 192.62
N ALA FA 980 121.71 -43.74 191.94
CA ALA FA 980 121.39 -42.48 191.27
C ALA FA 980 121.39 -41.29 192.21
N GLU FA 981 120.93 -41.49 193.46
CA GLU FA 981 121.08 -40.54 194.55
C GLU FA 981 122.53 -40.19 194.87
N GLN FA 982 123.41 -41.20 195.00
CA GLN FA 982 124.83 -40.98 195.22
C GLN FA 982 125.50 -40.22 194.09
N GLU FA 983 125.19 -40.57 192.82
CA GLU FA 983 125.60 -39.83 191.64
C GLU FA 983 125.07 -38.38 191.68
N HIS FA 984 123.82 -38.17 192.15
CA HIS FA 984 123.21 -36.84 192.27
C HIS FA 984 123.94 -35.88 193.20
N PHE FA 985 124.27 -36.27 194.45
CA PHE FA 985 125.10 -35.47 195.35
C PHE FA 985 126.52 -35.23 194.83
N LEU FA 986 127.17 -36.26 194.27
CA LEU FA 986 128.52 -36.14 193.75
C LEU FA 986 128.59 -35.15 192.61
N LEU FA 987 127.58 -35.17 191.71
CA LEU FA 987 127.46 -34.27 190.58
C LEU FA 987 127.54 -32.80 190.95
N HIS FA 988 127.08 -32.42 192.15
CA HIS FA 988 127.38 -31.10 192.67
C HIS FA 988 128.87 -30.81 192.79
N GLN FA 989 129.70 -31.57 193.53
CA GLN FA 989 131.14 -31.32 193.56
C GLN FA 989 131.82 -31.44 192.18
N GLU FA 990 131.33 -32.32 191.30
CA GLU FA 990 131.77 -32.44 189.92
C GLU FA 990 131.60 -31.16 189.08
N THR FA 991 130.51 -30.38 189.30
CA THR FA 991 130.20 -29.21 188.47
C THR FA 991 130.82 -27.93 188.97
N LEU FA 992 131.79 -27.99 189.92
CA LEU FA 992 132.45 -26.81 190.46
C LEU FA 992 133.16 -25.95 189.39
N PRO FA 993 132.95 -24.62 189.34
CA PRO FA 993 133.41 -23.81 188.22
C PRO FA 993 134.92 -23.71 188.12
N LYS FA 994 135.49 -23.71 186.92
CA LYS FA 994 136.93 -23.78 186.75
C LYS FA 994 137.61 -22.44 186.95
N LYS FA 995 136.83 -21.38 187.24
CA LYS FA 995 137.39 -20.12 187.68
C LYS FA 995 137.80 -20.18 189.13
N LEU FA 996 136.92 -20.71 189.98
CA LEU FA 996 137.18 -20.72 191.40
C LEU FA 996 138.18 -21.78 191.82
N LEU FA 997 138.31 -22.86 191.05
CA LEU FA 997 139.23 -23.90 191.43
C LEU FA 997 140.69 -23.53 191.17
N GLU FA 998 140.96 -22.59 190.27
CA GLU FA 998 142.29 -22.04 190.07
C GLU FA 998 142.56 -20.86 191.00
N GLU FA 999 141.51 -20.04 191.30
CA GLU FA 999 141.54 -18.98 192.31
C GLU FA 999 141.84 -19.47 193.72
N LYS FA 1000 141.18 -20.57 194.14
CA LYS FA 1000 141.43 -21.15 195.46
C LYS FA 1000 142.59 -22.10 195.42
N GLN FA 1001 143.27 -22.19 194.25
CA GLN FA 1001 144.48 -22.94 194.05
C GLN FA 1001 144.32 -24.42 194.37
N LEU FA 1002 143.21 -25.02 193.91
CA LEU FA 1002 142.83 -26.36 194.28
C LEU FA 1002 143.30 -27.36 193.27
N ASP FA 1003 143.82 -28.51 193.75
CA ASP FA 1003 144.12 -29.64 192.91
C ASP FA 1003 142.87 -30.17 192.19
N LEU FA 1004 143.00 -30.48 190.89
CA LEU FA 1004 141.88 -30.89 190.06
C LEU FA 1004 141.18 -32.17 190.53
N ASN FA 1005 141.96 -33.23 190.76
CA ASN FA 1005 141.42 -34.52 191.16
C ASN FA 1005 141.90 -34.92 192.54
N ALA FA 1006 143.03 -34.38 193.00
CA ALA FA 1006 143.67 -34.79 194.23
C ALA FA 1006 143.11 -34.06 195.44
N MET FA 1007 141.81 -33.75 195.35
CA MET FA 1007 141.04 -33.00 196.36
C MET FA 1007 139.52 -33.34 196.46
N PRO FA 1008 138.87 -32.89 197.56
CA PRO FA 1008 137.48 -33.00 198.07
C PRO FA 1008 136.31 -32.25 197.37
N VAL FA 1009 135.09 -32.78 197.56
CA VAL FA 1009 133.81 -32.27 197.01
C VAL FA 1009 132.95 -31.28 197.85
N LEU FA 1010 131.69 -31.10 197.43
CA LEU FA 1010 130.89 -29.88 197.68
C LEU FA 1010 129.39 -30.11 198.05
N ALA FA 1011 128.73 -29.06 198.57
CA ALA FA 1011 127.31 -29.09 199.00
C ALA FA 1011 126.46 -27.98 198.34
N PRO FA 1012 125.10 -28.09 198.35
CA PRO FA 1012 124.40 -27.05 197.63
C PRO FA 1012 124.78 -25.67 198.10
N PHE FA 1013 125.00 -25.46 199.41
CA PHE FA 1013 125.50 -24.21 199.95
C PHE FA 1013 126.79 -23.78 199.29
N GLN FA 1014 127.80 -24.67 199.24
CA GLN FA 1014 129.05 -24.33 198.60
C GLN FA 1014 128.86 -24.05 197.13
N LEU FA 1015 128.12 -24.90 196.40
CA LEU FA 1015 127.84 -24.63 195.00
C LEU FA 1015 127.13 -23.32 194.74
N ILE FA 1016 126.03 -23.02 195.45
CA ILE FA 1016 125.29 -21.77 195.36
C ILE FA 1016 126.21 -20.57 195.57
N GLN FA 1017 126.99 -20.59 196.67
CA GLN FA 1017 127.94 -19.54 197.00
C GLN FA 1017 129.07 -19.39 195.99
N LEU FA 1018 129.59 -20.49 195.43
CA LEU FA 1018 130.60 -20.46 194.40
C LEU FA 1018 130.09 -19.99 193.04
N TYR FA 1019 128.83 -20.31 192.66
CA TYR FA 1019 128.18 -19.84 191.43
C TYR FA 1019 128.06 -18.32 191.39
N VAL FA 1020 127.97 -17.68 192.58
CA VAL FA 1020 127.67 -16.27 192.71
C VAL FA 1020 128.85 -15.45 193.19
N CYS FA 1021 130.03 -16.08 193.43
CA CYS FA 1021 131.26 -15.41 193.83
C CYS FA 1021 131.68 -14.36 192.82
N GLU FA 1022 132.29 -13.25 193.28
CA GLU FA 1022 132.76 -12.12 192.51
C GLU FA 1022 133.73 -12.59 191.44
N GLU FA 1023 134.54 -13.59 191.79
CA GLU FA 1023 135.42 -14.43 190.99
C GLU FA 1023 134.76 -15.08 189.76
N ASN FA 1024 133.48 -15.50 189.84
CA ASN FA 1024 132.71 -15.95 188.67
C ASN FA 1024 132.34 -14.75 187.81
N LYS FA 1025 133.26 -14.33 186.92
CA LYS FA 1025 133.14 -13.11 186.17
C LYS FA 1025 132.07 -13.09 185.10
N ARG FA 1026 131.92 -14.17 184.31
CA ARG FA 1026 131.02 -14.20 183.17
C ARG FA 1026 129.66 -14.74 183.55
N ALA FA 1027 129.34 -14.72 184.86
CA ALA FA 1027 128.10 -15.20 185.43
C ALA FA 1027 126.85 -14.63 184.78
N ASN FA 1028 126.10 -15.50 184.08
CA ASN FA 1028 124.96 -15.12 183.30
C ASN FA 1028 123.68 -15.66 183.90
N GLU FA 1029 122.57 -15.65 183.16
CA GLU FA 1029 121.28 -16.07 183.64
C GLU FA 1029 121.24 -17.50 184.14
N ASN FA 1030 121.96 -18.40 183.47
CA ASN FA 1030 122.01 -19.81 183.79
C ASN FA 1030 122.70 -20.09 185.11
N ASP FA 1031 123.78 -19.36 185.44
CA ASP FA 1031 124.51 -19.53 186.68
C ASP FA 1031 123.66 -19.17 187.89
N PHE FA 1032 122.92 -18.06 187.84
CA PHE FA 1032 121.97 -17.70 188.88
C PHE FA 1032 120.75 -18.58 188.93
N MET FA 1033 120.18 -18.98 187.77
CA MET FA 1033 119.06 -19.92 187.72
C MET FA 1033 119.41 -21.23 188.40
N LYS FA 1034 120.59 -21.79 188.11
CA LYS FA 1034 121.08 -22.98 188.76
C LYS FA 1034 121.48 -22.77 190.22
N ALA FA 1035 121.74 -21.53 190.64
CA ALA FA 1035 121.98 -21.21 192.03
C ALA FA 1035 120.70 -20.95 192.80
N LEU FA 1036 119.55 -20.93 192.11
CA LEU FA 1036 118.23 -20.93 192.72
C LEU FA 1036 117.58 -22.30 192.59
N ASP FA 1037 118.06 -23.16 191.67
CA ASP FA 1037 117.66 -24.56 191.61
C ASP FA 1037 118.27 -25.36 192.75
N LEU FA 1038 119.40 -24.91 193.33
CA LEU FA 1038 120.09 -25.69 194.33
C LEU FA 1038 119.58 -25.45 195.75
N LEU FA 1039 118.43 -24.77 195.88
CA LEU FA 1039 117.83 -24.49 197.16
C LEU FA 1039 116.97 -25.64 197.70
N GLU FA 1040 116.58 -26.62 196.87
CA GLU FA 1040 115.75 -27.74 197.33
C GLU FA 1040 116.60 -28.93 197.76
N TYR FA 1041 117.93 -28.73 197.77
CA TYR FA 1041 118.89 -29.78 198.07
C TYR FA 1041 119.51 -29.54 199.43
N ILE FA 1042 118.99 -28.57 200.19
CA ILE FA 1042 119.53 -28.11 201.46
C ILE FA 1042 119.53 -29.08 202.65
N GLY FA 1043 118.35 -29.41 203.26
CA GLY FA 1043 118.30 -30.03 204.59
C GLY FA 1043 118.28 -28.99 205.70
N ASP FA 1044 117.21 -28.99 206.51
CA ASP FA 1044 117.00 -28.04 207.60
C ASP FA 1044 116.94 -26.55 207.18
N ASP FA 1045 116.01 -26.26 206.26
CA ASP FA 1045 115.75 -24.99 205.63
C ASP FA 1045 115.58 -23.81 206.58
N SER FA 1046 114.88 -23.98 207.71
CA SER FA 1046 114.74 -22.91 208.69
C SER FA 1046 115.96 -22.71 209.57
N GLU FA 1047 116.86 -23.71 209.68
CA GLU FA 1047 118.11 -23.61 210.43
C GLU FA 1047 119.21 -22.89 209.67
N VAL FA 1048 119.37 -23.19 208.36
CA VAL FA 1048 120.51 -22.71 207.59
C VAL FA 1048 120.23 -21.41 206.82
N ASP FA 1049 119.05 -20.81 207.07
CA ASP FA 1049 118.57 -19.61 206.42
C ASP FA 1049 118.26 -19.69 204.92
N VAL FA 1050 117.09 -20.24 204.50
CA VAL FA 1050 116.68 -20.23 203.09
C VAL FA 1050 116.54 -18.83 202.50
N GLU FA 1051 115.81 -17.92 203.17
CA GLU FA 1051 115.39 -16.70 202.52
C GLU FA 1051 116.40 -15.58 202.63
N GLU FA 1052 117.41 -15.76 203.48
CA GLU FA 1052 118.61 -14.94 203.47
C GLU FA 1052 119.44 -15.10 202.20
N LEU FA 1053 119.70 -16.36 201.78
CA LEU FA 1053 120.39 -16.67 200.54
C LEU FA 1053 119.62 -16.29 199.31
N LYS FA 1054 118.28 -16.45 199.38
CA LYS FA 1054 117.37 -16.02 198.35
C LYS FA 1054 117.55 -14.53 198.03
N LEU FA 1055 117.78 -13.70 199.07
CA LEU FA 1055 118.21 -12.33 198.88
C LEU FA 1055 119.64 -12.11 198.45
N GLU FA 1056 120.63 -12.80 199.07
CA GLU FA 1056 122.05 -12.61 198.77
C GLU FA 1056 122.34 -12.72 197.28
N ILE FA 1057 121.76 -13.75 196.65
CA ILE FA 1057 121.87 -14.01 195.23
C ILE FA 1057 121.14 -13.00 194.36
N LEU FA 1058 119.90 -12.60 194.68
CA LEU FA 1058 119.15 -11.65 193.87
C LEU FA 1058 119.74 -10.24 193.95
N CYS FA 1059 120.53 -9.95 195.00
CA CYS FA 1059 121.28 -8.73 195.16
C CYS FA 1059 122.61 -8.71 194.41
N LYS FA 1060 123.37 -9.82 194.37
CA LYS FA 1060 124.53 -9.90 193.49
C LYS FA 1060 124.13 -10.06 192.03
N ALA FA 1061 122.90 -10.53 191.78
CA ALA FA 1061 122.24 -10.49 190.50
C ALA FA 1061 121.94 -9.09 190.01
N ILE FA 1062 122.13 -8.05 190.85
CA ILE FA 1062 121.95 -6.67 190.43
C ILE FA 1062 123.27 -5.93 190.43
N LYS FA 1063 124.21 -6.34 191.30
CA LYS FA 1063 125.55 -5.79 191.33
C LYS FA 1063 126.31 -6.04 190.05
N ARG FA 1064 126.14 -7.24 189.46
CA ARG FA 1064 126.72 -7.57 188.17
C ARG FA 1064 126.05 -6.89 187.01
N ASP FA 1065 124.80 -6.48 187.19
CA ASP FA 1065 124.08 -5.80 186.16
C ASP FA 1065 124.67 -4.42 185.87
N GLU FA 1066 124.97 -3.62 186.93
CA GLU FA 1066 125.74 -2.37 186.87
C GLU FA 1066 124.97 -1.04 186.75
N TRP FA 1067 123.93 -0.72 187.58
CA TRP FA 1067 122.95 0.34 187.19
C TRP FA 1067 123.52 1.71 186.98
N SER FA 1068 123.36 2.16 185.72
CA SER FA 1068 124.07 3.26 185.13
C SER FA 1068 123.05 4.23 184.57
N ALA FA 1069 123.49 5.27 183.85
CA ALA FA 1069 122.61 6.22 183.26
C ALA FA 1069 123.27 6.73 182.00
N THR FA 1070 122.47 6.96 180.94
CA THR FA 1070 123.00 7.44 179.68
C THR FA 1070 122.23 8.68 179.37
N ASP FA 1071 122.95 9.81 179.27
CA ASP FA 1071 122.41 11.14 178.97
C ASP FA 1071 121.23 11.59 179.83
N GLY FA 1072 121.32 11.35 181.16
CA GLY FA 1072 120.29 11.75 182.12
C GLY FA 1072 119.09 10.85 182.17
N LYS FA 1073 119.15 9.70 181.50
CA LYS FA 1073 118.06 8.74 181.46
C LYS FA 1073 118.49 7.42 182.07
N ASP FA 1074 117.54 6.70 182.70
CA ASP FA 1074 117.75 5.40 183.30
C ASP FA 1074 118.32 4.38 182.32
N ASP FA 1075 119.33 3.61 182.77
CA ASP FA 1075 119.94 2.57 181.97
C ASP FA 1075 119.55 1.22 182.60
N PRO FA 1076 118.68 0.41 181.99
CA PRO FA 1076 118.28 -0.83 182.60
C PRO FA 1076 119.34 -1.88 182.36
N ILE FA 1077 120.17 -2.05 183.37
CA ILE FA 1077 121.21 -3.03 183.41
C ILE FA 1077 120.70 -4.35 183.83
N GLU FA 1078 119.46 -4.36 184.34
CA GLU FA 1078 118.84 -5.49 184.93
C GLU FA 1078 118.49 -6.56 183.95
N ALA FA 1079 119.05 -6.54 182.73
CA ALA FA 1079 119.03 -7.52 181.70
C ALA FA 1079 119.19 -8.97 182.18
N THR FA 1080 120.06 -9.23 183.17
CA THR FA 1080 120.11 -10.53 183.84
C THR FA 1080 118.97 -10.74 184.83
N LYS FA 1081 118.64 -9.76 185.70
CA LYS FA 1081 117.45 -9.83 186.56
C LYS FA 1081 116.15 -10.01 185.78
N ASP FA 1082 115.98 -9.27 184.68
CA ASP FA 1082 115.00 -9.43 183.63
C ASP FA 1082 114.94 -10.83 183.13
N SER FA 1083 116.07 -11.34 182.61
CA SER FA 1083 116.08 -12.69 182.08
C SER FA 1083 115.76 -13.75 183.09
N ILE FA 1084 116.30 -13.71 184.34
CA ILE FA 1084 115.97 -14.69 185.38
C ILE FA 1084 114.50 -14.73 185.72
N PHE FA 1085 113.78 -13.59 185.70
CA PHE FA 1085 112.35 -13.58 185.96
C PHE FA 1085 111.53 -14.02 184.76
N VAL FA 1086 112.11 -13.98 183.55
CA VAL FA 1086 111.58 -14.64 182.35
C VAL FA 1086 111.82 -16.15 182.38
N LYS FA 1087 112.83 -16.63 183.14
CA LYS FA 1087 113.17 -18.06 183.22
C LYS FA 1087 112.48 -18.81 184.35
N VAL FA 1088 111.92 -18.14 185.37
CA VAL FA 1088 111.19 -18.81 186.44
C VAL FA 1088 109.89 -19.45 185.95
N LEU FA 1089 109.19 -18.77 185.03
CA LEU FA 1089 107.93 -19.24 184.52
C LEU FA 1089 108.14 -20.22 183.36
N GLN FA 1090 107.68 -21.47 183.54
CA GLN FA 1090 107.80 -22.52 182.54
C GLN FA 1090 106.48 -22.68 181.79
N ASN FA 1091 105.67 -21.60 181.75
CA ASN FA 1091 104.32 -21.58 181.23
C ASN FA 1091 103.42 -22.57 181.98
N LEU FA 1092 103.44 -22.51 183.34
CA LEU FA 1092 102.79 -23.49 184.17
C LEU FA 1092 101.28 -23.26 184.29
N LEU FA 1093 100.78 -22.21 183.61
CA LEU FA 1093 99.36 -21.95 183.36
C LEU FA 1093 98.70 -23.10 182.60
N ASN FA 1094 99.39 -23.66 181.58
CA ASN FA 1094 98.88 -24.79 180.83
C ASN FA 1094 99.39 -26.11 181.43
N LYS FA 1095 100.19 -26.04 182.51
CA LYS FA 1095 100.62 -27.23 183.23
C LYS FA 1095 99.71 -27.47 184.42
N GLY FA 1096 98.72 -26.57 184.66
CA GLY FA 1096 97.77 -26.72 185.75
C GLY FA 1096 98.32 -26.35 187.10
N ILE FA 1097 99.46 -25.64 187.12
CA ILE FA 1097 100.09 -25.16 188.34
C ILE FA 1097 99.57 -23.77 188.60
N GLU FA 1098 99.44 -23.37 189.87
CA GLU FA 1098 99.12 -22.01 190.26
C GLU FA 1098 100.26 -21.05 189.97
N LEU FA 1099 100.56 -20.77 188.68
CA LEU FA 1099 101.56 -19.80 188.27
C LEU FA 1099 101.15 -18.39 188.58
N LYS FA 1100 99.83 -18.11 188.44
CA LYS FA 1100 99.24 -16.85 188.86
C LYS FA 1100 99.41 -16.65 190.37
N GLY FA 1101 100.20 -15.65 190.78
CA GLY FA 1101 100.52 -15.44 192.20
C GLY FA 1101 101.59 -16.33 192.75
N TYR FA 1102 102.61 -16.71 191.96
CA TYR FA 1102 103.64 -17.63 192.42
C TYR FA 1102 105.05 -17.06 192.31
N LEU FA 1103 105.17 -15.72 192.17
CA LEU FA 1103 106.44 -15.06 192.42
C LEU FA 1103 106.52 -14.40 193.80
N PRO FA 1104 105.75 -14.62 194.90
CA PRO FA 1104 106.07 -14.00 196.18
C PRO FA 1104 107.20 -14.73 196.88
N LYS FA 1105 108.12 -15.37 196.13
CA LYS FA 1105 109.37 -15.87 196.65
C LYS FA 1105 110.30 -14.71 196.95
N ALA FA 1106 110.49 -13.80 195.99
CA ALA FA 1106 111.33 -12.63 196.13
C ALA FA 1106 110.80 -11.62 197.13
N GLU FA 1107 111.70 -10.98 197.89
CA GLU FA 1107 111.32 -9.91 198.79
C GLU FA 1107 111.38 -8.53 198.12
N THR FA 1108 110.95 -7.47 198.85
CA THR FA 1108 110.92 -6.13 198.28
C THR FA 1108 111.49 -5.13 199.25
N LEU FA 1109 110.80 -4.75 200.35
CA LEU FA 1109 111.31 -3.75 201.30
C LEU FA 1109 112.59 -4.25 201.98
N LEU FA 1110 112.59 -5.55 202.32
CA LEU FA 1110 113.76 -6.30 202.77
C LEU FA 1110 114.92 -6.30 201.77
N GLN FA 1111 114.65 -6.10 200.47
CA GLN FA 1111 115.70 -6.01 199.49
C GLN FA 1111 116.48 -4.72 199.57
N SER FA 1112 115.80 -3.57 199.75
CA SER FA 1112 116.48 -2.28 199.77
C SER FA 1112 117.29 -2.09 201.04
N GLU FA 1113 117.00 -2.89 202.09
CA GLU FA 1113 117.89 -3.08 203.22
C GLU FA 1113 119.29 -3.58 202.83
N GLU FA 1114 119.39 -4.67 202.04
CA GLU FA 1114 120.64 -5.14 201.47
C GLU FA 1114 121.28 -4.19 200.46
N LEU FA 1115 120.47 -3.52 199.61
CA LEU FA 1115 120.95 -2.50 198.70
C LEU FA 1115 121.64 -1.32 199.39
N ASN FA 1116 121.12 -0.89 200.56
CA ASN FA 1116 121.76 0.10 201.40
C ASN FA 1116 123.14 -0.34 201.89
N SER FA 1117 123.30 -1.61 202.31
CA SER FA 1117 124.59 -2.18 202.72
C SER FA 1117 125.65 -2.12 201.62
N LEU FA 1118 125.25 -2.37 200.36
CA LEU FA 1118 126.15 -2.30 199.22
C LEU FA 1118 126.41 -0.90 198.72
N LYS FA 1119 125.61 0.10 199.16
CA LYS FA 1119 125.71 1.52 198.81
C LYS FA 1119 125.11 1.83 197.46
N THR FA 1120 124.23 0.95 196.95
CA THR FA 1120 123.79 1.01 195.55
C THR FA 1120 122.33 1.39 195.39
N ASN FA 1121 121.64 1.72 196.48
CA ASN FA 1121 120.21 2.05 196.50
C ASN FA 1121 119.86 3.21 195.55
N SER FA 1122 120.65 4.29 195.59
CA SER FA 1122 120.46 5.46 194.74
C SER FA 1122 120.53 5.17 193.26
N TYR FA 1123 121.40 4.25 192.83
CA TYR FA 1123 121.44 3.87 191.43
C TYR FA 1123 120.24 3.05 191.01
N PHE FA 1124 119.93 1.94 191.68
CA PHE FA 1124 119.03 0.96 191.08
C PHE FA 1124 117.57 1.05 191.49
N GLU FA 1125 117.21 1.87 192.49
CA GLU FA 1125 115.87 1.86 193.06
C GLU FA 1125 114.81 2.48 192.15
N PHE FA 1126 115.25 3.22 191.11
CA PHE FA 1126 114.39 3.69 190.04
C PHE FA 1126 113.81 2.56 189.19
N SER FA 1127 114.62 1.58 188.73
CA SER FA 1127 114.13 0.51 187.88
C SER FA 1127 113.88 -0.77 188.64
N LEU FA 1128 114.31 -0.89 189.91
CA LEU FA 1128 113.91 -2.02 190.74
C LEU FA 1128 112.41 -2.07 190.95
N LYS FA 1129 111.82 -0.94 191.37
CA LYS FA 1129 110.40 -0.78 191.45
C LYS FA 1129 109.71 -0.78 190.10
N ALA FA 1130 110.27 -0.09 189.08
CA ALA FA 1130 109.67 -0.06 187.76
C ALA FA 1130 109.46 -1.45 187.14
N ASN FA 1131 110.49 -2.31 187.20
CA ASN FA 1131 110.41 -3.68 186.76
C ASN FA 1131 109.53 -4.50 187.69
N TYR FA 1132 109.56 -4.31 189.03
CA TYR FA 1132 108.56 -4.85 189.96
C TYR FA 1132 107.11 -4.40 189.74
N GLU FA 1133 106.78 -3.54 188.77
CA GLU FA 1133 105.40 -3.29 188.38
C GLU FA 1133 104.95 -4.22 187.26
N CYS FA 1134 105.83 -4.44 186.26
CA CYS FA 1134 105.57 -5.37 185.17
C CYS FA 1134 105.98 -6.78 185.55
N TYR FA 1135 106.29 -7.01 186.84
CA TYR FA 1135 106.38 -8.31 187.46
C TYR FA 1135 105.15 -8.63 188.32
N MET FA 1136 104.28 -7.63 188.54
CA MET FA 1136 102.97 -7.86 189.16
C MET FA 1136 101.90 -8.03 188.09
N LYS FA 1137 102.23 -7.65 186.85
CA LYS FA 1137 101.40 -7.91 185.69
C LYS FA 1137 101.75 -9.23 185.02
N MET FA 1138 103.02 -9.66 185.11
CA MET FA 1138 103.48 -10.95 184.62
C MET FA 1138 102.92 -12.12 185.43
N GLN FA 1139 102.87 -11.91 186.76
CA GLN FA 1139 102.44 -12.84 187.78
C GLN FA 1139 100.89 -12.91 187.91
#